data_7OFQ
#
_entry.id   7OFQ
#
_cell.length_a   1.00
_cell.length_b   1.00
_cell.length_c   1.00
_cell.angle_alpha   90.00
_cell.angle_beta   90.00
_cell.angle_gamma   90.00
#
_symmetry.space_group_name_H-M   'P 1'
#
loop_
_entity.id
_entity.type
_entity.pdbx_description
1 polymer Archaellin
2 polymer Archaellin
3 non-polymer 'CALCIUM ION'
4 non-polymer 'UNKNOWN LIGAND'
#
loop_
_entity_poly.entity_id
_entity_poly.type
_entity_poly.pdbx_seq_one_letter_code
_entity_poly.pdbx_strand_id
1 'polypeptide(L)'
;AIGIGTLIIFIAMVLVAAVAAAVLINTSGFLQQKAMATGKESTEQVASGLLCSGVTGHYVKNKGIDRIVIYITPNAGSAP
IDLKQCKLFLMYDGKAVSLNFSKYDTNTVGDFTNGIKDIFNTTVVKWNNADATSFVVVALQDDDKSLLTNAVINKGDLAG
VLVNVSAAFGKHVGTRERVSGYLQPEFGAPAVIEFTTPAAFTSDVIELQ
;
A,C,E,G,I,K,M,O,Q,S,U,W,Y,a,c,e,g,i,k,m,o,q,s
2 'polypeptide(L)'
;AIGIGTLIIFIAMVLVAAVAAAVLINTSGFLQQKAMATGKESTEQVASGLQVIRVLGNHSGGKINWLAVLISPNAGSAPI
DLSQATVMITDGTHKVIAKYNSTFFNGTLKNGGSIFEAKYNNTTALKPLFDDLPATAFGIVVLQDADTSCSKDTPVINKG
DIVAICLNVSNTLNLKPRTKVTGAVIPEFGAPAVISFTTPATYLDTQHIIELQ
;
B,D,F,H,J,L,N,P,R,T,V,X,Z,b,d,f,h,j,l,n,p,r
#
loop_
_chem_comp.id
_chem_comp.type
_chem_comp.name
_chem_comp.formula
CA non-polymer 'CALCIUM ION' 'Ca 2'
UNL non-polymer 'UNKNOWN LIGAND' ?
#
# COMPACT_ATOMS: atom_id res chain seq x y z
N ALA A 1 -92.77 19.60 -166.09
CA ALA A 1 -93.55 18.59 -165.29
C ALA A 1 -92.75 18.17 -164.05
N ILE A 2 -91.47 17.84 -164.26
CA ILE A 2 -90.58 17.33 -163.22
C ILE A 2 -90.37 18.37 -162.13
N GLY A 3 -90.21 19.63 -162.56
CA GLY A 3 -89.89 20.73 -161.66
C GLY A 3 -90.84 20.80 -160.48
N ILE A 4 -92.14 20.72 -160.78
CA ILE A 4 -93.23 20.90 -159.83
C ILE A 4 -93.00 19.99 -158.63
N GLY A 5 -92.82 18.71 -158.89
CA GLY A 5 -92.70 17.78 -157.79
C GLY A 5 -91.49 18.05 -156.89
N THR A 6 -90.39 18.52 -157.49
CA THR A 6 -89.13 18.69 -156.77
C THR A 6 -89.39 19.66 -155.62
N LEU A 7 -90.16 20.70 -155.93
CA LEU A 7 -90.44 21.76 -154.97
C LEU A 7 -91.21 21.15 -153.81
N ILE A 8 -92.24 20.38 -154.12
CA ILE A 8 -93.13 19.84 -153.11
C ILE A 8 -92.34 18.98 -152.15
N ILE A 9 -91.54 18.02 -152.64
CA ILE A 9 -90.92 17.14 -151.69
C ILE A 9 -89.86 17.89 -150.88
N PHE A 10 -89.29 18.97 -151.45
CA PHE A 10 -88.32 19.78 -150.73
C PHE A 10 -88.96 20.27 -149.44
N ILE A 11 -90.21 20.75 -149.54
CA ILE A 11 -90.93 21.26 -148.37
C ILE A 11 -90.96 20.20 -147.28
N ALA A 12 -91.21 18.95 -147.66
CA ALA A 12 -91.31 17.90 -146.67
C ALA A 12 -89.96 17.72 -145.97
N MET A 13 -88.86 17.73 -146.74
CA MET A 13 -87.54 17.50 -146.17
C MET A 13 -87.31 18.49 -145.02
N VAL A 14 -87.71 19.76 -145.25
CA VAL A 14 -87.49 20.86 -144.33
C VAL A 14 -88.23 20.55 -143.04
N LEU A 15 -89.51 20.25 -143.18
CA LEU A 15 -90.36 20.08 -142.02
C LEU A 15 -89.87 18.88 -141.21
N VAL A 16 -89.44 17.80 -141.85
CA VAL A 16 -89.05 16.60 -141.14
C VAL A 16 -87.77 16.87 -140.34
N ALA A 17 -86.82 17.61 -140.92
CA ALA A 17 -85.60 17.97 -140.21
C ALA A 17 -85.96 18.87 -139.02
N ALA A 18 -86.94 19.76 -139.21
CA ALA A 18 -87.35 20.68 -138.17
C ALA A 18 -87.90 19.89 -136.99
N VAL A 19 -88.78 18.92 -137.27
CA VAL A 19 -89.41 18.11 -136.24
C VAL A 19 -88.34 17.36 -135.46
N ALA A 20 -87.33 16.85 -136.14
CA ALA A 20 -86.30 16.09 -135.46
C ALA A 20 -85.45 17.01 -134.58
N ALA A 21 -85.21 18.23 -135.07
CA ALA A 21 -84.41 19.16 -134.31
C ALA A 21 -85.12 19.46 -133.00
N ALA A 22 -86.45 19.65 -133.08
CA ALA A 22 -87.26 19.98 -131.92
C ALA A 22 -87.01 18.97 -130.82
N VAL A 23 -86.97 17.68 -131.16
CA VAL A 23 -86.75 16.62 -130.19
C VAL A 23 -85.45 16.88 -129.47
N LEU A 24 -84.40 17.16 -130.22
CA LEU A 24 -83.06 17.22 -129.66
C LEU A 24 -82.97 18.42 -128.71
N ILE A 25 -83.52 19.56 -129.15
CA ILE A 25 -83.48 20.82 -128.41
C ILE A 25 -84.23 20.63 -127.10
N ASN A 26 -85.49 20.18 -127.22
CA ASN A 26 -86.38 19.96 -126.10
C ASN A 26 -85.73 19.04 -125.06
N THR A 27 -85.26 17.90 -125.53
CA THR A 27 -84.72 16.85 -124.68
C THR A 27 -83.55 17.43 -123.89
N SER A 28 -82.74 18.26 -124.55
CA SER A 28 -81.57 18.83 -123.91
C SER A 28 -82.05 19.70 -122.75
N GLY A 29 -83.11 20.47 -123.01
CA GLY A 29 -83.78 21.26 -121.99
C GLY A 29 -84.22 20.41 -120.80
N PHE A 30 -84.91 19.30 -121.08
CA PHE A 30 -85.45 18.42 -120.05
C PHE A 30 -84.34 17.89 -119.14
N LEU A 31 -83.18 17.64 -119.73
CA LEU A 31 -82.08 17.05 -118.99
C LEU A 31 -81.37 18.12 -118.19
N GLN A 32 -81.36 19.36 -118.69
CA GLN A 32 -80.56 20.41 -118.08
C GLN A 32 -80.95 20.54 -116.61
N GLN A 33 -82.26 20.53 -116.36
CA GLN A 33 -82.86 20.67 -115.05
C GLN A 33 -82.25 19.65 -114.10
N LYS A 34 -82.43 18.36 -114.43
CA LYS A 34 -82.10 17.27 -113.53
C LYS A 34 -80.60 17.19 -113.33
N ALA A 35 -79.85 17.51 -114.38
CA ALA A 35 -78.41 17.43 -114.30
C ALA A 35 -77.95 18.34 -113.17
N MET A 36 -78.38 19.60 -113.22
CA MET A 36 -77.92 20.56 -112.22
C MET A 36 -78.37 20.09 -110.84
N ALA A 37 -79.65 19.79 -110.71
CA ALA A 37 -80.29 19.45 -109.46
C ALA A 37 -79.47 18.39 -108.73
N THR A 38 -79.04 17.37 -109.48
CA THR A 38 -78.42 16.20 -108.90
C THR A 38 -77.11 16.62 -108.25
N GLY A 39 -76.37 17.48 -108.94
CA GLY A 39 -75.05 17.87 -108.48
C GLY A 39 -75.14 18.69 -107.19
N LYS A 40 -76.04 19.67 -107.18
CA LYS A 40 -76.18 20.55 -106.05
C LYS A 40 -76.56 19.72 -104.84
N GLU A 41 -77.63 18.93 -104.98
CA GLU A 41 -78.15 18.10 -103.91
C GLU A 41 -77.05 17.20 -103.34
N SER A 42 -76.28 16.58 -104.21
CA SER A 42 -75.31 15.59 -103.77
C SER A 42 -74.20 16.26 -102.98
N THR A 43 -73.85 17.49 -103.34
CA THR A 43 -72.77 18.18 -102.68
C THR A 43 -73.24 18.55 -101.29
N GLU A 44 -74.45 19.11 -101.18
CA GLU A 44 -74.96 19.56 -99.90
C GLU A 44 -75.02 18.39 -98.92
N GLN A 45 -75.30 17.19 -99.42
CA GLN A 45 -75.37 15.97 -98.63
C GLN A 45 -74.00 15.64 -98.07
N VAL A 46 -72.96 15.66 -98.90
CA VAL A 46 -71.69 15.15 -98.42
C VAL A 46 -71.04 16.14 -97.47
N ALA A 47 -71.34 17.42 -97.62
CA ALA A 47 -70.65 18.50 -96.92
C ALA A 47 -71.25 18.77 -95.55
N SER A 48 -72.55 18.54 -95.41
CA SER A 48 -73.25 18.99 -94.20
C SER A 48 -73.34 17.88 -93.16
N GLY A 49 -73.54 18.29 -91.89
CA GLY A 49 -73.56 17.35 -90.77
C GLY A 49 -73.57 18.08 -89.43
N LEU A 50 -73.68 17.31 -88.33
CA LEU A 50 -73.61 17.85 -86.98
C LEU A 50 -72.66 16.98 -86.18
N LEU A 51 -72.13 17.53 -85.07
CA LEU A 51 -71.09 16.89 -84.30
C LEU A 51 -71.34 17.09 -82.83
N CYS A 52 -71.24 15.99 -82.07
CA CYS A 52 -71.53 15.92 -80.64
C CYS A 52 -70.34 16.41 -79.87
N SER A 53 -70.62 17.21 -78.85
CA SER A 53 -69.57 17.98 -78.24
C SER A 53 -69.39 17.47 -76.82
N GLY A 54 -70.48 17.00 -76.23
CA GLY A 54 -70.47 16.60 -74.83
C GLY A 54 -71.87 16.11 -74.47
N VAL A 55 -71.96 15.28 -73.42
CA VAL A 55 -73.23 14.96 -72.81
C VAL A 55 -73.09 15.08 -71.30
N THR A 56 -74.13 15.60 -70.62
CA THR A 56 -74.15 15.66 -69.17
C THR A 56 -75.51 15.30 -68.60
N GLY A 57 -75.56 14.93 -67.29
CA GLY A 57 -76.79 14.31 -66.79
C GLY A 57 -77.02 14.44 -65.29
N HIS A 58 -78.28 14.28 -64.81
CA HIS A 58 -78.63 14.61 -63.43
C HIS A 58 -79.09 13.35 -62.70
N TYR A 59 -78.52 13.08 -61.51
CA TYR A 59 -78.79 11.85 -60.78
C TYR A 59 -79.71 12.13 -59.62
N VAL A 60 -80.85 11.44 -59.53
CA VAL A 60 -81.72 11.54 -58.36
C VAL A 60 -81.37 10.39 -57.41
N LYS A 61 -81.21 10.69 -56.12
CA LYS A 61 -80.66 9.73 -55.19
C LYS A 61 -81.50 8.46 -55.15
N ASN A 62 -80.81 7.33 -55.16
CA ASN A 62 -81.43 6.02 -55.02
C ASN A 62 -82.31 5.71 -56.23
N LYS A 63 -82.24 6.51 -57.31
CA LYS A 63 -83.08 6.26 -58.47
C LYS A 63 -82.28 6.05 -59.76
N GLY A 64 -81.37 6.97 -60.11
CA GLY A 64 -80.64 6.88 -61.37
C GLY A 64 -80.71 8.18 -62.18
N ILE A 65 -80.24 8.14 -63.42
CA ILE A 65 -80.13 9.37 -64.19
C ILE A 65 -81.51 9.71 -64.73
N ASP A 66 -81.93 10.94 -64.50
CA ASP A 66 -83.32 11.34 -64.68
C ASP A 66 -83.46 12.08 -66.00
N ARG A 67 -82.48 12.94 -66.32
CA ARG A 67 -82.47 13.82 -67.49
C ARG A 67 -81.04 13.94 -68.05
N ILE A 68 -80.91 14.27 -69.35
CA ILE A 68 -79.63 14.42 -70.03
C ILE A 68 -79.64 15.63 -70.97
N VAL A 69 -78.47 16.31 -71.13
CA VAL A 69 -78.32 17.44 -72.04
C VAL A 69 -77.17 17.20 -72.99
N ILE A 70 -77.45 17.26 -74.30
CA ILE A 70 -76.53 16.84 -75.34
C ILE A 70 -76.13 18.10 -76.07
N TYR A 71 -74.83 18.37 -76.19
CA TYR A 71 -74.38 19.62 -76.80
C TYR A 71 -74.01 19.30 -78.23
N ILE A 72 -74.47 20.15 -79.16
CA ILE A 72 -74.36 19.84 -80.58
C ILE A 72 -73.92 21.08 -81.33
N THR A 73 -73.14 20.88 -82.41
CA THR A 73 -72.48 21.93 -83.18
C THR A 73 -72.36 21.47 -84.63
N PRO A 74 -72.29 22.36 -85.63
CA PRO A 74 -72.21 21.92 -87.01
C PRO A 74 -70.78 21.67 -87.43
N ASN A 75 -70.55 20.81 -88.43
CA ASN A 75 -69.19 20.50 -88.86
C ASN A 75 -68.66 21.63 -89.72
N ALA A 76 -67.32 21.76 -89.83
CA ALA A 76 -66.75 22.80 -90.66
C ALA A 76 -67.37 22.77 -92.05
N GLY A 77 -67.82 23.91 -92.56
CA GLY A 77 -68.21 24.02 -93.95
C GLY A 77 -69.63 23.56 -94.23
N SER A 78 -70.31 23.02 -93.22
CA SER A 78 -71.66 22.53 -93.39
C SER A 78 -72.65 23.63 -93.70
N ALA A 79 -73.63 23.32 -94.53
CA ALA A 79 -74.64 24.30 -94.90
C ALA A 79 -75.58 24.32 -93.71
N PRO A 80 -76.46 25.32 -93.55
CA PRO A 80 -77.25 25.44 -92.33
C PRO A 80 -78.26 24.32 -92.13
N ILE A 81 -78.41 23.86 -90.89
CA ILE A 81 -79.24 22.70 -90.58
C ILE A 81 -80.50 23.13 -89.82
N ASP A 82 -81.64 22.68 -90.32
CA ASP A 82 -82.97 23.13 -89.94
C ASP A 82 -83.38 22.26 -88.78
N LEU A 83 -83.04 22.72 -87.58
CA LEU A 83 -82.99 21.80 -86.46
C LEU A 83 -84.36 21.20 -86.22
N LYS A 84 -85.44 21.89 -86.63
CA LYS A 84 -86.77 21.54 -86.17
C LYS A 84 -87.30 20.39 -86.98
N GLN A 85 -86.56 19.95 -87.98
CA GLN A 85 -86.99 18.77 -88.71
C GLN A 85 -86.13 17.57 -88.33
N CYS A 86 -85.13 17.70 -87.46
CA CYS A 86 -84.21 16.59 -87.21
C CYS A 86 -84.82 15.67 -86.16
N LYS A 87 -84.56 14.35 -86.23
CA LYS A 87 -85.11 13.39 -85.29
C LYS A 87 -83.98 12.69 -84.54
N LEU A 88 -84.18 12.39 -83.25
CA LEU A 88 -83.11 11.82 -82.41
C LEU A 88 -83.53 10.43 -82.00
N PHE A 89 -82.71 9.43 -82.35
CA PHE A 89 -82.98 8.04 -82.06
C PHE A 89 -82.05 7.60 -80.95
N LEU A 90 -82.61 6.94 -79.93
CA LEU A 90 -81.80 6.47 -78.81
C LEU A 90 -82.20 5.03 -78.50
N MET A 91 -81.20 4.20 -78.18
CA MET A 91 -81.36 2.81 -77.83
C MET A 91 -80.80 2.58 -76.43
N TYR A 92 -81.45 1.66 -75.70
CA TYR A 92 -81.09 1.31 -74.33
C TYR A 92 -81.58 -0.11 -74.07
N ASP A 93 -81.83 -0.48 -72.83
CA ASP A 93 -81.86 -1.89 -72.49
C ASP A 93 -83.10 -2.58 -73.04
N GLY A 94 -84.08 -1.83 -73.46
CA GLY A 94 -85.23 -2.56 -73.96
C GLY A 94 -86.14 -1.77 -74.91
N LYS A 95 -85.69 -0.61 -75.33
CA LYS A 95 -86.53 0.37 -75.97
C LYS A 95 -85.66 1.08 -77.00
N ALA A 96 -86.29 1.47 -78.12
CA ALA A 96 -85.61 2.27 -79.12
C ALA A 96 -86.61 3.34 -79.53
N VAL A 97 -86.30 4.59 -79.16
CA VAL A 97 -87.28 5.66 -79.09
C VAL A 97 -86.84 6.72 -80.08
N SER A 98 -87.81 7.30 -80.81
CA SER A 98 -87.53 8.46 -81.65
C SER A 98 -88.20 9.68 -81.00
N LEU A 99 -87.49 10.82 -80.90
CA LEU A 99 -88.03 12.04 -80.32
C LEU A 99 -88.08 13.18 -81.36
N ASN A 100 -89.14 14.05 -81.36
CA ASN A 100 -89.25 15.13 -82.34
C ASN A 100 -89.19 16.49 -81.68
N PHE A 101 -88.68 17.53 -82.37
CA PHE A 101 -88.55 18.89 -81.83
C PHE A 101 -89.87 19.42 -81.31
N SER A 102 -89.81 20.26 -80.29
CA SER A 102 -91.02 20.86 -79.74
C SER A 102 -90.63 22.24 -79.24
N LYS A 103 -91.57 23.18 -79.28
CA LYS A 103 -91.21 24.54 -78.94
C LYS A 103 -91.00 24.66 -77.43
N TYR A 104 -89.99 25.45 -77.05
CA TYR A 104 -89.72 25.95 -75.72
C TYR A 104 -90.94 26.80 -75.33
N ASP A 105 -91.04 27.32 -74.12
CA ASP A 105 -92.22 28.13 -73.79
C ASP A 105 -92.32 29.36 -74.70
N THR A 106 -93.42 29.43 -75.50
CA THR A 106 -93.89 30.61 -76.22
C THR A 106 -92.95 31.04 -77.35
N ASN A 107 -91.77 30.45 -77.43
CA ASN A 107 -90.72 30.90 -78.35
C ASN A 107 -90.00 29.68 -78.93
N THR A 108 -89.34 29.83 -80.08
CA THR A 108 -88.93 28.61 -80.78
C THR A 108 -87.81 27.88 -80.03
N VAL A 109 -86.92 28.63 -79.38
CA VAL A 109 -85.70 28.10 -78.79
C VAL A 109 -85.43 28.94 -77.56
N GLY A 110 -85.08 28.30 -76.44
CA GLY A 110 -84.90 29.06 -75.20
C GLY A 110 -83.67 29.96 -75.25
N ASP A 111 -83.84 31.29 -75.14
CA ASP A 111 -82.72 32.20 -75.34
C ASP A 111 -81.88 32.40 -74.09
N PHE A 112 -80.80 31.63 -74.00
CA PHE A 112 -79.86 31.79 -72.93
C PHE A 112 -78.51 32.11 -73.55
N THR A 113 -78.49 32.99 -74.54
CA THR A 113 -77.26 33.46 -75.14
C THR A 113 -76.41 34.18 -74.11
N ASN A 114 -77.00 34.67 -73.01
CA ASN A 114 -76.28 35.40 -71.99
C ASN A 114 -76.22 34.65 -70.65
N GLY A 115 -76.21 33.32 -70.66
CA GLY A 115 -75.76 32.56 -69.49
C GLY A 115 -76.90 31.98 -68.64
N ILE A 116 -76.61 30.90 -67.89
CA ILE A 116 -77.60 30.18 -67.10
C ILE A 116 -76.99 29.91 -65.76
N LYS A 117 -77.74 30.15 -64.68
CA LYS A 117 -77.28 29.91 -63.33
C LYS A 117 -77.03 28.42 -63.12
N ASP A 118 -77.96 27.58 -63.60
CA ASP A 118 -77.85 26.13 -63.53
C ASP A 118 -78.76 25.49 -64.58
N ILE A 119 -78.21 24.68 -65.49
CA ILE A 119 -78.92 24.18 -66.65
C ILE A 119 -80.00 23.22 -66.19
N PHE A 120 -79.95 22.74 -64.95
CA PHE A 120 -80.91 21.77 -64.52
C PHE A 120 -81.92 22.32 -63.51
N ASN A 121 -81.78 23.56 -63.06
CA ASN A 121 -82.75 24.12 -62.11
C ASN A 121 -84.05 24.38 -62.85
N THR A 122 -85.14 23.82 -62.31
CA THR A 122 -86.42 23.75 -63.01
C THR A 122 -87.02 25.12 -63.30
N THR A 123 -86.97 26.04 -62.31
CA THR A 123 -87.66 27.30 -62.43
C THR A 123 -86.98 28.23 -63.43
N VAL A 124 -85.65 28.12 -63.54
CA VAL A 124 -84.89 28.93 -64.47
C VAL A 124 -85.14 28.41 -65.88
N VAL A 125 -85.09 27.07 -66.07
CA VAL A 125 -84.84 26.52 -67.38
C VAL A 125 -86.11 26.10 -68.12
N LYS A 126 -87.17 25.75 -67.42
CA LYS A 126 -88.38 25.33 -68.12
C LYS A 126 -88.22 24.00 -68.88
N TRP A 127 -88.09 22.91 -68.13
CA TRP A 127 -87.97 21.55 -68.65
C TRP A 127 -89.33 21.00 -69.07
N ASN A 128 -90.44 21.67 -68.75
CA ASN A 128 -91.75 21.00 -68.73
C ASN A 128 -92.20 20.43 -70.07
N ASN A 129 -91.79 21.00 -71.22
CA ASN A 129 -92.22 20.51 -72.51
C ASN A 129 -91.40 19.32 -72.98
N ALA A 130 -90.50 18.79 -72.15
CA ALA A 130 -89.78 17.58 -72.54
C ALA A 130 -90.63 16.35 -72.22
N ASP A 131 -91.61 16.06 -73.09
CA ASP A 131 -92.57 14.97 -72.95
C ASP A 131 -91.86 13.68 -73.30
N ALA A 132 -92.57 12.55 -73.28
CA ALA A 132 -91.88 11.28 -73.42
C ALA A 132 -91.55 11.08 -74.88
N THR A 133 -92.06 11.96 -75.76
CA THR A 133 -91.82 11.82 -77.18
C THR A 133 -91.20 13.05 -77.85
N SER A 134 -90.67 14.04 -77.10
CA SER A 134 -90.02 15.17 -77.75
C SER A 134 -88.80 15.71 -77.02
N PHE A 135 -88.01 16.56 -77.72
CA PHE A 135 -86.97 17.34 -77.09
C PHE A 135 -87.17 18.83 -77.26
N VAL A 136 -86.39 19.62 -76.50
CA VAL A 136 -86.39 21.07 -76.67
C VAL A 136 -84.95 21.54 -76.75
N VAL A 137 -84.72 22.74 -77.32
CA VAL A 137 -83.41 23.23 -77.65
C VAL A 137 -83.17 24.54 -76.91
N VAL A 138 -81.97 24.69 -76.32
CA VAL A 138 -81.57 25.86 -75.57
C VAL A 138 -80.37 26.42 -76.29
N ALA A 139 -80.39 27.72 -76.62
CA ALA A 139 -79.37 28.31 -77.48
C ALA A 139 -78.29 28.92 -76.61
N LEU A 140 -77.06 28.43 -76.79
CA LEU A 140 -75.97 28.81 -75.92
C LEU A 140 -75.02 29.79 -76.59
N GLN A 141 -74.76 29.69 -77.90
CA GLN A 141 -74.01 30.73 -78.59
C GLN A 141 -74.50 30.87 -80.03
N ASP A 142 -74.84 32.09 -80.44
CA ASP A 142 -75.41 32.39 -81.77
C ASP A 142 -75.36 33.88 -82.01
N ASP A 143 -74.42 34.32 -82.84
CA ASP A 143 -74.15 35.73 -83.11
C ASP A 143 -75.26 36.30 -83.98
N ASP A 144 -75.59 35.56 -85.04
CA ASP A 144 -76.43 36.01 -86.13
C ASP A 144 -77.93 35.82 -85.85
N LYS A 145 -78.31 35.42 -84.65
CA LYS A 145 -79.70 35.17 -84.29
C LYS A 145 -80.41 34.09 -85.12
N SER A 146 -79.68 33.12 -85.69
CA SER A 146 -80.34 32.10 -86.47
C SER A 146 -81.07 31.08 -85.61
N LEU A 147 -80.46 30.68 -84.49
CA LEU A 147 -81.12 29.73 -83.62
C LEU A 147 -82.41 30.40 -83.15
N LEU A 148 -82.32 31.69 -82.80
CA LEU A 148 -83.34 32.36 -82.01
C LEU A 148 -84.59 32.59 -82.84
N THR A 149 -84.51 32.29 -84.13
CA THR A 149 -85.54 32.74 -85.06
C THR A 149 -85.67 31.65 -86.13
N ASN A 150 -86.64 30.74 -85.95
CA ASN A 150 -86.84 29.67 -86.91
C ASN A 150 -85.77 28.56 -86.84
N ALA A 151 -84.94 28.55 -85.80
CA ALA A 151 -84.22 27.37 -85.33
C ALA A 151 -83.24 26.79 -86.34
N VAL A 152 -82.41 27.65 -86.96
CA VAL A 152 -81.44 27.13 -87.91
C VAL A 152 -80.03 27.26 -87.34
N ILE A 153 -79.31 26.12 -87.25
CA ILE A 153 -77.91 26.13 -86.83
C ILE A 153 -77.08 26.54 -88.04
N ASN A 154 -76.15 27.49 -87.84
CA ASN A 154 -75.11 27.80 -88.83
C ASN A 154 -73.76 27.93 -88.17
N LYS A 155 -72.74 28.34 -88.93
CA LYS A 155 -71.34 28.17 -88.51
C LYS A 155 -71.08 28.84 -87.18
N GLY A 156 -70.51 28.10 -86.23
CA GLY A 156 -70.08 28.75 -84.99
C GLY A 156 -71.15 28.73 -83.91
N ASP A 157 -72.37 28.26 -84.24
CA ASP A 157 -73.40 28.16 -83.21
C ASP A 157 -73.12 26.95 -82.31
N LEU A 158 -73.58 26.99 -81.03
CA LEU A 158 -73.54 25.83 -80.12
C LEU A 158 -74.86 25.77 -79.39
N ALA A 159 -75.50 24.59 -79.31
CA ALA A 159 -76.85 24.51 -78.83
C ALA A 159 -77.02 23.23 -78.06
N GLY A 160 -78.00 23.21 -77.18
CA GLY A 160 -78.05 22.08 -76.28
C GLY A 160 -79.43 21.47 -76.35
N VAL A 161 -79.48 20.16 -76.49
CA VAL A 161 -80.73 19.46 -76.66
C VAL A 161 -81.07 18.86 -75.31
N LEU A 162 -82.28 19.10 -74.80
CA LEU A 162 -82.66 18.54 -73.52
C LEU A 162 -83.54 17.30 -73.71
N VAL A 163 -83.22 16.14 -73.07
CA VAL A 163 -84.09 14.97 -73.13
C VAL A 163 -84.43 14.38 -71.77
N ASN A 164 -85.73 14.14 -71.48
CA ASN A 164 -86.25 13.68 -70.19
C ASN A 164 -86.20 12.18 -70.22
N VAL A 165 -84.99 11.65 -69.98
CA VAL A 165 -84.73 10.28 -70.35
C VAL A 165 -85.64 9.39 -69.55
N SER A 166 -85.90 9.75 -68.31
CA SER A 166 -86.60 8.81 -67.44
C SER A 166 -88.03 8.64 -67.93
N ALA A 167 -88.51 9.64 -68.66
CA ALA A 167 -89.85 9.60 -69.21
C ALA A 167 -89.84 8.93 -70.57
N ALA A 168 -88.75 9.12 -71.31
CA ALA A 168 -88.62 8.58 -72.64
C ALA A 168 -88.47 7.05 -72.59
N PHE A 169 -87.57 6.55 -71.76
CA PHE A 169 -87.36 5.12 -71.68
C PHE A 169 -88.25 4.54 -70.61
N GLY A 170 -88.98 5.37 -69.88
CA GLY A 170 -89.92 4.84 -68.91
C GLY A 170 -89.28 4.42 -67.58
N LYS A 171 -87.95 4.41 -67.49
CA LYS A 171 -87.28 4.23 -66.22
C LYS A 171 -85.95 5.01 -66.16
N HIS A 172 -85.41 5.19 -64.95
CA HIS A 172 -84.13 5.86 -64.82
C HIS A 172 -82.98 4.95 -65.28
N VAL A 173 -81.96 5.47 -66.01
CA VAL A 173 -80.91 4.56 -66.43
C VAL A 173 -79.95 4.32 -65.28
N GLY A 174 -79.56 3.06 -65.09
CA GLY A 174 -78.80 2.64 -63.93
C GLY A 174 -77.30 2.74 -64.19
N THR A 175 -76.52 2.16 -63.29
CA THR A 175 -75.08 2.18 -63.42
C THR A 175 -74.67 1.06 -64.38
N ARG A 176 -73.50 1.17 -65.01
CA ARG A 176 -72.93 0.15 -65.87
C ARG A 176 -73.81 -0.16 -67.08
N GLU A 177 -74.61 0.79 -67.57
CA GLU A 177 -75.48 0.55 -68.70
C GLU A 177 -75.07 1.41 -69.89
N ARG A 178 -75.18 0.91 -71.14
CA ARG A 178 -74.90 1.80 -72.28
C ARG A 178 -76.12 2.35 -72.94
N VAL A 179 -75.95 3.54 -73.56
CA VAL A 179 -76.97 4.17 -74.37
C VAL A 179 -76.34 4.71 -75.63
N SER A 180 -76.98 4.44 -76.78
CA SER A 180 -76.37 4.89 -78.01
C SER A 180 -77.44 5.35 -78.97
N GLY A 181 -77.05 6.27 -79.87
CA GLY A 181 -78.03 6.79 -80.80
C GLY A 181 -77.39 7.70 -81.84
N TYR A 182 -78.26 8.41 -82.53
CA TYR A 182 -77.87 9.34 -83.55
C TYR A 182 -78.91 10.46 -83.61
N LEU A 183 -78.44 11.69 -83.86
CA LEU A 183 -79.35 12.78 -84.19
C LEU A 183 -79.23 12.97 -85.68
N GLN A 184 -80.32 12.71 -86.41
CA GLN A 184 -80.22 12.55 -87.85
C GLN A 184 -80.86 13.76 -88.46
N PRO A 185 -80.14 14.64 -89.17
CA PRO A 185 -80.75 15.75 -89.84
C PRO A 185 -81.43 15.36 -91.13
N GLU A 186 -82.18 16.30 -91.68
CA GLU A 186 -82.98 16.13 -92.88
C GLU A 186 -82.08 15.81 -94.04
N PHE A 187 -80.92 16.47 -94.11
CA PHE A 187 -79.88 16.06 -95.02
C PHE A 187 -78.53 16.18 -94.34
N GLY A 188 -77.61 15.28 -94.67
CA GLY A 188 -76.27 15.36 -94.11
C GLY A 188 -76.03 14.33 -93.00
N ALA A 189 -74.81 14.33 -92.47
CA ALA A 189 -74.34 13.22 -91.68
C ALA A 189 -74.86 13.33 -90.26
N PRO A 190 -75.17 12.21 -89.58
CA PRO A 190 -75.76 12.28 -88.26
C PRO A 190 -74.73 12.38 -87.15
N ALA A 191 -75.12 13.02 -86.06
CA ALA A 191 -74.22 13.11 -84.93
C ALA A 191 -74.38 11.85 -84.11
N VAL A 192 -73.31 11.06 -83.92
CA VAL A 192 -73.34 9.84 -83.12
C VAL A 192 -73.31 10.17 -81.64
N ILE A 193 -74.10 9.46 -80.84
CA ILE A 193 -74.04 9.56 -79.39
C ILE A 193 -73.77 8.16 -78.85
N GLU A 194 -72.89 8.05 -77.86
CA GLU A 194 -72.56 6.76 -77.29
C GLU A 194 -71.89 7.00 -75.95
N PHE A 195 -72.48 6.43 -74.89
CA PHE A 195 -71.78 6.39 -73.62
C PHE A 195 -72.28 5.30 -72.70
N THR A 196 -71.39 4.91 -71.78
CA THR A 196 -71.72 3.92 -70.76
C THR A 196 -71.73 4.64 -69.42
N THR A 197 -72.82 4.50 -68.66
CA THR A 197 -72.95 5.23 -67.42
C THR A 197 -71.92 4.62 -66.52
N PRO A 198 -71.25 5.40 -65.64
CA PRO A 198 -70.19 4.87 -64.81
C PRO A 198 -70.70 3.85 -63.80
N ALA A 199 -69.72 3.26 -63.11
CA ALA A 199 -69.97 2.20 -62.14
C ALA A 199 -70.57 2.75 -60.84
N ALA A 200 -70.26 4.00 -60.51
CA ALA A 200 -70.63 4.52 -59.21
C ALA A 200 -71.12 5.96 -59.36
N PHE A 201 -72.42 6.13 -59.21
CA PHE A 201 -72.90 7.47 -59.19
C PHE A 201 -72.49 8.02 -57.83
N THR A 202 -71.92 9.24 -57.80
CA THR A 202 -71.48 9.82 -56.53
C THR A 202 -71.61 11.35 -56.42
N SER A 203 -72.20 12.01 -57.43
CA SER A 203 -72.41 13.45 -57.43
C SER A 203 -73.64 13.74 -58.29
N ASP A 204 -74.23 14.93 -58.16
CA ASP A 204 -75.52 15.13 -58.80
C ASP A 204 -75.36 15.31 -60.31
N VAL A 205 -74.33 16.05 -60.77
CA VAL A 205 -74.23 16.26 -62.21
C VAL A 205 -73.00 15.57 -62.76
N ILE A 206 -73.16 14.63 -63.72
CA ILE A 206 -72.13 13.70 -64.16
C ILE A 206 -71.76 13.87 -65.61
N GLU A 207 -70.46 13.74 -65.89
CA GLU A 207 -69.93 14.21 -67.17
C GLU A 207 -69.78 13.01 -68.09
N LEU A 208 -70.91 12.57 -68.65
CA LEU A 208 -70.96 11.33 -69.40
C LEU A 208 -70.08 11.40 -70.64
N GLN A 209 -69.99 12.56 -71.29
CA GLN A 209 -69.02 12.93 -72.32
C GLN A 209 -68.83 11.83 -73.39
N ALA B 1 -83.95 18.38 -152.49
CA ALA B 1 -82.51 17.93 -152.32
C ALA B 1 -82.24 17.51 -150.88
N ILE B 2 -81.43 16.46 -150.72
CA ILE B 2 -81.09 15.90 -149.41
C ILE B 2 -80.26 16.89 -148.58
N GLY B 3 -79.51 17.74 -149.29
CA GLY B 3 -78.54 18.60 -148.62
C GLY B 3 -79.21 19.52 -147.60
N ILE B 4 -80.41 19.96 -147.95
CA ILE B 4 -81.13 20.97 -147.20
C ILE B 4 -81.29 20.50 -145.75
N GLY B 5 -81.78 19.28 -145.56
CA GLY B 5 -81.99 18.79 -144.22
C GLY B 5 -80.69 18.58 -143.46
N THR B 6 -79.63 18.16 -144.17
CA THR B 6 -78.37 17.82 -143.55
C THR B 6 -77.82 19.05 -142.84
N LEU B 7 -77.97 20.20 -143.50
CA LEU B 7 -77.56 21.49 -142.96
C LEU B 7 -78.36 21.76 -141.68
N ILE B 8 -79.69 21.73 -141.78
CA ILE B 8 -80.58 22.11 -140.69
C ILE B 8 -80.33 21.24 -139.47
N ILE B 9 -80.17 19.94 -139.63
CA ILE B 9 -79.98 19.09 -138.46
C ILE B 9 -78.62 19.33 -137.82
N PHE B 10 -77.62 19.76 -138.59
CA PHE B 10 -76.30 20.08 -138.05
C PHE B 10 -76.42 21.23 -137.06
N ILE B 11 -77.22 22.24 -137.43
CA ILE B 11 -77.46 23.41 -136.59
C ILE B 11 -77.97 22.95 -135.25
N ALA B 12 -78.92 22.02 -135.24
CA ALA B 12 -79.48 21.50 -134.01
C ALA B 12 -78.40 20.78 -133.22
N MET B 13 -77.61 19.95 -133.88
CA MET B 13 -76.68 19.06 -133.20
C MET B 13 -75.67 19.90 -132.41
N VAL B 14 -75.18 20.97 -133.04
CA VAL B 14 -74.22 21.90 -132.46
C VAL B 14 -74.84 22.46 -131.19
N LEU B 15 -76.07 22.97 -131.32
CA LEU B 15 -76.72 23.69 -130.24
C LEU B 15 -76.88 22.77 -129.05
N VAL B 16 -77.26 21.51 -129.28
CA VAL B 16 -77.50 20.59 -128.18
C VAL B 16 -76.17 20.34 -127.46
N ALA B 17 -75.10 20.13 -128.24
CA ALA B 17 -73.81 19.85 -127.67
C ALA B 17 -73.32 21.05 -126.84
N ALA B 18 -73.74 22.25 -127.23
CA ALA B 18 -73.38 23.45 -126.49
C ALA B 18 -74.03 23.39 -125.13
N VAL B 19 -75.35 23.14 -125.11
CA VAL B 19 -76.12 23.11 -123.87
C VAL B 19 -75.54 22.06 -122.92
N ALA B 20 -75.18 20.91 -123.47
CA ALA B 20 -74.62 19.84 -122.68
C ALA B 20 -73.30 20.27 -122.04
N ALA B 21 -72.46 20.96 -122.81
CA ALA B 21 -71.18 21.42 -122.31
C ALA B 21 -71.43 22.41 -121.18
N ALA B 22 -72.40 23.30 -121.38
CA ALA B 22 -72.64 24.38 -120.45
C ALA B 22 -72.79 23.85 -119.03
N VAL B 23 -73.64 22.84 -118.83
CA VAL B 23 -73.98 22.32 -117.51
C VAL B 23 -72.73 21.87 -116.76
N LEU B 24 -71.72 21.40 -117.48
CA LEU B 24 -70.51 20.91 -116.83
C LEU B 24 -69.69 22.10 -116.38
N ILE B 25 -69.62 23.15 -117.21
CA ILE B 25 -68.86 24.36 -116.91
C ILE B 25 -69.47 25.01 -115.67
N ASN B 26 -70.81 25.22 -115.70
CA ASN B 26 -71.57 25.76 -114.59
C ASN B 26 -71.33 24.95 -113.31
N THR B 27 -71.47 23.62 -113.38
CA THR B 27 -71.41 22.77 -112.20
C THR B 27 -70.00 22.82 -111.63
N SER B 28 -69.01 22.98 -112.49
CA SER B 28 -67.63 22.98 -112.04
C SER B 28 -67.41 24.24 -111.20
N GLY B 29 -68.03 25.35 -111.64
CA GLY B 29 -68.06 26.61 -110.89
C GLY B 29 -68.64 26.44 -109.47
N PHE B 30 -69.83 25.85 -109.40
CA PHE B 30 -70.51 25.62 -108.14
C PHE B 30 -69.63 24.80 -107.19
N LEU B 31 -69.04 23.74 -107.72
CA LEU B 31 -68.25 22.87 -106.89
C LEU B 31 -66.97 23.56 -106.45
N GLN B 32 -66.45 24.51 -107.24
CA GLN B 32 -65.15 25.08 -106.97
C GLN B 32 -65.19 25.71 -105.58
N GLN B 33 -66.15 26.62 -105.41
CA GLN B 33 -66.26 27.38 -104.19
C GLN B 33 -66.43 26.44 -103.00
N LYS B 34 -67.37 25.49 -103.15
CA LYS B 34 -67.76 24.63 -102.05
C LYS B 34 -66.57 23.81 -101.56
N ALA B 35 -65.74 23.39 -102.50
CA ALA B 35 -64.58 22.57 -102.20
C ALA B 35 -63.57 23.42 -101.45
N MET B 36 -63.25 24.60 -102.02
CA MET B 36 -62.16 25.42 -101.51
C MET B 36 -62.43 25.79 -100.06
N ALA B 37 -63.66 26.24 -99.79
CA ALA B 37 -64.11 26.64 -98.48
C ALA B 37 -63.99 25.49 -97.49
N THR B 38 -64.35 24.28 -97.93
CA THR B 38 -64.43 23.15 -97.03
C THR B 38 -63.03 22.82 -96.51
N GLY B 39 -62.04 22.95 -97.40
CA GLY B 39 -60.65 22.69 -97.05
C GLY B 39 -60.12 23.73 -96.07
N LYS B 40 -60.32 25.00 -96.39
CA LYS B 40 -59.82 26.10 -95.58
C LYS B 40 -60.36 25.93 -94.16
N GLU B 41 -61.68 25.82 -94.05
CA GLU B 41 -62.37 25.82 -92.79
C GLU B 41 -61.87 24.67 -91.94
N SER B 42 -61.78 23.49 -92.54
CA SER B 42 -61.39 22.31 -91.81
C SER B 42 -60.00 22.48 -91.26
N THR B 43 -59.15 23.24 -91.96
CA THR B 43 -57.75 23.37 -91.60
C THR B 43 -57.65 24.23 -90.35
N GLU B 44 -58.37 25.35 -90.37
CA GLU B 44 -58.36 26.31 -89.28
C GLU B 44 -58.83 25.65 -88.00
N GLN B 45 -59.84 24.78 -88.10
CA GLN B 45 -60.42 24.04 -86.98
C GLN B 45 -59.34 23.25 -86.27
N VAL B 46 -58.55 22.46 -86.99
CA VAL B 46 -57.60 21.57 -86.36
C VAL B 46 -56.48 22.39 -85.75
N ALA B 47 -56.10 23.47 -86.43
CA ALA B 47 -54.89 24.21 -86.16
C ALA B 47 -54.99 25.06 -84.89
N SER B 48 -56.20 25.30 -84.38
CA SER B 48 -56.41 26.38 -83.42
C SER B 48 -56.93 25.88 -82.07
N GLY B 49 -56.60 26.62 -81.00
CA GLY B 49 -57.12 26.27 -79.69
C GLY B 49 -56.56 27.17 -78.59
N LEU B 50 -56.99 26.93 -77.34
CA LEU B 50 -56.54 27.67 -76.19
C LEU B 50 -55.97 26.70 -75.15
N GLN B 51 -55.13 27.21 -74.25
CA GLN B 51 -54.45 26.41 -73.26
C GLN B 51 -54.52 27.16 -71.92
N VAL B 52 -54.90 26.47 -70.83
CA VAL B 52 -54.97 27.08 -69.52
C VAL B 52 -53.61 27.05 -68.90
N ILE B 53 -53.05 28.24 -68.61
CA ILE B 53 -51.71 28.34 -68.08
C ILE B 53 -51.79 28.00 -66.61
N ARG B 54 -52.55 28.77 -65.83
CA ARG B 54 -52.67 28.55 -64.38
C ARG B 54 -54.05 29.00 -63.91
N VAL B 55 -54.54 28.50 -62.78
CA VAL B 55 -55.75 29.02 -62.18
C VAL B 55 -55.47 29.45 -60.75
N LEU B 56 -55.91 30.65 -60.37
CA LEU B 56 -55.66 31.23 -59.05
C LEU B 56 -56.98 31.59 -58.37
N GLY B 57 -57.00 31.70 -57.02
CA GLY B 57 -58.28 31.76 -56.32
C GLY B 57 -58.26 32.40 -54.93
N ASN B 58 -58.80 33.60 -54.84
CA ASN B 58 -58.94 34.32 -53.58
C ASN B 58 -59.83 33.55 -52.62
N HIS B 59 -59.62 33.63 -51.28
CA HIS B 59 -60.45 32.91 -50.28
C HIS B 59 -60.81 33.74 -49.06
N SER B 60 -62.08 33.65 -48.61
CA SER B 60 -62.57 34.30 -47.40
C SER B 60 -63.63 33.43 -46.78
N GLY B 61 -63.71 33.40 -45.45
CA GLY B 61 -64.80 32.63 -44.89
C GLY B 61 -64.50 31.16 -45.07
N GLY B 62 -65.40 30.42 -45.72
CA GLY B 62 -65.14 29.00 -45.79
C GLY B 62 -64.99 28.49 -47.23
N LYS B 63 -64.71 29.42 -48.14
CA LYS B 63 -64.95 29.13 -49.53
C LYS B 63 -63.89 29.82 -50.37
N ILE B 64 -63.79 29.40 -51.63
CA ILE B 64 -63.08 30.22 -52.60
C ILE B 64 -64.17 31.01 -53.31
N ASN B 65 -64.04 32.34 -53.39
CA ASN B 65 -65.11 33.14 -53.89
C ASN B 65 -64.87 33.68 -55.29
N TRP B 66 -63.63 33.99 -55.69
CA TRP B 66 -63.35 34.44 -57.03
C TRP B 66 -62.31 33.49 -57.65
N LEU B 67 -62.37 33.24 -58.97
CA LEU B 67 -61.34 32.52 -59.65
C LEU B 67 -60.80 33.36 -60.82
N ALA B 68 -59.50 33.22 -61.10
CA ALA B 68 -58.92 33.91 -62.21
C ALA B 68 -58.21 32.88 -63.03
N VAL B 69 -58.71 32.63 -64.24
CA VAL B 69 -58.25 31.56 -65.09
C VAL B 69 -57.40 32.19 -66.18
N LEU B 70 -56.09 31.93 -66.17
CA LEU B 70 -55.19 32.56 -67.12
C LEU B 70 -55.11 31.63 -68.33
N ILE B 71 -55.22 32.21 -69.54
CA ILE B 71 -55.38 31.39 -70.75
C ILE B 71 -54.60 32.01 -71.89
N SER B 72 -54.13 31.20 -72.84
CA SER B 72 -53.33 31.72 -73.95
C SER B 72 -53.49 30.83 -75.16
N PRO B 73 -53.17 31.27 -76.37
CA PRO B 73 -53.36 30.45 -77.56
C PRO B 73 -52.41 29.27 -77.65
N ASN B 74 -52.81 28.22 -78.39
CA ASN B 74 -51.95 27.08 -78.67
C ASN B 74 -51.00 27.53 -79.75
N ALA B 75 -49.84 26.88 -79.86
CA ALA B 75 -48.87 27.31 -80.86
C ALA B 75 -49.47 27.16 -82.25
N GLY B 76 -49.31 28.19 -83.09
CA GLY B 76 -49.67 28.11 -84.50
C GLY B 76 -51.17 28.25 -84.74
N SER B 77 -51.87 28.84 -83.77
CA SER B 77 -53.31 29.03 -83.86
C SER B 77 -53.67 30.32 -84.56
N ALA B 78 -54.85 30.35 -85.14
CA ALA B 78 -55.33 31.55 -85.82
C ALA B 78 -55.95 32.37 -84.71
N PRO B 79 -56.23 33.67 -84.86
CA PRO B 79 -56.64 34.49 -83.74
C PRO B 79 -58.01 34.09 -83.19
N ILE B 80 -58.15 34.01 -81.86
CA ILE B 80 -59.40 33.61 -81.22
C ILE B 80 -60.13 34.82 -80.63
N ASP B 81 -61.41 35.03 -80.99
CA ASP B 81 -62.19 36.20 -80.58
C ASP B 81 -62.99 35.83 -79.34
N LEU B 82 -62.51 36.31 -78.20
CA LEU B 82 -63.01 35.77 -76.95
C LEU B 82 -64.43 36.29 -76.74
N SER B 83 -64.86 37.28 -77.51
CA SER B 83 -66.18 37.83 -77.22
C SER B 83 -67.23 36.82 -77.59
N GLN B 84 -66.87 35.81 -78.36
CA GLN B 84 -67.80 34.77 -78.72
C GLN B 84 -67.45 33.45 -78.04
N ALA B 85 -66.64 33.43 -76.98
CA ALA B 85 -66.30 32.18 -76.32
C ALA B 85 -67.42 31.81 -75.36
N THR B 86 -67.40 30.61 -74.75
CA THR B 86 -68.33 30.27 -73.68
C THR B 86 -67.63 29.45 -72.60
N VAL B 87 -67.87 29.70 -71.29
CA VAL B 87 -67.22 28.91 -70.27
C VAL B 87 -68.23 28.10 -69.50
N MET B 88 -67.88 26.87 -69.14
CA MET B 88 -68.83 25.98 -68.49
C MET B 88 -68.07 25.39 -67.33
N ILE B 89 -68.66 25.44 -66.13
CA ILE B 89 -68.00 25.02 -64.93
C ILE B 89 -68.99 24.22 -64.10
N THR B 90 -68.54 23.13 -63.43
CA THR B 90 -69.42 22.46 -62.49
C THR B 90 -68.70 22.01 -61.25
N ASP B 91 -69.46 22.01 -60.12
CA ASP B 91 -68.94 21.62 -58.83
C ASP B 91 -69.57 20.31 -58.42
N GLY B 92 -70.32 19.70 -59.34
CA GLY B 92 -70.93 18.41 -59.04
C GLY B 92 -72.30 18.53 -58.37
N THR B 93 -72.66 19.74 -57.93
CA THR B 93 -74.01 20.02 -57.49
C THR B 93 -74.72 21.01 -58.39
N HIS B 94 -74.02 21.93 -59.10
CA HIS B 94 -74.65 22.79 -60.10
C HIS B 94 -73.78 22.95 -61.36
N LYS B 95 -74.33 23.45 -62.49
CA LYS B 95 -73.52 23.58 -63.70
C LYS B 95 -73.79 24.92 -64.38
N VAL B 96 -72.96 25.93 -64.08
CA VAL B 96 -73.19 27.27 -64.57
C VAL B 96 -72.56 27.35 -65.91
N ILE B 97 -73.12 28.18 -66.80
CA ILE B 97 -72.49 28.56 -68.05
C ILE B 97 -72.49 30.08 -68.14
N ALA B 98 -71.38 30.69 -68.58
CA ALA B 98 -71.23 32.14 -68.47
C ALA B 98 -70.63 32.73 -69.72
N LYS B 99 -70.93 34.01 -70.02
CA LYS B 99 -70.59 34.62 -71.29
C LYS B 99 -70.10 36.05 -71.08
N TYR B 100 -69.38 36.66 -72.04
CA TYR B 100 -68.62 37.88 -71.79
C TYR B 100 -69.54 39.07 -71.69
N ASN B 101 -69.33 39.89 -70.66
CA ASN B 101 -70.02 41.17 -70.57
C ASN B 101 -68.98 42.25 -70.72
N SER B 102 -69.10 43.06 -71.78
CA SER B 102 -68.06 43.97 -72.22
C SER B 102 -67.79 45.03 -71.17
N THR B 103 -68.69 45.20 -70.22
CA THR B 103 -68.55 46.22 -69.19
C THR B 103 -67.27 46.01 -68.40
N PHE B 104 -66.85 44.76 -68.24
CA PHE B 104 -65.82 44.40 -67.27
C PHE B 104 -64.48 44.13 -67.94
N PHE B 105 -63.89 45.16 -68.57
CA PHE B 105 -62.60 45.00 -69.23
C PHE B 105 -61.59 45.88 -68.51
N ASN B 106 -60.37 45.38 -68.29
CA ASN B 106 -59.30 46.26 -67.85
C ASN B 106 -58.07 46.04 -68.70
N GLY B 107 -57.73 47.02 -69.54
CA GLY B 107 -56.61 46.84 -70.44
C GLY B 107 -55.28 47.22 -69.78
N THR B 108 -55.35 48.11 -68.81
CA THR B 108 -54.17 48.81 -68.39
C THR B 108 -53.16 47.83 -67.82
N LEU B 109 -53.64 46.69 -67.34
CA LEU B 109 -52.80 45.80 -66.56
C LEU B 109 -51.80 45.12 -67.49
N LYS B 110 -51.83 45.41 -68.78
CA LYS B 110 -50.81 44.92 -69.69
C LYS B 110 -49.46 45.47 -69.27
N ASN B 111 -49.48 46.55 -68.50
CA ASN B 111 -48.29 47.25 -68.05
C ASN B 111 -48.08 46.99 -66.56
N GLY B 112 -48.62 45.91 -66.03
CA GLY B 112 -48.26 45.50 -64.68
C GLY B 112 -49.23 46.05 -63.65
N GLY B 113 -49.38 45.32 -62.52
CA GLY B 113 -50.28 45.70 -61.43
C GLY B 113 -50.78 44.49 -60.68
N SER B 114 -51.82 44.66 -59.85
CA SER B 114 -52.38 43.57 -59.04
C SER B 114 -53.68 43.05 -59.64
N ILE B 115 -53.75 41.72 -59.87
CA ILE B 115 -55.00 41.06 -60.24
C ILE B 115 -55.80 41.07 -58.95
N PHE B 116 -57.06 40.67 -58.97
CA PHE B 116 -57.81 40.54 -57.75
C PHE B 116 -57.97 41.86 -57.02
N GLU B 117 -57.43 42.96 -57.56
CA GLU B 117 -57.80 44.29 -57.11
C GLU B 117 -57.94 45.24 -58.32
N ALA B 118 -58.25 44.67 -59.49
CA ALA B 118 -58.44 45.48 -60.68
C ALA B 118 -59.77 46.21 -60.58
N LYS B 119 -59.82 47.45 -61.04
CA LYS B 119 -61.07 48.19 -61.17
C LYS B 119 -61.64 48.03 -62.57
N TYR B 120 -62.88 48.53 -62.79
CA TYR B 120 -63.50 48.69 -64.10
C TYR B 120 -64.25 50.01 -64.16
N ASN B 121 -64.74 50.44 -65.34
CA ASN B 121 -65.23 51.80 -65.56
C ASN B 121 -66.67 51.78 -66.05
N ASN B 122 -67.65 51.86 -65.12
CA ASN B 122 -69.00 52.29 -65.48
C ASN B 122 -68.89 53.78 -65.75
N THR B 123 -69.61 54.31 -66.75
CA THR B 123 -69.32 55.66 -67.19
C THR B 123 -69.41 56.61 -65.98
N THR B 124 -68.41 57.49 -65.80
CA THR B 124 -68.33 58.49 -64.75
C THR B 124 -67.69 57.97 -63.45
N ALA B 125 -67.38 56.68 -63.35
CA ALA B 125 -66.79 56.19 -62.10
C ALA B 125 -65.81 55.03 -62.29
N LEU B 126 -65.03 54.70 -61.24
CA LEU B 126 -64.24 53.48 -61.19
C LEU B 126 -64.66 52.65 -59.98
N LYS B 127 -64.84 51.34 -60.17
CA LYS B 127 -65.39 50.46 -59.15
C LYS B 127 -64.68 49.11 -59.21
N PRO B 128 -64.62 48.31 -58.12
CA PRO B 128 -63.88 47.04 -58.16
C PRO B 128 -64.54 46.00 -59.06
N LEU B 129 -63.73 45.26 -59.85
CA LEU B 129 -64.20 44.37 -60.89
C LEU B 129 -64.90 43.17 -60.30
N PHE B 130 -64.17 42.38 -59.52
CA PHE B 130 -64.62 41.05 -59.17
C PHE B 130 -65.94 41.07 -58.39
N ASP B 131 -66.08 42.04 -57.47
CA ASP B 131 -67.25 42.15 -56.63
C ASP B 131 -68.49 42.50 -57.43
N ASP B 132 -68.35 43.19 -58.57
CA ASP B 132 -69.49 43.69 -59.30
C ASP B 132 -69.96 42.74 -60.40
N LEU B 133 -69.10 41.82 -60.83
CA LEU B 133 -69.35 40.96 -61.99
C LEU B 133 -70.55 40.07 -61.74
N PRO B 134 -71.60 40.09 -62.59
CA PRO B 134 -72.81 39.29 -62.43
C PRO B 134 -72.67 37.77 -62.47
N ALA B 135 -73.71 37.10 -62.00
CA ALA B 135 -73.57 35.67 -61.75
C ALA B 135 -73.46 34.88 -63.04
N THR B 136 -73.90 35.42 -64.17
CA THR B 136 -73.86 34.67 -65.41
C THR B 136 -72.81 35.20 -66.38
N ALA B 137 -71.82 35.97 -65.94
CA ALA B 137 -70.95 36.63 -66.88
C ALA B 137 -69.50 36.47 -66.48
N PHE B 138 -68.59 36.57 -67.46
CA PHE B 138 -67.17 36.63 -67.15
C PHE B 138 -66.55 37.88 -67.70
N GLY B 139 -65.51 38.36 -67.01
CA GLY B 139 -64.83 39.59 -67.41
C GLY B 139 -63.43 39.22 -67.85
N ILE B 140 -62.65 40.15 -68.43
CA ILE B 140 -61.38 39.82 -69.02
C ILE B 140 -60.37 40.90 -68.70
N VAL B 141 -59.12 40.52 -68.33
CA VAL B 141 -58.06 41.43 -67.95
C VAL B 141 -56.77 41.07 -68.67
N VAL B 142 -56.24 42.01 -69.47
CA VAL B 142 -55.17 41.74 -70.40
C VAL B 142 -53.89 41.80 -69.60
N LEU B 143 -53.13 40.71 -69.62
CA LEU B 143 -51.92 40.67 -68.83
C LEU B 143 -50.72 40.80 -69.76
N GLN B 144 -50.76 40.27 -71.00
CA GLN B 144 -49.64 40.50 -71.93
C GLN B 144 -50.17 40.58 -73.36
N ASP B 145 -49.87 41.67 -74.07
CA ASP B 145 -50.33 41.89 -75.45
C ASP B 145 -49.45 42.93 -76.12
N ALA B 146 -48.66 42.46 -77.09
CA ALA B 146 -47.63 43.30 -77.67
C ALA B 146 -48.21 44.27 -78.68
N ASP B 147 -49.30 43.88 -79.34
CA ASP B 147 -49.76 44.55 -80.55
C ASP B 147 -51.16 45.14 -80.41
N THR B 148 -51.58 45.39 -79.18
CA THR B 148 -52.82 46.07 -78.85
C THR B 148 -54.02 45.38 -79.48
N SER B 149 -53.91 44.07 -79.68
CA SER B 149 -54.94 43.30 -80.35
C SER B 149 -56.22 43.19 -79.53
N CYS B 150 -56.12 43.18 -78.20
CA CYS B 150 -57.31 43.22 -77.37
C CYS B 150 -57.85 44.65 -77.21
N SER B 151 -59.11 44.84 -77.63
CA SER B 151 -59.88 46.05 -77.37
C SER B 151 -61.20 45.68 -76.69
N LYS B 152 -61.73 46.57 -75.86
CA LYS B 152 -62.87 46.29 -74.98
C LYS B 152 -64.04 45.71 -75.78
N ASP B 153 -64.31 46.24 -76.97
CA ASP B 153 -65.42 45.75 -77.76
C ASP B 153 -65.08 44.51 -78.59
N THR B 154 -63.80 44.15 -78.77
CA THR B 154 -63.36 43.00 -79.56
C THR B 154 -62.07 42.35 -79.03
N PRO B 155 -62.11 41.48 -78.01
CA PRO B 155 -60.90 40.92 -77.45
C PRO B 155 -60.41 39.76 -78.29
N VAL B 156 -59.60 40.06 -79.30
CA VAL B 156 -59.03 39.01 -80.12
C VAL B 156 -57.59 38.73 -79.67
N ILE B 157 -57.28 37.49 -79.24
CA ILE B 157 -55.96 37.17 -78.76
C ILE B 157 -55.15 36.48 -79.85
N ASN B 158 -53.87 36.90 -80.04
CA ASN B 158 -52.99 36.34 -81.07
C ASN B 158 -51.71 35.88 -80.43
N LYS B 159 -50.81 35.28 -81.22
CA LYS B 159 -49.69 34.52 -80.67
C LYS B 159 -48.89 35.37 -79.73
N GLY B 160 -48.72 34.89 -78.49
CA GLY B 160 -47.91 35.60 -77.51
C GLY B 160 -48.73 36.19 -76.38
N ASP B 161 -50.04 36.34 -76.59
CA ASP B 161 -50.84 37.07 -75.62
C ASP B 161 -51.16 36.19 -74.40
N ILE B 162 -51.37 36.79 -73.22
CA ILE B 162 -51.91 36.11 -72.05
C ILE B 162 -52.99 36.98 -71.45
N VAL B 163 -54.10 36.37 -70.98
CA VAL B 163 -55.25 37.11 -70.54
C VAL B 163 -56.01 36.32 -69.51
N ALA B 164 -56.68 37.01 -68.59
CA ALA B 164 -57.23 36.32 -67.43
C ALA B 164 -58.74 36.44 -67.47
N ILE B 165 -59.40 35.30 -67.44
CA ILE B 165 -60.84 35.25 -67.47
C ILE B 165 -61.21 35.28 -66.00
N CYS B 166 -62.01 36.24 -65.62
CA CYS B 166 -62.36 36.48 -64.24
C CYS B 166 -63.79 36.04 -64.00
N LEU B 167 -64.03 35.16 -63.01
CA LEU B 167 -65.35 34.61 -62.68
C LEU B 167 -65.60 34.76 -61.18
N ASN B 168 -66.80 35.18 -60.79
CA ASN B 168 -67.14 35.34 -59.39
C ASN B 168 -68.12 34.26 -59.11
N VAL B 169 -67.76 33.34 -58.20
CA VAL B 169 -68.49 32.08 -58.06
C VAL B 169 -69.14 31.97 -56.69
N SER B 170 -69.17 33.06 -55.94
CA SER B 170 -69.40 33.04 -54.52
C SER B 170 -70.72 32.40 -54.16
N ASN B 171 -71.76 32.66 -54.96
CA ASN B 171 -73.06 32.11 -54.67
C ASN B 171 -73.49 30.99 -55.63
N THR B 172 -72.82 30.88 -56.77
CA THR B 172 -73.21 30.00 -57.84
C THR B 172 -72.66 28.61 -57.62
N LEU B 173 -71.38 28.46 -57.25
CA LEU B 173 -70.79 27.15 -56.98
C LEU B 173 -70.18 27.14 -55.57
N ASN B 174 -70.30 26.03 -54.84
CA ASN B 174 -70.03 26.06 -53.41
C ASN B 174 -68.67 25.46 -53.08
N LEU B 175 -67.59 26.20 -53.38
CA LEU B 175 -66.25 25.64 -53.40
C LEU B 175 -65.63 25.57 -52.02
N LYS B 176 -66.13 24.64 -51.20
CA LYS B 176 -65.50 24.33 -49.93
C LYS B 176 -64.33 23.38 -50.17
N PRO B 177 -63.55 22.98 -49.15
CA PRO B 177 -62.38 22.14 -49.37
C PRO B 177 -62.70 20.79 -49.99
N ARG B 178 -61.68 20.15 -50.56
CA ARG B 178 -61.82 18.79 -51.04
C ARG B 178 -62.89 18.67 -52.13
N THR B 179 -63.13 19.73 -52.92
CA THR B 179 -64.20 19.75 -53.90
C THR B 179 -63.66 19.74 -55.34
N LYS B 180 -64.18 18.87 -56.21
CA LYS B 180 -63.71 18.76 -57.59
C LYS B 180 -64.43 19.77 -58.46
N VAL B 181 -63.68 20.43 -59.36
CA VAL B 181 -64.25 21.41 -60.27
C VAL B 181 -63.80 21.04 -61.67
N THR B 182 -64.73 21.08 -62.63
CA THR B 182 -64.46 20.57 -63.96
C THR B 182 -65.03 21.57 -64.94
N GLY B 183 -64.42 21.72 -66.12
CA GLY B 183 -65.02 22.64 -67.06
C GLY B 183 -64.18 22.90 -68.30
N ALA B 184 -64.64 23.85 -69.13
CA ALA B 184 -63.94 24.16 -70.35
C ALA B 184 -64.25 25.58 -70.78
N VAL B 185 -63.29 26.24 -71.41
CA VAL B 185 -63.55 27.43 -72.16
C VAL B 185 -63.58 27.02 -73.63
N ILE B 186 -64.72 27.27 -74.28
CA ILE B 186 -64.99 26.73 -75.60
C ILE B 186 -64.99 27.89 -76.57
N PRO B 187 -64.04 27.95 -77.53
CA PRO B 187 -64.04 28.99 -78.54
C PRO B 187 -64.95 28.69 -79.70
N GLU B 188 -65.07 29.66 -80.60
CA GLU B 188 -65.98 29.64 -81.72
C GLU B 188 -65.54 28.55 -82.67
N PHE B 189 -64.23 28.40 -82.82
CA PHE B 189 -63.65 27.26 -83.48
C PHE B 189 -62.36 26.86 -82.78
N GLY B 190 -61.97 25.60 -82.92
CA GLY B 190 -60.74 25.16 -82.29
C GLY B 190 -61.00 24.47 -80.95
N ALA B 191 -59.93 23.94 -80.36
CA ALA B 191 -60.07 22.95 -79.30
C ALA B 191 -60.25 23.66 -77.97
N PRO B 192 -61.12 23.15 -77.06
CA PRO B 192 -61.35 23.78 -75.79
C PRO B 192 -60.19 23.66 -74.82
N ALA B 193 -60.09 24.63 -73.90
CA ALA B 193 -59.17 24.51 -72.80
C ALA B 193 -59.87 23.79 -71.66
N VAL B 194 -59.19 22.88 -70.95
CA VAL B 194 -59.83 22.06 -69.95
C VAL B 194 -59.41 22.49 -68.56
N ILE B 195 -60.40 22.89 -67.73
CA ILE B 195 -60.19 23.32 -66.36
C ILE B 195 -60.45 22.08 -65.52
N SER B 196 -59.54 21.75 -64.60
CA SER B 196 -59.73 20.52 -63.83
C SER B 196 -58.88 20.59 -62.57
N PHE B 197 -59.51 20.75 -61.42
CA PHE B 197 -58.75 20.86 -60.19
C PHE B 197 -59.58 20.42 -59.01
N THR B 198 -58.88 20.03 -57.94
CA THR B 198 -59.57 19.71 -56.73
C THR B 198 -59.05 20.65 -55.66
N THR B 199 -59.94 21.32 -54.93
CA THR B 199 -59.50 22.37 -54.04
C THR B 199 -58.72 21.70 -52.94
N PRO B 200 -57.74 22.36 -52.31
CA PRO B 200 -56.94 21.79 -51.24
C PRO B 200 -57.68 21.19 -50.07
N ALA B 201 -56.95 20.41 -49.28
CA ALA B 201 -57.53 19.78 -48.11
C ALA B 201 -57.74 20.79 -46.99
N THR B 202 -56.94 21.86 -46.97
CA THR B 202 -56.97 22.82 -45.87
C THR B 202 -56.71 24.21 -46.41
N TYR B 203 -57.52 25.18 -45.98
CA TYR B 203 -57.27 26.54 -46.35
C TYR B 203 -56.71 27.22 -45.09
N LEU B 204 -55.63 28.00 -45.21
CA LEU B 204 -55.02 28.67 -44.08
C LEU B 204 -55.21 30.19 -44.16
N ASP B 205 -55.45 30.85 -43.02
CA ASP B 205 -55.77 32.28 -42.97
C ASP B 205 -54.57 33.16 -43.34
N THR B 206 -53.38 32.56 -43.37
CA THR B 206 -52.18 33.31 -43.70
C THR B 206 -51.96 33.34 -45.21
N GLN B 207 -52.78 32.60 -45.97
CA GLN B 207 -52.54 32.42 -47.40
C GLN B 207 -53.85 32.56 -48.18
N HIS B 208 -54.36 33.79 -48.31
CA HIS B 208 -55.67 33.95 -48.90
C HIS B 208 -55.69 33.74 -50.42
N ILE B 209 -54.54 33.81 -51.11
CA ILE B 209 -54.55 33.50 -52.53
C ILE B 209 -53.89 32.15 -52.78
N ILE B 210 -54.60 31.24 -53.48
CA ILE B 210 -54.26 29.85 -53.63
C ILE B 210 -54.02 29.53 -55.08
N GLU B 211 -53.04 28.66 -55.36
CA GLU B 211 -52.77 28.26 -56.74
C GLU B 211 -53.42 26.92 -56.94
N LEU B 212 -54.36 26.82 -57.89
CA LEU B 212 -55.26 25.68 -57.93
C LEU B 212 -54.85 24.70 -59.02
N GLN B 213 -54.33 25.20 -60.15
CA GLN B 213 -53.88 24.38 -61.26
C GLN B 213 -52.66 25.07 -61.87
N ALA C 1 -71.98 14.60 -139.58
CA ALA C 1 -72.88 15.30 -138.58
C ALA C 1 -72.43 14.99 -137.15
N ILE C 2 -72.18 13.70 -136.87
CA ILE C 2 -71.81 13.21 -135.55
C ILE C 2 -70.47 13.81 -135.13
N GLY C 3 -69.53 13.87 -136.09
CA GLY C 3 -68.17 14.30 -135.82
C GLY C 3 -68.12 15.63 -135.08
N ILE C 4 -68.90 16.59 -135.58
CA ILE C 4 -68.92 17.97 -135.12
C ILE C 4 -69.10 18.00 -133.60
N GLY C 5 -70.14 17.34 -133.13
CA GLY C 5 -70.44 17.40 -131.72
C GLY C 5 -69.33 16.82 -130.84
N THR C 6 -68.66 15.77 -131.33
CA THR C 6 -67.68 15.05 -130.54
C THR C 6 -66.60 16.03 -130.13
N LEU C 7 -66.21 16.89 -131.09
CA LEU C 7 -65.14 17.85 -130.88
C LEU C 7 -65.57 18.80 -129.77
N ILE C 8 -66.79 19.33 -129.87
CA ILE C 8 -67.27 20.35 -128.95
C ILE C 8 -67.24 19.78 -127.54
N ILE C 9 -67.82 18.62 -127.30
CA ILE C 9 -67.88 18.20 -125.91
C ILE C 9 -66.49 17.86 -125.38
N PHE C 10 -65.57 17.46 -126.27
CA PHE C 10 -64.21 17.17 -125.87
C PHE C 10 -63.63 18.41 -125.19
N ILE C 11 -63.85 19.58 -125.78
CA ILE C 11 -63.37 20.84 -125.24
C ILE C 11 -63.83 20.99 -123.79
N ALA C 12 -65.08 20.67 -123.54
CA ALA C 12 -65.60 20.85 -122.19
C ALA C 12 -64.89 19.92 -121.23
N MET C 13 -64.65 18.66 -121.63
CA MET C 13 -64.01 17.68 -120.75
C MET C 13 -62.68 18.26 -120.24
N VAL C 14 -61.94 18.90 -121.15
CA VAL C 14 -60.61 19.43 -120.91
C VAL C 14 -60.72 20.48 -119.83
N LEU C 15 -61.61 21.44 -120.07
CA LEU C 15 -61.73 22.60 -119.20
C LEU C 15 -62.15 22.15 -117.82
N VAL C 16 -63.06 21.18 -117.72
CA VAL C 16 -63.58 20.77 -116.43
C VAL C 16 -62.49 20.08 -115.62
N ALA C 17 -61.66 19.25 -116.28
CA ALA C 17 -60.54 18.62 -115.60
C ALA C 17 -59.54 19.67 -115.13
N ALA C 18 -59.36 20.70 -115.96
CA ALA C 18 -58.43 21.78 -115.64
C ALA C 18 -58.87 22.47 -114.37
N VAL C 19 -60.17 22.83 -114.31
CA VAL C 19 -60.72 23.54 -113.17
C VAL C 19 -60.55 22.70 -111.91
N ALA C 20 -60.76 21.41 -112.01
CA ALA C 20 -60.64 20.55 -110.83
C ALA C 20 -59.18 20.48 -110.38
N ALA C 21 -58.27 20.44 -111.34
CA ALA C 21 -56.87 20.35 -111.02
C ALA C 21 -56.47 21.59 -110.23
N ALA C 22 -56.95 22.76 -110.67
CA ALA C 22 -56.64 24.02 -110.05
C ALA C 22 -56.93 23.94 -108.56
N VAL C 23 -58.08 23.37 -108.19
CA VAL C 23 -58.47 23.26 -106.79
C VAL C 23 -57.38 22.50 -106.04
N LEU C 24 -56.95 21.39 -106.59
CA LEU C 24 -56.08 20.48 -105.86
C LEU C 24 -54.74 21.17 -105.66
N ILE C 25 -54.21 21.81 -106.73
CA ILE C 25 -52.92 22.47 -106.74
C ILE C 25 -52.94 23.59 -105.70
N ASN C 26 -53.93 24.48 -105.84
CA ASN C 26 -54.11 25.64 -104.98
C ASN C 26 -54.17 25.22 -103.51
N THR C 27 -55.04 24.26 -103.22
CA THR C 27 -55.31 23.81 -101.87
C THR C 27 -54.01 23.32 -101.26
N SER C 28 -53.20 22.61 -102.06
CA SER C 28 -51.96 22.04 -101.56
C SER C 28 -51.06 23.20 -101.13
N GLY C 29 -51.03 24.25 -101.96
CA GLY C 29 -50.34 25.49 -101.66
C GLY C 29 -50.79 26.08 -100.33
N PHE C 30 -52.11 26.22 -100.15
CA PHE C 30 -52.68 26.83 -98.96
C PHE C 30 -52.25 26.09 -97.70
N LEU C 31 -52.14 24.77 -97.81
CA LEU C 31 -51.82 23.95 -96.65
C LEU C 31 -50.32 24.00 -96.40
N GLN C 32 -49.51 24.17 -97.44
CA GLN C 32 -48.07 24.06 -97.29
C GLN C 32 -47.60 25.04 -96.21
N GLN C 33 -48.14 26.26 -96.28
CA GLN C 33 -47.81 27.36 -95.38
C GLN C 33 -48.00 26.90 -93.93
N LYS C 34 -49.24 26.52 -93.59
CA LYS C 34 -49.65 26.27 -92.21
C LYS C 34 -48.92 25.04 -91.70
N ALA C 35 -48.70 24.06 -92.58
CA ALA C 35 -48.07 22.82 -92.16
C ALA C 35 -46.70 23.18 -91.58
N MET C 36 -45.90 23.94 -92.35
CA MET C 36 -44.56 24.24 -91.90
C MET C 36 -44.63 25.05 -90.61
N ALA C 37 -45.45 26.11 -90.62
CA ALA C 37 -45.55 27.06 -89.53
C ALA C 37 -45.75 26.31 -88.21
N THR C 38 -46.65 25.33 -88.24
CA THR C 38 -47.07 24.64 -87.03
C THR C 38 -45.88 23.92 -86.42
N GLY C 39 -45.10 23.28 -87.28
CA GLY C 39 -43.99 22.46 -86.81
C GLY C 39 -42.92 23.32 -86.16
N LYS C 40 -42.54 24.40 -86.84
CA LYS C 40 -41.49 25.27 -86.37
C LYS C 40 -41.89 25.83 -85.01
N GLU C 41 -43.08 26.43 -84.95
CA GLU C 41 -43.60 27.05 -83.75
C GLU C 41 -43.59 26.05 -82.59
N SER C 42 -44.06 24.84 -82.85
CA SER C 42 -44.23 23.88 -81.78
C SER C 42 -42.88 23.47 -81.21
N THR C 43 -41.87 23.40 -82.07
CA THR C 43 -40.56 22.96 -81.64
C THR C 43 -39.97 24.05 -80.75
N GLU C 44 -40.05 25.30 -81.20
CA GLU C 44 -39.46 26.41 -80.45
C GLU C 44 -40.07 26.49 -79.06
N GLN C 45 -41.35 26.15 -78.95
CA GLN C 45 -42.06 26.14 -77.67
C GLN C 45 -41.49 25.09 -76.74
N VAL C 46 -41.28 23.87 -77.23
CA VAL C 46 -40.92 22.81 -76.30
C VAL C 46 -39.47 22.95 -75.87
N ALA C 47 -38.64 23.56 -76.72
CA ALA C 47 -37.20 23.60 -76.53
C ALA C 47 -36.76 24.75 -75.64
N SER C 48 -37.50 25.86 -75.68
CA SER C 48 -37.05 27.08 -75.04
C SER C 48 -37.59 27.24 -73.62
N GLY C 49 -36.90 28.06 -72.82
CA GLY C 49 -37.25 28.24 -71.41
C GLY C 49 -36.17 29.02 -70.66
N LEU C 50 -36.44 29.31 -69.37
CA LEU C 50 -35.48 29.97 -68.51
C LEU C 50 -35.43 29.20 -67.20
N LEU C 51 -34.33 29.39 -66.44
CA LEU C 51 -34.08 28.60 -65.25
C LEU C 51 -33.50 29.48 -64.16
N CYS C 52 -34.05 29.35 -62.95
CA CYS C 52 -33.72 30.17 -61.79
C CYS C 52 -32.48 29.62 -61.15
N SER C 53 -31.60 30.53 -60.76
CA SER C 53 -30.25 30.13 -60.40
C SER C 53 -30.06 30.39 -58.94
N GLY C 54 -30.75 31.41 -58.42
CA GLY C 54 -30.55 31.85 -57.05
C GLY C 54 -31.46 33.03 -56.78
N VAL C 55 -31.79 33.28 -55.51
CA VAL C 55 -32.42 34.51 -55.11
C VAL C 55 -31.72 35.05 -53.89
N THR C 56 -31.54 36.38 -53.79
CA THR C 56 -30.97 37.00 -52.61
C THR C 56 -31.69 38.29 -52.24
N GLY C 57 -31.52 38.75 -50.97
CA GLY C 57 -32.42 39.80 -50.50
C GLY C 57 -31.88 40.66 -49.37
N HIS C 58 -32.41 41.88 -49.14
CA HIS C 58 -31.82 42.85 -48.23
C HIS C 58 -32.77 43.15 -47.09
N TYR C 59 -32.28 43.05 -45.84
CA TYR C 59 -33.13 43.19 -44.66
C TYR C 59 -32.91 44.53 -44.01
N VAL C 60 -33.97 45.33 -43.83
CA VAL C 60 -33.86 46.58 -43.08
C VAL C 60 -34.27 46.30 -41.65
N LYS C 61 -33.48 46.80 -40.68
CA LYS C 61 -33.64 46.39 -39.29
C LYS C 61 -35.05 46.73 -38.81
N ASN C 62 -35.64 45.77 -38.09
CA ASN C 62 -36.92 45.95 -37.45
C ASN C 62 -38.04 46.13 -38.47
N LYS C 63 -37.75 45.88 -39.77
CA LYS C 63 -38.77 46.05 -40.79
C LYS C 63 -39.04 44.77 -41.59
N GLY C 64 -38.01 44.13 -42.15
CA GLY C 64 -38.21 42.96 -43.01
C GLY C 64 -37.49 43.11 -44.36
N ILE C 65 -37.77 42.19 -45.29
CA ILE C 65 -37.01 42.17 -46.53
C ILE C 65 -37.58 43.24 -47.44
N ASP C 66 -36.70 44.09 -47.96
CA ASP C 66 -37.11 45.32 -48.60
C ASP C 66 -37.06 45.14 -50.11
N ARG C 67 -36.04 44.45 -50.62
CA ARG C 67 -35.75 44.24 -52.03
C ARG C 67 -35.19 42.82 -52.26
N ILE C 68 -35.34 42.28 -53.48
CA ILE C 68 -34.86 40.97 -53.86
C ILE C 68 -34.23 40.96 -55.26
N VAL C 69 -33.20 40.12 -55.50
CA VAL C 69 -32.55 39.98 -56.79
C VAL C 69 -32.55 38.52 -57.23
N ILE C 70 -33.13 38.25 -58.40
CA ILE C 70 -33.40 36.91 -58.87
C ILE C 70 -32.46 36.66 -60.03
N TYR C 71 -31.68 35.59 -60.00
CA TYR C 71 -30.70 35.36 -61.03
C TYR C 71 -31.29 34.35 -62.00
N ILE C 72 -31.18 34.63 -63.31
CA ILE C 72 -31.89 33.87 -64.32
C ILE C 72 -30.96 33.57 -65.48
N THR C 73 -31.16 32.40 -66.12
CA THR C 73 -30.28 31.86 -67.15
C THR C 73 -31.13 31.03 -68.10
N PRO C 74 -30.75 30.84 -69.37
CA PRO C 74 -31.58 30.07 -70.28
C PRO C 74 -31.24 28.59 -70.22
N ASN C 75 -32.20 27.71 -70.58
CA ASN C 75 -31.95 26.27 -70.49
C ASN C 75 -31.11 25.82 -71.66
N ALA C 76 -30.42 24.69 -71.54
CA ALA C 76 -29.62 24.17 -72.65
C ALA C 76 -30.45 24.13 -73.92
N GLY C 77 -29.93 24.67 -75.02
CA GLY C 77 -30.52 24.47 -76.33
C GLY C 77 -31.67 25.44 -76.62
N SER C 78 -32.05 26.25 -75.64
CA SER C 78 -33.16 27.18 -75.82
C SER C 78 -32.85 28.26 -76.85
N ALA C 79 -33.87 28.67 -77.58
CA ALA C 79 -33.70 29.68 -78.60
C ALA C 79 -33.68 30.98 -77.82
N PRO C 80 -33.24 32.13 -78.38
CA PRO C 80 -33.05 33.33 -77.59
C PRO C 80 -34.35 33.92 -77.08
N ILE C 81 -34.35 34.41 -75.83
CA ILE C 81 -35.55 34.89 -75.17
C ILE C 81 -35.51 36.41 -75.01
N ASP C 82 -36.61 37.04 -75.44
CA ASP C 82 -36.73 38.48 -75.62
C ASP C 82 -37.19 39.02 -74.29
N LEU C 83 -36.23 39.36 -73.45
CA LEU C 83 -36.53 39.48 -72.04
C LEU C 83 -37.57 40.57 -71.83
N LYS C 84 -37.69 41.53 -72.75
CA LYS C 84 -38.43 42.76 -72.47
C LYS C 84 -39.89 42.53 -72.67
N GLN C 85 -40.25 41.34 -73.13
CA GLN C 85 -41.67 41.03 -73.24
C GLN C 85 -42.09 40.06 -72.14
N CYS C 86 -41.20 39.61 -71.26
CA CYS C 86 -41.56 38.57 -70.30
C CYS C 86 -42.21 39.22 -69.08
N LYS C 87 -43.17 38.55 -68.42
CA LYS C 87 -43.86 39.11 -67.27
C LYS C 87 -43.62 38.23 -66.05
N LEU C 88 -43.48 38.83 -64.86
CA LEU C 88 -43.12 38.08 -63.65
C LEU C 88 -44.28 38.16 -62.68
N PHE C 89 -44.82 37.00 -62.30
CA PHE C 89 -45.97 36.90 -61.41
C PHE C 89 -45.47 36.43 -60.06
N LEU C 90 -45.88 37.10 -58.99
CA LEU C 90 -45.47 36.73 -57.66
C LEU C 90 -46.70 36.74 -56.74
N MET C 91 -46.77 35.75 -55.84
CA MET C 91 -47.84 35.59 -54.88
C MET C 91 -47.26 35.61 -53.48
N TYR C 92 -48.02 36.17 -52.54
CA TYR C 92 -47.63 36.30 -51.14
C TYR C 92 -48.90 36.37 -50.31
N ASP C 93 -48.86 36.99 -49.14
CA ASP C 93 -49.89 36.70 -48.14
C ASP C 93 -51.22 37.31 -48.50
N GLY C 94 -51.25 38.22 -49.45
CA GLY C 94 -52.55 38.77 -49.73
C GLY C 94 -52.72 39.39 -51.13
N LYS C 95 -51.71 39.22 -51.97
CA LYS C 95 -51.57 40.00 -53.17
C LYS C 95 -50.95 39.08 -54.21
N ALA C 96 -51.34 39.27 -55.47
CA ALA C 96 -50.76 38.53 -56.57
C ALA C 96 -50.52 39.55 -57.67
N VAL C 97 -49.23 39.84 -57.94
CA VAL C 97 -48.81 41.03 -58.63
C VAL C 97 -48.14 40.59 -59.91
N SER C 98 -48.37 41.31 -61.00
CA SER C 98 -47.62 41.10 -62.24
C SER C 98 -46.72 42.32 -62.45
N LEU C 99 -45.43 42.12 -62.80
CA LEU C 99 -44.50 43.21 -63.05
C LEU C 99 -43.98 43.19 -64.50
N ASN C 100 -43.79 44.37 -65.16
CA ASN C 100 -43.34 44.42 -66.55
C ASN C 100 -41.98 45.06 -66.68
N PHE C 101 -41.16 44.68 -67.67
CA PHE C 101 -39.81 45.22 -67.88
C PHE C 101 -39.81 46.72 -67.99
N SER C 102 -38.74 47.36 -67.55
CA SER C 102 -38.62 48.80 -67.64
C SER C 102 -37.14 49.11 -67.84
N LYS C 103 -36.84 50.20 -68.54
CA LYS C 103 -35.46 50.47 -68.88
C LYS C 103 -34.71 50.94 -67.63
N TYR C 104 -33.46 50.47 -67.49
CA TYR C 104 -32.44 50.94 -66.58
C TYR C 104 -32.21 52.42 -66.95
N ASP C 105 -31.38 53.16 -66.21
CA ASP C 105 -31.19 54.56 -66.60
C ASP C 105 -30.57 54.67 -68.00
N THR C 106 -31.32 55.29 -68.93
CA THR C 106 -30.87 55.79 -70.24
C THR C 106 -30.50 54.66 -71.20
N ASN C 107 -30.44 53.43 -70.71
CA ASN C 107 -29.92 52.30 -71.49
C ASN C 107 -30.78 51.06 -71.21
N THR C 108 -30.76 50.07 -72.11
CA THR C 108 -31.79 49.05 -71.99
C THR C 108 -31.57 48.17 -70.76
N VAL C 109 -30.31 47.92 -70.40
CA VAL C 109 -29.96 46.94 -69.39
C VAL C 109 -28.69 47.46 -68.73
N GLY C 110 -28.62 47.42 -67.38
CA GLY C 110 -27.49 48.01 -66.69
C GLY C 110 -26.20 47.22 -66.94
N ASP C 111 -25.17 47.83 -67.55
CA ASP C 111 -23.98 47.08 -67.95
C ASP C 111 -22.98 46.92 -66.83
N PHE C 112 -23.06 45.80 -66.13
CA PHE C 112 -22.09 45.48 -65.13
C PHE C 112 -21.42 44.17 -65.50
N THR C 113 -21.07 44.02 -66.79
CA THR C 113 -20.34 42.87 -67.26
C THR C 113 -18.99 42.77 -66.58
N ASN C 114 -18.47 43.88 -66.04
CA ASN C 114 -17.17 43.93 -65.40
C ASN C 114 -17.25 44.18 -63.89
N GLY C 115 -18.31 43.75 -63.22
CA GLY C 115 -18.28 43.60 -61.76
C GLY C 115 -18.97 44.74 -61.01
N ILE C 116 -19.43 44.47 -59.78
CA ILE C 116 -20.18 45.41 -58.97
C ILE C 116 -19.62 45.34 -57.57
N LYS C 117 -19.38 46.50 -56.94
CA LYS C 117 -18.86 46.57 -55.59
C LYS C 117 -19.86 45.97 -54.62
N ASP C 118 -21.15 46.32 -54.80
CA ASP C 118 -22.24 45.78 -53.98
C ASP C 118 -23.57 45.94 -54.73
N ILE C 119 -24.29 44.83 -54.96
CA ILE C 119 -25.45 44.82 -55.84
C ILE C 119 -26.57 45.63 -55.19
N PHE C 120 -26.47 45.93 -53.90
CA PHE C 120 -27.55 46.62 -53.25
C PHE C 120 -27.22 48.07 -52.90
N ASN C 121 -25.98 48.54 -53.12
CA ASN C 121 -25.64 49.91 -52.80
C ASN C 121 -26.31 50.81 -53.83
N THR C 122 -27.08 51.80 -53.32
CA THR C 122 -28.00 52.59 -54.13
C THR C 122 -27.28 53.41 -55.19
N THR C 123 -26.17 54.06 -54.82
CA THR C 123 -25.51 55.00 -55.72
C THR C 123 -24.82 54.31 -56.87
N VAL C 124 -24.32 53.11 -56.63
CA VAL C 124 -23.65 52.32 -57.65
C VAL C 124 -24.72 51.80 -58.62
N VAL C 125 -25.83 51.26 -58.09
CA VAL C 125 -26.64 50.33 -58.87
C VAL C 125 -27.84 50.99 -59.53
N LYS C 126 -28.37 52.07 -58.99
CA LYS C 126 -29.53 52.70 -59.62
C LYS C 126 -30.80 51.83 -59.55
N TRP C 127 -31.34 51.67 -58.34
CA TRP C 127 -32.56 50.92 -58.08
C TRP C 127 -33.80 51.73 -58.43
N ASN C 128 -33.68 53.03 -58.73
CA ASN C 128 -34.83 53.94 -58.65
C ASN C 128 -35.99 53.60 -59.58
N ASN C 129 -35.75 52.98 -60.74
CA ASN C 129 -36.82 52.65 -61.67
C ASN C 129 -37.56 51.38 -61.28
N ALA C 130 -37.25 50.76 -60.14
CA ALA C 130 -38.02 49.61 -59.70
C ALA C 130 -39.30 50.09 -58.99
N ASP C 131 -40.30 50.48 -59.77
CA ASP C 131 -41.57 51.02 -59.31
C ASP C 131 -42.41 49.86 -58.80
N ALA C 132 -43.64 50.12 -58.36
CA ALA C 132 -44.39 49.07 -57.69
C ALA C 132 -44.93 48.12 -58.74
N THR C 133 -44.79 48.49 -60.02
CA THR C 133 -45.32 47.66 -61.10
C THR C 133 -44.28 47.25 -62.15
N SER C 134 -42.96 47.41 -61.92
CA SER C 134 -41.98 46.95 -62.89
C SER C 134 -40.71 46.38 -62.29
N PHE C 135 -39.91 45.68 -63.14
CA PHE C 135 -38.56 45.28 -62.79
C PHE C 135 -37.53 45.88 -63.73
N VAL C 136 -36.23 45.76 -63.33
CA VAL C 136 -35.14 46.15 -64.20
C VAL C 136 -34.12 45.04 -64.21
N VAL C 137 -33.25 44.99 -65.23
CA VAL C 137 -32.37 43.87 -65.48
C VAL C 137 -30.93 44.40 -65.48
N VAL C 138 -30.03 43.66 -64.81
CA VAL C 138 -28.63 44.01 -64.69
C VAL C 138 -27.88 42.85 -65.32
N ALA C 139 -26.96 43.14 -66.26
CA ALA C 139 -26.33 42.10 -67.06
C ALA C 139 -25.01 41.72 -66.41
N LEU C 140 -24.89 40.44 -66.05
CA LEU C 140 -23.76 39.98 -65.29
C LEU C 140 -22.76 39.21 -66.14
N GLN C 141 -23.20 38.42 -67.13
CA GLN C 141 -22.27 37.82 -68.08
C GLN C 141 -22.91 37.71 -69.45
N ASP C 142 -22.23 38.23 -70.50
CA ASP C 142 -22.75 38.26 -71.87
C ASP C 142 -21.62 38.60 -72.82
N ASP C 143 -21.12 37.58 -73.53
CA ASP C 143 -19.98 37.69 -74.42
C ASP C 143 -20.35 38.48 -75.66
N ASP C 144 -21.49 38.10 -76.25
CA ASP C 144 -21.92 38.52 -77.57
C ASP C 144 -22.67 39.86 -77.55
N LYS C 145 -22.74 40.53 -76.42
CA LYS C 145 -23.46 41.80 -76.30
C LYS C 145 -24.97 41.72 -76.59
N SER C 146 -25.61 40.55 -76.42
CA SER C 146 -27.03 40.49 -76.70
C SER C 146 -27.87 41.14 -75.62
N LEU C 147 -27.50 40.94 -74.35
CA LEU C 147 -28.26 41.56 -73.29
C LEU C 147 -28.14 43.05 -73.50
N LEU C 148 -26.95 43.53 -73.85
CA LEU C 148 -26.61 44.95 -73.73
C LEU C 148 -27.31 45.76 -74.80
N THR C 149 -27.98 45.08 -75.72
CA THR C 149 -28.45 45.70 -76.93
C THR C 149 -29.78 45.05 -77.31
N ASN C 150 -30.89 45.65 -76.91
CA ASN C 150 -32.21 45.09 -77.21
C ASN C 150 -32.56 43.85 -76.36
N ALA C 151 -31.80 43.56 -75.31
CA ALA C 151 -32.23 42.78 -74.17
C ALA C 151 -32.60 41.33 -74.52
N VAL C 152 -31.75 40.65 -75.30
CA VAL C 152 -32.05 39.26 -75.62
C VAL C 152 -31.08 38.31 -74.93
N ILE C 153 -31.62 37.37 -74.12
CA ILE C 153 -30.80 36.36 -73.48
C ILE C 153 -30.52 35.29 -74.52
N ASN C 154 -29.24 34.87 -74.64
CA ASN C 154 -28.87 33.68 -75.41
C ASN C 154 -27.89 32.82 -74.64
N LYS C 155 -27.36 31.77 -75.27
CA LYS C 155 -26.69 30.69 -74.53
C LYS C 155 -25.54 31.23 -73.70
N GLY C 156 -25.50 30.88 -72.42
CA GLY C 156 -24.34 31.24 -71.62
C GLY C 156 -24.48 32.58 -70.92
N ASP C 157 -25.54 33.33 -71.22
CA ASP C 157 -25.73 34.60 -70.52
C ASP C 157 -26.24 34.35 -69.10
N LEU C 158 -25.97 35.28 -68.14
CA LEU C 158 -26.54 35.26 -66.80
C LEU C 158 -26.94 36.67 -66.43
N ALA C 159 -28.15 36.86 -65.90
CA ALA C 159 -28.69 38.20 -65.74
C ALA C 159 -29.51 38.25 -64.49
N GLY C 160 -29.66 39.44 -63.94
CA GLY C 160 -30.26 39.48 -62.62
C GLY C 160 -31.42 40.45 -62.66
N VAL C 161 -32.56 40.02 -62.13
CA VAL C 161 -33.76 40.80 -62.20
C VAL C 161 -33.92 41.45 -60.83
N LEU C 162 -34.11 42.76 -60.77
CA LEU C 162 -34.26 43.44 -59.50
C LEU C 162 -35.74 43.71 -59.22
N VAL C 163 -36.28 43.34 -58.03
CA VAL C 163 -37.66 43.69 -57.66
C VAL C 163 -37.79 44.35 -56.31
N ASN C 164 -38.48 45.51 -56.21
CA ASN C 164 -38.62 46.32 -55.01
C ASN C 164 -39.82 45.80 -54.28
N VAL C 165 -39.59 44.70 -53.56
CA VAL C 165 -40.70 43.89 -53.12
C VAL C 165 -41.55 44.71 -52.19
N SER C 166 -40.93 45.56 -51.39
CA SER C 166 -41.70 46.22 -50.34
C SER C 166 -42.68 47.18 -50.95
N ALA C 167 -42.38 47.61 -52.17
CA ALA C 167 -43.24 48.53 -52.89
C ALA C 167 -44.27 47.75 -53.69
N ALA C 168 -43.88 46.58 -54.19
CA ALA C 168 -44.74 45.74 -54.99
C ALA C 168 -45.87 45.15 -54.14
N PHE C 169 -45.55 44.57 -53.01
CA PHE C 169 -46.55 43.95 -52.17
C PHE C 169 -47.06 44.98 -51.18
N GLY C 170 -46.46 46.16 -51.13
CA GLY C 170 -46.98 47.19 -50.24
C GLY C 170 -46.54 47.05 -48.79
N LYS C 171 -45.88 45.95 -48.44
CA LYS C 171 -45.24 45.83 -47.13
C LYS C 171 -43.97 44.97 -47.20
N HIS C 172 -43.13 45.06 -46.16
CA HIS C 172 -41.93 44.23 -46.12
C HIS C 172 -42.30 42.76 -45.81
N VAL C 173 -41.66 41.76 -46.47
CA VAL C 173 -42.04 40.40 -46.13
C VAL C 173 -41.36 39.97 -44.85
N GLY C 174 -42.12 39.31 -43.97
CA GLY C 174 -41.67 39.00 -42.62
C GLY C 174 -40.98 37.64 -42.58
N THR C 175 -40.75 37.16 -41.36
CA THR C 175 -40.11 35.87 -41.20
C THR C 175 -41.16 34.78 -41.34
N ARG C 176 -40.75 33.56 -41.68
CA ARG C 176 -41.62 32.39 -41.77
C ARG C 176 -42.73 32.56 -42.80
N GLU C 177 -42.52 33.35 -43.87
CA GLU C 177 -43.54 33.56 -44.87
C GLU C 177 -43.08 32.99 -46.21
N ARG C 178 -44.01 32.42 -47.03
CA ARG C 178 -43.57 31.98 -48.36
C ARG C 178 -43.95 32.95 -49.46
N VAL C 179 -43.14 32.92 -50.54
CA VAL C 179 -43.41 33.67 -51.74
C VAL C 179 -43.14 32.78 -52.94
N SER C 180 -44.08 32.78 -53.91
CA SER C 180 -43.89 31.90 -55.03
C SER C 180 -44.37 32.57 -56.29
N GLY C 181 -43.78 32.16 -57.43
CA GLY C 181 -44.16 32.77 -58.67
C GLY C 181 -43.52 32.10 -59.87
N TYR C 182 -43.60 32.79 -60.99
CA TYR C 182 -43.05 32.34 -62.23
C TYR C 182 -42.66 33.55 -63.06
N LEU C 183 -41.55 33.44 -63.80
CA LEU C 183 -41.22 34.43 -64.82
C LEU C 183 -41.56 33.78 -66.14
N GLN C 184 -42.55 34.33 -66.84
CA GLN C 184 -43.16 33.61 -67.95
C GLN C 184 -42.71 34.29 -69.21
N PRO C 185 -41.93 33.65 -70.08
CA PRO C 185 -41.56 34.28 -71.34
C PRO C 185 -42.68 34.19 -72.36
N GLU C 186 -42.48 34.92 -73.46
CA GLU C 186 -43.43 35.06 -74.55
C GLU C 186 -43.68 33.71 -75.17
N PHE C 187 -42.64 32.90 -75.31
CA PHE C 187 -42.81 31.50 -75.66
C PHE C 187 -41.83 30.66 -74.86
N GLY C 188 -42.23 29.46 -74.49
CA GLY C 188 -41.33 28.56 -73.77
C GLY C 188 -41.65 28.48 -72.27
N ALA C 189 -40.88 27.66 -71.57
CA ALA C 189 -41.26 27.22 -70.25
C ALA C 189 -40.90 28.28 -69.23
N PRO C 190 -41.68 28.47 -68.16
CA PRO C 190 -41.43 29.54 -67.21
C PRO C 190 -40.46 29.14 -66.12
N ALA C 191 -39.73 30.12 -65.61
CA ALA C 191 -38.81 29.84 -64.53
C ALA C 191 -39.61 29.90 -63.23
N VAL C 192 -39.66 28.81 -62.45
CA VAL C 192 -40.37 28.77 -61.17
C VAL C 192 -39.54 29.46 -60.09
N ILE C 193 -40.19 30.25 -59.23
CA ILE C 193 -39.55 30.82 -58.06
C ILE C 193 -40.35 30.36 -56.84
N GLU C 194 -39.66 29.97 -55.77
CA GLU C 194 -40.34 29.50 -54.58
C GLU C 194 -39.33 29.55 -53.43
N PHE C 195 -39.67 30.31 -52.38
CA PHE C 195 -38.91 30.22 -51.15
C PHE C 195 -39.68 30.68 -49.94
N THR C 196 -39.26 30.17 -48.77
CA THR C 196 -39.82 30.55 -47.50
C THR C 196 -38.76 31.33 -46.74
N THR C 197 -39.11 32.54 -46.28
CA THR C 197 -38.13 33.38 -45.64
C THR C 197 -37.80 32.68 -44.35
N PRO C 198 -36.53 32.70 -43.86
CA PRO C 198 -36.15 31.96 -42.68
C PRO C 198 -36.83 32.49 -41.43
N ALA C 199 -36.60 31.76 -40.34
CA ALA C 199 -37.21 32.03 -39.05
C ALA C 199 -36.57 33.23 -38.37
N ALA C 200 -35.30 33.51 -38.66
CA ALA C 200 -34.59 34.52 -37.92
C ALA C 200 -33.73 35.34 -38.86
N PHE C 201 -34.15 36.56 -39.10
CA PHE C 201 -33.28 37.41 -39.86
C PHE C 201 -32.15 37.80 -38.92
N THR C 202 -30.89 37.71 -39.38
CA THR C 202 -29.77 38.04 -38.52
C THR C 202 -28.56 38.69 -39.22
N SER C 203 -28.67 38.99 -40.52
CA SER C 203 -27.61 39.63 -41.30
C SER C 203 -28.27 40.40 -42.43
N ASP C 204 -27.56 41.34 -43.06
CA ASP C 204 -28.23 42.24 -43.97
C ASP C 204 -28.56 41.54 -45.27
N VAL C 205 -27.65 40.72 -45.82
CA VAL C 205 -27.97 40.11 -47.12
C VAL C 205 -28.14 38.60 -46.95
N ILE C 206 -29.32 38.06 -47.33
CA ILE C 206 -29.75 36.70 -46.99
C ILE C 206 -29.96 35.85 -48.22
N GLU C 207 -29.55 34.58 -48.13
CA GLU C 207 -29.41 33.75 -49.30
C GLU C 207 -30.64 32.87 -49.45
N LEU C 208 -31.72 33.47 -49.93
CA LEU C 208 -33.02 32.82 -49.94
C LEU C 208 -33.01 31.57 -50.82
N GLN C 209 -32.26 31.60 -51.93
CA GLN C 209 -31.90 30.46 -52.78
C GLN C 209 -33.08 29.51 -53.07
N ALA D 1 -63.94 12.29 -125.75
CA ALA D 1 -63.58 11.00 -125.07
C ALA D 1 -63.26 11.22 -123.60
N ILE D 2 -63.66 10.26 -122.76
CA ILE D 2 -63.46 10.34 -121.31
C ILE D 2 -61.97 10.26 -120.95
N GLY D 3 -61.19 9.59 -121.81
CA GLY D 3 -59.80 9.30 -121.49
C GLY D 3 -59.01 10.59 -121.25
N ILE D 4 -59.35 11.61 -122.01
CA ILE D 4 -58.59 12.84 -122.05
C ILE D 4 -58.51 13.43 -120.65
N GLY D 5 -59.64 13.55 -119.98
CA GLY D 5 -59.64 14.12 -118.64
C GLY D 5 -58.91 13.25 -117.62
N THR D 6 -59.01 11.92 -117.78
CA THR D 6 -58.47 10.98 -116.82
C THR D 6 -56.96 11.19 -116.75
N LEU D 7 -56.35 11.41 -117.91
CA LEU D 7 -54.93 11.68 -118.04
C LEU D 7 -54.60 12.96 -117.27
N ILE D 8 -55.29 14.05 -117.61
CA ILE D 8 -55.00 15.39 -117.10
C ILE D 8 -55.12 15.40 -115.58
N ILE D 9 -56.15 14.79 -115.01
CA ILE D 9 -56.32 14.83 -113.58
C ILE D 9 -55.25 14.00 -112.87
N PHE D 10 -54.71 12.96 -113.52
CA PHE D 10 -53.64 12.15 -112.97
C PHE D 10 -52.41 13.02 -112.74
N ILE D 11 -52.11 13.87 -113.74
CA ILE D 11 -50.98 14.78 -113.68
C ILE D 11 -51.08 15.62 -112.42
N ALA D 12 -52.27 16.14 -112.15
CA ALA D 12 -52.50 16.97 -110.98
C ALA D 12 -52.27 16.14 -109.72
N MET D 13 -52.82 14.92 -109.69
CA MET D 13 -52.85 14.13 -108.48
C MET D 13 -51.40 13.84 -108.02
N VAL D 14 -50.55 13.50 -108.99
CA VAL D 14 -49.14 13.22 -108.78
C VAL D 14 -48.51 14.45 -108.13
N LEU D 15 -48.72 15.61 -108.76
CA LEU D 15 -48.07 16.84 -108.36
C LEU D 15 -48.44 17.17 -106.93
N VAL D 16 -49.72 17.00 -106.56
CA VAL D 16 -50.17 17.36 -105.23
C VAL D 16 -49.48 16.44 -104.23
N ALA D 17 -49.43 15.15 -104.54
CA ALA D 17 -48.83 14.18 -103.64
C ALA D 17 -47.34 14.48 -103.46
N ALA D 18 -46.71 15.07 -104.47
CA ALA D 18 -45.31 15.43 -104.39
C ALA D 18 -45.17 16.53 -103.36
N VAL D 19 -45.99 17.59 -103.49
CA VAL D 19 -45.93 18.74 -102.60
C VAL D 19 -46.15 18.30 -101.15
N ALA D 20 -47.09 17.41 -100.96
CA ALA D 20 -47.41 16.91 -99.63
C ALA D 20 -46.20 16.17 -99.04
N ALA D 21 -45.54 15.36 -99.85
CA ALA D 21 -44.37 14.62 -99.40
C ALA D 21 -43.29 15.60 -99.01
N ALA D 22 -43.12 16.64 -99.83
CA ALA D 22 -42.01 17.57 -99.64
C ALA D 22 -41.99 18.11 -98.21
N VAL D 23 -43.14 18.60 -97.72
CA VAL D 23 -43.23 19.26 -96.42
C VAL D 23 -42.73 18.35 -95.30
N LEU D 24 -42.90 17.03 -95.46
CA LEU D 24 -42.48 16.11 -94.41
C LEU D 24 -40.97 15.97 -94.45
N ILE D 25 -40.40 15.91 -95.67
CA ILE D 25 -38.96 15.77 -95.86
C ILE D 25 -38.28 17.00 -95.28
N ASN D 26 -38.75 18.19 -95.68
CA ASN D 26 -38.28 19.48 -95.18
C ASN D 26 -38.34 19.53 -93.65
N THR D 27 -39.50 19.20 -93.08
CA THR D 27 -39.72 19.35 -91.65
C THR D 27 -38.82 18.38 -90.90
N SER D 28 -38.54 17.23 -91.49
CA SER D 28 -37.71 16.25 -90.82
C SER D 28 -36.30 16.80 -90.71
N GLY D 29 -35.86 17.50 -91.76
CA GLY D 29 -34.59 18.24 -91.77
C GLY D 29 -34.48 19.24 -90.63
N PHE D 30 -35.49 20.12 -90.52
CA PHE D 30 -35.54 21.14 -89.49
C PHE D 30 -35.43 20.50 -88.10
N LEU D 31 -36.20 19.46 -87.87
CA LEU D 31 -36.23 18.83 -86.58
C LEU D 31 -34.90 18.13 -86.28
N GLN D 32 -34.20 17.66 -87.32
CA GLN D 32 -33.02 16.84 -87.10
C GLN D 32 -32.02 17.64 -86.27
N GLN D 33 -31.69 18.82 -86.79
CA GLN D 33 -30.67 19.66 -86.17
C GLN D 33 -31.08 19.99 -84.74
N LYS D 34 -32.33 20.44 -84.59
CA LYS D 34 -32.81 20.95 -83.31
C LYS D 34 -32.72 19.86 -82.24
N ALA D 35 -33.02 18.63 -82.63
CA ALA D 35 -33.02 17.50 -81.72
C ALA D 35 -31.59 17.21 -81.31
N MET D 36 -30.71 17.08 -82.31
CA MET D 36 -29.35 16.61 -82.07
C MET D 36 -28.65 17.56 -81.10
N ALA D 37 -28.77 18.87 -81.37
CA ALA D 37 -28.17 19.91 -80.57
C ALA D 37 -28.68 19.84 -79.14
N THR D 38 -29.98 19.59 -78.96
CA THR D 38 -30.59 19.67 -77.65
C THR D 38 -30.01 18.58 -76.75
N GLY D 39 -29.76 17.42 -77.35
CA GLY D 39 -29.19 16.28 -76.65
C GLY D 39 -27.75 16.55 -76.23
N LYS D 40 -26.93 16.99 -77.20
CA LYS D 40 -25.53 17.24 -76.96
C LYS D 40 -25.39 18.22 -75.80
N GLU D 41 -26.06 19.36 -75.94
CA GLU D 41 -25.93 20.48 -75.03
C GLU D 41 -26.30 20.02 -73.63
N SER D 42 -27.42 19.34 -73.52
CA SER D 42 -27.92 18.92 -72.22
C SER D 42 -26.91 18.02 -71.56
N THR D 43 -26.17 17.24 -72.36
CA THR D 43 -25.27 16.22 -71.83
C THR D 43 -24.07 16.93 -71.19
N GLU D 44 -23.53 17.88 -71.93
CA GLU D 44 -22.35 18.63 -71.50
C GLU D 44 -22.64 19.34 -70.19
N GLN D 45 -23.84 19.89 -70.04
CA GLN D 45 -24.29 20.61 -68.86
C GLN D 45 -24.16 19.72 -67.63
N VAL D 46 -24.69 18.51 -67.68
CA VAL D 46 -24.72 17.67 -66.49
C VAL D 46 -23.31 17.23 -66.16
N ALA D 47 -22.51 16.97 -67.19
CA ALA D 47 -21.25 16.27 -67.08
C ALA D 47 -20.15 17.14 -66.49
N SER D 48 -20.34 18.46 -66.44
CA SER D 48 -19.22 19.37 -66.21
C SER D 48 -19.37 20.22 -64.95
N GLY D 49 -18.23 20.60 -64.36
CA GLY D 49 -18.28 21.48 -63.19
C GLY D 49 -16.90 21.73 -62.61
N LEU D 50 -16.83 22.53 -61.54
CA LEU D 50 -15.59 22.85 -60.85
C LEU D 50 -15.73 22.49 -59.38
N GLN D 51 -14.59 22.29 -58.71
CA GLN D 51 -14.54 21.86 -57.33
C GLN D 51 -13.50 22.70 -56.60
N VAL D 52 -13.83 23.25 -55.41
CA VAL D 52 -12.89 24.05 -54.66
C VAL D 52 -12.04 23.13 -53.82
N ILE D 53 -10.72 23.14 -54.07
CA ILE D 53 -9.82 22.25 -53.40
C ILE D 53 -9.58 22.80 -52.01
N ARG D 54 -9.03 24.02 -51.91
CA ARG D 54 -8.74 24.64 -50.61
C ARG D 54 -8.85 26.15 -50.74
N VAL D 55 -9.06 26.88 -49.64
CA VAL D 55 -9.00 28.32 -49.66
C VAL D 55 -8.00 28.80 -48.63
N LEU D 56 -7.09 29.71 -49.00
CA LEU D 56 -6.03 30.22 -48.14
C LEU D 56 -6.11 31.74 -48.03
N GLY D 57 -5.54 32.34 -46.96
CA GLY D 57 -5.84 33.74 -46.69
C GLY D 57 -4.81 34.50 -45.83
N ASN D 58 -4.06 35.38 -46.48
CA ASN D 58 -3.09 36.23 -45.82
C ASN D 58 -3.78 37.15 -44.81
N HIS D 59 -3.12 37.53 -43.69
CA HIS D 59 -3.72 38.42 -42.66
C HIS D 59 -2.79 39.50 -42.15
N SER D 60 -3.30 40.74 -41.99
CA SER D 60 -2.55 41.86 -41.40
C SER D 60 -3.53 42.74 -40.68
N GLY D 61 -3.10 43.34 -39.58
CA GLY D 61 -4.01 44.27 -38.94
C GLY D 61 -5.13 43.48 -38.29
N GLY D 62 -6.37 43.75 -38.65
CA GLY D 62 -7.42 43.05 -37.93
C GLY D 62 -8.28 42.17 -38.85
N LYS D 63 -7.74 41.85 -40.02
CA LYS D 63 -8.60 41.39 -41.08
C LYS D 63 -7.86 40.37 -41.91
N ILE D 64 -8.60 39.63 -42.74
CA ILE D 64 -7.96 38.89 -43.80
C ILE D 64 -8.12 39.78 -45.03
N ASN D 65 -7.02 40.05 -45.74
CA ASN D 65 -7.06 41.03 -46.79
C ASN D 65 -7.02 40.42 -48.18
N TRP D 66 -6.34 39.29 -48.41
CA TRP D 66 -6.35 38.65 -49.69
C TRP D 66 -6.85 37.20 -49.52
N LEU D 67 -7.55 36.64 -50.50
CA LEU D 67 -7.90 35.25 -50.50
C LEU D 67 -7.39 34.58 -51.78
N ALA D 68 -7.00 33.30 -51.68
CA ALA D 68 -6.58 32.58 -52.84
C ALA D 68 -7.37 31.30 -52.84
N VAL D 69 -8.25 31.16 -53.84
CA VAL D 69 -9.21 30.08 -53.90
C VAL D 69 -8.71 29.11 -54.96
N LEU D 70 -8.28 27.91 -54.54
CA LEU D 70 -7.72 26.95 -55.47
C LEU D 70 -8.86 26.09 -55.98
N ILE D 71 -8.90 25.87 -57.31
CA ILE D 71 -10.06 25.26 -57.94
C ILE D 71 -9.62 24.33 -59.05
N SER D 72 -10.40 23.27 -59.33
CA SER D 72 -10.01 22.30 -60.35
C SER D 72 -11.26 21.67 -60.94
N PRO D 73 -11.19 21.03 -62.11
CA PRO D 73 -12.38 20.45 -62.73
C PRO D 73 -12.90 19.23 -62.01
N ASN D 74 -14.20 18.94 -62.18
CA ASN D 74 -14.82 17.72 -61.66
C ASN D 74 -14.41 16.61 -62.59
N ALA D 75 -14.42 15.37 -62.11
CA ALA D 75 -13.98 14.27 -62.95
C ALA D 75 -14.90 14.15 -64.17
N GLY D 76 -14.31 14.01 -65.35
CA GLY D 76 -15.05 13.72 -66.57
C GLY D 76 -15.74 14.94 -67.16
N SER D 77 -15.24 16.13 -66.80
CA SER D 77 -15.80 17.38 -67.27
C SER D 77 -15.19 17.83 -68.58
N ALA D 78 -15.93 18.61 -69.34
CA ALA D 78 -15.44 19.11 -70.61
C ALA D 78 -14.68 20.36 -70.24
N PRO D 79 -13.82 20.94 -71.08
CA PRO D 79 -12.95 22.02 -70.64
C PRO D 79 -13.71 23.29 -70.28
N ILE D 80 -13.35 23.93 -69.14
CA ILE D 80 -14.02 25.13 -68.67
C ILE D 80 -13.19 26.37 -68.96
N ASP D 81 -13.75 27.40 -69.62
CA ASP D 81 -13.02 28.61 -70.03
C ASP D 81 -13.24 29.68 -68.98
N LEU D 82 -12.22 29.88 -68.17
CA LEU D 82 -12.42 30.66 -66.97
C LEU D 82 -12.60 32.11 -67.35
N SER D 83 -12.29 32.49 -68.59
CA SER D 83 -12.36 33.90 -68.90
C SER D 83 -13.81 34.33 -68.92
N GLN D 84 -14.72 33.40 -68.97
CA GLN D 84 -16.13 33.72 -68.95
C GLN D 84 -16.78 33.27 -67.64
N ALA D 85 -16.02 33.00 -66.57
CA ALA D 85 -16.62 32.59 -65.30
C ALA D 85 -17.10 33.82 -64.56
N THR D 86 -17.83 33.68 -63.44
CA THR D 86 -18.14 34.80 -62.56
C THR D 86 -18.07 34.38 -61.10
N VAL D 87 -17.51 35.19 -60.18
CA VAL D 87 -17.46 34.79 -58.78
C VAL D 87 -18.29 35.72 -57.95
N MET D 88 -18.99 35.19 -56.95
CA MET D 88 -19.90 35.99 -56.16
C MET D 88 -19.60 35.62 -54.72
N ILE D 89 -19.39 36.63 -53.87
CA ILE D 89 -18.97 36.42 -52.52
C ILE D 89 -19.78 37.35 -51.63
N THR D 90 -20.20 36.90 -50.42
CA THR D 90 -20.82 37.83 -49.49
C THR D 90 -20.38 37.57 -48.07
N ASP D 91 -20.32 38.67 -47.29
CA ASP D 91 -19.92 38.64 -45.90
C ASP D 91 -21.12 38.92 -45.03
N GLY D 92 -22.30 39.01 -45.64
CA GLY D 92 -23.51 39.23 -44.87
C GLY D 92 -23.82 40.72 -44.66
N THR D 93 -22.85 41.59 -44.98
CA THR D 93 -23.11 43.01 -45.04
C THR D 93 -22.98 43.56 -46.46
N HIS D 94 -22.17 42.98 -47.36
CA HIS D 94 -22.15 43.38 -48.76
C HIS D 94 -22.07 42.17 -49.71
N LYS D 95 -22.34 42.33 -51.02
CA LYS D 95 -22.30 41.18 -51.93
C LYS D 95 -21.60 41.57 -53.23
N VAL D 96 -20.28 41.29 -53.32
CA VAL D 96 -19.49 41.73 -54.46
C VAL D 96 -19.63 40.66 -55.49
N ILE D 97 -19.53 41.06 -56.77
CA ILE D 97 -19.40 40.12 -57.87
C ILE D 97 -18.22 40.56 -58.71
N ALA D 98 -17.36 39.62 -59.15
CA ALA D 98 -16.09 40.00 -59.76
C ALA D 98 -15.80 39.16 -60.98
N LYS D 99 -15.03 39.70 -61.95
CA LYS D 99 -14.83 39.08 -63.25
C LYS D 99 -13.38 39.20 -63.68
N TYR D 100 -12.91 38.39 -64.64
CA TYR D 100 -11.48 38.23 -64.89
C TYR D 100 -10.93 39.43 -65.60
N ASN D 101 -9.79 39.94 -65.12
CA ASN D 101 -9.06 40.98 -65.84
C ASN D 101 -7.75 40.36 -66.30
N SER D 102 -7.54 40.28 -67.61
CA SER D 102 -6.49 39.51 -68.23
C SER D 102 -5.12 40.03 -67.83
N THR D 103 -5.06 41.24 -67.32
CA THR D 103 -3.80 41.87 -66.94
C THR D 103 -3.08 41.02 -65.90
N PHE D 104 -3.82 40.34 -65.04
CA PHE D 104 -3.26 39.75 -63.83
C PHE D 104 -3.10 38.23 -63.97
N PHE D 105 -2.24 37.79 -64.89
CA PHE D 105 -1.99 36.37 -65.09
C PHE D 105 -0.55 36.07 -64.72
N ASN D 106 -0.29 34.97 -64.03
CA ASN D 106 1.08 34.51 -63.90
C ASN D 106 1.17 33.03 -64.22
N GLY D 107 1.81 32.71 -65.36
CA GLY D 107 1.85 31.32 -65.76
C GLY D 107 3.03 30.57 -65.13
N THR D 108 4.07 31.30 -64.79
CA THR D 108 5.34 30.68 -64.53
C THR D 108 5.23 29.74 -63.35
N LEU D 109 4.27 29.99 -62.47
CA LEU D 109 4.23 29.30 -61.19
C LEU D 109 3.81 27.85 -61.41
N LYS D 110 3.56 27.45 -62.65
CA LYS D 110 3.32 26.05 -62.94
C LYS D 110 4.55 25.24 -62.59
N ASN D 111 5.69 25.91 -62.49
CA ASN D 111 6.97 25.29 -62.21
C ASN D 111 7.41 25.64 -60.79
N GLY D 112 6.47 25.99 -59.92
CA GLY D 112 6.82 26.10 -58.50
C GLY D 112 7.18 27.53 -58.13
N GLY D 113 6.93 27.89 -56.86
CA GLY D 113 7.24 29.22 -56.33
C GLY D 113 6.31 29.58 -55.19
N SER D 114 6.25 30.86 -54.80
CA SER D 114 5.42 31.33 -53.70
C SER D 114 4.18 32.03 -54.19
N ILE D 115 2.98 31.58 -53.73
CA ILE D 115 1.73 32.30 -53.98
C ILE D 115 1.83 33.50 -53.07
N PHE D 116 0.92 34.44 -53.15
CA PHE D 116 0.90 35.55 -52.21
C PHE D 116 2.14 36.40 -52.32
N GLU D 117 3.09 36.07 -53.22
CA GLU D 117 4.14 36.99 -53.58
C GLU D 117 4.39 36.91 -55.10
N ALA D 118 3.37 36.52 -55.87
CA ALA D 118 3.50 36.45 -57.31
C ALA D 118 3.48 37.86 -57.88
N LYS D 119 4.29 38.11 -58.90
CA LYS D 119 4.24 39.36 -59.65
C LYS D 119 3.33 39.22 -60.86
N TYR D 120 3.07 40.36 -61.55
CA TYR D 120 2.42 40.40 -62.86
C TYR D 120 3.09 41.43 -63.74
N ASN D 121 2.76 41.50 -65.05
CA ASN D 121 3.54 42.27 -66.03
C ASN D 121 2.66 43.30 -66.72
N ASN D 122 2.61 44.54 -66.21
CA ASN D 122 2.17 45.69 -66.98
C ASN D 122 3.31 45.96 -67.95
N THR D 123 3.02 46.34 -69.20
CA THR D 123 4.09 46.37 -70.20
C THR D 123 5.24 47.23 -69.69
N THR D 124 6.48 46.72 -69.78
CA THR D 124 7.71 47.40 -69.39
C THR D 124 8.08 47.21 -67.92
N ALA D 125 7.24 46.57 -67.10
CA ALA D 125 7.59 46.42 -65.69
C ALA D 125 7.05 45.13 -65.06
N LEU D 126 7.55 44.78 -63.86
CA LEU D 126 6.97 43.74 -63.03
C LEU D 126 6.56 44.31 -61.68
N LYS D 127 5.34 43.99 -61.20
CA LYS D 127 4.77 44.60 -60.03
C LYS D 127 4.00 43.54 -59.25
N PRO D 128 3.77 43.67 -57.92
CA PRO D 128 3.10 42.64 -57.14
C PRO D 128 1.62 42.50 -57.51
N LEU D 129 1.12 41.25 -57.62
CA LEU D 129 -0.20 40.94 -58.14
C LEU D 129 -1.27 41.40 -57.18
N PHE D 130 -1.27 40.84 -55.97
CA PHE D 130 -2.42 40.96 -55.11
C PHE D 130 -2.74 42.42 -54.74
N ASP D 131 -1.69 43.21 -54.50
CA ASP D 131 -1.84 44.59 -54.09
C ASP D 131 -2.44 45.43 -55.20
N ASP D 132 -2.24 45.07 -56.47
CA ASP D 132 -2.65 45.91 -57.58
C ASP D 132 -4.03 45.57 -58.12
N LEU D 133 -4.53 44.36 -57.82
CA LEU D 133 -5.75 43.83 -58.41
C LEU D 133 -6.96 44.68 -58.01
N PRO D 134 -7.74 45.23 -58.95
CA PRO D 134 -8.89 46.09 -58.66
C PRO D 134 -10.06 45.48 -57.91
N ALA D 135 -10.91 46.33 -57.39
CA ALA D 135 -11.90 45.87 -56.44
C ALA D 135 -12.95 45.00 -57.09
N THR D 136 -13.15 45.08 -58.39
CA THR D 136 -14.18 44.32 -59.04
C THR D 136 -13.63 43.18 -59.90
N ALA D 137 -12.37 42.75 -59.70
CA ALA D 137 -11.78 41.82 -60.64
C ALA D 137 -11.07 40.70 -59.94
N PHE D 138 -10.92 39.55 -60.62
CA PHE D 138 -10.10 38.49 -60.08
C PHE D 138 -9.00 38.12 -61.04
N GLY D 139 -7.88 37.66 -60.49
CA GLY D 139 -6.72 37.31 -61.30
C GLY D 139 -6.51 35.81 -61.18
N ILE D 140 -5.62 35.21 -61.97
CA ILE D 140 -5.49 33.77 -62.03
C ILE D 140 -4.03 33.37 -62.10
N VAL D 141 -3.63 32.34 -61.34
CA VAL D 141 -2.25 31.88 -61.24
C VAL D 141 -2.18 30.36 -61.40
N VAL D 142 -1.48 29.87 -62.43
CA VAL D 142 -1.54 28.50 -62.85
C VAL D 142 -0.60 27.74 -61.95
N LEU D 143 -1.13 26.74 -61.24
CA LEU D 143 -0.30 26.00 -60.31
C LEU D 143 0.03 24.64 -60.90
N GLN D 144 -0.86 23.99 -61.67
CA GLN D 144 -0.50 22.74 -62.33
C GLN D 144 -1.20 22.63 -63.67
N ASP D 145 -0.45 22.43 -64.77
CA ASP D 145 -0.99 22.33 -66.12
C ASP D 145 -0.01 21.62 -67.03
N ALA D 146 -0.37 20.41 -67.43
CA ALA D 146 0.58 19.54 -68.13
C ALA D 146 0.72 19.95 -69.58
N ASP D 147 -0.35 20.49 -70.17
CA ASP D 147 -0.47 20.59 -71.62
C ASP D 147 -0.61 22.04 -72.09
N THR D 148 -0.15 22.98 -71.29
CA THR D 148 -0.07 24.39 -71.61
C THR D 148 -1.42 24.95 -72.04
N SER D 149 -2.49 24.36 -71.52
CA SER D 149 -3.84 24.73 -71.90
C SER D 149 -4.23 26.12 -71.44
N CYS D 150 -3.69 26.57 -70.31
CA CYS D 150 -3.93 27.94 -69.87
C CYS D 150 -2.97 28.93 -70.58
N SER D 151 -3.56 29.89 -71.30
CA SER D 151 -2.86 31.04 -71.86
C SER D 151 -3.54 32.32 -71.37
N LYS D 152 -2.75 33.42 -71.25
CA LYS D 152 -3.21 34.64 -70.61
C LYS D 152 -4.50 35.15 -71.23
N ASP D 153 -4.64 35.06 -72.55
CA ASP D 153 -5.85 35.53 -73.21
C ASP D 153 -7.00 34.51 -73.19
N THR D 154 -6.75 33.23 -72.89
CA THR D 154 -7.75 32.16 -72.88
C THR D 154 -7.47 31.07 -71.84
N PRO D 155 -7.81 31.25 -70.55
CA PRO D 155 -7.49 30.27 -69.55
C PRO D 155 -8.50 29.14 -69.55
N VAL D 156 -8.25 28.12 -70.38
CA VAL D 156 -9.12 26.96 -70.40
C VAL D 156 -8.50 25.83 -69.59
N ILE D 157 -9.19 25.35 -68.53
CA ILE D 157 -8.65 24.30 -67.68
C ILE D 157 -9.22 22.95 -68.07
N ASN D 158 -8.35 21.92 -68.18
CA ASN D 158 -8.77 20.57 -68.56
C ASN D 158 -8.29 19.58 -67.53
N LYS D 159 -8.64 18.29 -67.71
CA LYS D 159 -8.53 17.32 -66.63
C LYS D 159 -7.12 17.29 -66.10
N GLY D 160 -6.97 17.50 -64.78
CA GLY D 160 -5.66 17.42 -64.16
C GLY D 160 -5.16 18.78 -63.68
N ASP D 161 -5.74 19.87 -64.20
CA ASP D 161 -5.17 21.18 -63.93
C ASP D 161 -5.57 21.66 -62.54
N ILE D 162 -4.75 22.52 -61.90
CA ILE D 162 -5.14 23.24 -60.68
C ILE D 162 -4.72 24.69 -60.86
N VAL D 163 -5.56 25.64 -60.40
CA VAL D 163 -5.34 27.04 -60.64
C VAL D 163 -5.96 27.86 -59.53
N ALA D 164 -5.38 29.03 -59.26
CA ALA D 164 -5.78 29.75 -58.06
C ALA D 164 -6.39 31.07 -58.48
N ILE D 165 -7.62 31.29 -58.01
CA ILE D 165 -8.35 32.50 -58.31
C ILE D 165 -7.96 33.41 -57.18
N CYS D 166 -7.42 34.57 -57.52
CA CYS D 166 -6.88 35.50 -56.56
C CYS D 166 -7.81 36.69 -56.43
N LEU D 167 -8.28 37.02 -55.21
CA LEU D 167 -9.21 38.11 -54.93
C LEU D 167 -8.67 38.98 -53.81
N ASN D 168 -8.76 40.31 -53.95
CA ASN D 168 -8.28 41.22 -52.93
C ASN D 168 -9.50 41.83 -52.37
N VAL D 169 -9.74 41.60 -51.06
CA VAL D 169 -11.03 41.89 -50.46
C VAL D 169 -10.93 42.97 -49.40
N SER D 170 -9.81 43.65 -49.32
CA SER D 170 -9.40 44.41 -48.18
C SER D 170 -10.42 45.48 -47.82
N ASN D 171 -10.97 46.13 -48.83
CA ASN D 171 -11.93 47.20 -48.56
C ASN D 171 -13.39 46.82 -48.90
N THR D 172 -13.58 45.75 -49.69
CA THR D 172 -14.85 45.37 -50.21
C THR D 172 -15.63 44.53 -49.21
N LEU D 173 -15.01 43.53 -48.57
CA LEU D 173 -15.68 42.74 -47.55
C LEU D 173 -14.88 42.78 -46.24
N ASN D 174 -15.56 42.83 -45.08
CA ASN D 174 -14.88 43.20 -43.85
C ASN D 174 -14.60 41.97 -42.98
N LEU D 175 -13.62 41.15 -43.37
CA LEU D 175 -13.45 39.82 -42.82
C LEU D 175 -12.69 39.84 -41.50
N LYS D 176 -13.37 40.30 -40.46
CA LYS D 176 -12.86 40.18 -39.10
C LYS D 176 -13.16 38.79 -38.58
N PRO D 177 -12.75 38.41 -37.35
CA PRO D 177 -12.94 37.05 -36.87
C PRO D 177 -14.40 36.64 -36.78
N ARG D 178 -14.65 35.34 -36.71
CA ARG D 178 -15.98 34.84 -36.46
C ARG D 178 -16.98 35.27 -37.54
N THR D 179 -16.53 35.49 -38.79
CA THR D 179 -17.38 36.01 -39.84
C THR D 179 -17.66 34.95 -40.92
N LYS D 180 -18.92 34.78 -41.32
CA LYS D 180 -19.28 33.76 -42.31
C LYS D 180 -19.14 34.34 -43.71
N VAL D 181 -18.58 33.55 -44.64
CA VAL D 181 -18.39 33.97 -46.01
C VAL D 181 -18.99 32.90 -46.89
N THR D 182 -19.75 33.31 -47.92
CA THR D 182 -20.52 32.37 -48.70
C THR D 182 -20.35 32.78 -50.15
N GLY D 183 -20.39 31.83 -51.09
CA GLY D 183 -20.27 32.25 -52.47
C GLY D 183 -20.14 31.10 -53.46
N ALA D 184 -19.88 31.45 -54.73
CA ALA D 184 -19.75 30.45 -55.77
C ALA D 184 -18.92 31.01 -56.91
N VAL D 185 -18.16 30.13 -57.56
CA VAL D 185 -17.60 30.42 -58.86
C VAL D 185 -18.49 29.72 -59.87
N ILE D 186 -19.07 30.51 -60.79
CA ILE D 186 -20.11 30.04 -61.67
C ILE D 186 -19.54 29.99 -63.08
N PRO D 187 -19.40 28.82 -63.70
CA PRO D 187 -18.93 28.74 -65.08
C PRO D 187 -20.05 28.95 -66.08
N GLU D 188 -19.65 28.99 -67.35
CA GLU D 188 -20.51 29.30 -68.47
C GLU D 188 -21.53 28.19 -68.62
N PHE D 189 -21.07 26.96 -68.39
CA PHE D 189 -21.96 25.82 -68.24
C PHE D 189 -21.41 24.88 -67.19
N GLY D 190 -22.29 24.10 -66.59
CA GLY D 190 -21.83 23.16 -65.57
C GLY D 190 -22.00 23.71 -64.16
N ALA D 191 -21.71 22.88 -63.17
CA ALA D 191 -22.18 23.12 -61.82
C ALA D 191 -21.22 24.04 -61.10
N PRO D 192 -21.70 24.99 -60.28
CA PRO D 192 -20.83 25.91 -59.58
C PRO D 192 -20.04 25.27 -58.45
N ALA D 193 -18.87 25.87 -58.15
CA ALA D 193 -18.13 25.49 -56.97
C ALA D 193 -18.63 26.33 -55.82
N VAL D 194 -18.78 25.75 -54.61
CA VAL D 194 -19.37 26.44 -53.50
C VAL D 194 -18.31 26.79 -52.46
N ILE D 195 -18.15 28.09 -52.18
CA ILE D 195 -17.22 28.62 -51.20
C ILE D 195 -18.01 28.78 -49.93
N SER D 196 -17.51 28.27 -48.79
CA SER D 196 -18.29 28.38 -47.58
C SER D 196 -17.39 28.17 -46.38
N PHE D 197 -17.13 29.23 -45.63
CA PHE D 197 -16.23 29.12 -44.50
C PHE D 197 -16.54 30.17 -43.46
N THR D 198 -16.13 29.88 -42.22
CA THR D 198 -16.27 30.88 -41.19
C THR D 198 -14.88 31.16 -40.66
N THR D 199 -14.48 32.43 -40.59
CA THR D 199 -13.11 32.75 -40.28
C THR D 199 -12.88 32.33 -38.86
N PRO D 200 -11.66 31.94 -38.45
CA PRO D 200 -11.35 31.51 -37.10
C PRO D 200 -11.76 32.43 -35.97
N ALA D 201 -11.75 31.89 -34.77
CA ALA D 201 -12.09 32.66 -33.59
C ALA D 201 -10.97 33.61 -33.20
N THR D 202 -9.72 33.27 -33.57
CA THR D 202 -8.57 34.05 -33.14
C THR D 202 -7.53 34.05 -34.24
N TYR D 203 -6.98 35.23 -34.54
CA TYR D 203 -5.90 35.31 -35.48
C TYR D 203 -4.64 35.55 -34.65
N LEU D 204 -3.54 34.81 -34.93
CA LEU D 204 -2.30 34.96 -34.18
C LEU D 204 -1.20 35.57 -35.05
N ASP D 205 -0.36 36.45 -34.48
CA ASP D 205 0.65 37.20 -35.23
C ASP D 205 1.78 36.29 -35.73
N THR D 206 1.86 35.08 -35.20
CA THR D 206 2.90 34.14 -35.61
C THR D 206 2.46 33.36 -36.84
N GLN D 207 1.21 33.51 -37.28
CA GLN D 207 0.65 32.67 -38.32
C GLN D 207 -0.14 33.51 -39.33
N HIS D 208 0.56 34.29 -40.17
CA HIS D 208 -0.14 35.22 -41.03
C HIS D 208 -0.87 34.56 -42.19
N ILE D 209 -0.53 33.32 -42.56
CA ILE D 209 -1.30 32.64 -43.59
C ILE D 209 -2.17 31.55 -42.98
N ILE D 210 -3.49 31.59 -43.27
CA ILE D 210 -4.51 30.78 -42.61
C ILE D 210 -5.17 29.88 -43.63
N GLU D 211 -5.50 28.66 -43.22
CA GLU D 211 -6.19 27.74 -44.10
C GLU D 211 -7.66 27.78 -43.73
N LEU D 212 -8.53 28.19 -44.66
CA LEU D 212 -9.88 28.56 -44.30
C LEU D 212 -10.88 27.48 -44.64
N GLN D 213 -10.65 26.74 -45.73
CA GLN D 213 -11.51 25.64 -46.14
C GLN D 213 -10.60 24.55 -46.76
N ALA E 1 -56.55 6.19 -110.66
CA ALA E 1 -56.04 7.55 -110.35
C ALA E 1 -55.52 7.60 -108.90
N ILE E 2 -56.34 7.10 -107.97
CA ILE E 2 -56.07 7.17 -106.53
C ILE E 2 -54.81 6.39 -106.20
N GLY E 3 -54.66 5.21 -106.82
CA GLY E 3 -53.59 4.28 -106.52
C GLY E 3 -52.23 4.96 -106.56
N ILE E 4 -52.00 5.72 -107.64
CA ILE E 4 -50.73 6.35 -107.95
C ILE E 4 -50.23 7.14 -106.75
N GLY E 5 -51.08 8.02 -106.24
CA GLY E 5 -50.65 8.88 -105.16
C GLY E 5 -50.28 8.10 -103.89
N THR E 6 -50.99 7.00 -103.63
CA THR E 6 -50.82 6.26 -102.38
C THR E 6 -49.37 5.81 -102.30
N LEU E 7 -48.86 5.35 -103.45
CA LEU E 7 -47.52 4.81 -103.53
C LEU E 7 -46.54 5.93 -103.17
N ILE E 8 -46.72 7.09 -103.79
CA ILE E 8 -45.78 8.19 -103.64
C ILE E 8 -45.71 8.58 -102.18
N ILE E 9 -46.82 8.82 -101.51
CA ILE E 9 -46.68 9.31 -100.17
C ILE E 9 -46.12 8.23 -99.24
N PHE E 10 -46.34 6.95 -99.58
CA PHE E 10 -45.79 5.85 -98.81
C PHE E 10 -44.27 6.03 -98.73
N ILE E 11 -43.65 6.34 -99.87
CA ILE E 11 -42.20 6.53 -99.94
C ILE E 11 -41.77 7.56 -98.91
N ALA E 12 -42.52 8.65 -98.81
CA ALA E 12 -42.13 9.70 -97.89
C ALA E 12 -42.20 9.18 -96.47
N MET E 13 -43.25 8.44 -96.11
CA MET E 13 -43.41 7.96 -94.75
C MET E 13 -42.15 7.20 -94.32
N VAL E 14 -41.62 6.38 -95.25
CA VAL E 14 -40.48 5.50 -95.02
C VAL E 14 -39.29 6.37 -94.67
N LEU E 15 -39.01 7.32 -95.54
CA LEU E 15 -37.82 8.13 -95.43
C LEU E 15 -37.88 8.93 -94.14
N VAL E 16 -39.05 9.46 -93.76
CA VAL E 16 -39.15 10.31 -92.59
C VAL E 16 -38.91 9.48 -91.33
N ALA E 17 -39.43 8.25 -91.28
CA ALA E 17 -39.19 7.38 -90.15
C ALA E 17 -37.70 7.03 -90.06
N ALA E 18 -37.07 6.85 -91.23
CA ALA E 18 -35.66 6.51 -91.31
C ALA E 18 -34.84 7.63 -90.70
N VAL E 19 -35.14 8.87 -91.10
CA VAL E 19 -34.40 10.04 -90.64
C VAL E 19 -34.53 10.15 -89.13
N ALA E 20 -35.72 9.89 -88.59
CA ALA E 20 -35.93 10.00 -87.16
C ALA E 20 -35.14 8.91 -86.43
N ALA E 21 -35.11 7.72 -87.01
CA ALA E 21 -34.41 6.62 -86.38
C ALA E 21 -32.93 6.98 -86.25
N ALA E 22 -32.39 7.58 -87.32
CA ALA E 22 -30.98 7.95 -87.37
C ALA E 22 -30.64 8.80 -86.15
N VAL E 23 -31.50 9.76 -85.81
CA VAL E 23 -31.26 10.63 -84.66
C VAL E 23 -31.09 9.78 -83.42
N LEU E 24 -31.99 8.83 -83.22
CA LEU E 24 -32.05 8.11 -81.96
C LEU E 24 -30.80 7.23 -81.85
N ILE E 25 -30.44 6.56 -82.96
CA ILE E 25 -29.30 5.64 -83.02
C ILE E 25 -28.03 6.43 -82.71
N ASN E 26 -27.82 7.50 -83.50
CA ASN E 26 -26.65 8.36 -83.40
C ASN E 26 -26.49 8.87 -81.97
N THR E 27 -27.56 9.45 -81.44
CA THR E 27 -27.55 10.09 -80.14
C THR E 27 -27.12 9.08 -79.10
N SER E 28 -27.61 7.85 -79.23
CA SER E 28 -27.31 6.80 -78.26
C SER E 28 -25.80 6.56 -78.28
N GLY E 29 -25.25 6.52 -79.51
CA GLY E 29 -23.81 6.43 -79.73
C GLY E 29 -23.05 7.55 -79.02
N PHE E 30 -23.49 8.80 -79.22
CA PHE E 30 -22.83 9.97 -78.66
C PHE E 30 -22.78 9.88 -77.14
N LEU E 31 -23.81 9.33 -76.53
CA LEU E 31 -23.90 9.27 -75.09
C LEU E 31 -23.07 8.11 -74.57
N GLN E 32 -22.94 7.04 -75.36
CA GLN E 32 -22.30 5.83 -74.87
C GLN E 32 -20.91 6.18 -74.37
N GLN E 33 -20.19 6.98 -75.16
CA GLN E 33 -18.83 7.41 -74.88
C GLN E 33 -18.75 8.03 -73.49
N LYS E 34 -19.51 9.11 -73.28
CA LYS E 34 -19.39 9.93 -72.09
C LYS E 34 -19.86 9.16 -70.88
N ALA E 35 -20.86 8.30 -71.07
CA ALA E 35 -21.39 7.54 -69.97
C ALA E 35 -20.25 6.71 -69.36
N MET E 36 -19.56 5.96 -70.22
CA MET E 36 -18.52 5.07 -69.71
C MET E 36 -17.43 5.92 -69.06
N ALA E 37 -16.97 6.94 -69.78
CA ALA E 37 -15.84 7.77 -69.38
C ALA E 37 -16.05 8.25 -67.95
N THR E 38 -17.27 8.70 -67.66
CA THR E 38 -17.57 9.36 -66.39
C THR E 38 -17.37 8.35 -65.27
N GLY E 39 -17.83 7.13 -65.48
CA GLY E 39 -17.79 6.11 -64.44
C GLY E 39 -16.36 5.72 -64.11
N LYS E 40 -15.56 5.47 -65.15
CA LYS E 40 -14.21 5.03 -64.97
C LYS E 40 -13.44 6.11 -64.22
N GLU E 41 -13.50 7.34 -64.72
CA GLU E 41 -12.80 8.47 -64.15
C GLU E 41 -13.17 8.63 -62.67
N SER E 42 -14.46 8.54 -62.36
CA SER E 42 -14.91 8.83 -61.02
C SER E 42 -14.39 7.77 -60.05
N THR E 43 -14.29 6.53 -60.51
CA THR E 43 -13.86 5.45 -59.66
C THR E 43 -12.39 5.65 -59.35
N GLU E 44 -11.59 5.92 -60.37
CA GLU E 44 -10.15 6.08 -60.20
C GLU E 44 -9.85 7.19 -59.21
N GLN E 45 -10.69 8.24 -59.21
CA GLN E 45 -10.55 9.37 -58.29
C GLN E 45 -10.78 8.91 -56.86
N VAL E 46 -11.85 8.16 -56.59
CA VAL E 46 -12.19 7.90 -55.21
C VAL E 46 -11.23 6.87 -54.62
N ALA E 47 -10.66 6.01 -55.46
CA ALA E 47 -9.88 4.87 -55.01
C ALA E 47 -8.43 5.22 -54.76
N SER E 48 -7.90 6.18 -55.51
CA SER E 48 -6.47 6.44 -55.50
C SER E 48 -6.08 7.53 -54.50
N GLY E 49 -4.80 7.53 -54.11
CA GLY E 49 -4.32 8.45 -53.09
C GLY E 49 -2.90 8.09 -52.63
N LEU E 50 -2.31 8.94 -51.76
CA LEU E 50 -1.02 8.67 -51.17
C LEU E 50 -1.14 8.94 -49.67
N LEU E 51 -0.19 8.36 -48.89
CA LEU E 51 -0.27 8.36 -47.45
C LEU E 51 1.11 8.59 -46.87
N CYS E 52 1.19 9.52 -45.91
CA CYS E 52 2.42 9.97 -45.28
C CYS E 52 2.81 8.99 -44.20
N SER E 53 4.09 8.69 -44.14
CA SER E 53 4.52 7.55 -43.36
C SER E 53 5.36 8.07 -42.22
N GLY E 54 6.05 9.19 -42.46
CA GLY E 54 7.00 9.71 -41.49
C GLY E 54 7.62 10.98 -42.06
N VAL E 55 8.13 11.85 -41.19
CA VAL E 55 8.97 12.95 -41.61
C VAL E 55 10.18 13.01 -40.70
N THR E 56 11.36 13.31 -41.26
CA THR E 56 12.57 13.49 -40.47
C THR E 56 13.40 14.67 -40.96
N GLY E 57 14.31 15.19 -40.10
CA GLY E 57 14.91 16.49 -40.43
C GLY E 57 16.27 16.75 -39.79
N HIS E 58 17.07 17.70 -40.34
CA HIS E 58 18.47 17.87 -39.93
C HIS E 58 18.68 19.24 -39.33
N TYR E 59 19.30 19.30 -38.13
CA TYR E 59 19.43 20.55 -37.39
C TYR E 59 20.85 21.05 -37.49
N VAL E 60 21.06 22.28 -37.96
CA VAL E 60 22.38 22.90 -37.94
C VAL E 60 22.50 23.74 -36.68
N LYS E 61 23.62 23.62 -35.95
CA LYS E 61 23.73 24.19 -34.62
C LYS E 61 23.50 25.70 -34.67
N ASN E 62 22.73 26.19 -33.71
CA ASN E 62 22.50 27.60 -33.53
C ASN E 62 21.74 28.20 -34.72
N LYS E 63 21.18 27.35 -35.61
CA LYS E 63 20.47 27.86 -36.78
C LYS E 63 19.03 27.37 -36.85
N GLY E 64 18.80 26.04 -36.79
CA GLY E 64 17.47 25.49 -36.96
C GLY E 64 17.42 24.39 -38.01
N ILE E 65 16.21 23.94 -38.38
CA ILE E 65 16.10 22.79 -39.25
C ILE E 65 16.35 23.24 -40.68
N ASP E 66 17.26 22.55 -41.35
CA ASP E 66 17.82 23.02 -42.60
C ASP E 66 17.15 22.33 -43.76
N ARG E 67 16.89 21.02 -43.62
CA ARG E 67 16.34 20.13 -44.64
C ARG E 67 15.38 19.11 -43.99
N ILE E 68 14.43 18.57 -44.78
CA ILE E 68 13.46 17.58 -44.33
C ILE E 68 13.24 16.48 -45.37
N VAL E 69 12.97 15.23 -44.92
CA VAL E 69 12.68 14.10 -45.80
C VAL E 69 11.36 13.47 -45.44
N ILE E 70 10.43 13.39 -46.40
CA ILE E 70 9.05 13.01 -46.17
C ILE E 70 8.87 11.67 -46.82
N TYR E 71 8.40 10.67 -46.07
CA TYR E 71 8.29 9.32 -46.62
C TYR E 71 6.85 9.13 -47.05
N ILE E 72 6.65 8.59 -48.26
CA ILE E 72 5.33 8.53 -48.87
C ILE E 72 5.09 7.19 -49.51
N THR E 73 3.83 6.72 -49.49
CA THR E 73 3.43 5.37 -49.88
C THR E 73 2.02 5.44 -50.44
N PRO E 74 1.58 4.54 -51.33
CA PRO E 74 0.25 4.63 -51.89
C PRO E 74 -0.76 3.91 -51.00
N ASN E 75 -2.04 4.30 -51.07
CA ASN E 75 -3.05 3.68 -50.21
C ASN E 75 -3.44 2.33 -50.80
N ALA E 76 -3.98 1.43 -49.96
CA ALA E 76 -4.42 0.13 -50.46
C ALA E 76 -5.33 0.31 -51.69
N GLY E 77 -5.04 -0.41 -52.77
CA GLY E 77 -5.96 -0.49 -53.89
C GLY E 77 -5.84 0.69 -54.87
N SER E 78 -5.01 1.67 -54.53
CA SER E 78 -4.84 2.83 -55.40
C SER E 78 -4.22 2.49 -56.74
N ALA E 79 -4.64 3.19 -57.76
CA ALA E 79 -4.11 2.95 -59.09
C ALA E 79 -2.78 3.67 -59.10
N PRO E 80 -1.86 3.43 -60.05
CA PRO E 80 -0.52 3.97 -59.95
C PRO E 80 -0.46 5.48 -60.09
N ILE E 81 0.39 6.15 -59.30
CA ILE E 81 0.45 7.60 -59.23
C ILE E 81 1.75 8.10 -59.86
N ASP E 82 1.58 9.06 -60.76
CA ASP E 82 2.62 9.55 -61.67
C ASP E 82 3.32 10.66 -60.93
N LEU E 83 4.36 10.29 -60.19
CA LEU E 83 4.83 11.16 -59.14
C LEU E 83 5.28 12.48 -59.73
N LYS E 84 5.66 12.51 -61.01
CA LYS E 84 6.41 13.65 -61.55
C LYS E 84 5.45 14.74 -61.91
N GLN E 85 4.16 14.49 -61.78
CA GLN E 85 3.20 15.56 -62.01
C GLN E 85 2.63 16.06 -60.68
N CYS E 86 3.00 15.51 -59.53
CA CYS E 86 2.35 15.90 -58.28
C CYS E 86 3.02 17.15 -57.73
N LYS E 87 2.26 18.02 -57.03
CA LYS E 87 2.81 19.26 -56.49
C LYS E 87 2.67 19.26 -54.99
N LEU E 88 3.65 19.83 -54.26
CA LEU E 88 3.67 19.78 -52.80
C LEU E 88 3.54 21.18 -52.28
N PHE E 89 2.50 21.43 -51.47
CA PHE E 89 2.21 22.74 -50.93
C PHE E 89 2.56 22.72 -49.45
N LEU E 90 3.30 23.72 -48.98
CA LEU E 90 3.69 23.79 -47.58
C LEU E 90 3.45 25.21 -47.09
N MET E 91 2.95 25.34 -45.85
CA MET E 91 2.67 26.59 -45.19
C MET E 91 3.47 26.68 -43.91
N TYR E 92 3.89 27.90 -43.56
CA TYR E 92 4.71 28.17 -42.36
C TYR E 92 4.47 29.63 -41.98
N ASP E 93 5.40 30.26 -41.30
CA ASP E 93 5.06 31.46 -40.54
C ASP E 93 4.80 32.64 -41.45
N GLY E 94 5.18 32.56 -42.69
CA GLY E 94 4.92 33.74 -43.49
C GLY E 94 4.84 33.50 -45.01
N LYS E 95 4.87 32.24 -45.42
CA LYS E 95 5.11 31.87 -46.77
C LYS E 95 4.27 30.64 -47.05
N ALA E 96 3.76 30.51 -48.28
CA ALA E 96 3.04 29.33 -48.70
C ALA E 96 3.57 29.00 -50.09
N VAL E 97 4.30 27.89 -50.20
CA VAL E 97 5.20 27.63 -51.29
C VAL E 97 4.70 26.38 -51.99
N SER E 98 4.76 26.37 -53.33
CA SER E 98 4.49 25.16 -54.09
C SER E 98 5.81 24.69 -54.71
N LEU E 99 6.13 23.39 -54.62
CA LEU E 99 7.35 22.83 -55.19
C LEU E 99 7.05 21.79 -56.28
N ASN E 100 7.83 21.72 -57.39
CA ASN E 100 7.58 20.79 -58.49
C ASN E 100 8.70 19.77 -58.64
N PHE E 101 8.41 18.55 -59.10
CA PHE E 101 9.41 17.48 -59.25
C PHE E 101 10.57 17.92 -60.11
N SER E 102 11.76 17.38 -59.83
CA SER E 102 12.93 17.70 -60.62
C SER E 102 13.80 16.46 -60.63
N LYS E 103 14.56 16.26 -61.71
CA LYS E 103 15.30 15.03 -61.83
C LYS E 103 16.49 15.03 -60.86
N TYR E 104 16.75 13.86 -60.27
CA TYR E 104 17.95 13.50 -59.53
C TYR E 104 19.10 13.61 -60.53
N ASP E 105 20.36 13.43 -60.13
CA ASP E 105 21.43 13.54 -61.12
C ASP E 105 21.28 12.47 -62.22
N THR E 106 21.09 12.93 -63.47
CA THR E 106 21.21 12.16 -64.71
C THR E 106 20.11 11.12 -64.87
N ASN E 107 19.32 10.87 -63.83
CA ASN E 107 18.37 9.76 -63.80
C ASN E 107 17.08 10.24 -63.11
N THR E 108 15.96 9.56 -63.35
CA THR E 108 14.70 10.16 -62.92
C THR E 108 14.57 10.18 -61.41
N VAL E 109 15.11 9.18 -60.72
CA VAL E 109 14.87 8.96 -59.30
C VAL E 109 16.13 8.33 -58.75
N GLY E 110 16.61 8.79 -57.60
CA GLY E 110 17.87 8.29 -57.08
C GLY E 110 17.76 6.84 -56.61
N ASP E 111 18.50 5.90 -57.22
CA ASP E 111 18.31 4.48 -56.92
C ASP E 111 19.08 4.03 -55.68
N PHE E 112 18.39 4.02 -54.56
CA PHE E 112 18.97 3.50 -53.34
C PHE E 112 18.09 2.36 -52.86
N THR E 113 17.67 1.50 -53.78
CA THR E 113 16.91 0.31 -53.45
C THR E 113 17.73 -0.61 -52.55
N ASN E 114 19.06 -0.48 -52.54
CA ASN E 114 19.94 -1.32 -51.75
C ASN E 114 20.66 -0.55 -50.63
N GLY E 115 20.06 0.50 -50.08
CA GLY E 115 20.48 1.01 -48.79
C GLY E 115 21.35 2.27 -48.86
N ILE E 116 21.35 3.09 -47.79
CA ILE E 116 22.05 4.35 -47.74
C ILE E 116 22.79 4.42 -46.43
N LYS E 117 24.05 4.83 -46.47
CA LYS E 117 24.88 4.96 -45.27
C LYS E 117 24.30 6.03 -44.36
N ASP E 118 23.90 7.17 -44.95
CA ASP E 118 23.25 8.25 -44.22
C ASP E 118 22.47 9.13 -45.20
N ILE E 119 21.16 9.31 -44.99
CA ILE E 119 20.28 9.95 -45.96
C ILE E 119 20.63 11.42 -46.06
N PHE E 120 21.39 11.96 -45.11
CA PHE E 120 21.68 13.37 -45.15
C PHE E 120 23.13 13.69 -45.52
N ASN E 121 24.00 12.70 -45.68
CA ASN E 121 25.39 12.97 -46.04
C ASN E 121 25.42 13.41 -47.49
N THR E 122 26.02 14.59 -47.73
CA THR E 122 25.92 15.29 -49.00
C THR E 122 26.54 14.52 -50.15
N THR E 123 27.72 13.91 -49.93
CA THR E 123 28.45 13.29 -51.03
C THR E 123 27.80 12.00 -51.50
N VAL E 124 27.15 11.29 -50.58
CA VAL E 124 26.47 10.05 -50.91
C VAL E 124 25.20 10.41 -51.67
N VAL E 125 24.42 11.40 -51.18
CA VAL E 125 23.01 11.48 -51.53
C VAL E 125 22.73 12.45 -52.67
N LYS E 126 23.55 13.47 -52.88
CA LYS E 126 23.27 14.41 -53.97
C LYS E 126 22.00 15.25 -53.73
N TRP E 127 22.07 16.16 -52.75
CA TRP E 127 21.01 17.08 -52.40
C TRP E 127 20.93 18.25 -53.36
N ASN E 128 21.92 18.44 -54.24
CA ASN E 128 22.13 19.74 -54.88
C ASN E 128 20.98 20.25 -55.73
N ASN E 129 20.16 19.37 -56.33
CA ASN E 129 19.06 19.81 -57.18
C ASN E 129 17.83 20.20 -56.36
N ALA E 130 17.90 20.19 -55.02
CA ALA E 130 16.76 20.67 -54.24
C ALA E 130 16.80 22.20 -54.15
N ASP E 131 16.36 22.87 -55.22
CA ASP E 131 16.36 24.32 -55.37
C ASP E 131 15.22 24.88 -54.54
N ALA E 132 15.01 26.19 -54.56
CA ALA E 132 14.06 26.77 -53.63
C ALA E 132 12.67 26.51 -54.15
N THR E 133 12.56 25.97 -55.37
CA THR E 133 11.24 25.73 -55.97
C THR E 133 11.03 24.29 -56.42
N SER E 134 11.86 23.30 -56.04
CA SER E 134 11.59 21.92 -56.41
C SER E 134 11.95 20.88 -55.36
N PHE E 135 11.46 19.64 -55.55
CA PHE E 135 11.91 18.50 -54.77
C PHE E 135 12.52 17.42 -55.64
N VAL E 136 13.19 16.44 -54.97
CA VAL E 136 13.70 15.28 -55.67
C VAL E 136 13.28 14.04 -54.89
N VAL E 137 13.28 12.87 -55.54
CA VAL E 137 12.71 11.65 -55.00
C VAL E 137 13.80 10.58 -54.95
N VAL E 138 13.88 9.85 -53.84
CA VAL E 138 14.85 8.81 -53.61
C VAL E 138 14.05 7.54 -53.41
N ALA E 139 14.38 6.48 -54.15
CA ALA E 139 13.55 5.27 -54.16
C ALA E 139 14.10 4.29 -53.15
N LEU E 140 13.27 3.92 -52.17
CA LEU E 140 13.71 3.12 -51.06
C LEU E 140 13.25 1.67 -51.17
N GLN E 141 12.04 1.39 -51.69
CA GLN E 141 11.65 0.02 -51.98
C GLN E 141 10.75 -0.02 -53.21
N ASP E 142 11.10 -0.87 -54.21
CA ASP E 142 10.39 -0.97 -55.48
C ASP E 142 10.85 -2.22 -56.22
N ASP E 143 10.00 -3.26 -56.19
CA ASP E 143 10.31 -4.57 -56.74
C ASP E 143 10.30 -4.50 -58.26
N ASP E 144 9.25 -3.89 -58.80
CA ASP E 144 8.90 -3.92 -60.21
C ASP E 144 9.62 -2.85 -61.03
N LYS E 145 10.56 -2.11 -60.44
CA LYS E 145 11.28 -1.05 -61.12
C LYS E 145 10.40 0.10 -61.65
N SER E 146 9.22 0.35 -61.06
CA SER E 146 8.39 1.43 -61.54
C SER E 146 8.91 2.80 -61.15
N LEU E 147 9.40 2.94 -59.91
CA LEU E 147 9.92 4.22 -59.50
C LEU E 147 11.11 4.51 -60.41
N LEU E 148 11.93 3.50 -60.68
CA LEU E 148 13.26 3.69 -61.24
C LEU E 148 13.19 4.12 -62.69
N THR E 149 11.98 4.10 -63.26
CA THR E 149 11.82 4.21 -64.68
C THR E 149 10.53 4.98 -64.95
N ASN E 150 10.64 6.30 -65.15
CA ASN E 150 9.46 7.12 -65.38
C ASN E 150 8.62 7.39 -64.14
N ALA E 151 9.13 7.06 -62.95
CA ALA E 151 8.70 7.65 -61.69
C ALA E 151 7.25 7.36 -61.32
N VAL E 152 6.82 6.11 -61.45
CA VAL E 152 5.45 5.80 -61.09
C VAL E 152 5.39 4.94 -59.83
N ILE E 153 4.69 5.43 -58.79
CA ILE E 153 4.49 4.67 -57.57
C ILE E 153 3.38 3.67 -57.84
N ASN E 154 3.60 2.39 -57.46
CA ASN E 154 2.53 1.39 -57.42
C ASN E 154 2.59 0.59 -56.14
N LYS E 155 1.77 -0.46 -56.02
CA LYS E 155 1.49 -1.08 -54.73
C LYS E 155 2.76 -1.56 -54.05
N GLY E 156 2.97 -1.17 -52.80
CA GLY E 156 4.10 -1.73 -52.06
C GLY E 156 5.36 -0.91 -52.18
N ASP E 157 5.36 0.13 -53.03
CA ASP E 157 6.54 0.98 -53.13
C ASP E 157 6.63 1.91 -51.92
N LEU E 158 7.84 2.35 -51.54
CA LEU E 158 8.05 3.40 -50.52
C LEU E 158 9.13 4.33 -51.01
N ALA E 159 8.91 5.64 -50.93
CA ALA E 159 9.79 6.59 -51.58
C ALA E 159 9.89 7.83 -50.73
N GLY E 160 10.98 8.56 -50.91
CA GLY E 160 11.22 9.61 -49.95
C GLY E 160 11.43 10.90 -50.72
N VAL E 161 10.75 11.96 -50.29
CA VAL E 161 10.79 13.22 -50.99
C VAL E 161 11.74 14.11 -50.21
N LEU E 162 12.72 14.71 -50.87
CA LEU E 162 13.66 15.56 -50.17
C LEU E 162 13.30 17.03 -50.39
N VAL E 163 13.17 17.86 -49.32
CA VAL E 163 12.94 19.31 -49.48
C VAL E 163 13.91 20.18 -48.71
N ASN E 164 14.55 21.17 -49.37
CA ASN E 164 15.58 22.04 -48.78
C ASN E 164 14.86 23.20 -48.17
N VAL E 165 14.34 22.96 -46.96
CA VAL E 165 13.34 23.83 -46.41
C VAL E 165 13.94 25.19 -46.22
N SER E 166 15.20 25.26 -45.86
CA SER E 166 15.75 26.54 -45.46
C SER E 166 15.84 27.45 -46.67
N ALA E 167 15.89 26.83 -47.84
CA ALA E 167 15.95 27.57 -49.10
C ALA E 167 14.54 27.88 -49.59
N ALA E 168 13.61 26.97 -49.33
CA ALA E 168 12.24 27.12 -49.76
C ALA E 168 11.54 28.24 -49.00
N PHE E 169 11.64 28.24 -47.67
CA PHE E 169 10.98 29.25 -46.89
C PHE E 169 11.93 30.41 -46.67
N GLY E 170 13.18 30.29 -47.10
CA GLY E 170 14.09 31.42 -46.99
C GLY E 170 14.72 31.59 -45.62
N LYS E 171 14.27 30.82 -44.62
CA LYS E 171 14.95 30.77 -43.33
C LYS E 171 14.83 29.38 -42.69
N HIS E 172 15.68 29.10 -41.68
CA HIS E 172 15.58 27.84 -40.98
C HIS E 172 14.35 27.81 -40.07
N VAL E 173 13.60 26.68 -39.98
CA VAL E 173 12.45 26.71 -39.09
C VAL E 173 12.90 26.51 -37.66
N GLY E 174 12.33 27.30 -36.75
CA GLY E 174 12.79 27.38 -35.37
C GLY E 174 12.04 26.37 -34.50
N THR E 175 12.21 26.51 -33.18
CA THR E 175 11.54 25.63 -32.25
C THR E 175 10.12 26.12 -32.05
N ARG E 176 9.20 25.25 -31.63
CA ARG E 176 7.83 25.59 -31.29
C ARG E 176 7.06 26.17 -32.48
N GLU E 177 7.41 25.81 -33.72
CA GLU E 177 6.73 26.34 -34.89
C GLU E 177 5.99 25.22 -35.63
N ARG E 178 4.80 25.49 -36.21
CA ARG E 178 4.17 24.45 -37.02
C ARG E 178 4.37 24.62 -38.51
N VAL E 179 4.33 23.49 -39.23
CA VAL E 179 4.36 23.46 -40.67
C VAL E 179 3.34 22.47 -41.17
N SER E 180 2.53 22.88 -42.17
CA SER E 180 1.50 21.99 -42.62
C SER E 180 1.34 22.10 -44.12
N GLY E 181 0.88 21.00 -44.73
CA GLY E 181 0.73 21.02 -46.17
C GLY E 181 0.06 19.76 -46.70
N TYR E 182 0.17 19.59 -48.00
CA TYR E 182 -0.40 18.47 -48.69
C TYR E 182 0.46 18.18 -49.92
N LEU E 183 0.63 16.89 -50.25
CA LEU E 183 1.20 16.51 -51.53
C LEU E 183 0.04 16.05 -52.38
N GLN E 184 -0.24 16.79 -53.45
CA GLN E 184 -1.51 16.64 -54.14
C GLN E 184 -1.22 15.96 -55.45
N PRO E 185 -1.68 14.73 -55.69
CA PRO E 185 -1.48 14.10 -56.98
C PRO E 185 -2.44 14.61 -58.03
N GLU E 186 -2.17 14.23 -59.27
CA GLU E 186 -2.90 14.63 -60.44
C GLU E 186 -4.33 14.18 -60.34
N PHE E 187 -4.53 12.97 -59.84
CA PHE E 187 -5.86 12.53 -59.45
C PHE E 187 -5.78 11.75 -58.15
N GLY E 188 -6.81 11.87 -57.31
CA GLY E 188 -6.84 11.10 -56.07
C GLY E 188 -6.51 11.96 -54.85
N ALA E 189 -6.55 11.32 -53.68
CA ALA E 189 -6.59 12.04 -52.44
C ALA E 189 -5.20 12.49 -52.04
N PRO E 190 -5.03 13.66 -51.40
CA PRO E 190 -3.70 14.16 -51.10
C PRO E 190 -3.16 13.65 -49.78
N ALA E 191 -1.84 13.54 -49.70
CA ALA E 191 -1.24 13.10 -48.46
C ALA E 191 -1.08 14.33 -47.58
N VAL E 192 -1.69 14.35 -46.38
CA VAL E 192 -1.60 15.48 -45.45
C VAL E 192 -0.28 15.42 -44.71
N ILE E 193 0.37 16.58 -44.52
CA ILE E 193 1.56 16.69 -43.70
C ILE E 193 1.26 17.73 -42.62
N GLU E 194 1.68 17.45 -41.37
CA GLU E 194 1.42 18.37 -40.28
C GLU E 194 2.36 17.99 -39.15
N PHE E 195 3.18 18.94 -38.72
CA PHE E 195 3.92 18.76 -37.49
C PHE E 195 4.38 20.07 -36.86
N THR E 196 4.59 20.00 -35.54
CA THR E 196 5.09 21.12 -34.80
C THR E 196 6.51 20.77 -34.34
N THR E 197 7.48 21.64 -34.62
CA THR E 197 8.86 21.33 -34.30
C THR E 197 8.91 21.34 -32.80
N PRO E 198 9.71 20.47 -32.14
CA PRO E 198 9.72 20.40 -30.70
C PRO E 198 10.28 21.66 -30.05
N ALA E 199 10.19 21.68 -28.73
CA ALA E 199 10.60 22.80 -27.92
C ALA E 199 12.12 22.92 -27.81
N ALA E 200 12.82 21.79 -27.93
CA ALA E 200 14.25 21.80 -27.67
C ALA E 200 14.96 20.93 -28.69
N PHE E 201 15.67 21.59 -29.60
CA PHE E 201 16.47 20.81 -30.49
C PHE E 201 17.65 20.34 -29.64
N THR E 202 18.00 19.03 -29.73
CA THR E 202 19.11 18.51 -28.93
C THR E 202 19.92 17.40 -29.60
N SER E 203 19.64 17.06 -30.86
CA SER E 203 20.37 16.04 -31.61
C SER E 203 20.27 16.40 -33.09
N ASP E 204 21.14 15.83 -33.93
CA ASP E 204 21.22 16.33 -35.30
C ASP E 204 20.03 15.86 -36.11
N VAL E 205 19.59 14.59 -35.97
CA VAL E 205 18.48 14.16 -36.80
C VAL E 205 17.25 13.90 -35.96
N ILE E 206 16.12 14.58 -36.24
CA ILE E 206 14.95 14.65 -35.37
C ILE E 206 13.72 14.06 -36.01
N GLU E 207 12.93 13.35 -35.19
CA GLU E 207 11.90 12.49 -35.74
C GLU E 207 10.56 13.20 -35.66
N LEU E 208 10.35 14.13 -36.60
CA LEU E 208 9.22 15.02 -36.56
C LEU E 208 7.91 14.26 -36.66
N GLN E 209 7.87 13.18 -37.45
CA GLN E 209 6.82 12.16 -37.50
C GLN E 209 5.39 12.76 -37.52
N ALA F 1 -49.61 4.08 -96.08
CA ALA F 1 -50.23 3.64 -94.80
C ALA F 1 -49.36 4.03 -93.60
N ILE F 2 -50.01 4.42 -92.50
CA ILE F 2 -49.33 4.86 -91.28
C ILE F 2 -48.56 3.71 -90.64
N GLY F 3 -49.04 2.48 -90.84
CA GLY F 3 -48.50 1.32 -90.14
C GLY F 3 -47.00 1.15 -90.41
N ILE F 4 -46.63 1.46 -91.65
CA ILE F 4 -45.29 1.18 -92.14
C ILE F 4 -44.26 1.88 -91.25
N GLY F 5 -44.46 3.16 -90.98
CA GLY F 5 -43.51 3.88 -90.17
C GLY F 5 -43.50 3.40 -88.72
N THR F 6 -44.67 3.01 -88.19
CA THR F 6 -44.82 2.63 -86.80
C THR F 6 -43.91 1.45 -86.53
N LEU F 7 -43.87 0.52 -87.48
CA LEU F 7 -43.03 -0.67 -87.41
C LEU F 7 -41.57 -0.22 -87.36
N ILE F 8 -41.14 0.57 -88.35
CA ILE F 8 -39.75 0.96 -88.53
C ILE F 8 -39.24 1.69 -87.30
N ILE F 9 -40.00 2.61 -86.73
CA ILE F 9 -39.52 3.35 -85.59
C ILE F 9 -39.42 2.46 -84.34
N PHE F 10 -40.24 1.41 -84.25
CA PHE F 10 -40.17 0.46 -83.14
C PHE F 10 -38.81 -0.22 -83.14
N ILE F 11 -38.35 -0.61 -84.33
CA ILE F 11 -37.07 -1.27 -84.52
C ILE F 11 -35.98 -0.40 -83.93
N ALA F 12 -36.04 0.89 -84.21
CA ALA F 12 -35.05 1.84 -83.70
C ALA F 12 -35.15 1.88 -82.18
N MET F 13 -36.37 1.98 -81.63
CA MET F 13 -36.57 2.25 -80.23
C MET F 13 -35.95 1.11 -79.40
N VAL F 14 -36.17 -0.13 -79.87
CA VAL F 14 -35.65 -1.34 -79.25
C VAL F 14 -34.13 -1.22 -79.20
N LEU F 15 -33.54 -0.93 -80.36
CA LEU F 15 -32.09 -0.93 -80.52
C LEU F 15 -31.48 0.08 -79.56
N VAL F 16 -32.08 1.27 -79.44
CA VAL F 16 -31.51 2.30 -78.58
C VAL F 16 -31.55 1.82 -77.14
N ALA F 17 -32.68 1.24 -76.75
CA ALA F 17 -32.85 0.78 -75.37
C ALA F 17 -31.84 -0.32 -75.05
N ALA F 18 -31.44 -1.08 -76.08
CA ALA F 18 -30.46 -2.13 -75.91
C ALA F 18 -29.13 -1.49 -75.57
N VAL F 19 -28.71 -0.50 -76.38
CA VAL F 19 -27.44 0.17 -76.21
C VAL F 19 -27.37 0.79 -74.82
N ALA F 20 -28.45 1.41 -74.40
CA ALA F 20 -28.51 2.05 -73.10
C ALA F 20 -28.33 1.03 -71.98
N ALA F 21 -28.96 -0.12 -72.11
CA ALA F 21 -28.85 -1.18 -71.11
C ALA F 21 -27.39 -1.63 -71.06
N ALA F 22 -26.78 -1.78 -72.24
CA ALA F 22 -25.45 -2.36 -72.32
C ALA F 22 -24.48 -1.62 -71.39
N VAL F 23 -24.44 -0.28 -71.46
CA VAL F 23 -23.49 0.53 -70.73
C VAL F 23 -23.57 0.26 -69.23
N LEU F 24 -24.76 -0.08 -68.73
CA LEU F 24 -24.93 -0.30 -67.30
C LEU F 24 -24.34 -1.67 -66.95
N ILE F 25 -24.56 -2.67 -67.81
CA ILE F 25 -24.08 -4.02 -67.60
C ILE F 25 -22.55 -3.98 -67.59
N ASN F 26 -21.96 -3.35 -68.64
CA ASN F 26 -20.53 -3.15 -68.76
C ASN F 26 -19.95 -2.46 -67.52
N THR F 27 -20.55 -1.34 -67.11
CA THR F 27 -20.02 -0.52 -66.05
C THR F 27 -20.09 -1.30 -64.74
N SER F 28 -21.10 -2.14 -64.60
CA SER F 28 -21.27 -2.88 -63.36
C SER F 28 -20.12 -3.88 -63.25
N GLY F 29 -19.73 -4.46 -64.39
CA GLY F 29 -18.55 -5.32 -64.49
C GLY F 29 -17.27 -4.63 -64.02
N PHE F 30 -17.00 -3.44 -64.59
CA PHE F 30 -15.83 -2.66 -64.24
C PHE F 30 -15.78 -2.39 -62.74
N LEU F 31 -16.89 -1.97 -62.19
CA LEU F 31 -16.94 -1.62 -60.79
C LEU F 31 -16.78 -2.85 -59.92
N GLN F 32 -17.20 -4.03 -60.39
CA GLN F 32 -17.23 -5.20 -59.54
C GLN F 32 -15.81 -5.46 -59.03
N GLN F 33 -14.89 -5.59 -60.00
CA GLN F 33 -13.52 -5.95 -59.69
C GLN F 33 -12.93 -4.91 -58.75
N LYS F 34 -13.09 -3.63 -59.10
CA LYS F 34 -12.46 -2.53 -58.41
C LYS F 34 -12.88 -2.51 -56.94
N ALA F 35 -14.16 -2.80 -56.72
CA ALA F 35 -14.72 -2.78 -55.39
C ALA F 35 -14.13 -3.94 -54.58
N MET F 36 -14.20 -5.15 -55.17
CA MET F 36 -13.84 -6.36 -54.43
C MET F 36 -12.39 -6.27 -53.95
N ALA F 37 -11.51 -5.86 -54.87
CA ALA F 37 -10.08 -5.72 -54.60
C ALA F 37 -9.86 -4.71 -53.48
N THR F 38 -10.61 -3.61 -53.48
CA THR F 38 -10.35 -2.51 -52.56
C THR F 38 -10.62 -2.99 -51.14
N GLY F 39 -11.66 -3.82 -50.99
CA GLY F 39 -12.05 -4.38 -49.70
C GLY F 39 -10.99 -5.36 -49.18
N LYS F 40 -10.61 -6.31 -50.04
CA LYS F 40 -9.65 -7.34 -49.67
C LYS F 40 -8.38 -6.67 -49.17
N GLU F 41 -7.83 -5.79 -50.01
CA GLU F 41 -6.54 -5.18 -49.80
C GLU F 41 -6.57 -4.44 -48.47
N SER F 42 -7.60 -3.64 -48.27
CA SER F 42 -7.70 -2.82 -47.08
C SER F 42 -7.70 -3.69 -45.84
N THR F 43 -8.27 -4.90 -45.97
CA THR F 43 -8.46 -5.77 -44.81
C THR F 43 -7.10 -6.32 -44.39
N GLU F 44 -6.35 -6.79 -45.38
CA GLU F 44 -5.04 -7.38 -45.15
C GLU F 44 -4.11 -6.38 -44.48
N GLN F 45 -4.19 -5.11 -44.90
CA GLN F 45 -3.39 -4.02 -44.37
C GLN F 45 -3.58 -3.91 -42.86
N VAL F 46 -4.83 -3.85 -42.40
CA VAL F 46 -5.08 -3.60 -40.99
C VAL F 46 -4.64 -4.82 -40.18
N ALA F 47 -4.86 -6.00 -40.74
CA ALA F 47 -4.79 -7.27 -40.03
C ALA F 47 -3.35 -7.69 -39.74
N SER F 48 -2.36 -7.09 -40.41
CA SER F 48 -1.02 -7.67 -40.46
C SER F 48 0.05 -6.76 -39.86
N GLY F 49 1.11 -7.37 -39.32
CA GLY F 49 2.22 -6.59 -38.81
C GLY F 49 3.29 -7.45 -38.14
N LEU F 50 4.35 -6.82 -37.64
CA LEU F 50 5.45 -7.48 -36.97
C LEU F 50 5.62 -6.89 -35.58
N GLN F 51 6.25 -7.66 -34.68
CA GLN F 51 6.43 -7.27 -33.30
C GLN F 51 7.86 -7.60 -32.89
N VAL F 52 8.58 -6.65 -32.26
CA VAL F 52 9.94 -6.90 -31.82
C VAL F 52 9.91 -7.58 -30.48
N ILE F 53 10.44 -8.80 -30.40
CA ILE F 53 10.40 -9.60 -29.19
C ILE F 53 11.46 -9.04 -28.27
N ARG F 54 12.74 -9.09 -28.68
CA ARG F 54 13.85 -8.61 -27.85
C ARG F 54 14.96 -8.08 -28.75
N VAL F 55 15.85 -7.22 -28.23
CA VAL F 55 17.03 -6.84 -28.98
C VAL F 55 18.26 -7.12 -28.13
N LEU F 56 19.28 -7.76 -28.72
CA LEU F 56 20.50 -8.17 -28.03
C LEU F 56 21.73 -7.57 -28.73
N GLY F 57 22.86 -7.44 -28.02
CA GLY F 57 23.96 -6.62 -28.55
C GLY F 57 25.35 -6.92 -28.00
N ASN F 58 26.18 -7.55 -28.84
CA ASN F 58 27.57 -7.85 -28.51
C ASN F 58 28.34 -6.55 -28.27
N HIS F 59 29.37 -6.54 -27.39
CA HIS F 59 30.19 -5.33 -27.11
C HIS F 59 31.68 -5.57 -27.02
N SER F 60 32.49 -4.69 -27.62
CA SER F 60 33.96 -4.73 -27.54
C SER F 60 34.48 -3.32 -27.59
N GLY F 61 35.56 -3.05 -26.88
CA GLY F 61 36.10 -1.72 -27.00
C GLY F 61 35.19 -0.74 -26.29
N GLY F 62 34.69 0.26 -27.00
CA GLY F 62 33.90 1.23 -26.27
C GLY F 62 32.46 1.32 -26.76
N LYS F 63 32.03 0.28 -27.47
CA LYS F 63 30.86 0.43 -28.32
C LYS F 63 30.09 -0.86 -28.32
N ILE F 64 28.84 -0.79 -28.80
CA ILE F 64 28.16 -2.00 -29.19
C ILE F 64 28.35 -2.09 -30.70
N ASN F 65 28.82 -3.24 -31.19
CA ASN F 65 29.20 -3.33 -32.57
C ASN F 65 28.21 -4.11 -33.42
N TRP F 66 27.55 -5.14 -32.91
CA TRP F 66 26.56 -5.87 -33.66
C TRP F 66 25.23 -5.82 -32.89
N LEU F 67 24.08 -5.80 -33.57
CA LEU F 67 22.80 -5.93 -32.94
C LEU F 67 22.04 -7.10 -33.57
N ALA F 68 21.23 -7.81 -32.76
CA ALA F 68 20.42 -8.87 -33.27
C ALA F 68 19.02 -8.59 -32.79
N VAL F 69 18.14 -8.28 -33.75
CA VAL F 69 16.79 -7.83 -33.46
C VAL F 69 15.86 -9.01 -33.74
N LEU F 70 15.25 -9.57 -32.70
CA LEU F 70 14.40 -10.74 -32.86
C LEU F 70 12.99 -10.25 -33.11
N ILE F 71 12.31 -10.83 -34.11
CA ILE F 71 11.04 -10.28 -34.57
C ILE F 71 10.10 -11.41 -34.94
N SER F 72 8.77 -11.19 -34.81
CA SER F 72 7.81 -12.24 -35.08
C SER F 72 6.49 -11.62 -35.53
N PRO F 73 5.59 -12.35 -36.16
CA PRO F 73 4.33 -11.78 -36.64
C PRO F 73 3.37 -11.41 -35.53
N ASN F 74 2.46 -10.46 -35.80
CA ASN F 74 1.39 -10.10 -34.88
C ASN F 74 0.35 -11.18 -35.00
N ALA F 75 -0.48 -11.36 -33.98
CA ALA F 75 -1.47 -12.43 -34.04
C ALA F 75 -2.43 -12.17 -35.19
N GLY F 76 -2.70 -13.22 -35.97
CA GLY F 76 -3.74 -13.16 -37.00
C GLY F 76 -3.29 -12.43 -38.26
N SER F 77 -1.97 -12.34 -38.45
CA SER F 77 -1.40 -11.67 -39.60
C SER F 77 -1.23 -12.59 -40.79
N ALA F 78 -1.25 -12.00 -41.98
CA ALA F 78 -1.07 -12.79 -43.19
C ALA F 78 0.44 -12.91 -43.34
N PRO F 79 0.99 -13.79 -44.16
CA PRO F 79 2.43 -14.02 -44.17
C PRO F 79 3.22 -12.82 -44.66
N ILE F 80 4.32 -12.45 -43.96
CA ILE F 80 5.12 -11.30 -44.32
C ILE F 80 6.43 -11.74 -45.01
N ASP F 81 6.74 -11.21 -46.21
CA ASP F 81 7.90 -11.61 -47.00
C ASP F 81 9.03 -10.66 -46.71
N LEU F 82 9.98 -11.14 -45.91
CA LEU F 82 10.94 -10.22 -45.35
C LEU F 82 11.90 -9.76 -46.44
N SER F 83 11.89 -10.42 -47.60
CA SER F 83 12.87 -10.03 -48.59
C SER F 83 12.54 -8.67 -49.12
N GLN F 84 11.32 -8.21 -48.90
CA GLN F 84 10.93 -6.89 -49.33
C GLN F 84 10.74 -5.94 -48.15
N ALA F 85 11.28 -6.24 -46.96
CA ALA F 85 11.13 -5.34 -45.83
C ALA F 85 12.18 -4.25 -45.93
N THR F 86 12.13 -3.20 -45.07
CA THR F 86 13.20 -2.22 -44.97
C THR F 86 13.43 -1.82 -43.52
N VAL F 87 14.69 -1.67 -43.05
CA VAL F 87 14.90 -1.26 -41.67
C VAL F 87 15.56 0.09 -41.62
N MET F 88 15.17 0.93 -40.66
CA MET F 88 15.67 2.28 -40.59
C MET F 88 16.05 2.49 -39.14
N ILE F 89 17.26 2.97 -38.89
CA ILE F 89 17.79 3.10 -37.57
C ILE F 89 18.49 4.45 -37.46
N THR F 90 18.36 5.16 -36.32
CA THR F 90 19.16 6.36 -36.13
C THR F 90 19.68 6.48 -34.72
N ASP F 91 20.89 7.09 -34.62
CA ASP F 91 21.56 7.31 -33.35
C ASP F 91 21.54 8.78 -33.01
N GLY F 92 20.83 9.57 -33.82
CA GLY F 92 20.73 10.99 -33.55
C GLY F 92 21.87 11.81 -34.18
N THR F 93 22.89 11.12 -34.69
CA THR F 93 23.90 11.77 -35.51
C THR F 93 23.88 11.25 -36.95
N HIS F 94 23.46 10.01 -37.24
CA HIS F 94 23.27 9.55 -38.61
C HIS F 94 21.99 8.72 -38.77
N LYS F 95 21.51 8.47 -40.02
CA LYS F 95 20.28 7.70 -40.18
C LYS F 95 20.44 6.68 -41.31
N VAL F 96 20.80 5.43 -40.98
CA VAL F 96 21.10 4.43 -41.98
C VAL F 96 19.80 3.79 -42.33
N ILE F 97 19.68 3.32 -43.58
CA ILE F 97 18.60 2.46 -44.00
C ILE F 97 19.20 1.25 -44.68
N ALA F 98 18.69 0.03 -44.39
CA ALA F 98 19.36 -1.18 -44.82
C ALA F 98 18.39 -2.20 -45.36
N LYS F 99 18.83 -3.09 -46.27
CA LYS F 99 17.95 -3.98 -47.01
C LYS F 99 18.57 -5.37 -47.13
N TYR F 100 17.79 -6.41 -47.42
CA TYR F 100 18.23 -7.79 -47.24
C TYR F 100 19.21 -8.17 -48.33
N ASN F 101 20.32 -8.79 -47.94
CA ASN F 101 21.23 -9.38 -48.91
C ASN F 101 21.19 -10.88 -48.70
N SER F 102 20.74 -11.62 -49.72
CA SER F 102 20.38 -13.02 -49.62
C SER F 102 21.60 -13.86 -49.26
N THR F 103 22.80 -13.32 -49.44
CA THR F 103 24.01 -14.06 -49.17
C THR F 103 24.07 -14.52 -47.72
N PHE F 104 23.48 -13.75 -46.81
CA PHE F 104 23.71 -13.92 -45.38
C PHE F 104 22.51 -14.59 -44.69
N PHE F 105 22.24 -15.84 -45.06
CA PHE F 105 21.13 -16.59 -44.46
C PHE F 105 21.72 -17.77 -43.71
N ASN F 106 21.20 -18.05 -42.51
CA ASN F 106 21.54 -19.32 -41.88
C ASN F 106 20.26 -20.00 -41.39
N GLY F 107 19.89 -21.11 -42.03
CA GLY F 107 18.66 -21.76 -41.66
C GLY F 107 18.83 -22.74 -40.51
N THR F 108 20.04 -23.26 -40.38
CA THR F 108 20.23 -24.44 -39.59
C THR F 108 19.86 -24.16 -38.14
N LEU F 109 19.93 -22.91 -37.73
CA LEU F 109 19.83 -22.56 -36.32
C LEU F 109 18.39 -22.76 -35.86
N LYS F 110 17.50 -23.17 -36.75
CA LYS F 110 16.15 -23.53 -36.32
C LYS F 110 16.21 -24.69 -35.36
N ASN F 111 17.32 -25.42 -35.38
CA ASN F 111 17.53 -26.60 -34.57
C ASN F 111 18.53 -26.29 -33.46
N GLY F 112 18.70 -25.02 -33.10
CA GLY F 112 19.47 -24.70 -31.91
C GLY F 112 20.93 -24.41 -32.25
N GLY F 113 21.57 -23.58 -31.41
CA GLY F 113 22.97 -23.20 -31.58
C GLY F 113 23.23 -21.81 -31.00
N SER F 114 24.37 -21.20 -31.34
CA SER F 114 24.75 -19.88 -30.82
C SER F 114 24.55 -18.80 -31.87
N ILE F 115 23.79 -17.74 -31.50
CA ILE F 115 23.69 -16.53 -32.34
C ILE F 115 25.04 -15.87 -32.16
N PHE F 116 25.33 -14.82 -32.90
CA PHE F 116 26.56 -14.08 -32.67
C PHE F 116 27.80 -14.92 -32.91
N GLU F 117 27.64 -16.20 -33.28
CA GLU F 117 28.75 -16.97 -33.84
C GLU F 117 28.26 -17.81 -35.03
N ALA F 118 27.18 -17.38 -35.68
CA ALA F 118 26.66 -18.09 -36.83
C ALA F 118 27.57 -17.86 -38.01
N LYS F 119 27.77 -18.90 -38.83
CA LYS F 119 28.49 -18.77 -40.09
C LYS F 119 27.49 -18.52 -41.23
N TYR F 120 28.03 -18.22 -42.45
CA TYR F 120 27.26 -18.19 -43.69
C TYR F 120 28.10 -18.80 -44.81
N ASN F 121 27.51 -19.04 -46.00
CA ASN F 121 28.13 -19.86 -47.04
C ASN F 121 28.28 -19.08 -48.34
N ASN F 122 29.44 -18.42 -48.54
CA ASN F 122 29.86 -18.02 -49.87
C ASN F 122 30.26 -19.30 -50.58
N THR F 123 29.96 -19.45 -51.87
CA THR F 123 30.11 -20.77 -52.48
C THR F 123 31.54 -21.28 -52.26
N THR F 124 31.69 -22.54 -51.82
CA THR F 124 32.95 -23.22 -51.57
C THR F 124 33.53 -22.98 -50.17
N ALA F 125 32.92 -22.12 -49.34
CA ALA F 125 33.48 -21.89 -48.01
C ALA F 125 32.43 -21.58 -46.95
N LEU F 126 32.84 -21.62 -45.66
CA LEU F 126 32.03 -21.10 -44.56
C LEU F 126 32.81 -20.01 -43.82
N LYS F 127 32.14 -18.89 -43.53
CA LYS F 127 32.80 -17.72 -42.97
C LYS F 127 31.88 -17.07 -41.94
N PRO F 128 32.36 -16.29 -40.95
CA PRO F 128 31.48 -15.73 -39.91
C PRO F 128 30.55 -14.66 -40.45
N LEU F 129 29.28 -14.67 -40.03
CA LEU F 129 28.21 -13.85 -40.58
C LEU F 129 28.43 -12.39 -40.24
N PHE F 130 28.43 -12.08 -38.95
CA PHE F 130 28.31 -10.71 -38.53
C PHE F 130 29.45 -9.82 -39.03
N ASP F 131 30.67 -10.37 -39.01
CA ASP F 131 31.86 -9.64 -39.40
C ASP F 131 31.85 -9.31 -40.88
N ASP F 132 31.18 -10.11 -41.71
CA ASP F 132 31.25 -9.95 -43.16
C ASP F 132 30.12 -9.09 -43.72
N LEU F 133 29.04 -8.93 -42.96
CA LEU F 133 27.81 -8.28 -43.43
C LEU F 133 28.08 -6.83 -43.79
N PRO F 134 27.80 -6.35 -45.02
CA PRO F 134 28.06 -4.98 -45.46
C PRO F 134 27.28 -3.88 -44.75
N ALA F 135 27.76 -2.65 -44.94
CA ALA F 135 27.27 -1.57 -44.12
C ALA F 135 25.84 -1.21 -44.44
N THR F 136 25.34 -1.55 -45.62
CA THR F 136 24.00 -1.17 -45.99
C THR F 136 23.04 -2.35 -46.02
N ALA F 137 23.35 -3.48 -45.38
CA ALA F 137 22.54 -4.68 -45.57
C ALA F 137 22.23 -5.34 -44.25
N PHE F 138 21.13 -6.10 -44.22
CA PHE F 138 20.86 -6.94 -43.05
C PHE F 138 20.73 -8.38 -43.44
N GLY F 139 21.10 -9.26 -42.51
CA GLY F 139 21.05 -10.69 -42.77
C GLY F 139 19.98 -11.29 -41.87
N ILE F 140 19.64 -12.57 -42.04
CA ILE F 140 18.51 -13.16 -41.33
C ILE F 140 18.87 -14.58 -40.87
N VAL F 141 18.50 -14.93 -39.63
CA VAL F 141 18.82 -16.22 -39.03
C VAL F 141 17.58 -16.82 -38.38
N VAL F 142 17.14 -17.99 -38.86
CA VAL F 142 15.84 -18.55 -38.52
C VAL F 142 16.02 -19.24 -37.18
N LEU F 143 15.22 -18.80 -36.20
CA LEU F 143 15.36 -19.36 -34.88
C LEU F 143 14.22 -20.33 -34.61
N GLN F 144 12.99 -20.09 -35.12
CA GLN F 144 11.91 -21.07 -34.96
C GLN F 144 11.00 -21.03 -36.17
N ASP F 145 10.79 -22.18 -36.82
CA ASP F 145 9.96 -22.30 -38.03
C ASP F 145 9.53 -23.75 -38.21
N ALA F 146 8.24 -24.00 -38.02
CA ALA F 146 7.73 -25.36 -37.96
C ALA F 146 7.59 -25.93 -39.36
N ASP F 147 7.30 -25.09 -40.35
CA ASP F 147 6.79 -25.54 -41.64
C ASP F 147 7.71 -25.16 -42.80
N THR F 148 8.99 -24.93 -42.49
CA THR F 148 10.05 -24.68 -43.46
C THR F 148 9.69 -23.52 -44.40
N SER F 149 8.91 -22.58 -43.89
CA SER F 149 8.43 -21.46 -44.68
C SER F 149 9.53 -20.49 -45.06
N CYS F 150 10.56 -20.35 -44.23
CA CYS F 150 11.71 -19.54 -44.61
C CYS F 150 12.69 -20.33 -45.50
N SER F 151 12.92 -19.82 -46.72
CA SER F 151 13.97 -20.28 -47.62
C SER F 151 14.87 -19.10 -48.00
N LYS F 152 16.15 -19.37 -48.28
CA LYS F 152 17.16 -18.33 -48.47
C LYS F 152 16.73 -17.32 -49.51
N ASP F 153 16.11 -17.76 -50.60
CA ASP F 153 15.67 -16.84 -51.64
C ASP F 153 14.33 -16.18 -51.36
N THR F 154 13.52 -16.68 -50.40
CA THR F 154 12.19 -16.15 -50.07
C THR F 154 11.83 -16.32 -48.58
N PRO F 155 12.29 -15.45 -47.68
CA PRO F 155 12.02 -15.61 -46.28
C PRO F 155 10.63 -15.11 -45.91
N VAL F 156 9.63 -15.99 -46.04
CA VAL F 156 8.28 -15.63 -45.65
C VAL F 156 7.96 -16.17 -44.27
N ILE F 157 7.65 -15.31 -43.29
CA ILE F 157 7.37 -15.76 -41.94
C ILE F 157 5.88 -15.86 -41.69
N ASN F 158 5.41 -16.97 -41.08
CA ASN F 158 3.99 -17.20 -40.81
C ASN F 158 3.80 -17.50 -39.35
N LYS F 159 2.54 -17.68 -38.91
CA LYS F 159 2.21 -17.64 -37.49
C LYS F 159 3.05 -18.65 -36.74
N GLY F 160 3.76 -18.18 -35.72
CA GLY F 160 4.54 -19.07 -34.88
C GLY F 160 6.05 -18.87 -35.06
N ASP F 161 6.45 -18.25 -36.16
CA ASP F 161 7.87 -18.21 -36.48
C ASP F 161 8.58 -17.14 -35.65
N ILE F 162 9.89 -17.31 -35.38
CA ILE F 162 10.73 -16.25 -34.81
C ILE F 162 12.03 -16.22 -35.60
N VAL F 163 12.56 -15.02 -35.87
CA VAL F 163 13.70 -14.86 -36.74
C VAL F 163 14.47 -13.62 -36.36
N ALA F 164 15.79 -13.63 -36.59
CA ALA F 164 16.63 -12.58 -36.03
C ALA F 164 17.23 -11.80 -37.18
N ILE F 165 17.01 -10.50 -37.17
CA ILE F 165 17.52 -9.61 -38.18
C ILE F 165 18.86 -9.19 -37.62
N CYS F 166 19.91 -9.43 -38.37
CA CYS F 166 21.27 -9.20 -37.92
C CYS F 166 21.83 -7.97 -38.62
N LEU F 167 22.32 -6.97 -37.86
CA LEU F 167 22.86 -5.72 -38.37
C LEU F 167 24.22 -5.45 -37.75
N ASN F 168 25.20 -5.01 -38.56
CA ASN F 168 26.54 -4.73 -38.07
C ASN F 168 26.66 -3.25 -38.16
N VAL F 169 26.84 -2.59 -37.00
CA VAL F 169 26.68 -1.14 -36.92
C VAL F 169 27.98 -0.47 -36.55
N SER F 170 29.09 -1.18 -36.59
CA SER F 170 30.31 -0.82 -35.93
C SER F 170 30.82 0.53 -36.39
N ASN F 171 30.71 0.81 -37.69
CA ASN F 171 31.21 2.07 -38.21
C ASN F 171 30.10 3.05 -38.61
N THR F 172 28.86 2.56 -38.75
CA THR F 172 27.76 3.32 -39.28
C THR F 172 27.09 4.14 -38.18
N LEU F 173 26.83 3.55 -37.01
CA LEU F 173 26.24 4.29 -35.90
C LEU F 173 27.13 4.15 -34.65
N ASN F 174 27.27 5.22 -33.85
CA ASN F 174 28.34 5.27 -32.86
C ASN F 174 27.80 4.98 -31.46
N LEU F 175 27.47 3.71 -31.17
CA LEU F 175 26.67 3.37 -30.00
C LEU F 175 27.54 3.28 -28.74
N LYS F 176 27.97 4.44 -28.25
CA LYS F 176 28.61 4.51 -26.95
C LYS F 176 27.54 4.53 -25.86
N PRO F 177 27.88 4.56 -24.56
CA PRO F 177 26.88 4.50 -23.51
C PRO F 177 25.89 5.66 -23.54
N ARG F 178 24.76 5.48 -22.88
CA ARG F 178 23.82 6.57 -22.69
C ARG F 178 23.29 7.12 -24.03
N THR F 179 23.23 6.30 -25.08
CA THR F 179 22.86 6.76 -26.41
C THR F 179 21.49 6.23 -26.84
N LYS F 180 20.61 7.09 -27.35
CA LYS F 180 19.26 6.69 -27.74
C LYS F 180 19.28 6.17 -29.18
N VAL F 181 18.56 5.07 -29.43
CA VAL F 181 18.49 4.48 -30.76
C VAL F 181 17.02 4.29 -31.08
N THR F 182 16.62 4.66 -32.30
CA THR F 182 15.21 4.70 -32.65
C THR F 182 15.09 4.09 -34.04
N GLY F 183 13.97 3.44 -34.34
CA GLY F 183 13.85 2.91 -35.69
C GLY F 183 12.63 2.03 -35.91
N ALA F 184 12.56 1.41 -37.09
CA ALA F 184 11.45 0.56 -37.43
C ALA F 184 11.86 -0.45 -38.50
N VAL F 185 11.27 -1.64 -38.43
CA VAL F 185 11.30 -2.55 -39.55
C VAL F 185 9.95 -2.43 -40.23
N ILE F 186 9.97 -2.06 -41.51
CA ILE F 186 8.77 -1.67 -42.24
C ILE F 186 8.50 -2.74 -43.28
N PRO F 187 7.38 -3.50 -43.17
CA PRO F 187 7.05 -4.48 -44.18
C PRO F 187 6.32 -3.88 -45.36
N GLU F 188 6.08 -4.73 -46.37
CA GLU F 188 5.51 -4.35 -47.64
C GLU F 188 4.09 -3.89 -47.41
N PHE F 189 3.40 -4.57 -46.51
CA PHE F 189 2.13 -4.11 -45.99
C PHE F 189 2.02 -4.45 -44.52
N GLY F 190 1.19 -3.69 -43.80
CA GLY F 190 1.03 -3.97 -42.38
C GLY F 190 1.90 -3.07 -41.52
N ALA F 191 1.73 -3.18 -40.20
CA ALA F 191 2.19 -2.15 -39.29
C ALA F 191 3.66 -2.39 -38.95
N PRO F 192 4.49 -1.33 -38.84
CA PRO F 192 5.89 -1.51 -38.54
C PRO F 192 6.17 -1.94 -37.11
N ALA F 193 7.30 -2.61 -36.93
CA ALA F 193 7.79 -2.91 -35.60
C ALA F 193 8.65 -1.74 -35.15
N VAL F 194 8.55 -1.31 -33.88
CA VAL F 194 9.24 -0.12 -33.42
C VAL F 194 10.40 -0.49 -32.51
N ILE F 195 11.62 -0.11 -32.90
CA ILE F 195 12.84 -0.35 -32.14
C ILE F 195 13.06 0.91 -31.33
N SER F 196 13.31 0.79 -30.03
CA SER F 196 13.46 1.98 -29.22
C SER F 196 14.15 1.63 -27.92
N PHE F 197 15.42 2.06 -27.77
CA PHE F 197 16.16 1.70 -26.59
C PHE F 197 17.24 2.73 -26.30
N THR F 198 17.65 2.78 -25.05
CA THR F 198 18.77 3.64 -24.71
C THR F 198 19.84 2.74 -24.13
N THR F 199 21.08 2.85 -24.63
CA THR F 199 22.08 1.88 -24.24
C THR F 199 22.38 2.13 -22.78
N PRO F 200 22.80 1.13 -21.99
CA PRO F 200 23.09 1.27 -20.58
C PRO F 200 24.06 2.39 -20.19
N ALA F 201 24.06 2.69 -18.90
CA ALA F 201 24.94 3.72 -18.38
C ALA F 201 26.38 3.20 -18.30
N THR F 202 26.56 1.89 -18.16
CA THR F 202 27.89 1.32 -17.96
C THR F 202 27.97 -0.03 -18.66
N TYR F 203 29.07 -0.25 -19.37
CA TYR F 203 29.28 -1.52 -19.98
C TYR F 203 30.37 -2.21 -19.14
N LEU F 204 30.20 -3.49 -18.77
CA LEU F 204 31.17 -4.20 -17.97
C LEU F 204 31.86 -5.31 -18.78
N ASP F 205 33.18 -5.50 -18.57
CA ASP F 205 33.98 -6.44 -19.37
C ASP F 205 33.60 -7.90 -19.09
N THR F 206 32.86 -8.14 -18.01
CA THR F 206 32.45 -9.49 -17.65
C THR F 206 31.17 -9.87 -18.38
N GLN F 207 30.54 -8.94 -19.09
CA GLN F 207 29.21 -9.15 -19.65
C GLN F 207 29.15 -8.61 -21.09
N HIS F 208 29.80 -9.30 -22.03
CA HIS F 208 29.89 -8.75 -23.36
C HIS F 208 28.60 -8.80 -24.16
N ILE F 209 27.61 -9.64 -23.77
CA ILE F 209 26.34 -9.61 -24.45
C ILE F 209 25.28 -8.96 -23.57
N ILE F 210 24.58 -7.94 -24.11
CA ILE F 210 23.70 -7.06 -23.37
C ILE F 210 22.30 -7.17 -23.90
N GLU F 211 21.30 -7.10 -23.00
CA GLU F 211 19.92 -7.16 -23.44
C GLU F 211 19.41 -5.74 -23.46
N LEU F 212 18.97 -5.25 -24.62
CA LEU F 212 18.78 -3.83 -24.80
C LEU F 212 17.30 -3.45 -24.74
N GLN F 213 16.41 -4.32 -25.23
CA GLN F 213 14.97 -4.11 -25.19
C GLN F 213 14.31 -5.48 -24.97
N ALA G 1 -45.55 2.04 -78.75
CA ALA G 1 -44.09 2.15 -79.08
C ALA G 1 -43.27 2.31 -77.79
N ILE G 2 -43.71 3.24 -76.93
CA ILE G 2 -43.00 3.61 -75.71
C ILE G 2 -42.92 2.42 -74.77
N GLY G 3 -44.03 1.67 -74.66
CA GLY G 3 -44.16 0.58 -73.71
C GLY G 3 -42.99 -0.40 -73.80
N ILE G 4 -42.68 -0.79 -75.04
CA ILE G 4 -41.69 -1.81 -75.36
C ILE G 4 -40.37 -1.49 -74.65
N GLY G 5 -39.88 -0.28 -74.85
CA GLY G 5 -38.58 0.05 -74.29
C GLY G 5 -38.57 0.01 -72.76
N THR G 6 -39.68 0.38 -72.13
CA THR G 6 -39.75 0.50 -70.68
C THR G 6 -39.40 -0.84 -70.07
N LEU G 7 -39.95 -1.90 -70.69
CA LEU G 7 -39.77 -3.26 -70.21
C LEU G 7 -38.29 -3.58 -70.27
N ILE G 8 -37.66 -3.32 -71.42
CA ILE G 8 -36.29 -3.71 -71.66
C ILE G 8 -35.40 -3.06 -70.62
N ILE G 9 -35.49 -1.75 -70.41
CA ILE G 9 -34.54 -1.16 -69.50
C ILE G 9 -34.80 -1.62 -68.06
N PHE G 10 -36.05 -1.97 -67.75
CA PHE G 10 -36.38 -2.48 -66.42
C PHE G 10 -35.51 -3.69 -66.15
N ILE G 11 -35.38 -4.59 -67.13
CA ILE G 11 -34.57 -5.80 -66.97
C ILE G 11 -33.16 -5.42 -66.55
N ALA G 12 -32.60 -4.39 -67.17
CA ALA G 12 -31.24 -4.01 -66.85
C ALA G 12 -31.15 -3.55 -65.40
N MET G 13 -32.11 -2.74 -64.95
CA MET G 13 -32.09 -2.20 -63.59
C MET G 13 -31.95 -3.34 -62.60
N VAL G 14 -32.69 -4.44 -62.84
CA VAL G 14 -32.77 -5.60 -61.97
C VAL G 14 -31.39 -6.20 -61.87
N LEU G 15 -30.81 -6.50 -63.03
CA LEU G 15 -29.55 -7.21 -63.10
C LEU G 15 -28.47 -6.38 -62.43
N VAL G 16 -28.46 -5.06 -62.63
CA VAL G 16 -27.40 -4.21 -62.10
C VAL G 16 -27.48 -4.18 -60.58
N ALA G 17 -28.69 -4.10 -60.02
CA ALA G 17 -28.87 -4.13 -58.57
C ALA G 17 -28.41 -5.48 -58.03
N ALA G 18 -28.69 -6.54 -58.77
CA ALA G 18 -28.32 -7.90 -58.38
C ALA G 18 -26.81 -7.98 -58.26
N VAL G 19 -26.10 -7.51 -59.29
CA VAL G 19 -24.65 -7.57 -59.34
C VAL G 19 -24.07 -6.80 -58.16
N ALA G 20 -24.64 -5.66 -57.83
CA ALA G 20 -24.13 -4.86 -56.73
C ALA G 20 -24.36 -5.58 -55.39
N ALA G 21 -25.51 -6.23 -55.28
CA ALA G 21 -25.82 -6.93 -54.05
C ALA G 21 -24.79 -8.02 -53.82
N ALA G 22 -24.44 -8.73 -54.90
CA ALA G 22 -23.51 -9.83 -54.83
C ALA G 22 -22.22 -9.36 -54.17
N VAL G 23 -21.73 -8.17 -54.55
CA VAL G 23 -20.50 -7.63 -53.99
C VAL G 23 -20.64 -7.55 -52.47
N LEU G 24 -21.75 -7.00 -52.02
CA LEU G 24 -21.90 -6.67 -50.61
C LEU G 24 -21.96 -7.96 -49.81
N ILE G 25 -22.73 -8.94 -50.32
CA ILE G 25 -22.96 -10.22 -49.66
C ILE G 25 -21.62 -10.95 -49.55
N ASN G 26 -20.95 -11.11 -50.70
CA ASN G 26 -19.67 -11.79 -50.81
C ASN G 26 -18.66 -11.19 -49.84
N THR G 27 -18.50 -9.87 -49.92
CA THR G 27 -17.50 -9.14 -49.15
C THR G 27 -17.73 -9.41 -47.67
N SER G 28 -19.00 -9.43 -47.26
CA SER G 28 -19.34 -9.63 -45.86
C SER G 28 -18.84 -11.00 -45.44
N GLY G 29 -19.05 -11.99 -46.33
CA GLY G 29 -18.53 -13.34 -46.17
C GLY G 29 -17.02 -13.35 -45.98
N PHE G 30 -16.30 -12.66 -46.87
CA PHE G 30 -14.84 -12.63 -46.86
C PHE G 30 -14.32 -12.08 -45.53
N LEU G 31 -15.04 -11.12 -44.97
CA LEU G 31 -14.60 -10.47 -43.75
C LEU G 31 -14.94 -11.34 -42.56
N GLN G 32 -16.02 -12.11 -42.64
CA GLN G 32 -16.51 -12.84 -41.49
C GLN G 32 -15.39 -13.72 -40.95
N GLN G 33 -14.70 -14.41 -41.87
CA GLN G 33 -13.62 -15.33 -41.57
C GLN G 33 -12.58 -14.63 -40.70
N LYS G 34 -11.99 -13.56 -41.23
CA LYS G 34 -10.83 -12.91 -40.64
C LYS G 34 -11.23 -12.26 -39.31
N ALA G 35 -12.46 -11.76 -39.25
CA ALA G 35 -12.92 -11.09 -38.06
C ALA G 35 -12.82 -12.08 -36.90
N MET G 36 -13.41 -13.26 -37.08
CA MET G 36 -13.44 -14.23 -36.00
C MET G 36 -12.01 -14.63 -35.65
N ALA G 37 -11.24 -15.00 -36.68
CA ALA G 37 -9.90 -15.52 -36.53
C ALA G 37 -9.09 -14.61 -35.62
N THR G 38 -9.18 -13.30 -35.85
CA THR G 38 -8.35 -12.32 -35.18
C THR G 38 -8.64 -12.35 -33.69
N GLY G 39 -9.92 -12.44 -33.35
CA GLY G 39 -10.34 -12.37 -31.97
C GLY G 39 -9.85 -13.59 -31.18
N LYS G 40 -10.06 -14.77 -31.76
CA LYS G 40 -9.70 -16.01 -31.10
C LYS G 40 -8.20 -16.01 -30.86
N GLU G 41 -7.43 -15.78 -31.92
CA GLU G 41 -5.98 -15.77 -31.86
C GLU G 41 -5.49 -14.81 -30.78
N SER G 42 -6.05 -13.61 -30.74
CA SER G 42 -5.55 -12.58 -29.86
C SER G 42 -5.80 -12.97 -28.41
N THR G 43 -6.92 -13.64 -28.15
CA THR G 43 -7.28 -14.00 -26.80
C THR G 43 -6.30 -15.08 -26.33
N GLU G 44 -6.07 -16.09 -27.15
CA GLU G 44 -5.21 -17.20 -26.78
C GLU G 44 -3.82 -16.69 -26.44
N GLN G 45 -3.38 -15.64 -27.15
CA GLN G 45 -2.07 -15.02 -26.93
C GLN G 45 -2.02 -14.39 -25.55
N VAL G 46 -3.03 -13.61 -25.18
CA VAL G 46 -2.90 -12.84 -23.94
C VAL G 46 -3.05 -13.75 -22.73
N ALA G 47 -3.78 -14.85 -22.88
CA ALA G 47 -4.17 -15.70 -21.77
C ALA G 47 -3.11 -16.74 -21.43
N SER G 48 -2.36 -17.18 -22.44
CA SER G 48 -1.48 -18.33 -22.25
C SER G 48 -0.06 -17.90 -21.89
N GLY G 49 0.69 -18.83 -21.28
CA GLY G 49 2.04 -18.55 -20.80
C GLY G 49 2.58 -19.68 -19.94
N LEU G 50 3.85 -19.57 -19.52
CA LEU G 50 4.48 -20.51 -18.61
C LEU G 50 5.17 -19.72 -17.51
N LEU G 51 5.44 -20.39 -16.38
CA LEU G 51 5.94 -19.74 -15.20
C LEU G 51 6.99 -20.61 -14.53
N CYS G 52 8.13 -19.99 -14.18
CA CYS G 52 9.29 -20.65 -13.61
C CYS G 52 9.10 -20.85 -12.14
N SER G 53 9.47 -22.02 -11.66
CA SER G 53 9.05 -22.44 -10.35
C SER G 53 10.27 -22.53 -9.47
N GLY G 54 11.40 -22.86 -10.09
CA GLY G 54 12.63 -23.11 -9.35
C GLY G 54 13.73 -23.48 -10.33
N VAL G 55 14.99 -23.28 -9.94
CA VAL G 55 16.12 -23.81 -10.67
C VAL G 55 17.07 -24.46 -9.68
N THR G 56 17.66 -25.62 -10.06
CA THR G 56 18.67 -26.27 -9.24
C THR G 56 19.82 -26.82 -10.07
N GLY G 57 20.99 -27.08 -9.42
CA GLY G 57 22.18 -27.31 -10.22
C GLY G 57 23.27 -28.14 -9.54
N HIS G 58 24.21 -28.75 -10.30
CA HIS G 58 25.15 -29.73 -9.76
C HIS G 58 26.56 -29.22 -9.89
N TYR G 59 27.35 -29.24 -8.80
CA TYR G 59 28.68 -28.66 -8.79
C TYR G 59 29.72 -29.76 -8.82
N VAL G 60 30.63 -29.74 -9.79
CA VAL G 60 31.76 -30.67 -9.81
C VAL G 60 32.95 -30.00 -9.15
N LYS G 61 33.64 -30.69 -8.24
CA LYS G 61 34.64 -30.07 -7.40
C LYS G 61 35.73 -29.43 -8.24
N ASN G 62 36.11 -28.21 -7.86
CA ASN G 62 37.20 -27.49 -8.47
C ASN G 62 36.89 -27.14 -9.93
N LYS G 63 35.62 -27.30 -10.36
CA LYS G 63 35.27 -27.00 -11.74
C LYS G 63 34.17 -25.96 -11.87
N GLY G 64 33.02 -26.14 -11.19
CA GLY G 64 31.89 -25.24 -11.34
C GLY G 64 30.58 -25.98 -11.66
N ILE G 65 29.53 -25.24 -12.01
CA ILE G 65 28.23 -25.86 -12.18
C ILE G 65 28.20 -26.52 -13.55
N ASP G 66 27.82 -27.79 -13.57
CA ASP G 66 28.00 -28.62 -14.74
C ASP G 66 26.70 -28.74 -15.50
N ARG G 67 25.58 -28.87 -14.76
CA ARG G 67 24.24 -29.09 -15.29
C ARG G 67 23.20 -28.34 -14.43
N ILE G 68 22.03 -28.01 -15.01
CA ILE G 68 20.95 -27.31 -14.34
C ILE G 68 19.59 -27.89 -14.70
N VAL G 69 18.61 -27.87 -13.75
CA VAL G 69 17.25 -28.33 -13.98
C VAL G 69 16.25 -27.26 -13.63
N ILE G 70 15.41 -26.88 -14.60
CA ILE G 70 14.54 -25.73 -14.50
C ILE G 70 13.12 -26.26 -14.40
N TYR G 71 12.37 -25.87 -13.38
CA TYR G 71 11.04 -26.43 -13.18
C TYR G 71 10.05 -25.43 -13.75
N ILE G 72 9.08 -25.93 -14.53
CA ILE G 72 8.20 -25.06 -15.28
C ILE G 72 6.77 -25.55 -15.18
N THR G 73 5.81 -24.60 -15.19
CA THR G 73 4.39 -24.85 -14.94
C THR G 73 3.58 -23.85 -15.74
N PRO G 74 2.33 -24.13 -16.11
CA PRO G 74 1.56 -23.17 -16.90
C PRO G 74 0.83 -22.18 -16.02
N ASN G 75 0.51 -20.99 -16.53
CA ASN G 75 -0.16 -19.98 -15.71
C ASN G 75 -1.64 -20.30 -15.60
N ALA G 76 -2.30 -19.78 -14.57
CA ALA G 76 -3.74 -20.02 -14.42
C ALA G 76 -4.46 -19.70 -15.72
N GLY G 77 -5.30 -20.61 -16.21
CA GLY G 77 -6.21 -20.30 -17.30
C GLY G 77 -5.57 -20.44 -18.68
N SER G 78 -4.27 -20.70 -18.72
CA SER G 78 -3.57 -20.83 -19.99
C SER G 78 -4.04 -22.01 -20.81
N ALA G 79 -4.05 -21.85 -22.12
CA ALA G 79 -4.48 -22.92 -23.00
C ALA G 79 -3.27 -23.84 -23.09
N PRO G 80 -3.39 -25.09 -23.57
CA PRO G 80 -2.28 -26.03 -23.46
C PRO G 80 -1.09 -25.65 -24.33
N ILE G 81 0.13 -25.84 -23.83
CA ILE G 81 1.34 -25.41 -24.49
C ILE G 81 2.14 -26.62 -25.01
N ASP G 82 2.50 -26.54 -26.29
CA ASP G 82 3.04 -27.64 -27.07
C ASP G 82 4.53 -27.59 -26.86
N LEU G 83 4.99 -28.30 -25.84
CA LEU G 83 6.30 -28.00 -25.31
C LEU G 83 7.36 -28.21 -26.37
N LYS G 84 7.09 -29.06 -27.38
CA LYS G 84 8.16 -29.55 -28.24
C LYS G 84 8.45 -28.53 -29.31
N GLN G 85 7.70 -27.44 -29.34
CA GLN G 85 8.01 -26.38 -30.27
C GLN G 85 8.64 -25.19 -29.55
N CYS G 86 8.79 -25.22 -28.23
CA CYS G 86 9.25 -24.03 -27.50
C CYS G 86 10.76 -23.97 -27.54
N LYS G 87 11.37 -22.77 -27.56
CA LYS G 87 12.82 -22.62 -27.61
C LYS G 87 13.31 -21.89 -26.38
N LEU G 88 14.49 -22.26 -25.84
CA LEU G 88 14.99 -21.69 -24.60
C LEU G 88 16.26 -20.93 -24.91
N PHE G 89 16.25 -19.62 -24.58
CA PHE G 89 17.37 -18.74 -24.84
C PHE G 89 18.06 -18.44 -23.52
N LEU G 90 19.38 -18.56 -23.49
CA LEU G 90 20.13 -18.30 -22.28
C LEU G 90 21.34 -17.45 -22.63
N MET G 91 21.66 -16.48 -21.77
CA MET G 91 22.78 -15.57 -21.90
C MET G 91 23.69 -15.70 -20.70
N TYR G 92 25.00 -15.55 -20.93
CA TYR G 92 26.03 -15.66 -19.91
C TYR G 92 27.23 -14.85 -20.37
N ASP G 93 28.44 -15.18 -19.93
CA ASP G 93 29.51 -14.19 -19.96
C ASP G 93 30.01 -13.94 -21.37
N GLY G 94 29.66 -14.80 -22.30
CA GLY G 94 30.19 -14.52 -23.62
C GLY G 94 29.39 -15.11 -24.79
N LYS G 95 28.25 -15.70 -24.50
CA LYS G 95 27.57 -16.59 -25.40
C LYS G 95 26.08 -16.39 -25.17
N ALA G 96 25.29 -16.51 -26.23
CA ALA G 96 23.85 -16.45 -26.16
C ALA G 96 23.33 -17.57 -27.03
N VAL G 97 22.75 -18.59 -26.39
CA VAL G 97 22.56 -19.89 -26.99
C VAL G 97 21.07 -20.15 -27.05
N SER G 98 20.60 -20.75 -28.15
CA SER G 98 19.23 -21.21 -28.23
C SER G 98 19.24 -22.74 -28.22
N LEU G 99 18.39 -23.40 -27.43
CA LEU G 99 18.30 -24.85 -27.36
C LEU G 99 16.92 -25.37 -27.82
N ASN G 100 16.84 -26.52 -28.54
CA ASN G 100 15.56 -27.03 -29.05
C ASN G 100 15.22 -28.37 -28.42
N PHE G 101 13.94 -28.71 -28.25
CA PHE G 101 13.49 -29.96 -27.63
C PHE G 101 14.08 -31.17 -28.32
N SER G 102 14.30 -32.23 -27.57
CA SER G 102 14.82 -33.46 -28.14
C SER G 102 14.23 -34.61 -27.34
N LYS G 103 14.03 -35.76 -27.98
CA LYS G 103 13.34 -36.83 -27.30
C LYS G 103 14.25 -37.46 -26.25
N TYR G 104 13.66 -37.80 -25.09
CA TYR G 104 14.22 -38.64 -24.04
C TYR G 104 14.47 -40.01 -24.68
N ASP G 105 15.08 -40.97 -24.01
CA ASP G 105 15.30 -42.25 -24.65
C ASP G 105 13.98 -42.92 -25.08
N THR G 106 13.81 -43.11 -26.40
CA THR G 106 12.79 -43.97 -27.03
C THR G 106 11.37 -43.43 -26.86
N ASN G 107 11.19 -42.41 -26.02
CA ASN G 107 9.86 -41.95 -25.63
C ASN G 107 9.88 -40.41 -25.56
N THR G 108 8.72 -39.76 -25.65
CA THR G 108 8.76 -38.33 -25.88
C THR G 108 9.26 -37.58 -24.65
N VAL G 109 8.96 -38.08 -23.45
CA VAL G 109 9.20 -37.35 -22.21
C VAL G 109 9.48 -38.41 -21.16
N GLY G 110 10.51 -38.21 -20.33
CA GLY G 110 10.90 -39.24 -19.38
C GLY G 110 9.85 -39.40 -18.27
N ASP G 111 9.22 -40.59 -18.15
CA ASP G 111 8.10 -40.75 -17.22
C ASP G 111 8.56 -41.05 -15.80
N PHE G 112 8.64 -40.00 -14.99
CA PHE G 112 8.93 -40.15 -13.60
C PHE G 112 7.79 -39.57 -12.79
N THR G 113 6.56 -39.87 -13.22
CA THR G 113 5.37 -39.45 -12.51
C THR G 113 5.34 -40.07 -11.11
N ASN G 114 6.08 -41.17 -10.91
CA ASN G 114 6.09 -41.86 -9.63
C ASN G 114 7.46 -41.80 -8.93
N GLY G 115 8.23 -40.72 -9.13
CA GLY G 115 9.32 -40.40 -8.21
C GLY G 115 10.71 -40.77 -8.73
N ILE G 116 11.76 -40.09 -8.24
CA ILE G 116 13.12 -40.27 -8.69
C ILE G 116 14.00 -40.34 -7.48
N LYS G 117 14.93 -41.30 -7.44
CA LYS G 117 15.85 -41.47 -6.34
C LYS G 117 16.76 -40.26 -6.24
N ASP G 118 17.26 -39.79 -7.39
CA ASP G 118 18.09 -38.59 -7.47
C ASP G 118 18.08 -38.06 -8.90
N ILE G 119 17.69 -36.79 -9.10
CA ILE G 119 17.42 -36.23 -10.41
C ILE G 119 18.74 -36.11 -11.17
N PHE G 120 19.87 -36.21 -10.49
CA PHE G 120 21.14 -36.02 -11.16
C PHE G 120 21.93 -37.32 -11.32
N ASN G 121 21.48 -38.44 -10.77
CA ASN G 121 22.23 -39.69 -10.92
C ASN G 121 22.06 -40.17 -12.35
N THR G 122 23.21 -40.41 -13.01
CA THR G 122 23.26 -40.60 -14.46
C THR G 122 22.51 -41.85 -14.91
N THR G 123 22.66 -42.98 -14.17
CA THR G 123 22.10 -44.24 -14.61
C THR G 123 20.60 -44.28 -14.49
N VAL G 124 20.05 -43.58 -13.51
CA VAL G 124 18.61 -43.53 -13.31
C VAL G 124 18.01 -42.63 -14.38
N VAL G 125 18.63 -41.46 -14.65
CA VAL G 125 17.91 -40.36 -15.27
C VAL G 125 18.13 -40.27 -16.77
N LYS G 126 19.26 -40.74 -17.29
CA LYS G 126 19.49 -40.64 -18.73
C LYS G 126 19.65 -39.20 -19.23
N TRP G 127 20.77 -38.57 -18.85
CA TRP G 127 21.12 -37.21 -19.26
C TRP G 127 21.69 -37.19 -20.66
N ASN G 128 21.97 -38.33 -21.29
CA ASN G 128 22.89 -38.36 -22.43
C ASN G 128 22.44 -37.57 -23.65
N ASN G 129 21.14 -37.39 -23.88
CA ASN G 129 20.65 -36.65 -25.04
C ASN G 129 20.69 -35.14 -24.82
N ALA G 130 21.21 -34.66 -23.69
CA ALA G 130 21.35 -33.22 -23.51
C ALA G 130 22.63 -32.74 -24.21
N ASP G 131 22.57 -32.57 -25.53
CA ASP G 131 23.67 -32.18 -26.39
C ASP G 131 23.88 -30.68 -26.21
N ALA G 132 24.84 -30.10 -26.94
CA ALA G 132 25.20 -28.73 -26.65
C ALA G 132 24.14 -27.82 -27.25
N THR G 133 23.21 -28.38 -28.01
CA THR G 133 22.18 -27.59 -28.66
C THR G 133 20.75 -28.03 -28.37
N SER G 134 20.50 -28.91 -27.37
CA SER G 134 19.12 -29.28 -27.04
C SER G 134 18.85 -29.48 -25.55
N PHE G 135 17.54 -29.52 -25.19
CA PHE G 135 17.13 -29.95 -23.87
C PHE G 135 16.23 -31.18 -23.92
N VAL G 136 16.01 -31.79 -22.72
CA VAL G 136 15.06 -32.87 -22.61
C VAL G 136 14.14 -32.59 -21.42
N VAL G 137 12.98 -33.23 -21.38
CA VAL G 137 11.92 -32.91 -20.43
C VAL G 137 11.60 -34.16 -19.62
N VAL G 138 11.46 -34.00 -18.30
CA VAL G 138 11.16 -35.07 -17.38
C VAL G 138 9.85 -34.70 -16.73
N ALA G 139 8.87 -35.62 -16.74
CA ALA G 139 7.51 -35.29 -16.32
C ALA G 139 7.36 -35.67 -14.85
N LEU G 140 7.03 -34.67 -14.04
CA LEU G 140 7.00 -34.85 -12.60
C LEU G 140 5.59 -34.95 -12.06
N GLN G 141 4.61 -34.22 -12.61
CA GLN G 141 3.20 -34.45 -12.24
C GLN G 141 2.31 -34.19 -13.43
N ASP G 142 1.43 -35.16 -13.77
CA ASP G 142 0.55 -35.10 -14.93
C ASP G 142 -0.51 -36.19 -14.81
N ASP G 143 -1.74 -35.79 -14.45
CA ASP G 143 -2.84 -36.69 -14.18
C ASP G 143 -3.35 -37.29 -15.48
N ASP G 144 -3.55 -36.41 -16.46
CA ASP G 144 -4.26 -36.69 -17.70
C ASP G 144 -3.36 -37.30 -18.77
N LYS G 145 -2.11 -37.64 -18.47
CA LYS G 145 -1.18 -38.19 -19.42
C LYS G 145 -0.86 -37.28 -20.63
N SER G 146 -1.00 -35.97 -20.50
CA SER G 146 -0.70 -35.11 -21.64
C SER G 146 0.79 -34.96 -21.89
N LEU G 147 1.57 -34.83 -20.83
CA LEU G 147 3.01 -34.70 -21.01
C LEU G 147 3.46 -36.00 -21.68
N LEU G 148 2.93 -37.13 -21.22
CA LEU G 148 3.51 -38.44 -21.50
C LEU G 148 3.29 -38.83 -22.95
N THR G 149 2.50 -38.04 -23.67
CA THR G 149 1.98 -38.46 -24.95
C THR G 149 1.90 -37.20 -25.84
N ASN G 150 2.93 -36.97 -26.65
CA ASN G 150 2.95 -35.78 -27.52
C ASN G 150 3.23 -34.47 -26.77
N ALA G 151 3.64 -34.52 -25.51
CA ALA G 151 4.38 -33.47 -24.85
C ALA G 151 3.60 -32.17 -24.70
N VAL G 152 2.34 -32.24 -24.26
CA VAL G 152 1.58 -31.01 -24.08
C VAL G 152 1.34 -30.73 -22.61
N ILE G 153 1.77 -29.55 -22.15
CA ILE G 153 1.51 -29.12 -20.78
C ILE G 153 0.09 -28.59 -20.73
N ASN G 154 -0.70 -29.03 -19.72
CA ASN G 154 -1.99 -28.43 -19.40
C ASN G 154 -2.12 -28.21 -17.91
N LYS G 155 -3.31 -27.78 -17.46
CA LYS G 155 -3.46 -27.20 -16.12
C LYS G 155 -3.00 -28.17 -15.04
N GLY G 156 -2.13 -27.72 -14.15
CA GLY G 156 -1.78 -28.56 -13.01
C GLY G 156 -0.56 -29.44 -13.26
N ASP G 157 -0.06 -29.46 -14.49
CA ASP G 157 1.14 -30.23 -14.77
C ASP G 157 2.38 -29.52 -14.21
N LEU G 158 3.45 -30.26 -13.86
CA LEU G 158 4.76 -29.69 -13.49
C LEU G 158 5.83 -30.52 -14.15
N ALA G 159 6.82 -29.87 -14.79
CA ALA G 159 7.74 -30.60 -15.63
C ALA G 159 9.09 -29.94 -15.53
N GLY G 160 10.13 -30.72 -15.81
CA GLY G 160 11.43 -30.21 -15.49
C GLY G 160 12.30 -30.30 -16.73
N VAL G 161 12.97 -29.19 -17.06
CA VAL G 161 13.75 -29.11 -18.27
C VAL G 161 15.19 -29.33 -17.87
N LEU G 162 15.90 -30.26 -18.52
CA LEU G 162 17.28 -30.50 -18.17
C LEU G 162 18.21 -29.81 -19.18
N VAL G 163 19.21 -29.00 -18.72
CA VAL G 163 20.20 -28.42 -19.64
C VAL G 163 21.64 -28.66 -19.22
N ASN G 164 22.50 -29.16 -20.15
CA ASN G 164 23.89 -29.54 -19.88
C ASN G 164 24.71 -28.30 -20.10
N VAL G 165 24.71 -27.44 -19.07
CA VAL G 165 25.13 -26.08 -19.27
C VAL G 165 26.58 -26.09 -19.68
N SER G 166 27.36 -27.00 -19.14
CA SER G 166 28.80 -26.90 -19.35
C SER G 166 29.12 -27.18 -20.80
N ALA G 167 28.22 -27.90 -21.46
CA ALA G 167 28.38 -28.23 -22.86
C ALA G 167 27.79 -27.12 -23.73
N ALA G 168 26.71 -26.51 -23.24
CA ALA G 168 26.03 -25.46 -23.96
C ALA G 168 26.89 -24.19 -24.04
N PHE G 169 27.41 -23.74 -22.91
CA PHE G 169 28.21 -22.54 -22.90
C PHE G 169 29.67 -22.90 -23.10
N GLY G 170 29.99 -24.18 -23.15
CA GLY G 170 31.37 -24.55 -23.44
C GLY G 170 32.31 -24.49 -22.23
N LYS G 171 31.86 -23.94 -21.11
CA LYS G 171 32.60 -24.02 -19.86
C LYS G 171 31.66 -24.10 -18.65
N HIS G 172 32.20 -24.49 -17.49
CA HIS G 172 31.40 -24.53 -16.28
C HIS G 172 31.13 -23.10 -15.76
N VAL G 173 29.92 -22.78 -15.27
CA VAL G 173 29.72 -21.42 -14.79
C VAL G 173 30.29 -21.29 -13.40
N GLY G 174 31.00 -20.18 -13.15
CA GLY G 174 31.77 -19.99 -11.94
C GLY G 174 30.93 -19.31 -10.86
N THR G 175 31.60 -18.88 -9.79
CA THR G 175 30.91 -18.21 -8.71
C THR G 175 30.71 -16.75 -9.09
N ARG G 176 29.73 -16.07 -8.49
CA ARG G 176 29.47 -14.65 -8.67
C ARG G 176 29.15 -14.29 -10.12
N GLU G 177 28.57 -15.21 -10.91
CA GLU G 177 28.25 -14.92 -12.29
C GLU G 177 26.74 -14.95 -12.50
N ARG G 178 26.18 -14.09 -13.38
CA ARG G 178 24.75 -14.21 -13.67
C ARG G 178 24.44 -14.92 -14.96
N VAL G 179 23.25 -15.54 -14.99
CA VAL G 179 22.71 -16.17 -16.18
C VAL G 179 21.26 -15.81 -16.32
N SER G 180 20.84 -15.40 -17.52
CA SER G 180 19.47 -14.99 -17.67
C SER G 180 18.93 -15.42 -19.01
N GLY G 181 17.62 -15.62 -19.07
CA GLY G 181 17.03 -16.08 -20.32
C GLY G 181 15.51 -16.11 -20.26
N TYR G 182 14.95 -16.78 -21.24
CA TYR G 182 13.53 -16.94 -21.38
C TYR G 182 13.25 -18.27 -22.07
N LEU G 183 12.18 -18.95 -21.66
CA LEU G 183 11.67 -20.08 -22.42
C LEU G 183 10.45 -19.59 -23.14
N GLN G 184 10.51 -19.55 -24.47
CA GLN G 184 9.54 -18.79 -25.23
C GLN G 184 8.65 -19.79 -25.93
N PRO G 185 7.35 -19.89 -25.60
CA PRO G 185 6.48 -20.78 -26.32
C PRO G 185 6.05 -20.23 -27.66
N GLU G 186 5.41 -21.08 -28.44
CA GLU G 186 4.96 -20.80 -29.80
C GLU G 186 3.97 -19.68 -29.77
N PHE G 187 3.08 -19.68 -28.78
CA PHE G 187 2.26 -18.53 -28.52
C PHE G 187 2.12 -18.32 -27.02
N GLY G 188 2.05 -17.06 -26.59
CA GLY G 188 1.87 -16.77 -25.17
C GLY G 188 3.16 -16.28 -24.51
N ALA G 189 3.06 -15.98 -23.22
CA ALA G 189 4.08 -15.20 -22.55
C ALA G 189 5.25 -16.10 -22.16
N PRO G 190 6.49 -15.61 -22.19
CA PRO G 190 7.63 -16.46 -21.91
C PRO G 190 7.96 -16.55 -20.43
N ALA G 191 8.52 -17.67 -20.02
CA ALA G 191 8.92 -17.81 -18.64
C ALA G 191 10.30 -17.20 -18.49
N VAL G 192 10.46 -16.18 -17.64
CA VAL G 192 11.75 -15.52 -17.41
C VAL G 192 12.60 -16.38 -16.49
N ILE G 193 13.90 -16.50 -16.77
CA ILE G 193 14.85 -17.13 -15.88
C ILE G 193 15.94 -16.11 -15.56
N GLU G 194 16.36 -16.06 -14.30
CA GLU G 194 17.37 -15.10 -13.91
C GLU G 194 17.93 -15.56 -12.57
N PHE G 195 19.26 -15.79 -12.51
CA PHE G 195 19.90 -15.98 -11.24
C PHE G 195 21.39 -15.70 -11.27
N THR G 196 21.92 -15.38 -10.09
CA THR G 196 23.34 -15.14 -9.93
C THR G 196 23.88 -16.27 -9.07
N THR G 197 24.93 -16.96 -9.54
CA THR G 197 25.44 -18.11 -8.83
C THR G 197 26.04 -17.54 -7.57
N PRO G 198 25.94 -18.23 -6.41
CA PRO G 198 26.42 -17.68 -5.16
C PRO G 198 27.92 -17.50 -5.13
N ALA G 199 28.37 -16.88 -4.05
CA ALA G 199 29.77 -16.53 -3.85
C ALA G 199 30.62 -17.76 -3.50
N ALA G 200 30.01 -18.77 -2.88
CA ALA G 200 30.78 -19.88 -2.37
C ALA G 200 30.06 -21.18 -2.63
N PHE G 201 30.58 -21.94 -3.57
CA PHE G 201 30.03 -23.25 -3.76
C PHE G 201 30.51 -24.06 -2.57
N THR G 202 29.62 -24.81 -1.90
CA THR G 202 30.01 -25.61 -0.74
C THR G 202 29.26 -26.93 -0.57
N SER G 203 28.39 -27.31 -1.52
CA SER G 203 27.64 -28.56 -1.48
C SER G 203 27.34 -28.96 -2.91
N ASP G 204 26.97 -30.22 -3.15
CA ASP G 204 26.91 -30.68 -4.52
C ASP G 204 25.67 -30.15 -5.22
N VAL G 205 24.50 -30.10 -4.55
CA VAL G 205 23.32 -29.63 -5.25
C VAL G 205 22.84 -28.31 -4.68
N ILE G 206 22.76 -27.24 -5.50
CA ILE G 206 22.58 -25.88 -5.04
C ILE G 206 21.31 -25.26 -5.54
N GLU G 207 20.66 -24.47 -4.67
CA GLU G 207 19.29 -24.08 -4.90
C GLU G 207 19.25 -22.68 -5.50
N LEU G 208 19.55 -22.59 -6.78
CA LEU G 208 19.75 -21.32 -7.45
C LEU G 208 18.47 -20.48 -7.43
N GLN G 209 17.30 -21.11 -7.54
CA GLN G 209 15.98 -20.55 -7.29
C GLN G 209 15.77 -19.15 -7.90
N ALA H 1 -38.56 1.39 -64.09
CA ALA H 1 -38.74 2.32 -62.92
C ALA H 1 -37.57 2.17 -61.94
N ILE H 2 -37.16 3.30 -61.34
CA ILE H 2 -36.05 3.35 -60.41
C ILE H 2 -36.36 2.58 -59.12
N GLY H 3 -37.66 2.52 -58.78
CA GLY H 3 -38.07 1.98 -57.49
C GLY H 3 -37.61 0.53 -57.31
N ILE H 4 -37.64 -0.20 -58.44
CA ILE H 4 -37.42 -1.63 -58.43
C ILE H 4 -36.05 -1.93 -57.82
N GLY H 5 -35.02 -1.25 -58.28
CA GLY H 5 -33.69 -1.50 -57.76
C GLY H 5 -33.54 -1.08 -56.30
N THR H 6 -34.21 0.01 -55.91
CA THR H 6 -34.06 0.59 -54.58
C THR H 6 -34.50 -0.46 -53.56
N LEU H 7 -35.58 -1.18 -53.89
CA LEU H 7 -36.11 -2.25 -53.06
C LEU H 7 -35.04 -3.34 -52.94
N ILE H 8 -34.56 -3.85 -54.07
CA ILE H 8 -33.67 -4.99 -54.12
C ILE H 8 -32.39 -4.70 -53.35
N ILE H 9 -31.81 -3.52 -53.51
CA ILE H 9 -30.56 -3.24 -52.82
C ILE H 9 -30.77 -3.09 -51.31
N PHE H 10 -31.97 -2.68 -50.88
CA PHE H 10 -32.29 -2.59 -49.45
C PHE H 10 -32.20 -3.97 -48.82
N ILE H 11 -32.73 -4.98 -49.53
CA ILE H 11 -32.72 -6.36 -49.08
C ILE H 11 -31.29 -6.77 -48.78
N ALA H 12 -30.38 -6.44 -49.69
CA ALA H 12 -28.98 -6.76 -49.53
C ALA H 12 -28.42 -6.05 -48.30
N MET H 13 -28.73 -4.76 -48.16
CA MET H 13 -28.10 -3.92 -47.16
C MET H 13 -28.41 -4.49 -45.77
N VAL H 14 -29.68 -4.87 -45.56
CA VAL H 14 -30.17 -5.45 -44.33
C VAL H 14 -29.35 -6.70 -44.03
N LEU H 15 -29.25 -7.58 -45.02
CA LEU H 15 -28.64 -8.88 -44.84
C LEU H 15 -27.18 -8.70 -44.42
N VAL H 16 -26.47 -7.76 -45.05
CA VAL H 16 -25.07 -7.57 -44.74
C VAL H 16 -24.93 -7.09 -43.31
N ALA H 17 -25.80 -6.14 -42.92
CA ALA H 17 -25.72 -5.58 -41.58
C ALA H 17 -26.02 -6.68 -40.53
N ALA H 18 -26.82 -7.66 -40.92
CA ALA H 18 -27.13 -8.77 -40.02
C ALA H 18 -25.87 -9.57 -39.80
N VAL H 19 -25.18 -9.95 -40.89
CA VAL H 19 -23.99 -10.77 -40.81
C VAL H 19 -22.94 -10.06 -39.97
N ALA H 20 -22.80 -8.76 -40.15
CA ALA H 20 -21.82 -7.99 -39.42
C ALA H 20 -22.14 -8.02 -37.92
N ALA H 21 -23.41 -7.88 -37.57
CA ALA H 21 -23.83 -7.91 -36.18
C ALA H 21 -23.50 -9.27 -35.60
N ALA H 22 -23.78 -10.32 -36.37
CA ALA H 22 -23.65 -11.68 -35.87
C ALA H 22 -22.28 -11.90 -35.26
N VAL H 23 -21.20 -11.55 -35.99
CA VAL H 23 -19.83 -11.83 -35.58
C VAL H 23 -19.52 -11.23 -34.22
N LEU H 24 -20.16 -10.11 -33.87
CA LEU H 24 -19.89 -9.45 -32.61
C LEU H 24 -20.59 -10.23 -31.50
N ILE H 25 -21.81 -10.69 -31.76
CA ILE H 25 -22.60 -11.45 -30.79
C ILE H 25 -21.85 -12.74 -30.47
N ASN H 26 -21.47 -13.49 -31.54
CA ASN H 26 -20.69 -14.70 -31.45
C ASN H 26 -19.40 -14.49 -30.64
N THR H 27 -18.64 -13.46 -31.00
CA THR H 27 -17.33 -13.23 -30.40
C THR H 27 -17.50 -12.88 -28.94
N SER H 28 -18.60 -12.21 -28.60
CA SER H 28 -18.80 -11.80 -27.23
C SER H 28 -19.03 -13.05 -26.39
N GLY H 29 -19.75 -14.03 -26.95
CA GLY H 29 -19.94 -15.34 -26.35
C GLY H 29 -18.61 -16.04 -26.04
N PHE H 30 -17.74 -16.14 -27.05
CA PHE H 30 -16.44 -16.77 -26.91
C PHE H 30 -15.64 -16.12 -25.79
N LEU H 31 -15.61 -14.80 -25.79
CA LEU H 31 -14.83 -14.09 -24.81
C LEU H 31 -15.42 -14.25 -23.42
N GLN H 32 -16.74 -14.44 -23.30
CA GLN H 32 -17.38 -14.43 -22.00
C GLN H 32 -16.74 -15.52 -21.15
N GLN H 33 -16.78 -16.74 -21.69
CA GLN H 33 -16.31 -17.90 -20.95
C GLN H 33 -14.85 -17.72 -20.57
N LYS H 34 -14.04 -17.33 -21.55
CA LYS H 34 -12.60 -17.25 -21.40
C LYS H 34 -12.24 -16.29 -20.28
N ALA H 35 -12.97 -15.18 -20.21
CA ALA H 35 -12.73 -14.15 -19.24
C ALA H 35 -13.09 -14.69 -17.85
N MET H 36 -14.31 -15.24 -17.74
CA MET H 36 -14.84 -15.63 -16.43
C MET H 36 -13.91 -16.64 -15.78
N ALA H 37 -13.51 -17.65 -16.55
CA ALA H 37 -12.63 -18.71 -16.10
C ALA H 37 -11.30 -18.14 -15.64
N THR H 38 -10.76 -17.15 -16.35
CA THR H 38 -9.42 -16.66 -16.08
C THR H 38 -9.41 -15.99 -14.71
N GLY H 39 -10.50 -15.30 -14.39
CA GLY H 39 -10.65 -14.62 -13.12
C GLY H 39 -10.76 -15.62 -11.96
N LYS H 40 -11.66 -16.59 -12.11
CA LYS H 40 -11.90 -17.58 -11.08
C LYS H 40 -10.58 -18.26 -10.74
N GLU H 41 -9.93 -18.79 -11.77
CA GLU H 41 -8.76 -19.62 -11.61
C GLU H 41 -7.68 -18.84 -10.89
N SER H 42 -7.46 -17.61 -11.35
CA SER H 42 -6.40 -16.79 -10.81
C SER H 42 -6.64 -16.55 -9.32
N THR H 43 -7.92 -16.49 -8.93
CA THR H 43 -8.28 -16.14 -7.57
C THR H 43 -7.93 -17.29 -6.65
N GLU H 44 -8.32 -18.49 -7.07
CA GLU H 44 -8.11 -19.70 -6.31
C GLU H 44 -6.61 -19.91 -6.06
N GLN H 45 -5.79 -19.61 -7.07
CA GLN H 45 -4.33 -19.74 -7.01
C GLN H 45 -3.79 -18.93 -5.85
N VAL H 46 -4.16 -17.65 -5.76
CA VAL H 46 -3.55 -16.78 -4.76
C VAL H 46 -4.02 -17.21 -3.37
N ALA H 47 -5.29 -17.63 -3.29
CA ALA H 47 -6.01 -17.80 -2.04
C ALA H 47 -5.56 -19.05 -1.28
N SER H 48 -4.86 -19.98 -1.93
CA SER H 48 -4.71 -21.32 -1.40
C SER H 48 -3.26 -21.71 -1.13
N GLY H 49 -3.05 -22.60 -0.15
CA GLY H 49 -1.70 -23.08 0.13
C GLY H 49 -1.66 -24.00 1.34
N LEU H 50 -0.46 -24.51 1.67
CA LEU H 50 -0.25 -25.39 2.80
C LEU H 50 0.82 -24.78 3.70
N GLN H 51 0.84 -25.19 4.97
CA GLN H 51 1.74 -24.66 5.96
C GLN H 51 2.30 -25.84 6.77
N VAL H 52 3.63 -25.89 6.97
CA VAL H 52 4.23 -26.96 7.75
C VAL H 52 4.17 -26.59 9.21
N ILE H 53 3.47 -27.41 10.01
CA ILE H 53 3.26 -27.12 11.40
C ILE H 53 4.54 -27.49 12.12
N ARG H 54 4.95 -28.76 12.07
CA ARG H 54 6.15 -29.23 12.76
C ARG H 54 6.77 -30.38 11.99
N VAL H 55 8.06 -30.67 12.18
CA VAL H 55 8.66 -31.86 11.60
C VAL H 55 9.31 -32.67 12.71
N LEU H 56 9.06 -33.98 12.76
CA LEU H 56 9.57 -34.88 13.80
C LEU H 56 10.37 -36.01 13.17
N GLY H 57 11.27 -36.66 13.94
CA GLY H 57 12.24 -37.55 13.31
C GLY H 57 12.86 -38.63 14.21
N ASN H 58 12.44 -39.87 14.00
CA ASN H 58 12.98 -41.02 14.72
C ASN H 58 14.47 -41.18 14.43
N HIS H 59 15.29 -41.69 15.38
CA HIS H 59 16.74 -41.88 15.18
C HIS H 59 17.28 -43.20 15.70
N SER H 60 18.16 -43.86 14.92
CA SER H 60 18.85 -45.10 15.32
C SER H 60 20.22 -45.11 14.68
N GLY H 61 21.20 -45.66 15.37
CA GLY H 61 22.48 -45.75 14.71
C GLY H 61 23.09 -44.37 14.63
N GLY H 62 23.41 -43.91 13.42
CA GLY H 62 24.07 -42.62 13.37
C GLY H 62 23.28 -41.58 12.58
N LYS H 63 21.98 -41.82 12.43
CA LYS H 63 21.26 -41.13 11.39
C LYS H 63 19.84 -40.87 11.89
N ILE H 64 19.14 -39.99 11.19
CA ILE H 64 17.70 -39.94 11.32
C ILE H 64 17.17 -40.75 10.15
N ASN H 65 16.30 -41.73 10.41
CA ASN H 65 15.90 -42.64 9.39
C ASN H 65 14.48 -42.38 8.87
N TRP H 66 13.54 -41.93 9.68
CA TRP H 66 12.21 -41.62 9.20
C TRP H 66 11.90 -40.15 9.54
N LEU H 67 11.13 -39.44 8.72
CA LEU H 67 10.65 -38.12 9.05
C LEU H 67 9.12 -38.09 8.94
N ALA H 68 8.48 -37.30 9.82
CA ALA H 68 7.05 -37.15 9.75
C ALA H 68 6.78 -35.67 9.71
N VAL H 69 6.27 -35.19 8.58
CA VAL H 69 6.10 -33.79 8.31
C VAL H 69 4.63 -33.47 8.47
N LEU H 70 4.26 -32.70 9.50
CA LEU H 70 2.86 -32.42 9.77
C LEU H 70 2.51 -31.14 9.02
N ILE H 71 1.35 -31.16 8.33
CA ILE H 71 1.03 -30.08 7.39
C ILE H 71 -0.45 -29.78 7.46
N SER H 72 -0.85 -28.53 7.18
CA SER H 72 -2.26 -28.14 7.28
C SER H 72 -2.54 -27.01 6.32
N PRO H 73 -3.79 -26.72 5.96
CA PRO H 73 -4.09 -25.66 5.01
C PRO H 73 -3.84 -24.26 5.55
N ASN H 74 -3.60 -23.30 4.65
CA ASN H 74 -3.48 -21.90 5.01
C ASN H 74 -4.89 -21.39 5.24
N ALA H 75 -5.05 -20.32 6.02
CA ALA H 75 -6.40 -19.84 6.30
C ALA H 75 -7.07 -19.41 5.00
N GLY H 76 -8.32 -19.82 4.81
CA GLY H 76 -9.13 -19.33 3.71
C GLY H 76 -8.80 -19.99 2.37
N SER H 77 -8.17 -21.17 2.45
CA SER H 77 -7.77 -21.91 1.26
C SER H 77 -8.88 -22.83 0.77
N ALA H 78 -8.86 -23.12 -0.52
CA ALA H 78 -9.85 -24.02 -1.10
C ALA H 78 -9.29 -25.39 -0.85
N PRO H 79 -10.04 -26.49 -0.96
CA PRO H 79 -9.55 -27.79 -0.54
C PRO H 79 -8.40 -28.31 -1.41
N ILE H 80 -7.33 -28.84 -0.78
CA ILE H 80 -6.16 -29.31 -1.49
C ILE H 80 -6.16 -30.85 -1.57
N ASP H 81 -6.02 -31.43 -2.77
CA ASP H 81 -6.09 -32.87 -2.99
C ASP H 81 -4.69 -33.43 -2.99
N LEU H 82 -4.33 -34.08 -1.89
CA LEU H 82 -2.93 -34.38 -1.67
C LEU H 82 -2.52 -35.49 -2.61
N SER H 83 -3.48 -36.16 -3.25
CA SER H 83 -3.06 -37.29 -4.07
C SER H 83 -2.33 -36.79 -5.28
N GLN H 84 -2.44 -35.51 -5.57
CA GLN H 84 -1.73 -34.93 -6.68
C GLN H 84 -0.62 -33.99 -6.21
N ALA H 85 -0.17 -34.06 -4.97
CA ALA H 85 0.90 -33.19 -4.50
C ALA H 85 2.24 -33.78 -4.91
N THR H 86 3.36 -33.06 -4.73
CA THR H 86 4.69 -33.64 -4.92
C THR H 86 5.65 -33.11 -3.87
N VAL H 87 6.54 -33.95 -3.28
CA VAL H 87 7.47 -33.43 -2.30
C VAL H 87 8.89 -33.55 -2.80
N MET H 88 9.73 -32.56 -2.51
CA MET H 88 11.08 -32.53 -3.02
C MET H 88 11.95 -32.20 -1.83
N ILE H 89 13.00 -33.00 -1.62
CA ILE H 89 13.84 -32.86 -0.46
C ILE H 89 15.29 -32.99 -0.92
N THR H 90 16.22 -32.20 -0.33
CA THR H 90 17.62 -32.42 -0.61
C THR H 90 18.49 -32.26 0.61
N ASP H 91 19.59 -33.05 0.64
CA ASP H 91 20.53 -33.04 1.74
C ASP H 91 21.83 -32.42 1.28
N GLY H 92 21.83 -31.89 0.05
CA GLY H 92 23.03 -31.25 -0.47
C GLY H 92 23.98 -32.22 -1.17
N THR H 93 23.74 -33.53 -1.02
CA THR H 93 24.42 -34.52 -1.82
C THR H 93 23.48 -35.25 -2.77
N HIS H 94 22.18 -35.39 -2.48
CA HIS H 94 21.21 -35.94 -3.42
C HIS H 94 19.88 -35.17 -3.42
N LYS H 95 19.00 -35.34 -4.44
CA LYS H 95 17.73 -34.60 -4.45
C LYS H 95 16.59 -35.52 -4.86
N VAL H 96 15.88 -36.08 -3.87
CA VAL H 96 14.85 -37.06 -4.14
C VAL H 96 13.60 -36.30 -4.38
N ILE H 97 12.71 -36.86 -5.22
CA ILE H 97 11.34 -36.37 -5.35
C ILE H 97 10.41 -37.55 -5.18
N ALA H 98 9.30 -37.37 -4.44
CA ALA H 98 8.49 -38.52 -4.03
C ALA H 98 7.00 -38.21 -4.17
N LYS H 99 6.17 -39.25 -4.40
CA LYS H 99 4.77 -39.08 -4.74
C LYS H 99 3.90 -40.09 -4.01
N TYR H 100 2.59 -39.85 -3.89
CA TYR H 100 1.76 -40.61 -2.94
C TYR H 100 1.51 -42.00 -3.46
N ASN H 101 1.68 -43.00 -2.59
CA ASN H 101 1.28 -44.37 -2.90
C ASN H 101 0.13 -44.71 -1.99
N SER H 102 -1.04 -44.98 -2.56
CA SER H 102 -2.29 -45.08 -1.83
C SER H 102 -2.27 -46.25 -0.87
N THR H 103 -1.33 -47.17 -1.02
CA THR H 103 -1.25 -48.34 -0.18
C THR H 103 -1.06 -47.94 1.28
N PHE H 104 -0.39 -46.82 1.53
CA PHE H 104 0.11 -46.49 2.85
C PHE H 104 -0.74 -45.40 3.51
N PHE H 105 -2.02 -45.71 3.79
CA PHE H 105 -2.91 -44.75 4.44
C PHE H 105 -3.30 -45.32 5.79
N ASN H 106 -3.34 -44.49 6.83
CA ASN H 106 -3.96 -44.92 8.07
C ASN H 106 -4.92 -43.85 8.55
N GLY H 107 -6.22 -44.14 8.49
CA GLY H 107 -7.19 -43.14 8.87
C GLY H 107 -7.48 -43.13 10.37
N THR H 108 -7.28 -44.28 11.00
CA THR H 108 -7.85 -44.50 12.30
C THR H 108 -7.27 -43.50 13.29
N LEU H 109 -6.08 -42.99 13.01
CA LEU H 109 -5.34 -42.23 13.99
C LEU H 109 -6.00 -40.87 14.17
N LYS H 110 -7.08 -40.59 13.46
CA LYS H 110 -7.85 -39.39 13.71
C LYS H 110 -8.39 -39.41 15.11
N ASN H 111 -8.47 -40.60 15.70
CA ASN H 111 -9.01 -40.83 17.02
C ASN H 111 -7.89 -41.14 18.00
N GLY H 112 -6.66 -40.74 17.69
CA GLY H 112 -5.61 -40.82 18.70
C GLY H 112 -4.81 -42.11 18.57
N GLY H 113 -3.53 -42.07 18.98
CA GLY H 113 -2.63 -43.22 18.94
C GLY H 113 -1.19 -42.76 18.77
N SER H 114 -0.29 -43.68 18.43
CA SER H 114 1.14 -43.38 18.28
C SER H 114 1.53 -43.28 16.81
N ILE H 115 2.16 -42.15 16.41
CA ILE H 115 2.78 -42.02 15.10
C ILE H 115 4.01 -42.89 15.20
N PHE H 116 4.72 -43.10 14.11
CA PHE H 116 5.98 -43.82 14.18
C PHE H 116 5.81 -45.24 14.66
N GLU H 117 4.57 -45.67 14.96
CA GLU H 117 4.27 -47.09 15.11
C GLU H 117 2.92 -47.43 14.44
N ALA H 118 2.54 -46.63 13.45
CA ALA H 118 1.29 -46.87 12.74
C ALA H 118 1.47 -48.07 11.82
N LYS H 119 0.44 -48.90 11.70
CA LYS H 119 0.41 -49.97 10.72
C LYS H 119 -0.28 -49.52 9.45
N TYR H 120 -0.23 -50.37 8.39
CA TYR H 120 -1.03 -50.22 7.17
C TYR H 120 -1.53 -51.57 6.71
N ASN H 121 -2.43 -51.63 5.71
CA ASN H 121 -3.18 -52.85 5.39
C ASN H 121 -2.96 -53.27 3.95
N ASN H 122 -1.96 -54.15 3.69
CA ASN H 122 -1.92 -54.93 2.47
C ASN H 122 -3.03 -55.96 2.61
N THR H 123 -3.76 -56.29 1.54
CA THR H 123 -4.96 -57.08 1.73
C THR H 123 -4.61 -58.37 2.48
N THR H 124 -5.40 -58.70 3.51
CA THR H 124 -5.26 -59.90 4.34
C THR H 124 -4.30 -59.75 5.52
N ALA H 125 -3.59 -58.61 5.64
CA ALA H 125 -2.65 -58.47 6.76
C ALA H 125 -2.51 -57.04 7.27
N LEU H 126 -1.87 -56.87 8.44
CA LEU H 126 -1.43 -55.56 8.93
C LEU H 126 0.08 -55.58 9.15
N LYS H 127 0.78 -54.54 8.69
CA LYS H 127 2.23 -54.50 8.70
C LYS H 127 2.69 -53.09 9.04
N PRO H 128 3.92 -52.85 9.57
CA PRO H 128 4.33 -51.51 9.98
C PRO H 128 4.55 -50.59 8.79
N LEU H 129 4.09 -49.33 8.88
CA LEU H 129 4.05 -48.38 7.78
C LEU H 129 5.45 -47.98 7.38
N PHE H 130 6.17 -47.35 8.30
CA PHE H 130 7.37 -46.62 7.94
C PHE H 130 8.44 -47.53 7.31
N ASP H 131 8.58 -48.74 7.85
CA ASP H 131 9.59 -49.68 7.40
C ASP H 131 9.30 -50.16 5.98
N ASP H 132 8.02 -50.18 5.56
CA ASP H 132 7.65 -50.78 4.29
C ASP H 132 7.60 -49.77 3.15
N LEU H 133 7.50 -48.48 3.46
CA LEU H 133 7.26 -47.42 2.49
C LEU H 133 8.43 -47.32 1.52
N PRO H 134 8.23 -47.44 0.18
CA PRO H 134 9.27 -47.39 -0.82
C PRO H 134 10.07 -46.11 -0.96
N ALA H 135 11.21 -46.22 -1.63
CA ALA H 135 12.16 -45.13 -1.60
C ALA H 135 11.66 -43.91 -2.36
N THR H 136 10.71 -44.07 -3.27
CA THR H 136 10.24 -42.96 -4.05
C THR H 136 8.82 -42.51 -3.68
N ALA H 137 8.30 -42.88 -2.50
CA ALA H 137 6.90 -42.64 -2.22
C ALA H 137 6.70 -42.05 -0.85
N PHE H 138 5.59 -41.33 -0.66
CA PHE H 138 5.22 -40.88 0.67
C PHE H 138 3.85 -41.38 1.05
N GLY H 139 3.67 -41.61 2.36
CA GLY H 139 2.41 -42.13 2.87
C GLY H 139 1.75 -41.04 3.70
N ILE H 140 0.50 -41.21 4.12
CA ILE H 140 -0.24 -40.15 4.78
C ILE H 140 -1.05 -40.72 5.94
N VAL H 141 -1.05 -40.02 7.09
CA VAL H 141 -1.72 -40.44 8.30
C VAL H 141 -2.54 -39.31 8.89
N VAL H 142 -3.86 -39.50 9.00
CA VAL H 142 -4.79 -38.43 9.30
C VAL H 142 -4.76 -38.26 10.80
N LEU H 143 -4.44 -37.04 11.24
CA LEU H 143 -4.34 -36.81 12.66
C LEU H 143 -5.55 -36.00 13.13
N GLN H 144 -6.11 -35.10 12.32
CA GLN H 144 -7.35 -34.41 12.73
C GLN H 144 -8.20 -34.11 11.50
N ASP H 145 -9.47 -34.57 11.50
CA ASP H 145 -10.39 -34.38 10.38
C ASP H 145 -11.82 -34.55 10.86
N ALA H 146 -12.55 -33.43 10.88
CA ALA H 146 -13.86 -33.41 11.51
C ALA H 146 -14.91 -34.05 10.60
N ASP H 147 -14.73 -33.92 9.29
CA ASP H 147 -15.80 -34.16 8.34
C ASP H 147 -15.49 -35.31 7.37
N THR H 148 -14.60 -36.20 7.77
CA THR H 148 -14.25 -37.42 7.05
C THR H 148 -13.83 -37.13 5.61
N SER H 149 -13.26 -35.95 5.39
CA SER H 149 -12.88 -35.51 4.07
C SER H 149 -11.73 -36.30 3.48
N CYS H 150 -10.83 -36.80 4.32
CA CYS H 150 -9.78 -37.68 3.83
C CYS H 150 -10.28 -39.13 3.70
N SER H 151 -10.20 -39.67 2.47
CA SER H 151 -10.40 -41.09 2.17
C SER H 151 -9.18 -41.63 1.44
N LYS H 152 -8.90 -42.93 1.61
CA LYS H 152 -7.66 -43.54 1.14
C LYS H 152 -7.42 -43.27 -0.34
N ASP H 153 -8.47 -43.32 -1.15
CA ASP H 153 -8.33 -43.08 -2.58
C ASP H 153 -8.33 -41.60 -2.97
N THR H 154 -8.76 -40.68 -2.07
CA THR H 154 -8.85 -39.25 -2.35
C THR H 154 -8.60 -38.38 -1.09
N PRO H 155 -7.35 -38.13 -0.69
CA PRO H 155 -7.09 -37.38 0.53
C PRO H 155 -7.21 -35.89 0.28
N VAL H 156 -8.44 -35.35 0.40
CA VAL H 156 -8.64 -33.93 0.26
C VAL H 156 -8.72 -33.27 1.62
N ILE H 157 -7.81 -32.32 1.93
CA ILE H 157 -7.81 -31.67 3.23
C ILE H 157 -8.50 -30.33 3.18
N ASN H 158 -9.38 -30.03 4.16
CA ASN H 158 -10.14 -28.78 4.20
C ASN H 158 -9.93 -28.12 5.53
N LYS H 159 -10.51 -26.91 5.72
CA LYS H 159 -10.11 -26.04 6.83
C LYS H 159 -10.25 -26.78 8.14
N GLY H 160 -9.17 -26.83 8.91
CA GLY H 160 -9.19 -27.43 10.23
C GLY H 160 -8.38 -28.73 10.29
N ASP H 161 -8.10 -29.33 9.13
CA ASP H 161 -7.53 -30.66 9.15
C ASP H 161 -6.02 -30.60 9.45
N ILE H 162 -5.44 -31.66 10.04
CA ILE H 162 -4.00 -31.82 10.16
C ILE H 162 -3.65 -33.24 9.76
N VAL H 163 -2.54 -33.42 9.03
CA VAL H 163 -2.19 -34.69 8.47
C VAL H 163 -0.69 -34.81 8.32
N ALA H 164 -0.16 -36.04 8.40
CA ALA H 164 1.28 -36.19 8.51
C ALA H 164 1.77 -36.94 7.29
N ILE H 165 2.71 -36.32 6.60
CA ILE H 165 3.29 -36.89 5.42
C ILE H 165 4.47 -37.68 5.95
N CYS H 166 4.50 -38.96 5.67
CA CYS H 166 5.48 -39.87 6.21
C CYS H 166 6.48 -40.24 5.11
N LEU H 167 7.79 -40.04 5.35
CA LEU H 167 8.87 -40.31 4.39
C LEU H 167 9.95 -41.14 5.06
N ASN H 168 10.47 -42.17 4.38
CA ASN H 168 11.50 -43.02 4.94
C ASN H 168 12.71 -42.70 4.14
N VAL H 169 13.75 -42.17 4.81
CA VAL H 169 14.87 -41.55 4.11
C VAL H 169 16.16 -42.29 4.36
N SER H 170 16.08 -43.49 4.90
CA SER H 170 17.19 -44.16 5.53
C SER H 170 18.36 -44.36 4.57
N ASN H 171 18.03 -44.70 3.33
CA ASN H 171 19.08 -44.94 2.35
C ASN H 171 19.20 -43.84 1.29
N THR H 172 18.17 -43.00 1.16
CA THR H 172 18.08 -42.03 0.11
C THR H 172 18.83 -40.75 0.46
N LEU H 173 18.66 -40.23 1.68
CA LEU H 173 19.38 -39.03 2.12
C LEU H 173 20.15 -39.34 3.42
N ASN H 174 21.37 -38.79 3.58
CA ASN H 174 22.27 -39.29 4.60
C ASN H 174 22.30 -38.35 5.81
N LEU H 175 21.24 -38.35 6.62
CA LEU H 175 21.03 -37.30 7.61
C LEU H 175 21.81 -37.57 8.89
N LYS H 176 23.12 -37.37 8.82
CA LYS H 176 23.97 -37.35 10.00
C LYS H 176 23.87 -35.98 10.66
N PRO H 177 24.53 -35.73 11.81
CA PRO H 177 24.40 -34.47 12.51
C PRO H 177 24.84 -33.27 11.69
N ARG H 178 24.42 -32.09 12.09
CA ARG H 178 24.92 -30.86 11.51
C ARG H 178 24.63 -30.79 10.00
N THR H 179 23.54 -31.42 9.53
CA THR H 179 23.25 -31.50 8.10
C THR H 179 22.02 -30.67 7.73
N LYS H 180 22.10 -29.85 6.67
CA LYS H 180 21.00 -28.99 6.26
C LYS H 180 20.07 -29.76 5.32
N VAL H 181 18.75 -29.60 5.51
CA VAL H 181 17.77 -30.26 4.69
C VAL H 181 16.80 -29.19 4.21
N THR H 182 16.46 -29.23 2.92
CA THR H 182 15.70 -28.16 2.31
C THR H 182 14.66 -28.80 1.43
N GLY H 183 13.50 -28.18 1.27
CA GLY H 183 12.52 -28.79 0.39
C GLY H 183 11.16 -28.11 0.39
N ALA H 184 10.20 -28.74 -0.30
CA ALA H 184 8.86 -28.17 -0.39
C ALA H 184 7.86 -29.27 -0.69
N VAL H 185 6.65 -29.12 -0.16
CA VAL H 185 5.53 -29.89 -0.62
C VAL H 185 4.73 -28.98 -1.54
N ILE H 186 4.56 -29.40 -2.79
CA ILE H 186 4.04 -28.55 -3.85
C ILE H 186 2.69 -29.07 -4.23
N PRO H 187 1.59 -28.32 -3.99
CA PRO H 187 0.28 -28.75 -4.42
C PRO H 187 -0.02 -28.42 -5.86
N GLU H 188 -1.18 -28.89 -6.32
CA GLU H 188 -1.61 -28.81 -7.69
C GLU H 188 -1.82 -27.34 -8.04
N PHE H 189 -2.37 -26.61 -7.09
CA PHE H 189 -2.41 -25.16 -7.16
C PHE H 189 -2.19 -24.57 -5.78
N GLY H 190 -1.71 -23.33 -5.74
CA GLY H 190 -1.49 -22.70 -4.44
C GLY H 190 -0.04 -22.82 -4.00
N ALA H 191 0.28 -22.16 -2.88
CA ALA H 191 1.65 -21.86 -2.55
C ALA H 191 2.27 -23.05 -1.83
N PRO H 192 3.55 -23.39 -2.10
CA PRO H 192 4.18 -24.52 -1.45
C PRO H 192 4.50 -24.31 0.02
N ALA H 193 4.55 -25.42 0.76
CA ALA H 193 5.04 -25.38 2.12
C ALA H 193 6.55 -25.57 2.09
N VAL H 194 7.31 -24.83 2.91
CA VAL H 194 8.75 -24.86 2.83
C VAL H 194 9.33 -25.59 4.03
N ILE H 195 10.07 -26.68 3.78
CA ILE H 195 10.72 -27.50 4.78
C ILE H 195 12.15 -26.97 4.87
N SER H 196 12.63 -26.68 6.08
CA SER H 196 13.97 -26.11 6.18
C SER H 196 14.48 -26.29 7.59
N PHE H 197 15.47 -27.17 7.77
CA PHE H 197 15.97 -27.44 9.09
C PHE H 197 17.41 -27.93 9.03
N THR H 198 18.11 -27.75 10.14
CA THR H 198 19.44 -28.29 10.23
C THR H 198 19.45 -29.25 11.41
N THR H 199 19.93 -30.48 11.20
CA THR H 199 19.78 -31.49 12.21
C THR H 199 20.65 -31.06 13.37
N PRO H 200 20.34 -31.43 14.63
CA PRO H 200 21.11 -31.05 15.80
C PRO H 200 22.59 -31.37 15.76
N ALA H 201 23.32 -30.75 16.69
CA ALA H 201 24.75 -30.97 16.79
C ALA H 201 25.04 -32.34 17.42
N THR H 202 24.13 -32.85 18.24
CA THR H 202 24.37 -34.08 18.96
C THR H 202 23.07 -34.87 19.09
N TYR H 203 23.14 -36.16 18.84
CA TYR H 203 22.00 -37.01 19.02
C TYR H 203 22.27 -37.80 20.30
N LEU H 204 21.30 -37.92 21.21
CA LEU H 204 21.48 -38.65 22.45
C LEU H 204 20.62 -39.92 22.48
N ASP H 205 21.15 -41.01 23.04
CA ASP H 205 20.49 -42.32 23.02
C ASP H 205 19.24 -42.35 23.91
N THR H 206 19.10 -41.34 24.78
CA THR H 206 17.95 -41.27 25.66
C THR H 206 16.76 -40.60 24.98
N GLN H 207 16.97 -40.05 23.77
CA GLN H 207 15.97 -39.22 23.13
C GLN H 207 15.84 -39.58 21.64
N HIS H 208 15.24 -40.73 21.34
CA HIS H 208 15.24 -41.20 19.97
C HIS H 208 14.29 -40.43 19.06
N ILE H 209 13.30 -39.69 19.61
CA ILE H 209 12.47 -38.86 18.75
C ILE H 209 12.82 -37.39 18.93
N ILE H 210 13.13 -36.69 17.82
CA ILE H 210 13.70 -35.36 17.80
C ILE H 210 12.73 -34.41 17.11
N GLU H 211 12.66 -33.17 17.63
CA GLU H 211 11.80 -32.17 17.01
C GLU H 211 12.69 -31.29 16.16
N LEU H 212 12.45 -31.24 14.84
CA LEU H 212 13.42 -30.70 13.93
C LEU H 212 13.06 -29.29 13.49
N GLN H 213 11.76 -29.01 13.33
CA GLN H 213 11.27 -27.69 12.95
C GLN H 213 9.94 -27.46 13.69
N ALA I 1 -31.94 4.22 -47.82
CA ALA I 1 -31.25 2.90 -47.81
C ALA I 1 -30.31 2.80 -46.61
N ILE I 2 -29.46 3.83 -46.44
CA ILE I 2 -28.38 3.85 -45.46
C ILE I 2 -28.96 3.77 -44.05
N GLY I 3 -30.05 4.50 -43.82
CA GLY I 3 -30.63 4.65 -42.50
C GLY I 3 -30.89 3.30 -41.84
N ILE I 4 -31.50 2.39 -42.61
CA ILE I 4 -31.95 1.09 -42.16
C ILE I 4 -30.82 0.37 -41.45
N GLY I 5 -29.69 0.25 -42.12
CA GLY I 5 -28.59 -0.50 -41.55
C GLY I 5 -28.06 0.09 -40.25
N THR I 6 -28.07 1.42 -40.14
CA THR I 6 -27.48 2.11 -39.00
C THR I 6 -28.17 1.62 -37.74
N LEU I 7 -29.50 1.49 -37.84
CA LEU I 7 -30.33 1.10 -36.72
C LEU I 7 -29.91 -0.30 -36.29
N ILE I 8 -29.81 -1.22 -37.26
CA ILE I 8 -29.55 -2.61 -36.97
C ILE I 8 -28.23 -2.73 -36.23
N ILE I 9 -27.16 -2.15 -36.74
CA ILE I 9 -25.90 -2.40 -36.08
C ILE I 9 -25.87 -1.73 -34.70
N PHE I 10 -26.64 -0.66 -34.52
CA PHE I 10 -26.72 0.01 -33.23
C PHE I 10 -27.17 -1.01 -32.19
N ILE I 11 -28.19 -1.81 -32.53
CA ILE I 11 -28.71 -2.83 -31.62
C ILE I 11 -27.58 -3.74 -31.16
N ALA I 12 -26.71 -4.14 -32.08
CA ALA I 12 -25.65 -5.05 -31.72
C ALA I 12 -24.71 -4.38 -30.73
N MET I 13 -24.36 -3.11 -30.95
CA MET I 13 -23.41 -2.40 -30.09
C MET I 13 -23.91 -2.49 -28.64
N VAL I 14 -25.22 -2.30 -28.45
CA VAL I 14 -25.88 -2.24 -27.16
C VAL I 14 -25.67 -3.57 -26.47
N LEU I 15 -26.05 -4.63 -27.18
CA LEU I 15 -26.05 -5.96 -26.60
C LEU I 15 -24.62 -6.35 -26.22
N VAL I 16 -23.63 -6.02 -27.07
CA VAL I 16 -22.27 -6.43 -26.83
C VAL I 16 -21.71 -5.73 -25.59
N ALA I 17 -22.03 -4.44 -25.42
CA ALA I 17 -21.61 -3.71 -24.23
C ALA I 17 -22.28 -4.31 -22.99
N ALA I 18 -23.53 -4.72 -23.14
CA ALA I 18 -24.29 -5.30 -22.04
C ALA I 18 -23.60 -6.57 -21.58
N VAL I 19 -23.26 -7.44 -22.54
CA VAL I 19 -22.64 -8.73 -22.23
C VAL I 19 -21.33 -8.50 -21.51
N ALA I 20 -20.56 -7.50 -21.94
CA ALA I 20 -19.28 -7.24 -21.30
C ALA I 20 -19.48 -6.72 -19.88
N ALA I 21 -20.50 -5.90 -19.69
CA ALA I 21 -20.76 -5.35 -18.38
C ALA I 21 -21.06 -6.49 -17.42
N ALA I 22 -21.87 -7.45 -17.88
CA ALA I 22 -22.28 -8.58 -17.08
C ALA I 22 -21.06 -9.27 -16.49
N VAL I 23 -20.01 -9.46 -17.30
CA VAL I 23 -18.80 -10.11 -16.84
C VAL I 23 -18.24 -9.35 -15.64
N LEU I 24 -18.16 -8.03 -15.78
CA LEU I 24 -17.45 -7.23 -14.80
C LEU I 24 -18.23 -7.26 -13.49
N ILE I 25 -19.57 -7.11 -13.59
CA ILE I 25 -20.46 -7.06 -12.44
C ILE I 25 -20.37 -8.38 -11.69
N ASN I 26 -20.60 -9.48 -12.43
CA ASN I 26 -20.59 -10.84 -11.91
C ASN I 26 -19.28 -11.12 -11.18
N THR I 27 -18.17 -10.86 -11.88
CA THR I 27 -16.84 -11.17 -11.39
C THR I 27 -16.63 -10.47 -10.07
N SER I 28 -17.09 -9.22 -9.98
CA SER I 28 -16.90 -8.41 -8.78
C SER I 28 -17.61 -9.12 -7.63
N GLY I 29 -18.83 -9.59 -7.92
CA GLY I 29 -19.61 -10.40 -6.99
C GLY I 29 -18.83 -11.63 -6.51
N PHE I 30 -18.26 -12.39 -7.45
CA PHE I 30 -17.55 -13.62 -7.14
C PHE I 30 -16.39 -13.35 -6.20
N LEU I 31 -15.74 -12.20 -6.36
CA LEU I 31 -14.57 -11.89 -5.58
C LEU I 31 -14.99 -11.38 -4.21
N GLN I 32 -16.15 -10.72 -4.13
CA GLN I 32 -16.55 -10.06 -2.90
C GLN I 32 -16.52 -11.08 -1.76
N GLN I 33 -17.09 -12.26 -2.04
CA GLN I 33 -17.21 -13.36 -1.09
C GLN I 33 -15.84 -13.69 -0.50
N LYS I 34 -14.90 -14.07 -1.36
CA LYS I 34 -13.61 -14.61 -0.94
C LYS I 34 -12.80 -13.53 -0.25
N ALA I 35 -12.94 -12.30 -0.71
CA ALA I 35 -12.18 -11.21 -0.15
C ALA I 35 -12.51 -11.13 1.33
N MET I 36 -13.80 -11.06 1.65
CA MET I 36 -14.20 -10.90 3.04
C MET I 36 -13.72 -12.11 3.84
N ALA I 37 -14.03 -13.30 3.34
CA ALA I 37 -13.77 -14.56 4.02
C ALA I 37 -12.32 -14.60 4.48
N THR I 38 -11.41 -14.20 3.60
CA THR I 38 -9.99 -14.35 3.85
C THR I 38 -9.60 -13.50 5.04
N GLY I 39 -10.14 -12.29 5.10
CA GLY I 39 -9.77 -11.34 6.14
C GLY I 39 -10.24 -11.82 7.51
N LYS I 40 -11.49 -12.26 7.58
CA LYS I 40 -12.08 -12.68 8.83
C LYS I 40 -11.29 -13.87 9.36
N GLU I 41 -11.12 -14.89 8.52
CA GLU I 41 -10.42 -16.10 8.87
C GLU I 41 -9.02 -15.78 9.39
N SER I 42 -8.31 -14.91 8.69
CA SER I 42 -6.92 -14.66 9.01
C SER I 42 -6.81 -13.98 10.37
N THR I 43 -7.78 -13.13 10.70
CA THR I 43 -7.74 -12.39 11.93
C THR I 43 -7.96 -13.37 13.07
N GLU I 44 -8.99 -14.22 12.94
CA GLU I 44 -9.34 -15.16 14.00
C GLU I 44 -8.14 -16.07 14.31
N GLN I 45 -7.36 -16.40 13.28
CA GLN I 45 -6.16 -17.23 13.43
C GLN I 45 -5.12 -16.51 14.27
N VAL I 46 -4.83 -15.25 13.97
CA VAL I 46 -3.71 -14.63 14.64
C VAL I 46 -4.05 -14.29 16.08
N ALA I 47 -5.34 -14.07 16.36
CA ALA I 47 -5.78 -13.55 17.64
C ALA I 47 -5.99 -14.65 18.67
N SER I 48 -6.37 -15.84 18.22
CA SER I 48 -6.80 -16.89 19.13
C SER I 48 -5.66 -17.83 19.52
N GLY I 49 -5.83 -18.51 20.66
CA GLY I 49 -4.79 -19.37 21.20
C GLY I 49 -5.13 -19.85 22.61
N LEU I 50 -4.28 -20.72 23.17
CA LEU I 50 -4.42 -21.20 24.53
C LEU I 50 -3.05 -21.10 25.21
N LEU I 51 -3.05 -21.09 26.55
CA LEU I 51 -1.85 -20.82 27.31
C LEU I 51 -1.82 -21.73 28.54
N CYS I 52 -0.66 -22.36 28.76
CA CYS I 52 -0.43 -23.35 29.81
C CYS I 52 -0.15 -22.63 31.10
N SER I 53 -0.74 -23.14 32.16
CA SER I 53 -0.80 -22.37 33.39
C SER I 53 0.02 -23.09 34.43
N GLY I 54 0.07 -24.42 34.32
CA GLY I 54 0.72 -25.25 35.32
C GLY I 54 0.58 -26.71 34.92
N VAL I 55 1.47 -27.57 35.41
CA VAL I 55 1.30 -28.99 35.31
C VAL I 55 1.59 -29.61 36.67
N THR I 56 0.80 -30.64 37.06
CA THR I 56 1.07 -31.37 38.29
C THR I 56 0.88 -32.87 38.11
N GLY I 57 1.45 -33.68 39.04
CA GLY I 57 1.53 -35.12 38.74
C GLY I 57 1.63 -36.03 39.96
N HIS I 58 1.30 -37.34 39.82
CA HIS I 58 1.15 -38.22 40.98
C HIS I 58 2.19 -39.35 40.90
N TYR I 59 2.94 -39.58 41.99
CA TYR I 59 4.04 -40.53 41.99
C TYR I 59 3.64 -41.77 42.73
N VAL I 60 3.72 -42.95 42.11
CA VAL I 60 3.51 -44.21 42.79
C VAL I 60 4.85 -44.75 43.25
N LYS I 61 4.94 -45.20 44.50
CA LYS I 61 6.24 -45.51 45.10
C LYS I 61 6.95 -46.59 44.30
N ASN I 62 8.24 -46.37 44.09
CA ASN I 62 9.11 -47.32 43.44
C ASN I 62 8.72 -47.53 41.98
N LYS I 63 7.82 -46.68 41.43
CA LYS I 63 7.39 -46.85 40.04
C LYS I 63 7.67 -45.61 39.18
N GLY I 64 7.22 -44.42 39.61
CA GLY I 64 7.35 -43.22 38.79
C GLY I 64 6.03 -42.47 38.61
N ILE I 65 6.00 -41.48 37.73
CA ILE I 65 4.83 -40.63 37.63
C ILE I 65 3.79 -41.36 36.81
N ASP I 66 2.58 -41.46 37.36
CA ASP I 66 1.57 -42.36 36.84
C ASP I 66 0.58 -41.58 35.99
N ARG I 67 0.22 -40.37 36.43
CA ARG I 67 -0.80 -39.50 35.82
C ARG I 67 -0.36 -38.03 35.94
N ILE I 68 -0.86 -37.16 35.04
CA ILE I 68 -0.56 -35.74 35.03
C ILE I 68 -1.80 -34.89 34.73
N VAL I 69 -1.90 -33.67 35.31
CA VAL I 69 -3.00 -32.75 35.06
C VAL I 69 -2.47 -31.41 34.61
N ILE I 70 -2.92 -30.96 33.43
CA ILE I 70 -2.37 -29.81 32.74
C ILE I 70 -3.42 -28.73 32.79
N TYR I 71 -3.10 -27.54 33.29
CA TYR I 71 -4.09 -26.50 33.45
C TYR I 71 -3.96 -25.57 32.27
N ILE I 72 -5.11 -25.21 31.66
CA ILE I 72 -5.09 -24.49 30.40
C ILE I 72 -6.12 -23.38 30.43
N THR I 73 -5.82 -22.26 29.74
CA THR I 73 -6.59 -21.01 29.79
C THR I 73 -6.46 -20.32 28.44
N PRO I 74 -7.40 -19.49 28.00
CA PRO I 74 -7.29 -18.85 26.70
C PRO I 74 -6.51 -17.55 26.78
N ASN I 75 -5.89 -17.11 25.68
CA ASN I 75 -5.10 -15.89 25.72
C ASN I 75 -6.01 -14.68 25.67
N ALA I 76 -5.54 -13.52 26.12
CA ALA I 76 -6.35 -12.31 26.07
C ALA I 76 -6.89 -12.11 24.66
N GLY I 77 -8.20 -11.87 24.55
CA GLY I 77 -8.78 -11.44 23.29
C GLY I 77 -9.09 -12.60 22.33
N SER I 78 -8.72 -13.81 22.70
CA SER I 78 -8.95 -14.97 21.84
C SER I 78 -10.43 -15.27 21.66
N ALA I 79 -10.79 -15.74 20.49
CA ALA I 79 -12.16 -16.07 20.21
C ALA I 79 -12.37 -17.42 20.84
N PRO I 80 -13.60 -17.92 21.07
CA PRO I 80 -13.80 -19.13 21.85
C PRO I 80 -13.25 -20.38 21.18
N ILE I 81 -12.65 -21.29 21.95
CA ILE I 81 -11.98 -22.46 21.44
C ILE I 81 -12.76 -23.73 21.78
N ASP I 82 -13.00 -24.53 20.75
CA ASP I 82 -13.91 -25.66 20.77
C ASP I 82 -13.10 -26.84 21.22
N LEU I 83 -13.07 -27.04 22.53
CA LEU I 83 -12.02 -27.85 23.11
C LEU I 83 -12.08 -29.26 22.55
N LYS I 84 -13.26 -29.71 22.08
CA LYS I 84 -13.47 -31.12 21.83
C LYS I 84 -12.90 -31.48 20.48
N GLN I 85 -12.39 -30.51 19.75
CA GLN I 85 -11.74 -30.82 18.50
C GLN I 85 -10.23 -30.68 18.63
N CYS I 86 -9.69 -30.29 19.77
CA CYS I 86 -8.25 -30.02 19.88
C CYS I 86 -7.50 -31.31 20.14
N LYS I 87 -6.27 -31.46 19.64
CA LYS I 87 -5.49 -32.68 19.83
C LYS I 87 -4.21 -32.36 20.59
N LEU I 88 -3.76 -33.27 21.47
CA LEU I 88 -2.62 -33.02 22.34
C LEU I 88 -1.52 -33.98 21.96
N PHE I 89 -0.36 -33.44 21.57
CA PHE I 89 0.79 -34.23 21.14
C PHE I 89 1.83 -34.18 22.25
N LEU I 90 2.36 -35.34 22.62
CA LEU I 90 3.37 -35.41 23.66
C LEU I 90 4.50 -36.32 23.19
N MET I 91 5.75 -35.93 23.49
CA MET I 91 6.95 -36.66 23.16
C MET I 91 7.71 -36.99 24.42
N TYR I 92 8.37 -38.15 24.42
CA TYR I 92 9.14 -38.66 25.55
C TYR I 92 10.20 -39.61 25.01
N ASP I 93 10.67 -40.56 25.79
CA ASP I 93 11.95 -41.19 25.48
C ASP I 93 11.85 -42.11 24.29
N GLY I 94 10.67 -42.46 23.87
CA GLY I 94 10.64 -43.36 22.74
C GLY I 94 9.32 -43.40 21.98
N LYS I 95 8.42 -42.47 22.28
CA LYS I 95 7.07 -42.52 21.83
C LYS I 95 6.63 -41.09 21.58
N ALA I 96 5.78 -40.90 20.56
CA ALA I 96 5.20 -39.60 20.28
C ALA I 96 3.73 -39.87 20.00
N VAL I 97 2.87 -39.42 20.92
CA VAL I 97 1.52 -39.91 21.03
C VAL I 97 0.59 -38.74 20.79
N SER I 98 -0.52 -38.98 20.08
CA SER I 98 -1.57 -37.98 19.96
C SER I 98 -2.78 -38.48 20.74
N LEU I 99 -3.43 -37.62 21.55
CA LEU I 99 -4.60 -37.98 22.32
C LEU I 99 -5.83 -37.15 21.91
N ASN I 100 -7.06 -37.74 21.86
CA ASN I 100 -8.27 -37.02 21.44
C ASN I 100 -9.27 -36.89 22.57
N PHE I 101 -10.08 -35.82 22.61
CA PHE I 101 -11.07 -35.59 23.67
C PHE I 101 -12.01 -36.75 23.83
N SER I 102 -12.49 -36.97 25.04
CA SER I 102 -13.44 -38.05 25.29
C SER I 102 -14.34 -37.57 26.42
N LYS I 103 -15.60 -38.02 26.43
CA LYS I 103 -16.53 -37.51 27.40
C LYS I 103 -16.20 -38.06 28.78
N TYR I 104 -16.35 -37.19 29.80
CA TYR I 104 -16.37 -37.50 31.22
C TYR I 104 -17.58 -38.42 31.42
N ASP I 105 -17.81 -38.97 32.62
CA ASP I 105 -18.96 -39.84 32.77
C ASP I 105 -20.28 -39.10 32.48
N THR I 106 -21.00 -39.54 31.44
CA THR I 106 -22.40 -39.21 31.12
C THR I 106 -22.58 -37.76 30.70
N ASN I 107 -21.54 -36.93 30.84
CA ASN I 107 -21.66 -35.49 30.65
C ASN I 107 -20.39 -34.98 29.95
N THR I 108 -20.46 -33.80 29.30
CA THR I 108 -19.40 -33.47 28.40
C THR I 108 -18.09 -33.18 29.14
N VAL I 109 -18.19 -32.58 30.32
CA VAL I 109 -17.03 -32.05 31.04
C VAL I 109 -17.36 -32.20 32.52
N GLY I 110 -16.42 -32.68 33.32
CA GLY I 110 -16.71 -32.94 34.73
C GLY I 110 -16.93 -31.65 35.51
N ASP I 111 -18.12 -31.43 36.09
CA ASP I 111 -18.44 -30.14 36.71
C ASP I 111 -17.95 -30.04 38.14
N PHE I 112 -16.78 -29.47 38.30
CA PHE I 112 -16.25 -29.19 39.60
C PHE I 112 -16.03 -27.70 39.73
N THR I 113 -16.99 -26.91 39.27
CA THR I 113 -16.95 -25.47 39.41
C THR I 113 -16.96 -25.09 40.88
N ASN I 114 -17.43 -25.97 41.77
CA ASN I 114 -17.51 -25.70 43.19
C ASN I 114 -16.55 -26.57 44.02
N GLY I 115 -15.40 -26.97 43.48
CA GLY I 115 -14.30 -27.43 44.32
C GLY I 115 -14.14 -28.95 44.37
N ILE I 116 -12.91 -29.43 44.65
CA ILE I 116 -12.58 -30.84 44.65
C ILE I 116 -11.77 -31.12 45.88
N LYS I 117 -12.10 -32.21 46.59
CA LYS I 117 -11.39 -32.60 47.79
C LYS I 117 -9.96 -32.95 47.46
N ASP I 118 -9.76 -33.70 46.37
CA ASP I 118 -8.43 -34.07 45.86
C ASP I 118 -8.53 -34.47 44.40
N ILE I 119 -7.77 -33.81 43.51
CA ILE I 119 -7.93 -33.95 42.07
C ILE I 119 -7.49 -35.34 41.65
N PHE I 120 -6.79 -36.07 42.51
CA PHE I 120 -6.29 -37.37 42.12
C PHE I 120 -7.02 -38.53 42.80
N ASN I 121 -7.93 -38.26 43.75
CA ASN I 121 -8.65 -39.35 44.41
C ASN I 121 -9.63 -39.95 43.43
N THR I 122 -9.54 -41.27 43.23
CA THR I 122 -10.20 -41.98 42.14
C THR I 122 -11.72 -41.89 42.24
N THR I 123 -12.27 -42.08 43.46
CA THR I 123 -13.72 -42.18 43.61
C THR I 123 -14.41 -40.85 43.41
N VAL I 124 -13.73 -39.77 43.77
CA VAL I 124 -14.28 -38.44 43.60
C VAL I 124 -14.25 -38.08 42.11
N VAL I 125 -13.12 -38.35 41.44
CA VAL I 125 -12.81 -37.64 40.20
C VAL I 125 -13.18 -38.42 38.95
N LYS I 126 -13.22 -39.74 39.00
CA LYS I 126 -13.56 -40.49 37.79
C LYS I 126 -12.51 -40.37 36.67
N TRP I 127 -11.34 -40.97 36.91
CA TRP I 127 -10.23 -41.02 35.95
C TRP I 127 -10.46 -42.07 34.88
N ASN I 128 -11.48 -42.93 35.00
CA ASN I 128 -11.50 -44.19 34.25
C ASN I 128 -11.50 -44.05 32.73
N ASN I 129 -12.05 -42.96 32.17
CA ASN I 129 -12.12 -42.79 30.73
C ASN I 129 -10.81 -42.26 30.16
N ALA I 130 -9.75 -42.10 30.97
CA ALA I 130 -8.47 -41.68 30.42
C ALA I 130 -7.74 -42.90 29.87
N ASP I 131 -8.13 -43.34 28.66
CA ASP I 131 -7.59 -44.52 27.98
C ASP I 131 -6.23 -44.15 27.42
N ALA I 132 -5.57 -45.08 26.72
CA ALA I 132 -4.19 -44.83 26.34
C ALA I 132 -4.19 -43.87 25.17
N THR I 133 -5.37 -43.57 24.61
CA THR I 133 -5.45 -42.70 23.44
C THR I 133 -6.38 -41.50 23.61
N SER I 134 -6.83 -41.16 24.84
CA SER I 134 -7.64 -39.96 25.00
C SER I 134 -7.40 -39.18 26.29
N PHE I 135 -7.92 -37.94 26.34
CA PHE I 135 -7.96 -37.18 27.57
C PHE I 135 -9.39 -36.81 27.97
N VAL I 136 -9.54 -36.33 29.23
CA VAL I 136 -10.82 -35.81 29.68
C VAL I 136 -10.60 -34.47 30.33
N VAL I 137 -11.64 -33.63 30.43
CA VAL I 137 -11.53 -32.25 30.86
C VAL I 137 -12.39 -32.05 32.09
N VAL I 138 -11.85 -31.33 33.09
CA VAL I 138 -12.51 -31.05 34.35
C VAL I 138 -12.59 -29.53 34.42
N ALA I 139 -13.79 -28.99 34.66
CA ALA I 139 -14.01 -27.55 34.58
C ALA I 139 -13.84 -26.94 35.95
N LEU I 140 -12.89 -26.01 36.07
CA LEU I 140 -12.52 -25.46 37.34
C LEU I 140 -13.07 -24.06 37.55
N GLN I 141 -13.15 -23.21 36.51
CA GLN I 141 -13.85 -21.94 36.64
C GLN I 141 -14.52 -21.56 35.33
N ASP I 142 -15.83 -21.26 35.36
CA ASP I 142 -16.62 -20.95 34.17
C ASP I 142 -17.95 -20.34 34.60
N ASP I 143 -18.07 -19.02 34.44
CA ASP I 143 -19.21 -18.24 34.89
C ASP I 143 -20.41 -18.52 33.99
N ASP I 144 -20.16 -18.47 32.69
CA ASP I 144 -21.18 -18.46 31.65
C ASP I 144 -21.64 -19.86 31.24
N LYS I 145 -21.20 -20.91 31.93
CA LYS I 145 -21.56 -22.28 31.61
C LYS I 145 -21.13 -22.75 30.21
N SER I 146 -20.09 -22.16 29.61
CA SER I 146 -19.68 -22.61 28.30
C SER I 146 -18.95 -23.94 28.32
N LEU I 147 -18.08 -24.14 29.31
CA LEU I 147 -17.38 -25.41 29.39
C LEU I 147 -18.44 -26.47 29.59
N LEU I 148 -19.45 -26.19 30.43
CA LEU I 148 -20.32 -27.22 30.99
C LEU I 148 -21.27 -27.74 29.93
N THR I 149 -21.26 -27.11 28.76
CA THR I 149 -22.30 -27.33 27.79
C THR I 149 -21.67 -27.22 26.39
N ASN I 150 -21.28 -28.36 25.81
CA ASN I 150 -20.65 -28.36 24.50
C ASN I 150 -19.19 -27.88 24.51
N ALA I 151 -18.57 -27.73 25.69
CA ALA I 151 -17.13 -27.75 25.87
C ALA I 151 -16.40 -26.61 25.17
N VAL I 152 -16.90 -25.37 25.29
CA VAL I 152 -16.21 -24.27 24.66
C VAL I 152 -15.56 -23.36 25.70
N ILE I 153 -14.23 -23.18 25.59
CA ILE I 153 -13.50 -22.27 26.46
C ILE I 153 -13.74 -20.86 25.93
N ASN I 154 -14.09 -19.92 26.83
CA ASN I 154 -14.09 -18.49 26.52
C ASN I 154 -13.44 -17.69 27.62
N LYS I 155 -13.48 -16.35 27.54
CA LYS I 155 -12.59 -15.50 28.34
C LYS I 155 -12.76 -15.77 29.83
N GLY I 156 -11.66 -16.00 30.53
CA GLY I 156 -11.76 -16.11 31.97
C GLY I 156 -11.98 -17.53 32.47
N ASP I 157 -12.21 -18.48 31.55
CA ASP I 157 -12.37 -19.86 31.97
C ASP I 157 -11.01 -20.47 32.33
N LEU I 158 -10.98 -21.48 33.23
CA LEU I 158 -9.77 -22.27 33.53
C LEU I 158 -10.18 -23.72 33.62
N ALA I 159 -9.44 -24.62 32.95
CA ALA I 159 -9.89 -25.99 32.81
C ALA I 159 -8.69 -26.89 32.86
N GLY I 160 -8.93 -28.14 33.24
CA GLY I 160 -7.78 -28.96 33.52
C GLY I 160 -7.91 -30.24 32.71
N VAL I 161 -6.82 -30.60 32.03
CA VAL I 161 -6.84 -31.73 31.13
C VAL I 161 -6.18 -32.88 31.88
N LEU I 162 -6.83 -34.05 31.96
CA LEU I 162 -6.25 -35.16 32.66
C LEU I 162 -5.63 -36.16 31.66
N VAL I 163 -4.34 -36.57 31.84
CA VAL I 163 -3.74 -37.60 30.99
C VAL I 163 -3.10 -38.74 31.76
N ASN I 164 -3.43 -40.02 31.43
CA ASN I 164 -2.99 -41.21 32.14
C ASN I 164 -1.68 -41.61 31.50
N VAL I 165 -0.63 -40.93 31.92
CA VAL I 165 0.59 -40.94 31.16
C VAL I 165 1.12 -42.35 31.12
N SER I 166 0.96 -43.08 32.21
CA SER I 166 1.65 -44.37 32.28
C SER I 166 1.04 -45.33 31.28
N ALA I 167 -0.20 -45.04 30.90
CA ALA I 167 -0.91 -45.86 29.92
C ALA I 167 -0.62 -45.35 28.51
N ALA I 168 -0.46 -44.04 28.38
CA ALA I 168 -0.21 -43.41 27.10
C ALA I 168 1.19 -43.78 26.59
N PHE I 169 2.22 -43.63 27.41
CA PHE I 169 3.56 -43.92 26.98
C PHE I 169 3.88 -45.37 27.28
N GLY I 170 2.99 -46.07 27.97
CA GLY I 170 3.24 -47.49 28.20
C GLY I 170 4.18 -47.78 29.38
N LYS I 171 4.81 -46.75 29.94
CA LYS I 171 5.55 -46.91 31.19
C LYS I 171 5.49 -45.63 32.04
N HIS I 172 5.86 -45.75 33.33
CA HIS I 172 5.89 -44.58 34.19
C HIS I 172 7.10 -43.70 33.86
N VAL I 173 6.97 -42.35 33.84
CA VAL I 173 8.14 -41.56 33.51
C VAL I 173 9.02 -41.44 34.74
N GLY I 174 10.33 -41.60 34.53
CA GLY I 174 11.30 -41.70 35.62
C GLY I 174 11.84 -40.33 35.99
N THR I 175 12.89 -40.33 36.80
CA THR I 175 13.50 -39.09 37.22
C THR I 175 14.45 -38.62 36.13
N ARG I 176 14.74 -37.31 36.09
CA ARG I 176 15.70 -36.72 35.16
C ARG I 176 15.31 -36.92 33.71
N GLU I 177 14.00 -37.03 33.38
CA GLU I 177 13.58 -37.23 32.02
C GLU I 177 12.77 -36.03 31.54
N ARG I 178 12.88 -35.64 30.25
CA ARG I 178 12.00 -34.56 29.77
C ARG I 178 10.81 -35.05 28.98
N VAL I 179 9.74 -34.23 29.01
CA VAL I 179 8.55 -34.47 28.22
C VAL I 179 8.10 -33.15 27.62
N SER I 180 7.78 -33.16 26.32
CA SER I 180 7.42 -31.92 25.69
C SER I 180 6.32 -32.14 24.68
N GLY I 181 5.52 -31.10 24.46
CA GLY I 181 4.42 -31.25 23.53
C GLY I 181 3.70 -29.94 23.26
N TYR I 182 2.54 -30.07 22.67
CA TYR I 182 1.69 -28.96 22.33
C TYR I 182 0.24 -29.43 22.35
N LEU I 183 -0.66 -28.54 22.82
CA LEU I 183 -2.09 -28.78 22.65
C LEU I 183 -2.53 -27.87 21.55
N GLN I 184 -2.95 -28.45 20.42
CA GLN I 184 -3.08 -27.70 19.19
C GLN I 184 -4.55 -27.53 18.94
N PRO I 185 -5.12 -26.32 18.98
CA PRO I 185 -6.51 -26.14 18.65
C PRO I 185 -6.76 -26.14 17.16
N GLU I 186 -8.03 -26.19 16.80
CA GLU I 186 -8.51 -26.27 15.43
C GLU I 186 -8.08 -25.04 14.67
N PHE I 187 -8.14 -23.88 15.32
CA PHE I 187 -7.50 -22.70 14.77
C PHE I 187 -6.85 -21.92 15.90
N GLY I 188 -5.71 -21.28 15.60
CA GLY I 188 -5.04 -20.46 16.61
C GLY I 188 -3.80 -21.14 17.18
N ALA I 189 -3.13 -20.43 18.09
CA ALA I 189 -1.78 -20.79 18.47
C ALA I 189 -1.81 -21.90 19.49
N PRO I 190 -0.84 -22.84 19.49
CA PRO I 190 -0.89 -23.96 20.40
C PRO I 190 -0.26 -23.68 21.75
N ALA I 191 -0.74 -24.35 22.77
CA ALA I 191 -0.17 -24.17 24.08
C ALA I 191 1.03 -25.10 24.18
N VAL I 192 2.25 -24.56 24.42
CA VAL I 192 3.46 -25.36 24.56
C VAL I 192 3.50 -25.99 25.94
N ILE I 193 3.92 -27.26 26.04
CA ILE I 193 4.18 -27.91 27.30
C ILE I 193 5.63 -28.39 27.28
N GLU I 194 6.34 -28.22 28.40
CA GLU I 194 7.73 -28.62 28.45
C GLU I 194 8.11 -28.70 29.92
N PHE I 195 8.56 -29.88 30.37
CA PHE I 195 9.18 -29.97 31.67
C PHE I 195 10.10 -31.18 31.81
N THR I 196 11.03 -31.05 32.75
CA THR I 196 11.95 -32.12 33.07
C THR I 196 11.62 -32.60 34.47
N THR I 197 11.39 -33.90 34.65
CA THR I 197 10.98 -34.42 35.93
C THR I 197 12.17 -34.23 36.82
N PRO I 198 12.00 -33.90 38.13
CA PRO I 198 13.13 -33.63 38.99
C PRO I 198 13.98 -34.86 39.24
N ALA I 199 15.09 -34.61 39.93
CA ALA I 199 16.10 -35.62 40.22
C ALA I 199 15.63 -36.59 41.30
N ALA I 200 14.76 -36.14 42.20
CA ALA I 200 14.44 -36.95 43.35
C ALA I 200 12.95 -36.85 43.64
N PHE I 201 12.23 -37.92 43.35
CA PHE I 201 10.86 -37.93 43.74
C PHE I 201 10.88 -38.14 45.24
N THR I 202 10.10 -37.34 46.01
CA THR I 202 10.07 -37.49 47.45
C THR I 202 8.72 -37.19 48.11
N SER I 203 7.65 -36.94 47.32
CA SER I 203 6.33 -36.65 47.83
C SER I 203 5.33 -37.08 46.76
N ASP I 204 4.05 -37.27 47.13
CA ASP I 204 3.15 -37.92 46.20
C ASP I 204 2.75 -36.96 45.09
N VAL I 205 2.47 -35.68 45.38
CA VAL I 205 2.03 -34.81 44.30
C VAL I 205 3.07 -33.74 44.02
N ILE I 206 3.59 -33.66 42.78
CA ILE I 206 4.77 -32.89 42.42
C ILE I 206 4.47 -31.80 41.43
N GLU I 207 5.11 -30.65 41.62
CA GLU I 207 4.69 -29.44 40.94
C GLU I 207 5.58 -29.21 39.73
N LEU I 208 5.32 -29.96 38.67
CA LEU I 208 6.19 -30.00 37.51
C LEU I 208 6.29 -28.64 36.84
N GLN I 209 5.18 -27.87 36.81
CA GLN I 209 5.09 -26.46 36.46
C GLN I 209 5.89 -26.09 35.19
N ALA J 1 -23.82 4.02 -33.70
CA ALA J 1 -22.74 4.96 -33.21
C ALA J 1 -21.95 4.33 -32.07
N ILE J 2 -20.63 4.60 -32.05
CA ILE J 2 -19.73 4.04 -31.06
C ILE J 2 -20.01 4.60 -29.66
N GLY J 3 -20.57 5.81 -29.61
CA GLY J 3 -20.74 6.52 -28.35
C GLY J 3 -21.60 5.74 -27.38
N ILE J 4 -22.61 5.07 -27.95
CA ILE J 4 -23.64 4.42 -27.18
C ILE J 4 -23.00 3.40 -26.22
N GLY J 5 -22.14 2.56 -26.74
CA GLY J 5 -21.50 1.55 -25.90
C GLY J 5 -20.57 2.16 -24.86
N THR J 6 -19.88 3.25 -25.23
CA THR J 6 -18.87 3.86 -24.37
C THR J 6 -19.54 4.30 -23.08
N LEU J 7 -20.75 4.85 -23.22
CA LEU J 7 -21.56 5.30 -22.10
C LEU J 7 -21.88 4.10 -21.22
N ILE J 8 -22.46 3.05 -21.81
CA ILE J 8 -22.98 1.89 -21.08
C ILE J 8 -21.85 1.22 -20.31
N ILE J 9 -20.68 1.05 -20.92
CA ILE J 9 -19.61 0.35 -20.22
C ILE J 9 -19.06 1.20 -19.07
N PHE J 10 -19.14 2.53 -19.17
CA PHE J 10 -18.71 3.42 -18.10
C PHE J 10 -19.54 3.15 -16.85
N ILE J 11 -20.86 3.00 -17.05
CA ILE J 11 -21.80 2.73 -15.97
C ILE J 11 -21.34 1.49 -15.22
N ALA J 12 -20.96 0.45 -15.95
CA ALA J 12 -20.50 -0.78 -15.35
C ALA J 12 -19.22 -0.52 -14.56
N MET J 13 -18.28 0.21 -15.17
CA MET J 13 -16.94 0.35 -14.61
C MET J 13 -17.03 1.02 -13.22
N VAL J 14 -17.89 2.05 -13.14
CA VAL J 14 -18.14 2.80 -11.91
C VAL J 14 -18.62 1.82 -10.87
N LEU J 15 -19.65 1.04 -11.22
CA LEU J 15 -20.34 0.17 -10.28
C LEU J 15 -19.35 -0.83 -9.72
N VAL J 16 -18.48 -1.39 -10.56
CA VAL J 16 -17.54 -2.40 -10.10
C VAL J 16 -16.58 -1.77 -9.12
N ALA J 17 -16.09 -0.57 -9.45
CA ALA J 17 -15.12 0.10 -8.60
C ALA J 17 -15.75 0.43 -7.24
N ALA J 18 -17.07 0.63 -7.23
CA ALA J 18 -17.78 0.91 -6.00
C ALA J 18 -17.73 -0.34 -5.12
N VAL J 19 -18.11 -1.49 -5.71
CA VAL J 19 -18.16 -2.75 -4.98
C VAL J 19 -16.79 -3.06 -4.40
N ALA J 20 -15.75 -2.85 -5.19
CA ALA J 20 -14.39 -3.12 -4.75
C ALA J 20 -14.04 -2.24 -3.55
N ALA J 21 -14.41 -0.97 -3.60
CA ALA J 21 -14.12 -0.04 -2.51
C ALA J 21 -14.84 -0.53 -1.25
N ALA J 22 -16.09 -0.96 -1.43
CA ALA J 22 -16.93 -1.29 -0.30
C ALA J 22 -16.24 -2.30 0.61
N VAL J 23 -15.70 -3.39 0.05
CA VAL J 23 -15.12 -4.49 0.81
C VAL J 23 -14.00 -3.99 1.72
N LEU J 24 -13.29 -2.95 1.30
CA LEU J 24 -12.18 -2.45 2.09
C LEU J 24 -12.73 -1.65 3.27
N ILE J 25 -13.78 -0.86 3.03
CA ILE J 25 -14.41 -0.04 4.06
C ILE J 25 -14.97 -0.98 5.13
N ASN J 26 -15.77 -1.97 4.69
CA ASN J 26 -16.34 -3.00 5.55
C ASN J 26 -15.26 -3.69 6.38
N THR J 27 -14.20 -4.17 5.72
CA THR J 27 -13.18 -4.96 6.38
C THR J 27 -12.45 -4.11 7.40
N SER J 28 -12.32 -2.82 7.11
CA SER J 28 -11.59 -1.95 8.02
C SER J 28 -12.39 -1.82 9.30
N GLY J 29 -13.72 -1.76 9.17
CA GLY J 29 -14.65 -1.78 10.30
C GLY J 29 -14.46 -3.01 11.19
N PHE J 30 -14.49 -4.20 10.57
CA PHE J 30 -14.33 -5.46 11.26
C PHE J 30 -13.02 -5.48 12.05
N LEU J 31 -11.95 -5.06 11.40
CA LEU J 31 -10.65 -5.11 12.02
C LEU J 31 -10.55 -4.10 13.15
N GLN J 32 -11.30 -2.98 13.07
CA GLN J 32 -11.13 -1.90 14.03
C GLN J 32 -11.39 -2.46 15.43
N GLN J 33 -12.58 -3.04 15.58
CA GLN J 33 -13.02 -3.52 16.87
C GLN J 33 -12.04 -4.55 17.41
N LYS J 34 -11.70 -5.52 16.54
CA LYS J 34 -10.89 -6.66 16.94
C LYS J 34 -9.53 -6.21 17.47
N ALA J 35 -8.98 -5.19 16.82
CA ALA J 35 -7.67 -4.66 17.17
C ALA J 35 -7.78 -3.97 18.52
N MET J 36 -8.76 -3.06 18.65
CA MET J 36 -8.85 -2.20 19.82
C MET J 36 -8.98 -3.06 21.08
N ALA J 37 -9.89 -4.03 21.02
CA ALA J 37 -10.16 -4.96 22.12
C ALA J 37 -8.89 -5.71 22.50
N THR J 38 -8.11 -6.14 21.51
CA THR J 38 -6.97 -7.02 21.76
C THR J 38 -5.94 -6.26 22.58
N GLY J 39 -5.79 -4.97 22.28
CA GLY J 39 -4.84 -4.10 22.97
C GLY J 39 -5.27 -3.87 24.42
N LYS J 40 -6.53 -3.48 24.60
CA LYS J 40 -7.06 -3.17 25.91
C LYS J 40 -6.86 -4.36 26.82
N GLU J 41 -7.36 -5.51 26.36
CA GLU J 41 -7.41 -6.72 27.15
C GLU J 41 -6.01 -7.09 27.58
N SER J 42 -5.08 -7.08 26.62
CA SER J 42 -3.73 -7.51 26.90
C SER J 42 -3.11 -6.61 27.96
N THR J 43 -3.52 -5.34 27.99
CA THR J 43 -2.91 -4.36 28.88
C THR J 43 -3.33 -4.66 30.30
N GLU J 44 -4.63 -4.89 30.48
CA GLU J 44 -5.23 -5.14 31.78
C GLU J 44 -4.59 -6.38 32.40
N GLN J 45 -4.33 -7.40 31.58
CA GLN J 45 -3.73 -8.66 32.00
C GLN J 45 -2.39 -8.40 32.67
N VAL J 46 -1.51 -7.64 32.03
CA VAL J 46 -0.16 -7.48 32.55
C VAL J 46 -0.22 -6.65 33.82
N ALA J 47 -1.12 -5.66 33.84
CA ALA J 47 -1.13 -4.60 34.83
C ALA J 47 -1.64 -5.07 36.19
N SER J 48 -2.29 -6.23 36.26
CA SER J 48 -3.11 -6.57 37.42
C SER J 48 -2.64 -7.83 38.14
N GLY J 49 -2.88 -7.89 39.45
CA GLY J 49 -2.53 -9.07 40.21
C GLY J 49 -2.81 -8.92 41.71
N LEU J 50 -2.53 -9.96 42.48
CA LEU J 50 -2.72 -9.97 43.92
C LEU J 50 -1.40 -10.33 44.60
N GLN J 51 -1.25 -9.95 45.87
CA GLN J 51 -0.04 -10.16 46.63
C GLN J 51 -0.42 -10.67 48.02
N VAL J 52 0.24 -11.74 48.49
CA VAL J 52 -0.05 -12.28 49.81
C VAL J 52 0.74 -11.52 50.83
N ILE J 53 0.04 -10.85 51.76
CA ILE J 53 0.68 -10.01 52.75
C ILE J 53 1.26 -10.94 53.80
N ARG J 54 0.42 -11.72 54.49
CA ARG J 54 0.87 -12.62 55.55
C ARG J 54 -0.05 -13.83 55.61
N VAL J 55 0.39 -14.95 56.19
CA VAL J 55 -0.48 -16.07 56.44
C VAL J 55 -0.42 -16.43 57.91
N LEU J 56 -1.57 -16.61 58.57
CA LEU J 56 -1.67 -16.91 60.00
C LEU J 56 -2.44 -18.21 60.22
N GLY J 57 -2.25 -18.89 61.39
CA GLY J 57 -2.75 -20.26 61.51
C GLY J 57 -2.98 -20.75 62.94
N ASN J 58 -4.25 -20.87 63.31
CA ASN J 58 -4.65 -21.40 64.60
C ASN J 58 -4.18 -22.84 64.76
N HIS J 59 -3.88 -23.33 65.98
CA HIS J 59 -3.41 -24.72 66.21
C HIS J 59 -4.01 -25.39 67.43
N SER J 60 -4.42 -26.67 67.29
CA SER J 60 -4.94 -27.48 68.39
C SER J 60 -4.54 -28.92 68.15
N GLY J 61 -4.27 -29.66 69.20
CA GLY J 61 -3.98 -31.06 68.96
C GLY J 61 -2.63 -31.18 68.31
N GLY J 62 -2.56 -31.80 67.13
CA GLY J 62 -1.23 -31.99 66.58
C GLY J 62 -1.05 -31.28 65.24
N LYS J 63 -1.91 -30.31 64.96
CA LYS J 63 -2.09 -29.89 63.60
C LYS J 63 -2.37 -28.40 63.58
N ILE J 64 -2.24 -27.79 62.40
CA ILE J 64 -2.82 -26.49 62.19
C ILE J 64 -4.17 -26.77 61.52
N ASN J 65 -5.25 -26.22 62.04
CA ASN J 65 -6.55 -26.58 61.57
C ASN J 65 -7.21 -25.50 60.70
N TRP J 66 -6.99 -24.22 60.95
CA TRP J 66 -7.54 -23.17 60.11
C TRP J 66 -6.38 -22.30 59.59
N LEU J 67 -6.47 -21.75 58.38
CA LEU J 67 -5.51 -20.79 57.90
C LEU J 67 -6.24 -19.52 57.47
N ALA J 68 -5.59 -18.36 57.65
CA ALA J 68 -6.17 -17.12 57.23
C ALA J 68 -5.12 -16.44 56.39
N VAL J 69 -5.40 -16.31 55.10
CA VAL J 69 -4.45 -15.82 54.12
C VAL J 69 -4.84 -14.40 53.78
N LEU J 70 -4.01 -13.43 54.19
CA LEU J 70 -4.33 -12.03 53.97
C LEU J 70 -3.76 -11.62 52.62
N ILE J 71 -4.57 -10.92 51.81
CA ILE J 71 -4.21 -10.68 50.42
C ILE J 71 -4.64 -9.29 50.01
N SER J 72 -3.92 -8.66 49.05
CA SER J 72 -4.24 -7.29 48.65
C SER J 72 -3.81 -7.09 47.20
N PRO J 73 -4.30 -6.06 46.50
CA PRO J 73 -3.94 -5.87 45.10
C PRO J 73 -2.50 -5.41 44.90
N ASN J 74 -1.95 -5.69 43.71
CA ASN J 74 -0.63 -5.19 43.33
C ASN J 74 -0.81 -3.74 42.97
N ALA J 75 0.26 -2.94 43.04
CA ALA J 75 0.10 -1.52 42.76
C ALA J 75 -0.33 -1.34 41.32
N GLY J 76 -1.33 -0.47 41.10
CA GLY J 76 -1.73 -0.07 39.75
C GLY J 76 -2.58 -1.11 39.05
N SER J 77 -3.20 -1.99 39.84
CA SER J 77 -4.05 -3.04 39.31
C SER J 77 -5.48 -2.58 39.12
N ALA J 78 -6.19 -3.23 38.19
CA ALA J 78 -7.58 -2.90 37.95
C ALA J 78 -8.33 -3.72 38.97
N PRO J 79 -9.61 -3.46 39.27
CA PRO J 79 -10.27 -4.13 40.38
C PRO J 79 -10.45 -5.63 40.16
N ILE J 80 -10.14 -6.45 41.18
CA ILE J 80 -10.23 -7.90 41.08
C ILE J 80 -11.49 -8.42 41.79
N ASP J 81 -12.33 -9.22 41.10
CA ASP J 81 -13.60 -9.70 41.63
C ASP J 81 -13.40 -11.08 42.21
N LEU J 82 -13.33 -11.14 43.53
CA LEU J 82 -12.85 -12.33 44.16
C LEU J 82 -13.88 -13.43 44.02
N SER J 83 -15.11 -13.08 43.62
CA SER J 83 -16.13 -14.13 43.60
C SER J 83 -15.81 -15.09 42.48
N GLN J 84 -14.95 -14.71 41.57
CA GLN J 84 -14.56 -15.58 40.49
C GLN J 84 -13.10 -16.05 40.64
N ALA J 85 -12.50 -15.94 41.82
CA ALA J 85 -11.12 -16.40 41.99
C ALA J 85 -11.12 -17.90 42.23
N THR J 86 -9.94 -18.56 42.25
CA THR J 86 -9.85 -19.95 42.67
C THR J 86 -8.59 -20.19 43.49
N VAL J 87 -8.63 -20.97 44.59
CA VAL J 87 -7.41 -21.20 45.35
C VAL J 87 -7.02 -22.66 45.28
N MET J 88 -5.73 -22.94 45.20
CA MET J 88 -5.26 -24.30 45.03
C MET J 88 -4.15 -24.46 46.05
N ILE J 89 -4.21 -25.53 46.85
CA ILE J 89 -3.28 -25.73 47.92
C ILE J 89 -2.86 -27.20 47.92
N THR J 90 -1.58 -27.51 48.20
CA THR J 90 -1.21 -28.90 48.38
C THR J 90 -0.22 -29.09 49.51
N ASP J 91 -0.32 -30.26 50.16
CA ASP J 91 0.53 -30.63 51.28
C ASP J 91 1.47 -31.73 50.85
N GLY J 92 1.44 -32.06 49.55
CA GLY J 92 2.34 -33.10 49.05
C GLY J 92 1.75 -34.51 49.15
N THR J 93 0.63 -34.65 49.88
CA THR J 93 -0.13 -35.87 49.85
C THR J 93 -1.52 -35.69 49.24
N HIS J 94 -2.13 -34.50 49.29
CA HIS J 94 -3.37 -34.23 48.56
C HIS J 94 -3.37 -32.84 47.90
N LYS J 95 -4.30 -32.56 46.95
CA LYS J 95 -4.30 -31.25 46.29
C LYS J 95 -5.72 -30.73 46.16
N VAL J 96 -6.15 -29.89 47.12
CA VAL J 96 -7.53 -29.44 47.19
C VAL J 96 -7.59 -28.22 46.33
N ILE J 97 -8.77 -27.97 45.73
CA ILE J 97 -9.07 -26.69 45.10
C ILE J 97 -10.39 -26.20 45.63
N ALA J 98 -10.50 -24.89 45.94
CA ALA J 98 -11.65 -24.39 46.68
C ALA J 98 -12.16 -23.09 46.11
N LYS J 99 -13.46 -22.79 46.27
CA LYS J 99 -14.11 -21.67 45.59
C LYS J 99 -15.07 -20.96 46.53
N TYR J 100 -15.46 -19.70 46.25
CA TYR J 100 -16.11 -18.85 47.24
C TYR J 100 -17.53 -19.29 47.47
N ASN J 101 -17.93 -19.39 48.74
CA ASN J 101 -19.33 -19.61 49.07
C ASN J 101 -19.82 -18.37 49.78
N SER J 102 -20.79 -17.68 49.19
CA SER J 102 -21.20 -16.34 49.58
C SER J 102 -21.76 -16.34 50.98
N THR J 103 -22.12 -17.49 51.52
CA THR J 103 -22.71 -17.59 52.84
C THR J 103 -21.76 -17.03 53.88
N PHE J 104 -20.46 -17.15 53.67
CA PHE J 104 -19.48 -16.93 54.72
C PHE J 104 -18.76 -15.59 54.53
N PHE J 105 -19.50 -14.48 54.64
CA PHE J 105 -18.92 -13.15 54.53
C PHE J 105 -19.07 -12.44 55.86
N ASN J 106 -18.02 -11.72 56.30
CA ASN J 106 -18.22 -10.82 57.42
C ASN J 106 -17.63 -9.46 57.08
N GLY J 107 -18.50 -8.47 56.91
CA GLY J 107 -18.01 -7.16 56.51
C GLY J 107 -17.60 -6.31 57.71
N THR J 108 -18.20 -6.60 58.86
CA THR J 108 -18.16 -5.66 59.93
C THR J 108 -16.73 -5.42 60.38
N LEU J 109 -15.87 -6.40 60.15
CA LEU J 109 -14.54 -6.39 60.73
C LEU J 109 -13.69 -5.32 60.07
N LYS J 110 -14.24 -4.59 59.10
CA LYS J 110 -13.54 -3.46 58.54
C LYS J 110 -13.31 -2.42 59.62
N ASN J 111 -14.08 -2.49 60.69
CA ASN J 111 -14.04 -1.57 61.79
C ASN J 111 -13.42 -2.24 63.00
N GLY J 112 -12.62 -3.27 62.80
CA GLY J 112 -11.81 -3.79 63.91
C GLY J 112 -12.51 -4.95 64.62
N GLY J 113 -11.72 -5.85 65.21
CA GLY J 113 -12.22 -7.02 65.93
C GLY J 113 -11.24 -8.17 65.88
N SER J 114 -11.68 -9.38 66.25
CA SER J 114 -10.82 -10.56 66.28
C SER J 114 -11.09 -11.46 65.08
N ILE J 115 -10.03 -11.80 64.32
CA ILE J 115 -10.12 -12.83 63.27
C ILE J 115 -10.20 -14.12 64.06
N PHE J 116 -10.43 -15.24 63.40
CA PHE J 116 -10.41 -16.52 64.09
C PHE J 116 -11.44 -16.62 65.19
N GLU J 117 -12.27 -15.58 65.39
CA GLU J 117 -13.49 -15.71 66.17
C GLU J 117 -14.63 -14.93 65.49
N ALA J 118 -14.54 -14.74 64.17
CA ALA J 118 -15.58 -14.04 63.44
C ALA J 118 -16.80 -14.94 63.31
N LYS J 119 -17.98 -14.36 63.42
CA LYS J 119 -19.22 -15.08 63.14
C LYS J 119 -19.65 -14.87 61.69
N TYR J 120 -20.69 -15.61 61.25
CA TYR J 120 -21.40 -15.38 59.98
C TYR J 120 -22.89 -15.55 60.19
N ASN J 121 -23.75 -15.22 59.20
CA ASN J 121 -25.19 -15.09 59.39
C ASN J 121 -25.94 -16.00 58.44
N ASN J 122 -26.27 -17.24 58.88
CA ASN J 122 -27.33 -18.03 58.25
C ASN J 122 -28.62 -17.34 58.67
N THR J 123 -29.63 -17.26 57.79
CA THR J 123 -30.76 -16.40 58.08
C THR J 123 -31.35 -16.80 59.45
N THR J 124 -31.61 -15.81 60.31
CA THR J 124 -32.20 -15.97 61.64
C THR J 124 -31.18 -16.26 62.75
N ALA J 125 -29.90 -16.46 62.42
CA ALA J 125 -28.94 -16.76 63.48
C ALA J 125 -27.53 -16.22 63.21
N LEU J 126 -26.66 -16.23 64.24
CA LEU J 126 -25.23 -16.00 64.08
C LEU J 126 -24.46 -17.21 64.59
N LYS J 127 -23.45 -17.66 63.83
CA LYS J 127 -22.74 -18.89 64.12
C LYS J 127 -21.26 -18.70 63.78
N PRO J 128 -20.30 -19.45 64.38
CA PRO J 128 -18.88 -19.23 64.11
C PRO J 128 -18.48 -19.61 62.68
N LEU J 129 -17.65 -18.78 62.04
CA LEU J 129 -17.31 -18.89 60.62
C LEU J 129 -16.48 -20.11 60.37
N PHE J 130 -15.29 -20.17 60.98
CA PHE J 130 -14.29 -21.11 60.56
C PHE J 130 -14.74 -22.56 60.71
N ASP J 131 -15.44 -22.85 61.82
CA ASP J 131 -15.89 -24.18 62.13
C ASP J 131 -16.94 -24.68 61.13
N ASP J 132 -17.71 -23.77 60.53
CA ASP J 132 -18.83 -24.17 59.69
C ASP J 132 -18.46 -24.26 58.20
N LEU J 133 -17.35 -23.63 57.80
CA LEU J 133 -16.98 -23.50 56.39
C LEU J 133 -16.70 -24.86 55.78
N PRO J 134 -17.40 -25.27 54.68
CA PRO J 134 -17.22 -26.57 54.04
C PRO J 134 -15.88 -26.90 53.44
N ALA J 135 -15.67 -28.18 53.18
CA ALA J 135 -14.33 -28.62 52.84
C ALA J 135 -13.88 -28.12 51.48
N THR J 136 -14.79 -27.73 50.61
CA THR J 136 -14.41 -27.30 49.29
C THR J 136 -14.57 -25.79 49.08
N ALA J 137 -14.68 -24.99 50.14
CA ALA J 137 -15.05 -23.59 49.95
C ALA J 137 -14.16 -22.68 50.76
N PHE J 138 -14.04 -21.42 50.32
CA PHE J 138 -13.36 -20.43 51.14
C PHE J 138 -14.26 -19.26 51.42
N GLY J 139 -14.06 -18.64 52.58
CA GLY J 139 -14.88 -17.52 53.01
C GLY J 139 -14.01 -16.27 53.01
N ILE J 140 -14.59 -15.08 53.19
CA ILE J 140 -13.84 -13.84 53.04
C ILE J 140 -14.24 -12.86 54.13
N VAL J 141 -13.27 -12.17 54.74
CA VAL J 141 -13.49 -11.23 55.83
C VAL J 141 -12.74 -9.93 55.57
N VAL J 142 -13.48 -8.81 55.49
CA VAL J 142 -12.96 -7.55 55.00
C VAL J 142 -12.26 -6.91 56.18
N LEU J 143 -10.96 -6.62 55.99
CA LEU J 143 -10.20 -6.06 57.09
C LEU J 143 -9.97 -4.58 56.82
N GLN J 144 -9.80 -4.13 55.56
CA GLN J 144 -9.68 -2.69 55.29
C GLN J 144 -10.28 -2.38 53.94
N ASP J 145 -11.25 -1.43 53.89
CA ASP J 145 -11.95 -1.05 52.67
C ASP J 145 -12.58 0.33 52.85
N ALA J 146 -12.02 1.32 52.15
CA ALA J 146 -12.38 2.70 52.39
C ALA J 146 -13.72 3.03 51.73
N ASP J 147 -14.02 2.38 50.61
CA ASP J 147 -15.07 2.83 49.70
C ASP J 147 -16.19 1.80 49.54
N THR J 148 -16.34 0.92 50.51
CA THR J 148 -17.42 -0.05 50.59
C THR J 148 -17.52 -0.90 49.34
N SER J 149 -16.37 -1.11 48.69
CA SER J 149 -16.33 -1.84 47.44
C SER J 149 -16.64 -3.31 47.59
N CYS J 150 -16.31 -3.90 48.73
CA CYS J 150 -16.70 -5.28 49.00
C CYS J 150 -18.15 -5.36 49.50
N SER J 151 -19.00 -6.09 48.76
CA SER J 151 -20.34 -6.49 49.19
C SER J 151 -20.46 -8.01 49.10
N LYS J 152 -21.31 -8.60 49.97
CA LYS J 152 -21.38 -10.04 50.15
C LYS J 152 -21.61 -10.76 48.82
N ASP J 153 -22.44 -10.21 47.95
CA ASP J 153 -22.71 -10.84 46.67
C ASP J 153 -21.66 -10.53 45.59
N THR J 154 -20.80 -9.51 45.78
CA THR J 154 -19.79 -9.10 44.81
C THR J 154 -18.51 -8.52 45.47
N PRO J 155 -17.57 -9.34 45.94
CA PRO J 155 -16.41 -8.83 46.63
C PRO J 155 -15.35 -8.36 45.65
N VAL J 156 -15.46 -7.09 45.23
CA VAL J 156 -14.46 -6.53 44.34
C VAL J 156 -13.46 -5.69 45.14
N ILE J 157 -12.16 -6.04 45.11
CA ILE J 157 -11.17 -5.31 45.87
C ILE J 157 -10.44 -4.31 45.00
N ASN J 158 -10.26 -3.07 45.48
CA ASN J 158 -9.59 -2.01 44.73
C ASN J 158 -8.47 -1.43 45.55
N LYS J 159 -7.71 -0.48 44.98
CA LYS J 159 -6.42 -0.09 45.54
C LYS J 159 -6.60 0.34 46.99
N GLY J 160 -5.83 -0.30 47.89
CA GLY J 160 -5.86 0.08 49.29
C GLY J 160 -6.49 -1.01 50.17
N ASP J 161 -7.27 -1.91 49.56
CA ASP J 161 -8.06 -2.82 50.37
C ASP J 161 -7.19 -3.95 50.91
N ILE J 162 -7.56 -4.55 52.06
CA ILE J 162 -6.95 -5.79 52.55
C ILE J 162 -8.08 -6.70 53.01
N VAL J 163 -7.96 -8.02 52.72
CA VAL J 163 -9.03 -8.94 52.96
C VAL J 163 -8.47 -10.33 53.22
N ALA J 164 -9.18 -11.12 54.02
CA ALA J 164 -8.58 -12.37 54.50
C ALA J 164 -9.39 -13.52 53.96
N ILE J 165 -8.70 -14.41 53.26
CA ILE J 165 -9.33 -15.58 52.69
C ILE J 165 -9.21 -16.62 53.78
N CYS J 166 -10.33 -17.17 54.20
CA CYS J 166 -10.40 -18.08 55.31
C CYS J 166 -10.63 -19.49 54.79
N LEU J 167 -9.76 -20.46 55.16
CA LEU J 167 -9.82 -21.85 54.73
C LEU J 167 -9.73 -22.77 55.93
N ASN J 168 -10.57 -23.82 56.00
CA ASN J 168 -10.55 -24.75 57.10
C ASN J 168 -10.02 -26.00 56.52
N VAL J 169 -8.87 -26.46 57.05
CA VAL J 169 -8.09 -27.50 56.38
C VAL J 169 -8.00 -28.74 57.23
N SER J 170 -8.79 -28.83 58.28
CA SER J 170 -8.58 -29.74 59.37
C SER J 170 -8.55 -31.19 58.90
N ASN J 171 -9.43 -31.53 57.96
CA ASN J 171 -9.49 -32.90 57.48
C ASN J 171 -8.93 -33.09 56.07
N THR J 172 -8.79 -31.99 55.32
CA THR J 172 -8.43 -32.03 53.92
C THR J 172 -6.93 -32.12 53.75
N LEU J 173 -6.14 -31.32 54.47
CA LEU J 173 -4.68 -31.38 54.38
C LEU J 173 -4.09 -31.61 55.79
N ASN J 174 -3.02 -32.41 55.90
CA ASN J 174 -2.62 -32.93 57.20
C ASN J 174 -1.41 -32.18 57.75
N LEU J 175 -1.60 -30.94 58.20
CA LEU J 175 -0.50 -30.02 58.45
C LEU J 175 0.13 -30.25 59.83
N LYS J 176 0.88 -31.35 59.92
CA LYS J 176 1.72 -31.58 61.09
C LYS J 176 3.02 -30.80 60.93
N PRO J 177 3.95 -30.82 61.91
CA PRO J 177 5.16 -30.01 61.82
C PRO J 177 6.03 -30.35 60.63
N ARG J 178 6.94 -29.44 60.28
CA ARG J 178 7.93 -29.72 59.27
C ARG J 178 7.30 -30.06 57.91
N THR J 179 6.11 -29.52 57.60
CA THR J 179 5.39 -29.88 56.39
C THR J 179 5.34 -28.72 55.39
N LYS J 180 5.64 -28.96 54.12
CA LYS J 180 5.66 -27.91 53.11
C LYS J 180 4.26 -27.74 52.52
N VAL J 181 3.84 -26.48 52.33
CA VAL J 181 2.54 -26.18 51.76
C VAL J 181 2.75 -25.21 50.62
N THR J 182 2.10 -25.45 49.49
CA THR J 182 2.38 -24.70 48.27
C THR J 182 1.04 -24.37 47.64
N GLY J 183 0.94 -23.24 46.95
CA GLY J 183 -0.34 -22.96 46.32
C GLY J 183 -0.43 -21.57 45.70
N ALA J 184 -1.63 -21.24 45.22
CA ALA J 184 -1.84 -19.95 44.58
C ALA J 184 -3.31 -19.56 44.68
N VAL J 185 -3.56 -18.26 44.78
CA VAL J 185 -4.88 -17.73 44.55
C VAL J 185 -4.86 -17.13 43.16
N ILE J 186 -5.73 -17.64 42.28
CA ILE J 186 -5.67 -17.35 40.86
C ILE J 186 -6.88 -16.51 40.52
N PRO J 187 -6.71 -15.24 40.11
CA PRO J 187 -7.82 -14.42 39.70
C PRO J 187 -8.23 -14.65 38.25
N GLU J 188 -9.32 -13.99 37.86
CA GLU J 188 -9.96 -14.16 36.58
C GLU J 188 -9.02 -13.66 35.51
N PHE J 189 -8.33 -12.55 35.81
CA PHE J 189 -7.21 -12.09 35.01
C PHE J 189 -6.13 -11.54 35.91
N GLY J 190 -4.90 -11.54 35.43
CA GLY J 190 -3.81 -11.00 36.23
C GLY J 190 -3.05 -12.10 36.97
N ALA J 191 -1.98 -11.71 37.64
CA ALA J 191 -0.97 -12.65 38.06
C ALA J 191 -1.36 -13.27 39.40
N PRO J 192 -1.13 -14.58 39.62
CA PRO J 192 -1.51 -15.21 40.86
C PRO J 192 -0.65 -14.82 42.05
N ALA J 193 -1.25 -14.92 43.24
CA ALA J 193 -0.48 -14.77 44.47
C ALA J 193 0.06 -16.13 44.84
N VAL J 194 1.32 -16.22 45.32
CA VAL J 194 1.94 -17.49 45.58
C VAL J 194 2.07 -17.72 47.08
N ILE J 195 1.45 -18.81 47.57
CA ILE J 195 1.48 -19.22 48.96
C ILE J 195 2.60 -20.23 49.07
N SER J 196 3.50 -20.07 50.03
CA SER J 196 4.62 -20.99 50.11
C SER J 196 5.24 -20.92 51.50
N PHE J 197 5.05 -21.97 52.29
CA PHE J 197 5.57 -21.96 53.65
C PHE J 197 5.83 -23.36 54.14
N THR J 198 6.72 -23.46 55.13
CA THR J 198 6.94 -24.73 55.75
C THR J 198 6.60 -24.57 57.22
N THR J 199 5.78 -25.46 57.77
CA THR J 199 5.26 -25.23 59.11
C THR J 199 6.44 -25.37 60.04
N PRO J 200 6.47 -24.70 61.20
CA PRO J 200 7.57 -24.76 62.15
C PRO J 200 7.99 -26.16 62.59
N ALA J 201 9.18 -26.20 63.21
CA ALA J 201 9.71 -27.46 63.70
C ALA J 201 8.98 -27.89 64.98
N THR J 202 8.44 -26.93 65.73
CA THR J 202 7.84 -27.23 67.02
C THR J 202 6.64 -26.32 67.25
N TYR J 203 5.54 -26.89 67.70
CA TYR J 203 4.40 -26.11 68.05
C TYR J 203 4.35 -26.09 69.58
N LEU J 204 4.14 -24.92 70.19
CA LEU J 204 4.09 -24.80 71.65
C LEU J 204 2.68 -24.47 72.13
N ASP J 205 2.25 -25.05 73.27
CA ASP J 205 0.88 -24.90 73.78
C ASP J 205 0.61 -23.47 74.27
N THR J 206 1.66 -22.69 74.47
CA THR J 206 1.51 -21.32 74.93
C THR J 206 1.24 -20.36 73.77
N GLN J 207 1.33 -20.86 72.53
CA GLN J 207 1.29 -19.99 71.36
C GLN J 207 0.40 -20.60 70.27
N HIS J 208 -0.92 -20.58 70.47
CA HIS J 208 -1.80 -21.27 69.56
C HIS J 208 -1.96 -20.58 68.21
N ILE J 209 -1.64 -19.28 68.09
CA ILE J 209 -1.67 -18.65 66.78
C ILE J 209 -0.26 -18.42 66.26
N ILE J 210 0.01 -18.91 65.03
CA ILE J 210 1.35 -18.97 64.46
C ILE J 210 1.41 -18.13 63.21
N GLU J 211 2.54 -17.46 62.98
CA GLU J 211 2.71 -16.66 61.78
C GLU J 211 3.53 -17.48 60.81
N LEU J 212 2.97 -17.80 59.64
CA LEU J 212 3.55 -18.84 58.81
C LEU J 212 4.33 -18.26 57.64
N GLN J 213 3.89 -17.11 57.10
CA GLN J 213 4.56 -16.43 56.01
C GLN J 213 4.41 -14.92 56.24
N ALA K 1 -12.51 5.98 -20.16
CA ALA K 1 -13.27 4.98 -19.33
C ALA K 1 -12.47 4.62 -18.09
N ILE K 2 -11.17 4.28 -18.30
CA ILE K 2 -10.30 3.77 -17.24
C ILE K 2 -10.11 4.81 -16.15
N GLY K 3 -9.94 6.07 -16.57
CA GLY K 3 -9.62 7.17 -15.68
C GLY K 3 -10.57 7.23 -14.49
N ILE K 4 -11.87 7.16 -14.80
CA ILE K 4 -12.96 7.33 -13.86
C ILE K 4 -12.74 6.42 -12.65
N GLY K 5 -12.55 5.14 -12.92
CA GLY K 5 -12.45 4.19 -11.82
C GLY K 5 -11.24 4.47 -10.93
N THR K 6 -10.13 4.92 -11.51
CA THR K 6 -8.88 5.09 -10.79
C THR K 6 -9.13 6.06 -9.64
N LEU K 7 -9.90 7.11 -9.94
CA LEU K 7 -10.19 8.16 -8.98
C LEU K 7 -10.95 7.55 -7.82
N ILE K 8 -11.99 6.78 -8.14
CA ILE K 8 -12.89 6.24 -7.13
C ILE K 8 -12.10 5.36 -6.19
N ILE K 9 -11.31 4.42 -6.68
CA ILE K 9 -10.68 3.53 -5.72
C ILE K 9 -9.62 4.28 -4.90
N PHE K 10 -9.05 5.34 -5.46
CA PHE K 10 -8.08 6.15 -4.74
C PHE K 10 -8.72 6.63 -3.45
N ILE K 11 -9.97 7.12 -3.54
CA ILE K 11 -10.69 7.62 -2.38
C ILE K 11 -10.72 6.56 -1.29
N ALA K 12 -10.97 5.31 -1.68
CA ALA K 12 -11.07 4.27 -0.69
C ALA K 12 -9.74 4.07 0.00
N MET K 13 -8.63 4.07 -0.77
CA MET K 13 -7.31 3.84 -0.20
C MET K 13 -7.07 4.82 0.95
N VAL K 14 -7.46 6.08 0.73
CA VAL K 14 -7.23 7.18 1.65
C VAL K 14 -7.95 6.86 2.94
N LEU K 15 -9.25 6.58 2.82
CA LEU K 15 -10.10 6.39 3.97
C LEU K 15 -9.61 5.19 4.77
N VAL K 16 -9.19 4.11 4.12
CA VAL K 16 -8.80 2.91 4.82
C VAL K 16 -7.51 3.16 5.60
N ALA K 17 -6.57 3.90 5.03
CA ALA K 17 -5.34 4.25 5.74
C ALA K 17 -5.67 5.13 6.94
N ALA K 18 -6.65 6.03 6.76
CA ALA K 18 -7.06 6.94 7.81
C ALA K 18 -7.60 6.14 8.99
N VAL K 19 -8.49 5.18 8.70
CA VAL K 19 -9.11 4.37 9.74
C VAL K 19 -8.05 3.60 10.50
N ALA K 20 -7.05 3.09 9.81
CA ALA K 20 -6.00 2.32 10.47
C ALA K 20 -5.16 3.24 11.36
N ALA K 21 -4.91 4.45 10.88
CA ALA K 21 -4.10 5.37 11.64
C ALA K 21 -4.80 5.67 12.96
N ALA K 22 -6.12 5.87 12.88
CA ALA K 22 -6.93 6.19 14.04
C ALA K 22 -6.68 5.17 15.15
N VAL K 23 -6.65 3.88 14.80
CA VAL K 23 -6.44 2.82 15.76
C VAL K 23 -5.12 3.07 16.49
N LEU K 24 -4.07 3.37 15.74
CA LEU K 24 -2.75 3.41 16.30
C LEU K 24 -2.66 4.60 17.25
N ILE K 25 -3.19 5.75 16.80
CA ILE K 25 -3.14 7.00 17.55
C ILE K 25 -3.89 6.81 18.86
N ASN K 26 -5.15 6.36 18.75
CA ASN K 26 -6.05 6.15 19.88
C ASN K 26 -5.39 5.22 20.90
N THR K 27 -4.93 4.07 20.43
CA THR K 27 -4.39 3.03 21.28
C THR K 27 -3.22 3.60 22.07
N SER K 28 -2.40 4.43 21.41
CA SER K 28 -1.22 5.00 22.05
C SER K 28 -1.69 5.86 23.21
N GLY K 29 -2.76 6.63 22.96
CA GLY K 29 -3.43 7.43 23.97
C GLY K 29 -3.87 6.58 25.17
N PHE K 30 -4.56 5.48 24.88
CA PHE K 30 -5.11 4.61 25.91
C PHE K 30 -4.00 4.08 26.81
N LEU K 31 -2.84 3.80 26.24
CA LEU K 31 -1.75 3.21 26.98
C LEU K 31 -1.04 4.29 27.78
N GLN K 32 -1.01 5.52 27.28
CA GLN K 32 -0.21 6.57 27.88
C GLN K 32 -0.61 6.70 29.36
N GLN K 33 -1.92 6.71 29.60
CA GLN K 33 -2.52 6.85 30.92
C GLN K 33 -1.92 5.82 31.88
N LYS K 34 -2.11 4.54 31.54
CA LYS K 34 -1.79 3.44 32.44
C LYS K 34 -0.29 3.36 32.65
N ALA K 35 0.46 3.68 31.60
CA ALA K 35 1.90 3.59 31.70
C ALA K 35 2.36 4.50 32.84
N MET K 36 1.93 5.76 32.78
CA MET K 36 2.38 6.71 33.77
C MET K 36 1.93 6.26 35.16
N ALA K 37 0.64 5.94 35.28
CA ALA K 37 0.00 5.61 36.53
C ALA K 37 0.81 4.54 37.25
N THR K 38 1.24 3.52 36.51
CA THR K 38 1.88 2.35 37.09
C THR K 38 3.18 2.77 37.74
N GLY K 39 3.92 3.64 37.07
CA GLY K 39 5.24 4.03 37.54
C GLY K 39 5.14 4.83 38.83
N LYS K 40 4.23 5.81 38.85
CA LYS K 40 4.08 6.70 39.98
C LYS K 40 3.69 5.85 41.19
N GLU K 41 2.63 5.06 41.03
CA GLU K 41 2.11 4.22 42.10
C GLU K 41 3.21 3.33 42.67
N SER K 42 3.99 2.71 41.78
CA SER K 42 4.95 1.72 42.23
C SER K 42 6.05 2.38 43.03
N THR K 43 6.40 3.62 42.68
CA THR K 43 7.48 4.31 43.34
C THR K 43 7.01 4.67 44.75
N GLU K 44 5.80 5.22 44.86
CA GLU K 44 5.28 5.66 46.14
C GLU K 44 5.22 4.49 47.11
N GLN K 45 4.94 3.29 46.59
CA GLN K 45 4.87 2.07 47.37
C GLN K 45 6.24 1.74 47.94
N VAL K 46 7.28 1.75 47.12
CA VAL K 46 8.56 1.24 47.59
C VAL K 46 9.20 2.23 48.56
N ALA K 47 8.89 3.52 48.41
CA ALA K 47 9.57 4.58 49.12
C ALA K 47 8.97 4.83 50.51
N SER K 48 7.67 4.60 50.65
CA SER K 48 6.97 5.00 51.86
C SER K 48 6.90 3.88 52.90
N GLY K 49 6.69 4.27 54.16
CA GLY K 49 6.69 3.33 55.28
C GLY K 49 6.67 4.03 56.63
N LEU K 50 6.58 3.27 57.72
CA LEU K 50 6.64 3.78 59.07
C LEU K 50 7.61 2.92 59.88
N LEU K 51 8.11 3.47 60.99
CA LEU K 51 9.17 2.84 61.75
C LEU K 51 8.91 3.02 63.23
N CYS K 52 9.03 1.92 63.98
CA CYS K 52 8.73 1.83 65.41
C CYS K 52 9.92 2.35 66.19
N SER K 53 9.62 3.13 67.22
CA SER K 53 10.66 3.91 67.84
C SER K 53 10.85 3.40 69.24
N GLY K 54 9.76 2.89 69.83
CA GLY K 54 9.78 2.49 71.23
C GLY K 54 8.39 1.98 71.59
N VAL K 55 8.31 1.14 72.63
CA VAL K 55 7.04 0.79 73.23
C VAL K 55 7.17 0.90 74.73
N THR K 56 6.13 1.41 75.43
CA THR K 56 6.12 1.46 76.88
C THR K 56 4.76 1.08 77.45
N GLY K 57 4.72 0.70 78.76
CA GLY K 57 3.49 0.06 79.25
C GLY K 57 3.26 0.18 80.75
N HIS K 58 2.01 0.01 81.24
CA HIS K 58 1.64 0.32 82.61
C HIS K 58 1.20 -0.95 83.33
N TYR K 59 1.78 -1.22 84.53
CA TYR K 59 1.53 -2.46 85.25
C TYR K 59 0.61 -2.21 86.42
N VAL K 60 -0.52 -2.91 86.49
CA VAL K 60 -1.38 -2.84 87.67
C VAL K 60 -1.02 -3.98 88.60
N LYS K 61 -0.88 -3.69 89.90
CA LYS K 61 -0.31 -4.65 90.84
C LYS K 61 -1.13 -5.93 90.85
N ASN K 62 -0.42 -7.05 90.83
CA ASN K 62 -1.02 -8.37 90.96
C ASN K 62 -1.91 -8.69 89.76
N LYS K 63 -1.84 -7.88 88.69
CA LYS K 63 -2.68 -8.12 87.51
C LYS K 63 -1.87 -8.32 86.22
N GLY K 64 -0.98 -7.39 85.89
CA GLY K 64 -0.25 -7.46 84.62
C GLY K 64 -0.33 -6.16 83.83
N ILE K 65 0.12 -6.18 82.57
CA ILE K 65 0.21 -4.95 81.82
C ILE K 65 -1.16 -4.61 81.28
N ASP K 66 -1.60 -3.39 81.53
CA ASP K 66 -2.99 -3.02 81.34
C ASP K 66 -3.15 -2.27 80.03
N ARG K 67 -2.18 -1.40 79.71
CA ARG K 67 -2.19 -0.50 78.55
C ARG K 67 -0.77 -0.36 77.99
N ILE K 68 -0.64 -0.02 76.69
CA ILE K 68 0.65 0.15 76.01
C ILE K 68 0.63 1.36 75.08
N VAL K 69 1.78 2.06 74.92
CA VAL K 69 1.92 3.19 74.02
C VAL K 69 3.07 2.98 73.06
N ILE K 70 2.79 3.03 71.76
CA ILE K 70 3.72 2.64 70.72
C ILE K 70 4.10 3.91 70.00
N TYR K 71 5.40 4.20 69.88
CA TYR K 71 5.82 5.45 69.28
C TYR K 71 6.20 5.16 67.85
N ILE K 72 5.72 6.00 66.92
CA ILE K 72 5.85 5.72 65.50
C ILE K 72 6.27 6.97 64.75
N THR K 73 7.05 6.77 63.67
CA THR K 73 7.70 7.85 62.91
C THR K 73 7.82 7.41 61.46
N PRO K 74 7.88 8.30 60.47
CA PRO K 74 7.97 7.87 59.09
C PRO K 74 9.40 7.65 58.67
N ASN K 75 9.64 6.81 57.64
CA ASN K 75 11.01 6.52 57.22
C ASN K 75 11.52 7.67 56.37
N ALA K 76 12.85 7.82 56.26
CA ALA K 76 13.42 8.88 55.44
C ALA K 76 12.79 8.84 54.04
N GLY K 77 12.32 9.99 53.56
CA GLY K 77 11.93 10.11 52.16
C GLY K 77 10.52 9.63 51.88
N SER K 78 9.85 9.07 52.89
CA SER K 78 8.50 8.56 52.71
C SER K 78 7.50 9.65 52.40
N ALA K 79 6.51 9.33 51.58
CA ALA K 79 5.50 10.29 51.22
C ALA K 79 4.56 10.30 52.41
N PRO K 80 3.66 11.29 52.59
CA PRO K 80 2.89 11.39 53.82
C PRO K 80 1.89 10.26 54.01
N ILE K 81 1.75 9.77 55.25
CA ILE K 81 0.93 8.60 55.55
C ILE K 81 -0.32 9.02 56.31
N ASP K 82 -1.46 8.55 55.80
CA ASP K 82 -2.79 8.98 56.21
C ASP K 82 -3.19 8.09 57.35
N LEU K 83 -2.87 8.54 58.55
CA LEU K 83 -2.80 7.61 59.67
C LEU K 83 -4.16 6.99 59.89
N LYS K 84 -5.25 7.67 59.48
CA LYS K 84 -6.58 7.30 59.94
C LYS K 84 -7.10 6.15 59.12
N GLN K 85 -6.35 5.73 58.11
CA GLN K 85 -6.75 4.56 57.36
C GLN K 85 -5.89 3.36 57.73
N CYS K 86 -4.89 3.49 58.60
CA CYS K 86 -3.97 2.39 58.85
C CYS K 86 -4.55 1.44 59.88
N LYS K 87 -4.28 0.13 59.80
CA LYS K 87 -4.82 -0.85 60.73
C LYS K 87 -3.69 -1.52 61.47
N LEU K 88 -3.87 -1.84 62.77
CA LEU K 88 -2.81 -2.38 63.61
C LEU K 88 -3.21 -3.78 64.02
N PHE K 89 -2.37 -4.77 63.66
CA PHE K 89 -2.62 -6.17 63.95
C PHE K 89 -1.68 -6.60 65.07
N LEU K 90 -2.22 -7.27 66.08
CA LEU K 90 -1.41 -7.73 67.19
C LEU K 90 -1.79 -9.17 67.51
N MET K 91 -0.79 -10.00 67.81
CA MET K 91 -0.93 -11.40 68.15
C MET K 91 -0.36 -11.65 69.53
N TYR K 92 -0.99 -12.58 70.25
CA TYR K 92 -0.62 -12.95 71.63
C TYR K 92 -1.10 -14.37 71.87
N ASP K 93 -1.35 -14.75 73.11
CA ASP K 93 -1.37 -16.17 73.44
C ASP K 93 -2.59 -16.87 72.88
N GLY K 94 -3.57 -16.15 72.46
CA GLY K 94 -4.73 -16.85 71.97
C GLY K 94 -5.66 -16.04 71.08
N LYS K 95 -5.22 -14.86 70.67
CA LYS K 95 -6.06 -13.90 70.03
C LYS K 95 -5.20 -13.18 69.00
N ALA K 96 -5.82 -12.79 67.88
CA ALA K 96 -5.16 -11.99 66.88
C ALA K 96 -6.17 -10.92 66.45
N VAL K 97 -5.88 -9.68 66.83
CA VAL K 97 -6.87 -8.63 66.89
C VAL K 97 -6.46 -7.56 65.90
N SER K 98 -7.44 -6.98 65.19
CA SER K 98 -7.17 -5.82 64.36
C SER K 98 -7.85 -4.62 65.01
N LEU K 99 -7.17 -3.46 65.12
CA LEU K 99 -7.73 -2.25 65.70
C LEU K 99 -7.79 -1.10 64.66
N ASN K 100 -8.86 -0.25 64.67
CA ASN K 100 -9.00 0.83 63.70
C ASN K 100 -8.96 2.19 64.37
N PHE K 101 -8.46 3.24 63.69
CA PHE K 101 -8.35 4.59 64.24
C PHE K 101 -9.67 5.10 64.77
N SER K 102 -9.63 5.94 65.80
CA SER K 102 -10.83 6.52 66.36
C SER K 102 -10.47 7.89 66.87
N LYS K 103 -11.42 8.83 66.83
CA LYS K 103 -11.09 10.18 67.18
C LYS K 103 -10.87 10.30 68.69
N TYR K 104 -9.87 11.10 69.07
CA TYR K 104 -9.61 11.61 70.41
C TYR K 104 -10.84 12.43 70.79
N ASP K 105 -10.95 12.95 72.01
CA ASP K 105 -12.13 13.73 72.34
C ASP K 105 -12.25 14.98 71.45
N THR K 106 -13.34 15.03 70.64
CA THR K 106 -13.84 16.21 69.93
C THR K 106 -12.90 16.65 68.79
N ASN K 107 -11.70 16.08 68.72
CA ASN K 107 -10.67 16.55 67.80
C ASN K 107 -9.93 15.33 67.21
N THR K 108 -9.26 15.49 66.07
CA THR K 108 -8.82 14.31 65.37
C THR K 108 -7.71 13.59 66.12
N VAL K 109 -6.83 14.34 66.79
CA VAL K 109 -5.60 13.81 67.37
C VAL K 109 -5.34 14.66 68.61
N GLY K 110 -4.98 14.02 69.72
CA GLY K 110 -4.82 14.76 70.97
C GLY K 110 -3.59 15.68 70.92
N ASP K 111 -3.77 17.00 71.04
CA ASP K 111 -2.66 17.93 70.83
C ASP K 111 -1.82 18.12 72.09
N PHE K 112 -0.75 17.36 72.18
CA PHE K 112 0.21 17.53 73.25
C PHE K 112 1.55 17.87 72.64
N THR K 113 1.55 18.76 71.65
CA THR K 113 2.78 19.24 71.05
C THR K 113 3.63 19.96 72.08
N ASN K 114 3.02 20.45 73.18
CA ASN K 114 3.74 21.18 74.21
C ASN K 114 3.80 20.43 75.54
N GLY K 115 3.83 19.09 75.52
CA GLY K 115 4.29 18.34 76.70
C GLY K 115 3.16 17.73 77.53
N ILE K 116 3.47 16.65 78.26
CA ILE K 116 2.49 15.92 79.05
C ILE K 116 3.09 15.65 80.40
N LYS K 117 2.32 15.88 81.47
CA LYS K 117 2.77 15.64 82.83
C LYS K 117 3.05 14.15 83.04
N ASP K 118 2.13 13.30 82.53
CA ASP K 118 2.29 11.85 82.57
C ASP K 118 1.38 11.21 81.53
N ILE K 119 1.94 10.41 80.62
CA ILE K 119 1.22 9.92 79.45
C ILE K 119 0.16 8.93 79.90
N PHE K 120 0.23 8.44 81.13
CA PHE K 120 -0.73 7.45 81.57
C PHE K 120 -1.75 7.98 82.58
N ASN K 121 -1.62 9.23 83.04
CA ASN K 121 -2.58 9.77 84.00
C ASN K 121 -3.89 10.02 83.26
N THR K 122 -4.98 9.44 83.80
CA THR K 122 -6.26 9.34 83.10
C THR K 122 -6.87 10.71 82.82
N THR K 123 -6.83 11.61 83.81
CA THR K 123 -7.55 12.88 83.70
C THR K 123 -6.88 13.82 82.71
N VAL K 124 -5.56 13.74 82.60
CA VAL K 124 -4.80 14.55 81.67
C VAL K 124 -5.05 14.03 80.26
N VAL K 125 -4.98 12.70 80.06
CA VAL K 125 -4.72 12.17 78.74
C VAL K 125 -5.99 11.72 78.00
N LYS K 126 -7.04 11.36 78.71
CA LYS K 126 -8.25 10.93 78.01
C LYS K 126 -8.08 9.61 77.24
N TRP K 127 -7.92 8.51 77.99
CA TRP K 127 -7.79 7.16 77.45
C TRP K 127 -9.13 6.59 77.04
N ASN K 128 -10.27 7.24 77.36
CA ASN K 128 -11.56 6.56 77.36
C ASN K 128 -12.01 5.99 76.02
N ASN K 129 -11.61 6.58 74.89
CA ASN K 129 -12.02 6.09 73.58
C ASN K 129 -11.19 4.91 73.11
N ALA K 130 -10.28 4.39 73.94
CA ALA K 130 -9.55 3.20 73.53
C ALA K 130 -10.38 1.96 73.83
N ASP K 131 -11.36 1.66 72.97
CA ASP K 131 -12.30 0.56 73.10
C ASP K 131 -11.58 -0.72 72.73
N ALA K 132 -12.27 -1.86 72.75
CA ALA K 132 -11.56 -3.11 72.61
C ALA K 132 -11.22 -3.30 71.13
N THR K 133 -11.74 -2.42 70.27
CA THR K 133 -11.51 -2.56 68.84
C THR K 133 -10.92 -1.31 68.19
N SER K 134 -10.40 -0.32 68.93
CA SER K 134 -9.76 0.83 68.30
C SER K 134 -8.55 1.38 69.03
N PHE K 135 -7.77 2.24 68.33
CA PHE K 135 -6.73 3.02 68.97
C PHE K 135 -6.96 4.52 68.81
N VAL K 136 -6.18 5.31 69.58
CA VAL K 136 -6.21 6.76 69.43
C VAL K 136 -4.77 7.25 69.34
N VAL K 137 -4.56 8.46 68.80
CA VAL K 137 -3.25 8.97 68.47
C VAL K 137 -3.02 10.27 69.22
N VAL K 138 -1.82 10.43 69.80
CA VAL K 138 -1.44 11.60 70.57
C VAL K 138 -0.25 12.18 69.85
N ALA K 139 -0.29 13.48 69.53
CA ALA K 139 0.73 14.09 68.67
C ALA K 139 1.79 14.70 69.55
N LEU K 140 3.04 14.22 69.37
CA LEU K 140 4.12 14.60 70.24
C LEU K 140 5.07 15.61 69.59
N GLN K 141 5.33 15.52 68.28
CA GLN K 141 6.06 16.58 67.59
C GLN K 141 5.57 16.72 66.16
N ASP K 142 5.20 17.96 65.76
CA ASP K 142 4.64 18.25 64.44
C ASP K 142 4.66 19.76 64.21
N ASP K 143 5.61 20.22 63.38
CA ASP K 143 5.85 21.62 63.13
C ASP K 143 4.73 22.19 62.27
N ASP K 144 4.40 21.47 61.20
CA ASP K 144 3.56 21.91 60.12
C ASP K 144 2.07 21.70 60.39
N LYS K 145 1.69 21.28 61.59
CA LYS K 145 0.30 21.02 61.93
C LYS K 145 -0.39 19.93 61.10
N SER K 146 0.36 18.98 60.52
CA SER K 146 -0.29 17.95 59.74
C SER K 146 -1.02 16.92 60.59
N LEU K 147 -0.40 16.52 61.70
CA LEU K 147 -1.05 15.55 62.56
C LEU K 147 -2.34 16.21 63.03
N LEU K 148 -2.27 17.48 63.38
CA LEU K 148 -3.30 18.14 64.18
C LEU K 148 -4.56 18.36 63.36
N THR K 149 -4.48 18.08 62.07
CA THR K 149 -5.50 18.51 61.13
C THR K 149 -5.63 17.43 60.06
N ASN K 150 -6.57 16.51 60.23
CA ASN K 150 -6.76 15.43 59.27
C ASN K 150 -5.68 14.33 59.34
N ALA K 151 -4.84 14.33 60.38
CA ALA K 151 -4.12 13.15 60.84
C ALA K 151 -3.12 12.61 59.83
N VAL K 152 -2.31 13.47 59.21
CA VAL K 152 -1.32 12.97 58.27
C VAL K 152 0.09 13.13 58.81
N ILE K 153 0.82 12.00 58.90
CA ILE K 153 2.21 12.02 59.32
C ILE K 153 3.03 12.46 58.12
N ASN K 154 3.96 13.42 58.32
CA ASN K 154 4.99 13.75 57.33
C ASN K 154 6.34 13.89 57.99
N LYS K 155 7.36 14.32 57.23
CA LYS K 155 8.76 14.15 57.65
C LYS K 155 9.01 14.81 58.99
N GLY K 156 9.60 14.08 59.93
CA GLY K 156 10.01 14.72 61.17
C GLY K 156 8.94 14.67 62.26
N ASP K 157 7.74 14.20 61.93
CA ASP K 157 6.70 14.06 62.95
C ASP K 157 6.99 12.85 63.84
N LEU K 158 6.53 12.86 65.11
CA LEU K 158 6.58 11.70 66.01
C LEU K 158 5.26 11.63 66.74
N ALA K 159 4.65 10.43 66.80
CA ALA K 159 3.28 10.33 67.28
C ALA K 159 3.13 9.04 68.02
N GLY K 160 2.15 9.00 68.91
CA GLY K 160 2.13 7.86 69.81
C GLY K 160 0.75 7.24 69.76
N VAL K 161 0.72 5.92 69.59
CA VAL K 161 -0.52 5.21 69.42
C VAL K 161 -0.86 4.60 70.75
N LEU K 162 -2.07 4.81 71.28
CA LEU K 162 -2.44 4.25 72.55
C LEU K 162 -3.31 3.01 72.35
N VAL K 163 -2.97 1.84 72.98
CA VAL K 163 -3.83 0.66 72.92
C VAL K 163 -4.16 0.07 74.27
N ASN K 164 -5.45 -0.19 74.57
CA ASN K 164 -5.95 -0.66 75.87
C ASN K 164 -5.90 -2.17 75.81
N VAL K 165 -4.69 -2.69 76.05
CA VAL K 165 -4.40 -4.05 75.67
C VAL K 165 -5.30 -4.95 76.46
N SER K 166 -5.57 -4.61 77.70
CA SER K 166 -6.25 -5.57 78.57
C SER K 166 -7.68 -5.76 78.08
N ALA K 167 -8.17 -4.75 77.36
CA ALA K 167 -9.52 -4.81 76.81
C ALA K 167 -9.50 -5.46 75.45
N ALA K 168 -8.42 -5.25 74.70
CA ALA K 168 -8.26 -5.79 73.37
C ALA K 168 -8.10 -7.31 73.41
N PHE K 169 -7.19 -7.81 74.24
CA PHE K 169 -6.95 -9.23 74.30
C PHE K 169 -7.86 -9.84 75.37
N GLY K 170 -8.59 -9.02 76.11
CA GLY K 170 -9.52 -9.57 77.08
C GLY K 170 -8.88 -9.99 78.40
N LYS K 171 -7.54 -9.99 78.48
CA LYS K 171 -6.87 -10.17 79.76
C LYS K 171 -5.55 -9.37 79.81
N HIS K 172 -5.00 -9.20 81.03
CA HIS K 172 -3.74 -8.51 81.16
C HIS K 172 -2.58 -9.39 80.68
N VAL K 173 -1.57 -8.86 79.96
CA VAL K 173 -0.50 -9.75 79.54
C VAL K 173 0.47 -9.97 80.68
N GLY K 174 0.87 -11.23 80.86
CA GLY K 174 1.64 -11.65 82.03
C GLY K 174 3.13 -11.53 81.77
N THR K 175 3.93 -12.10 82.68
CA THR K 175 5.37 -12.07 82.53
C THR K 175 5.79 -13.16 81.56
N ARG K 176 6.96 -13.02 80.93
CA ARG K 176 7.55 -14.03 80.07
C ARG K 176 6.68 -14.36 78.85
N GLU K 177 5.86 -13.40 78.38
CA GLU K 177 4.99 -13.66 77.24
C GLU K 177 5.39 -12.78 76.06
N ARG K 178 5.28 -13.27 74.80
CA ARG K 178 5.56 -12.38 73.68
C ARG K 178 4.31 -11.83 73.01
N VAL K 179 4.47 -10.64 72.40
CA VAL K 179 3.45 -10.02 71.60
C VAL K 179 4.07 -9.47 70.34
N SER K 180 3.43 -9.75 69.18
CA SER K 180 4.03 -9.28 67.96
C SER K 180 2.96 -8.83 67.00
N GLY K 181 3.33 -7.89 66.13
CA GLY K 181 2.36 -7.37 65.19
C GLY K 181 2.97 -6.45 64.16
N TYR K 182 2.10 -5.73 63.47
CA TYR K 182 2.47 -4.80 62.45
C TYR K 182 1.43 -3.69 62.40
N LEU K 183 1.87 -2.46 62.15
CA LEU K 183 0.96 -1.37 61.83
C LEU K 183 1.07 -1.16 60.36
N GLN K 184 -0.01 -1.44 59.62
CA GLN K 184 0.08 -1.60 58.18
C GLN K 184 -0.57 -0.38 57.57
N PRO K 185 0.14 0.51 56.87
CA PRO K 185 -0.49 1.63 56.22
C PRO K 185 -1.16 1.23 54.92
N GLU K 186 -1.93 2.15 54.38
CA GLU K 186 -2.71 1.99 53.17
C GLU K 186 -1.80 1.69 52.01
N PHE K 187 -0.66 2.36 51.95
CA PHE K 187 0.38 1.98 51.03
C PHE K 187 1.73 2.12 51.71
N GLY K 188 2.67 1.23 51.37
CA GLY K 188 4.01 1.33 51.94
C GLY K 188 4.26 0.29 53.03
N ALA K 189 5.48 0.30 53.56
CA ALA K 189 5.97 -0.80 54.35
C ALA K 189 5.44 -0.72 55.77
N PRO K 190 5.16 -1.85 56.43
CA PRO K 190 4.55 -1.79 57.75
C PRO K 190 5.58 -1.69 58.86
N ALA K 191 5.18 -1.08 59.96
CA ALA K 191 6.09 -0.98 61.09
C ALA K 191 5.94 -2.26 61.90
N VAL K 192 7.02 -3.03 62.08
CA VAL K 192 7.00 -4.26 62.87
C VAL K 192 7.04 -3.94 64.34
N ILE K 193 6.26 -4.66 65.15
CA ILE K 193 6.32 -4.56 66.61
C ILE K 193 6.60 -5.96 67.13
N GLU K 194 7.49 -6.07 68.12
CA GLU K 194 7.84 -7.37 68.68
C GLU K 194 8.49 -7.12 70.03
N PHE K 195 7.92 -7.70 71.09
CA PHE K 195 8.60 -7.74 72.36
C PHE K 195 8.12 -8.85 73.27
N THR K 196 9.01 -9.23 74.19
CA THR K 196 8.70 -10.21 75.20
C THR K 196 8.67 -9.50 76.54
N THR K 197 7.59 -9.66 77.31
CA THR K 197 7.44 -8.95 78.54
C THR K 197 8.49 -9.54 79.44
N PRO K 198 9.14 -8.75 80.32
CA PRO K 198 10.21 -9.28 81.15
C PRO K 198 9.72 -10.30 82.16
N ALA K 199 10.70 -10.90 82.85
CA ALA K 199 10.48 -11.96 83.81
C ALA K 199 9.88 -11.43 85.11
N ALA K 200 10.16 -10.17 85.45
CA ALA K 200 9.77 -9.69 86.76
C ALA K 200 9.27 -8.26 86.65
N PHE K 201 7.96 -8.11 86.79
CA PHE K 201 7.45 -6.78 86.83
C PHE K 201 7.83 -6.24 88.20
N THR K 202 8.39 -5.03 88.27
CA THR K 202 8.79 -4.46 89.55
C THR K 202 8.63 -2.92 89.67
N SER K 203 8.05 -2.26 88.66
CA SER K 203 7.84 -0.82 88.66
C SER K 203 6.65 -0.53 87.76
N ASP K 204 6.04 0.65 87.89
CA ASP K 204 4.75 0.84 87.25
C ASP K 204 4.91 1.03 85.75
N VAL K 205 5.92 1.79 85.29
CA VAL K 205 6.03 2.00 83.85
C VAL K 205 7.27 1.33 83.30
N ILE K 206 7.12 0.40 82.33
CA ILE K 206 8.16 -0.51 81.89
C ILE K 206 8.54 -0.32 80.44
N GLU K 207 9.83 -0.44 80.17
CA GLU K 207 10.36 0.04 78.90
C GLU K 207 10.51 -1.14 77.94
N LEU K 208 9.39 -1.58 77.38
CA LEU K 208 9.35 -2.82 76.62
C LEU K 208 10.23 -2.75 75.39
N GLN K 209 10.32 -1.56 74.74
CA GLN K 209 11.28 -1.19 73.71
C GLN K 209 11.49 -2.29 72.64
N ALA L 1 -3.66 4.82 -6.58
CA ALA L 1 -2.22 4.38 -6.42
C ALA L 1 -1.93 3.95 -5.00
N ILE L 2 -1.11 2.91 -4.84
CA ILE L 2 -0.75 2.36 -3.54
C ILE L 2 0.08 3.35 -2.72
N GLY L 3 0.82 4.23 -3.40
CA GLY L 3 1.77 5.10 -2.75
C GLY L 3 1.09 5.99 -1.71
N ILE L 4 -0.13 6.41 -2.06
CA ILE L 4 -0.85 7.40 -1.29
C ILE L 4 -1.00 6.92 0.15
N GLY L 5 -1.48 5.70 0.33
CA GLY L 5 -1.67 5.18 1.67
C GLY L 5 -0.36 4.99 2.42
N THR L 6 0.70 4.60 1.71
CA THR L 6 1.97 4.27 2.33
C THR L 6 2.50 5.50 3.04
N LEU L 7 2.33 6.66 2.40
CA LEU L 7 2.72 7.95 2.94
C LEU L 7 1.92 8.19 4.23
N ILE L 8 0.59 8.13 4.13
CA ILE L 8 -0.31 8.49 5.22
C ILE L 8 -0.03 7.63 6.44
N ILE L 9 0.15 6.32 6.27
CA ILE L 9 0.36 5.47 7.42
C ILE L 9 1.72 5.72 8.07
N PHE L 10 2.71 6.18 7.29
CA PHE L 10 4.02 6.53 7.83
C PHE L 10 3.87 7.66 8.84
N ILE L 11 3.06 8.66 8.48
CA ILE L 11 2.81 9.82 9.32
C ILE L 11 2.31 9.34 10.68
N ALA L 12 1.37 8.39 10.67
CA ALA L 12 0.83 7.84 11.89
C ALA L 12 1.92 7.15 12.69
N MET L 13 2.73 6.32 12.01
CA MET L 13 3.68 5.45 12.68
C MET L 13 4.67 6.29 13.49
N VAL L 14 5.14 7.39 12.86
CA VAL L 14 6.07 8.33 13.46
C VAL L 14 5.45 8.87 14.73
N LEU L 15 4.21 9.36 14.60
CA LEU L 15 3.55 10.05 15.68
C LEU L 15 3.40 9.12 16.88
N VAL L 16 3.05 7.86 16.64
CA VAL L 16 2.84 6.92 17.73
C VAL L 16 4.15 6.69 18.44
N ALA L 17 5.23 6.50 17.66
CA ALA L 17 6.53 6.24 18.23
C ALA L 17 7.00 7.43 19.07
N ALA L 18 6.55 8.64 18.70
CA ALA L 18 6.90 9.83 19.44
C ALA L 18 6.25 9.75 20.81
N VAL L 19 4.94 9.47 20.82
CA VAL L 19 4.16 9.42 22.06
C VAL L 19 4.76 8.38 22.99
N ALA L 20 5.13 7.24 22.44
CA ALA L 20 5.70 6.17 23.24
C ALA L 20 7.02 6.62 23.87
N ALA L 21 7.85 7.31 23.11
CA ALA L 21 9.12 7.80 23.62
C ALA L 21 8.85 8.78 24.76
N ALA L 22 7.86 9.65 24.56
CA ALA L 22 7.61 10.72 25.50
C ALA L 22 7.47 10.18 26.91
N VAL L 23 6.63 9.16 27.11
CA VAL L 23 6.30 8.63 28.43
C VAL L 23 7.55 8.19 29.19
N LEU L 24 8.58 7.73 28.46
CA LEU L 24 9.78 7.25 29.10
C LEU L 24 10.59 8.45 29.57
N ILE L 25 10.66 9.51 28.74
CA ILE L 25 11.41 10.72 29.06
C ILE L 25 10.78 11.35 30.30
N ASN L 26 9.46 11.55 30.27
CA ASN L 26 8.68 12.07 31.38
C ASN L 26 8.93 11.27 32.66
N THR L 27 8.80 9.94 32.57
CA THR L 27 8.87 9.09 33.75
C THR L 27 10.27 9.14 34.32
N SER L 28 11.27 9.31 33.47
CA SER L 28 12.64 9.32 33.93
C SER L 28 12.85 10.58 34.77
N GLY L 29 12.22 11.68 34.35
CA GLY L 29 12.19 12.93 35.10
C GLY L 29 11.61 12.75 36.51
N PHE L 30 10.41 12.16 36.58
CA PHE L 30 9.74 11.91 37.84
C PHE L 30 10.62 11.11 38.78
N LEU L 31 11.21 10.05 38.25
CA LEU L 31 12.01 9.17 39.08
C LEU L 31 13.28 9.86 39.54
N GLN L 32 13.80 10.82 38.75
CA GLN L 32 15.10 11.39 39.03
C GLN L 32 15.05 12.00 40.44
N GLN L 33 14.07 12.92 40.60
CA GLN L 33 13.97 13.68 41.83
C GLN L 33 13.79 12.73 43.01
N LYS L 34 12.85 11.77 42.85
CA LYS L 34 12.46 10.90 43.94
C LYS L 34 13.66 10.09 44.43
N ALA L 35 14.50 9.67 43.49
CA ALA L 35 15.66 8.86 43.79
C ALA L 35 16.66 9.71 44.56
N MET L 36 16.97 10.88 44.00
CA MET L 36 18.05 11.71 44.53
C MET L 36 17.78 12.07 45.99
N ALA L 37 16.53 12.51 46.24
CA ALA L 37 16.08 12.90 47.56
C ALA L 37 16.21 11.74 48.53
N THR L 38 15.85 10.53 48.09
CA THR L 38 15.78 9.39 48.99
C THR L 38 17.16 9.07 49.51
N GLY L 39 18.17 9.21 48.63
CA GLY L 39 19.56 8.96 48.97
C GLY L 39 20.08 9.99 49.98
N LYS L 40 19.88 11.27 49.67
CA LYS L 40 20.35 12.36 50.48
C LYS L 40 19.82 12.17 51.90
N GLU L 41 18.49 12.05 51.99
CA GLU L 41 17.79 12.04 53.26
C GLU L 41 18.32 10.89 54.11
N SER L 42 18.40 9.71 53.50
CA SER L 42 18.79 8.53 54.21
C SER L 42 20.19 8.72 54.79
N THR L 43 21.03 9.48 54.09
CA THR L 43 22.43 9.62 54.45
C THR L 43 22.52 10.46 55.72
N GLU L 44 21.79 11.58 55.70
CA GLU L 44 21.80 12.53 56.79
C GLU L 44 21.32 11.85 58.08
N GLN L 45 20.32 10.98 57.96
CA GLN L 45 19.75 10.23 59.08
C GLN L 45 20.83 9.44 59.78
N VAL L 46 21.61 8.66 59.05
CA VAL L 46 22.57 7.76 59.69
C VAL L 46 23.68 8.59 60.32
N ALA L 47 24.06 9.68 59.66
CA ALA L 47 25.28 10.43 59.94
C ALA L 47 25.16 11.26 61.21
N SER L 48 23.94 11.48 61.72
CA SER L 48 23.72 12.54 62.70
C SER L 48 23.20 12.03 64.04
N GLY L 49 23.53 12.75 65.11
CA GLY L 49 23.02 12.39 66.43
C GLY L 49 23.57 13.28 67.55
N LEU L 50 23.15 13.03 68.79
CA LEU L 50 23.57 13.78 69.95
C LEU L 50 24.15 12.82 70.99
N GLN L 51 24.99 13.32 71.89
CA GLN L 51 25.67 12.53 72.88
C GLN L 51 25.59 13.26 74.22
N VAL L 52 25.21 12.56 75.31
CA VAL L 52 25.12 13.17 76.63
C VAL L 52 26.48 13.14 77.26
N ILE L 53 27.03 14.33 77.56
CA ILE L 53 28.36 14.44 78.08
C ILE L 53 28.28 14.08 79.55
N ARG L 54 27.52 14.83 80.35
CA ARG L 54 27.41 14.60 81.79
C ARG L 54 26.02 15.05 82.27
N VAL L 55 25.54 14.54 83.42
CA VAL L 55 24.33 15.05 84.01
C VAL L 55 24.61 15.48 85.43
N LEU L 56 24.15 16.68 85.84
CA LEU L 56 24.39 17.25 87.16
C LEU L 56 23.07 17.59 87.84
N GLY L 57 23.04 17.69 89.19
CA GLY L 57 21.76 17.73 89.88
C GLY L 57 21.77 18.35 91.28
N ASN L 58 21.21 19.55 91.38
CA ASN L 58 21.07 20.26 92.65
C ASN L 58 20.18 19.46 93.60
N HIS L 59 20.38 19.54 94.94
CA HIS L 59 19.57 18.80 95.93
C HIS L 59 19.18 19.61 97.15
N SER L 60 17.92 19.49 97.61
CA SER L 60 17.42 20.13 98.82
C SER L 60 16.37 19.24 99.43
N GLY L 61 16.28 19.21 100.75
CA GLY L 61 15.20 18.42 101.31
C GLY L 61 15.52 16.95 101.12
N GLY L 62 14.62 16.21 100.45
CA GLY L 62 14.89 14.80 100.37
C GLY L 62 15.06 14.31 98.94
N LYS L 63 15.32 15.25 98.03
CA LYS L 63 15.08 14.97 96.63
C LYS L 63 16.15 15.67 95.82
N ILE L 64 16.26 15.27 94.54
CA ILE L 64 16.95 16.10 93.59
C ILE L 64 15.86 16.89 92.87
N ASN L 65 15.97 18.22 92.81
CA ASN L 65 14.90 19.02 92.32
C ASN L 65 15.14 19.56 90.91
N TRP L 66 16.38 19.89 90.52
CA TRP L 66 16.64 20.35 89.17
C TRP L 66 17.69 19.41 88.55
N LEU L 67 17.64 19.16 87.24
CA LEU L 67 18.69 18.45 86.55
C LEU L 67 19.22 19.30 85.38
N ALA L 68 20.52 19.18 85.11
CA ALA L 68 21.09 19.91 84.00
C ALA L 68 21.84 18.89 83.17
N VAL L 69 21.33 18.64 81.96
CA VAL L 69 21.81 17.58 81.10
C VAL L 69 22.64 18.22 80.02
N LEU L 70 23.96 17.98 80.03
CA LEU L 70 24.86 18.62 79.08
C LEU L 70 24.95 17.70 77.85
N ILE L 71 24.83 18.28 76.66
CA ILE L 71 24.69 17.47 75.44
C ILE L 71 25.46 18.12 74.30
N SER L 72 25.94 17.31 73.34
CA SER L 72 26.73 17.85 72.24
C SER L 72 26.58 16.96 71.02
N PRO L 73 26.91 17.41 69.82
CA PRO L 73 26.72 16.61 68.61
C PRO L 73 27.68 15.44 68.52
N ASN L 74 27.30 14.39 67.78
CA ASN L 74 28.18 13.27 67.48
C ASN L 74 29.12 13.73 66.40
N ALA L 75 30.30 13.11 66.29
CA ALA L 75 31.26 13.57 65.30
C ALA L 75 30.67 13.41 63.90
N GLY L 76 30.80 14.46 63.08
CA GLY L 76 30.46 14.39 61.67
C GLY L 76 28.95 14.48 61.42
N SER L 77 28.24 15.06 62.39
CA SER L 77 26.80 15.24 62.31
C SER L 77 26.42 16.53 61.62
N ALA L 78 25.24 16.55 61.02
CA ALA L 78 24.77 17.75 60.36
C ALA L 78 24.12 18.55 61.47
N PRO L 79 23.83 19.85 61.33
CA PRO L 79 23.40 20.66 62.46
C PRO L 79 22.03 20.24 63.00
N ILE L 80 21.90 20.14 64.34
CA ILE L 80 20.66 19.71 64.97
C ILE L 80 19.91 20.92 65.56
N ASP L 81 18.62 21.11 65.21
CA ASP L 81 17.83 22.27 65.63
C ASP L 81 17.04 21.88 66.85
N LEU L 82 17.50 22.36 67.99
CA LEU L 82 17.00 21.82 69.24
C LEU L 82 15.58 22.30 69.45
N SER L 83 15.14 23.29 68.68
CA SER L 83 13.81 23.83 68.97
C SER L 83 12.77 22.81 68.60
N GLN L 84 13.16 21.82 67.82
CA GLN L 84 12.23 20.76 67.44
C GLN L 84 12.60 19.43 68.11
N ALA L 85 13.41 19.43 69.17
CA ALA L 85 13.76 18.16 69.83
C ALA L 85 12.65 17.78 70.79
N THR L 86 12.67 16.58 71.38
CA THR L 86 11.74 16.23 72.46
C THR L 86 12.45 15.41 73.53
N VAL L 87 12.21 15.64 74.83
CA VAL L 87 12.87 14.85 75.85
C VAL L 87 11.87 14.03 76.61
N MET L 88 12.22 12.78 76.95
CA MET L 88 11.29 11.89 77.60
C MET L 88 12.05 11.30 78.76
N ILE L 89 11.46 11.34 79.95
CA ILE L 89 12.12 10.91 81.16
C ILE L 89 11.14 10.10 81.98
N THR L 90 11.60 9.02 82.65
CA THR L 90 10.72 8.33 83.58
C THR L 90 11.44 7.88 84.83
N ASP L 91 10.69 7.87 85.95
CA ASP L 91 11.20 7.47 87.25
C ASP L 91 10.59 6.15 87.64
N GLY L 92 9.85 5.54 86.72
CA GLY L 92 9.25 4.24 87.02
C GLY L 92 7.88 4.34 87.68
N THR L 93 7.51 5.55 88.12
CA THR L 93 6.15 5.81 88.56
C THR L 93 5.43 6.80 87.65
N HIS L 94 6.11 7.72 86.97
CA HIS L 94 5.48 8.58 85.96
C HIS L 94 6.35 8.75 84.71
N LYS L 95 5.80 9.24 83.57
CA LYS L 95 6.61 9.38 82.36
C LYS L 95 6.32 10.72 81.69
N VAL L 96 7.14 11.74 81.98
CA VAL L 96 6.87 13.09 81.52
C VAL L 96 7.51 13.19 80.17
N ILE L 97 6.94 14.03 79.30
CA ILE L 97 7.60 14.43 78.06
C ILE L 97 7.58 15.94 77.98
N ALA L 98 8.68 16.57 77.56
CA ALA L 98 8.82 18.02 77.69
C ALA L 98 9.42 18.62 76.43
N LYS L 99 9.11 19.91 76.14
CA LYS L 99 9.44 20.54 74.88
C LYS L 99 9.92 21.97 75.12
N TYR L 100 10.63 22.58 74.17
CA TYR L 100 11.38 23.81 74.42
C TYR L 100 10.44 24.98 74.52
N ASN L 101 10.63 25.81 75.56
CA ASN L 101 9.92 27.08 75.65
C ASN L 101 10.95 28.18 75.50
N SER L 102 10.84 28.99 74.45
CA SER L 102 11.85 29.92 74.02
C SER L 102 12.11 30.98 75.08
N THR L 103 11.21 31.14 76.03
CA THR L 103 11.34 32.14 77.06
C THR L 103 12.62 31.94 77.86
N PHE L 104 13.05 30.70 78.02
CA PHE L 104 14.08 30.35 78.99
C PHE L 104 15.42 30.08 78.30
N PHE L 105 16.00 31.12 77.69
CA PHE L 105 17.30 30.98 77.03
C PHE L 105 18.29 31.87 77.77
N ASN L 106 19.51 31.39 77.98
CA ASN L 106 20.57 32.30 78.43
C ASN L 106 21.81 32.08 77.58
N GLY L 107 22.13 33.07 76.73
CA GLY L 107 23.26 32.90 75.85
C GLY L 107 24.58 33.32 76.48
N THR L 108 24.49 34.21 77.45
CA THR L 108 25.67 34.92 77.88
C THR L 108 26.68 33.95 78.44
N LEU L 109 26.22 32.80 78.92
CA LEU L 109 27.07 31.91 79.69
C LEU L 109 28.08 31.25 78.78
N LYS L 110 28.05 31.55 77.48
CA LYS L 110 29.08 31.07 76.58
C LYS L 110 30.42 31.64 77.01
N ASN L 111 30.39 32.72 77.77
CA ASN L 111 31.56 33.42 78.23
C ASN L 111 31.77 33.17 79.72
N GLY L 112 31.23 32.08 80.25
CA GLY L 112 31.60 31.68 81.61
C GLY L 112 30.62 32.22 82.64
N GLY L 113 30.47 31.50 83.76
CA GLY L 113 29.56 31.86 84.85
C GLY L 113 29.08 30.63 85.59
N SER L 114 28.04 30.77 86.41
CA SER L 114 27.50 29.67 87.22
C SER L 114 26.22 29.12 86.61
N ILE L 115 26.16 27.79 86.38
CA ILE L 115 24.93 27.11 86.02
C ILE L 115 24.14 27.10 87.30
N PHE L 116 22.88 26.68 87.27
CA PHE L 116 22.12 26.53 88.50
C PHE L 116 21.93 27.84 89.23
N GLU L 117 22.46 28.96 88.69
CA GLU L 117 22.07 30.28 89.15
C GLU L 117 21.91 31.23 87.96
N ALA L 118 21.62 30.68 86.77
CA ALA L 118 21.42 31.50 85.59
C ALA L 118 20.08 32.21 85.69
N LYS L 119 20.02 33.45 85.24
CA LYS L 119 18.76 34.17 85.12
C LYS L 119 18.19 34.02 83.70
N TYR L 120 16.94 34.49 83.50
CA TYR L 120 16.33 34.66 82.18
C TYR L 120 15.56 35.97 82.13
N ASN L 121 15.07 36.40 80.95
CA ASN L 121 14.56 37.76 80.74
C ASN L 121 13.13 37.72 80.25
N ASN L 122 12.13 37.80 81.17
CA ASN L 122 10.78 38.21 80.83
C ASN L 122 10.88 39.70 80.56
N THR L 123 10.16 40.22 79.57
CA THR L 123 10.41 41.59 79.14
C THR L 123 10.33 42.53 80.36
N THR L 124 11.31 43.42 80.53
CA THR L 124 11.40 44.42 81.59
C THR L 124 12.04 43.89 82.88
N ALA L 125 12.36 42.60 82.99
CA ALA L 125 12.95 42.11 84.23
C ALA L 125 13.95 40.96 84.03
N LEU L 126 14.72 40.63 85.08
CA LEU L 126 15.53 39.41 85.12
C LEU L 126 15.11 38.58 86.33
N LYS L 127 14.94 37.26 86.13
CA LYS L 127 14.41 36.37 87.14
C LYS L 127 15.13 35.03 87.07
N PRO L 128 15.20 34.21 88.14
CA PRO L 128 15.95 32.96 88.11
C PRO L 128 15.32 31.91 87.19
N LEU L 129 16.13 31.20 86.40
CA LEU L 129 15.69 30.31 85.35
C LEU L 129 15.00 29.09 85.96
N PHE L 130 15.75 28.31 86.73
CA PHE L 130 15.31 26.97 87.07
C PHE L 130 13.99 26.96 87.84
N ASP L 131 13.83 27.93 88.76
CA ASP L 131 12.66 28.01 89.61
C ASP L 131 11.41 28.35 88.79
N ASP L 132 11.55 29.06 87.66
CA ASP L 132 10.39 29.55 86.92
C ASP L 132 9.95 28.60 85.82
N LEU L 133 10.82 27.68 85.39
CA LEU L 133 10.59 26.83 84.23
C LEU L 133 9.39 25.91 84.46
N PRO L 134 8.35 25.92 83.61
CA PRO L 134 7.14 25.10 83.78
C PRO L 134 7.31 23.59 83.72
N ALA L 135 6.28 22.91 84.19
CA ALA L 135 6.43 21.48 84.43
C ALA L 135 6.56 20.70 83.13
N THR L 136 6.11 21.24 82.00
CA THR L 136 6.15 20.50 80.77
C THR L 136 7.20 21.04 79.80
N ALA L 137 8.18 21.83 80.25
CA ALA L 137 9.06 22.50 79.31
C ALA L 137 10.51 22.36 79.71
N PHE L 138 11.41 22.48 78.73
CA PHE L 138 12.83 22.54 79.05
C PHE L 138 13.44 23.81 78.51
N GLY L 139 14.47 24.29 79.22
CA GLY L 139 15.14 25.53 78.83
C GLY L 139 16.54 25.18 78.39
N ILE L 140 17.30 26.12 77.81
CA ILE L 140 18.59 25.81 77.22
C ILE L 140 19.59 26.91 77.54
N VAL L 141 20.83 26.54 77.90
CA VAL L 141 21.87 27.47 78.30
C VAL L 141 23.17 27.13 77.57
N VAL L 142 23.69 28.09 76.78
CA VAL L 142 24.77 27.84 75.86
C VAL L 142 26.04 27.91 76.65
N LEU L 143 26.81 26.83 76.63
CA LEU L 143 28.03 26.80 77.41
C LEU L 143 29.23 26.96 76.49
N GLN L 144 29.21 26.43 75.26
CA GLN L 144 30.32 26.67 74.33
C GLN L 144 29.79 26.75 72.91
N ASP L 145 30.08 27.85 72.19
CA ASP L 145 29.62 28.07 70.83
C ASP L 145 30.50 29.11 70.16
N ALA L 146 31.29 28.66 69.18
CA ALA L 146 32.32 29.51 68.61
C ALA L 146 31.71 30.49 67.61
N ASP L 147 30.63 30.09 66.93
CA ASP L 147 30.17 30.76 65.74
C ASP L 147 28.76 31.33 65.87
N THR L 148 28.34 31.58 67.11
CA THR L 148 27.09 32.23 67.44
C THR L 148 25.89 31.53 66.80
N SER L 149 26.02 30.23 66.60
CA SER L 149 25.00 29.45 65.93
C SER L 149 23.72 29.32 66.74
N CYS L 150 23.82 29.30 68.06
CA CYS L 150 22.62 29.32 68.90
C CYS L 150 22.07 30.74 69.05
N SER L 151 20.81 30.93 68.63
CA SER L 151 20.02 32.13 68.90
C SER L 151 18.71 31.73 69.57
N LYS L 152 18.16 32.61 70.42
CA LYS L 152 17.03 32.30 71.28
C LYS L 152 15.86 31.72 70.49
N ASP L 153 15.59 32.26 69.30
CA ASP L 153 14.49 31.76 68.49
C ASP L 153 14.84 30.52 67.66
N THR L 154 16.13 30.18 67.48
CA THR L 154 16.59 29.05 66.68
C THR L 154 17.89 28.41 67.20
N PRO L 155 17.84 27.53 68.22
CA PRO L 155 19.05 26.99 68.78
C PRO L 155 19.56 25.83 67.94
N VAL L 156 20.38 26.15 66.92
CA VAL L 156 20.97 25.10 66.10
C VAL L 156 22.40 24.84 66.55
N ILE L 157 22.72 23.61 66.98
CA ILE L 157 24.06 23.30 67.45
C ILE L 157 24.88 22.63 66.37
N ASN L 158 26.15 23.07 66.19
CA ASN L 158 27.03 22.52 65.17
C ASN L 158 28.33 22.07 65.80
N LYS L 159 29.24 21.49 65.00
CA LYS L 159 30.35 20.72 65.56
C LYS L 159 31.14 21.60 66.51
N GLY L 160 31.32 21.12 67.74
CA GLY L 160 32.12 21.82 68.72
C GLY L 160 31.29 22.39 69.86
N ASP L 161 29.98 22.52 69.65
CA ASP L 161 29.16 23.25 70.61
C ASP L 161 28.86 22.36 71.83
N ILE L 162 28.64 22.95 73.02
CA ILE L 162 28.10 22.24 74.18
C ILE L 162 27.02 23.11 74.79
N VAL L 163 25.92 22.47 75.24
CA VAL L 163 24.76 23.20 75.68
C VAL L 163 23.99 22.39 76.70
N ALA L 164 23.32 23.07 77.63
CA ALA L 164 22.78 22.36 78.79
C ALA L 164 21.27 22.47 78.75
N ILE L 165 20.62 21.32 78.78
CA ILE L 165 19.18 21.25 78.75
C ILE L 165 18.81 21.27 80.21
N CYS L 166 17.98 22.22 80.60
CA CYS L 166 17.64 22.43 81.98
C CYS L 166 16.20 21.98 82.21
N LEU L 167 15.97 21.08 83.18
CA LEU L 167 14.66 20.52 83.52
C LEU L 167 14.40 20.63 85.00
N ASN L 168 13.20 21.06 85.41
CA ASN L 168 12.86 21.21 86.82
C ASN L 168 11.88 20.12 87.08
N VAL L 169 12.26 19.20 87.98
CA VAL L 169 11.54 17.94 88.12
C VAL L 169 10.90 17.81 89.48
N SER L 170 10.84 18.89 90.23
CA SER L 170 10.61 18.85 91.66
C SER L 170 9.28 18.18 92.00
N ASN L 171 8.26 18.45 91.20
CA ASN L 171 6.95 17.86 91.49
C ASN L 171 6.55 16.75 90.52
N THR L 172 7.23 16.67 89.37
CA THR L 172 6.85 15.79 88.29
C THR L 172 7.41 14.41 88.49
N LEU L 173 8.70 14.27 88.86
CA LEU L 173 9.30 12.97 89.12
C LEU L 173 9.90 12.95 90.53
N ASN L 174 9.80 11.84 91.27
CA ASN L 174 10.04 11.86 92.70
C ASN L 174 11.42 11.28 93.04
N LEU L 175 12.49 12.03 92.75
CA LEU L 175 13.84 11.48 92.73
C LEU L 175 14.45 11.41 94.13
N LYS L 176 13.96 10.47 94.93
CA LYS L 176 14.60 10.15 96.20
C LYS L 176 15.77 9.22 95.95
N PRO L 177 16.55 8.82 96.97
CA PRO L 177 17.74 8.00 96.74
C PRO L 177 17.43 6.66 96.10
N ARG L 178 18.46 6.03 95.53
CA ARG L 178 18.34 4.68 95.03
C ARG L 178 17.27 4.56 93.94
N THR L 179 17.03 5.63 93.16
CA THR L 179 15.95 5.63 92.18
C THR L 179 16.50 5.64 90.74
N LYS L 180 15.98 4.78 89.87
CA LYS L 180 16.46 4.70 88.48
C LYS L 180 15.74 5.70 87.62
N VAL L 181 16.47 6.37 86.73
CA VAL L 181 15.90 7.36 85.83
C VAL L 181 16.36 6.99 84.43
N THR L 182 15.44 7.02 83.46
CA THR L 182 15.73 6.52 82.13
C THR L 182 15.14 7.52 81.15
N GLY L 183 15.75 7.68 79.97
CA GLY L 183 15.14 8.61 79.04
C GLY L 183 15.98 8.88 77.79
N ALA L 184 15.52 9.83 76.98
CA ALA L 184 16.22 10.15 75.74
C ALA L 184 15.87 11.57 75.32
N VAL L 185 16.84 12.24 74.70
CA VAL L 185 16.56 13.44 73.95
C VAL L 185 16.54 13.04 72.49
N ILE L 186 15.41 13.27 71.83
CA ILE L 186 15.13 12.73 70.51
C ILE L 186 15.12 13.89 69.54
N PRO L 187 16.07 13.97 68.59
CA PRO L 187 16.05 15.02 67.60
C PRO L 187 15.14 14.71 66.42
N GLU L 188 15.01 15.69 65.53
CA GLU L 188 14.11 15.67 64.41
C GLU L 188 14.56 14.59 63.46
N PHE L 189 15.87 14.47 63.31
CA PHE L 189 16.47 13.33 62.63
C PHE L 189 17.76 12.94 63.33
N GLY L 190 18.15 11.70 63.19
CA GLY L 190 19.39 11.25 63.80
C GLY L 190 19.16 10.57 65.15
N ALA L 191 20.22 10.05 65.74
CA ALA L 191 20.10 9.05 66.78
C ALA L 191 19.91 9.74 68.13
N PRO L 192 19.05 9.20 69.02
CA PRO L 192 18.81 9.84 70.30
C PRO L 192 19.96 9.71 71.28
N ALA L 193 20.05 10.68 72.20
CA ALA L 193 20.97 10.56 73.31
C ALA L 193 20.27 9.82 74.43
N VAL L 194 20.97 8.91 75.14
CA VAL L 194 20.33 8.08 76.14
C VAL L 194 20.75 8.50 77.54
N ILE L 195 19.77 8.90 78.37
CA ILE L 195 19.97 9.31 79.74
C ILE L 195 19.72 8.07 80.57
N SER L 196 20.63 7.74 81.50
CA SER L 196 20.44 6.53 82.28
C SER L 196 21.29 6.59 83.52
N PHE L 197 20.65 6.75 84.68
CA PHE L 197 21.40 6.86 85.91
C PHE L 197 20.58 6.40 87.09
N THR L 198 21.28 6.00 88.15
CA THR L 198 20.59 5.68 89.37
C THR L 198 21.11 6.61 90.44
N THR L 199 20.19 7.27 91.17
CA THR L 199 20.62 8.31 92.08
C THR L 199 21.41 7.63 93.17
N PRO L 200 22.39 8.30 93.81
CA PRO L 200 23.20 7.72 94.86
C PRO L 200 22.45 7.10 96.03
N ALA L 201 23.19 6.33 96.82
CA ALA L 201 22.62 5.69 97.98
C ALA L 201 22.41 6.69 99.11
N THR L 202 23.20 7.76 99.14
CA THR L 202 23.15 8.72 100.24
C THR L 202 23.40 10.12 99.71
N TYR L 203 22.58 11.06 100.16
CA TYR L 203 22.79 12.43 99.82
C TYR L 203 23.35 13.11 101.06
N LEU L 204 24.43 13.91 100.93
CA LEU L 204 25.03 14.58 102.08
C LEU L 204 24.82 16.09 102.02
N ASP L 205 24.55 16.73 103.17
CA ASP L 205 24.21 18.16 103.24
C ASP L 205 25.41 19.06 102.88
N THR L 206 26.60 18.49 102.87
CA THR L 206 27.80 19.25 102.55
C THR L 206 28.02 19.30 101.03
N GLN L 207 27.22 18.57 100.26
CA GLN L 207 27.47 18.40 98.83
C GLN L 207 26.17 18.52 98.04
N HIS L 208 25.63 19.74 97.91
CA HIS L 208 24.32 19.89 97.33
C HIS L 208 24.31 19.69 95.80
N ILE L 209 25.45 19.77 95.11
CA ILE L 209 25.45 19.46 93.70
C ILE L 209 26.12 18.13 93.44
N ILE L 210 25.42 17.23 92.73
CA ILE L 210 25.79 15.82 92.57
C ILE L 210 26.04 15.52 91.12
N GLU L 211 27.02 14.66 90.84
CA GLU L 211 27.30 14.27 89.47
C GLU L 211 26.66 12.93 89.24
N LEU L 212 25.72 12.83 88.29
CA LEU L 212 24.84 11.68 88.23
C LEU L 212 25.26 10.72 87.13
N GLN L 213 25.77 11.24 86.01
CA GLN L 213 26.24 10.43 84.89
C GLN L 213 27.46 11.13 84.28
N ALA M 1 8.34 0.98 6.36
CA ALA M 1 7.48 1.64 7.40
C ALA M 1 8.02 1.33 8.80
N ILE M 2 8.28 0.05 9.07
CA ILE M 2 8.67 -0.44 10.39
C ILE M 2 10.00 0.18 10.81
N GLY M 3 10.94 0.26 9.86
CA GLY M 3 12.29 0.71 10.13
C GLY M 3 12.32 2.03 10.88
N ILE M 4 11.52 2.99 10.39
CA ILE M 4 11.49 4.36 10.86
C ILE M 4 11.30 4.38 12.37
N GLY M 5 10.27 3.69 12.84
CA GLY M 5 9.97 3.74 14.26
C GLY M 5 11.09 3.17 15.12
N THR M 6 11.77 2.13 14.63
CA THR M 6 12.77 1.42 15.41
C THR M 6 13.84 2.42 15.84
N LEU M 7 14.21 3.28 14.89
CA LEU M 7 15.26 4.26 15.10
C LEU M 7 14.82 5.18 16.23
N ILE M 8 13.59 5.69 16.12
CA ILE M 8 13.10 6.70 17.06
C ILE M 8 13.13 6.13 18.46
N ILE M 9 12.57 4.95 18.69
CA ILE M 9 12.50 4.51 20.07
C ILE M 9 13.90 4.19 20.60
N PHE M 10 14.84 3.81 19.71
CA PHE M 10 16.20 3.54 20.11
C PHE M 10 16.75 4.77 20.81
N ILE M 11 16.51 5.96 20.22
CA ILE M 11 16.98 7.22 20.79
C ILE M 11 16.51 7.34 22.23
N ALA M 12 15.25 7.00 22.48
CA ALA M 12 14.73 7.14 23.81
C ALA M 12 15.47 6.22 24.77
N MET M 13 15.72 4.97 24.37
CA MET M 13 16.37 4.00 25.24
C MET M 13 17.69 4.58 25.75
N VAL M 14 18.43 5.24 24.85
CA VAL M 14 19.75 5.79 25.10
C VAL M 14 19.62 6.83 26.20
N LEU M 15 18.72 7.79 25.97
CA LEU M 15 18.59 8.92 26.85
C LEU M 15 18.16 8.45 28.23
N VAL M 16 17.26 7.46 28.32
CA VAL M 16 16.73 7.03 29.59
C VAL M 16 17.84 6.34 30.40
N ALA M 17 18.68 5.54 29.74
CA ALA M 17 19.80 4.89 30.41
C ALA M 17 20.78 5.96 30.90
N ALA M 18 20.97 7.01 30.09
CA ALA M 18 21.88 8.09 30.41
C ALA M 18 21.41 8.77 31.69
N VAL M 19 20.12 9.09 31.76
CA VAL M 19 19.54 9.79 32.90
C VAL M 19 19.71 8.95 34.15
N ALA M 20 19.53 7.64 34.04
CA ALA M 20 19.66 6.78 35.20
C ALA M 20 21.12 6.72 35.66
N ALA M 21 22.04 6.70 34.70
CA ALA M 21 23.44 6.62 35.04
C ALA M 21 23.81 7.86 35.84
N ALA M 22 23.31 9.03 35.40
CA ALA M 22 23.61 10.29 36.03
C ALA M 22 23.31 10.20 37.53
N VAL M 23 22.16 9.61 37.89
CA VAL M 23 21.77 9.47 39.28
C VAL M 23 22.87 8.73 40.04
N LEU M 24 23.33 7.62 39.48
CA LEU M 24 24.21 6.73 40.20
C LEU M 24 25.54 7.43 40.40
N ILE M 25 26.06 8.08 39.35
CA ILE M 25 27.34 8.76 39.34
C ILE M 25 27.31 9.87 40.38
N ASN M 26 26.30 10.75 40.25
CA ASN M 26 26.12 11.90 41.12
C ASN M 26 26.07 11.47 42.59
N THR M 27 25.20 10.50 42.86
CA THR M 27 24.94 10.04 44.22
C THR M 27 26.25 9.56 44.82
N SER M 28 27.06 8.87 44.02
CA SER M 28 28.31 8.30 44.52
C SER M 28 29.19 9.46 44.95
N GLY M 29 29.21 10.52 44.13
CA GLY M 29 29.90 11.76 44.44
C GLY M 29 29.44 12.35 45.76
N PHE M 30 28.13 12.48 45.95
CA PHE M 30 27.54 13.07 47.14
C PHE M 30 27.98 12.32 48.40
N LEU M 31 28.11 11.01 48.28
CA LEU M 31 28.43 10.19 49.44
C LEU M 31 29.93 10.26 49.70
N GLN M 32 30.74 10.44 48.66
CA GLN M 32 32.18 10.34 48.80
C GLN M 32 32.64 11.31 49.89
N GLN M 33 32.09 12.54 49.82
CA GLN M 33 32.40 13.63 50.72
C GLN M 33 32.22 13.17 52.17
N LYS M 34 30.98 12.78 52.50
CA LYS M 34 30.58 12.52 53.88
C LYS M 34 31.30 11.29 54.40
N ALA M 35 31.55 10.33 53.52
CA ALA M 35 32.20 9.10 53.93
C ALA M 35 33.56 9.47 54.51
N MET M 36 34.35 10.22 53.76
CA MET M 36 35.68 10.55 54.20
C MET M 36 35.60 11.35 55.50
N ALA M 37 34.77 12.40 55.49
CA ALA M 37 34.66 13.35 56.58
C ALA M 37 34.45 12.59 57.89
N THR M 38 33.57 11.60 57.87
CA THR M 38 33.14 10.91 59.08
C THR M 38 34.33 10.19 59.68
N GLY M 39 35.14 9.57 58.83
CA GLY M 39 36.26 8.76 59.30
C GLY M 39 37.31 9.64 59.96
N LYS M 40 37.68 10.73 59.29
CA LYS M 40 38.71 11.61 59.77
C LYS M 40 38.30 12.16 61.12
N GLU M 41 37.09 12.74 61.17
CA GLU M 41 36.56 13.35 62.38
C GLU M 41 36.57 12.36 63.53
N SER M 42 36.13 11.13 63.27
CA SER M 42 35.95 10.17 64.33
C SER M 42 37.31 9.78 64.91
N THR M 43 38.33 9.72 64.06
CA THR M 43 39.65 9.31 64.50
C THR M 43 40.21 10.40 65.39
N GLU M 44 40.12 11.65 64.95
CA GLU M 44 40.68 12.77 65.70
C GLU M 44 40.07 12.83 67.09
N GLN M 45 38.79 12.47 67.20
CA GLN M 45 38.06 12.46 68.46
C GLN M 45 38.65 11.41 69.39
N VAL M 46 38.87 10.19 68.90
CA VAL M 46 39.24 9.13 69.83
C VAL M 46 40.68 9.30 70.27
N ALA M 47 41.51 9.91 69.44
CA ALA M 47 42.95 9.96 69.63
C ALA M 47 43.37 11.12 70.53
N SER M 48 42.62 12.21 70.51
CA SER M 48 43.06 13.43 71.15
C SER M 48 42.51 13.57 72.58
N GLY M 49 43.18 14.38 73.39
CA GLY M 49 42.83 14.54 74.79
C GLY M 49 43.89 15.33 75.57
N LEU M 50 43.62 15.62 76.84
CA LEU M 50 44.57 16.28 77.72
C LEU M 50 44.62 15.51 79.03
N LEU M 51 45.72 15.70 79.80
CA LEU M 51 45.98 14.91 80.97
C LEU M 51 46.55 15.80 82.06
N CYS M 52 45.98 15.66 83.28
CA CYS M 52 46.30 16.46 84.45
C CYS M 52 47.55 15.93 85.08
N SER M 53 48.41 16.85 85.49
CA SER M 53 49.77 16.46 85.84
C SER M 53 49.96 16.71 87.30
N GLY M 54 49.26 17.72 87.82
CA GLY M 54 49.44 18.14 89.20
C GLY M 54 48.52 19.33 89.47
N VAL M 55 48.20 19.56 90.75
CA VAL M 55 47.55 20.78 91.16
C VAL M 55 48.25 21.31 92.38
N THR M 56 48.42 22.65 92.49
CA THR M 56 48.98 23.27 93.68
C THR M 56 48.24 24.54 94.07
N GLY M 57 48.39 25.00 95.33
CA GLY M 57 47.48 26.03 95.81
C GLY M 57 48.03 26.89 96.95
N HIS M 58 47.49 28.12 97.18
CA HIS M 58 48.07 29.07 98.10
C HIS M 58 47.12 29.35 99.25
N TYR M 59 47.59 29.25 100.50
CA TYR M 59 46.75 29.35 101.68
C TYR M 59 46.96 30.71 102.34
N VAL M 60 45.89 31.49 102.53
CA VAL M 60 45.98 32.72 103.29
C VAL M 60 45.58 32.44 104.72
N LYS M 61 46.35 32.93 105.69
CA LYS M 61 46.19 32.51 107.08
C LYS M 61 44.78 32.82 107.56
N ASN M 62 44.20 31.85 108.27
CA ASN M 62 42.92 32.01 108.91
C ASN M 62 41.80 32.18 107.88
N LYS M 63 42.09 31.94 106.59
CA LYS M 63 41.07 32.11 105.56
C LYS M 63 40.81 30.83 104.75
N GLY M 64 41.85 30.22 104.19
CA GLY M 64 41.67 29.05 103.32
C GLY M 64 42.39 29.22 101.98
N ILE M 65 42.13 28.31 101.03
CA ILE M 65 42.88 28.31 99.80
C ILE M 65 42.30 29.39 98.89
N ASP M 66 43.17 30.25 98.38
CA ASP M 66 42.74 31.48 97.75
C ASP M 66 42.79 31.32 96.24
N ARG M 67 43.82 30.64 95.73
CA ARG M 67 44.11 30.45 94.31
C ARG M 67 44.69 29.04 94.07
N ILE M 68 44.54 28.51 92.85
CA ILE M 68 45.04 27.19 92.46
C ILE M 68 45.65 27.20 91.06
N VAL M 69 46.71 26.37 90.81
CA VAL M 69 47.35 26.26 89.51
C VAL M 69 47.38 24.81 89.07
N ILE M 70 46.80 24.53 87.90
CA ILE M 70 46.55 23.19 87.42
C ILE M 70 47.48 22.96 86.25
N TYR M 71 48.28 21.91 86.29
CA TYR M 71 49.27 21.69 85.24
C TYR M 71 48.67 20.69 84.26
N ILE M 72 48.79 20.98 82.96
CA ILE M 72 48.10 20.20 81.95
C ILE M 72 49.01 19.92 80.78
N THR M 73 48.84 18.75 80.14
CA THR M 73 49.74 18.23 79.10
C THR M 73 48.91 17.39 78.14
N PRO M 74 49.29 17.22 76.87
CA PRO M 74 48.48 16.45 75.94
C PRO M 74 48.83 14.97 76.01
N ASN M 75 47.89 14.09 75.63
CA ASN M 75 48.15 12.65 75.70
C ASN M 75 49.00 12.22 74.52
N ALA M 76 49.71 11.09 74.64
CA ALA M 76 50.52 10.60 73.54
C ALA M 76 49.69 10.55 72.26
N GLY M 77 50.21 11.11 71.18
CA GLY M 77 49.61 10.93 69.86
C GLY M 77 48.45 11.88 69.57
N SER M 78 48.06 12.67 70.56
CA SER M 78 46.94 13.59 70.38
C SER M 78 47.24 14.67 69.36
N ALA M 79 46.21 15.07 68.63
CA ALA M 79 46.37 16.10 67.63
C ALA M 79 46.37 17.40 68.41
N PRO M 80 46.80 18.55 67.87
CA PRO M 80 46.98 19.74 68.67
C PRO M 80 45.67 20.32 69.19
N ILE M 81 45.66 20.80 70.44
CA ILE M 81 44.45 21.26 71.11
C ILE M 81 44.47 22.78 71.28
N ASP M 82 43.37 23.39 70.85
CA ASP M 82 43.23 24.83 70.68
C ASP M 82 42.76 25.36 72.01
N LEU M 83 43.72 25.71 72.86
CA LEU M 83 43.40 25.82 74.26
C LEU M 83 42.35 26.88 74.49
N LYS M 84 42.23 27.86 73.57
CA LYS M 84 41.49 29.08 73.86
C LYS M 84 40.02 28.83 73.64
N GLN M 85 39.66 27.64 73.17
CA GLN M 85 38.26 27.31 73.05
C GLN M 85 37.83 26.34 74.15
N CYS M 86 38.72 25.88 75.03
CA CYS M 86 38.37 24.84 75.98
C CYS M 86 37.71 25.46 77.20
N LYS M 87 36.76 24.78 77.86
CA LYS M 87 36.07 25.32 79.01
C LYS M 87 36.33 24.44 80.23
N LEU M 88 36.47 25.03 81.42
CA LEU M 88 36.84 24.28 82.63
C LEU M 88 35.68 24.35 83.59
N PHE M 89 35.15 23.18 83.98
CA PHE M 89 34.02 23.06 84.87
C PHE M 89 34.52 22.59 86.22
N LEU M 90 34.10 23.26 87.29
CA LEU M 90 34.52 22.87 88.62
C LEU M 90 33.30 22.87 89.54
N MET M 91 33.22 21.87 90.43
CA MET M 91 32.15 21.69 91.39
C MET M 91 32.72 21.69 92.78
N TYR M 92 31.96 22.22 93.73
CA TYR M 92 32.34 22.34 95.14
C TYR M 92 31.06 22.40 95.97
N ASP M 93 31.09 23.00 97.13
CA ASP M 93 30.06 22.69 98.13
C ASP M 93 28.73 23.30 97.76
N GLY M 94 28.70 24.21 96.83
CA GLY M 94 27.40 24.78 96.54
C GLY M 94 27.32 25.50 95.20
N LYS M 95 28.32 25.33 94.35
CA LYS M 95 28.44 26.07 93.14
C LYS M 95 29.03 25.14 92.10
N ALA M 96 28.64 25.33 90.84
CA ALA M 96 29.23 24.60 89.73
C ALA M 96 29.45 25.64 88.63
N VAL M 97 30.72 25.94 88.36
CA VAL M 97 31.12 27.14 87.67
C VAL M 97 31.80 26.71 86.39
N SER M 98 31.55 27.44 85.29
CA SER M 98 32.30 27.25 84.07
C SER M 98 33.18 28.48 83.85
N LEU M 99 34.47 28.30 83.51
CA LEU M 99 35.39 29.40 83.26
C LEU M 99 35.90 29.40 81.81
N ASN M 100 36.08 30.58 81.16
CA ASN M 100 36.52 30.65 79.77
C ASN M 100 37.88 31.31 79.64
N PHE M 101 38.71 30.95 78.66
CA PHE M 101 40.05 31.50 78.45
C PHE M 101 40.03 33.00 78.35
N SER M 102 41.10 33.65 78.80
CA SER M 102 41.20 35.09 78.72
C SER M 102 42.67 35.42 78.53
N LYS M 103 42.95 36.52 77.82
CA LYS M 103 44.33 36.81 77.50
C LYS M 103 45.08 37.27 78.75
N TYR M 104 46.34 36.82 78.87
CA TYR M 104 47.35 37.30 79.80
C TYR M 104 47.57 38.77 79.44
N ASP M 105 48.38 39.53 80.18
CA ASP M 105 48.57 40.93 79.80
C ASP M 105 49.18 41.07 78.40
N THR M 106 48.42 41.68 77.47
CA THR M 106 48.88 42.18 76.17
C THR M 106 49.25 41.07 75.20
N ASN M 107 49.33 39.82 75.68
CA ASN M 107 49.87 38.70 74.90
C ASN M 107 49.03 37.46 75.17
N THR M 108 49.06 36.47 74.27
CA THR M 108 48.04 35.43 74.38
C THR M 108 48.26 34.55 75.60
N VAL M 109 49.52 34.31 75.97
CA VAL M 109 49.88 33.33 76.98
C VAL M 109 51.14 33.87 77.65
N GLY M 110 51.20 33.83 78.98
CA GLY M 110 52.33 34.43 79.69
C GLY M 110 53.63 33.65 79.44
N ASP M 111 54.65 34.27 78.83
CA ASP M 111 55.84 33.53 78.43
C ASP M 111 56.86 33.39 79.55
N PHE M 112 56.79 32.26 80.24
CA PHE M 112 57.76 31.94 81.24
C PHE M 112 58.46 30.64 80.85
N THR M 113 58.81 30.52 79.57
CA THR M 113 59.55 29.37 79.08
C THR M 113 60.91 29.30 79.76
N ASN M 114 61.40 30.41 80.32
CA ASN M 114 62.71 30.44 80.97
C ASN M 114 62.63 30.67 82.47
N GLY M 115 61.55 30.23 83.14
CA GLY M 115 61.59 30.08 84.60
C GLY M 115 60.88 31.20 85.35
N ILE M 116 60.42 30.91 86.59
CA ILE M 116 59.66 31.83 87.40
C ILE M 116 60.22 31.78 88.80
N LYS M 117 60.44 32.95 89.41
CA LYS M 117 60.96 33.04 90.76
C LYS M 117 59.98 32.42 91.74
N ASP M 118 58.68 32.73 91.57
CA ASP M 118 57.60 32.17 92.37
C ASP M 118 56.28 32.31 91.63
N ILE M 119 55.56 31.20 91.39
CA ILE M 119 54.39 31.18 90.51
C ILE M 119 53.27 31.97 91.17
N PHE M 120 53.37 32.27 92.46
CA PHE M 120 52.28 32.95 93.13
C PHE M 120 52.60 34.40 93.48
N ASN M 121 53.83 34.88 93.26
CA ASN M 121 54.15 36.25 93.59
C ASN M 121 53.48 37.16 92.57
N THR M 122 52.70 38.12 93.07
CA THR M 122 51.76 38.90 92.27
C THR M 122 52.46 39.75 91.21
N THR M 123 53.57 40.41 91.59
CA THR M 123 54.21 41.37 90.70
C THR M 123 54.91 40.69 89.54
N VAL M 124 55.43 39.48 89.77
CA VAL M 124 56.10 38.72 88.75
C VAL M 124 55.05 38.18 87.78
N VAL M 125 53.95 37.63 88.30
CA VAL M 125 53.14 36.70 87.52
C VAL M 125 51.94 37.33 86.86
N LYS M 126 51.40 38.41 87.42
CA LYS M 126 50.23 39.04 86.79
C LYS M 126 48.97 38.16 86.85
N TRP M 127 48.43 37.98 88.07
CA TRP M 127 47.22 37.22 88.32
C TRP M 127 45.98 38.03 87.97
N ASN M 128 46.09 39.32 87.67
CA ASN M 128 44.93 40.22 87.75
C ASN M 128 43.77 39.88 86.82
N ASN M 129 44.02 39.26 85.66
CA ASN M 129 42.95 38.93 84.72
C ASN M 129 42.22 37.65 85.10
N ALA M 130 42.54 37.04 86.24
CA ALA M 130 41.78 35.86 86.67
C ALA M 130 40.50 36.32 87.39
N ASP M 131 39.48 36.70 86.60
CA ASP M 131 38.21 37.22 87.08
C ASP M 131 37.39 36.04 87.57
N ALA M 132 36.16 36.29 88.02
CA ALA M 132 35.43 35.22 88.69
C ALA M 132 34.90 34.27 87.62
N THR M 133 35.04 34.64 86.34
CA THR M 133 34.52 33.82 85.26
C THR M 133 35.55 33.44 84.20
N SER M 134 36.87 33.62 84.43
CA SER M 134 37.85 33.17 83.45
C SER M 134 39.15 32.61 84.05
N PHE M 135 39.94 31.92 83.18
CA PHE M 135 41.29 31.54 83.54
C PHE M 135 42.32 32.14 82.61
N VAL M 136 43.60 32.05 83.02
CA VAL M 136 44.71 32.46 82.15
C VAL M 136 45.74 31.35 82.13
N VAL M 137 46.61 31.33 81.11
CA VAL M 137 47.51 30.23 80.86
C VAL M 137 48.93 30.76 80.87
N VAL M 138 49.85 30.02 81.52
CA VAL M 138 51.24 30.38 81.65
C VAL M 138 52.00 29.24 81.01
N ALA M 139 52.92 29.55 80.08
CA ALA M 139 53.57 28.53 79.28
C ALA M 139 54.89 28.17 79.93
N LEU M 140 55.02 26.88 80.27
CA LEU M 140 56.15 26.42 81.05
C LEU M 140 57.17 25.67 80.19
N GLN M 141 56.73 24.88 79.20
CA GLN M 141 57.69 24.30 78.24
C GLN M 141 57.04 24.18 76.87
N ASP M 142 57.72 24.71 75.84
CA ASP M 142 57.20 24.77 74.46
C ASP M 142 58.34 25.13 73.51
N ASP M 143 58.85 24.12 72.79
CA ASP M 143 60.00 24.25 71.91
C ASP M 143 59.61 25.03 70.68
N ASP M 144 58.49 24.64 70.08
CA ASP M 144 58.05 25.07 68.77
C ASP M 144 57.28 26.39 68.79
N LYS M 145 57.19 27.06 69.92
CA LYS M 145 56.46 28.32 70.05
C LYS M 145 54.97 28.22 69.75
N SER M 146 54.33 27.05 69.91
CA SER M 146 52.91 26.96 69.63
C SER M 146 52.06 27.61 70.72
N LEU M 147 52.43 27.39 71.97
CA LEU M 147 51.67 28.01 73.05
C LEU M 147 51.76 29.51 72.84
N LEU M 148 52.95 30.00 72.51
CA LEU M 148 53.28 31.41 72.62
C LEU M 148 52.57 32.22 71.55
N THR M 149 51.90 31.54 70.63
CA THR M 149 51.43 32.17 69.42
C THR M 149 50.11 31.49 69.03
N ASN M 150 48.99 32.09 69.44
CA ASN M 150 47.68 31.51 69.15
C ASN M 150 47.33 30.27 69.99
N ALA M 151 48.10 29.98 71.03
CA ALA M 151 47.67 29.17 72.16
C ALA M 151 47.33 27.73 71.81
N VAL M 152 48.19 27.06 71.03
CA VAL M 152 47.90 25.68 70.69
C VAL M 152 48.88 24.74 71.38
N ILE M 153 48.36 23.78 72.17
CA ILE M 153 49.18 22.78 72.82
C ILE M 153 49.48 21.72 71.76
N ASN M 154 50.76 21.31 71.64
CA ASN M 154 51.14 20.13 70.87
C ASN M 154 52.14 19.28 71.64
N LYS M 155 52.69 18.25 71.00
CA LYS M 155 53.39 17.17 71.72
C LYS M 155 54.52 17.71 72.56
N GLY M 156 54.55 17.36 73.84
CA GLY M 156 55.71 17.72 74.65
C GLY M 156 55.56 19.06 75.36
N ASP M 157 54.49 19.80 75.07
CA ASP M 157 54.27 21.05 75.78
C ASP M 157 53.76 20.79 77.20
N LEU M 158 54.02 21.71 78.15
CA LEU M 158 53.43 21.67 79.50
C LEU M 158 53.01 23.07 79.86
N ALA M 159 51.79 23.26 80.38
CA ALA M 159 51.24 24.59 80.55
C ALA M 159 50.39 24.61 81.78
N GLY M 160 50.24 25.80 82.34
CA GLY M 160 49.65 25.83 83.67
C GLY M 160 48.48 26.78 83.64
N VAL M 161 47.34 26.33 84.17
CA VAL M 161 46.13 27.10 84.12
C VAL M 161 45.96 27.74 85.49
N LEU M 162 45.76 29.06 85.56
CA LEU M 162 45.60 29.71 86.83
C LEU M 162 44.12 29.98 87.11
N VAL M 163 43.59 29.58 88.30
CA VAL M 163 42.21 29.92 88.66
C VAL M 163 42.07 30.57 90.03
N ASN M 164 41.36 31.72 90.13
CA ASN M 164 41.23 32.53 91.35
C ASN M 164 40.03 31.98 92.08
N VAL M 165 40.27 30.88 92.79
CA VAL M 165 39.17 30.05 93.22
C VAL M 165 38.31 30.85 94.16
N SER M 166 38.91 31.69 94.96
CA SER M 166 38.15 32.33 96.03
C SER M 166 37.14 33.29 95.42
N ALA M 167 37.46 33.74 94.20
CA ALA M 167 36.58 34.65 93.49
C ALA M 167 35.56 33.87 92.68
N ALA M 168 35.97 32.72 92.18
CA ALA M 168 35.11 31.87 91.36
C ALA M 168 33.98 31.26 92.21
N PHE M 169 34.31 30.66 93.34
CA PHE M 169 33.32 30.03 94.16
C PHE M 169 32.80 31.04 95.17
N GLY M 170 33.38 32.23 95.23
CA GLY M 170 32.85 33.25 96.12
C GLY M 170 33.30 33.10 97.58
N LYS M 171 33.96 32.00 97.92
CA LYS M 171 34.61 31.88 99.23
C LYS M 171 35.88 31.04 99.15
N HIS M 172 36.73 31.12 100.17
CA HIS M 172 37.93 30.29 100.22
C HIS M 172 37.58 28.83 100.51
N VAL M 173 38.22 27.85 99.85
CA VAL M 173 37.86 26.47 100.17
C VAL M 173 38.55 26.05 101.45
N GLY M 174 37.81 25.37 102.32
CA GLY M 174 38.26 25.04 103.66
C GLY M 174 38.96 23.70 103.70
N THR M 175 39.20 23.20 104.91
CA THR M 175 39.87 21.93 105.06
C THR M 175 38.84 20.83 104.91
N ARG M 176 39.27 19.61 104.56
CA ARG M 176 38.41 18.43 104.46
C ARG M 176 37.30 18.59 103.43
N GLU M 177 37.50 19.40 102.37
CA GLU M 177 36.47 19.60 101.37
C GLU M 177 36.94 19.05 100.03
N ARG M 178 36.02 18.47 99.21
CA ARG M 178 36.45 18.05 97.87
C ARG M 178 36.06 19.02 96.77
N VAL M 179 36.86 19.01 95.69
CA VAL M 179 36.58 19.76 94.50
C VAL M 179 36.85 18.90 93.29
N SER M 180 35.92 18.88 92.33
CA SER M 180 36.11 18.03 91.20
C SER M 180 35.62 18.69 89.94
N GLY M 181 36.21 18.30 88.81
CA GLY M 181 35.83 18.92 87.56
C GLY M 181 36.48 18.26 86.36
N TYR M 182 36.39 18.97 85.25
CA TYR M 182 36.94 18.53 84.00
C TYR M 182 37.33 19.75 83.18
N LEU M 183 38.45 19.66 82.44
CA LEU M 183 38.77 20.65 81.43
C LEU M 183 38.44 20.02 80.10
N GLN M 184 37.45 20.56 79.41
CA GLN M 184 36.84 19.84 78.30
C GLN M 184 37.28 20.53 77.05
N PRO M 185 38.07 19.91 76.16
CA PRO M 185 38.42 20.54 74.91
C PRO M 185 37.32 20.45 73.89
N GLU M 186 37.50 21.17 72.79
CA GLU M 186 36.56 21.31 71.71
C GLU M 186 36.32 19.96 71.07
N PHE M 187 37.38 19.17 70.93
CA PHE M 187 37.23 17.78 70.59
C PHE M 187 38.24 16.94 71.36
N GLY M 188 37.84 15.73 71.73
CA GLY M 188 38.75 14.84 72.44
C GLY M 188 38.43 14.74 73.94
N ALA M 189 39.21 13.93 74.63
CA ALA M 189 38.84 13.48 75.95
C ALA M 189 39.17 14.53 76.98
N PRO M 190 38.38 14.70 78.05
CA PRO M 190 38.62 15.77 79.00
C PRO M 190 39.59 15.38 80.09
N ALA M 191 40.31 16.36 80.61
CA ALA M 191 41.23 16.09 81.70
C ALA M 191 40.43 16.14 82.99
N VAL M 192 40.39 15.03 83.77
CA VAL M 192 39.66 14.98 85.03
C VAL M 192 40.47 15.65 86.11
N ILE M 193 39.83 16.43 86.99
CA ILE M 193 40.46 17.00 88.16
C ILE M 193 39.66 16.53 89.38
N GLU M 194 40.37 16.15 90.44
CA GLU M 194 39.69 15.66 91.63
C GLU M 194 40.70 15.73 92.77
N PHE M 195 40.35 16.47 93.83
CA PHE M 195 41.12 16.39 95.05
C PHE M 195 40.35 16.82 96.27
N THR M 196 40.80 16.31 97.42
CA THR M 196 40.23 16.68 98.70
C THR M 196 41.28 17.47 99.46
N THR M 197 40.92 18.67 99.94
CA THR M 197 41.89 19.52 100.60
C THR M 197 42.23 18.81 101.87
N PRO M 198 43.49 18.85 102.34
CA PRO M 198 43.88 18.10 103.53
C PRO M 198 43.20 18.60 104.78
N ALA M 199 43.45 17.86 105.86
CA ALA M 199 42.84 18.11 107.16
C ALA M 199 43.45 19.31 107.86
N ALA M 200 44.72 19.60 107.57
CA ALA M 200 45.40 20.62 108.33
C ALA M 200 46.26 21.46 107.39
N PHE M 201 45.83 22.68 107.16
CA PHE M 201 46.68 23.56 106.41
C PHE M 201 47.80 23.94 107.36
N THR M 202 49.07 23.87 106.89
CA THR M 202 50.20 24.20 107.76
C THR M 202 51.39 24.87 107.06
N SER M 203 51.27 25.20 105.77
CA SER M 203 52.33 25.85 105.00
C SER M 203 51.65 26.63 103.87
N ASP M 204 52.37 27.58 103.26
CA ASP M 204 51.68 28.48 102.35
C ASP M 204 51.34 27.79 101.04
N VAL M 205 52.25 26.97 100.48
CA VAL M 205 51.94 26.37 99.19
C VAL M 205 51.78 24.87 99.35
N ILE M 206 50.60 24.31 98.98
CA ILE M 206 50.20 22.94 99.30
C ILE M 206 49.99 22.09 98.08
N GLU M 207 50.40 20.82 98.18
CA GLU M 207 50.56 20.00 96.99
C GLU M 207 49.34 19.12 96.81
N LEU M 208 48.26 19.70 96.32
CA LEU M 208 46.97 19.04 96.30
C LEU M 208 47.01 17.80 95.41
N GLN M 209 47.75 17.84 94.30
CA GLN M 209 48.14 16.72 93.46
C GLN M 209 46.98 15.76 93.15
N ALA N 1 16.40 -1.39 20.29
CA ALA N 1 16.80 -2.70 20.91
C ALA N 1 17.15 -2.52 22.39
N ILE N 2 16.78 -3.50 23.21
CA ILE N 2 16.99 -3.46 24.65
C ILE N 2 18.48 -3.52 25.00
N GLY N 3 19.27 -4.14 24.13
CA GLY N 3 20.68 -4.40 24.44
C GLY N 3 21.44 -3.12 24.71
N ILE N 4 21.06 -2.08 23.95
CA ILE N 4 21.79 -0.83 23.94
C ILE N 4 21.87 -0.26 25.36
N GLY N 5 20.74 -0.19 26.04
CA GLY N 5 20.73 0.35 27.39
C GLY N 5 21.48 -0.52 28.38
N THR N 6 21.41 -1.85 28.19
CA THR N 6 21.98 -2.79 29.14
C THR N 6 23.48 -2.55 29.22
N LEU N 7 24.07 -2.29 28.05
CA LEU N 7 25.49 -1.99 27.92
C LEU N 7 25.79 -0.71 28.72
N ILE N 8 25.07 0.38 28.40
CA ILE N 8 25.33 1.70 28.95
C ILE N 8 25.22 1.68 30.46
N ILE N 9 24.20 1.04 31.01
CA ILE N 9 24.05 1.05 32.46
C ILE N 9 25.14 0.23 33.15
N PHE N 10 25.69 -0.79 32.47
CA PHE N 10 26.79 -1.59 33.01
C PHE N 10 27.99 -0.69 33.25
N ILE N 11 28.27 0.19 32.28
CA ILE N 11 29.38 1.12 32.34
C ILE N 11 29.27 1.94 33.61
N ALA N 12 28.06 2.42 33.90
CA ALA N 12 27.81 3.21 35.09
C ALA N 12 28.07 2.37 36.32
N MET N 13 27.55 1.15 36.34
CA MET N 13 27.53 0.33 37.54
C MET N 13 28.99 0.07 37.99
N VAL N 14 29.85 -0.23 37.00
CA VAL N 14 31.27 -0.48 37.22
C VAL N 14 31.87 0.75 37.89
N LEU N 15 31.62 1.91 37.27
CA LEU N 15 32.25 3.15 37.69
C LEU N 15 31.87 3.45 39.14
N VAL N 16 30.61 3.24 39.50
CA VAL N 16 30.15 3.56 40.84
C VAL N 16 30.85 2.64 41.83
N ALA N 17 30.94 1.36 41.48
CA ALA N 17 31.56 0.39 42.38
C ALA N 17 33.04 0.72 42.58
N ALA N 18 33.65 1.35 41.56
CA ALA N 18 35.04 1.74 41.65
C ALA N 18 35.16 2.83 42.70
N VAL N 19 34.32 3.87 42.58
CA VAL N 19 34.35 5.01 43.49
C VAL N 19 34.14 4.54 44.92
N ALA N 20 33.20 3.63 45.11
CA ALA N 20 32.91 3.12 46.43
C ALA N 20 34.13 2.39 47.01
N ALA N 21 34.82 1.60 46.19
CA ALA N 21 36.00 0.89 46.63
C ALA N 21 37.07 1.90 47.05
N ALA N 22 37.21 2.95 46.23
CA ALA N 22 38.30 3.90 46.42
C ALA N 22 38.31 4.43 47.85
N VAL N 23 37.15 4.88 48.36
CA VAL N 23 37.06 5.53 49.65
C VAL N 23 37.58 4.63 50.77
N LEU N 24 37.44 3.31 50.60
CA LEU N 24 37.88 2.40 51.64
C LEU N 24 39.38 2.29 51.59
N ILE N 25 39.96 2.24 50.38
CA ILE N 25 41.40 2.12 50.18
C ILE N 25 42.06 3.37 50.77
N ASN N 26 41.56 4.55 50.38
CA ASN N 26 42.02 5.83 50.88
C ASN N 26 41.96 5.88 52.41
N THR N 27 40.80 5.52 52.98
CA THR N 27 40.58 5.66 54.41
C THR N 27 41.50 4.72 55.15
N SER N 28 41.81 3.57 54.56
CA SER N 28 42.64 2.60 55.22
C SER N 28 44.05 3.18 55.34
N GLY N 29 44.48 3.90 54.30
CA GLY N 29 45.73 4.64 54.29
C GLY N 29 45.82 5.64 55.44
N PHE N 30 44.80 6.50 55.56
CA PHE N 30 44.73 7.51 56.59
C PHE N 30 44.86 6.88 57.98
N LEU N 31 44.10 5.81 58.19
CA LEU N 31 44.07 5.19 59.49
C LEU N 31 45.41 4.50 59.77
N GLN N 32 46.12 4.06 58.74
CA GLN N 32 47.32 3.25 58.97
C GLN N 32 48.29 4.06 59.82
N GLN N 33 48.62 5.25 59.30
CA GLN N 33 49.62 6.09 59.93
C GLN N 33 49.20 6.42 61.35
N LYS N 34 47.94 6.84 61.51
CA LYS N 34 47.45 7.34 62.78
C LYS N 34 47.55 6.25 63.85
N ALA N 35 47.26 5.02 63.44
CA ALA N 35 47.27 3.89 64.35
C ALA N 35 48.72 3.62 64.77
N MET N 36 49.61 3.50 63.77
CA MET N 36 50.97 3.05 64.01
C MET N 36 51.65 4.00 65.00
N ALA N 37 51.52 5.31 64.73
CA ALA N 37 52.10 6.36 65.55
C ALA N 37 51.57 6.28 66.97
N THR N 38 50.28 6.01 67.14
CA THR N 38 49.66 6.07 68.45
C THR N 38 50.25 4.98 69.34
N GLY N 39 50.52 3.83 68.74
CA GLY N 39 51.11 2.69 69.45
C GLY N 39 52.55 2.98 69.87
N LYS N 40 53.36 3.44 68.92
CA LYS N 40 54.75 3.71 69.15
C LYS N 40 54.88 4.69 70.32
N GLU N 41 54.18 5.82 70.18
CA GLU N 41 54.31 6.93 71.09
C GLU N 41 53.93 6.47 72.49
N SER N 42 52.82 5.76 72.59
CA SER N 42 52.32 5.34 73.88
C SER N 42 53.34 4.44 74.56
N THR N 43 54.10 3.67 73.76
CA THR N 43 55.00 2.68 74.30
C THR N 43 56.18 3.40 74.93
N GLU N 44 56.73 4.37 74.20
CA GLU N 44 57.89 5.11 74.63
C GLU N 44 57.59 5.82 75.95
N GLN N 45 56.38 6.35 76.09
CA GLN N 45 55.92 7.06 77.28
C GLN N 45 56.06 6.17 78.50
N VAL N 46 55.54 4.96 78.44
CA VAL N 46 55.52 4.12 79.63
C VAL N 46 56.94 3.68 79.97
N ALA N 47 57.74 3.44 78.93
CA ALA N 47 59.02 2.75 79.05
C ALA N 47 60.10 3.65 79.66
N SER N 48 59.89 4.96 79.72
CA SER N 48 60.99 5.88 79.95
C SER N 48 60.83 6.72 81.21
N GLY N 49 61.95 7.11 81.81
CA GLY N 49 61.90 7.98 82.98
C GLY N 49 63.29 8.24 83.58
N LEU N 50 63.34 9.03 84.66
CA LEU N 50 64.57 9.37 85.34
C LEU N 50 64.45 8.99 86.81
N GLN N 51 65.58 8.81 87.49
CA GLN N 51 65.62 8.39 88.87
C GLN N 51 66.66 9.24 89.60
N VAL N 52 66.31 9.79 90.78
CA VAL N 52 67.25 10.59 91.55
C VAL N 52 68.10 9.68 92.38
N ILE N 53 69.42 9.70 92.15
CA ILE N 53 70.33 8.81 92.83
C ILE N 53 70.54 9.36 94.21
N ARG N 54 71.08 10.58 94.33
CA ARG N 54 71.38 11.19 95.63
C ARG N 54 71.26 12.70 95.52
N VAL N 55 71.05 13.42 96.63
CA VAL N 55 71.12 14.87 96.60
C VAL N 55 72.11 15.34 97.63
N LEU N 56 73.01 16.27 97.26
CA LEU N 56 74.05 16.80 98.14
C LEU N 56 73.95 18.31 98.25
N GLY N 57 74.52 18.91 99.33
CA GLY N 57 74.20 20.32 99.61
C GLY N 57 75.22 21.08 100.46
N ASN N 58 75.97 21.97 99.81
CA ASN N 58 76.93 22.83 100.48
C ASN N 58 76.24 23.73 101.49
N HIS N 59 76.87 24.13 102.62
CA HIS N 59 76.26 25.00 103.65
C HIS N 59 77.18 26.08 104.18
N SER N 60 76.67 27.31 104.35
CA SER N 60 77.40 28.44 104.94
C SER N 60 76.41 29.31 105.67
N GLY N 61 76.82 29.91 106.78
CA GLY N 61 75.89 30.83 107.42
C GLY N 61 74.79 30.02 108.06
N GLY N 62 73.54 30.28 107.69
CA GLY N 62 72.49 29.57 108.39
C GLY N 62 71.66 28.69 107.48
N LYS N 63 72.20 28.39 106.30
CA LYS N 63 71.34 27.92 105.23
C LYS N 63 72.11 26.90 104.42
N ILE N 64 71.37 26.16 103.58
CA ILE N 64 72.02 25.44 102.50
C ILE N 64 71.87 26.33 101.28
N ASN N 65 72.96 26.61 100.58
CA ASN N 65 72.92 27.59 99.53
C ASN N 65 72.97 26.98 98.13
N TRP N 66 73.65 25.87 97.90
CA TRP N 66 73.65 25.23 96.61
C TRP N 66 73.16 23.78 96.77
N LEU N 67 72.47 23.21 95.79
CA LEU N 67 72.13 21.80 95.80
C LEU N 67 72.63 21.15 94.51
N ALA N 68 73.05 19.88 94.61
CA ALA N 68 73.49 19.16 93.43
C ALA N 68 72.71 17.86 93.43
N VAL N 69 71.83 17.73 92.44
CA VAL N 69 70.89 16.64 92.36
C VAL N 69 71.40 15.68 91.31
N LEU N 70 71.83 14.48 91.72
CA LEU N 70 72.40 13.53 90.78
C LEU N 70 71.26 12.66 90.25
N ILE N 71 71.23 12.45 88.93
CA ILE N 71 70.08 11.83 88.29
C ILE N 71 70.53 10.91 87.18
N SER N 72 69.76 9.85 86.88
CA SER N 72 70.16 8.88 85.86
C SER N 72 68.93 8.24 85.26
N PRO N 73 69.00 7.60 84.10
CA PRO N 73 67.83 7.02 83.46
C PRO N 73 67.30 5.79 84.18
N ASN N 74 66.01 5.49 84.00
CA ASN N 74 65.41 4.27 84.51
C ASN N 74 65.83 3.16 83.58
N ALA N 75 65.83 1.91 84.05
CA ALA N 75 66.30 0.82 83.20
C ALA N 75 65.38 0.71 81.97
N GLY N 76 65.99 0.59 80.79
CA GLY N 76 65.26 0.29 79.57
C GLY N 76 64.54 1.51 78.99
N SER N 77 65.03 2.69 79.36
CA SER N 77 64.45 3.94 78.90
C SER N 77 65.07 4.40 77.59
N ALA N 78 64.30 5.17 76.83
CA ALA N 78 64.79 5.69 75.56
C ALA N 78 65.54 6.95 75.95
N PRO N 79 66.38 7.54 75.11
CA PRO N 79 67.25 8.63 75.56
C PRO N 79 66.48 9.89 75.93
N ILE N 80 66.82 10.52 77.06
CA ILE N 80 66.13 11.71 77.53
C ILE N 80 66.97 12.97 77.27
N ASP N 81 66.38 13.99 76.61
CA ASP N 81 67.10 15.20 76.19
C ASP N 81 66.86 16.26 77.25
N LEU N 82 67.88 16.48 78.07
CA LEU N 82 67.65 17.25 79.27
C LEU N 82 67.46 18.70 78.91
N SER N 83 67.77 19.09 77.67
CA SER N 83 67.68 20.50 77.36
C SER N 83 66.24 20.92 77.34
N GLN N 84 65.33 19.96 77.28
CA GLN N 84 63.92 20.26 77.29
C GLN N 84 63.27 19.81 78.61
N ALA N 85 64.02 19.54 79.67
CA ALA N 85 63.42 19.12 80.92
C ALA N 85 62.93 20.34 81.68
N THR N 86 62.20 20.18 82.80
CA THR N 86 61.88 21.30 83.68
C THR N 86 61.96 20.87 85.14
N VAL N 87 62.51 21.70 86.06
CA VAL N 87 62.55 21.28 87.45
C VAL N 87 61.71 22.19 88.29
N MET N 88 61.01 21.65 89.29
CA MET N 88 60.09 22.43 90.09
C MET N 88 60.40 22.06 91.52
N ILE N 89 60.60 23.08 92.37
CA ILE N 89 61.01 22.86 93.73
C ILE N 89 60.19 23.79 94.62
N THR N 90 59.78 23.32 95.83
CA THR N 90 59.16 24.24 96.77
C THR N 90 59.61 23.98 98.19
N ASP N 91 59.66 25.09 98.98
CA ASP N 91 60.07 25.05 100.36
C ASP N 91 58.87 25.31 101.24
N GLY N 92 57.68 25.39 100.63
CA GLY N 92 56.47 25.62 101.41
C GLY N 92 56.16 27.10 101.62
N THR N 93 57.12 27.98 101.30
CA THR N 93 56.86 29.39 101.26
C THR N 93 56.97 29.95 99.84
N HIS N 94 57.78 29.38 98.94
CA HIS N 94 57.80 29.78 97.54
C HIS N 94 57.88 28.57 96.59
N LYS N 95 57.60 28.74 95.27
CA LYS N 95 57.65 27.59 94.35
C LYS N 95 58.33 27.99 93.05
N VAL N 96 59.64 27.72 92.95
CA VAL N 96 60.42 28.18 91.82
C VAL N 96 60.30 27.12 90.78
N ILE N 97 60.38 27.53 89.50
CA ILE N 97 60.55 26.58 88.40
C ILE N 97 61.73 27.04 87.57
N ALA N 98 62.60 26.12 87.13
CA ALA N 98 63.87 26.51 86.52
C ALA N 98 64.18 25.67 85.29
N LYS N 99 64.95 26.23 84.34
CA LYS N 99 65.15 25.62 83.03
C LYS N 99 66.61 25.77 82.61
N TYR N 100 67.08 24.96 81.65
CA TYR N 100 68.52 24.81 81.40
C TYR N 100 69.06 26.03 80.69
N ASN N 101 70.19 26.54 81.18
CA ASN N 101 70.91 27.59 80.47
C ASN N 101 72.23 26.99 80.00
N SER N 102 72.43 26.93 78.69
CA SER N 102 73.50 26.16 78.07
C SER N 102 74.85 26.71 78.48
N THR N 103 74.91 27.93 79.00
CA THR N 103 76.16 28.55 79.37
C THR N 103 76.89 27.71 80.41
N PHE N 104 76.16 27.01 81.26
CA PHE N 104 76.71 26.42 82.47
C PHE N 104 76.88 24.90 82.32
N PHE N 105 77.75 24.48 81.40
CA PHE N 105 78.03 23.07 81.20
C PHE N 105 79.46 22.79 81.56
N ASN N 106 79.74 21.68 82.24
CA ASN N 106 81.13 21.25 82.38
C ASN N 106 81.23 19.77 82.04
N GLY N 107 81.86 19.46 80.91
CA GLY N 107 81.93 18.06 80.49
C GLY N 107 83.11 17.33 81.09
N THR N 108 84.14 18.08 81.44
CA THR N 108 85.42 17.47 81.69
C THR N 108 85.33 16.53 82.86
N LEU N 109 84.37 16.76 83.75
CA LEU N 109 84.34 16.07 85.03
C LEU N 109 83.94 14.62 84.82
N LYS N 110 83.69 14.21 83.57
CA LYS N 110 83.46 12.81 83.28
C LYS N 110 84.70 12.01 83.63
N ASN N 111 85.83 12.69 83.73
CA ASN N 111 87.12 12.10 84.01
C ASN N 111 87.56 12.43 85.42
N GLY N 112 86.63 12.77 86.30
CA GLY N 112 86.98 12.89 87.71
C GLY N 112 87.33 14.33 88.09
N GLY N 113 87.11 14.68 89.36
CA GLY N 113 87.38 16.02 89.88
C GLY N 113 86.45 16.35 91.04
N SER N 114 86.37 17.63 91.42
CA SER N 114 85.54 18.08 92.54
C SER N 114 84.27 18.75 92.04
N ILE N 115 83.09 18.28 92.50
CA ILE N 115 81.83 18.96 92.28
C ILE N 115 81.90 20.16 93.20
N PHE N 116 80.97 21.09 93.12
CA PHE N 116 80.94 22.19 94.06
C PHE N 116 82.17 23.08 93.97
N GLU N 117 83.12 22.75 93.06
CA GLU N 117 84.16 23.69 92.70
C GLU N 117 84.41 23.64 91.19
N ALA N 118 83.40 23.24 90.42
CA ALA N 118 83.53 23.18 88.98
C ALA N 118 83.50 24.60 88.42
N LYS N 119 84.31 24.85 87.40
CA LYS N 119 84.25 26.11 86.66
C LYS N 119 83.34 25.97 85.44
N TYR N 120 83.05 27.10 84.76
CA TYR N 120 82.41 27.13 83.45
C TYR N 120 83.08 28.20 82.58
N ASN N 121 82.75 28.27 81.27
CA ASN N 121 83.53 29.04 80.30
C ASN N 121 82.64 30.06 79.61
N ASN N 122 82.57 31.30 80.12
CA ASN N 122 82.13 32.45 79.34
C ASN N 122 83.27 32.73 78.38
N THR N 123 82.99 33.11 77.13
CA THR N 123 84.05 33.16 76.14
C THR N 123 85.19 34.02 76.66
N THR N 124 86.44 33.52 76.56
CA THR N 124 87.67 34.21 76.96
C THR N 124 88.04 34.01 78.43
N ALA N 125 87.19 33.37 79.25
CA ALA N 125 87.54 33.22 80.66
C ALA N 125 87.02 31.92 81.29
N LEU N 126 87.50 31.58 82.49
CA LEU N 126 86.92 30.53 83.32
C LEU N 126 86.50 31.11 84.67
N LYS N 127 85.29 30.76 85.13
CA LYS N 127 84.70 31.36 86.31
C LYS N 127 83.94 30.29 87.09
N PRO N 128 83.71 30.41 88.42
CA PRO N 128 83.04 29.35 89.19
C PRO N 128 81.57 29.20 88.81
N LEU N 129 81.09 27.95 88.69
CA LEU N 129 79.77 27.62 88.17
C LEU N 129 78.70 28.07 89.13
N PHE N 130 78.72 27.49 90.34
CA PHE N 130 77.55 27.60 91.21
C PHE N 130 77.22 29.05 91.57
N ASP N 131 78.26 29.86 91.82
CA ASP N 131 78.10 31.23 92.23
C ASP N 131 77.47 32.08 91.13
N ASP N 132 77.68 31.71 89.85
CA ASP N 132 77.26 32.56 88.74
C ASP N 132 75.88 32.19 88.21
N LEU N 133 75.40 30.98 88.50
CA LEU N 133 74.19 30.43 87.91
C LEU N 133 72.96 31.26 88.32
N PRO N 134 72.18 31.82 87.37
CA PRO N 134 71.01 32.65 87.67
C PRO N 134 69.86 32.03 88.42
N ALA N 135 68.99 32.88 88.93
CA ALA N 135 68.00 32.40 89.88
C ALA N 135 66.95 31.52 89.22
N THR N 136 66.77 31.61 87.91
CA THR N 136 65.74 30.83 87.26
C THR N 136 66.31 29.71 86.39
N ALA N 137 67.57 29.30 86.59
CA ALA N 137 68.18 28.38 85.64
C ALA N 137 68.89 27.26 86.37
N PHE N 138 69.05 26.12 85.69
CA PHE N 138 69.89 25.05 86.22
C PHE N 138 70.99 24.70 85.25
N GLY N 139 72.13 24.27 85.81
CA GLY N 139 73.28 23.94 85.00
C GLY N 139 73.51 22.44 85.11
N ILE N 140 74.41 21.85 84.31
CA ILE N 140 74.55 20.41 84.25
C ILE N 140 76.02 20.03 84.17
N VAL N 141 76.43 19.00 84.93
CA VAL N 141 77.82 18.55 85.00
C VAL N 141 77.89 17.05 84.84
N VAL N 142 78.61 16.57 83.82
CA VAL N 142 78.57 15.19 83.39
C VAL N 142 79.53 14.45 84.31
N LEU N 143 79.01 13.44 84.99
CA LEU N 143 79.85 12.71 85.93
C LEU N 143 80.20 11.35 85.34
N GLN N 144 79.32 10.70 84.56
CA GLN N 144 79.70 9.44 83.90
C GLN N 144 78.98 9.34 82.56
N ASP N 145 79.73 9.14 81.47
CA ASP N 145 79.20 9.06 80.11
C ASP N 145 80.20 8.35 79.21
N ALA N 146 79.85 7.14 78.79
CA ALA N 146 80.81 6.28 78.10
C ALA N 146 80.96 6.71 76.64
N ASP N 147 79.87 7.24 76.05
CA ASP N 147 79.76 7.35 74.61
C ASP N 147 79.60 8.80 74.14
N THR N 148 80.06 9.74 74.96
CA THR N 148 80.11 11.15 74.65
C THR N 148 78.76 11.70 74.21
N SER N 149 77.70 11.10 74.73
CA SER N 149 76.35 11.45 74.34
C SER N 149 75.93 12.82 74.81
N CYS N 150 76.45 13.29 75.95
CA CYS N 150 76.22 14.65 76.38
C CYS N 150 77.14 15.64 75.68
N SER N 151 76.55 16.61 74.96
CA SER N 151 77.23 17.78 74.41
C SER N 151 76.55 19.05 74.89
N LYS N 152 77.31 20.14 75.02
CA LYS N 152 76.84 21.37 75.67
C LYS N 152 75.53 21.85 75.05
N ASP N 153 75.40 21.76 73.73
CA ASP N 153 74.18 22.23 73.07
C ASP N 153 73.04 21.19 73.08
N THR N 154 73.32 19.91 73.38
CA THR N 154 72.33 18.83 73.38
C THR N 154 72.63 17.74 74.43
N PRO N 155 72.27 17.91 75.70
CA PRO N 155 72.62 16.93 76.72
C PRO N 155 71.61 15.79 76.70
N VAL N 156 71.88 14.77 75.87
CA VAL N 156 71.02 13.61 75.83
C VAL N 156 71.65 12.48 76.65
N ILE N 157 70.97 11.99 77.70
CA ILE N 157 71.52 10.94 78.54
C ILE N 157 70.97 9.59 78.15
N ASN N 158 71.86 8.56 78.03
CA ASN N 158 71.45 7.21 77.64
C ASN N 158 71.94 6.22 78.68
N LYS N 159 71.60 4.93 78.49
CA LYS N 159 71.72 3.96 79.57
C LYS N 159 73.14 3.95 80.10
N GLY N 160 73.29 4.14 81.41
CA GLY N 160 74.59 4.08 82.04
C GLY N 160 75.08 5.45 82.53
N ASP N 161 74.49 6.52 82.02
CA ASP N 161 75.03 7.84 82.29
C ASP N 161 74.63 8.31 83.69
N ILE N 162 75.43 9.18 84.33
CA ILE N 162 75.04 9.89 85.55
C ILE N 162 75.45 11.35 85.38
N VAL N 163 74.58 12.27 85.84
CA VAL N 163 74.78 13.67 85.60
C VAL N 163 74.15 14.49 86.70
N ALA N 164 74.72 15.67 86.99
CA ALA N 164 74.31 16.38 88.19
C ALA N 164 73.69 17.68 87.79
N ILE N 165 72.47 17.88 88.26
CA ILE N 165 71.72 19.08 87.96
C ILE N 165 72.09 20.00 89.10
N CYS N 166 72.62 21.17 88.77
CA CYS N 166 73.14 22.10 89.74
C CYS N 166 72.18 23.28 89.85
N LEU N 167 71.72 23.59 91.09
CA LEU N 167 70.77 24.67 91.37
C LEU N 167 71.31 25.53 92.50
N ASN N 168 71.22 26.86 92.37
CA ASN N 168 71.71 27.77 93.39
C ASN N 168 70.48 28.38 93.96
N VAL N 169 70.24 28.14 95.26
CA VAL N 169 68.94 28.40 95.87
C VAL N 169 69.03 29.47 96.92
N SER N 170 70.15 30.18 97.00
CA SER N 170 70.53 30.95 98.16
C SER N 170 69.51 32.01 98.49
N ASN N 171 68.94 32.65 97.46
CA ASN N 171 67.97 33.69 97.71
C ASN N 171 66.53 33.29 97.38
N THR N 172 66.36 32.21 96.61
CA THR N 172 65.07 31.83 96.08
C THR N 172 64.30 30.99 97.08
N LEU N 173 64.93 30.00 97.73
CA LEU N 173 64.27 29.19 98.74
C LEU N 173 65.06 29.24 100.06
N ASN N 174 64.39 29.28 101.21
CA ASN N 174 65.04 29.66 102.45
C ASN N 174 65.34 28.43 103.31
N LEU N 175 66.34 27.62 102.91
CA LEU N 175 66.52 26.29 103.47
C LEU N 175 67.28 26.32 104.78
N LYS N 176 66.59 26.77 105.84
CA LYS N 176 67.09 26.65 107.19
C LYS N 176 66.81 25.24 107.70
N PRO N 177 67.22 24.87 108.93
CA PRO N 177 67.03 23.50 109.41
C PRO N 177 65.58 23.08 109.49
N ARG N 178 65.35 21.78 109.55
CA ARG N 178 64.03 21.25 109.80
C ARG N 178 63.03 21.67 108.72
N THR N 179 63.49 21.90 107.48
CA THR N 179 62.62 22.41 106.42
C THR N 179 62.36 21.36 105.34
N LYS N 180 61.11 21.17 104.93
CA LYS N 180 60.75 20.17 103.93
C LYS N 180 60.89 20.76 102.54
N VAL N 181 61.46 19.97 101.61
CA VAL N 181 61.64 20.40 100.23
C VAL N 181 61.05 19.32 99.34
N THR N 182 60.28 19.73 98.34
CA THR N 182 59.53 18.79 97.53
C THR N 182 59.69 19.21 96.08
N GLY N 183 59.68 18.26 95.15
CA GLY N 183 59.78 18.68 93.76
C GLY N 183 59.94 17.54 92.78
N ALA N 184 60.20 17.89 91.51
CA ALA N 184 60.32 16.91 90.46
C ALA N 184 61.14 17.47 89.31
N VAL N 185 61.89 16.60 88.66
CA VAL N 185 62.46 16.90 87.37
C VAL N 185 61.59 16.20 86.35
N ILE N 186 61.01 16.98 85.44
CA ILE N 186 59.96 16.50 84.55
C ILE N 186 60.53 16.47 83.15
N PRO N 187 60.69 15.30 82.51
CA PRO N 187 61.15 15.24 81.14
C PRO N 187 60.04 15.43 80.13
N GLU N 188 60.43 15.49 78.87
CA GLU N 188 59.57 15.80 77.75
C GLU N 188 58.57 14.69 77.60
N PHE N 189 59.04 13.46 77.81
CA PHE N 189 58.16 12.31 77.95
C PHE N 189 58.73 11.36 78.99
N GLY N 190 57.85 10.57 79.60
CA GLY N 190 58.32 9.62 80.60
C GLY N 190 58.14 10.17 82.02
N ALA N 191 58.45 9.34 83.02
CA ALA N 191 57.97 9.56 84.36
C ALA N 191 58.93 10.50 85.09
N PRO N 192 58.42 11.43 85.92
CA PRO N 192 59.29 12.36 86.62
C PRO N 192 60.09 11.73 87.75
N ALA N 193 61.24 12.33 88.05
CA ALA N 193 61.99 11.96 89.22
C ALA N 193 61.48 12.79 90.40
N VAL N 194 61.33 12.19 91.59
CA VAL N 194 60.71 12.89 92.71
C VAL N 194 61.77 13.22 93.76
N ILE N 195 61.93 14.53 94.05
CA ILE N 195 62.86 15.05 95.02
C ILE N 195 62.06 15.21 96.29
N SER N 196 62.56 14.71 97.42
CA SER N 196 61.80 14.81 98.65
C SER N 196 62.70 14.60 99.85
N PHE N 197 62.95 15.68 100.60
CA PHE N 197 63.85 15.57 101.72
C PHE N 197 63.53 16.61 102.78
N THR N 198 63.95 16.32 104.00
CA THR N 198 63.80 17.32 105.04
C THR N 198 65.19 17.61 105.57
N THR N 199 65.56 18.89 105.66
CA THR N 199 66.93 19.22 105.98
C THR N 199 67.16 18.78 107.40
N PRO N 200 68.39 18.42 107.81
CA PRO N 200 68.70 17.98 109.17
C PRO N 200 68.27 18.91 110.29
N ALA N 201 68.29 18.36 111.50
CA ALA N 201 67.93 19.12 112.67
C ALA N 201 69.05 20.10 113.05
N THR N 202 70.29 19.77 112.70
CA THR N 202 71.44 20.55 113.12
C THR N 202 72.50 20.56 112.03
N TYR N 203 73.04 21.74 111.75
CA TYR N 203 74.11 21.84 110.80
C TYR N 203 75.37 22.07 111.61
N LEU N 204 76.47 21.36 111.32
CA LEU N 204 77.72 21.52 112.07
C LEU N 204 78.81 22.15 111.20
N ASP N 205 79.63 23.05 111.77
CA ASP N 205 80.63 23.81 111.02
C ASP N 205 81.78 22.93 110.54
N THR N 206 81.88 21.71 111.08
CA THR N 206 82.93 20.79 110.68
C THR N 206 82.53 20.00 109.44
N GLN N 207 81.28 20.14 108.98
CA GLN N 207 80.75 19.29 107.93
C GLN N 207 79.94 20.11 106.93
N HIS N 208 80.62 20.90 106.09
CA HIS N 208 79.91 21.83 105.25
C HIS N 208 79.17 21.17 104.09
N ILE N 209 79.51 19.93 103.70
CA ILE N 209 78.74 19.26 102.68
C ILE N 209 77.88 18.15 103.29
N ILE N 210 76.57 18.18 103.02
CA ILE N 210 75.56 17.37 103.68
C ILE N 210 74.88 16.47 102.66
N GLU N 211 74.55 15.24 103.08
CA GLU N 211 73.88 14.32 102.20
C GLU N 211 72.40 14.35 102.56
N LEU N 212 71.55 14.74 101.61
CA LEU N 212 70.19 15.09 101.94
C LEU N 212 69.21 13.99 101.60
N GLN N 213 69.47 13.24 100.52
CA GLN N 213 68.62 12.14 100.09
C GLN N 213 69.55 11.07 99.49
N ALA O 1 23.83 -7.52 35.35
CA ALA O 1 24.33 -6.15 35.70
C ALA O 1 24.86 -6.13 37.13
N ILE O 2 24.05 -6.67 38.07
CA ILE O 2 24.34 -6.62 39.50
C ILE O 2 25.61 -7.39 39.81
N GLY O 3 25.77 -8.55 39.16
CA GLY O 3 26.87 -9.46 39.44
C GLY O 3 28.22 -8.76 39.39
N ILE O 4 28.42 -7.98 38.34
CA ILE O 4 29.67 -7.31 38.02
C ILE O 4 30.17 -6.54 39.24
N GLY O 5 29.31 -5.68 39.77
CA GLY O 5 29.72 -4.83 40.87
C GLY O 5 30.12 -5.63 42.11
N THR O 6 29.43 -6.74 42.37
CA THR O 6 29.62 -7.51 43.59
C THR O 6 31.08 -7.93 43.66
N LEU O 7 31.60 -8.35 42.49
CA LEU O 7 32.95 -8.85 42.40
C LEU O 7 33.90 -7.73 42.78
N ILE O 8 33.70 -6.55 42.17
CA ILE O 8 34.60 -5.43 42.34
C ILE O 8 34.68 -5.07 43.81
N ILE O 9 33.56 -4.87 44.49
CA ILE O 9 33.69 -4.39 45.85
C ILE O 9 34.29 -5.48 46.75
N PHE O 10 34.09 -6.75 46.38
CA PHE O 10 34.68 -7.86 47.15
C PHE O 10 36.18 -7.64 47.21
N ILE O 11 36.80 -7.30 46.08
CA ILE O 11 38.24 -7.06 46.02
C ILE O 11 38.65 -6.02 47.06
N ALA O 12 37.86 -4.96 47.18
CA ALA O 12 38.23 -3.92 48.11
C ALA O 12 38.19 -4.45 49.53
N MET O 13 37.16 -5.24 49.87
CA MET O 13 37.01 -5.75 51.24
C MET O 13 38.29 -6.47 51.63
N VAL O 14 38.85 -7.26 50.70
CA VAL O 14 40.00 -8.11 50.93
C VAL O 14 41.17 -7.22 51.28
N LEU O 15 41.42 -6.24 50.41
CA LEU O 15 42.59 -5.40 50.55
C LEU O 15 42.50 -4.62 51.86
N VAL O 16 41.32 -4.14 52.24
CA VAL O 16 41.19 -3.31 53.42
C VAL O 16 41.46 -4.14 54.67
N ALA O 17 40.98 -5.39 54.70
CA ALA O 17 41.25 -6.29 55.82
C ALA O 17 42.74 -6.58 55.90
N ALA O 18 43.37 -6.72 54.72
CA ALA O 18 44.79 -7.02 54.65
C ALA O 18 45.57 -5.89 55.29
N VAL O 19 45.25 -4.64 54.89
CA VAL O 19 45.94 -3.47 55.38
C VAL O 19 45.80 -3.38 56.90
N ALA O 20 44.63 -3.68 57.42
CA ALA O 20 44.42 -3.61 58.86
C ALA O 20 45.23 -4.69 59.57
N ALA O 21 45.30 -5.86 58.96
CA ALA O 21 46.04 -6.95 59.58
C ALA O 21 47.50 -6.54 59.72
N ALA O 22 48.03 -5.92 58.66
CA ALA O 22 49.42 -5.50 58.62
C ALA O 22 49.74 -4.67 59.86
N VAL O 23 48.86 -3.74 60.22
CA VAL O 23 49.06 -2.88 61.38
C VAL O 23 49.26 -3.75 62.61
N LEU O 24 48.39 -4.74 62.79
CA LEU O 24 48.34 -5.48 64.03
C LEU O 24 49.62 -6.31 64.13
N ILE O 25 50.00 -6.96 63.01
CA ILE O 25 51.16 -7.85 62.94
C ILE O 25 52.40 -7.03 63.25
N ASN O 26 52.59 -5.95 62.49
CA ASN O 26 53.73 -5.06 62.61
C ASN O 26 53.89 -4.57 64.05
N THR O 27 52.80 -4.03 64.59
CA THR O 27 52.80 -3.41 65.90
C THR O 27 53.25 -4.44 66.93
N SER O 28 52.79 -5.68 66.77
CA SER O 28 53.12 -6.74 67.72
C SER O 28 54.63 -6.95 67.69
N GLY O 29 55.18 -6.95 66.47
CA GLY O 29 56.62 -7.00 66.25
C GLY O 29 57.35 -5.89 66.98
N PHE O 30 56.88 -4.64 66.80
CA PHE O 30 57.52 -3.47 67.39
C PHE O 30 57.58 -3.58 68.91
N LEU O 31 56.55 -4.18 69.50
CA LEU O 31 56.46 -4.26 70.94
C LEU O 31 57.33 -5.40 71.45
N GLN O 32 57.47 -6.46 70.64
CA GLN O 32 58.13 -7.66 71.11
C GLN O 32 59.53 -7.30 71.63
N GLN O 33 60.22 -6.46 70.84
CA GLN O 33 61.58 -6.01 71.12
C GLN O 33 61.65 -5.42 72.53
N LYS O 34 60.87 -4.35 72.76
CA LYS O 34 60.96 -3.54 73.95
C LYS O 34 60.52 -4.34 75.16
N ALA O 35 59.53 -5.23 74.96
CA ALA O 35 59.01 -6.02 76.05
C ALA O 35 60.17 -6.82 76.63
N MET O 36 60.88 -7.55 75.77
CA MET O 36 61.93 -8.41 76.26
C MET O 36 63.00 -7.56 76.94
N ALA O 37 63.45 -6.51 76.22
CA ALA O 37 64.55 -5.68 76.64
C ALA O 37 64.33 -5.21 78.08
N THR O 38 63.10 -4.79 78.38
CA THR O 38 62.79 -4.15 79.64
C THR O 38 63.01 -5.16 80.76
N GLY O 39 62.58 -6.40 80.53
CA GLY O 39 62.63 -7.43 81.56
C GLY O 39 64.08 -7.78 81.89
N LYS O 40 64.89 -8.00 80.85
CA LYS O 40 66.25 -8.42 81.03
C LYS O 40 66.99 -7.33 81.80
N GLU O 41 66.91 -6.09 81.30
CA GLU O 41 67.58 -4.96 81.89
C GLU O 41 67.20 -4.82 83.36
N SER O 42 65.92 -4.94 83.67
CA SER O 42 65.46 -4.67 85.01
C SER O 42 66.00 -5.72 85.98
N THR O 43 66.13 -6.95 85.50
CA THR O 43 66.57 -8.04 86.35
C THR O 43 68.04 -7.80 86.67
N GLU O 44 68.85 -7.51 85.65
CA GLU O 44 70.28 -7.34 85.83
C GLU O 44 70.55 -6.22 86.84
N GLN O 45 69.69 -5.19 86.85
CA GLN O 45 69.80 -4.07 87.76
C GLN O 45 69.58 -4.53 89.18
N VAL O 46 68.52 -5.29 89.44
CA VAL O 46 68.19 -5.58 90.82
C VAL O 46 69.16 -6.57 91.42
N ALA O 47 69.74 -7.43 90.58
CA ALA O 47 70.53 -8.57 91.03
C ALA O 47 71.98 -8.19 91.30
N SER O 48 72.50 -7.21 90.55
CA SER O 48 73.92 -6.93 90.57
C SER O 48 74.29 -5.85 91.58
N GLY O 49 75.56 -5.83 92.00
CA GLY O 49 76.04 -4.91 93.02
C GLY O 49 77.45 -5.26 93.48
N LEU O 50 78.03 -4.42 94.35
CA LEU O 50 79.32 -4.65 94.96
C LEU O 50 79.20 -4.41 96.46
N LEU O 51 80.15 -4.98 97.23
CA LEU O 51 80.06 -4.96 98.67
C LEU O 51 81.45 -4.72 99.26
N CYS O 52 81.51 -3.78 100.20
CA CYS O 52 82.74 -3.31 100.85
C CYS O 52 83.13 -4.28 101.94
N SER O 53 84.41 -4.58 102.00
CA SER O 53 84.85 -5.71 102.78
C SER O 53 85.67 -5.19 103.94
N GLY O 54 86.35 -4.07 103.70
CA GLY O 54 87.30 -3.55 104.67
C GLY O 54 87.92 -2.29 104.12
N VAL O 55 88.43 -1.42 105.01
CA VAL O 55 89.26 -0.32 104.60
C VAL O 55 90.48 -0.26 105.51
N THR O 56 91.66 0.06 104.94
CA THR O 56 92.86 0.27 105.75
C THR O 56 93.67 1.47 105.27
N GLY O 57 94.57 2.00 106.13
CA GLY O 57 95.15 3.30 105.80
C GLY O 57 96.52 3.56 106.43
N HIS O 58 97.34 4.49 105.89
CA HIS O 58 98.72 4.68 106.29
C HIS O 58 98.91 6.06 106.91
N TYR O 59 99.52 6.11 108.11
CA TYR O 59 99.64 7.34 108.86
C TYR O 59 101.07 7.86 108.78
N VAL O 60 101.27 9.10 108.32
CA VAL O 60 102.59 9.71 108.34
C VAL O 60 102.70 10.55 109.60
N LYS O 61 103.82 10.43 110.33
CA LYS O 61 103.91 11.01 111.67
C LYS O 61 103.69 12.51 111.61
N ASN O 62 102.90 12.98 112.58
CA ASN O 62 102.66 14.40 112.77
C ASN O 62 101.89 15.00 111.59
N LYS O 63 101.35 14.15 110.69
CA LYS O 63 100.63 14.66 109.53
C LYS O 63 99.19 14.16 109.45
N GLY O 64 98.98 12.84 109.50
CA GLY O 64 97.62 12.28 109.34
C GLY O 64 97.59 11.17 108.28
N ILE O 65 96.40 10.72 107.90
CA ILE O 65 96.31 9.57 107.02
C ILE O 65 96.56 10.05 105.60
N ASP O 66 97.48 9.38 104.92
CA ASP O 66 98.02 9.87 103.67
C ASP O 66 97.35 9.17 102.50
N ARG O 67 97.11 7.87 102.63
CA ARG O 67 96.56 6.97 101.62
C ARG O 67 95.63 5.93 102.25
N ILE O 68 94.67 5.38 101.46
CA ILE O 68 93.72 4.38 101.91
C ILE O 68 93.50 3.29 100.87
N VAL O 69 93.24 2.04 101.30
CA VAL O 69 92.96 0.91 100.41
C VAL O 69 91.64 0.26 100.78
N ILE O 70 90.74 0.19 99.81
CA ILE O 70 89.36 -0.22 100.03
C ILE O 70 89.18 -1.56 99.37
N TYR O 71 88.72 -2.57 100.10
CA TYR O 71 88.62 -3.90 99.54
C TYR O 71 87.18 -4.11 99.11
N ILE O 72 86.99 -4.65 97.89
CA ILE O 72 85.67 -4.71 97.29
C ILE O 72 85.45 -6.06 96.64
N THR O 73 84.20 -6.55 96.65
CA THR O 73 83.82 -7.90 96.24
C THR O 73 82.40 -7.84 95.67
N PRO O 74 81.99 -8.75 94.78
CA PRO O 74 80.64 -8.67 94.22
C PRO O 74 79.65 -9.41 95.09
N ASN O 75 78.36 -9.05 95.02
CA ASN O 75 77.36 -9.69 95.87
C ASN O 75 76.99 -11.03 95.27
N ALA O 76 76.45 -11.95 96.10
CA ALA O 76 76.03 -13.25 95.59
C ALA O 76 75.13 -13.07 94.37
N GLY O 77 75.44 -13.79 93.27
CA GLY O 77 74.52 -13.87 92.16
C GLY O 77 74.63 -12.69 91.19
N SER O 78 75.45 -11.70 91.53
CA SER O 78 75.59 -10.53 90.68
C SER O 78 76.23 -10.86 89.33
N ALA O 79 75.80 -10.15 88.31
CA ALA O 79 76.35 -10.37 86.98
C ALA O 79 77.66 -9.64 86.99
N PRO O 80 78.59 -9.87 86.04
CA PRO O 80 79.92 -9.30 86.15
C PRO O 80 79.95 -7.78 86.02
N ILE O 81 80.80 -7.11 86.81
CA ILE O 81 80.83 -5.67 86.89
C ILE O 81 82.12 -5.14 86.26
N ASP O 82 81.95 -4.16 85.36
CA ASP O 82 82.97 -3.66 84.47
C ASP O 82 83.66 -2.54 85.21
N LEU O 83 84.70 -2.90 85.96
CA LEU O 83 85.15 -2.04 87.02
C LEU O 83 85.60 -0.70 86.44
N LYS O 84 85.98 -0.67 85.15
CA LYS O 84 86.71 0.48 84.63
C LYS O 84 85.74 1.57 84.27
N GLN O 85 84.45 1.31 84.40
CA GLN O 85 83.48 2.36 84.18
C GLN O 85 82.91 2.87 85.50
N CYS O 86 83.29 2.30 86.65
CA CYS O 86 82.63 2.66 87.91
C CYS O 86 83.27 3.92 88.48
N LYS O 87 82.51 4.78 89.17
CA LYS O 87 83.04 6.02 89.72
C LYS O 87 82.90 6.01 91.24
N LEU O 88 83.88 6.58 91.97
CA LEU O 88 83.90 6.52 93.44
C LEU O 88 83.75 7.92 93.96
N PHE O 89 82.71 8.15 94.76
CA PHE O 89 82.40 9.46 95.32
C PHE O 89 82.75 9.42 96.80
N LEU O 90 83.47 10.43 97.28
CA LEU O 90 83.86 10.50 98.66
C LEU O 90 83.60 11.91 99.18
N MET O 91 83.09 12.02 100.41
CA MET O 91 82.81 13.27 101.09
C MET O 91 83.61 13.32 102.38
N TYR O 92 84.02 14.53 102.75
CA TYR O 92 84.82 14.82 103.94
C TYR O 92 84.55 16.26 104.35
N ASP O 93 85.49 16.90 105.04
CA ASP O 93 85.11 18.08 105.82
C ASP O 93 84.82 19.27 104.93
N GLY O 94 85.20 19.21 103.68
CA GLY O 94 84.92 20.38 102.88
C GLY O 94 85.01 20.15 101.38
N LYS O 95 85.03 18.87 100.97
CA LYS O 95 85.25 18.53 99.59
C LYS O 95 84.38 17.31 99.30
N ALA O 96 83.89 17.22 98.07
CA ALA O 96 83.17 16.04 97.61
C ALA O 96 83.69 15.74 96.22
N VAL O 97 84.42 14.63 96.11
CA VAL O 97 85.32 14.38 95.00
C VAL O 97 84.83 13.14 94.29
N SER O 98 84.91 13.14 92.95
CA SER O 98 84.66 11.93 92.18
C SER O 98 85.98 11.48 91.57
N LEU O 99 86.32 10.18 91.66
CA LEU O 99 87.54 9.63 91.08
C LEU O 99 87.24 8.60 89.97
N ASN O 100 88.04 8.56 88.87
CA ASN O 100 87.79 7.62 87.75
C ASN O 100 88.92 6.62 87.61
N PHE O 101 88.65 5.40 87.14
CA PHE O 101 89.65 4.34 86.97
C PHE O 101 90.81 4.80 86.12
N SER O 102 92.00 4.28 86.39
CA SER O 102 93.17 4.61 85.61
C SER O 102 94.05 3.38 85.59
N LYS O 103 94.81 3.20 84.52
CA LYS O 103 95.58 1.98 84.38
C LYS O 103 96.77 2.00 85.34
N TYR O 104 97.05 0.83 85.94
CA TYR O 104 98.25 0.49 86.69
C TYR O 104 99.40 0.63 85.69
N ASP O 105 100.67 0.48 86.09
CA ASP O 105 101.74 0.61 85.11
C ASP O 105 101.62 -0.45 84.00
N THR O 106 101.42 0.02 82.75
CA THR O 106 101.55 -0.73 81.50
C THR O 106 100.48 -1.81 81.33
N ASN O 107 99.69 -2.07 82.37
CA ASN O 107 98.78 -3.20 82.40
C ASN O 107 97.46 -2.77 83.08
N THR O 108 96.36 -3.47 82.84
CA THR O 108 95.09 -2.89 83.24
C THR O 108 94.93 -2.87 84.75
N VAL O 109 95.47 -3.87 85.45
CA VAL O 109 95.23 -4.09 86.85
C VAL O 109 96.50 -4.72 87.41
N GLY O 110 96.99 -4.24 88.56
CA GLY O 110 98.26 -4.73 89.08
C GLY O 110 98.16 -6.19 89.54
N ASP O 111 98.92 -7.10 88.93
CA ASP O 111 98.75 -8.53 89.22
C ASP O 111 99.52 -8.98 90.45
N PHE O 112 98.83 -9.01 91.57
CA PHE O 112 99.40 -9.54 92.78
C PHE O 112 98.55 -10.70 93.25
N THR O 113 98.15 -11.56 92.31
CA THR O 113 97.41 -12.76 92.64
C THR O 113 98.24 -13.68 93.53
N ASN O 114 99.58 -13.52 93.53
CA ASN O 114 100.45 -14.37 94.32
C ASN O 114 101.15 -13.61 95.46
N GLY O 115 100.52 -12.57 96.02
CA GLY O 115 100.95 -12.06 97.32
C GLY O 115 101.79 -10.78 97.24
N ILE O 116 101.79 -9.98 98.33
CA ILE O 116 102.47 -8.70 98.38
C ILE O 116 103.23 -8.64 99.69
N LYS O 117 104.48 -8.20 99.64
CA LYS O 117 105.30 -8.06 100.83
C LYS O 117 104.71 -7.02 101.77
N ASP O 118 104.26 -5.88 101.21
CA ASP O 118 103.59 -4.83 101.95
C ASP O 118 102.80 -3.94 100.98
N ILE O 119 101.49 -3.79 101.19
CA ILE O 119 100.60 -3.14 100.23
C ILE O 119 100.95 -1.66 100.13
N PHE O 120 101.71 -1.14 101.09
CA PHE O 120 101.98 0.29 101.07
C PHE O 120 103.42 0.62 100.71
N ASN O 121 104.30 -0.37 100.53
CA ASN O 121 105.69 -0.07 100.18
C ASN O 121 105.71 0.38 98.73
N THR O 122 106.31 1.57 98.50
CA THR O 122 106.20 2.28 97.24
C THR O 122 106.81 1.53 96.08
N THR O 123 108.01 0.94 96.29
CA THR O 123 108.75 0.33 95.20
C THR O 123 108.12 -0.96 94.71
N VAL O 124 107.48 -1.68 95.63
CA VAL O 124 106.81 -2.92 95.28
C VAL O 124 105.53 -2.59 94.52
N VAL O 125 104.75 -1.61 95.01
CA VAL O 125 103.34 -1.54 94.67
C VAL O 125 103.04 -0.55 93.54
N LYS O 126 103.85 0.46 93.34
CA LYS O 126 103.58 1.41 92.26
C LYS O 126 102.30 2.24 92.49
N TRP O 127 102.36 3.14 93.48
CA TRP O 127 101.27 4.04 93.83
C TRP O 127 101.18 5.22 92.88
N ASN O 128 102.17 5.42 91.99
CA ASN O 128 102.36 6.73 91.37
C ASN O 128 101.20 7.22 90.52
N ASN O 129 100.40 6.34 89.91
CA ASN O 129 99.29 6.76 89.06
C ASN O 129 98.05 7.13 89.88
N ALA O 130 98.12 7.13 91.22
CA ALA O 130 96.99 7.58 92.00
C ALA O 130 97.01 9.12 92.10
N ASP O 131 96.56 9.79 91.03
CA ASP O 131 96.53 11.23 90.90
C ASP O 131 95.40 11.77 91.74
N ALA O 132 95.18 13.09 91.72
CA ALA O 132 94.22 13.64 92.67
C ALA O 132 92.82 13.36 92.15
N THR O 133 92.71 12.83 90.93
CA THR O 133 91.41 12.59 90.33
C THR O 133 91.20 11.15 89.86
N SER O 134 92.06 10.18 90.24
CA SER O 134 91.80 8.79 89.84
C SER O 134 92.18 7.75 90.89
N PHE O 135 91.69 6.50 90.69
CA PHE O 135 92.15 5.37 91.47
C PHE O 135 92.78 4.29 90.59
N VAL O 136 93.45 3.33 91.25
CA VAL O 136 93.98 2.17 90.55
C VAL O 136 93.58 0.92 91.30
N VAL O 137 93.58 -0.25 90.64
CA VAL O 137 93.04 -1.47 91.18
C VAL O 137 94.15 -2.51 91.22
N VAL O 138 94.22 -3.26 92.33
CA VAL O 138 95.21 -4.29 92.55
C VAL O 138 94.42 -5.57 92.75
N ALA O 139 94.76 -6.63 91.99
CA ALA O 139 93.96 -7.85 91.97
C ALA O 139 94.54 -8.83 92.99
N LEU O 140 93.70 -9.21 93.95
CA LEU O 140 94.15 -10.01 95.06
C LEU O 140 93.70 -11.46 94.94
N GLN O 141 92.50 -11.74 94.43
CA GLN O 141 92.13 -13.13 94.11
C GLN O 141 91.23 -13.17 92.89
N ASP O 142 91.59 -14.00 91.89
CA ASP O 142 90.89 -14.10 90.62
C ASP O 142 91.37 -15.34 89.88
N ASP O 143 90.54 -16.39 89.89
CA ASP O 143 90.87 -17.70 89.34
C ASP O 143 90.87 -17.62 87.81
N ASP O 144 89.81 -17.02 87.28
CA ASP O 144 89.46 -17.05 85.87
C ASP O 144 90.17 -15.96 85.06
N LYS O 145 91.08 -15.21 85.65
CA LYS O 145 91.79 -14.13 84.98
C LYS O 145 90.90 -12.99 84.46
N SER O 146 89.72 -12.77 85.05
CA SER O 146 88.88 -11.69 84.56
C SER O 146 89.37 -10.32 84.97
N LEU O 147 89.85 -10.19 86.21
CA LEU O 147 90.36 -8.90 86.63
C LEU O 147 91.54 -8.58 85.73
N LEU O 148 92.37 -9.59 85.44
CA LEU O 148 93.71 -9.37 84.89
C LEU O 148 93.63 -8.94 83.44
N THR O 149 92.43 -8.96 82.88
CA THR O 149 92.26 -8.86 81.44
C THR O 149 90.97 -8.10 81.18
N ASN O 150 91.05 -6.78 80.98
CA ASN O 150 89.87 -5.96 80.75
C ASN O 150 89.02 -5.72 82.01
N ALA O 151 89.53 -6.05 83.20
CA ALA O 151 89.10 -5.48 84.45
C ALA O 151 87.64 -5.78 84.81
N VAL O 152 87.23 -7.05 84.68
CA VAL O 152 85.86 -7.38 85.03
C VAL O 152 85.82 -8.24 86.30
N ILE O 153 85.10 -7.76 87.32
CA ILE O 153 84.90 -8.53 88.55
C ILE O 153 83.81 -9.55 88.26
N ASN O 154 84.04 -10.83 88.64
CA ASN O 154 83.00 -11.85 88.66
C ASN O 154 83.08 -12.66 89.94
N LYS O 155 82.27 -13.72 90.06
CA LYS O 155 82.01 -14.37 91.33
C LYS O 155 83.29 -14.83 92.02
N GLY O 156 83.48 -14.44 93.28
CA GLY O 156 84.60 -14.98 94.02
C GLY O 156 85.87 -14.13 93.90
N ASP O 157 85.85 -13.09 93.05
CA ASP O 157 87.01 -12.22 92.97
C ASP O 157 87.07 -11.30 94.18
N LEU O 158 88.28 -10.84 94.58
CA LEU O 158 88.47 -9.80 95.61
C LEU O 158 89.54 -8.86 95.12
N ALA O 159 89.29 -7.54 95.22
CA ALA O 159 90.15 -6.57 94.55
C ALA O 159 90.23 -5.34 95.39
N GLY O 160 91.32 -4.62 95.23
CA GLY O 160 91.56 -3.56 96.21
C GLY O 160 91.76 -2.27 95.45
N VAL O 161 91.05 -1.22 95.89
CA VAL O 161 91.08 0.04 95.22
C VAL O 161 92.02 0.94 96.00
N LEU O 162 93.01 1.56 95.34
CA LEU O 162 93.94 2.42 96.05
C LEU O 162 93.55 3.89 95.83
N VAL O 163 93.42 4.71 96.91
CA VAL O 163 93.17 6.14 96.76
C VAL O 163 94.12 7.01 97.54
N ASN O 164 94.75 8.03 96.90
CA ASN O 164 95.78 8.90 97.48
C ASN O 164 95.05 10.05 98.12
N VAL O 165 94.54 9.79 99.32
CA VAL O 165 93.51 10.64 99.88
C VAL O 165 94.10 12.01 100.07
N SER O 166 95.36 12.09 100.44
CA SER O 166 95.89 13.39 100.84
C SER O 166 95.96 14.30 99.64
N ALA O 167 96.02 13.69 98.46
CA ALA O 167 96.07 14.43 97.21
C ALA O 167 94.67 14.73 96.73
N ALA O 168 93.74 13.80 96.98
CA ALA O 168 92.36 13.94 96.55
C ALA O 168 91.65 15.06 97.33
N PHE O 169 91.75 15.04 98.65
CA PHE O 169 91.09 16.03 99.44
C PHE O 169 92.02 17.21 99.67
N GLY O 170 93.27 17.11 99.23
CA GLY O 170 94.16 18.25 99.36
C GLY O 170 94.79 18.42 100.73
N LYS O 171 94.35 17.63 101.72
CA LYS O 171 95.04 17.57 103.01
C LYS O 171 94.94 16.17 103.63
N HIS O 172 95.78 15.90 104.63
CA HIS O 172 95.71 14.63 105.33
C HIS O 172 94.48 14.57 106.25
N VAL O 173 93.75 13.44 106.33
CA VAL O 173 92.59 13.44 107.21
C VAL O 173 93.05 13.23 108.64
N GLY O 174 92.47 14.01 109.55
CA GLY O 174 92.92 14.06 110.94
C GLY O 174 92.18 13.05 111.80
N THR O 175 92.35 13.17 113.12
CA THR O 175 91.69 12.26 114.02
C THR O 175 90.27 12.74 114.23
N ARG O 176 89.37 11.83 114.64
CA ARG O 176 87.99 12.15 114.99
C ARG O 176 87.21 12.74 113.81
N GLU O 177 87.56 12.39 112.56
CA GLU O 177 86.87 12.94 111.40
C GLU O 177 86.15 11.83 110.65
N ARG O 178 84.95 12.08 110.07
CA ARG O 178 84.33 11.05 109.26
C ARG O 178 84.51 11.25 107.77
N VAL O 179 84.47 10.12 107.04
CA VAL O 179 84.50 10.13 105.60
C VAL O 179 83.49 9.13 105.08
N SER O 180 82.69 9.54 104.09
CA SER O 180 81.67 8.63 103.62
C SER O 180 81.52 8.76 102.12
N GLY O 181 81.07 7.67 101.49
CA GLY O 181 80.92 7.69 100.05
C GLY O 181 80.26 6.43 99.52
N TYR O 182 80.38 6.27 98.21
CA TYR O 182 79.83 5.14 97.51
C TYR O 182 80.70 4.87 96.29
N LEU O 183 80.88 3.59 95.95
CA LEU O 183 81.45 3.22 94.68
C LEU O 183 80.29 2.76 93.83
N GLN O 184 80.01 3.50 92.75
CA GLN O 184 78.74 3.34 92.06
C GLN O 184 79.05 2.67 90.75
N PRO O 185 78.60 1.43 90.50
CA PRO O 185 78.82 0.82 89.20
C PRO O 185 77.85 1.33 88.15
N GLU O 186 78.13 0.95 86.91
CA GLU O 186 77.39 1.36 85.73
C GLU O 186 75.97 0.88 85.83
N PHE O 187 75.78 -0.33 86.32
CA PHE O 187 74.46 -0.79 86.71
C PHE O 187 74.55 -1.59 87.99
N GLY O 188 73.52 -1.50 88.83
CA GLY O 188 73.49 -2.26 90.06
C GLY O 188 73.81 -1.42 91.29
N ALA O 189 73.77 -2.07 92.45
CA ALA O 189 73.72 -1.36 93.71
C ALA O 189 75.10 -0.90 94.11
N PRO O 190 75.25 0.27 94.76
CA PRO O 190 76.56 0.79 95.07
C PRO O 190 77.10 0.29 96.38
N ALA O 191 78.43 0.20 96.47
CA ALA O 191 79.03 -0.24 97.71
C ALA O 191 79.17 1.00 98.60
N VAL O 192 78.55 1.00 99.79
CA VAL O 192 78.63 2.13 100.73
C VAL O 192 79.95 2.08 101.47
N ILE O 193 80.58 3.23 101.66
CA ILE O 193 81.77 3.35 102.49
C ILE O 193 81.48 4.38 103.58
N GLU O 194 81.90 4.08 104.82
CA GLU O 194 81.63 4.99 105.92
C GLU O 194 82.58 4.60 107.05
N PHE O 195 83.39 5.56 107.49
CA PHE O 195 84.14 5.37 108.71
C PHE O 195 84.58 6.68 109.35
N THR O 196 84.81 6.58 110.67
CA THR O 196 85.32 7.71 111.43
C THR O 196 86.73 7.37 111.89
N THR O 197 87.69 8.25 111.61
CA THR O 197 89.07 7.96 111.92
C THR O 197 89.14 7.95 113.42
N PRO O 198 89.93 7.08 114.06
CA PRO O 198 89.96 6.98 115.51
C PRO O 198 90.50 8.24 116.17
N ALA O 199 90.41 8.23 117.50
CA ALA O 199 90.80 9.36 118.33
C ALA O 199 92.32 9.51 118.44
N ALA O 200 93.04 8.39 118.30
CA ALA O 200 94.46 8.41 118.56
C ALA O 200 95.17 7.55 117.52
N PHE O 201 95.87 8.23 116.62
CA PHE O 201 96.70 7.47 115.72
C PHE O 201 97.87 6.99 116.55
N THR O 202 98.21 5.69 116.45
CA THR O 202 99.32 5.16 117.26
C THR O 202 100.17 4.07 116.58
N SER O 203 99.92 3.76 115.30
CA SER O 203 100.67 2.77 114.54
C SER O 203 100.59 3.15 113.08
N ASP O 204 101.46 2.58 112.23
CA ASP O 204 101.53 3.09 110.87
C ASP O 204 100.33 2.64 110.05
N VAL O 205 99.88 1.39 110.18
CA VAL O 205 98.76 0.95 109.37
C VAL O 205 97.54 0.69 110.24
N ILE O 206 96.41 1.37 109.98
CA ILE O 206 95.25 1.41 110.86
C ILE O 206 94.02 0.83 110.22
N GLU O 207 93.22 0.12 111.05
CA GLU O 207 92.21 -0.76 110.52
C GLU O 207 90.85 -0.07 110.55
N LEU O 208 90.64 0.83 109.61
CA LEU O 208 89.49 1.72 109.66
C LEU O 208 88.19 0.94 109.56
N GLN O 209 88.17 -0.15 108.77
CA GLN O 209 87.14 -1.19 108.71
C GLN O 209 85.70 -0.61 108.69
N ALA P 1 -90.72 16.85 -174.51
CA ALA P 1 -90.32 15.53 -173.89
C ALA P 1 -89.94 15.71 -172.43
N ILE P 2 -90.31 14.72 -171.60
CA ILE P 2 -90.12 14.78 -170.16
C ILE P 2 -88.63 14.74 -169.79
N GLY P 3 -87.82 14.11 -170.65
CA GLY P 3 -86.42 13.85 -170.33
C GLY P 3 -85.67 15.15 -170.06
N ILE P 4 -86.04 16.18 -170.82
CA ILE P 4 -85.31 17.43 -170.83
C ILE P 4 -85.24 17.99 -169.41
N GLY P 5 -86.38 18.07 -168.74
CA GLY P 5 -86.41 18.62 -167.40
C GLY P 5 -85.65 17.75 -166.39
N THR P 6 -85.72 16.42 -166.57
CA THR P 6 -85.16 15.47 -165.63
C THR P 6 -83.66 15.71 -165.55
N LEU P 7 -83.05 15.97 -166.71
CA LEU P 7 -81.64 16.28 -166.83
C LEU P 7 -81.34 17.55 -166.03
N ILE P 8 -82.05 18.63 -166.35
CA ILE P 8 -81.79 19.96 -165.81
C ILE P 8 -81.91 19.94 -164.29
N ILE P 9 -82.93 19.30 -163.75
CA ILE P 9 -83.10 19.31 -162.30
C ILE P 9 -82.00 18.49 -161.61
N PHE P 10 -81.46 17.47 -162.29
CA PHE P 10 -80.36 16.68 -161.74
C PHE P 10 -79.15 17.57 -161.50
N ILE P 11 -78.87 18.45 -162.48
CA ILE P 11 -77.76 19.38 -162.41
C ILE P 11 -77.87 20.20 -161.14
N ALA P 12 -79.08 20.69 -160.86
CA ALA P 12 -79.32 21.49 -159.66
C ALA P 12 -79.07 20.63 -158.43
N MET P 13 -79.59 19.41 -158.41
CA MET P 13 -79.61 18.59 -157.21
C MET P 13 -78.17 18.32 -156.77
N VAL P 14 -77.30 18.02 -157.75
CA VAL P 14 -75.89 17.76 -157.53
C VAL P 14 -75.28 18.98 -156.85
N LEU P 15 -75.51 20.14 -157.47
CA LEU P 15 -74.87 21.38 -157.04
C LEU P 15 -75.25 21.68 -155.61
N VAL P 16 -76.53 21.48 -155.25
CA VAL P 16 -76.97 21.82 -153.90
C VAL P 16 -76.28 20.89 -152.92
N ALA P 17 -76.21 19.60 -153.26
CA ALA P 17 -75.61 18.63 -152.37
C ALA P 17 -74.12 18.95 -152.17
N ALA P 18 -73.51 19.56 -153.17
CA ALA P 18 -72.11 19.94 -153.08
C ALA P 18 -71.98 21.03 -152.03
N VAL P 19 -72.80 22.07 -152.15
CA VAL P 19 -72.76 23.22 -151.26
C VAL P 19 -72.98 22.76 -149.83
N ALA P 20 -73.92 21.86 -149.63
CA ALA P 20 -74.23 21.35 -148.31
C ALA P 20 -73.02 20.62 -147.73
N ALA P 21 -72.35 19.82 -148.54
CA ALA P 21 -71.18 19.09 -148.08
C ALA P 21 -70.10 20.09 -147.68
N ALA P 22 -69.94 21.13 -148.50
CA ALA P 22 -68.84 22.05 -148.32
C ALA P 22 -68.82 22.59 -146.89
N VAL P 23 -69.97 23.07 -146.38
CA VAL P 23 -70.05 23.73 -145.09
C VAL P 23 -69.54 22.82 -143.97
N LEU P 24 -69.71 21.51 -144.13
CA LEU P 24 -69.28 20.59 -143.09
C LEU P 24 -67.77 20.46 -143.13
N ILE P 25 -67.20 20.40 -144.35
CA ILE P 25 -65.76 20.26 -144.54
C ILE P 25 -65.08 21.50 -143.96
N ASN P 26 -65.57 22.69 -144.38
CA ASN P 26 -65.10 23.98 -143.87
C ASN P 26 -65.15 24.03 -142.35
N THR P 27 -66.31 23.69 -141.77
CA THR P 27 -66.53 23.85 -140.34
C THR P 27 -65.61 22.89 -139.58
N SER P 28 -65.32 21.74 -140.18
CA SER P 28 -64.50 20.75 -139.51
C SER P 28 -63.08 21.31 -139.41
N GLY P 29 -62.65 22.02 -140.47
CA GLY P 29 -61.38 22.74 -140.49
C GLY P 29 -61.27 23.75 -139.35
N PHE P 30 -62.27 24.63 -139.24
CA PHE P 30 -62.32 25.64 -138.20
C PHE P 30 -62.19 25.02 -136.82
N LEU P 31 -62.96 23.97 -136.59
CA LEU P 31 -62.97 23.35 -135.28
C LEU P 31 -61.65 22.64 -135.00
N GLN P 32 -60.95 22.18 -136.04
CA GLN P 32 -59.77 21.35 -135.83
C GLN P 32 -58.76 22.16 -135.01
N GLN P 33 -58.44 23.34 -135.54
CA GLN P 33 -57.41 24.16 -134.94
C GLN P 33 -57.79 24.50 -133.50
N LYS P 34 -59.05 24.94 -133.33
CA LYS P 34 -59.51 25.46 -132.05
C LYS P 34 -59.42 24.38 -130.98
N ALA P 35 -59.73 23.15 -131.37
CA ALA P 35 -59.72 22.02 -130.46
C ALA P 35 -58.28 21.73 -130.06
N MET P 36 -57.41 21.59 -131.08
CA MET P 36 -56.05 21.12 -130.84
C MET P 36 -55.33 22.07 -129.87
N ALA P 37 -55.45 23.37 -130.15
CA ALA P 37 -54.84 24.42 -129.35
C ALA P 37 -55.35 24.35 -127.91
N THR P 38 -56.64 24.10 -127.73
CA THR P 38 -57.25 24.19 -126.41
C THR P 38 -56.67 23.11 -125.52
N GLY P 39 -56.43 21.93 -126.12
CA GLY P 39 -55.85 20.80 -125.41
C GLY P 39 -54.41 21.07 -125.00
N LYS P 40 -53.60 21.50 -125.97
CA LYS P 40 -52.20 21.75 -125.74
C LYS P 40 -52.05 22.73 -124.59
N GLU P 41 -52.72 23.87 -124.73
CA GLU P 41 -52.57 24.99 -123.82
C GLU P 41 -52.94 24.54 -122.41
N SER P 42 -54.07 23.86 -122.31
CA SER P 42 -54.57 23.46 -121.01
C SER P 42 -53.57 22.53 -120.33
N THR P 43 -52.83 21.76 -121.13
CA THR P 43 -51.94 20.75 -120.60
C THR P 43 -50.74 21.44 -119.97
N GLU P 44 -50.18 22.40 -120.71
CA GLU P 44 -49.00 23.13 -120.28
C GLU P 44 -49.28 23.85 -118.97
N GLN P 45 -50.49 24.40 -118.83
CA GLN P 45 -50.93 25.14 -117.66
C GLN P 45 -50.81 24.25 -116.42
N VAL P 46 -51.35 23.04 -116.47
CA VAL P 46 -51.41 22.21 -115.28
C VAL P 46 -49.99 21.75 -114.93
N ALA P 47 -49.20 21.48 -115.97
CA ALA P 47 -47.94 20.77 -115.85
C ALA P 47 -46.83 21.64 -115.24
N SER P 48 -47.01 22.96 -115.20
CA SER P 48 -45.90 23.87 -114.97
C SER P 48 -46.05 24.72 -113.71
N GLY P 49 -44.93 25.10 -113.11
CA GLY P 49 -44.96 25.98 -111.95
C GLY P 49 -43.59 26.22 -111.35
N LEU P 50 -43.52 27.03 -110.29
CA LEU P 50 -42.29 27.35 -109.59
C LEU P 50 -42.43 26.99 -108.12
N GLN P 51 -41.30 26.79 -107.43
CA GLN P 51 -41.27 26.38 -106.06
C GLN P 51 -40.22 27.22 -105.33
N VAL P 52 -40.56 27.78 -104.15
CA VAL P 52 -39.61 28.58 -103.39
C VAL P 52 -38.77 27.65 -102.55
N ILE P 53 -37.45 27.65 -102.80
CA ILE P 53 -36.55 26.76 -102.11
C ILE P 53 -36.33 27.32 -100.72
N ARG P 54 -35.77 28.54 -100.62
CA ARG P 54 -35.46 29.17 -99.35
C ARG P 54 -35.58 30.69 -99.47
N VAL P 55 -35.78 31.42 -98.37
CA VAL P 55 -35.71 32.86 -98.41
C VAL P 55 -34.69 33.33 -97.38
N LEU P 56 -33.78 34.23 -97.76
CA LEU P 56 -32.72 34.74 -96.91
C LEU P 56 -32.79 36.26 -96.80
N GLY P 57 -32.21 36.87 -95.75
CA GLY P 57 -32.51 38.27 -95.46
C GLY P 57 -31.47 39.02 -94.62
N ASN P 58 -30.72 39.90 -95.28
CA ASN P 58 -29.74 40.75 -94.62
C ASN P 58 -30.42 41.67 -93.62
N HIS P 59 -29.77 42.07 -92.50
CA HIS P 59 -30.36 42.96 -91.47
C HIS P 59 -29.43 44.04 -90.96
N SER P 60 -29.93 45.27 -90.80
CA SER P 60 -29.19 46.40 -90.21
C SER P 60 -30.16 47.28 -89.49
N GLY P 61 -29.72 47.89 -88.39
CA GLY P 61 -30.65 48.82 -87.76
C GLY P 61 -31.75 48.01 -87.09
N GLY P 62 -33.00 48.27 -87.44
CA GLY P 62 -34.04 47.56 -86.73
C GLY P 62 -34.91 46.72 -87.65
N LYS P 63 -34.37 46.40 -88.83
CA LYS P 63 -35.24 45.95 -89.90
C LYS P 63 -34.49 44.91 -90.71
N ILE P 64 -35.25 44.18 -91.54
CA ILE P 64 -34.62 43.45 -92.61
C ILE P 64 -34.76 44.33 -93.84
N ASN P 65 -33.66 44.60 -94.54
CA ASN P 65 -33.69 45.57 -95.60
C ASN P 65 -33.65 44.95 -97.00
N TRP P 66 -32.98 43.82 -97.21
CA TRP P 66 -32.98 43.17 -98.51
C TRP P 66 -33.49 41.73 -98.32
N LEU P 67 -34.20 41.16 -99.30
CA LEU P 67 -34.55 39.77 -99.28
C LEU P 67 -34.06 39.10 -100.56
N ALA P 68 -33.68 37.82 -100.46
CA ALA P 68 -33.25 37.08 -101.62
C ALA P 68 -34.06 35.81 -101.61
N VAL P 69 -34.94 35.68 -102.60
CA VAL P 69 -35.91 34.59 -102.66
C VAL P 69 -35.41 33.62 -103.70
N LEU P 70 -34.99 32.42 -103.28
CA LEU P 70 -34.42 31.45 -104.20
C LEU P 70 -35.58 30.59 -104.72
N ILE P 71 -35.60 30.36 -106.04
CA ILE P 71 -36.76 29.76 -106.66
C ILE P 71 -36.32 28.81 -107.77
N SER P 72 -37.11 27.75 -108.05
CA SER P 72 -36.71 26.78 -109.06
C SER P 72 -37.96 26.15 -109.65
N PRO P 73 -37.89 25.50 -110.82
CA PRO P 73 -39.07 24.92 -111.44
C PRO P 73 -39.62 23.70 -110.71
N ASN P 74 -40.91 23.42 -110.89
CA ASN P 74 -41.53 22.21 -110.36
C ASN P 74 -41.12 21.09 -111.27
N ALA P 75 -41.16 19.85 -110.79
CA ALA P 75 -40.72 18.75 -111.64
C ALA P 75 -41.62 18.63 -112.86
N GLY P 76 -41.01 18.48 -114.04
CA GLY P 76 -41.75 18.18 -115.25
C GLY P 76 -42.42 19.41 -115.86
N SER P 77 -41.93 20.58 -115.49
CA SER P 77 -42.47 21.85 -115.97
C SER P 77 -41.85 22.28 -117.28
N ALA P 78 -42.58 23.06 -118.06
CA ALA P 78 -42.07 23.55 -119.32
C ALA P 78 -41.30 24.80 -118.92
N PRO P 79 -40.42 25.37 -119.76
CA PRO P 79 -39.56 26.45 -119.31
C PRO P 79 -40.31 27.73 -118.97
N ILE P 80 -39.97 28.37 -117.83
CA ILE P 80 -40.65 29.58 -117.37
C ILE P 80 -39.80 30.82 -117.65
N ASP P 81 -40.36 31.84 -118.32
CA ASP P 81 -39.63 33.04 -118.75
C ASP P 81 -39.86 34.12 -117.71
N LEU P 82 -38.83 34.34 -116.89
CA LEU P 82 -39.06 35.12 -115.70
C LEU P 82 -39.23 36.57 -116.08
N SER P 83 -38.91 36.94 -117.33
CA SER P 83 -38.97 38.35 -117.65
C SER P 83 -40.41 38.79 -117.69
N GLN P 84 -41.34 37.85 -117.74
CA GLN P 84 -42.73 38.17 -117.73
C GLN P 84 -43.40 37.74 -116.42
N ALA P 85 -42.65 37.48 -115.34
CA ALA P 85 -43.27 37.08 -114.08
C ALA P 85 -43.75 38.32 -113.35
N THR P 86 -44.49 38.19 -112.24
CA THR P 86 -44.80 39.32 -111.37
C THR P 86 -44.73 38.91 -109.90
N VAL P 87 -44.15 39.73 -108.99
CA VAL P 87 -44.10 39.32 -107.60
C VAL P 87 -44.93 40.26 -106.76
N MET P 88 -45.63 39.73 -105.76
CA MET P 88 -46.54 40.53 -104.96
C MET P 88 -46.21 40.17 -103.53
N ILE P 89 -46.00 41.18 -102.68
CA ILE P 89 -45.60 40.96 -101.32
C ILE P 89 -46.40 41.92 -100.43
N THR P 90 -46.83 41.47 -99.23
CA THR P 90 -47.43 42.41 -98.31
C THR P 90 -47.01 42.15 -96.88
N ASP P 91 -46.95 43.26 -96.10
CA ASP P 91 -46.55 43.23 -94.71
C ASP P 91 -47.74 43.51 -93.84
N GLY P 92 -48.92 43.61 -94.47
CA GLY P 92 -50.14 43.85 -93.69
C GLY P 92 -50.43 45.35 -93.49
N THR P 93 -49.46 46.21 -93.80
CA THR P 93 -49.70 47.63 -93.87
C THR P 93 -49.56 48.17 -95.29
N HIS P 94 -48.76 47.57 -96.19
CA HIS P 94 -48.73 47.97 -97.59
C HIS P 94 -48.66 46.76 -98.53
N LYS P 95 -48.92 46.91 -99.85
CA LYS P 95 -48.88 45.76 -100.76
C LYS P 95 -48.18 46.15 -102.06
N VAL P 96 -46.86 45.86 -102.15
CA VAL P 96 -46.07 46.28 -103.27
C VAL P 96 -46.23 45.21 -104.32
N ILE P 97 -46.14 45.61 -105.60
CA ILE P 97 -46.02 44.68 -106.70
C ILE P 97 -44.85 45.11 -107.55
N ALA P 98 -43.99 44.15 -107.99
CA ALA P 98 -42.72 44.53 -108.59
C ALA P 98 -42.43 43.68 -109.82
N LYS P 99 -41.64 44.21 -110.77
CA LYS P 99 -41.46 43.58 -112.08
C LYS P 99 -39.98 43.70 -112.50
N TYR P 100 -39.51 42.89 -113.45
CA TYR P 100 -38.09 42.71 -113.69
C TYR P 100 -37.53 43.92 -114.41
N ASN P 101 -36.38 44.42 -113.93
CA ASN P 101 -35.65 45.45 -114.65
C ASN P 101 -34.34 44.83 -115.10
N SER P 102 -34.13 44.73 -116.42
CA SER P 102 -33.08 43.94 -117.02
C SER P 102 -31.72 44.47 -116.63
N THR P 103 -31.64 45.69 -116.12
CA THR P 103 -30.38 46.30 -115.75
C THR P 103 -29.67 45.46 -114.69
N PHE P 104 -30.41 44.78 -113.83
CA PHE P 104 -29.86 44.20 -112.62
C PHE P 104 -29.71 42.68 -112.75
N PHE P 105 -28.83 42.24 -113.66
CA PHE P 105 -28.60 40.80 -113.84
C PHE P 105 -27.16 40.51 -113.46
N ASN P 106 -26.92 39.39 -112.77
CA ASN P 106 -25.54 38.92 -112.62
C ASN P 106 -25.47 37.44 -112.95
N GLY P 107 -24.84 37.10 -114.07
CA GLY P 107 -24.80 35.71 -114.48
C GLY P 107 -23.63 34.95 -113.84
N THR P 108 -22.58 35.68 -113.50
CA THR P 108 -21.32 35.06 -113.24
C THR P 108 -21.43 34.12 -112.06
N LEU P 109 -22.38 34.38 -111.18
CA LEU P 109 -22.42 33.71 -109.89
C LEU P 109 -22.86 32.26 -110.09
N LYS P 110 -23.11 31.85 -111.32
CA LYS P 110 -23.37 30.44 -111.60
C LYS P 110 -22.15 29.63 -111.24
N ASN P 111 -21.00 30.29 -111.15
CA ASN P 111 -19.73 29.66 -110.87
C ASN P 111 -19.29 30.01 -109.46
N GLY P 112 -20.21 30.38 -108.58
CA GLY P 112 -19.86 30.51 -107.17
C GLY P 112 -19.48 31.94 -106.81
N GLY P 113 -19.70 32.33 -105.54
CA GLY P 113 -19.40 33.66 -105.04
C GLY P 113 -20.32 34.03 -103.90
N SER P 114 -20.38 35.32 -103.52
CA SER P 114 -21.21 35.80 -102.42
C SER P 114 -22.46 36.49 -102.93
N ILE P 115 -23.65 36.04 -102.47
CA ILE P 115 -24.90 36.75 -102.72
C ILE P 115 -24.81 37.96 -101.83
N PHE P 116 -25.73 38.90 -101.94
CA PHE P 116 -25.75 40.02 -101.01
C PHE P 116 -24.50 40.87 -101.11
N GLU P 117 -23.56 40.53 -102.00
CA GLU P 117 -22.50 41.44 -102.38
C GLU P 117 -22.24 41.36 -103.89
N ALA P 118 -23.25 40.96 -104.65
CA ALA P 118 -23.13 40.90 -106.10
C ALA P 118 -23.14 42.31 -106.67
N LYS P 119 -22.34 42.55 -107.69
CA LYS P 119 -22.37 43.79 -108.45
C LYS P 119 -23.28 43.66 -109.67
N TYR P 120 -23.54 44.79 -110.35
CA TYR P 120 -24.18 44.83 -111.67
C TYR P 120 -23.50 45.87 -112.54
N ASN P 121 -23.82 45.94 -113.85
CA ASN P 121 -23.03 46.70 -114.82
C ASN P 121 -23.90 47.73 -115.53
N ASN P 122 -23.94 48.98 -115.01
CA ASN P 122 -24.36 50.13 -115.79
C ASN P 122 -23.22 50.39 -116.76
N THR P 123 -23.51 50.78 -118.01
CA THR P 123 -22.44 50.78 -119.00
C THR P 123 -21.27 51.64 -118.48
N THR P 124 -20.04 51.12 -118.58
CA THR P 124 -18.80 51.78 -118.18
C THR P 124 -18.43 51.58 -116.71
N ALA P 125 -19.29 50.95 -115.90
CA ALA P 125 -18.94 50.80 -114.49
C ALA P 125 -19.50 49.52 -113.85
N LEU P 126 -19.02 49.17 -112.65
CA LEU P 126 -19.61 48.14 -111.81
C LEU P 126 -20.03 48.73 -110.46
N LYS P 127 -21.24 48.41 -110.01
CA LYS P 127 -21.82 49.03 -108.82
C LYS P 127 -22.60 47.98 -108.04
N PRO P 128 -22.84 48.12 -106.72
CA PRO P 128 -23.52 47.08 -105.94
C PRO P 128 -24.99 46.93 -106.32
N LEU P 129 -25.49 45.70 -106.42
CA LEU P 129 -26.81 45.39 -106.95
C LEU P 129 -27.88 45.86 -106.00
N PHE P 130 -27.89 45.31 -104.79
CA PHE P 130 -29.05 45.42 -103.93
C PHE P 130 -29.36 46.88 -103.56
N ASP P 131 -28.31 47.68 -103.33
CA ASP P 131 -28.46 49.05 -102.92
C ASP P 131 -29.05 49.90 -104.04
N ASP P 132 -28.84 49.53 -105.31
CA ASP P 132 -29.24 50.37 -106.42
C ASP P 132 -30.63 50.03 -106.96
N LEU P 133 -31.12 48.83 -106.66
CA LEU P 133 -32.35 48.30 -107.25
C LEU P 133 -33.55 49.15 -106.85
N PRO P 134 -34.34 49.71 -107.80
CA PRO P 134 -35.49 50.58 -107.51
C PRO P 134 -36.65 49.97 -106.75
N ALA P 135 -37.50 50.84 -106.24
CA ALA P 135 -38.48 50.38 -105.28
C ALA P 135 -39.54 49.51 -105.91
N THR P 136 -39.74 49.59 -107.23
CA THR P 136 -40.79 48.82 -107.87
C THR P 136 -40.24 47.69 -108.73
N ALA P 137 -38.98 47.25 -108.54
CA ALA P 137 -38.39 46.32 -109.47
C ALA P 137 -37.69 45.19 -108.75
N PHE P 138 -37.55 44.05 -109.42
CA PHE P 138 -36.72 42.97 -108.88
C PHE P 138 -35.63 42.60 -109.84
N GLY P 139 -34.51 42.14 -109.27
CA GLY P 139 -33.35 41.79 -110.08
C GLY P 139 -33.15 40.29 -109.95
N ILE P 140 -32.24 39.69 -110.73
CA ILE P 140 -32.12 38.24 -110.78
C ILE P 140 -30.66 37.83 -110.83
N VAL P 141 -30.27 36.80 -110.06
CA VAL P 141 -28.90 36.33 -109.96
C VAL P 141 -28.85 34.81 -110.11
N VAL P 142 -28.14 34.31 -111.12
CA VAL P 142 -28.19 32.93 -111.53
C VAL P 142 -27.26 32.18 -110.61
N LEU P 143 -27.80 31.20 -109.90
CA LEU P 143 -26.99 30.47 -108.96
C LEU P 143 -26.66 29.09 -109.53
N GLN P 144 -27.54 28.44 -110.31
CA GLN P 144 -27.17 27.18 -110.96
C GLN P 144 -27.87 27.07 -112.31
N ASP P 145 -27.10 26.85 -113.40
CA ASP P 145 -27.64 26.75 -114.75
C ASP P 145 -26.65 26.03 -115.65
N ALA P 146 -27.01 24.81 -116.05
CA ALA P 146 -26.07 23.94 -116.73
C ALA P 146 -25.92 24.34 -118.19
N ASP P 147 -26.99 24.87 -118.79
CA ASP P 147 -27.11 24.97 -120.24
C ASP P 147 -27.24 26.42 -120.72
N THR P 148 -26.77 27.37 -119.91
CA THR P 148 -26.69 28.77 -120.25
C THR P 148 -28.04 29.34 -120.69
N SER P 149 -29.11 28.76 -120.17
CA SER P 149 -30.45 29.13 -120.55
C SER P 149 -30.84 30.52 -120.10
N CYS P 150 -30.31 30.97 -118.97
CA CYS P 150 -30.54 32.36 -118.55
C CYS P 150 -29.59 33.33 -119.28
N SER P 151 -30.17 34.29 -120.00
CA SER P 151 -29.46 35.43 -120.56
C SER P 151 -30.13 36.73 -120.10
N LYS P 152 -29.36 37.82 -119.99
CA LYS P 152 -29.80 39.05 -119.36
C LYS P 152 -31.10 39.56 -119.98
N ASP P 153 -31.25 39.46 -121.30
CA ASP P 153 -32.46 39.93 -121.96
C ASP P 153 -33.60 38.91 -121.94
N THR P 154 -33.34 37.62 -121.62
CA THR P 154 -34.36 36.56 -121.61
C THR P 154 -34.07 35.47 -120.55
N PRO P 155 -34.42 35.67 -119.28
CA PRO P 155 -34.11 34.70 -118.25
C PRO P 155 -35.11 33.57 -118.25
N VAL P 156 -34.85 32.54 -119.07
CA VAL P 156 -35.73 31.39 -119.08
C VAL P 156 -35.12 30.26 -118.25
N ILE P 157 -35.82 29.79 -117.20
CA ILE P 157 -35.29 28.73 -116.35
C ILE P 157 -35.85 27.39 -116.72
N ASN P 158 -34.99 26.35 -116.83
CA ASN P 158 -35.41 25.00 -117.21
C ASN P 158 -34.95 24.02 -116.19
N LYS P 159 -35.30 22.72 -116.34
CA LYS P 159 -35.20 21.77 -115.25
C LYS P 159 -33.78 21.73 -114.73
N GLY P 160 -33.64 21.94 -113.41
CA GLY P 160 -32.32 21.86 -112.78
C GLY P 160 -31.83 23.23 -112.31
N ASP P 161 -32.40 24.30 -112.84
CA ASP P 161 -31.83 25.61 -112.57
C ASP P 161 -32.24 26.12 -111.19
N ILE P 162 -31.43 26.98 -110.56
CA ILE P 162 -31.83 27.71 -109.35
C ILE P 162 -31.40 29.16 -109.54
N VAL P 163 -32.24 30.10 -109.10
CA VAL P 163 -32.02 31.50 -109.35
C VAL P 163 -32.64 32.34 -108.25
N ALA P 164 -32.05 33.51 -107.98
CA ALA P 164 -32.46 34.24 -106.79
C ALA P 164 -33.08 35.55 -107.23
N ILE P 165 -34.30 35.78 -106.77
CA ILE P 165 -35.02 36.99 -107.08
C ILE P 165 -34.63 37.91 -105.95
N CYS P 166 -34.09 39.06 -106.29
CA CYS P 166 -33.54 39.99 -105.33
C CYS P 166 -34.47 41.19 -105.22
N LEU P 167 -34.94 41.53 -103.99
CA LEU P 167 -35.86 42.62 -103.72
C LEU P 167 -35.32 43.49 -102.61
N ASN P 168 -35.40 44.82 -102.76
CA ASN P 168 -34.90 45.74 -101.74
C ASN P 168 -36.13 46.36 -101.17
N VAL P 169 -36.37 46.14 -99.87
CA VAL P 169 -37.65 46.43 -99.26
C VAL P 169 -37.53 47.49 -98.20
N SER P 170 -36.40 48.18 -98.14
CA SER P 170 -36.00 48.96 -97.00
C SER P 170 -37.01 50.03 -96.65
N ASN P 171 -37.56 50.67 -97.69
CA ASN P 171 -38.51 51.74 -97.44
C ASN P 171 -39.96 51.36 -97.77
N THR P 172 -40.16 50.28 -98.52
CA THR P 172 -41.44 49.89 -99.05
C THR P 172 -42.21 49.08 -98.05
N LEU P 173 -41.60 48.09 -97.39
CA LEU P 173 -42.29 47.30 -96.36
C LEU P 173 -41.48 47.35 -95.06
N ASN P 174 -42.16 47.41 -93.90
CA ASN P 174 -41.49 47.78 -92.67
C ASN P 174 -41.24 46.55 -91.80
N LEU P 175 -40.25 45.72 -92.19
CA LEU P 175 -40.10 44.39 -91.62
C LEU P 175 -39.34 44.42 -90.31
N LYS P 176 -40.02 44.89 -89.27
CA LYS P 176 -39.51 44.76 -87.90
C LYS P 176 -39.82 43.37 -87.38
N PRO P 177 -39.41 42.99 -86.16
CA PRO P 177 -39.61 41.64 -85.66
C PRO P 177 -41.07 41.24 -85.58
N ARG P 178 -41.32 39.94 -85.50
CA ARG P 178 -42.66 39.44 -85.25
C ARG P 178 -43.66 39.87 -86.33
N THR P 179 -43.20 40.09 -87.58
CA THR P 179 -44.05 40.61 -88.64
C THR P 179 -44.33 39.55 -89.71
N LYS P 180 -45.59 39.38 -90.11
CA LYS P 180 -45.96 38.36 -91.10
C LYS P 180 -45.81 38.94 -92.51
N VAL P 181 -45.25 38.13 -93.43
CA VAL P 181 -45.05 38.55 -94.80
C VAL P 181 -45.65 37.48 -95.69
N THR P 182 -46.41 37.89 -96.71
CA THR P 182 -47.19 36.95 -97.50
C THR P 182 -47.02 37.36 -98.94
N GLY P 183 -47.07 36.40 -99.88
CA GLY P 183 -46.94 36.81 -101.26
C GLY P 183 -46.81 35.66 -102.25
N ALA P 184 -46.54 36.00 -103.52
CA ALA P 184 -46.41 35.00 -104.55
C ALA P 184 -45.58 35.55 -105.69
N VAL P 185 -44.83 34.65 -106.34
CA VAL P 185 -44.27 34.95 -107.64
C VAL P 185 -45.16 34.24 -108.65
N ILE P 186 -45.74 35.03 -109.57
CA ILE P 186 -46.79 34.55 -110.45
C ILE P 186 -46.21 34.51 -111.85
N PRO P 187 -46.07 33.32 -112.48
CA PRO P 187 -45.61 33.24 -113.84
C PRO P 187 -46.71 33.44 -114.85
N GLU P 188 -46.30 33.49 -116.12
CA GLU P 188 -47.16 33.81 -117.25
C GLU P 188 -48.16 32.69 -117.40
N PHE P 189 -47.70 31.46 -117.17
CA PHE P 189 -48.59 30.32 -117.03
C PHE P 189 -48.05 29.39 -115.96
N GLY P 190 -48.94 28.60 -115.36
CA GLY P 190 -48.49 27.67 -114.34
C GLY P 190 -48.67 28.23 -112.93
N ALA P 191 -48.39 27.38 -111.94
CA ALA P 191 -48.87 27.63 -110.59
C ALA P 191 -47.90 28.57 -109.87
N PRO P 192 -48.40 29.51 -109.04
CA PRO P 192 -47.53 30.43 -108.35
C PRO P 192 -46.74 29.80 -107.21
N ALA P 193 -45.58 30.39 -106.92
CA ALA P 193 -44.83 30.02 -105.74
C ALA P 193 -45.34 30.87 -104.58
N VAL P 194 -45.50 30.29 -103.38
CA VAL P 194 -46.10 30.99 -102.27
C VAL P 194 -45.04 31.33 -101.22
N ILE P 195 -44.87 32.63 -100.95
CA ILE P 195 -43.93 33.15 -99.97
C ILE P 195 -44.73 33.33 -98.70
N SER P 196 -44.23 32.83 -97.55
CA SER P 196 -45.01 32.94 -96.34
C SER P 196 -44.11 32.73 -95.14
N PHE P 197 -43.84 33.79 -94.40
CA PHE P 197 -42.94 33.68 -93.26
C PHE P 197 -43.25 34.74 -92.23
N THR P 198 -42.83 34.46 -90.99
CA THR P 198 -42.97 35.46 -89.97
C THR P 198 -41.56 35.74 -89.44
N THR P 199 -41.17 37.02 -89.36
CA THR P 199 -39.80 37.33 -89.06
C THR P 199 -39.57 36.90 -87.63
N PRO P 200 -38.35 36.52 -87.23
CA PRO P 200 -38.05 36.07 -85.87
C PRO P 200 -38.45 37.03 -84.75
N ALA P 201 -38.44 36.48 -83.54
CA ALA P 201 -38.77 37.27 -82.37
C ALA P 201 -37.64 38.22 -82.00
N THR P 202 -36.40 37.87 -82.36
CA THR P 202 -35.25 38.64 -81.94
C THR P 202 -34.19 38.63 -83.04
N TYR P 203 -33.65 39.80 -83.34
CA TYR P 203 -32.57 39.88 -84.29
C TYR P 203 -31.30 40.12 -83.46
N LEU P 204 -30.21 39.39 -83.73
CA LEU P 204 -28.96 39.56 -83.01
C LEU P 204 -27.87 40.18 -83.88
N ASP P 205 -27.04 41.08 -83.33
CA ASP P 205 -26.03 41.82 -84.09
C ASP P 205 -24.89 40.91 -84.56
N THR P 206 -24.81 39.70 -84.01
CA THR P 206 -23.77 38.77 -84.39
C THR P 206 -24.19 37.96 -85.63
N GLN P 207 -25.44 38.11 -86.07
CA GLN P 207 -25.98 37.24 -87.11
C GLN P 207 -26.78 38.07 -88.13
N HIS P 208 -26.10 38.83 -88.97
CA HIS P 208 -26.80 39.75 -89.83
C HIS P 208 -27.53 39.08 -90.99
N ILE P 209 -27.19 37.84 -91.35
CA ILE P 209 -27.97 37.16 -92.38
C ILE P 209 -28.85 36.08 -91.76
N ILE P 210 -30.16 36.12 -92.04
CA ILE P 210 -31.18 35.34 -91.37
C ILE P 210 -31.86 34.43 -92.38
N GLU P 211 -32.20 33.21 -91.97
CA GLU P 211 -32.89 32.30 -92.85
C GLU P 211 -34.37 32.34 -92.48
N LEU P 212 -35.23 32.75 -93.42
CA LEU P 212 -36.58 33.13 -93.06
C LEU P 212 -37.58 32.04 -93.40
N GLN P 213 -37.35 31.30 -94.48
CA GLN P 213 -38.22 30.19 -94.88
C GLN P 213 -37.32 29.10 -95.49
N ALA Q 1 -83.41 10.73 -159.34
CA ALA Q 1 -82.89 12.10 -159.03
C ALA Q 1 -82.39 12.16 -157.58
N ILE Q 2 -83.21 11.68 -156.64
CA ILE Q 2 -82.96 11.75 -155.21
C ILE Q 2 -81.71 10.94 -154.86
N GLY Q 3 -81.57 9.77 -155.48
CA GLY Q 3 -80.51 8.83 -155.17
C GLY Q 3 -79.14 9.49 -155.21
N ILE Q 4 -78.89 10.25 -156.30
CA ILE Q 4 -77.62 10.86 -156.61
C ILE Q 4 -77.12 11.65 -155.41
N GLY Q 5 -77.96 12.54 -154.91
CA GLY Q 5 -77.52 13.40 -153.82
C GLY Q 5 -77.16 12.63 -152.56
N THR Q 6 -77.89 11.54 -152.28
CA THR Q 6 -77.73 10.80 -151.04
C THR Q 6 -76.28 10.33 -150.95
N LEU Q 7 -75.76 9.87 -152.10
CA LEU Q 7 -74.42 9.33 -152.18
C LEU Q 7 -73.45 10.43 -151.82
N ILE Q 8 -73.62 11.60 -152.45
CA ILE Q 8 -72.67 12.70 -152.31
C ILE Q 8 -72.60 13.08 -150.85
N ILE Q 9 -73.71 13.33 -150.18
CA ILE Q 9 -73.57 13.84 -148.82
C ILE Q 9 -73.02 12.75 -147.90
N PHE Q 10 -73.24 11.47 -148.24
CA PHE Q 10 -72.70 10.38 -147.45
C PHE Q 10 -71.18 10.54 -147.38
N ILE Q 11 -70.55 10.84 -148.53
CA ILE Q 11 -69.11 11.02 -148.59
C ILE Q 11 -68.68 12.06 -147.57
N ALA Q 12 -69.41 13.16 -147.47
CA ALA Q 12 -69.03 14.21 -146.57
C ALA Q 12 -69.08 13.70 -145.13
N MET Q 13 -70.14 12.96 -144.77
CA MET Q 13 -70.30 12.49 -143.40
C MET Q 13 -69.04 11.73 -142.98
N VAL Q 14 -68.51 10.89 -143.90
CA VAL Q 14 -67.39 10.02 -143.66
C VAL Q 14 -66.18 10.87 -143.32
N LEU Q 15 -65.90 11.83 -144.21
CA LEU Q 15 -64.71 12.63 -144.11
C LEU Q 15 -64.75 13.43 -142.82
N VAL Q 16 -65.92 13.97 -142.45
CA VAL Q 16 -66.01 14.83 -141.28
C VAL Q 16 -65.77 14.02 -140.02
N ALA Q 17 -66.29 12.79 -139.94
CA ALA Q 17 -66.05 11.92 -138.81
C ALA Q 17 -64.56 11.57 -138.73
N ALA Q 18 -63.95 11.37 -139.90
CA ALA Q 18 -62.54 11.02 -139.99
C ALA Q 18 -61.71 12.14 -139.38
N VAL Q 19 -61.99 13.39 -139.81
CA VAL Q 19 -61.25 14.55 -139.35
C VAL Q 19 -61.37 14.67 -137.84
N ALA Q 20 -62.55 14.43 -137.29
CA ALA Q 20 -62.75 14.56 -135.86
C ALA Q 20 -61.97 13.46 -135.12
N ALA Q 21 -61.95 12.27 -135.71
CA ALA Q 21 -61.26 11.16 -135.07
C ALA Q 21 -59.78 11.52 -134.95
N ALA Q 22 -59.23 12.10 -136.02
CA ALA Q 22 -57.84 12.47 -136.08
C ALA Q 22 -57.48 13.32 -134.86
N VAL Q 23 -58.33 14.29 -134.52
CA VAL Q 23 -58.09 15.16 -133.38
C VAL Q 23 -57.91 14.31 -132.14
N LEU Q 24 -58.82 13.38 -131.93
CA LEU Q 24 -58.88 12.67 -130.67
C LEU Q 24 -57.65 11.78 -130.55
N ILE Q 25 -57.28 11.10 -131.65
CA ILE Q 25 -56.16 10.17 -131.70
C ILE Q 25 -54.88 10.95 -131.42
N ASN Q 26 -54.67 12.01 -132.21
CA ASN Q 26 -53.49 12.86 -132.11
C ASN Q 26 -53.31 13.38 -130.68
N THR Q 27 -54.38 13.97 -130.15
CA THR Q 27 -54.36 14.62 -128.86
C THR Q 27 -53.94 13.61 -127.82
N SER Q 28 -54.43 12.38 -127.94
CA SER Q 28 -54.15 11.34 -126.97
C SER Q 28 -52.64 11.08 -126.99
N GLY Q 29 -52.09 11.03 -128.21
CA GLY Q 29 -50.66 10.92 -128.43
C GLY Q 29 -49.89 12.03 -127.73
N PHE Q 30 -50.31 13.28 -127.93
CA PHE Q 30 -49.63 14.44 -127.38
C PHE Q 30 -49.58 14.37 -125.86
N LEU Q 31 -50.63 13.83 -125.26
CA LEU Q 31 -50.72 13.79 -123.81
C LEU Q 31 -49.90 12.63 -123.28
N GLN Q 32 -49.78 11.55 -124.06
CA GLN Q 32 -49.15 10.33 -123.57
C GLN Q 32 -47.76 10.66 -123.05
N GLN Q 33 -47.04 11.46 -123.86
CA GLN Q 33 -45.67 11.87 -123.59
C GLN Q 33 -45.58 12.49 -122.19
N LYS Q 34 -46.33 13.59 -122.00
CA LYS Q 34 -46.21 14.43 -120.82
C LYS Q 34 -46.68 13.67 -119.60
N ALA Q 35 -47.70 12.82 -119.78
CA ALA Q 35 -48.24 12.08 -118.67
C ALA Q 35 -47.11 11.25 -118.06
N MET Q 36 -46.43 10.47 -118.90
CA MET Q 36 -45.40 9.59 -118.39
C MET Q 36 -44.30 10.43 -117.74
N ALA Q 37 -43.83 11.43 -118.47
CA ALA Q 37 -42.70 12.25 -118.07
C ALA Q 37 -42.90 12.76 -116.65
N THR Q 38 -44.12 13.23 -116.35
CA THR Q 38 -44.41 13.90 -115.10
C THR Q 38 -44.22 12.91 -113.97
N GLY Q 39 -44.69 11.67 -114.17
CA GLY Q 39 -44.66 10.68 -113.12
C GLY Q 39 -43.22 10.28 -112.78
N LYS Q 40 -42.44 10.01 -113.82
CA LYS Q 40 -41.07 9.56 -113.65
C LYS Q 40 -40.30 10.64 -112.90
N GLU Q 41 -40.35 11.86 -113.42
CA GLU Q 41 -39.65 13.00 -112.86
C GLU Q 41 -40.01 13.18 -111.38
N SER Q 42 -41.30 13.09 -111.07
CA SER Q 42 -41.75 13.39 -109.73
C SER Q 42 -41.23 12.34 -108.75
N THR Q 43 -41.13 11.10 -109.21
CA THR Q 43 -40.72 10.02 -108.35
C THR Q 43 -39.24 10.20 -108.04
N GLU Q 44 -38.43 10.47 -109.08
CA GLU Q 44 -36.99 10.61 -108.91
C GLU Q 44 -36.69 11.73 -107.92
N GLN Q 45 -37.52 12.78 -107.92
CA GLN Q 45 -37.38 13.91 -107.01
C GLN Q 45 -37.60 13.47 -105.57
N VAL Q 46 -38.66 12.73 -105.30
CA VAL Q 46 -39.00 12.46 -103.92
C VAL Q 46 -38.05 11.44 -103.33
N ALA Q 47 -37.48 10.56 -104.16
CA ALA Q 47 -36.73 9.41 -103.73
C ALA Q 47 -35.26 9.73 -103.49
N SER Q 48 -34.73 10.69 -104.23
CA SER Q 48 -33.30 10.93 -104.23
C SER Q 48 -32.89 12.02 -103.23
N GLY Q 49 -31.62 12.00 -102.83
CA GLY Q 49 -31.12 12.92 -101.81
C GLY Q 49 -29.71 12.55 -101.36
N LEU Q 50 -29.10 13.37 -100.51
CA LEU Q 50 -27.81 13.11 -99.90
C LEU Q 50 -27.92 13.36 -98.41
N LEU Q 51 -26.98 12.78 -97.64
CA LEU Q 51 -27.07 12.79 -96.20
C LEU Q 51 -25.68 13.00 -95.61
N CYS Q 52 -25.59 13.93 -94.66
CA CYS Q 52 -24.36 14.37 -94.01
C CYS Q 52 -23.99 13.39 -92.93
N SER Q 53 -22.71 13.07 -92.88
CA SER Q 53 -22.29 11.93 -92.09
C SER Q 53 -21.45 12.44 -90.95
N GLY Q 54 -20.74 13.54 -91.19
CA GLY Q 54 -19.78 14.06 -90.23
C GLY Q 54 -19.15 15.33 -90.80
N VAL Q 55 -18.65 16.20 -89.92
CA VAL Q 55 -17.80 17.29 -90.34
C VAL Q 55 -16.59 17.34 -89.43
N THR Q 56 -15.40 17.63 -89.99
CA THR Q 56 -14.20 17.82 -89.19
C THR Q 56 -13.35 18.98 -89.67
N GLY Q 57 -12.44 19.51 -88.82
CA GLY Q 57 -11.84 20.80 -89.14
C GLY Q 57 -10.48 21.05 -88.50
N HIS Q 58 -9.66 21.97 -89.05
CA HIS Q 58 -8.27 22.14 -88.65
C HIS Q 58 -8.05 23.51 -88.03
N TYR Q 59 -7.45 23.57 -86.83
CA TYR Q 59 -7.30 24.81 -86.10
C TYR Q 59 -5.88 25.31 -86.18
N VAL Q 60 -5.66 26.54 -86.65
CA VAL Q 60 -4.33 27.15 -86.62
C VAL Q 60 -4.22 27.99 -85.37
N LYS Q 61 -3.11 27.85 -84.64
CA LYS Q 61 -2.99 28.42 -83.30
C LYS Q 61 -3.20 29.93 -83.35
N ASN Q 62 -3.98 30.42 -82.40
CA ASN Q 62 -4.21 31.84 -82.21
C ASN Q 62 -4.96 32.44 -83.39
N LYS Q 63 -5.51 31.61 -84.29
CA LYS Q 63 -6.22 32.12 -85.46
C LYS Q 63 -7.66 31.63 -85.55
N GLY Q 64 -7.89 30.31 -85.49
CA GLY Q 64 -9.23 29.76 -85.67
C GLY Q 64 -9.28 28.66 -86.72
N ILE Q 65 -10.49 28.22 -87.09
CA ILE Q 65 -10.61 27.07 -87.97
C ILE Q 65 -10.36 27.52 -89.39
N ASP Q 66 -9.45 26.83 -90.06
CA ASP Q 66 -8.89 27.30 -91.32
C ASP Q 66 -9.57 26.62 -92.48
N ARG Q 67 -9.83 25.31 -92.33
CA ARG Q 67 -10.40 24.43 -93.36
C ARG Q 67 -11.35 23.41 -92.72
N ILE Q 68 -12.30 22.87 -93.51
CA ILE Q 68 -13.28 21.89 -93.06
C ILE Q 68 -13.50 20.79 -94.09
N VAL Q 69 -13.79 19.55 -93.65
CA VAL Q 69 -14.08 18.42 -94.52
C VAL Q 69 -15.40 17.78 -94.16
N ILE Q 70 -16.32 17.71 -95.12
CA ILE Q 70 -17.71 17.35 -94.89
C ILE Q 70 -17.90 16.00 -95.55
N TYR Q 71 -18.39 15.00 -94.81
CA TYR Q 71 -18.50 13.67 -95.35
C TYR Q 71 -19.94 13.48 -95.78
N ILE Q 72 -20.15 12.93 -96.99
CA ILE Q 72 -21.46 12.90 -97.60
C ILE Q 72 -21.71 11.55 -98.23
N THR Q 73 -22.98 11.10 -98.22
CA THR Q 73 -23.39 9.75 -98.62
C THR Q 73 -24.81 9.84 -99.18
N PRO Q 74 -25.25 8.94 -100.06
CA PRO Q 74 -26.59 9.05 -100.62
C PRO Q 74 -27.60 8.34 -99.74
N ASN Q 75 -28.88 8.74 -99.81
CA ASN Q 75 -29.90 8.12 -98.96
C ASN Q 75 -30.30 6.78 -99.55
N ALA Q 76 -30.85 5.88 -98.71
CA ALA Q 76 -31.30 4.59 -99.22
C ALA Q 76 -32.20 4.78 -100.43
N GLY Q 77 -31.93 4.07 -101.52
CA GLY Q 77 -32.85 3.99 -102.64
C GLY Q 77 -32.71 5.17 -103.61
N SER Q 78 -31.88 6.14 -103.28
CA SER Q 78 -31.71 7.31 -104.13
C SER Q 78 -31.09 6.97 -105.48
N ALA Q 79 -31.51 7.68 -106.51
CA ALA Q 79 -30.99 7.43 -107.84
C ALA Q 79 -29.65 8.15 -107.84
N PRO Q 80 -28.74 7.90 -108.80
CA PRO Q 80 -27.39 8.42 -108.71
C PRO Q 80 -27.31 9.93 -108.84
N ILE Q 81 -26.45 10.58 -108.05
CA ILE Q 81 -26.38 12.03 -107.97
C ILE Q 81 -25.07 12.53 -108.61
N ASP Q 82 -25.24 13.50 -109.51
CA ASP Q 82 -24.20 13.98 -110.41
C ASP Q 82 -23.48 15.07 -109.68
N LEU Q 83 -22.45 14.68 -108.95
CA LEU Q 83 -21.96 15.56 -107.90
C LEU Q 83 -21.49 16.86 -108.48
N LYS Q 84 -21.12 16.89 -109.77
CA LYS Q 84 -20.37 18.02 -110.31
C LYS Q 84 -21.31 19.13 -110.66
N GLN Q 85 -22.61 18.89 -110.52
CA GLN Q 85 -23.55 19.97 -110.74
C GLN Q 85 -24.12 20.48 -109.42
N CYS Q 86 -23.74 19.92 -108.27
CA CYS Q 86 -24.37 20.31 -107.02
C CYS Q 86 -23.71 21.54 -106.47
N LYS Q 87 -24.43 22.43 -105.77
CA LYS Q 87 -23.88 23.67 -105.23
C LYS Q 87 -24.02 23.67 -103.72
N LEU Q 88 -23.04 24.23 -102.98
CA LEU Q 88 -23.03 24.19 -101.53
C LEU Q 88 -23.15 25.60 -101.01
N PHE Q 89 -24.19 25.85 -100.22
CA PHE Q 89 -24.48 27.16 -99.66
C PHE Q 89 -24.14 27.13 -98.18
N LEU Q 90 -23.39 28.14 -97.72
CA LEU Q 90 -23.01 28.20 -96.32
C LEU Q 90 -23.24 29.63 -95.83
N MET Q 91 -23.74 29.76 -94.59
CA MET Q 91 -24.01 31.01 -93.93
C MET Q 91 -23.21 31.08 -92.64
N TYR Q 92 -22.77 32.30 -92.29
CA TYR Q 92 -21.97 32.55 -91.09
C TYR Q 92 -22.19 34.01 -90.70
N ASP Q 93 -21.24 34.64 -90.03
CA ASP Q 93 -21.59 35.83 -89.26
C ASP Q 93 -21.84 37.02 -90.16
N GLY Q 94 -21.46 36.94 -91.41
CA GLY Q 94 -21.72 38.12 -92.20
C GLY Q 94 -21.80 37.90 -93.72
N LYS Q 95 -21.77 36.64 -94.14
CA LYS Q 95 -21.56 36.29 -95.51
C LYS Q 95 -22.39 35.04 -95.77
N ALA Q 96 -22.90 34.92 -97.01
CA ALA Q 96 -23.62 33.74 -97.43
C ALA Q 96 -23.09 33.42 -98.82
N VAL Q 97 -22.37 32.30 -98.92
CA VAL Q 97 -21.48 32.03 -100.02
C VAL Q 97 -21.97 30.79 -100.72
N SER Q 98 -21.90 30.77 -102.06
CA SER Q 98 -22.17 29.56 -102.81
C SER Q 98 -20.85 29.08 -103.43
N LEU Q 99 -20.54 27.77 -103.34
CA LEU Q 99 -19.32 27.20 -103.90
C LEU Q 99 -19.64 26.16 -105.00
N ASN Q 100 -18.84 26.09 -106.11
CA ASN Q 100 -19.10 25.16 -107.21
C ASN Q 100 -18.01 24.14 -107.36
N PHE Q 101 -18.31 22.90 -107.82
CA PHE Q 101 -17.33 21.83 -107.98
C PHE Q 101 -16.17 22.26 -108.83
N SER Q 102 -14.99 21.70 -108.56
CA SER Q 102 -13.80 22.01 -109.34
C SER Q 102 -12.95 20.76 -109.36
N LYS Q 103 -12.20 20.56 -110.44
CA LYS Q 103 -11.47 19.32 -110.56
C LYS Q 103 -10.28 19.32 -109.60
N TYR Q 104 -10.02 18.15 -109.00
CA TYR Q 104 -8.82 17.79 -108.25
C TYR Q 104 -7.67 17.89 -109.26
N ASP Q 105 -6.42 17.71 -108.85
CA ASP Q 105 -5.35 17.82 -109.84
C ASP Q 105 -5.49 16.75 -110.94
N THR Q 106 -5.69 17.22 -112.20
CA THR Q 106 -5.57 16.46 -113.44
C THR Q 106 -6.67 15.41 -113.60
N ASN Q 107 -7.45 15.17 -112.55
CA ASN Q 107 -8.41 14.06 -112.52
C ASN Q 107 -9.69 14.51 -111.83
N THR Q 108 -10.81 13.84 -112.08
CA THR Q 108 -12.07 14.46 -111.67
C THR Q 108 -12.23 14.49 -110.16
N VAL Q 109 -11.70 13.48 -109.46
CA VAL Q 109 -11.95 13.27 -108.03
C VAL Q 109 -10.69 12.63 -107.48
N GLY Q 110 -10.20 13.09 -106.33
CA GLY Q 110 -8.94 12.59 -105.82
C GLY Q 110 -9.06 11.14 -105.35
N ASP Q 111 -8.32 10.20 -105.95
CA ASP Q 111 -8.51 8.78 -105.65
C ASP Q 111 -7.74 8.33 -104.42
N PHE Q 112 -8.43 8.33 -103.29
CA PHE Q 112 -7.87 7.80 -102.08
C PHE Q 112 -8.74 6.66 -101.60
N THR Q 113 -9.14 5.79 -102.53
CA THR Q 113 -9.90 4.60 -102.19
C THR Q 113 -9.07 3.69 -101.30
N ASN Q 114 -7.74 3.83 -101.29
CA ASN Q 114 -6.87 2.98 -100.50
C ASN Q 114 -6.16 3.74 -99.38
N GLY Q 115 -6.76 4.80 -98.83
CA GLY Q 115 -6.33 5.31 -97.53
C GLY Q 115 -5.45 6.55 -97.59
N ILE Q 116 -5.45 7.37 -96.52
CA ILE Q 116 -4.76 8.64 -96.47
C ILE Q 116 -4.02 8.70 -95.16
N LYS Q 117 -2.75 9.12 -95.19
CA LYS Q 117 -1.93 9.24 -94.00
C LYS Q 117 -2.50 10.30 -93.08
N ASP Q 118 -2.91 11.45 -93.66
CA ASP Q 118 -3.54 12.54 -92.93
C ASP Q 118 -4.32 13.42 -93.90
N ILE Q 119 -5.63 13.61 -93.69
CA ILE Q 119 -6.50 14.26 -94.65
C ILE Q 119 -6.14 15.72 -94.77
N PHE Q 120 -5.37 16.25 -93.82
CA PHE Q 120 -5.07 17.68 -93.85
C PHE Q 120 -3.63 17.97 -94.21
N ASN Q 121 -2.76 16.97 -94.37
CA ASN Q 121 -1.38 17.25 -94.74
C ASN Q 121 -1.35 17.67 -96.20
N THR Q 122 -0.74 18.85 -96.44
CA THR Q 122 -0.84 19.55 -97.71
C THR Q 122 -0.23 18.76 -98.86
N THR Q 123 0.95 18.16 -98.64
CA THR Q 123 1.68 17.52 -99.73
C THR Q 123 1.03 16.24 -100.19
N VAL Q 124 0.38 15.54 -99.27
CA VAL Q 124 -0.32 14.31 -99.60
C VAL Q 124 -1.58 14.65 -100.36
N VAL Q 125 -2.35 15.65 -99.89
CA VAL Q 125 -3.76 15.74 -100.24
C VAL Q 125 -4.03 16.69 -101.40
N LYS Q 126 -3.20 17.72 -101.60
CA LYS Q 126 -3.48 18.64 -102.68
C LYS Q 126 -4.75 19.49 -102.45
N TRP Q 127 -4.67 20.40 -101.47
CA TRP Q 127 -5.72 21.34 -101.13
C TRP Q 127 -5.78 22.51 -102.10
N ASN Q 128 -4.81 22.67 -103.00
CA ASN Q 128 -4.58 23.96 -103.64
C ASN Q 128 -5.74 24.49 -104.48
N ASN Q 129 -6.57 23.61 -105.07
CA ASN Q 129 -7.68 24.06 -105.91
C ASN Q 129 -8.89 24.47 -105.10
N ALA Q 130 -8.81 24.47 -103.76
CA ALA Q 130 -9.94 24.95 -102.97
C ALA Q 130 -9.88 26.48 -102.88
N ASP Q 131 -10.32 27.16 -103.95
CA ASP Q 131 -10.31 28.60 -104.10
C ASP Q 131 -11.44 29.17 -103.26
N ALA Q 132 -11.63 30.49 -103.28
CA ALA Q 132 -12.57 31.08 -102.35
C ALA Q 132 -13.98 30.83 -102.88
N THR Q 133 -14.10 30.30 -104.08
CA THR Q 133 -15.40 30.06 -104.69
C THR Q 133 -15.63 28.62 -105.15
N SER Q 134 -14.81 27.63 -104.76
CA SER Q 134 -15.08 26.25 -105.14
C SER Q 134 -14.74 25.21 -104.08
N PHE Q 135 -15.25 23.97 -104.28
CA PHE Q 135 -14.82 22.82 -103.50
C PHE Q 135 -14.21 21.74 -104.36
N VAL Q 136 -13.55 20.76 -103.69
CA VAL Q 136 -13.05 19.57 -104.40
C VAL Q 136 -13.48 18.35 -103.62
N VAL Q 137 -13.51 17.18 -104.27
CA VAL Q 137 -14.07 15.96 -103.73
C VAL Q 137 -13.00 14.89 -103.69
N VAL Q 138 -12.92 14.15 -102.57
CA VAL Q 138 -11.95 13.11 -102.34
C VAL Q 138 -12.76 11.84 -102.13
N ALA Q 139 -12.44 10.77 -102.88
CA ALA Q 139 -13.28 9.58 -102.91
C ALA Q 139 -12.73 8.59 -101.89
N LEU Q 140 -13.59 8.21 -100.93
CA LEU Q 140 -13.14 7.40 -99.82
C LEU Q 140 -13.62 5.96 -99.96
N GLN Q 141 -14.83 5.70 -100.46
CA GLN Q 141 -15.24 4.32 -100.75
C GLN Q 141 -16.15 4.28 -101.98
N ASP Q 142 -15.81 3.44 -102.97
CA ASP Q 142 -16.53 3.36 -104.24
C ASP Q 142 -16.09 2.10 -104.97
N ASP Q 143 -16.96 1.07 -104.95
CA ASP Q 143 -16.68 -0.24 -105.51
C ASP Q 143 -16.66 -0.17 -107.03
N ASP Q 144 -17.71 0.45 -107.57
CA ASP Q 144 -18.05 0.43 -108.98
C ASP Q 144 -17.31 1.50 -109.79
N LYS Q 145 -16.37 2.23 -109.20
CA LYS Q 145 -15.64 3.28 -109.87
C LYS Q 145 -16.50 4.44 -110.40
N SER Q 146 -17.68 4.70 -109.81
CA SER Q 146 -18.49 5.80 -110.30
C SER Q 146 -17.96 7.16 -109.89
N LEU Q 147 -17.48 7.28 -108.66
CA LEU Q 147 -16.94 8.56 -108.24
C LEU Q 147 -15.75 8.84 -109.15
N LEU Q 148 -14.93 7.82 -109.42
CA LEU Q 148 -13.60 8.00 -109.97
C LEU Q 148 -13.67 8.43 -111.43
N THR Q 149 -14.86 8.42 -111.99
CA THR Q 149 -15.02 8.53 -113.42
C THR Q 149 -16.30 9.31 -113.69
N ASN Q 150 -16.19 10.63 -113.89
CA ASN Q 150 -17.37 11.46 -114.13
C ASN Q 150 -18.22 11.72 -112.89
N ALA Q 151 -17.71 11.40 -111.70
CA ALA Q 151 -18.12 11.99 -110.44
C ALA Q 151 -19.58 11.73 -110.07
N VAL Q 152 -20.04 10.48 -110.20
CA VAL Q 152 -21.41 10.18 -109.84
C VAL Q 152 -21.46 9.33 -108.58
N ILE Q 153 -22.17 9.83 -107.54
CA ILE Q 153 -22.38 9.07 -106.32
C ILE Q 153 -23.49 8.08 -106.59
N ASN Q 154 -23.29 6.80 -106.21
CA ASN Q 154 -24.36 5.80 -106.18
C ASN Q 154 -24.30 5.00 -104.90
N LYS Q 155 -25.12 3.95 -104.78
CA LYS Q 155 -25.40 3.30 -103.50
C LYS Q 155 -24.13 2.83 -102.83
N GLY Q 156 -23.93 3.22 -101.56
CA GLY Q 156 -22.81 2.64 -100.83
C GLY Q 156 -21.53 3.46 -100.94
N ASP Q 157 -21.53 4.51 -101.80
CA ASP Q 157 -20.35 5.34 -101.89
C ASP Q 157 -20.25 6.27 -100.68
N LEU Q 158 -19.03 6.69 -100.29
CA LEU Q 158 -18.81 7.72 -99.26
C LEU Q 158 -17.72 8.65 -99.75
N ALA Q 159 -17.91 9.97 -99.66
CA ALA Q 159 -17.03 10.90 -100.30
C ALA Q 159 -16.90 12.13 -99.45
N GLY Q 160 -15.83 12.87 -99.64
CA GLY Q 160 -15.58 13.93 -98.69
C GLY Q 160 -15.36 15.22 -99.46
N VAL Q 161 -16.04 16.28 -99.03
CA VAL Q 161 -15.98 17.54 -99.71
C VAL Q 161 -15.03 18.42 -98.94
N LEU Q 162 -14.03 19.02 -99.59
CA LEU Q 162 -13.09 19.87 -98.91
C LEU Q 162 -13.44 21.34 -99.12
N VAL Q 163 -13.57 22.17 -98.05
CA VAL Q 163 -13.79 23.62 -98.20
C VAL Q 163 -12.82 24.49 -97.43
N ASN Q 164 -12.18 25.48 -98.09
CA ASN Q 164 -11.14 26.34 -97.52
C ASN Q 164 -11.85 27.51 -96.89
N VAL Q 165 -12.37 27.26 -95.68
CA VAL Q 165 -13.37 28.14 -95.13
C VAL Q 165 -12.76 29.50 -94.94
N SER Q 166 -11.50 29.56 -94.58
CA SER Q 166 -10.94 30.85 -94.18
C SER Q 166 -10.84 31.74 -95.39
N ALA Q 167 -10.80 31.12 -96.56
CA ALA Q 167 -10.73 31.86 -97.81
C ALA Q 167 -12.13 32.19 -98.30
N ALA Q 168 -13.07 31.28 -98.05
CA ALA Q 168 -14.44 31.44 -98.48
C ALA Q 168 -15.13 32.57 -97.71
N PHE Q 169 -15.04 32.58 -96.39
CA PHE Q 169 -15.68 33.59 -95.61
C PHE Q 169 -14.72 34.75 -95.40
N GLY Q 170 -13.48 34.61 -95.82
CA GLY Q 170 -12.56 35.74 -95.70
C GLY Q 170 -11.93 35.89 -94.32
N LYS Q 171 -12.39 35.12 -93.32
CA LYS Q 171 -11.70 35.06 -92.04
C LYS Q 171 -11.83 33.67 -91.40
N HIS Q 172 -10.98 33.39 -90.40
CA HIS Q 172 -11.09 32.11 -89.71
C HIS Q 172 -12.32 32.10 -88.78
N VAL Q 173 -13.07 30.98 -88.69
CA VAL Q 173 -14.23 31.02 -87.81
C VAL Q 173 -13.78 30.81 -86.38
N GLY Q 174 -14.34 31.62 -85.46
CA GLY Q 174 -13.88 31.67 -84.08
C GLY Q 174 -14.63 30.68 -83.21
N THR Q 175 -14.47 30.81 -81.90
CA THR Q 175 -15.15 29.93 -80.97
C THR Q 175 -16.56 30.45 -80.76
N ARG Q 176 -17.48 29.57 -80.35
CA ARG Q 176 -18.85 29.93 -80.02
C ARG Q 176 -19.62 30.52 -81.19
N GLU Q 177 -19.27 30.16 -82.44
CA GLU Q 177 -19.95 30.69 -83.60
C GLU Q 177 -20.69 29.58 -84.34
N ARG Q 178 -21.88 29.87 -84.93
CA ARG Q 178 -22.52 28.83 -85.74
C ARG Q 178 -22.32 29.02 -87.23
N VAL Q 179 -22.38 27.88 -87.94
CA VAL Q 179 -22.35 27.87 -89.39
C VAL Q 179 -23.39 26.89 -89.89
N SER Q 180 -24.18 27.30 -90.89
CA SER Q 180 -25.20 26.40 -91.35
C SER Q 180 -25.35 26.51 -92.85
N GLY Q 181 -25.80 25.41 -93.47
CA GLY Q 181 -25.96 25.43 -94.91
C GLY Q 181 -26.64 24.19 -95.43
N TYR Q 182 -26.54 24.02 -96.74
CA TYR Q 182 -27.10 22.90 -97.43
C TYR Q 182 -26.25 22.61 -98.66
N LEU Q 183 -26.08 21.31 -98.98
CA LEU Q 183 -25.51 20.92 -100.26
C LEU Q 183 -26.67 20.47 -101.11
N GLN Q 184 -26.95 21.22 -102.19
CA GLN Q 184 -28.23 21.09 -102.87
C GLN Q 184 -27.95 20.41 -104.18
N PRO Q 185 -28.42 19.18 -104.43
CA PRO Q 185 -28.23 18.56 -105.72
C PRO Q 185 -29.19 19.08 -106.76
N GLU Q 186 -28.93 18.70 -108.00
CA GLU Q 186 -29.67 19.11 -109.17
C GLU Q 186 -31.10 18.68 -109.07
N PHE Q 187 -31.31 17.46 -108.56
CA PHE Q 187 -32.64 17.04 -108.17
C PHE Q 187 -32.57 16.24 -106.88
N GLY Q 188 -33.58 16.37 -106.03
CA GLY Q 188 -33.61 15.60 -104.79
C GLY Q 188 -33.27 16.45 -103.57
N ALA Q 189 -33.32 15.81 -102.40
CA ALA Q 189 -33.34 16.53 -101.15
C ALA Q 189 -31.94 16.96 -100.76
N PRO Q 190 -31.76 18.14 -100.13
CA PRO Q 190 -30.43 18.63 -99.83
C PRO Q 190 -29.89 18.11 -98.52
N ALA Q 191 -28.58 17.99 -98.43
CA ALA Q 191 -27.97 17.54 -97.20
C ALA Q 191 -27.81 18.76 -96.32
N VAL Q 192 -28.42 18.78 -95.12
CA VAL Q 192 -28.32 19.90 -94.17
C VAL Q 192 -27.01 19.85 -93.45
N ILE Q 193 -26.35 20.99 -93.26
CA ILE Q 193 -25.15 21.09 -92.43
C ILE Q 193 -25.45 22.14 -91.34
N GLU Q 194 -25.04 21.85 -90.11
CA GLU Q 194 -25.31 22.77 -89.02
C GLU Q 194 -24.37 22.39 -87.88
N PHE Q 195 -23.54 23.35 -87.45
CA PHE Q 195 -22.80 23.16 -86.22
C PHE Q 195 -22.34 24.45 -85.60
N THR Q 196 -22.13 24.38 -84.28
CA THR Q 196 -21.62 25.49 -83.52
C THR Q 196 -20.22 25.13 -83.06
N THR Q 197 -19.24 25.99 -83.34
CA THR Q 197 -17.86 25.67 -83.01
C THR Q 197 -17.81 25.68 -81.52
N PRO Q 198 -17.02 24.79 -80.86
CA PRO Q 198 -17.02 24.72 -79.41
C PRO Q 198 -16.44 25.97 -78.77
N ALA Q 199 -16.53 25.99 -77.44
CA ALA Q 199 -16.11 27.11 -76.62
C ALA Q 199 -14.59 27.22 -76.52
N ALA Q 200 -13.89 26.10 -76.64
CA ALA Q 200 -12.47 26.10 -76.38
C ALA Q 200 -11.77 25.22 -77.39
N PHE Q 201 -11.06 25.86 -78.31
CA PHE Q 201 -10.27 25.06 -79.20
C PHE Q 201 -9.09 24.57 -78.37
N THR Q 202 -8.76 23.27 -78.44
CA THR Q 202 -7.66 22.74 -77.64
C THR Q 202 -6.83 21.63 -78.31
N SER Q 203 -7.08 21.31 -79.58
CA SER Q 203 -6.35 20.30 -80.33
C SER Q 203 -6.46 20.66 -81.80
N ASP Q 204 -5.60 20.09 -82.65
CA ASP Q 204 -5.52 20.58 -84.01
C ASP Q 204 -6.72 20.12 -84.82
N VAL Q 205 -7.18 18.86 -84.68
CA VAL Q 205 -8.29 18.42 -85.51
C VAL Q 205 -9.52 18.17 -84.66
N ILE Q 206 -10.64 18.88 -84.94
CA ILE Q 206 -11.81 18.94 -84.08
C ILE Q 206 -13.04 18.37 -84.71
N GLU Q 207 -13.84 17.67 -83.90
CA GLU Q 207 -14.87 16.80 -84.45
C GLU Q 207 -16.22 17.54 -84.38
N LEU Q 208 -16.41 18.45 -85.32
CA LEU Q 208 -17.54 19.37 -85.28
C LEU Q 208 -18.86 18.61 -85.38
N GLN Q 209 -18.90 17.52 -86.17
CA GLN Q 209 -19.97 16.53 -86.23
C GLN Q 209 -21.38 17.12 -86.24
N ALA R 1 -76.38 8.89 -144.78
CA ALA R 1 -77.04 8.34 -143.53
C ALA R 1 -76.17 8.59 -142.30
N ILE R 2 -76.84 8.93 -141.18
CA ILE R 2 -76.17 9.35 -139.96
C ILE R 2 -75.37 8.21 -139.33
N GLY R 3 -75.82 6.97 -139.58
CA GLY R 3 -75.26 5.82 -138.89
C GLY R 3 -73.76 5.68 -139.16
N ILE R 4 -73.38 6.02 -140.40
CA ILE R 4 -72.05 5.79 -140.88
C ILE R 4 -71.03 6.48 -139.97
N GLY R 5 -71.26 7.75 -139.68
CA GLY R 5 -70.33 8.47 -138.84
C GLY R 5 -70.31 7.95 -137.40
N THR R 6 -71.47 7.52 -136.89
CA THR R 6 -71.62 7.12 -135.51
C THR R 6 -70.69 5.93 -135.26
N LEU R 7 -70.63 5.03 -136.24
CA LEU R 7 -69.77 3.86 -136.20
C LEU R 7 -68.31 4.33 -136.13
N ILE R 8 -67.90 5.15 -137.09
CA ILE R 8 -66.51 5.58 -137.25
C ILE R 8 -66.02 6.27 -136.00
N ILE R 9 -66.81 7.17 -135.41
CA ILE R 9 -66.34 7.90 -134.25
C ILE R 9 -66.22 6.97 -133.03
N PHE R 10 -67.04 5.90 -132.97
CA PHE R 10 -66.96 4.93 -131.88
C PHE R 10 -65.59 4.27 -131.89
N ILE R 11 -65.11 3.92 -133.09
CA ILE R 11 -63.82 3.28 -133.28
C ILE R 11 -62.75 4.16 -132.65
N ALA R 12 -62.82 5.46 -132.91
CA ALA R 12 -61.86 6.40 -132.37
C ALA R 12 -61.96 6.41 -130.85
N MET R 13 -63.19 6.48 -130.32
CA MET R 13 -63.42 6.71 -128.91
C MET R 13 -62.78 5.58 -128.10
N VAL R 14 -62.98 4.34 -128.59
CA VAL R 14 -62.44 3.14 -127.98
C VAL R 14 -60.93 3.27 -127.92
N LEU R 15 -60.32 3.60 -129.06
CA LEU R 15 -58.88 3.61 -129.20
C LEU R 15 -58.30 4.62 -128.22
N VAL R 16 -58.92 5.80 -128.09
CA VAL R 16 -58.38 6.83 -127.22
C VAL R 16 -58.43 6.34 -125.78
N ALA R 17 -59.56 5.73 -125.41
CA ALA R 17 -59.73 5.26 -124.04
C ALA R 17 -58.71 4.17 -123.72
N ALA R 18 -58.28 3.42 -124.76
CA ALA R 18 -57.28 2.39 -124.57
C ALA R 18 -55.96 3.05 -124.21
N VAL R 19 -55.56 4.06 -125.01
CA VAL R 19 -54.29 4.75 -124.82
C VAL R 19 -54.25 5.37 -123.44
N ALA R 20 -55.35 5.96 -123.02
CA ALA R 20 -55.43 6.59 -121.71
C ALA R 20 -55.22 5.56 -120.61
N ALA R 21 -55.84 4.40 -120.75
CA ALA R 21 -55.72 3.35 -119.75
C ALA R 21 -54.26 2.91 -119.69
N ALA R 22 -53.64 2.78 -120.87
CA ALA R 22 -52.31 2.21 -120.94
C ALA R 22 -51.35 2.95 -120.01
N VAL R 23 -51.33 4.29 -120.07
CA VAL R 23 -50.37 5.11 -119.33
C VAL R 23 -50.45 4.83 -117.84
N LEU R 24 -51.64 4.47 -117.34
CA LEU R 24 -51.80 4.24 -115.91
C LEU R 24 -51.20 2.89 -115.58
N ILE R 25 -51.42 1.89 -116.44
CA ILE R 25 -50.92 0.53 -116.24
C ILE R 25 -49.39 0.60 -116.24
N ASN R 26 -48.82 1.22 -117.28
CA ASN R 26 -47.38 1.45 -117.41
C ASN R 26 -46.80 2.13 -116.16
N THR R 27 -47.41 3.23 -115.74
CA THR R 27 -46.88 4.05 -114.67
C THR R 27 -46.94 3.26 -113.36
N SER R 28 -47.95 2.41 -113.24
CA SER R 28 -48.11 1.66 -112.00
C SER R 28 -46.95 0.66 -111.91
N GLY R 29 -46.56 0.09 -113.05
CA GLY R 29 -45.38 -0.77 -113.16
C GLY R 29 -44.11 -0.07 -112.69
N PHE R 30 -43.85 1.12 -113.24
CA PHE R 30 -42.67 1.90 -112.89
C PHE R 30 -42.61 2.15 -111.40
N LEU R 31 -43.73 2.57 -110.83
CA LEU R 31 -43.77 2.90 -109.43
C LEU R 31 -43.61 1.66 -108.56
N GLN R 32 -44.02 0.49 -109.06
CA GLN R 32 -44.05 -0.69 -108.22
C GLN R 32 -42.64 -0.96 -107.72
N GLN R 33 -41.72 -1.07 -108.69
CA GLN R 33 -40.35 -1.45 -108.39
C GLN R 33 -39.74 -0.42 -107.43
N LYS R 34 -39.92 0.86 -107.78
CA LYS R 34 -39.27 1.94 -107.07
C LYS R 34 -39.68 1.95 -105.60
N ALA R 35 -40.97 1.67 -105.37
CA ALA R 35 -41.53 1.67 -104.04
C ALA R 35 -40.94 0.51 -103.26
N MET R 36 -41.01 -0.69 -103.85
CA MET R 36 -40.65 -1.91 -103.13
C MET R 36 -39.21 -1.84 -102.65
N ALA R 37 -38.32 -1.42 -103.57
CA ALA R 37 -36.90 -1.29 -103.31
C ALA R 37 -36.67 -0.28 -102.17
N THR R 38 -37.41 0.82 -102.16
CA THR R 38 -37.15 1.90 -101.23
C THR R 38 -37.42 1.42 -99.81
N GLY R 39 -38.45 0.59 -99.68
CA GLY R 39 -38.84 0.03 -98.39
C GLY R 39 -37.79 -0.95 -97.88
N LYS R 40 -37.42 -1.91 -98.74
CA LYS R 40 -36.46 -2.94 -98.38
C LYS R 40 -35.18 -2.27 -97.88
N GLU R 41 -34.64 -1.40 -98.72
CA GLU R 41 -33.34 -0.79 -98.50
C GLU R 41 -33.36 -0.05 -97.17
N SER R 42 -34.40 0.75 -96.97
CA SER R 42 -34.48 1.57 -95.78
C SER R 42 -34.50 0.70 -94.55
N THR R 43 -35.08 -0.51 -94.66
CA THR R 43 -35.26 -1.37 -93.51
C THR R 43 -33.90 -1.92 -93.08
N GLU R 44 -33.15 -2.40 -94.07
CA GLU R 44 -31.85 -3.00 -93.84
C GLU R 44 -30.92 -2.00 -93.16
N GLN R 45 -30.99 -0.73 -93.59
CA GLN R 45 -30.19 0.36 -93.07
C GLN R 45 -30.39 0.48 -91.56
N VAL R 46 -31.63 0.54 -91.10
CA VAL R 46 -31.89 0.81 -89.70
C VAL R 46 -31.46 -0.40 -88.88
N ALA R 47 -31.67 -1.60 -89.43
CA ALA R 47 -31.61 -2.85 -88.71
C ALA R 47 -30.17 -3.26 -88.40
N SER R 48 -29.18 -2.67 -89.09
CA SER R 48 -27.85 -3.25 -89.12
C SER R 48 -26.78 -2.34 -88.53
N GLY R 49 -25.71 -2.95 -88.00
CA GLY R 49 -24.61 -2.16 -87.48
C GLY R 49 -23.54 -3.02 -86.81
N LEU R 50 -22.48 -2.38 -86.31
CA LEU R 50 -21.38 -3.04 -85.64
C LEU R 50 -21.20 -2.44 -84.25
N GLN R 51 -20.58 -3.19 -83.34
CA GLN R 51 -20.40 -2.79 -81.96
C GLN R 51 -18.96 -3.12 -81.56
N VAL R 52 -18.25 -2.18 -80.92
CA VAL R 52 -16.88 -2.43 -80.49
C VAL R 52 -16.93 -3.10 -79.15
N ILE R 53 -16.38 -4.33 -79.07
CA ILE R 53 -16.43 -5.11 -77.86
C ILE R 53 -15.36 -4.54 -76.94
N ARG R 54 -14.09 -4.60 -77.35
CA ARG R 54 -12.97 -4.15 -76.54
C ARG R 54 -11.86 -3.61 -77.44
N VAL R 55 -10.96 -2.75 -76.93
CA VAL R 55 -9.78 -2.38 -77.68
C VAL R 55 -8.55 -2.67 -76.84
N LEU R 56 -7.54 -3.33 -77.42
CA LEU R 56 -6.32 -3.74 -76.74
C LEU R 56 -5.09 -3.15 -77.44
N GLY R 57 -3.94 -3.02 -76.73
CA GLY R 57 -2.86 -2.21 -77.27
C GLY R 57 -1.46 -2.52 -76.73
N ASN R 58 -0.64 -3.15 -77.56
CA ASN R 58 0.75 -3.45 -77.24
C ASN R 58 1.53 -2.17 -77.01
N HIS R 59 2.56 -2.15 -76.14
CA HIS R 59 3.37 -0.94 -75.85
C HIS R 59 4.87 -1.20 -75.77
N SER R 60 5.69 -0.30 -76.36
CA SER R 60 7.15 -0.35 -76.28
C SER R 60 7.67 1.06 -76.32
N GLY R 61 8.76 1.32 -75.61
CA GLY R 61 9.30 2.67 -75.74
C GLY R 61 8.37 3.63 -75.01
N GLY R 62 7.87 4.64 -75.69
CA GLY R 62 7.06 5.59 -74.96
C GLY R 62 5.65 5.70 -75.49
N LYS R 63 5.21 4.66 -76.20
CA LYS R 63 4.06 4.83 -77.06
C LYS R 63 3.27 3.53 -77.06
N ILE R 64 2.03 3.61 -77.55
CA ILE R 64 1.35 2.39 -77.93
C ILE R 64 1.54 2.29 -79.44
N ASN R 65 2.01 1.16 -79.93
CA ASN R 65 2.40 1.06 -81.31
C ASN R 65 1.40 0.26 -82.15
N TRP R 66 0.73 -0.76 -81.63
CA TRP R 66 -0.25 -1.49 -82.38
C TRP R 66 -1.59 -1.42 -81.60
N LEU R 67 -2.73 -1.39 -82.29
CA LEU R 67 -4.02 -1.53 -81.65
C LEU R 67 -4.79 -2.70 -82.28
N ALA R 68 -5.59 -3.39 -81.46
CA ALA R 68 -6.42 -4.45 -81.97
C ALA R 68 -7.81 -4.16 -81.49
N VAL R 69 -8.70 -3.84 -82.44
CA VAL R 69 -10.04 -3.39 -82.15
C VAL R 69 -10.98 -4.55 -82.42
N LEU R 70 -11.58 -5.11 -81.38
CA LEU R 70 -12.42 -6.28 -81.53
C LEU R 70 -13.85 -5.78 -81.77
N ILE R 71 -14.53 -6.38 -82.77
CA ILE R 71 -15.79 -5.83 -83.24
C ILE R 71 -16.74 -6.96 -83.59
N SER R 72 -18.06 -6.73 -83.45
CA SER R 72 -19.03 -7.78 -83.72
C SER R 72 -20.34 -7.16 -84.16
N PRO R 73 -21.26 -7.90 -84.79
CA PRO R 73 -22.50 -7.33 -85.26
C PRO R 73 -23.47 -6.95 -84.14
N ASN R 74 -24.37 -6.00 -84.43
CA ASN R 74 -25.44 -5.63 -83.51
C ASN R 74 -26.48 -6.70 -83.62
N ALA R 75 -27.31 -6.87 -82.59
CA ALA R 75 -28.31 -7.94 -82.64
C ALA R 75 -29.26 -7.69 -83.80
N GLY R 76 -29.55 -8.75 -84.57
CA GLY R 76 -30.58 -8.70 -85.60
C GLY R 76 -30.12 -7.99 -86.87
N SER R 77 -28.81 -7.91 -87.05
CA SER R 77 -28.23 -7.24 -88.21
C SER R 77 -28.07 -8.18 -89.39
N ALA R 78 -28.07 -7.62 -90.59
CA ALA R 78 -27.89 -8.42 -91.79
C ALA R 78 -26.39 -8.52 -91.93
N PRO R 79 -25.82 -9.44 -92.72
CA PRO R 79 -24.38 -9.64 -92.71
C PRO R 79 -23.59 -8.45 -93.23
N ILE R 80 -22.50 -8.06 -92.55
CA ILE R 80 -21.68 -6.92 -92.91
C ILE R 80 -20.39 -7.36 -93.60
N ASP R 81 -20.08 -6.84 -94.80
CA ASP R 81 -18.92 -7.25 -95.60
C ASP R 81 -17.79 -6.30 -95.33
N LEU R 82 -16.84 -6.77 -94.53
CA LEU R 82 -15.87 -5.84 -93.98
C LEU R 82 -14.93 -5.39 -95.08
N SER R 83 -14.94 -6.06 -96.22
CA SER R 83 -13.95 -5.69 -97.23
C SER R 83 -14.30 -4.33 -97.78
N GLN R 84 -15.51 -3.86 -97.55
CA GLN R 84 -15.91 -2.55 -98.00
C GLN R 84 -16.09 -1.59 -96.82
N ALA R 85 -15.54 -1.87 -95.64
CA ALA R 85 -15.68 -0.95 -94.51
C ALA R 85 -14.65 0.15 -94.63
N THR R 86 -14.69 1.20 -93.79
CA THR R 86 -13.62 2.17 -93.69
C THR R 86 -13.38 2.58 -92.25
N VAL R 87 -12.12 2.72 -91.77
CA VAL R 87 -11.90 3.11 -90.39
C VAL R 87 -11.23 4.46 -90.33
N MET R 88 -11.63 5.30 -89.37
CA MET R 88 -11.12 6.66 -89.30
C MET R 88 -10.74 6.85 -87.86
N ILE R 89 -9.52 7.34 -87.62
CA ILE R 89 -9.00 7.48 -86.28
C ILE R 89 -8.30 8.83 -86.19
N THR R 90 -8.41 9.54 -85.04
CA THR R 90 -7.61 10.73 -84.87
C THR R 90 -7.09 10.87 -83.46
N ASP R 91 -5.88 11.48 -83.36
CA ASP R 91 -5.22 11.70 -82.08
C ASP R 91 -5.23 13.17 -81.76
N GLY R 92 -5.94 13.96 -82.57
CA GLY R 92 -6.03 15.39 -82.31
C GLY R 92 -4.90 16.19 -82.95
N THR R 93 -3.86 15.51 -83.45
CA THR R 93 -2.85 16.13 -84.26
C THR R 93 -2.87 15.61 -85.70
N HIS R 94 -3.30 14.37 -85.99
CA HIS R 94 -3.49 13.90 -87.35
C HIS R 94 -4.77 13.07 -87.52
N LYS R 95 -5.26 12.81 -88.75
CA LYS R 95 -6.49 12.03 -88.92
C LYS R 95 -6.33 11.03 -90.05
N VAL R 96 -5.97 9.78 -89.70
CA VAL R 96 -5.67 8.77 -90.70
C VAL R 96 -6.98 8.14 -91.06
N ILE R 97 -7.10 7.67 -92.31
CA ILE R 97 -8.19 6.82 -92.73
C ILE R 97 -7.60 5.60 -93.41
N ALA R 98 -8.12 4.39 -93.13
CA ALA R 98 -7.45 3.18 -93.57
C ALA R 98 -8.43 2.16 -94.10
N LYS R 99 -8.00 1.27 -95.00
CA LYS R 99 -8.89 0.38 -95.73
C LYS R 99 -8.25 -1.02 -95.85
N TYR R 100 -9.03 -2.06 -96.12
CA TYR R 100 -8.59 -3.44 -95.94
C TYR R 100 -7.61 -3.84 -97.02
N ASN R 101 -6.50 -4.45 -96.63
CA ASN R 101 -5.59 -5.06 -97.60
C ASN R 101 -5.64 -6.56 -97.39
N SER R 102 -6.10 -7.30 -98.40
CA SER R 102 -6.46 -8.69 -98.28
C SER R 102 -5.25 -9.54 -97.93
N THR R 103 -4.05 -9.01 -98.11
CA THR R 103 -2.83 -9.75 -97.84
C THR R 103 -2.78 -10.20 -96.39
N PHE R 104 -3.36 -9.42 -95.48
CA PHE R 104 -3.13 -9.59 -94.06
C PHE R 104 -4.32 -10.25 -93.36
N PHE R 105 -4.61 -11.51 -93.72
CA PHE R 105 -5.71 -12.24 -93.10
C PHE R 105 -5.14 -13.42 -92.33
N ASN R 106 -5.66 -13.69 -91.13
CA ASN R 106 -5.34 -14.95 -90.49
C ASN R 106 -6.61 -15.62 -90.00
N GLY R 107 -7.00 -16.73 -90.63
CA GLY R 107 -8.24 -17.37 -90.26
C GLY R 107 -8.07 -18.35 -89.10
N THR R 108 -6.87 -18.88 -88.97
CA THR R 108 -6.69 -20.06 -88.18
C THR R 108 -7.05 -19.78 -86.74
N LEU R 109 -6.96 -18.52 -86.33
CA LEU R 109 -7.05 -18.17 -84.91
C LEU R 109 -8.48 -18.34 -84.44
N LYS R 110 -9.40 -18.76 -85.32
CA LYS R 110 -10.74 -19.10 -84.89
C LYS R 110 -10.68 -20.24 -83.92
N ASN R 111 -9.58 -20.99 -83.94
CA ASN R 111 -9.39 -22.17 -83.12
C ASN R 111 -8.38 -21.87 -82.02
N GLY R 112 -8.19 -20.59 -81.67
CA GLY R 112 -7.41 -20.28 -80.48
C GLY R 112 -5.95 -20.01 -80.82
N GLY R 113 -5.29 -19.18 -80.00
CA GLY R 113 -3.90 -18.81 -80.19
C GLY R 113 -3.63 -17.42 -79.61
N SER R 114 -2.48 -16.81 -79.96
CA SER R 114 -2.10 -15.50 -79.45
C SER R 114 -2.32 -14.42 -80.50
N ILE R 115 -3.06 -13.36 -80.15
CA ILE R 115 -3.16 -12.17 -80.99
C ILE R 115 -1.82 -11.50 -80.83
N PHE R 116 -1.53 -10.44 -81.59
CA PHE R 116 -0.30 -9.70 -81.37
C PHE R 116 0.93 -10.54 -81.60
N GLU R 117 0.77 -11.83 -81.98
CA GLU R 117 1.87 -12.61 -82.53
C GLU R 117 1.38 -13.46 -83.70
N ALA R 118 0.29 -13.02 -84.36
CA ALA R 118 -0.22 -13.73 -85.51
C ALA R 118 0.69 -13.51 -86.70
N LYS R 119 0.89 -14.54 -87.50
CA LYS R 119 1.60 -14.43 -88.76
C LYS R 119 0.62 -14.19 -89.90
N TYR R 120 1.15 -13.88 -91.11
CA TYR R 120 0.39 -13.86 -92.37
C TYR R 120 1.22 -14.48 -93.47
N ASN R 121 0.64 -14.72 -94.66
CA ASN R 121 1.26 -15.57 -95.70
C ASN R 121 1.42 -14.78 -97.00
N ASN R 122 2.59 -14.14 -97.21
CA ASN R 122 3.03 -13.76 -98.54
C ASN R 122 3.41 -15.06 -99.23
N THR R 123 3.12 -15.22 -100.53
CA THR R 123 3.25 -16.54 -101.13
C THR R 123 4.67 -17.06 -100.88
N THR R 124 4.80 -18.32 -100.43
CA THR R 124 6.06 -19.01 -100.18
C THR R 124 6.62 -18.78 -98.77
N ALA R 125 6.02 -17.90 -97.96
CA ALA R 125 6.59 -17.66 -96.63
C ALA R 125 5.54 -17.32 -95.57
N LEU R 126 5.93 -17.34 -94.28
CA LEU R 126 5.13 -16.81 -93.18
C LEU R 126 5.92 -15.72 -92.47
N LYS R 127 5.26 -14.58 -92.18
CA LYS R 127 5.93 -13.41 -91.63
C LYS R 127 5.00 -12.76 -90.60
N PRO R 128 5.48 -11.97 -89.62
CA PRO R 128 4.61 -11.40 -88.59
C PRO R 128 3.68 -10.33 -89.14
N LEU R 129 2.41 -10.34 -88.71
CA LEU R 129 1.34 -9.51 -89.27
C LEU R 129 1.57 -8.05 -88.95
N PHE R 130 1.57 -7.73 -87.66
CA PHE R 130 1.44 -6.34 -87.24
C PHE R 130 2.60 -5.48 -87.74
N ASP R 131 3.81 -6.02 -87.71
CA ASP R 131 5.01 -5.31 -88.11
C ASP R 131 5.00 -4.99 -89.60
N ASP R 132 4.33 -5.80 -90.42
CA ASP R 132 4.41 -5.64 -91.88
C ASP R 132 3.28 -4.78 -92.44
N LEU R 133 2.19 -4.61 -91.68
CA LEU R 133 0.97 -3.96 -92.16
C LEU R 133 1.24 -2.50 -92.50
N PRO R 134 0.97 -2.03 -93.75
CA PRO R 134 1.23 -0.66 -94.18
C PRO R 134 0.46 0.45 -93.49
N ALA R 135 0.95 1.67 -93.67
CA ALA R 135 0.46 2.75 -92.84
C ALA R 135 -0.98 3.12 -93.15
N THR R 136 -1.47 2.78 -94.33
CA THR R 136 -2.82 3.18 -94.71
C THR R 136 -3.79 2.00 -94.74
N ALA R 137 -3.47 0.86 -94.11
CA ALA R 137 -4.29 -0.33 -94.30
C ALA R 137 -4.59 -0.99 -92.97
N PHE R 138 -5.70 -1.73 -92.93
CA PHE R 138 -5.97 -2.57 -91.76
C PHE R 138 -6.11 -4.02 -92.14
N GLY R 139 -5.74 -4.90 -91.20
CA GLY R 139 -5.78 -6.33 -91.45
C GLY R 139 -6.84 -6.92 -90.54
N ILE R 140 -7.18 -8.21 -90.70
CA ILE R 140 -8.30 -8.79 -89.99
C ILE R 140 -7.96 -10.19 -89.52
N VAL R 141 -8.32 -10.53 -88.26
CA VAL R 141 -8.02 -11.82 -87.65
C VAL R 141 -9.26 -12.40 -87.00
N VAL R 142 -9.71 -13.58 -87.45
CA VAL R 142 -10.99 -14.13 -87.12
C VAL R 142 -10.82 -14.80 -85.76
N LEU R 143 -11.60 -14.37 -84.79
CA LEU R 143 -11.46 -14.91 -83.46
C LEU R 143 -12.61 -15.86 -83.17
N GLN R 144 -13.84 -15.64 -83.69
CA GLN R 144 -14.91 -16.61 -83.52
C GLN R 144 -15.83 -16.59 -84.73
N ASP R 145 -16.03 -17.76 -85.37
CA ASP R 145 -16.87 -17.88 -86.57
C ASP R 145 -17.30 -19.33 -86.74
N ALA R 146 -18.59 -19.57 -86.55
CA ALA R 146 -19.10 -20.93 -86.48
C ALA R 146 -19.25 -21.52 -87.88
N ASP R 147 -19.55 -20.67 -88.86
CA ASP R 147 -20.05 -21.13 -90.15
C ASP R 147 -19.13 -20.76 -91.31
N THR R 148 -17.85 -20.53 -91.02
CA THR R 148 -16.81 -20.30 -92.00
C THR R 148 -17.16 -19.15 -92.93
N SER R 149 -17.94 -18.19 -92.43
CA SER R 149 -18.41 -17.08 -93.22
C SER R 149 -17.31 -16.12 -93.62
N CYS R 150 -16.28 -15.98 -92.80
CA CYS R 150 -15.12 -15.18 -93.19
C CYS R 150 -14.16 -15.97 -94.09
N SER R 151 -13.92 -15.46 -95.31
CA SER R 151 -12.88 -15.94 -96.20
C SER R 151 -11.99 -14.77 -96.61
N LYS R 152 -10.71 -15.03 -96.91
CA LYS R 152 -9.70 -14.00 -97.09
C LYS R 152 -10.13 -12.98 -98.13
N ASP R 153 -10.76 -13.43 -99.22
CA ASP R 153 -11.20 -12.51 -100.26
C ASP R 153 -12.55 -11.84 -99.97
N THR R 154 -13.35 -12.34 -99.01
CA THR R 154 -14.67 -11.80 -98.68
C THR R 154 -15.02 -11.97 -97.17
N PRO R 155 -14.55 -11.09 -96.28
CA PRO R 155 -14.81 -11.24 -94.87
C PRO R 155 -16.19 -10.75 -94.50
N VAL R 156 -17.19 -11.63 -94.61
CA VAL R 156 -18.54 -11.26 -94.23
C VAL R 156 -18.86 -11.79 -92.84
N ILE R 157 -19.16 -10.91 -91.86
CA ILE R 157 -19.45 -11.36 -90.51
C ILE R 157 -20.95 -11.45 -90.26
N ASN R 158 -21.42 -12.56 -89.65
CA ASN R 158 -22.83 -12.78 -89.37
C ASN R 158 -23.03 -13.07 -87.91
N LYS R 159 -24.29 -13.24 -87.48
CA LYS R 159 -24.61 -13.19 -86.05
C LYS R 159 -23.78 -14.21 -85.29
N GLY R 160 -23.06 -13.73 -84.27
CA GLY R 160 -22.28 -14.63 -83.43
C GLY R 160 -20.77 -14.42 -83.62
N ASP R 161 -20.38 -13.81 -84.73
CA ASP R 161 -18.96 -13.78 -85.05
C ASP R 161 -18.25 -12.70 -84.24
N ILE R 162 -16.93 -12.86 -83.97
CA ILE R 162 -16.09 -11.80 -83.41
C ILE R 162 -14.80 -11.79 -84.22
N VAL R 163 -14.28 -10.57 -84.49
CA VAL R 163 -13.14 -10.43 -85.37
C VAL R 163 -12.35 -9.18 -85.00
N ALA R 164 -11.04 -9.20 -85.23
CA ALA R 164 -10.21 -8.13 -84.69
C ALA R 164 -9.62 -7.37 -85.85
N ILE R 165 -9.84 -6.06 -85.84
CA ILE R 165 -9.32 -5.19 -86.87
C ILE R 165 -7.98 -4.78 -86.30
N CYS R 166 -6.93 -5.01 -87.06
CA CYS R 166 -5.57 -4.80 -86.61
C CYS R 166 -5.00 -3.58 -87.32
N LEU R 167 -4.50 -2.58 -86.56
CA LEU R 167 -3.95 -1.33 -87.09
C LEU R 167 -2.60 -1.06 -86.48
N ASN R 168 -1.62 -0.62 -87.29
CA ASN R 168 -0.28 -0.35 -86.79
C ASN R 168 -0.15 1.13 -86.89
N VAL R 169 0.03 1.79 -85.73
CA VAL R 169 -0.12 3.23 -85.64
C VAL R 169 1.18 3.90 -85.26
N SER R 170 2.28 3.17 -85.32
CA SER R 170 3.52 3.54 -84.67
C SER R 170 4.03 4.88 -85.14
N ASN R 171 3.91 5.14 -86.44
CA ASN R 171 4.40 6.39 -87.00
C ASN R 171 3.30 7.38 -87.37
N THR R 172 2.06 6.89 -87.49
CA THR R 172 0.96 7.65 -88.02
C THR R 172 0.31 8.48 -86.93
N LEU R 173 0.04 7.91 -85.75
CA LEU R 173 -0.55 8.66 -84.63
C LEU R 173 0.34 8.52 -83.40
N ASN R 174 0.49 9.59 -82.60
CA ASN R 174 1.56 9.64 -81.61
C ASN R 174 1.01 9.38 -80.21
N LEU R 175 0.67 8.11 -79.90
CA LEU R 175 -0.11 7.78 -78.74
C LEU R 175 0.75 7.68 -77.49
N LYS R 176 1.19 8.84 -76.99
CA LYS R 176 1.82 8.93 -75.68
C LYS R 176 0.75 8.95 -74.61
N PRO R 177 1.09 8.97 -73.30
CA PRO R 177 0.08 8.92 -72.25
C PRO R 177 -0.88 10.09 -72.29
N ARG R 178 -2.02 9.92 -71.62
CA ARG R 178 -2.96 11.01 -71.44
C ARG R 178 -3.48 11.56 -72.77
N THR R 179 -3.55 10.73 -73.83
CA THR R 179 -3.92 11.19 -75.15
C THR R 179 -5.29 10.66 -75.58
N LYS R 180 -6.17 11.52 -76.09
CA LYS R 180 -7.52 11.11 -76.49
C LYS R 180 -7.50 10.60 -77.92
N VAL R 181 -8.23 9.50 -78.17
CA VAL R 181 -8.30 8.89 -79.48
C VAL R 181 -9.77 8.71 -79.82
N THR R 182 -10.17 9.08 -81.03
CA THR R 182 -11.58 9.13 -81.39
C THR R 182 -11.70 8.52 -82.77
N GLY R 183 -12.83 7.87 -83.08
CA GLY R 183 -12.93 7.33 -84.41
C GLY R 183 -14.16 6.45 -84.63
N ALA R 184 -14.22 5.81 -85.80
CA ALA R 184 -15.34 4.96 -86.14
C ALA R 184 -14.94 3.96 -87.19
N VAL R 185 -15.54 2.77 -87.13
CA VAL R 185 -15.52 1.86 -88.26
C VAL R 185 -16.86 1.98 -88.93
N ILE R 186 -16.84 2.35 -90.22
CA ILE R 186 -18.04 2.74 -90.94
C ILE R 186 -18.32 1.66 -91.97
N PRO R 187 -19.43 0.91 -91.86
CA PRO R 187 -19.78 -0.07 -92.86
C PRO R 187 -20.50 0.51 -94.04
N GLU R 188 -20.74 -0.34 -95.04
CA GLU R 188 -21.30 0.03 -96.32
C GLU R 188 -22.72 0.48 -96.09
N PHE R 189 -23.41 -0.21 -95.19
CA PHE R 189 -24.68 0.26 -94.68
C PHE R 189 -24.80 -0.07 -93.20
N GLY R 190 -25.62 0.69 -92.49
CA GLY R 190 -25.79 0.42 -91.07
C GLY R 190 -24.92 1.34 -90.22
N ALA R 191 -25.10 1.23 -88.89
CA ALA R 191 -24.63 2.27 -88.00
C ALA R 191 -23.16 2.03 -87.66
N PRO R 192 -22.34 3.09 -87.56
CA PRO R 192 -20.93 2.92 -87.25
C PRO R 192 -20.66 2.51 -85.81
N ALA R 193 -19.52 1.82 -85.62
CA ALA R 193 -19.04 1.55 -84.29
C ALA R 193 -18.17 2.72 -83.85
N VAL R 194 -18.27 3.16 -82.59
CA VAL R 194 -17.58 4.36 -82.14
C VAL R 194 -16.43 3.98 -81.21
N ILE R 195 -15.20 4.36 -81.60
CA ILE R 195 -13.99 4.11 -80.86
C ILE R 195 -13.75 5.38 -80.04
N SER R 196 -13.51 5.26 -78.73
CA SER R 196 -13.35 6.45 -77.93
C SER R 196 -12.65 6.11 -76.63
N PHE R 197 -11.40 6.52 -76.49
CA PHE R 197 -10.65 6.17 -75.30
C PHE R 197 -9.56 7.19 -75.03
N THR R 198 -9.14 7.25 -73.77
CA THR R 198 -8.02 8.08 -73.44
C THR R 198 -6.95 7.19 -72.85
N THR R 199 -5.71 7.29 -73.35
CA THR R 199 -4.70 6.34 -72.96
C THR R 199 -4.42 6.59 -71.51
N PRO R 200 -4.01 5.58 -70.72
CA PRO R 200 -3.70 5.73 -69.29
C PRO R 200 -2.73 6.84 -68.92
N ALA R 201 -2.71 7.15 -67.63
CA ALA R 201 -1.81 8.16 -67.11
C ALA R 201 -0.37 7.63 -67.05
N THR R 202 -0.20 6.32 -66.91
CA THR R 202 1.11 5.74 -66.72
C THR R 202 1.20 4.39 -67.41
N TYR R 203 2.28 4.16 -68.14
CA TYR R 203 2.50 2.88 -68.74
C TYR R 203 3.59 2.20 -67.91
N LEU R 204 3.42 0.93 -67.53
CA LEU R 204 4.42 0.22 -66.76
C LEU R 204 5.10 -0.88 -67.57
N ASP R 205 6.42 -1.08 -67.40
CA ASP R 205 7.21 -2.02 -68.20
C ASP R 205 6.85 -3.48 -67.90
N THR R 206 6.13 -3.71 -66.80
CA THR R 206 5.73 -5.06 -66.44
C THR R 206 4.44 -5.47 -67.15
N GLN R 207 3.79 -4.52 -67.85
CA GLN R 207 2.47 -4.76 -68.39
C GLN R 207 2.37 -4.22 -69.82
N HIS R 208 3.00 -4.92 -70.78
CA HIS R 208 3.09 -4.36 -72.11
C HIS R 208 1.78 -4.42 -72.89
N ILE R 209 0.80 -5.25 -72.49
CA ILE R 209 -0.48 -5.21 -73.17
C ILE R 209 -1.53 -4.55 -72.28
N ILE R 210 -2.22 -3.52 -72.83
CA ILE R 210 -3.09 -2.63 -72.09
C ILE R 210 -4.50 -2.74 -72.62
N GLU R 211 -5.49 -2.66 -71.72
CA GLU R 211 -6.89 -2.71 -72.14
C GLU R 211 -7.39 -1.28 -72.17
N LEU R 212 -7.82 -0.80 -73.33
CA LEU R 212 -8.02 0.63 -73.52
C LEU R 212 -9.48 1.00 -73.45
N GLN R 213 -10.37 0.14 -73.93
CA GLN R 213 -11.82 0.35 -73.89
C GLN R 213 -12.49 -1.00 -73.66
N ALA S 1 -72.28 6.61 -127.51
CA ALA S 1 -70.82 6.73 -127.84
C ALA S 1 -70.00 6.91 -126.57
N ILE S 2 -70.44 7.86 -125.72
CA ILE S 2 -69.74 8.24 -124.49
C ILE S 2 -69.68 7.06 -123.54
N GLY S 3 -70.78 6.33 -123.43
CA GLY S 3 -70.94 5.25 -122.48
C GLY S 3 -69.78 4.26 -122.54
N ILE S 4 -69.46 3.85 -123.78
CA ILE S 4 -68.48 2.81 -124.07
C ILE S 4 -67.17 3.12 -123.35
N GLY S 5 -66.65 4.33 -123.57
CA GLY S 5 -65.37 4.66 -123.00
C GLY S 5 -65.36 4.62 -121.47
N THR S 6 -66.48 5.02 -120.85
CA THR S 6 -66.55 5.15 -119.40
C THR S 6 -66.21 3.81 -118.78
N LEU S 7 -66.77 2.76 -119.40
CA LEU S 7 -66.61 1.40 -118.90
C LEU S 7 -65.14 1.05 -118.95
N ILE S 8 -64.50 1.31 -120.09
CA ILE S 8 -63.13 0.90 -120.32
C ILE S 8 -62.24 1.55 -119.28
N ILE S 9 -62.32 2.86 -119.08
CA ILE S 9 -61.35 3.45 -118.17
C ILE S 9 -61.63 3.01 -116.73
N PHE S 10 -62.89 2.67 -116.43
CA PHE S 10 -63.24 2.18 -115.10
C PHE S 10 -62.37 0.97 -114.80
N ILE S 11 -62.26 0.05 -115.77
CA ILE S 11 -61.46 -1.17 -115.60
C ILE S 11 -60.05 -0.80 -115.18
N ALA S 12 -59.48 0.22 -115.81
CA ALA S 12 -58.11 0.57 -115.50
C ALA S 12 -58.01 1.05 -114.06
N MET S 13 -58.97 1.88 -113.61
CA MET S 13 -58.93 2.43 -112.26
C MET S 13 -58.80 1.29 -111.25
N VAL S 14 -59.56 0.21 -111.49
CA VAL S 14 -59.66 -0.94 -110.60
C VAL S 14 -58.28 -1.57 -110.50
N LEU S 15 -57.71 -1.88 -111.66
CA LEU S 15 -56.48 -2.61 -111.73
C LEU S 15 -55.37 -1.79 -111.07
N VAL S 16 -55.34 -0.48 -111.28
CA VAL S 16 -54.26 0.35 -110.77
C VAL S 16 -54.34 0.40 -109.24
N ALA S 17 -55.55 0.49 -108.68
CA ALA S 17 -55.72 0.48 -107.24
C ALA S 17 -55.27 -0.87 -106.68
N ALA S 18 -55.57 -1.94 -107.42
CA ALA S 18 -55.23 -3.29 -107.01
C ALA S 18 -53.71 -3.41 -106.91
N VAL S 19 -53.01 -2.95 -107.94
CA VAL S 19 -51.55 -3.03 -108.00
C VAL S 19 -50.95 -2.27 -106.83
N ALA S 20 -51.50 -1.12 -106.50
CA ALA S 20 -50.97 -0.32 -105.41
C ALA S 20 -51.21 -1.02 -104.08
N ALA S 21 -52.36 -1.65 -103.95
CA ALA S 21 -52.69 -2.33 -102.71
C ALA S 21 -51.67 -3.44 -102.48
N ALA S 22 -51.35 -4.17 -103.55
CA ALA S 22 -50.41 -5.28 -103.49
C ALA S 22 -49.12 -4.82 -102.83
N VAL S 23 -48.61 -3.65 -103.22
CA VAL S 23 -47.38 -3.12 -102.67
C VAL S 23 -47.51 -3.03 -101.16
N LEU S 24 -48.61 -2.45 -100.69
CA LEU S 24 -48.75 -2.11 -99.30
C LEU S 24 -48.82 -3.40 -98.49
N ILE S 25 -49.62 -4.36 -98.98
CA ILE S 25 -49.86 -5.65 -98.31
C ILE S 25 -48.53 -6.37 -98.20
N ASN S 26 -47.87 -6.56 -99.35
CA ASN S 26 -46.60 -7.26 -99.46
C ASN S 26 -45.56 -6.67 -98.49
N THR S 27 -45.40 -5.35 -98.59
CA THR S 27 -44.39 -4.64 -97.83
C THR S 27 -44.61 -4.88 -96.35
N SER S 28 -45.88 -4.88 -95.93
CA SER S 28 -46.23 -5.06 -94.53
C SER S 28 -45.73 -6.44 -94.10
N GLY S 29 -45.97 -7.43 -94.97
CA GLY S 29 -45.47 -8.78 -94.79
C GLY S 29 -43.95 -8.81 -94.61
N PHE S 30 -43.22 -8.14 -95.51
CA PHE S 30 -41.77 -8.14 -95.50
C PHE S 30 -41.24 -7.58 -94.18
N LEU S 31 -41.94 -6.61 -93.62
CA LEU S 31 -41.48 -5.93 -92.43
C LEU S 31 -41.82 -6.78 -91.22
N GLN S 32 -42.93 -7.54 -91.29
CA GLN S 32 -43.43 -8.25 -90.12
C GLN S 32 -42.31 -9.14 -89.56
N GLN S 33 -41.64 -9.84 -90.48
CA GLN S 33 -40.56 -10.76 -90.17
C GLN S 33 -39.51 -10.07 -89.32
N LYS S 34 -38.91 -9.01 -89.87
CA LYS S 34 -37.74 -8.37 -89.29
C LYS S 34 -38.12 -7.69 -87.98
N ALA S 35 -39.34 -7.18 -87.92
CA ALA S 35 -39.79 -6.48 -86.73
C ALA S 35 -39.68 -7.45 -85.56
N MET S 36 -40.30 -8.62 -85.72
CA MET S 36 -40.33 -9.58 -84.63
C MET S 36 -38.91 -9.99 -84.28
N ALA S 37 -38.15 -10.38 -85.30
CA ALA S 37 -36.81 -10.92 -85.15
C ALA S 37 -35.98 -10.00 -84.27
N THR S 38 -36.07 -8.70 -84.52
CA THR S 38 -35.21 -7.73 -83.87
C THR S 38 -35.49 -7.74 -82.38
N GLY S 39 -36.77 -7.80 -82.02
CA GLY S 39 -37.17 -7.71 -80.64
C GLY S 39 -36.69 -8.93 -79.85
N LYS S 40 -36.92 -10.11 -80.41
CA LYS S 40 -36.57 -11.35 -79.75
C LYS S 40 -35.08 -11.37 -79.51
N GLU S 41 -34.31 -11.16 -80.58
CA GLU S 41 -32.86 -11.17 -80.53
C GLU S 41 -32.35 -10.20 -79.46
N SER S 42 -32.90 -9.00 -79.43
CA SER S 42 -32.38 -7.97 -78.56
C SER S 42 -32.62 -8.35 -77.10
N THR S 43 -33.74 -9.01 -76.83
CA THR S 43 -34.10 -9.36 -75.47
C THR S 43 -33.14 -10.44 -75.00
N GLU S 44 -32.93 -11.47 -75.84
CA GLU S 44 -32.08 -12.59 -75.47
C GLU S 44 -30.68 -12.10 -75.14
N GLN S 45 -30.23 -11.06 -75.84
CA GLN S 45 -28.91 -10.45 -75.62
C GLN S 45 -28.85 -9.81 -74.24
N VAL S 46 -29.85 -9.03 -73.86
CA VAL S 46 -29.70 -8.27 -72.64
C VAL S 46 -29.87 -9.17 -71.43
N ALA S 47 -30.62 -10.26 -71.57
CA ALA S 47 -31.03 -11.10 -70.45
C ALA S 47 -29.99 -12.16 -70.13
N SER S 48 -29.24 -12.62 -71.12
CA SER S 48 -28.37 -13.77 -70.94
C SER S 48 -26.95 -13.36 -70.57
N GLY S 49 -26.21 -14.29 -69.96
CA GLY S 49 -24.87 -14.03 -69.46
C GLY S 49 -24.34 -15.17 -68.60
N LEU S 50 -23.06 -15.06 -68.18
CA LEU S 50 -22.45 -16.02 -67.27
C LEU S 50 -21.75 -15.23 -66.17
N LEU S 51 -21.50 -15.90 -65.03
CA LEU S 51 -20.99 -15.23 -63.85
C LEU S 51 -19.96 -16.12 -63.17
N CYS S 52 -18.81 -15.51 -62.83
CA CYS S 52 -17.65 -16.16 -62.25
C CYS S 52 -17.86 -16.34 -60.77
N SER S 53 -17.50 -17.52 -60.29
CA SER S 53 -17.93 -17.92 -58.96
C SER S 53 -16.70 -18.02 -58.10
N GLY S 54 -15.57 -18.36 -58.71
CA GLY S 54 -14.35 -18.64 -57.96
C GLY S 54 -13.25 -19.01 -58.94
N VAL S 55 -11.98 -18.81 -58.52
CA VAL S 55 -10.87 -19.36 -59.26
C VAL S 55 -9.92 -20.01 -58.27
N THR S 56 -9.34 -21.17 -58.63
CA THR S 56 -8.33 -21.81 -57.80
C THR S 56 -7.17 -22.36 -58.63
N GLY S 57 -6.01 -22.63 -57.98
CA GLY S 57 -4.82 -22.86 -58.79
C GLY S 57 -3.73 -23.70 -58.10
N HIS S 58 -2.80 -24.33 -58.85
CA HIS S 58 -1.88 -25.31 -58.29
C HIS S 58 -0.44 -24.80 -58.44
N TYR S 59 0.32 -24.83 -57.34
CA TYR S 59 1.66 -24.25 -57.32
C TYR S 59 2.70 -25.35 -57.34
N VAL S 60 3.62 -25.34 -58.31
CA VAL S 60 4.74 -26.27 -58.32
C VAL S 60 5.92 -25.59 -57.67
N LYS S 61 6.61 -26.29 -56.75
CA LYS S 61 7.61 -25.66 -55.90
C LYS S 61 8.71 -25.02 -56.75
N ASN S 62 9.08 -23.82 -56.37
CA ASN S 62 10.19 -23.10 -56.98
C ASN S 62 9.87 -22.74 -58.43
N LYS S 63 8.61 -22.90 -58.87
CA LYS S 63 8.27 -22.61 -60.26
C LYS S 63 7.17 -21.56 -60.39
N GLY S 64 6.02 -21.75 -59.72
CA GLY S 64 4.88 -20.86 -59.87
C GLY S 64 3.59 -21.59 -60.20
N ILE S 65 2.53 -20.85 -60.55
CA ILE S 65 1.23 -21.46 -60.72
C ILE S 65 1.19 -22.12 -62.09
N ASP S 66 0.82 -23.39 -62.12
CA ASP S 66 1.00 -24.23 -63.28
C ASP S 66 -0.30 -24.34 -64.04
N ARG S 67 -1.42 -24.47 -63.31
CA ARG S 67 -2.77 -24.68 -63.85
C ARG S 67 -3.80 -23.92 -62.99
N ILE S 68 -4.97 -23.60 -63.58
CA ILE S 68 -6.05 -22.89 -62.91
C ILE S 68 -7.41 -23.46 -63.28
N VAL S 69 -8.39 -23.43 -62.32
CA VAL S 69 -9.75 -23.89 -62.56
C VAL S 69 -10.75 -22.81 -62.20
N ILE S 70 -11.59 -22.44 -63.17
CA ILE S 70 -12.46 -21.27 -63.08
C ILE S 70 -13.87 -21.80 -62.99
N TYR S 71 -14.62 -21.41 -61.97
CA TYR S 71 -15.95 -21.94 -61.77
C TYR S 71 -16.93 -20.94 -62.33
N ILE S 72 -17.91 -21.44 -63.11
CA ILE S 72 -18.78 -20.57 -63.88
C ILE S 72 -20.21 -21.05 -63.78
N THR S 73 -21.17 -20.10 -63.81
CA THR S 73 -22.59 -20.33 -63.56
C THR S 73 -23.39 -19.33 -64.37
N PRO S 74 -24.65 -19.59 -64.75
CA PRO S 74 -25.40 -18.63 -65.56
C PRO S 74 -26.12 -17.64 -64.68
N ASN S 75 -26.42 -16.44 -65.20
CA ASN S 75 -27.10 -15.43 -64.39
C ASN S 75 -28.58 -15.74 -64.29
N ALA S 76 -29.25 -15.22 -63.25
CA ALA S 76 -30.68 -15.45 -63.12
C ALA S 76 -31.40 -15.11 -64.42
N GLY S 77 -32.25 -16.02 -64.91
CA GLY S 77 -33.14 -15.70 -66.00
C GLY S 77 -32.49 -15.85 -67.38
N SER S 78 -31.19 -16.12 -67.42
CA SER S 78 -30.49 -16.24 -68.69
C SER S 78 -30.97 -17.43 -69.51
N ALA S 79 -30.98 -17.27 -70.82
CA ALA S 79 -31.42 -18.33 -71.70
C ALA S 79 -30.22 -19.25 -71.79
N PRO S 80 -30.34 -20.50 -72.28
CA PRO S 80 -29.24 -21.45 -72.18
C PRO S 80 -28.04 -21.08 -73.04
N ILE S 81 -26.82 -21.30 -72.52
CA ILE S 81 -25.60 -20.87 -73.18
C ILE S 81 -24.83 -22.09 -73.68
N ASP S 82 -24.46 -22.01 -74.96
CA ASP S 82 -23.91 -23.12 -75.74
C ASP S 82 -22.43 -23.09 -75.53
N LEU S 83 -21.98 -23.80 -74.51
CA LEU S 83 -20.67 -23.51 -73.95
C LEU S 83 -19.61 -23.73 -75.01
N LYS S 84 -19.88 -24.57 -76.02
CA LYS S 84 -18.82 -25.07 -76.89
C LYS S 84 -18.51 -24.05 -77.94
N GLN S 85 -19.25 -22.96 -77.98
CA GLN S 85 -18.93 -21.90 -78.91
C GLN S 85 -18.28 -20.72 -78.18
N CYS S 86 -18.14 -20.75 -76.86
CA CYS S 86 -17.66 -19.58 -76.13
C CYS S 86 -16.15 -19.53 -76.16
N LYS S 87 -15.54 -18.34 -76.18
CA LYS S 87 -14.09 -18.20 -76.23
C LYS S 87 -13.59 -17.46 -75.00
N LEU S 88 -12.42 -17.82 -74.46
CA LEU S 88 -11.91 -17.25 -73.22
C LEU S 88 -10.65 -16.50 -73.53
N PHE S 89 -10.65 -15.19 -73.21
CA PHE S 89 -9.52 -14.30 -73.48
C PHE S 89 -8.84 -14.01 -72.15
N LEU S 90 -7.52 -14.13 -72.11
CA LEU S 90 -6.78 -13.87 -70.89
C LEU S 90 -5.56 -13.02 -71.25
N MET S 91 -5.24 -12.05 -70.39
CA MET S 91 -4.11 -11.15 -70.52
C MET S 91 -3.21 -11.30 -69.30
N TYR S 92 -1.90 -11.16 -69.54
CA TYR S 92 -0.87 -11.28 -68.51
C TYR S 92 0.34 -10.46 -68.96
N ASP S 93 1.53 -10.79 -68.51
CA ASP S 93 2.60 -9.80 -68.53
C ASP S 93 3.10 -9.55 -69.94
N GLY S 94 2.77 -10.39 -70.88
CA GLY S 94 3.30 -10.11 -72.19
C GLY S 94 2.51 -10.70 -73.37
N LYS S 95 1.37 -11.30 -73.08
CA LYS S 95 0.69 -12.17 -74.00
C LYS S 95 -0.79 -11.99 -73.77
N ALA S 96 -1.58 -12.11 -74.85
CA ALA S 96 -3.02 -12.05 -74.76
C ALA S 96 -3.55 -13.17 -75.64
N VAL S 97 -4.13 -14.18 -75.00
CA VAL S 97 -4.33 -15.48 -75.60
C VAL S 97 -5.81 -15.75 -75.65
N SER S 98 -6.28 -16.35 -76.76
CA SER S 98 -7.66 -16.81 -76.83
C SER S 98 -7.65 -18.35 -76.82
N LEU S 99 -8.52 -18.99 -76.03
CA LEU S 99 -8.61 -20.45 -75.95
C LEU S 99 -9.99 -20.96 -76.41
N ASN S 100 -10.09 -22.11 -77.13
CA ASN S 100 -11.36 -22.62 -77.63
C ASN S 100 -11.73 -23.94 -77.00
N PHE S 101 -13.03 -24.26 -76.84
CA PHE S 101 -13.49 -25.51 -76.22
C PHE S 101 -12.91 -26.71 -76.90
N SER S 102 -12.70 -27.79 -76.14
CA SER S 102 -12.18 -29.02 -76.71
C SER S 102 -12.79 -30.15 -75.90
N LYS S 103 -13.00 -31.30 -76.55
CA LYS S 103 -13.70 -32.37 -75.86
C LYS S 103 -12.77 -33.00 -74.82
N TYR S 104 -13.37 -33.34 -73.66
CA TYR S 104 -12.82 -34.18 -72.61
C TYR S 104 -12.56 -35.54 -73.26
N ASP S 105 -11.96 -36.52 -72.57
CA ASP S 105 -11.74 -37.80 -73.23
C ASP S 105 -13.06 -38.46 -73.66
N THR S 106 -13.23 -38.64 -74.98
CA THR S 106 -14.24 -39.48 -75.62
C THR S 106 -15.66 -38.94 -75.46
N ASN S 107 -15.85 -37.94 -74.62
CA ASN S 107 -17.17 -37.47 -74.22
C ASN S 107 -17.16 -35.94 -74.12
N THR S 108 -18.32 -35.29 -74.23
CA THR S 108 -18.27 -33.86 -74.47
C THR S 108 -17.77 -33.10 -73.24
N VAL S 109 -18.07 -33.58 -72.04
CA VAL S 109 -17.83 -32.85 -70.80
C VAL S 109 -17.56 -33.92 -69.75
N GLY S 110 -16.52 -33.72 -68.93
CA GLY S 110 -16.16 -34.75 -67.96
C GLY S 110 -17.21 -34.90 -66.86
N ASP S 111 -17.83 -36.09 -66.73
CA ASP S 111 -18.95 -36.26 -65.81
C ASP S 111 -18.50 -36.56 -64.39
N PHE S 112 -18.42 -35.51 -63.60
CA PHE S 112 -18.12 -35.66 -62.19
C PHE S 112 -19.28 -35.08 -61.40
N THR S 113 -20.51 -35.38 -61.83
CA THR S 113 -21.70 -34.97 -61.10
C THR S 113 -21.72 -35.60 -59.72
N ASN S 114 -20.99 -36.70 -59.50
CA ASN S 114 -20.96 -37.37 -58.21
C ASN S 114 -19.60 -37.29 -57.52
N GLY S 115 -18.84 -36.21 -57.72
CA GLY S 115 -17.74 -35.89 -56.80
C GLY S 115 -16.36 -36.29 -57.31
N ILE S 116 -15.30 -35.60 -56.82
CA ILE S 116 -13.94 -35.79 -57.28
C ILE S 116 -13.07 -35.86 -56.05
N LYS S 117 -12.14 -36.82 -56.01
CA LYS S 117 -11.23 -37.00 -54.90
C LYS S 117 -10.31 -35.79 -54.80
N ASP S 118 -9.79 -35.33 -55.95
CA ASP S 118 -8.94 -34.14 -56.03
C ASP S 118 -8.95 -33.60 -57.45
N ILE S 119 -9.34 -32.33 -57.65
CA ILE S 119 -9.58 -31.77 -58.97
C ILE S 119 -8.28 -31.66 -59.72
N PHE S 120 -7.14 -31.77 -59.03
CA PHE S 120 -5.88 -31.58 -59.72
C PHE S 120 -5.09 -32.88 -59.87
N ASN S 121 -5.55 -34.00 -59.31
CA ASN S 121 -4.82 -35.25 -59.47
C ASN S 121 -4.98 -35.72 -60.90
N THR S 122 -3.84 -35.97 -61.57
CA THR S 122 -3.79 -36.18 -63.01
C THR S 122 -4.56 -37.42 -63.45
N THR S 123 -4.41 -38.53 -62.72
CA THR S 123 -4.97 -39.80 -63.17
C THR S 123 -6.47 -39.83 -63.04
N VAL S 124 -7.01 -39.13 -62.05
CA VAL S 124 -8.45 -39.07 -61.84
C VAL S 124 -9.05 -38.18 -62.92
N VAL S 125 -8.43 -37.01 -63.19
CA VAL S 125 -9.15 -35.91 -63.81
C VAL S 125 -8.93 -35.83 -65.32
N LYS S 126 -7.80 -36.31 -65.84
CA LYS S 126 -7.59 -36.21 -67.27
C LYS S 126 -7.42 -34.77 -67.77
N TRP S 127 -6.30 -34.14 -67.40
CA TRP S 127 -5.93 -32.80 -67.81
C TRP S 127 -5.36 -32.78 -69.21
N ASN S 128 -5.09 -33.93 -69.83
CA ASN S 128 -4.18 -33.98 -70.98
C ASN S 128 -4.61 -33.17 -72.19
N ASN S 129 -5.91 -32.99 -72.43
CA ASN S 129 -6.39 -32.24 -73.59
C ASN S 129 -6.34 -30.74 -73.37
N ALA S 130 -5.81 -30.26 -72.24
CA ALA S 130 -5.66 -28.81 -72.06
C ALA S 130 -4.38 -28.35 -72.75
N ASP S 131 -4.43 -28.20 -74.08
CA ASP S 131 -3.31 -27.80 -74.93
C ASP S 131 -3.09 -26.31 -74.75
N ALA S 132 -2.12 -25.75 -75.47
CA ALA S 132 -1.75 -24.37 -75.19
C ALA S 132 -2.80 -23.46 -75.80
N THR S 133 -3.74 -24.02 -76.58
CA THR S 133 -4.76 -23.22 -77.23
C THR S 133 -6.19 -23.66 -76.93
N SER S 134 -6.46 -24.53 -75.94
CA SER S 134 -7.84 -24.88 -75.60
C SER S 134 -8.12 -25.07 -74.12
N PHE S 135 -9.42 -25.11 -73.77
CA PHE S 135 -9.84 -25.52 -72.44
C PHE S 135 -10.75 -26.74 -72.48
N VAL S 136 -10.99 -27.35 -71.29
CA VAL S 136 -11.95 -28.43 -71.17
C VAL S 136 -12.86 -28.13 -70.00
N VAL S 137 -14.04 -28.75 -69.95
CA VAL S 137 -15.09 -28.42 -69.01
C VAL S 137 -15.42 -29.67 -68.20
N VAL S 138 -15.58 -29.52 -66.89
CA VAL S 138 -15.88 -30.59 -65.96
C VAL S 138 -17.19 -30.22 -65.32
N ALA S 139 -18.18 -31.12 -65.33
CA ALA S 139 -19.54 -30.79 -64.92
C ALA S 139 -19.71 -31.17 -63.46
N LEU S 140 -20.05 -30.16 -62.64
CA LEU S 140 -20.09 -30.35 -61.22
C LEU S 140 -21.52 -30.45 -60.69
N GLN S 141 -22.49 -29.71 -61.25
CA GLN S 141 -23.89 -29.92 -60.87
C GLN S 141 -24.79 -29.63 -62.07
N ASP S 142 -25.67 -30.60 -62.41
CA ASP S 142 -26.54 -30.53 -63.58
C ASP S 142 -27.61 -31.61 -63.46
N ASP S 143 -28.84 -31.18 -63.11
CA ASP S 143 -29.96 -32.07 -62.85
C ASP S 143 -30.46 -32.68 -64.15
N ASP S 144 -30.65 -31.81 -65.14
CA ASP S 144 -31.34 -32.09 -66.38
C ASP S 144 -30.44 -32.71 -67.45
N LYS S 145 -29.20 -33.04 -67.12
CA LYS S 145 -28.25 -33.61 -68.06
C LYS S 145 -27.91 -32.72 -69.27
N SER S 146 -28.05 -31.39 -69.16
CA SER S 146 -27.73 -30.55 -70.30
C SER S 146 -26.24 -30.41 -70.54
N LEU S 147 -25.47 -30.28 -69.46
CA LEU S 147 -24.03 -30.17 -69.65
C LEU S 147 -23.58 -31.46 -70.30
N LEU S 148 -24.12 -32.60 -69.84
CA LEU S 148 -23.55 -33.90 -70.10
C LEU S 148 -23.77 -34.30 -71.56
N THR S 149 -24.54 -33.51 -72.28
CA THR S 149 -25.05 -33.93 -73.56
C THR S 149 -25.14 -32.70 -74.45
N ASN S 150 -24.10 -32.46 -75.27
CA ASN S 150 -24.08 -31.28 -76.13
C ASN S 150 -23.80 -29.96 -75.40
N ALA S 151 -23.39 -30.01 -74.13
CA ALA S 151 -22.64 -28.95 -73.47
C ALA S 151 -23.41 -27.65 -73.34
N VAL S 152 -24.67 -27.71 -72.90
CA VAL S 152 -25.43 -26.48 -72.75
C VAL S 152 -25.67 -26.19 -71.27
N ILE S 153 -25.23 -25.00 -70.81
CA ILE S 153 -25.48 -24.56 -69.45
C ILE S 153 -26.91 -24.03 -69.41
N ASN S 154 -27.70 -24.46 -68.40
CA ASN S 154 -28.99 -23.84 -68.09
C ASN S 154 -29.13 -23.63 -66.60
N LYS S 155 -30.32 -23.20 -66.15
CA LYS S 155 -30.49 -22.63 -64.81
C LYS S 155 -30.03 -23.60 -63.74
N GLY S 156 -29.16 -23.14 -62.83
CA GLY S 156 -28.83 -23.97 -61.70
C GLY S 156 -27.61 -24.86 -61.94
N ASP S 157 -27.09 -24.89 -63.17
CA ASP S 157 -25.89 -25.67 -63.43
C ASP S 157 -24.66 -24.97 -62.86
N LEU S 158 -23.60 -25.72 -62.49
CA LEU S 158 -22.29 -25.17 -62.10
C LEU S 158 -21.22 -26.01 -62.74
N ALA S 159 -20.21 -25.38 -63.38
CA ALA S 159 -19.28 -26.10 -64.21
C ALA S 159 -17.92 -25.47 -64.08
N GLY S 160 -16.91 -26.24 -64.38
CA GLY S 160 -15.58 -25.73 -64.08
C GLY S 160 -14.73 -25.82 -65.32
N VAL S 161 -14.04 -24.73 -65.64
CA VAL S 161 -13.25 -24.66 -66.85
C VAL S 161 -11.81 -24.88 -66.44
N LEU S 162 -11.11 -25.81 -67.08
CA LEU S 162 -9.72 -26.06 -66.74
C LEU S 162 -8.79 -25.38 -67.75
N VAL S 163 -7.79 -24.57 -67.30
CA VAL S 163 -6.79 -24.00 -68.20
C VAL S 163 -5.36 -24.24 -67.79
N ASN S 164 -4.50 -24.74 -68.71
CA ASN S 164 -3.11 -25.13 -68.45
C ASN S 164 -2.27 -23.89 -68.67
N VAL S 165 -2.27 -23.04 -67.64
CA VAL S 165 -1.84 -21.68 -67.84
C VAL S 165 -0.40 -21.69 -68.24
N SER S 166 0.39 -22.60 -67.69
CA SER S 166 1.82 -22.52 -67.89
C SER S 166 2.15 -22.81 -69.35
N ALA S 167 1.24 -23.52 -70.00
CA ALA S 167 1.41 -23.85 -71.41
C ALA S 167 0.83 -22.75 -72.28
N ALA S 168 -0.25 -22.12 -71.80
CA ALA S 168 -0.93 -21.08 -72.53
C ALA S 168 -0.05 -19.81 -72.61
N PHE S 169 0.47 -19.36 -71.48
CA PHE S 169 1.27 -18.16 -71.48
C PHE S 169 2.73 -18.53 -71.68
N GLY S 170 3.05 -19.81 -71.71
CA GLY S 170 4.43 -20.20 -71.99
C GLY S 170 5.35 -20.14 -70.78
N LYS S 171 4.88 -19.57 -69.65
CA LYS S 171 5.63 -19.66 -68.40
C LYS S 171 4.69 -19.73 -67.20
N HIS S 172 5.22 -20.13 -66.04
CA HIS S 172 4.42 -20.16 -64.83
C HIS S 172 4.16 -18.74 -64.30
N VAL S 173 2.94 -18.40 -63.83
CA VAL S 173 2.75 -17.04 -63.35
C VAL S 173 3.32 -16.90 -61.95
N GLY S 174 4.04 -15.81 -61.72
CA GLY S 174 4.80 -15.62 -60.49
C GLY S 174 3.97 -14.93 -59.42
N THR S 175 4.63 -14.50 -58.35
CA THR S 175 3.95 -13.82 -57.27
C THR S 175 3.76 -12.36 -57.65
N ARG S 176 2.77 -11.68 -57.06
CA ARG S 176 2.54 -10.26 -57.25
C ARG S 176 2.22 -9.90 -58.69
N GLU S 177 1.63 -10.81 -59.48
CA GLU S 177 1.32 -10.53 -60.87
C GLU S 177 -0.19 -10.56 -61.08
N ARG S 178 -0.74 -9.69 -61.97
CA ARG S 178 -2.16 -9.80 -62.26
C ARG S 178 -2.47 -10.51 -63.56
N VAL S 179 -3.67 -11.13 -63.59
CA VAL S 179 -4.20 -11.74 -64.79
C VAL S 179 -5.65 -11.37 -64.93
N SER S 180 -6.05 -10.95 -66.15
CA SER S 180 -7.42 -10.54 -66.30
C SER S 180 -7.95 -10.99 -67.64
N GLY S 181 -9.28 -11.21 -67.70
CA GLY S 181 -9.87 -11.66 -68.94
C GLY S 181 -11.38 -11.68 -68.89
N TYR S 182 -11.95 -12.35 -69.89
CA TYR S 182 -13.36 -12.50 -70.01
C TYR S 182 -13.64 -13.82 -70.71
N LEU S 183 -14.72 -14.51 -70.29
CA LEU S 183 -15.23 -15.64 -71.04
C LEU S 183 -16.45 -15.14 -71.77
N GLN S 184 -16.39 -15.11 -73.11
CA GLN S 184 -17.34 -14.34 -73.88
C GLN S 184 -18.24 -15.33 -74.57
N PRO S 185 -19.54 -15.41 -74.25
CA PRO S 185 -20.41 -16.31 -74.98
C PRO S 185 -20.83 -15.74 -76.32
N GLU S 186 -21.47 -16.59 -77.11
CA GLU S 186 -21.92 -16.31 -78.45
C GLU S 186 -22.91 -15.18 -78.43
N PHE S 187 -23.80 -15.16 -77.45
CA PHE S 187 -24.62 -14.01 -77.19
C PHE S 187 -24.74 -13.80 -75.69
N GLY S 188 -24.81 -12.54 -75.26
CA GLY S 188 -24.99 -12.25 -73.84
C GLY S 188 -23.70 -11.77 -73.18
N ALA S 189 -23.81 -11.46 -71.89
CA ALA S 189 -22.78 -10.69 -71.21
C ALA S 189 -21.63 -11.60 -70.82
N PRO S 190 -20.37 -11.13 -70.85
CA PRO S 190 -19.25 -11.99 -70.56
C PRO S 190 -18.92 -12.07 -69.08
N ALA S 191 -18.37 -13.20 -68.68
CA ALA S 191 -17.99 -13.36 -67.29
C ALA S 191 -16.60 -12.75 -67.13
N VAL S 192 -16.44 -11.73 -66.26
CA VAL S 192 -15.15 -11.07 -66.03
C VAL S 192 -14.31 -11.93 -65.11
N ILE S 193 -13.00 -12.05 -65.39
CA ILE S 193 -12.07 -12.70 -64.50
C ILE S 193 -10.97 -11.68 -64.18
N GLU S 194 -10.56 -11.62 -62.92
CA GLU S 194 -9.54 -10.66 -62.53
C GLU S 194 -8.99 -11.12 -61.18
N PHE S 195 -7.67 -11.36 -61.13
CA PHE S 195 -7.03 -11.55 -59.85
C PHE S 195 -5.54 -11.27 -59.89
N THR S 196 -5.02 -10.95 -58.70
CA THR S 196 -3.60 -10.72 -58.52
C THR S 196 -3.07 -11.85 -57.66
N THR S 197 -2.01 -12.53 -58.12
CA THR S 197 -1.50 -13.68 -57.41
C THR S 197 -0.93 -13.12 -56.14
N PRO S 198 -1.02 -13.81 -54.98
CA PRO S 198 -0.55 -13.24 -53.73
C PRO S 198 0.96 -13.08 -53.70
N ALA S 199 1.41 -12.46 -52.61
CA ALA S 199 2.81 -12.12 -52.41
C ALA S 199 3.65 -13.35 -52.07
N ALA S 200 3.04 -14.35 -51.44
CA ALA S 200 3.82 -15.45 -50.93
C ALA S 200 3.05 -16.75 -51.19
N PHE S 201 3.57 -17.53 -52.12
CA PHE S 201 2.99 -18.83 -52.30
C PHE S 201 3.43 -19.64 -51.10
N THR S 202 2.50 -20.37 -50.45
CA THR S 202 2.88 -21.15 -49.26
C THR S 202 2.14 -22.48 -49.08
N SER S 203 1.31 -22.89 -50.04
CA SER S 203 0.58 -24.15 -50.01
C SER S 203 0.31 -24.56 -51.45
N ASP S 204 -0.06 -25.81 -51.69
CA ASP S 204 -0.13 -26.28 -53.06
C ASP S 204 -1.37 -25.72 -53.76
N VAL S 205 -2.54 -25.67 -53.09
CA VAL S 205 -3.70 -25.20 -53.80
C VAL S 205 -4.18 -23.87 -53.22
N ILE S 206 -4.24 -22.80 -54.06
CA ILE S 206 -4.42 -21.43 -53.60
C ILE S 206 -5.69 -20.80 -54.10
N GLU S 207 -6.34 -20.01 -53.24
CA GLU S 207 -7.71 -19.62 -53.46
C GLU S 207 -7.74 -18.22 -54.07
N LEU S 208 -7.44 -18.14 -55.36
CA LEU S 208 -7.22 -16.87 -56.01
C LEU S 208 -8.49 -16.01 -56.01
N GLN S 209 -9.67 -16.65 -56.13
CA GLN S 209 -10.99 -16.08 -55.88
C GLN S 209 -11.19 -14.67 -56.49
N ALA T 1 -65.24 6.00 -112.86
CA ALA T 1 -65.52 6.89 -111.69
C ALA T 1 -64.44 6.75 -110.61
N ILE T 2 -64.07 7.86 -109.99
CA ILE T 2 -62.96 7.93 -109.05
C ILE T 2 -63.27 7.13 -107.77
N GLY T 3 -64.55 7.04 -107.44
CA GLY T 3 -64.96 6.47 -106.16
C GLY T 3 -64.47 5.04 -106.00
N ILE T 4 -64.48 4.32 -107.12
CA ILE T 4 -64.23 2.89 -107.14
C ILE T 4 -62.87 2.61 -106.50
N GLY T 5 -61.84 3.32 -106.96
CA GLY T 5 -60.52 3.10 -106.43
C GLY T 5 -60.38 3.49 -104.97
N THR T 6 -61.08 4.57 -104.57
CA THR T 6 -60.96 5.12 -103.23
C THR T 6 -61.38 4.07 -102.23
N LEU T 7 -62.45 3.34 -102.57
CA LEU T 7 -62.97 2.25 -101.76
C LEU T 7 -61.89 1.17 -101.63
N ILE T 8 -61.38 0.68 -102.77
CA ILE T 8 -60.47 -0.45 -102.83
C ILE T 8 -59.21 -0.14 -102.03
N ILE T 9 -58.64 1.06 -102.17
CA ILE T 9 -57.41 1.34 -101.47
C ILE T 9 -57.64 1.47 -99.96
N PHE T 10 -58.85 1.86 -99.53
CA PHE T 10 -59.19 1.92 -98.12
C PHE T 10 -59.08 0.54 -97.50
N ILE T 11 -59.59 -0.47 -98.22
CA ILE T 11 -59.57 -1.86 -97.78
C ILE T 11 -58.13 -2.24 -97.47
N ALA T 12 -57.22 -1.89 -98.37
CA ALA T 12 -55.81 -2.20 -98.20
C ALA T 12 -55.28 -1.49 -96.95
N MET T 13 -55.61 -0.20 -96.81
CA MET T 13 -54.99 0.64 -95.80
C MET T 13 -55.32 0.08 -94.40
N VAL T 14 -56.58 -0.35 -94.23
CA VAL T 14 -57.08 -0.94 -92.99
C VAL T 14 -56.23 -2.15 -92.69
N LEU T 15 -56.11 -3.04 -93.69
CA LEU T 15 -55.47 -4.33 -93.49
C LEU T 15 -54.03 -4.12 -93.07
N VAL T 16 -53.33 -3.17 -93.69
CA VAL T 16 -51.93 -2.95 -93.38
C VAL T 16 -51.82 -2.48 -91.94
N ALA T 17 -52.69 -1.55 -91.56
CA ALA T 17 -52.64 -0.99 -90.22
C ALA T 17 -52.92 -2.08 -89.18
N ALA T 18 -53.70 -3.09 -89.57
CA ALA T 18 -53.99 -4.19 -88.68
C ALA T 18 -52.70 -4.97 -88.44
N VAL T 19 -52.03 -5.33 -89.53
CA VAL T 19 -50.81 -6.13 -89.45
C VAL T 19 -49.77 -5.41 -88.60
N ALA T 20 -49.65 -4.11 -88.79
CA ALA T 20 -48.69 -3.32 -88.05
C ALA T 20 -49.01 -3.35 -86.55
N ALA T 21 -50.29 -3.23 -86.20
CA ALA T 21 -50.71 -3.27 -84.82
C ALA T 21 -50.35 -4.63 -84.24
N ALA T 22 -50.61 -5.68 -85.01
CA ALA T 22 -50.47 -7.04 -84.50
C ALA T 22 -49.09 -7.24 -83.89
N VAL T 23 -48.02 -6.88 -84.62
CA VAL T 23 -46.64 -7.14 -84.21
C VAL T 23 -46.34 -6.55 -82.84
N LEU T 24 -47.00 -5.43 -82.50
CA LEU T 24 -46.73 -4.78 -81.24
C LEU T 24 -47.42 -5.57 -80.13
N ILE T 25 -48.64 -6.04 -80.39
CA ILE T 25 -49.43 -6.81 -79.43
C ILE T 25 -48.68 -8.10 -79.12
N ASN T 26 -48.29 -8.83 -80.19
CA ASN T 26 -47.50 -10.06 -80.10
C ASN T 26 -46.21 -9.82 -79.28
N THR T 27 -45.45 -8.79 -79.64
CA THR T 27 -44.14 -8.56 -79.03
C THR T 27 -44.32 -8.22 -77.56
N SER T 28 -45.43 -7.56 -77.23
CA SER T 28 -45.64 -7.16 -75.86
C SER T 28 -45.87 -8.41 -75.02
N GLY T 29 -46.58 -9.39 -75.60
CA GLY T 29 -46.77 -10.71 -75.01
C GLY T 29 -45.44 -11.40 -74.70
N PHE T 30 -44.57 -11.49 -75.70
CA PHE T 30 -43.27 -12.12 -75.56
C PHE T 30 -42.49 -11.48 -74.43
N LEU T 31 -42.45 -10.16 -74.42
CA LEU T 31 -41.68 -9.45 -73.43
C LEU T 31 -42.27 -9.63 -72.04
N GLN T 32 -43.59 -9.82 -71.94
CA GLN T 32 -44.24 -9.82 -70.64
C GLN T 32 -43.61 -10.92 -69.79
N GLN T 33 -43.65 -12.14 -70.34
CA GLN T 33 -43.19 -13.32 -69.61
C GLN T 33 -41.73 -13.13 -69.22
N LYS T 34 -40.91 -12.73 -70.19
CA LYS T 34 -39.48 -12.67 -70.02
C LYS T 34 -39.12 -11.70 -68.89
N ALA T 35 -39.85 -10.60 -68.83
CA ALA T 35 -39.61 -9.58 -67.83
C ALA T 35 -39.99 -10.13 -66.46
N MET T 36 -41.19 -10.67 -66.35
CA MET T 36 -41.74 -11.07 -65.07
C MET T 36 -40.82 -12.09 -64.40
N ALA T 37 -40.43 -13.10 -65.18
CA ALA T 37 -39.55 -14.16 -64.73
C ALA T 37 -38.23 -13.60 -64.25
N THR T 38 -37.69 -12.62 -64.96
CA THR T 38 -36.34 -12.12 -64.68
C THR T 38 -36.33 -11.47 -63.31
N GLY T 39 -37.42 -10.77 -63.00
CA GLY T 39 -37.58 -10.09 -61.72
C GLY T 39 -37.69 -11.09 -60.57
N LYS T 40 -38.59 -12.06 -60.72
CA LYS T 40 -38.85 -13.05 -59.69
C LYS T 40 -37.54 -13.74 -59.34
N GLU T 41 -36.88 -14.28 -60.37
CA GLU T 41 -35.71 -15.11 -60.21
C GLU T 41 -34.63 -14.31 -59.50
N SER T 42 -34.41 -13.09 -59.95
CA SER T 42 -33.35 -12.28 -59.40
C SER T 42 -33.59 -12.03 -57.93
N THR T 43 -34.88 -11.97 -57.54
CA THR T 43 -35.24 -11.61 -56.17
C THR T 43 -34.88 -12.76 -55.25
N GLU T 44 -35.27 -13.97 -55.67
CA GLU T 44 -35.06 -15.18 -54.90
C GLU T 44 -33.57 -15.38 -54.65
N GLN T 45 -32.74 -15.09 -55.66
CA GLN T 45 -31.30 -15.23 -55.61
C GLN T 45 -30.74 -14.41 -54.45
N VAL T 46 -31.11 -13.14 -54.36
CA VAL T 46 -30.49 -12.26 -53.38
C VAL T 46 -30.96 -12.68 -51.99
N ALA T 47 -32.23 -13.09 -51.90
CA ALA T 47 -32.94 -13.25 -50.64
C ALA T 47 -32.49 -14.49 -49.87
N SER T 48 -31.79 -15.42 -50.52
CA SER T 48 -31.64 -16.77 -49.98
C SER T 48 -30.19 -17.16 -49.73
N GLY T 49 -29.99 -18.04 -48.75
CA GLY T 49 -28.63 -18.53 -48.49
C GLY T 49 -28.58 -19.45 -47.26
N LEU T 50 -27.39 -19.95 -46.95
CA LEU T 50 -27.16 -20.82 -45.82
C LEU T 50 -26.08 -20.22 -44.92
N GLN T 51 -26.06 -20.61 -43.65
CA GLN T 51 -25.14 -20.09 -42.67
C GLN T 51 -24.59 -21.26 -41.86
N VAL T 52 -23.26 -21.32 -41.66
CA VAL T 52 -22.65 -22.39 -40.88
C VAL T 52 -22.72 -22.01 -39.43
N ILE T 53 -23.42 -22.84 -38.62
CA ILE T 53 -23.62 -22.54 -37.24
C ILE T 53 -22.33 -22.90 -36.51
N ARG T 54 -21.92 -24.18 -36.56
CA ARG T 54 -20.74 -24.66 -35.87
C ARG T 54 -20.12 -25.82 -36.66
N VAL T 55 -18.83 -26.12 -36.47
CA VAL T 55 -18.24 -27.31 -37.03
C VAL T 55 -17.60 -28.11 -35.92
N LEU T 56 -17.85 -29.43 -35.87
CA LEU T 56 -17.35 -30.33 -34.83
C LEU T 56 -16.56 -31.47 -35.46
N GLY T 57 -15.66 -32.12 -34.70
CA GLY T 57 -14.69 -33.02 -35.32
C GLY T 57 -14.08 -34.10 -34.42
N ASN T 58 -14.52 -35.33 -34.63
CA ASN T 58 -13.98 -36.49 -33.91
C ASN T 58 -12.50 -36.66 -34.21
N HIS T 59 -11.68 -37.19 -33.26
CA HIS T 59 -10.23 -37.37 -33.46
C HIS T 59 -9.69 -38.70 -32.94
N SER T 60 -8.81 -39.36 -33.72
CA SER T 60 -8.13 -40.59 -33.33
C SER T 60 -6.76 -40.60 -33.97
N GLY T 61 -5.78 -41.18 -33.29
CA GLY T 61 -4.49 -41.25 -33.95
C GLY T 61 -3.89 -39.86 -34.02
N GLY T 62 -3.57 -39.39 -35.21
CA GLY T 62 -2.91 -38.10 -35.24
C GLY T 62 -3.69 -37.08 -36.05
N LYS T 63 -4.99 -37.32 -36.20
CA LYS T 63 -5.71 -36.63 -37.25
C LYS T 63 -7.13 -36.37 -36.76
N ILE T 64 -7.83 -35.48 -37.47
CA ILE T 64 -9.26 -35.43 -37.33
C ILE T 64 -9.80 -36.25 -38.49
N ASN T 65 -10.67 -37.21 -38.23
CA ASN T 65 -11.08 -38.14 -39.25
C ASN T 65 -12.50 -37.88 -39.77
N TRP T 66 -13.44 -37.42 -38.95
CA TRP T 66 -14.76 -37.10 -39.41
C TRP T 66 -15.06 -35.62 -39.08
N LEU T 67 -15.83 -34.91 -39.92
CA LEU T 67 -16.30 -33.60 -39.58
C LEU T 67 -17.83 -33.56 -39.68
N ALA T 68 -18.46 -32.76 -38.82
CA ALA T 68 -19.90 -32.60 -38.87
C ALA T 68 -20.14 -31.12 -38.91
N VAL T 69 -20.65 -30.64 -40.04
CA VAL T 69 -20.81 -29.22 -40.33
C VAL T 69 -22.28 -28.90 -40.16
N LEU T 70 -22.63 -28.13 -39.13
CA LEU T 70 -24.03 -27.84 -38.85
C LEU T 70 -24.39 -26.57 -39.61
N ILE T 71 -25.55 -26.58 -40.29
CA ILE T 71 -25.87 -25.52 -41.21
C ILE T 71 -27.35 -25.20 -41.14
N SER T 72 -27.74 -23.95 -41.42
CA SER T 72 -29.15 -23.56 -41.32
C SER T 72 -29.43 -22.42 -42.27
N PRO T 73 -30.69 -22.13 -42.62
CA PRO T 73 -30.99 -21.06 -43.57
C PRO T 73 -30.73 -19.67 -43.03
N ASN T 74 -30.49 -18.71 -43.94
CA ASN T 74 -30.36 -17.31 -43.58
C ASN T 74 -31.76 -16.79 -43.35
N ALA T 75 -31.90 -15.71 -42.59
CA ALA T 75 -33.24 -15.20 -42.31
C ALA T 75 -33.91 -14.78 -43.60
N GLY T 76 -35.18 -15.19 -43.77
CA GLY T 76 -36.00 -14.70 -44.86
C GLY T 76 -35.70 -15.40 -46.19
N SER T 77 -35.08 -16.58 -46.11
CA SER T 77 -34.69 -17.33 -47.29
C SER T 77 -35.80 -18.25 -47.77
N ALA T 78 -35.78 -18.55 -49.05
CA ALA T 78 -36.79 -19.46 -49.62
C ALA T 78 -36.22 -20.83 -49.35
N PRO T 79 -36.99 -21.93 -49.43
CA PRO T 79 -36.47 -23.22 -49.02
C PRO T 79 -35.33 -23.74 -49.89
N ILE T 80 -34.26 -24.28 -49.28
CA ILE T 80 -33.09 -24.76 -50.00
C ILE T 80 -33.10 -26.30 -50.08
N ASP T 81 -32.97 -26.87 -51.28
CA ASP T 81 -33.04 -28.32 -51.50
C ASP T 81 -31.64 -28.88 -51.52
N LEU T 82 -31.28 -29.52 -50.41
CA LEU T 82 -29.88 -29.83 -50.21
C LEU T 82 -29.47 -30.94 -51.15
N SER T 83 -30.43 -31.61 -51.78
CA SER T 83 -30.04 -32.75 -52.60
C SER T 83 -29.31 -32.25 -53.82
N GLN T 84 -29.42 -30.96 -54.11
CA GLN T 84 -28.72 -30.39 -55.23
C GLN T 84 -27.60 -29.45 -54.78
N ALA T 85 -27.14 -29.52 -53.54
CA ALA T 85 -26.05 -28.65 -53.08
C ALA T 85 -24.72 -29.25 -53.53
N THR T 86 -23.60 -28.53 -53.35
CA THR T 86 -22.28 -29.10 -53.55
C THR T 86 -21.31 -28.58 -52.49
N VAL T 87 -20.43 -29.43 -51.89
CA VAL T 87 -19.49 -28.92 -50.91
C VAL T 87 -18.08 -29.05 -51.41
N MET T 88 -17.23 -28.06 -51.11
CA MET T 88 -15.88 -28.04 -51.62
C MET T 88 -15.02 -27.72 -50.43
N ILE T 89 -13.97 -28.52 -50.22
CA ILE T 89 -13.12 -28.37 -49.06
C ILE T 89 -11.67 -28.51 -49.52
N THR T 90 -10.74 -27.72 -48.95
CA THR T 90 -9.33 -27.95 -49.24
C THR T 90 -8.46 -27.78 -48.02
N ASP T 91 -7.37 -28.57 -47.99
CA ASP T 91 -6.42 -28.57 -46.89
C ASP T 91 -5.12 -27.96 -47.37
N GLY T 92 -5.13 -27.43 -48.60
CA GLY T 92 -3.92 -26.79 -49.11
C GLY T 92 -2.97 -27.76 -49.82
N THR T 93 -3.22 -29.07 -49.68
CA THR T 93 -2.55 -30.06 -50.47
C THR T 93 -3.49 -30.80 -51.41
N HIS T 94 -4.80 -30.94 -51.11
CA HIS T 94 -5.77 -31.48 -52.05
C HIS T 94 -7.09 -30.72 -52.04
N LYS T 95 -7.99 -30.88 -53.04
CA LYS T 95 -9.25 -30.14 -53.06
C LYS T 95 -10.39 -31.06 -53.46
N VAL T 96 -11.10 -31.62 -52.46
CA VAL T 96 -12.14 -32.60 -52.71
C VAL T 96 -13.39 -31.83 -52.97
N ILE T 97 -14.28 -32.38 -53.81
CA ILE T 97 -15.64 -31.89 -53.95
C ILE T 97 -16.58 -33.06 -53.78
N ALA T 98 -17.69 -32.88 -53.04
CA ALA T 98 -18.51 -34.01 -52.65
C ALA T 98 -19.99 -33.70 -52.79
N LYS T 99 -20.83 -34.73 -53.00
CA LYS T 99 -22.23 -34.55 -53.34
C LYS T 99 -23.09 -35.57 -52.60
N TYR T 100 -24.40 -35.35 -52.46
CA TYR T 100 -25.23 -36.08 -51.53
C TYR T 100 -25.49 -37.49 -52.03
N ASN T 101 -25.31 -38.48 -51.16
CA ASN T 101 -25.73 -39.84 -51.47
C ASN T 101 -26.88 -40.18 -50.55
N SER T 102 -28.05 -40.45 -51.12
CA SER T 102 -29.30 -40.54 -50.39
C SER T 102 -29.28 -41.71 -49.41
N THR T 103 -28.35 -42.63 -49.59
CA THR T 103 -28.28 -43.80 -48.73
C THR T 103 -28.08 -43.40 -47.27
N PHE T 104 -27.40 -42.29 -47.02
CA PHE T 104 -26.90 -41.96 -45.70
C PHE T 104 -27.73 -40.87 -45.03
N PHE T 105 -29.02 -41.17 -44.75
CA PHE T 105 -29.89 -40.20 -44.09
C PHE T 105 -30.27 -40.75 -42.73
N ASN T 106 -30.31 -39.90 -41.70
CA ASN T 106 -30.92 -40.31 -40.45
C ASN T 106 -31.88 -39.24 -39.98
N GLY T 107 -33.18 -39.52 -40.03
CA GLY T 107 -34.15 -38.50 -39.65
C GLY T 107 -34.43 -38.47 -38.15
N THR T 108 -34.24 -39.63 -37.52
CA THR T 108 -34.80 -39.84 -36.21
C THR T 108 -34.22 -38.85 -35.22
N LEU T 109 -33.02 -38.36 -35.51
CA LEU T 109 -32.26 -37.60 -34.52
C LEU T 109 -32.90 -36.23 -34.34
N LYS T 110 -33.99 -35.95 -35.06
CA LYS T 110 -34.74 -34.72 -34.82
C LYS T 110 -35.28 -34.73 -33.41
N ASN T 111 -35.37 -35.93 -32.82
CA ASN T 111 -35.91 -36.13 -31.49
C ASN T 111 -34.79 -36.45 -30.51
N GLY T 112 -33.56 -36.06 -30.83
CA GLY T 112 -32.50 -36.15 -29.82
C GLY T 112 -31.73 -37.46 -29.94
N GLY T 113 -30.44 -37.43 -29.53
CA GLY T 113 -29.56 -38.59 -29.59
C GLY T 113 -28.11 -38.15 -29.74
N SER T 114 -27.21 -39.09 -30.10
CA SER T 114 -25.78 -38.79 -30.27
C SER T 114 -25.42 -38.68 -31.74
N ILE T 115 -24.77 -37.57 -32.14
CA ILE T 115 -24.19 -37.43 -33.47
C ILE T 115 -22.95 -38.31 -33.38
N PHE T 116 -22.26 -38.53 -34.48
CA PHE T 116 -21.01 -39.25 -34.43
C PHE T 116 -21.17 -40.68 -33.94
N GLU T 117 -22.42 -41.10 -33.64
CA GLU T 117 -22.73 -42.52 -33.49
C GLU T 117 -24.08 -42.84 -34.15
N ALA T 118 -24.48 -42.03 -35.14
CA ALA T 118 -25.71 -42.28 -35.85
C ALA T 118 -25.55 -43.48 -36.76
N LYS T 119 -26.56 -44.31 -36.87
CA LYS T 119 -26.61 -45.39 -37.84
C LYS T 119 -27.31 -44.95 -39.12
N TYR T 120 -27.25 -45.80 -40.17
CA TYR T 120 -28.05 -45.67 -41.39
C TYR T 120 -28.57 -47.01 -41.84
N ASN T 121 -29.46 -47.10 -42.83
CA ASN T 121 -30.22 -48.31 -43.13
C ASN T 121 -30.00 -48.74 -44.58
N ASN T 122 -29.00 -49.63 -44.82
CA ASN T 122 -28.98 -50.44 -46.05
C ASN T 122 -30.08 -51.45 -45.88
N THR T 123 -30.82 -51.78 -46.95
CA THR T 123 -32.04 -52.57 -46.75
C THR T 123 -31.70 -53.85 -45.98
N THR T 124 -32.48 -54.16 -44.94
CA THR T 124 -32.35 -55.35 -44.09
C THR T 124 -31.39 -55.18 -42.92
N ALA T 125 -30.67 -54.06 -42.81
CA ALA T 125 -29.73 -53.90 -41.70
C ALA T 125 -29.58 -52.47 -41.21
N LEU T 126 -28.93 -52.28 -40.05
CA LEU T 126 -28.49 -50.98 -39.57
C LEU T 126 -26.98 -51.01 -39.35
N LYS T 127 -26.28 -49.96 -39.83
CA LYS T 127 -24.82 -49.94 -39.83
C LYS T 127 -24.35 -48.53 -39.51
N PRO T 128 -23.12 -48.29 -38.98
CA PRO T 128 -22.69 -46.95 -38.59
C PRO T 128 -22.48 -46.02 -39.80
N LEU T 129 -22.93 -44.76 -39.69
CA LEU T 129 -22.98 -43.82 -40.80
C LEU T 129 -21.58 -43.41 -41.21
N PHE T 130 -20.85 -42.79 -40.30
CA PHE T 130 -19.65 -42.06 -40.67
C PHE T 130 -18.59 -42.99 -41.30
N ASP T 131 -18.45 -44.20 -40.74
CA ASP T 131 -17.46 -45.15 -41.18
C ASP T 131 -17.74 -45.63 -42.60
N ASP T 132 -19.02 -45.66 -43.02
CA ASP T 132 -19.39 -46.26 -44.28
C ASP T 132 -19.44 -45.26 -45.43
N LEU T 133 -19.53 -43.96 -45.12
CA LEU T 133 -19.77 -42.91 -46.10
C LEU T 133 -18.60 -42.82 -47.08
N PRO T 134 -18.82 -42.94 -48.40
CA PRO T 134 -17.76 -42.89 -49.42
C PRO T 134 -16.95 -41.63 -49.56
N ALA T 135 -15.82 -41.73 -50.22
CA ALA T 135 -14.87 -40.64 -50.18
C ALA T 135 -15.36 -39.41 -50.93
N THR T 136 -16.30 -39.56 -51.84
CA THR T 136 -16.75 -38.44 -52.63
C THR T 136 -18.17 -38.00 -52.27
N ALA T 137 -18.69 -38.37 -51.09
CA ALA T 137 -20.10 -38.12 -50.82
C ALA T 137 -20.29 -37.54 -49.45
N PHE T 138 -21.40 -36.80 -49.26
CA PHE T 138 -21.76 -36.36 -47.92
C PHE T 138 -23.13 -36.86 -47.53
N GLY T 139 -23.32 -37.07 -46.24
CA GLY T 139 -24.57 -37.60 -45.72
C GLY T 139 -25.22 -36.50 -44.90
N ILE T 140 -26.48 -36.68 -44.45
CA ILE T 140 -27.20 -35.61 -43.79
C ILE T 140 -27.99 -36.17 -42.61
N VAL T 141 -27.98 -35.45 -41.47
CA VAL T 141 -28.64 -35.87 -40.24
C VAL T 141 -29.46 -34.72 -39.66
N VAL T 142 -30.78 -34.90 -39.53
CA VAL T 142 -31.70 -33.83 -39.23
C VAL T 142 -31.66 -33.65 -37.74
N LEU T 143 -31.32 -32.44 -37.31
CA LEU T 143 -31.21 -32.19 -35.89
C LEU T 143 -32.40 -31.38 -35.40
N GLN T 144 -32.98 -30.47 -36.21
CA GLN T 144 -34.20 -29.80 -35.80
C GLN T 144 -35.07 -29.51 -37.02
N ASP T 145 -36.34 -29.96 -37.00
CA ASP T 145 -37.27 -29.77 -38.12
C ASP T 145 -38.70 -29.93 -37.63
N ALA T 146 -39.43 -28.81 -37.61
CA ALA T 146 -40.73 -28.79 -36.97
C ALA T 146 -41.79 -29.42 -37.87
N ASP T 147 -41.62 -29.31 -39.19
CA ASP T 147 -42.70 -29.55 -40.13
C ASP T 147 -42.39 -30.68 -41.11
N THR T 148 -41.50 -31.59 -40.71
CA THR T 148 -41.17 -32.81 -41.42
C THR T 148 -40.76 -32.52 -42.86
N SER T 149 -40.18 -31.35 -43.08
CA SER T 149 -39.80 -30.91 -44.41
C SER T 149 -38.67 -31.71 -45.00
N CYS T 150 -37.75 -32.22 -44.17
CA CYS T 150 -36.71 -33.11 -44.66
C CYS T 150 -37.23 -34.55 -44.80
N SER T 151 -37.15 -35.09 -46.03
CA SER T 151 -37.37 -36.50 -46.32
C SER T 151 -36.17 -37.05 -47.08
N LYS T 152 -35.88 -38.35 -46.91
CA LYS T 152 -34.65 -38.98 -47.37
C LYS T 152 -34.42 -38.70 -48.86
N ASP T 153 -35.47 -38.75 -49.67
CA ASP T 153 -35.31 -38.52 -51.11
C ASP T 153 -35.32 -37.03 -51.48
N THR T 154 -35.74 -36.11 -50.59
CA THR T 154 -35.82 -34.67 -50.86
C THR T 154 -35.56 -33.81 -49.60
N PRO T 155 -34.31 -33.56 -49.19
CA PRO T 155 -34.04 -32.82 -47.99
C PRO T 155 -34.15 -31.33 -48.23
N VAL T 156 -35.37 -30.79 -48.09
CA VAL T 156 -35.57 -29.37 -48.24
C VAL T 156 -35.64 -28.70 -46.87
N ILE T 157 -34.74 -27.76 -46.57
CA ILE T 157 -34.72 -27.09 -45.28
C ILE T 157 -35.41 -25.75 -45.33
N ASN T 158 -36.29 -25.44 -44.36
CA ASN T 158 -37.04 -24.20 -44.31
C ASN T 158 -36.83 -23.52 -42.98
N LYS T 159 -37.39 -22.32 -42.80
CA LYS T 159 -36.98 -21.44 -41.70
C LYS T 159 -37.12 -22.17 -40.38
N GLY T 160 -36.03 -22.21 -39.62
CA GLY T 160 -36.06 -22.83 -38.30
C GLY T 160 -35.25 -24.12 -38.23
N ASP T 161 -34.98 -24.73 -39.39
CA ASP T 161 -34.41 -26.07 -39.38
C ASP T 161 -32.91 -26.00 -39.09
N ILE T 162 -32.33 -27.06 -38.52
CA ILE T 162 -30.87 -27.22 -38.40
C ILE T 162 -30.54 -28.64 -38.81
N VAL T 163 -29.43 -28.83 -39.54
CA VAL T 163 -29.10 -30.11 -40.11
C VAL T 163 -27.59 -30.24 -40.26
N ALA T 164 -27.08 -31.47 -40.17
CA ALA T 164 -25.63 -31.62 -40.09
C ALA T 164 -25.16 -32.36 -41.32
N ILE T 165 -24.22 -31.75 -42.02
CA ILE T 165 -23.65 -32.34 -43.21
C ILE T 165 -22.47 -33.12 -42.67
N CYS T 166 -22.45 -34.41 -42.96
CA CYS T 166 -21.48 -35.32 -42.40
C CYS T 166 -20.49 -35.71 -43.49
N LEU T 167 -19.17 -35.52 -43.27
CA LEU T 167 -18.11 -35.79 -44.22
C LEU T 167 -17.02 -36.62 -43.56
N ASN T 168 -16.52 -37.65 -44.26
CA ASN T 168 -15.49 -38.52 -43.70
C ASN T 168 -14.27 -38.19 -44.49
N VAL T 169 -13.23 -37.68 -43.82
CA VAL T 169 -12.11 -37.05 -44.50
C VAL T 169 -10.82 -37.80 -44.26
N SER T 170 -10.90 -38.99 -43.70
CA SER T 170 -9.79 -39.67 -43.08
C SER T 170 -8.65 -39.88 -44.05
N ASN T 171 -8.98 -40.22 -45.30
CA ASN T 171 -7.94 -40.47 -46.28
C ASN T 171 -7.81 -39.37 -47.33
N THR T 172 -8.82 -38.52 -47.46
CA THR T 172 -8.92 -37.54 -48.51
C THR T 172 -8.16 -36.28 -48.15
N LEU T 173 -8.32 -35.75 -46.93
CA LEU T 173 -7.58 -34.56 -46.51
C LEU T 173 -6.81 -34.86 -45.21
N ASN T 174 -5.60 -34.33 -45.06
CA ASN T 174 -4.69 -34.83 -44.02
C ASN T 174 -4.65 -33.88 -42.83
N LEU T 175 -5.72 -33.85 -42.01
CA LEU T 175 -5.93 -32.81 -41.03
C LEU T 175 -5.14 -33.07 -39.75
N LYS T 176 -3.83 -32.87 -39.83
CA LYS T 176 -2.98 -32.85 -38.65
C LYS T 176 -3.06 -31.49 -37.99
N PRO T 177 -2.42 -31.24 -36.84
CA PRO T 177 -2.54 -29.97 -36.14
C PRO T 177 -2.08 -28.78 -36.96
N ARG T 178 -2.50 -27.58 -36.56
CA ARG T 178 -2.01 -26.37 -37.16
C ARG T 178 -2.30 -26.30 -38.67
N THR T 179 -3.39 -26.93 -39.14
CA THR T 179 -3.67 -27.00 -40.56
C THR T 179 -4.90 -26.18 -40.94
N LYS T 180 -4.82 -25.36 -41.99
CA LYS T 180 -5.92 -24.50 -42.40
C LYS T 180 -6.85 -25.25 -43.33
N VAL T 181 -8.16 -25.08 -43.13
CA VAL T 181 -9.16 -25.74 -43.95
C VAL T 181 -10.12 -24.68 -44.45
N THR T 182 -10.46 -24.73 -45.73
CA THR T 182 -11.21 -23.64 -46.36
C THR T 182 -12.27 -24.29 -47.22
N GLY T 183 -13.43 -23.65 -47.40
CA GLY T 183 -14.41 -24.28 -48.27
C GLY T 183 -15.77 -23.59 -48.27
N ALA T 184 -16.74 -24.22 -48.94
CA ALA T 184 -18.06 -23.65 -49.02
C ALA T 184 -19.07 -24.76 -49.31
N VAL T 185 -20.29 -24.59 -48.78
CA VAL T 185 -21.41 -25.35 -49.24
C VAL T 185 -22.20 -24.44 -50.17
N ILE T 186 -22.38 -24.87 -51.42
CA ILE T 186 -22.90 -24.01 -52.47
C ILE T 186 -24.27 -24.54 -52.84
N PRO T 187 -25.35 -23.78 -52.60
CA PRO T 187 -26.68 -24.20 -53.01
C PRO T 187 -26.98 -23.88 -54.45
N GLU T 188 -28.14 -24.36 -54.90
CA GLU T 188 -28.58 -24.28 -56.27
C GLU T 188 -28.81 -22.83 -56.62
N PHE T 189 -29.35 -22.08 -55.65
CA PHE T 189 -29.39 -20.64 -55.74
C PHE T 189 -29.17 -20.04 -54.36
N GLY T 190 -28.69 -18.81 -54.33
CA GLY T 190 -28.45 -18.18 -53.04
C GLY T 190 -27.00 -18.28 -52.61
N ALA T 191 -26.67 -17.62 -51.50
CA ALA T 191 -25.29 -17.33 -51.18
C ALA T 191 -24.67 -18.51 -50.45
N PRO T 192 -23.39 -18.85 -50.74
CA PRO T 192 -22.75 -19.98 -50.09
C PRO T 192 -22.42 -19.76 -48.62
N ALA T 193 -22.36 -20.87 -47.89
CA ALA T 193 -21.87 -20.82 -46.52
C ALA T 193 -20.36 -21.02 -46.57
N VAL T 194 -19.59 -20.27 -45.76
CA VAL T 194 -18.15 -20.31 -45.84
C VAL T 194 -17.57 -21.04 -44.63
N ILE T 195 -16.83 -22.12 -44.89
CA ILE T 195 -16.17 -22.94 -43.88
C ILE T 195 -14.76 -22.41 -43.80
N SER T 196 -14.26 -22.12 -42.59
CA SER T 196 -12.93 -21.55 -42.49
C SER T 196 -12.41 -21.73 -41.08
N PHE T 197 -11.43 -22.62 -40.90
CA PHE T 197 -10.93 -22.88 -39.57
C PHE T 197 -9.50 -23.39 -39.63
N THR T 198 -8.79 -23.21 -38.51
CA THR T 198 -7.47 -23.78 -38.43
C THR T 198 -7.46 -24.74 -37.26
N THR T 199 -6.99 -25.96 -37.46
CA THR T 199 -7.13 -26.97 -36.44
C THR T 199 -6.26 -26.55 -35.28
N PRO T 200 -6.58 -26.89 -34.03
CA PRO T 200 -5.80 -26.52 -32.85
C PRO T 200 -4.31 -26.86 -32.89
N ALA T 201 -3.58 -26.25 -31.97
CA ALA T 201 -2.16 -26.50 -31.86
C ALA T 201 -1.88 -27.86 -31.24
N THR T 202 -2.80 -28.38 -30.43
CA THR T 202 -2.56 -29.60 -29.69
C THR T 202 -3.87 -30.38 -29.57
N TYR T 203 -3.81 -31.68 -29.83
CA TYR T 203 -4.96 -32.52 -29.64
C TYR T 203 -4.68 -33.32 -28.38
N LEU T 204 -5.65 -33.44 -27.45
CA LEU T 204 -5.47 -34.19 -26.22
C LEU T 204 -6.33 -35.45 -26.21
N ASP T 205 -5.80 -36.57 -25.69
CA ASP T 205 -6.47 -37.87 -25.71
C ASP T 205 -7.70 -37.90 -24.79
N THR T 206 -7.83 -36.91 -23.91
CA THR T 206 -8.95 -36.83 -23.01
C THR T 206 -10.15 -36.15 -23.67
N GLN T 207 -9.97 -35.59 -24.87
CA GLN T 207 -10.98 -34.76 -25.49
C GLN T 207 -11.12 -35.09 -26.99
N HIS T 208 -11.73 -36.24 -27.29
CA HIS T 208 -11.73 -36.69 -28.66
C HIS T 208 -12.68 -35.90 -29.57
N ILE T 209 -13.66 -35.16 -29.02
CA ILE T 209 -14.48 -34.33 -29.88
C ILE T 209 -14.12 -32.86 -29.70
N ILE T 210 -13.82 -32.17 -30.81
CA ILE T 210 -13.23 -30.84 -30.83
C ILE T 210 -14.18 -29.88 -31.52
N GLU T 211 -14.25 -28.64 -31.02
CA GLU T 211 -15.11 -27.64 -31.63
C GLU T 211 -14.21 -26.77 -32.49
N LEU T 212 -14.45 -26.72 -33.80
CA LEU T 212 -13.47 -26.17 -34.71
C LEU T 212 -13.83 -24.77 -35.16
N GLN T 213 -15.13 -24.49 -35.31
CA GLN T 213 -15.62 -23.17 -35.70
C GLN T 213 -16.94 -22.92 -34.96
N ALA U 1 -58.84 8.73 -96.44
CA ALA U 1 -58.17 7.38 -96.49
C ALA U 1 -57.14 7.26 -95.36
N ILE U 2 -56.29 8.28 -95.22
CA ILE U 2 -55.20 8.30 -94.25
C ILE U 2 -55.76 8.26 -92.83
N GLY U 3 -56.83 9.01 -92.61
CA GLY U 3 -57.41 9.19 -91.28
C GLY U 3 -57.67 7.85 -90.60
N ILE U 4 -58.31 6.94 -91.35
CA ILE U 4 -58.77 5.65 -90.87
C ILE U 4 -57.64 4.93 -90.15
N GLY U 5 -56.51 4.79 -90.83
CA GLY U 5 -55.42 4.02 -90.25
C GLY U 5 -54.88 4.64 -88.96
N THR U 6 -54.88 5.98 -88.88
CA THR U 6 -54.27 6.67 -87.75
C THR U 6 -54.95 6.22 -86.49
N LEU U 7 -56.29 6.10 -86.58
CA LEU U 7 -57.11 5.74 -85.44
C LEU U 7 -56.70 4.35 -84.98
N ILE U 8 -56.62 3.42 -85.94
CA ILE U 8 -56.38 2.01 -85.63
C ILE U 8 -55.05 1.90 -84.91
N ILE U 9 -53.97 2.46 -85.42
CA ILE U 9 -52.71 2.20 -84.76
C ILE U 9 -52.66 2.88 -83.40
N PHE U 10 -53.41 3.98 -83.23
CA PHE U 10 -53.49 4.66 -81.95
C PHE U 10 -53.94 3.66 -80.90
N ILE U 11 -54.97 2.87 -81.22
CA ILE U 11 -55.51 1.88 -80.30
C ILE U 11 -54.39 0.96 -79.83
N ALA U 12 -53.54 0.54 -80.75
CA ALA U 12 -52.48 -0.38 -80.37
C ALA U 12 -51.53 0.28 -79.40
N MET U 13 -51.16 1.53 -79.64
CA MET U 13 -50.20 2.24 -78.79
C MET U 13 -50.69 2.17 -77.34
N VAL U 14 -52.00 2.38 -77.15
CA VAL U 14 -52.64 2.47 -75.85
C VAL U 14 -52.45 1.14 -75.15
N LEU U 15 -52.86 0.08 -75.84
CA LEU U 15 -52.88 -1.24 -75.25
C LEU U 15 -51.46 -1.66 -74.89
N VAL U 16 -50.47 -1.35 -75.73
CA VAL U 16 -49.11 -1.80 -75.49
C VAL U 16 -48.54 -1.09 -74.26
N ALA U 17 -48.84 0.20 -74.09
CA ALA U 17 -48.40 0.94 -72.91
C ALA U 17 -49.07 0.36 -71.67
N ALA U 18 -50.35 -0.03 -71.81
CA ALA U 18 -51.11 -0.59 -70.72
C ALA U 18 -50.45 -1.88 -70.25
N VAL U 19 -50.12 -2.76 -71.19
CA VAL U 19 -49.53 -4.06 -70.89
C VAL U 19 -48.21 -3.85 -70.17
N ALA U 20 -47.42 -2.87 -70.59
CA ALA U 20 -46.13 -2.64 -69.97
C ALA U 20 -46.32 -2.11 -68.55
N ALA U 21 -47.32 -1.26 -68.37
CA ALA U 21 -47.57 -0.70 -67.06
C ALA U 21 -47.90 -1.83 -66.09
N ALA U 22 -48.72 -2.78 -66.56
CA ALA U 22 -49.15 -3.90 -65.75
C ALA U 22 -47.94 -4.59 -65.15
N VAL U 23 -46.90 -4.82 -65.96
CA VAL U 23 -45.69 -5.49 -65.50
C VAL U 23 -45.13 -4.72 -64.30
N LEU U 24 -45.02 -3.41 -64.45
CA LEU U 24 -44.30 -2.61 -63.47
C LEU U 24 -45.07 -2.62 -62.17
N ILE U 25 -46.40 -2.45 -62.26
CA ILE U 25 -47.30 -2.38 -61.11
C ILE U 25 -47.22 -3.71 -60.35
N ASN U 26 -47.48 -4.80 -61.10
CA ASN U 26 -47.48 -6.15 -60.56
C ASN U 26 -46.18 -6.45 -59.83
N THR U 27 -45.07 -6.22 -60.53
CA THR U 27 -43.74 -6.56 -60.05
C THR U 27 -43.51 -5.84 -58.74
N SER U 28 -43.95 -4.58 -58.65
CA SER U 28 -43.74 -3.78 -57.46
C SER U 28 -44.45 -4.46 -56.30
N GLY U 29 -45.68 -4.92 -56.59
CA GLY U 29 -46.47 -5.71 -55.65
C GLY U 29 -45.71 -6.94 -55.16
N PHE U 30 -45.17 -7.72 -56.09
CA PHE U 30 -44.48 -8.96 -55.78
C PHE U 30 -43.29 -8.70 -54.84
N LEU U 31 -42.63 -7.57 -55.02
CA LEU U 31 -41.45 -7.26 -54.25
C LEU U 31 -41.85 -6.74 -52.89
N GLN U 32 -43.00 -6.06 -52.80
CA GLN U 32 -43.38 -5.38 -51.56
C GLN U 32 -43.36 -6.38 -50.42
N GLN U 33 -43.94 -7.56 -50.68
CA GLN U 33 -44.06 -8.65 -49.73
C GLN U 33 -42.69 -8.98 -49.14
N LYS U 34 -41.77 -9.39 -50.01
CA LYS U 34 -40.49 -9.95 -49.62
C LYS U 34 -39.65 -8.88 -48.94
N ALA U 35 -39.79 -7.64 -49.41
CA ALA U 35 -38.99 -6.55 -48.86
C ALA U 35 -39.31 -6.47 -47.38
N MET U 36 -40.59 -6.37 -47.04
CA MET U 36 -40.97 -6.20 -45.65
C MET U 36 -40.49 -7.41 -44.84
N ALA U 37 -40.84 -8.60 -45.34
CA ALA U 37 -40.59 -9.86 -44.66
C ALA U 37 -39.13 -9.93 -44.21
N THR U 38 -38.22 -9.54 -45.10
CA THR U 38 -36.79 -9.71 -44.87
C THR U 38 -36.38 -8.86 -43.68
N GLY U 39 -36.90 -7.64 -43.62
CA GLY U 39 -36.52 -6.70 -42.59
C GLY U 39 -36.98 -7.18 -41.21
N LYS U 40 -38.24 -7.59 -41.13
CA LYS U 40 -38.83 -8.00 -39.87
C LYS U 40 -38.05 -9.20 -39.36
N GLU U 41 -37.91 -10.23 -40.20
CA GLU U 41 -37.22 -11.46 -39.84
C GLU U 41 -35.81 -11.16 -39.33
N SER U 42 -35.09 -10.29 -40.03
CA SER U 42 -33.71 -10.05 -39.71
C SER U 42 -33.58 -9.37 -38.35
N THR U 43 -34.54 -8.51 -38.03
CA THR U 43 -34.50 -7.77 -36.79
C THR U 43 -34.75 -8.73 -35.65
N GLU U 44 -35.77 -9.58 -35.78
CA GLU U 44 -36.13 -10.51 -34.72
C GLU U 44 -34.96 -11.43 -34.41
N GLN U 45 -34.17 -11.78 -35.43
CA GLN U 45 -32.99 -12.61 -35.28
C GLN U 45 -31.94 -11.91 -34.43
N VAL U 46 -31.65 -10.65 -34.73
CA VAL U 46 -30.51 -10.03 -34.06
C VAL U 46 -30.87 -9.69 -32.61
N ALA U 47 -32.14 -9.45 -32.35
CA ALA U 47 -32.60 -8.92 -31.07
C ALA U 47 -32.83 -10.01 -30.04
N SER U 48 -33.21 -11.20 -30.49
CA SER U 48 -33.67 -12.23 -29.57
C SER U 48 -32.53 -13.17 -29.16
N GLY U 49 -32.71 -13.86 -28.03
CA GLY U 49 -31.68 -14.72 -27.46
C GLY U 49 -32.02 -15.18 -26.06
N LEU U 50 -31.19 -16.07 -25.49
CA LEU U 50 -31.33 -16.52 -24.11
C LEU U 50 -29.96 -16.42 -23.45
N LEU U 51 -29.96 -16.39 -22.11
CA LEU U 51 -28.76 -16.14 -21.34
C LEU U 51 -28.74 -17.03 -20.11
N CYS U 52 -27.59 -17.68 -19.90
CA CYS U 52 -27.36 -18.65 -18.84
C CYS U 52 -27.05 -17.92 -17.55
N SER U 53 -27.65 -18.41 -16.48
CA SER U 53 -27.68 -17.63 -15.26
C SER U 53 -26.86 -18.35 -14.23
N GLY U 54 -26.83 -19.68 -14.32
CA GLY U 54 -26.20 -20.51 -13.30
C GLY U 54 -26.35 -21.97 -13.69
N VAL U 55 -25.45 -22.82 -13.18
CA VAL U 55 -25.62 -24.26 -13.27
C VAL U 55 -25.35 -24.86 -11.91
N THR U 56 -26.13 -25.87 -11.51
CA THR U 56 -25.87 -26.61 -10.28
C THR U 56 -26.06 -28.10 -10.44
N GLY U 57 -25.49 -28.92 -9.52
CA GLY U 57 -25.41 -30.35 -9.82
C GLY U 57 -25.31 -31.26 -8.59
N HIS U 58 -25.67 -32.56 -8.71
CA HIS U 58 -25.80 -33.45 -7.57
C HIS U 58 -24.78 -34.57 -7.64
N TYR U 59 -24.02 -34.79 -6.54
CA TYR U 59 -22.93 -35.75 -6.54
C TYR U 59 -23.34 -36.99 -5.78
N VAL U 60 -23.25 -38.17 -6.40
CA VAL U 60 -23.47 -39.42 -5.70
C VAL U 60 -22.13 -39.96 -5.26
N LYS U 61 -22.04 -40.41 -3.99
CA LYS U 61 -20.74 -40.72 -3.40
C LYS U 61 -20.03 -41.80 -4.20
N ASN U 62 -18.74 -41.58 -4.41
CA ASN U 62 -17.87 -42.54 -5.06
C ASN U 62 -18.28 -42.76 -6.51
N LYS U 63 -19.15 -41.92 -7.06
CA LYS U 63 -19.59 -42.09 -8.44
C LYS U 63 -19.32 -40.86 -9.32
N GLY U 64 -19.76 -39.66 -8.89
CA GLY U 64 -19.62 -38.47 -9.71
C GLY U 64 -20.95 -37.72 -9.90
N ILE U 65 -20.98 -36.73 -10.78
CA ILE U 65 -22.14 -35.88 -10.89
C ILE U 65 -23.19 -36.61 -11.71
N ASP U 66 -24.39 -36.69 -11.17
CA ASP U 66 -25.41 -37.60 -11.68
C ASP U 66 -26.40 -36.83 -12.54
N ARG U 67 -26.75 -35.61 -12.09
CA ARG U 67 -27.75 -34.74 -12.71
C ARG U 67 -27.32 -33.27 -12.60
N ILE U 68 -27.83 -32.41 -13.50
CA ILE U 68 -27.52 -30.98 -13.52
C ILE U 68 -28.75 -30.14 -13.82
N VAL U 69 -28.84 -28.91 -13.24
CA VAL U 69 -29.95 -27.98 -13.50
C VAL U 69 -29.41 -26.64 -13.97
N ILE U 70 -29.87 -26.20 -15.14
CA ILE U 70 -29.31 -25.06 -15.83
C ILE U 70 -30.36 -23.98 -15.79
N TYR U 71 -30.02 -22.79 -15.31
CA TYR U 71 -31.01 -21.73 -15.15
C TYR U 71 -30.88 -20.81 -16.33
N ILE U 72 -32.02 -20.45 -16.94
CA ILE U 72 -32.01 -19.74 -18.21
C ILE U 72 -33.03 -18.63 -18.19
N THR U 73 -32.73 -17.51 -18.89
CA THR U 73 -33.50 -16.27 -18.86
C THR U 73 -33.37 -15.59 -20.21
N PRO U 74 -34.30 -14.75 -20.67
CA PRO U 74 -34.20 -14.14 -21.98
C PRO U 74 -33.41 -12.84 -21.90
N ASN U 75 -32.79 -12.42 -23.01
CA ASN U 75 -31.98 -11.19 -22.98
C ASN U 75 -32.90 -9.98 -23.05
N ALA U 76 -32.41 -8.81 -22.60
CA ALA U 76 -33.22 -7.60 -22.66
C ALA U 76 -33.77 -7.42 -24.08
N GLY U 77 -35.08 -7.18 -24.20
CA GLY U 77 -35.65 -6.75 -25.46
C GLY U 77 -35.96 -7.91 -26.40
N SER U 78 -35.59 -9.13 -26.03
CA SER U 78 -35.83 -10.29 -26.88
C SER U 78 -37.29 -10.59 -27.07
N ALA U 79 -37.64 -11.06 -28.25
CA ALA U 79 -39.02 -11.38 -28.54
C ALA U 79 -39.24 -12.74 -27.89
N PRO U 80 -40.48 -13.22 -27.69
CA PRO U 80 -40.69 -14.42 -26.90
C PRO U 80 -40.15 -15.69 -27.56
N ILE U 81 -39.56 -16.59 -26.76
CA ILE U 81 -38.88 -17.77 -27.27
C ILE U 81 -39.67 -19.03 -26.92
N ASP U 82 -39.90 -19.85 -27.94
CA ASP U 82 -40.83 -20.97 -27.92
C ASP U 82 -40.03 -22.15 -27.45
N LEU U 83 -40.01 -22.34 -26.14
CA LEU U 83 -38.96 -23.15 -25.54
C LEU U 83 -39.02 -24.56 -26.10
N LYS U 84 -40.20 -25.00 -26.57
CA LYS U 84 -40.41 -26.42 -26.82
C LYS U 84 -39.83 -26.80 -28.15
N GLN U 85 -39.32 -25.82 -28.89
CA GLN U 85 -38.66 -26.16 -30.12
C GLN U 85 -37.14 -26.02 -29.99
N CYS U 86 -36.61 -25.63 -28.83
CA CYS U 86 -35.18 -25.36 -28.71
C CYS U 86 -34.43 -26.65 -28.44
N LYS U 87 -33.21 -26.81 -28.93
CA LYS U 87 -32.43 -28.04 -28.73
C LYS U 87 -31.15 -27.71 -27.98
N LEU U 88 -30.69 -28.61 -27.10
CA LEU U 88 -29.54 -28.36 -26.24
C LEU U 88 -28.45 -29.33 -26.62
N PHE U 89 -27.29 -28.79 -27.01
CA PHE U 89 -26.15 -29.58 -27.43
C PHE U 89 -25.09 -29.53 -26.34
N LEU U 90 -24.57 -30.69 -25.96
CA LEU U 90 -23.56 -30.76 -24.92
C LEU U 90 -22.43 -31.67 -25.39
N MET U 91 -21.19 -31.28 -25.09
CA MET U 91 -19.98 -32.01 -25.42
C MET U 91 -19.24 -32.34 -24.13
N TYR U 92 -18.58 -33.51 -24.12
CA TYR U 92 -17.82 -34.01 -22.99
C TYR U 92 -16.76 -34.97 -23.52
N ASP U 93 -16.29 -35.91 -22.74
CA ASP U 93 -15.01 -36.53 -23.04
C ASP U 93 -15.09 -37.45 -24.23
N GLY U 94 -16.27 -37.81 -24.65
CA GLY U 94 -16.28 -38.71 -25.78
C GLY U 94 -17.56 -38.71 -26.62
N LYS U 95 -18.48 -37.82 -26.30
CA LYS U 95 -19.83 -37.87 -26.79
C LYS U 95 -20.29 -36.44 -27.01
N ALA U 96 -21.14 -36.24 -28.02
CA ALA U 96 -21.73 -34.95 -28.29
C ALA U 96 -23.21 -35.21 -28.57
N VAL U 97 -24.06 -34.78 -27.65
CA VAL U 97 -25.42 -35.26 -27.53
C VAL U 97 -26.35 -34.10 -27.76
N SER U 98 -27.46 -34.34 -28.47
CA SER U 98 -28.52 -33.34 -28.59
C SER U 98 -29.73 -33.82 -27.80
N LEU U 99 -30.36 -32.96 -26.99
CA LEU U 99 -31.55 -33.31 -26.21
C LEU U 99 -32.77 -32.47 -26.63
N ASN U 100 -34.00 -33.05 -26.67
CA ASN U 100 -35.20 -32.33 -27.10
C ASN U 100 -36.20 -32.18 -25.98
N PHE U 101 -37.01 -31.10 -25.95
CA PHE U 101 -38.00 -30.85 -24.90
C PHE U 101 -38.95 -32.00 -24.74
N SER U 102 -39.43 -32.22 -23.53
CA SER U 102 -40.39 -33.29 -23.26
C SER U 102 -41.28 -32.79 -22.14
N LYS U 103 -42.54 -33.24 -22.14
CA LYS U 103 -43.47 -32.72 -21.17
C LYS U 103 -43.15 -33.27 -19.79
N TYR U 104 -43.28 -32.41 -18.76
CA TYR U 104 -43.31 -32.72 -17.35
C TYR U 104 -44.51 -33.63 -17.15
N ASP U 105 -44.75 -34.17 -15.95
CA ASP U 105 -45.91 -35.05 -15.80
C ASP U 105 -47.23 -34.31 -16.09
N THR U 106 -47.94 -34.76 -17.14
CA THR U 106 -49.33 -34.43 -17.45
C THR U 106 -49.52 -32.97 -17.88
N ASN U 107 -48.48 -32.14 -17.73
CA ASN U 107 -48.60 -30.69 -17.92
C ASN U 107 -47.33 -30.19 -18.62
N THR U 108 -47.40 -29.02 -19.28
CA THR U 108 -46.33 -28.71 -20.20
C THR U 108 -45.02 -28.40 -19.47
N VAL U 109 -45.11 -27.79 -18.28
CA VAL U 109 -43.96 -27.26 -17.58
C VAL U 109 -44.29 -27.41 -16.10
N GLY U 110 -43.34 -27.89 -15.28
CA GLY U 110 -43.65 -28.14 -13.88
C GLY U 110 -43.86 -26.85 -13.10
N ASP U 111 -45.05 -26.64 -12.53
CA ASP U 111 -45.39 -25.35 -11.90
C ASP U 111 -44.89 -25.24 -10.47
N PHE U 112 -43.72 -24.67 -10.32
CA PHE U 112 -43.18 -24.39 -9.00
C PHE U 112 -42.98 -22.89 -8.87
N THR U 113 -43.95 -22.11 -9.34
CA THR U 113 -43.92 -20.67 -9.19
C THR U 113 -43.92 -20.29 -7.72
N ASN U 114 -44.37 -21.17 -6.83
CA ASN U 114 -44.45 -20.90 -5.40
C ASN U 114 -43.49 -21.75 -4.58
N GLY U 115 -42.33 -22.15 -5.13
CA GLY U 115 -41.23 -22.61 -4.29
C GLY U 115 -41.07 -24.13 -4.22
N ILE U 116 -39.84 -24.60 -3.93
CA ILE U 116 -39.52 -26.02 -3.95
C ILE U 116 -38.71 -26.30 -2.70
N LYS U 117 -39.03 -27.37 -1.98
CA LYS U 117 -38.33 -27.76 -0.78
C LYS U 117 -36.89 -28.12 -1.11
N ASP U 118 -36.70 -28.88 -2.19
CA ASP U 118 -35.38 -29.27 -2.68
C ASP U 118 -35.47 -29.67 -4.15
N ILE U 119 -34.70 -29.02 -5.04
CA ILE U 119 -34.86 -29.16 -6.48
C ILE U 119 -34.43 -30.55 -6.89
N PHE U 120 -33.73 -31.28 -6.01
CA PHE U 120 -33.24 -32.59 -6.42
C PHE U 120 -33.96 -33.74 -5.73
N ASN U 121 -34.87 -33.48 -4.79
CA ASN U 121 -35.60 -34.56 -4.12
C ASN U 121 -36.58 -35.15 -5.12
N THR U 122 -36.50 -36.47 -5.31
CA THR U 122 -37.17 -37.17 -6.39
C THR U 122 -38.68 -37.09 -6.30
N THR U 123 -39.24 -37.27 -5.08
CA THR U 123 -40.68 -37.36 -4.92
C THR U 123 -41.37 -36.02 -5.13
N VAL U 124 -40.68 -34.94 -4.77
CA VAL U 124 -41.24 -33.61 -4.94
C VAL U 124 -41.19 -33.25 -6.42
N VAL U 125 -40.07 -33.53 -7.11
CA VAL U 125 -39.76 -32.82 -8.34
C VAL U 125 -40.15 -33.59 -9.59
N LYS U 126 -40.18 -34.92 -9.54
CA LYS U 126 -40.54 -35.66 -10.75
C LYS U 126 -39.48 -35.55 -11.86
N TRP U 127 -38.31 -36.16 -11.64
CA TRP U 127 -37.21 -36.21 -12.58
C TRP U 127 -37.44 -37.27 -13.65
N ASN U 128 -38.47 -38.11 -13.54
CA ASN U 128 -38.49 -39.37 -14.28
C ASN U 128 -38.49 -39.25 -15.79
N ASN U 129 -39.04 -38.16 -16.37
CA ASN U 129 -39.08 -38.00 -17.81
C ASN U 129 -37.77 -37.46 -18.37
N ALA U 130 -36.73 -37.30 -17.56
CA ALA U 130 -35.43 -36.91 -18.11
C ALA U 130 -34.71 -38.14 -18.65
N ASP U 131 -35.10 -38.59 -19.85
CA ASP U 131 -34.57 -39.77 -20.52
C ASP U 131 -33.20 -39.42 -21.09
N ALA U 132 -32.56 -40.35 -21.78
CA ALA U 132 -31.18 -40.12 -22.16
C ALA U 132 -31.17 -39.18 -23.35
N THR U 133 -32.34 -38.87 -23.90
CA THR U 133 -32.42 -38.01 -25.07
C THR U 133 -33.34 -36.81 -24.91
N SER U 134 -33.79 -36.45 -23.69
CA SER U 134 -34.61 -35.25 -23.52
C SER U 134 -34.35 -34.46 -22.24
N PHE U 135 -34.87 -33.20 -22.20
CA PHE U 135 -34.92 -32.44 -20.98
C PHE U 135 -36.34 -32.06 -20.58
N VAL U 136 -36.49 -31.58 -19.33
CA VAL U 136 -37.77 -31.04 -18.89
C VAL U 136 -37.53 -29.69 -18.25
N VAL U 137 -38.57 -28.86 -18.14
CA VAL U 137 -38.45 -27.48 -17.73
C VAL U 137 -39.32 -27.25 -16.50
N VAL U 138 -38.78 -26.53 -15.50
CA VAL U 138 -39.44 -26.24 -14.25
C VAL U 138 -39.53 -24.74 -14.17
N ALA U 139 -40.72 -24.18 -13.94
CA ALA U 139 -40.95 -22.75 -14.05
C ALA U 139 -40.80 -22.12 -12.68
N LEU U 140 -39.85 -21.18 -12.58
CA LEU U 140 -39.49 -20.62 -11.29
C LEU U 140 -40.05 -19.22 -11.11
N GLN U 141 -40.11 -18.38 -12.16
CA GLN U 141 -40.80 -17.10 -12.04
C GLN U 141 -41.44 -16.72 -13.37
N ASP U 142 -42.75 -16.41 -13.35
CA ASP U 142 -43.54 -16.12 -14.55
C ASP U 142 -44.86 -15.48 -14.13
N ASP U 143 -44.97 -14.16 -14.31
CA ASP U 143 -46.11 -13.37 -13.88
C ASP U 143 -47.31 -13.67 -14.76
N ASP U 144 -47.07 -13.64 -16.07
CA ASP U 144 -48.09 -13.65 -17.12
C ASP U 144 -48.55 -15.05 -17.50
N LYS U 145 -48.11 -16.09 -16.79
CA LYS U 145 -48.47 -17.46 -17.09
C LYS U 145 -48.03 -17.96 -18.48
N SER U 146 -46.99 -17.37 -19.09
CA SER U 146 -46.59 -17.85 -20.40
C SER U 146 -45.86 -19.17 -20.35
N LEU U 147 -44.99 -19.35 -19.36
CA LEU U 147 -44.28 -20.63 -19.27
C LEU U 147 -45.36 -21.69 -19.07
N LEU U 148 -46.35 -21.39 -18.22
CA LEU U 148 -47.22 -22.41 -17.65
C LEU U 148 -48.17 -22.95 -18.71
N THR U 149 -48.18 -22.33 -19.88
CA THR U 149 -49.22 -22.55 -20.84
C THR U 149 -48.60 -22.45 -22.23
N ASN U 150 -48.21 -23.59 -22.81
CA ASN U 150 -47.59 -23.60 -24.13
C ASN U 150 -46.13 -23.11 -24.13
N ALA U 151 -45.51 -22.96 -22.96
CA ALA U 151 -44.07 -22.99 -22.80
C ALA U 151 -43.33 -21.86 -23.51
N VAL U 152 -43.83 -20.62 -23.38
CA VAL U 152 -43.13 -19.53 -24.03
C VAL U 152 -42.47 -18.62 -23.00
N ILE U 153 -41.15 -18.43 -23.12
CA ILE U 153 -40.41 -17.52 -22.26
C ILE U 153 -40.64 -16.12 -22.80
N ASN U 154 -40.99 -15.17 -21.89
CA ASN U 154 -40.99 -13.74 -22.22
C ASN U 154 -40.33 -12.94 -21.12
N LYS U 155 -40.39 -11.60 -21.21
CA LYS U 155 -39.54 -10.74 -20.40
C LYS U 155 -39.70 -11.00 -18.92
N GLY U 156 -38.58 -11.22 -18.22
CA GLY U 156 -38.67 -11.32 -16.77
C GLY U 156 -38.89 -12.74 -16.27
N ASP U 157 -39.12 -13.69 -17.18
CA ASP U 157 -39.28 -15.07 -16.74
C ASP U 157 -37.93 -15.67 -16.36
N LEU U 158 -37.90 -16.67 -15.45
CA LEU U 158 -36.70 -17.46 -15.13
C LEU U 158 -37.10 -18.91 -15.02
N ALA U 159 -36.36 -19.83 -15.65
CA ALA U 159 -36.81 -21.20 -15.78
C ALA U 159 -35.62 -22.11 -15.71
N GLY U 160 -35.86 -23.35 -15.35
CA GLY U 160 -34.72 -24.19 -15.07
C GLY U 160 -34.85 -25.46 -15.89
N VAL U 161 -33.76 -25.84 -16.57
CA VAL U 161 -33.78 -26.98 -17.44
C VAL U 161 -33.13 -28.11 -16.68
N LEU U 162 -33.78 -29.28 -16.60
CA LEU U 162 -33.20 -30.40 -15.90
C LEU U 162 -32.58 -31.39 -16.88
N VAL U 163 -31.29 -31.81 -16.70
CA VAL U 163 -30.71 -32.85 -17.55
C VAL U 163 -30.07 -33.98 -16.78
N ASN U 164 -30.40 -35.26 -17.11
CA ASN U 164 -29.96 -36.47 -16.41
C ASN U 164 -28.65 -36.87 -17.04
N VAL U 165 -27.60 -36.18 -16.61
CA VAL U 165 -26.37 -36.20 -17.37
C VAL U 165 -25.85 -37.61 -17.40
N SER U 166 -26.01 -38.34 -16.32
CA SER U 166 -25.34 -39.63 -16.23
C SER U 166 -25.95 -40.59 -17.23
N ALA U 167 -27.20 -40.30 -17.61
CA ALA U 167 -27.90 -41.13 -18.59
C ALA U 167 -27.60 -40.63 -20.00
N ALA U 168 -27.43 -39.32 -20.13
CA ALA U 168 -27.17 -38.70 -21.42
C ALA U 168 -25.79 -39.08 -21.94
N PHE U 169 -24.76 -38.92 -21.12
CA PHE U 169 -23.42 -39.23 -21.55
C PHE U 169 -23.10 -40.68 -21.23
N GLY U 170 -23.99 -41.37 -20.54
CA GLY U 170 -23.76 -42.79 -20.29
C GLY U 170 -22.81 -43.06 -19.12
N LYS U 171 -22.17 -42.03 -18.56
CA LYS U 171 -21.44 -42.20 -17.31
C LYS U 171 -21.50 -40.92 -16.46
N HIS U 172 -21.14 -41.03 -15.17
CA HIS U 172 -21.10 -39.86 -14.32
C HIS U 172 -19.89 -38.98 -14.65
N VAL U 173 -20.02 -37.63 -14.67
CA VAL U 173 -18.85 -36.84 -15.00
C VAL U 173 -17.97 -36.72 -13.78
N GLY U 174 -16.65 -36.89 -13.98
CA GLY U 174 -15.69 -36.98 -12.89
C GLY U 174 -15.14 -35.62 -12.52
N THR U 175 -14.08 -35.62 -11.72
CA THR U 175 -13.46 -34.38 -11.30
C THR U 175 -12.52 -33.92 -12.39
N ARG U 176 -12.22 -32.62 -12.45
CA ARG U 176 -11.26 -32.03 -13.37
C ARG U 176 -11.64 -32.24 -14.83
N GLU U 177 -12.95 -32.35 -15.15
CA GLU U 177 -13.38 -32.55 -16.52
C GLU U 177 -14.18 -31.35 -17.01
N ARG U 178 -14.07 -30.96 -18.29
CA ARG U 178 -14.94 -29.89 -18.78
C ARG U 178 -16.14 -30.38 -19.56
N VAL U 179 -17.20 -29.56 -19.54
CA VAL U 179 -18.38 -29.80 -20.35
C VAL U 179 -18.82 -28.49 -20.96
N SER U 180 -19.14 -28.51 -22.26
CA SER U 180 -19.51 -27.26 -22.88
C SER U 180 -20.61 -27.50 -23.89
N GLY U 181 -21.43 -26.45 -24.11
CA GLY U 181 -22.52 -26.60 -25.03
C GLY U 181 -23.23 -25.29 -25.31
N TYR U 182 -24.40 -25.43 -25.93
CA TYR U 182 -25.23 -24.31 -26.26
C TYR U 182 -26.68 -24.77 -26.24
N LEU U 183 -27.58 -23.90 -25.78
CA LEU U 183 -29.02 -24.12 -25.94
C LEU U 183 -29.45 -23.21 -27.06
N GLN U 184 -29.88 -23.81 -28.18
CA GLN U 184 -30.00 -23.06 -29.41
C GLN U 184 -31.47 -22.89 -29.68
N PRO U 185 -32.03 -21.67 -29.64
CA PRO U 185 -33.43 -21.50 -29.99
C PRO U 185 -33.65 -21.51 -31.48
N GLU U 186 -34.93 -21.54 -31.84
CA GLU U 186 -35.41 -21.62 -33.20
C GLU U 186 -34.97 -20.41 -33.98
N PHE U 187 -35.01 -19.25 -33.34
CA PHE U 187 -34.37 -18.07 -33.89
C PHE U 187 -33.71 -17.28 -32.77
N GLY U 188 -32.57 -16.66 -33.05
CA GLY U 188 -31.91 -15.83 -32.06
C GLY U 188 -30.68 -16.52 -31.47
N ALA U 189 -30.01 -15.81 -30.56
CA ALA U 189 -28.66 -16.17 -30.18
C ALA U 189 -28.69 -17.27 -29.14
N PRO U 190 -27.74 -18.21 -29.14
CA PRO U 190 -27.79 -19.33 -28.22
C PRO U 190 -27.17 -19.03 -26.88
N ALA U 191 -27.66 -19.70 -25.85
CA ALA U 191 -27.10 -19.51 -24.52
C ALA U 191 -25.90 -20.44 -24.41
N VAL U 192 -24.69 -19.91 -24.17
CA VAL U 192 -23.47 -20.71 -24.03
C VAL U 192 -23.42 -21.33 -22.65
N ILE U 193 -23.01 -22.59 -22.55
CA ILE U 193 -22.77 -23.24 -21.27
C ILE U 193 -21.32 -23.73 -21.29
N GLU U 194 -20.61 -23.55 -20.17
CA GLU U 194 -19.22 -23.96 -20.12
C GLU U 194 -18.83 -24.03 -18.64
N PHE U 195 -18.38 -25.21 -18.20
CA PHE U 195 -17.76 -25.30 -16.90
C PHE U 195 -16.85 -26.50 -16.75
N THR U 196 -15.90 -26.36 -15.81
CA THR U 196 -15.00 -27.43 -15.49
C THR U 196 -15.33 -27.89 -14.08
N THR U 197 -15.55 -29.20 -13.90
CA THR U 197 -15.97 -29.71 -12.62
C THR U 197 -14.78 -29.52 -11.72
N PRO U 198 -14.95 -29.19 -10.43
CA PRO U 198 -13.82 -28.91 -9.56
C PRO U 198 -12.96 -30.14 -9.31
N ALA U 199 -11.86 -29.89 -8.61
CA ALA U 199 -10.85 -30.90 -8.32
C ALA U 199 -11.31 -31.88 -7.24
N ALA U 200 -12.18 -31.42 -6.34
CA ALA U 200 -12.51 -32.23 -5.19
C ALA U 200 -14.01 -32.10 -4.90
N PHE U 201 -14.72 -33.16 -5.19
CA PHE U 201 -16.11 -33.14 -4.80
C PHE U 201 -16.11 -33.32 -3.29
N THR U 202 -16.88 -32.49 -2.56
CA THR U 202 -16.91 -32.60 -1.10
C THR U 202 -18.26 -32.30 -0.43
N SER U 203 -19.32 -32.09 -1.21
CA SER U 203 -20.66 -31.82 -0.72
C SER U 203 -21.64 -32.29 -1.76
N ASP U 204 -22.92 -32.46 -1.40
CA ASP U 204 -23.82 -33.12 -2.33
C ASP U 204 -24.23 -32.17 -3.45
N VAL U 205 -24.49 -30.89 -3.16
CA VAL U 205 -24.92 -30.01 -4.25
C VAL U 205 -23.88 -28.95 -4.53
N ILE U 206 -23.35 -28.89 -5.78
CA ILE U 206 -22.17 -28.12 -6.14
C ILE U 206 -22.46 -27.03 -7.13
N GLU U 207 -21.81 -25.88 -6.95
CA GLU U 207 -22.24 -24.68 -7.63
C GLU U 207 -21.34 -24.45 -8.84
N LEU U 208 -21.61 -25.20 -9.90
CA LEU U 208 -20.73 -25.26 -11.05
C LEU U 208 -20.64 -23.89 -11.74
N GLN U 209 -21.74 -23.13 -11.77
CA GLN U 209 -21.82 -21.72 -12.14
C GLN U 209 -21.01 -21.35 -13.39
N ALA V 1 -50.53 8.53 -82.41
CA ALA V 1 -49.51 9.53 -81.95
C ALA V 1 -48.73 9.02 -80.73
N ILE V 2 -47.43 9.30 -80.70
CA ILE V 2 -46.52 8.76 -79.70
C ILE V 2 -46.83 9.30 -78.31
N GLY V 3 -47.39 10.51 -78.26
CA GLY V 3 -47.56 11.20 -76.99
C GLY V 3 -48.43 10.40 -76.03
N ILE V 4 -49.43 9.72 -76.60
CA ILE V 4 -50.46 9.05 -75.84
C ILE V 4 -49.81 8.05 -74.89
N GLY V 5 -48.93 7.22 -75.41
CA GLY V 5 -48.30 6.21 -74.57
C GLY V 5 -47.38 6.83 -73.52
N THR V 6 -46.70 7.93 -73.88
CA THR V 6 -45.70 8.54 -73.01
C THR V 6 -46.38 8.97 -71.72
N LEU V 7 -47.59 9.51 -71.87
CA LEU V 7 -48.41 9.94 -70.75
C LEU V 7 -48.73 8.73 -69.88
N ILE V 8 -49.30 7.69 -70.48
CA ILE V 8 -49.80 6.52 -69.76
C ILE V 8 -48.67 5.86 -68.98
N ILE V 9 -47.50 5.69 -69.58
CA ILE V 9 -46.42 5.02 -68.88
C ILE V 9 -45.89 5.86 -67.72
N PHE V 10 -45.99 7.20 -67.82
CA PHE V 10 -45.57 8.09 -66.74
C PHE V 10 -46.41 7.81 -65.50
N ILE V 11 -47.72 7.64 -65.70
CA ILE V 11 -48.66 7.36 -64.63
C ILE V 11 -48.19 6.13 -63.88
N ALA V 12 -47.80 5.09 -64.61
CA ALA V 12 -47.32 3.87 -64.00
C ALA V 12 -46.05 4.14 -63.22
N MET V 13 -45.11 4.89 -63.81
CA MET V 13 -43.78 5.04 -63.26
C MET V 13 -43.88 5.71 -61.88
N VAL V 14 -44.75 6.72 -61.79
CA VAL V 14 -45.01 7.47 -60.56
C VAL V 14 -45.47 6.49 -59.51
N LEU V 15 -46.50 5.70 -59.87
CA LEU V 15 -47.16 4.82 -58.92
C LEU V 15 -46.15 3.82 -58.37
N VAL V 16 -45.28 3.27 -59.22
CA VAL V 16 -44.33 2.27 -58.77
C VAL V 16 -43.36 2.91 -57.79
N ALA V 17 -42.90 4.12 -58.12
CA ALA V 17 -41.93 4.80 -57.27
C ALA V 17 -42.55 5.11 -55.91
N ALA V 18 -43.89 5.30 -55.89
CA ALA V 18 -44.58 5.57 -54.65
C ALA V 18 -44.51 4.31 -53.79
N VAL V 19 -44.88 3.17 -54.37
CA VAL V 19 -44.90 1.90 -53.65
C VAL V 19 -43.53 1.60 -53.08
N ALA V 20 -42.50 1.83 -53.87
CA ALA V 20 -41.13 1.57 -53.45
C ALA V 20 -40.77 2.45 -52.25
N ALA V 21 -41.16 3.71 -52.29
CA ALA V 21 -40.87 4.62 -51.20
C ALA V 21 -41.58 4.13 -49.94
N ALA V 22 -42.83 3.69 -50.11
CA ALA V 22 -43.65 3.34 -48.98
C ALA V 22 -42.94 2.35 -48.08
N VAL V 23 -42.41 1.26 -48.65
CA VAL V 23 -41.81 0.17 -47.88
C VAL V 23 -40.69 0.65 -46.98
N LEU V 24 -39.99 1.71 -47.40
CA LEU V 24 -38.87 2.21 -46.61
C LEU V 24 -39.43 2.99 -45.42
N ILE V 25 -40.49 3.77 -45.66
CA ILE V 25 -41.12 4.58 -44.62
C ILE V 25 -41.68 3.65 -43.56
N ASN V 26 -42.47 2.66 -44.00
CA ASN V 26 -43.04 1.61 -43.14
C ASN V 26 -41.95 0.92 -42.32
N THR V 27 -40.89 0.46 -42.97
CA THR V 27 -39.86 -0.34 -42.32
C THR V 27 -39.14 0.52 -41.29
N SER V 28 -39.01 1.81 -41.57
CA SER V 28 -38.29 2.69 -40.67
C SER V 28 -39.10 2.82 -39.38
N GLY V 29 -40.43 2.86 -39.53
CA GLY V 29 -41.36 2.84 -38.40
C GLY V 29 -41.17 1.61 -37.52
N PHE V 30 -41.20 0.42 -38.14
CA PHE V 30 -41.04 -0.84 -37.43
C PHE V 30 -39.74 -0.85 -36.64
N LEU V 31 -38.66 -0.43 -37.29
CA LEU V 31 -37.37 -0.47 -36.65
C LEU V 31 -37.29 0.55 -35.52
N GLN V 32 -38.03 1.66 -35.61
CA GLN V 32 -37.87 2.74 -34.66
C GLN V 32 -38.14 2.19 -33.26
N GLN V 33 -39.33 1.59 -33.12
CA GLN V 33 -39.80 1.13 -31.83
C GLN V 33 -38.82 0.10 -31.27
N LYS V 34 -38.46 -0.87 -32.13
CA LYS V 34 -37.66 -2.01 -31.72
C LYS V 34 -36.30 -1.55 -31.17
N ALA V 35 -35.75 -0.53 -31.83
CA ALA V 35 -34.45 0.00 -31.46
C ALA V 35 -34.57 0.69 -30.12
N MET V 36 -35.55 1.59 -30.00
CA MET V 36 -35.65 2.47 -28.84
C MET V 36 -35.79 1.62 -27.57
N ALA V 37 -36.70 0.64 -27.63
CA ALA V 37 -36.99 -0.26 -26.54
C ALA V 37 -35.73 -1.02 -26.14
N THR V 38 -34.94 -1.46 -27.11
CA THR V 38 -33.81 -2.34 -26.85
C THR V 38 -32.77 -1.58 -26.03
N GLY V 39 -32.62 -0.29 -26.33
CA GLY V 39 -31.68 0.58 -25.65
C GLY V 39 -32.12 0.82 -24.20
N LYS V 40 -33.38 1.23 -24.04
CA LYS V 40 -33.92 1.54 -22.73
C LYS V 40 -33.72 0.35 -21.81
N GLU V 41 -34.22 -0.80 -22.26
CA GLU V 41 -34.28 -2.01 -21.46
C GLU V 41 -32.87 -2.39 -21.03
N SER V 42 -31.94 -2.37 -21.98
CA SER V 42 -30.59 -2.80 -21.71
C SER V 42 -29.98 -1.90 -20.66
N THR V 43 -30.38 -0.64 -20.63
CA THR V 43 -29.76 0.35 -19.74
C THR V 43 -30.19 0.05 -18.32
N GLU V 44 -31.49 -0.17 -18.14
CA GLU V 44 -32.08 -0.41 -16.84
C GLU V 44 -31.45 -1.65 -16.22
N GLN V 45 -31.20 -2.68 -17.03
CA GLN V 45 -30.59 -3.94 -16.61
C GLN V 45 -29.26 -3.69 -15.95
N VAL V 46 -28.38 -2.94 -16.59
CA VAL V 46 -27.03 -2.78 -16.09
C VAL V 46 -27.06 -1.94 -14.81
N ALA V 47 -27.97 -0.96 -14.79
CA ALA V 47 -27.96 0.11 -13.80
C ALA V 47 -28.47 -0.36 -12.44
N SER V 48 -29.13 -1.51 -12.37
CA SER V 48 -29.93 -1.84 -11.20
C SER V 48 -29.47 -3.10 -10.49
N GLY V 49 -29.72 -3.16 -9.18
CA GLY V 49 -29.39 -4.37 -8.43
C GLY V 49 -29.64 -4.22 -6.93
N LEU V 50 -29.36 -5.27 -6.16
CA LEU V 50 -29.55 -5.28 -4.73
C LEU V 50 -28.22 -5.65 -4.06
N GLN V 51 -28.06 -5.28 -2.79
CA GLN V 51 -26.85 -5.49 -2.04
C GLN V 51 -27.23 -6.00 -0.65
N VAL V 52 -26.57 -7.07 -0.17
CA VAL V 52 -26.86 -7.61 1.14
C VAL V 52 -26.06 -6.85 2.16
N ILE V 53 -26.76 -6.18 3.10
CA ILE V 53 -26.11 -5.35 4.07
C ILE V 53 -25.53 -6.28 5.13
N ARG V 54 -26.38 -7.06 5.81
CA ARG V 54 -25.96 -7.95 6.88
C ARG V 54 -26.86 -9.17 6.93
N VAL V 55 -26.42 -10.29 7.51
CA VAL V 55 -27.31 -11.40 7.77
C VAL V 55 -27.26 -11.75 9.24
N LEU V 56 -28.40 -11.93 9.90
CA LEU V 56 -28.51 -12.21 11.32
C LEU V 56 -29.28 -13.52 11.56
N GLY V 57 -29.10 -14.18 12.71
CA GLY V 57 -29.60 -15.55 12.85
C GLY V 57 -29.84 -16.04 14.27
N ASN V 58 -31.11 -16.15 14.64
CA ASN V 58 -31.52 -16.67 15.94
C ASN V 58 -31.06 -18.12 16.09
N HIS V 59 -30.76 -18.61 17.32
CA HIS V 59 -30.31 -20.00 17.55
C HIS V 59 -30.93 -20.67 18.76
N SER V 60 -31.34 -21.95 18.63
CA SER V 60 -31.85 -22.77 19.73
C SER V 60 -31.46 -24.19 19.49
N GLY V 61 -31.20 -24.94 20.56
CA GLY V 61 -30.90 -26.33 20.31
C GLY V 61 -29.53 -26.44 19.68
N GLY V 62 -29.44 -27.05 18.50
CA GLY V 62 -28.11 -27.23 17.96
C GLY V 62 -27.93 -26.55 16.61
N LYS V 63 -28.80 -25.59 16.33
CA LYS V 63 -28.98 -25.18 14.95
C LYS V 63 -29.25 -23.68 14.94
N ILE V 64 -29.12 -23.09 13.74
CA ILE V 64 -29.71 -21.78 13.54
C ILE V 64 -31.05 -22.06 12.86
N ASN V 65 -32.13 -21.49 13.38
CA ASN V 65 -33.44 -21.86 12.91
C ASN V 65 -34.09 -20.77 12.05
N TRP V 66 -33.86 -19.50 12.30
CA TRP V 66 -34.40 -18.44 11.47
C TRP V 66 -33.24 -17.59 10.94
N LEU V 67 -33.33 -17.04 9.73
CA LEU V 67 -32.37 -16.09 9.23
C LEU V 67 -33.10 -14.81 8.80
N ALA V 68 -32.44 -13.66 9.00
CA ALA V 68 -33.00 -12.41 8.55
C ALA V 68 -31.95 -11.75 7.73
N VAL V 69 -32.23 -11.62 6.43
CA VAL V 69 -31.27 -11.14 5.44
C VAL V 69 -31.65 -9.72 5.12
N LEU V 70 -30.82 -8.75 5.51
CA LEU V 70 -31.14 -7.35 5.31
C LEU V 70 -30.57 -6.95 3.96
N ILE V 71 -31.37 -6.23 3.15
CA ILE V 71 -31.02 -5.99 1.76
C ILE V 71 -31.43 -4.59 1.36
N SER V 72 -30.71 -3.98 0.40
CA SER V 72 -31.03 -2.61 0.00
C SER V 72 -30.59 -2.40 -1.44
N PRO V 73 -31.07 -1.36 -2.14
CA PRO V 73 -30.72 -1.15 -3.53
C PRO V 73 -29.28 -0.72 -3.74
N ASN V 74 -28.73 -0.99 -4.93
CA ASN V 74 -27.41 -0.51 -5.32
C ASN V 74 -27.57 0.95 -5.67
N ALA V 75 -26.49 1.72 -5.61
CA ALA V 75 -26.61 3.14 -5.91
C ALA V 75 -27.07 3.33 -7.35
N GLY V 76 -28.05 4.21 -7.55
CA GLY V 76 -28.45 4.63 -8.88
C GLY V 76 -29.35 3.61 -9.57
N SER V 77 -29.97 2.74 -8.78
CA SER V 77 -30.83 1.68 -9.30
C SER V 77 -32.26 2.16 -9.48
N ALA V 78 -32.97 1.52 -10.39
CA ALA V 78 -34.37 1.86 -10.61
C ALA V 78 -35.12 1.05 -9.58
N PRO V 79 -36.38 1.32 -9.25
CA PRO V 79 -37.03 0.65 -8.15
C PRO V 79 -37.23 -0.86 -8.38
N ILE V 80 -36.93 -1.70 -7.37
CA ILE V 80 -37.03 -3.13 -7.48
C ILE V 80 -38.28 -3.66 -6.77
N ASP V 81 -39.12 -4.45 -7.46
CA ASP V 81 -40.40 -4.94 -6.93
C ASP V 81 -40.19 -6.31 -6.36
N LEU V 82 -40.14 -6.38 -5.04
CA LEU V 82 -39.64 -7.59 -4.42
C LEU V 82 -40.68 -8.68 -4.57
N SER V 83 -41.92 -8.33 -4.95
CA SER V 83 -42.94 -9.36 -4.98
C SER V 83 -42.64 -10.32 -6.10
N GLN V 84 -41.77 -9.94 -7.02
CA GLN V 84 -41.39 -10.81 -8.11
C GLN V 84 -39.94 -11.28 -7.96
N ALA V 85 -39.33 -11.20 -6.78
CA ALA V 85 -37.95 -11.67 -6.61
C ALA V 85 -37.96 -13.18 -6.41
N THR V 86 -36.80 -13.85 -6.39
CA THR V 86 -36.70 -15.24 -5.98
C THR V 86 -35.44 -15.48 -5.16
N VAL V 87 -35.50 -16.26 -4.05
CA VAL V 87 -34.29 -16.49 -3.29
C VAL V 87 -33.89 -17.94 -3.34
N MET V 88 -32.60 -18.23 -3.41
CA MET V 88 -32.13 -19.59 -3.57
C MET V 88 -31.03 -19.76 -2.56
N ILE V 89 -31.09 -20.82 -1.76
CA ILE V 89 -30.16 -21.02 -0.68
C ILE V 89 -29.75 -22.50 -0.69
N THR V 90 -28.47 -22.82 -0.40
CA THR V 90 -28.10 -24.21 -0.23
C THR V 90 -27.11 -24.41 0.90
N ASP V 91 -27.22 -25.58 1.55
CA ASP V 91 -26.37 -25.95 2.66
C ASP V 91 -25.45 -27.05 2.23
N GLY V 92 -25.46 -27.38 0.94
CA GLY V 92 -24.58 -28.43 0.43
C GLY V 92 -25.17 -29.83 0.53
N THR V 93 -26.29 -29.97 1.26
CA THR V 93 -27.06 -31.19 1.25
C THR V 93 -28.44 -30.99 0.63
N HIS V 94 -29.05 -29.80 0.68
CA HIS V 94 -30.30 -29.52 -0.04
C HIS V 94 -30.30 -28.14 -0.70
N LYS V 95 -31.22 -27.84 -1.64
CA LYS V 95 -31.22 -26.53 -2.30
C LYS V 95 -32.64 -26.01 -2.42
N VAL V 96 -33.06 -25.16 -1.46
CA VAL V 96 -34.43 -24.70 -1.39
C VAL V 96 -34.49 -23.48 -2.26
N ILE V 97 -35.67 -23.24 -2.86
CA ILE V 97 -35.96 -21.98 -3.52
C ILE V 97 -37.28 -21.47 -2.99
N ALA V 98 -37.39 -20.16 -2.69
CA ALA V 98 -38.54 -19.65 -1.96
C ALA V 98 -39.04 -18.35 -2.54
N LYS V 99 -40.35 -18.05 -2.37
CA LYS V 99 -40.99 -16.92 -3.05
C LYS V 99 -41.95 -16.21 -2.09
N TYR V 100 -42.33 -14.97 -2.37
CA TYR V 100 -42.97 -14.11 -1.37
C TYR V 100 -44.40 -14.53 -1.14
N ASN V 101 -44.79 -14.64 0.13
CA ASN V 101 -46.19 -14.85 0.47
C ASN V 101 -46.66 -13.60 1.17
N SER V 102 -47.65 -12.90 0.58
CA SER V 102 -48.04 -11.57 0.98
C SER V 102 -48.60 -11.56 2.38
N THR V 103 -48.96 -12.70 2.91
CA THR V 103 -49.56 -12.80 4.23
C THR V 103 -48.61 -12.25 5.28
N PHE V 104 -47.30 -12.38 5.07
CA PHE V 104 -46.32 -12.16 6.12
C PHE V 104 -45.59 -10.82 5.94
N PHE V 105 -46.33 -9.72 6.06
CA PHE V 105 -45.73 -8.39 5.94
C PHE V 105 -45.86 -7.68 7.27
N ASN V 106 -44.82 -6.96 7.70
CA ASN V 106 -44.99 -6.05 8.82
C ASN V 106 -44.40 -4.70 8.47
N GLY V 107 -45.25 -3.69 8.30
CA GLY V 107 -44.76 -2.39 7.90
C GLY V 107 -44.32 -1.54 9.09
N THR V 108 -44.92 -1.80 10.23
CA THR V 108 -44.87 -0.86 11.31
C THR V 108 -43.45 -0.64 11.77
N LEU V 109 -42.59 -1.63 11.53
CA LEU V 109 -41.27 -1.63 12.13
C LEU V 109 -40.41 -0.58 11.46
N LYS V 110 -40.94 0.15 10.48
CA LYS V 110 -40.23 1.28 9.91
C LYS V 110 -39.98 2.31 10.98
N ASN V 111 -40.76 2.25 12.06
CA ASN V 111 -40.71 3.19 13.16
C ASN V 111 -40.07 2.52 14.37
N GLY V 112 -39.30 1.47 14.18
CA GLY V 112 -38.50 0.94 15.28
C GLY V 112 -39.21 -0.18 16.01
N GLY V 113 -38.43 -1.11 16.60
CA GLY V 113 -38.96 -2.26 17.32
C GLY V 113 -37.98 -3.42 17.27
N SER V 114 -38.44 -4.63 17.64
CA SER V 114 -37.59 -5.82 17.65
C SER V 114 -37.86 -6.71 16.45
N ILE V 115 -36.82 -7.05 15.68
CA ILE V 115 -36.91 -8.06 14.63
C ILE V 115 -37.01 -9.37 15.40
N PHE V 116 -37.26 -10.48 14.73
CA PHE V 116 -37.24 -11.76 15.41
C PHE V 116 -38.29 -11.87 16.50
N GLU V 117 -39.10 -10.82 16.71
CA GLU V 117 -40.32 -10.93 17.49
C GLU V 117 -41.45 -10.14 16.82
N ALA V 118 -41.36 -9.95 15.49
CA ALA V 118 -42.40 -9.27 14.77
C ALA V 118 -43.62 -10.16 14.64
N LYS V 119 -44.81 -9.59 14.76
CA LYS V 119 -46.06 -10.29 14.49
C LYS V 119 -46.49 -10.07 13.05
N TYR V 120 -47.54 -10.82 12.61
CA TYR V 120 -48.25 -10.59 11.36
C TYR V 120 -49.75 -10.76 11.57
N ASN V 121 -50.60 -10.43 10.59
CA ASN V 121 -52.05 -10.29 10.79
C ASN V 121 -52.81 -11.20 9.85
N ASN V 122 -53.14 -12.43 10.29
CA ASN V 122 -54.22 -13.21 9.68
C ASN V 122 -55.49 -12.52 10.11
N THR V 123 -56.51 -12.43 9.23
CA THR V 123 -57.63 -11.55 9.53
C THR V 123 -58.22 -11.94 10.91
N THR V 124 -58.45 -10.95 11.77
CA THR V 124 -59.05 -11.10 13.11
C THR V 124 -58.02 -11.39 14.21
N ALA V 125 -56.73 -11.60 13.87
CA ALA V 125 -55.77 -11.90 14.93
C ALA V 125 -54.36 -11.38 14.63
N LEU V 126 -53.47 -11.39 15.64
CA LEU V 126 -52.04 -11.16 15.47
C LEU V 126 -51.27 -12.38 15.99
N LYS V 127 -50.28 -12.84 15.22
CA LYS V 127 -49.57 -14.07 15.51
C LYS V 127 -48.10 -13.90 15.17
N PRO V 128 -47.14 -14.66 15.74
CA PRO V 128 -45.71 -14.44 15.47
C PRO V 128 -45.31 -14.82 14.05
N LEU V 129 -44.49 -14.00 13.40
CA LEU V 129 -44.17 -14.11 11.99
C LEU V 129 -43.32 -15.34 11.73
N PHE V 130 -42.15 -15.39 12.32
CA PHE V 130 -41.14 -16.35 11.90
C PHE V 130 -41.60 -17.80 12.07
N ASP V 131 -42.30 -18.08 13.17
CA ASP V 131 -42.76 -19.41 13.50
C ASP V 131 -43.81 -19.90 12.50
N ASP V 132 -44.58 -18.98 11.89
CA ASP V 132 -45.70 -19.38 11.06
C ASP V 132 -45.35 -19.49 9.59
N LEU V 133 -44.24 -18.86 9.17
CA LEU V 133 -43.86 -18.73 7.76
C LEU V 133 -43.61 -20.11 7.15
N PRO V 134 -44.29 -20.50 6.06
CA PRO V 134 -44.13 -21.81 5.42
C PRO V 134 -42.77 -22.14 4.81
N ALA V 135 -42.56 -23.42 4.56
CA ALA V 135 -41.22 -23.86 4.23
C ALA V 135 -40.74 -23.36 2.88
N THR V 136 -41.65 -22.99 2.00
CA THR V 136 -41.26 -22.56 0.67
C THR V 136 -41.45 -21.06 0.45
N ALA V 137 -41.56 -20.24 1.51
CA ALA V 137 -41.92 -18.86 1.32
C ALA V 137 -41.03 -17.94 2.13
N PHE V 138 -40.90 -16.69 1.69
CA PHE V 138 -40.22 -15.69 2.51
C PHE V 138 -41.12 -14.52 2.79
N GLY V 139 -40.91 -13.89 3.95
CA GLY V 139 -41.75 -12.77 4.37
C GLY V 139 -40.86 -11.54 4.38
N ILE V 140 -41.43 -10.34 4.58
CA ILE V 140 -40.68 -9.11 4.44
C ILE V 140 -41.06 -8.13 5.53
N VAL V 141 -40.07 -7.45 6.14
CA VAL V 141 -40.27 -6.51 7.23
C VAL V 141 -39.51 -5.21 6.97
N VAL V 142 -40.24 -4.09 6.89
CA VAL V 142 -39.72 -2.84 6.40
C VAL V 142 -38.99 -2.21 7.57
N LEU V 143 -37.70 -1.93 7.39
CA LEU V 143 -36.94 -1.38 8.48
C LEU V 143 -36.67 0.10 8.22
N GLN V 144 -36.51 0.56 6.97
CA GLN V 144 -36.39 1.99 6.71
C GLN V 144 -37.02 2.33 5.35
N ASP V 145 -37.97 3.28 5.33
CA ASP V 145 -38.67 3.67 4.11
C ASP V 145 -39.29 5.05 4.31
N ALA V 146 -38.74 6.04 3.60
CA ALA V 146 -39.10 7.42 3.85
C ALA V 146 -40.44 7.76 3.20
N ASP V 147 -40.75 7.11 2.07
CA ASP V 147 -41.78 7.58 1.17
C ASP V 147 -42.91 6.55 1.00
N THR V 148 -43.07 5.67 1.98
CA THR V 148 -44.15 4.70 2.06
C THR V 148 -44.25 3.86 0.80
N SER V 149 -43.12 3.64 0.15
CA SER V 149 -43.08 2.92 -1.11
C SER V 149 -43.40 1.45 -0.96
N CYS V 150 -43.06 0.86 0.18
CA CYS V 150 -43.48 -0.53 0.44
C CYS V 150 -44.93 -0.61 0.95
N SER V 151 -45.77 -1.33 0.20
CA SER V 151 -47.11 -1.72 0.62
C SER V 151 -47.26 -3.24 0.53
N LYS V 152 -48.11 -3.82 1.38
CA LYS V 152 -48.20 -5.26 1.57
C LYS V 152 -48.41 -5.98 0.24
N ASP V 153 -49.24 -5.43 -0.64
CA ASP V 153 -49.51 -6.07 -1.92
C ASP V 153 -48.45 -5.76 -2.99
N THR V 154 -47.59 -4.73 -2.80
CA THR V 154 -46.57 -4.33 -3.77
C THR V 154 -45.29 -3.75 -3.10
N PRO V 155 -44.36 -4.58 -2.63
CA PRO V 155 -43.20 -4.08 -1.94
C PRO V 155 -42.14 -3.61 -2.91
N VAL V 156 -42.24 -2.33 -3.32
CA VAL V 156 -41.24 -1.77 -4.21
C VAL V 156 -40.24 -0.95 -3.41
N ILE V 157 -38.94 -1.30 -3.43
CA ILE V 157 -37.94 -0.56 -2.68
C ILE V 157 -37.20 0.42 -3.57
N ASN V 158 -37.01 1.67 -3.08
CA ASN V 158 -36.35 2.73 -3.84
C ASN V 158 -35.22 3.30 -3.02
N LYS V 159 -34.46 4.25 -3.59
CA LYS V 159 -33.16 4.62 -3.03
C LYS V 159 -33.33 5.05 -1.60
N GLY V 160 -32.57 4.42 -0.70
CA GLY V 160 -32.60 4.78 0.71
C GLY V 160 -33.23 3.70 1.59
N ASP V 161 -34.01 2.81 0.98
CA ASP V 161 -34.80 1.89 1.78
C ASP V 161 -33.93 0.75 2.31
N ILE V 162 -34.30 0.15 3.45
CA ILE V 162 -33.71 -1.10 3.93
C ILE V 162 -34.84 -2.00 4.38
N VAL V 163 -34.73 -3.32 4.09
CA VAL V 163 -35.81 -4.25 4.33
C VAL V 163 -35.26 -5.63 4.58
N ALA V 164 -35.97 -6.43 5.39
CA ALA V 164 -35.39 -7.67 5.84
C ALA V 164 -36.21 -8.81 5.29
N ILE V 165 -35.53 -9.72 4.60
CA ILE V 165 -36.16 -10.87 4.02
C ILE V 165 -36.04 -11.91 5.12
N CYS V 166 -37.17 -12.45 5.53
CA CYS V 166 -37.24 -13.35 6.65
C CYS V 166 -37.48 -14.77 6.15
N LEU V 167 -36.62 -15.74 6.52
CA LEU V 167 -36.69 -17.12 6.08
C LEU V 167 -36.60 -18.05 7.28
N ASN V 168 -37.45 -19.10 7.33
CA ASN V 168 -37.44 -20.03 8.45
C ASN V 168 -36.91 -21.29 7.88
N VAL V 169 -35.75 -21.74 8.40
CA VAL V 169 -34.98 -22.78 7.75
C VAL V 169 -34.88 -24.02 8.61
N SER V 170 -35.67 -24.09 9.66
CA SER V 170 -35.48 -25.01 10.75
C SER V 170 -35.47 -26.45 10.29
N ASN V 171 -36.36 -26.78 9.35
CA ASN V 171 -36.43 -28.15 8.87
C ASN V 171 -35.86 -28.35 7.45
N THR V 172 -35.69 -27.26 6.71
CA THR V 172 -35.34 -27.29 5.31
C THR V 172 -33.84 -27.39 5.14
N LEU V 173 -33.05 -26.60 5.86
CA LEU V 173 -31.59 -26.68 5.78
C LEU V 173 -31.00 -26.91 7.17
N ASN V 174 -29.93 -27.72 7.29
CA ASN V 174 -29.54 -28.24 8.59
C ASN V 174 -28.31 -27.48 9.11
N LEU V 175 -28.50 -26.24 9.56
CA LEU V 175 -27.39 -25.33 9.82
C LEU V 175 -26.76 -25.56 11.18
N LYS V 176 -26.02 -26.65 11.28
CA LYS V 176 -25.17 -26.89 12.45
C LYS V 176 -23.87 -26.11 12.30
N PRO V 177 -22.95 -26.12 13.27
CA PRO V 177 -21.73 -25.34 13.18
C PRO V 177 -20.87 -25.69 11.99
N ARG V 178 -19.96 -24.78 11.63
CA ARG V 178 -18.97 -25.06 10.62
C ARG V 178 -19.59 -25.41 9.26
N THR V 179 -20.79 -24.87 8.95
CA THR V 179 -21.51 -25.23 7.74
C THR V 179 -21.55 -24.05 6.75
N LYS V 180 -21.24 -24.30 5.48
CA LYS V 180 -21.22 -23.25 4.46
C LYS V 180 -22.61 -23.07 3.87
N VAL V 181 -23.02 -21.81 3.67
CA VAL V 181 -24.32 -21.50 3.12
C VAL V 181 -24.10 -20.54 1.97
N THR V 182 -24.76 -20.78 0.84
CA THR V 182 -24.48 -20.05 -0.38
C THR V 182 -25.82 -19.71 -1.01
N GLY V 183 -25.91 -18.58 -1.72
CA GLY V 183 -27.19 -18.29 -2.35
C GLY V 183 -27.28 -16.91 -2.97
N ALA V 184 -28.49 -16.54 -3.40
CA ALA V 184 -28.70 -15.27 -4.05
C ALA V 184 -30.16 -14.87 -3.95
N VAL V 185 -30.40 -13.57 -3.84
CA VAL V 185 -31.72 -13.03 -4.09
C VAL V 185 -31.69 -12.44 -5.48
N ILE V 186 -32.57 -12.94 -6.36
CA ILE V 186 -32.51 -12.65 -7.78
C ILE V 186 -33.72 -11.79 -8.11
N PRO V 187 -33.54 -10.52 -8.51
CA PRO V 187 -34.66 -9.69 -8.92
C PRO V 187 -35.07 -9.91 -10.36
N GLU V 188 -36.17 -9.25 -10.74
CA GLU V 188 -36.82 -9.41 -12.01
C GLU V 188 -35.88 -8.90 -13.08
N PHE V 189 -35.20 -7.80 -12.77
CA PHE V 189 -34.08 -7.34 -13.58
C PHE V 189 -33.00 -6.79 -12.68
N GLY V 190 -31.77 -6.80 -13.18
CA GLY V 190 -30.67 -6.28 -12.38
C GLY V 190 -29.92 -7.38 -11.65
N ALA V 191 -28.82 -6.99 -10.99
CA ALA V 191 -27.81 -7.94 -10.57
C ALA V 191 -28.21 -8.56 -9.24
N PRO V 192 -27.98 -9.87 -9.03
CA PRO V 192 -28.35 -10.52 -7.79
C PRO V 192 -27.48 -10.14 -6.61
N ALA V 193 -28.07 -10.24 -5.41
CA ALA V 193 -27.30 -10.09 -4.19
C ALA V 193 -26.77 -11.46 -3.82
N VAL V 194 -25.51 -11.56 -3.35
CA VAL V 194 -24.89 -12.84 -3.10
C VAL V 194 -24.75 -13.07 -1.60
N ILE V 195 -25.38 -14.16 -1.10
CA ILE V 195 -25.35 -14.57 0.29
C ILE V 195 -24.23 -15.58 0.39
N SER V 196 -23.32 -15.43 1.36
CA SER V 196 -22.20 -16.35 1.44
C SER V 196 -21.58 -16.28 2.82
N PHE V 197 -21.76 -17.32 3.62
CA PHE V 197 -21.25 -17.30 4.97
C PHE V 197 -21.00 -18.70 5.48
N THR V 198 -20.13 -18.80 6.47
CA THR V 198 -19.92 -20.08 7.10
C THR V 198 -20.26 -19.91 8.57
N THR V 199 -21.09 -20.80 9.11
CA THR V 199 -21.60 -20.57 10.46
C THR V 199 -20.42 -20.71 11.39
N PRO V 200 -20.40 -20.03 12.55
CA PRO V 200 -19.30 -20.11 13.50
C PRO V 200 -18.88 -21.51 13.96
N ALA V 201 -17.72 -21.56 14.57
CA ALA V 201 -17.20 -22.82 15.08
C ALA V 201 -17.93 -23.24 16.35
N THR V 202 -18.48 -22.28 17.10
CA THR V 202 -19.08 -22.56 18.39
C THR V 202 -20.27 -21.64 18.61
N TYR V 203 -21.38 -22.21 19.06
CA TYR V 203 -22.53 -21.42 19.40
C TYR V 203 -22.58 -21.39 20.93
N LEU V 204 -22.79 -20.22 21.55
CA LEU V 204 -22.86 -20.12 23.00
C LEU V 204 -24.28 -19.78 23.47
N ASP V 205 -24.72 -20.38 24.58
CA ASP V 205 -26.09 -20.21 25.08
C ASP V 205 -26.36 -18.80 25.61
N THR V 206 -25.30 -18.02 25.81
CA THR V 206 -25.45 -16.66 26.30
C THR V 206 -25.71 -15.69 25.14
N GLN V 207 -25.61 -16.16 23.90
CA GLN V 207 -25.64 -15.28 22.74
C GLN V 207 -26.52 -15.88 21.63
N HIS V 208 -27.84 -15.85 21.82
CA HIS V 208 -28.69 -16.55 20.90
C HIS V 208 -28.84 -15.85 19.55
N ILE V 209 -28.52 -14.55 19.43
CA ILE V 209 -28.56 -13.94 18.11
C ILE V 209 -27.14 -13.71 17.60
N ILE V 210 -26.85 -14.19 16.37
CA ILE V 210 -25.51 -14.28 15.81
C ILE V 210 -25.44 -13.44 14.55
N GLU V 211 -24.30 -12.77 14.33
CA GLU V 211 -24.13 -11.98 13.12
C GLU V 211 -23.32 -12.81 12.15
N LEU V 212 -23.87 -13.13 10.99
CA LEU V 212 -23.31 -14.17 10.15
C LEU V 212 -22.51 -13.59 8.99
N GLN V 213 -22.95 -12.46 8.44
CA GLN V 213 -22.26 -11.79 7.35
C GLN V 213 -22.42 -10.27 7.57
N ALA W 1 -39.32 10.60 -68.73
CA ALA W 1 -40.08 9.58 -67.94
C ALA W 1 -39.28 9.16 -66.72
N ILE W 2 -38.00 8.81 -66.94
CA ILE W 2 -37.11 8.27 -65.91
C ILE W 2 -36.89 9.31 -64.81
N GLY W 3 -36.71 10.57 -65.23
CA GLY W 3 -36.36 11.66 -64.33
C GLY W 3 -37.30 11.74 -63.14
N ILE W 4 -38.61 11.68 -63.43
CA ILE W 4 -39.68 11.86 -62.48
C ILE W 4 -39.46 10.94 -61.28
N GLY W 5 -39.29 9.66 -61.54
CA GLY W 5 -39.18 8.71 -60.45
C GLY W 5 -37.97 8.98 -59.56
N THR W 6 -36.85 9.43 -60.17
CA THR W 6 -35.60 9.59 -59.46
C THR W 6 -35.82 10.54 -58.30
N LEU W 7 -36.58 11.62 -58.60
CA LEU W 7 -36.84 12.66 -57.63
C LEU W 7 -37.60 12.06 -56.47
N ILE W 8 -38.66 11.29 -56.78
CA ILE W 8 -39.55 10.77 -55.76
C ILE W 8 -38.76 9.89 -54.81
N ILE W 9 -37.98 8.93 -55.31
CA ILE W 9 -37.35 8.04 -54.35
C ILE W 9 -36.29 8.77 -53.55
N PHE W 10 -35.70 9.84 -54.12
CA PHE W 10 -34.71 10.64 -53.41
C PHE W 10 -35.35 11.15 -52.12
N ILE W 11 -36.58 11.64 -52.20
CA ILE W 11 -37.30 12.15 -51.04
C ILE W 11 -37.34 11.10 -49.95
N ALA W 12 -37.61 9.86 -50.33
CA ALA W 12 -37.71 8.81 -49.33
C ALA W 12 -36.37 8.62 -48.64
N MET W 13 -35.27 8.59 -49.41
CA MET W 13 -33.95 8.35 -48.85
C MET W 13 -33.70 9.33 -47.71
N VAL W 14 -34.08 10.60 -47.93
CA VAL W 14 -33.84 11.71 -47.02
C VAL W 14 -34.57 11.41 -45.72
N LEU W 15 -35.86 11.13 -45.85
CA LEU W 15 -36.71 10.96 -44.69
C LEU W 15 -36.24 9.77 -43.87
N VAL W 16 -35.83 8.68 -44.53
CA VAL W 16 -35.46 7.47 -43.81
C VAL W 16 -34.17 7.72 -43.02
N ALA W 17 -33.22 8.45 -43.60
CA ALA W 17 -31.98 8.79 -42.90
C ALA W 17 -32.31 9.69 -41.70
N ALA W 18 -33.27 10.59 -41.89
CA ALA W 18 -33.68 11.51 -40.86
C ALA W 18 -34.22 10.74 -39.67
N VAL W 19 -35.13 9.79 -39.95
CA VAL W 19 -35.77 8.99 -38.91
C VAL W 19 -34.71 8.22 -38.14
N ALA W 20 -33.72 7.68 -38.82
CA ALA W 20 -32.69 6.91 -38.15
C ALA W 20 -31.83 7.83 -37.26
N ALA W 21 -31.57 9.03 -37.76
CA ALA W 21 -30.75 9.95 -37.00
C ALA W 21 -31.46 10.26 -35.68
N ALA W 22 -32.77 10.47 -35.77
CA ALA W 22 -33.58 10.82 -34.61
C ALA W 22 -33.35 9.80 -33.51
N VAL W 23 -33.33 8.51 -33.85
CA VAL W 23 -33.13 7.45 -32.87
C VAL W 23 -31.81 7.70 -32.14
N LEU W 24 -30.76 7.97 -32.90
CA LEU W 24 -29.43 8.00 -32.34
C LEU W 24 -29.33 9.19 -31.40
N ILE W 25 -29.85 10.36 -31.84
CA ILE W 25 -29.80 11.61 -31.11
C ILE W 25 -30.55 11.43 -29.80
N ASN W 26 -31.82 11.00 -29.91
CA ASN W 26 -32.71 10.80 -28.78
C ASN W 26 -32.08 9.88 -27.74
N THR W 27 -31.62 8.72 -28.22
CA THR W 27 -31.08 7.68 -27.36
C THR W 27 -29.92 8.25 -26.57
N SER W 28 -29.08 9.06 -27.23
CA SER W 28 -27.91 9.61 -26.60
C SER W 28 -28.37 10.49 -25.44
N GLY W 29 -29.42 11.28 -25.69
CA GLY W 29 -30.09 12.08 -24.69
C GLY W 29 -30.53 11.25 -23.49
N PHE W 30 -31.25 10.15 -23.76
CA PHE W 30 -31.80 9.29 -22.73
C PHE W 30 -30.69 8.74 -21.83
N LEU W 31 -29.54 8.46 -22.41
CA LEU W 31 -28.45 7.86 -21.67
C LEU W 31 -27.72 8.93 -20.88
N GLN W 32 -27.68 10.15 -21.38
CA GLN W 32 -26.87 11.20 -20.78
C GLN W 32 -27.25 11.33 -19.30
N GLN W 33 -28.57 11.35 -19.06
CA GLN W 33 -29.15 11.51 -17.73
C GLN W 33 -28.56 10.47 -16.78
N LYS W 34 -28.77 9.19 -17.12
CA LYS W 34 -28.47 8.08 -16.23
C LYS W 34 -26.98 7.97 -16.03
N ALA W 35 -26.21 8.28 -17.08
CA ALA W 35 -24.77 8.17 -16.99
C ALA W 35 -24.31 9.07 -15.85
N MET W 36 -24.71 10.33 -15.89
CA MET W 36 -24.24 11.28 -14.89
C MET W 36 -24.70 10.81 -13.52
N ALA W 37 -26.00 10.53 -13.40
CA ALA W 37 -26.64 10.19 -12.14
C ALA W 37 -25.85 9.11 -11.42
N THR W 38 -25.43 8.08 -12.17
CA THR W 38 -24.82 6.90 -11.59
C THR W 38 -23.51 7.30 -10.94
N GLY W 39 -22.75 8.16 -11.62
CA GLY W 39 -21.43 8.54 -11.14
C GLY W 39 -21.53 9.34 -9.84
N LYS W 40 -22.42 10.33 -9.84
CA LYS W 40 -22.57 11.22 -8.70
C LYS W 40 -22.98 10.38 -7.49
N GLU W 41 -24.05 9.60 -7.65
CA GLU W 41 -24.58 8.76 -6.59
C GLU W 41 -23.49 7.86 -6.02
N SER W 42 -22.71 7.23 -6.89
CA SER W 42 -21.76 6.24 -6.45
C SER W 42 -20.65 6.90 -5.63
N THR W 43 -20.29 8.13 -6.00
CA THR W 43 -19.21 8.82 -5.34
C THR W 43 -19.70 9.19 -3.94
N GLU W 44 -20.90 9.75 -3.83
CA GLU W 44 -21.43 10.20 -2.56
C GLU W 44 -21.50 9.04 -1.57
N GLN W 45 -21.78 7.83 -2.09
CA GLN W 45 -21.85 6.61 -1.30
C GLN W 45 -20.48 6.28 -0.72
N VAL W 46 -19.44 6.30 -1.54
CA VAL W 46 -18.17 5.80 -1.05
C VAL W 46 -17.52 6.80 -0.10
N ALA W 47 -17.84 8.08 -0.25
CA ALA W 47 -17.15 9.15 0.44
C ALA W 47 -17.76 9.43 1.80
N SER W 48 -19.06 9.20 1.95
CA SER W 48 -19.76 9.62 3.15
C SER W 48 -19.84 8.52 4.20
N GLY W 49 -20.04 8.93 5.46
CA GLY W 49 -20.05 8.00 6.58
C GLY W 49 -20.07 8.72 7.93
N LEU W 50 -20.18 7.96 9.03
CA LEU W 50 -20.11 8.49 10.37
C LEU W 50 -19.15 7.63 11.17
N LEU W 51 -18.63 8.19 12.27
CA LEU W 51 -17.58 7.55 13.03
C LEU W 51 -17.83 7.75 14.52
N CYS W 52 -17.72 6.64 15.27
CA CYS W 52 -18.01 6.57 16.69
C CYS W 52 -16.81 7.05 17.47
N SER W 53 -17.08 7.85 18.49
CA SER W 53 -16.02 8.63 19.10
C SER W 53 -15.84 8.11 20.50
N GLY W 54 -16.93 7.62 21.10
CA GLY W 54 -16.92 7.25 22.50
C GLY W 54 -18.30 6.75 22.88
N VAL W 55 -18.37 5.91 23.94
CA VAL W 55 -19.64 5.57 24.55
C VAL W 55 -19.49 5.69 26.04
N THR W 56 -20.54 6.20 26.74
CA THR W 56 -20.55 6.24 28.19
C THR W 56 -21.90 5.86 28.77
N GLY W 57 -21.95 5.49 30.07
CA GLY W 57 -23.18 4.85 30.56
C GLY W 57 -23.41 4.98 32.07
N HIS W 58 -24.66 4.82 32.55
CA HIS W 58 -25.01 5.12 33.93
C HIS W 58 -25.46 3.87 34.66
N TYR W 59 -24.89 3.60 35.84
CA TYR W 59 -25.14 2.36 36.56
C TYR W 59 -26.04 2.62 37.73
N VAL W 60 -27.18 1.92 37.83
CA VAL W 60 -28.04 2.00 39.00
C VAL W 60 -27.66 0.86 39.94
N LYS W 61 -27.52 1.16 41.24
CA LYS W 61 -26.94 0.19 42.17
C LYS W 61 -27.77 -1.08 42.19
N ASN W 62 -27.07 -2.21 42.17
CA ASN W 62 -27.68 -3.51 42.31
C ASN W 62 -28.57 -3.83 41.11
N LYS W 63 -28.51 -3.03 40.04
CA LYS W 63 -29.36 -3.28 38.87
C LYS W 63 -28.56 -3.48 37.58
N GLY W 64 -27.65 -2.56 37.24
CA GLY W 64 -26.94 -2.62 35.97
C GLY W 64 -27.02 -1.33 35.16
N ILE W 65 -26.56 -1.34 33.91
CA ILE W 65 -26.47 -0.12 33.15
C ILE W 65 -27.85 0.21 32.61
N ASP W 66 -28.29 1.43 32.85
CA ASP W 66 -29.67 1.82 32.67
C ASP W 66 -29.83 2.56 31.36
N ARG W 67 -28.86 3.43 31.03
CA ARG W 67 -28.87 4.31 29.87
C ARG W 67 -27.43 4.45 29.31
N ILE W 68 -27.30 4.78 28.01
CA ILE W 68 -26.03 4.97 27.34
C ILE W 68 -26.05 6.17 26.41
N VAL W 69 -24.88 6.86 26.25
CA VAL W 69 -24.75 8.00 25.34
C VAL W 69 -23.60 7.78 24.39
N ILE W 70 -23.89 7.84 23.09
CA ILE W 70 -22.96 7.43 22.03
C ILE W 70 -22.57 8.70 21.31
N TYR W 71 -21.29 8.98 21.19
CA TYR W 71 -20.84 10.23 20.58
C TYR W 71 -20.47 9.93 19.15
N ILE W 72 -20.94 10.77 18.21
CA ILE W 72 -20.84 10.47 16.79
C ILE W 72 -20.40 11.71 16.03
N THR W 73 -19.63 11.51 14.95
CA THR W 73 -18.98 12.58 14.18
C THR W 73 -18.88 12.12 12.74
N PRO W 74 -18.81 13.02 11.73
CA PRO W 74 -18.75 12.57 10.35
C PRO W 74 -17.31 12.34 9.93
N ASN W 75 -17.08 11.49 8.92
CA ASN W 75 -15.71 11.20 8.48
C ASN W 75 -15.20 12.34 7.63
N ALA W 76 -13.87 12.47 7.51
CA ALA W 76 -13.30 13.53 6.67
C ALA W 76 -13.93 13.48 5.29
N GLY W 77 -14.39 14.63 4.79
CA GLY W 77 -14.78 14.74 3.39
C GLY W 77 -16.21 14.24 3.12
N SER W 78 -16.87 13.70 4.13
CA SER W 78 -18.23 13.19 3.96
C SER W 78 -19.22 14.28 3.65
N ALA W 79 -20.21 13.95 2.83
CA ALA W 79 -21.22 14.92 2.46
C ALA W 79 -22.17 14.93 3.64
N PRO W 80 -23.07 15.92 3.80
CA PRO W 80 -23.84 16.05 5.02
C PRO W 80 -24.84 14.92 5.22
N ILE W 81 -25.00 14.44 6.46
CA ILE W 81 -25.81 13.29 6.78
C ILE W 81 -27.06 13.71 7.54
N ASP W 82 -28.21 13.24 7.04
CA ASP W 82 -29.53 13.68 7.44
C ASP W 82 -29.93 12.81 8.60
N LEU W 83 -29.59 13.27 9.80
CA LEU W 83 -29.54 12.35 10.92
C LEU W 83 -30.89 11.74 11.16
N LYS W 84 -31.97 12.41 10.74
CA LYS W 84 -33.31 12.05 11.20
C LYS W 84 -33.83 10.89 10.40
N GLN W 85 -33.08 10.46 9.41
CA GLN W 85 -33.49 9.28 8.67
C GLN W 85 -32.61 8.08 9.05
N CYS W 86 -31.62 8.22 9.91
CA CYS W 86 -30.70 7.13 10.18
C CYS W 86 -31.29 6.19 11.22
N LYS W 87 -31.02 4.88 11.16
CA LYS W 87 -31.56 3.92 12.10
C LYS W 87 -30.42 3.23 12.84
N LEU W 88 -30.60 2.90 14.12
CA LEU W 88 -29.54 2.35 14.96
C LEU W 88 -29.94 0.96 15.37
N PHE W 89 -29.11 -0.03 15.01
CA PHE W 89 -29.37 -1.43 15.29
C PHE W 89 -28.42 -1.87 16.39
N LEU W 90 -28.97 -2.54 17.41
CA LEU W 90 -28.16 -3.00 18.52
C LEU W 90 -28.54 -4.45 18.82
N MET W 91 -27.53 -5.27 19.14
CA MET W 91 -27.68 -6.67 19.49
C MET W 91 -27.11 -6.90 20.89
N TYR W 92 -27.75 -7.82 21.62
CA TYR W 92 -27.37 -8.17 22.99
C TYR W 92 -27.83 -9.60 23.25
N ASP W 93 -28.09 -9.97 24.48
CA ASP W 93 -28.08 -11.40 24.83
C ASP W 93 -29.30 -12.10 24.27
N GLY W 94 -30.30 -11.38 23.85
CA GLY W 94 -31.43 -12.13 23.35
C GLY W 94 -32.32 -11.40 22.33
N LYS W 95 -31.93 -10.19 21.96
CA LYS W 95 -32.79 -9.26 21.31
C LYS W 95 -31.95 -8.47 20.32
N ALA W 96 -32.56 -8.08 19.20
CA ALA W 96 -31.91 -7.27 18.20
C ALA W 96 -32.92 -6.20 17.80
N VAL W 97 -32.64 -4.95 18.17
CA VAL W 97 -33.62 -3.90 18.24
C VAL W 97 -33.20 -2.82 17.26
N SER W 98 -34.18 -2.23 16.56
CA SER W 98 -33.91 -1.06 15.73
C SER W 98 -34.58 0.14 16.38
N LEU W 99 -33.89 1.29 16.50
CA LEU W 99 -34.44 2.51 17.07
C LEU W 99 -34.50 3.66 16.05
N ASN W 100 -35.56 4.52 16.04
CA ASN W 100 -35.70 5.60 15.06
C ASN W 100 -35.64 6.96 15.71
N PHE W 101 -35.14 8.01 15.02
CA PHE W 101 -35.02 9.36 15.56
C PHE W 101 -36.34 9.88 16.08
N SER W 102 -36.29 10.72 17.11
CA SER W 102 -37.49 11.31 17.66
C SER W 102 -37.12 12.69 18.16
N LYS W 103 -38.06 13.62 18.12
CA LYS W 103 -37.72 14.99 18.46
C LYS W 103 -37.51 15.11 19.97
N TYR W 104 -36.50 15.90 20.36
CA TYR W 104 -36.24 16.39 21.71
C TYR W 104 -37.47 17.22 22.09
N ASP W 105 -37.58 17.74 23.31
CA ASP W 105 -38.77 18.53 23.63
C ASP W 105 -38.88 19.77 22.74
N THR W 106 -39.98 19.82 21.93
CA THR W 106 -40.47 20.99 21.22
C THR W 106 -39.54 21.44 20.08
N ASN W 107 -38.34 20.87 20.01
CA ASN W 107 -37.30 21.35 19.10
C ASN W 107 -36.55 20.13 18.51
N THR W 108 -35.90 20.29 17.36
CA THR W 108 -35.50 19.10 16.65
C THR W 108 -34.37 18.37 17.38
N VAL W 109 -33.47 19.11 18.04
CA VAL W 109 -32.26 18.58 18.61
C VAL W 109 -31.98 19.43 19.85
N GLY W 110 -31.62 18.80 20.97
CA GLY W 110 -31.45 19.54 22.21
C GLY W 110 -30.23 20.46 22.16
N ASP W 111 -30.42 21.78 22.29
CA ASP W 111 -29.32 22.72 22.09
C ASP W 111 -28.47 22.91 23.34
N PHE W 112 -27.40 22.16 23.42
CA PHE W 112 -26.44 22.33 24.49
C PHE W 112 -25.10 22.67 23.88
N THR W 113 -25.10 23.57 22.89
CA THR W 113 -23.88 24.06 22.30
C THR W 113 -23.03 24.77 23.33
N ASN W 114 -23.63 25.25 24.44
CA ASN W 114 -22.92 25.97 25.47
C ASN W 114 -22.81 25.21 26.80
N GLY W 115 -22.81 23.87 26.78
CA GLY W 115 -22.35 23.12 27.94
C GLY W 115 -23.47 22.54 28.80
N ILE W 116 -23.18 21.45 29.54
CA ILE W 116 -24.16 20.73 30.32
C ILE W 116 -23.54 20.45 31.67
N LYS W 117 -24.30 20.67 32.74
CA LYS W 117 -23.82 20.45 34.10
C LYS W 117 -23.57 18.96 34.31
N ASP W 118 -24.50 18.11 33.82
CA ASP W 118 -24.37 16.65 33.89
C ASP W 118 -25.26 16.02 32.85
N ILE W 119 -24.71 15.20 31.94
CA ILE W 119 -25.42 14.70 30.77
C ILE W 119 -26.49 13.73 31.22
N PHE W 120 -26.42 13.25 32.46
CA PHE W 120 -27.39 12.25 32.89
C PHE W 120 -28.39 12.79 33.90
N ASN W 121 -28.27 14.04 34.36
CA ASN W 121 -29.23 14.58 35.31
C ASN W 121 -30.53 14.84 34.57
N THR W 122 -31.63 14.26 35.10
CA THR W 122 -32.90 14.17 34.40
C THR W 122 -33.51 15.55 34.12
N THR W 123 -33.47 16.45 35.11
CA THR W 123 -34.16 17.73 35.00
C THR W 123 -33.50 18.65 34.01
N VAL W 124 -32.17 18.56 33.90
CA VAL W 124 -31.41 19.38 32.97
C VAL W 124 -31.66 18.87 31.56
N VAL W 125 -31.60 17.53 31.36
CA VAL W 125 -31.35 16.99 30.04
C VAL W 125 -32.61 16.58 29.30
N LYS W 126 -33.68 16.21 30.01
CA LYS W 126 -34.87 15.78 29.30
C LYS W 126 -34.69 14.46 28.52
N TRP W 127 -34.55 13.36 29.27
CA TRP W 127 -34.43 12.01 28.74
C TRP W 127 -35.78 11.45 28.32
N ASN W 128 -36.90 12.11 28.63
CA ASN W 128 -38.20 11.45 28.65
C ASN W 128 -38.66 10.86 27.32
N ASN W 129 -38.25 11.44 26.17
CA ASN W 129 -38.68 10.93 24.87
C ASN W 129 -37.85 9.74 24.42
N ALA W 130 -36.93 9.22 25.24
CA ALA W 130 -36.20 8.02 24.84
C ALA W 130 -37.05 6.78 25.17
N ASP W 131 -38.03 6.49 24.31
CA ASP W 131 -38.97 5.39 24.45
C ASP W 131 -38.26 4.11 24.09
N ALA W 132 -38.95 2.97 24.12
CA ALA W 132 -38.27 1.71 23.98
C ALA W 132 -37.94 1.51 22.51
N THR W 133 -38.44 2.38 21.64
CA THR W 133 -38.22 2.25 20.21
C THR W 133 -37.62 3.49 19.55
N SER W 134 -37.09 4.48 20.29
CA SER W 134 -36.45 5.63 19.66
C SER W 134 -35.22 6.18 20.37
N PHE W 135 -34.45 7.03 19.67
CA PHE W 135 -33.41 7.82 20.30
C PHE W 135 -33.63 9.31 20.13
N VAL W 136 -32.85 10.11 20.90
CA VAL W 136 -32.86 11.56 20.73
C VAL W 136 -31.44 12.04 20.64
N VAL W 137 -31.21 13.24 20.09
CA VAL W 137 -29.89 13.74 19.75
C VAL W 137 -29.67 15.05 20.49
N VAL W 138 -28.47 15.22 21.07
CA VAL W 138 -28.10 16.40 21.83
C VAL W 138 -26.89 16.98 21.11
N ALA W 139 -26.93 18.27 20.77
CA ALA W 139 -25.93 18.87 19.91
C ALA W 139 -24.85 19.50 20.77
N LEU W 140 -23.61 19.03 20.58
CA LEU W 140 -22.53 19.41 21.45
C LEU W 140 -21.59 20.43 20.77
N GLN W 141 -21.33 20.32 19.46
CA GLN W 141 -20.58 21.37 18.77
C GLN W 141 -21.07 21.49 17.33
N ASP W 142 -21.43 22.71 16.90
CA ASP W 142 -22.00 22.99 15.59
C ASP W 142 -21.97 24.49 15.34
N ASP W 143 -21.02 24.93 14.49
CA ASP W 143 -20.77 26.33 14.22
C ASP W 143 -21.90 26.91 13.37
N ASP W 144 -22.24 26.18 12.32
CA ASP W 144 -23.10 26.62 11.23
C ASP W 144 -24.58 26.41 11.52
N LYS W 145 -24.95 26.00 12.73
CA LYS W 145 -26.33 25.75 13.10
C LYS W 145 -27.04 24.65 12.28
N SER W 146 -26.30 23.70 11.70
CA SER W 146 -26.97 22.66 10.93
C SER W 146 -27.68 21.64 11.80
N LEU W 147 -27.06 21.24 12.90
CA LEU W 147 -27.70 20.28 13.77
C LEU W 147 -28.99 20.94 14.25
N LEU W 148 -28.91 22.23 14.60
CA LEU W 148 -29.93 22.89 15.41
C LEU W 148 -31.19 23.12 14.58
N THR W 149 -31.13 22.83 13.29
CA THR W 149 -32.16 23.27 12.38
C THR W 149 -32.29 22.19 11.29
N ASN W 150 -33.24 21.27 11.48
CA ASN W 150 -33.43 20.20 10.50
C ASN W 150 -32.35 19.10 10.56
N ALA W 151 -31.52 19.09 11.60
CA ALA W 151 -30.80 17.90 12.07
C ALA W 151 -29.82 17.33 11.05
N VAL W 152 -29.00 18.20 10.43
CA VAL W 152 -28.03 17.69 9.48
C VAL W 152 -26.61 17.83 10.03
N ILE W 153 -25.89 16.70 10.11
CA ILE W 153 -24.49 16.71 10.53
C ILE W 153 -23.67 17.14 9.32
N ASN W 154 -22.74 18.10 9.51
CA ASN W 154 -21.72 18.41 8.51
C ASN W 154 -20.36 18.56 9.18
N LYS W 155 -19.35 18.99 8.41
CA LYS W 155 -17.96 18.85 8.82
C LYS W 155 -17.69 19.52 10.15
N GLY W 156 -17.10 18.79 11.10
CA GLY W 156 -16.68 19.43 12.33
C GLY W 156 -17.74 19.38 13.42
N ASP W 157 -18.95 18.89 13.10
CA ASP W 157 -19.96 18.78 14.13
C ASP W 157 -19.68 17.58 15.04
N LEU W 158 -20.13 17.61 16.31
CA LEU W 158 -20.08 16.46 17.23
C LEU W 158 -21.39 16.40 17.97
N ALA W 159 -22.01 15.21 18.06
CA ALA W 159 -23.37 15.11 18.55
C ALA W 159 -23.52 13.83 19.31
N GLY W 160 -24.50 13.79 20.19
CA GLY W 160 -24.54 12.66 21.09
C GLY W 160 -25.91 12.03 21.04
N VAL W 161 -25.94 10.71 20.88
CA VAL W 161 -27.19 10.01 20.73
C VAL W 161 -27.52 9.40 22.07
N LEU W 162 -28.73 9.62 22.59
CA LEU W 162 -29.11 9.06 23.88
C LEU W 162 -29.97 7.81 23.67
N VAL W 163 -29.64 6.66 24.31
CA VAL W 163 -30.50 5.47 24.25
C VAL W 163 -30.84 4.87 25.60
N ASN W 164 -32.13 4.63 25.90
CA ASN W 164 -32.63 4.16 27.19
C ASN W 164 -32.58 2.65 27.13
N VAL W 165 -31.37 2.12 27.37
CA VAL W 165 -31.09 0.77 27.00
C VAL W 165 -31.99 -0.14 27.80
N SER W 166 -32.26 0.22 29.04
CA SER W 166 -32.94 -0.74 29.91
C SER W 166 -34.36 -0.92 29.43
N ALA W 167 -34.85 0.07 28.70
CA ALA W 167 -36.21 0.02 28.15
C ALA W 167 -36.19 -0.64 26.78
N ALA W 168 -35.11 -0.44 26.05
CA ALA W 168 -34.96 -0.99 24.71
C ALA W 168 -34.81 -2.51 24.76
N PHE W 169 -33.90 -3.00 25.59
CA PHE W 169 -33.68 -4.42 25.66
C PHE W 169 -34.57 -5.03 26.73
N GLY W 170 -35.29 -4.20 27.47
CA GLY W 170 -36.22 -4.75 28.44
C GLY W 170 -35.58 -5.16 29.77
N LYS W 171 -34.24 -5.16 29.84
CA LYS W 171 -33.56 -5.33 31.13
C LYS W 171 -32.25 -4.54 31.18
N HIS W 172 -31.71 -4.35 32.39
CA HIS W 172 -30.44 -3.67 32.52
C HIS W 172 -29.28 -4.57 32.05
N VAL W 173 -28.27 -4.04 31.33
CA VAL W 173 -27.20 -4.93 30.89
C VAL W 173 -26.24 -5.16 32.04
N GLY W 174 -25.84 -6.40 32.24
CA GLY W 174 -25.07 -6.81 33.39
C GLY W 174 -23.57 -6.71 33.14
N THR W 175 -22.78 -7.29 34.03
CA THR W 175 -21.34 -7.25 33.88
C THR W 175 -20.93 -8.36 32.93
N ARG W 176 -19.76 -8.23 32.29
CA ARG W 176 -19.18 -9.25 31.43
C ARG W 176 -20.06 -9.57 30.23
N GLU W 177 -20.87 -8.62 29.74
CA GLU W 177 -21.74 -8.86 28.61
C GLU W 177 -21.34 -8.00 27.42
N ARG W 178 -21.46 -8.50 26.17
CA ARG W 178 -21.18 -7.62 25.03
C ARG W 178 -22.42 -7.06 24.37
N VAL W 179 -22.26 -5.88 23.76
CA VAL W 179 -23.29 -5.27 22.96
C VAL W 179 -22.66 -4.73 21.69
N SER W 180 -23.31 -5.01 20.54
CA SER W 180 -22.70 -4.54 19.31
C SER W 180 -23.78 -4.08 18.36
N GLY W 181 -23.41 -3.13 17.49
CA GLY W 181 -24.39 -2.63 16.55
C GLY W 181 -23.77 -1.70 15.52
N TYR W 182 -24.65 -1.00 14.82
CA TYR W 182 -24.27 -0.07 13.79
C TYR W 182 -25.32 1.04 13.74
N LEU W 183 -24.87 2.28 13.50
CA LEU W 183 -25.78 3.36 13.17
C LEU W 183 -25.68 3.56 11.69
N GLN W 184 -26.76 3.29 10.97
CA GLN W 184 -26.67 3.13 9.53
C GLN W 184 -27.33 4.33 8.91
N PRO W 185 -26.60 5.21 8.20
CA PRO W 185 -27.25 6.32 7.54
C PRO W 185 -27.91 5.91 6.25
N GLU W 186 -28.68 6.85 5.69
CA GLU W 186 -29.46 6.69 4.49
C GLU W 186 -28.56 6.37 3.33
N PHE W 187 -27.41 7.03 3.26
CA PHE W 187 -26.37 6.64 2.35
C PHE W 187 -25.02 6.78 3.02
N GLY W 188 -24.08 5.87 2.70
CA GLY W 188 -22.74 5.98 3.26
C GLY W 188 -22.50 4.94 4.35
N ALA W 189 -21.28 4.97 4.89
CA ALA W 189 -20.79 3.85 5.68
C ALA W 189 -21.32 3.96 7.11
N PRO W 190 -21.61 2.84 7.78
CA PRO W 190 -22.20 2.90 9.10
C PRO W 190 -21.18 3.01 10.21
N ALA W 191 -21.57 3.64 11.30
CA ALA W 191 -20.67 3.75 12.43
C ALA W 191 -20.81 2.48 13.25
N VAL W 192 -19.72 1.71 13.43
CA VAL W 192 -19.74 0.47 14.21
C VAL W 192 -19.70 0.79 15.69
N ILE W 193 -20.48 0.08 16.50
CA ILE W 193 -20.42 0.19 17.95
C ILE W 193 -20.14 -1.22 18.49
N GLU W 194 -19.25 -1.32 19.48
CA GLU W 194 -18.90 -2.61 20.02
C GLU W 194 -18.24 -2.36 21.37
N PHE W 195 -18.82 -2.95 22.43
CA PHE W 195 -18.13 -2.98 23.70
C PHE W 195 -18.61 -4.08 24.62
N THR W 196 -17.71 -4.46 25.53
CA THR W 196 -18.02 -5.45 26.53
C THR W 196 -18.04 -4.73 27.88
N THR W 197 -19.12 -4.89 28.65
CA THR W 197 -19.26 -4.17 29.89
C THR W 197 -18.22 -4.76 30.80
N PRO W 198 -17.55 -3.98 31.67
CA PRO W 198 -16.47 -4.51 32.50
C PRO W 198 -16.97 -5.52 33.51
N ALA W 199 -16.00 -6.11 34.19
CA ALA W 199 -16.23 -7.18 35.16
C ALA W 199 -16.82 -6.65 36.46
N ALA W 200 -16.53 -5.39 36.80
CA ALA W 200 -16.91 -4.90 38.11
C ALA W 200 -17.40 -3.46 37.96
N PHE W 201 -18.71 -3.29 38.11
CA PHE W 201 -19.20 -1.94 38.13
C PHE W 201 -18.79 -1.39 39.48
N THR W 202 -18.22 -0.17 39.51
CA THR W 202 -17.78 0.40 40.79
C THR W 202 -17.94 1.93 40.92
N SER W 203 -18.56 2.60 39.93
CA SER W 203 -18.79 4.03 39.94
C SER W 203 -20.01 4.29 39.08
N ASP W 204 -20.62 5.48 39.21
CA ASP W 204 -21.92 5.67 38.57
C ASP W 204 -21.74 5.86 37.07
N VAL W 205 -20.73 6.61 36.60
CA VAL W 205 -20.62 6.81 35.17
C VAL W 205 -19.39 6.13 34.62
N ILE W 206 -19.55 5.20 33.65
CA ILE W 206 -18.51 4.29 33.20
C ILE W 206 -18.13 4.47 31.76
N GLU W 207 -16.84 4.35 31.47
CA GLU W 207 -16.32 4.82 30.19
C GLU W 207 -16.17 3.64 29.25
N LEU W 208 -17.29 3.20 28.70
CA LEU W 208 -17.33 1.97 27.94
C LEU W 208 -16.45 2.03 26.71
N GLN W 209 -16.37 3.20 26.06
CA GLN W 209 -15.40 3.57 25.02
C GLN W 209 -15.20 2.48 23.96
N ALA X 1 -30.41 9.06 -55.10
CA ALA X 1 -28.95 8.71 -55.03
C ALA X 1 -28.52 8.40 -53.59
N ILE X 2 -27.66 7.39 -53.44
CA ILE X 2 -27.29 6.84 -52.14
C ILE X 2 -26.50 7.86 -51.32
N GLY X 3 -25.77 8.75 -52.00
CA GLY X 3 -24.84 9.65 -51.34
C GLY X 3 -25.54 10.52 -50.30
N ILE X 4 -26.77 10.91 -50.65
CA ILE X 4 -27.52 11.89 -49.89
C ILE X 4 -27.66 11.40 -48.45
N GLY X 5 -28.10 10.17 -48.27
CA GLY X 5 -28.28 9.65 -46.93
C GLY X 5 -26.98 9.48 -46.17
N THR X 6 -25.90 9.11 -46.88
CA THR X 6 -24.62 8.81 -46.26
C THR X 6 -24.13 10.07 -45.54
N LEU X 7 -24.33 11.21 -46.19
CA LEU X 7 -23.97 12.52 -45.65
C LEU X 7 -24.78 12.74 -44.36
N ILE X 8 -26.10 12.65 -44.45
CA ILE X 8 -27.01 12.98 -43.37
C ILE X 8 -26.72 12.13 -42.15
N ILE X 9 -26.51 10.83 -42.33
CA ILE X 9 -26.28 9.97 -41.18
C ILE X 9 -24.92 10.27 -40.52
N PHE X 10 -23.94 10.75 -41.30
CA PHE X 10 -22.64 11.13 -40.77
C PHE X 10 -22.80 12.25 -39.76
N ILE X 11 -23.65 13.24 -40.12
CA ILE X 11 -23.94 14.39 -39.26
C ILE X 11 -24.42 13.89 -37.91
N ALA X 12 -25.32 12.92 -37.93
CA ALA X 12 -25.85 12.36 -36.70
C ALA X 12 -24.73 11.69 -35.91
N MET X 13 -23.91 10.89 -36.60
CA MET X 13 -22.95 10.02 -35.93
C MET X 13 -21.96 10.89 -35.14
N VAL X 14 -21.53 11.99 -35.75
CA VAL X 14 -20.61 12.95 -35.16
C VAL X 14 -21.23 13.47 -33.88
N LEU X 15 -22.48 13.94 -33.99
CA LEU X 15 -23.16 14.61 -32.90
C LEU X 15 -23.27 13.66 -31.72
N VAL X 16 -23.61 12.38 -31.97
CA VAL X 16 -23.79 11.44 -30.89
C VAL X 16 -22.46 11.21 -30.19
N ALA X 17 -21.39 11.06 -30.98
CA ALA X 17 -20.08 10.81 -30.41
C ALA X 17 -19.63 12.00 -29.56
N ALA X 18 -20.11 13.20 -29.92
CA ALA X 18 -19.77 14.39 -29.16
C ALA X 18 -20.42 14.28 -27.79
N VAL X 19 -21.72 13.98 -27.77
CA VAL X 19 -22.49 13.89 -26.53
C VAL X 19 -21.87 12.85 -25.61
N ALA X 20 -21.48 11.73 -26.18
CA ALA X 20 -20.89 10.66 -25.41
C ALA X 20 -19.57 11.11 -24.77
N ALA X 21 -18.76 11.84 -25.53
CA ALA X 21 -17.49 12.33 -25.03
C ALA X 21 -17.77 13.28 -23.87
N ALA X 22 -18.77 14.14 -24.05
CA ALA X 22 -19.03 15.20 -23.10
C ALA X 22 -19.15 14.65 -21.69
N VAL X 23 -19.99 13.62 -21.50
CA VAL X 23 -20.30 13.07 -20.19
C VAL X 23 -19.04 12.64 -19.44
N LEU X 24 -18.02 12.20 -20.17
CA LEU X 24 -16.81 11.73 -19.53
C LEU X 24 -16.01 12.94 -19.06
N ILE X 25 -15.97 14.00 -19.88
CA ILE X 25 -15.22 15.21 -19.55
C ILE X 25 -15.86 15.84 -18.31
N ASN X 26 -17.19 16.02 -18.34
CA ASN X 26 -17.97 16.52 -17.22
C ASN X 26 -17.71 15.72 -15.95
N THR X 27 -17.82 14.39 -16.04
CA THR X 27 -17.74 13.53 -14.87
C THR X 27 -16.34 13.60 -14.29
N SER X 28 -15.35 13.78 -15.15
CA SER X 28 -13.98 13.81 -14.69
C SER X 28 -13.78 15.06 -13.84
N GLY X 29 -14.42 16.16 -14.27
CA GLY X 29 -14.46 17.40 -13.52
C GLY X 29 -15.04 17.22 -12.11
N PHE X 30 -16.24 16.61 -12.04
CA PHE X 30 -16.91 16.36 -10.78
C PHE X 30 -16.01 15.56 -9.83
N LEU X 31 -15.42 14.51 -10.36
CA LEU X 31 -14.61 13.65 -9.53
C LEU X 31 -13.33 14.35 -9.09
N GLN X 32 -12.83 15.31 -9.88
CA GLN X 32 -11.54 15.90 -9.58
C GLN X 32 -11.60 16.53 -8.20
N GLN X 33 -12.57 17.42 -8.03
CA GLN X 33 -12.70 18.19 -6.80
C GLN X 33 -12.86 17.24 -5.62
N LYS X 34 -13.79 16.29 -5.78
CA LYS X 34 -14.18 15.41 -4.68
C LYS X 34 -12.98 14.63 -4.18
N ALA X 35 -12.13 14.20 -5.12
CA ALA X 35 -10.97 13.40 -4.81
C ALA X 35 -9.97 14.28 -4.05
N MET X 36 -9.67 15.45 -4.62
CA MET X 36 -8.59 16.29 -4.10
C MET X 36 -8.88 16.66 -2.65
N ALA X 37 -10.12 17.09 -2.39
CA ALA X 37 -10.59 17.49 -1.08
C ALA X 37 -10.45 16.34 -0.10
N THR X 38 -10.79 15.12 -0.53
CA THR X 38 -10.86 13.99 0.37
C THR X 38 -9.47 13.68 0.89
N GLY X 39 -8.48 13.83 0.02
CA GLY X 39 -7.08 13.57 0.37
C GLY X 39 -6.57 14.62 1.35
N LYS X 40 -6.78 15.89 1.04
CA LYS X 40 -6.30 16.99 1.85
C LYS X 40 -6.84 16.80 3.26
N GLU X 41 -8.16 16.68 3.36
CA GLU X 41 -8.87 16.67 4.62
C GLU X 41 -8.34 15.52 5.47
N SER X 42 -8.24 14.34 4.86
CA SER X 42 -7.85 13.17 5.58
C SER X 42 -6.45 13.35 6.15
N THR X 43 -5.61 14.12 5.45
CA THR X 43 -4.21 14.26 5.83
C THR X 43 -4.14 15.10 7.08
N GLU X 44 -4.85 16.22 7.06
CA GLU X 44 -4.86 17.17 8.15
C GLU X 44 -5.33 16.50 9.43
N GLN X 45 -6.33 15.62 9.32
CA GLN X 45 -6.91 14.87 10.44
C GLN X 45 -5.83 14.08 11.15
N VAL X 46 -5.05 13.31 10.41
CA VAL X 46 -4.09 12.41 11.05
C VAL X 46 -2.98 13.23 11.67
N ALA X 47 -2.60 14.31 11.00
CA ALA X 47 -1.37 15.06 11.29
C ALA X 47 -1.49 15.89 12.56
N SER X 48 -2.71 16.13 13.07
CA SER X 48 -2.93 17.19 14.04
C SER X 48 -3.46 16.68 15.37
N GLY X 49 -3.14 17.40 16.45
CA GLY X 49 -3.67 17.04 17.76
C GLY X 49 -3.13 17.92 18.87
N LEU X 50 -3.55 17.67 20.11
CA LEU X 50 -3.13 18.41 21.28
C LEU X 50 -2.55 17.44 22.30
N GLN X 51 -1.71 17.94 23.21
CA GLN X 51 -1.05 17.13 24.20
C GLN X 51 -1.12 17.86 25.54
N VAL X 52 -1.50 17.16 26.62
CA VAL X 52 -1.59 17.76 27.94
C VAL X 52 -0.23 17.74 28.56
N ILE X 53 0.32 18.93 28.87
CA ILE X 53 1.65 19.04 29.40
C ILE X 53 1.58 18.67 30.88
N ARG X 54 0.80 19.44 31.66
CA ARG X 54 0.67 19.22 33.10
C ARG X 54 -0.72 19.65 33.56
N VAL X 55 -1.20 19.16 34.70
CA VAL X 55 -2.41 19.66 35.29
C VAL X 55 -2.13 20.10 36.71
N LEU X 56 -2.57 21.30 37.12
CA LEU X 56 -2.33 21.88 38.42
C LEU X 56 -3.66 22.22 39.12
N GLY X 57 -3.68 22.33 40.46
CA GLY X 57 -4.96 22.37 41.15
C GLY X 57 -4.95 23.01 42.55
N ASN X 58 -5.50 24.21 42.64
CA ASN X 58 -5.65 24.92 43.90
C ASN X 58 -6.53 24.14 44.87
N HIS X 59 -6.33 24.22 46.20
CA HIS X 59 -7.14 23.48 47.20
C HIS X 59 -7.53 24.31 48.42
N SER X 60 -8.79 24.19 48.87
CA SER X 60 -9.29 24.84 50.09
C SER X 60 -10.34 23.94 50.70
N GLY X 61 -10.42 23.92 52.02
CA GLY X 61 -11.49 23.12 52.59
C GLY X 61 -11.17 21.65 52.40
N GLY X 62 -12.05 20.90 51.75
CA GLY X 62 -11.77 19.49 51.66
C GLY X 62 -11.63 19.01 50.23
N LYS X 63 -11.37 19.94 49.32
CA LYS X 63 -11.62 19.65 47.92
C LYS X 63 -10.55 20.36 47.09
N ILE X 64 -10.46 19.95 45.82
CA ILE X 64 -9.76 20.78 44.86
C ILE X 64 -10.86 21.57 44.15
N ASN X 65 -10.74 22.88 44.08
CA ASN X 65 -11.81 23.69 43.59
C ASN X 65 -11.56 24.24 42.19
N TRP X 66 -10.33 24.56 41.80
CA TRP X 66 -10.06 25.02 40.45
C TRP X 66 -9.01 24.08 39.83
N LEU X 67 -9.07 23.84 38.52
CA LEU X 67 -8.02 23.12 37.83
C LEU X 67 -7.50 23.97 36.66
N ALA X 68 -6.19 23.84 36.38
CA ALA X 68 -5.61 24.54 35.27
C ALA X 68 -4.89 23.51 34.45
N VAL X 69 -5.40 23.26 33.25
CA VAL X 69 -4.92 22.19 32.39
C VAL X 69 -4.08 22.84 31.31
N LEU X 70 -2.76 22.59 31.33
CA LEU X 70 -1.86 23.22 30.38
C LEU X 70 -1.76 22.31 29.16
N ILE X 71 -1.87 22.90 27.96
CA ILE X 71 -2.02 22.10 26.75
C ILE X 71 -1.24 22.73 25.61
N SER X 72 -0.75 21.92 24.66
CA SER X 72 0.05 22.45 23.56
C SER X 72 -0.10 21.56 22.35
N PRO X 73 0.24 22.02 21.14
CA PRO X 73 0.07 21.21 19.94
C PRO X 73 1.02 20.03 19.86
N ASN X 74 0.62 19.00 19.11
CA ASN X 74 1.49 17.86 18.82
C ASN X 74 2.45 18.31 17.75
N ALA X 75 3.61 17.67 17.64
CA ALA X 75 4.58 18.11 16.64
C ALA X 75 3.99 17.96 15.24
N GLY X 76 4.15 19.01 14.43
CA GLY X 76 3.81 18.94 13.01
C GLY X 76 2.31 19.09 12.76
N SER X 77 1.61 19.67 13.74
CA SER X 77 0.16 19.85 13.64
C SER X 77 -0.20 21.16 12.97
N ALA X 78 -1.39 21.20 12.37
CA ALA X 78 -1.85 22.40 11.71
C ALA X 78 -2.48 23.20 12.83
N PRO X 79 -2.74 24.50 12.70
CA PRO X 79 -3.18 25.30 13.83
C PRO X 79 -4.56 24.90 14.36
N ILE X 80 -4.71 24.80 15.69
CA ILE X 80 -5.96 24.38 16.32
C ILE X 80 -6.71 25.58 16.91
N ASP X 81 -7.99 25.77 16.56
CA ASP X 81 -8.78 26.93 16.98
C ASP X 81 -9.58 26.55 18.19
N LEU X 82 -9.12 27.02 19.35
CA LEU X 82 -9.64 26.47 20.58
C LEU X 82 -11.05 26.97 20.78
N SER X 83 -11.49 27.96 20.02
CA SER X 83 -12.82 28.50 20.31
C SER X 83 -13.85 27.49 19.92
N GLN X 84 -13.47 26.50 19.14
CA GLN X 84 -14.39 25.45 18.76
C GLN X 84 -14.03 24.11 19.43
N ALA X 85 -13.24 24.10 20.50
CA ALA X 85 -12.91 22.84 21.16
C ALA X 85 -14.05 22.46 22.10
N THR X 86 -14.02 21.25 22.70
CA THR X 86 -14.95 20.89 23.76
C THR X 86 -14.25 20.07 24.84
N VAL X 87 -14.50 20.33 26.15
CA VAL X 87 -13.83 19.52 27.16
C VAL X 87 -14.83 18.71 27.93
N MET X 88 -14.48 17.47 28.29
CA MET X 88 -15.42 16.58 28.94
C MET X 88 -14.66 15.99 30.10
N ILE X 89 -15.25 16.04 31.29
CA ILE X 89 -14.58 15.61 32.49
C ILE X 89 -15.58 14.80 33.31
N THR X 90 -15.12 13.72 33.98
CA THR X 90 -16.00 13.04 34.92
C THR X 90 -15.28 12.58 36.16
N ASP X 91 -16.03 12.57 37.28
CA ASP X 91 -15.52 12.17 38.58
C ASP X 91 -16.13 10.85 38.97
N GLY X 92 -16.90 10.24 38.05
CA GLY X 92 -17.49 8.94 38.34
C GLY X 92 -18.86 9.06 39.01
N THR X 93 -19.23 10.26 39.45
CA THR X 93 -20.58 10.53 39.89
C THR X 93 -21.30 11.53 38.98
N HIS X 94 -20.61 12.44 38.29
CA HIS X 94 -21.24 13.30 37.29
C HIS X 94 -20.36 13.48 36.04
N LYS X 95 -20.91 13.97 34.91
CA LYS X 95 -20.09 14.11 33.69
C LYS X 95 -20.38 15.45 33.03
N VAL X 96 -19.55 16.48 33.32
CA VAL X 96 -19.80 17.83 32.85
C VAL X 96 -19.18 17.90 31.50
N ILE X 97 -19.74 18.75 30.62
CA ILE X 97 -19.11 19.13 29.37
C ILE X 97 -19.13 20.64 29.29
N ALA X 98 -18.02 21.26 28.85
CA ALA X 98 -17.88 22.71 28.97
C ALA X 98 -17.30 23.32 27.71
N LYS X 99 -17.59 24.59 27.42
CA LYS X 99 -17.24 25.22 26.16
C LYS X 99 -16.77 26.66 26.40
N TYR X 100 -16.05 27.27 25.46
CA TYR X 100 -15.31 28.49 25.71
C TYR X 100 -16.23 29.68 25.82
N ASN X 101 -16.04 30.50 26.85
CA ASN X 101 -16.73 31.77 26.95
C ASN X 101 -15.70 32.86 26.81
N SER X 102 -15.82 33.68 25.75
CA SER X 102 -14.79 34.60 25.33
C SER X 102 -14.53 35.66 26.39
N THR X 103 -15.43 35.82 27.34
CA THR X 103 -15.30 36.83 28.36
C THR X 103 -14.02 36.62 29.16
N PHE X 104 -13.60 35.38 29.32
CA PHE X 104 -12.58 35.03 30.29
C PHE X 104 -11.22 34.76 29.62
N PHE X 105 -10.63 35.79 29.01
CA PHE X 105 -9.33 35.65 28.36
C PHE X 105 -8.34 36.53 29.09
N ASN X 106 -7.11 36.04 29.31
CA ASN X 106 -6.04 36.92 29.74
C ASN X 106 -4.80 36.71 28.89
N GLY X 107 -4.47 37.69 28.05
CA GLY X 107 -3.34 37.51 27.16
C GLY X 107 -2.01 37.89 27.82
N THR X 108 -2.10 38.79 28.78
CA THR X 108 -0.92 39.49 29.21
C THR X 108 0.10 38.52 29.77
N LEU X 109 -0.37 37.38 30.26
CA LEU X 109 0.47 36.49 31.04
C LEU X 109 1.47 35.80 30.12
N LYS X 110 1.44 36.11 28.83
CA LYS X 110 2.48 35.62 27.94
C LYS X 110 3.82 36.17 28.36
N ASN X 111 3.80 37.25 29.12
CA ASN X 111 4.98 37.94 29.58
C ASN X 111 5.19 37.69 31.07
N GLY X 112 4.64 36.61 31.60
CA GLY X 112 5.00 36.22 32.96
C GLY X 112 4.01 36.76 33.98
N GLY X 113 3.86 36.05 35.11
CA GLY X 113 2.95 36.42 36.19
C GLY X 113 2.46 35.20 36.93
N SER X 114 1.41 35.35 37.75
CA SER X 114 0.86 34.26 38.55
C SER X 114 -0.43 33.72 37.94
N ILE X 115 -0.50 32.41 37.70
CA ILE X 115 -1.75 31.74 37.31
C ILE X 115 -2.54 31.73 38.58
N PHE X 116 -3.80 31.31 38.54
CA PHE X 116 -4.57 31.17 39.77
C PHE X 116 -4.75 32.47 40.50
N GLU X 117 -4.21 33.58 39.97
CA GLU X 117 -4.59 34.92 40.42
C GLU X 117 -4.74 35.87 39.23
N ALA X 118 -5.01 35.32 38.05
CA ALA X 118 -5.23 36.13 36.88
C ALA X 118 -6.56 36.84 36.97
N LYS X 119 -6.62 38.08 36.53
CA LYS X 119 -7.87 38.82 36.40
C LYS X 119 -8.43 38.68 34.99
N TYR X 120 -9.68 39.15 34.78
CA TYR X 120 -10.29 39.32 33.46
C TYR X 120 -11.06 40.63 33.42
N ASN X 121 -11.55 41.06 32.23
CA ASN X 121 -12.05 42.42 32.03
C ASN X 121 -13.49 42.40 31.54
N ASN X 122 -14.48 42.48 32.47
CA ASN X 122 -15.82 42.89 32.13
C ASN X 122 -15.72 44.39 31.87
N THR X 123 -16.45 44.92 30.87
CA THR X 123 -16.17 46.27 30.44
C THR X 123 -16.25 47.22 31.65
N THR X 124 -15.25 48.10 31.83
CA THR X 124 -15.16 49.10 32.89
C THR X 124 -14.50 48.58 34.17
N ALA X 125 -14.19 47.28 34.28
CA ALA X 125 -13.59 46.79 35.52
C ALA X 125 -12.62 45.63 35.31
N LEU X 126 -11.85 45.29 36.36
CA LEU X 126 -11.05 44.07 36.41
C LEU X 126 -11.47 43.24 37.61
N LYS X 127 -11.65 41.92 37.41
CA LYS X 127 -12.19 41.04 38.43
C LYS X 127 -11.48 39.70 38.36
N PRO X 128 -11.42 38.87 39.43
CA PRO X 128 -10.67 37.61 39.40
C PRO X 128 -11.32 36.56 38.49
N LEU X 129 -10.51 35.85 37.68
CA LEU X 129 -10.96 34.96 36.64
C LEU X 129 -11.67 33.75 37.22
N PHE X 130 -10.92 32.97 38.00
CA PHE X 130 -11.38 31.62 38.33
C PHE X 130 -12.69 31.63 39.12
N ASP X 131 -12.84 32.60 40.03
CA ASP X 131 -14.01 32.69 40.88
C ASP X 131 -15.26 33.03 40.08
N ASP X 132 -15.11 33.74 38.94
CA ASP X 132 -16.26 34.24 38.22
C ASP X 132 -16.73 33.29 37.11
N LEU X 133 -15.86 32.37 36.68
CA LEU X 133 -16.09 31.52 35.52
C LEU X 133 -17.29 30.62 35.75
N PRO X 134 -18.33 30.63 34.89
CA PRO X 134 -19.54 29.81 35.05
C PRO X 134 -19.39 28.31 34.99
N ALA X 135 -20.41 27.62 35.47
CA ALA X 135 -20.25 26.19 35.71
C ALA X 135 -20.11 25.40 34.42
N THR X 136 -20.57 25.93 33.30
CA THR X 136 -20.53 25.18 32.06
C THR X 136 -19.50 25.74 31.08
N ALA X 137 -18.51 26.52 31.53
CA ALA X 137 -17.63 27.19 30.59
C ALA X 137 -16.18 27.05 30.99
N PHE X 138 -15.28 27.16 30.01
CA PHE X 138 -13.87 27.22 30.34
C PHE X 138 -13.24 28.49 29.79
N GLY X 139 -12.22 28.96 30.49
CA GLY X 139 -11.55 30.20 30.10
C GLY X 139 -10.14 29.84 29.67
N ILE X 140 -9.37 30.79 29.10
CA ILE X 140 -8.08 30.48 28.53
C ILE X 140 -7.07 31.57 28.88
N VAL X 141 -5.83 31.17 29.23
CA VAL X 141 -4.78 32.09 29.63
C VAL X 141 -3.48 31.75 28.92
N VAL X 142 -2.95 32.69 28.13
CA VAL X 142 -1.87 32.43 27.19
C VAL X 142 -0.60 32.49 28.01
N LEU X 143 0.17 31.41 27.99
CA LEU X 143 1.36 31.36 28.78
C LEU X 143 2.59 31.50 27.87
N GLN X 144 2.57 30.99 26.63
CA GLN X 144 3.68 31.23 25.71
C GLN X 144 3.15 31.32 24.28
N ASP X 145 3.45 32.44 23.58
CA ASP X 145 2.99 32.67 22.21
C ASP X 145 3.88 33.71 21.55
N ALA X 146 4.67 33.27 20.58
CA ALA X 146 5.71 34.12 20.01
C ALA X 146 5.11 35.10 19.02
N ASP X 147 4.03 34.70 18.33
CA ASP X 147 3.58 35.38 17.13
C ASP X 147 2.17 35.95 17.26
N THR X 148 1.74 36.20 18.49
CA THR X 148 0.49 36.85 18.83
C THR X 148 -0.70 36.16 18.18
N SER X 149 -0.57 34.86 17.98
CA SER X 149 -1.60 34.08 17.30
C SER X 149 -2.88 33.95 18.10
N CYS X 150 -2.78 33.95 19.43
CA CYS X 150 -3.98 33.96 20.25
C CYS X 150 -4.55 35.39 20.41
N SER X 151 -5.80 35.58 19.98
CA SER X 151 -6.58 36.78 20.24
C SER X 151 -7.90 36.39 20.90
N LYS X 152 -8.46 37.28 21.73
CA LYS X 152 -9.58 36.97 22.60
C LYS X 152 -10.76 36.39 21.81
N ASP X 153 -11.03 36.91 20.63
CA ASP X 153 -12.13 36.42 19.81
C ASP X 153 -11.77 35.17 18.98
N THR X 154 -10.48 34.84 18.80
CA THR X 154 -10.03 33.70 18.01
C THR X 154 -8.73 33.06 18.54
N PRO X 155 -8.77 32.19 19.56
CA PRO X 155 -7.57 31.64 20.13
C PRO X 155 -7.05 30.48 19.29
N VAL X 156 -6.23 30.80 18.28
CA VAL X 156 -5.64 29.76 17.47
C VAL X 156 -4.21 29.49 17.92
N ILE X 157 -3.89 28.25 18.35
CA ILE X 157 -2.56 27.93 18.82
C ILE X 157 -1.74 27.26 17.74
N ASN X 158 -0.48 27.70 17.55
CA ASN X 158 0.42 27.15 16.52
C ASN X 158 1.70 26.69 17.15
N LYS X 159 2.61 26.11 16.36
CA LYS X 159 3.72 25.34 16.91
C LYS X 159 4.51 26.20 17.87
N GLY X 160 4.69 25.71 19.10
CA GLY X 160 5.48 26.42 20.08
C GLY X 160 4.65 26.98 21.23
N ASP X 161 3.33 27.12 21.01
CA ASP X 161 2.53 27.85 21.98
C ASP X 161 2.21 26.95 23.17
N ILE X 162 1.98 27.54 24.36
CA ILE X 162 1.43 26.83 25.53
C ILE X 162 0.34 27.70 26.13
N VAL X 163 -0.77 27.08 26.56
CA VAL X 163 -1.93 27.81 27.01
C VAL X 163 -2.69 27.00 28.03
N ALA X 164 -3.37 27.68 28.96
CA ALA X 164 -3.92 26.97 30.10
C ALA X 164 -5.42 27.09 30.04
N ILE X 165 -6.09 25.94 30.06
CA ILE X 165 -7.52 25.89 30.02
C ILE X 165 -7.90 25.89 31.49
N CYS X 166 -8.72 26.86 31.87
CA CYS X 166 -9.06 27.09 33.26
C CYS X 166 -10.49 26.65 33.49
N LEU X 167 -10.73 25.75 34.48
CA LEU X 167 -12.04 25.20 34.81
C LEU X 167 -12.30 25.33 36.30
N ASN X 168 -13.52 25.73 36.68
CA ASN X 168 -13.85 25.89 38.09
C ASN X 168 -14.82 24.81 38.37
N VAL X 169 -14.45 23.89 39.27
CA VAL X 169 -15.16 22.62 39.42
C VAL X 169 -15.80 22.49 40.78
N SER X 170 -15.85 23.57 41.53
CA SER X 170 -16.09 23.56 42.95
C SER X 170 -17.42 22.89 43.29
N ASN X 171 -18.44 23.16 42.50
CA ASN X 171 -19.75 22.60 42.78
C ASN X 171 -20.16 21.49 41.81
N THR X 172 -19.47 21.39 40.67
CA THR X 172 -19.85 20.51 39.59
C THR X 172 -19.30 19.12 39.81
N LEU X 173 -18.02 18.98 40.18
CA LEU X 173 -17.42 17.68 40.45
C LEU X 173 -16.82 17.66 41.87
N ASN X 174 -16.93 16.55 42.59
CA ASN X 174 -16.68 16.57 44.03
C ASN X 174 -15.30 15.98 44.35
N LEU X 175 -14.23 16.71 44.05
CA LEU X 175 -12.88 16.16 44.04
C LEU X 175 -12.28 16.11 45.43
N LYS X 176 -12.76 15.16 46.23
CA LYS X 176 -12.13 14.84 47.50
C LYS X 176 -10.95 13.91 47.25
N PRO X 177 -10.16 13.51 48.27
CA PRO X 177 -8.98 12.68 48.05
C PRO X 177 -9.30 11.34 47.41
N ARG X 178 -8.28 10.71 46.84
CA ARG X 178 -8.41 9.35 46.35
C ARG X 178 -9.47 9.23 45.26
N THR X 179 -9.72 10.29 44.47
CA THR X 179 -10.78 10.31 43.49
C THR X 179 -10.24 10.31 42.06
N LYS X 180 -10.77 9.45 41.18
CA LYS X 180 -10.27 9.34 39.81
C LYS X 180 -11.00 10.36 38.93
N VAL X 181 -10.25 11.02 38.04
CA VAL X 181 -10.82 12.01 37.13
C VAL X 181 -10.37 11.65 35.74
N THR X 182 -11.30 11.68 34.77
CA THR X 182 -11.03 11.17 33.44
C THR X 182 -11.61 12.17 32.47
N GLY X 183 -11.00 12.32 31.28
CA GLY X 183 -11.60 13.25 30.35
C GLY X 183 -10.77 13.51 29.11
N ALA X 184 -11.20 14.49 28.30
CA ALA X 184 -10.50 14.80 27.07
C ALA X 184 -10.83 16.23 26.65
N VAL X 185 -9.86 16.89 26.02
CA VAL X 185 -10.15 18.09 25.27
C VAL X 185 -10.17 17.68 23.81
N ILE X 186 -11.30 17.92 23.15
CA ILE X 186 -11.57 17.39 21.83
C ILE X 186 -11.56 18.57 20.86
N PRO X 187 -10.61 18.63 19.92
CA PRO X 187 -10.62 19.69 18.92
C PRO X 187 -11.52 19.38 17.75
N GLU X 188 -11.64 20.37 16.86
CA GLU X 188 -12.54 20.36 15.74
C GLU X 188 -12.09 19.29 14.78
N PHE X 189 -10.77 19.16 14.64
CA PHE X 189 -10.17 18.03 13.96
C PHE X 189 -8.89 17.63 14.66
N GLY X 190 -8.50 16.37 14.51
CA GLY X 190 -7.26 15.94 15.14
C GLY X 190 -7.52 15.23 16.47
N ALA X 191 -6.45 14.69 17.05
CA ALA X 191 -6.59 13.70 18.10
C ALA X 191 -6.79 14.38 19.44
N PRO X 192 -7.65 13.85 20.33
CA PRO X 192 -7.89 14.47 21.62
C PRO X 192 -6.74 14.34 22.60
N ALA X 193 -6.67 15.30 23.52
CA ALA X 193 -5.74 15.18 24.63
C ALA X 193 -6.46 14.45 25.75
N VAL X 194 -5.77 13.53 26.46
CA VAL X 194 -6.43 12.70 27.45
C VAL X 194 -5.99 13.12 28.85
N ILE X 195 -6.97 13.51 29.68
CA ILE X 195 -6.79 13.93 31.05
C ILE X 195 -7.03 12.69 31.89
N SER X 196 -6.12 12.36 32.81
CA SER X 196 -6.31 11.14 33.57
C SER X 196 -5.45 11.19 34.83
N PHE X 197 -6.09 11.34 35.99
CA PHE X 197 -5.33 11.47 37.21
C PHE X 197 -6.16 11.02 38.40
N THR X 198 -5.46 10.63 39.47
CA THR X 198 -6.15 10.32 40.68
C THR X 198 -5.64 11.25 41.75
N THR X 199 -6.54 11.92 42.49
CA THR X 199 -6.11 12.97 43.38
C THR X 199 -5.32 12.29 44.47
N PRO X 200 -4.33 12.96 45.11
CA PRO X 200 -3.53 12.37 46.17
C PRO X 200 -4.29 11.76 47.35
N ALA X 201 -3.55 11.00 48.14
CA ALA X 201 -4.12 10.37 49.30
C ALA X 201 -4.34 11.37 50.42
N THR X 202 -3.55 12.46 50.45
CA THR X 202 -3.60 13.41 51.54
C THR X 202 -3.34 14.80 51.02
N TYR X 203 -4.16 15.76 51.45
CA TYR X 203 -3.94 17.13 51.09
C TYR X 203 -3.39 17.80 52.35
N LEU X 204 -2.31 18.60 52.24
CA LEU X 204 -1.73 19.29 53.38
C LEU X 204 -1.94 20.79 53.30
N ASP X 205 -2.23 21.46 54.44
CA ASP X 205 -2.57 22.88 54.48
C ASP X 205 -1.37 23.77 54.14
N THR X 206 -0.17 23.20 54.15
CA THR X 206 1.03 23.95 53.83
C THR X 206 1.27 24.01 52.32
N GLN X 207 0.47 23.26 51.54
CA GLN X 207 0.74 23.09 50.12
C GLN X 207 -0.55 23.21 49.32
N HIS X 208 -1.08 24.43 49.18
CA HIS X 208 -2.39 24.57 48.58
C HIS X 208 -2.40 24.37 47.07
N ILE X 209 -1.24 24.45 46.38
CA ILE X 209 -1.25 24.13 44.96
C ILE X 209 -0.58 22.79 44.71
N ILE X 210 -1.29 21.88 44.00
CA ILE X 210 -0.93 20.48 43.85
C ILE X 210 -0.70 20.17 42.39
N GLU X 211 0.28 19.31 42.10
CA GLU X 211 0.57 18.93 40.74
C GLU X 211 -0.07 17.57 40.52
N LEU X 212 -1.01 17.48 39.58
CA LEU X 212 -1.90 16.32 39.53
C LEU X 212 -1.49 15.35 38.43
N GLN X 213 -0.98 15.86 37.31
CA GLN X 213 -0.51 15.04 36.20
C GLN X 213 0.72 15.74 35.58
N ALA Y 1 -18.40 5.68 -42.37
CA ALA Y 1 -19.29 6.35 -41.36
C ALA Y 1 -18.82 6.01 -39.94
N ILE Y 2 -18.57 4.72 -39.69
CA ILE Y 2 -18.22 4.21 -38.36
C ILE Y 2 -16.88 4.80 -37.92
N GLY Y 3 -15.93 4.87 -38.86
CA GLY Y 3 -14.57 5.29 -38.57
C GLY Y 3 -14.52 6.60 -37.83
N ILE Y 4 -15.29 7.58 -38.32
CA ILE Y 4 -15.30 8.95 -37.84
C ILE Y 4 -15.50 8.97 -36.33
N GLY Y 5 -16.54 8.30 -35.87
CA GLY Y 5 -16.85 8.35 -34.45
C GLY Y 5 -15.75 7.77 -33.58
N THR Y 6 -15.09 6.71 -34.08
CA THR Y 6 -14.11 5.97 -33.29
C THR Y 6 -13.02 6.94 -32.86
N LEU Y 7 -12.62 7.81 -33.81
CA LEU Y 7 -11.55 8.75 -33.59
C LEU Y 7 -11.96 9.69 -32.47
N ILE Y 8 -13.19 10.24 -32.57
CA ILE Y 8 -13.65 11.25 -31.65
C ILE Y 8 -13.64 10.67 -30.24
N ILE Y 9 -14.22 9.51 -30.01
CA ILE Y 9 -14.30 9.08 -28.62
C ILE Y 9 -12.91 8.72 -28.09
N PHE Y 10 -11.99 8.32 -28.99
CA PHE Y 10 -10.63 8.01 -28.59
C PHE Y 10 -10.05 9.24 -27.89
N ILE Y 11 -10.26 10.42 -28.49
CA ILE Y 11 -9.75 11.67 -27.93
C ILE Y 11 -10.21 11.81 -26.48
N ALA Y 12 -11.48 11.50 -26.23
CA ALA Y 12 -12.00 11.67 -24.89
C ALA Y 12 -11.28 10.74 -23.93
N MET Y 13 -11.06 9.48 -24.33
CA MET Y 13 -10.44 8.50 -23.45
C MET Y 13 -9.11 9.06 -22.95
N VAL Y 14 -8.35 9.70 -23.86
CA VAL Y 14 -7.01 10.20 -23.61
C VAL Y 14 -7.12 11.26 -22.52
N LEU Y 15 -7.99 12.23 -22.76
CA LEU Y 15 -8.09 13.38 -21.90
C LEU Y 15 -8.53 12.94 -20.51
N VAL Y 16 -9.45 11.97 -20.41
CA VAL Y 16 -9.99 11.57 -19.12
C VAL Y 16 -8.90 10.87 -18.31
N ALA Y 17 -8.08 10.04 -18.97
CA ALA Y 17 -6.96 9.38 -18.29
C ALA Y 17 -5.96 10.43 -17.82
N ALA Y 18 -5.75 11.46 -18.64
CA ALA Y 18 -4.82 12.52 -18.32
C ALA Y 18 -5.26 13.23 -17.06
N VAL Y 19 -6.55 13.60 -16.99
CA VAL Y 19 -7.11 14.31 -15.87
C VAL Y 19 -6.95 13.48 -14.60
N ALA Y 20 -7.16 12.18 -14.69
CA ALA Y 20 -7.06 11.32 -13.52
C ALA Y 20 -5.59 11.24 -13.06
N ALA Y 21 -4.69 11.20 -14.03
CA ALA Y 21 -3.28 11.10 -13.69
C ALA Y 21 -2.88 12.34 -12.90
N ALA Y 22 -3.36 13.50 -13.35
CA ALA Y 22 -3.04 14.77 -12.73
C ALA Y 22 -3.34 14.71 -11.24
N VAL Y 23 -4.50 14.15 -10.87
CA VAL Y 23 -4.89 14.04 -9.48
C VAL Y 23 -3.81 13.28 -8.71
N LEU Y 24 -3.37 12.16 -9.25
CA LEU Y 24 -2.52 11.26 -8.51
C LEU Y 24 -1.17 11.93 -8.32
N ILE Y 25 -0.65 12.56 -9.39
CA ILE Y 25 0.66 13.21 -9.40
C ILE Y 25 0.65 14.34 -8.37
N ASN Y 26 -0.34 15.24 -8.52
CA ASN Y 26 -0.51 16.40 -7.67
C ASN Y 26 -0.56 15.99 -6.20
N THR Y 27 -1.46 15.05 -5.91
CA THR Y 27 -1.73 14.62 -4.54
C THR Y 27 -0.43 14.12 -3.93
N SER Y 28 0.37 13.40 -4.71
CA SER Y 28 1.60 12.82 -4.22
C SER Y 28 2.51 13.96 -3.79
N GLY Y 29 2.55 15.00 -4.63
CA GLY Y 29 3.26 16.24 -4.34
C GLY Y 29 2.82 16.85 -3.01
N PHE Y 30 1.50 17.00 -2.84
CA PHE Y 30 0.94 17.64 -1.66
C PHE Y 30 1.34 16.89 -0.40
N LEU Y 31 1.45 15.57 -0.49
CA LEU Y 31 1.74 14.76 0.67
C LEU Y 31 3.23 14.79 0.94
N GLN Y 32 4.06 14.94 -0.09
CA GLN Y 32 5.49 14.82 0.07
C GLN Y 32 5.96 15.79 1.15
N GLN Y 33 5.45 17.02 1.06
CA GLN Y 33 5.79 18.11 1.96
C GLN Y 33 5.57 17.67 3.41
N LYS Y 34 4.33 17.31 3.74
CA LYS Y 34 3.90 17.07 5.11
C LYS Y 34 4.59 15.84 5.64
N ALA Y 35 4.82 14.85 4.77
CA ALA Y 35 5.44 13.61 5.21
C ALA Y 35 6.80 13.97 5.80
N MET Y 36 7.61 14.69 5.04
CA MET Y 36 8.95 15.01 5.50
C MET Y 36 8.87 15.81 6.79
N ALA Y 37 8.07 16.88 6.76
CA ALA Y 37 7.96 17.84 7.84
C ALA Y 37 7.73 17.11 9.15
N THR Y 38 6.82 16.12 9.14
CA THR Y 38 6.38 15.46 10.34
C THR Y 38 7.55 14.73 10.98
N GLY Y 39 8.36 14.08 10.13
CA GLY Y 39 9.45 13.26 10.62
C GLY Y 39 10.53 14.12 11.26
N LYS Y 40 10.90 15.20 10.60
CA LYS Y 40 11.96 16.07 11.07
C LYS Y 40 11.54 16.64 12.41
N GLU Y 41 10.35 17.25 12.46
CA GLU Y 41 9.81 17.87 13.65
C GLU Y 41 9.81 16.89 14.81
N SER Y 42 9.35 15.67 14.55
CA SER Y 42 9.16 14.71 15.63
C SER Y 42 10.52 14.31 16.21
N THR Y 43 11.53 14.24 15.37
CA THR Y 43 12.85 13.81 15.79
C THR Y 43 13.43 14.90 16.68
N GLU Y 44 13.35 16.15 16.23
CA GLU Y 44 13.93 17.27 16.97
C GLU Y 44 13.31 17.35 18.36
N GLN Y 45 12.03 17.01 18.47
CA GLN Y 45 11.32 17.00 19.74
C GLN Y 45 11.90 15.95 20.68
N VAL Y 46 12.10 14.74 20.20
CA VAL Y 46 12.48 13.68 21.12
C VAL Y 46 13.93 13.83 21.56
N ALA Y 47 14.75 14.44 20.72
CA ALA Y 47 16.20 14.48 20.90
C ALA Y 47 16.63 15.64 21.78
N SER Y 48 15.89 16.74 21.74
CA SER Y 48 16.34 17.97 22.39
C SER Y 48 15.80 18.11 23.82
N GLY Y 49 16.49 18.93 24.62
CA GLY Y 49 16.14 19.09 26.02
C GLY Y 49 17.22 19.89 26.78
N LEU Y 50 16.96 20.18 28.06
CA LEU Y 50 17.91 20.84 28.93
C LEU Y 50 17.96 20.07 30.24
N LEU Y 51 19.06 20.25 30.99
CA LEU Y 51 19.32 19.46 32.18
C LEU Y 51 19.90 20.34 33.27
N CYS Y 52 19.34 20.22 34.47
CA CYS Y 52 19.67 21.02 35.64
C CYS Y 52 20.91 20.47 36.29
N SER Y 53 21.78 21.36 36.69
CA SER Y 53 23.13 20.96 37.03
C SER Y 53 23.33 21.21 38.51
N GLY Y 54 22.64 22.23 39.02
CA GLY Y 54 22.85 22.67 40.39
C GLY Y 54 21.95 23.86 40.67
N VAL Y 55 21.63 24.08 41.96
CA VAL Y 55 20.98 25.31 42.37
C VAL Y 55 21.68 25.83 43.59
N THR Y 56 21.86 27.17 43.69
CA THR Y 56 22.42 27.79 44.88
C THR Y 56 21.70 29.07 45.27
N GLY Y 57 21.85 29.52 46.54
CA GLY Y 57 20.93 30.56 47.01
C GLY Y 57 21.48 31.42 48.16
N HIS Y 58 20.93 32.64 48.39
CA HIS Y 58 21.52 33.59 49.31
C HIS Y 58 20.57 33.87 50.46
N TYR Y 59 21.06 33.78 51.70
CA TYR Y 59 20.20 33.89 52.89
C TYR Y 59 20.42 35.23 53.55
N VAL Y 60 19.36 36.02 53.73
CA VAL Y 60 19.45 37.26 54.50
C VAL Y 60 19.05 36.97 55.93
N LYS Y 61 19.83 37.45 56.89
CA LYS Y 61 19.66 37.03 58.29
C LYS Y 61 18.26 37.35 58.77
N ASN Y 62 17.67 36.40 59.48
CA ASN Y 62 16.39 36.55 60.12
C ASN Y 62 15.28 36.74 59.09
N LYS Y 63 15.55 36.50 57.80
CA LYS Y 63 14.54 36.67 56.77
C LYS Y 63 14.28 35.41 55.96
N GLY Y 64 15.32 34.78 55.39
CA GLY Y 64 15.14 33.62 54.52
C GLY Y 64 15.85 33.78 53.18
N ILE Y 65 15.58 32.87 52.24
CA ILE Y 65 16.33 32.87 51.00
C ILE Y 65 15.76 33.93 50.10
N ASP Y 66 16.63 34.80 49.59
CA ASP Y 66 16.20 36.03 48.94
C ASP Y 66 16.24 35.86 47.44
N ARG Y 67 17.28 35.17 46.94
CA ARG Y 67 17.57 34.98 45.51
C ARG Y 67 18.14 33.57 45.28
N ILE Y 68 18.00 33.04 44.05
CA ILE Y 68 18.50 31.72 43.67
C ILE Y 68 19.12 31.73 42.27
N VAL Y 69 20.16 30.90 42.03
CA VAL Y 69 20.80 30.78 40.72
C VAL Y 69 20.82 29.33 40.27
N ILE Y 70 20.25 29.07 39.09
CA ILE Y 70 19.99 27.72 38.62
C ILE Y 70 20.91 27.48 37.46
N TYR Y 71 21.71 26.42 37.48
CA TYR Y 71 22.68 26.19 36.43
C TYR Y 71 22.09 25.20 35.46
N ILE Y 72 22.20 25.48 34.16
CA ILE Y 72 21.49 24.72 33.15
C ILE Y 72 22.41 24.43 31.97
N THR Y 73 22.22 23.27 31.33
CA THR Y 73 23.10 22.73 30.29
C THR Y 73 22.27 21.91 29.33
N PRO Y 74 22.64 21.73 28.05
CA PRO Y 74 21.81 20.96 27.13
C PRO Y 74 22.15 19.49 27.20
N ASN Y 75 21.21 18.61 26.83
CA ASN Y 75 21.45 17.18 26.91
C ASN Y 75 22.30 16.74 25.71
N ALA Y 76 22.99 15.61 25.83
CA ALA Y 76 23.80 15.11 24.72
C ALA Y 76 22.96 15.07 23.45
N GLY Y 77 23.47 15.62 22.35
CA GLY Y 77 22.86 15.43 21.05
C GLY Y 77 21.71 16.39 20.77
N SER Y 78 21.32 17.19 21.76
CA SER Y 78 20.21 18.12 21.58
C SER Y 78 20.50 19.19 20.55
N ALA Y 79 19.47 19.59 19.83
CA ALA Y 79 19.63 20.62 18.82
C ALA Y 79 19.63 21.91 19.59
N PRO Y 80 20.06 23.06 19.03
CA PRO Y 80 20.24 24.26 19.83
C PRO Y 80 18.94 24.84 20.36
N ILE Y 81 18.95 25.33 21.61
CA ILE Y 81 17.75 25.80 22.29
C ILE Y 81 17.78 27.31 22.44
N ASP Y 82 16.68 27.93 22.02
CA ASP Y 82 16.54 29.38 21.86
C ASP Y 82 16.09 29.91 23.18
N LEU Y 83 17.06 30.25 24.02
CA LEU Y 83 16.76 30.37 25.44
C LEU Y 83 15.72 31.44 25.66
N LYS Y 84 15.60 32.41 24.75
CA LYS Y 84 14.84 33.63 25.04
C LYS Y 84 13.38 33.38 24.84
N GLN Y 85 13.02 32.19 24.38
CA GLN Y 85 11.61 31.87 24.28
C GLN Y 85 11.20 30.90 25.39
N CYS Y 86 12.10 30.44 26.25
CA CYS Y 86 11.76 29.41 27.22
C CYS Y 86 11.11 30.04 28.44
N LYS Y 87 10.16 29.37 29.10
CA LYS Y 87 9.48 29.92 30.26
C LYS Y 87 9.73 29.03 31.47
N LEU Y 88 9.86 29.60 32.68
CA LEU Y 88 10.22 28.86 33.88
C LEU Y 88 9.06 28.93 34.84
N PHE Y 89 8.53 27.75 35.21
CA PHE Y 89 7.38 27.64 36.10
C PHE Y 89 7.88 27.16 37.45
N LEU Y 90 7.45 27.82 38.52
CA LEU Y 90 7.87 27.44 39.86
C LEU Y 90 6.65 27.44 40.76
N MET Y 91 6.57 26.44 41.66
CA MET Y 91 5.51 26.27 42.63
C MET Y 91 6.10 26.28 44.03
N TYR Y 92 5.34 26.83 44.97
CA TYR Y 92 5.73 26.95 46.37
C TYR Y 92 4.47 27.01 47.21
N ASP Y 93 4.50 27.61 48.38
CA ASP Y 93 3.49 27.30 49.38
C ASP Y 93 2.14 27.90 49.03
N GLY Y 94 2.10 28.82 48.09
CA GLY Y 94 0.80 29.37 47.83
C GLY Y 94 0.60 29.97 46.42
N LYS Y 95 1.62 29.85 45.59
CA LYS Y 95 1.71 30.61 44.38
C LYS Y 95 2.38 29.72 43.34
N ALA Y 96 1.99 29.90 42.07
CA ALA Y 96 2.59 29.19 40.96
C ALA Y 96 2.81 30.23 39.87
N VAL Y 97 4.08 30.52 39.60
CA VAL Y 97 4.49 31.72 38.90
C VAL Y 97 5.18 31.30 37.64
N SER Y 98 4.94 32.03 36.54
CA SER Y 98 5.70 31.83 35.31
C SER Y 98 6.58 33.06 35.10
N LEU Y 99 7.88 32.88 34.76
CA LEU Y 99 8.80 33.97 34.51
C LEU Y 99 9.32 33.96 33.06
N ASN Y 100 9.51 35.15 32.40
CA ASN Y 100 9.95 35.21 31.01
C ASN Y 100 11.31 35.86 30.87
N PHE Y 101 12.12 35.47 29.88
CA PHE Y 101 13.47 36.02 29.67
C PHE Y 101 13.45 37.52 29.57
N SER Y 102 14.53 38.17 30.02
CA SER Y 102 14.64 39.62 29.92
C SER Y 102 16.10 39.93 29.72
N LYS Y 103 16.40 41.02 29.02
CA LYS Y 103 17.78 41.30 28.69
C LYS Y 103 18.53 41.77 29.94
N TYR Y 104 19.78 41.32 30.08
CA TYR Y 104 20.79 41.80 31.01
C TYR Y 104 21.02 43.27 30.65
N ASP Y 105 21.83 44.02 31.38
CA ASP Y 105 22.01 45.42 31.02
C ASP Y 105 22.63 45.56 29.61
N THR Y 106 21.87 46.18 28.68
CA THR Y 106 22.31 46.68 27.38
C THR Y 106 22.70 45.57 26.41
N ASN Y 107 22.79 44.33 26.89
CA ASN Y 107 23.32 43.22 26.11
C ASN Y 107 22.48 41.96 26.39
N THR Y 108 22.51 40.97 25.47
CA THR Y 108 21.48 39.96 25.56
C THR Y 108 21.68 39.06 26.77
N VAL Y 109 22.94 38.80 27.15
CA VAL Y 109 23.29 37.81 28.16
C VAL Y 109 24.56 38.36 28.82
N GLY Y 110 24.62 38.31 30.16
CA GLY Y 110 25.76 38.90 30.85
C GLY Y 110 27.05 38.12 30.62
N ASP Y 111 28.07 38.76 30.01
CA ASP Y 111 29.27 38.04 29.60
C ASP Y 111 30.28 37.88 30.73
N PHE Y 112 30.20 36.74 31.41
CA PHE Y 112 31.18 36.42 32.42
C PHE Y 112 31.88 35.14 32.02
N THR Y 113 32.23 35.02 30.74
CA THR Y 113 32.98 33.87 30.24
C THR Y 113 34.33 33.79 30.93
N ASN Y 114 34.83 34.90 31.49
CA ASN Y 114 36.13 34.94 32.13
C ASN Y 114 36.06 35.16 33.64
N GLY Y 115 34.98 34.72 34.30
CA GLY Y 115 35.01 34.58 35.76
C GLY Y 115 34.33 35.72 36.53
N ILE Y 116 33.87 35.43 37.76
CA ILE Y 116 33.10 36.36 38.57
C ILE Y 116 33.67 36.29 39.97
N LYS Y 117 33.88 37.45 40.59
CA LYS Y 117 34.41 37.53 41.94
C LYS Y 117 33.43 36.92 42.92
N ASP Y 118 32.14 37.23 42.76
CA ASP Y 118 31.06 36.68 43.58
C ASP Y 118 29.73 36.82 42.84
N ILE Y 119 29.00 35.72 42.60
CA ILE Y 119 27.84 35.69 41.73
C ILE Y 119 26.72 36.48 42.38
N PHE Y 120 26.83 36.79 43.67
CA PHE Y 120 25.73 37.47 44.32
C PHE Y 120 26.06 38.91 44.68
N ASN Y 121 27.28 39.39 44.46
CA ASN Y 121 27.61 40.78 44.78
C ASN Y 121 26.94 41.66 43.77
N THR Y 122 26.16 42.64 44.27
CA THR Y 122 25.22 43.41 43.45
C THR Y 122 25.94 44.26 42.40
N THR Y 123 27.06 44.91 42.78
CA THR Y 123 27.70 45.87 41.89
C THR Y 123 28.41 45.18 40.73
N VAL Y 124 28.91 43.97 40.98
CA VAL Y 124 29.58 43.21 39.94
C VAL Y 124 28.54 42.68 38.97
N VAL Y 125 27.42 42.13 39.49
CA VAL Y 125 26.63 41.19 38.72
C VAL Y 125 25.42 41.84 38.03
N LYS Y 126 24.88 42.92 38.59
CA LYS Y 126 23.71 43.54 37.97
C LYS Y 126 22.46 42.65 38.02
N TRP Y 127 21.92 42.47 39.23
CA TRP Y 127 20.70 41.72 39.49
C TRP Y 127 19.46 42.53 39.14
N ASN Y 128 19.57 43.82 38.83
CA ASN Y 128 18.42 44.72 38.92
C ASN Y 128 17.25 44.38 37.99
N ASN Y 129 17.48 43.77 36.83
CA ASN Y 129 16.42 43.44 35.90
C ASN Y 129 15.69 42.16 36.30
N ALA Y 130 16.00 41.54 37.43
CA ALA Y 130 15.23 40.38 37.87
C ALA Y 130 13.97 40.85 38.58
N ASP Y 131 12.95 41.24 37.81
CA ASP Y 131 11.68 41.76 38.28
C ASP Y 131 10.85 40.60 38.79
N ALA Y 132 9.63 40.86 39.23
CA ALA Y 132 8.88 39.80 39.90
C ALA Y 132 8.34 38.86 38.84
N THR Y 133 8.49 39.22 37.57
CA THR Y 133 7.96 38.40 36.49
C THR Y 133 9.00 38.00 35.43
N SER Y 134 10.32 38.18 35.66
CA SER Y 134 11.30 37.73 34.68
C SER Y 134 12.58 37.15 35.27
N PHE Y 135 13.37 36.46 34.41
CA PHE Y 135 14.73 36.07 34.77
C PHE Y 135 15.77 36.67 33.83
N VAL Y 136 17.06 36.57 34.23
CA VAL Y 136 18.15 36.98 33.36
C VAL Y 136 19.17 35.86 33.33
N VAL Y 137 20.03 35.82 32.31
CA VAL Y 137 20.93 34.71 32.05
C VAL Y 137 22.36 35.24 32.05
N VAL Y 138 23.28 34.51 32.71
CA VAL Y 138 24.67 34.87 32.82
C VAL Y 138 25.44 33.73 32.19
N ALA Y 139 26.34 34.03 31.25
CA ALA Y 139 26.98 33.01 30.44
C ALA Y 139 28.30 32.64 31.07
N LEU Y 140 28.44 31.35 31.41
CA LEU Y 140 29.59 30.89 32.16
C LEU Y 140 30.58 30.15 31.29
N GLN Y 141 30.14 29.35 30.30
CA GLN Y 141 31.08 28.77 29.35
C GLN Y 141 30.42 28.64 27.98
N ASP Y 142 31.09 29.15 26.93
CA ASP Y 142 30.56 29.20 25.57
C ASP Y 142 31.69 29.54 24.61
N ASP Y 143 32.18 28.52 23.88
CA ASP Y 143 33.32 28.64 23.00
C ASP Y 143 32.94 29.45 21.76
N ASP Y 144 31.81 29.08 21.17
CA ASP Y 144 31.36 29.50 19.86
C ASP Y 144 30.61 30.83 19.90
N LYS Y 145 30.54 31.51 21.04
CA LYS Y 145 29.82 32.77 21.17
C LYS Y 145 28.31 32.69 20.90
N SER Y 146 27.68 31.52 21.05
CA SER Y 146 26.25 31.45 20.78
C SER Y 146 25.42 32.09 21.87
N LEU Y 147 25.78 31.87 23.13
CA LEU Y 147 25.03 32.48 24.20
C LEU Y 147 25.14 33.99 24.00
N LEU Y 148 26.34 34.47 23.66
CA LEU Y 148 26.68 35.88 23.79
C LEU Y 148 25.96 36.70 22.73
N THR Y 149 25.29 36.03 21.80
CA THR Y 149 24.82 36.67 20.60
C THR Y 149 23.50 36.00 20.20
N ASN Y 150 22.38 36.60 20.62
CA ASN Y 150 21.07 36.02 20.31
C ASN Y 150 20.71 34.78 21.14
N ALA Y 151 21.49 34.49 22.19
CA ALA Y 151 21.05 33.68 23.33
C ALA Y 151 20.68 32.25 22.97
N VAL Y 152 21.54 31.57 22.19
CA VAL Y 152 21.24 30.20 21.84
C VAL Y 152 22.21 29.24 22.52
N ILE Y 153 21.68 28.29 23.33
CA ILE Y 153 22.49 27.27 23.96
C ILE Y 153 22.78 26.21 22.91
N ASN Y 154 24.06 25.80 22.79
CA ASN Y 154 24.43 24.63 22.00
C ASN Y 154 25.42 23.77 22.77
N LYS Y 155 25.97 22.73 22.12
CA LYS Y 155 26.67 21.66 22.83
C LYS Y 155 27.82 22.19 23.68
N GLY Y 156 27.85 21.83 24.96
CA GLY Y 156 29.01 22.18 25.76
C GLY Y 156 28.86 23.51 26.48
N ASP Y 157 27.79 24.27 26.19
CA ASP Y 157 27.59 25.52 26.90
C ASP Y 157 27.11 25.27 28.33
N LEU Y 158 27.38 26.18 29.28
CA LEU Y 158 26.82 26.15 30.65
C LEU Y 158 26.42 27.55 31.01
N ALA Y 159 25.20 27.74 31.56
CA ALA Y 159 24.67 29.08 31.74
C ALA Y 159 23.84 29.10 32.99
N GLY Y 160 23.68 30.29 33.53
CA GLY Y 160 23.09 30.33 34.85
C GLY Y 160 21.91 31.28 34.83
N VAL Y 161 20.78 30.84 35.37
CA VAL Y 161 19.57 31.62 35.33
C VAL Y 161 19.42 32.26 36.69
N LEU Y 162 19.22 33.58 36.76
CA LEU Y 162 19.06 34.25 38.04
C LEU Y 162 17.58 34.51 38.32
N VAL Y 163 17.04 34.11 39.51
CA VAL Y 163 15.67 34.45 39.88
C VAL Y 163 15.53 35.10 41.23
N ASN Y 164 14.82 36.26 41.34
CA ASN Y 164 14.68 37.06 42.55
C ASN Y 164 13.48 36.52 43.28
N VAL Y 165 13.71 35.41 43.99
CA VAL Y 165 12.62 34.59 44.42
C VAL Y 165 11.76 35.40 45.36
N SER Y 166 12.37 36.25 46.17
CA SER Y 166 11.60 36.88 47.23
C SER Y 166 10.60 37.86 46.62
N ALA Y 167 10.91 38.30 45.40
CA ALA Y 167 10.03 39.21 44.69
C ALA Y 167 9.01 38.43 43.88
N ALA Y 168 9.41 37.27 43.38
CA ALA Y 168 8.55 36.43 42.57
C ALA Y 168 7.42 35.83 43.42
N PHE Y 169 7.75 35.23 44.55
CA PHE Y 169 6.75 34.62 45.38
C PHE Y 169 6.23 35.63 46.39
N GLY Y 170 6.83 36.81 46.43
CA GLY Y 170 6.31 37.83 47.33
C GLY Y 170 6.76 37.67 48.79
N LYS Y 171 7.42 36.56 49.13
CA LYS Y 171 8.07 36.45 50.44
C LYS Y 171 9.35 35.61 50.36
N HIS Y 172 10.19 35.69 51.39
CA HIS Y 172 11.39 34.88 51.42
C HIS Y 172 11.04 33.41 51.73
N VAL Y 173 11.68 32.42 51.07
CA VAL Y 173 11.32 31.04 51.38
C VAL Y 173 12.00 30.62 52.66
N GLY Y 174 11.26 29.95 53.54
CA GLY Y 174 11.71 29.63 54.89
C GLY Y 174 12.41 28.28 54.92
N THR Y 175 12.65 27.78 56.13
CA THR Y 175 13.31 26.51 56.29
C THR Y 175 12.26 25.40 56.14
N ARG Y 176 12.68 24.19 55.79
CA ARG Y 176 11.82 23.02 55.70
C ARG Y 176 10.71 23.18 54.67
N GLU Y 177 10.92 23.98 53.62
CA GLU Y 177 9.88 24.19 52.60
C GLU Y 177 10.33 23.64 51.26
N ARG Y 178 9.42 23.06 50.45
CA ARG Y 178 9.84 22.64 49.11
C ARG Y 178 9.46 23.61 48.02
N VAL Y 179 10.26 23.60 46.93
CA VAL Y 179 9.97 24.35 45.74
C VAL Y 179 10.23 23.48 44.53
N SER Y 180 9.29 23.47 43.58
CA SER Y 180 9.49 22.61 42.44
C SER Y 180 9.00 23.28 41.19
N GLY Y 181 9.61 22.90 40.05
CA GLY Y 181 9.22 23.51 38.80
C GLY Y 181 9.87 22.85 37.61
N TYR Y 182 9.77 23.55 36.49
CA TYR Y 182 10.33 23.10 35.25
C TYR Y 182 10.70 24.34 34.41
N LEU Y 183 11.82 24.25 33.67
CA LEU Y 183 12.15 25.23 32.67
C LEU Y 183 11.81 24.60 31.34
N GLN Y 184 10.81 25.14 30.65
CA GLN Y 184 10.19 24.43 29.55
C GLN Y 184 10.63 25.12 28.28
N PRO Y 185 11.42 24.49 27.40
CA PRO Y 185 11.77 25.12 26.14
C PRO Y 185 10.65 25.03 25.12
N GLU Y 186 10.83 25.75 24.03
CA GLU Y 186 9.89 25.89 22.95
C GLU Y 186 9.63 24.54 22.32
N PHE Y 187 10.69 23.75 22.17
CA PHE Y 187 10.52 22.35 21.83
C PHE Y 187 11.53 21.51 22.61
N GLY Y 188 11.13 20.29 22.99
CA GLY Y 188 12.05 19.41 23.69
C GLY Y 188 11.74 19.32 25.18
N ALA Y 189 12.51 18.50 25.88
CA ALA Y 189 12.14 18.05 27.20
C ALA Y 189 12.49 19.12 28.23
N PRO Y 190 11.71 19.29 29.30
CA PRO Y 190 11.96 20.36 30.24
C PRO Y 190 12.94 19.96 31.34
N ALA Y 191 13.66 20.94 31.85
CA ALA Y 191 14.59 20.67 32.93
C ALA Y 191 13.80 20.72 34.22
N VAL Y 192 13.76 19.62 35.00
CA VAL Y 192 13.04 19.56 36.27
C VAL Y 192 13.86 20.23 37.35
N ILE Y 193 13.22 21.01 38.22
CA ILE Y 193 13.85 21.58 39.39
C ILE Y 193 13.07 21.11 40.62
N GLU Y 194 13.76 20.72 41.68
CA GLU Y 194 13.08 20.24 42.88
C GLU Y 194 14.09 20.30 44.01
N PHE Y 195 13.74 21.04 45.07
CA PHE Y 195 14.50 20.95 46.30
C PHE Y 195 13.73 21.39 47.52
N THR Y 196 14.18 20.87 48.66
CA THR Y 196 13.61 21.24 49.94
C THR Y 196 14.67 22.02 50.70
N THR Y 197 14.32 23.22 51.19
CA THR Y 197 15.29 24.07 51.84
C THR Y 197 15.64 23.36 53.11
N PRO Y 198 16.90 23.39 53.59
CA PRO Y 198 17.28 22.63 54.77
C PRO Y 198 16.61 23.15 56.03
N ALA Y 199 16.85 22.41 57.11
CA ALA Y 199 16.24 22.67 58.40
C ALA Y 199 16.87 23.88 59.09
N ALA Y 200 18.13 24.16 58.80
CA ALA Y 200 18.82 25.18 59.57
C ALA Y 200 19.70 26.01 58.63
N PHE Y 201 19.26 27.23 58.39
CA PHE Y 201 20.12 28.08 57.62
C PHE Y 201 21.25 28.47 58.57
N THR Y 202 22.51 28.39 58.10
CA THR Y 202 23.64 28.71 58.97
C THR Y 202 24.85 29.38 58.28
N SER Y 203 24.73 29.72 56.99
CA SER Y 203 25.77 30.39 56.22
C SER Y 203 25.10 31.16 55.10
N ASP Y 204 25.81 32.10 54.46
CA ASP Y 204 25.12 33.00 53.57
C ASP Y 204 24.80 32.30 52.25
N VAL Y 205 25.70 31.48 51.70
CA VAL Y 205 25.39 30.87 50.41
C VAL Y 205 25.22 29.38 50.56
N ILE Y 206 24.04 28.82 50.19
CA ILE Y 206 23.64 27.45 50.50
C ILE Y 206 23.42 26.61 49.29
N GLU Y 207 23.83 25.35 49.37
CA GLU Y 207 24.00 24.52 48.19
C GLU Y 207 22.77 23.64 48.02
N LEU Y 208 21.68 24.23 47.53
CA LEU Y 208 20.39 23.57 47.52
C LEU Y 208 20.41 22.33 46.63
N GLN Y 209 21.17 22.37 45.52
CA GLN Y 209 21.53 21.24 44.66
C GLN Y 209 20.36 20.28 44.37
N ALA Z 1 -10.58 3.27 -28.25
CA ALA Z 1 -10.13 1.92 -27.73
C ALA Z 1 -9.65 2.03 -26.28
N ILE Z 2 -9.98 1.02 -25.47
CA ILE Z 2 -9.77 1.05 -24.03
C ILE Z 2 -8.28 1.02 -23.69
N GLY Z 3 -7.49 0.42 -24.57
CA GLY Z 3 -6.08 0.16 -24.27
C GLY Z 3 -5.33 1.46 -23.99
N ILE Z 4 -5.71 2.50 -24.74
CA ILE Z 4 -4.99 3.75 -24.75
C ILE Z 4 -4.92 4.31 -23.33
N GLY Z 5 -6.06 4.36 -22.64
CA GLY Z 5 -6.06 4.90 -21.30
C GLY Z 5 -5.29 4.04 -20.31
N THR Z 6 -5.34 2.71 -20.50
CA THR Z 6 -4.76 1.76 -19.55
C THR Z 6 -3.26 2.03 -19.50
N LEU Z 7 -2.67 2.30 -20.67
CA LEU Z 7 -1.26 2.63 -20.79
C LEU Z 7 -0.98 3.90 -20.00
N ILE Z 8 -1.71 4.98 -20.30
CA ILE Z 8 -1.46 6.30 -19.75
C ILE Z 8 -1.55 6.27 -18.24
N ILE Z 9 -2.56 5.60 -17.68
CA ILE Z 9 -2.71 5.61 -16.23
C ILE Z 9 -1.60 4.80 -15.56
N PHE Z 10 -1.05 3.79 -16.24
CA PHE Z 10 0.06 3.01 -15.72
C PHE Z 10 1.26 3.92 -15.49
N ILE Z 11 1.52 4.80 -16.46
CA ILE Z 11 2.62 5.75 -16.40
C ILE Z 11 2.51 6.56 -15.11
N ALA Z 12 1.30 7.03 -14.82
CA ALA Z 12 1.05 7.80 -13.62
C ALA Z 12 1.33 6.95 -12.39
N MET Z 13 0.82 5.72 -12.38
CA MET Z 13 0.83 4.88 -11.19
C MET Z 13 2.27 4.64 -10.76
N VAL Z 14 3.14 4.36 -11.75
CA VAL Z 14 4.56 4.12 -11.54
C VAL Z 14 5.15 5.34 -10.86
N LEU Z 15 4.89 6.51 -11.46
CA LEU Z 15 5.51 7.75 -11.02
C LEU Z 15 5.14 8.02 -9.57
N VAL Z 16 3.86 7.80 -9.21
CA VAL Z 16 3.41 8.10 -7.87
C VAL Z 16 4.12 7.18 -6.89
N ALA Z 17 4.21 5.90 -7.25
CA ALA Z 17 4.84 4.93 -6.38
C ALA Z 17 6.32 5.26 -6.17
N ALA Z 18 6.93 5.91 -7.17
CA ALA Z 18 8.32 6.31 -7.07
C ALA Z 18 8.42 7.39 -6.01
N VAL Z 19 7.57 8.42 -6.12
CA VAL Z 19 7.59 9.55 -5.20
C VAL Z 19 7.38 9.06 -3.77
N ALA Z 20 6.45 8.14 -3.60
CA ALA Z 20 6.16 7.61 -2.28
C ALA Z 20 7.38 6.89 -1.70
N ALA Z 21 8.08 6.11 -2.53
CA ALA Z 21 9.25 5.39 -2.08
C ALA Z 21 10.31 6.42 -1.67
N ALA Z 22 10.46 7.47 -2.46
CA ALA Z 22 11.53 8.42 -2.26
C ALA Z 22 11.53 8.92 -0.82
N VAL Z 23 10.38 9.38 -0.32
CA VAL Z 23 10.28 10.02 0.99
C VAL Z 23 10.80 9.10 2.09
N LEU Z 24 10.66 7.79 1.92
CA LEU Z 24 11.09 6.87 2.95
C LEU Z 24 12.61 6.77 2.91
N ILE Z 25 13.19 6.74 1.69
CA ILE Z 25 14.63 6.63 1.51
C ILE Z 25 15.28 7.86 2.11
N ASN Z 26 14.78 9.05 1.71
CA ASN Z 26 15.23 10.34 2.23
C ASN Z 26 15.17 10.38 3.76
N THR Z 27 14.01 10.01 4.33
CA THR Z 27 13.78 10.14 5.76
C THR Z 27 14.72 9.19 6.50
N SER Z 28 15.02 8.05 5.89
CA SER Z 28 15.86 7.07 6.55
C SER Z 28 17.26 7.65 6.67
N GLY Z 29 17.70 8.38 5.63
CA GLY Z 29 18.95 9.12 5.63
C GLY Z 29 19.03 10.13 6.78
N PHE Z 30 18.01 10.98 6.89
CA PHE Z 30 17.95 11.99 7.94
C PHE Z 30 18.06 11.35 9.32
N LEU Z 31 17.32 10.28 9.53
CA LEU Z 31 17.30 9.65 10.83
C LEU Z 31 18.65 8.98 11.12
N GLN Z 32 19.36 8.53 10.08
CA GLN Z 32 20.55 7.72 10.30
C GLN Z 32 21.53 8.54 11.13
N GLN Z 33 21.85 9.73 10.62
CA GLN Z 33 22.85 10.58 11.22
C GLN Z 33 22.44 10.91 12.66
N LYS Z 34 21.18 11.32 12.82
CA LYS Z 34 20.69 11.82 14.10
C LYS Z 34 20.81 10.74 15.17
N ALA Z 35 20.52 9.49 14.77
CA ALA Z 35 20.56 8.38 15.68
C ALA Z 35 22.00 8.11 16.08
N MET Z 36 22.88 7.99 15.08
CA MET Z 36 24.24 7.55 15.32
C MET Z 36 24.94 8.50 16.28
N ALA Z 37 24.80 9.81 16.01
CA ALA Z 37 25.38 10.87 16.81
C ALA Z 37 24.87 10.78 18.25
N THR Z 38 23.58 10.51 18.43
CA THR Z 38 22.98 10.57 19.74
C THR Z 38 23.58 9.50 20.63
N GLY Z 39 23.84 8.33 20.03
CA GLY Z 39 24.43 7.20 20.73
C GLY Z 39 25.87 7.50 21.14
N LYS Z 40 26.67 7.95 20.18
CA LYS Z 40 28.08 8.22 20.41
C LYS Z 40 28.20 9.20 21.57
N GLU Z 41 27.51 10.33 21.44
CA GLU Z 41 27.63 11.44 22.35
C GLU Z 41 27.27 10.98 23.75
N SER Z 42 26.15 10.27 23.85
CA SER Z 42 25.66 9.85 25.15
C SER Z 42 26.67 8.95 25.82
N THR Z 43 27.43 8.20 25.02
CA THR Z 43 28.34 7.19 25.56
C THR Z 43 29.52 7.90 26.19
N GLU Z 44 30.06 8.87 25.45
CA GLU Z 44 31.23 9.62 25.89
C GLU Z 44 30.94 10.33 27.21
N GLN Z 45 29.72 10.87 27.34
CA GLN Z 45 29.26 11.58 28.53
C GLN Z 45 29.39 10.68 29.75
N VAL Z 46 28.87 9.47 29.71
CA VAL Z 46 28.83 8.63 30.88
C VAL Z 46 30.25 8.19 31.23
N ALA Z 47 31.05 7.94 30.19
CA ALA Z 47 32.33 7.25 30.31
C ALA Z 47 33.41 8.13 30.93
N SER Z 48 33.20 9.45 30.98
CA SER Z 48 34.31 10.37 31.22
C SER Z 48 34.14 11.20 32.48
N GLY Z 49 35.26 11.60 33.09
CA GLY Z 49 35.20 12.48 34.24
C GLY Z 49 36.58 12.74 34.85
N LEU Z 50 36.63 13.53 35.92
CA LEU Z 50 37.85 13.88 36.61
C LEU Z 50 37.71 13.50 38.09
N GLN Z 51 38.85 13.31 38.76
CA GLN Z 51 38.88 12.88 40.14
C GLN Z 51 39.91 13.73 40.88
N VAL Z 52 39.57 14.28 42.06
CA VAL Z 52 40.50 15.08 42.83
C VAL Z 52 41.35 14.16 43.65
N ILE Z 53 42.67 14.19 43.42
CA ILE Z 53 43.59 13.30 44.09
C ILE Z 53 43.79 13.86 45.49
N ARG Z 54 44.33 15.09 45.60
CA ARG Z 54 44.63 15.70 46.88
C ARG Z 54 44.49 17.22 46.76
N VAL Z 55 44.28 17.95 47.87
CA VAL Z 55 44.34 19.39 47.85
C VAL Z 55 45.34 19.85 48.87
N LEU Z 56 46.24 20.77 48.51
CA LEU Z 56 47.30 21.29 49.36
C LEU Z 56 47.21 22.81 49.48
N GLY Z 57 47.78 23.41 50.56
CA GLY Z 57 47.47 24.81 50.85
C GLY Z 57 48.50 25.56 51.69
N ASN Z 58 49.23 26.45 51.04
CA ASN Z 58 50.20 27.32 51.72
C ASN Z 58 49.51 28.21 52.72
N HIS Z 59 50.16 28.61 53.85
CA HIS Z 59 49.55 29.48 54.88
C HIS Z 59 50.48 30.56 55.41
N SER Z 60 49.96 31.79 55.58
CA SER Z 60 50.69 32.92 56.17
C SER Z 60 49.70 33.78 56.91
N GLY Z 61 50.12 34.38 58.00
CA GLY Z 61 49.19 35.29 58.65
C GLY Z 61 48.09 34.48 59.30
N GLY Z 62 46.83 34.72 58.95
CA GLY Z 62 45.81 33.99 59.66
C GLY Z 62 44.94 33.15 58.72
N LYS Z 63 45.49 32.85 57.55
CA LYS Z 63 44.63 32.41 56.47
C LYS Z 63 45.39 31.38 55.64
N ILE Z 64 44.64 30.65 54.81
CA ILE Z 64 45.29 29.93 53.74
C ILE Z 64 45.15 30.83 52.52
N ASN Z 65 46.24 31.11 51.82
CA ASN Z 65 46.20 32.09 50.77
C ASN Z 65 46.25 31.48 49.37
N TRP Z 66 46.93 30.37 49.14
CA TRP Z 66 46.93 29.73 47.85
C TRP Z 66 46.44 28.28 48.02
N LEU Z 67 45.73 27.71 47.04
CA LEU Z 67 45.40 26.32 47.04
C LEU Z 67 45.90 25.66 45.76
N ALA Z 68 46.31 24.38 45.85
CA ALA Z 68 46.74 23.66 44.68
C ALA Z 68 45.95 22.38 44.68
N VAL Z 69 45.06 22.24 43.68
CA VAL Z 69 44.11 21.15 43.61
C VAL Z 69 44.63 20.18 42.56
N LEU Z 70 45.06 18.99 42.98
CA LEU Z 70 45.64 18.03 42.05
C LEU Z 70 44.51 17.16 41.52
N ILE Z 71 44.49 16.95 40.19
CA ILE Z 71 43.34 16.33 39.57
C ILE Z 71 43.79 15.40 38.46
N SER Z 72 43.03 14.34 38.16
CA SER Z 72 43.43 13.37 37.14
C SER Z 72 42.19 12.73 36.55
N PRO Z 73 42.28 12.08 35.38
CA PRO Z 73 41.11 11.49 34.75
C PRO Z 73 40.58 10.26 35.47
N ASN Z 74 39.29 9.97 35.30
CA ASN Z 74 38.67 8.74 35.81
C ASN Z 74 39.10 7.64 34.89
N ALA Z 75 39.08 6.39 35.35
CA ALA Z 75 39.53 5.30 34.51
C ALA Z 75 38.63 5.19 33.29
N GLY Z 76 39.25 5.04 32.11
CA GLY Z 76 38.53 4.74 30.89
C GLY Z 76 37.84 5.97 30.28
N SER Z 77 38.33 7.16 30.66
CA SER Z 77 37.77 8.41 30.19
C SER Z 77 38.39 8.86 28.89
N ALA Z 78 37.63 9.64 28.12
CA ALA Z 78 38.14 10.16 26.86
C ALA Z 78 38.90 11.40 27.26
N PRO Z 79 39.77 12.00 26.44
CA PRO Z 79 40.63 13.07 26.89
C PRO Z 79 39.85 14.34 27.25
N ILE Z 80 40.18 14.99 28.38
CA ILE Z 80 39.49 16.17 28.85
C ILE Z 80 40.31 17.44 28.59
N ASP Z 81 39.74 18.46 27.92
CA ASP Z 81 40.44 19.67 27.51
C ASP Z 81 40.21 20.73 28.55
N LEU Z 82 41.23 20.95 29.38
CA LEU Z 82 41.00 21.72 30.58
C LEU Z 82 40.80 23.17 30.21
N SER Z 83 41.12 23.55 28.97
CA SER Z 83 41.04 24.98 28.66
C SER Z 83 39.58 25.39 28.63
N GLN Z 84 38.69 24.43 28.56
CA GLN Z 84 37.27 24.73 28.57
C GLN Z 84 36.61 24.27 29.88
N ALA Z 85 37.36 24.03 30.96
CA ALA Z 85 36.76 23.61 32.21
C ALA Z 85 36.26 24.84 32.95
N THR Z 86 35.51 24.69 34.06
CA THR Z 86 35.19 25.81 34.93
C THR Z 86 35.26 25.38 36.40
N VAL Z 87 35.82 26.21 37.32
CA VAL Z 87 35.87 25.80 38.71
C VAL Z 87 35.03 26.71 39.56
N MET Z 88 34.34 26.17 40.56
CA MET Z 88 33.42 26.95 41.36
C MET Z 88 33.73 26.58 42.78
N ILE Z 89 33.93 27.59 43.64
CA ILE Z 89 34.34 27.38 44.99
C ILE Z 89 33.52 28.31 45.89
N THR Z 90 33.10 27.85 47.09
CA THR Z 90 32.49 28.76 48.03
C THR Z 90 32.91 28.51 49.45
N ASP Z 91 32.97 29.61 50.24
CA ASP Z 91 33.37 29.57 51.63
C ASP Z 91 32.18 29.84 52.50
N GLY Z 92 30.99 29.93 51.88
CA GLY Z 92 29.77 30.15 52.66
C GLY Z 92 29.46 31.64 52.88
N THR Z 93 30.43 32.51 52.55
CA THR Z 93 30.18 33.93 52.50
C THR Z 93 30.30 34.48 51.09
N HIS Z 94 31.11 33.91 50.19
CA HIS Z 94 31.12 34.30 48.79
C HIS Z 94 31.22 33.10 47.84
N LYS Z 95 30.94 33.26 46.52
CA LYS Z 95 30.99 32.13 45.60
C LYS Z 95 31.69 32.52 44.31
N VAL Z 96 33.01 32.25 44.21
CA VAL Z 96 33.79 32.69 43.08
C VAL Z 96 33.65 31.63 42.04
N ILE Z 97 33.73 32.03 40.76
CA ILE Z 97 33.88 31.10 39.65
C ILE Z 97 35.05 31.55 38.81
N ALA Z 98 35.92 30.62 38.36
CA ALA Z 98 37.17 31.03 37.75
C ALA Z 98 37.49 30.19 36.53
N LYS Z 99 38.26 30.74 35.57
CA LYS Z 99 38.46 30.12 34.27
C LYS Z 99 39.93 30.27 33.84
N TYR Z 100 40.41 29.47 32.89
CA TYR Z 100 41.83 29.31 32.65
C TYR Z 100 42.38 30.53 31.94
N ASN Z 101 43.52 31.05 32.43
CA ASN Z 101 44.24 32.09 31.72
C ASN Z 101 45.56 31.49 31.27
N SER Z 102 45.77 31.42 29.94
CA SER Z 102 46.83 30.65 29.34
C SER Z 102 48.19 31.19 29.74
N THR Z 103 48.24 32.41 30.25
CA THR Z 103 49.50 33.03 30.63
C THR Z 103 50.22 32.19 31.68
N PHE Z 104 49.49 31.50 32.53
CA PHE Z 104 50.04 30.91 33.74
C PHE Z 104 50.21 29.39 33.60
N PHE Z 105 51.10 28.97 32.69
CA PHE Z 105 51.35 27.54 32.50
C PHE Z 105 52.79 27.27 32.87
N ASN Z 106 53.07 26.15 33.55
CA ASN Z 106 54.44 25.70 33.69
C ASN Z 106 54.53 24.22 33.36
N GLY Z 107 55.17 23.90 32.23
CA GLY Z 107 55.23 22.51 31.82
C GLY Z 107 56.40 21.76 32.44
N THR Z 108 57.43 22.50 32.79
CA THR Z 108 58.71 21.89 33.03
C THR Z 108 58.62 20.94 34.21
N LEU Z 109 57.65 21.19 35.10
CA LEU Z 109 57.63 20.50 36.38
C LEU Z 109 57.22 19.05 36.17
N LYS Z 110 56.96 18.64 34.93
CA LYS Z 110 56.72 17.24 34.64
C LYS Z 110 57.96 16.44 35.00
N ASN Z 111 59.09 17.11 35.08
CA ASN Z 111 60.38 16.50 35.35
C ASN Z 111 60.82 16.85 36.77
N GLY Z 112 59.89 17.19 37.65
CA GLY Z 112 60.24 17.31 39.07
C GLY Z 112 60.60 18.75 39.44
N GLY Z 113 60.35 19.11 40.71
CA GLY Z 113 60.64 20.44 41.24
C GLY Z 113 59.69 20.77 42.38
N SER Z 114 59.61 22.06 42.77
CA SER Z 114 58.77 22.51 43.87
C SER Z 114 57.52 23.20 43.34
N ILE Z 115 56.33 22.73 43.80
CA ILE Z 115 55.07 23.43 43.55
C ILE Z 115 55.16 24.64 44.45
N PHE Z 116 54.22 25.57 44.36
CA PHE Z 116 54.20 26.68 45.30
C PHE Z 116 55.43 27.55 45.20
N GLU Z 117 56.37 27.22 44.31
CA GLU Z 117 57.42 28.15 43.94
C GLU Z 117 57.69 28.09 42.44
N ALA Z 118 56.67 27.67 41.66
CA ALA Z 118 56.81 27.64 40.22
C ALA Z 118 56.79 29.05 39.67
N LYS Z 119 57.59 29.32 38.65
CA LYS Z 119 57.55 30.57 37.91
C LYS Z 119 56.64 30.43 36.69
N TYR Z 120 56.37 31.57 36.01
CA TYR Z 120 55.72 31.61 34.70
C TYR Z 120 56.39 32.67 33.82
N ASN Z 121 56.06 32.75 32.52
CA ASN Z 121 56.84 33.51 31.55
C ASN Z 121 55.97 34.54 30.85
N ASN Z 122 55.91 35.79 31.38
CA ASN Z 122 55.47 36.94 30.60
C ASN Z 122 56.62 37.21 29.63
N THR Z 123 56.33 37.60 28.39
CA THR Z 123 57.39 37.62 27.39
C THR Z 123 58.56 38.49 27.91
N THR Z 124 59.79 37.98 27.81
CA THR Z 124 61.03 38.64 28.21
C THR Z 124 61.39 38.45 29.69
N ALA Z 125 60.54 37.81 30.50
CA ALA Z 125 60.89 37.65 31.92
C ALA Z 125 60.35 36.37 32.54
N LEU Z 126 60.82 36.02 33.75
CA LEU Z 126 60.25 34.97 34.57
C LEU Z 126 59.83 35.56 35.92
N LYS Z 127 58.61 35.21 36.39
CA LYS Z 127 58.04 35.81 37.58
C LYS Z 127 57.26 34.74 38.35
N PRO Z 128 57.03 34.86 39.68
CA PRO Z 128 56.36 33.81 40.44
C PRO Z 128 54.88 33.66 40.07
N LEU Z 129 54.40 32.42 39.93
CA LEU Z 129 53.08 32.10 39.42
C LEU Z 129 52.00 32.54 40.38
N PHE Z 130 52.01 31.98 41.58
CA PHE Z 130 50.84 32.08 42.44
C PHE Z 130 50.52 33.54 42.82
N ASP Z 131 51.56 34.34 43.06
CA ASP Z 131 51.40 35.71 43.49
C ASP Z 131 50.79 36.56 42.37
N ASP Z 132 51.00 36.19 41.09
CA ASP Z 132 50.59 37.05 39.99
C ASP Z 132 49.21 36.68 39.45
N LEU Z 133 48.72 35.48 39.74
CA LEU Z 133 47.51 34.94 39.14
C LEU Z 133 46.29 35.77 39.55
N PRO Z 134 45.50 36.33 38.60
CA PRO Z 134 44.34 37.16 38.90
C PRO Z 134 43.18 36.53 39.65
N ALA Z 135 42.31 37.39 40.17
CA ALA Z 135 41.34 36.90 41.13
C ALA Z 135 40.28 36.02 40.48
N THR Z 136 40.09 36.11 39.18
CA THR Z 136 39.06 35.34 38.53
C THR Z 136 39.62 34.22 37.66
N ALA Z 137 40.89 33.80 37.84
CA ALA Z 137 41.48 32.88 36.90
C ALA Z 137 42.20 31.77 37.61
N PHE Z 138 42.36 30.63 36.92
CA PHE Z 138 43.19 29.56 37.46
C PHE Z 138 44.30 29.21 36.50
N GLY Z 139 45.42 28.77 37.06
CA GLY Z 139 46.59 28.43 36.25
C GLY Z 139 46.81 26.94 36.37
N ILE Z 140 47.73 26.35 35.58
CA ILE Z 140 47.87 24.91 35.52
C ILE Z 140 49.34 24.52 35.47
N VAL Z 141 49.74 23.49 36.23
CA VAL Z 141 51.12 23.04 36.33
C VAL Z 141 51.19 21.52 36.17
N VAL Z 142 51.90 21.04 35.15
CA VAL Z 142 51.87 19.67 34.72
C VAL Z 142 52.81 18.92 35.64
N LEU Z 143 52.28 17.91 36.34
CA LEU Z 143 53.11 17.18 37.27
C LEU Z 143 53.45 15.82 36.70
N GLN Z 144 52.60 15.18 35.91
CA GLN Z 144 52.97 13.93 35.25
C GLN Z 144 52.27 13.82 33.91
N ASP Z 145 53.05 13.62 32.82
CA ASP Z 145 52.51 13.53 31.46
C ASP Z 145 53.52 12.83 30.55
N ALA Z 146 53.18 11.61 30.14
CA ALA Z 146 54.13 10.76 29.46
C ALA Z 146 54.28 11.18 28.00
N ASP Z 147 53.20 11.70 27.40
CA ASP Z 147 53.09 11.81 25.96
C ASP Z 147 52.93 13.25 25.49
N THR Z 148 53.38 14.20 26.30
CA THR Z 148 53.44 15.61 25.98
C THR Z 148 52.09 16.15 25.53
N SER Z 149 51.03 15.56 26.05
CA SER Z 149 49.68 15.90 25.67
C SER Z 149 49.26 17.29 26.13
N CYS Z 150 49.79 17.74 27.27
CA CYS Z 150 49.54 19.12 27.70
C CYS Z 150 50.48 20.11 26.99
N SER Z 151 49.89 21.07 26.27
CA SER Z 151 50.58 22.23 25.72
C SER Z 151 49.89 23.51 26.19
N LYS Z 152 50.65 24.61 26.31
CA LYS Z 152 50.18 25.82 26.96
C LYS Z 152 48.87 26.32 26.35
N ASP Z 153 48.73 26.23 25.03
CA ASP Z 153 47.52 26.69 24.37
C ASP Z 153 46.38 25.65 24.38
N THR Z 154 46.66 24.37 24.68
CA THR Z 154 45.67 23.29 24.69
C THR Z 154 45.97 22.20 25.74
N PRO Z 155 45.62 22.38 27.02
CA PRO Z 155 45.96 21.41 28.03
C PRO Z 155 44.96 20.26 28.02
N VAL Z 156 45.23 19.24 27.19
CA VAL Z 156 44.38 18.07 27.17
C VAL Z 156 44.99 16.95 27.98
N ILE Z 157 44.31 16.46 29.03
CA ILE Z 157 44.85 15.41 29.86
C ILE Z 157 44.30 14.06 29.48
N ASN Z 158 45.17 13.03 29.36
CA ASN Z 158 44.78 11.67 28.97
C ASN Z 158 45.25 10.68 29.99
N LYS Z 159 44.91 9.39 29.81
CA LYS Z 159 45.02 8.43 30.90
C LYS Z 159 46.44 8.41 31.43
N GLY Z 160 46.58 8.61 32.75
CA GLY Z 160 47.88 8.55 33.38
C GLY Z 160 48.37 9.91 33.87
N ASP Z 161 47.78 11.00 33.34
CA ASP Z 161 48.34 12.30 33.62
C ASP Z 161 47.92 12.79 35.01
N ILE Z 162 48.72 13.66 35.64
CA ILE Z 162 48.32 14.37 36.86
C ILE Z 162 48.72 15.82 36.68
N VAL Z 163 47.86 16.76 37.14
CA VAL Z 163 48.05 18.17 36.89
C VAL Z 163 47.42 18.98 37.99
N ALA Z 164 47.99 20.16 38.28
CA ALA Z 164 47.57 20.87 39.48
C ALA Z 164 46.95 22.18 39.06
N ILE Z 165 45.72 22.39 39.52
CA ILE Z 165 44.98 23.59 39.22
C ILE Z 165 45.35 24.50 40.36
N CYS Z 166 45.89 25.67 40.02
CA CYS Z 166 46.42 26.60 40.99
C CYS Z 166 45.47 27.79 41.10
N LEU Z 167 45.00 28.10 42.33
CA LEU Z 167 44.07 29.18 42.60
C LEU Z 167 44.60 30.06 43.73
N ASN Z 168 44.50 31.38 43.59
CA ASN Z 168 44.99 32.29 44.62
C ASN Z 168 43.76 32.89 45.19
N VAL Z 169 43.53 32.65 46.50
CA VAL Z 169 42.24 32.92 47.11
C VAL Z 169 42.34 33.98 48.19
N SER Z 170 43.45 34.68 48.25
CA SER Z 170 43.85 35.46 49.39
C SER Z 170 42.83 36.51 49.75
N ASN Z 171 42.27 37.16 48.73
CA ASN Z 171 41.29 38.21 48.98
C ASN Z 171 39.85 37.80 48.64
N THR Z 172 39.67 36.73 47.87
CA THR Z 172 38.40 36.33 47.33
C THR Z 172 37.63 35.50 48.33
N LEU Z 173 38.26 34.51 48.98
CA LEU Z 173 37.59 33.71 50.01
C LEU Z 173 38.38 33.76 51.32
N ASN Z 174 37.70 33.81 52.47
CA ASN Z 174 38.37 34.17 53.71
C ASN Z 174 38.64 32.94 54.57
N LEU Z 175 39.64 32.12 54.17
CA LEU Z 175 39.81 30.80 54.73
C LEU Z 175 40.56 30.83 56.05
N LYS Z 176 39.86 31.27 57.09
CA LYS Z 176 40.37 31.14 58.45
C LYS Z 176 40.09 29.74 58.97
N PRO Z 177 40.51 29.35 60.19
CA PRO Z 177 40.32 27.99 60.67
C PRO Z 177 38.86 27.58 60.75
N ARG Z 178 38.63 26.26 60.81
CA ARG Z 178 37.29 25.75 61.06
C ARG Z 178 36.29 26.18 59.98
N THR Z 179 36.75 26.40 58.73
CA THR Z 179 35.89 26.93 57.67
C THR Z 179 35.62 25.88 56.60
N LYS Z 180 34.36 25.70 56.19
CA LYS Z 180 34.02 24.68 55.19
C LYS Z 180 34.15 25.26 53.80
N VAL Z 181 34.72 24.47 52.86
CA VAL Z 181 34.91 24.90 51.50
C VAL Z 181 34.33 23.84 50.60
N THR Z 182 33.56 24.25 49.58
CA THR Z 182 32.79 23.31 48.79
C THR Z 182 32.95 23.73 47.34
N GLY Z 183 32.92 22.78 46.41
CA GLY Z 183 33.04 23.21 45.02
C GLY Z 183 33.18 22.07 44.03
N ALA Z 184 33.49 22.41 42.77
CA ALA Z 184 33.61 21.42 41.73
C ALA Z 184 34.44 21.98 40.60
N VAL Z 185 35.20 21.10 39.93
CA VAL Z 185 35.76 21.42 38.64
C VAL Z 185 34.89 20.72 37.62
N ILE Z 186 34.29 21.50 36.70
CA ILE Z 186 33.26 21.01 35.81
C ILE Z 186 33.84 20.98 34.42
N PRO Z 187 34.01 19.81 33.78
CA PRO Z 187 34.47 19.74 32.42
C PRO Z 187 33.37 19.94 31.39
N GLU Z 188 33.78 19.99 30.13
CA GLU Z 188 32.94 20.30 29.01
C GLU Z 188 31.95 19.18 28.84
N PHE Z 189 32.42 17.96 29.07
CA PHE Z 189 31.54 16.81 29.20
C PHE Z 189 32.09 15.88 30.25
N GLY Z 190 31.21 15.07 30.85
CA GLY Z 190 31.67 14.13 31.86
C GLY Z 190 31.47 14.68 33.27
N ALA Z 191 31.76 13.83 34.26
CA ALA Z 191 31.28 14.06 35.60
C ALA Z 191 32.22 14.99 36.34
N PRO Z 192 31.71 15.94 37.17
CA PRO Z 192 32.57 16.86 37.88
C PRO Z 192 33.36 16.23 39.01
N ALA Z 193 34.52 16.84 39.32
CA ALA Z 193 35.26 16.46 40.50
C ALA Z 193 34.74 17.30 41.65
N VAL Z 194 34.58 16.72 42.86
CA VAL Z 194 33.96 17.41 43.97
C VAL Z 194 35.01 17.75 45.01
N ILE Z 195 35.17 19.05 45.30
CA ILE Z 195 36.10 19.57 46.28
C ILE Z 195 35.30 19.73 47.56
N SER Z 196 35.79 19.23 48.69
CA SER Z 196 35.02 19.31 49.91
C SER Z 196 35.92 19.10 51.11
N PHE Z 197 36.18 20.17 51.87
CA PHE Z 197 37.07 20.06 52.99
C PHE Z 197 36.77 21.10 54.04
N THR Z 198 37.17 20.82 55.27
CA THR Z 198 37.05 21.82 56.30
C THR Z 198 38.44 22.10 56.83
N THR Z 199 38.81 23.38 56.92
CA THR Z 199 40.18 23.71 57.23
C THR Z 199 40.41 23.26 58.65
N PRO Z 200 41.64 22.89 59.05
CA PRO Z 200 41.95 22.46 60.41
C PRO Z 200 41.53 23.39 61.54
N ALA Z 201 41.56 22.84 62.74
CA ALA Z 201 41.21 23.61 63.92
C ALA Z 201 42.32 24.57 64.30
N THR Z 202 43.57 24.24 63.94
CA THR Z 202 44.72 25.02 64.37
C THR Z 202 45.77 25.03 63.28
N TYR Z 203 46.31 26.21 62.98
CA TYR Z 203 47.38 26.31 62.03
C TYR Z 203 48.65 26.55 62.85
N LEU Z 204 49.75 25.84 62.57
CA LEU Z 204 51.00 26.01 63.31
C LEU Z 204 52.08 26.63 62.44
N ASP Z 205 52.89 27.54 63.01
CA ASP Z 205 53.90 28.31 62.25
C ASP Z 205 55.04 27.42 61.77
N THR Z 206 55.15 26.21 62.30
CA THR Z 206 56.20 25.29 61.91
C THR Z 206 55.80 24.49 60.67
N GLN Z 207 54.55 24.62 60.23
CA GLN Z 207 54.02 23.76 59.18
C GLN Z 207 53.20 24.59 58.18
N HIS Z 208 53.88 25.38 57.34
CA HIS Z 208 53.16 26.30 56.49
C HIS Z 208 52.43 25.64 55.33
N ILE Z 209 52.79 24.39 54.95
CA ILE Z 209 52.01 23.73 53.91
C ILE Z 209 51.15 22.62 54.52
N ILE Z 210 49.84 22.65 54.24
CA ILE Z 210 48.83 21.85 54.90
C ILE Z 210 48.16 20.95 53.89
N GLU Z 211 47.83 19.72 54.29
CA GLU Z 211 47.14 18.80 53.40
C GLU Z 211 45.67 18.84 53.77
N LEU Z 212 44.80 19.23 52.84
CA LEU Z 212 43.45 19.60 53.19
C LEU Z 212 42.46 18.50 52.85
N GLN Z 213 42.69 17.78 51.76
CA GLN Z 213 41.85 16.65 51.34
C GLN Z 213 42.76 15.58 50.73
N ALA AA 1 -2.87 -2.99 -13.44
CA ALA AA 1 -2.38 -1.59 -13.12
C ALA AA 1 -1.91 -1.52 -11.67
N ILE AA 2 -2.73 -2.03 -10.74
CA ILE AA 2 -2.49 -1.96 -9.31
C ILE AA 2 -1.22 -2.75 -8.96
N GLY AA 3 -1.07 -3.92 -9.59
CA GLY AA 3 0.00 -4.84 -9.28
C GLY AA 3 1.37 -4.17 -9.30
N ILE AA 4 1.61 -3.39 -10.37
CA ILE AA 4 2.87 -2.76 -10.68
C ILE AA 4 3.35 -1.98 -9.46
N GLY AA 5 2.50 -1.11 -8.95
CA GLY AA 5 2.92 -0.25 -7.86
C GLY AA 5 3.29 -1.03 -6.60
N THR AA 6 2.57 -2.14 -6.34
CA THR AA 6 2.73 -2.89 -5.11
C THR AA 6 4.17 -3.35 -5.01
N LEU AA 7 4.70 -3.79 -6.16
CA LEU AA 7 6.04 -4.33 -6.24
C LEU AA 7 7.02 -3.22 -5.86
N ILE AA 8 6.84 -2.05 -6.47
CA ILE AA 8 7.78 -0.95 -6.31
C ILE AA 8 7.84 -0.58 -4.85
N ILE AA 9 6.72 -0.34 -4.18
CA ILE AA 9 6.85 0.15 -2.82
C ILE AA 9 7.41 -0.94 -1.90
N PHE AA 10 7.19 -2.21 -2.26
CA PHE AA 10 7.73 -3.32 -1.48
C PHE AA 10 9.24 -3.15 -1.40
N ILE AA 11 9.87 -2.84 -2.54
CA ILE AA 11 11.32 -2.65 -2.60
C ILE AA 11 11.76 -1.62 -1.56
N ALA AA 12 11.01 -0.53 -1.45
CA ALA AA 12 11.39 0.51 -0.54
C ALA AA 12 11.33 0.01 0.89
N MET AA 13 10.27 -0.75 1.25
CA MET AA 13 10.11 -1.23 2.61
C MET AA 13 11.37 -1.99 3.03
N VAL AA 14 11.90 -2.81 2.10
CA VAL AA 14 13.02 -3.70 2.34
C VAL AA 14 14.22 -2.83 2.69
N LEU AA 15 14.51 -1.88 1.81
CA LEU AA 15 15.70 -1.07 1.93
C LEU AA 15 15.64 -0.28 3.22
N VAL AA 16 14.47 0.26 3.60
CA VAL AA 16 14.38 1.11 4.76
C VAL AA 16 14.62 0.28 6.03
N ALA AA 17 14.09 -0.94 6.08
CA ALA AA 17 14.33 -1.83 7.21
C ALA AA 17 15.82 -2.16 7.30
N ALA AA 18 16.44 -2.36 6.13
CA ALA AA 18 17.85 -2.69 6.05
C ALA AA 18 18.67 -1.57 6.67
N VAL AA 19 18.39 -0.33 6.25
CA VAL AA 19 19.12 0.84 6.72
C VAL AA 19 18.98 0.95 8.22
N ALA AA 20 17.80 0.70 8.77
CA ALA AA 20 17.59 0.82 10.20
C ALA AA 20 18.38 -0.28 10.93
N ALA AA 21 18.41 -1.46 10.35
CA ALA AA 21 19.11 -2.56 10.98
C ALA AA 21 20.59 -2.19 11.11
N ALA AA 22 21.14 -1.61 10.04
CA ALA AA 22 22.53 -1.23 9.98
C ALA AA 22 22.88 -0.39 11.20
N VAL AA 23 22.03 0.58 11.54
CA VAL AA 23 22.26 1.46 12.67
C VAL AA 23 22.45 0.60 13.93
N LEU AA 24 21.54 -0.35 14.14
CA LEU AA 24 21.49 -1.06 15.39
C LEU AA 24 22.74 -1.92 15.51
N ILE AA 25 23.10 -2.61 14.41
CA ILE AA 25 24.23 -3.53 14.34
C ILE AA 25 25.50 -2.74 14.63
N ASN AA 26 25.71 -1.67 13.85
CA ASN AA 26 26.88 -0.82 13.94
C ASN AA 26 27.06 -0.29 15.37
N THR AA 27 25.99 0.29 15.90
CA THR AA 27 26.00 0.94 17.20
C THR AA 27 26.43 -0.08 18.24
N SER AA 28 25.94 -1.31 18.12
CA SER AA 28 26.24 -2.35 19.09
C SER AA 28 27.74 -2.60 19.07
N GLY AA 29 28.29 -2.64 17.84
CA GLY AA 29 29.73 -2.73 17.62
C GLY AA 29 30.50 -1.61 18.32
N PHE AA 30 30.07 -0.37 18.11
CA PHE AA 30 30.73 0.80 18.66
C PHE AA 30 30.79 0.72 20.19
N LEU AA 31 29.74 0.18 20.79
CA LEU AA 31 29.65 0.13 22.24
C LEU AA 31 30.48 -1.02 22.76
N GLN AA 32 30.61 -2.09 21.99
CA GLN AA 32 31.25 -3.31 22.49
C GLN AA 32 32.64 -2.96 22.99
N GLN AA 33 33.36 -2.15 22.20
CA GLN AA 33 34.72 -1.73 22.47
C GLN AA 33 34.79 -1.10 23.86
N LYS AA 34 34.03 -0.02 24.06
CA LYS AA 34 34.14 0.82 25.24
C LYS AA 34 33.68 0.06 26.46
N ALA AA 35 32.68 -0.80 26.27
CA ALA AA 35 32.14 -1.56 27.39
C ALA AA 35 33.29 -2.36 27.99
N MET AA 36 33.98 -3.13 27.15
CA MET AA 36 35.02 -4.01 27.67
C MET AA 36 36.11 -3.15 28.32
N ALA AA 37 36.57 -2.14 27.58
CA ALA AA 37 37.69 -1.30 27.98
C ALA AA 37 37.47 -0.79 29.40
N THR AA 38 36.25 -0.34 29.69
CA THR AA 38 35.95 0.31 30.95
C THR AA 38 36.15 -0.67 32.09
N GLY AA 39 35.70 -1.91 31.88
CA GLY AA 39 35.74 -2.91 32.92
C GLY AA 39 37.19 -3.28 33.26
N LYS AA 40 37.98 -3.54 32.23
CA LYS AA 40 39.35 -3.97 32.41
C LYS AA 40 40.10 -2.88 33.16
N GLU AA 41 40.03 -1.66 32.64
CA GLU AA 41 40.71 -0.51 33.21
C GLU AA 41 40.36 -0.35 34.68
N SER AA 42 39.07 -0.44 34.99
CA SER AA 42 38.61 -0.15 36.34
C SER AA 42 39.14 -1.20 37.31
N THR AA 43 39.26 -2.44 36.85
CA THR AA 43 39.69 -3.52 37.71
C THR AA 43 41.16 -3.32 38.01
N GLU AA 44 41.96 -3.03 36.99
CA GLU AA 44 43.40 -2.87 37.16
C GLU AA 44 43.69 -1.75 38.15
N GLN AA 45 42.84 -0.71 38.16
CA GLN AA 45 42.97 0.42 39.07
C GLN AA 45 42.74 -0.03 40.50
N VAL AA 46 41.68 -0.79 40.76
CA VAL AA 46 41.36 -1.06 42.15
C VAL AA 46 42.32 -2.08 42.74
N ALA AA 47 42.89 -2.94 41.90
CA ALA AA 47 43.67 -4.09 42.35
C ALA AA 47 45.13 -3.72 42.59
N SER AA 48 45.65 -2.74 41.85
CA SER AA 48 47.08 -2.48 41.86
C SER AA 48 47.46 -1.40 42.87
N GLY AA 49 48.73 -1.40 43.27
CA GLY AA 49 49.23 -0.47 44.30
C GLY AA 49 50.64 -0.84 44.76
N LEU AA 50 51.22 0.00 45.62
CA LEU AA 50 52.52 -0.25 46.22
C LEU AA 50 52.41 -0.01 47.72
N LEU AA 51 53.35 -0.59 48.48
CA LEU AA 51 53.27 -0.58 49.93
C LEU AA 51 54.66 -0.35 50.52
N CYS AA 52 54.73 0.58 51.47
CA CYS AA 52 55.96 1.02 52.12
C CYS AA 52 56.33 0.05 53.20
N SER AA 53 57.63 -0.26 53.26
CA SER AA 53 58.06 -1.40 54.03
C SER AA 53 58.89 -0.88 55.18
N GLY AA 54 59.57 0.24 54.95
CA GLY AA 54 60.53 0.76 55.91
C GLY AA 54 61.16 2.03 55.37
N VAL AA 55 61.65 2.90 56.25
CA VAL AA 55 62.49 4.01 55.84
C VAL AA 55 63.69 4.07 56.75
N THR AA 56 64.88 4.38 56.18
CA THR AA 56 66.07 4.58 56.99
C THR AA 56 66.90 5.77 56.51
N GLY AA 57 67.81 6.30 57.37
CA GLY AA 57 68.38 7.60 57.05
C GLY AA 57 69.74 7.86 57.69
N HIS AA 58 70.56 8.81 57.15
CA HIS AA 58 71.94 8.99 57.56
C HIS AA 58 72.14 10.36 58.18
N TYR AA 59 72.75 10.42 59.38
CA TYR AA 59 72.86 11.67 60.13
C TYR AA 59 74.28 12.17 60.04
N VAL AA 60 74.49 13.40 59.58
CA VAL AA 60 75.82 14.02 59.61
C VAL AA 60 75.92 14.86 60.87
N LYS AA 61 77.03 14.74 61.60
CA LYS AA 61 77.13 15.31 62.94
C LYS AA 61 76.91 16.82 62.88
N ASN AA 62 76.13 17.30 63.84
CA ASN AA 62 75.89 18.72 64.02
C ASN AA 62 75.13 19.31 62.83
N LYS AA 63 74.59 18.47 61.94
CA LYS AA 63 73.87 18.98 60.77
C LYS AA 63 72.44 18.47 60.68
N GLY AA 64 72.22 17.15 60.74
CA GLY AA 64 70.87 16.59 60.57
C GLY AA 64 70.84 15.49 59.51
N ILE AA 65 69.64 15.03 59.13
CA ILE AA 65 69.54 13.89 58.25
C ILE AA 65 69.79 14.35 56.83
N ASP AA 66 70.70 13.67 56.16
CA ASP AA 66 71.25 14.17 54.91
C ASP AA 66 70.58 13.47 53.75
N ARG AA 67 70.34 12.16 53.88
CA ARG AA 67 69.79 11.27 52.85
C ARG AA 67 68.85 10.23 53.49
N ILE AA 68 67.91 9.69 52.70
CA ILE AA 68 66.94 8.69 53.16
C ILE AA 68 66.73 7.60 52.11
N VAL AA 69 66.47 6.34 52.55
CA VAL AA 69 66.18 5.21 51.66
C VAL AA 69 64.88 4.56 52.02
N ILE AA 70 63.96 4.49 51.05
CA ILE AA 70 62.58 4.10 51.28
C ILE AA 70 62.40 2.75 50.63
N TYR AA 71 61.93 1.74 51.34
CA TYR AA 71 61.82 0.41 50.79
C TYR AA 71 60.38 0.21 50.36
N ILE AA 72 60.19 -0.33 49.15
CA ILE AA 72 58.87 -0.39 48.54
C ILE AA 72 58.64 -1.74 47.90
N THR AA 73 57.39 -2.20 47.90
CA THR AA 73 56.99 -3.55 47.48
C THR AA 73 55.57 -3.48 46.92
N PRO AA 74 55.15 -4.38 46.03
CA PRO AA 74 53.80 -4.29 45.48
C PRO AA 74 52.81 -5.02 46.34
N ASN AA 75 51.51 -4.63 46.28
CA ASN AA 75 50.51 -5.28 47.13
C ASN AA 75 50.13 -6.62 46.52
N ALA AA 76 49.58 -7.53 47.35
CA ALA AA 76 49.15 -8.83 46.83
C ALA AA 76 48.26 -8.64 45.61
N GLY AA 77 48.55 -9.35 44.53
CA GLY AA 77 47.63 -9.42 43.41
C GLY AA 77 47.75 -8.24 42.44
N SER AA 78 48.57 -7.25 42.77
CA SER AA 78 48.72 -6.08 41.93
C SER AA 78 49.36 -6.41 40.59
N ALA AA 79 48.92 -5.69 39.57
CA ALA AA 79 49.45 -5.91 38.24
C ALA AA 79 50.78 -5.19 38.23
N PRO AA 80 51.68 -5.41 37.26
CA PRO AA 80 53.03 -4.87 37.36
C PRO AA 80 53.08 -3.36 37.25
N ILE AA 81 53.94 -2.70 38.04
CA ILE AA 81 53.99 -1.25 38.12
C ILE AA 81 55.28 -0.73 37.50
N ASP AA 82 55.10 0.24 36.60
CA ASP AA 82 56.14 0.74 35.69
C ASP AA 82 56.84 1.84 36.44
N LEU AA 83 57.87 1.47 37.18
CA LEU AA 83 58.35 2.33 38.24
C LEU AA 83 58.80 3.66 37.67
N LYS AA 84 59.18 3.70 36.37
CA LYS AA 84 59.91 4.84 35.85
C LYS AA 84 58.95 5.94 35.50
N GLN AA 85 57.66 5.69 35.63
CA GLN AA 85 56.71 6.74 35.42
C GLN AA 85 56.13 7.25 36.75
N CYS AA 86 56.51 6.69 37.89
CA CYS AA 86 55.87 7.05 39.15
C CYS AA 86 56.52 8.29 39.71
N LYS AA 87 55.77 9.16 40.41
CA LYS AA 87 56.31 10.40 40.96
C LYS AA 87 56.16 10.39 42.48
N LEU AA 88 57.14 10.95 43.21
CA LEU AA 88 57.15 10.90 44.67
C LEU AA 88 57.02 12.30 45.21
N PHE AA 89 55.96 12.54 46.00
CA PHE AA 89 55.66 13.83 46.55
C PHE AA 89 56.01 13.81 48.03
N LEU AA 90 56.73 14.82 48.51
CA LEU AA 90 57.12 14.88 49.91
C LEU AA 90 56.87 16.30 50.41
N MET AA 91 56.36 16.41 51.63
CA MET AA 91 56.08 17.67 52.31
C MET AA 91 56.87 17.74 53.61
N TYR AA 92 57.30 18.95 53.96
CA TYR AA 92 58.09 19.22 55.16
C TYR AA 92 57.85 20.67 55.56
N ASP AA 93 58.79 21.31 56.25
CA ASP AA 93 58.42 22.50 57.00
C ASP AA 93 58.15 23.69 56.12
N GLY AA 94 58.53 23.62 54.88
CA GLY AA 94 58.26 24.80 54.08
C GLY AA 94 58.23 24.57 52.56
N LYS AA 95 58.29 23.31 52.15
CA LYS AA 95 58.49 22.97 50.77
C LYS AA 95 57.68 21.72 50.49
N ALA AA 96 57.16 21.61 49.27
CA ALA AA 96 56.45 20.42 48.83
C ALA AA 96 56.97 20.11 47.44
N VAL AA 97 57.70 19.00 47.33
CA VAL AA 97 58.60 18.75 46.23
C VAL AA 97 58.11 17.51 45.52
N SER AA 98 58.19 17.50 44.18
CA SER AA 98 57.94 16.28 43.41
C SER AA 98 59.26 15.82 42.81
N LEU AA 99 59.60 14.52 42.89
CA LEU AA 99 60.82 13.97 42.32
C LEU AA 99 60.53 12.94 41.21
N ASN AA 100 61.32 12.88 40.11
CA ASN AA 100 61.07 11.96 39.00
C ASN AA 100 62.18 10.95 38.85
N PHE AA 101 61.89 9.73 38.38
CA PHE AA 101 62.89 8.66 38.21
C PHE AA 101 64.06 9.11 37.37
N SER AA 102 65.24 8.57 37.64
CA SER AA 102 66.42 8.90 36.85
C SER AA 102 67.29 7.66 36.84
N LYS AA 103 68.05 7.47 35.75
CA LYS AA 103 68.81 6.25 35.63
C LYS AA 103 69.99 6.26 36.59
N TYR AA 104 70.26 5.09 37.19
CA TYR AA 104 71.47 4.76 37.94
C TYR AA 104 72.62 4.88 36.94
N ASP AA 105 73.88 4.72 37.35
CA ASP AA 105 74.95 4.85 36.37
C ASP AA 105 74.83 3.79 35.26
N THR AA 106 74.62 4.25 34.00
CA THR AA 106 74.75 3.50 32.76
C THR AA 106 73.68 2.43 32.60
N ASN AA 107 72.89 2.16 33.64
CA ASN AA 107 71.97 1.04 33.66
C ASN AA 107 70.67 1.48 34.35
N THR AA 108 69.56 0.79 34.10
CA THR AA 108 68.29 1.40 34.49
C THR AA 108 68.12 1.41 36.00
N VAL AA 109 68.64 0.41 36.70
CA VAL AA 109 68.39 0.20 38.11
C VAL AA 109 69.67 -0.43 38.66
N GLY AA 110 70.15 0.03 39.82
CA GLY AA 110 71.41 -0.46 40.33
C GLY AA 110 71.32 -1.92 40.80
N ASP AA 111 72.08 -2.83 40.18
CA ASP AA 111 71.90 -4.27 40.46
C ASP AA 111 72.67 -4.72 41.69
N PHE AA 112 71.98 -4.74 42.81
CA PHE AA 112 72.55 -5.26 44.03
C PHE AA 112 71.69 -6.43 44.50
N THR AA 113 71.31 -7.29 43.56
CA THR AA 113 70.56 -8.50 43.88
C THR AA 113 71.39 -9.41 44.78
N ASN AA 114 72.72 -9.25 44.79
CA ASN AA 114 73.60 -10.10 45.58
C ASN AA 114 74.29 -9.33 46.71
N GLY AA 115 73.69 -8.29 47.27
CA GLY AA 115 74.11 -7.77 48.57
C GLY AA 115 74.98 -6.52 48.50
N ILE AA 116 74.98 -5.71 49.58
CA ILE AA 116 75.66 -4.43 49.63
C ILE AA 116 76.41 -4.36 50.94
N LYS AA 117 77.66 -3.91 50.91
CA LYS AA 117 78.48 -3.80 52.10
C LYS AA 117 77.88 -2.76 53.03
N ASP AA 118 77.45 -1.62 52.48
CA ASP AA 118 76.79 -0.55 53.22
C ASP AA 118 76.01 0.34 52.25
N ILE AA 119 74.71 0.51 52.46
CA ILE AA 119 73.82 1.15 51.51
C ILE AA 119 74.16 2.63 51.40
N PHE AA 120 74.92 3.16 52.36
CA PHE AA 120 75.20 4.57 52.33
C PHE AA 120 76.65 4.90 51.96
N ASN AA 121 77.52 3.91 51.80
CA ASN AA 121 78.91 4.20 51.45
C ASN AA 121 78.93 4.65 49.99
N THR AA 122 79.53 5.82 49.75
CA THR AA 122 79.42 6.54 48.50
C THR AA 122 80.04 5.76 47.33
N THR AA 123 81.23 5.17 47.55
CA THR AA 123 81.97 4.56 46.46
C THR AA 123 81.33 3.27 45.99
N VAL AA 124 80.69 2.55 46.91
CA VAL AA 124 80.01 1.31 46.57
C VAL AA 124 78.75 1.64 45.81
N VAL AA 125 77.97 2.64 46.28
CA VAL AA 125 76.56 2.71 45.94
C VAL AA 125 76.26 3.66 44.79
N LYS AA 126 77.08 4.69 44.59
CA LYS AA 126 76.79 5.63 43.50
C LYS AA 126 75.50 6.45 43.75
N TRP AA 127 75.56 7.35 44.73
CA TRP AA 127 74.50 8.27 45.07
C TRP AA 127 74.41 9.44 44.10
N ASN AA 128 75.40 9.63 43.21
CA ASN AA 128 75.62 10.92 42.57
C ASN AA 128 74.46 11.45 41.73
N ASN AA 129 73.64 10.58 41.13
CA ASN AA 129 72.53 11.03 40.30
C ASN AA 129 71.31 11.42 41.12
N ALA AA 130 71.39 11.41 42.45
CA ALA AA 130 70.24 11.87 43.23
C ALA AA 130 70.27 13.39 43.34
N ASP AA 131 69.82 14.07 42.28
CA ASP AA 131 69.82 15.52 42.14
C ASP AA 131 68.68 16.07 42.98
N ALA AA 132 68.47 17.38 42.96
CA ALA AA 132 67.52 17.95 43.90
C ALA AA 132 66.12 17.67 43.37
N THR AA 133 66.01 17.14 42.16
CA THR AA 133 64.71 16.90 41.55
C THR AA 133 64.49 15.46 41.09
N SER AA 134 65.33 14.49 41.47
CA SER AA 134 65.08 13.09 41.08
C SER AA 134 65.43 12.06 42.13
N PHE AA 135 64.94 10.81 41.93
CA PHE AA 135 65.39 9.67 42.71
C PHE AA 135 66.01 8.59 41.84
N VAL AA 136 66.69 7.62 42.50
CA VAL AA 136 67.19 6.45 41.79
C VAL AA 136 66.78 5.21 42.56
N VAL AA 137 66.78 4.05 41.91
CA VAL AA 137 66.22 2.82 42.45
C VAL AA 137 67.33 1.77 42.48
N VAL AA 138 67.41 1.01 43.58
CA VAL AA 138 68.39 -0.02 43.80
C VAL AA 138 67.60 -1.30 44.00
N ALA AA 139 67.93 -2.36 43.25
CA ALA AA 139 67.11 -3.56 43.22
C ALA AA 139 67.68 -4.55 44.22
N LEU AA 140 66.83 -4.94 45.19
CA LEU AA 140 67.28 -5.75 46.29
C LEU AA 140 66.82 -7.20 46.14
N GLN AA 141 65.61 -7.47 45.63
CA GLN AA 141 65.24 -8.86 45.33
C GLN AA 141 64.33 -8.89 44.11
N ASP AA 142 64.67 -9.72 43.11
CA ASP AA 142 63.96 -9.81 41.83
C ASP AA 142 64.42 -11.06 41.09
N ASP AA 143 63.57 -12.09 41.10
CA ASP AA 143 63.88 -13.40 40.54
C ASP AA 143 63.89 -13.32 39.02
N ASP AA 144 62.84 -12.71 38.49
CA ASP AA 144 62.49 -12.72 37.07
C ASP AA 144 63.22 -11.63 36.27
N LYS AA 145 64.14 -10.91 36.87
CA LYS AA 145 64.86 -9.83 36.20
C LYS AA 145 63.98 -8.68 35.68
N SER AA 146 62.81 -8.44 36.27
CA SER AA 146 61.98 -7.36 35.78
C SER AA 146 62.49 -5.98 36.20
N LEU AA 147 62.96 -5.87 37.44
CA LEU AA 147 63.48 -4.59 37.86
C LEU AA 147 64.67 -4.28 36.97
N LEU AA 148 65.50 -5.29 36.69
CA LEU AA 148 66.83 -5.08 36.14
C LEU AA 148 66.76 -4.65 34.69
N THR AA 149 65.57 -4.66 34.12
CA THR AA 149 65.42 -4.54 32.69
C THR AA 149 64.12 -3.79 32.42
N ASN AA 150 64.22 -2.46 32.23
CA ASN AA 150 63.03 -1.65 31.98
C ASN AA 150 62.17 -1.40 33.24
N ALA AA 151 62.69 -1.73 34.42
CA ALA AA 151 62.25 -1.15 35.70
C ALA AA 151 60.80 -1.44 36.04
N VAL AA 152 60.36 -2.70 35.91
CA VAL AA 152 58.99 -3.02 36.25
C VAL AA 152 58.94 -3.88 37.52
N ILE AA 153 58.23 -3.40 38.56
CA ILE AA 153 58.03 -4.16 39.77
C ILE AA 153 56.93 -5.17 39.49
N ASN AA 154 57.15 -6.45 39.87
CA ASN AA 154 56.10 -7.46 39.88
C ASN AA 154 56.16 -8.27 41.17
N LYS AA 155 55.35 -9.33 41.27
CA LYS AA 155 55.07 -9.98 42.55
C LYS AA 155 56.35 -10.45 43.23
N GLY AA 156 56.55 -10.07 44.49
CA GLY AA 156 57.66 -10.62 45.23
C GLY AA 156 58.93 -9.79 45.12
N ASP AA 157 58.93 -8.74 44.27
CA ASP AA 157 60.11 -7.89 44.19
C ASP AA 157 60.19 -6.98 45.41
N LEU AA 158 61.40 -6.53 45.80
CA LEU AA 158 61.61 -5.51 46.84
C LEU AA 158 62.68 -4.57 46.36
N ALA AA 159 62.46 -3.25 46.46
CA ALA AA 159 63.34 -2.29 45.82
C ALA AA 159 63.44 -1.07 46.67
N GLY AA 160 64.51 -0.32 46.48
CA GLY AA 160 64.75 0.73 47.45
C GLY AA 160 64.96 2.03 46.71
N VAL AA 161 64.26 3.08 47.15
CA VAL AA 161 64.31 4.35 46.47
C VAL AA 161 65.25 5.23 47.25
N LEU AA 162 66.24 5.85 46.59
CA LEU AA 162 67.17 6.71 47.30
C LEU AA 162 66.78 8.18 47.08
N VAL AA 163 66.65 9.00 48.16
CA VAL AA 163 66.40 10.44 48.01
C VAL AA 163 67.37 11.32 48.79
N ASN AA 164 68.00 12.33 48.14
CA ASN AA 164 69.02 13.19 48.72
C ASN AA 164 68.30 14.36 49.35
N VAL AA 165 67.78 14.09 50.56
CA VAL AA 165 66.77 14.95 51.11
C VAL AA 165 67.35 16.32 51.29
N SER AA 166 68.61 16.39 51.67
CA SER AA 166 69.15 17.68 52.08
C SER AA 166 69.24 18.59 50.87
N ALA AA 167 69.30 17.99 49.69
CA ALA AA 167 69.36 18.73 48.44
C ALA AA 167 67.94 19.03 47.95
N ALA AA 168 67.02 18.12 48.21
CA ALA AA 168 65.64 18.25 47.78
C ALA AA 168 64.94 19.38 48.54
N PHE AA 169 65.04 19.37 49.86
CA PHE AA 169 64.37 20.37 50.66
C PHE AA 169 65.31 21.55 50.87
N GLY AA 170 66.55 21.43 50.45
CA GLY AA 170 67.45 22.56 50.56
C GLY AA 170 68.08 22.73 51.95
N LYS AA 171 67.62 21.95 52.94
CA LYS AA 171 68.31 21.89 54.23
C LYS AA 171 68.22 20.49 54.86
N HIS AA 172 69.06 20.22 55.86
CA HIS AA 172 68.98 18.94 56.55
C HIS AA 172 67.76 18.90 57.47
N VAL AA 173 67.01 17.77 57.56
CA VAL AA 173 65.85 17.79 58.44
C VAL AA 173 66.30 17.58 59.87
N GLY AA 174 65.74 18.37 60.79
CA GLY AA 174 66.19 18.42 62.17
C GLY AA 174 65.45 17.40 63.03
N THR AA 175 65.61 17.54 64.35
CA THR AA 175 64.95 16.64 65.27
C THR AA 175 63.52 17.13 65.48
N ARG AA 176 62.62 16.23 65.88
CA ARG AA 176 61.24 16.57 66.22
C ARG AA 176 60.46 17.16 65.05
N GLU AA 177 60.82 16.80 63.80
CA GLU AA 177 60.13 17.33 62.63
C GLU AA 177 59.41 16.22 61.89
N ARG AA 178 58.21 16.49 61.31
CA ARG AA 178 57.59 15.45 60.49
C ARG AA 178 57.78 15.64 59.00
N VAL AA 179 57.74 14.51 58.27
CA VAL AA 179 57.78 14.52 56.83
C VAL AA 179 56.76 13.52 56.32
N SER AA 180 55.96 13.94 55.32
CA SER AA 180 54.95 13.02 54.86
C SER AA 180 54.79 13.15 53.36
N GLY AA 181 54.36 12.04 52.74
CA GLY AA 181 54.21 12.07 51.30
C GLY AA 181 53.54 10.81 50.76
N TYR AA 182 53.64 10.66 49.45
CA TYR AA 182 53.09 9.54 48.76
C TYR AA 182 53.95 9.26 47.53
N LEU AA 183 54.12 7.98 47.19
CA LEU AA 183 54.70 7.60 45.90
C LEU AA 183 53.55 7.14 45.05
N GLN AA 184 53.26 7.89 43.99
CA GLN AA 184 51.99 7.75 43.30
C GLN AA 184 52.28 7.07 41.98
N PRO AA 185 51.83 5.84 41.73
CA PRO AA 185 52.04 5.22 40.44
C PRO AA 185 51.06 5.75 39.39
N GLU AA 186 51.33 5.37 38.15
CA GLU AA 186 50.59 5.78 36.97
C GLU AA 186 49.17 5.31 37.07
N PHE AA 187 48.97 4.10 37.57
CA PHE AA 187 47.64 3.66 37.97
C PHE AA 187 47.73 2.85 39.25
N GLY AA 188 46.71 2.97 40.10
CA GLY AA 188 46.68 2.18 41.32
C GLY AA 188 47.01 3.03 42.56
N ALA AA 189 46.98 2.38 43.72
CA ALA AA 189 46.93 3.10 44.97
C ALA AA 189 48.33 3.55 45.37
N PRO AA 190 48.49 4.71 46.01
CA PRO AA 190 49.81 5.22 46.32
C PRO AA 190 50.36 4.70 47.63
N ALA AA 191 51.67 4.60 47.71
CA ALA AA 191 52.28 4.16 48.95
C ALA AA 191 52.43 5.38 49.84
N VAL AA 192 51.81 5.40 51.03
CA VAL AA 192 51.91 6.51 51.98
C VAL AA 192 53.23 6.46 52.71
N ILE AA 193 53.88 7.61 52.91
CA ILE AA 193 55.06 7.72 53.74
C ILE AA 193 54.76 8.75 54.83
N GLU AA 194 55.18 8.46 56.06
CA GLU AA 194 54.90 9.37 57.16
C GLU AA 194 55.85 8.99 58.29
N PHE AA 195 56.67 9.96 58.73
CA PHE AA 195 57.40 9.78 59.96
C PHE AA 195 57.84 11.07 60.60
N THR AA 196 58.05 11.00 61.91
CA THR AA 196 58.54 12.12 62.69
C THR AA 196 59.95 11.77 63.15
N THR AA 197 60.92 12.65 62.88
CA THR AA 197 62.30 12.35 63.20
C THR AA 197 62.36 12.35 64.69
N PRO AA 198 63.15 11.47 65.34
CA PRO AA 198 63.16 11.39 66.80
C PRO AA 198 63.72 12.65 67.43
N ALA AA 199 63.63 12.64 68.77
CA ALA AA 199 64.03 13.77 69.59
C ALA AA 199 65.54 13.90 69.69
N ALA AA 200 66.26 12.79 69.56
CA ALA AA 200 67.69 12.82 69.84
C ALA AA 200 68.40 11.95 68.81
N PHE AA 201 69.11 12.60 67.90
CA PHE AA 201 69.92 11.84 67.00
C PHE AA 201 71.09 11.34 67.83
N THR AA 202 71.43 10.04 67.73
CA THR AA 202 72.53 9.51 68.54
C THR AA 202 73.39 8.42 67.89
N SER AA 203 73.14 8.12 66.61
CA SER AA 203 73.90 7.12 65.86
C SER AA 203 73.81 7.50 64.39
N ASP AA 204 74.66 6.93 63.53
CA ASP AA 204 74.73 7.43 62.17
C ASP AA 204 73.52 6.97 61.36
N VAL AA 205 73.08 5.70 61.50
CA VAL AA 205 71.97 5.26 60.68
C VAL AA 205 70.75 4.99 61.52
N ILE AA 206 69.62 5.68 61.24
CA ILE AA 206 68.44 5.72 62.11
C ILE AA 206 67.21 5.15 61.49
N GLU AA 207 66.42 4.43 62.28
CA GLU AA 207 65.41 3.56 61.73
C GLU AA 207 64.06 4.26 61.79
N LEU AA 208 63.85 5.18 60.85
CA LEU AA 208 62.70 6.07 60.90
C LEU AA 208 61.39 5.29 60.79
N GLN AA 209 61.37 4.20 60.00
CA GLN AA 209 60.33 3.18 59.94
C GLN AA 209 58.90 3.75 59.93
N ALA BA 1 3.98 -4.78 1.31
CA ALA BA 1 3.31 -5.34 2.53
C ALA BA 1 4.17 -5.11 3.78
N ILE BA 2 3.51 -4.80 4.90
CA ILE BA 2 4.18 -4.37 6.12
C ILE BA 2 4.97 -5.52 6.75
N GLY BA 3 4.54 -6.75 6.50
CA GLY BA 3 5.09 -7.91 7.17
C GLY BA 3 6.60 -8.04 6.90
N ILE BA 4 6.97 -7.69 5.68
CA ILE BA 4 8.30 -7.92 5.17
C ILE BA 4 9.32 -7.22 6.09
N GLY BA 5 9.09 -5.96 6.39
CA GLY BA 5 10.01 -5.23 7.23
C GLY BA 5 10.04 -5.76 8.66
N THR BA 6 8.88 -6.20 9.17
CA THR BA 6 8.74 -6.61 10.56
C THR BA 6 9.68 -7.78 10.80
N LEU BA 7 9.75 -8.68 9.81
CA LEU BA 7 10.62 -9.85 9.84
C LEU BA 7 12.06 -9.37 9.92
N ILE BA 8 12.48 -8.53 8.96
CA ILE BA 8 13.86 -8.11 8.79
C ILE BA 8 14.34 -7.40 10.05
N ILE BA 9 13.56 -6.53 10.63
CA ILE BA 9 14.02 -5.80 11.81
C ILE BA 9 14.14 -6.72 13.02
N PHE BA 10 13.35 -7.80 13.08
CA PHE BA 10 13.43 -8.78 14.15
C PHE BA 10 14.81 -9.44 14.14
N ILE BA 11 15.28 -9.77 12.93
CA ILE BA 11 16.58 -10.39 12.74
C ILE BA 11 17.65 -9.52 13.37
N ALA BA 12 17.56 -8.22 13.11
CA ALA BA 12 18.53 -7.28 13.67
C ALA BA 12 18.41 -7.27 15.19
N MET BA 13 17.19 -7.21 15.71
CA MET BA 13 16.97 -6.99 17.14
C MET BA 13 17.61 -8.13 17.93
N VAL BA 14 17.43 -9.37 17.43
CA VAL BA 14 17.98 -10.58 18.02
C VAL BA 14 19.48 -10.42 18.09
N LEU BA 15 20.09 -10.08 16.95
CA LEU BA 15 21.53 -10.05 16.80
C LEU BA 15 22.11 -9.04 17.79
N VAL BA 16 21.47 -7.88 17.93
CA VAL BA 16 22.01 -6.85 18.81
C VAL BA 16 21.95 -7.34 20.24
N ALA BA 17 20.84 -7.97 20.61
CA ALA BA 17 20.67 -8.46 21.99
C ALA BA 17 21.71 -9.54 22.29
N ALA BA 18 22.14 -10.26 21.26
CA ALA BA 18 23.16 -11.29 21.43
C ALA BA 18 24.47 -10.61 21.79
N VAL BA 19 24.85 -9.60 21.00
CA VAL BA 19 26.10 -8.89 21.19
C VAL BA 19 26.15 -8.28 22.58
N ALA BA 20 25.04 -7.71 23.01
CA ALA BA 20 24.96 -7.08 24.31
C ALA BA 20 25.17 -8.12 25.42
N ALA BA 21 24.56 -9.29 25.26
CA ALA BA 21 24.71 -10.34 26.25
C ALA BA 21 26.17 -10.77 26.31
N ALA BA 22 26.79 -10.88 25.14
CA ALA BA 22 28.13 -11.43 25.06
C ALA BA 22 29.07 -10.69 26.00
N VAL BA 23 29.08 -9.35 25.95
CA VAL BA 23 30.02 -8.53 26.70
C VAL BA 23 29.94 -8.82 28.20
N LEU BA 24 28.76 -9.18 28.68
CA LEU BA 24 28.60 -9.42 30.11
C LEU BA 24 29.21 -10.77 30.44
N ILE BA 25 29.00 -11.77 29.56
CA ILE BA 25 29.52 -13.12 29.77
C ILE BA 25 31.05 -13.05 29.77
N ASN BA 26 31.62 -12.40 28.74
CA ASN BA 26 33.05 -12.17 28.61
C ASN BA 26 33.62 -11.49 29.87
N THR BA 27 33.00 -10.38 30.29
CA THR BA 27 33.52 -9.58 31.37
C THR BA 27 33.47 -10.37 32.66
N SER BA 28 32.47 -11.23 32.79
CA SER BA 28 32.32 -12.00 34.02
C SER BA 28 33.48 -12.97 34.12
N GLY BA 29 33.88 -13.53 32.96
CA GLY BA 29 35.07 -14.38 32.85
C GLY BA 29 36.34 -13.67 33.33
N PHE BA 30 36.59 -12.47 32.78
CA PHE BA 30 37.75 -11.67 33.13
C PHE BA 30 37.80 -11.43 34.64
N LEU BA 31 36.67 -11.04 35.19
CA LEU BA 31 36.63 -10.69 36.60
C LEU BA 31 36.82 -11.94 37.45
N GLN BA 32 36.41 -13.12 36.96
CA GLN BA 32 36.41 -14.30 37.80
C GLN BA 32 37.83 -14.55 38.30
N GLN BA 33 38.75 -14.65 37.33
CA GLN BA 33 40.13 -14.99 37.62
C GLN BA 33 40.72 -13.97 38.57
N LYS BA 34 40.53 -12.69 38.24
CA LYS BA 34 41.15 -11.59 38.95
C LYS BA 34 40.74 -11.60 40.41
N ALA BA 35 39.47 -11.91 40.65
CA ALA BA 35 38.90 -11.91 41.98
C ALA BA 35 39.52 -13.07 42.76
N MET BA 36 39.47 -14.27 42.17
CA MET BA 36 39.85 -15.49 42.87
C MET BA 36 41.30 -15.38 43.35
N ALA BA 37 42.17 -14.96 42.44
CA ALA BA 37 43.59 -14.79 42.70
C ALA BA 37 43.81 -13.80 43.83
N THR BA 38 43.05 -12.70 43.85
CA THR BA 38 43.29 -11.62 44.78
C THR BA 38 43.03 -12.11 46.19
N GLY BA 39 42.01 -12.96 46.33
CA GLY BA 39 41.63 -13.54 47.62
C GLY BA 39 42.71 -14.51 48.13
N LYS BA 40 43.10 -15.45 47.26
CA LYS BA 40 44.07 -16.46 47.61
C LYS BA 40 45.33 -15.78 48.11
N GLU BA 41 45.87 -14.88 47.28
CA GLU BA 41 47.15 -14.26 47.50
C GLU BA 41 47.12 -13.53 48.83
N SER BA 42 46.06 -12.75 49.05
CA SER BA 42 45.97 -11.93 50.23
C SER BA 42 45.97 -12.80 51.46
N THR BA 43 45.43 -14.02 51.34
CA THR BA 43 45.25 -14.90 52.49
C THR BA 43 46.61 -15.43 52.91
N GLU BA 44 47.38 -15.88 51.92
CA GLU BA 44 48.68 -16.46 52.15
C GLU BA 44 49.59 -15.44 52.83
N GLN BA 45 49.51 -14.18 52.41
CA GLN BA 45 50.29 -13.07 52.94
C GLN BA 45 50.09 -12.97 54.44
N VAL BA 46 48.84 -12.94 54.91
CA VAL BA 46 48.59 -12.67 56.31
C VAL BA 46 49.04 -13.88 57.13
N ALA BA 47 48.84 -15.08 56.56
CA ALA BA 47 48.93 -16.33 57.28
C ALA BA 47 50.37 -16.74 57.58
N SER BA 48 51.35 -16.12 56.92
CA SER BA 48 52.70 -16.68 56.88
C SER BA 48 53.75 -15.75 57.46
N GLY BA 49 54.82 -16.35 58.01
CA GLY BA 49 55.92 -15.55 58.52
C GLY BA 49 57.00 -16.40 59.18
N LEU BA 50 58.05 -15.75 59.69
CA LEU BA 50 59.16 -16.41 60.36
C LEU BA 50 59.33 -15.80 61.75
N GLN BA 51 59.95 -16.56 62.66
CA GLN BA 51 60.13 -16.16 64.04
C GLN BA 51 61.57 -16.48 64.44
N VAL BA 52 62.28 -15.52 65.08
CA VAL BA 52 63.64 -15.76 65.51
C VAL BA 52 63.61 -16.44 66.85
N ILE BA 53 64.17 -17.65 66.92
CA ILE BA 53 64.13 -18.45 68.13
C ILE BA 53 65.19 -17.88 69.05
N ARG BA 54 66.48 -17.91 68.64
CA ARG BA 54 67.58 -17.44 69.46
C ARG BA 54 68.68 -16.90 68.56
N VAL BA 55 69.57 -16.05 69.08
CA VAL BA 55 70.76 -15.64 68.34
C VAL BA 55 71.98 -15.94 69.18
N LEU BA 56 73.00 -16.58 68.59
CA LEU BA 56 74.23 -16.97 69.28
C LEU BA 56 75.46 -16.36 68.59
N GLY BA 57 76.60 -16.22 69.30
CA GLY BA 57 77.68 -15.39 68.77
C GLY BA 57 79.08 -15.69 69.32
N ASN BA 58 79.90 -16.31 68.49
CA ASN BA 58 81.29 -16.59 68.81
C ASN BA 58 82.06 -15.30 69.05
N HIS BA 59 83.09 -15.28 69.93
CA HIS BA 59 83.88 -14.06 70.23
C HIS BA 59 85.39 -14.29 70.32
N SER BA 60 86.19 -13.39 69.73
CA SER BA 60 87.66 -13.42 69.82
C SER BA 60 88.16 -12.00 69.78
N GLY BA 61 89.24 -11.72 70.48
CA GLY BA 61 89.76 -10.37 70.38
C GLY BA 61 88.83 -9.41 71.09
N GLY BA 62 88.32 -8.41 70.39
CA GLY BA 62 87.50 -7.46 71.12
C GLY BA 62 86.08 -7.39 70.61
N LYS BA 63 85.66 -8.43 69.89
CA LYS BA 63 84.51 -8.28 69.03
C LYS BA 63 83.75 -9.58 69.03
N ILE BA 64 82.50 -9.52 68.54
CA ILE BA 64 81.83 -10.73 68.14
C ILE BA 64 82.03 -10.82 66.64
N ASN BA 65 82.51 -11.96 66.14
CA ASN BA 65 82.90 -12.05 64.76
C ASN BA 65 81.91 -12.84 63.91
N TRP BA 66 81.26 -13.88 64.43
CA TRP BA 66 80.27 -14.61 63.66
C TRP BA 66 78.94 -14.58 64.44
N LEU BA 67 77.80 -14.55 63.75
CA LEU BA 67 76.51 -14.70 64.39
C LEU BA 67 75.74 -15.85 63.75
N ALA BA 68 74.95 -16.56 64.56
CA ALA BA 68 74.15 -17.64 64.04
C ALA BA 68 72.74 -17.37 64.52
N VAL BA 69 71.86 -17.06 63.58
CA VAL BA 69 70.51 -16.63 63.87
C VAL BA 69 69.59 -17.80 63.58
N LEU BA 70 68.99 -18.38 64.62
CA LEU BA 70 68.15 -19.55 64.46
C LEU BA 70 66.73 -19.06 64.21
N ILE BA 71 66.06 -19.66 63.21
CA ILE BA 71 64.79 -19.13 62.75
C ILE BA 71 63.85 -20.27 62.39
N SER BA 72 62.53 -20.05 62.52
CA SER BA 72 61.57 -21.13 62.24
C SER BA 72 60.26 -20.52 61.81
N PRO BA 73 59.35 -21.27 61.18
CA PRO BA 73 58.09 -20.72 60.71
C PRO BA 73 57.12 -20.35 61.82
N ASN BA 74 56.21 -19.41 61.54
CA ASN BA 74 55.13 -19.06 62.45
C ASN BA 74 54.10 -20.15 62.34
N ALA BA 75 53.27 -20.33 63.37
CA ALA BA 75 52.28 -21.40 63.32
C ALA BA 75 51.33 -21.16 62.15
N GLY BA 76 51.06 -22.22 61.38
CA GLY BA 76 50.04 -22.19 60.35
C GLY BA 76 50.48 -21.47 59.08
N SER BA 77 51.80 -21.36 58.89
CA SER BA 77 52.37 -20.68 57.75
C SER BA 77 52.54 -21.61 56.56
N ALA BA 78 52.54 -21.03 55.36
CA ALA BA 78 52.73 -21.82 54.16
C ALA BA 78 54.23 -21.91 54.03
N PRO BA 79 54.81 -22.81 53.22
CA PRO BA 79 56.25 -23.01 53.23
C PRO BA 79 57.02 -21.80 52.72
N ILE BA 80 58.12 -21.41 53.42
CA ILE BA 80 58.92 -20.25 53.06
C ILE BA 80 60.22 -20.67 52.37
N ASP BA 81 60.52 -20.13 51.18
CA ASP BA 81 61.68 -20.52 50.37
C ASP BA 81 62.80 -19.54 50.66
N LEU BA 82 63.77 -20.01 51.45
CA LEU BA 82 64.71 -19.07 52.01
C LEU BA 82 65.64 -18.60 50.93
N SER BA 83 65.65 -19.26 49.77
CA SER BA 83 66.63 -18.87 48.77
C SER BA 83 66.26 -17.50 48.23
N GLN BA 84 65.05 -17.06 48.47
CA GLN BA 84 64.63 -15.75 48.04
C GLN BA 84 64.44 -14.80 49.22
N ALA BA 85 64.98 -15.08 50.40
CA ALA BA 85 64.82 -14.17 51.54
C ALA BA 85 65.85 -13.06 51.42
N THR BA 86 65.79 -12.02 52.28
CA THR BA 86 66.85 -11.03 52.37
C THR BA 86 67.08 -10.62 53.82
N VAL BA 87 68.35 -10.47 54.30
CA VAL BA 87 68.55 -10.08 55.68
C VAL BA 87 69.20 -8.73 55.74
N MET BA 88 68.81 -7.90 56.70
CA MET BA 88 69.30 -6.53 56.78
C MET BA 88 69.68 -6.33 58.23
N ILE BA 89 70.89 -5.84 58.48
CA ILE BA 89 71.40 -5.70 59.81
C ILE BA 89 72.10 -4.36 59.91
N THR BA 90 71.97 -3.65 61.06
CA THR BA 90 72.77 -2.44 61.24
C THR BA 90 73.29 -2.32 62.66
N ASP BA 91 74.49 -1.70 62.77
CA ASP BA 91 75.15 -1.49 64.04
C ASP BA 91 75.13 -0.03 64.37
N GLY BA 92 74.42 0.76 63.57
CA GLY BA 92 74.32 2.19 63.85
C GLY BA 92 75.45 3.01 63.22
N THR BA 93 76.48 2.33 62.72
CA THR BA 93 77.48 2.97 61.89
C THR BA 93 77.46 2.47 60.46
N HIS BA 94 77.04 1.23 60.16
CA HIS BA 94 76.87 0.76 58.80
C HIS BA 94 75.58 -0.07 58.62
N LYS BA 95 75.11 -0.32 57.38
CA LYS BA 95 73.88 -1.10 57.20
C LYS BA 95 74.04 -2.09 56.06
N VAL BA 96 74.40 -3.35 56.40
CA VAL BA 96 74.71 -4.34 55.39
C VAL BA 96 73.41 -4.98 55.04
N ILE BA 97 73.30 -5.46 53.78
CA ILE BA 97 72.22 -6.33 53.36
C ILE BA 97 72.82 -7.52 52.67
N ALA BA 98 72.32 -8.74 52.95
CA ALA BA 98 73.00 -9.95 52.51
C ALA BA 98 72.04 -10.97 51.97
N LYS BA 99 72.50 -11.86 51.05
CA LYS BA 99 71.61 -12.75 50.32
C LYS BA 99 72.27 -14.13 50.19
N TYR BA 100 71.50 -15.19 49.91
CA TYR BA 100 71.96 -16.55 50.08
C TYR BA 100 72.94 -16.93 48.99
N ASN BA 101 74.07 -17.54 49.38
CA ASN BA 101 74.99 -18.12 48.40
C ASN BA 101 74.95 -19.62 48.61
N SER BA 102 74.51 -20.37 47.60
CA SER BA 102 74.17 -21.77 47.69
C SER BA 102 75.40 -22.59 48.04
N THR BA 103 76.58 -22.05 47.88
CA THR BA 103 77.81 -22.77 48.14
C THR BA 103 77.86 -23.23 49.59
N PHE BA 104 77.28 -22.47 50.49
CA PHE BA 104 77.50 -22.63 51.92
C PHE BA 104 76.32 -23.33 52.61
N PHE BA 105 76.05 -24.58 52.25
CA PHE BA 105 74.96 -25.33 52.86
C PHE BA 105 75.56 -26.50 53.61
N ASN BA 106 75.03 -26.81 54.80
CA ASN BA 106 75.37 -28.08 55.43
C ASN BA 106 74.11 -28.76 55.92
N GLY BA 107 73.73 -29.86 55.29
CA GLY BA 107 72.50 -30.52 55.65
C GLY BA 107 72.68 -31.50 56.81
N THR BA 108 73.89 -32.02 56.93
CA THR BA 108 74.10 -33.20 57.73
C THR BA 108 73.72 -32.94 59.16
N LEU BA 109 73.80 -31.68 59.58
CA LEU BA 109 73.70 -31.35 60.99
C LEU BA 109 72.26 -31.54 61.47
N LYS BA 110 71.36 -31.96 60.58
CA LYS BA 110 70.02 -32.32 60.99
C LYS BA 110 70.08 -33.49 61.96
N ASN BA 111 71.20 -34.21 61.93
CA ASN BA 111 71.41 -35.39 62.75
C ASN BA 111 72.41 -35.08 63.85
N GLY BA 112 72.57 -33.81 64.21
CA GLY BA 112 73.35 -33.49 65.40
C GLY BA 112 74.81 -33.21 65.06
N GLY BA 113 75.47 -32.38 65.89
CA GLY BA 113 76.86 -31.98 65.71
C GLY BA 113 77.10 -30.60 66.31
N SER BA 114 78.23 -29.97 65.96
CA SER BA 114 78.60 -28.65 66.48
C SER BA 114 78.36 -27.57 65.44
N ILE BA 115 77.61 -26.52 65.80
CA ILE BA 115 77.48 -25.32 64.98
C ILE BA 115 78.81 -24.64 65.13
N PHE BA 116 79.08 -23.58 64.40
CA PHE BA 116 80.30 -22.82 64.61
C PHE BA 116 81.55 -23.64 64.34
N GLU BA 117 81.40 -24.92 63.96
CA GLU BA 117 82.51 -25.68 63.40
C GLU BA 117 82.03 -26.53 62.23
N ALA BA 118 80.94 -26.12 61.58
CA ALA BA 118 80.45 -26.83 60.41
C ALA BA 118 81.37 -26.59 59.23
N LYS BA 119 81.60 -27.61 58.43
CA LYS BA 119 82.31 -27.47 57.17
C LYS BA 119 81.33 -27.25 56.02
N TYR BA 120 81.86 -26.92 54.82
CA TYR BA 120 81.11 -26.89 53.56
C TYR BA 120 81.96 -27.49 52.45
N ASN BA 121 81.39 -27.72 51.25
CA ASN BA 121 82.01 -28.54 50.21
C ASN BA 121 82.16 -27.75 48.93
N ASN BA 122 83.33 -27.09 48.72
CA ASN BA 122 83.75 -26.69 47.39
C ASN BA 122 84.16 -27.97 46.69
N THR BA 123 83.88 -28.12 45.39
CA THR BA 123 84.04 -29.44 44.79
C THR BA 123 85.47 -29.93 45.02
N THR BA 124 85.61 -31.19 45.46
CA THR BA 124 86.89 -31.87 45.73
C THR BA 124 87.45 -31.62 47.12
N ALA BA 125 86.83 -30.77 47.95
CA ALA BA 125 87.38 -30.53 49.28
C ALA BA 125 86.32 -30.23 50.34
N LEU BA 126 86.71 -30.25 51.63
CA LEU BA 126 85.90 -29.76 52.72
C LEU BA 126 86.67 -28.66 53.47
N LYS BA 127 85.98 -27.55 53.78
CA LYS BA 127 86.63 -26.37 54.33
C LYS BA 127 85.69 -25.73 55.36
N PRO BA 128 86.17 -24.94 56.35
CA PRO BA 128 85.27 -24.39 57.38
C PRO BA 128 84.32 -23.33 56.84
N LEU BA 129 83.05 -23.37 57.26
CA LEU BA 129 81.98 -22.56 56.70
C LEU BA 129 82.19 -21.09 57.06
N PHE BA 130 82.17 -20.78 58.34
CA PHE BA 130 82.04 -19.41 58.77
C PHE BA 130 83.18 -18.51 58.27
N ASP BA 131 84.40 -19.05 58.30
CA ASP BA 131 85.59 -18.31 57.91
C ASP BA 131 85.57 -17.97 56.43
N ASP BA 132 84.91 -18.79 55.59
CA ASP BA 132 84.99 -18.61 54.14
C ASP BA 132 83.85 -17.76 53.59
N LEU BA 133 82.76 -17.61 54.34
CA LEU BA 133 81.53 -16.98 53.87
C LEU BA 133 81.77 -15.51 53.52
N PRO BA 134 81.50 -15.05 52.29
CA PRO BA 134 81.74 -13.67 51.86
C PRO BA 134 80.96 -12.57 52.55
N ALA BA 135 81.43 -11.34 52.39
CA ALA BA 135 80.93 -10.28 53.22
C ALA BA 135 79.48 -9.91 52.92
N THR BA 136 79.00 -10.25 51.73
CA THR BA 136 77.65 -9.88 51.35
C THR BA 136 76.69 -11.07 51.31
N ALA BA 137 77.02 -12.21 51.95
CA ALA BA 137 76.22 -13.41 51.75
C ALA BA 137 75.92 -14.07 53.07
N PHE BA 138 74.83 -14.84 53.10
CA PHE BA 138 74.57 -15.68 54.27
C PHE BA 138 74.45 -17.13 53.88
N GLY BA 139 74.84 -18.02 54.81
CA GLY BA 139 74.82 -19.44 54.54
C GLY BA 139 73.75 -20.05 55.44
N ILE BA 140 73.42 -21.34 55.27
CA ILE BA 140 72.31 -21.94 55.99
C ILE BA 140 72.67 -23.34 56.45
N VAL BA 141 72.32 -23.71 57.69
CA VAL BA 141 72.63 -24.99 58.29
C VAL BA 141 71.39 -25.60 58.94
N VAL BA 142 70.97 -26.78 58.48
CA VAL BA 142 69.70 -27.36 58.82
C VAL BA 142 69.88 -28.02 60.17
N LEU BA 143 69.08 -27.61 61.14
CA LEU BA 143 69.23 -28.16 62.46
C LEU BA 143 68.09 -29.13 62.76
N GLN BA 144 66.87 -28.91 62.23
CA GLN BA 144 65.81 -29.90 62.41
C GLN BA 144 64.90 -29.89 61.18
N ASP BA 145 64.70 -31.05 60.54
CA ASP BA 145 63.88 -31.18 59.34
C ASP BA 145 63.46 -32.63 59.14
N ALA BA 146 62.17 -32.89 59.35
CA ALA BA 146 61.69 -34.26 59.41
C ALA BA 146 61.55 -34.84 58.01
N ASP BA 147 61.25 -33.99 57.02
CA ASP BA 147 60.76 -34.46 55.73
C ASP BA 147 61.67 -34.06 54.57
N THR BA 148 62.94 -33.81 54.87
CA THR BA 148 63.99 -33.55 53.90
C THR BA 148 63.62 -32.40 52.97
N SER BA 149 62.83 -31.46 53.47
CA SER BA 149 62.34 -30.36 52.69
C SER BA 149 63.42 -29.38 52.29
N CYS BA 150 64.45 -29.22 53.13
CA CYS BA 150 65.60 -28.40 52.73
C CYS BA 150 66.57 -29.17 51.84
N SER BA 151 66.80 -28.65 50.62
CA SER BA 151 67.85 -29.11 49.72
C SER BA 151 68.73 -27.92 49.31
N LYS BA 152 70.00 -28.17 49.02
CA LYS BA 152 71.01 -27.14 48.84
C LYS BA 152 70.56 -26.10 47.81
N ASP BA 153 69.94 -26.55 46.72
CA ASP BA 153 69.49 -25.63 45.68
C ASP BA 153 68.13 -24.98 45.98
N THR BA 154 67.35 -25.50 46.93
CA THR BA 154 66.01 -24.99 47.28
C THR BA 154 65.66 -25.16 48.77
N PRO BA 155 66.11 -24.29 49.68
CA PRO BA 155 65.86 -24.47 51.08
C PRO BA 155 64.46 -23.98 51.46
N VAL BA 156 63.47 -24.88 51.33
CA VAL BA 156 62.12 -24.53 51.72
C VAL BA 156 61.81 -25.07 53.10
N ILE BA 157 61.49 -24.22 54.08
CA ILE BA 157 61.20 -24.67 55.42
C ILE BA 157 59.71 -24.78 55.67
N ASN BA 158 59.26 -25.91 56.28
CA ASN BA 158 57.84 -26.15 56.55
C ASN BA 158 57.64 -26.45 58.01
N LYS BA 159 56.39 -26.64 58.45
CA LYS BA 159 56.06 -26.59 59.87
C LYS BA 159 56.90 -27.59 60.63
N GLY BA 160 57.61 -27.12 61.65
CA GLY BA 160 58.42 -28.00 62.48
C GLY BA 160 59.91 -27.79 62.31
N ASP BA 161 60.31 -27.16 61.20
CA ASP BA 161 61.73 -27.11 60.88
C ASP BA 161 62.42 -26.03 61.70
N ILE BA 162 63.73 -26.17 61.97
CA ILE BA 162 64.57 -25.10 62.53
C ILE BA 162 65.85 -25.06 61.74
N VAL BA 163 66.36 -23.85 61.45
CA VAL BA 163 67.49 -23.67 60.58
C VAL BA 163 68.26 -22.42 60.96
N ALA BA 164 69.58 -22.42 60.72
CA ALA BA 164 70.39 -21.36 61.28
C ALA BA 164 70.99 -20.57 60.13
N ILE BA 165 70.75 -19.27 60.15
CA ILE BA 165 71.25 -18.38 59.14
C ILE BA 165 72.59 -17.96 59.70
N CYS BA 166 73.65 -18.18 58.95
CA CYS BA 166 75.00 -17.95 59.40
C CYS BA 166 75.55 -16.72 58.69
N LEU BA 167 76.04 -15.72 59.47
CA LEU BA 167 76.58 -14.45 58.95
C LEU BA 167 77.93 -14.18 59.57
N ASN BA 168 78.91 -13.74 58.76
CA ASN BA 168 80.24 -13.45 59.27
C ASN BA 168 80.36 -11.97 59.18
N VAL BA 169 80.52 -11.31 60.35
CA VAL BA 169 80.35 -9.88 60.45
C VAL BA 169 81.65 -9.18 60.83
N SER BA 170 82.76 -9.89 60.77
CA SER BA 170 83.99 -9.52 61.42
C SER BA 170 84.49 -8.17 60.96
N ASN BA 171 84.36 -7.91 59.65
CA ASN BA 171 84.84 -6.65 59.12
C ASN BA 171 83.71 -5.68 58.73
N THR BA 172 82.49 -6.17 58.60
CA THR BA 172 81.37 -5.43 58.10
C THR BA 172 80.71 -4.61 59.19
N LEU BA 173 80.46 -5.19 60.36
CA LEU BA 173 79.86 -4.46 61.48
C LEU BA 173 80.76 -4.59 62.71
N ASN BA 174 80.90 -3.52 63.52
CA ASN BA 174 81.96 -3.46 64.51
C ASN BA 174 81.41 -3.74 65.90
N LEU BA 175 81.08 -5.01 66.21
CA LEU BA 175 80.30 -5.37 67.37
C LEU BA 175 81.16 -5.46 68.63
N LYS BA 176 81.57 -4.29 69.13
CA LYS BA 176 82.21 -4.21 70.44
C LYS BA 176 81.14 -4.21 71.51
N PRO BA 177 81.47 -4.19 72.82
CA PRO BA 177 80.46 -4.26 73.87
C PRO BA 177 79.47 -3.11 73.84
N ARG BA 178 78.34 -3.31 74.50
CA ARG BA 178 77.38 -2.23 74.69
C ARG BA 178 76.86 -1.68 73.36
N THR BA 179 76.80 -2.50 72.29
CA THR BA 179 76.42 -2.04 70.97
C THR BA 179 75.06 -2.58 70.54
N LYS BA 180 74.17 -1.72 70.03
CA LYS BA 180 72.83 -2.14 69.63
C LYS BA 180 72.86 -2.64 68.20
N VAL BA 181 72.15 -3.75 67.94
CA VAL BA 181 72.08 -4.34 66.61
C VAL BA 181 70.61 -4.53 66.29
N THR BA 182 70.22 -4.16 65.06
CA THR BA 182 68.81 -4.12 64.71
C THR BA 182 68.69 -4.72 63.32
N GLY BA 183 67.58 -5.37 63.01
CA GLY BA 183 67.46 -5.89 61.67
C GLY BA 183 66.25 -6.79 61.43
N ALA BA 184 66.21 -7.45 60.27
CA ALA BA 184 65.08 -8.29 59.93
C ALA BA 184 65.50 -9.29 58.87
N VAL BA 185 64.91 -10.49 58.93
CA VAL BA 185 64.95 -11.39 57.80
C VAL BA 185 63.60 -11.28 57.12
N ILE BA 186 63.62 -10.90 55.84
CA ILE BA 186 62.42 -10.53 55.12
C ILE BA 186 62.15 -11.61 54.09
N PRO BA 187 61.06 -12.37 54.18
CA PRO BA 187 60.73 -13.37 53.18
C PRO BA 187 60.00 -12.78 51.99
N GLU BA 188 59.77 -13.64 50.99
CA GLU BA 188 59.21 -13.27 49.72
C GLU BA 188 57.78 -12.84 49.94
N PHE BA 189 57.10 -13.53 50.84
CA PHE BA 189 55.82 -13.09 51.34
C PHE BA 189 55.70 -13.42 52.82
N GLY BA 190 54.87 -12.68 53.53
CA GLY BA 190 54.70 -12.96 54.95
C GLY BA 190 55.56 -12.05 55.82
N ALA BA 191 55.38 -12.15 57.13
CA ALA BA 191 55.83 -11.12 58.05
C ALA BA 191 57.29 -11.33 58.39
N PRO BA 192 58.10 -10.26 58.51
CA PRO BA 192 59.51 -10.41 58.80
C PRO BA 192 59.80 -10.83 60.23
N ALA BA 193 60.94 -11.50 60.42
CA ALA BA 193 61.43 -11.77 61.75
C ALA BA 193 62.29 -10.59 62.19
N VAL BA 194 62.18 -10.16 63.46
CA VAL BA 194 62.86 -8.96 63.91
C VAL BA 194 64.00 -9.32 64.84
N ILE BA 195 65.23 -8.94 64.45
CA ILE BA 195 66.45 -9.17 65.20
C ILE BA 195 66.67 -7.92 66.01
N SER BA 196 66.92 -8.05 67.32
CA SER BA 196 67.06 -6.85 68.13
C SER BA 196 67.75 -7.21 69.43
N PHE BA 197 69.02 -6.78 69.58
CA PHE BA 197 69.77 -7.13 70.76
C PHE BA 197 70.83 -6.10 71.05
N THR BA 198 71.25 -6.06 72.31
CA THR BA 198 72.36 -5.21 72.65
C THR BA 198 73.45 -6.09 73.24
N THR BA 199 74.68 -5.97 72.73
CA THR BA 199 75.71 -6.91 73.13
C THR BA 199 75.98 -6.67 74.59
N PRO BA 200 76.41 -7.67 75.37
CA PRO BA 200 76.70 -7.53 76.79
C PRO BA 200 77.66 -6.41 77.18
N ALA BA 201 77.68 -6.12 78.47
CA ALA BA 201 78.56 -5.10 78.99
C ALA BA 201 80.00 -5.60 79.06
N THR BA 202 80.18 -6.91 79.19
CA THR BA 202 81.51 -7.48 79.38
C THR BA 202 81.61 -8.83 78.69
N TYR BA 203 82.70 -9.04 77.97
CA TYR BA 203 82.92 -10.31 77.35
C TYR BA 203 84.01 -10.99 78.18
N LEU BA 204 83.85 -12.27 78.53
CA LEU BA 204 84.85 -12.99 79.33
C LEU BA 204 85.54 -14.08 78.52
N ASP BA 205 86.87 -14.25 78.71
CA ASP BA 205 87.68 -15.17 77.91
C ASP BA 205 87.35 -16.64 78.18
N THR BA 206 86.62 -16.89 79.27
CA THR BA 206 86.23 -18.25 79.63
C THR BA 206 84.95 -18.67 78.90
N GLN BA 207 84.31 -17.74 78.20
CA GLN BA 207 82.99 -17.98 77.64
C GLN BA 207 82.90 -17.43 76.22
N HIS BA 208 83.54 -18.09 75.25
CA HIS BA 208 83.63 -17.52 73.94
C HIS BA 208 82.33 -17.57 73.14
N ILE BA 209 81.36 -18.42 73.52
CA ILE BA 209 80.07 -18.39 72.84
C ILE BA 209 79.01 -17.76 73.72
N ILE BA 210 78.31 -16.73 73.19
CA ILE BA 210 77.43 -15.85 73.95
C ILE BA 210 76.03 -15.97 73.41
N GLU BA 211 75.03 -15.90 74.30
CA GLU BA 211 73.64 -15.96 73.88
C GLU BA 211 73.12 -14.54 73.86
N LEU BA 212 72.69 -14.06 72.69
CA LEU BA 212 72.47 -12.64 72.51
C LEU BA 212 71.00 -12.28 72.57
N GLN BA 213 70.12 -13.16 72.09
CA GLN BA 213 68.68 -12.96 72.12
C GLN BA 213 68.02 -14.32 72.35
N ALA CA 1 8.07 -7.18 18.52
CA ALA CA 1 9.53 -7.04 18.18
C ALA CA 1 10.35 -6.84 19.46
N ILE CA 2 9.91 -5.92 20.32
CA ILE CA 2 10.60 -5.53 21.54
C ILE CA 2 10.68 -6.71 22.49
N GLY CA 3 9.58 -7.47 22.58
CA GLY CA 3 9.45 -8.56 23.55
C GLY CA 3 10.63 -9.53 23.46
N ILE CA 4 10.96 -9.93 22.23
CA ILE CA 4 11.95 -10.94 21.93
C ILE CA 4 13.25 -10.61 22.65
N GLY CA 5 13.75 -9.41 22.44
CA GLY CA 5 15.03 -9.06 23.02
C GLY CA 5 15.04 -9.11 24.54
N THR CA 6 13.91 -8.73 25.17
CA THR CA 6 13.84 -8.60 26.62
C THR CA 6 14.19 -9.95 27.22
N LEU CA 7 13.65 -11.00 26.60
CA LEU CA 7 13.81 -12.36 27.09
C LEU CA 7 15.30 -12.69 27.05
N ILE CA 8 15.94 -12.42 25.90
CA ILE CA 8 17.31 -12.82 25.68
C ILE CA 8 18.19 -12.16 26.73
N ILE CA 9 18.09 -10.85 26.93
CA ILE CA 9 19.04 -10.26 27.84
C ILE CA 9 18.78 -10.71 29.28
N PHE CA 10 17.51 -11.06 29.59
CA PHE CA 10 17.17 -11.56 30.91
C PHE CA 10 18.05 -12.78 31.20
N ILE CA 11 18.18 -13.69 30.23
CA ILE CA 11 18.98 -14.89 30.39
C ILE CA 11 20.40 -14.51 30.82
N ALA CA 12 20.96 -13.48 30.20
CA ALA CA 12 22.31 -13.11 30.52
C ALA CA 12 22.40 -12.64 31.97
N MET CA 13 21.43 -11.83 32.42
CA MET CA 13 21.46 -11.29 33.77
C MET CA 13 21.60 -12.44 34.77
N VAL CA 14 20.85 -13.53 34.53
CA VAL CA 14 20.76 -14.68 35.41
C VAL CA 14 22.14 -15.29 35.50
N LEU CA 15 22.72 -15.59 34.35
CA LEU CA 15 23.97 -16.30 34.29
C LEU CA 15 25.06 -15.48 34.96
N VAL CA 16 25.07 -14.16 34.76
CA VAL CA 16 26.14 -13.32 35.28
C VAL CA 16 26.05 -13.29 36.81
N ALA CA 17 24.84 -13.21 37.36
CA ALA CA 17 24.66 -13.23 38.80
C ALA CA 17 25.12 -14.58 39.36
N ALA CA 18 24.84 -15.65 38.60
CA ALA CA 18 25.21 -17.00 39.01
C ALA CA 18 26.72 -17.09 39.13
N VAL CA 19 27.43 -16.62 38.09
CA VAL CA 19 28.88 -16.68 38.04
C VAL CA 19 29.46 -15.91 39.22
N ALA CA 20 28.89 -14.77 39.55
CA ALA CA 20 29.41 -13.98 40.65
C ALA CA 20 29.18 -14.70 41.97
N ALA CA 21 28.03 -15.34 42.10
CA ALA CA 21 27.71 -16.04 43.33
C ALA CA 21 28.76 -17.13 43.56
N ALA CA 22 29.09 -17.84 42.47
CA ALA CA 22 30.03 -18.94 42.52
C ALA CA 22 31.32 -18.47 43.19
N VAL CA 23 31.82 -17.30 42.81
CA VAL CA 23 33.05 -16.75 43.36
C VAL CA 23 32.90 -16.67 44.88
N LEU CA 24 31.80 -16.11 45.34
CA LEU CA 24 31.66 -15.79 46.75
C LEU CA 24 31.60 -17.10 47.54
N ILE CA 25 30.82 -18.07 47.04
CA ILE CA 25 30.60 -19.36 47.69
C ILE CA 25 31.94 -20.07 47.80
N ASN CA 26 32.60 -20.23 46.65
CA ASN CA 26 33.88 -20.92 46.53
C ASN CA 26 34.91 -20.33 47.49
N THR CA 27 35.06 -19.01 47.43
CA THR CA 27 36.06 -18.29 48.18
C THR CA 27 35.84 -18.55 49.66
N SER CA 28 34.58 -18.57 50.08
CA SER CA 28 34.24 -18.78 51.48
C SER CA 28 34.75 -20.15 51.89
N GLY CA 29 34.52 -21.13 51.01
CA GLY CA 29 35.04 -22.48 51.16
C GLY CA 29 36.56 -22.50 51.35
N PHE CA 30 37.28 -21.81 50.45
CA PHE CA 30 38.73 -21.78 50.46
C PHE CA 30 39.26 -21.24 51.78
N LEU CA 31 38.55 -20.28 52.35
CA LEU CA 31 38.99 -19.62 53.56
C LEU CA 31 38.67 -20.49 54.76
N GLN CA 32 37.57 -21.26 54.68
CA GLN CA 32 37.08 -21.99 55.85
C GLN CA 32 38.22 -22.87 56.38
N GLN CA 33 38.90 -23.55 55.47
CA GLN CA 33 40.00 -24.46 55.75
C GLN CA 33 41.04 -23.75 56.62
N LYS CA 34 41.62 -22.69 56.08
CA LYS CA 34 42.77 -22.03 56.66
C LYS CA 34 42.38 -21.37 57.98
N ALA CA 35 41.16 -20.88 58.05
CA ALA CA 35 40.70 -20.20 59.25
C ALA CA 35 40.81 -21.19 60.40
N MET CA 36 40.22 -22.37 60.24
CA MET CA 36 40.20 -23.34 61.32
C MET CA 36 41.64 -23.73 61.66
N ALA CA 37 42.41 -24.09 60.63
CA ALA CA 37 43.76 -24.62 60.78
C ALA CA 37 44.57 -23.68 61.67
N THR CA 38 44.46 -22.38 61.43
CA THR CA 38 45.30 -21.40 62.09
C THR CA 38 45.02 -21.42 63.58
N GLY CA 39 43.74 -21.53 63.93
CA GLY CA 39 43.33 -21.45 65.33
C GLY CA 39 43.84 -22.67 66.11
N LYS CA 40 43.63 -23.85 65.52
CA LYS CA 40 44.00 -25.09 66.18
C LYS CA 40 45.50 -25.08 66.42
N GLU CA 41 46.27 -24.84 65.35
CA GLU CA 41 47.72 -24.83 65.41
C GLU CA 41 48.20 -23.86 66.48
N SER CA 42 47.63 -22.66 66.52
CA SER CA 42 48.14 -21.64 67.40
C SER CA 42 47.90 -22.02 68.86
N THR CA 43 46.80 -22.71 69.11
CA THR CA 43 46.45 -23.08 70.47
C THR CA 43 47.43 -24.14 70.93
N GLU CA 44 47.66 -25.16 70.10
CA GLU CA 44 48.53 -26.27 70.47
C GLU CA 44 49.92 -25.75 70.79
N GLN CA 45 50.36 -24.69 70.09
CA GLN CA 45 51.65 -24.06 70.31
C GLN CA 45 51.71 -23.43 71.70
N VAL CA 46 50.69 -22.67 72.07
CA VAL CA 46 50.83 -21.90 73.30
C VAL CA 46 50.68 -22.81 74.52
N ALA CA 47 49.97 -23.92 74.37
CA ALA CA 47 49.57 -24.77 75.48
C ALA CA 47 50.64 -25.81 75.81
N SER CA 48 51.39 -26.24 74.81
CA SER CA 48 52.28 -27.37 74.99
C SER CA 48 53.71 -26.94 75.37
N GLY CA 49 54.45 -27.87 75.97
CA GLY CA 49 55.79 -27.58 76.46
C GLY CA 49 56.35 -28.72 77.32
N LEU CA 50 57.61 -28.59 77.75
CA LEU CA 50 58.24 -29.55 78.65
C LEU CA 50 58.93 -28.76 79.76
N LEU CA 51 59.19 -29.43 80.89
CA LEU CA 51 59.69 -28.78 82.07
C LEU CA 51 60.75 -29.64 82.74
N CYS CA 52 61.88 -29.03 83.08
CA CYS CA 52 63.06 -29.67 83.64
C CYS CA 52 62.86 -29.87 85.13
N SER CA 53 63.24 -31.04 85.60
CA SER CA 53 62.83 -31.45 86.92
C SER CA 53 64.05 -31.53 87.80
N GLY CA 54 65.18 -31.85 87.18
CA GLY CA 54 66.41 -32.12 87.92
C GLY CA 54 67.52 -32.48 86.95
N VAL CA 55 68.77 -32.27 87.35
CA VAL CA 55 69.91 -32.80 86.62
C VAL CA 55 70.86 -33.44 87.61
N THR CA 56 71.46 -34.60 87.24
CA THR CA 56 72.48 -35.22 88.06
C THR CA 56 73.64 -35.75 87.23
N GLY CA 57 74.81 -36.00 87.87
CA GLY CA 57 76.01 -36.23 87.06
C GLY CA 57 77.09 -37.05 87.75
N HIS CA 58 78.03 -37.66 86.99
CA HIS CA 58 78.98 -38.63 87.53
C HIS CA 58 80.40 -38.12 87.39
N TYR CA 59 81.17 -38.13 88.49
CA TYR CA 59 82.50 -37.54 88.51
C TYR CA 59 83.55 -38.63 88.48
N VAL CA 60 84.46 -38.61 87.51
CA VAL CA 60 85.59 -39.53 87.50
C VAL CA 60 86.78 -38.83 88.15
N LYS CA 61 87.47 -39.54 89.05
CA LYS CA 61 88.47 -38.89 89.90
C LYS CA 61 89.55 -38.24 89.05
N ASN CA 62 89.91 -37.02 89.44
CA ASN CA 62 91.01 -36.30 88.83
C ASN CA 62 90.70 -35.94 87.38
N LYS CA 63 89.44 -36.12 86.93
CA LYS CA 63 89.08 -35.81 85.55
C LYS CA 63 87.96 -34.78 85.43
N GLY CA 64 86.82 -34.98 86.11
CA GLY CA 64 85.68 -34.09 85.96
C GLY CA 64 84.39 -34.84 85.64
N ILE CA 65 83.33 -34.11 85.29
CA ILE CA 65 82.03 -34.75 85.12
C ILE CA 65 82.00 -35.39 83.75
N ASP CA 66 81.63 -36.66 83.72
CA ASP CA 66 81.83 -37.49 82.55
C ASP CA 66 80.53 -37.61 81.79
N ARG CA 67 79.41 -37.76 82.51
CA ARG CA 67 78.07 -37.99 82.00
C ARG CA 67 77.03 -37.25 82.84
N ILE CA 68 75.85 -36.93 82.27
CA ILE CA 68 74.76 -36.23 82.95
C ILE CA 68 73.40 -36.83 82.58
N VAL CA 69 72.44 -36.81 83.53
CA VAL CA 69 71.07 -37.30 83.30
C VAL CA 69 70.07 -36.23 83.66
N ILE CA 70 69.21 -35.87 82.69
CA ILE CA 70 68.33 -34.72 82.80
C ILE CA 70 66.93 -35.26 82.89
N TYR CA 71 66.17 -34.87 83.91
CA TYR CA 71 64.84 -35.43 84.10
C TYR CA 71 63.84 -34.45 83.54
N ILE CA 72 62.88 -34.94 82.75
CA ILE CA 72 61.99 -34.07 82.00
C ILE CA 72 60.57 -34.57 82.09
N THR CA 73 59.59 -33.63 82.07
CA THR CA 73 58.18 -33.90 82.32
C THR CA 73 57.35 -32.90 81.52
N PRO CA 74 56.10 -33.17 81.14
CA PRO CA 74 55.33 -32.23 80.35
C PRO CA 74 54.59 -31.26 81.22
N ASN CA 75 54.27 -30.05 80.71
CA ASN CA 75 53.59 -29.06 81.53
C ASN CA 75 52.11 -29.40 81.63
N ALA CA 76 51.43 -28.89 82.66
CA ALA CA 76 50.00 -29.14 82.80
C ALA CA 76 49.28 -28.80 81.50
N GLY CA 77 48.45 -29.73 81.01
CA GLY CA 77 47.55 -29.42 79.91
C GLY CA 77 48.19 -29.54 78.54
N SER CA 78 49.50 -29.79 78.49
CA SER CA 78 50.20 -29.90 77.23
C SER CA 78 49.74 -31.09 76.39
N ALA CA 79 49.73 -30.90 75.09
CA ALA CA 79 49.31 -31.97 74.20
C ALA CA 79 50.51 -32.88 74.11
N PRO CA 80 50.41 -34.12 73.61
CA PRO CA 80 51.52 -35.06 73.70
C PRO CA 80 52.72 -34.67 72.84
N ILE CA 81 53.93 -34.88 73.35
CA ILE CA 81 55.16 -34.42 72.70
C ILE CA 81 55.95 -35.62 72.18
N ASP CA 82 56.32 -35.52 70.90
CA ASP CA 82 56.88 -36.62 70.11
C ASP CA 82 58.36 -36.57 70.32
N LEU CA 83 58.81 -37.28 71.35
CA LEU CA 83 60.12 -36.97 71.90
C LEU CA 83 61.19 -37.17 70.84
N LYS CA 84 60.93 -38.02 69.83
CA LYS CA 84 62.00 -38.49 68.95
C LYS CA 84 62.29 -37.47 67.90
N GLN CA 85 61.53 -36.38 67.87
CA GLN CA 85 61.85 -35.32 66.96
C GLN CA 85 62.47 -34.12 67.70
N CYS CA 86 62.62 -34.17 69.02
CA CYS CA 86 63.07 -32.99 69.75
C CYS CA 86 64.59 -32.92 69.72
N LYS CA 87 65.18 -31.72 69.72
CA LYS CA 87 66.63 -31.56 69.67
C LYS CA 87 67.11 -30.83 70.91
N LEU CA 88 68.29 -31.18 71.44
CA LEU CA 88 68.79 -30.62 72.70
C LEU CA 88 70.04 -29.83 72.39
N PHE CA 89 70.03 -28.53 72.72
CA PHE CA 89 71.13 -27.64 72.46
C PHE CA 89 71.81 -27.33 73.77
N LEU CA 90 73.15 -27.44 73.81
CA LEU CA 90 73.89 -27.17 75.03
C LEU CA 90 75.09 -26.31 74.67
N MET CA 91 75.40 -25.35 75.54
CA MET CA 91 76.52 -24.43 75.40
C MET CA 91 77.43 -24.57 76.62
N TYR CA 92 78.73 -24.40 76.39
CA TYR CA 92 79.76 -24.51 77.43
C TYR CA 92 80.95 -23.68 76.97
N ASP CA 93 82.16 -24.00 77.41
CA ASP CA 93 83.22 -23.01 77.37
C ASP CA 93 83.71 -22.76 75.97
N GLY CA 94 83.39 -23.61 75.04
CA GLY CA 94 83.91 -23.34 73.72
C GLY CA 94 83.17 -24.02 72.57
N LYS CA 95 82.02 -24.62 72.88
CA LYS CA 95 81.33 -25.47 71.95
C LYS CA 95 79.84 -25.25 72.17
N ALA CA 96 79.06 -25.36 71.09
CA ALA CA 96 77.63 -25.29 71.17
C ALA CA 96 77.10 -26.41 70.28
N VAL CA 97 76.52 -27.43 70.91
CA VAL CA 97 76.34 -28.73 70.30
C VAL CA 97 74.85 -29.00 70.25
N SER CA 98 74.39 -29.61 69.15
CA SER CA 98 73.01 -30.10 69.07
C SER CA 98 73.05 -31.62 69.08
N LEU CA 99 72.20 -32.28 69.88
CA LEU CA 99 72.13 -33.74 69.93
C LEU CA 99 70.75 -34.26 69.47
N ASN CA 100 70.68 -35.41 68.73
CA ASN CA 100 69.40 -35.93 68.22
C ASN CA 100 69.06 -37.27 68.84
N PHE CA 101 67.78 -37.61 69.01
CA PHE CA 101 67.33 -38.87 69.63
C PHE CA 101 67.92 -40.06 68.93
N SER CA 102 68.15 -41.14 69.68
CA SER CA 102 68.68 -42.36 69.10
C SER CA 102 68.10 -43.50 69.90
N LYS CA 103 67.91 -44.65 69.25
CA LYS CA 103 67.24 -45.74 69.92
C LYS CA 103 68.17 -46.36 70.96
N TYR CA 104 67.58 -46.73 72.12
CA TYR CA 104 68.16 -47.56 73.16
C TYR CA 104 68.43 -48.91 72.50
N ASP CA 105 69.06 -49.88 73.18
CA ASP CA 105 69.29 -51.15 72.52
C ASP CA 105 67.99 -51.84 72.10
N THR CA 106 67.81 -52.01 70.77
CA THR CA 106 66.81 -52.87 70.13
C THR CA 106 65.38 -52.36 70.32
N ASN CA 107 65.18 -51.36 71.17
CA ASN CA 107 63.85 -50.92 71.57
C ASN CA 107 63.84 -49.38 71.66
N THR CA 108 62.66 -48.75 71.56
CA THR CA 108 62.68 -47.32 71.32
C THR CA 108 63.18 -46.55 72.53
N VAL CA 109 62.88 -47.04 73.73
CA VAL CA 109 63.12 -46.31 74.98
C VAL CA 109 63.41 -47.38 76.02
N GLY CA 110 64.44 -47.17 76.85
CA GLY CA 110 64.83 -48.21 77.80
C GLY CA 110 63.80 -48.39 78.90
N ASP CA 111 63.18 -49.58 79.02
CA ASP CA 111 62.07 -49.77 79.94
C ASP CA 111 62.51 -50.07 81.36
N PHE CA 112 62.59 -49.03 82.16
CA PHE CA 112 62.87 -49.20 83.57
C PHE CA 112 61.71 -48.64 84.37
N THR CA 113 60.49 -48.95 83.93
CA THR CA 113 59.29 -48.56 84.65
C THR CA 113 59.28 -49.20 86.04
N ASN CA 114 60.02 -50.29 86.24
CA ASN CA 114 60.05 -50.99 87.52
C ASN CA 114 61.41 -50.89 88.22
N GLY CA 115 62.16 -49.80 88.04
CA GLY CA 115 63.25 -49.48 88.96
C GLY CA 115 64.65 -49.85 88.43
N ILE CA 116 65.68 -49.17 88.93
CA ILE CA 116 67.06 -49.32 88.46
C ILE CA 116 67.93 -49.40 89.69
N LYS CA 117 68.88 -50.36 89.70
CA LYS CA 117 69.79 -50.54 90.79
C LYS CA 117 70.69 -49.32 90.94
N ASP CA 118 71.19 -48.80 89.81
CA ASP CA 118 72.01 -47.58 89.76
C ASP CA 118 72.00 -47.03 88.33
N ILE CA 119 71.59 -45.77 88.14
CA ILE CA 119 71.34 -45.20 86.83
C ILE CA 119 72.65 -45.06 86.08
N PHE CA 120 73.79 -45.16 86.77
CA PHE CA 120 75.05 -44.96 86.09
C PHE CA 120 75.85 -46.24 85.92
N ASN CA 121 75.41 -47.37 86.47
CA ASN CA 121 76.17 -48.61 86.31
C ASN CA 121 76.00 -49.08 84.87
N THR CA 122 77.15 -49.31 84.20
CA THR CA 122 77.21 -49.49 82.76
C THR CA 122 76.46 -50.75 82.31
N THR CA 123 76.62 -51.87 83.03
CA THR CA 123 76.09 -53.14 82.59
C THR CA 123 74.57 -53.20 82.71
N VAL CA 124 74.03 -52.51 83.70
CA VAL CA 124 72.60 -52.47 83.91
C VAL CA 124 71.98 -51.58 82.84
N VAL CA 125 72.59 -50.40 82.58
CA VAL CA 125 71.85 -49.31 81.95
C VAL CA 125 72.06 -49.22 80.45
N LYS CA 126 73.20 -49.67 79.93
CA LYS CA 126 73.43 -49.56 78.49
C LYS CA 126 73.57 -48.12 78.00
N TRP CA 127 74.68 -47.48 78.40
CA TRP CA 127 75.03 -46.12 77.99
C TRP CA 127 75.59 -46.09 76.58
N ASN CA 128 75.87 -47.22 75.95
CA ASN CA 128 76.78 -47.25 74.80
C ASN CA 128 76.33 -46.44 73.59
N ASN CA 129 75.02 -46.27 73.36
CA ASN CA 129 74.53 -45.54 72.20
C ASN CA 129 74.56 -44.03 72.43
N ALA CA 130 75.09 -43.55 73.56
CA ALA CA 130 75.21 -42.10 73.75
C ALA CA 130 76.49 -41.61 73.05
N ASP CA 131 76.43 -41.45 71.73
CA ASP CA 131 77.53 -41.05 70.88
C ASP CA 131 77.75 -39.55 71.07
N ALA CA 132 78.70 -38.96 70.34
CA ALA CA 132 79.05 -37.58 70.64
C ALA CA 132 77.98 -36.67 70.04
N THR CA 133 77.05 -37.24 69.27
CA THR CA 133 76.02 -36.46 68.62
C THR CA 133 74.60 -36.91 68.91
N SER CA 134 74.35 -37.79 69.91
CA SER CA 134 72.97 -38.16 70.23
C SER CA 134 72.70 -38.37 71.71
N PHE CA 135 71.39 -38.42 72.07
CA PHE CA 135 70.97 -38.85 73.39
C PHE CA 135 70.08 -40.09 73.34
N VAL CA 136 69.87 -40.70 74.52
CA VAL CA 136 68.92 -41.80 74.64
C VAL CA 136 68.00 -41.53 75.82
N VAL CA 137 66.83 -42.16 75.86
CA VAL CA 137 65.79 -41.85 76.80
C VAL CA 137 65.47 -43.11 77.60
N VAL CA 138 65.32 -42.96 78.93
CA VAL CA 138 65.03 -44.05 79.84
C VAL CA 138 63.70 -43.70 80.49
N ALA CA 139 62.75 -44.63 80.46
CA ALA CA 139 61.38 -44.32 80.89
C ALA CA 139 61.23 -44.71 82.34
N LEU CA 140 60.86 -43.71 83.16
CA LEU CA 140 60.83 -43.90 84.59
C LEU CA 140 59.42 -44.03 85.12
N GLN CA 141 58.43 -43.29 84.58
CA GLN CA 141 57.03 -43.54 84.93
C GLN CA 141 56.13 -43.26 83.75
N ASP CA 142 55.26 -44.23 83.40
CA ASP CA 142 54.39 -44.17 82.23
C ASP CA 142 53.33 -45.27 82.35
N ASP CA 143 52.10 -44.87 82.70
CA ASP CA 143 51.00 -45.77 82.97
C ASP CA 143 50.51 -46.37 81.65
N ASP CA 144 50.30 -45.50 80.68
CA ASP CA 144 49.61 -45.78 79.43
C ASP CA 144 50.51 -46.38 78.36
N LYS CA 145 51.76 -46.70 78.68
CA LYS CA 145 52.72 -47.24 77.73
C LYS CA 145 53.04 -46.33 76.53
N SER CA 146 52.87 -45.02 76.65
CA SER CA 146 53.18 -44.15 75.52
C SER CA 146 54.67 -44.00 75.28
N LEU CA 147 55.44 -43.85 76.35
CA LEU CA 147 56.88 -43.71 76.17
C LEU CA 147 57.35 -45.00 75.50
N LEU CA 148 56.83 -46.14 75.96
CA LEU CA 148 57.42 -47.44 75.68
C LEU CA 148 57.21 -47.84 74.23
N THR CA 149 56.42 -47.05 73.51
CA THR CA 149 55.91 -47.47 72.22
C THR CA 149 55.81 -46.22 71.35
N ASN CA 150 56.85 -45.97 70.53
CA ASN CA 150 56.85 -44.80 69.66
C ASN CA 150 57.10 -43.47 70.40
N ALA CA 151 57.51 -43.53 71.67
CA ALA CA 151 58.24 -42.46 72.34
C ALA CA 151 57.45 -41.16 72.48
N VAL CA 152 56.19 -41.25 72.91
CA VAL CA 152 55.41 -40.03 73.09
C VAL CA 152 55.16 -39.75 74.57
N ILE CA 153 55.59 -38.56 75.03
CA ILE CA 153 55.34 -38.14 76.40
C ILE CA 153 53.90 -37.63 76.44
N ASN CA 154 53.13 -38.08 77.46
CA ASN CA 154 51.83 -37.48 77.76
C ASN CA 154 51.68 -37.28 79.26
N LYS CA 155 50.48 -36.87 79.72
CA LYS CA 155 50.30 -36.32 81.06
C LYS CA 155 50.79 -37.28 82.13
N GLY CA 156 51.64 -36.82 83.03
CA GLY CA 156 52.00 -37.66 84.17
C GLY CA 156 53.23 -38.52 83.91
N ASP CA 157 53.75 -38.54 82.69
CA ASP CA 157 54.95 -39.30 82.42
C ASP CA 157 56.18 -38.59 82.99
N LEU CA 158 57.25 -39.32 83.36
CA LEU CA 158 58.55 -38.74 83.75
C LEU CA 158 59.64 -39.56 83.08
N ALA CA 159 60.62 -38.90 82.46
CA ALA CA 159 61.56 -39.63 81.62
C ALA CA 159 62.90 -38.97 81.73
N GLY CA 160 63.94 -39.72 81.43
CA GLY CA 160 65.25 -39.20 81.75
C GLY CA 160 66.11 -39.27 80.52
N VAL CA 161 66.79 -38.16 80.21
CA VAL CA 161 67.58 -38.08 79.01
C VAL CA 161 69.02 -38.29 79.41
N LEU CA 162 69.74 -39.21 78.76
CA LEU CA 162 71.13 -39.44 79.10
C LEU CA 162 72.05 -38.74 78.09
N VAL CA 163 73.04 -37.92 78.55
CA VAL CA 163 74.02 -37.33 77.64
C VAL CA 163 75.46 -37.56 78.05
N ASN CA 164 76.33 -38.04 77.14
CA ASN CA 164 77.73 -38.41 77.39
C ASN CA 164 78.53 -37.15 77.18
N VAL CA 165 78.53 -36.31 78.21
CA VAL CA 165 78.94 -34.94 78.02
C VAL CA 165 80.39 -34.93 77.61
N SER CA 166 81.18 -35.84 78.16
CA SER CA 166 82.62 -35.73 77.95
C SER CA 166 82.94 -36.01 76.50
N ALA CA 167 82.04 -36.72 75.83
CA ALA CA 167 82.21 -37.04 74.42
C ALA CA 167 81.61 -35.94 73.56
N ALA CA 168 80.53 -35.34 74.05
CA ALA CA 168 79.83 -34.29 73.33
C ALA CA 168 80.69 -33.02 73.25
N PHE CA 169 81.21 -32.56 74.38
CA PHE CA 169 81.99 -31.35 74.41
C PHE CA 169 83.45 -31.70 74.19
N GLY CA 170 83.79 -32.98 74.15
CA GLY CA 170 85.17 -33.34 73.86
C GLY CA 170 86.10 -33.27 75.06
N LYS CA 171 85.64 -32.73 76.20
CA LYS CA 171 86.39 -32.82 77.44
C LYS CA 171 85.46 -32.90 78.66
N HIS CA 172 86.00 -33.32 79.81
CA HIS CA 172 85.19 -33.36 81.02
C HIS CA 172 84.92 -31.94 81.55
N VAL CA 173 83.70 -31.63 82.04
CA VAL CA 173 83.49 -30.27 82.52
C VAL CA 173 84.06 -30.15 83.92
N GLY CA 174 84.76 -29.04 84.17
CA GLY CA 174 85.52 -28.85 85.38
C GLY CA 174 84.67 -28.18 86.46
N THR CA 175 85.33 -27.74 87.54
CA THR CA 175 84.64 -27.09 88.62
C THR CA 175 84.43 -25.63 88.25
N ARG CA 176 83.44 -24.97 88.86
CA ARG CA 176 83.18 -23.55 88.68
C ARG CA 176 82.85 -23.17 87.24
N GLU CA 177 82.28 -24.09 86.44
CA GLU CA 177 81.97 -23.80 85.05
C GLU CA 177 80.46 -23.84 84.84
N ARG CA 178 79.89 -22.97 83.97
CA ARG CA 178 78.46 -23.08 83.68
C ARG CA 178 78.16 -23.78 82.37
N VAL CA 179 76.97 -24.41 82.33
CA VAL CA 179 76.46 -25.02 81.12
C VAL CA 179 74.99 -24.66 81.00
N SER CA 180 74.58 -24.26 79.79
CA SER CA 180 73.20 -23.87 79.65
C SER CA 180 72.67 -24.32 78.30
N GLY CA 181 71.36 -24.56 78.25
CA GLY CA 181 70.78 -25.00 77.00
C GLY CA 181 69.26 -25.05 77.05
N TYR CA 182 68.70 -25.73 76.06
CA TYR CA 182 67.28 -25.89 75.93
C TYR CA 182 67.01 -27.22 75.23
N LEU CA 183 65.94 -27.92 75.63
CA LEU CA 183 65.45 -29.05 74.88
C LEU CA 183 64.22 -28.55 74.15
N GLN CA 184 64.30 -28.51 72.82
CA GLN CA 184 63.31 -27.75 72.05
C GLN CA 184 62.44 -28.75 71.36
N PRO CA 185 61.14 -28.86 71.67
CA PRO CA 185 60.27 -29.76 70.94
C PRO CA 185 59.84 -29.19 69.61
N GLU CA 186 59.22 -30.05 68.81
CA GLU CA 186 58.77 -29.77 67.47
C GLU CA 186 57.76 -28.65 67.49
N PHE CA 187 56.88 -28.66 68.48
CA PHE CA 187 56.04 -27.50 68.74
C PHE CA 187 55.91 -27.31 70.24
N GLY CA 188 55.82 -26.06 70.68
CA GLY CA 188 55.64 -25.78 72.10
C GLY CA 188 56.92 -25.28 72.77
N ALA CA 189 56.82 -24.99 74.06
CA ALA CA 189 57.83 -24.20 74.73
C ALA CA 189 58.99 -25.10 75.13
N PRO CA 190 60.23 -24.60 75.11
CA PRO CA 190 61.38 -25.45 75.39
C PRO CA 190 61.70 -25.54 76.86
N ALA CA 191 62.28 -26.66 77.26
CA ALA CA 191 62.66 -26.82 78.65
C ALA CA 191 64.04 -26.19 78.80
N VAL CA 192 64.20 -25.18 79.66
CA VAL CA 192 65.48 -24.51 79.90
C VAL CA 192 66.34 -25.36 80.82
N ILE CA 193 67.64 -25.46 80.54
CA ILE CA 193 68.58 -26.11 81.43
C ILE CA 193 69.68 -25.09 81.76
N GLU CA 194 70.10 -25.02 83.02
CA GLU CA 194 71.10 -24.06 83.42
C GLU CA 194 71.65 -24.53 84.75
N PHE CA 195 72.98 -24.74 84.79
CA PHE CA 195 73.64 -24.93 86.07
C PHE CA 195 75.12 -24.64 86.04
N THR CA 196 75.63 -24.32 87.23
CA THR CA 196 77.05 -24.07 87.40
C THR CA 196 77.60 -25.20 88.26
N THR CA 197 78.66 -25.88 87.79
CA THR CA 197 79.18 -27.02 88.50
C THR CA 197 79.76 -26.47 89.76
N PRO CA 198 79.66 -27.16 90.91
CA PRO CA 198 80.14 -26.61 92.18
C PRO CA 198 81.64 -26.43 92.20
N ALA CA 199 82.09 -25.81 93.29
CA ALA CA 199 83.47 -25.45 93.49
C ALA CA 199 84.35 -26.67 93.83
N ALA CA 200 83.75 -27.69 94.44
CA ALA CA 200 84.54 -28.79 94.93
C ALA CA 200 83.81 -30.10 94.67
N PHE CA 201 84.32 -30.86 93.74
CA PHE CA 201 83.76 -32.17 93.55
C PHE CA 201 84.25 -32.99 94.73
N THR CA 202 83.35 -33.73 95.39
CA THR CA 202 83.75 -34.51 96.56
C THR CA 202 83.02 -35.85 96.74
N SER CA 203 82.19 -36.26 95.79
CA SER CA 203 81.46 -37.52 95.82
C SER CA 203 81.16 -37.91 94.38
N ASP CA 204 80.80 -39.18 94.14
CA ASP CA 204 80.74 -39.64 92.77
C ASP CA 204 79.50 -39.08 92.06
N VAL CA 205 78.33 -39.04 92.72
CA VAL CA 205 77.15 -38.56 92.02
C VAL CA 205 76.67 -37.25 92.62
N ILE CA 206 76.59 -36.18 91.80
CA ILE CA 206 76.40 -34.81 92.26
C ILE CA 206 75.13 -34.19 91.76
N GLU CA 207 74.49 -33.40 92.63
CA GLU CA 207 73.11 -33.03 92.41
C GLU CA 207 73.05 -31.64 91.80
N LEU CA 208 73.33 -31.55 90.51
CA LEU CA 208 73.51 -30.27 89.84
C LEU CA 208 72.23 -29.44 89.88
N GLN CA 209 71.07 -30.09 89.78
CA GLN CA 209 69.73 -29.55 90.03
C GLN CA 209 69.51 -28.15 89.42
N ALA DA 1 15.22 -7.60 33.21
CA ALA DA 1 14.93 -6.71 34.39
C ALA DA 1 15.99 -6.86 35.49
N ILE DA 2 16.35 -5.75 36.13
CA ILE DA 2 17.47 -5.70 37.07
C ILE DA 2 17.15 -6.49 38.33
N GLY DA 3 15.87 -6.60 38.66
CA GLY DA 3 15.45 -7.17 39.94
C GLY DA 3 15.95 -8.61 40.09
N ILE DA 4 15.93 -9.32 38.96
CA ILE DA 4 16.19 -10.75 38.93
C ILE DA 4 17.56 -11.02 39.55
N GLY DA 5 18.58 -10.31 39.10
CA GLY DA 5 19.91 -10.54 39.63
C GLY DA 5 20.05 -10.15 41.09
N THR DA 6 19.34 -9.09 41.51
CA THR DA 6 19.47 -8.54 42.84
C THR DA 6 19.05 -9.62 43.84
N LEU DA 7 17.99 -10.35 43.50
CA LEU DA 7 17.48 -11.45 44.29
C LEU DA 7 18.56 -12.52 44.40
N ILE DA 8 19.06 -12.99 43.26
CA ILE DA 8 19.99 -14.12 43.19
C ILE DA 8 21.25 -13.81 43.98
N ILE DA 9 21.81 -12.62 43.85
CA ILE DA 9 23.04 -12.32 44.56
C ILE DA 9 22.82 -12.23 46.07
N PHE DA 10 21.60 -11.85 46.50
CA PHE DA 10 21.27 -11.80 47.92
C PHE DA 10 21.39 -13.19 48.52
N ILE DA 11 20.88 -14.19 47.79
CA ILE DA 11 20.91 -15.58 48.21
C ILE DA 11 22.35 -15.97 48.51
N ALA DA 12 23.26 -15.60 47.62
CA ALA DA 12 24.66 -15.91 47.79
C ALA DA 12 25.19 -15.21 49.04
N MET DA 13 24.86 -13.92 49.20
CA MET DA 13 25.47 -13.09 50.22
C MET DA 13 25.15 -13.67 51.60
N VAL DA 14 23.90 -14.09 51.77
CA VAL DA 14 23.40 -14.71 53.01
C VAL DA 14 24.25 -15.92 53.30
N LEU DA 15 24.38 -16.79 52.30
CA LEU DA 15 25.02 -18.09 52.47
C LEU DA 15 26.47 -17.87 52.89
N VAL DA 16 27.16 -16.90 52.28
CA VAL DA 16 28.55 -16.69 52.60
C VAL DA 16 28.67 -16.22 54.04
N ALA DA 17 27.78 -15.30 54.43
CA ALA DA 17 27.83 -14.76 55.79
C ALA DA 17 27.56 -15.86 56.81
N ALA DA 18 26.79 -16.87 56.40
CA ALA DA 18 26.51 -18.00 57.29
C ALA DA 18 27.80 -18.76 57.51
N VAL DA 19 28.49 -19.11 56.43
CA VAL DA 19 29.72 -19.89 56.49
C VAL DA 19 30.74 -19.17 57.36
N ALA DA 20 30.85 -17.86 57.17
CA ALA DA 20 31.79 -17.06 57.93
C ALA DA 20 31.47 -17.12 59.43
N ALA DA 21 30.19 -17.03 59.77
CA ALA DA 21 29.77 -17.08 61.16
C ALA DA 21 30.14 -18.45 61.73
N ALA DA 22 29.90 -19.49 60.94
CA ALA DA 22 30.06 -20.84 61.43
C ALA DA 22 31.44 -21.04 62.04
N VAL DA 23 32.50 -20.65 61.32
CA VAL DA 23 33.88 -20.90 61.73
C VAL DA 23 34.17 -20.31 63.12
N LEU DA 24 33.49 -19.20 63.46
CA LEU DA 24 33.75 -18.57 64.73
C LEU DA 24 33.07 -19.38 65.83
N ILE DA 25 31.85 -19.87 65.56
CA ILE DA 25 31.07 -20.65 66.51
C ILE DA 25 31.85 -21.93 66.81
N ASN DA 26 32.25 -22.65 65.74
CA ASN DA 26 33.07 -23.85 65.82
C ASN DA 26 34.34 -23.61 66.64
N THR DA 27 35.09 -22.56 66.31
CA THR DA 27 36.39 -22.31 66.91
C THR DA 27 36.19 -21.99 68.38
N SER DA 28 35.08 -21.35 68.73
CA SER DA 28 34.84 -20.97 70.09
C SER DA 28 34.64 -22.23 70.92
N GLY DA 29 33.95 -23.22 70.33
CA GLY DA 29 33.79 -24.55 70.91
C GLY DA 29 35.13 -25.22 71.22
N PHE DA 30 36.01 -25.28 70.22
CA PHE DA 30 37.33 -25.89 70.35
C PHE DA 30 38.10 -25.25 71.49
N LEU DA 31 38.09 -23.92 71.52
CA LEU DA 31 38.85 -23.21 72.52
C LEU DA 31 38.26 -23.41 73.91
N GLN DA 32 36.94 -23.63 74.00
CA GLN DA 32 36.29 -23.66 75.30
C GLN DA 32 36.95 -24.75 76.14
N GLN DA 33 36.95 -25.97 75.58
CA GLN DA 33 37.42 -27.13 76.28
C GLN DA 33 38.88 -26.92 76.68
N LYS DA 34 39.69 -26.49 75.72
CA LYS DA 34 41.13 -26.40 75.88
C LYS DA 34 41.46 -25.45 77.03
N ALA DA 35 40.71 -24.36 77.11
CA ALA DA 35 40.92 -23.34 78.11
C ALA DA 35 40.57 -23.91 79.47
N MET DA 36 39.36 -24.49 79.58
CA MET DA 36 38.83 -24.90 80.86
C MET DA 36 39.77 -25.91 81.52
N ALA DA 37 40.19 -26.91 80.73
CA ALA DA 37 41.08 -27.96 81.16
C ALA DA 37 42.40 -27.37 81.66
N THR DA 38 42.92 -26.37 80.95
CA THR DA 38 44.25 -25.85 81.22
C THR DA 38 44.25 -25.22 82.60
N GLY DA 39 43.15 -24.54 82.94
CA GLY DA 39 42.99 -23.88 84.21
C GLY DA 39 42.90 -24.89 85.36
N LYS DA 40 42.02 -25.88 85.20
CA LYS DA 40 41.79 -26.88 86.22
C LYS DA 40 43.12 -27.55 86.56
N GLU DA 41 43.77 -28.06 85.52
CA GLU DA 41 44.96 -28.87 85.66
C GLU DA 41 46.02 -28.08 86.40
N SER DA 42 46.23 -26.84 85.94
CA SER DA 42 47.28 -26.01 86.50
C SER DA 42 47.03 -25.79 87.97
N THR DA 43 45.75 -25.75 88.38
CA THR DA 43 45.39 -25.40 89.75
C THR DA 43 45.76 -26.56 90.66
N GLU DA 44 45.39 -27.77 90.22
CA GLU DA 44 45.62 -28.98 90.99
C GLU DA 44 47.12 -29.16 91.24
N GLN DA 45 47.94 -28.85 90.22
CA GLN DA 45 49.38 -28.97 90.27
C GLN DA 45 49.93 -28.15 91.43
N VAL DA 46 49.55 -26.88 91.53
CA VAL DA 46 50.14 -26.00 92.51
C VAL DA 46 49.69 -26.43 93.90
N ALA DA 47 48.43 -26.87 94.00
CA ALA DA 47 47.73 -27.04 95.26
C ALA DA 47 48.20 -28.27 96.02
N SER DA 48 48.90 -29.20 95.36
CA SER DA 48 49.08 -30.54 95.90
C SER DA 48 50.53 -30.91 96.15
N GLY DA 49 50.76 -31.80 97.13
CA GLY DA 49 52.11 -32.27 97.39
C GLY DA 49 52.18 -33.20 98.61
N LEU DA 50 53.38 -33.69 98.92
CA LEU DA 50 53.62 -34.56 100.04
C LEU DA 50 54.69 -33.96 100.94
N GLN DA 51 54.71 -34.37 102.21
CA GLN DA 51 55.62 -33.84 103.20
C GLN DA 51 56.19 -35.02 104.00
N VAL DA 52 57.52 -35.06 104.20
CA VAL DA 52 58.13 -36.14 104.96
C VAL DA 52 58.08 -35.78 106.41
N ILE DA 53 57.38 -36.61 107.21
CA ILE DA 53 57.18 -36.32 108.61
C ILE DA 53 58.48 -36.67 109.33
N ARG DA 54 58.89 -37.95 109.26
CA ARG DA 54 60.09 -38.42 109.96
C ARG DA 54 60.71 -39.57 109.19
N VAL DA 55 62.00 -39.85 109.38
CA VAL DA 55 62.61 -41.05 108.81
C VAL DA 55 63.25 -41.85 109.91
N LEU DA 56 63.00 -43.17 109.96
CA LEU DA 56 63.51 -44.07 110.98
C LEU DA 56 64.32 -45.20 110.35
N GLY DA 57 65.23 -45.85 111.12
CA GLY DA 57 66.21 -46.73 110.48
C GLY DA 57 66.83 -47.80 111.38
N ASN DA 58 66.41 -49.05 111.17
CA ASN DA 58 66.95 -50.20 111.87
C ASN DA 58 68.44 -50.35 111.58
N HIS DA 59 69.26 -50.86 112.53
CA HIS DA 59 70.72 -51.04 112.34
C HIS DA 59 71.27 -52.36 112.85
N SER DA 60 72.16 -53.01 112.08
CA SER DA 60 72.86 -54.24 112.47
C SER DA 60 74.23 -54.23 111.83
N GLY DA 61 75.22 -54.78 112.51
CA GLY DA 61 76.50 -54.86 111.85
C GLY DA 61 77.10 -53.46 111.77
N GLY DA 62 77.41 -53.00 110.57
CA GLY DA 62 78.06 -51.71 110.51
C GLY DA 62 77.26 -50.67 109.74
N LYS DA 63 75.96 -50.92 109.59
CA LYS DA 63 75.24 -50.23 108.55
C LYS DA 63 73.82 -49.99 109.05
N ILE DA 64 73.11 -49.11 108.34
CA ILE DA 64 71.67 -49.08 108.48
C ILE DA 64 71.14 -49.90 107.31
N ASN DA 65 70.27 -50.87 107.57
CA ASN DA 65 69.87 -51.79 106.55
C ASN DA 65 68.46 -51.54 106.03
N TRP DA 66 67.51 -51.09 106.84
CA TRP DA 66 66.18 -50.78 106.36
C TRP DA 66 65.87 -49.31 106.72
N LEU DA 67 65.10 -48.61 105.88
CA LEU DA 67 64.61 -47.29 106.23
C LEU DA 67 63.09 -47.26 106.12
N ALA DA 68 62.45 -46.47 106.98
CA ALA DA 68 61.02 -46.34 106.92
C ALA DA 68 60.75 -44.84 106.89
N VAL DA 69 60.23 -44.38 105.76
CA VAL DA 69 60.06 -42.97 105.49
C VAL DA 69 58.58 -42.65 105.65
N LEU DA 70 58.22 -41.89 106.69
CA LEU DA 70 56.82 -41.62 106.96
C LEU DA 70 56.45 -40.34 106.21
N ILE DA 71 55.30 -40.36 105.52
CA ILE DA 71 54.96 -39.29 104.61
C ILE DA 71 53.47 -38.99 104.68
N SER DA 72 53.06 -37.74 104.41
CA SER DA 72 51.65 -37.37 104.52
C SER DA 72 51.36 -36.23 103.56
N PRO DA 73 50.10 -35.94 103.23
CA PRO DA 73 49.78 -34.88 102.29
C PRO DA 73 50.02 -33.48 102.84
N ASN DA 74 50.26 -32.52 101.93
CA ASN DA 74 50.36 -31.11 102.30
C ASN DA 74 48.96 -30.62 102.55
N ALA DA 75 48.80 -29.55 103.32
CA ALA DA 75 47.46 -29.07 103.61
C ALA DA 75 46.78 -28.64 102.32
N GLY DA 76 45.52 -29.05 102.14
CA GLY DA 76 44.69 -28.58 101.04
C GLY DA 76 45.02 -29.24 99.71
N SER DA 77 45.65 -30.41 99.78
CA SER DA 77 46.04 -31.15 98.60
C SER DA 77 44.94 -32.08 98.12
N ALA DA 78 44.95 -32.38 96.82
CA ALA DA 78 43.97 -33.29 96.26
C ALA DA 78 44.55 -34.66 96.51
N PRO DA 79 43.81 -35.76 96.43
CA PRO DA 79 44.32 -37.06 96.82
C PRO DA 79 45.47 -37.55 95.95
N ILE DA 80 46.55 -38.08 96.56
CA ILE DA 80 47.72 -38.54 95.84
C ILE DA 80 47.75 -40.07 95.74
N ASP DA 81 47.89 -40.64 94.53
CA ASP DA 81 47.82 -42.08 94.30
C ASP DA 81 49.23 -42.62 94.28
N LEU DA 82 49.61 -43.27 95.38
CA LEU DA 82 51.01 -43.56 95.58
C LEU DA 82 51.43 -44.66 94.62
N SER DA 83 50.48 -45.33 93.98
CA SER DA 83 50.89 -46.45 93.15
C SER DA 83 51.61 -45.93 91.94
N GLN DA 84 51.49 -44.65 91.66
CA GLN DA 84 52.19 -44.06 90.55
C GLN DA 84 53.30 -43.11 91.01
N ALA DA 85 53.75 -43.19 92.27
CA ALA DA 85 54.84 -42.32 92.73
C ALA DA 85 56.18 -42.89 92.27
N THR DA 86 57.29 -42.16 92.46
CA THR DA 86 58.63 -42.73 92.26
C THR DA 86 59.58 -42.21 93.32
N VAL DA 87 60.47 -43.05 93.91
CA VAL DA 87 61.40 -42.54 94.90
C VAL DA 87 62.81 -42.64 94.41
N MET DA 88 63.65 -41.65 94.71
CA MET DA 88 65.00 -41.60 94.19
C MET DA 88 65.86 -41.27 95.38
N ILE DA 89 66.93 -42.07 95.59
CA ILE DA 89 67.76 -41.93 96.75
C ILE DA 89 69.22 -42.04 96.30
N THR DA 90 70.14 -41.25 96.89
CA THR DA 90 71.55 -41.48 96.61
C THR DA 90 72.41 -41.32 97.84
N ASP DA 91 73.51 -42.09 97.88
CA ASP DA 91 74.45 -42.08 98.97
C ASP DA 91 75.74 -41.47 98.51
N GLY DA 92 75.75 -40.95 97.29
CA GLY DA 92 76.96 -40.30 96.78
C GLY DA 92 77.91 -41.27 96.08
N THR DA 93 77.67 -42.58 96.23
CA THR DA 93 78.35 -43.58 95.44
C THR DA 93 77.42 -44.31 94.50
N HIS DA 94 76.11 -44.46 94.79
CA HIS DA 94 75.16 -45.01 93.83
C HIS DA 94 73.82 -44.24 93.83
N LYS DA 95 72.95 -44.41 92.81
CA LYS DA 95 71.68 -43.67 92.79
C LYS DA 95 70.54 -44.58 92.37
N VAL DA 96 69.82 -45.15 93.34
CA VAL DA 96 68.79 -46.14 93.07
C VAL DA 96 67.54 -45.35 92.82
N ILE DA 97 66.66 -45.92 91.98
CA ILE DA 97 65.30 -45.43 91.83
C ILE DA 97 64.36 -46.61 92.00
N ALA DA 98 63.24 -46.45 92.74
CA ALA DA 98 62.44 -47.60 93.12
C ALA DA 98 60.96 -47.31 92.99
N LYS DA 99 60.13 -48.35 92.76
CA LYS DA 99 58.73 -48.17 92.42
C LYS DA 99 57.87 -49.21 93.15
N TYR DA 100 56.56 -49.00 93.28
CA TYR DA 100 55.74 -49.76 94.21
C TYR DA 100 55.50 -51.16 93.69
N ASN DA 101 55.67 -52.16 94.56
CA ASN DA 101 55.28 -53.52 94.23
C ASN DA 101 54.14 -53.89 95.15
N SER DA 102 52.96 -54.16 94.57
CA SER DA 102 51.72 -54.26 95.31
C SER DA 102 51.74 -55.44 96.27
N THR DA 103 52.68 -56.36 96.10
CA THR DA 103 52.78 -57.53 96.93
C THR DA 103 52.97 -57.14 98.40
N PHE DA 104 53.64 -56.02 98.65
CA PHE DA 104 54.14 -55.69 99.98
C PHE DA 104 53.28 -54.61 100.65
N PHE DA 105 52.01 -54.94 100.93
CA PHE DA 105 51.12 -53.99 101.59
C PHE DA 105 50.73 -54.57 102.94
N ASN DA 106 50.69 -53.72 103.98
CA ASN DA 106 50.07 -54.17 105.22
C ASN DA 106 49.11 -53.10 105.71
N GLY DA 107 47.80 -53.39 105.66
CA GLY DA 107 46.84 -52.39 106.05
C GLY DA 107 46.54 -52.39 107.54
N THR DA 108 46.75 -53.55 108.16
CA THR DA 108 46.19 -53.77 109.46
C THR DA 108 46.76 -52.78 110.46
N LEU DA 109 47.95 -52.27 110.17
CA LEU DA 109 48.69 -51.51 111.17
C LEU DA 109 48.04 -50.16 111.37
N LYS DA 110 46.95 -49.88 110.64
CA LYS DA 110 46.18 -48.66 110.90
C LYS DA 110 45.63 -48.70 112.31
N ASN DA 111 45.57 -49.90 112.89
CA ASN DA 111 45.02 -50.12 114.21
C ASN DA 111 46.14 -50.43 115.19
N GLY DA 112 47.37 -50.02 114.88
CA GLY DA 112 48.43 -50.12 115.89
C GLY DA 112 49.21 -51.43 115.75
N GLY DA 113 50.48 -51.40 116.17
CA GLY DA 113 51.38 -52.54 116.11
C GLY DA 113 52.83 -52.08 115.97
N SER DA 114 53.74 -52.99 115.60
CA SER DA 114 55.15 -52.68 115.45
C SER DA 114 55.53 -52.55 113.97
N ILE DA 115 56.15 -51.43 113.59
CA ILE DA 115 56.75 -51.27 112.27
C ILE DA 115 58.00 -52.13 112.35
N PHE DA 116 58.70 -52.33 111.25
CA PHE DA 116 59.96 -53.04 111.30
C PHE DA 116 59.80 -54.48 111.76
N GLU DA 117 58.57 -54.91 112.05
CA GLU DA 117 58.27 -56.33 112.20
C GLU DA 117 56.93 -56.67 111.54
N ALA DA 118 56.53 -55.86 110.56
CA ALA DA 118 55.29 -56.12 109.84
C ALA DA 118 55.47 -57.32 108.92
N LYS DA 119 54.46 -58.15 108.80
CA LYS DA 119 54.43 -59.23 107.82
C LYS DA 119 53.73 -58.78 106.54
N TYR DA 120 53.81 -59.62 105.48
CA TYR DA 120 53.00 -59.47 104.27
C TYR DA 120 52.52 -60.84 103.81
N ASN DA 121 51.63 -60.91 102.80
CA ASN DA 121 50.89 -62.14 102.48
C ASN DA 121 51.12 -62.54 101.03
N ASN DA 122 52.12 -63.40 100.76
CA ASN DA 122 52.17 -64.19 99.54
C ASN DA 122 51.07 -65.22 99.68
N THR DA 123 50.36 -65.55 98.61
CA THR DA 123 49.16 -66.36 98.78
C THR DA 123 49.51 -67.65 99.54
N THR DA 124 48.73 -68.00 100.57
CA THR DA 124 48.88 -69.19 101.40
C THR DA 124 49.85 -69.03 102.58
N ALA DA 125 50.54 -67.90 102.70
CA ALA DA 125 51.48 -67.76 103.81
C ALA DA 125 51.60 -66.32 104.33
N LEU DA 126 52.24 -66.14 105.50
CA LEU DA 126 52.66 -64.83 106.00
C LEU DA 126 54.17 -64.84 106.22
N LYS DA 127 54.86 -63.78 105.77
CA LYS DA 127 56.31 -63.72 105.78
C LYS DA 127 56.75 -62.31 106.13
N PRO DA 128 57.96 -62.06 106.67
CA PRO DA 128 58.38 -60.72 107.07
C PRO DA 128 58.58 -59.78 105.87
N LEU DA 129 58.11 -58.53 105.98
CA LEU DA 129 58.06 -57.57 104.88
C LEU DA 129 59.46 -57.15 104.48
N PHE DA 130 60.17 -56.52 105.42
CA PHE DA 130 61.37 -55.80 105.05
C PHE DA 130 62.44 -56.69 104.42
N ASP DA 131 62.59 -57.90 104.96
CA ASP DA 131 63.59 -58.84 104.51
C ASP DA 131 63.32 -59.31 103.08
N ASP DA 132 62.04 -59.34 102.66
CA ASP DA 132 61.69 -59.94 101.39
C ASP DA 132 61.64 -58.92 100.25
N LEU DA 133 61.52 -57.63 100.58
CA LEU DA 133 61.27 -56.57 99.60
C LEU DA 133 62.44 -56.46 98.62
N PRO DA 134 62.23 -56.57 97.29
CA PRO DA 134 63.29 -56.51 96.29
C PRO DA 134 64.08 -55.23 96.15
N ALA DA 135 65.21 -55.31 95.49
CA ALA DA 135 66.15 -54.22 95.53
C ALA DA 135 65.64 -52.98 94.79
N THR DA 136 64.70 -53.14 93.88
CA THR DA 136 64.23 -52.02 93.09
C THR DA 136 62.82 -51.60 93.47
N ALA DA 137 62.29 -51.99 94.63
CA ALA DA 137 60.88 -51.75 94.91
C ALA DA 137 60.69 -51.17 96.29
N PHE DA 138 59.58 -50.46 96.48
CA PHE DA 138 59.21 -50.03 97.82
C PHE DA 138 57.84 -50.54 98.21
N GLY DA 139 57.66 -50.77 99.50
CA GLY DA 139 56.41 -51.32 100.01
C GLY DA 139 55.75 -50.24 100.84
N ILE DA 140 54.48 -50.43 101.28
CA ILE DA 140 53.75 -49.38 101.94
C ILE DA 140 52.95 -49.95 103.11
N VAL DA 141 52.95 -49.24 104.26
CA VAL DA 141 52.29 -49.68 105.47
C VAL DA 141 51.47 -48.54 106.06
N VAL DA 142 50.15 -48.74 106.19
CA VAL DA 142 49.21 -47.69 106.50
C VAL DA 142 49.25 -47.52 108.00
N LEU DA 143 49.57 -46.31 108.44
CA LEU DA 143 49.69 -46.08 109.87
C LEU DA 143 48.48 -45.29 110.36
N GLN DA 144 47.90 -44.38 109.57
CA GLN DA 144 46.67 -43.71 109.98
C GLN DA 144 45.81 -43.42 108.76
N ASP DA 145 44.54 -43.89 108.77
CA ASP DA 145 43.61 -43.71 107.66
C ASP DA 145 42.18 -43.88 108.16
N ALA DA 146 41.43 -42.78 108.18
CA ALA DA 146 40.13 -42.78 108.83
C ALA DA 146 39.08 -43.42 107.93
N ASP DA 147 39.25 -43.30 106.61
CA ASP DA 147 38.18 -43.54 105.65
C ASP DA 147 38.51 -44.67 104.68
N THR DA 148 39.41 -45.56 105.07
CA THR DA 148 39.76 -46.76 104.34
C THR DA 148 40.17 -46.46 102.91
N SER DA 149 40.73 -45.28 102.69
CA SER DA 149 41.09 -44.82 101.37
C SER DA 149 42.24 -45.60 100.76
N CYS DA 150 43.16 -46.10 101.59
CA CYS DA 150 44.21 -46.98 101.08
C CYS DA 150 43.72 -48.42 100.93
N SER DA 151 43.80 -48.95 99.69
CA SER DA 151 43.60 -50.36 99.40
C SER DA 151 44.80 -50.89 98.64
N LYS DA 152 45.10 -52.20 98.79
CA LYS DA 152 46.34 -52.79 98.32
C LYS DA 152 46.57 -52.50 96.84
N ASP DA 153 45.52 -52.56 96.02
CA ASP DA 153 45.66 -52.30 94.60
C ASP DA 153 45.66 -50.81 94.23
N THR DA 154 45.22 -49.90 95.13
CA THR DA 154 45.13 -48.46 94.88
C THR DA 154 45.38 -47.61 96.14
N PRO DA 155 46.62 -47.35 96.55
CA PRO DA 155 46.88 -46.62 97.77
C PRO DA 155 46.75 -45.13 97.54
N VAL DA 156 45.52 -44.62 97.68
CA VAL DA 156 45.31 -43.18 97.54
C VAL DA 156 45.23 -42.54 98.92
N ILE DA 157 46.13 -41.59 99.24
CA ILE DA 157 46.12 -40.94 100.54
C ILE DA 157 45.42 -39.60 100.49
N ASN DA 158 44.53 -39.32 101.47
CA ASN DA 158 43.76 -38.08 101.53
C ASN DA 158 43.97 -37.41 102.86
N LYS DA 159 43.39 -36.22 103.06
CA LYS DA 159 43.77 -35.35 104.16
C LYS DA 159 43.64 -36.09 105.48
N GLY DA 160 44.74 -36.12 106.24
CA GLY DA 160 44.73 -36.75 107.55
C GLY DA 160 45.55 -38.03 107.60
N ASP DA 161 45.83 -38.62 106.44
CA ASP DA 161 46.42 -39.95 106.44
C ASP DA 161 47.93 -39.86 106.73
N ILE DA 162 48.52 -40.94 107.30
CA ILE DA 162 49.97 -41.08 107.39
C ILE DA 162 50.32 -42.49 106.98
N VAL DA 163 51.43 -42.65 106.24
CA VAL DA 163 51.78 -43.93 105.64
C VAL DA 163 53.28 -44.04 105.49
N ALA DA 164 53.81 -45.26 105.57
CA ALA DA 164 55.26 -45.40 105.68
C ALA DA 164 55.74 -46.13 104.44
N ILE DA 165 56.69 -45.50 103.76
CA ILE DA 165 57.27 -46.08 102.57
C ILE DA 165 58.45 -46.85 103.11
N CYS DA 166 58.49 -48.13 102.81
CA CYS DA 166 59.47 -49.04 103.36
C CYS DA 166 60.46 -49.40 102.26
N LEU DA 167 61.78 -49.19 102.50
CA LEU DA 167 62.85 -49.46 101.55
C LEU DA 167 63.93 -50.29 102.22
N ASN DA 168 64.45 -51.31 101.53
CA ASN DA 168 65.49 -52.16 102.09
C ASN DA 168 66.71 -51.82 101.29
N VAL DA 169 67.74 -51.30 101.97
CA VAL DA 169 68.85 -50.65 101.31
C VAL DA 169 70.15 -51.40 101.55
N SER DA 170 70.08 -52.60 102.09
CA SER DA 170 71.20 -53.27 102.70
C SER DA 170 72.34 -53.47 101.73
N ASN DA 171 72.01 -53.79 100.49
CA ASN DA 171 73.04 -54.02 99.50
C ASN DA 171 73.16 -52.91 98.45
N THR DA 172 72.13 -52.08 98.35
CA THR DA 172 72.01 -51.09 97.30
C THR DA 172 72.75 -49.81 97.66
N LEU DA 173 72.61 -49.30 98.88
CA LEU DA 173 73.33 -48.10 99.32
C LEU DA 173 74.12 -48.43 100.61
N ASN DA 174 75.33 -47.88 100.76
CA ASN DA 174 76.24 -48.37 101.79
C ASN DA 174 76.26 -47.41 102.98
N LEU DA 175 75.19 -47.42 103.80
CA LEU DA 175 74.98 -46.38 104.80
C LEU DA 175 75.76 -46.64 106.07
N LYS DA 176 77.07 -46.43 105.99
CA LYS DA 176 77.91 -46.42 107.17
C LYS DA 176 77.81 -45.05 107.84
N PRO DA 177 78.48 -44.81 109.00
CA PRO DA 177 78.33 -43.54 109.70
C PRO DA 177 78.77 -42.35 108.88
N ARG DA 178 78.33 -41.15 109.29
CA ARG DA 178 78.82 -39.92 108.72
C ARG DA 178 78.52 -39.84 107.21
N THR DA 179 77.44 -40.47 106.73
CA THR DA 179 77.16 -40.54 105.30
C THR DA 179 75.92 -39.72 104.94
N LYS DA 180 76.01 -38.89 103.89
CA LYS DA 180 74.89 -38.03 103.48
C LYS DA 180 73.98 -38.78 102.54
N VAL DA 181 72.66 -38.63 102.73
CA VAL DA 181 71.67 -39.30 101.91
C VAL DA 181 70.71 -38.24 101.43
N THR DA 182 70.37 -38.27 100.13
CA THR DA 182 69.61 -37.20 99.52
C THR DA 182 68.57 -37.86 98.63
N GLY DA 183 67.40 -37.23 98.46
CA GLY DA 183 66.43 -37.86 97.59
C GLY DA 183 65.07 -37.20 97.59
N ALA DA 184 64.09 -37.84 96.94
CA ALA DA 184 62.76 -37.28 96.83
C ALA DA 184 61.77 -38.38 96.54
N VAL DA 185 60.55 -38.23 97.07
CA VAL DA 185 59.43 -39.01 96.59
C VAL DA 185 58.64 -38.09 95.68
N ILE DA 186 58.48 -38.51 94.43
CA ILE DA 186 57.94 -37.65 93.38
C ILE DA 186 56.57 -38.19 93.01
N PRO DA 187 55.48 -37.45 93.26
CA PRO DA 187 54.17 -37.90 92.84
C PRO DA 187 53.85 -37.57 91.39
N GLU DA 188 52.69 -38.05 90.95
CA GLU DA 188 52.25 -37.98 89.58
C GLU DA 188 52.02 -36.52 89.24
N PHE DA 189 51.46 -35.80 90.21
CA PHE DA 189 51.40 -34.35 90.12
C PHE DA 189 51.62 -33.75 91.50
N GLY DA 190 52.09 -32.51 91.54
CA GLY DA 190 52.30 -31.88 92.83
C GLY DA 190 53.77 -31.97 93.28
N ALA DA 191 54.07 -31.31 94.39
CA ALA DA 191 55.44 -31.00 94.73
C ALA DA 191 56.09 -32.18 95.44
N PRO DA 192 57.37 -32.49 95.17
CA PRO DA 192 58.02 -33.62 95.79
C PRO DA 192 58.35 -33.41 97.25
N ALA DA 193 58.42 -34.52 97.99
CA ALA DA 193 58.92 -34.48 99.35
C ALA DA 193 60.43 -34.68 99.29
N VAL DA 194 61.19 -33.94 100.12
CA VAL DA 194 62.64 -33.95 100.03
C VAL DA 194 63.23 -34.68 101.23
N ILE DA 195 63.97 -35.76 100.97
CA ILE DA 195 64.63 -36.57 101.98
C ILE DA 195 66.04 -36.03 102.07
N SER DA 196 66.53 -35.75 103.29
CA SER DA 196 67.86 -35.17 103.40
C SER DA 196 68.38 -35.37 104.81
N PHE DA 197 69.36 -36.25 104.98
CA PHE DA 197 69.87 -36.52 106.30
C PHE DA 197 71.30 -37.00 106.26
N THR DA 198 72.00 -36.83 107.38
CA THR DA 198 73.32 -37.38 107.46
C THR DA 198 73.34 -38.35 108.63
N THR DA 199 73.83 -39.57 108.40
CA THR DA 199 73.71 -40.60 109.43
C THR DA 199 74.56 -40.17 110.58
N PRO DA 200 74.25 -40.53 111.83
CA PRO DA 200 75.03 -40.16 113.01
C PRO DA 200 76.51 -40.49 112.97
N ALA DA 201 77.24 -39.87 113.90
CA ALA DA 201 78.66 -40.10 114.00
C ALA DA 201 78.97 -41.47 114.61
N THR DA 202 78.05 -41.99 115.42
CA THR DA 202 78.28 -43.23 116.14
C THR DA 202 76.98 -44.01 116.28
N TYR DA 203 77.03 -45.30 116.01
CA TYR DA 203 75.89 -46.14 116.19
C TYR DA 203 76.17 -46.95 117.47
N LEU DA 204 75.19 -47.07 118.37
CA LEU DA 204 75.38 -47.83 119.60
C LEU DA 204 74.52 -49.11 119.62
N ASP DA 205 75.07 -50.21 120.15
CA ASP DA 205 74.41 -51.52 120.12
C ASP DA 205 73.18 -51.57 121.02
N THR DA 206 73.03 -50.59 121.90
CA THR DA 206 71.90 -50.53 122.80
C THR DA 206 70.69 -49.87 122.13
N GLN DA 207 70.88 -49.30 120.93
CA GLN DA 207 69.86 -48.48 120.30
C GLN DA 207 69.74 -48.81 118.82
N HIS DA 208 69.15 -49.98 118.50
CA HIS DA 208 69.16 -50.42 117.13
C HIS DA 208 68.22 -49.65 116.22
N ILE DA 209 67.22 -48.91 116.75
CA ILE DA 209 66.41 -48.08 115.89
C ILE DA 209 66.75 -46.61 116.09
N ILE DA 210 67.06 -45.90 115.00
CA ILE DA 210 67.63 -44.56 114.99
C ILE DA 210 66.68 -43.61 114.30
N GLU DA 211 66.60 -42.37 114.81
CA GLU DA 211 65.75 -41.37 114.21
C GLU DA 211 66.64 -40.48 113.35
N LEU DA 212 66.39 -40.43 112.04
CA LEU DA 212 67.36 -39.87 111.13
C LEU DA 212 66.98 -38.46 110.70
N GLN DA 213 65.68 -38.20 110.54
CA GLN DA 213 65.18 -36.88 110.16
C GLN DA 213 63.86 -36.65 110.91
N ALA EA 1 -92.96 11.91 -160.32
CA ALA EA 1 -91.70 11.15 -160.62
C ALA EA 1 -90.74 11.22 -159.44
N ILE EA 2 -90.53 12.43 -158.91
CA ILE EA 2 -89.57 12.71 -157.85
C ILE EA 2 -89.98 11.97 -156.58
N GLY EA 3 -91.29 11.97 -156.29
CA GLY EA 3 -91.83 11.42 -155.06
C GLY EA 3 -91.34 10.00 -154.81
N ILE EA 4 -91.43 9.17 -155.85
CA ILE EA 4 -91.15 7.75 -155.81
C ILE EA 4 -89.78 7.51 -155.19
N GLY EA 5 -88.77 8.17 -155.73
CA GLY EA 5 -87.42 7.92 -155.25
C GLY EA 5 -87.23 8.30 -153.78
N THR EA 6 -87.91 9.36 -153.33
CA THR EA 6 -87.72 9.89 -151.99
C THR EA 6 -88.03 8.79 -150.99
N LEU EA 7 -89.11 8.06 -151.29
CA LEU EA 7 -89.59 7.00 -150.41
C LEU EA 7 -88.50 5.94 -150.31
N ILE EA 8 -87.98 5.52 -151.47
CA ILE EA 8 -87.04 4.41 -151.52
C ILE EA 8 -85.82 4.76 -150.69
N ILE EA 9 -85.21 5.92 -150.90
CA ILE EA 9 -83.97 6.14 -150.17
C ILE EA 9 -84.25 6.30 -148.68
N PHE EA 10 -85.45 6.77 -148.31
CA PHE EA 10 -85.83 6.89 -146.91
C PHE EA 10 -85.66 5.54 -146.24
N ILE EA 11 -86.14 4.47 -146.90
CA ILE EA 11 -86.04 3.12 -146.36
C ILE EA 11 -84.60 2.80 -146.03
N ALA EA 12 -83.68 3.17 -146.91
CA ALA EA 12 -82.29 2.84 -146.68
C ALA EA 12 -81.79 3.56 -145.43
N MET EA 13 -82.13 4.85 -145.27
CA MET EA 13 -81.66 5.63 -144.14
C MET EA 13 -82.00 4.90 -142.84
N VAL EA 14 -83.21 4.34 -142.78
CA VAL EA 14 -83.76 3.69 -141.60
C VAL EA 14 -82.89 2.50 -141.27
N LEU EA 15 -82.70 1.65 -142.28
CA LEU EA 15 -82.01 0.40 -142.08
C LEU EA 15 -80.57 0.67 -141.66
N VAL EA 16 -79.92 1.68 -142.24
CA VAL EA 16 -78.51 1.93 -141.96
C VAL EA 16 -78.36 2.42 -140.52
N ALA EA 17 -79.28 3.26 -140.05
CA ALA EA 17 -79.26 3.73 -138.67
C ALA EA 17 -79.48 2.54 -137.73
N ALA EA 18 -80.37 1.62 -138.14
CA ALA EA 18 -80.69 0.45 -137.34
C ALA EA 18 -79.44 -0.39 -137.15
N VAL EA 19 -78.74 -0.65 -138.25
CA VAL EA 19 -77.54 -1.49 -138.25
C VAL EA 19 -76.50 -0.87 -137.33
N ALA EA 20 -76.35 0.44 -137.37
CA ALA EA 20 -75.36 1.10 -136.54
C ALA EA 20 -75.75 1.00 -135.07
N ALA EA 21 -77.04 1.13 -134.80
CA ALA EA 21 -77.50 1.06 -133.42
C ALA EA 21 -77.15 -0.31 -132.85
N ALA EA 22 -77.38 -1.35 -133.66
CA ALA EA 22 -77.14 -2.72 -133.25
C ALA EA 22 -75.72 -2.84 -132.71
N VAL EA 23 -74.75 -2.26 -133.41
CA VAL EA 23 -73.35 -2.33 -132.99
C VAL EA 23 -73.23 -1.77 -131.57
N LEU EA 24 -73.83 -0.62 -131.34
CA LEU EA 24 -73.60 0.09 -130.10
C LEU EA 24 -74.21 -0.69 -128.96
N ILE EA 25 -75.44 -1.20 -129.17
CA ILE EA 25 -76.21 -1.94 -128.18
C ILE EA 25 -75.44 -3.20 -127.81
N ASN EA 26 -75.09 -3.99 -128.83
CA ASN EA 26 -74.38 -5.25 -128.69
C ASN EA 26 -73.08 -5.05 -127.91
N THR EA 27 -72.29 -4.09 -128.37
CA THR EA 27 -70.97 -3.84 -127.81
C THR EA 27 -71.11 -3.53 -126.33
N SER EA 28 -72.15 -2.77 -125.97
CA SER EA 28 -72.35 -2.36 -124.60
C SER EA 28 -72.59 -3.62 -123.77
N GLY EA 29 -73.39 -4.54 -124.33
CA GLY EA 29 -73.63 -5.85 -123.75
C GLY EA 29 -72.33 -6.60 -123.51
N PHE EA 30 -71.48 -6.69 -124.53
CA PHE EA 30 -70.23 -7.43 -124.48
C PHE EA 30 -69.34 -6.90 -123.35
N LEU EA 31 -69.37 -5.60 -123.13
CA LEU EA 31 -68.50 -4.98 -122.15
C LEU EA 31 -69.09 -5.17 -120.76
N GLN EA 32 -70.42 -5.23 -120.65
CA GLN EA 32 -71.06 -5.24 -119.36
C GLN EA 32 -70.51 -6.38 -118.52
N GLN EA 33 -70.39 -7.55 -119.18
CA GLN EA 33 -69.91 -8.79 -118.57
C GLN EA 33 -68.56 -8.55 -117.90
N LYS EA 34 -67.58 -8.15 -118.71
CA LYS EA 34 -66.18 -8.08 -118.29
C LYS EA 34 -66.01 -6.99 -117.25
N ALA EA 35 -66.78 -5.91 -117.39
CA ALA EA 35 -66.66 -4.79 -116.47
C ALA EA 35 -66.95 -5.32 -115.07
N MET EA 36 -68.09 -5.99 -114.90
CA MET EA 36 -68.48 -6.45 -113.59
C MET EA 36 -67.42 -7.43 -113.07
N ALA EA 37 -67.10 -8.43 -113.90
CA ALA EA 37 -66.22 -9.52 -113.54
C ALA EA 37 -64.94 -8.97 -112.93
N THR EA 38 -64.37 -7.94 -113.56
CA THR EA 38 -63.07 -7.43 -113.19
C THR EA 38 -63.13 -6.88 -111.77
N GLY EA 39 -64.21 -6.17 -111.47
CA GLY EA 39 -64.35 -5.51 -110.18
C GLY EA 39 -64.46 -6.53 -109.05
N LYS EA 40 -65.33 -7.52 -109.25
CA LYS EA 40 -65.59 -8.52 -108.24
C LYS EA 40 -64.29 -9.26 -107.95
N GLU EA 41 -63.65 -9.78 -109.00
CA GLU EA 41 -62.42 -10.53 -108.89
C GLU EA 41 -61.35 -9.73 -108.14
N SER EA 42 -61.21 -8.45 -108.49
CA SER EA 42 -60.13 -7.66 -107.94
C SER EA 42 -60.34 -7.44 -106.45
N THR EA 43 -61.60 -7.32 -106.04
CA THR EA 43 -61.91 -7.05 -104.65
C THR EA 43 -61.59 -8.30 -103.85
N GLU EA 44 -62.04 -9.46 -104.32
CA GLU EA 44 -61.84 -10.71 -103.60
C GLU EA 44 -60.35 -10.95 -103.38
N GLN EA 45 -59.52 -10.54 -104.36
CA GLN EA 45 -58.08 -10.69 -104.28
C GLN EA 45 -57.52 -9.83 -103.16
N VAL EA 46 -57.91 -8.56 -103.08
CA VAL EA 46 -57.24 -7.69 -102.13
C VAL EA 46 -57.67 -8.00 -100.70
N ALA EA 47 -58.89 -8.53 -100.54
CA ALA EA 47 -59.51 -8.68 -99.24
C ALA EA 47 -59.10 -9.99 -98.56
N SER EA 48 -58.83 -11.03 -99.35
CA SER EA 48 -58.65 -12.36 -98.81
C SER EA 48 -57.18 -12.69 -98.53
N GLY EA 49 -56.95 -13.66 -97.65
CA GLY EA 49 -55.61 -14.02 -97.21
C GLY EA 49 -55.62 -14.98 -96.03
N LEU EA 50 -54.44 -15.45 -95.61
CA LEU EA 50 -54.28 -16.30 -94.45
C LEU EA 50 -53.14 -15.75 -93.60
N LEU EA 51 -53.11 -16.12 -92.32
CA LEU EA 51 -52.20 -15.53 -91.37
C LEU EA 51 -51.67 -16.60 -90.43
N CYS EA 52 -50.34 -16.62 -90.25
CA CYS EA 52 -49.62 -17.62 -89.47
C CYS EA 52 -49.71 -17.26 -88.00
N SER EA 53 -49.94 -18.27 -87.19
CA SER EA 53 -50.34 -18.01 -85.82
C SER EA 53 -49.23 -18.49 -84.92
N GLY EA 54 -48.52 -19.53 -85.36
CA GLY EA 54 -47.53 -20.19 -84.54
C GLY EA 54 -46.90 -21.33 -85.32
N VAL EA 55 -45.67 -21.72 -84.96
CA VAL EA 55 -45.09 -22.95 -85.46
C VAL EA 55 -44.49 -23.70 -84.30
N THR EA 56 -44.61 -25.05 -84.28
CA THR EA 56 -43.96 -25.86 -83.28
C THR EA 56 -43.37 -27.14 -83.86
N GLY EA 57 -42.42 -27.79 -83.14
CA GLY EA 57 -41.63 -28.82 -83.80
C GLY EA 57 -41.04 -29.87 -82.87
N HIS EA 58 -40.68 -31.07 -83.36
CA HIS EA 58 -40.31 -32.21 -82.53
C HIS EA 58 -38.86 -32.59 -82.76
N TYR EA 59 -38.06 -32.72 -81.69
CA TYR EA 59 -36.63 -32.95 -81.82
C TYR EA 59 -36.32 -34.40 -81.47
N VAL EA 60 -35.68 -35.14 -82.36
CA VAL EA 60 -35.20 -36.48 -82.06
C VAL EA 60 -33.76 -36.40 -81.61
N LYS EA 61 -33.42 -37.09 -80.51
CA LYS EA 61 -32.13 -36.88 -79.87
C LYS EA 61 -31.00 -37.19 -80.85
N ASN EA 62 -30.00 -36.30 -80.83
CA ASN EA 62 -28.78 -36.49 -81.60
C ASN EA 62 -29.06 -36.41 -83.10
N LYS EA 63 -30.28 -35.99 -83.50
CA LYS EA 63 -30.60 -35.94 -84.92
C LYS EA 63 -31.02 -34.54 -85.39
N GLY EA 64 -32.00 -33.92 -84.73
CA GLY EA 64 -32.52 -32.63 -85.17
C GLY EA 64 -34.05 -32.62 -85.30
N ILE EA 65 -34.61 -31.55 -85.89
CA ILE EA 65 -36.04 -31.41 -85.90
C ILE EA 65 -36.60 -32.29 -87.00
N ASP EA 66 -37.57 -33.11 -86.66
CA ASP EA 66 -38.00 -34.21 -87.51
C ASP EA 66 -39.27 -33.81 -88.24
N ARG EA 67 -40.18 -33.13 -87.54
CA ARG EA 67 -41.52 -32.74 -88.01
C ARG EA 67 -41.89 -31.35 -87.46
N ILE EA 68 -42.80 -30.63 -88.14
CA ILE EA 68 -43.27 -29.31 -87.75
C ILE EA 68 -44.77 -29.15 -87.96
N VAL EA 69 -45.45 -28.36 -87.09
CA VAL EA 69 -46.89 -28.08 -87.20
C VAL EA 69 -47.14 -26.59 -87.22
N ILE EA 70 -47.80 -26.12 -88.28
CA ILE EA 70 -47.93 -24.70 -88.56
C ILE EA 70 -49.38 -24.36 -88.36
N TYR EA 71 -49.69 -23.37 -87.54
CA TYR EA 71 -51.08 -23.04 -87.24
C TYR EA 71 -51.48 -21.87 -88.11
N ILE EA 72 -52.66 -21.97 -88.74
CA ILE EA 72 -53.05 -21.01 -89.76
C ILE EA 72 -54.50 -20.62 -89.57
N THR EA 73 -54.82 -19.35 -89.91
CA THR EA 73 -56.12 -18.73 -89.64
C THR EA 73 -56.38 -17.69 -90.72
N PRO EA 74 -57.64 -17.35 -91.04
CA PRO EA 74 -57.89 -16.39 -92.12
C PRO EA 74 -57.88 -14.97 -91.60
N ASN EA 75 -57.60 -13.99 -92.47
CA ASN EA 75 -57.54 -12.60 -92.02
C ASN EA 75 -58.94 -12.04 -91.88
N ALA EA 76 -59.11 -10.99 -91.08
CA ALA EA 76 -60.43 -10.39 -90.91
C ALA EA 76 -61.04 -10.09 -92.28
N GLY EA 77 -62.29 -10.51 -92.49
CA GLY EA 77 -63.04 -10.08 -93.66
C GLY EA 77 -62.74 -10.90 -94.91
N SER EA 78 -61.79 -11.82 -94.84
CA SER EA 78 -61.41 -12.62 -95.99
C SER EA 78 -62.54 -13.56 -96.43
N ALA EA 79 -62.63 -13.78 -97.72
CA ALA EA 79 -63.66 -14.64 -98.25
C ALA EA 79 -63.13 -16.04 -98.02
N PRO EA 80 -63.93 -17.11 -98.11
CA PRO EA 80 -63.48 -18.43 -97.70
C PRO EA 80 -62.38 -19.00 -98.61
N ILE EA 81 -61.38 -19.67 -98.02
CA ILE EA 81 -60.22 -20.15 -98.74
C ILE EA 81 -60.25 -21.68 -98.84
N ASP EA 82 -60.06 -22.15 -100.08
CA ASP EA 82 -60.27 -23.53 -100.47
C ASP EA 82 -58.97 -24.24 -100.23
N LEU EA 83 -58.82 -24.77 -99.03
CA LEU EA 83 -57.47 -25.09 -98.56
C LEU EA 83 -56.83 -26.10 -99.45
N LYS EA 84 -57.63 -26.91 -100.18
CA LYS EA 84 -57.10 -28.11 -100.82
C LYS EA 84 -56.45 -27.74 -102.12
N GLN EA 85 -56.53 -26.48 -102.50
CA GLN EA 85 -55.83 -26.05 -103.70
C GLN EA 85 -54.59 -25.24 -103.33
N CYS EA 86 -54.31 -24.98 -102.06
CA CYS EA 86 -53.22 -24.08 -101.70
C CYS EA 86 -51.91 -24.85 -101.69
N LYS EA 87 -50.78 -24.23 -102.05
CA LYS EA 87 -49.48 -24.90 -102.10
C LYS EA 87 -48.53 -24.22 -101.13
N LEU EA 88 -47.64 -24.98 -100.48
CA LEU EA 88 -46.74 -24.46 -99.45
C LEU EA 88 -45.32 -24.60 -99.93
N PHE EA 89 -44.62 -23.45 -100.03
CA PHE EA 89 -43.26 -23.40 -100.52
C PHE EA 89 -42.35 -23.15 -99.34
N LEU EA 90 -41.27 -23.94 -99.24
CA LEU EA 90 -40.35 -23.81 -98.13
C LEU EA 90 -38.94 -23.84 -98.69
N MET EA 91 -38.05 -23.00 -98.13
CA MET EA 91 -36.65 -22.91 -98.49
C MET EA 91 -35.80 -23.18 -97.26
N TYR EA 92 -34.65 -23.82 -97.49
CA TYR EA 92 -33.70 -24.19 -96.44
C TYR EA 92 -32.32 -24.30 -97.08
N ASP EA 93 -31.41 -25.07 -96.52
CA ASP EA 93 -30.00 -24.86 -96.82
C ASP EA 93 -29.65 -25.33 -98.22
N GLY EA 94 -30.50 -26.09 -98.85
CA GLY EA 94 -30.09 -26.51 -100.17
C GLY EA 94 -31.23 -26.92 -101.12
N LYS EA 95 -32.46 -26.67 -100.71
CA LYS EA 95 -33.60 -27.25 -101.34
C LYS EA 95 -34.71 -26.19 -101.25
N ALA EA 96 -35.58 -26.17 -102.27
CA ALA EA 96 -36.75 -25.35 -102.27
C ALA EA 96 -37.90 -26.22 -102.77
N VAL EA 97 -38.83 -26.55 -101.88
CA VAL EA 97 -39.73 -27.65 -102.06
C VAL EA 97 -41.13 -27.10 -102.07
N SER EA 98 -42.00 -27.65 -102.94
CA SER EA 98 -43.41 -27.31 -102.91
C SER EA 98 -44.18 -28.55 -102.43
N LEU EA 99 -45.13 -28.40 -101.49
CA LEU EA 99 -45.94 -29.50 -101.00
C LEU EA 99 -47.44 -29.30 -101.32
N ASN EA 100 -48.20 -30.37 -101.66
CA ASN EA 100 -49.62 -30.25 -102.03
C ASN EA 100 -50.51 -30.96 -101.04
N PHE EA 101 -51.76 -30.48 -100.81
CA PHE EA 101 -52.70 -31.09 -99.87
C PHE EA 101 -52.92 -32.54 -100.14
N SER EA 102 -53.19 -33.32 -99.09
CA SER EA 102 -53.46 -34.73 -99.25
C SER EA 102 -54.44 -35.12 -98.17
N LYS EA 103 -55.29 -36.10 -98.43
CA LYS EA 103 -56.33 -36.42 -97.48
C LYS EA 103 -55.72 -37.13 -96.28
N TYR EA 104 -56.24 -36.79 -95.08
CA TYR EA 104 -56.04 -37.47 -93.81
C TYR EA 104 -56.60 -38.89 -94.03
N ASP EA 105 -56.49 -39.80 -93.06
CA ASP EA 105 -57.03 -41.14 -93.30
C ASP EA 105 -58.54 -41.10 -93.54
N THR EA 106 -58.96 -41.51 -94.76
CA THR EA 106 -60.34 -41.84 -95.14
C THR EA 106 -61.26 -40.62 -95.16
N ASN EA 107 -60.80 -39.48 -94.67
CA ASN EA 107 -61.64 -38.32 -94.46
C ASN EA 107 -60.84 -37.05 -94.83
N THR EA 108 -61.54 -35.95 -95.15
CA THR EA 108 -60.81 -34.89 -95.83
C THR EA 108 -59.82 -34.19 -94.90
N VAL EA 109 -60.15 -34.08 -93.62
CA VAL EA 109 -59.42 -33.29 -92.66
C VAL EA 109 -59.58 -34.01 -91.33
N GLY EA 110 -58.50 -34.17 -90.55
CA GLY EA 110 -58.59 -34.95 -89.33
C GLY EA 110 -59.41 -34.23 -88.26
N ASP EA 111 -60.52 -34.82 -87.81
CA ASP EA 111 -61.45 -34.13 -86.91
C ASP EA 111 -61.03 -34.21 -85.45
N PHE EA 112 -60.32 -33.20 -85.00
CA PHE EA 112 -59.97 -33.10 -83.61
C PHE EA 112 -60.55 -31.82 -83.05
N THR EA 113 -61.80 -31.53 -83.40
CA THR EA 113 -62.50 -30.38 -82.87
C THR EA 113 -62.65 -30.49 -81.36
N ASN EA 114 -62.56 -31.70 -80.80
CA ASN EA 114 -62.72 -31.93 -79.37
C ASN EA 114 -61.42 -32.38 -78.70
N GLY EA 115 -60.25 -31.97 -79.19
CA GLY EA 115 -59.03 -32.03 -78.38
C GLY EA 115 -58.11 -33.21 -78.71
N ILE EA 116 -56.80 -33.06 -78.42
CA ILE EA 116 -55.79 -34.05 -78.75
C ILE EA 116 -54.92 -34.23 -77.53
N LYS EA 117 -54.61 -35.47 -77.17
CA LYS EA 117 -53.77 -35.78 -76.02
C LYS EA 117 -52.36 -35.25 -76.27
N ASP EA 118 -51.84 -35.46 -77.48
CA ASP EA 118 -50.53 -35.00 -77.89
C ASP EA 118 -50.44 -34.95 -79.42
N ILE EA 119 -50.15 -33.77 -79.99
CA ILE EA 119 -50.24 -33.54 -81.42
C ILE EA 119 -49.18 -34.35 -82.13
N PHE EA 120 -48.17 -34.84 -81.41
CA PHE EA 120 -47.10 -35.55 -82.08
C PHE EA 120 -47.11 -37.05 -81.83
N ASN EA 121 -47.99 -37.56 -80.97
CA ASN EA 121 -48.02 -39.01 -80.72
C ASN EA 121 -48.60 -39.68 -81.95
N THR EA 122 -47.85 -40.65 -82.48
CA THR EA 122 -48.10 -41.23 -83.79
C THR EA 122 -49.44 -41.96 -83.87
N THR EA 123 -49.79 -42.74 -82.82
CA THR EA 123 -50.96 -43.59 -82.87
C THR EA 123 -52.25 -42.79 -82.78
N VAL EA 124 -52.21 -41.67 -82.06
CA VAL EA 124 -53.36 -40.82 -81.92
C VAL EA 124 -53.58 -40.07 -83.24
N VAL EA 125 -52.50 -39.53 -83.83
CA VAL EA 125 -52.64 -38.43 -84.78
C VAL EA 125 -52.63 -38.88 -86.23
N LYS EA 126 -51.98 -40.00 -86.55
CA LYS EA 126 -51.95 -40.43 -87.94
C LYS EA 126 -51.14 -39.49 -88.84
N TRP EA 127 -49.81 -39.48 -88.64
CA TRP EA 127 -48.86 -38.72 -89.43
C TRP EA 127 -48.57 -39.37 -90.77
N ASN EA 128 -49.02 -40.60 -91.02
CA ASN EA 128 -48.45 -41.43 -92.06
C ASN EA 128 -48.55 -40.88 -93.47
N ASN EA 129 -49.59 -40.09 -93.79
CA ASN EA 129 -49.75 -39.55 -95.14
C ASN EA 129 -48.91 -38.32 -95.37
N ALA EA 130 -48.07 -37.91 -94.43
CA ALA EA 130 -47.17 -36.77 -94.68
C ALA EA 130 -45.95 -37.26 -95.45
N ASP EA 131 -46.10 -37.46 -96.77
CA ASP EA 131 -45.07 -37.96 -97.66
C ASP EA 131 -44.09 -36.84 -97.95
N ALA EA 132 -43.09 -37.09 -98.78
CA ALA EA 132 -42.03 -36.11 -98.92
C ALA EA 132 -42.54 -34.96 -99.79
N THR EA 133 -43.73 -35.14 -100.38
CA THR EA 133 -44.27 -34.12 -101.28
C THR EA 133 -45.67 -33.63 -100.90
N SER EA 134 -46.19 -33.92 -99.69
CA SER EA 134 -47.50 -33.39 -99.32
C SER EA 134 -47.64 -32.99 -97.85
N PHE EA 135 -48.72 -32.24 -97.54
CA PHE EA 135 -49.11 -32.00 -96.16
C PHE EA 135 -50.51 -32.51 -95.86
N VAL EA 136 -50.86 -32.57 -94.55
CA VAL EA 136 -52.21 -32.90 -94.15
C VAL EA 136 -52.68 -31.87 -93.14
N VAL EA 137 -54.00 -31.74 -92.94
CA VAL EA 137 -54.60 -30.68 -92.18
C VAL EA 137 -55.41 -31.29 -91.04
N VAL EA 138 -55.29 -30.73 -89.84
CA VAL EA 138 -55.98 -31.19 -88.65
C VAL EA 138 -56.83 -30.02 -88.19
N ALA EA 139 -58.12 -30.24 -87.95
CA ALA EA 139 -59.06 -29.16 -87.70
C ALA EA 139 -59.20 -28.98 -86.20
N LEU EA 140 -58.86 -27.77 -85.73
CA LEU EA 140 -58.80 -27.52 -84.31
C LEU EA 140 -60.00 -26.69 -83.84
N GLN EA 141 -60.50 -25.74 -84.62
CA GLN EA 141 -61.76 -25.07 -84.24
C GLN EA 141 -62.53 -24.69 -85.50
N ASP EA 142 -63.82 -25.08 -85.56
CA ASP EA 142 -64.68 -24.87 -86.72
C ASP EA 142 -66.13 -25.14 -86.33
N ASP EA 143 -66.90 -24.07 -86.16
CA ASP EA 143 -68.27 -24.12 -85.67
C ASP EA 143 -69.17 -24.69 -86.75
N ASP EA 144 -69.02 -24.15 -87.96
CA ASP EA 144 -69.92 -24.34 -89.08
C ASP EA 144 -69.61 -25.61 -89.89
N LYS EA 145 -68.69 -26.45 -89.44
CA LYS EA 145 -68.30 -27.66 -90.14
C LYS EA 145 -67.72 -27.45 -91.55
N SER EA 146 -67.14 -26.27 -91.84
CA SER EA 146 -66.59 -26.07 -93.16
C SER EA 146 -65.28 -26.81 -93.38
N LEU EA 147 -64.41 -26.82 -92.38
CA LEU EA 147 -63.16 -27.53 -92.54
C LEU EA 147 -63.52 -29.00 -92.75
N LEU EA 148 -64.51 -29.50 -92.00
CA LEU EA 148 -64.72 -30.93 -91.83
C LEU EA 148 -65.31 -31.53 -93.11
N THR EA 149 -65.65 -30.68 -94.07
CA THR EA 149 -66.47 -31.10 -95.18
C THR EA 149 -66.01 -30.29 -96.40
N ASN EA 150 -65.12 -30.87 -97.21
CA ASN EA 150 -64.63 -30.17 -98.38
C ASN EA 150 -63.61 -29.05 -98.08
N ALA EA 151 -63.12 -28.96 -96.85
CA ALA EA 151 -61.86 -28.32 -96.50
C ALA EA 151 -61.82 -26.82 -96.81
N VAL EA 152 -62.88 -26.09 -96.41
CA VAL EA 152 -62.87 -24.66 -96.65
C VAL EA 152 -62.73 -23.89 -95.34
N ILE EA 153 -61.68 -23.05 -95.24
CA ILE EA 153 -61.49 -22.20 -94.07
C ILE EA 153 -62.42 -21.01 -94.24
N ASN EA 154 -63.18 -20.67 -93.16
CA ASN EA 154 -63.91 -19.40 -93.09
C ASN EA 154 -63.73 -18.75 -91.75
N LYS EA 155 -64.46 -17.66 -91.48
CA LYS EA 155 -64.13 -16.75 -90.38
C LYS EA 155 -64.09 -17.48 -89.05
N GLY EA 156 -63.01 -17.34 -88.30
CA GLY EA 156 -63.00 -17.88 -86.95
C GLY EA 156 -62.47 -19.30 -86.88
N ASP EA 157 -62.20 -19.93 -88.03
CA ASP EA 157 -61.62 -21.27 -88.00
C ASP EA 157 -60.14 -21.20 -87.63
N LEU EA 158 -59.58 -22.27 -87.02
CA LEU EA 158 -58.14 -22.40 -86.78
C LEU EA 158 -57.73 -23.82 -87.12
N ALA EA 159 -56.65 -24.00 -87.88
CA ALA EA 159 -56.34 -25.31 -88.42
C ALA EA 159 -54.85 -25.48 -88.46
N GLY EA 160 -54.42 -26.73 -88.47
CA GLY EA 160 -53.00 -26.92 -88.28
C GLY EA 160 -52.48 -27.79 -89.42
N VAL EA 161 -51.37 -27.35 -90.02
CA VAL EA 161 -50.82 -28.02 -91.17
C VAL EA 161 -49.66 -28.85 -90.67
N LEU EA 162 -49.62 -30.14 -90.99
CA LEU EA 162 -48.53 -30.98 -90.54
C LEU EA 162 -47.52 -31.18 -91.69
N VAL EA 163 -46.20 -30.94 -91.46
CA VAL EA 163 -45.18 -31.24 -92.48
C VAL EA 163 -44.02 -32.08 -91.97
N ASN EA 164 -43.67 -33.19 -92.68
CA ASN EA 164 -42.66 -34.15 -92.27
C ASN EA 164 -41.35 -33.65 -92.82
N VAL EA 165 -40.77 -32.69 -92.11
CA VAL EA 165 -39.74 -31.88 -92.69
C VAL EA 165 -38.57 -32.75 -93.04
N SER EA 166 -38.31 -33.76 -92.22
CA SER EA 166 -37.06 -34.50 -92.40
C SER EA 166 -37.13 -35.28 -93.69
N ALA EA 167 -38.35 -35.56 -94.12
CA ALA EA 167 -38.58 -36.30 -95.36
C ALA EA 167 -38.62 -35.33 -96.54
N ALA EA 168 -39.16 -34.14 -96.30
CA ALA EA 168 -39.30 -33.13 -97.33
C ALA EA 168 -37.93 -32.60 -97.77
N PHE EA 169 -37.09 -32.20 -96.81
CA PHE EA 169 -35.80 -31.66 -97.15
C PHE EA 169 -34.77 -32.77 -97.21
N GLY EA 170 -35.17 -33.99 -96.83
CA GLY EA 170 -34.23 -35.10 -96.94
C GLY EA 170 -33.24 -35.20 -95.78
N LYS EA 171 -33.20 -34.19 -94.89
CA LYS EA 171 -32.44 -34.32 -93.65
C LYS EA 171 -33.10 -33.57 -92.50
N HIS EA 172 -32.71 -33.86 -91.26
CA HIS EA 172 -33.24 -33.13 -90.12
C HIS EA 172 -32.66 -31.71 -90.06
N VAL EA 173 -33.46 -30.67 -89.73
CA VAL EA 173 -32.86 -29.35 -89.69
C VAL EA 173 -32.12 -29.16 -88.39
N GLY EA 174 -30.91 -28.59 -88.46
CA GLY EA 174 -30.00 -28.51 -87.34
C GLY EA 174 -30.21 -27.23 -86.54
N THR EA 175 -29.27 -26.95 -85.64
CA THR EA 175 -29.37 -25.75 -84.84
C THR EA 175 -28.83 -24.58 -85.64
N ARG EA 176 -29.24 -23.36 -85.30
CA ARG EA 176 -28.76 -22.13 -85.91
C ARG EA 176 -29.04 -22.05 -87.41
N GLU EA 177 -30.12 -22.70 -87.90
CA GLU EA 177 -30.43 -22.68 -89.32
C GLU EA 177 -31.75 -21.96 -89.55
N ARG EA 178 -31.90 -21.21 -90.67
CA ARG EA 178 -33.22 -20.63 -90.94
C ARG EA 178 -34.02 -21.40 -91.97
N VAL EA 179 -35.35 -21.28 -91.86
CA VAL EA 179 -36.27 -21.82 -92.83
C VAL EA 179 -37.34 -20.80 -93.11
N SER EA 180 -37.64 -20.57 -94.40
CA SER EA 180 -38.61 -19.56 -94.70
C SER EA 180 -39.47 -20.00 -95.87
N GLY EA 181 -40.71 -19.49 -95.90
CA GLY EA 181 -41.59 -19.87 -96.97
C GLY EA 181 -42.89 -19.08 -96.95
N TYR EA 182 -43.84 -19.59 -97.72
CA TYR EA 182 -45.14 -19.00 -97.84
C TYR EA 182 -46.15 -20.10 -98.13
N LEU EA 183 -47.36 -19.99 -97.55
CA LEU EA 183 -48.47 -20.84 -97.95
C LEU EA 183 -49.34 -19.98 -98.83
N GLN EA 184 -49.44 -20.34 -100.12
CA GLN EA 184 -49.96 -19.42 -101.11
C GLN EA 184 -51.32 -19.93 -101.50
N PRO EA 185 -52.43 -19.23 -101.21
CA PRO EA 185 -53.72 -19.68 -101.66
C PRO EA 185 -53.96 -19.37 -103.13
N GLU EA 186 -55.06 -19.93 -103.64
CA GLU EA 186 -55.47 -19.83 -105.02
C GLU EA 186 -55.72 -18.39 -105.38
N PHE EA 187 -56.34 -17.66 -104.46
CA PHE EA 187 -56.41 -16.21 -104.59
C PHE EA 187 -56.22 -15.57 -103.22
N GLY EA 188 -55.56 -14.41 -103.19
CA GLY EA 188 -55.39 -13.70 -101.93
C GLY EA 188 -53.95 -13.82 -101.39
N ALA EA 189 -53.72 -13.17 -100.26
CA ALA EA 189 -52.37 -12.91 -99.82
C ALA EA 189 -51.80 -14.13 -99.13
N PRO EA 190 -50.49 -14.41 -99.24
CA PRO EA 190 -49.95 -15.63 -98.68
C PRO EA 190 -49.52 -15.48 -97.25
N ALA EA 191 -49.57 -16.57 -96.49
CA ALA EA 191 -49.15 -16.53 -95.12
C ALA EA 191 -47.64 -16.74 -95.11
N VAL EA 192 -46.87 -15.76 -94.59
CA VAL EA 192 -45.40 -15.86 -94.50
C VAL EA 192 -45.01 -16.76 -93.36
N ILE EA 193 -44.00 -17.61 -93.55
CA ILE EA 193 -43.42 -18.40 -92.49
C ILE EA 193 -41.92 -18.07 -92.45
N GLU EA 194 -41.37 -17.90 -91.25
CA GLU EA 194 -39.97 -17.54 -91.13
C GLU EA 194 -39.56 -17.85 -89.69
N PHE EA 195 -38.55 -18.71 -89.54
CA PHE EA 195 -37.92 -18.86 -88.24
C PHE EA 195 -36.52 -19.43 -88.32
N THR EA 196 -35.75 -19.12 -87.27
CA THR EA 196 -34.41 -19.62 -87.14
C THR EA 196 -34.39 -20.59 -85.96
N THR EA 197 -33.91 -21.81 -86.17
CA THR EA 197 -33.96 -22.82 -85.13
C THR EA 197 -33.01 -22.33 -84.08
N PRO EA 198 -33.27 -22.52 -82.78
CA PRO EA 198 -32.40 -21.99 -81.74
C PRO EA 198 -31.04 -22.63 -81.73
N ALA EA 199 -30.19 -22.09 -80.87
CA ALA EA 199 -28.81 -22.49 -80.74
C ALA EA 199 -28.66 -23.83 -80.02
N ALA EA 200 -29.60 -24.16 -79.16
CA ALA EA 200 -29.43 -25.32 -78.30
C ALA EA 200 -30.77 -26.04 -78.17
N PHE EA 201 -30.86 -27.19 -78.82
CA PHE EA 201 -32.03 -27.97 -78.61
C PHE EA 201 -31.92 -28.55 -77.21
N THR EA 202 -32.98 -28.45 -76.39
CA THR EA 202 -32.91 -28.95 -75.02
C THR EA 202 -34.21 -29.56 -74.47
N SER EA 203 -35.25 -29.71 -75.30
CA SER EA 203 -36.51 -30.33 -74.90
C SER EA 203 -37.14 -30.91 -76.16
N ASP EA 204 -38.12 -31.79 -76.02
CA ASP EA 204 -38.60 -32.51 -77.19
C ASP EA 204 -39.46 -31.59 -78.06
N VAL EA 205 -40.34 -30.77 -77.47
CA VAL EA 205 -41.20 -29.95 -78.32
C VAL EA 205 -40.85 -28.49 -78.18
N ILE EA 206 -40.48 -27.80 -79.28
CA ILE EA 206 -39.88 -26.47 -79.27
C ILE EA 206 -40.71 -25.44 -79.96
N GLU EA 207 -40.75 -24.24 -79.41
CA GLU EA 207 -41.75 -23.26 -79.78
C GLU EA 207 -41.15 -22.28 -80.78
N LEU EA 208 -41.03 -22.72 -82.02
CA LEU EA 208 -40.29 -21.98 -83.03
C LEU EA 208 -40.93 -20.62 -83.29
N GLN EA 209 -42.27 -20.54 -83.25
CA GLN EA 209 -43.08 -19.33 -83.23
C GLN EA 209 -42.62 -18.26 -84.24
N ALA FA 1 -85.30 11.56 -145.95
CA ALA FA 1 -84.89 12.75 -145.12
C ALA FA 1 -83.91 12.34 -144.03
N ILE FA 2 -82.92 13.20 -143.77
CA ILE FA 2 -81.83 12.91 -142.84
C ILE FA 2 -82.33 12.82 -141.40
N GLY FA 3 -83.43 13.51 -141.11
CA GLY FA 3 -83.90 13.65 -139.74
C GLY FA 3 -84.21 12.28 -139.12
N ILE FA 4 -84.75 11.40 -139.98
CA ILE FA 4 -85.27 10.12 -139.53
C ILE FA 4 -84.18 9.34 -138.80
N GLY FA 5 -83.00 9.24 -139.41
CA GLY FA 5 -81.93 8.49 -138.79
C GLY FA 5 -81.41 9.15 -137.51
N THR FA 6 -81.40 10.49 -137.50
CA THR FA 6 -80.83 11.24 -136.39
C THR FA 6 -81.60 10.89 -135.13
N LEU FA 7 -82.92 10.79 -135.26
CA LEU FA 7 -83.82 10.42 -134.18
C LEU FA 7 -83.44 9.02 -133.69
N ILE FA 8 -83.42 8.04 -134.60
CA ILE FA 8 -83.24 6.64 -134.27
C ILE FA 8 -81.91 6.43 -133.57
N ILE FA 9 -80.84 7.05 -134.05
CA ILE FA 9 -79.55 6.81 -133.42
C ILE FA 9 -79.49 7.44 -132.03
N PHE FA 10 -80.24 8.53 -131.79
CA PHE FA 10 -80.30 9.16 -130.48
C PHE FA 10 -80.85 8.16 -129.46
N ILE FA 11 -81.90 7.43 -129.85
CA ILE FA 11 -82.55 6.44 -129.02
C ILE FA 11 -81.50 5.44 -128.55
N ALA FA 12 -80.66 4.98 -129.47
CA ALA FA 12 -79.61 4.04 -129.15
C ALA FA 12 -78.63 4.66 -128.18
N MET FA 13 -78.21 5.90 -128.44
CA MET FA 13 -77.12 6.53 -127.71
C MET FA 13 -77.51 6.62 -126.23
N VAL FA 14 -78.76 7.02 -125.97
CA VAL FA 14 -79.32 7.16 -124.65
C VAL FA 14 -79.19 5.82 -123.95
N LEU FA 15 -79.70 4.77 -124.63
CA LEU FA 15 -79.81 3.46 -124.02
C LEU FA 15 -78.44 2.96 -123.64
N VAL FA 16 -77.43 3.16 -124.49
CA VAL FA 16 -76.10 2.66 -124.21
C VAL FA 16 -75.56 3.37 -122.98
N ALA FA 17 -75.75 4.70 -122.93
CA ALA FA 17 -75.23 5.48 -121.82
C ALA FA 17 -75.90 5.04 -120.51
N ALA FA 18 -77.14 4.55 -120.61
CA ALA FA 18 -77.84 4.08 -119.43
C ALA FA 18 -77.15 2.83 -118.92
N VAL FA 19 -76.91 1.88 -119.83
CA VAL FA 19 -76.29 0.59 -119.47
C VAL FA 19 -74.92 0.84 -118.85
N ALA FA 20 -74.17 1.76 -119.41
CA ALA FA 20 -72.85 2.07 -118.90
C ALA FA 20 -72.94 2.63 -117.48
N ALA FA 21 -73.91 3.50 -117.24
CA ALA FA 21 -74.09 4.08 -115.92
C ALA FA 21 -74.43 2.96 -114.94
N ALA FA 22 -75.30 2.05 -115.37
CA ALA FA 22 -75.82 1.03 -114.48
C ALA FA 22 -74.67 0.28 -113.80
N VAL FA 23 -73.69 -0.19 -114.55
CA VAL FA 23 -72.61 -1.03 -114.04
C VAL FA 23 -71.86 -0.34 -112.92
N LEU FA 24 -71.79 0.98 -112.95
CA LEU FA 24 -71.05 1.70 -111.92
C LEU FA 24 -71.90 1.74 -110.65
N ILE FA 25 -73.22 1.94 -110.80
CA ILE FA 25 -74.14 2.00 -109.67
C ILE FA 25 -74.13 0.65 -108.97
N ASN FA 26 -74.33 -0.43 -109.76
CA ASN FA 26 -74.27 -1.81 -109.29
C ASN FA 26 -72.97 -2.09 -108.54
N THR FA 27 -71.83 -1.76 -109.16
CA THR FA 27 -70.52 -2.11 -108.62
C THR FA 27 -70.31 -1.35 -107.33
N SER FA 28 -70.85 -0.15 -107.23
CA SER FA 28 -70.65 0.66 -106.05
C SER FA 28 -71.37 -0.01 -104.88
N GLY FA 29 -72.56 -0.57 -105.17
CA GLY FA 29 -73.31 -1.38 -104.22
C GLY FA 29 -72.50 -2.56 -103.68
N PHE FA 30 -71.94 -3.36 -104.59
CA PHE FA 30 -71.15 -4.53 -104.23
C PHE FA 30 -69.99 -4.13 -103.32
N LEU FA 31 -69.29 -3.06 -103.69
CA LEU FA 31 -68.14 -2.65 -102.94
C LEU FA 31 -68.55 -2.10 -101.57
N GLN FA 32 -69.76 -1.54 -101.46
CA GLN FA 32 -70.14 -0.84 -100.24
C GLN FA 32 -70.05 -1.84 -99.08
N GLN FA 33 -70.78 -2.96 -99.25
CA GLN FA 33 -70.88 -3.94 -98.19
C GLN FA 33 -69.51 -4.46 -97.83
N LYS FA 34 -68.72 -4.82 -98.86
CA LYS FA 34 -67.45 -5.48 -98.67
C LYS FA 34 -66.51 -4.59 -97.87
N ALA FA 35 -66.56 -3.29 -98.15
CA ALA FA 35 -65.70 -2.32 -97.50
C ALA FA 35 -66.12 -2.20 -96.05
N MET FA 36 -67.42 -1.98 -95.82
CA MET FA 36 -67.91 -1.66 -94.48
C MET FA 36 -67.56 -2.80 -93.51
N ALA FA 37 -67.84 -4.02 -93.95
CA ALA FA 37 -67.58 -5.23 -93.17
C ALA FA 37 -66.10 -5.33 -92.84
N THR FA 38 -65.22 -5.02 -93.80
CA THR FA 38 -63.80 -5.24 -93.64
C THR FA 38 -63.27 -4.35 -92.52
N GLY FA 39 -63.81 -3.13 -92.46
CA GLY FA 39 -63.43 -2.16 -91.46
C GLY FA 39 -63.88 -2.60 -90.07
N LYS FA 40 -65.16 -2.94 -89.94
CA LYS FA 40 -65.75 -3.33 -88.68
C LYS FA 40 -64.93 -4.48 -88.10
N GLU FA 41 -64.78 -5.54 -88.90
CA GLU FA 41 -64.19 -6.78 -88.47
C GLU FA 41 -62.77 -6.51 -87.97
N SER FA 42 -62.02 -5.76 -88.76
CA SER FA 42 -60.64 -5.51 -88.45
C SER FA 42 -60.53 -4.78 -87.12
N THR FA 43 -61.54 -3.95 -86.81
CA THR FA 43 -61.49 -3.11 -85.63
C THR FA 43 -61.66 -3.97 -84.40
N GLU FA 44 -62.65 -4.86 -84.45
CA GLU FA 44 -63.00 -5.73 -83.35
C GLU FA 44 -61.79 -6.62 -82.99
N GLN FA 45 -61.07 -7.09 -84.02
CA GLN FA 45 -59.90 -7.94 -83.87
C GLN FA 45 -58.87 -7.25 -82.99
N VAL FA 46 -58.51 -6.00 -83.30
CA VAL FA 46 -57.43 -5.34 -82.59
C VAL FA 46 -57.87 -5.05 -81.17
N ALA FA 47 -59.14 -4.70 -81.00
CA ALA FA 47 -59.67 -4.12 -79.78
C ALA FA 47 -59.82 -5.15 -78.66
N SER FA 48 -59.79 -6.45 -78.98
CA SER FA 48 -60.27 -7.46 -78.06
C SER FA 48 -59.20 -8.47 -77.65
N GLY FA 49 -59.34 -9.03 -76.45
CA GLY FA 49 -58.41 -10.06 -76.00
C GLY FA 49 -58.67 -10.49 -74.56
N LEU FA 50 -57.86 -11.43 -74.08
CA LEU FA 50 -57.96 -11.96 -72.73
C LEU FA 50 -56.62 -11.78 -72.02
N GLN FA 51 -56.64 -11.76 -70.68
CA GLN FA 51 -55.47 -11.55 -69.87
C GLN FA 51 -55.48 -12.57 -68.74
N VAL FA 52 -54.36 -13.26 -68.48
CA VAL FA 52 -54.28 -14.23 -67.40
C VAL FA 52 -53.96 -13.50 -66.12
N ILE FA 53 -54.87 -13.58 -65.15
CA ILE FA 53 -54.72 -12.86 -63.90
C ILE FA 53 -53.72 -13.62 -63.07
N ARG FA 54 -54.04 -14.89 -62.71
CA ARG FA 54 -53.17 -15.71 -61.87
C ARG FA 54 -53.33 -17.17 -62.26
N VAL FA 55 -52.34 -18.03 -61.96
CA VAL FA 55 -52.51 -19.45 -62.13
C VAL FA 55 -52.23 -20.14 -60.81
N LEU FA 56 -53.12 -21.05 -60.37
CA LEU FA 56 -53.01 -21.76 -59.10
C LEU FA 56 -53.00 -23.27 -59.33
N GLY FA 57 -52.47 -24.05 -58.37
CA GLY FA 57 -52.18 -25.45 -58.67
C GLY FA 57 -52.08 -26.39 -57.46
N ASN FA 58 -53.11 -27.22 -57.31
CA ASN FA 58 -53.14 -28.24 -56.26
C ASN FA 58 -52.01 -29.24 -56.43
N HIS FA 59 -51.46 -29.83 -55.34
CA HIS FA 59 -50.35 -30.80 -55.43
C HIS FA 59 -50.50 -32.01 -54.52
N SER FA 60 -50.19 -33.22 -55.03
CA SER FA 60 -50.18 -34.47 -54.26
C SER FA 60 -49.11 -35.36 -54.82
N GLY FA 61 -48.47 -36.14 -53.96
CA GLY FA 61 -47.50 -37.07 -54.55
C GLY FA 61 -46.29 -36.28 -55.00
N GLY FA 62 -45.94 -36.39 -56.26
CA GLY FA 62 -44.72 -35.71 -56.66
C GLY FA 62 -44.96 -34.68 -57.75
N LYS FA 63 -46.21 -34.24 -57.88
CA LYS FA 63 -46.61 -33.58 -59.11
C LYS FA 63 -47.62 -32.51 -58.76
N ILE FA 64 -47.85 -31.61 -59.73
CA ILE FA 64 -49.03 -30.78 -59.66
C ILE FA 64 -50.05 -31.47 -60.54
N ASN FA 65 -51.26 -31.73 -60.03
CA ASN FA 65 -52.19 -32.54 -60.75
C ASN FA 65 -53.33 -31.74 -61.36
N TRP FA 66 -53.80 -30.65 -60.75
CA TRP FA 66 -54.83 -29.83 -61.34
C TRP FA 66 -54.29 -28.40 -61.47
N LEU FA 67 -54.70 -27.65 -62.52
CA LEU FA 67 -54.38 -26.25 -62.62
C LEU FA 67 -55.67 -25.45 -62.77
N ALA FA 68 -55.68 -24.23 -62.23
CA ALA FA 68 -56.84 -23.37 -62.37
C ALA FA 68 -56.30 -22.06 -62.87
N VAL FA 69 -56.64 -21.73 -64.11
CA VAL FA 69 -56.09 -20.56 -64.80
C VAL FA 69 -57.18 -19.49 -64.78
N LEU FA 70 -56.95 -18.40 -64.04
CA LEU FA 70 -57.95 -17.37 -63.90
C LEU FA 70 -57.71 -16.35 -65.01
N ILE FA 71 -58.80 -15.94 -65.69
CA ILE FA 71 -58.66 -15.16 -66.91
C ILE FA 71 -59.75 -14.11 -66.98
N SER FA 72 -59.48 -12.97 -67.64
CA SER FA 72 -60.47 -11.88 -67.69
C SER FA 72 -60.25 -11.09 -68.96
N PRO FA 73 -61.22 -10.30 -69.42
CA PRO FA 73 -61.07 -9.54 -70.64
C PRO FA 73 -60.08 -8.39 -70.54
N ASN FA 74 -59.50 -7.99 -71.68
CA ASN FA 74 -58.64 -6.82 -71.76
C ASN FA 74 -59.54 -5.61 -71.73
N ALA FA 75 -59.02 -4.46 -71.33
CA ALA FA 75 -59.88 -3.28 -71.24
C ALA FA 75 -60.41 -2.93 -72.62
N GLY FA 76 -61.70 -2.65 -72.72
CA GLY FA 76 -62.31 -2.13 -73.92
C GLY FA 76 -62.55 -3.20 -74.98
N SER FA 77 -62.61 -4.46 -74.54
CA SER FA 77 -62.82 -5.59 -75.43
C SER FA 77 -64.28 -5.88 -75.65
N ALA FA 78 -64.59 -6.49 -76.79
CA ALA FA 78 -65.97 -6.85 -77.10
C ALA FA 78 -66.15 -8.19 -76.41
N PRO FA 79 -67.36 -8.70 -76.19
CA PRO FA 79 -67.54 -9.90 -75.39
C PRO FA 79 -66.94 -11.15 -76.03
N ILE FA 80 -66.22 -11.97 -75.24
CA ILE FA 80 -65.56 -13.17 -75.73
C ILE FA 80 -66.33 -14.43 -75.35
N ASP FA 81 -66.66 -15.30 -76.33
CA ASP FA 81 -67.50 -16.48 -76.11
C ASP FA 81 -66.60 -17.67 -75.91
N LEU FA 82 -66.49 -18.08 -74.65
CA LEU FA 82 -65.42 -19.00 -74.32
C LEU FA 82 -65.75 -20.36 -74.88
N SER FA 83 -67.01 -20.58 -75.32
CA SER FA 83 -67.34 -21.93 -75.74
C SER FA 83 -66.63 -22.23 -77.02
N GLN FA 84 -66.10 -21.22 -77.70
CA GLN FA 84 -65.35 -21.44 -78.91
C GLN FA 84 -63.87 -21.14 -78.71
N ALA FA 85 -63.35 -21.09 -77.48
CA ALA FA 85 -61.93 -20.84 -77.27
C ALA FA 85 -61.14 -22.12 -77.47
N THR FA 86 -59.80 -22.08 -77.48
CA THR FA 86 -58.99 -23.28 -77.44
C THR FA 86 -57.76 -23.09 -76.55
N VAL FA 87 -57.37 -24.07 -75.71
CA VAL FA 87 -56.19 -23.87 -74.88
C VAL FA 87 -55.11 -24.85 -75.28
N MET FA 88 -53.85 -24.42 -75.24
CA MET FA 88 -52.76 -25.25 -75.69
C MET FA 88 -51.70 -25.11 -74.63
N ILE FA 89 -51.18 -26.25 -74.15
CA ILE FA 89 -50.24 -26.27 -73.06
C ILE FA 89 -49.13 -27.26 -73.41
N THR FA 90 -47.86 -26.96 -73.08
CA THR FA 90 -46.82 -27.95 -73.24
C THR FA 90 -45.83 -27.93 -72.10
N ASP FA 91 -45.29 -29.14 -71.80
CA ASP FA 91 -44.34 -29.33 -70.73
C ASP FA 91 -42.99 -29.65 -71.32
N GLY FA 92 -42.88 -29.56 -72.65
CA GLY FA 92 -41.59 -29.80 -73.30
C GLY FA 92 -41.38 -31.29 -73.65
N THR FA 93 -42.24 -32.16 -73.12
CA THR FA 93 -42.27 -33.53 -73.57
C THR FA 93 -43.58 -33.89 -74.27
N HIS FA 94 -44.71 -33.24 -73.98
CA HIS FA 94 -45.94 -33.44 -74.74
C HIS FA 94 -46.68 -32.11 -75.01
N LYS FA 95 -47.66 -32.06 -75.95
CA LYS FA 95 -48.36 -30.80 -76.22
C LYS FA 95 -49.85 -31.06 -76.36
N VAL FA 96 -50.62 -30.86 -75.26
CA VAL FA 96 -52.02 -31.18 -75.25
C VAL FA 96 -52.73 -29.97 -75.77
N ILE FA 97 -53.88 -30.18 -76.43
CA ILE FA 97 -54.80 -29.11 -76.77
C ILE FA 97 -56.17 -29.53 -76.29
N ALA FA 98 -56.94 -28.59 -75.68
CA ALA FA 98 -58.17 -28.98 -74.99
C ALA FA 98 -59.28 -28.00 -75.28
N LYS FA 99 -60.54 -28.46 -75.20
CA LYS FA 99 -61.69 -27.66 -75.64
C LYS FA 99 -62.85 -27.84 -74.65
N TYR FA 100 -63.84 -26.95 -74.64
CA TYR FA 100 -64.80 -26.87 -73.55
C TYR FA 100 -65.79 -27.99 -73.62
N ASN FA 101 -66.04 -28.65 -72.49
CA ASN FA 101 -67.14 -29.62 -72.41
C ASN FA 101 -68.17 -29.04 -71.45
N SER FA 102 -69.37 -28.78 -71.96
CA SER FA 102 -70.38 -28.00 -71.28
C SER FA 102 -70.84 -28.68 -70.00
N THR FA 103 -70.54 -29.97 -69.84
CA THR FA 103 -70.96 -30.72 -68.67
C THR FA 103 -70.39 -30.10 -67.41
N PHE FA 104 -69.21 -29.49 -67.49
CA PHE FA 104 -68.46 -29.12 -66.31
C PHE FA 104 -68.52 -27.62 -66.03
N PHE FA 105 -69.72 -27.12 -65.71
CA PHE FA 105 -69.90 -25.70 -65.41
C PHE FA 105 -70.33 -25.58 -63.96
N ASN FA 106 -69.81 -24.60 -63.23
CA ASN FA 106 -70.39 -24.27 -61.94
C ASN FA 106 -70.59 -22.77 -61.84
N GLY FA 107 -71.84 -22.33 -61.85
CA GLY FA 107 -72.09 -20.89 -61.83
C GLY FA 107 -72.12 -20.33 -60.41
N THR FA 108 -72.47 -21.19 -59.46
CA THR FA 108 -72.88 -20.70 -58.17
C THR FA 108 -71.75 -19.94 -57.50
N LEU FA 109 -70.52 -20.25 -57.88
CA LEU FA 109 -69.37 -19.76 -57.14
C LEU FA 109 -69.19 -18.27 -57.40
N LYS FA 110 -70.06 -17.67 -58.21
CA LYS FA 110 -70.04 -16.22 -58.37
C LYS FA 110 -70.33 -15.57 -57.04
N ASN FA 111 -70.94 -16.31 -56.13
CA ASN FA 111 -71.34 -15.83 -54.82
C ASN FA 111 -70.43 -16.41 -53.76
N GLY FA 112 -69.21 -16.83 -54.12
CA GLY FA 112 -68.23 -17.19 -53.10
C GLY FA 112 -68.27 -18.69 -52.80
N GLY FA 113 -67.13 -19.23 -52.37
CA GLY FA 113 -66.98 -20.64 -52.03
C GLY FA 113 -65.53 -21.09 -52.26
N SER FA 114 -65.29 -22.40 -52.30
CA SER FA 114 -63.94 -22.95 -52.50
C SER FA 114 -63.76 -23.45 -53.92
N ILE FA 115 -62.71 -22.99 -54.61
CA ILE FA 115 -62.31 -23.53 -55.90
C ILE FA 115 -61.68 -24.87 -55.52
N PHE FA 116 -61.33 -25.70 -56.49
CA PHE FA 116 -60.62 -26.93 -56.17
C PHE FA 116 -61.42 -27.86 -55.30
N GLU FA 117 -62.66 -27.48 -54.92
CA GLU FA 117 -63.62 -28.42 -54.36
C GLU FA 117 -65.02 -28.17 -54.93
N ALA FA 118 -65.08 -27.58 -56.12
CA ALA FA 118 -66.36 -27.33 -56.77
C ALA FA 118 -66.94 -28.64 -57.27
N LYS FA 119 -68.24 -28.80 -57.16
CA LYS FA 119 -68.97 -29.91 -57.76
C LYS FA 119 -69.50 -29.54 -59.13
N TYR FA 120 -70.02 -30.54 -59.89
CA TYR FA 120 -70.77 -30.34 -61.13
C TYR FA 120 -71.95 -31.29 -61.16
N ASN FA 121 -72.88 -31.16 -62.14
CA ASN FA 121 -74.18 -31.84 -62.09
C ASN FA 121 -74.38 -32.69 -63.34
N ASN FA 122 -74.01 -33.99 -63.28
CA ASN FA 122 -74.52 -34.99 -64.20
C ASN FA 122 -75.96 -35.20 -63.79
N THR FA 123 -76.88 -35.40 -64.75
CA THR FA 123 -78.29 -35.36 -64.38
C THR FA 123 -78.55 -36.36 -63.25
N THR FA 124 -79.27 -35.93 -62.20
CA THR FA 124 -79.65 -36.74 -61.05
C THR FA 124 -78.60 -36.78 -59.92
N ALA FA 125 -77.41 -36.20 -60.12
CA ALA FA 125 -76.40 -36.25 -59.07
C ALA FA 125 -75.48 -35.04 -59.01
N LEU FA 126 -74.70 -34.90 -57.93
CA LEU FA 126 -73.61 -33.94 -57.84
C LEU FA 126 -72.29 -34.69 -57.57
N LYS FA 127 -71.23 -34.33 -58.30
CA LYS FA 127 -69.97 -35.07 -58.25
C LYS FA 127 -68.82 -34.08 -58.35
N PRO FA 128 -67.59 -34.38 -57.86
CA PRO FA 128 -66.49 -33.42 -57.90
C PRO FA 128 -66.00 -33.11 -59.30
N LEU FA 129 -65.74 -31.83 -59.60
CA LEU FA 129 -65.43 -31.34 -60.94
C LEU FA 129 -64.07 -31.86 -61.40
N PHE FA 130 -63.03 -31.49 -60.69
CA PHE FA 130 -61.68 -31.64 -61.21
C PHE FA 130 -61.32 -33.10 -61.49
N ASP FA 131 -61.76 -33.99 -60.59
CA ASP FA 131 -61.45 -35.40 -60.69
C ASP FA 131 -62.12 -36.04 -61.90
N ASP FA 132 -63.27 -35.50 -62.35
CA ASP FA 132 -64.05 -36.15 -63.39
C ASP FA 132 -63.72 -35.63 -64.78
N LEU FA 133 -63.11 -34.44 -64.88
CA LEU FA 133 -62.89 -33.74 -66.14
C LEU FA 133 -61.98 -34.55 -67.06
N PRO FA 134 -62.40 -34.90 -68.30
CA PRO FA 134 -61.60 -35.70 -69.23
C PRO FA 134 -60.30 -35.11 -69.72
N ALA FA 135 -59.46 -35.98 -70.29
CA ALA FA 135 -58.10 -35.58 -70.54
C ALA FA 135 -57.99 -34.53 -71.65
N THR FA 136 -58.99 -34.42 -72.50
CA THR FA 136 -58.91 -33.49 -73.61
C THR FA 136 -59.84 -32.29 -73.44
N ALA FA 137 -60.33 -31.99 -72.23
CA ALA FA 137 -61.38 -30.98 -72.10
C ALA FA 137 -61.06 -30.03 -70.97
N PHE FA 138 -61.61 -28.82 -71.04
CA PHE FA 138 -61.53 -27.91 -69.91
C PHE FA 138 -62.90 -27.49 -69.44
N GLY FA 139 -62.99 -27.21 -68.14
CA GLY FA 139 -64.26 -26.84 -67.54
C GLY FA 139 -64.15 -25.39 -67.11
N ILE FA 140 -65.25 -24.76 -66.67
CA ILE FA 140 -65.25 -23.34 -66.38
C ILE FA 140 -66.04 -23.05 -65.12
N VAL FA 141 -65.52 -22.16 -64.25
CA VAL FA 141 -66.14 -21.81 -62.98
C VAL FA 141 -66.17 -20.30 -62.80
N VAL FA 142 -67.37 -19.73 -62.67
CA VAL FA 142 -67.58 -18.31 -62.74
C VAL FA 142 -67.26 -17.77 -61.36
N LEU FA 143 -66.30 -16.85 -61.30
CA LEU FA 143 -65.89 -16.33 -60.03
C LEU FA 143 -66.44 -14.92 -59.84
N GLN FA 144 -66.58 -14.10 -60.90
CA GLN FA 144 -67.22 -12.80 -60.76
C GLN FA 144 -67.97 -12.45 -62.03
N ASP FA 145 -69.29 -12.15 -61.92
CA ASP FA 145 -70.13 -11.82 -63.06
C ASP FA 145 -71.37 -11.08 -62.59
N ALA FA 146 -71.42 -9.78 -62.93
CA ALA FA 146 -72.44 -8.91 -62.37
C ALA FA 146 -73.77 -9.12 -63.06
N ASP FA 147 -73.74 -9.47 -64.36
CA ASP FA 147 -74.90 -9.36 -65.22
C ASP FA 147 -75.34 -10.70 -65.79
N THR FA 148 -74.99 -11.79 -65.13
CA THR FA 148 -75.41 -13.14 -65.43
C THR FA 148 -75.12 -13.51 -66.88
N SER FA 149 -74.06 -12.92 -67.42
CA SER FA 149 -73.69 -13.13 -68.80
C SER FA 149 -73.20 -14.52 -69.10
N CYS FA 150 -72.57 -15.18 -68.12
CA CYS FA 150 -72.21 -16.59 -68.29
C CYS FA 150 -73.38 -17.52 -68.02
N SER FA 151 -73.75 -18.32 -69.02
CA SER FA 151 -74.70 -19.43 -68.89
C SER FA 151 -74.05 -20.71 -69.40
N LYS FA 152 -74.44 -21.87 -68.85
CA LYS FA 152 -73.77 -23.13 -69.06
C LYS FA 152 -73.62 -23.44 -70.55
N ASP FA 153 -74.64 -23.15 -71.35
CA ASP FA 153 -74.58 -23.42 -72.78
C ASP FA 153 -73.87 -22.32 -73.58
N THR FA 154 -73.65 -21.12 -73.02
CA THR FA 154 -73.01 -19.99 -73.71
C THR FA 154 -72.20 -19.09 -72.75
N PRO FA 155 -70.95 -19.43 -72.40
CA PRO FA 155 -70.21 -18.64 -71.46
C PRO FA 155 -69.57 -17.44 -72.13
N VAL FA 156 -70.33 -16.33 -72.21
CA VAL FA 156 -69.79 -15.11 -72.78
C VAL FA 156 -69.33 -14.16 -71.68
N ILE FA 157 -68.04 -13.80 -71.64
CA ILE FA 157 -67.53 -12.91 -70.60
C ILE FA 157 -67.44 -11.49 -71.08
N ASN FA 158 -67.92 -10.51 -70.27
CA ASN FA 158 -67.92 -9.10 -70.63
C ASN FA 158 -67.22 -8.30 -69.56
N LYS FA 159 -67.09 -6.99 -69.75
CA LYS FA 159 -66.17 -6.18 -68.95
C LYS FA 159 -66.48 -6.35 -67.48
N GLY FA 160 -65.47 -6.74 -66.70
CA GLY FA 160 -65.63 -6.87 -65.26
C GLY FA 160 -65.57 -8.32 -64.80
N ASP FA 161 -65.79 -9.27 -65.72
CA ASP FA 161 -65.98 -10.65 -65.29
C ASP FA 161 -64.63 -11.30 -64.98
N ILE FA 162 -64.59 -12.31 -64.10
CA ILE FA 162 -63.42 -13.16 -63.89
C ILE FA 162 -63.91 -14.59 -63.84
N VAL FA 163 -63.15 -15.52 -64.44
CA VAL FA 163 -63.58 -16.90 -64.60
C VAL FA 163 -62.39 -17.82 -64.66
N ALA FA 164 -62.56 -19.06 -64.19
CA ALA FA 164 -61.39 -19.91 -64.00
C ALA FA 164 -61.54 -21.10 -64.94
N ILE FA 165 -60.52 -21.29 -65.76
CA ILE FA 165 -60.48 -22.38 -66.69
C ILE FA 165 -59.80 -23.49 -65.90
N CYS FA 166 -60.47 -24.61 -65.79
CA CYS FA 166 -60.04 -25.71 -64.95
C CYS FA 166 -59.53 -26.83 -65.84
N LEU FA 167 -58.28 -27.31 -65.63
CA LEU FA 167 -57.64 -28.35 -66.43
C LEU FA 167 -57.06 -29.41 -65.51
N ASN FA 168 -57.23 -30.69 -65.86
CA ASN FA 168 -56.71 -31.77 -65.03
C ASN FA 168 -55.61 -32.36 -65.83
N VAL FA 169 -54.38 -32.30 -65.32
CA VAL FA 169 -53.20 -32.57 -66.12
C VAL FA 169 -52.44 -33.77 -65.61
N SER FA 170 -53.05 -34.55 -64.73
CA SER FA 170 -52.37 -35.51 -63.89
C SER FA 170 -51.62 -36.54 -64.71
N ASN FA 171 -52.23 -36.99 -65.81
CA ASN FA 171 -51.60 -38.00 -66.64
C ASN FA 171 -51.07 -37.46 -67.97
N THR FA 172 -51.52 -36.27 -68.37
CA THR FA 172 -51.24 -35.71 -69.67
C THR FA 172 -49.91 -34.99 -69.68
N LEU FA 173 -49.61 -34.16 -68.68
CA LEU FA 173 -48.32 -33.47 -68.60
C LEU FA 173 -47.65 -33.77 -67.26
N ASN FA 174 -46.32 -33.93 -67.23
CA ASN FA 174 -45.67 -34.52 -66.06
C ASN FA 174 -45.00 -33.43 -65.23
N LEU FA 175 -45.80 -32.64 -64.48
CA LEU FA 175 -45.32 -31.41 -63.86
C LEU FA 175 -44.63 -31.69 -62.54
N LYS FA 176 -43.42 -32.25 -62.63
CA LYS FA 176 -42.54 -32.35 -61.47
C LYS FA 176 -41.84 -31.03 -61.24
N PRO FA 177 -41.01 -30.86 -60.20
CA PRO FA 177 -40.38 -29.58 -59.92
C PRO FA 177 -39.49 -29.09 -61.04
N ARG FA 178 -39.19 -27.79 -61.02
CA ARG FA 178 -38.22 -27.22 -61.93
C ARG FA 178 -38.62 -27.43 -63.40
N THR FA 179 -39.92 -27.50 -63.71
CA THR FA 179 -40.38 -27.79 -65.06
C THR FA 179 -41.05 -26.58 -65.71
N LYS FA 180 -40.70 -26.26 -66.96
CA LYS FA 180 -41.25 -25.08 -67.64
C LYS FA 180 -42.55 -25.47 -68.34
N VAL FA 181 -43.56 -24.59 -68.25
CA VAL FA 181 -44.86 -24.82 -68.86
C VAL FA 181 -45.19 -23.59 -69.67
N THR FA 182 -45.67 -23.79 -70.90
CA THR FA 182 -45.85 -22.70 -71.85
C THR FA 182 -47.19 -22.91 -72.52
N GLY FA 183 -47.88 -21.84 -72.92
CA GLY FA 183 -49.15 -22.07 -73.58
C GLY FA 183 -49.96 -20.81 -73.84
N ALA FA 184 -51.20 -20.99 -74.30
CA ALA FA 184 -52.05 -19.86 -74.61
C ALA FA 184 -53.51 -20.30 -74.58
N VAL FA 185 -54.39 -19.38 -74.17
CA VAL FA 185 -55.80 -19.54 -74.42
C VAL FA 185 -56.12 -18.64 -75.60
N ILE FA 186 -56.64 -19.23 -76.68
CA ILE FA 186 -56.79 -18.55 -77.94
C ILE FA 186 -58.28 -18.36 -78.19
N PRO FA 187 -58.79 -17.12 -78.22
CA PRO FA 187 -60.18 -16.88 -78.53
C PRO FA 187 -60.47 -16.86 -80.02
N GLU FA 188 -61.75 -16.76 -80.35
CA GLU FA 188 -62.27 -16.84 -81.70
C GLU FA 188 -61.76 -15.65 -82.47
N PHE FA 189 -61.72 -14.50 -81.80
CA PHE FA 189 -61.04 -13.33 -82.31
C PHE FA 189 -60.37 -12.59 -81.16
N GLY FA 190 -59.33 -11.84 -81.48
CA GLY FA 190 -58.64 -11.10 -80.44
C GLY FA 190 -57.40 -11.83 -79.94
N ALA FA 191 -56.65 -11.16 -79.07
CA ALA FA 191 -55.28 -11.55 -78.79
C ALA FA 191 -55.25 -12.64 -77.74
N PRO FA 192 -54.37 -13.65 -77.86
CA PRO FA 192 -54.32 -14.72 -76.90
C PRO FA 192 -53.73 -14.33 -75.56
N ALA FA 193 -54.15 -15.05 -74.51
CA ALA FA 193 -53.53 -14.89 -73.21
C ALA FA 193 -52.35 -15.86 -73.14
N VAL FA 194 -51.21 -15.44 -72.57
CA VAL FA 194 -50.01 -16.25 -72.59
C VAL FA 194 -49.72 -16.82 -71.21
N ILE FA 195 -49.68 -18.15 -71.10
CA ILE FA 195 -49.40 -18.87 -69.88
C ILE FA 195 -47.92 -19.17 -69.90
N SER FA 196 -47.19 -18.87 -68.81
CA SER FA 196 -45.76 -19.08 -68.84
C SER FA 196 -45.23 -19.11 -67.42
N PHE FA 197 -44.82 -20.30 -66.96
CA PHE FA 197 -44.34 -20.40 -65.59
C PHE FA 197 -43.39 -21.57 -65.45
N THR FA 198 -42.55 -21.49 -64.41
CA THR FA 198 -41.70 -22.62 -64.11
C THR FA 198 -42.03 -23.08 -62.71
N THR FA 199 -42.28 -24.38 -62.53
CA THR FA 199 -42.80 -24.84 -61.26
C THR FA 199 -41.69 -24.63 -60.24
N PRO FA 200 -41.99 -24.40 -58.96
CA PRO FA 200 -40.99 -24.19 -57.92
C PRO FA 200 -39.90 -25.25 -57.80
N ALA FA 201 -38.85 -24.90 -57.08
CA ALA FA 201 -37.75 -25.82 -56.85
C ALA FA 201 -38.14 -26.88 -55.84
N THR FA 202 -39.08 -26.59 -54.93
CA THR FA 202 -39.40 -27.50 -53.85
C THR FA 202 -40.89 -27.43 -53.55
N TYR FA 203 -41.53 -28.59 -53.41
CA TYR FA 203 -42.91 -28.62 -53.03
C TYR FA 203 -42.94 -29.07 -51.57
N LEU FA 204 -43.70 -28.40 -50.70
CA LEU FA 204 -43.76 -28.75 -49.28
C LEU FA 204 -45.15 -29.30 -48.91
N ASP FA 205 -45.20 -30.33 -48.04
CA ASP FA 205 -46.45 -31.02 -47.71
C ASP FA 205 -47.40 -30.16 -46.89
N THR FA 206 -46.89 -29.05 -46.35
CA THR FA 206 -47.71 -28.14 -45.56
C THR FA 206 -48.45 -27.14 -46.45
N GLN FA 207 -48.15 -27.12 -47.76
CA GLN FA 207 -48.66 -26.10 -48.64
C GLN FA 207 -49.13 -26.72 -49.95
N HIS FA 208 -50.28 -27.42 -49.94
CA HIS FA 208 -50.67 -28.15 -51.12
C HIS FA 208 -51.19 -27.27 -52.25
N ILE FA 209 -51.58 -26.02 -51.99
CA ILE FA 209 -51.97 -25.15 -53.09
C ILE FA 209 -50.89 -24.10 -53.33
N ILE FA 210 -50.42 -23.99 -54.59
CA ILE FA 210 -49.26 -23.23 -54.97
C ILE FA 210 -49.66 -22.15 -55.96
N GLU FA 211 -49.03 -20.97 -55.85
CA GLU FA 211 -49.33 -19.88 -56.76
C GLU FA 211 -48.22 -19.88 -57.81
N LEU FA 212 -48.58 -20.07 -59.08
CA LEU FA 212 -47.58 -20.39 -60.08
C LEU FA 212 -47.23 -19.18 -60.94
N GLN FA 213 -48.21 -18.32 -61.21
CA GLN FA 213 -48.00 -17.10 -62.00
C GLN FA 213 -48.92 -16.01 -61.40
N ALA GA 1 -76.44 14.78 -130.88
CA ALA GA 1 -76.56 13.33 -130.48
C ALA GA 1 -75.62 13.02 -129.32
N ILE GA 2 -74.35 13.43 -129.46
CA ILE GA 2 -73.29 13.13 -128.51
C ILE GA 2 -73.60 13.78 -127.15
N GLY GA 3 -74.09 15.01 -127.20
CA GLY GA 3 -74.33 15.82 -126.01
C GLY GA 3 -75.15 15.06 -124.97
N ILE GA 4 -76.25 14.45 -125.43
CA ILE GA 4 -77.24 13.79 -124.62
C ILE GA 4 -76.56 12.81 -123.67
N GLY GA 5 -75.77 11.92 -124.25
CA GLY GA 5 -75.15 10.87 -123.44
C GLY GA 5 -74.22 11.43 -122.37
N THR GA 6 -73.51 12.52 -122.68
CA THR GA 6 -72.49 13.07 -121.79
C THR GA 6 -73.16 13.41 -120.46
N LEU GA 7 -74.36 13.99 -120.56
CA LEU GA 7 -75.11 14.44 -119.40
C LEU GA 7 -75.42 13.21 -118.55
N ILE GA 8 -75.94 12.16 -119.18
CA ILE GA 8 -76.41 10.99 -118.46
C ILE GA 8 -75.26 10.39 -117.69
N ILE GA 9 -74.12 10.14 -118.32
CA ILE GA 9 -73.10 9.44 -117.56
C ILE GA 9 -72.54 10.34 -116.46
N PHE GA 10 -72.60 11.66 -116.65
CA PHE GA 10 -72.14 12.60 -115.63
C PHE GA 10 -72.91 12.31 -114.35
N ILE GA 11 -74.23 12.13 -114.45
CA ILE GA 11 -75.08 11.85 -113.30
C ILE GA 11 -74.54 10.64 -112.54
N ALA GA 12 -74.14 9.61 -113.27
CA ALA GA 12 -73.67 8.41 -112.61
C ALA GA 12 -72.39 8.71 -111.83
N MET GA 13 -71.46 9.46 -112.43
CA MET GA 13 -70.19 9.76 -111.79
C MET GA 13 -70.45 10.36 -110.40
N VAL GA 14 -71.43 11.26 -110.32
CA VAL GA 14 -71.78 12.02 -109.13
C VAL GA 14 -72.21 11.03 -108.06
N LEU GA 15 -73.17 10.19 -108.42
CA LEU GA 15 -73.79 9.29 -107.48
C LEU GA 15 -72.74 8.32 -106.96
N VAL GA 16 -71.84 7.83 -107.82
CA VAL GA 16 -70.88 6.82 -107.41
C VAL GA 16 -69.88 7.43 -106.43
N ALA GA 17 -69.45 8.67 -106.66
CA ALA GA 17 -68.56 9.35 -105.74
C ALA GA 17 -69.26 9.57 -104.40
N ALA GA 18 -70.56 9.88 -104.47
CA ALA GA 18 -71.36 10.12 -103.28
C ALA GA 18 -71.38 8.85 -102.42
N VAL GA 19 -71.67 7.72 -103.06
CA VAL GA 19 -71.78 6.43 -102.37
C VAL GA 19 -70.44 6.12 -101.71
N ALA GA 20 -69.34 6.38 -102.38
CA ALA GA 20 -68.04 6.06 -101.82
C ALA GA 20 -67.75 6.98 -100.62
N ALA GA 21 -68.16 8.24 -100.73
CA ALA GA 21 -67.91 9.16 -99.64
C ALA GA 21 -68.64 8.67 -98.39
N ALA GA 22 -69.88 8.20 -98.58
CA ALA GA 22 -70.71 7.73 -97.50
C ALA GA 22 -69.95 6.68 -96.69
N VAL GA 23 -69.28 5.75 -97.36
CA VAL GA 23 -68.52 4.71 -96.70
C VAL GA 23 -67.50 5.35 -95.77
N LEU GA 24 -66.76 6.33 -96.28
CA LEU GA 24 -65.62 6.85 -95.56
C LEU GA 24 -66.13 7.59 -94.33
N ILE GA 25 -67.19 8.40 -94.51
CA ILE GA 25 -67.79 9.22 -93.46
C ILE GA 25 -68.28 8.32 -92.36
N ASN GA 26 -69.15 7.35 -92.74
CA ASN GA 26 -69.77 6.40 -91.84
C ASN GA 26 -68.70 5.67 -91.01
N THR GA 27 -67.72 5.11 -91.72
CA THR GA 27 -66.70 4.28 -91.11
C THR GA 27 -65.97 5.10 -90.05
N SER GA 28 -65.71 6.38 -90.36
CA SER GA 28 -64.98 7.24 -89.46
C SER GA 28 -65.79 7.37 -88.17
N GLY GA 29 -67.11 7.55 -88.35
CA GLY GA 29 -68.06 7.57 -87.25
C GLY GA 29 -67.97 6.31 -86.39
N PHE GA 30 -68.01 5.14 -87.03
CA PHE GA 30 -67.99 3.86 -86.34
C PHE GA 30 -66.74 3.72 -85.49
N LEU GA 31 -65.62 4.25 -85.97
CA LEU GA 31 -64.36 4.11 -85.28
C LEU GA 31 -64.27 5.11 -84.15
N GLN GA 32 -64.91 6.27 -84.30
CA GLN GA 32 -64.75 7.35 -83.34
C GLN GA 32 -65.09 6.84 -81.95
N GLN GA 33 -66.21 6.11 -81.87
CA GLN GA 33 -66.75 5.55 -80.64
C GLN GA 33 -65.67 4.74 -79.93
N LYS GA 34 -65.19 3.69 -80.60
CA LYS GA 34 -64.32 2.70 -80.01
C LYS GA 34 -62.98 3.32 -79.65
N ALA GA 35 -62.54 4.27 -80.47
CA ALA GA 35 -61.24 4.89 -80.25
C ALA GA 35 -61.29 5.54 -78.86
N MET GA 36 -62.30 6.37 -78.63
CA MET GA 36 -62.37 7.08 -77.37
C MET GA 36 -62.47 6.08 -76.22
N ALA GA 37 -63.41 5.15 -76.35
CA ALA GA 37 -63.75 4.19 -75.30
C ALA GA 37 -62.47 3.52 -74.81
N THR GA 38 -61.61 3.11 -75.73
CA THR GA 38 -60.44 2.30 -75.42
C THR GA 38 -59.52 3.12 -74.52
N GLY GA 39 -59.35 4.39 -74.85
CA GLY GA 39 -58.41 5.24 -74.14
C GLY GA 39 -58.86 5.46 -72.70
N LYS GA 40 -60.14 5.82 -72.54
CA LYS GA 40 -60.68 6.12 -71.24
C LYS GA 40 -60.56 4.89 -70.36
N GLU GA 41 -61.06 3.76 -70.84
CA GLU GA 41 -61.04 2.50 -70.11
C GLU GA 41 -59.61 2.15 -69.67
N SER GA 42 -58.67 2.30 -70.58
CA SER GA 42 -57.32 1.84 -70.30
C SER GA 42 -56.69 2.71 -69.20
N THR GA 43 -57.03 3.99 -69.19
CA THR GA 43 -56.46 4.90 -68.23
C THR GA 43 -57.00 4.56 -66.85
N GLU GA 44 -58.32 4.38 -66.76
CA GLU GA 44 -58.96 4.10 -65.49
C GLU GA 44 -58.37 2.84 -64.86
N GLN GA 45 -58.01 1.87 -65.71
CA GLN GA 45 -57.41 0.61 -65.28
C GLN GA 45 -56.05 0.86 -64.65
N VAL GA 46 -55.20 1.65 -65.31
CA VAL GA 46 -53.83 1.72 -64.82
C VAL GA 46 -53.76 2.58 -63.56
N ALA GA 47 -54.70 3.52 -63.41
CA ALA GA 47 -54.64 4.53 -62.37
C ALA GA 47 -55.25 4.04 -61.06
N SER GA 48 -56.24 3.16 -61.14
CA SER GA 48 -57.02 2.80 -59.97
C SER GA 48 -56.48 1.56 -59.26
N GLY GA 49 -56.84 1.41 -57.98
CA GLY GA 49 -56.33 0.32 -57.16
C GLY GA 49 -56.68 0.51 -55.68
N LEU GA 50 -56.34 -0.48 -54.85
CA LEU GA 50 -56.51 -0.42 -53.42
C LEU GA 50 -55.23 -0.89 -52.76
N LEU GA 51 -55.04 -0.50 -51.48
CA LEU GA 51 -53.79 -0.72 -50.79
C LEU GA 51 -54.06 -1.11 -49.36
N CYS GA 52 -53.38 -2.18 -48.92
CA CYS GA 52 -53.55 -2.80 -47.60
C CYS GA 52 -52.76 -2.02 -46.59
N SER GA 53 -53.38 -1.81 -45.44
CA SER GA 53 -52.86 -0.83 -44.51
C SER GA 53 -52.40 -1.56 -43.27
N GLY GA 54 -53.06 -2.68 -42.98
CA GLY GA 54 -52.82 -3.40 -41.74
C GLY GA 54 -53.73 -4.61 -41.68
N VAL GA 55 -53.32 -5.65 -40.93
CA VAL GA 55 -54.22 -6.74 -40.60
C VAL GA 55 -54.10 -7.02 -39.13
N THR GA 56 -55.24 -7.33 -38.46
CA THR GA 56 -55.22 -7.73 -37.06
C THR GA 56 -56.17 -8.89 -36.79
N GLY GA 57 -55.99 -9.61 -35.65
CA GLY GA 57 -56.69 -10.88 -35.51
C GLY GA 57 -56.91 -11.33 -34.07
N HIS GA 58 -57.89 -12.23 -33.81
CA HIS GA 58 -58.31 -12.57 -32.45
C HIS GA 58 -58.02 -14.03 -32.16
N TYR GA 59 -57.35 -14.32 -31.04
CA TYR GA 59 -56.90 -15.67 -30.71
C TYR GA 59 -57.79 -16.25 -29.62
N VAL GA 60 -58.41 -17.40 -29.86
CA VAL GA 60 -59.15 -18.11 -28.83
C VAL GA 60 -58.23 -19.13 -28.19
N LYS GA 61 -58.21 -19.20 -26.85
CA LYS GA 61 -57.19 -19.98 -26.16
C LYS GA 61 -57.26 -21.44 -26.58
N ASN GA 62 -56.09 -22.02 -26.81
CA ASN GA 62 -55.93 -23.42 -27.11
C ASN GA 62 -56.58 -23.77 -28.44
N LYS GA 63 -56.96 -22.77 -29.25
CA LYS GA 63 -57.61 -23.04 -30.53
C LYS GA 63 -56.86 -22.43 -31.72
N GLY GA 64 -56.57 -21.13 -31.69
CA GLY GA 64 -55.94 -20.45 -32.83
C GLY GA 64 -56.70 -19.21 -33.26
N ILE GA 65 -56.33 -18.62 -34.41
CA ILE GA 65 -56.90 -17.35 -34.79
C ILE GA 65 -58.26 -17.60 -35.39
N ASP GA 66 -59.26 -16.89 -34.89
CA ASP GA 66 -60.65 -17.22 -35.14
C ASP GA 66 -61.21 -16.30 -36.21
N ARG GA 67 -60.83 -15.02 -36.16
CA ARG GA 67 -61.32 -13.94 -37.03
C ARG GA 67 -60.17 -12.95 -37.35
N ILE GA 68 -60.28 -12.22 -38.48
CA ILE GA 68 -59.30 -11.24 -38.91
C ILE GA 68 -59.96 -10.00 -39.48
N VAL GA 69 -59.32 -8.80 -39.30
CA VAL GA 69 -59.82 -7.54 -39.84
C VAL GA 69 -58.75 -6.86 -40.66
N ILE GA 70 -59.07 -6.57 -41.93
CA ILE GA 70 -58.10 -6.13 -42.91
C ILE GA 70 -58.43 -4.69 -43.22
N TYR GA 71 -57.48 -3.78 -43.10
CA TYR GA 71 -57.76 -2.36 -43.29
C TYR GA 71 -57.34 -2.00 -44.70
N ILE GA 72 -58.20 -1.28 -45.42
CA ILE GA 72 -58.00 -1.05 -46.85
C ILE GA 72 -58.29 0.39 -47.20
N THR GA 73 -57.55 0.93 -48.18
CA THR GA 73 -57.56 2.35 -48.55
C THR GA 73 -57.27 2.46 -50.04
N PRO GA 74 -57.70 3.51 -50.75
CA PRO GA 74 -57.45 3.60 -52.17
C PRO GA 74 -56.11 4.24 -52.46
N ASN GA 75 -55.51 3.96 -53.63
CA ASN GA 75 -54.20 4.53 -53.94
C ASN GA 75 -54.36 5.98 -54.39
N ALA GA 76 -53.30 6.78 -54.29
CA ALA GA 76 -53.39 8.17 -54.75
C ALA GA 76 -53.94 8.23 -56.17
N GLY GA 77 -54.95 9.07 -56.39
CA GLY GA 77 -55.38 9.37 -57.74
C GLY GA 77 -56.36 8.35 -58.32
N SER GA 78 -56.61 7.27 -57.58
CA SER GA 78 -57.51 6.23 -58.05
C SER GA 78 -58.94 6.72 -58.19
N ALA GA 79 -59.64 6.20 -59.18
CA ALA GA 79 -61.01 6.59 -59.40
C ALA GA 79 -61.79 5.78 -58.38
N PRO GA 80 -63.07 6.10 -58.09
CA PRO GA 80 -63.76 5.45 -56.99
C PRO GA 80 -64.03 3.97 -57.23
N ILE GA 81 -63.89 3.14 -56.19
CA ILE GA 81 -63.99 1.70 -56.31
C ILE GA 81 -65.26 1.20 -55.62
N ASP GA 82 -66.01 0.39 -56.37
CA ASP GA 82 -67.36 -0.03 -56.05
C ASP GA 82 -67.22 -1.28 -55.22
N LEU GA 83 -67.13 -1.09 -53.92
CA LEU GA 83 -66.58 -2.15 -53.08
C LEU GA 83 -67.43 -3.39 -53.19
N LYS GA 84 -68.71 -3.25 -53.54
CA LYS GA 84 -69.66 -4.35 -53.38
C LYS GA 84 -69.53 -5.31 -54.51
N GLN GA 85 -68.70 -5.00 -55.48
CA GLN GA 85 -68.46 -5.95 -56.55
C GLN GA 85 -67.10 -6.61 -56.40
N CYS GA 86 -66.29 -6.25 -55.40
CA CYS GA 86 -64.91 -6.76 -55.32
C CYS GA 86 -64.91 -8.11 -54.65
N LYS GA 87 -64.01 -9.03 -55.03
CA LYS GA 87 -63.95 -10.37 -54.46
C LYS GA 87 -62.60 -10.58 -53.79
N LEU GA 88 -62.55 -11.32 -52.68
CA LEU GA 88 -61.34 -11.48 -51.89
C LEU GA 88 -60.96 -12.94 -51.93
N PHE GA 89 -59.75 -13.23 -52.44
CA PHE GA 89 -59.25 -14.58 -52.59
C PHE GA 89 -58.17 -14.80 -51.53
N LEU GA 90 -58.26 -15.93 -50.82
CA LEU GA 90 -57.32 -16.23 -49.78
C LEU GA 90 -56.88 -17.68 -49.93
N MET GA 91 -55.58 -17.94 -49.70
CA MET GA 91 -54.97 -19.25 -49.76
C MET GA 91 -54.35 -19.57 -48.40
N TYR GA 92 -54.40 -20.86 -48.04
CA TYR GA 92 -53.86 -21.35 -46.78
C TYR GA 92 -53.53 -22.84 -46.97
N ASP GA 93 -53.51 -23.63 -45.92
CA ASP GA 93 -52.79 -24.89 -45.98
C ASP GA 93 -53.50 -25.91 -46.83
N GLY GA 94 -54.75 -25.68 -47.17
CA GLY GA 94 -55.38 -26.71 -47.97
C GLY GA 94 -56.58 -26.25 -48.80
N LYS GA 95 -56.82 -24.95 -48.83
CA LYS GA 95 -58.05 -24.40 -49.31
C LYS GA 95 -57.71 -23.09 -50.00
N ALA GA 96 -58.47 -22.76 -51.05
CA ALA GA 96 -58.36 -21.48 -51.71
C ALA GA 96 -59.79 -20.99 -51.93
N VAL GA 97 -60.17 -19.93 -51.21
CA VAL GA 97 -61.54 -19.59 -51.00
C VAL GA 97 -61.77 -18.22 -51.59
N SER GA 98 -62.94 -17.99 -52.21
CA SER GA 98 -63.33 -16.67 -52.65
C SER GA 98 -64.50 -16.21 -51.78
N LEU GA 99 -64.49 -14.96 -51.28
CA LEU GA 99 -65.56 -14.41 -50.47
C LEU GA 99 -66.23 -13.18 -51.15
N ASN GA 100 -67.57 -13.01 -51.06
CA ASN GA 100 -68.27 -11.91 -51.72
C ASN GA 100 -68.91 -10.96 -50.72
N PHE GA 101 -69.04 -9.66 -51.03
CA PHE GA 101 -69.61 -8.65 -50.13
C PHE GA 101 -70.99 -9.05 -49.68
N SER GA 102 -71.34 -8.64 -48.46
CA SER GA 102 -72.67 -8.91 -47.92
C SER GA 102 -73.04 -7.76 -47.03
N LYS GA 103 -74.33 -7.45 -46.94
CA LYS GA 103 -74.73 -6.26 -46.20
C LYS GA 103 -74.57 -6.53 -44.70
N TYR GA 104 -74.10 -5.49 -43.98
CA TYR GA 104 -74.10 -5.36 -42.53
C TYR GA 104 -75.57 -5.41 -42.10
N ASP GA 105 -75.90 -5.41 -40.82
CA ASP GA 105 -77.31 -5.45 -40.45
C ASP GA 105 -78.07 -4.24 -40.99
N THR GA 106 -79.05 -4.50 -41.89
CA THR GA 106 -80.11 -3.58 -42.32
C THR GA 106 -79.57 -2.42 -43.16
N ASN GA 107 -78.25 -2.26 -43.23
CA ASN GA 107 -77.63 -1.08 -43.83
C ASN GA 107 -76.38 -1.52 -44.62
N THR GA 108 -75.94 -0.72 -45.60
CA THR GA 108 -75.00 -1.29 -46.54
C THR GA 108 -73.64 -1.53 -45.91
N VAL GA 109 -73.24 -0.68 -44.96
CA VAL GA 109 -71.89 -0.67 -44.39
C VAL GA 109 -72.07 -0.22 -42.95
N GLY GA 110 -71.41 -0.88 -42.00
CA GLY GA 110 -71.61 -0.56 -40.60
C GLY GA 110 -71.04 0.81 -40.23
N ASP GA 111 -71.88 1.77 -39.80
CA ASP GA 111 -71.42 3.14 -39.59
C ASP GA 111 -70.76 3.35 -38.24
N PHE GA 112 -69.45 3.25 -38.22
CA PHE GA 112 -68.69 3.55 -37.03
C PHE GA 112 -67.73 4.68 -37.35
N THR GA 113 -68.22 5.70 -38.05
CA THR GA 113 -67.45 6.89 -38.34
C THR GA 113 -67.04 7.59 -37.04
N ASN GA 114 -67.76 7.35 -35.95
CA ASN GA 114 -67.49 8.00 -34.68
C ASN GA 114 -66.98 7.02 -33.60
N GLY GA 115 -66.29 5.95 -33.98
CA GLY GA 115 -65.47 5.22 -33.01
C GLY GA 115 -66.11 3.92 -32.50
N ILE GA 116 -65.27 2.97 -32.05
CA ILE GA 116 -65.71 1.66 -31.61
C ILE GA 116 -64.99 1.34 -30.32
N LYS GA 117 -65.71 0.83 -29.33
CA LYS GA 117 -65.14 0.50 -28.04
C LYS GA 117 -64.15 -0.65 -28.21
N ASP GA 118 -64.52 -1.66 -29.01
CA ASP GA 118 -63.67 -2.81 -29.30
C ASP GA 118 -64.15 -3.49 -30.57
N ILE GA 119 -63.27 -3.61 -31.59
CA ILE GA 119 -63.65 -4.03 -32.93
C ILE GA 119 -64.05 -5.49 -32.90
N PHE GA 120 -63.72 -6.21 -31.82
CA PHE GA 120 -64.03 -7.63 -31.80
C PHE GA 120 -65.15 -7.99 -30.83
N ASN GA 121 -65.67 -7.04 -30.04
CA ASN GA 121 -66.75 -7.36 -29.12
C ASN GA 121 -68.01 -7.59 -29.93
N THR GA 122 -68.64 -8.76 -29.73
CA THR GA 122 -69.71 -9.26 -30.60
C THR GA 122 -70.94 -8.37 -30.58
N THR GA 123 -71.35 -7.90 -29.38
CA THR GA 123 -72.61 -7.19 -29.25
C THR GA 123 -72.53 -5.80 -29.85
N VAL GA 124 -71.35 -5.17 -29.80
CA VAL GA 124 -71.16 -3.86 -30.37
C VAL GA 124 -71.12 -3.98 -31.88
N VAL GA 125 -70.41 -4.98 -32.42
CA VAL GA 125 -69.93 -4.89 -33.80
C VAL GA 125 -70.82 -5.64 -34.79
N LYS GA 126 -71.52 -6.68 -34.35
CA LYS GA 126 -72.36 -7.42 -35.30
C LYS GA 126 -71.56 -8.17 -36.36
N TRP GA 127 -70.85 -9.22 -35.91
CA TRP GA 127 -70.06 -10.10 -36.76
C TRP GA 127 -70.94 -11.11 -37.48
N ASN GA 128 -72.23 -11.23 -37.15
CA ASN GA 128 -72.99 -12.43 -37.48
C ASN GA 128 -73.12 -12.73 -38.97
N ASN GA 129 -73.11 -11.71 -39.86
CA ASN GA 129 -73.27 -11.95 -41.28
C ASN GA 129 -71.95 -12.35 -41.94
N ALA GA 130 -70.87 -12.56 -41.18
CA ALA GA 130 -69.65 -13.06 -41.79
C ALA GA 130 -69.73 -14.59 -41.91
N ASP GA 131 -70.46 -15.07 -42.94
CA ASP GA 131 -70.70 -16.48 -43.21
C ASP GA 131 -69.44 -17.06 -43.81
N ALA GA 132 -69.48 -18.34 -44.18
CA ALA GA 132 -68.24 -19.00 -44.58
C ALA GA 132 -67.91 -18.56 -45.99
N THR GA 133 -68.81 -17.84 -46.64
CA THR GA 133 -68.59 -17.42 -48.02
C THR GA 133 -68.72 -15.91 -48.25
N SER GA 134 -68.75 -15.06 -47.20
CA SER GA 134 -68.80 -13.62 -47.43
C SER GA 134 -68.02 -12.78 -46.43
N PHE GA 135 -67.81 -11.49 -46.77
CA PHE GA 135 -67.30 -10.52 -45.82
C PHE GA 135 -68.25 -9.36 -45.61
N VAL GA 136 -67.98 -8.55 -44.55
CA VAL GA 136 -68.74 -7.33 -44.32
C VAL GA 136 -67.77 -6.19 -44.10
N VAL GA 137 -68.21 -4.94 -44.28
CA VAL GA 137 -67.36 -3.77 -44.30
C VAL GA 137 -67.82 -2.81 -43.22
N VAL GA 138 -66.87 -2.24 -42.47
CA VAL GA 138 -67.12 -1.32 -41.38
C VAL GA 138 -66.42 -0.04 -41.76
N ALA GA 139 -67.13 1.10 -41.73
CA ALA GA 139 -66.61 2.34 -42.27
C ALA GA 139 -65.97 3.13 -41.13
N LEU GA 140 -64.68 3.42 -41.29
CA LEU GA 140 -63.92 4.03 -40.22
C LEU GA 140 -63.66 5.51 -40.49
N GLN GA 141 -63.41 5.94 -41.73
CA GLN GA 141 -63.33 7.37 -42.02
C GLN GA 141 -63.85 7.64 -43.42
N ASP GA 142 -64.79 8.60 -43.55
CA ASP GA 142 -65.47 8.92 -44.81
C ASP GA 142 -66.21 10.23 -44.64
N ASP GA 143 -65.65 11.31 -45.21
CA ASP GA 143 -66.16 12.66 -45.07
C ASP GA 143 -67.44 12.82 -45.88
N ASP GA 144 -67.38 12.36 -47.12
CA ASP GA 144 -68.37 12.60 -48.15
C ASP GA 144 -69.54 11.61 -48.12
N LYS GA 145 -69.61 10.74 -47.12
CA LYS GA 145 -70.66 9.74 -47.00
C LYS GA 145 -70.73 8.73 -48.17
N SER GA 146 -69.62 8.49 -48.89
CA SER GA 146 -69.68 7.54 -49.98
C SER GA 146 -69.74 6.10 -49.51
N LEU GA 147 -68.97 5.76 -48.49
CA LEU GA 147 -69.02 4.40 -48.00
C LEU GA 147 -70.44 4.16 -47.52
N LEU GA 148 -71.02 5.16 -46.83
CA LEU GA 148 -72.20 4.95 -46.02
C LEU GA 148 -73.43 4.74 -46.90
N THR GA 149 -73.27 4.92 -48.21
CA THR GA 149 -74.40 5.03 -49.09
C THR GA 149 -73.99 4.40 -50.43
N ASN GA 150 -74.33 3.12 -50.62
CA ASN GA 150 -73.96 2.44 -51.86
C ASN GA 150 -72.48 2.06 -51.96
N ALA GA 151 -71.73 2.15 -50.86
CA ALA GA 151 -70.49 1.43 -50.64
C ALA GA 151 -69.38 1.75 -51.64
N VAL GA 152 -69.14 3.05 -51.90
CA VAL GA 152 -68.08 3.38 -52.83
C VAL GA 152 -66.92 4.04 -52.08
N ILE GA 153 -65.71 3.45 -52.21
CA ILE GA 153 -64.52 4.04 -51.63
C ILE GA 153 -64.06 5.14 -52.57
N ASN GA 154 -63.75 6.34 -52.01
CA ASN GA 154 -63.06 7.39 -52.75
C ASN GA 154 -61.96 7.99 -51.91
N LYS GA 155 -61.32 9.08 -52.40
CA LYS GA 155 -60.03 9.54 -51.86
C LYS GA 155 -60.12 9.81 -50.38
N GLY GA 156 -59.22 9.24 -49.59
CA GLY GA 156 -59.16 9.62 -48.19
C GLY GA 156 -60.01 8.73 -47.29
N ASP GA 157 -60.81 7.83 -47.88
CA ASP GA 157 -61.60 6.92 -47.06
C ASP GA 157 -60.70 5.83 -46.47
N LEU GA 158 -61.08 5.26 -45.30
CA LEU GA 158 -60.40 4.07 -44.73
C LEU GA 158 -61.49 3.15 -44.21
N ALA GA 159 -61.40 1.85 -44.52
CA ALA GA 159 -62.50 0.95 -44.24
C ALA GA 159 -61.94 -0.39 -43.87
N GLY GA 160 -62.74 -1.17 -43.16
CA GLY GA 160 -62.16 -2.37 -42.61
C GLY GA 160 -63.02 -3.55 -43.02
N VAL GA 161 -62.38 -4.60 -43.50
CA VAL GA 161 -63.09 -5.75 -44.00
C VAL GA 161 -63.02 -6.80 -42.92
N LEU GA 162 -64.15 -7.39 -42.53
CA LEU GA 162 -64.14 -8.41 -41.52
C LEU GA 162 -64.25 -9.80 -42.15
N VAL GA 163 -63.34 -10.77 -41.81
CA VAL GA 163 -63.47 -12.14 -42.29
C VAL GA 163 -63.43 -13.19 -41.20
N ASN GA 164 -64.40 -14.13 -41.16
CA ASN GA 164 -64.55 -15.15 -40.11
C ASN GA 164 -63.73 -16.34 -40.58
N VAL GA 165 -62.42 -16.23 -40.32
CA VAL GA 165 -61.50 -17.09 -41.02
C VAL GA 165 -61.77 -18.51 -40.62
N SER GA 166 -62.15 -18.72 -39.38
CA SER GA 166 -62.23 -20.10 -38.89
C SER GA 166 -63.37 -20.82 -39.58
N ALA GA 167 -64.32 -20.03 -40.07
CA ALA GA 167 -65.47 -20.58 -40.77
C ALA GA 167 -65.16 -20.70 -42.26
N ALA GA 168 -64.36 -19.77 -42.78
CA ALA GA 168 -63.99 -19.76 -44.18
C ALA GA 168 -63.08 -20.93 -44.52
N PHE GA 169 -62.02 -21.13 -43.74
CA PHE GA 169 -61.10 -22.21 -44.03
C PHE GA 169 -61.54 -23.47 -43.31
N GLY GA 170 -62.55 -23.37 -42.46
CA GLY GA 170 -63.05 -24.56 -41.79
C GLY GA 170 -62.23 -24.98 -40.57
N LYS GA 171 -61.08 -24.33 -40.32
CA LYS GA 171 -60.37 -24.52 -39.05
C LYS GA 171 -59.65 -23.24 -38.61
N HIS GA 172 -59.25 -23.18 -37.34
CA HIS GA 172 -58.51 -22.02 -36.86
C HIS GA 172 -57.07 -22.04 -37.40
N VAL GA 173 -56.50 -20.89 -37.83
CA VAL GA 173 -55.12 -20.96 -38.34
C VAL GA 173 -54.15 -21.01 -37.18
N GLY GA 174 -53.16 -21.89 -37.28
CA GLY GA 174 -52.25 -22.19 -36.19
C GLY GA 174 -51.03 -21.28 -36.22
N THR GA 175 -50.04 -21.62 -35.42
CA THR GA 175 -48.82 -20.84 -35.36
C THR GA 175 -47.93 -21.25 -36.52
N ARG GA 176 -47.01 -20.37 -36.94
CA ARG GA 176 -46.02 -20.65 -37.97
C ARG GA 176 -46.64 -20.99 -39.32
N GLU GA 177 -47.85 -20.48 -39.63
CA GLU GA 177 -48.50 -20.79 -40.89
C GLU GA 177 -48.63 -19.51 -41.73
N ARG GA 178 -48.52 -19.59 -43.07
CA ARG GA 178 -48.77 -18.40 -43.87
C ARG GA 178 -50.13 -18.38 -44.52
N VAL GA 179 -50.63 -17.15 -44.76
CA VAL GA 179 -51.86 -16.93 -45.48
C VAL GA 179 -51.65 -15.80 -46.47
N SER GA 180 -52.07 -16.01 -47.72
CA SER GA 180 -51.84 -14.96 -48.69
C SER GA 180 -53.02 -14.85 -49.62
N GLY GA 181 -53.21 -13.63 -50.16
CA GLY GA 181 -54.33 -13.43 -51.05
C GLY GA 181 -54.29 -12.07 -51.70
N TYR GA 182 -55.43 -11.73 -52.29
CA TYR GA 182 -55.62 -10.48 -52.97
C TYR GA 182 -57.08 -10.09 -52.87
N LEU GA 183 -57.35 -8.79 -52.70
CA LEU GA 183 -58.70 -8.26 -52.84
C LEU GA 183 -58.75 -7.60 -54.19
N GLN GA 184 -59.55 -8.14 -55.09
CA GLN GA 184 -59.43 -7.82 -56.51
C GLN GA 184 -60.63 -6.98 -56.86
N PRO GA 185 -60.48 -5.69 -57.21
CA PRO GA 185 -61.62 -4.91 -57.63
C PRO GA 185 -62.01 -5.19 -59.05
N GLU GA 186 -63.16 -4.65 -59.43
CA GLU GA 186 -63.77 -4.83 -60.73
C GLU GA 186 -62.89 -4.30 -61.81
N PHE GA 187 -62.24 -3.16 -61.54
CA PHE GA 187 -61.17 -2.69 -62.39
C PHE GA 187 -60.06 -2.11 -61.53
N GLY GA 188 -58.81 -2.27 -61.95
CA GLY GA 188 -57.70 -1.69 -61.22
C GLY GA 188 -56.92 -2.73 -60.41
N ALA GA 189 -55.87 -2.27 -59.74
CA ALA GA 189 -54.86 -3.16 -59.22
C ALA GA 189 -55.32 -3.75 -57.90
N PRO GA 190 -54.98 -5.01 -57.59
CA PRO GA 190 -55.50 -5.65 -56.39
C PRO GA 190 -54.64 -5.37 -55.17
N ALA GA 191 -55.27 -5.38 -54.01
CA ALA GA 191 -54.53 -5.17 -52.78
C ALA GA 191 -53.98 -6.51 -52.36
N VAL GA 192 -52.64 -6.65 -52.24
CA VAL GA 192 -52.00 -7.90 -51.82
C VAL GA 192 -52.10 -8.06 -50.32
N ILE GA 193 -52.39 -9.27 -49.84
CA ILE GA 193 -52.35 -9.59 -48.43
C ILE GA 193 -51.37 -10.74 -48.25
N GLU GA 194 -50.54 -10.68 -47.22
CA GLU GA 194 -49.54 -11.71 -47.00
C GLU GA 194 -49.06 -11.58 -45.57
N PHE GA 195 -49.22 -12.65 -44.78
CA PHE GA 195 -48.57 -12.71 -43.49
C PHE GA 195 -48.39 -14.13 -42.98
N THR GA 196 -47.40 -14.26 -42.09
CA THR GA 196 -47.13 -15.52 -41.45
C THR GA 196 -47.46 -15.35 -39.98
N THR GA 197 -48.29 -16.25 -39.42
CA THR GA 197 -48.74 -16.09 -38.06
C THR GA 197 -47.52 -16.33 -37.23
N PRO GA 198 -47.32 -15.63 -36.10
CA PRO GA 198 -46.10 -15.79 -35.31
C PRO GA 198 -45.97 -17.16 -34.69
N ALA GA 199 -44.81 -17.36 -34.08
CA ALA GA 199 -44.44 -18.63 -33.47
C ALA GA 199 -45.18 -18.88 -32.16
N ALA GA 200 -45.57 -17.83 -31.46
CA ALA GA 200 -46.11 -18.00 -30.12
C ALA GA 200 -47.26 -17.02 -29.92
N PHE GA 201 -48.46 -17.57 -29.91
CA PHE GA 201 -49.58 -16.72 -29.60
C PHE GA 201 -49.47 -16.45 -28.10
N THR GA 202 -49.59 -15.18 -27.68
CA THR GA 202 -49.47 -14.85 -26.25
C THR GA 202 -50.37 -13.72 -25.75
N SER GA 203 -51.27 -13.19 -26.59
CA SER GA 203 -52.22 -12.15 -26.22
C SER GA 203 -53.44 -12.29 -27.11
N ASP GA 204 -54.55 -11.68 -26.76
CA ASP GA 204 -55.78 -11.97 -27.49
C ASP GA 204 -55.78 -11.29 -28.84
N VAL GA 205 -55.30 -10.03 -28.96
CA VAL GA 205 -55.37 -9.39 -30.26
C VAL GA 205 -53.97 -9.16 -30.81
N ILE GA 206 -53.67 -9.71 -32.00
CA ILE GA 206 -52.31 -9.81 -32.54
C ILE GA 206 -52.13 -9.04 -33.82
N GLU GA 207 -50.98 -8.40 -33.96
CA GLU GA 207 -50.80 -7.38 -34.98
C GLU GA 207 -50.10 -7.98 -36.20
N LEU GA 208 -50.85 -8.75 -36.99
CA LEU GA 208 -50.28 -9.54 -38.04
C LEU GA 208 -49.59 -8.67 -39.09
N GLN GA 209 -50.14 -7.49 -39.38
CA GLN GA 209 -49.54 -6.41 -40.15
C GLN GA 209 -48.84 -6.87 -41.44
N ALA HA 1 -67.60 14.03 -117.15
CA ALA HA 1 -66.17 14.41 -116.96
C ALA HA 1 -65.63 13.89 -115.63
N ILE HA 2 -64.37 13.44 -115.63
CA ILE HA 2 -63.75 12.79 -114.49
C ILE HA 2 -63.56 13.78 -113.33
N GLY HA 3 -63.41 15.06 -113.66
CA GLY HA 3 -63.05 16.07 -112.67
C GLY HA 3 -64.06 16.14 -111.54
N ILE HA 4 -65.33 15.96 -111.93
CA ILE HA 4 -66.45 16.16 -111.03
C ILE HA 4 -66.29 15.27 -109.80
N GLY HA 5 -66.04 13.99 -110.01
CA GLY HA 5 -65.89 13.08 -108.88
C GLY HA 5 -64.66 13.38 -108.03
N THR HA 6 -63.57 13.82 -108.68
CA THR HA 6 -62.29 14.03 -108.01
C THR HA 6 -62.50 15.09 -106.93
N LEU HA 7 -63.27 16.12 -107.28
CA LEU HA 7 -63.61 17.21 -106.37
C LEU HA 7 -64.37 16.62 -105.18
N ILE HA 8 -65.47 15.92 -105.47
CA ILE HA 8 -66.39 15.43 -104.45
C ILE HA 8 -65.67 14.53 -103.48
N ILE HA 9 -64.84 13.62 -103.95
CA ILE HA 9 -64.17 12.70 -103.04
C ILE HA 9 -63.14 13.41 -102.17
N PHE HA 10 -62.55 14.51 -102.67
CA PHE HA 10 -61.61 15.32 -101.90
C PHE HA 10 -62.30 15.87 -100.66
N ILE HA 11 -63.53 16.36 -100.85
CA ILE HA 11 -64.34 16.92 -99.78
C ILE HA 11 -64.46 15.90 -98.67
N ALA HA 12 -64.75 14.65 -99.04
CA ALA HA 12 -64.90 13.59 -98.08
C ALA HA 12 -63.57 13.35 -97.36
N MET HA 13 -62.48 13.29 -98.12
CA MET HA 13 -61.20 12.86 -97.60
C MET HA 13 -60.77 13.82 -96.48
N VAL HA 14 -60.96 15.13 -96.73
CA VAL HA 14 -60.63 16.20 -95.80
C VAL HA 14 -61.40 15.94 -94.51
N LEU HA 15 -62.72 15.76 -94.66
CA LEU HA 15 -63.62 15.67 -93.53
C LEU HA 15 -63.21 14.49 -92.65
N VAL HA 16 -62.87 13.35 -93.26
CA VAL HA 16 -62.53 12.17 -92.49
C VAL HA 16 -61.26 12.44 -91.72
N ALA HA 17 -60.27 13.05 -92.37
CA ALA HA 17 -59.00 13.32 -91.73
C ALA HA 17 -59.20 14.28 -90.56
N ALA HA 18 -60.21 15.14 -90.64
CA ALA HA 18 -60.50 16.07 -89.57
C ALA HA 18 -60.98 15.28 -88.37
N VAL HA 19 -61.96 14.39 -88.59
CA VAL HA 19 -62.55 13.59 -87.52
C VAL HA 19 -61.47 12.77 -86.84
N ALA HA 20 -60.58 12.19 -87.62
CA ALA HA 20 -59.51 11.38 -87.08
C ALA HA 20 -58.59 12.22 -86.19
N ALA HA 21 -58.26 13.42 -86.63
CA ALA HA 21 -57.42 14.31 -85.85
C ALA HA 21 -58.10 14.63 -84.54
N ALA HA 22 -59.41 14.90 -84.62
CA ALA HA 22 -60.15 15.38 -83.46
C ALA HA 22 -59.94 14.45 -82.28
N VAL HA 23 -60.12 13.13 -82.47
CA VAL HA 23 -60.10 12.15 -81.40
C VAL HA 23 -58.77 12.20 -80.64
N LEU HA 24 -57.69 12.55 -81.32
CA LEU HA 24 -56.39 12.58 -80.68
C LEU HA 24 -56.30 13.83 -79.81
N ILE HA 25 -56.82 14.96 -80.31
CA ILE HA 25 -56.79 16.23 -79.59
C ILE HA 25 -57.62 16.06 -78.32
N ASN HA 26 -58.86 15.56 -78.46
CA ASN HA 26 -59.76 15.26 -77.36
C ASN HA 26 -59.08 14.36 -76.32
N THR HA 27 -58.51 13.24 -76.77
CA THR HA 27 -57.97 12.23 -75.87
C THR HA 27 -56.78 12.82 -75.13
N SER HA 28 -56.05 13.72 -75.78
CA SER HA 28 -54.86 14.28 -75.16
C SER HA 28 -55.31 15.16 -74.00
N GLY HA 29 -56.44 15.87 -74.19
CA GLY HA 29 -57.09 16.64 -73.14
C GLY HA 29 -57.45 15.79 -71.92
N PHE HA 30 -58.16 14.68 -72.16
CA PHE HA 30 -58.58 13.77 -71.11
C PHE HA 30 -57.37 13.28 -70.30
N LEU HA 31 -56.34 12.88 -71.02
CA LEU HA 31 -55.17 12.33 -70.36
C LEU HA 31 -54.43 13.41 -69.58
N GLN HA 32 -54.51 14.67 -70.02
CA GLN HA 32 -53.69 15.72 -69.43
C GLN HA 32 -54.02 15.78 -67.93
N GLN HA 33 -55.31 15.99 -67.66
CA GLN HA 33 -55.77 16.19 -66.30
C GLN HA 33 -55.40 14.99 -65.44
N LYS HA 34 -55.70 13.79 -65.96
CA LYS HA 34 -55.55 12.56 -65.20
C LYS HA 34 -54.10 12.36 -64.78
N ALA HA 35 -53.19 12.71 -65.69
CA ALA HA 35 -51.77 12.55 -65.47
C ALA HA 35 -51.34 13.53 -64.39
N MET HA 36 -51.69 14.81 -64.57
CA MET HA 36 -51.17 15.88 -63.73
C MET HA 36 -51.56 15.61 -62.27
N ALA HA 37 -52.84 15.28 -62.07
CA ALA HA 37 -53.40 14.98 -60.76
C ALA HA 37 -52.66 13.81 -60.12
N THR HA 38 -52.35 12.78 -60.90
CA THR HA 38 -51.81 11.56 -60.35
C THR HA 38 -50.43 11.84 -59.75
N GLY HA 39 -49.68 12.71 -60.44
CA GLY HA 39 -48.35 13.11 -60.00
C GLY HA 39 -48.40 13.91 -58.70
N LYS HA 40 -49.24 14.96 -58.70
CA LYS HA 40 -49.37 15.84 -57.56
C LYS HA 40 -49.70 15.02 -56.33
N GLU HA 41 -50.76 14.23 -56.45
CA GLU HA 41 -51.33 13.50 -55.32
C GLU HA 41 -50.27 12.58 -54.74
N SER HA 42 -49.60 11.84 -55.62
CA SER HA 42 -48.63 10.86 -55.20
C SER HA 42 -47.51 11.54 -54.43
N THR HA 43 -47.21 12.80 -54.79
CA THR HA 43 -46.07 13.50 -54.23
C THR HA 43 -46.40 13.87 -52.79
N GLU HA 44 -47.59 14.43 -52.60
CA GLU HA 44 -48.06 14.89 -51.31
C GLU HA 44 -48.07 13.73 -50.32
N GLN HA 45 -48.48 12.55 -50.78
CA GLN HA 45 -48.56 11.34 -49.98
C GLN HA 45 -47.20 11.03 -49.38
N VAL HA 46 -46.15 10.99 -50.18
CA VAL HA 46 -44.85 10.56 -49.70
C VAL HA 46 -44.30 11.61 -48.74
N ALA HA 47 -44.56 12.88 -49.05
CA ALA HA 47 -43.90 14.01 -48.42
C ALA HA 47 -44.39 14.28 -47.01
N SER HA 48 -45.53 13.70 -46.62
CA SER HA 48 -46.24 14.18 -45.44
C SER HA 48 -46.40 13.11 -44.36
N GLY HA 49 -46.49 13.55 -43.10
CA GLY HA 49 -46.70 12.60 -42.01
C GLY HA 49 -46.64 13.27 -40.64
N LEU HA 50 -46.82 12.48 -39.58
CA LEU HA 50 -46.80 12.94 -38.22
C LEU HA 50 -45.77 12.13 -37.44
N GLN HA 51 -45.27 12.71 -36.33
CA GLN HA 51 -44.25 12.09 -35.51
C GLN HA 51 -44.65 12.26 -34.05
N VAL HA 52 -44.57 11.17 -33.25
CA VAL HA 52 -44.91 11.25 -31.84
C VAL HA 52 -43.72 11.72 -31.08
N ILE HA 53 -43.85 12.88 -30.40
CA ILE HA 53 -42.75 13.49 -29.70
C ILE HA 53 -42.59 12.72 -28.40
N ARG HA 54 -43.62 12.74 -27.54
CA ARG HA 54 -43.56 12.07 -26.24
C ARG HA 54 -44.96 11.57 -25.86
N VAL HA 55 -45.07 10.58 -24.97
CA VAL HA 55 -46.36 10.21 -24.43
C VAL HA 55 -46.29 10.29 -22.91
N LEU HA 56 -47.29 10.94 -22.27
CA LEU HA 56 -47.33 11.14 -20.84
C LEU HA 56 -48.62 10.57 -20.25
N GLY HA 57 -48.64 10.24 -18.94
CA GLY HA 57 -49.74 9.43 -18.41
C GLY HA 57 -50.01 9.56 -16.91
N ASN HA 58 -51.10 10.23 -16.58
CA ASN HA 58 -51.56 10.37 -15.21
C ASN HA 58 -51.88 9.01 -14.60
N HIS HA 59 -51.70 8.79 -13.27
CA HIS HA 59 -51.99 7.51 -12.62
C HIS HA 59 -52.71 7.63 -11.28
N SER HA 60 -53.72 6.77 -11.03
CA SER HA 60 -54.44 6.69 -9.76
C SER HA 60 -54.85 5.26 -9.54
N GLY HA 61 -54.88 4.81 -8.30
CA GLY HA 61 -55.37 3.46 -8.11
C GLY HA 61 -54.34 2.48 -8.63
N GLY HA 62 -54.72 1.62 -9.56
CA GLY HA 62 -53.75 0.64 -9.98
C GLY HA 62 -53.42 0.72 -11.46
N LYS HA 63 -53.70 1.88 -12.05
CA LYS HA 63 -53.81 1.92 -13.49
C LYS HA 63 -53.29 3.27 -13.97
N ILE HA 64 -53.03 3.35 -15.28
CA ILE HA 64 -52.89 4.65 -15.89
C ILE HA 64 -54.26 4.95 -16.50
N ASN HA 65 -54.84 6.11 -16.20
CA ASN HA 65 -56.19 6.35 -16.58
C ASN HA 65 -56.32 7.35 -17.75
N TRP HA 66 -55.45 8.33 -17.89
CA TRP HA 66 -55.48 9.24 -19.00
C TRP HA 66 -54.13 9.17 -19.73
N LEU HA 67 -54.11 9.32 -21.06
CA LEU HA 67 -52.87 9.46 -21.79
C LEU HA 67 -52.89 10.76 -22.60
N ALA HA 68 -51.72 11.38 -22.75
CA ALA HA 68 -51.62 12.57 -23.55
C ALA HA 68 -50.50 12.33 -24.52
N VAL HA 69 -50.84 12.22 -25.80
CA VAL HA 69 -49.92 11.84 -26.85
C VAL HA 69 -49.56 13.12 -27.61
N LEU HA 70 -48.31 13.58 -27.48
CA LEU HA 70 -47.89 14.82 -28.10
C LEU HA 70 -47.36 14.48 -29.49
N ILE HA 71 -47.79 15.27 -30.49
CA ILE HA 71 -47.55 14.91 -31.88
C ILE HA 71 -47.25 16.14 -32.69
N SER HA 72 -46.45 16.00 -33.77
CA SER HA 72 -46.06 17.17 -34.57
C SER HA 72 -45.80 16.72 -35.99
N PRO HA 73 -45.78 17.61 -36.98
CA PRO HA 73 -45.56 17.22 -38.36
C PRO HA 73 -44.14 16.77 -38.64
N ASN HA 74 -43.97 15.94 -39.69
CA ASN HA 74 -42.65 15.54 -40.16
C ASN HA 74 -42.08 16.70 -40.94
N ALA HA 75 -40.77 16.78 -41.07
CA ALA HA 75 -40.19 17.93 -41.78
C ALA HA 75 -40.67 17.92 -43.23
N GLY HA 76 -41.09 19.09 -43.71
CA GLY HA 76 -41.39 19.28 -45.13
C GLY HA 76 -42.77 18.72 -45.51
N SER HA 77 -43.63 18.56 -44.51
CA SER HA 77 -44.97 18.02 -44.72
C SER HA 77 -45.97 19.10 -45.08
N ALA HA 78 -47.02 18.70 -45.78
CA ALA HA 78 -48.08 19.64 -46.15
C ALA HA 78 -48.98 19.66 -44.93
N PRO HA 79 -49.88 20.63 -44.74
CA PRO HA 79 -50.63 20.73 -43.50
C PRO HA 79 -51.59 19.55 -43.28
N ILE HA 80 -51.62 19.00 -42.06
CA ILE HA 80 -52.43 17.85 -41.72
C ILE HA 80 -53.69 18.26 -40.93
N ASP HA 81 -54.89 17.87 -41.38
CA ASP HA 81 -56.16 18.30 -40.78
C ASP HA 81 -56.61 17.23 -39.82
N LEU HA 82 -56.43 17.52 -38.53
CA LEU HA 82 -56.54 16.44 -37.56
C LEU HA 82 -58.00 16.07 -37.41
N SER HA 83 -58.91 16.89 -37.93
CA SER HA 83 -60.31 16.58 -37.68
C SER HA 83 -60.69 15.35 -38.45
N GLN HA 84 -59.87 14.95 -39.41
CA GLN HA 84 -60.14 13.74 -40.16
C GLN HA 84 -59.12 12.65 -39.83
N ALA HA 85 -58.40 12.71 -38.71
CA ALA HA 85 -57.45 11.67 -38.36
C ALA HA 85 -58.20 10.51 -37.71
N THR HA 86 -57.53 9.37 -37.45
CA THR HA 86 -58.10 8.30 -36.65
C THR HA 86 -57.04 7.67 -35.75
N VAL HA 87 -57.33 7.37 -34.46
CA VAL HA 87 -56.31 6.76 -33.63
C VAL HA 87 -56.73 5.36 -33.23
N MET HA 88 -55.78 4.44 -33.17
CA MET HA 88 -56.08 3.05 -32.89
C MET HA 88 -55.09 2.63 -31.83
N ILE HA 89 -55.59 2.02 -30.76
CA ILE HA 89 -54.75 1.64 -29.64
C ILE HA 89 -55.16 0.24 -29.20
N THR HA 90 -54.19 -0.61 -28.81
CA THR HA 90 -54.56 -1.89 -28.21
C THR HA 90 -53.67 -2.26 -27.05
N ASP HA 91 -54.27 -2.98 -26.08
CA ASP HA 91 -53.58 -3.43 -24.88
C ASP HA 91 -53.42 -4.93 -24.94
N GLY HA 92 -53.77 -5.53 -26.07
CA GLY HA 92 -53.61 -6.97 -26.22
C GLY HA 92 -54.82 -7.77 -25.72
N THR HA 93 -55.74 -7.10 -25.03
CA THR HA 93 -57.02 -7.69 -24.70
C THR HA 93 -58.18 -6.96 -25.39
N HIS HA 94 -58.09 -5.67 -25.71
CA HIS HA 94 -59.10 -4.99 -26.51
C HIS HA 94 -58.49 -4.05 -27.56
N LYS HA 95 -59.25 -3.58 -28.57
CA LYS HA 95 -58.67 -2.68 -29.58
C LYS HA 95 -59.63 -1.55 -29.89
N VAL HA 96 -59.43 -0.39 -29.23
CA VAL HA 96 -60.35 0.73 -29.35
C VAL HA 96 -59.90 1.50 -30.55
N ILE HA 97 -60.85 2.15 -31.24
CA ILE HA 97 -60.55 3.14 -32.25
C ILE HA 97 -61.36 4.38 -31.94
N ALA HA 98 -60.74 5.58 -32.05
CA ALA HA 98 -61.38 6.78 -31.55
C ALA HA 98 -61.22 7.94 -32.52
N LYS HA 99 -62.16 8.90 -32.50
CA LYS HA 99 -62.22 9.96 -33.51
C LYS HA 99 -62.55 11.30 -32.84
N TYR HA 100 -62.29 12.43 -33.48
CA TYR HA 100 -62.28 13.73 -32.83
C TYR HA 100 -63.67 14.19 -32.52
N ASN HA 101 -63.89 14.66 -31.29
CA ASN HA 101 -65.15 15.33 -30.95
C ASN HA 101 -64.83 16.77 -30.67
N SER HA 102 -65.38 17.69 -31.47
CA SER HA 102 -64.99 19.08 -31.52
C SER HA 102 -65.27 19.75 -30.19
N THR HA 103 -66.10 19.17 -29.35
CA THR HA 103 -66.48 19.76 -28.08
C THR HA 103 -65.24 19.99 -27.22
N PHE HA 104 -64.24 19.15 -27.34
CA PHE HA 104 -63.15 19.08 -26.38
C PHE HA 104 -61.87 19.74 -26.92
N PHE HA 105 -61.92 21.05 -27.16
CA PHE HA 105 -60.75 21.78 -27.65
C PHE HA 105 -60.33 22.78 -26.61
N ASN HA 106 -59.03 22.94 -26.37
CA ASN HA 106 -58.57 24.08 -25.59
C ASN HA 106 -57.42 24.76 -26.31
N GLY HA 107 -57.66 25.97 -26.81
CA GLY HA 107 -56.62 26.64 -27.57
C GLY HA 107 -55.67 27.44 -26.68
N THR HA 108 -56.17 27.85 -25.53
CA THR HA 108 -55.52 28.89 -24.78
C THR HA 108 -54.13 28.44 -24.38
N LEU HA 109 -53.93 27.13 -24.26
CA LEU HA 109 -52.72 26.60 -23.65
C LEU HA 109 -51.54 26.82 -24.59
N LYS HA 110 -51.77 27.41 -25.75
CA LYS HA 110 -50.65 27.79 -26.61
C LYS HA 110 -49.77 28.79 -25.89
N ASN HA 111 -50.33 29.44 -24.87
CA ASN HA 111 -49.66 30.47 -24.11
C ASN HA 111 -49.29 29.95 -22.73
N GLY HA 112 -49.19 28.62 -22.57
CA GLY HA 112 -48.65 28.10 -21.33
C GLY HA 112 -49.75 27.77 -20.33
N GLY HA 113 -49.48 26.78 -19.45
CA GLY HA 113 -50.42 26.34 -18.42
C GLY HA 113 -50.19 24.88 -18.08
N SER HA 114 -51.13 24.22 -17.41
CA SER HA 114 -51.02 22.82 -17.01
C SER HA 114 -51.85 21.92 -17.90
N ILE HA 115 -51.23 20.89 -18.50
CA ILE HA 115 -51.96 19.84 -19.22
C ILE HA 115 -52.59 19.04 -18.10
N PHE HA 116 -53.45 18.09 -18.40
CA PHE HA 116 -53.98 17.22 -17.35
C PHE HA 116 -54.78 17.97 -16.33
N GLU HA 117 -54.92 19.30 -16.48
CA GLU HA 117 -55.91 20.06 -15.73
C GLU HA 117 -56.59 21.10 -16.63
N ALA HA 118 -56.58 20.86 -17.94
CA ALA HA 118 -57.23 21.76 -18.87
C ALA HA 118 -58.74 21.64 -18.75
N LYS HA 119 -59.44 22.75 -18.86
CA LYS HA 119 -60.89 22.76 -18.94
C LYS HA 119 -61.35 22.79 -20.39
N TYR HA 120 -62.66 22.61 -20.62
CA TYR HA 120 -63.31 22.82 -21.92
C TYR HA 120 -64.65 23.50 -21.72
N ASN HA 121 -65.33 23.94 -22.80
CA ASN HA 121 -66.48 24.86 -22.70
C ASN HA 121 -67.70 24.26 -23.35
N ASN HA 122 -68.55 23.55 -22.58
CA ASN HA 122 -69.94 23.30 -22.96
C ASN HA 122 -70.64 24.63 -22.80
N THR HA 123 -71.57 24.97 -23.70
CA THR HA 123 -72.07 26.34 -23.71
C THR HA 123 -72.58 26.70 -22.32
N THR HA 124 -72.19 27.87 -21.79
CA THR HA 124 -72.60 28.43 -20.49
C THR HA 124 -71.73 27.95 -19.32
N ALA HA 125 -70.78 27.04 -19.53
CA ALA HA 125 -69.97 26.58 -18.41
C ALA HA 125 -68.53 26.21 -18.79
N LEU HA 126 -67.66 26.04 -17.78
CA LEU HA 126 -66.34 25.44 -17.96
C LEU HA 126 -66.23 24.20 -17.07
N LYS HA 127 -65.70 23.09 -17.63
CA LYS HA 127 -65.69 21.81 -16.96
C LYS HA 127 -64.38 21.08 -17.29
N PRO HA 128 -63.87 20.13 -16.48
CA PRO HA 128 -62.59 19.49 -16.75
C PRO HA 128 -62.62 18.58 -17.98
N LEU HA 129 -61.58 18.65 -18.83
CA LEU HA 129 -61.54 17.99 -20.13
C LEU HA 129 -61.49 16.49 -19.97
N PHE HA 130 -60.42 16.00 -19.34
CA PHE HA 130 -60.11 14.59 -19.43
C PHE HA 130 -61.22 13.70 -18.83
N ASP HA 131 -61.81 14.15 -17.72
CA ASP HA 131 -62.83 13.41 -17.02
C ASP HA 131 -64.10 13.28 -17.86
N ASP HA 132 -64.38 14.25 -18.75
CA ASP HA 132 -65.65 14.29 -19.45
C ASP HA 132 -65.58 13.60 -20.81
N LEU HA 133 -64.38 13.41 -21.36
CA LEU HA 133 -64.17 12.94 -22.73
C LEU HA 133 -64.73 11.53 -22.90
N PRO HA 134 -65.66 11.28 -23.84
CA PRO HA 134 -66.27 9.95 -24.05
C PRO HA 134 -65.37 8.82 -24.48
N ALA HA 135 -65.87 7.61 -24.34
CA ALA HA 135 -65.00 6.46 -24.47
C ALA HA 135 -64.52 6.25 -25.90
N THR HA 136 -65.21 6.79 -26.89
CA THR HA 136 -64.84 6.57 -28.26
C THR HA 136 -64.26 7.81 -28.92
N ALA HA 137 -63.80 8.81 -28.16
CA ALA HA 137 -63.43 10.09 -28.79
C ALA HA 137 -62.11 10.58 -28.25
N PHE HA 138 -61.43 11.40 -29.06
CA PHE HA 138 -60.23 12.08 -28.56
C PHE HA 138 -60.37 13.57 -28.67
N GLY HA 139 -59.71 14.27 -27.74
CA GLY HA 139 -59.79 15.72 -27.70
C GLY HA 139 -58.42 16.27 -28.03
N ILE HA 140 -58.27 17.58 -28.22
CA ILE HA 140 -57.02 18.15 -28.70
C ILE HA 140 -56.71 19.43 -27.96
N VAL HA 141 -55.43 19.63 -27.57
CA VAL HA 141 -54.97 20.79 -26.80
C VAL HA 141 -53.71 21.37 -27.43
N VAL HA 142 -53.78 22.64 -27.86
CA VAL HA 142 -52.76 23.24 -28.68
C VAL HA 142 -51.68 23.70 -27.74
N LEU HA 143 -50.46 23.19 -27.95
CA LEU HA 143 -49.38 23.54 -27.06
C LEU HA 143 -48.43 24.52 -27.73
N GLN HA 144 -48.24 24.46 -29.06
CA GLN HA 144 -47.44 25.49 -29.73
C GLN HA 144 -47.98 25.73 -31.14
N ASP HA 145 -48.32 26.98 -31.47
CA ASP HA 145 -48.88 27.34 -32.77
C ASP HA 145 -48.69 28.83 -33.01
N ALA HA 146 -47.81 29.16 -33.97
CA ALA HA 146 -47.39 30.53 -34.14
C ALA HA 146 -48.44 31.33 -34.91
N ASP HA 147 -49.18 30.67 -35.80
CA ASP HA 147 -49.95 31.34 -36.82
C ASP HA 147 -51.45 31.06 -36.73
N THR HA 148 -51.91 30.68 -35.52
CA THR HA 148 -53.30 30.49 -35.20
C THR HA 148 -53.99 29.52 -36.15
N SER HA 149 -53.21 28.57 -36.67
CA SER HA 149 -53.70 27.64 -37.66
C SER HA 149 -54.71 26.66 -37.10
N CYS HA 150 -54.58 26.30 -35.81
CA CYS HA 150 -55.60 25.47 -35.17
C CYS HA 150 -56.80 26.30 -34.72
N SER HA 151 -57.99 25.95 -35.23
CA SER HA 151 -59.27 26.46 -34.76
C SER HA 151 -60.18 25.29 -34.40
N LYS HA 152 -61.09 25.49 -33.44
CA LYS HA 152 -61.86 24.42 -32.84
C LYS HA 152 -62.58 23.59 -33.90
N ASP HA 153 -63.13 24.22 -34.92
CA ASP HA 153 -63.85 23.49 -35.96
C ASP HA 153 -62.93 22.92 -37.05
N THR HA 154 -61.65 23.34 -37.14
CA THR HA 154 -60.70 22.87 -38.15
C THR HA 154 -59.24 22.86 -37.65
N PRO HA 155 -58.80 21.83 -36.91
CA PRO HA 155 -57.47 21.81 -36.36
C PRO HA 155 -56.44 21.39 -37.40
N VAL HA 156 -55.94 22.35 -38.18
CA VAL HA 156 -54.91 22.04 -39.16
C VAL HA 156 -53.54 22.41 -38.62
N ILE HA 157 -52.62 21.44 -38.49
CA ILE HA 157 -51.29 21.71 -37.97
C ILE HA 157 -50.28 21.89 -39.07
N ASN HA 158 -49.43 22.93 -39.00
CA ASN HA 158 -48.42 23.24 -40.01
C ASN HA 158 -47.07 23.33 -39.37
N LYS HA 159 -46.02 23.55 -40.17
CA LYS HA 159 -44.65 23.34 -39.72
C LYS HA 159 -44.38 24.15 -38.47
N GLY HA 160 -43.94 23.49 -37.40
CA GLY HA 160 -43.59 24.17 -36.16
C GLY HA 160 -44.56 23.85 -35.03
N ASP HA 161 -45.76 23.37 -35.36
CA ASP HA 161 -46.79 23.25 -34.35
C ASP HA 161 -46.56 22.02 -33.48
N ILE HA 162 -47.03 22.03 -32.21
CA ILE HA 162 -47.08 20.83 -31.37
C ILE HA 162 -48.45 20.83 -30.70
N VAL HA 163 -49.06 19.64 -30.57
CA VAL HA 163 -50.42 19.51 -30.11
C VAL HA 163 -50.62 18.17 -29.44
N ALA HA 164 -51.52 18.11 -28.45
CA ALA HA 164 -51.59 16.92 -27.63
C ALA HA 164 -52.94 16.28 -27.84
N ILE HA 165 -52.92 15.01 -28.21
CA ILE HA 165 -54.13 14.25 -28.43
C ILE HA 165 -54.41 13.64 -27.08
N CYS HA 166 -55.59 13.91 -26.55
CA CYS HA 166 -55.95 13.53 -25.21
C CYS HA 166 -56.94 12.38 -25.27
N LEU HA 167 -56.65 11.24 -24.60
CA LEU HA 167 -57.49 10.03 -24.60
C LEU HA 167 -57.72 9.58 -23.17
N ASN HA 168 -58.96 9.18 -22.86
CA ASN HA 168 -59.28 8.73 -21.50
C ASN HA 168 -59.54 7.28 -21.65
N VAL HA 169 -58.72 6.45 -20.98
CA VAL HA 169 -58.67 5.03 -21.27
C VAL HA 169 -59.10 4.21 -20.08
N SER HA 170 -59.67 4.84 -19.07
CA SER HA 170 -59.82 4.29 -17.75
C SER HA 170 -60.60 2.99 -17.75
N ASN HA 171 -61.64 2.92 -18.57
CA ASN HA 171 -62.46 1.72 -18.61
C ASN HA 171 -62.27 0.89 -19.88
N THR HA 172 -61.68 1.48 -20.92
CA THR HA 172 -61.58 0.89 -22.23
C THR HA 172 -60.38 -0.03 -22.31
N LEU HA 173 -59.19 0.40 -21.85
CA LEU HA 173 -58.00 -0.45 -21.86
C LEU HA 173 -57.43 -0.57 -20.45
N ASN HA 174 -56.93 -1.75 -20.06
CA ASN HA 174 -56.66 -2.02 -18.65
C ASN HA 174 -55.16 -1.90 -18.35
N LEU HA 175 -54.64 -0.66 -18.30
CA LEU HA 175 -53.20 -0.43 -18.30
C LEU HA 175 -52.61 -0.57 -16.90
N LYS HA 176 -52.52 -1.82 -16.44
CA LYS HA 176 -51.78 -2.13 -15.23
C LYS HA 176 -50.30 -2.23 -15.56
N PRO HA 177 -49.40 -2.45 -14.59
CA PRO HA 177 -47.96 -2.46 -14.88
C PRO HA 177 -47.55 -3.53 -15.88
N ARG HA 178 -46.37 -3.37 -16.45
CA ARG HA 178 -45.79 -4.41 -17.28
C ARG HA 178 -46.68 -4.72 -18.50
N THR HA 179 -47.46 -3.76 -19.01
CA THR HA 179 -48.41 -4.00 -20.08
C THR HA 179 -47.99 -3.32 -21.38
N LYS HA 180 -48.02 -4.02 -22.52
CA LYS HA 180 -47.60 -3.46 -23.79
C LYS HA 180 -48.76 -2.75 -24.46
N VAL HA 181 -48.50 -1.58 -25.05
CA VAL HA 181 -49.52 -0.80 -25.71
C VAL HA 181 -48.99 -0.46 -27.10
N THR HA 182 -49.83 -0.61 -28.12
CA THR HA 182 -49.38 -0.49 -29.50
C THR HA 182 -50.43 0.33 -30.24
N GLY HA 183 -50.04 1.09 -31.25
CA GLY HA 183 -51.07 1.83 -31.97
C GLY HA 183 -50.53 2.82 -32.99
N ALA HA 184 -51.42 3.66 -33.53
CA ALA HA 184 -51.04 4.61 -34.54
C ALA HA 184 -52.07 5.73 -34.62
N VAL HA 185 -51.60 6.94 -34.92
CA VAL HA 185 -52.48 8.00 -35.35
C VAL HA 185 -52.35 8.08 -36.85
N ILE HA 186 -53.46 7.90 -37.56
CA ILE HA 186 -53.46 7.73 -39.00
C ILE HA 186 -54.09 8.96 -39.61
N PRO HA 187 -53.35 9.77 -40.38
CA PRO HA 187 -53.93 10.92 -41.05
C PRO HA 187 -54.58 10.57 -42.36
N GLU HA 188 -55.24 11.58 -42.96
CA GLU HA 188 -56.04 11.44 -44.15
C GLU HA 188 -55.12 11.06 -45.30
N PHE HA 189 -53.93 11.68 -45.31
CA PHE HA 189 -52.87 11.25 -46.19
C PHE HA 189 -51.54 11.38 -45.46
N GLY HA 190 -50.56 10.59 -45.89
CA GLY HA 190 -49.26 10.65 -45.25
C GLY HA 190 -49.07 9.57 -44.20
N ALA HA 191 -47.86 9.50 -43.65
CA ALA HA 191 -47.44 8.31 -42.94
C ALA HA 191 -47.91 8.37 -41.49
N PRO HA 192 -48.35 7.25 -40.90
CA PRO HA 192 -48.83 7.25 -39.54
C PRO HA 192 -47.74 7.42 -38.49
N ALA HA 193 -48.13 7.97 -37.34
CA ALA HA 193 -47.24 8.01 -36.20
C ALA HA 193 -47.44 6.73 -35.41
N VAL HA 194 -46.35 6.13 -34.89
CA VAL HA 194 -46.45 4.82 -34.24
C VAL HA 194 -46.26 4.97 -32.74
N ILE HA 195 -47.26 4.55 -31.98
CA ILE HA 195 -47.26 4.59 -30.52
C ILE HA 195 -46.81 3.21 -30.08
N SER HA 196 -45.83 3.12 -29.18
CA SER HA 196 -45.34 1.81 -28.79
C SER HA 196 -44.59 1.92 -27.48
N PHE HA 197 -45.17 1.39 -26.40
CA PHE HA 197 -44.54 1.50 -25.10
C PHE HA 197 -44.97 0.37 -24.19
N THR HA 198 -44.14 0.10 -23.19
CA THR HA 198 -44.53 -0.86 -22.19
C THR HA 198 -44.55 -0.15 -20.85
N THR HA 199 -45.64 -0.27 -20.10
CA THR HA 199 -45.78 0.55 -18.91
C THR HA 199 -44.73 0.08 -17.94
N PRO HA 200 -44.22 0.94 -17.04
CA PRO HA 200 -43.20 0.57 -16.05
C PRO HA 200 -43.50 -0.65 -15.19
N ALA HA 201 -42.46 -1.13 -14.54
CA ALA HA 201 -42.59 -2.27 -13.66
C ALA HA 201 -43.26 -1.86 -12.35
N THR HA 202 -43.12 -0.60 -11.95
CA THR HA 202 -43.62 -0.16 -10.65
C THR HA 202 -44.15 1.25 -10.74
N TYR HA 203 -45.34 1.47 -10.18
CA TYR HA 203 -45.87 2.80 -10.12
C TYR HA 203 -45.71 3.27 -8.69
N LEU HA 204 -45.22 4.49 -8.45
CA LEU HA 204 -45.03 5.01 -7.11
C LEU HA 204 -45.98 6.17 -6.82
N ASP HA 205 -46.52 6.26 -5.58
CA ASP HA 205 -47.53 7.24 -5.21
C ASP HA 205 -46.98 8.66 -5.16
N THR HA 206 -45.65 8.79 -5.17
CA THR HA 206 -45.02 10.10 -5.13
C THR HA 206 -44.89 10.69 -6.54
N GLN HA 207 -45.21 9.90 -7.58
CA GLN HA 207 -44.94 10.31 -8.95
C GLN HA 207 -46.15 9.97 -9.84
N HIS HA 208 -47.24 10.75 -9.72
CA HIS HA 208 -48.44 10.38 -10.42
C HIS HA 208 -48.39 10.64 -11.92
N ILE HA 209 -47.47 11.49 -12.41
CA ILE HA 209 -47.35 11.65 -13.85
C ILE HA 209 -46.09 10.95 -14.36
N ILE HA 210 -46.25 10.07 -15.37
CA ILE HA 210 -45.22 9.15 -15.83
C ILE HA 210 -44.91 9.44 -17.28
N GLU HA 211 -43.63 9.33 -17.67
CA GLU HA 211 -43.23 9.56 -19.04
C GLU HA 211 -43.09 8.18 -19.68
N LEU HA 212 -43.87 7.90 -20.72
CA LEU HA 212 -44.03 6.53 -21.18
C LEU HA 212 -43.22 6.27 -22.44
N GLN HA 213 -43.08 7.27 -23.31
CA GLN HA 213 -42.29 7.16 -24.54
C GLN HA 213 -41.64 8.52 -24.79
N ALA IA 1 -55.36 13.62 -104.31
CA ALA IA 1 -56.43 13.44 -103.27
C ALA IA 1 -55.79 13.01 -101.94
N ILE IA 2 -54.93 11.99 -102.00
CA ILE IA 2 -54.31 11.38 -100.82
C ILE IA 2 -53.44 12.40 -100.10
N GLY IA 3 -52.70 13.20 -100.86
CA GLY IA 3 -51.72 14.12 -100.32
C GLY IA 3 -52.32 15.02 -99.24
N ILE IA 4 -53.50 15.58 -99.55
CA ILE IA 4 -54.19 16.56 -98.75
C ILE IA 4 -54.32 16.05 -97.32
N GLY IA 5 -54.87 14.85 -97.18
CA GLY IA 5 -55.12 14.33 -95.84
C GLY IA 5 -53.84 14.14 -95.03
N THR IA 6 -52.75 13.74 -95.70
CA THR IA 6 -51.51 13.40 -95.02
C THR IA 6 -51.06 14.60 -94.22
N LEU IA 7 -51.19 15.78 -94.84
CA LEU IA 7 -50.75 17.03 -94.25
C LEU IA 7 -51.57 17.26 -92.99
N ILE IA 8 -52.89 17.12 -93.10
CA ILE IA 8 -53.78 17.45 -92.00
C ILE IA 8 -53.44 16.58 -90.81
N ILE IA 9 -53.34 15.26 -90.97
CA ILE IA 9 -53.14 14.47 -89.77
C ILE IA 9 -51.75 14.72 -89.19
N PHE IA 10 -50.79 15.11 -90.02
CA PHE IA 10 -49.44 15.43 -89.55
C PHE IA 10 -49.56 16.51 -88.49
N ILE IA 11 -50.37 17.54 -88.76
CA ILE IA 11 -50.57 18.65 -87.83
C ILE IA 11 -51.00 18.11 -86.47
N ALA IA 12 -51.92 17.15 -86.47
CA ALA IA 12 -52.42 16.64 -85.22
C ALA IA 12 -51.29 15.95 -84.46
N MET IA 13 -50.46 15.15 -85.15
CA MET IA 13 -49.38 14.41 -84.49
C MET IA 13 -48.52 15.38 -83.68
N VAL IA 14 -48.23 16.55 -84.29
CA VAL IA 14 -47.34 17.57 -83.74
C VAL IA 14 -47.95 18.05 -82.43
N LEU IA 15 -49.21 18.47 -82.51
CA LEU IA 15 -49.87 19.10 -81.39
C LEU IA 15 -49.98 18.09 -80.25
N VAL IA 16 -50.26 16.82 -80.53
CA VAL IA 16 -50.46 15.84 -79.48
C VAL IA 16 -49.14 15.58 -78.75
N ALA IA 17 -48.04 15.52 -79.50
CA ALA IA 17 -46.71 15.34 -78.89
C ALA IA 17 -46.38 16.56 -78.02
N ALA IA 18 -46.78 17.74 -78.50
CA ALA IA 18 -46.52 18.98 -77.79
C ALA IA 18 -47.22 18.95 -76.45
N VAL IA 19 -48.51 18.58 -76.46
CA VAL IA 19 -49.33 18.54 -75.26
C VAL IA 19 -48.72 17.57 -74.26
N ALA IA 20 -48.23 16.43 -74.73
CA ALA IA 20 -47.66 15.45 -73.82
C ALA IA 20 -46.36 15.98 -73.23
N ALA IA 21 -45.58 16.68 -74.04
CA ALA IA 21 -44.33 17.22 -73.55
C ALA IA 21 -44.61 18.19 -72.41
N ALA IA 22 -45.63 19.02 -72.60
CA ALA IA 22 -46.00 20.03 -71.63
C ALA IA 22 -46.18 19.38 -70.26
N VAL IA 23 -46.86 18.23 -70.21
CA VAL IA 23 -47.10 17.53 -68.96
C VAL IA 23 -45.76 17.24 -68.29
N LEU IA 24 -44.82 16.70 -69.06
CA LEU IA 24 -43.60 16.20 -68.49
C LEU IA 24 -42.79 17.36 -67.94
N ILE IA 25 -42.71 18.46 -68.72
CA ILE IA 25 -41.93 19.64 -68.38
C ILE IA 25 -42.49 20.24 -67.10
N ASN IA 26 -43.81 20.52 -67.13
CA ASN IA 26 -44.54 21.12 -66.02
C ASN IA 26 -44.33 20.32 -64.73
N THR IA 27 -44.58 19.01 -64.83
CA THR IA 27 -44.54 18.12 -63.69
C THR IA 27 -43.16 18.18 -63.07
N SER IA 28 -42.13 18.24 -63.90
CA SER IA 28 -40.75 18.25 -63.43
C SER IA 28 -40.56 19.50 -62.60
N GLY IA 29 -41.10 20.62 -63.11
CA GLY IA 29 -41.12 21.90 -62.41
C GLY IA 29 -41.78 21.77 -61.03
N PHE IA 30 -42.98 21.17 -60.99
CA PHE IA 30 -43.75 21.04 -59.76
C PHE IA 30 -42.96 20.26 -58.71
N LEU IA 31 -42.18 19.27 -59.14
CA LEU IA 31 -41.46 18.43 -58.23
C LEU IA 31 -40.20 19.13 -57.76
N GLN IA 32 -39.62 19.98 -58.61
CA GLN IA 32 -38.32 20.55 -58.32
C GLN IA 32 -38.39 21.26 -56.96
N GLN IA 33 -39.47 22.02 -56.77
CA GLN IA 33 -39.72 22.81 -55.57
C GLN IA 33 -39.61 21.92 -54.34
N LYS IA 34 -40.47 20.89 -54.28
CA LYS IA 34 -40.66 20.09 -53.09
C LYS IA 34 -39.40 19.27 -52.82
N ALA IA 35 -38.74 18.85 -53.89
CA ALA IA 35 -37.54 18.04 -53.74
C ALA IA 35 -36.54 18.83 -52.91
N MET IA 36 -36.26 20.06 -53.34
CA MET IA 36 -35.25 20.84 -52.66
C MET IA 36 -35.69 21.08 -51.21
N ALA IA 37 -36.93 21.54 -51.05
CA ALA IA 37 -37.48 21.96 -49.77
C ALA IA 37 -37.25 20.85 -48.74
N THR IA 38 -37.51 19.60 -49.14
CA THR IA 38 -37.50 18.48 -48.23
C THR IA 38 -36.09 18.30 -47.68
N GLY IA 39 -35.11 18.43 -48.57
CA GLY IA 39 -33.72 18.17 -48.19
C GLY IA 39 -33.23 19.22 -47.20
N LYS IA 40 -33.49 20.49 -47.51
CA LYS IA 40 -33.02 21.59 -46.69
C LYS IA 40 -33.62 21.45 -45.30
N GLU IA 41 -34.95 21.31 -45.24
CA GLU IA 41 -35.69 21.20 -44.00
C GLU IA 41 -35.13 20.05 -43.15
N SER IA 42 -34.91 18.90 -43.79
CA SER IA 42 -34.53 17.73 -43.04
C SER IA 42 -33.14 17.90 -42.43
N THR IA 43 -32.26 18.62 -43.13
CA THR IA 43 -30.90 18.80 -42.67
C THR IA 43 -30.94 19.72 -41.46
N GLU IA 44 -31.67 20.83 -41.56
CA GLU IA 44 -31.73 21.81 -40.49
C GLU IA 44 -32.24 21.16 -39.21
N GLN IA 45 -33.15 20.19 -39.35
CA GLN IA 45 -33.72 19.46 -38.23
C GLN IA 45 -32.65 18.63 -37.54
N VAL IA 46 -31.86 17.88 -38.31
CA VAL IA 46 -30.97 16.94 -37.65
C VAL IA 46 -29.79 17.67 -37.02
N ALA IA 47 -29.43 18.82 -37.57
CA ALA IA 47 -28.20 19.53 -37.20
C ALA IA 47 -28.41 20.43 -35.99
N SER IA 48 -29.61 20.96 -35.81
CA SER IA 48 -29.83 22.00 -34.82
C SER IA 48 -30.32 21.43 -33.49
N GLY IA 49 -30.13 22.21 -32.42
CA GLY IA 49 -30.46 21.77 -31.07
C GLY IA 49 -29.93 22.72 -30.01
N LEU IA 50 -30.27 22.46 -28.73
CA LEU IA 50 -29.77 23.22 -27.61
C LEU IA 50 -29.31 22.23 -26.55
N LEU IA 51 -28.44 22.71 -25.64
CA LEU IA 51 -27.76 21.85 -24.68
C LEU IA 51 -27.69 22.54 -23.34
N CYS IA 52 -28.06 21.80 -22.29
CA CYS IA 52 -28.16 22.28 -20.91
C CYS IA 52 -26.79 22.27 -20.30
N SER IA 53 -26.49 23.34 -19.57
CA SER IA 53 -25.12 23.58 -19.17
C SER IA 53 -25.04 23.45 -17.67
N GLY IA 54 -26.14 23.78 -17.00
CA GLY IA 54 -26.15 23.85 -15.55
C GLY IA 54 -27.52 24.27 -15.08
N VAL IA 55 -27.88 23.90 -13.83
CA VAL IA 55 -29.06 24.46 -13.20
C VAL IA 55 -28.69 24.88 -11.80
N THR IA 56 -29.23 26.03 -11.32
CA THR IA 56 -29.03 26.45 -9.95
C THR IA 56 -30.31 27.02 -9.34
N GLY IA 57 -30.37 27.09 -7.98
CA GLY IA 57 -31.68 27.35 -7.37
C GLY IA 57 -31.63 27.98 -5.98
N HIS IA 58 -32.72 28.64 -5.52
CA HIS IA 58 -32.69 29.44 -4.30
C HIS IA 58 -33.62 28.86 -3.26
N TYR IA 59 -33.12 28.66 -2.03
CA TYR IA 59 -33.87 27.99 -0.98
C TYR IA 59 -34.36 29.00 0.04
N VAL IA 60 -35.67 29.06 0.30
CA VAL IA 60 -36.20 29.91 1.35
C VAL IA 60 -36.36 29.05 2.60
N LYS IA 61 -35.91 29.56 3.75
CA LYS IA 61 -35.80 28.74 4.95
C LYS IA 61 -37.16 28.15 5.33
N ASN IA 62 -37.14 26.87 5.68
CA ASN IA 62 -38.31 26.17 6.17
C ASN IA 62 -39.39 26.06 5.10
N LYS IA 63 -39.06 26.38 3.82
CA LYS IA 63 -40.05 26.31 2.76
C LYS IA 63 -39.65 25.39 1.62
N GLY IA 64 -38.45 25.56 1.04
CA GLY IA 64 -38.03 24.77 -0.11
C GLY IA 64 -37.54 25.64 -1.27
N ILE IA 65 -37.32 25.04 -2.45
CA ILE IA 65 -36.72 25.77 -3.54
C ILE IA 65 -37.78 26.62 -4.19
N ASP IA 66 -37.49 27.91 -4.34
CA ASP IA 66 -38.50 28.89 -4.69
C ASP IA 66 -38.42 29.21 -6.16
N ARG IA 67 -37.19 29.32 -6.70
CA ARG IA 67 -36.88 29.71 -8.07
C ARG IA 67 -35.67 28.92 -8.59
N ILE IA 68 -35.54 28.78 -9.92
CA ILE IA 68 -34.45 28.07 -10.58
C ILE IA 68 -33.98 28.80 -11.83
N VAL IA 69 -32.65 28.71 -12.14
CA VAL IA 69 -32.07 29.32 -13.34
C VAL IA 69 -31.32 28.28 -14.15
N ILE IA 70 -31.71 28.13 -15.42
CA ILE IA 70 -31.26 27.04 -16.26
C ILE IA 70 -30.37 27.65 -17.32
N TYR IA 71 -29.15 27.17 -17.48
CA TYR IA 71 -28.22 27.79 -18.42
C TYR IA 71 -28.25 26.97 -19.69
N ILE IA 72 -28.34 27.64 -20.84
CA ILE IA 72 -28.58 26.95 -22.11
C ILE IA 72 -27.69 27.52 -23.18
N THR IA 73 -27.27 26.66 -24.13
CA THR IA 73 -26.27 26.97 -25.15
C THR IA 73 -26.59 26.15 -26.39
N PRO IA 74 -26.21 26.56 -27.61
CA PRO IA 74 -26.54 25.79 -28.80
C PRO IA 74 -25.49 24.74 -29.09
N ASN IA 75 -25.86 23.66 -29.79
CA ASN IA 75 -24.90 22.59 -30.07
C ASN IA 75 -23.99 23.01 -31.21
N ALA IA 76 -22.81 22.39 -31.31
CA ALA IA 76 -21.89 22.73 -32.41
C ALA IA 76 -22.63 22.64 -33.74
N GLY IA 77 -22.52 23.68 -34.57
CA GLY IA 77 -22.97 23.58 -35.95
C GLY IA 77 -24.47 23.87 -36.11
N SER IA 78 -25.18 24.04 -35.01
CA SER IA 78 -26.61 24.29 -35.06
C SER IA 78 -26.96 25.62 -35.72
N ALA IA 79 -28.05 25.64 -36.44
CA ALA IA 79 -28.48 26.85 -37.11
C ALA IA 79 -29.13 27.68 -36.02
N PRO IA 80 -29.36 28.99 -36.19
CA PRO IA 80 -29.80 29.83 -35.09
C PRO IA 80 -31.21 29.49 -34.60
N ILE IA 81 -31.42 29.53 -33.28
CA ILE IA 81 -32.67 29.10 -32.67
C ILE IA 81 -33.42 30.32 -32.10
N ASP IA 82 -34.70 30.40 -32.48
CA ASP IA 82 -35.55 31.56 -32.28
C ASP IA 82 -36.19 31.38 -30.93
N LEU IA 83 -35.51 31.89 -29.91
CA LEU IA 83 -35.78 31.42 -28.56
C LEU IA 83 -37.21 31.72 -28.20
N LYS IA 84 -37.85 32.70 -28.83
CA LYS IA 84 -39.10 33.24 -28.33
C LYS IA 84 -40.25 32.37 -28.77
N GLN IA 85 -39.96 31.36 -29.56
CA GLN IA 85 -41.00 30.41 -29.93
C GLN IA 85 -40.82 29.10 -29.17
N CYS IA 86 -39.80 28.93 -28.36
CA CYS IA 86 -39.52 27.62 -27.75
C CYS IA 86 -40.36 27.46 -26.50
N LYS IA 87 -40.81 26.24 -26.17
CA LYS IA 87 -41.65 25.99 -25.00
C LYS IA 87 -40.93 25.04 -24.05
N LEU IA 88 -41.10 25.22 -22.73
CA LEU IA 88 -40.38 24.45 -21.73
C LEU IA 88 -41.38 23.64 -20.95
N PHE IA 89 -41.22 22.31 -20.98
CA PHE IA 89 -42.12 21.39 -20.33
C PHE IA 89 -41.41 20.83 -19.10
N LEU IA 90 -42.10 20.83 -17.95
CA LEU IA 90 -41.51 20.36 -16.73
C LEU IA 90 -42.53 19.46 -16.02
N MET IA 91 -42.04 18.37 -15.43
CA MET IA 91 -42.82 17.42 -14.67
C MET IA 91 -42.29 17.34 -13.25
N TYR IA 92 -43.21 17.13 -12.29
CA TYR IA 92 -42.89 17.01 -10.88
C TYR IA 92 -43.99 16.18 -10.22
N ASP IA 93 -44.23 16.35 -8.93
CA ASP IA 93 -44.92 15.29 -8.20
C ASP IA 93 -46.38 15.23 -8.54
N GLY IA 94 -46.91 16.23 -9.20
CA GLY IA 94 -48.32 16.10 -9.48
C GLY IA 94 -48.84 16.90 -10.69
N LYS IA 95 -47.93 17.53 -11.41
CA LYS IA 95 -48.25 18.57 -12.34
C LYS IA 95 -47.28 18.45 -13.50
N ALA IA 96 -47.77 18.79 -14.71
CA ALA IA 96 -46.93 18.81 -15.89
C ALA IA 96 -47.29 20.10 -16.62
N VAL IA 97 -46.35 21.04 -16.65
CA VAL IA 97 -46.64 22.43 -16.93
C VAL IA 97 -45.87 22.81 -18.17
N SER IA 98 -46.47 23.63 -19.04
CA SER IA 98 -45.75 24.21 -20.17
C SER IA 98 -45.61 25.71 -19.92
N LEU IA 99 -44.41 26.30 -20.12
CA LEU IA 99 -44.19 27.72 -19.96
C LEU IA 99 -43.76 28.40 -21.28
N ASN IA 100 -44.22 29.65 -21.58
CA ASN IA 100 -43.90 30.33 -22.84
C ASN IA 100 -43.08 31.58 -22.61
N PHE IA 101 -42.21 31.97 -23.56
CA PHE IA 101 -41.35 33.15 -23.44
C PHE IA 101 -42.15 34.39 -23.15
N SER IA 102 -41.55 35.33 -22.41
CA SER IA 102 -42.20 36.59 -22.10
C SER IA 102 -41.11 37.65 -22.03
N LYS IA 103 -41.44 38.87 -22.37
CA LYS IA 103 -40.40 39.90 -22.44
C LYS IA 103 -39.99 40.30 -21.02
N TYR IA 104 -38.67 40.51 -20.85
CA TYR IA 104 -38.04 41.14 -19.70
C TYR IA 104 -38.61 42.55 -19.63
N ASP IA 105 -38.29 43.36 -18.62
CA ASP IA 105 -38.86 44.70 -18.58
C ASP IA 105 -38.45 45.53 -19.81
N THR IA 106 -39.44 45.92 -20.63
CA THR IA 106 -39.36 46.93 -21.68
C THR IA 106 -38.48 46.50 -22.86
N ASN IA 107 -37.75 45.40 -22.73
CA ASN IA 107 -36.73 44.99 -23.69
C ASN IA 107 -36.80 43.47 -23.86
N THR IA 108 -36.30 42.94 -25.00
CA THR IA 108 -36.66 41.58 -25.30
C THR IA 108 -35.99 40.59 -24.36
N VAL IA 109 -34.77 40.90 -23.92
CA VAL IA 109 -33.92 39.98 -23.17
C VAL IA 109 -33.11 40.86 -22.23
N GLY IA 110 -32.98 40.48 -20.96
CA GLY IA 110 -32.30 41.33 -19.99
C GLY IA 110 -30.80 41.41 -20.26
N ASP IA 111 -30.27 42.60 -20.55
CA ASP IA 111 -28.88 42.74 -20.99
C ASP IA 111 -27.90 42.79 -19.83
N PHE IA 112 -27.35 41.64 -19.48
CA PHE IA 112 -26.32 41.57 -18.49
C PHE IA 112 -25.07 40.98 -19.12
N THR IA 113 -24.75 41.44 -20.32
CA THR IA 113 -23.53 41.02 -21.01
C THR IA 113 -22.31 41.44 -20.20
N ASN IA 114 -22.44 42.43 -19.31
CA ASN IA 114 -21.32 42.92 -18.52
C ASN IA 114 -21.47 42.62 -17.02
N GLY IA 115 -22.15 41.53 -16.64
CA GLY IA 115 -21.98 40.99 -15.29
C GLY IA 115 -23.12 41.34 -14.33
N ILE IA 116 -23.33 40.50 -13.30
CA ILE IA 116 -24.43 40.63 -12.36
C ILE IA 116 -23.87 40.44 -10.98
N LYS IA 117 -24.25 41.30 -10.04
CA LYS IA 117 -23.79 41.23 -8.66
C LYS IA 117 -24.30 39.94 -8.03
N ASP IA 118 -25.58 39.60 -8.26
CA ASP IA 118 -26.21 38.39 -7.75
C ASP IA 118 -27.45 38.06 -8.57
N ILE IA 119 -27.50 36.86 -9.18
CA ILE IA 119 -28.51 36.52 -10.17
C ILE IA 119 -29.86 36.42 -9.48
N PHE IA 120 -29.88 36.34 -8.15
CA PHE IA 120 -31.16 36.15 -7.47
C PHE IA 120 -31.61 37.39 -6.71
N ASN IA 121 -30.81 38.45 -6.64
CA ASN IA 121 -31.24 39.65 -5.92
C ASN IA 121 -32.30 40.34 -6.75
N THR IA 122 -33.46 40.59 -6.12
CA THR IA 122 -34.68 41.00 -6.80
C THR IA 122 -34.54 42.35 -7.50
N THR IA 123 -33.91 43.34 -6.82
CA THR IA 123 -33.87 44.69 -7.34
C THR IA 123 -32.95 44.82 -8.53
N VAL IA 124 -31.89 44.03 -8.56
CA VAL IA 124 -30.95 44.04 -9.66
C VAL IA 124 -31.60 43.37 -10.85
N VAL IA 125 -32.25 42.21 -10.66
CA VAL IA 125 -32.47 41.28 -11.75
C VAL IA 125 -33.87 41.40 -12.38
N LYS IA 126 -34.86 41.85 -11.63
CA LYS IA 126 -36.19 41.95 -12.22
C LYS IA 126 -36.82 40.60 -12.57
N TRP IA 127 -37.16 39.83 -11.52
CA TRP IA 127 -37.81 38.54 -11.63
C TRP IA 127 -39.30 38.67 -11.91
N ASN IA 128 -39.88 39.87 -11.84
CA ASN IA 128 -41.32 40.01 -11.68
C ASN IA 128 -42.17 39.42 -12.79
N ASN IA 129 -41.68 39.37 -14.04
CA ASN IA 129 -42.46 38.85 -15.14
C ASN IA 129 -42.42 37.33 -15.21
N ALA IA 130 -41.79 36.65 -14.25
CA ALA IA 130 -41.85 35.19 -14.24
C ALA IA 130 -43.16 34.73 -13.58
N ASP IA 131 -44.26 34.78 -14.35
CA ASP IA 131 -45.60 34.43 -13.93
C ASP IA 131 -45.70 32.92 -13.86
N ALA IA 132 -46.87 32.39 -13.52
CA ALA IA 132 -46.95 30.96 -13.27
C ALA IA 132 -46.97 30.24 -14.60
N THR IA 133 -47.06 30.97 -15.70
CA THR IA 133 -47.12 30.36 -17.02
C THR IA 133 -46.06 30.85 -18.00
N SER IA 134 -45.01 31.57 -17.57
CA SER IA 134 -43.95 31.98 -18.49
C SER IA 134 -42.55 31.99 -17.92
N PHE IA 135 -41.54 32.08 -18.81
CA PHE IA 135 -40.17 32.34 -18.40
C PHE IA 135 -39.62 33.62 -19.01
N VAL IA 136 -38.46 34.07 -18.49
CA VAL IA 136 -37.76 35.20 -19.06
C VAL IA 136 -36.29 34.82 -19.25
N VAL IA 137 -35.57 35.52 -20.13
CA VAL IA 137 -34.24 35.14 -20.56
C VAL IA 137 -33.29 36.29 -20.24
N VAL IA 138 -32.11 35.97 -19.71
CA VAL IA 138 -31.09 36.93 -19.31
C VAL IA 138 -29.87 36.56 -20.13
N ALA IA 139 -29.28 37.54 -20.83
CA ALA IA 139 -28.23 37.27 -21.80
C ALA IA 139 -26.88 37.44 -21.13
N LEU IA 140 -26.10 36.36 -21.13
CA LEU IA 140 -24.86 36.35 -20.39
C LEU IA 140 -23.65 36.48 -21.29
N GLN IA 141 -23.65 35.89 -22.51
CA GLN IA 141 -22.57 36.16 -23.45
C GLN IA 141 -23.10 36.11 -24.88
N ASP IA 142 -22.83 37.18 -25.66
CA ASP IA 142 -23.35 37.35 -27.02
C ASP IA 142 -22.59 38.47 -27.70
N ASP IA 143 -21.68 38.09 -28.61
CA ASP IA 143 -20.77 39.02 -29.28
C ASP IA 143 -21.55 39.84 -30.30
N ASP IA 144 -22.34 39.13 -31.10
CA ASP IA 144 -23.00 39.64 -32.29
C ASP IA 144 -24.33 40.34 -32.01
N LYS IA 145 -24.69 40.54 -30.75
CA LYS IA 145 -25.94 41.15 -30.37
C LYS IA 145 -27.21 40.42 -30.85
N SER IA 146 -27.15 39.10 -31.09
CA SER IA 146 -28.34 38.42 -31.54
C SER IA 146 -29.36 38.20 -30.43
N LEU IA 147 -28.89 37.85 -29.24
CA LEU IA 147 -29.82 37.65 -28.15
C LEU IA 147 -30.51 39.00 -27.93
N LEU IA 148 -29.74 40.09 -27.98
CA LEU IA 148 -30.16 41.37 -27.44
C LEU IA 148 -31.23 41.99 -28.33
N THR IA 149 -31.49 41.37 -29.47
CA THR IA 149 -32.26 42.03 -30.51
C THR IA 149 -33.06 40.93 -31.22
N ASN IA 150 -34.31 40.73 -30.82
CA ASN IA 150 -35.14 39.70 -31.43
C ASN IA 150 -34.79 38.27 -31.00
N ALA IA 151 -33.95 38.10 -29.98
CA ALA IA 151 -33.88 36.90 -29.16
C ALA IA 151 -33.46 35.65 -29.93
N VAL IA 152 -32.40 35.74 -30.76
CA VAL IA 152 -31.96 34.57 -31.47
C VAL IA 152 -30.62 34.08 -30.94
N ILE IA 153 -30.57 32.81 -30.50
CA ILE IA 153 -29.32 32.21 -30.05
C ILE IA 153 -28.56 31.78 -31.31
N ASN IA 154 -27.25 32.12 -31.38
CA ASN IA 154 -26.35 31.57 -32.38
C ASN IA 154 -25.05 31.16 -31.75
N LYS IA 155 -24.06 30.76 -32.58
CA LYS IA 155 -22.89 30.01 -32.09
C LYS IA 155 -22.15 30.78 -31.00
N GLY IA 156 -21.90 30.14 -29.87
CA GLY IA 156 -21.05 30.79 -28.87
C GLY IA 156 -21.84 31.60 -27.85
N ASP IA 157 -23.16 31.76 -28.06
CA ASP IA 157 -23.96 32.48 -27.08
C ASP IA 157 -24.21 31.61 -25.84
N LEU IA 158 -24.41 32.22 -24.65
CA LEU IA 158 -24.83 31.51 -23.43
C LEU IA 158 -25.88 32.35 -22.75
N ALA IA 159 -27.00 31.73 -22.34
CA ALA IA 159 -28.15 32.51 -21.89
C ALA IA 159 -28.83 31.76 -20.79
N GLY IA 160 -29.56 32.49 -19.97
CA GLY IA 160 -30.04 31.84 -18.77
C GLY IA 160 -31.54 32.04 -18.67
N VAL IA 161 -32.27 30.95 -18.43
CA VAL IA 161 -33.70 30.98 -18.42
C VAL IA 161 -34.13 31.03 -16.96
N LEU IA 162 -34.98 31.98 -16.58
CA LEU IA 162 -35.42 32.06 -15.20
C LEU IA 162 -36.82 31.45 -15.06
N VAL IA 163 -37.04 30.51 -14.10
CA VAL IA 163 -38.38 29.99 -13.82
C VAL IA 163 -38.80 30.06 -12.37
N ASN IA 164 -40.00 30.61 -12.06
CA ASN IA 164 -40.51 30.84 -10.71
C ASN IA 164 -41.24 29.58 -10.32
N VAL IA 165 -40.45 28.59 -9.90
CA VAL IA 165 -40.95 27.24 -9.84
C VAL IA 165 -42.08 27.20 -8.84
N SER IA 166 -41.97 27.96 -7.77
CA SER IA 166 -42.93 27.78 -6.68
C SER IA 166 -44.30 28.25 -7.15
N ALA IA 167 -44.30 29.12 -8.15
CA ALA IA 167 -45.54 29.64 -8.70
C ALA IA 167 -46.04 28.73 -9.82
N ALA IA 168 -45.10 28.13 -10.55
CA ALA IA 168 -45.43 27.25 -11.66
C ALA IA 168 -46.07 25.95 -11.15
N PHE IA 169 -45.45 25.29 -10.18
CA PHE IA 169 -45.98 24.06 -9.68
C PHE IA 169 -46.93 24.32 -8.53
N GLY IA 170 -47.01 25.57 -8.08
CA GLY IA 170 -47.96 25.88 -7.02
C GLY IA 170 -47.45 25.56 -5.62
N LYS IA 171 -46.31 24.88 -5.50
CA LYS IA 171 -45.66 24.74 -4.19
C LYS IA 171 -44.14 24.71 -4.32
N HIS IA 172 -43.42 24.90 -3.21
CA HIS IA 172 -41.97 24.82 -3.24
C HIS IA 172 -41.51 23.37 -3.38
N VAL IA 173 -40.47 23.06 -4.19
CA VAL IA 173 -40.07 21.67 -4.30
C VAL IA 173 -39.22 21.29 -3.10
N GLY IA 174 -39.50 20.12 -2.52
CA GLY IA 174 -38.92 19.70 -1.27
C GLY IA 174 -37.61 18.93 -1.50
N THR IA 175 -37.13 18.28 -0.44
CA THR IA 175 -35.91 17.52 -0.54
C THR IA 175 -36.24 16.15 -1.12
N ARG IA 176 -35.25 15.47 -1.71
CA ARG IA 176 -35.39 14.11 -2.22
C ARG IA 176 -36.45 13.99 -3.31
N GLU IA 177 -36.72 15.06 -4.08
CA GLU IA 177 -37.74 15.01 -5.12
C GLU IA 177 -37.09 15.18 -6.50
N ARG IA 178 -37.61 14.50 -7.55
CA ARG IA 178 -37.06 14.77 -8.88
C ARG IA 178 -37.92 15.69 -9.72
N VAL IA 179 -37.26 16.40 -10.65
CA VAL IA 179 -37.92 17.22 -11.63
C VAL IA 179 -37.27 17.00 -12.97
N SER IA 180 -38.11 16.80 -14.00
CA SER IA 180 -37.52 16.52 -15.29
C SER IA 180 -38.32 17.19 -16.38
N GLY IA 181 -37.62 17.52 -17.48
CA GLY IA 181 -38.32 18.18 -18.56
C GLY IA 181 -37.46 18.31 -19.80
N TYR IA 182 -37.93 19.15 -20.70
CA TYR IA 182 -37.27 19.43 -21.95
C TYR IA 182 -37.60 20.85 -22.36
N LEU IA 183 -36.62 21.56 -22.95
CA LEU IA 183 -36.88 22.82 -23.61
C LEU IA 183 -36.88 22.52 -25.08
N GLN IA 184 -38.02 22.68 -25.74
CA GLN IA 184 -38.22 22.10 -27.06
C GLN IA 184 -38.23 23.25 -28.02
N PRO IA 185 -37.26 23.40 -28.93
CA PRO IA 185 -37.32 24.45 -29.92
C PRO IA 185 -38.27 24.11 -31.06
N GLU IA 186 -38.52 25.11 -31.89
CA GLU IA 186 -39.42 25.06 -33.01
C GLU IA 186 -38.97 24.02 -34.00
N PHE IA 187 -37.66 23.94 -34.22
CA PHE IA 187 -37.09 22.81 -34.93
C PHE IA 187 -35.77 22.41 -34.29
N GLY IA 188 -35.47 21.11 -34.29
CA GLY IA 188 -34.21 20.64 -33.75
C GLY IA 188 -34.39 19.98 -32.37
N ALA IA 189 -33.27 19.51 -31.82
CA ALA IA 189 -33.32 18.56 -30.73
C ALA IA 189 -33.54 19.31 -29.42
N PRO IA 190 -34.27 18.74 -28.45
CA PRO IA 190 -34.59 19.47 -27.23
C PRO IA 190 -33.52 19.31 -26.17
N ALA IA 191 -33.38 20.33 -25.33
CA ALA IA 191 -32.43 20.25 -24.25
C ALA IA 191 -33.09 19.52 -23.09
N VAL IA 192 -32.53 18.39 -22.65
CA VAL IA 192 -33.07 17.61 -21.53
C VAL IA 192 -32.69 18.27 -20.22
N ILE IA 193 -33.62 18.33 -19.26
CA ILE IA 193 -33.33 18.77 -17.91
C ILE IA 193 -33.74 17.64 -16.97
N GLU IA 194 -32.91 17.36 -15.96
CA GLU IA 194 -33.20 16.27 -15.05
C GLU IA 194 -32.34 16.49 -13.82
N PHE IA 195 -32.99 16.61 -12.65
CA PHE IA 195 -32.26 16.56 -11.41
C PHE IA 195 -33.12 16.17 -10.23
N THR IA 196 -32.44 15.63 -9.20
CA THR IA 196 -33.08 15.27 -7.97
C THR IA 196 -32.56 16.21 -6.90
N THR IA 197 -33.47 16.86 -6.16
CA THR IA 197 -33.05 17.86 -5.20
C THR IA 197 -32.37 17.07 -4.11
N PRO IA 198 -31.29 17.59 -3.49
CA PRO IA 198 -30.56 16.85 -2.50
C PRO IA 198 -31.36 16.54 -1.25
N ALA IA 199 -30.75 15.74 -0.38
CA ALA IA 199 -31.37 15.25 0.84
C ALA IA 199 -31.44 16.34 1.91
N ALA IA 200 -30.52 17.29 1.88
CA ALA IA 200 -30.43 18.23 2.97
C ALA IA 200 -30.13 19.62 2.41
N PHE IA 201 -31.12 20.48 2.44
CA PHE IA 201 -30.85 21.82 2.05
C PHE IA 201 -30.04 22.43 3.17
N THR IA 202 -28.93 23.12 2.86
CA THR IA 202 -28.09 23.70 3.91
C THR IA 202 -27.42 25.04 3.57
N SER IA 203 -27.74 25.64 2.42
CA SER IA 203 -27.20 26.92 2.00
C SER IA 203 -28.22 27.55 1.06
N ASP IA 204 -28.12 28.86 0.79
CA ASP IA 204 -29.20 29.52 0.09
C ASP IA 204 -29.14 29.17 -1.40
N VAL IA 205 -27.95 29.12 -2.02
CA VAL IA 205 -27.94 28.84 -3.45
C VAL IA 205 -27.31 27.49 -3.73
N ILE IA 206 -28.04 26.57 -4.39
CA ILE IA 206 -27.68 25.16 -4.50
C ILE IA 206 -27.44 24.73 -5.92
N GLU IA 207 -26.44 23.87 -6.12
CA GLU IA 207 -25.91 23.63 -7.44
C GLU IA 207 -26.52 22.34 -8.00
N LEU IA 208 -27.76 22.43 -8.45
CA LEU IA 208 -28.53 21.26 -8.81
C LEU IA 208 -27.89 20.50 -9.98
N GLN IA 209 -27.30 21.24 -10.93
CA GLN IA 209 -26.41 20.74 -11.99
C GLN IA 209 -26.93 19.47 -12.69
N ALA JA 1 -46.72 11.38 -90.59
CA ALA JA 1 -45.67 10.34 -90.33
C ALA JA 1 -45.35 10.25 -88.83
N ILE JA 2 -45.13 9.03 -88.35
CA ILE JA 2 -44.94 8.76 -86.93
C ILE JA 2 -43.63 9.37 -86.41
N GLY JA 3 -42.65 9.51 -87.31
CA GLY JA 3 -41.31 9.92 -86.91
C GLY JA 3 -41.32 11.28 -86.22
N ILE JA 4 -42.19 12.15 -86.70
CA ILE JA 4 -42.22 13.54 -86.30
C ILE JA 4 -42.41 13.62 -84.78
N GLY JA 5 -43.40 12.91 -84.26
CA GLY JA 5 -43.65 12.96 -82.83
C GLY JA 5 -42.52 12.34 -82.02
N THR JA 6 -41.91 11.28 -82.55
CA THR JA 6 -40.90 10.52 -81.82
C THR JA 6 -39.73 11.45 -81.49
N LEU JA 7 -39.39 12.31 -82.47
CA LEU JA 7 -38.35 13.31 -82.32
C LEU JA 7 -38.73 14.26 -81.20
N ILE JA 8 -39.91 14.87 -81.30
CA ILE JA 8 -40.36 15.92 -80.41
C ILE JA 8 -40.40 15.42 -78.98
N ILE JA 9 -40.91 14.21 -78.74
CA ILE JA 9 -41.01 13.73 -77.38
C ILE JA 9 -39.63 13.42 -76.79
N PHE JA 10 -38.65 13.06 -77.64
CA PHE JA 10 -37.29 12.81 -77.20
C PHE JA 10 -36.71 14.08 -76.59
N ILE JA 11 -36.96 15.22 -77.26
CA ILE JA 11 -36.49 16.52 -76.81
C ILE JA 11 -36.97 16.75 -75.39
N ALA JA 12 -38.24 16.47 -75.14
CA ALA JA 12 -38.82 16.65 -73.82
C ALA JA 12 -38.12 15.72 -72.83
N MET JA 13 -37.93 14.46 -73.21
CA MET JA 13 -37.49 13.43 -72.27
C MET JA 13 -36.10 13.82 -71.74
N VAL JA 14 -35.24 14.30 -72.65
CA VAL JA 14 -33.89 14.72 -72.33
C VAL JA 14 -33.98 15.83 -71.29
N LEU JA 15 -34.80 16.85 -71.59
CA LEU JA 15 -34.88 18.04 -70.79
C LEU JA 15 -35.31 17.67 -69.38
N VAL JA 16 -36.29 16.78 -69.25
CA VAL JA 16 -36.80 16.42 -67.93
C VAL JA 16 -35.70 15.74 -67.15
N ALA JA 17 -34.99 14.82 -67.80
CA ALA JA 17 -33.94 14.07 -67.13
C ALA JA 17 -32.83 15.02 -66.67
N ALA JA 18 -32.65 16.12 -67.40
CA ALA JA 18 -31.64 17.10 -67.02
C ALA JA 18 -32.06 17.75 -65.72
N VAL JA 19 -33.32 18.22 -65.67
CA VAL JA 19 -33.84 18.92 -64.50
C VAL JA 19 -33.74 18.01 -63.27
N ALA JA 20 -34.08 16.74 -63.45
CA ALA JA 20 -34.04 15.79 -62.37
C ALA JA 20 -32.60 15.63 -61.84
N ALA JA 21 -31.64 15.55 -62.75
CA ALA JA 21 -30.25 15.42 -62.37
C ALA JA 21 -29.83 16.65 -61.59
N ALA JA 22 -30.25 17.82 -62.06
CA ALA JA 22 -29.80 19.07 -61.49
C ALA JA 22 -30.01 19.09 -59.99
N VAL JA 23 -31.22 18.76 -59.53
CA VAL JA 23 -31.59 18.86 -58.12
C VAL JA 23 -30.66 18.05 -57.24
N LEU JA 24 -30.11 16.95 -57.75
CA LEU JA 24 -29.25 16.11 -56.96
C LEU JA 24 -27.89 16.78 -56.84
N ILE JA 25 -27.41 17.38 -57.94
CA ILE JA 25 -26.11 18.05 -57.99
C ILE JA 25 -26.16 19.22 -57.01
N ASN JA 26 -27.20 20.07 -57.15
CA ASN JA 26 -27.46 21.20 -56.26
C ASN JA 26 -27.48 20.76 -54.80
N THR JA 27 -28.27 19.73 -54.49
CA THR JA 27 -28.50 19.33 -53.11
C THR JA 27 -27.20 18.79 -52.53
N SER JA 28 -26.37 18.17 -53.37
CA SER JA 28 -25.13 17.60 -52.89
C SER JA 28 -24.21 18.73 -52.45
N GLY JA 29 -24.24 19.84 -53.21
CA GLY JA 29 -23.54 21.07 -52.88
C GLY JA 29 -23.95 21.62 -51.50
N PHE JA 30 -25.26 21.77 -51.29
CA PHE JA 30 -25.80 22.28 -50.04
C PHE JA 30 -25.32 21.42 -48.87
N LEU JA 31 -25.42 20.13 -49.03
CA LEU JA 31 -25.08 19.23 -47.95
C LEU JA 31 -23.58 19.25 -47.69
N GLN JA 32 -22.76 19.53 -48.72
CA GLN JA 32 -21.32 19.39 -48.57
C GLN JA 32 -20.88 20.31 -47.44
N GLN JA 33 -21.22 21.59 -47.58
CA GLN JA 33 -20.77 22.60 -46.65
C GLN JA 33 -21.25 22.26 -45.24
N LYS JA 34 -22.54 21.93 -45.13
CA LYS JA 34 -23.18 21.73 -43.85
C LYS JA 34 -22.50 20.60 -43.09
N ALA JA 35 -22.13 19.56 -43.83
CA ALA JA 35 -21.51 18.38 -43.25
C ALA JA 35 -20.12 18.75 -42.75
N MET JA 36 -19.33 19.38 -43.63
CA MET JA 36 -17.93 19.63 -43.35
C MET JA 36 -17.79 20.46 -42.08
N ALA JA 37 -18.59 21.54 -42.01
CA ALA JA 37 -18.61 22.46 -40.89
C ALA JA 37 -18.96 21.72 -39.61
N THR JA 38 -19.93 20.81 -39.68
CA THR JA 38 -20.46 20.18 -38.48
C THR JA 38 -19.38 19.33 -37.84
N GLY JA 39 -18.56 18.68 -38.68
CA GLY JA 39 -17.47 17.85 -38.24
C GLY JA 39 -16.36 18.67 -37.58
N LYS JA 40 -15.93 19.73 -38.27
CA LYS JA 40 -14.86 20.57 -37.81
C LYS JA 40 -15.23 21.10 -36.42
N GLU JA 41 -16.40 21.72 -36.34
CA GLU JA 41 -16.83 22.42 -35.15
C GLU JA 41 -16.87 21.45 -33.98
N SER JA 42 -17.47 20.30 -34.21
CA SER JA 42 -17.65 19.33 -33.15
C SER JA 42 -16.29 18.89 -32.62
N THR JA 43 -15.28 18.88 -33.49
CA THR JA 43 -13.96 18.36 -33.14
C THR JA 43 -13.29 19.34 -32.19
N GLU JA 44 -13.34 20.62 -32.57
CA GLU JA 44 -12.71 21.69 -31.80
C GLU JA 44 -13.29 21.73 -30.40
N GLN JA 45 -14.61 21.53 -30.27
CA GLN JA 45 -15.32 21.53 -29.01
C GLN JA 45 -14.72 20.51 -28.06
N VAL JA 46 -14.54 19.27 -28.50
CA VAL JA 46 -14.10 18.22 -27.60
C VAL JA 46 -12.65 18.47 -27.20
N ALA JA 47 -11.87 18.97 -28.16
CA ALA JA 47 -10.42 19.01 -28.07
C ALA JA 47 -9.92 20.09 -27.12
N SER JA 48 -10.77 21.05 -26.75
CA SER JA 48 -10.29 22.29 -26.14
C SER JA 48 -10.83 22.51 -24.74
N GLY JA 49 -10.06 23.24 -23.92
CA GLY JA 49 -10.53 23.57 -22.58
C GLY JA 49 -9.46 24.29 -21.76
N LEU JA 50 -9.79 24.64 -20.51
CA LEU JA 50 -8.90 25.31 -19.60
C LEU JA 50 -8.78 24.49 -18.32
N GLN JA 51 -7.69 24.71 -17.58
CA GLN JA 51 -7.39 23.97 -16.38
C GLN JA 51 -6.93 24.96 -15.31
N VAL JA 52 -7.46 24.88 -14.09
CA VAL JA 52 -7.06 25.77 -13.01
C VAL JA 52 -5.83 25.21 -12.35
N ILE JA 53 -4.71 25.96 -12.41
CA ILE JA 53 -3.46 25.50 -11.89
C ILE JA 53 -3.52 25.64 -10.39
N ARG JA 54 -3.68 26.88 -9.89
CA ARG JA 54 -3.70 27.15 -8.46
C ARG JA 54 -4.60 28.35 -8.18
N VAL JA 55 -5.12 28.50 -6.95
CA VAL JA 55 -5.83 29.71 -6.58
C VAL JA 55 -5.18 30.29 -5.34
N LEU JA 56 -4.89 31.60 -5.34
CA LEU JA 56 -4.22 32.30 -4.26
C LEU JA 56 -5.08 33.46 -3.75
N GLY JA 57 -4.87 33.91 -2.49
CA GLY JA 57 -5.85 34.80 -1.88
C GLY JA 57 -5.33 35.68 -0.73
N ASN JA 58 -5.18 36.96 -1.03
CA ASN JA 58 -4.78 37.95 -0.04
C ASN JA 58 -5.80 38.04 1.07
N HIS JA 59 -5.40 38.36 2.33
CA HIS JA 59 -6.33 38.48 3.49
C HIS JA 59 -6.08 39.67 4.39
N SER JA 60 -7.17 40.36 4.81
CA SER JA 60 -7.10 41.47 5.77
C SER JA 60 -8.36 41.47 6.58
N GLY JA 61 -8.29 41.85 7.84
CA GLY JA 61 -9.53 41.93 8.57
C GLY JA 61 -10.02 40.52 8.85
N GLY JA 62 -11.23 40.19 8.43
CA GLY JA 62 -11.71 38.87 8.78
C GLY JA 62 -12.03 38.01 7.57
N LYS JA 63 -11.46 38.38 6.43
CA LYS JA 63 -11.99 37.90 5.18
C LYS JA 63 -10.85 37.69 4.21
N ILE JA 64 -11.14 36.96 3.12
CA ILE JA 64 -10.25 37.01 1.99
C ILE JA 64 -10.88 38.02 1.04
N ASN JA 65 -10.12 39.02 0.58
CA ASN JA 65 -10.69 40.09 -0.15
C ASN JA 65 -10.38 40.05 -1.64
N TRP JA 66 -9.22 39.55 -2.08
CA TRP JA 66 -8.93 39.41 -3.48
C TRP JA 66 -8.61 37.93 -3.77
N LEU JA 67 -8.98 37.42 -4.95
CA LEU JA 67 -8.54 36.11 -5.38
C LEU JA 67 -7.80 36.21 -6.71
N ALA JA 68 -6.81 35.34 -6.91
CA ALA JA 68 -6.10 35.32 -8.16
C ALA JA 68 -6.12 33.88 -8.61
N VAL JA 69 -6.83 33.62 -9.70
CA VAL JA 69 -7.08 32.28 -10.19
C VAL JA 69 -6.17 32.06 -11.39
N LEU JA 70 -5.18 31.19 -11.25
CA LEU JA 70 -4.21 30.98 -12.31
C LEU JA 70 -4.74 29.86 -13.19
N ILE JA 71 -4.68 30.06 -14.52
CA ILE JA 71 -5.37 29.17 -15.44
C ILE JA 71 -4.54 28.97 -16.69
N SER JA 72 -4.66 27.81 -17.35
CA SER JA 72 -3.84 27.52 -18.52
C SER JA 72 -4.59 26.57 -19.44
N PRO JA 73 -4.23 26.44 -20.71
CA PRO JA 73 -4.94 25.56 -21.62
C PRO JA 73 -4.74 24.08 -21.32
N ASN JA 74 -5.70 23.24 -21.74
CA ASN JA 74 -5.58 21.80 -21.66
C ASN JA 74 -4.66 21.37 -22.78
N ALA JA 75 -4.03 20.22 -22.66
CA ALA JA 75 -3.11 19.78 -23.71
C ALA JA 75 -3.87 19.60 -25.02
N GLY JA 76 -3.30 20.13 -26.10
CA GLY JA 76 -3.81 19.88 -27.45
C GLY JA 76 -5.04 20.73 -27.77
N SER JA 77 -5.22 21.83 -27.04
CA SER JA 77 -6.36 22.72 -27.22
C SER JA 77 -6.10 23.78 -28.27
N ALA JA 78 -7.16 24.26 -28.89
CA ALA JA 78 -7.05 25.30 -29.89
C ALA JA 78 -7.02 26.58 -29.08
N PRO JA 79 -6.59 27.74 -29.60
CA PRO JA 79 -6.41 28.91 -28.77
C PRO JA 79 -7.72 29.45 -28.19
N ILE JA 80 -7.73 29.80 -26.89
CA ILE JA 80 -8.91 30.28 -26.21
C ILE JA 80 -8.88 31.80 -26.03
N ASP JA 81 -9.93 32.53 -26.46
CA ASP JA 81 -9.96 34.00 -26.44
C ASP JA 81 -10.67 34.44 -25.19
N LEU JA 82 -9.89 34.89 -24.22
CA LEU JA 82 -10.45 35.04 -22.89
C LEU JA 82 -11.37 36.24 -22.88
N SER JA 83 -11.34 37.08 -23.92
CA SER JA 83 -12.15 38.28 -23.86
C SER JA 83 -13.60 37.90 -23.95
N GLN JA 84 -13.89 36.68 -24.37
CA GLN JA 84 -15.26 36.22 -24.45
C GLN JA 84 -15.54 35.14 -23.40
N ALA JA 85 -14.73 35.00 -22.36
CA ALA JA 85 -14.99 33.99 -21.33
C ALA JA 85 -16.03 34.52 -20.36
N THR JA 86 -16.54 33.69 -19.43
CA THR JA 86 -17.37 34.18 -18.33
C THR JA 86 -17.04 33.43 -17.04
N VAL JA 87 -16.96 34.11 -15.87
CA VAL JA 87 -16.66 33.39 -14.65
C VAL JA 87 -17.83 33.47 -13.70
N MET JA 88 -18.10 32.39 -12.97
CA MET JA 88 -19.25 32.34 -12.10
C MET JA 88 -18.74 31.78 -10.79
N ILE JA 89 -19.06 32.45 -9.68
CA ILE JA 89 -18.56 32.06 -8.39
C ILE JA 89 -19.71 32.15 -7.40
N THR JA 90 -19.81 31.21 -6.43
CA THR JA 90 -20.79 31.37 -5.38
C THR JA 90 -20.25 30.94 -4.03
N ASP JA 91 -20.75 31.63 -2.98
CA ASP JA 91 -20.35 31.38 -1.60
C ASP JA 91 -21.49 30.75 -0.86
N GLY JA 92 -22.56 30.40 -1.58
CA GLY JA 92 -23.69 29.74 -0.94
C GLY JA 92 -24.72 30.73 -0.37
N THR JA 93 -24.36 32.02 -0.31
CA THR JA 93 -25.32 33.05 -0.02
C THR JA 93 -25.53 33.99 -1.20
N HIS JA 94 -24.57 34.21 -2.11
CA HIS JA 94 -24.80 34.95 -3.33
C HIS JA 94 -24.13 34.31 -4.55
N LYS JA 95 -24.48 34.71 -5.80
CA LYS JA 95 -23.86 34.08 -6.98
C LYS JA 95 -23.52 35.14 -8.01
N VAL JA 96 -22.24 35.61 -8.00
CA VAL JA 96 -21.82 36.69 -8.86
C VAL JA 96 -21.43 36.06 -10.16
N ILE JA 97 -21.61 36.80 -11.26
CA ILE JA 97 -21.06 36.44 -12.55
C ILE JA 97 -20.31 37.65 -13.09
N ALA JA 98 -19.10 37.45 -13.67
CA ALA JA 98 -18.25 38.59 -13.98
C ALA JA 98 -17.62 38.44 -15.34
N LYS JA 99 -17.26 39.55 -16.02
CA LYS JA 99 -16.81 39.52 -17.40
C LYS JA 99 -15.66 40.50 -17.59
N TYR JA 100 -14.86 40.37 -18.65
CA TYR JA 100 -13.57 41.03 -18.75
C TYR JA 100 -13.74 42.50 -19.03
N ASN JA 101 -13.02 43.35 -18.29
CA ASN JA 101 -12.96 44.77 -18.61
C ASN JA 101 -11.54 45.06 -19.03
N SER JA 102 -11.36 45.49 -20.28
CA SER JA 102 -10.07 45.58 -20.94
C SER JA 102 -9.18 46.57 -20.23
N THR JA 103 -9.73 47.45 -19.40
CA THR JA 103 -8.97 48.47 -18.72
C THR JA 103 -7.89 47.84 -17.86
N PHE JA 104 -8.13 46.65 -17.32
CA PHE JA 104 -7.32 46.09 -16.25
C PHE JA 104 -6.39 44.99 -16.76
N PHE JA 105 -5.45 45.35 -17.65
CA PHE JA 105 -4.50 44.38 -18.18
C PHE JA 105 -3.11 44.77 -17.71
N ASN JA 106 -2.29 43.79 -17.33
CA ASN JA 106 -0.87 44.07 -17.14
C ASN JA 106 -0.04 43.02 -17.84
N GLY JA 107 0.63 43.40 -18.92
CA GLY JA 107 1.38 42.41 -19.68
C GLY JA 107 2.79 42.20 -19.14
N THR JA 108 3.30 43.23 -18.49
CA THR JA 108 4.72 43.30 -18.24
C THR JA 108 5.16 42.14 -17.38
N LEU JA 109 4.25 41.59 -16.59
CA LEU JA 109 4.61 40.65 -15.55
C LEU JA 109 5.00 39.32 -16.20
N LYS JA 110 4.95 39.22 -17.52
CA LYS JA 110 5.46 38.04 -18.19
C LYS JA 110 6.94 37.90 -17.92
N ASN JA 111 7.57 38.99 -17.51
CA ASN JA 111 9.00 39.06 -17.25
C ASN JA 111 9.25 39.13 -15.75
N GLY JA 112 8.29 38.70 -14.93
CA GLY JA 112 8.57 38.58 -13.50
C GLY JA 112 8.16 39.83 -12.74
N GLY JA 113 7.82 39.66 -11.46
CA GLY JA 113 7.40 40.75 -10.57
C GLY JA 113 6.46 40.21 -9.50
N SER JA 114 5.74 41.10 -8.80
CA SER JA 114 4.81 40.72 -7.74
C SER JA 114 3.37 40.78 -8.21
N ILE JA 115 2.61 39.68 -8.06
CA ILE JA 115 1.16 39.69 -8.28
C ILE JA 115 0.64 40.43 -7.07
N PHE JA 116 -0.65 40.75 -7.01
CA PHE JA 116 -1.21 41.33 -5.82
C PHE JA 116 -0.61 42.69 -5.49
N GLU JA 117 0.34 43.17 -6.32
CA GLU JA 117 0.75 44.57 -6.28
C GLU JA 117 0.94 45.10 -7.71
N ALA JA 118 0.27 44.49 -8.68
CA ALA JA 118 0.37 44.94 -10.06
C ALA JA 118 -0.40 46.23 -10.22
N LYS JA 119 0.12 47.14 -11.02
CA LYS JA 119 -0.59 48.36 -11.41
C LYS JA 119 -1.31 48.16 -12.73
N TYR JA 120 -2.16 49.13 -13.11
CA TYR JA 120 -2.78 49.24 -14.44
C TYR JA 120 -2.77 50.68 -14.90
N ASN JA 121 -3.13 50.97 -16.17
CA ASN JA 121 -2.89 52.27 -16.79
C ASN JA 121 -4.19 52.88 -17.29
N ASN JA 122 -4.88 53.70 -16.46
CA ASN JA 122 -5.87 54.64 -16.94
C ASN JA 122 -5.06 55.73 -17.64
N THR JA 123 -5.56 56.27 -18.76
CA THR JA 123 -4.68 57.11 -19.58
C THR JA 123 -4.13 58.25 -18.70
N THR JA 124 -2.81 58.49 -18.77
CA THR JA 124 -2.09 59.54 -18.05
C THR JA 124 -1.62 59.12 -16.65
N ALA JA 125 -1.99 57.93 -16.16
CA ALA JA 125 -1.56 57.56 -14.81
C ALA JA 125 -1.33 56.05 -14.64
N LEU JA 126 -0.69 55.66 -13.52
CA LEU JA 126 -0.62 54.27 -13.09
C LEU JA 126 -1.24 54.13 -11.70
N LYS JA 127 -2.09 53.11 -11.51
CA LYS JA 127 -2.88 52.97 -10.29
C LYS JA 127 -2.96 51.49 -9.92
N PRO JA 128 -3.20 51.09 -8.65
CA PRO JA 128 -3.20 49.67 -8.29
C PRO JA 128 -4.39 48.91 -8.86
N LEU JA 129 -4.17 47.69 -9.38
CA LEU JA 129 -5.15 46.92 -10.13
C LEU JA 129 -6.28 46.47 -9.22
N PHE JA 130 -5.95 45.66 -8.23
CA PHE JA 130 -6.96 44.91 -7.51
C PHE JA 130 -7.97 45.82 -6.80
N ASP JA 131 -7.48 46.92 -6.23
CA ASP JA 131 -8.30 47.84 -5.48
C ASP JA 131 -9.30 48.56 -6.39
N ASP JA 132 -8.98 48.73 -7.68
CA ASP JA 132 -9.81 49.54 -8.56
C ASP JA 132 -10.83 48.72 -9.35
N LEU JA 133 -10.62 47.41 -9.45
CA LEU JA 133 -11.40 46.53 -10.31
C LEU JA 133 -12.85 46.49 -9.86
N PRO JA 134 -13.85 46.82 -10.71
CA PRO JA 134 -15.26 46.84 -10.34
C PRO JA 134 -15.91 45.52 -9.95
N ALA JA 135 -17.06 45.64 -9.32
CA ALA JA 135 -17.62 44.47 -8.66
C ALA JA 135 -18.10 43.41 -9.64
N THR JA 136 -18.34 43.77 -10.89
CA THR JA 136 -18.85 42.82 -11.85
C THR JA 136 -17.83 42.45 -12.92
N ALA JA 137 -16.52 42.69 -12.69
CA ALA JA 137 -15.57 42.52 -13.78
C ALA JA 137 -14.35 41.76 -13.30
N PHE JA 138 -13.66 41.11 -14.25
CA PHE JA 138 -12.38 40.51 -13.91
C PHE JA 138 -11.28 41.05 -14.79
N GLY JA 139 -10.07 41.09 -14.22
CA GLY JA 139 -8.92 41.63 -14.94
C GLY JA 139 -7.97 40.47 -15.21
N ILE JA 140 -6.90 40.68 -16.00
CA ILE JA 140 -6.05 39.61 -16.43
C ILE JA 140 -4.59 40.04 -16.39
N VAL JA 141 -3.69 39.18 -15.89
CA VAL JA 141 -2.27 39.46 -15.75
C VAL JA 141 -1.44 38.31 -16.29
N VAL JA 142 -0.61 38.59 -17.30
CA VAL JA 142 0.05 37.57 -18.09
C VAL JA 142 1.28 37.16 -17.29
N LEU JA 143 1.36 35.88 -16.96
CA LEU JA 143 2.47 35.42 -16.16
C LEU JA 143 3.45 34.65 -17.02
N GLN JA 144 3.02 33.93 -18.07
CA GLN JA 144 3.97 33.29 -18.99
C GLN JA 144 3.39 33.26 -20.39
N ASP JA 145 4.12 33.82 -21.37
CA ASP JA 145 3.67 33.87 -22.77
C ASP JA 145 4.87 34.07 -23.68
N ALA JA 146 5.20 33.03 -24.45
CA ALA JA 146 6.43 33.03 -25.21
C ALA JA 146 6.29 33.88 -26.47
N ASP JA 147 5.08 33.94 -27.04
CA ASP JA 147 4.89 34.40 -28.40
C ASP JA 147 4.00 35.63 -28.48
N THR JA 148 3.92 36.39 -27.39
CA THR JA 148 3.24 37.66 -27.31
C THR JA 148 1.78 37.56 -27.77
N SER JA 149 1.20 36.38 -27.57
CA SER JA 149 -0.15 36.11 -28.02
C SER JA 149 -1.20 36.89 -27.26
N CYS JA 150 -0.96 37.20 -25.98
CA CYS JA 150 -1.87 38.06 -25.24
C CYS JA 150 -1.60 39.54 -25.53
N SER JA 151 -2.63 40.23 -26.04
CA SER JA 151 -2.64 41.68 -26.17
C SER JA 151 -3.88 42.25 -25.47
N LYS JA 152 -3.79 43.48 -24.95
CA LYS JA 152 -4.80 44.06 -24.07
C LYS JA 152 -6.19 43.98 -24.70
N ASP JA 153 -6.31 44.23 -26.00
CA ASP JA 153 -7.60 44.19 -26.66
C ASP JA 153 -8.03 42.77 -27.07
N THR JA 154 -7.13 41.78 -27.10
CA THR JA 154 -7.43 40.40 -27.51
C THR JA 154 -6.58 39.36 -26.76
N PRO JA 155 -6.94 38.94 -25.54
CA PRO JA 155 -6.13 38.02 -24.79
C PRO JA 155 -6.37 36.60 -25.22
N VAL JA 156 -5.64 36.15 -26.26
CA VAL JA 156 -5.76 34.78 -26.70
C VAL JA 156 -4.63 33.93 -26.14
N ILE JA 157 -4.93 32.88 -25.37
CA ILE JA 157 -3.90 32.05 -24.78
C ILE JA 157 -3.69 30.79 -25.58
N ASN JA 158 -2.41 30.42 -25.85
CA ASN JA 158 -2.07 29.24 -26.65
C ASN JA 158 -1.13 28.37 -25.87
N LYS JA 159 -0.74 27.21 -26.43
CA LYS JA 159 -0.09 26.16 -25.65
C LYS JA 159 1.14 26.71 -24.97
N GLY JA 160 1.20 26.54 -23.65
CA GLY JA 160 2.35 26.96 -22.88
C GLY JA 160 2.06 28.15 -21.97
N ASP JA 161 0.99 28.89 -22.26
CA ASP JA 161 0.79 30.15 -21.57
C ASP JA 161 0.22 29.92 -20.18
N ILE JA 162 0.47 30.84 -19.22
CA ILE JA 162 -0.20 30.87 -17.92
C ILE JA 162 -0.61 32.30 -17.65
N VAL JA 163 -1.80 32.49 -17.07
CA VAL JA 163 -2.37 33.80 -16.90
C VAL JA 163 -3.29 33.83 -15.70
N ALA JA 164 -3.40 34.98 -15.04
CA ALA JA 164 -4.09 35.00 -13.76
C ALA JA 164 -5.31 35.87 -13.90
N ILE JA 165 -6.46 35.30 -13.56
CA ILE JA 165 -7.72 36.00 -13.61
C ILE JA 165 -7.84 36.60 -12.23
N CYS JA 166 -7.99 37.91 -12.17
CA CYS JA 166 -7.98 38.65 -10.94
C CYS JA 166 -9.39 39.11 -10.62
N LEU JA 167 -9.92 38.78 -9.42
CA LEU JA 167 -11.27 39.12 -8.98
C LEU JA 167 -11.23 39.75 -7.61
N ASN JA 168 -12.01 40.83 -7.41
CA ASN JA 168 -12.03 41.50 -6.11
C ASN JA 168 -13.37 41.20 -5.56
N VAL JA 169 -13.41 40.51 -4.41
CA VAL JA 169 -14.63 39.89 -3.92
C VAL JA 169 -15.05 40.48 -2.59
N SER JA 170 -14.46 41.59 -2.20
CA SER JA 170 -14.48 42.09 -0.84
C SER JA 170 -15.88 42.34 -0.36
N ASN JA 171 -16.73 42.87 -1.22
CA ASN JA 171 -18.10 43.17 -0.81
C ASN JA 171 -19.14 42.23 -1.42
N THR JA 172 -18.76 41.49 -2.47
CA THR JA 172 -19.68 40.69 -3.23
C THR JA 172 -19.87 39.34 -2.60
N LEU JA 173 -18.81 38.65 -2.16
CA LEU JA 173 -18.93 37.36 -1.49
C LEU JA 173 -18.24 37.40 -0.13
N ASN JA 174 -18.81 36.75 0.89
CA ASN JA 174 -18.38 37.01 2.27
C ASN JA 174 -17.48 35.88 2.76
N LEU JA 175 -16.21 35.84 2.28
CA LEU JA 175 -15.36 34.68 2.47
C LEU JA 175 -14.69 34.69 3.83
N LYS JA 176 -15.47 34.41 4.88
CA LYS JA 176 -14.92 34.17 6.20
C LYS JA 176 -14.42 32.74 6.29
N PRO JA 177 -13.83 32.28 7.39
CA PRO JA 177 -13.26 30.94 7.47
C PRO JA 177 -14.30 29.84 7.25
N ARG JA 178 -13.83 28.64 6.94
CA ARG JA 178 -14.68 27.49 6.88
C ARG JA 178 -15.80 27.65 5.85
N THR JA 179 -15.58 28.41 4.76
CA THR JA 179 -16.61 28.72 3.79
C THR JA 179 -16.33 28.05 2.44
N LYS JA 180 -17.34 27.39 1.85
CA LYS JA 180 -17.16 26.68 0.58
C LYS JA 180 -17.38 27.64 -0.58
N VAL JA 181 -16.52 27.55 -1.61
CA VAL JA 181 -16.63 28.39 -2.78
C VAL JA 181 -16.61 27.49 -4.00
N THR JA 182 -17.51 27.74 -4.94
CA THR JA 182 -17.71 26.84 -6.06
C THR JA 182 -17.83 27.70 -7.32
N GLY JA 183 -17.39 27.19 -8.47
CA GLY JA 183 -17.54 28.01 -9.65
C GLY JA 183 -16.87 27.46 -10.90
N ALA JA 184 -16.84 28.26 -11.97
CA ALA JA 184 -16.25 27.82 -13.22
C ALA JA 184 -15.86 29.02 -14.06
N VAL JA 185 -14.79 28.88 -14.82
CA VAL JA 185 -14.51 29.79 -15.91
C VAL JA 185 -14.92 29.09 -17.18
N ILE JA 186 -15.85 29.70 -17.92
CA ILE JA 186 -16.51 29.06 -19.03
C ILE JA 186 -16.04 29.74 -20.30
N PRO JA 187 -15.33 29.05 -21.20
CA PRO JA 187 -14.93 29.63 -22.46
C PRO JA 187 -16.00 29.55 -23.53
N GLU JA 188 -15.74 30.17 -24.66
CA GLU JA 188 -16.65 30.32 -25.77
C GLU JA 188 -16.93 28.96 -26.34
N PHE JA 189 -15.89 28.14 -26.40
CA PHE JA 189 -16.04 26.73 -26.69
C PHE JA 189 -15.04 25.92 -25.87
N GLY JA 190 -15.37 24.66 -25.63
CA GLY JA 190 -14.47 23.83 -24.85
C GLY JA 190 -14.88 23.76 -23.38
N ALA JA 191 -14.17 22.92 -22.63
CA ALA JA 191 -14.67 22.47 -21.34
C ALA JA 191 -14.31 23.50 -20.27
N PRO JA 192 -15.20 23.76 -19.29
CA PRO JA 192 -14.92 24.73 -18.26
C PRO JA 192 -13.89 24.27 -17.24
N ALA JA 193 -13.21 25.25 -16.64
CA ALA JA 193 -12.33 24.97 -15.52
C ALA JA 193 -13.17 25.05 -14.25
N VAL JA 194 -12.95 24.14 -13.29
CA VAL JA 194 -13.80 24.07 -12.11
C VAL JA 194 -13.05 24.55 -10.88
N ILE JA 195 -13.57 25.61 -10.24
CA ILE JA 195 -13.02 26.21 -9.05
C ILE JA 195 -13.75 25.55 -7.88
N SER JA 196 -13.03 25.06 -6.87
CA SER JA 196 -13.70 24.38 -5.79
C SER JA 196 -12.78 24.30 -4.58
N PHE JA 197 -13.09 25.08 -3.54
CA PHE JA 197 -12.23 25.11 -2.38
C PHE JA 197 -12.99 25.48 -1.14
N THR JA 198 -12.45 25.10 0.02
CA THR JA 198 -13.03 25.53 1.25
C THR JA 198 -11.98 26.31 2.00
N THR JA 199 -12.32 27.52 2.47
CA THR JA 199 -11.30 28.38 3.02
C THR JA 199 -10.82 27.72 4.30
N PRO JA 200 -9.56 27.92 4.73
CA PRO JA 200 -9.02 27.32 5.94
C PRO JA 200 -9.81 27.56 7.23
N ALA JA 201 -9.48 26.78 8.24
CA ALA JA 201 -10.12 26.90 9.52
C ALA JA 201 -9.64 28.12 10.27
N THR JA 202 -8.41 28.58 9.99
CA THR JA 202 -7.82 29.66 10.76
C THR JA 202 -6.96 30.54 9.85
N TYR JA 203 -7.13 31.84 9.96
CA TYR JA 203 -6.31 32.74 9.21
C TYR JA 203 -5.33 33.35 10.20
N LEU JA 204 -4.02 33.40 9.89
CA LEU JA 204 -3.02 33.95 10.80
C LEU JA 204 -2.43 35.25 10.26
N ASP JA 205 -2.17 36.24 11.14
CA ASP JA 205 -1.74 37.58 10.74
C ASP JA 205 -0.32 37.57 10.18
N THR JA 206 0.42 36.49 10.39
CA THR JA 206 1.78 36.38 9.89
C THR JA 206 1.81 35.88 8.45
N GLN JA 207 0.65 35.48 7.91
CA GLN JA 207 0.59 34.83 6.61
C GLN JA 207 -0.56 35.39 5.78
N HIS JA 208 -0.42 36.61 5.26
CA HIS JA 208 -1.54 37.24 4.61
C HIS JA 208 -1.87 36.67 3.24
N ILE JA 209 -0.94 35.95 2.59
CA ILE JA 209 -1.28 35.31 1.32
C ILE JA 209 -1.43 33.80 1.52
N ILE JA 210 -2.58 33.25 1.09
CA ILE JA 210 -3.00 31.89 1.38
C ILE JA 210 -3.15 31.13 0.08
N GLU JA 211 -2.79 29.83 0.10
CA GLU JA 211 -2.92 29.01 -1.08
C GLU JA 211 -4.19 28.19 -0.89
N LEU JA 212 -5.17 28.36 -1.79
CA LEU JA 212 -6.50 27.86 -1.53
C LEU JA 212 -6.80 26.57 -2.27
N GLN JA 213 -6.25 26.41 -3.48
CA GLN JA 213 -6.42 25.21 -4.28
C GLN JA 213 -5.10 24.97 -5.05
N ALA KA 1 -36.63 5.99 -77.06
CA ALA KA 1 -36.90 7.25 -76.29
C ALA KA 1 -36.43 7.09 -74.85
N ILE KA 2 -36.85 5.99 -74.20
CA ILE KA 2 -36.62 5.74 -72.78
C ILE KA 2 -35.12 5.63 -72.51
N GLY KA 3 -34.40 4.94 -73.40
CA GLY KA 3 -33.00 4.63 -73.22
C GLY KA 3 -32.18 5.87 -72.89
N ILE KA 4 -32.41 6.93 -73.67
CA ILE KA 4 -31.66 8.17 -73.62
C ILE KA 4 -31.62 8.69 -72.19
N GLY KA 5 -32.78 8.83 -71.58
CA GLY KA 5 -32.83 9.41 -70.25
C GLY KA 5 -32.08 8.58 -69.22
N THR KA 6 -32.11 7.25 -69.36
CA THR KA 6 -31.54 6.35 -68.36
C THR KA 6 -30.07 6.69 -68.21
N LEU KA 7 -29.42 6.93 -69.36
CA LEU KA 7 -28.00 7.20 -69.40
C LEU KA 7 -27.73 8.48 -68.62
N ILE KA 8 -28.52 9.53 -68.91
CA ILE KA 8 -28.29 10.84 -68.34
C ILE KA 8 -28.39 10.74 -66.83
N ILE KA 9 -29.43 10.16 -66.28
CA ILE KA 9 -29.54 10.22 -64.83
C ILE KA 9 -28.47 9.35 -64.18
N PHE KA 10 -28.00 8.30 -64.89
CA PHE KA 10 -26.93 7.46 -64.38
C PHE KA 10 -25.73 8.34 -64.07
N ILE KA 11 -25.39 9.26 -64.98
CA ILE KA 11 -24.26 10.16 -64.80
C ILE KA 11 -24.40 10.90 -63.47
N ALA KA 12 -25.60 11.37 -63.18
CA ALA KA 12 -25.80 12.13 -61.97
C ALA KA 12 -25.53 11.25 -60.75
N MET KA 13 -26.03 10.01 -60.76
CA MET KA 13 -25.86 9.11 -59.62
C MET KA 13 -24.39 9.01 -59.26
N VAL KA 14 -23.53 8.90 -60.29
CA VAL KA 14 -22.10 8.69 -60.16
C VAL KA 14 -21.52 9.89 -59.42
N LEU KA 15 -21.81 11.07 -59.96
CA LEU KA 15 -21.23 12.30 -59.47
C LEU KA 15 -21.65 12.53 -58.03
N VAL KA 16 -22.92 12.24 -57.69
CA VAL KA 16 -23.41 12.52 -56.35
C VAL KA 16 -22.73 11.60 -55.34
N ALA KA 17 -22.53 10.33 -55.70
CA ALA KA 17 -21.81 9.40 -54.83
C ALA KA 17 -20.36 9.86 -54.65
N ALA KA 18 -19.78 10.38 -55.73
CA ALA KA 18 -18.40 10.86 -55.71
C ALA KA 18 -18.28 12.00 -54.71
N VAL KA 19 -19.20 12.97 -54.80
CA VAL KA 19 -19.19 14.15 -53.94
C VAL KA 19 -19.31 13.71 -52.49
N ALA KA 20 -20.15 12.74 -52.20
CA ALA KA 20 -20.34 12.30 -50.83
C ALA KA 20 -19.07 11.60 -50.34
N ALA KA 21 -18.43 10.84 -51.21
CA ALA KA 21 -17.24 10.13 -50.80
C ALA KA 21 -16.17 11.16 -50.39
N ALA KA 22 -16.06 12.22 -51.18
CA ALA KA 22 -15.08 13.27 -50.95
C ALA KA 22 -15.19 13.76 -49.52
N VAL KA 23 -16.42 13.99 -49.04
CA VAL KA 23 -16.64 14.49 -47.69
C VAL KA 23 -15.99 13.52 -46.70
N LEU KA 24 -16.25 12.23 -46.88
CA LEU KA 24 -15.87 11.25 -45.89
C LEU KA 24 -14.35 11.16 -45.85
N ILE KA 25 -13.72 11.13 -47.04
CA ILE KA 25 -12.28 10.99 -47.19
C ILE KA 25 -11.61 12.19 -46.53
N ASN KA 26 -12.01 13.39 -46.97
CA ASN KA 26 -11.47 14.65 -46.49
C ASN KA 26 -11.55 14.73 -44.97
N THR KA 27 -12.75 14.49 -44.45
CA THR KA 27 -13.04 14.63 -43.03
C THR KA 27 -12.11 13.72 -42.25
N SER KA 28 -11.87 12.51 -42.77
CA SER KA 28 -11.04 11.54 -42.10
C SER KA 28 -9.64 12.11 -41.99
N GLY KA 29 -9.18 12.73 -43.09
CA GLY KA 29 -7.92 13.45 -43.14
C GLY KA 29 -7.83 14.52 -42.06
N PHE KA 30 -8.87 15.37 -41.97
CA PHE KA 30 -8.90 16.48 -41.04
C PHE KA 30 -8.76 15.99 -39.60
N LEU KA 31 -9.34 14.84 -39.31
CA LEU KA 31 -9.35 14.32 -37.95
C LEU KA 31 -8.02 13.65 -37.66
N GLN KA 32 -7.37 13.07 -38.68
CA GLN KA 32 -6.18 12.28 -38.45
C GLN KA 32 -5.15 13.11 -37.69
N GLN KA 33 -4.99 14.37 -38.14
CA GLN KA 33 -4.04 15.32 -37.58
C GLN KA 33 -4.26 15.43 -36.07
N LYS KA 34 -5.46 15.87 -35.69
CA LYS KA 34 -5.77 16.25 -34.32
C LYS KA 34 -5.72 15.03 -33.43
N ALA KA 35 -6.14 13.88 -33.97
CA ALA KA 35 -6.17 12.67 -33.18
C ALA KA 35 -4.75 12.39 -32.68
N MET KA 36 -3.79 12.37 -33.60
CA MET KA 36 -2.44 12.04 -33.22
C MET KA 36 -1.93 13.08 -32.23
N ALA KA 37 -2.08 14.36 -32.59
CA ALA KA 37 -1.54 15.47 -31.83
C ALA KA 37 -1.93 15.34 -30.36
N THR KA 38 -3.21 15.01 -30.12
CA THR KA 38 -3.76 15.02 -28.78
C THR KA 38 -3.04 13.97 -27.94
N GLY KA 39 -2.80 12.80 -28.54
CA GLY KA 39 -2.21 11.70 -27.81
C GLY KA 39 -0.77 12.01 -27.41
N LYS KA 40 0.01 12.51 -28.36
CA LYS KA 40 1.41 12.79 -28.14
C LYS KA 40 1.51 13.82 -27.03
N GLU KA 41 0.81 14.94 -27.19
CA GLU KA 41 0.82 16.04 -26.25
C GLU KA 41 0.48 15.55 -24.84
N SER KA 42 -0.57 14.73 -24.75
CA SER KA 42 -1.05 14.33 -23.44
C SER KA 42 -0.03 13.45 -22.73
N THR KA 43 0.70 12.65 -23.50
CA THR KA 43 1.65 11.72 -22.93
C THR KA 43 2.82 12.53 -22.38
N GLU KA 44 3.32 13.48 -23.19
CA GLU KA 44 4.48 14.27 -22.80
C GLU KA 44 4.18 15.02 -21.50
N GLN KA 45 2.92 15.45 -21.33
CA GLN KA 45 2.48 16.16 -20.13
C GLN KA 45 2.57 15.24 -18.91
N VAL KA 46 2.07 14.02 -19.01
CA VAL KA 46 1.98 13.22 -17.80
C VAL KA 46 3.34 12.70 -17.40
N ALA KA 47 4.25 12.54 -18.36
CA ALA KA 47 5.52 11.87 -18.15
C ALA KA 47 6.59 12.83 -17.63
N SER KA 48 6.51 14.10 -18.02
CA SER KA 48 7.59 15.02 -17.76
C SER KA 48 7.40 15.80 -16.45
N GLY KA 49 8.50 16.32 -15.91
CA GLY KA 49 8.48 17.01 -14.62
C GLY KA 49 9.89 17.30 -14.10
N LEU KA 50 9.98 18.03 -12.98
CA LEU KA 50 11.24 18.31 -12.32
C LEU KA 50 11.07 18.02 -10.83
N LEU KA 51 12.20 17.81 -10.14
CA LEU KA 51 12.18 17.34 -8.77
C LEU KA 51 13.26 18.06 -7.97
N CYS KA 52 12.87 18.57 -6.80
CA CYS KA 52 13.71 19.37 -5.91
C CYS KA 52 14.58 18.44 -5.10
N SER KA 53 15.83 18.82 -4.96
CA SER KA 53 16.83 17.89 -4.47
C SER KA 53 17.30 18.38 -3.13
N GLY KA 54 17.30 19.71 -2.97
CA GLY KA 54 17.88 20.34 -1.80
C GLY KA 54 17.73 21.84 -1.91
N VAL KA 55 17.74 22.54 -0.76
CA VAL KA 55 17.86 23.98 -0.76
C VAL KA 55 18.89 24.38 0.28
N THR KA 56 19.73 25.38 -0.02
CA THR KA 56 20.67 25.91 0.95
C THR KA 56 20.75 27.43 0.91
N GLY KA 57 21.28 28.06 1.99
CA GLY KA 57 21.10 29.51 2.10
C GLY KA 57 22.13 30.23 2.95
N HIS KA 58 22.32 31.57 2.79
CA HIS KA 58 23.43 32.29 3.39
C HIS KA 58 22.90 33.33 4.36
N TYR KA 59 23.41 33.34 5.61
CA TYR KA 59 22.90 34.21 6.67
C TYR KA 59 23.86 35.35 6.90
N VAL KA 60 23.39 36.59 6.80
CA VAL KA 60 24.20 37.75 7.16
C VAL KA 60 23.89 38.12 8.60
N LYS KA 61 24.93 38.37 9.40
CA LYS KA 61 24.76 38.51 10.84
C LYS KA 61 23.79 39.63 11.16
N ASN KA 62 22.90 39.35 12.10
CA ASN KA 62 21.97 40.33 12.63
C ASN KA 62 20.98 40.78 11.55
N LYS KA 63 20.93 40.09 10.40
CA LYS KA 63 20.02 40.48 9.33
C LYS KA 63 19.05 39.37 8.93
N GLY KA 64 19.54 38.17 8.61
CA GLY KA 64 18.68 37.09 8.13
C GLY KA 64 19.19 36.48 6.83
N ILE KA 65 18.39 35.62 6.19
CA ILE KA 65 18.86 34.89 5.04
C ILE KA 65 18.79 35.81 3.83
N ASP KA 66 19.91 35.91 3.12
CA ASP KA 66 20.10 36.94 2.12
C ASP KA 66 19.85 36.37 0.74
N ARG KA 67 20.32 35.14 0.50
CA ARG KA 67 20.28 34.44 -0.78
C ARG KA 67 20.03 32.93 -0.56
N ILE KA 68 19.49 32.24 -1.58
CA ILE KA 68 19.19 30.81 -1.53
C ILE KA 68 19.54 30.12 -2.85
N VAL KA 69 19.98 28.83 -2.79
CA VAL KA 69 20.30 28.04 -3.98
C VAL KA 69 19.52 26.74 -3.96
N ILE KA 70 18.75 26.49 -5.02
CA ILE KA 70 17.77 25.43 -5.09
C ILE KA 70 18.30 24.43 -6.10
N TYR KA 71 18.43 23.16 -5.73
CA TYR KA 71 19.02 22.18 -6.63
C TYR KA 71 17.88 21.42 -7.27
N ILE KA 72 17.95 21.25 -8.60
CA ILE KA 72 16.82 20.73 -9.36
C ILE KA 72 17.30 19.70 -10.37
N THR KA 73 16.46 18.68 -10.63
CA THR KA 73 16.80 17.51 -11.43
C THR KA 73 15.55 17.00 -12.11
N PRO KA 74 15.61 16.31 -13.26
CA PRO KA 74 14.40 15.87 -13.93
C PRO KA 74 13.95 14.52 -13.42
N ASN KA 75 12.65 14.20 -13.55
CA ASN KA 75 12.15 12.92 -13.04
C ASN KA 75 12.49 11.82 -14.02
N ALA KA 76 12.52 10.57 -13.55
CA ALA KA 76 12.82 9.45 -14.43
C ALA KA 76 11.90 9.51 -15.65
N GLY KA 77 12.49 9.39 -16.86
CA GLY KA 77 11.70 9.20 -18.06
C GLY KA 77 11.16 10.50 -18.65
N SER KA 78 11.37 11.62 -17.96
CA SER KA 78 10.87 12.90 -18.44
C SER KA 78 11.53 13.35 -19.73
N ALA KA 79 10.77 14.00 -20.57
CA ALA KA 79 11.29 14.47 -21.84
C ALA KA 79 12.04 15.75 -21.48
N PRO KA 80 12.92 16.29 -22.33
CA PRO KA 80 13.79 17.37 -21.93
C PRO KA 80 13.04 18.68 -21.64
N ILE KA 81 13.46 19.41 -20.61
CA ILE KA 81 12.74 20.60 -20.14
C ILE KA 81 13.57 21.84 -20.44
N ASP KA 82 12.90 22.82 -21.07
CA ASP KA 82 13.50 23.99 -21.67
C ASP KA 82 13.56 25.03 -20.58
N LEU KA 83 14.66 25.03 -19.85
CA LEU KA 83 14.65 25.66 -18.54
C LEU KA 83 14.34 27.14 -18.68
N LYS KA 84 14.61 27.73 -19.87
CA LYS KA 84 14.63 29.18 -19.98
C LYS KA 84 13.23 29.70 -20.14
N GLN KA 85 12.26 28.81 -20.23
CA GLN KA 85 10.88 29.26 -20.28
C GLN KA 85 10.19 29.01 -18.95
N CYS KA 86 10.83 28.40 -17.95
CA CYS KA 86 10.14 28.00 -16.74
C CYS KA 86 10.06 29.18 -15.78
N LYS KA 87 8.99 29.31 -14.99
CA LYS KA 87 8.83 30.42 -14.07
C LYS KA 87 8.75 29.90 -12.64
N LEU KA 88 9.31 30.64 -11.66
CA LEU KA 88 9.39 30.17 -10.28
C LEU KA 88 8.56 31.10 -9.43
N PHE KA 89 7.57 30.53 -8.74
CA PHE KA 89 6.64 31.28 -7.91
C PHE KA 89 6.99 31.00 -6.46
N LEU KA 90 7.09 32.06 -5.65
CA LEU KA 90 7.44 31.89 -4.26
C LEU KA 90 6.49 32.78 -3.44
N MET KA 91 6.06 32.25 -2.27
CA MET KA 91 5.20 32.93 -1.33
C MET KA 91 5.90 33.02 0.01
N TYR KA 92 5.64 34.14 0.72
CA TYR KA 92 6.22 34.41 2.03
C TYR KA 92 5.28 35.35 2.77
N ASP KA 93 5.78 36.14 3.71
CA ASP KA 93 4.87 36.69 4.71
C ASP KA 93 4.00 37.79 4.14
N GLY KA 94 4.33 38.29 2.98
CA GLY KA 94 3.46 39.35 2.51
C GLY KA 94 3.43 39.56 0.98
N LYS KA 95 4.09 38.68 0.25
CA LYS KA 95 4.43 38.89 -1.11
C LYS KA 95 4.35 37.55 -1.82
N ALA KA 96 3.96 37.57 -3.09
CA ALA KA 96 3.95 36.38 -3.92
C ALA KA 96 4.53 36.80 -5.26
N VAL KA 97 5.74 36.29 -5.56
CA VAL KA 97 6.61 36.86 -6.56
C VAL KA 97 6.82 35.81 -7.62
N SER KA 98 6.87 36.23 -8.89
CA SER KA 98 7.25 35.34 -9.98
C SER KA 98 8.61 35.80 -10.50
N LEU KA 99 9.57 34.87 -10.73
CA LEU KA 99 10.88 35.19 -11.26
C LEU KA 99 11.14 34.52 -12.62
N ASN KA 100 11.80 35.18 -13.60
CA ASN KA 100 12.04 34.61 -14.93
C ASN KA 100 13.52 34.40 -15.20
N PHE KA 101 13.90 33.40 -16.01
CA PHE KA 101 15.29 33.08 -16.32
C PHE KA 101 16.02 34.28 -16.87
N SER KA 102 17.32 34.36 -16.60
CA SER KA 102 18.14 35.45 -17.12
C SER KA 102 19.52 34.88 -17.35
N LYS KA 103 20.24 35.41 -18.34
CA LYS KA 103 21.52 34.82 -18.69
C LYS KA 103 22.55 35.16 -17.61
N TYR KA 104 23.41 34.17 -17.30
CA TYR KA 104 24.63 34.30 -16.53
C TYR KA 104 25.53 35.27 -17.30
N ASP KA 105 26.69 35.66 -16.79
CA ASP KA 105 27.51 36.59 -17.57
C ASP KA 105 27.92 36.00 -18.92
N THR KA 106 27.47 36.64 -20.02
CA THR KA 106 27.94 36.47 -21.40
C THR KA 106 27.57 35.09 -21.98
N ASN KA 107 27.08 34.17 -21.15
CA ASN KA 107 26.88 32.79 -21.54
C ASN KA 107 25.56 32.28 -20.93
N THR KA 108 24.96 31.23 -21.51
CA THR KA 108 23.58 30.98 -21.14
C THR KA 108 23.46 30.47 -19.71
N VAL KA 109 24.43 29.70 -19.25
CA VAL KA 109 24.38 29.00 -17.98
C VAL KA 109 25.81 28.96 -17.46
N GLY KA 110 26.02 29.25 -16.18
CA GLY KA 110 27.38 29.33 -15.66
C GLY KA 110 28.06 27.96 -15.61
N ASP KA 111 29.16 27.77 -16.34
CA ASP KA 111 29.77 26.44 -16.47
C ASP KA 111 30.69 26.09 -15.32
N PHE KA 112 30.14 25.39 -14.34
CA PHE KA 112 30.94 24.90 -13.25
C PHE KA 112 30.82 23.38 -13.22
N THR KA 113 30.91 22.76 -14.39
CA THR KA 113 30.89 21.31 -14.51
C THR KA 113 32.09 20.71 -13.78
N ASN KA 114 33.16 21.50 -13.56
CA ASN KA 114 34.35 21.02 -12.90
C ASN KA 114 34.60 21.66 -11.53
N GLY KA 115 33.54 22.04 -10.80
CA GLY KA 115 33.68 22.29 -9.36
C GLY KA 115 33.77 23.77 -8.99
N ILE KA 116 33.38 24.11 -7.74
CA ILE KA 116 33.31 25.48 -7.27
C ILE KA 116 33.93 25.50 -5.89
N LYS KA 117 34.77 26.49 -5.61
CA LYS KA 117 35.44 26.62 -4.33
C LYS KA 117 34.40 26.91 -3.25
N ASP KA 118 33.45 27.80 -3.55
CA ASP KA 118 32.36 28.17 -2.64
C ASP KA 118 31.23 28.80 -3.44
N ILE KA 119 30.01 28.21 -3.35
CA ILE KA 119 28.89 28.57 -4.21
C ILE KA 119 28.43 29.98 -3.88
N PHE KA 120 28.85 30.52 -2.72
CA PHE KA 120 28.35 31.82 -2.34
C PHE KA 120 29.41 32.92 -2.42
N ASN KA 121 30.67 32.59 -2.73
CA ASN KA 121 31.69 33.62 -2.83
C ASN KA 121 31.44 34.43 -4.09
N THR KA 122 31.34 35.74 -3.94
CA THR KA 122 30.84 36.64 -4.98
C THR KA 122 31.73 36.66 -6.21
N THR KA 123 33.07 36.71 -6.00
CA THR KA 123 33.99 36.89 -7.11
C THR KA 123 34.09 35.66 -7.99
N VAL KA 124 33.93 34.49 -7.38
CA VAL KA 124 33.98 33.24 -8.12
C VAL KA 124 32.69 33.09 -8.91
N VAL KA 125 31.53 33.38 -8.29
CA VAL KA 125 30.27 32.82 -8.78
C VAL KA 125 29.49 33.80 -9.65
N LYS KA 126 29.65 35.10 -9.47
CA LYS KA 126 28.89 36.04 -10.30
C LYS KA 126 27.38 36.01 -10.02
N TRP KA 127 26.99 36.49 -8.84
CA TRP KA 127 25.61 36.59 -8.41
C TRP KA 127 24.92 37.79 -9.03
N ASN KA 128 25.63 38.70 -9.71
CA ASN KA 128 25.12 40.04 -9.95
C ASN KA 128 23.84 40.14 -10.76
N ASN KA 129 23.58 39.19 -11.68
CA ASN KA 129 22.37 39.25 -12.49
C ASN KA 129 21.16 38.70 -11.77
N ALA KA 130 21.26 38.35 -10.49
CA ALA KA 130 20.06 37.92 -9.75
C ALA KA 130 19.31 39.16 -9.25
N ASP KA 131 18.55 39.80 -10.16
CA ASP KA 131 17.79 41.01 -9.90
C ASP KA 131 16.55 40.64 -9.11
N ALA KA 132 15.70 41.61 -8.81
CA ALA KA 132 14.61 41.33 -7.89
C ALA KA 132 13.54 40.57 -8.63
N THR KA 133 13.68 40.44 -9.96
CA THR KA 133 12.68 39.75 -10.76
C THR KA 133 13.22 38.60 -11.60
N SER KA 134 14.46 38.11 -11.39
CA SER KA 134 14.94 36.96 -12.14
C SER KA 134 15.82 35.99 -11.36
N PHE KA 135 16.04 34.79 -11.94
CA PHE KA 135 17.04 33.87 -11.44
C PHE KA 135 18.11 33.55 -12.48
N VAL KA 136 19.20 32.91 -12.02
CA VAL KA 136 20.23 32.43 -12.93
C VAL KA 136 20.55 30.99 -12.59
N VAL KA 137 21.13 30.23 -13.53
CA VAL KA 137 21.30 28.80 -13.41
C VAL KA 137 22.78 28.47 -13.53
N VAL KA 138 23.27 27.58 -12.66
CA VAL KA 138 24.66 27.16 -12.60
C VAL KA 138 24.65 25.67 -12.85
N ALA KA 139 25.46 25.20 -13.81
CA ALA KA 139 25.38 23.82 -14.26
C ALA KA 139 26.39 22.99 -13.50
N LEU KA 140 25.88 21.97 -12.79
CA LEU KA 140 26.73 21.21 -11.89
C LEU KA 140 27.08 19.84 -12.46
N GLN KA 141 26.17 19.16 -13.17
CA GLN KA 141 26.55 17.93 -13.87
C GLN KA 141 25.74 17.80 -15.16
N ASP KA 142 26.43 17.58 -16.30
CA ASP KA 142 25.82 17.53 -17.63
C ASP KA 142 26.83 16.95 -18.60
N ASP KA 143 26.64 15.68 -18.98
CA ASP KA 143 27.55 14.92 -19.82
C ASP KA 143 27.46 15.44 -21.26
N ASP KA 144 26.24 15.56 -21.73
CA ASP KA 144 25.90 15.79 -23.12
C ASP KA 144 25.94 17.28 -23.52
N LYS KA 145 26.38 18.16 -22.64
CA LYS KA 145 26.43 19.59 -22.90
C LYS KA 145 25.07 20.25 -23.20
N SER KA 146 23.96 19.68 -22.72
CA SER KA 146 22.67 20.30 -23.00
C SER KA 146 22.42 21.55 -22.17
N LEU KA 147 22.81 21.52 -20.90
CA LEU KA 147 22.61 22.71 -20.08
C LEU KA 147 23.44 23.81 -20.72
N LEU KA 148 24.67 23.48 -21.15
CA LEU KA 148 25.69 24.47 -21.45
C LEU KA 148 25.36 25.21 -22.73
N THR KA 149 24.32 24.77 -23.43
CA THR KA 149 24.10 25.22 -24.79
C THR KA 149 22.58 25.26 -25.00
N ASN KA 150 21.98 26.44 -24.82
CA ASN KA 150 20.53 26.57 -24.99
C ASN KA 150 19.71 25.98 -23.83
N ALA KA 151 20.35 25.63 -22.72
CA ALA KA 151 19.72 25.52 -21.41
C ALA KA 151 18.62 24.46 -21.33
N VAL KA 152 18.90 23.24 -21.85
CA VAL KA 152 17.90 22.20 -21.76
C VAL KA 152 18.34 21.12 -20.79
N ILE KA 153 17.50 20.84 -19.76
CA ILE KA 153 17.78 19.78 -18.82
C ILE KA 153 17.34 18.48 -19.48
N ASN KA 154 18.20 17.43 -19.44
CA ASN KA 154 17.80 16.08 -19.82
C ASN KA 154 18.32 15.08 -18.80
N LYS KA 155 18.17 13.78 -19.09
CA LYS KA 155 18.30 12.74 -18.06
C LYS KA 155 19.66 12.80 -17.38
N GLY KA 156 19.68 12.85 -16.06
CA GLY KA 156 20.96 12.73 -15.37
C GLY KA 156 21.62 14.08 -15.10
N ASP KA 157 21.05 15.17 -15.62
CA ASP KA 157 21.61 16.49 -15.34
C ASP KA 157 21.26 16.92 -13.91
N LEU KA 158 22.08 17.77 -13.28
CA LEU KA 158 21.76 18.42 -11.98
C LEU KA 158 22.18 19.85 -12.07
N ALA KA 159 21.32 20.79 -11.66
CA ALA KA 159 21.57 22.20 -11.90
C ALA KA 159 21.04 22.99 -10.75
N GLY KA 160 21.59 24.18 -10.59
CA GLY KA 160 21.27 24.88 -9.35
C GLY KA 160 20.76 26.26 -9.70
N VAL KA 161 19.64 26.65 -9.09
CA VAL KA 161 18.99 27.89 -9.40
C VAL KA 161 19.37 28.86 -8.30
N LEU KA 162 19.87 30.05 -8.64
CA LEU KA 162 20.23 31.01 -7.62
C LEU KA 162 19.14 32.08 -7.50
N VAL KA 163 18.63 32.37 -6.26
CA VAL KA 163 17.68 33.47 -6.06
C VAL KA 163 18.07 34.43 -4.95
N ASN KA 164 18.07 35.76 -5.23
CA ASN KA 164 18.51 36.81 -4.31
C ASN KA 164 17.29 37.20 -3.51
N VAL KA 165 17.02 36.38 -2.49
CA VAL KA 165 15.73 36.41 -1.87
C VAL KA 165 15.53 37.77 -1.25
N SER KA 166 16.58 38.36 -0.72
CA SER KA 166 16.38 39.56 0.08
C SER KA 166 15.94 40.70 -0.83
N ALA KA 167 16.27 40.56 -2.11
CA ALA KA 167 15.90 41.56 -3.10
C ALA KA 167 14.53 41.24 -3.67
N ALA KA 168 14.22 39.96 -3.79
CA ALA KA 168 12.96 39.50 -4.33
C ALA KA 168 11.80 39.85 -3.39
N PHE KA 169 11.92 39.51 -2.12
CA PHE KA 169 10.85 39.77 -1.19
C PHE KA 169 11.06 41.14 -0.56
N GLY KA 170 12.17 41.79 -0.83
CA GLY KA 170 12.37 43.14 -0.30
C GLY KA 170 12.85 43.17 1.14
N LYS KA 171 12.89 42.03 1.83
CA LYS KA 171 13.56 41.96 3.13
C LYS KA 171 14.21 40.59 3.36
N HIS KA 172 15.12 40.50 4.34
CA HIS KA 172 15.72 39.21 4.65
C HIS KA 172 14.72 38.30 5.37
N VAL KA 173 14.67 36.97 5.07
CA VAL KA 173 13.70 36.16 5.77
C VAL KA 173 14.23 35.79 7.14
N GLY KA 174 13.38 35.90 8.15
CA GLY KA 174 13.78 35.77 9.55
C GLY KA 174 13.68 34.33 10.01
N THR KA 175 13.80 34.13 11.33
CA THR KA 175 13.71 32.80 11.89
C THR KA 175 12.25 32.42 12.04
N ARG KA 176 11.95 31.13 12.09
CA ARG KA 176 10.61 30.60 12.32
C ARG KA 176 9.61 31.03 11.24
N GLU KA 177 10.05 31.29 10.01
CA GLU KA 177 9.16 31.72 8.95
C GLU KA 177 9.10 30.66 7.85
N ARG KA 178 7.92 30.45 7.21
CA ARG KA 178 7.91 29.52 6.07
C ARG KA 178 7.93 30.21 4.72
N VAL KA 179 8.47 29.49 3.72
CA VAL KA 179 8.46 29.92 2.35
C VAL KA 179 8.10 28.74 1.48
N SER KA 180 7.16 28.97 0.53
CA SER KA 180 6.75 27.85 -0.27
C SER KA 180 6.50 28.31 -1.69
N GLY KA 181 6.67 27.37 -2.63
CA GLY KA 181 6.49 27.72 -4.02
C GLY KA 181 6.55 26.53 -4.94
N TYR KA 182 6.67 26.82 -6.22
CA TYR KA 182 6.75 25.84 -7.25
C TYR KA 182 7.59 26.40 -8.39
N LEU KA 183 8.40 25.55 -9.03
CA LEU KA 183 9.05 25.91 -10.28
C LEU KA 183 8.28 25.20 -11.37
N GLN KA 184 7.61 25.97 -12.23
CA GLN KA 184 6.58 25.42 -13.08
C GLN KA 184 7.13 25.40 -14.48
N PRO KA 185 7.37 24.24 -15.11
CA PRO KA 185 7.82 24.23 -16.49
C PRO KA 185 6.68 24.46 -17.46
N GLU KA 186 7.06 24.66 -18.71
CA GLU KA 186 6.17 24.95 -19.81
C GLU KA 186 5.20 23.83 -20.01
N PHE KA 187 5.68 22.60 -19.89
CA PHE KA 187 4.79 21.45 -19.79
C PHE KA 187 5.32 20.47 -18.77
N GLY KA 188 4.43 19.79 -18.05
CA GLY KA 188 4.85 18.78 -17.10
C GLY KA 188 4.74 19.28 -15.65
N ALA KA 189 5.07 18.41 -14.71
CA ALA KA 189 4.71 18.60 -13.33
C ALA KA 189 5.68 19.56 -12.66
N PRO KA 190 5.24 20.41 -11.72
CA PRO KA 190 6.11 21.40 -11.13
C PRO KA 190 6.89 20.87 -9.94
N ALA KA 191 8.07 21.41 -9.72
CA ALA KA 191 8.86 21.01 -8.58
C ALA KA 191 8.38 21.82 -7.40
N VAL KA 192 7.89 21.17 -6.33
CA VAL KA 192 7.43 21.84 -5.11
C VAL KA 192 8.61 22.26 -4.26
N ILE KA 193 8.57 23.47 -3.69
CA ILE KA 193 9.55 23.92 -2.72
C ILE KA 193 8.80 24.29 -1.45
N GLU KA 194 9.34 23.91 -0.29
CA GLU KA 194 8.66 24.18 0.97
C GLU KA 194 9.69 24.02 2.07
N PHE KA 195 9.91 25.08 2.85
CA PHE KA 195 10.68 24.94 4.06
C PHE KA 195 10.39 26.05 5.07
N THR KA 196 10.66 25.71 6.33
CA THR KA 196 10.51 26.65 7.42
C THR KA 196 11.92 26.94 7.96
N THR KA 197 12.28 28.22 8.05
CA THR KA 197 13.62 28.57 8.44
C THR KA 197 13.71 28.17 9.89
N PRO KA 198 14.85 27.68 10.38
CA PRO KA 198 14.96 27.20 11.75
C PRO KA 198 14.79 28.31 12.77
N ALA KA 199 14.76 27.89 14.03
CA ALA KA 199 14.54 28.77 15.16
C ALA KA 199 15.76 29.60 15.48
N ALA KA 200 16.95 29.10 15.17
CA ALA KA 200 18.16 29.76 15.62
C ALA KA 200 19.20 29.71 14.51
N PHE KA 201 19.43 30.85 13.90
CA PHE KA 201 20.50 30.89 12.94
C PHE KA 201 21.78 30.84 13.75
N THR KA 202 22.74 29.98 13.38
CA THR KA 202 23.98 29.86 14.14
C THR KA 202 25.24 29.56 13.32
N SER KA 203 25.14 29.54 11.97
CA SER KA 203 26.27 29.33 11.08
C SER KA 203 25.96 30.03 9.77
N ASP KA 204 26.96 30.26 8.92
CA ASP KA 204 26.72 31.11 7.77
C ASP KA 204 25.93 30.34 6.71
N VAL KA 205 26.21 29.06 6.46
CA VAL KA 205 25.48 28.38 5.40
C VAL KA 205 24.59 27.30 5.98
N ILE KA 206 23.27 27.36 5.75
CA ILE KA 206 22.27 26.55 6.45
C ILE KA 206 21.51 25.64 5.53
N GLU KA 207 21.23 24.43 5.99
CA GLU KA 207 20.79 23.37 5.13
C GLU KA 207 19.27 23.24 5.20
N LEU KA 208 18.59 24.16 4.51
CA LEU KA 208 17.16 24.30 4.65
C LEU KA 208 16.42 23.04 4.18
N GLN KA 209 16.94 22.38 3.14
CA GLN KA 209 16.58 21.03 2.68
C GLN KA 209 15.04 20.80 2.63
N ALA LA 1 -29.28 3.50 -62.67
CA ALA LA 1 -29.53 2.36 -61.71
C ALA LA 1 -28.89 2.63 -60.35
N ILE LA 2 -29.59 2.25 -59.28
CA ILE LA 2 -29.20 2.58 -57.92
C ILE LA 2 -27.91 1.85 -57.52
N GLY LA 3 -27.68 0.69 -58.14
CA GLY LA 3 -26.58 -0.17 -57.71
C GLY LA 3 -25.23 0.54 -57.81
N ILE LA 4 -25.12 1.37 -58.86
CA ILE LA 4 -23.87 1.99 -59.23
C ILE LA 4 -23.33 2.79 -58.04
N GLY LA 5 -24.17 3.63 -57.46
CA GLY LA 5 -23.73 4.45 -56.34
C GLY LA 5 -23.39 3.61 -55.10
N THR LA 6 -24.15 2.54 -54.88
CA THR LA 6 -24.02 1.73 -53.67
C THR LA 6 -22.62 1.16 -53.62
N LEU LA 7 -22.13 0.74 -54.80
CA LEU LA 7 -20.79 0.20 -54.95
C LEU LA 7 -19.78 1.29 -54.58
N ILE LA 8 -19.88 2.46 -55.23
CA ILE LA 8 -18.91 3.53 -55.10
C ILE LA 8 -18.81 3.99 -53.66
N ILE LA 9 -19.94 4.15 -52.96
CA ILE LA 9 -19.87 4.65 -51.61
C ILE LA 9 -19.26 3.60 -50.66
N PHE LA 10 -19.40 2.31 -50.98
CA PHE LA 10 -18.81 1.24 -50.19
C PHE LA 10 -17.29 1.39 -50.19
N ILE LA 11 -16.74 1.68 -51.38
CA ILE LA 11 -15.31 1.86 -51.57
C ILE LA 11 -14.82 2.92 -50.61
N ALA LA 12 -15.56 4.03 -50.52
CA ALA LA 12 -15.19 5.12 -49.63
C ALA LA 12 -15.25 4.65 -48.19
N MET LA 13 -16.32 3.94 -47.83
CA MET LA 13 -16.58 3.62 -46.43
C MET LA 13 -15.44 2.77 -45.88
N VAL LA 14 -14.98 1.80 -46.69
CA VAL LA 14 -13.88 0.91 -46.36
C VAL LA 14 -12.67 1.75 -46.07
N LEU LA 15 -12.34 2.65 -47.01
CA LEU LA 15 -11.12 3.42 -46.96
C LEU LA 15 -11.10 4.25 -45.69
N VAL LA 16 -12.22 4.87 -45.34
CA VAL LA 16 -12.27 5.73 -44.18
C VAL LA 16 -12.01 4.90 -42.93
N ALA LA 17 -12.66 3.74 -42.86
CA ALA LA 17 -12.52 2.88 -41.69
C ALA LA 17 -11.07 2.40 -41.55
N ALA LA 18 -10.37 2.30 -42.68
CA ALA LA 18 -8.97 1.90 -42.65
C ALA LA 18 -8.17 2.99 -41.98
N VAL LA 19 -8.36 4.24 -42.45
CA VAL LA 19 -7.62 5.39 -41.92
C VAL LA 19 -7.85 5.51 -40.43
N ALA LA 20 -9.10 5.34 -40.00
CA ALA LA 20 -9.44 5.45 -38.60
C ALA LA 20 -8.71 4.39 -37.79
N ALA LA 21 -8.65 3.16 -38.30
CA ALA LA 21 -7.97 2.08 -37.61
C ALA LA 21 -6.50 2.42 -37.48
N ALA LA 22 -5.93 2.96 -38.57
CA ALA LA 22 -4.50 3.19 -38.62
C ALA LA 22 -4.03 4.00 -37.42
N VAL LA 23 -4.70 5.13 -37.12
CA VAL LA 23 -4.28 6.05 -36.08
C VAL LA 23 -4.17 5.35 -34.73
N LEU LA 24 -4.99 4.34 -34.50
CA LEU LA 24 -4.98 3.65 -33.22
C LEU LA 24 -3.76 2.74 -33.16
N ILE LA 25 -3.45 2.06 -34.29
CA ILE LA 25 -2.32 1.15 -34.38
C ILE LA 25 -1.05 1.96 -34.16
N ASN LA 26 -0.90 3.06 -34.92
CA ASN LA 26 0.22 3.99 -34.81
C ASN LA 26 0.39 4.47 -33.36
N THR LA 27 -0.70 4.96 -32.75
CA THR LA 27 -0.63 5.58 -31.45
C THR LA 27 -0.25 4.53 -30.42
N SER LA 28 -0.66 3.29 -30.63
CA SER LA 28 -0.37 2.25 -29.67
C SER LA 28 1.14 1.99 -29.69
N GLY LA 29 1.73 2.05 -30.88
CA GLY LA 29 3.18 1.98 -31.07
C GLY LA 29 3.92 3.05 -30.27
N PHE LA 30 3.52 4.32 -30.46
CA PHE LA 30 4.13 5.45 -29.78
C PHE LA 30 4.08 5.26 -28.27
N LEU LA 31 2.93 4.86 -27.77
CA LEU LA 31 2.77 4.72 -26.34
C LEU LA 31 3.58 3.54 -25.81
N GLN LA 32 3.81 2.51 -26.64
CA GLN LA 32 4.43 1.30 -26.15
C GLN LA 32 5.81 1.66 -25.56
N GLN LA 33 6.62 2.31 -26.41
CA GLN LA 33 7.98 2.63 -26.05
C GLN LA 33 7.99 3.49 -24.80
N LYS LA 34 7.16 4.54 -24.81
CA LYS LA 34 7.18 5.56 -23.77
C LYS LA 34 6.86 4.93 -22.42
N ALA LA 35 5.93 3.98 -22.43
CA ALA LA 35 5.49 3.30 -21.23
C ALA LA 35 6.62 2.44 -20.71
N MET LA 36 7.18 1.60 -21.59
CA MET LA 36 8.14 0.58 -21.18
C MET LA 36 9.34 1.25 -20.52
N ALA LA 37 9.86 2.29 -21.17
CA ALA LA 37 11.00 3.06 -20.71
C ALA LA 37 10.71 3.66 -19.34
N THR LA 38 9.51 4.17 -19.13
CA THR LA 38 9.19 4.92 -17.93
C THR LA 38 9.26 3.97 -16.73
N GLY LA 39 8.81 2.74 -16.94
CA GLY LA 39 8.82 1.71 -15.91
C GLY LA 39 10.25 1.30 -15.55
N LYS LA 40 11.04 0.97 -16.57
CA LYS LA 40 12.39 0.52 -16.38
C LYS LA 40 13.16 1.55 -15.57
N GLU LA 41 13.13 2.79 -16.07
CA GLU LA 41 13.92 3.87 -15.53
C GLU LA 41 13.56 4.07 -14.07
N SER LA 42 12.26 4.13 -13.79
CA SER LA 42 11.80 4.41 -12.46
C SER LA 42 12.29 3.33 -11.50
N THR LA 43 12.43 2.10 -12.01
CA THR LA 43 12.77 0.95 -11.17
C THR LA 43 14.22 1.08 -10.74
N GLU LA 44 15.08 1.37 -11.71
CA GLU LA 44 16.51 1.49 -11.49
C GLU LA 44 16.80 2.57 -10.45
N GLN LA 45 16.05 3.68 -10.52
CA GLN LA 45 16.18 4.81 -9.62
C GLN LA 45 16.00 4.35 -8.19
N VAL LA 46 14.93 3.64 -7.88
CA VAL LA 46 14.62 3.30 -6.51
C VAL LA 46 15.65 2.30 -6.00
N ALA LA 47 16.07 1.39 -6.88
CA ALA LA 47 16.82 0.20 -6.52
C ALA LA 47 18.28 0.51 -6.17
N SER LA 48 18.78 1.69 -6.52
CA SER LA 48 20.22 1.92 -6.55
C SER LA 48 20.67 3.03 -5.60
N GLY LA 49 21.91 2.93 -5.13
CA GLY LA 49 22.45 3.98 -4.27
C GLY LA 49 23.82 3.64 -3.72
N LEU LA 50 24.39 4.54 -2.92
CA LEU LA 50 25.69 4.37 -2.31
C LEU LA 50 25.56 4.53 -0.79
N GLN LA 51 26.51 3.96 -0.05
CA GLN LA 51 26.50 3.96 1.39
C GLN LA 51 27.91 4.30 1.87
N VAL LA 52 28.04 5.24 2.84
CA VAL LA 52 29.34 5.60 3.37
C VAL LA 52 29.71 4.64 4.45
N ILE LA 53 30.82 3.91 4.26
CA ILE LA 53 31.22 2.89 5.21
C ILE LA 53 31.86 3.60 6.38
N ARG LA 54 32.97 4.34 6.14
CA ARG LA 54 33.69 5.03 7.20
C ARG LA 54 34.33 6.30 6.62
N VAL LA 55 34.65 7.28 7.46
CA VAL LA 55 35.43 8.42 7.02
C VAL LA 55 36.66 8.55 7.90
N LEU LA 56 37.85 8.72 7.30
CA LEU LA 56 39.12 8.81 8.00
C LEU LA 56 39.82 10.12 7.66
N GLY LA 57 40.76 10.60 8.52
CA GLY LA 57 41.23 11.97 8.37
C GLY LA 57 42.60 12.27 9.00
N ASN LA 58 43.60 12.42 8.13
CA ASN LA 58 44.94 12.79 8.55
C ASN LA 58 44.95 14.15 9.22
N HIS LA 59 45.85 14.43 10.19
CA HIS LA 59 45.92 15.73 10.90
C HIS LA 59 47.32 16.26 11.10
N SER LA 60 47.54 17.57 10.88
CA SER LA 60 48.81 18.27 11.14
C SER LA 60 48.50 19.68 11.55
N GLY LA 61 49.31 20.24 12.43
CA GLY LA 61 49.06 21.64 12.75
C GLY LA 61 47.79 21.73 13.58
N GLY LA 62 46.82 22.48 13.13
CA GLY LA 62 45.66 22.62 14.00
C GLY LA 62 44.38 22.13 13.34
N LYS LA 63 44.53 21.30 12.32
CA LYS LA 63 43.42 21.10 11.41
C LYS LA 63 43.44 19.65 10.96
N ILE LA 64 42.33 19.22 10.35
CA ILE LA 64 42.37 18.01 9.56
C ILE LA 64 42.53 18.49 8.12
N ASN LA 65 43.52 17.96 7.40
CA ASN LA 65 43.84 18.50 6.12
C ASN LA 65 43.40 17.60 4.96
N TRP LA 66 43.39 16.28 5.09
CA TRP LA 66 42.90 15.42 4.05
C TRP LA 66 41.76 14.56 4.63
N LEU LA 67 40.75 14.22 3.82
CA LEU LA 67 39.74 13.26 4.23
C LEU LA 67 39.67 12.13 3.21
N ALA LA 68 39.38 10.91 3.69
CA ALA LA 68 39.23 9.79 2.81
C ALA LA 68 37.90 9.17 3.16
N VAL LA 69 36.96 9.25 2.22
CA VAL LA 69 35.59 8.83 2.43
C VAL LA 69 35.40 7.51 1.74
N LEU LA 70 35.22 6.43 2.50
CA LEU LA 70 35.11 5.10 1.92
C LEU LA 70 33.64 4.84 1.63
N ILE LA 71 33.35 4.32 0.44
CA ILE LA 71 31.97 4.25 -0.03
C ILE LA 71 31.75 2.97 -0.79
N SER LA 72 30.52 2.43 -0.78
CA SER LA 72 30.24 1.15 -1.45
C SER LA 72 28.79 1.13 -1.89
N PRO LA 73 28.39 0.25 -2.82
CA PRO LA 73 27.01 0.21 -3.28
C PRO LA 73 26.03 -0.31 -2.25
N ASN LA 74 24.75 0.09 -2.38
CA ASN LA 74 23.68 -0.43 -1.55
C ASN LA 74 23.35 -1.81 -2.08
N ALA LA 75 22.77 -2.67 -1.26
CA ALA LA 75 22.48 -4.03 -1.72
C ALA LA 75 21.50 -3.97 -2.88
N GLY LA 76 21.79 -4.73 -3.94
CA GLY LA 76 20.87 -4.92 -5.05
C GLY LA 76 20.85 -3.74 -6.01
N SER LA 77 21.91 -2.94 -5.99
CA SER LA 77 22.02 -1.76 -6.83
C SER LA 77 22.61 -2.07 -8.19
N ALA LA 78 22.27 -1.26 -9.17
CA ALA LA 78 22.79 -1.44 -10.52
C ALA LA 78 24.12 -0.72 -10.48
N PRO LA 79 25.05 -0.93 -11.41
CA PRO LA 79 26.39 -0.37 -11.28
C PRO LA 79 26.42 1.16 -11.34
N ILE LA 80 27.17 1.81 -10.43
CA ILE LA 80 27.24 3.26 -10.34
C ILE LA 80 28.55 3.78 -10.95
N ASP LA 81 28.48 4.74 -11.91
CA ASP LA 81 29.64 5.24 -12.64
C ASP LA 81 30.12 6.49 -11.96
N LEU LA 82 31.21 6.36 -11.21
CA LEU LA 82 31.56 7.43 -10.29
C LEU LA 82 32.08 8.61 -11.09
N SER LA 83 32.38 8.41 -12.37
CA SER LA 83 32.99 9.52 -13.09
C SER LA 83 31.97 10.61 -13.28
N GLN LA 84 30.70 10.29 -13.09
CA GLN LA 84 29.67 11.29 -13.20
C GLN LA 84 29.05 11.61 -11.84
N ALA LA 85 29.70 11.30 -10.73
CA ALA LA 85 29.14 11.63 -9.41
C ALA LA 85 29.44 13.08 -9.08
N THR LA 86 28.87 13.64 -7.99
CA THR LA 86 29.27 14.95 -7.50
C THR LA 86 29.31 14.96 -5.97
N VAL LA 87 30.32 15.57 -5.33
CA VAL LA 87 30.33 15.59 -3.88
C VAL LA 87 30.19 17.00 -3.36
N MET LA 88 29.46 17.18 -2.26
CA MET LA 88 29.20 18.50 -1.75
C MET LA 88 29.46 18.42 -0.27
N ILE LA 89 30.24 19.37 0.25
CA ILE LA 89 30.65 19.34 1.63
C ILE LA 89 30.53 20.77 2.18
N THR LA 90 30.10 20.95 3.44
CA THR LA 90 30.14 22.26 4.05
C THR LA 90 30.56 22.22 5.50
N ASP LA 91 31.26 23.30 5.92
CA ASP LA 91 31.76 23.43 7.28
C ASP LA 91 30.99 24.50 7.98
N GLY LA 92 29.94 25.02 7.33
CA GLY LA 92 29.11 26.05 7.96
C GLY LA 92 29.64 27.46 7.71
N THR LA 93 30.86 27.59 7.19
CA THR LA 93 31.36 28.86 6.71
C THR LA 93 31.57 28.85 5.20
N HIS LA 94 31.85 27.72 4.53
CA HIS LA 94 31.90 27.66 3.08
C HIS LA 94 31.25 26.38 2.53
N LYS LA 95 30.94 26.30 1.22
CA LYS LA 95 30.29 25.10 0.68
C LYS LA 95 30.91 24.71 -0.65
N VAL LA 96 31.89 23.78 -0.61
CA VAL LA 96 32.65 23.42 -1.79
C VAL LA 96 31.85 22.35 -2.47
N ILE LA 97 31.96 22.29 -3.81
CA ILE LA 97 31.46 21.17 -4.60
C ILE LA 97 32.58 20.71 -5.50
N ALA LA 98 32.78 19.37 -5.63
CA ALA LA 98 33.98 18.87 -6.29
C ALA LA 98 33.66 17.72 -7.21
N LYS LA 99 34.47 17.51 -8.27
CA LYS LA 99 34.16 16.54 -9.32
C LYS LA 99 35.43 15.79 -9.72
N TYR LA 100 35.31 14.64 -10.37
CA TYR LA 100 36.42 13.71 -10.53
C TYR LA 100 37.41 14.20 -11.53
N ASN LA 101 38.70 14.15 -11.20
CA ASN LA 101 39.75 14.43 -12.16
C ASN LA 101 40.50 13.12 -12.37
N SER LA 102 40.47 12.60 -13.60
CA SER LA 102 40.90 11.26 -13.92
C SER LA 102 42.39 11.09 -13.65
N THR LA 103 43.13 12.17 -13.51
CA THR LA 103 44.56 12.12 -13.30
C THR LA 103 44.87 11.35 -12.03
N PHE LA 104 44.01 11.41 -11.03
CA PHE LA 104 44.34 10.97 -9.68
C PHE LA 104 43.69 9.61 -9.36
N PHE LA 105 44.10 8.56 -10.08
CA PHE LA 105 43.56 7.22 -9.84
C PHE LA 105 44.70 6.34 -9.36
N ASN LA 106 44.45 5.49 -8.36
CA ASN LA 106 45.42 4.44 -8.05
C ASN LA 106 44.70 3.12 -7.93
N GLY LA 107 44.92 2.22 -8.89
CA GLY LA 107 44.21 0.95 -8.87
C GLY LA 107 44.91 -0.10 -8.01
N THR LA 108 46.22 0.04 -7.88
CA THR LA 108 47.03 -1.05 -7.43
C THR LA 108 46.62 -1.45 -6.02
N LEU LA 109 46.05 -0.51 -5.28
CA LEU LA 109 45.84 -0.69 -3.85
C LEU LA 109 44.73 -1.71 -3.63
N LYS LA 110 44.14 -2.24 -4.70
CA LYS LA 110 43.19 -3.33 -4.56
C LYS LA 110 43.87 -4.53 -3.95
N ASN LA 111 45.20 -4.55 -4.03
CA ASN LA 111 46.01 -5.65 -3.54
C ASN LA 111 46.76 -5.23 -2.29
N GLY LA 112 46.25 -4.22 -1.58
CA GLY LA 112 46.80 -3.92 -0.26
C GLY LA 112 47.89 -2.86 -0.33
N GLY LA 113 48.05 -2.11 0.76
CA GLY LA 113 49.04 -1.03 0.87
C GLY LA 113 48.56 0.04 1.84
N SER LA 114 49.18 1.22 1.83
CA SER LA 114 48.83 2.32 2.72
C SER LA 114 48.04 3.39 2.00
N ILE LA 115 46.85 3.76 2.53
CA ILE LA 115 46.10 4.91 2.03
C ILE LA 115 46.90 6.09 2.55
N PHE LA 116 46.56 7.31 2.17
CA PHE LA 116 47.22 8.47 2.75
C PHE LA 116 48.71 8.50 2.45
N GLU LA 117 49.23 7.51 1.72
CA GLU LA 117 50.57 7.62 1.13
C GLU LA 117 50.56 7.04 -0.29
N ALA LA 118 49.39 7.03 -0.93
CA ALA LA 118 49.29 6.53 -2.30
C ALA LA 118 49.92 7.53 -3.25
N LYS LA 119 50.61 7.06 -4.27
CA LYS LA 119 51.10 7.89 -5.36
C LYS LA 119 50.11 7.91 -6.52
N TYR LA 120 50.36 8.80 -7.51
CA TYR LA 120 49.67 8.81 -8.80
C TYR LA 120 50.65 9.08 -9.91
N ASN LA 121 50.26 8.97 -11.19
CA ASN LA 121 51.19 8.94 -12.33
C ASN LA 121 50.88 10.04 -13.32
N ASN LA 122 51.53 11.22 -13.18
CA ASN LA 122 51.65 12.17 -14.27
C ASN LA 122 52.63 11.55 -15.24
N THR LA 123 52.42 11.68 -16.55
CA THR LA 123 53.21 10.89 -17.48
C THR LA 123 54.71 11.11 -17.20
N THR LA 124 55.49 10.03 -17.11
CA THR LA 124 56.93 10.02 -16.89
C THR LA 124 57.34 10.06 -15.41
N ALA LA 125 56.39 10.20 -14.48
CA ALA LA 125 56.79 10.27 -13.07
C ALA LA 125 55.76 9.67 -12.11
N LEU LA 126 56.14 9.46 -10.84
CA LEU LA 126 55.22 9.13 -9.76
C LEU LA 126 55.32 10.18 -8.66
N LYS LA 127 54.17 10.66 -8.16
CA LYS LA 127 54.14 11.79 -7.23
C LYS LA 127 53.04 11.53 -6.20
N PRO LA 128 53.07 12.11 -4.98
CA PRO LA 128 52.06 11.82 -3.96
C PRO LA 128 50.68 12.36 -4.30
N LEU LA 129 49.63 11.58 -4.07
CA LEU LA 129 48.27 11.86 -4.52
C LEU LA 129 47.70 13.05 -3.76
N PHE LA 130 47.57 12.92 -2.45
CA PHE LA 130 46.75 13.83 -1.70
C PHE LA 130 47.26 15.28 -1.77
N ASP LA 131 48.59 15.44 -1.74
CA ASP LA 131 49.22 16.74 -1.76
C ASP LA 131 48.98 17.46 -3.09
N ASP LA 132 48.81 16.72 -4.18
CA ASP LA 132 48.74 17.33 -5.50
C ASP LA 132 47.31 17.61 -5.96
N LEU LA 133 46.33 16.97 -5.34
CA LEU LA 133 44.93 17.02 -5.78
C LEU LA 133 44.38 18.43 -5.69
N PRO LA 134 43.87 19.04 -6.78
CA PRO LA 134 43.35 20.41 -6.79
C PRO LA 134 42.14 20.71 -5.92
N ALA LA 135 41.90 21.99 -5.71
CA ALA LA 135 40.95 22.37 -4.69
C ALA LA 135 39.52 22.04 -5.08
N THR LA 136 39.23 21.85 -6.35
CA THR LA 136 37.88 21.60 -6.78
C THR LA 136 37.67 20.16 -7.26
N ALA LA 137 38.56 19.22 -6.91
CA ALA LA 137 38.49 17.90 -7.53
C ALA LA 137 38.62 16.81 -6.49
N PHE LA 138 38.08 15.63 -6.81
CA PHE LA 138 38.32 14.47 -5.95
C PHE LA 138 38.96 13.35 -6.73
N GLY LA 139 39.75 12.55 -6.03
CA GLY LA 139 40.47 11.45 -6.65
C GLY LA 139 39.90 10.16 -6.09
N ILE LA 140 40.28 9.00 -6.65
CA ILE LA 140 39.66 7.75 -6.27
C ILE LA 140 40.71 6.65 -6.16
N VAL LA 141 40.62 5.80 -5.12
CA VAL LA 141 41.57 4.74 -4.84
C VAL LA 141 40.84 3.44 -4.55
N VAL LA 142 41.08 2.40 -5.36
CA VAL LA 142 40.29 1.20 -5.36
C VAL LA 142 40.84 0.34 -4.23
N LEU LA 143 39.96 -0.01 -3.29
CA LEU LA 143 40.42 -0.77 -2.16
C LEU LA 143 39.95 -2.22 -2.29
N GLN LA 144 38.78 -2.50 -2.87
CA GLN LA 144 38.38 -3.89 -3.11
C GLN LA 144 37.56 -3.97 -4.40
N ASP LA 145 37.98 -4.82 -5.36
CA ASP LA 145 37.31 -4.98 -6.64
C ASP LA 145 37.71 -6.32 -7.26
N ALA LA 146 36.74 -7.24 -7.30
CA ALA LA 146 37.04 -8.61 -7.68
C ALA LA 146 37.19 -8.74 -9.19
N ASP LA 147 36.46 -7.92 -9.95
CA ASP LA 147 36.24 -8.15 -11.36
C ASP LA 147 36.78 -7.03 -12.24
N THR LA 148 37.76 -6.28 -11.74
CA THR LA 148 38.48 -5.26 -12.45
C THR LA 148 37.54 -4.23 -13.09
N SER LA 149 36.40 -4.02 -12.45
CA SER LA 149 35.38 -3.13 -12.97
C SER LA 149 35.79 -1.68 -12.94
N CYS LA 150 36.61 -1.28 -11.99
CA CYS LA 150 37.15 0.08 -12.00
C CYS LA 150 38.36 0.21 -12.94
N SER LA 151 38.25 1.10 -13.92
CA SER LA 151 39.35 1.52 -14.78
C SER LA 151 39.47 3.04 -14.73
N LYS LA 152 40.69 3.57 -14.90
CA LYS LA 152 41.00 4.97 -14.66
C LYS LA 152 40.05 5.89 -15.44
N ASP LA 153 39.72 5.55 -16.67
CA ASP LA 153 38.84 6.38 -17.48
C ASP LA 153 37.34 6.13 -17.20
N THR LA 154 36.96 5.03 -16.53
CA THR LA 154 35.57 4.69 -16.24
C THR LA 154 35.40 3.91 -14.91
N PRO LA 155 35.37 4.59 -13.75
CA PRO LA 155 35.28 3.90 -12.49
C PRO LA 155 33.86 3.48 -12.18
N VAL LA 156 33.47 2.29 -12.67
CA VAL LA 156 32.15 1.78 -12.38
C VAL LA 156 32.20 0.78 -11.25
N ILE LA 157 31.51 1.01 -10.12
CA ILE LA 157 31.54 0.10 -8.99
C ILE LA 157 30.34 -0.80 -8.97
N ASN LA 158 30.55 -2.12 -8.75
CA ASN LA 158 29.47 -3.11 -8.74
C ASN LA 158 29.50 -3.88 -7.46
N LYS LA 159 28.54 -4.80 -7.26
CA LYS LA 159 28.29 -5.38 -5.95
C LYS LA 159 29.56 -5.98 -5.39
N GLY LA 160 29.95 -5.55 -4.19
CA GLY LA 160 31.11 -6.10 -3.51
C GLY LA 160 32.25 -5.10 -3.42
N ASP LA 161 32.24 -4.06 -4.25
CA ASP LA 161 33.41 -3.21 -4.36
C ASP LA 161 33.47 -2.23 -3.19
N ILE LA 162 34.68 -1.77 -2.80
CA ILE LA 162 34.85 -0.66 -1.88
C ILE LA 162 35.91 0.26 -2.45
N VAL LA 163 35.72 1.58 -2.32
CA VAL LA 163 36.57 2.56 -2.97
C VAL LA 163 36.59 3.85 -2.17
N ALA LA 164 37.71 4.58 -2.22
CA ALA LA 164 37.88 5.69 -1.31
C ALA LA 164 37.95 6.96 -2.11
N ILE LA 165 37.07 7.89 -1.78
CA ILE LA 165 37.02 9.17 -2.45
C ILE LA 165 37.95 10.02 -1.62
N CYS LA 166 38.95 10.60 -2.26
CA CYS LA 166 40.00 11.33 -1.59
C CYS LA 166 39.82 12.81 -1.87
N LEU LA 167 39.74 13.65 -0.81
CA LEU LA 167 39.53 15.09 -0.89
C LEU LA 167 40.56 15.82 -0.06
N ASN LA 168 41.13 16.91 -0.59
CA ASN LA 168 42.14 17.66 0.14
C ASN LA 168 41.47 18.94 0.47
N VAL LA 169 41.32 19.22 1.78
CA VAL LA 169 40.43 20.28 2.24
C VAL LA 169 41.19 21.37 2.95
N SER LA 170 42.51 21.36 2.86
CA SER LA 170 43.39 22.09 3.74
C SER LA 170 43.11 23.57 3.72
N ASN LA 171 42.82 24.11 2.56
CA ASN LA 171 42.57 25.55 2.45
C ASN LA 171 41.10 25.89 2.19
N THR LA 172 40.30 24.91 1.78
CA THR LA 172 38.94 25.12 1.34
C THR LA 172 37.99 25.12 2.52
N LEU LA 173 38.11 24.17 3.45
CA LEU LA 173 37.26 24.14 4.64
C LEU LA 173 38.13 24.13 5.90
N ASN LA 174 37.71 24.83 6.97
CA ASN LA 174 38.62 25.10 8.08
C ASN LA 174 38.33 24.17 9.25
N LEU LA 175 38.72 22.89 9.14
CA LEU LA 175 38.26 21.87 10.07
C LEU LA 175 39.09 21.84 11.34
N LYS LA 176 38.88 22.85 12.19
CA LYS LA 176 39.43 22.85 13.54
C LYS LA 176 38.54 22.00 14.44
N PRO LA 177 38.87 21.80 15.73
CA PRO LA 177 38.08 20.93 16.58
C PRO LA 177 36.64 21.38 16.74
N ARG LA 178 35.78 20.46 17.19
CA ARG LA 178 34.43 20.80 17.54
C ARG LA 178 33.65 21.38 16.35
N THR LA 179 33.98 21.00 15.10
CA THR LA 179 33.37 21.59 13.92
C THR LA 179 32.47 20.59 13.19
N LYS LA 180 31.26 20.99 12.82
CA LYS LA 180 30.30 20.09 12.15
C LYS LA 180 30.53 20.12 10.65
N VAL LA 181 30.49 18.93 10.01
CA VAL LA 181 30.69 18.82 8.59
C VAL LA 181 29.54 18.02 8.04
N THR LA 182 28.96 18.47 6.92
CA THR LA 182 27.73 17.90 6.40
C THR LA 182 27.91 17.77 4.90
N GLY LA 183 27.28 16.77 4.27
CA GLY LA 183 27.42 16.68 2.83
C GLY LA 183 26.84 15.41 2.22
N ALA LA 184 27.12 15.19 0.93
CA ALA LA 184 26.58 14.04 0.23
C ALA LA 184 27.42 13.75 -0.99
N VAL LA 185 27.54 12.47 -1.34
CA VAL LA 185 28.00 12.08 -2.65
C VAL LA 185 26.78 11.70 -3.44
N ILE LA 186 26.55 12.39 -4.57
CA ILE LA 186 25.31 12.30 -5.32
C ILE LA 186 25.61 11.59 -6.63
N PRO LA 187 25.08 10.39 -6.87
CA PRO LA 187 25.27 9.73 -8.14
C PRO LA 187 24.30 10.19 -9.21
N GLU LA 188 24.52 9.69 -10.41
CA GLU LA 188 23.81 10.07 -11.61
C GLU LA 188 22.37 9.65 -11.47
N PHE LA 189 22.17 8.47 -10.89
CA PHE LA 189 20.86 8.04 -10.45
C PHE LA 189 20.99 7.27 -9.15
N GLY LA 190 19.91 7.24 -8.37
CA GLY LA 190 19.95 6.53 -7.11
C GLY LA 190 20.24 7.45 -5.94
N ALA LA 191 20.18 6.87 -4.73
CA ALA LA 191 20.06 7.68 -3.53
C ALA LA 191 21.43 8.14 -3.07
N PRO LA 192 21.58 9.38 -2.57
CA PRO LA 192 22.87 9.87 -2.14
C PRO LA 192 23.36 9.25 -0.84
N ALA LA 193 24.69 9.23 -0.69
CA ALA LA 193 25.28 8.85 0.57
C ALA LA 193 25.42 10.11 1.42
N VAL LA 194 25.15 10.03 2.73
CA VAL LA 194 25.13 11.22 3.57
C VAL LA 194 26.32 11.23 4.51
N ILE LA 195 27.16 12.27 4.40
CA ILE LA 195 28.35 12.47 5.21
C ILE LA 195 27.91 13.36 6.35
N SER LA 196 28.21 13.00 7.60
CA SER LA 196 27.75 13.80 8.71
C SER LA 196 28.57 13.49 9.95
N PHE LA 197 29.43 14.42 10.37
CA PHE LA 197 30.29 14.16 11.51
C PHE LA 197 30.68 15.44 12.19
N THR LA 198 31.05 15.33 13.47
CA THR LA 198 31.58 16.48 14.16
C THR LA 198 32.97 16.12 14.63
N THR LA 199 33.96 16.99 14.34
CA THR LA 199 35.33 16.62 14.57
C THR LA 199 35.49 16.52 16.07
N PRO LA 200 36.40 15.68 16.60
CA PRO LA 200 36.62 15.52 18.03
C PRO LA 200 36.90 16.80 18.82
N ALA LA 201 36.80 16.67 20.13
CA ALA LA 201 37.06 17.79 21.01
C ALA LA 201 38.55 18.07 21.12
N THR LA 202 39.38 17.05 20.91
CA THR LA 202 40.81 17.19 21.13
C THR LA 202 41.58 16.36 20.11
N TYR LA 203 42.60 16.96 19.51
CA TYR LA 203 43.43 16.22 18.60
C TYR LA 203 44.74 15.97 19.34
N LEU LA 204 45.28 14.74 19.31
CA LEU LA 204 46.51 14.42 20.01
C LEU LA 204 47.64 14.10 19.03
N ASP LA 205 48.88 14.56 19.33
CA ASP LA 205 50.01 14.45 18.41
C ASP LA 205 50.47 13.00 18.24
N THR LA 206 50.02 12.11 19.11
CA THR LA 206 50.40 10.71 19.04
C THR LA 206 49.48 9.95 18.08
N GLN LA 207 48.42 10.59 17.58
CA GLN LA 207 47.39 9.90 16.82
C GLN LA 207 46.99 10.73 15.60
N HIS LA 208 47.86 10.79 14.58
CA HIS LA 208 47.60 11.70 13.49
C HIS LA 208 46.48 11.23 12.55
N ILE LA 209 46.10 9.94 12.57
CA ILE LA 209 44.97 9.52 11.76
C ILE LA 209 43.76 9.25 12.65
N ILE LA 210 42.61 9.89 12.33
CA ILE LA 210 41.44 9.94 13.18
C ILE LA 210 40.27 9.30 12.44
N GLU LA 211 39.41 8.59 13.18
CA GLU LA 211 38.25 7.97 12.59
C GLU LA 211 37.07 8.87 12.88
N LEU LA 212 36.41 9.38 11.85
CA LEU LA 212 35.49 10.48 12.03
C LEU LA 212 34.04 10.02 12.00
N GLN LA 213 33.73 9.01 11.19
CA GLN LA 213 32.39 8.44 11.10
C GLN LA 213 32.54 6.94 10.85
N ALA MA 1 -23.96 -1.43 -46.43
CA ALA MA 1 -22.78 -0.50 -46.49
C ALA MA 1 -22.16 -0.36 -45.09
N ILE MA 2 -22.99 -0.09 -44.09
CA ILE MA 2 -22.56 0.22 -42.73
C ILE MA 2 -21.85 -0.99 -42.12
N GLY MA 3 -22.39 -2.17 -42.37
CA GLY MA 3 -21.91 -3.41 -41.76
C GLY MA 3 -20.42 -3.58 -41.94
N ILE MA 4 -19.96 -3.38 -43.18
CA ILE MA 4 -18.60 -3.61 -43.62
C ILE MA 4 -17.63 -2.90 -42.68
N GLY MA 5 -17.84 -1.61 -42.48
CA GLY MA 5 -16.91 -0.84 -41.69
C GLY MA 5 -16.83 -1.31 -40.24
N THR MA 6 -17.97 -1.77 -39.69
CA THR MA 6 -18.05 -2.12 -38.28
C THR MA 6 -17.03 -3.21 -38.01
N LEU MA 7 -16.96 -4.16 -38.95
CA LEU MA 7 -16.09 -5.31 -38.81
C LEU MA 7 -14.66 -4.82 -38.76
N ILE MA 8 -14.29 -3.94 -39.71
CA ILE MA 8 -12.91 -3.49 -39.85
C ILE MA 8 -12.48 -2.82 -38.56
N ILE MA 9 -13.24 -1.86 -38.04
CA ILE MA 9 -12.72 -1.17 -36.88
C ILE MA 9 -12.66 -2.10 -35.67
N PHE MA 10 -13.53 -3.12 -35.63
CA PHE MA 10 -13.52 -4.09 -34.55
C PHE MA 10 -12.14 -4.71 -34.47
N ILE MA 11 -11.58 -5.09 -35.63
CA ILE MA 11 -10.26 -5.70 -35.69
C ILE MA 11 -9.24 -4.80 -35.00
N ALA MA 12 -9.32 -3.50 -35.25
CA ALA MA 12 -8.35 -2.60 -34.67
C ALA MA 12 -8.48 -2.61 -33.15
N MET MA 13 -9.71 -2.57 -32.63
CA MET MA 13 -9.94 -2.53 -31.18
C MET MA 13 -9.19 -3.68 -30.52
N VAL MA 14 -9.25 -4.86 -31.14
CA VAL MA 14 -8.70 -6.10 -30.62
C VAL MA 14 -7.20 -5.92 -30.50
N LEU MA 15 -6.59 -5.52 -31.61
CA LEU MA 15 -5.14 -5.44 -31.70
C LEU MA 15 -4.63 -4.41 -30.70
N VAL MA 16 -5.32 -3.29 -30.54
CA VAL MA 16 -4.85 -2.23 -29.68
C VAL MA 16 -4.89 -2.69 -28.22
N ALA MA 17 -5.94 -3.40 -27.83
CA ALA MA 17 -6.04 -3.95 -26.48
C ALA MA 17 -4.92 -4.98 -26.26
N ALA MA 18 -4.62 -5.76 -27.30
CA ALA MA 18 -3.59 -6.78 -27.23
C ALA MA 18 -2.25 -6.13 -26.94
N VAL MA 19 -1.93 -5.07 -27.71
CA VAL MA 19 -0.67 -4.36 -27.58
C VAL MA 19 -0.53 -3.81 -26.17
N ALA MA 20 -1.61 -3.27 -25.62
CA ALA MA 20 -1.56 -2.69 -24.29
C ALA MA 20 -1.33 -3.79 -23.25
N ALA MA 21 -1.97 -4.93 -23.46
CA ALA MA 21 -1.83 -6.02 -22.52
C ALA MA 21 -0.36 -6.44 -22.46
N ALA MA 22 0.26 -6.53 -23.64
CA ALA MA 22 1.64 -6.95 -23.76
C ALA MA 22 2.52 -6.11 -22.84
N VAL MA 23 2.30 -4.80 -22.81
CA VAL MA 23 3.08 -3.90 -21.96
C VAL MA 23 2.97 -4.36 -20.51
N LEU MA 24 1.75 -4.62 -20.07
CA LEU MA 24 1.50 -4.85 -18.67
C LEU MA 24 2.15 -6.16 -18.27
N ILE MA 25 1.99 -7.20 -19.12
CA ILE MA 25 2.49 -8.55 -18.88
C ILE MA 25 4.01 -8.48 -18.78
N ASN MA 26 4.63 -7.92 -19.84
CA ASN MA 26 6.08 -7.79 -19.97
C ASN MA 26 6.66 -7.08 -18.74
N THR MA 27 6.10 -5.92 -18.43
CA THR MA 27 6.59 -5.06 -17.37
C THR MA 27 6.58 -5.84 -16.08
N SER MA 28 5.52 -6.63 -15.85
CA SER MA 28 5.38 -7.38 -14.61
C SER MA 28 6.54 -8.36 -14.53
N GLY MA 29 6.84 -9.00 -15.66
CA GLY MA 29 8.00 -9.88 -15.81
C GLY MA 29 9.29 -9.17 -15.42
N PHE MA 30 9.52 -7.99 -15.99
CA PHE MA 30 10.75 -7.23 -15.78
C PHE MA 30 10.95 -6.93 -14.29
N LEU MA 31 9.85 -6.68 -13.59
CA LEU MA 31 9.92 -6.28 -12.20
C LEU MA 31 10.12 -7.52 -11.33
N GLN MA 32 9.59 -8.67 -11.76
CA GLN MA 32 9.58 -9.85 -10.91
C GLN MA 32 11.01 -10.16 -10.48
N GLN MA 33 11.93 -10.09 -11.45
CA GLN MA 33 13.35 -10.38 -11.27
C GLN MA 33 13.90 -9.54 -10.11
N LYS MA 34 13.82 -8.21 -10.26
CA LYS MA 34 14.49 -7.27 -9.38
C LYS MA 34 13.85 -7.33 -8.00
N ALA MA 35 12.54 -7.56 -7.96
CA ALA MA 35 11.83 -7.60 -6.70
C ALA MA 35 12.47 -8.68 -5.84
N MET MA 36 12.57 -9.90 -6.40
CA MET MA 36 13.08 -11.01 -5.63
C MET MA 36 14.52 -10.70 -5.21
N ALA MA 37 15.34 -10.32 -6.19
CA ALA MA 37 16.77 -10.11 -6.02
C ALA MA 37 17.01 -9.22 -4.80
N THR MA 38 16.23 -8.13 -4.70
CA THR MA 38 16.46 -7.11 -3.70
C THR MA 38 16.28 -7.71 -2.32
N GLY MA 39 15.24 -8.54 -2.18
CA GLY MA 39 14.90 -9.10 -0.88
C GLY MA 39 15.97 -10.06 -0.40
N LYS MA 40 16.40 -10.96 -1.29
CA LYS MA 40 17.37 -11.98 -0.94
C LYS MA 40 18.66 -11.29 -0.52
N GLU MA 41 19.16 -10.40 -1.37
CA GLU MA 41 20.39 -9.66 -1.13
C GLU MA 41 20.34 -8.96 0.21
N SER MA 42 19.24 -8.28 0.49
CA SER MA 42 19.16 -7.45 1.68
C SER MA 42 19.20 -8.31 2.94
N THR MA 43 18.62 -9.50 2.86
CA THR MA 43 18.54 -10.37 4.01
C THR MA 43 19.95 -10.88 4.29
N GLU MA 44 20.64 -11.36 3.26
CA GLU MA 44 21.97 -11.93 3.42
C GLU MA 44 22.90 -10.91 4.06
N GLN MA 45 22.71 -9.62 3.72
CA GLN MA 45 23.51 -8.53 4.27
C GLN MA 45 23.27 -8.39 5.76
N VAL MA 46 22.01 -8.39 6.20
CA VAL MA 46 21.78 -8.06 7.59
C VAL MA 46 22.16 -9.22 8.49
N ALA MA 47 22.10 -10.45 7.96
CA ALA MA 47 22.24 -11.66 8.75
C ALA MA 47 23.70 -12.07 8.93
N SER MA 48 24.54 -11.75 7.94
CA SER MA 48 25.90 -12.27 7.93
C SER MA 48 26.90 -11.33 8.57
N GLY MA 49 28.04 -11.89 9.01
CA GLY MA 49 29.05 -11.13 9.72
C GLY MA 49 30.14 -12.03 10.31
N LEU MA 50 31.17 -11.43 10.90
CA LEU MA 50 32.24 -12.15 11.57
C LEU MA 50 32.47 -11.48 12.93
N LEU MA 51 33.08 -12.23 13.86
CA LEU MA 51 33.20 -11.81 15.23
C LEU MA 51 34.56 -12.18 15.78
N CYS MA 52 35.22 -11.21 16.42
CA CYS MA 52 36.59 -11.32 16.94
C CYS MA 52 36.55 -12.03 18.26
N SER MA 53 37.50 -12.93 18.44
CA SER MA 53 37.39 -13.88 19.53
C SER MA 53 38.51 -13.59 20.50
N GLY MA 54 39.63 -13.10 19.97
CA GLY MA 54 40.83 -12.90 20.77
C GLY MA 54 41.93 -12.35 19.87
N VAL MA 55 42.91 -11.65 20.49
CA VAL MA 55 44.13 -11.31 19.78
C VAL MA 55 45.30 -11.63 20.67
N THR MA 56 46.40 -12.15 20.07
CA THR MA 56 47.63 -12.40 20.83
C THR MA 56 48.87 -12.01 20.05
N GLY MA 57 50.02 -11.81 20.74
CA GLY MA 57 51.14 -11.16 20.05
C GLY MA 57 52.52 -11.47 20.63
N HIS MA 58 53.62 -11.28 19.85
CA HIS MA 58 54.94 -11.75 20.23
C HIS MA 58 55.89 -10.58 20.42
N TYR MA 59 56.59 -10.52 21.56
CA TYR MA 59 57.43 -9.37 21.89
C TYR MA 59 58.89 -9.73 21.71
N VAL MA 60 59.63 -8.98 20.90
CA VAL MA 60 61.07 -9.17 20.78
C VAL MA 60 61.76 -8.19 21.73
N LYS MA 61 62.74 -8.67 22.50
CA LYS MA 61 63.30 -7.90 23.60
C LYS MA 61 63.86 -6.58 23.08
N ASN MA 62 63.56 -5.53 23.83
CA ASN MA 62 64.11 -4.21 23.57
C ASN MA 62 63.61 -3.66 22.24
N LYS MA 63 62.60 -4.30 21.62
CA LYS MA 63 62.09 -3.82 20.34
C LYS MA 63 60.60 -3.50 20.37
N GLY MA 64 59.75 -4.44 20.80
CA GLY MA 64 58.31 -4.24 20.77
C GLY MA 64 57.57 -5.40 20.09
N ILE MA 65 56.27 -5.24 19.83
CA ILE MA 65 55.49 -6.35 19.34
C ILE MA 65 55.74 -6.50 17.86
N ASP MA 66 56.09 -7.70 17.44
CA ASP MA 66 56.65 -7.95 16.12
C ASP MA 66 55.56 -8.48 15.20
N ARG MA 67 54.70 -9.36 15.72
CA ARG MA 67 53.66 -10.07 14.99
C ARG MA 67 52.41 -10.24 15.88
N ILE MA 68 51.22 -10.42 15.27
CA ILE MA 68 49.96 -10.59 15.96
C ILE MA 68 49.08 -11.65 15.29
N VAL MA 69 48.28 -12.41 16.08
CA VAL MA 69 47.35 -13.41 15.55
C VAL MA 69 45.95 -13.15 16.06
N ILE MA 70 45.01 -13.01 15.13
CA ILE MA 70 43.66 -12.54 15.41
C ILE MA 70 42.74 -13.71 15.17
N TYR MA 71 41.93 -14.08 16.15
CA TYR MA 71 41.09 -15.26 16.02
C TYR MA 71 39.70 -14.80 15.62
N ILE MA 72 39.11 -15.45 14.62
CA ILE MA 72 37.88 -14.95 14.01
C ILE MA 72 36.92 -16.11 13.79
N THR MA 73 35.61 -15.81 13.91
CA THR MA 73 34.53 -16.81 13.91
C THR MA 73 33.28 -16.17 13.32
N PRO MA 74 32.34 -16.90 12.73
CA PRO MA 74 31.17 -16.29 12.13
C PRO MA 74 30.07 -16.10 13.14
N ASN MA 75 29.16 -15.15 12.93
CA ASN MA 75 28.08 -14.91 13.90
C ASN MA 75 26.99 -15.95 13.72
N ALA MA 76 26.17 -16.19 14.75
CA ALA MA 76 25.09 -17.15 14.64
C ALA MA 76 24.26 -16.85 13.38
N GLY MA 77 24.00 -17.87 12.57
CA GLY MA 77 23.04 -17.75 11.50
C GLY MA 77 23.60 -17.11 10.23
N SER MA 78 24.85 -16.67 10.28
CA SER MA 78 25.47 -16.02 9.13
C SER MA 78 25.67 -16.99 7.97
N ALA MA 79 25.53 -16.46 6.76
CA ALA MA 79 25.69 -17.29 5.58
C ALA MA 79 27.20 -17.39 5.40
N PRO MA 80 27.73 -18.32 4.59
CA PRO MA 80 29.16 -18.54 4.56
C PRO MA 80 29.95 -17.37 3.98
N ILE MA 81 31.12 -17.07 4.57
CA ILE MA 81 31.91 -15.90 4.20
C ILE MA 81 33.19 -16.33 3.49
N ASP MA 82 33.41 -15.71 2.33
CA ASP MA 82 34.44 -16.09 1.37
C ASP MA 82 35.68 -15.37 1.76
N LEU MA 83 36.47 -16.01 2.60
CA LEU MA 83 37.46 -15.27 3.38
C LEU MA 83 38.43 -14.59 2.45
N LYS MA 84 38.61 -15.11 1.22
CA LYS MA 84 39.74 -14.72 0.39
C LYS MA 84 39.44 -13.42 -0.30
N GLN MA 85 38.23 -12.91 -0.14
CA GLN MA 85 37.93 -11.61 -0.69
C GLN MA 85 37.87 -10.55 0.41
N CYS MA 86 38.06 -10.89 1.68
CA CYS MA 86 37.86 -9.92 2.76
C CYS MA 86 39.13 -9.10 2.94
N LYS MA 87 39.01 -7.82 3.31
CA LYS MA 87 40.18 -6.95 3.49
C LYS MA 87 40.24 -6.46 4.93
N LEU MA 88 41.44 -6.31 5.49
CA LEU MA 88 41.63 -5.98 6.89
C LEU MA 88 42.30 -4.63 6.97
N PHE MA 89 41.62 -3.67 7.62
CA PHE MA 89 42.09 -2.31 7.75
C PHE MA 89 42.55 -2.10 9.18
N LEU MA 90 43.75 -1.52 9.34
CA LEU MA 90 44.29 -1.30 10.65
C LEU MA 90 44.85 0.13 10.71
N MET MA 91 44.66 0.80 11.85
CA MET MA 91 45.15 2.14 12.12
C MET MA 91 46.05 2.10 13.34
N TYR MA 92 47.08 2.96 13.31
CA TYR MA 92 48.04 3.09 14.41
C TYR MA 92 48.62 4.49 14.34
N ASP MA 93 49.83 4.71 14.83
CA ASP MA 93 50.22 6.07 15.21
C ASP MA 93 50.47 6.93 13.99
N GLY MA 94 50.59 6.35 12.84
CA GLY MA 94 50.86 7.24 11.72
C GLY MA 94 50.47 6.69 10.34
N LYS MA 95 49.80 5.55 10.31
CA LYS MA 95 49.65 4.77 9.12
C LYS MA 95 48.26 4.13 9.19
N ALA MA 96 47.63 3.95 8.04
CA ALA MA 96 46.38 3.25 7.94
C ALA MA 96 46.50 2.33 6.73
N VAL MA 97 46.55 1.02 6.98
CA VAL MA 97 47.04 0.06 6.05
C VAL MA 97 45.92 -0.90 5.73
N SER MA 98 45.81 -1.32 4.47
CA SER MA 98 44.87 -2.37 4.09
C SER MA 98 45.70 -3.61 3.71
N LEU MA 99 45.32 -4.81 4.19
CA LEU MA 99 46.01 -6.05 3.86
C LEU MA 99 45.08 -7.04 3.12
N ASN MA 100 45.58 -7.81 2.11
CA ASN MA 100 44.74 -8.72 1.33
C ASN MA 100 45.16 -10.17 1.52
N PHE MA 101 44.24 -11.14 1.43
CA PHE MA 101 44.52 -12.57 1.62
C PHE MA 101 45.63 -13.04 0.71
N SER MA 102 46.40 -14.02 1.18
CA SER MA 102 47.47 -14.59 0.36
C SER MA 102 47.58 -16.04 0.74
N LYS MA 103 47.98 -16.89 -0.21
CA LYS MA 103 47.98 -18.31 0.08
C LYS MA 103 49.14 -18.65 1.02
N TYR MA 104 48.86 -19.57 1.95
CA TYR MA 104 49.82 -20.27 2.80
C TYR MA 104 50.73 -21.04 1.84
N ASP MA 105 51.78 -21.72 2.31
CA ASP MA 105 52.63 -22.44 1.38
C ASP MA 105 51.84 -23.53 0.63
N THR MA 106 51.75 -23.39 -0.71
CA THR MA 106 51.32 -24.41 -1.67
C THR MA 106 49.83 -24.76 -1.54
N ASN MA 107 49.17 -24.29 -0.49
CA ASN MA 107 47.81 -24.71 -0.17
C ASN MA 107 47.02 -23.48 0.32
N THR MA 108 45.68 -23.53 0.25
CA THR MA 108 44.96 -22.28 0.40
C THR MA 108 45.02 -21.76 1.83
N VAL MA 109 45.05 -22.65 2.81
CA VAL MA 109 44.92 -22.32 4.21
C VAL MA 109 45.76 -23.34 4.97
N GLY MA 110 46.55 -22.91 5.95
CA GLY MA 110 47.45 -23.84 6.63
C GLY MA 110 46.68 -24.84 7.50
N ASP MA 111 46.78 -26.14 7.22
CA ASP MA 111 45.95 -27.13 7.90
C ASP MA 111 46.52 -27.57 9.23
N PHE MA 112 46.08 -26.92 10.29
CA PHE MA 112 46.45 -27.32 11.63
C PHE MA 112 45.19 -27.69 12.39
N THR MA 113 44.30 -28.43 11.75
CA THR MA 113 43.09 -28.91 12.38
C THR MA 113 43.44 -29.84 13.54
N ASN MA 114 44.66 -30.41 13.55
CA ASN MA 114 45.06 -31.33 14.60
C ASN MA 114 46.20 -30.78 15.47
N GLY MA 115 46.28 -29.45 15.66
CA GLY MA 115 47.07 -28.91 16.76
C GLY MA 115 48.44 -28.37 16.35
N ILE MA 116 48.99 -27.42 17.13
CA ILE MA 116 50.24 -26.73 16.84
C ILE MA 116 51.05 -26.70 18.11
N LYS MA 117 52.34 -27.00 18.01
CA LYS MA 117 53.23 -27.00 19.16
C LYS MA 117 53.36 -25.57 19.70
N ASP MA 118 53.52 -24.60 18.80
CA ASP MA 118 53.63 -23.18 19.14
C ASP MA 118 53.30 -22.33 17.92
N ILE MA 119 52.29 -21.44 18.03
CA ILE MA 119 51.75 -20.72 16.89
C ILE MA 119 52.79 -19.74 16.37
N PHE MA 120 53.82 -19.46 17.15
CA PHE MA 120 54.79 -18.46 16.71
C PHE MA 120 56.13 -19.06 16.32
N ASN MA 121 56.35 -20.36 16.49
CA ASN MA 121 57.63 -20.95 16.09
C ASN MA 121 57.68 -21.00 14.57
N THR MA 122 58.76 -20.42 14.01
CA THR MA 122 58.85 -20.13 12.60
C THR MA 122 58.85 -21.39 11.74
N THR MA 123 59.58 -22.44 12.16
CA THR MA 123 59.77 -23.61 11.33
C THR MA 123 58.50 -24.44 11.24
N VAL MA 124 57.71 -24.44 12.31
CA VAL MA 124 56.46 -25.18 12.33
C VAL MA 124 55.45 -24.44 11.47
N VAL MA 125 55.35 -23.11 11.60
CA VAL MA 125 54.14 -22.41 11.21
C VAL MA 125 54.23 -21.78 9.82
N LYS MA 126 55.42 -21.43 9.35
CA LYS MA 126 55.51 -20.83 8.03
C LYS MA 126 54.87 -19.44 7.95
N TRP MA 127 55.51 -18.47 8.62
CA TRP MA 127 55.09 -17.07 8.63
C TRP MA 127 55.51 -16.35 7.36
N ASN MA 128 56.32 -16.95 6.49
CA ASN MA 128 57.08 -16.17 5.50
C ASN MA 128 56.25 -15.38 4.51
N ASN MA 129 55.02 -15.84 4.17
CA ASN MA 129 54.20 -15.14 3.20
C ASN MA 129 53.44 -13.97 3.83
N ALA MA 130 53.68 -13.64 5.09
CA ALA MA 130 53.06 -12.45 5.67
C ALA MA 130 53.88 -11.22 5.31
N ASP MA 131 53.70 -10.73 4.07
CA ASP MA 131 54.41 -9.59 3.51
C ASP MA 131 53.83 -8.33 4.11
N ALA MA 132 54.32 -7.16 3.69
CA ALA MA 132 53.93 -5.95 4.37
C ALA MA 132 52.54 -5.57 3.92
N THR MA 133 52.01 -6.27 2.90
CA THR MA 133 50.70 -5.95 2.36
C THR MA 133 49.72 -7.12 2.36
N SER MA 134 49.98 -8.25 3.04
CA SER MA 134 49.01 -9.34 3.09
C SER MA 134 48.93 -10.08 4.41
N PHE MA 135 47.86 -10.88 4.57
CA PHE MA 135 47.76 -11.84 5.67
C PHE MA 135 47.63 -13.26 5.18
N VAL MA 136 47.80 -14.22 6.12
CA VAL MA 136 47.57 -15.63 5.82
C VAL MA 136 46.68 -16.21 6.91
N VAL MA 137 46.00 -17.33 6.64
CA VAL MA 137 44.97 -17.89 7.48
C VAL MA 137 45.38 -19.31 7.87
N VAL MA 138 45.21 -19.66 9.15
CA VAL MA 138 45.55 -20.96 9.69
C VAL MA 138 44.26 -21.52 10.24
N ALA MA 139 43.90 -22.75 9.85
CA ALA MA 139 42.59 -23.30 10.15
C ALA MA 139 42.70 -24.12 11.43
N LEU MA 140 41.90 -23.73 12.43
CA LEU MA 140 42.01 -24.32 13.74
C LEU MA 140 40.87 -25.28 14.03
N GLN MA 141 39.64 -25.01 13.57
CA GLN MA 141 38.57 -26.01 13.70
C GLN MA 141 37.62 -25.89 12.51
N ASP MA 142 37.36 -27.01 11.82
CA ASP MA 142 36.53 -27.04 10.61
C ASP MA 142 36.19 -28.49 10.29
N ASP MA 143 34.94 -28.88 10.59
CA ASP MA 143 34.46 -30.25 10.45
C ASP MA 143 34.30 -30.59 8.97
N ASP MA 144 33.65 -29.69 8.25
CA ASP MA 144 33.16 -29.90 6.90
C ASP MA 144 34.22 -29.63 5.83
N LYS MA 145 35.46 -29.36 6.21
CA LYS MA 145 36.54 -29.05 5.27
C LYS MA 145 36.31 -27.81 4.41
N SER MA 146 35.50 -26.83 4.87
CA SER MA 146 35.30 -25.65 4.05
C SER MA 146 36.49 -24.71 4.06
N LEU MA 147 37.11 -24.52 5.21
CA LEU MA 147 38.27 -23.65 5.26
C LEU MA 147 39.31 -24.28 4.34
N LEU MA 148 39.46 -25.60 4.40
CA LEU MA 148 40.62 -26.29 3.87
C LEU MA 148 40.60 -26.29 2.34
N THR MA 149 39.50 -25.82 1.77
CA THR MA 149 39.25 -26.04 0.36
C THR MA 149 38.50 -24.81 -0.15
N ASN MA 150 39.23 -23.85 -0.73
CA ASN MA 150 38.60 -22.64 -1.24
C ASN MA 150 38.17 -21.65 -0.14
N ALA MA 151 38.59 -21.85 1.11
CA ALA MA 151 38.69 -20.82 2.12
C ALA MA 151 37.34 -20.19 2.50
N VAL MA 152 36.32 -21.02 2.73
CA VAL MA 152 35.04 -20.46 3.12
C VAL MA 152 34.73 -20.78 4.58
N ILE MA 153 34.50 -19.74 5.40
CA ILE MA 153 34.10 -19.93 6.78
C ILE MA 153 32.62 -20.23 6.78
N ASN MA 154 32.20 -21.28 7.53
CA ASN MA 154 30.79 -21.53 7.82
C ASN MA 154 30.60 -21.88 9.28
N LYS MA 155 29.38 -22.27 9.68
CA LYS MA 155 28.99 -22.29 11.09
C LYS MA 155 29.92 -23.17 11.91
N GLY MA 156 30.46 -22.63 13.00
CA GLY MA 156 31.21 -23.49 13.90
C GLY MA 156 32.70 -23.51 13.58
N ASP MA 157 33.12 -22.90 12.47
CA ASP MA 157 34.55 -22.85 12.17
C ASP MA 157 35.25 -21.82 13.06
N LEU MA 158 36.56 -21.99 13.35
CA LEU MA 158 37.39 -20.99 14.02
C LEU MA 158 38.72 -20.93 13.31
N ALA MA 159 39.21 -19.72 12.99
CA ALA MA 159 40.37 -19.59 12.14
C ALA MA 159 41.19 -18.42 12.60
N GLY MA 160 42.46 -18.44 12.24
CA GLY MA 160 43.32 -17.44 12.86
C GLY MA 160 44.06 -16.71 11.76
N VAL MA 161 44.06 -15.38 11.84
CA VAL MA 161 44.64 -14.56 10.81
C VAL MA 161 46.00 -14.12 11.32
N LEU MA 162 47.07 -14.31 10.55
CA LEU MA 162 48.38 -13.91 10.98
C LEU MA 162 48.77 -12.58 10.33
N VAL MA 163 49.21 -11.55 11.11
CA VAL MA 163 49.72 -10.30 10.52
C VAL MA 163 51.08 -9.89 11.03
N ASN MA 164 52.05 -9.57 10.13
CA ASN MA 164 53.43 -9.24 10.45
C ASN MA 164 53.48 -7.76 10.67
N VAL MA 165 53.07 -7.37 11.89
CA VAL MA 165 52.71 -6.00 12.12
C VAL MA 165 53.93 -5.14 11.91
N SER MA 166 55.09 -5.65 12.28
CA SER MA 166 56.25 -4.78 12.30
C SER MA 166 56.63 -4.40 10.87
N ALA MA 167 56.21 -5.26 9.94
CA ALA MA 167 56.48 -5.02 8.52
C ALA MA 167 55.37 -4.18 7.92
N ALA MA 168 54.14 -4.37 8.41
CA ALA MA 168 52.99 -3.65 7.91
C ALA MA 168 53.06 -2.16 8.29
N PHE MA 169 53.31 -1.86 9.55
CA PHE MA 169 53.37 -0.49 9.98
C PHE MA 169 54.78 0.03 9.86
N GLY MA 170 55.74 -0.83 9.52
CA GLY MA 170 57.10 -0.36 9.33
C GLY MA 170 57.89 -0.18 10.62
N LYS MA 171 57.24 -0.29 11.79
CA LYS MA 171 57.97 -0.35 13.05
C LYS MA 171 57.25 -1.25 14.07
N HIS MA 172 57.96 -1.66 15.13
CA HIS MA 172 57.34 -2.45 16.17
C HIS MA 172 56.40 -1.59 17.03
N VAL MA 173 55.20 -2.09 17.42
CA VAL MA 173 54.34 -1.23 18.22
C VAL MA 173 54.82 -1.25 19.66
N GLY MA 174 54.85 -0.06 20.28
CA GLY MA 174 55.45 0.11 21.60
C GLY MA 174 54.42 -0.08 22.70
N THR MA 175 54.79 0.31 23.91
CA THR MA 175 53.90 0.18 25.03
C THR MA 175 52.95 1.37 25.05
N ARG MA 176 51.79 1.24 25.69
CA ARG MA 176 50.82 2.31 25.86
C ARG MA 176 50.30 2.87 24.54
N GLU MA 177 50.26 2.06 23.47
CA GLU MA 177 49.79 2.54 22.18
C GLU MA 177 48.52 1.80 21.78
N ARG MA 178 47.56 2.49 21.10
CA ARG MA 178 46.39 1.74 20.61
C ARG MA 178 46.46 1.40 19.14
N VAL MA 179 45.77 0.29 18.79
CA VAL MA 179 45.61 -0.11 17.40
C VAL MA 179 44.17 -0.52 17.19
N SER MA 180 43.57 -0.05 16.09
CA SER MA 180 42.19 -0.37 15.90
C SER MA 180 41.92 -0.59 14.43
N GLY MA 181 40.90 -1.43 14.15
CA GLY MA 181 40.59 -1.72 12.76
C GLY MA 181 39.32 -2.52 12.62
N TYR MA 182 39.15 -3.05 11.42
CA TYR MA 182 38.02 -3.85 11.07
C TYR MA 182 38.44 -4.85 10.00
N LEU MA 183 37.91 -6.07 10.07
CA LEU MA 183 38.04 -7.02 8.98
C LEU MA 183 36.71 -7.02 8.27
N GLN MA 184 36.70 -6.56 7.02
CA GLN MA 184 35.45 -6.20 6.37
C GLN MA 184 35.19 -7.24 5.32
N PRO MA 185 34.14 -8.08 5.43
CA PRO MA 185 33.84 -9.03 4.39
C PRO MA 185 33.14 -8.38 3.21
N GLU MA 186 33.01 -9.15 2.14
CA GLU MA 186 32.43 -8.74 0.88
C GLU MA 186 30.99 -8.34 1.08
N PHE MA 187 30.27 -9.09 1.92
CA PHE MA 187 28.97 -8.66 2.38
C PHE MA 187 28.81 -9.00 3.85
N GLY MA 188 28.11 -8.16 4.60
CA GLY MA 188 27.86 -8.45 6.01
C GLY MA 188 28.73 -7.61 6.94
N ALA MA 189 28.53 -7.80 8.24
CA ALA MA 189 29.02 -6.86 9.21
C ALA MA 189 30.48 -7.12 9.50
N PRO MA 190 31.30 -6.08 9.77
CA PRO MA 190 32.73 -6.28 9.94
C PRO MA 190 33.10 -6.63 11.36
N ALA MA 191 34.19 -7.37 11.51
CA ALA MA 191 34.65 -7.72 12.84
C ALA MA 191 35.52 -6.58 13.33
N VAL MA 192 35.15 -5.93 14.45
CA VAL MA 192 35.92 -4.83 15.03
C VAL MA 192 37.13 -5.36 15.77
N ILE MA 193 38.29 -4.72 15.63
CA ILE MA 193 39.46 -5.02 16.42
C ILE MA 193 39.87 -3.73 17.14
N GLU MA 194 40.24 -3.86 18.41
CA GLU MA 194 40.59 -2.68 19.19
C GLU MA 194 41.36 -3.17 20.42
N PHE MA 195 42.60 -2.70 20.57
CA PHE MA 195 43.30 -2.90 21.82
C PHE MA 195 44.40 -1.89 22.05
N THR MA 196 44.72 -1.72 23.33
CA THR MA 196 45.81 -0.85 23.74
C THR MA 196 46.89 -1.75 24.33
N THR MA 197 48.13 -1.60 23.84
CA THR MA 197 49.19 -2.49 24.27
C THR MA 197 49.45 -2.11 25.70
N PRO MA 198 49.77 -3.05 26.60
CA PRO MA 198 49.93 -2.73 28.01
C PRO MA 198 51.12 -1.83 28.27
N ALA MA 199 51.22 -1.41 29.53
CA ALA MA 199 52.24 -0.49 29.98
C ALA MA 199 53.61 -1.14 30.10
N ALA MA 200 53.64 -2.44 30.33
CA ALA MA 200 54.91 -3.09 30.64
C ALA MA 200 54.95 -4.45 29.95
N PHE MA 201 55.76 -4.53 28.91
CA PHE MA 201 55.94 -5.83 28.31
C PHE MA 201 56.80 -6.61 29.28
N THR MA 202 56.41 -7.86 29.60
CA THR MA 202 57.18 -8.65 30.56
C THR MA 202 57.25 -10.16 30.29
N SER MA 203 56.71 -10.62 29.16
CA SER MA 203 56.74 -12.02 28.76
C SER MA 203 56.67 -12.06 27.24
N ASP MA 204 57.01 -13.19 26.62
CA ASP MA 204 57.14 -13.19 25.18
C ASP MA 204 55.77 -13.17 24.51
N VAL MA 205 54.77 -13.93 25.02
CA VAL MA 205 53.51 -13.93 24.32
C VAL MA 205 52.42 -13.29 25.16
N ILE MA 206 51.77 -12.22 24.66
CA ILE MA 206 50.91 -11.33 25.44
C ILE MA 206 49.48 -11.33 24.97
N GLU MA 207 48.56 -11.29 25.92
CA GLU MA 207 47.17 -11.60 25.65
C GLU MA 207 46.39 -10.32 25.43
N LEU MA 208 46.54 -9.72 24.26
CA LEU MA 208 46.03 -8.39 24.00
C LEU MA 208 44.51 -8.36 24.09
N GLN MA 209 43.83 -9.44 23.66
CA GLN MA 209 42.42 -9.73 23.88
C GLN MA 209 41.50 -8.53 23.64
N ALA NA 1 -17.22 -2.63 -31.56
CA ALA NA 1 -17.90 -2.38 -30.24
C ALA NA 1 -16.87 -2.29 -29.10
N ILE NA 2 -17.11 -1.37 -28.16
CA ILE NA 2 -16.17 -1.05 -27.10
C ILE NA 2 -16.00 -2.22 -26.13
N GLY NA 3 -17.05 -3.04 -26.01
CA GLY NA 3 -17.08 -4.09 -24.99
C GLY NA 3 -15.91 -5.05 -25.15
N ILE NA 4 -15.57 -5.32 -26.42
CA ILE NA 4 -14.62 -6.34 -26.78
C ILE NA 4 -13.29 -6.07 -26.08
N GLY NA 5 -12.79 -4.85 -26.19
CA GLY NA 5 -11.53 -4.52 -25.57
C GLY NA 5 -11.58 -4.56 -24.05
N THR NA 6 -12.72 -4.17 -23.47
CA THR NA 6 -12.87 -4.03 -22.04
C THR NA 6 -12.65 -5.40 -21.41
N LEU NA 7 -13.19 -6.44 -22.08
CA LEU NA 7 -13.05 -7.82 -21.65
C LEU NA 7 -11.56 -8.18 -21.68
N ILE NA 8 -10.91 -8.00 -22.84
CA ILE NA 8 -9.54 -8.43 -23.07
C ILE NA 8 -8.60 -7.79 -22.07
N ILE NA 9 -8.75 -6.50 -21.81
CA ILE NA 9 -7.82 -5.84 -20.90
C ILE NA 9 -8.03 -6.31 -19.46
N PHE NA 10 -9.25 -6.72 -19.11
CA PHE NA 10 -9.54 -7.26 -17.77
C PHE NA 10 -8.71 -8.51 -17.54
N ILE NA 11 -8.65 -9.37 -18.56
CA ILE NA 11 -7.90 -10.62 -18.51
C ILE NA 11 -6.46 -10.31 -18.14
N ALA NA 12 -5.88 -9.29 -18.78
CA ALA NA 12 -4.52 -8.90 -18.51
C ALA NA 12 -4.39 -8.42 -17.08
N MET NA 13 -5.33 -7.58 -16.64
CA MET NA 13 -5.21 -6.88 -15.37
C MET NA 13 -5.15 -7.91 -14.24
N VAL NA 14 -6.01 -8.94 -14.33
CA VAL NA 14 -6.08 -10.02 -13.37
C VAL NA 14 -4.72 -10.69 -13.30
N LEU NA 15 -4.19 -11.06 -14.47
CA LEU NA 15 -2.98 -11.84 -14.56
C LEU NA 15 -1.83 -11.07 -13.92
N VAL NA 16 -1.75 -9.76 -14.18
CA VAL NA 16 -0.64 -8.98 -13.64
C VAL NA 16 -0.75 -8.95 -12.13
N ALA NA 17 -1.96 -8.75 -11.62
CA ALA NA 17 -2.16 -8.67 -10.18
C ALA NA 17 -1.79 -9.99 -9.51
N ALA NA 18 -1.95 -11.10 -10.26
CA ALA NA 18 -1.61 -12.40 -9.74
C ALA NA 18 -0.10 -12.46 -9.56
N VAL NA 19 0.63 -12.10 -10.62
CA VAL NA 19 2.09 -12.15 -10.62
C VAL NA 19 2.64 -11.30 -9.47
N ALA NA 20 2.06 -10.13 -9.29
CA ALA NA 20 2.50 -9.22 -8.25
C ALA NA 20 2.29 -9.85 -6.87
N ALA NA 21 1.15 -10.50 -6.67
CA ALA NA 21 0.86 -11.14 -5.40
C ALA NA 21 1.89 -12.25 -5.16
N ALA NA 22 2.18 -13.01 -6.22
CA ALA NA 22 3.02 -14.17 -6.08
C ALA NA 22 4.33 -13.83 -5.38
N VAL NA 23 5.02 -12.78 -5.85
CA VAL NA 23 6.34 -12.41 -5.36
C VAL NA 23 6.34 -12.17 -3.85
N LEU NA 24 5.22 -11.71 -3.31
CA LEU NA 24 5.15 -11.41 -1.90
C LEU NA 24 5.02 -12.73 -1.13
N ILE NA 25 4.21 -13.65 -1.67
CA ILE NA 25 3.98 -14.96 -1.04
C ILE NA 25 5.31 -15.71 -1.00
N ASN NA 26 5.98 -15.79 -2.17
CA ASN NA 26 7.30 -16.40 -2.31
C ASN NA 26 8.30 -15.80 -1.31
N THR NA 27 8.39 -14.46 -1.28
CA THR NA 27 9.40 -13.79 -0.49
C THR NA 27 9.13 -14.04 0.99
N SER NA 28 7.86 -14.17 1.35
CA SER NA 28 7.52 -14.36 2.74
C SER NA 28 8.01 -15.73 3.18
N GLY NA 29 7.91 -16.71 2.27
CA GLY NA 29 8.47 -18.06 2.46
C GLY NA 29 9.98 -18.02 2.72
N PHE NA 30 10.72 -17.35 1.84
CA PHE NA 30 12.16 -17.23 1.96
C PHE NA 30 12.55 -16.65 3.31
N LEU NA 31 11.87 -15.58 3.69
CA LEU NA 31 12.20 -14.90 4.92
C LEU NA 31 11.84 -15.76 6.13
N GLN NA 32 10.84 -16.63 6.01
CA GLN NA 32 10.33 -17.34 7.17
C GLN NA 32 11.48 -18.16 7.75
N GLN NA 33 12.07 -18.99 6.89
CA GLN NA 33 13.11 -19.92 7.32
C GLN NA 33 14.27 -19.14 7.92
N LYS NA 34 14.71 -18.10 7.21
CA LYS NA 34 15.91 -17.36 7.58
C LYS NA 34 15.75 -16.74 8.96
N ALA NA 35 14.54 -16.26 9.23
CA ALA NA 35 14.24 -15.60 10.49
C ALA NA 35 14.27 -16.64 11.60
N MET NA 36 13.53 -17.74 11.39
CA MET NA 36 13.33 -18.73 12.45
C MET NA 36 14.67 -19.28 12.92
N ALA NA 37 15.51 -19.65 11.96
CA ALA NA 37 16.83 -20.19 12.20
C ALA NA 37 17.68 -19.19 12.98
N THR NA 38 17.59 -17.91 12.64
CA THR NA 38 18.48 -16.91 13.21
C THR NA 38 18.20 -16.79 14.71
N GLY NA 39 16.92 -16.89 15.06
CA GLY NA 39 16.47 -16.80 16.45
C GLY NA 39 16.95 -18.01 17.25
N LYS NA 40 16.69 -19.21 16.72
CA LYS NA 40 17.03 -20.43 17.40
C LYS NA 40 18.52 -20.42 17.72
N GLU NA 41 19.32 -20.21 16.68
CA GLU NA 41 20.75 -20.33 16.75
C GLU NA 41 21.27 -19.35 17.80
N SER NA 42 20.81 -18.11 17.73
CA SER NA 42 21.29 -17.09 18.61
C SER NA 42 21.00 -17.45 20.05
N THR NA 43 19.90 -18.18 20.27
CA THR NA 43 19.45 -18.48 21.63
C THR NA 43 20.38 -19.51 22.23
N GLU NA 44 20.68 -20.56 21.45
CA GLU NA 44 21.52 -21.65 21.88
C GLU NA 44 22.90 -21.12 22.27
N GLN NA 45 23.42 -20.17 21.49
CA GLN NA 45 24.71 -19.55 21.71
C GLN NA 45 24.78 -18.96 23.10
N VAL NA 46 23.81 -18.14 23.49
CA VAL NA 46 23.89 -17.43 24.75
C VAL NA 46 23.76 -18.41 25.89
N ALA NA 47 22.92 -19.43 25.70
CA ALA NA 47 22.44 -20.30 26.76
C ALA NA 47 23.49 -21.30 27.21
N SER NA 48 24.56 -21.50 26.42
CA SER NA 48 25.41 -22.67 26.60
C SER NA 48 26.85 -22.31 26.93
N GLY NA 49 27.54 -23.22 27.64
CA GLY NA 49 28.95 -23.00 27.94
C GLY NA 49 29.53 -24.06 28.86
N LEU NA 50 30.80 -23.94 29.19
CA LEU NA 50 31.51 -24.86 30.06
C LEU NA 50 32.13 -24.08 31.22
N GLN NA 51 32.40 -24.78 32.34
CA GLN NA 51 32.92 -24.17 33.54
C GLN NA 51 34.04 -25.07 34.06
N VAL NA 52 35.21 -24.50 34.41
CA VAL NA 52 36.30 -25.28 34.95
C VAL NA 52 36.11 -25.45 36.43
N ILE NA 53 35.97 -26.71 36.88
CA ILE NA 53 35.69 -27.00 38.25
C ILE NA 53 37.00 -26.85 39.01
N ARG NA 54 38.02 -27.65 38.66
CA ARG NA 54 39.30 -27.64 39.35
C ARG NA 54 40.41 -28.02 38.38
N VAL NA 55 41.66 -27.64 38.65
CA VAL NA 55 42.78 -28.12 37.86
C VAL NA 55 43.79 -28.78 38.79
N LEU NA 56 44.27 -29.99 38.45
CA LEU NA 56 45.19 -30.76 39.26
C LEU NA 56 46.46 -31.09 38.46
N GLY NA 57 47.59 -31.39 39.14
CA GLY NA 57 48.86 -31.42 38.42
C GLY NA 57 49.97 -32.24 39.08
N ASN NA 58 50.25 -33.40 38.49
CA ASN NA 58 51.33 -34.27 38.94
C ASN NA 58 52.68 -33.57 38.81
N HIS NA 59 53.68 -33.85 39.67
CA HIS NA 59 55.01 -33.22 39.62
C HIS NA 59 56.17 -34.17 39.82
N SER NA 60 57.25 -34.02 39.01
CA SER NA 60 58.49 -34.79 39.15
C SER NA 60 59.63 -33.92 38.71
N GLY NA 61 60.79 -34.07 39.32
CA GLY NA 61 61.91 -33.28 38.82
C GLY NA 61 61.69 -31.83 39.21
N GLY NA 62 61.67 -30.93 38.24
CA GLY NA 62 61.56 -29.55 38.64
C GLY NA 62 60.32 -28.86 38.08
N LYS NA 63 59.35 -29.68 37.69
CA LYS NA 63 58.33 -29.17 36.80
C LYS NA 63 57.01 -29.83 37.15
N ILE NA 64 55.92 -29.26 36.63
CA ILE NA 64 54.67 -29.99 36.59
C ILE NA 64 54.62 -30.58 35.18
N ASN NA 65 54.39 -31.88 35.06
CA ASN NA 65 54.50 -32.51 33.78
C ASN NA 65 53.15 -32.89 33.16
N TRP NA 66 52.13 -33.24 33.95
CA TRP NA 66 50.82 -33.52 33.41
C TRP NA 66 49.81 -32.59 34.09
N LEU NA 67 48.76 -32.15 33.38
CA LEU NA 67 47.67 -31.43 33.99
C LEU NA 67 46.35 -32.14 33.70
N ALA NA 68 45.42 -32.06 34.65
CA ALA NA 68 44.12 -32.66 34.46
C ALA NA 68 43.11 -31.58 34.78
N VAL NA 69 42.41 -31.12 33.76
CA VAL NA 69 41.50 -29.99 33.85
C VAL NA 69 40.09 -30.54 33.90
N LEU NA 70 39.42 -30.41 35.05
CA LEU NA 70 38.09 -30.98 35.21
C LEU NA 70 37.09 -29.91 34.79
N ILE NA 71 36.08 -30.32 33.99
CA ILE NA 71 35.21 -29.35 33.35
C ILE NA 71 33.80 -29.87 33.31
N SER NA 72 32.79 -28.99 33.34
CA SER NA 72 31.39 -29.43 33.36
C SER NA 72 30.53 -28.37 32.71
N PRO NA 73 29.30 -28.68 32.29
CA PRO NA 73 28.46 -27.70 31.63
C PRO NA 73 27.95 -26.60 32.55
N ASN NA 74 27.62 -25.44 31.97
CA ASN NA 74 27.00 -24.35 32.71
C ASN NA 74 25.54 -24.72 32.90
N ALA NA 75 24.87 -24.16 33.90
CA ALA NA 75 23.48 -24.54 34.13
C ALA NA 75 22.64 -24.15 32.92
N GLY NA 76 21.78 -25.08 32.48
CA GLY NA 76 20.79 -24.79 31.46
C GLY NA 76 21.37 -24.78 30.04
N SER NA 77 22.52 -25.45 29.89
CA SER NA 77 23.21 -25.50 28.61
C SER NA 77 22.74 -26.65 27.75
N ALA NA 78 22.86 -26.50 26.44
CA ALA NA 78 22.47 -27.56 25.52
C ALA NA 78 23.69 -28.46 25.47
N PRO NA 79 23.62 -29.70 24.98
CA PRO NA 79 24.75 -30.61 25.08
C PRO NA 79 25.97 -30.17 24.28
N ILE NA 80 27.18 -30.25 24.87
CA ILE NA 80 28.40 -29.82 24.22
C ILE NA 80 29.22 -31.02 23.73
N ASP NA 81 29.59 -31.06 22.43
CA ASP NA 81 30.28 -32.20 21.82
C ASP NA 81 31.76 -31.93 21.85
N LEU NA 82 32.44 -32.60 22.77
CA LEU NA 82 33.80 -32.19 23.07
C LEU NA 82 34.70 -32.58 21.93
N SER NA 83 34.21 -33.43 21.01
CA SER NA 83 35.13 -33.89 19.98
C SER NA 83 35.46 -32.75 19.05
N GLN NA 84 34.67 -31.68 19.11
CA GLN NA 84 34.94 -30.53 18.29
C GLN NA 84 35.40 -29.33 19.13
N ALA NA 85 35.87 -29.54 20.37
CA ALA NA 85 36.35 -28.42 21.17
C ALA NA 85 37.77 -28.08 20.78
N THR NA 86 38.35 -26.98 21.29
CA THR NA 86 39.78 -26.71 21.13
C THR NA 86 40.36 -26.11 22.40
N VAL NA 87 41.57 -26.51 22.85
CA VAL NA 87 42.12 -25.93 24.06
C VAL NA 87 43.37 -25.15 23.74
N MET NA 88 43.57 -24.01 24.41
CA MET NA 88 44.70 -23.16 24.11
C MET NA 88 45.31 -22.81 25.45
N ILE NA 89 46.63 -22.98 25.57
CA ILE NA 89 47.31 -22.77 26.83
C ILE NA 89 48.59 -22.00 26.53
N THR NA 90 48.99 -21.05 27.41
CA THR NA 90 50.30 -20.43 27.26
C THR NA 90 50.99 -20.21 28.58
N ASP NA 91 52.34 -20.30 28.54
CA ASP NA 91 53.18 -20.12 29.70
C ASP NA 91 53.94 -18.84 29.58
N GLY NA 92 53.62 -18.04 28.55
CA GLY NA 92 54.29 -16.75 28.39
C GLY NA 92 55.58 -16.85 27.57
N THR NA 93 56.06 -18.07 27.33
CA THR NA 93 57.13 -18.29 26.39
C THR NA 93 56.68 -19.09 25.17
N HIS NA 94 55.66 -19.96 25.25
CA HIS NA 94 55.09 -20.62 24.08
C HIS NA 94 53.56 -20.69 24.13
N LYS NA 95 52.86 -20.98 23.01
CA LYS NA 95 51.40 -21.02 23.03
C LYS NA 95 50.89 -22.22 22.25
N VAL NA 96 50.62 -23.34 22.96
CA VAL NA 96 50.25 -24.58 22.31
C VAL NA 96 48.76 -24.52 22.11
N ILE NA 97 48.27 -25.17 21.05
CA ILE NA 97 46.86 -25.42 20.87
C ILE NA 97 46.69 -26.90 20.58
N ALA NA 98 45.67 -27.54 21.20
CA ALA NA 98 45.59 -29.00 21.15
C ALA NA 98 44.17 -29.46 20.89
N LYS NA 99 43.99 -30.65 20.29
CA LYS NA 99 42.69 -31.11 19.83
C LYS NA 99 42.52 -32.61 20.14
N TYR NA 100 41.31 -33.14 20.15
CA TYR NA 100 41.03 -34.44 20.73
C TYR NA 100 41.52 -35.54 19.84
N ASN NA 101 42.22 -36.52 20.43
CA ASN NA 101 42.59 -37.73 19.71
C ASN NA 101 41.81 -38.87 20.34
N SER NA 102 40.94 -39.52 19.57
CA SER NA 102 39.94 -40.45 20.08
C SER NA 102 40.61 -41.66 20.71
N THR NA 103 41.88 -41.88 20.42
CA THR NA 103 42.59 -43.05 20.92
C THR NA 103 42.59 -43.04 22.46
N PHE NA 104 42.59 -41.87 23.07
CA PHE NA 104 42.89 -41.74 24.49
C PHE NA 104 41.61 -41.49 25.31
N PHE NA 105 40.70 -42.46 25.33
CA PHE NA 105 39.46 -42.34 26.10
C PHE NA 105 39.47 -43.39 27.19
N ASN NA 106 39.03 -43.04 28.39
CA ASN NA 106 38.75 -44.06 29.40
C ASN NA 106 37.40 -43.83 30.02
N GLY NA 107 36.44 -44.71 29.72
CA GLY NA 107 35.09 -44.48 30.22
C GLY NA 107 34.89 -45.07 31.62
N THR NA 108 35.67 -46.09 31.92
CA THR NA 108 35.34 -46.94 33.03
C THR NA 108 35.36 -46.15 34.32
N LEU NA 109 36.11 -45.05 34.35
CA LEU NA 109 36.37 -44.36 35.59
C LEU NA 109 35.12 -43.63 36.06
N LYS NA 110 34.02 -43.73 35.30
CA LYS NA 110 32.75 -43.21 35.77
C LYS NA 110 32.34 -43.92 37.04
N ASN NA 111 32.91 -45.11 37.26
CA ASN NA 111 32.60 -45.95 38.39
C ASN NA 111 33.75 -45.93 39.39
N GLY NA 112 34.58 -44.89 39.36
CA GLY NA 112 35.57 -44.73 40.44
C GLY NA 112 36.90 -45.35 40.06
N GLY NA 113 37.99 -44.81 40.63
CA GLY NA 113 39.35 -45.27 40.39
C GLY NA 113 40.34 -44.12 40.56
N SER NA 114 41.57 -44.28 40.08
CA SER NA 114 42.62 -43.27 40.19
C SER NA 114 42.84 -42.56 38.87
N ILE NA 115 42.76 -41.21 38.87
CA ILE NA 115 43.16 -40.41 37.70
C ILE NA 115 44.67 -40.50 37.72
N PHE NA 116 45.35 -39.98 36.72
CA PHE NA 116 46.80 -39.94 36.76
C PHE NA 116 47.43 -41.33 36.80
N GLU NA 117 46.60 -42.39 36.81
CA GLU NA 117 47.09 -43.73 36.54
C GLU NA 117 46.11 -44.49 35.64
N ALA NA 118 45.32 -43.75 34.86
CA ALA NA 118 44.38 -44.39 33.96
C ALA NA 118 45.11 -44.99 32.78
N LYS NA 119 44.68 -46.15 32.32
CA LYS NA 119 45.19 -46.75 31.10
C LYS NA 119 44.32 -46.36 29.91
N TYR NA 120 44.78 -46.71 28.67
CA TYR NA 120 43.99 -46.64 27.44
C TYR NA 120 44.26 -47.84 26.59
N ASN NA 121 43.51 -48.06 25.49
CA ASN NA 121 43.49 -49.33 24.76
C ASN NA 121 43.87 -49.13 23.31
N ASN NA 122 45.17 -49.25 22.96
CA ASN NA 122 45.58 -49.50 21.59
C ASN NA 122 45.19 -50.94 21.31
N THR NA 123 44.72 -51.25 20.10
CA THR NA 123 44.12 -52.56 19.90
C THR NA 123 45.11 -53.65 20.33
N THR NA 124 44.64 -54.63 21.12
CA THR NA 124 45.42 -55.78 21.62
C THR NA 124 46.18 -55.50 22.91
N ALA NA 125 46.19 -54.26 23.42
CA ALA NA 125 46.94 -54.01 24.66
C ALA NA 125 46.32 -52.92 25.54
N LEU NA 126 46.80 -52.80 26.78
CA LEU NA 126 46.50 -51.67 27.66
C LEU NA 126 47.79 -50.99 28.07
N LYS NA 127 47.83 -49.65 28.00
CA LYS NA 127 49.05 -48.88 28.20
C LYS NA 127 48.71 -47.60 28.97
N PRO NA 128 49.64 -46.95 29.70
CA PRO NA 128 49.30 -45.76 30.49
C PRO NA 128 48.97 -44.54 29.62
N LEU NA 129 47.92 -43.79 29.99
CA LEU NA 129 47.35 -42.72 29.18
C LEU NA 129 48.31 -41.55 29.09
N PHE NA 130 48.63 -40.96 30.23
CA PHE NA 130 49.25 -39.65 30.23
C PHE NA 130 50.63 -39.66 29.54
N ASP NA 131 51.39 -40.74 29.75
CA ASP NA 131 52.72 -40.87 29.21
C ASP NA 131 52.70 -40.98 27.69
N ASP NA 132 51.61 -41.51 27.12
CA ASP NA 132 51.58 -41.81 25.69
C ASP NA 132 50.98 -40.67 24.86
N LEU NA 133 50.23 -39.78 25.50
CA LEU NA 133 49.45 -38.76 24.81
C LEU NA 133 50.35 -37.80 24.06
N PRO NA 134 50.19 -37.61 22.73
CA PRO NA 134 51.05 -36.74 21.92
C PRO NA 134 51.04 -35.25 22.24
N ALA NA 135 52.04 -34.56 21.72
CA ALA NA 135 52.27 -33.20 22.18
C ALA NA 135 51.18 -32.24 21.72
N THR NA 136 50.43 -32.58 20.68
CA THR NA 136 49.43 -31.68 20.17
C THR NA 136 48.00 -32.14 20.46
N ALA NA 137 47.80 -33.07 21.41
CA ALA NA 137 46.47 -33.66 21.54
C ALA NA 137 46.04 -33.70 22.99
N PHE NA 138 44.73 -33.74 23.22
CA PHE NA 138 44.22 -33.96 24.56
C PHE NA 138 43.34 -35.18 24.63
N GLY NA 139 43.33 -35.83 25.78
CA GLY NA 139 42.56 -37.05 25.97
C GLY NA 139 41.45 -36.74 26.96
N ILE NA 140 40.49 -37.66 27.17
CA ILE NA 140 39.34 -37.37 27.99
C ILE NA 140 39.00 -38.57 28.85
N VAL NA 141 38.66 -38.34 30.13
CA VAL NA 141 38.36 -39.38 31.11
C VAL NA 141 37.08 -39.05 31.86
N VAL NA 142 36.06 -39.91 31.76
CA VAL NA 142 34.73 -39.62 32.20
C VAL NA 142 34.71 -39.89 33.69
N LEU NA 143 34.36 -38.88 34.48
CA LEU NA 143 34.37 -39.05 35.90
C LEU NA 143 32.95 -39.15 36.42
N GLN NA 144 31.95 -38.48 35.83
CA GLN NA 144 30.57 -38.67 36.24
C GLN NA 144 29.64 -38.52 35.05
N ASP NA 145 28.81 -39.54 34.77
CA ASP NA 145 27.89 -39.55 33.64
C ASP NA 145 26.78 -40.55 33.88
N ALA NA 146 25.56 -40.04 34.09
CA ALA NA 146 24.47 -40.89 34.53
C ALA NA 146 23.89 -41.68 33.37
N ASP NA 147 23.93 -41.10 32.17
CA ASP NA 147 23.11 -41.57 31.06
C ASP NA 147 23.95 -42.04 29.87
N THR NA 148 25.20 -42.41 30.12
CA THR NA 148 26.10 -43.01 29.15
C THR NA 148 26.24 -42.14 27.91
N SER NA 149 26.11 -40.84 28.09
CA SER NA 149 26.15 -39.90 26.99
C SER NA 149 27.51 -39.77 26.37
N CYS NA 150 28.58 -39.96 27.14
CA CYS NA 150 29.92 -39.99 26.56
C CYS NA 150 30.24 -41.37 25.96
N SER NA 151 30.55 -41.39 24.66
CA SER NA 151 31.09 -42.55 23.96
C SER NA 151 32.39 -42.16 23.25
N LYS NA 152 33.33 -43.11 23.11
CA LYS NA 152 34.68 -42.83 22.66
C LYS NA 152 34.69 -42.04 21.35
N ASP NA 153 33.80 -42.38 20.42
CA ASP NA 153 33.75 -41.69 19.13
C ASP NA 153 32.95 -40.38 19.18
N THR NA 154 32.14 -40.12 20.22
CA THR NA 154 31.31 -38.92 20.34
C THR NA 154 31.10 -38.47 21.81
N PRO NA 155 32.04 -37.76 22.42
CA PRO NA 155 31.91 -37.38 23.81
C PRO NA 155 31.02 -36.18 23.98
N VAL NA 156 29.71 -36.42 24.10
CA VAL NA 156 28.78 -35.32 24.31
C VAL NA 156 28.42 -35.23 25.79
N ILE NA 157 28.70 -34.10 26.45
CA ILE NA 157 28.40 -33.95 27.87
C ILE NA 157 27.10 -33.21 28.08
N ASN NA 158 26.22 -33.71 28.98
CA ASN NA 158 24.92 -33.11 29.27
C ASN NA 158 24.80 -32.84 30.73
N LYS NA 159 23.68 -32.23 31.16
CA LYS NA 159 23.59 -31.64 32.50
C LYS NA 159 23.90 -32.69 33.54
N GLY NA 160 24.88 -32.40 34.41
CA GLY NA 160 25.23 -33.29 35.49
C GLY NA 160 26.60 -33.93 35.31
N ASP NA 161 27.12 -33.93 34.09
CA ASP NA 161 28.31 -34.71 33.81
C ASP NA 161 29.56 -33.98 34.31
N ILE NA 162 30.64 -34.70 34.65
CA ILE NA 162 31.96 -34.12 34.90
C ILE NA 162 32.98 -34.98 34.17
N VAL NA 163 34.00 -34.34 33.58
CA VAL NA 163 34.94 -35.03 32.73
C VAL NA 163 36.27 -34.31 32.74
N ALA NA 164 37.37 -35.06 32.56
CA ALA NA 164 38.68 -34.47 32.80
C ALA NA 164 39.43 -34.46 31.49
N ILE NA 165 39.89 -33.28 31.11
CA ILE NA 165 40.64 -33.10 29.90
C ILE NA 165 42.07 -33.29 30.36
N CYS NA 166 42.78 -34.23 29.74
CA CYS NA 166 44.10 -34.62 30.15
C CYS NA 166 45.11 -34.11 29.14
N LEU NA 167 46.12 -33.35 29.59
CA LEU NA 167 47.14 -32.74 28.74
C LEU NA 167 48.53 -33.06 29.29
N ASN NA 168 49.47 -33.42 28.41
CA ASN NA 168 50.82 -33.76 28.85
C ASN NA 168 51.66 -32.64 28.34
N VAL NA 169 52.29 -31.89 29.25
CA VAL NA 169 52.89 -30.61 28.92
C VAL NA 169 54.39 -30.61 29.12
N SER NA 170 54.97 -31.79 29.32
CA SER NA 170 56.28 -31.96 29.88
C SER NA 170 57.34 -31.25 29.05
N ASN NA 171 57.21 -31.31 27.73
CA ASN NA 171 58.20 -30.68 26.87
C ASN NA 171 57.68 -29.42 26.17
N THR NA 172 56.37 -29.21 26.15
CA THR NA 172 55.74 -28.17 25.40
C THR NA 172 55.73 -26.86 26.18
N LEU NA 173 55.36 -26.88 27.46
CA LEU NA 173 55.37 -25.68 28.30
C LEU NA 173 56.22 -25.92 29.55
N ASN NA 174 56.98 -24.90 30.01
CA ASN NA 174 58.03 -25.15 30.97
C ASN NA 174 57.60 -24.72 32.37
N LEU NA 175 56.72 -25.50 33.00
CA LEU NA 175 56.02 -25.06 34.21
C LEU NA 175 56.85 -25.26 35.46
N LYS NA 176 57.87 -24.40 35.61
CA LYS NA 176 58.62 -24.32 36.85
C LYS NA 176 57.86 -23.47 37.85
N PRO NA 177 58.32 -23.29 39.10
CA PRO NA 177 57.55 -22.54 40.09
C PRO NA 177 57.30 -21.09 39.70
N ARG NA 178 56.32 -20.48 40.35
CA ARG NA 178 56.08 -19.05 40.19
C ARG NA 178 55.76 -18.70 38.73
N THR NA 179 55.14 -19.60 37.95
CA THR NA 179 54.89 -19.38 36.54
C THR NA 179 53.40 -19.22 36.24
N LYS NA 180 53.01 -18.20 35.48
CA LYS NA 180 51.60 -17.95 35.16
C LYS NA 180 51.18 -18.75 33.95
N VAL NA 181 49.98 -19.34 34.00
CA VAL NA 181 49.46 -20.13 32.91
C VAL NA 181 48.08 -19.61 32.61
N THR NA 182 47.75 -19.43 31.33
CA THR NA 182 46.53 -18.77 30.92
C THR NA 182 45.95 -19.58 29.77
N GLY NA 183 44.62 -19.61 29.62
CA GLY NA 183 44.09 -20.36 28.50
C GLY NA 183 42.58 -20.50 28.51
N ALA NA 184 42.06 -21.35 27.61
CA ALA NA 184 40.63 -21.53 27.48
C ALA NA 184 40.33 -22.83 26.78
N VAL NA 185 39.23 -23.47 27.17
CA VAL NA 185 38.66 -24.54 26.36
C VAL NA 185 37.48 -23.93 25.63
N ILE NA 186 37.52 -23.98 24.30
CA ILE NA 186 36.59 -23.26 23.46
C ILE NA 186 35.69 -24.26 22.78
N PRO NA 187 34.38 -24.29 23.07
CA PRO NA 187 33.47 -25.19 22.39
C PRO NA 187 32.99 -24.64 21.05
N GLU NA 188 32.24 -25.48 20.34
CA GLU NA 188 31.78 -25.23 19.00
C GLU NA 188 30.83 -24.08 19.03
N PHE NA 189 30.00 -24.04 20.06
CA PHE NA 189 29.19 -22.88 20.37
C PHE NA 189 29.10 -22.70 21.88
N GLY NA 190 28.87 -21.47 22.31
CA GLY NA 190 28.77 -21.23 23.74
C GLY NA 190 30.07 -20.69 24.32
N ALA NA 191 30.03 -20.33 25.60
CA ALA NA 191 31.06 -19.49 26.17
C ALA NA 191 32.24 -20.33 26.62
N PRO NA 192 33.49 -19.86 26.44
CA PRO NA 192 34.66 -20.64 26.81
C PRO NA 192 34.87 -20.72 28.32
N ALA NA 193 35.53 -21.79 28.74
CA ALA NA 193 35.96 -21.90 30.12
C ALA NA 193 37.35 -21.28 30.21
N VAL NA 194 37.65 -20.53 31.29
CA VAL NA 194 38.89 -19.79 31.38
C VAL NA 194 39.80 -20.43 32.41
N ILE NA 195 40.99 -20.86 31.98
CA ILE NA 195 42.01 -21.48 32.81
C ILE NA 195 42.94 -20.36 33.22
N SER NA 196 43.25 -20.24 34.52
CA SER NA 196 44.10 -19.14 34.93
C SER NA 196 44.69 -19.44 36.30
N PHE NA 197 45.99 -19.71 36.36
CA PHE NA 197 46.60 -20.07 37.62
C PHE NA 197 48.07 -19.73 37.63
N THR NA 198 48.61 -19.57 38.83
CA THR NA 198 50.03 -19.37 38.94
C THR NA 198 50.58 -20.49 39.80
N THR NA 199 51.63 -21.17 39.33
CA THR NA 199 52.07 -22.37 40.01
C THR NA 199 52.61 -21.93 41.35
N PRO NA 200 52.56 -22.76 42.40
CA PRO NA 200 53.07 -22.41 43.73
C PRO NA 200 54.50 -21.91 43.80
N ALA NA 201 54.84 -21.34 44.94
CA ALA NA 201 56.17 -20.84 45.18
C ALA NA 201 57.14 -21.99 45.44
N THR NA 202 56.64 -23.12 45.96
CA THR NA 202 57.51 -24.21 46.37
C THR NA 202 56.84 -25.54 46.09
N TYR NA 203 57.58 -26.47 45.49
CA TYR NA 203 57.06 -27.78 45.28
C TYR NA 203 57.75 -28.68 46.30
N LEU NA 204 57.02 -29.54 47.02
CA LEU NA 204 57.59 -30.42 48.03
C LEU NA 204 57.52 -31.88 47.60
N ASP NA 205 58.57 -32.67 47.88
CA ASP NA 205 58.68 -34.06 47.42
C ASP NA 205 57.66 -34.97 48.11
N THR NA 206 57.07 -34.51 49.19
CA THR NA 206 56.08 -35.30 49.92
C THR NA 206 54.68 -35.15 49.31
N GLN NA 207 54.53 -34.23 48.34
CA GLN NA 207 53.21 -33.89 47.83
C GLN NA 207 53.23 -33.78 46.31
N HIS NA 208 53.32 -34.91 45.60
CA HIS NA 208 53.52 -34.86 44.18
C HIS NA 208 52.27 -34.43 43.40
N ILE NA 209 51.06 -34.51 43.99
CA ILE NA 209 49.90 -34.00 43.29
C ILE NA 209 49.43 -32.70 43.90
N ILE NA 210 49.29 -31.64 43.07
CA ILE NA 210 49.09 -30.26 43.50
C ILE NA 210 47.76 -29.77 42.97
N GLU NA 211 47.05 -28.96 43.77
CA GLU NA 211 45.79 -28.41 43.35
C GLU NA 211 46.06 -26.99 42.89
N LEU NA 212 45.78 -26.68 41.61
CA LEU NA 212 46.30 -25.47 41.02
C LEU NA 212 45.23 -24.40 40.93
N GLN NA 213 43.97 -24.78 40.70
CA GLN NA 213 42.85 -23.85 40.62
C GLN NA 213 41.62 -24.56 41.22
N ALA OA 1 -12.77 -2.12 -14.32
CA ALA OA 1 -11.49 -2.85 -14.59
C ALA OA 1 -10.57 -2.78 -13.37
N ILE OA 2 -10.38 -1.56 -12.85
CA ILE OA 2 -9.42 -1.28 -11.78
C ILE OA 2 -9.83 -2.03 -10.51
N GLY OA 3 -11.13 -2.04 -10.22
CA GLY OA 3 -11.67 -2.60 -8.99
C GLY OA 3 -11.16 -4.02 -8.74
N ILE OA 4 -11.23 -4.84 -9.79
CA ILE OA 4 -10.94 -6.26 -9.75
C ILE OA 4 -9.57 -6.48 -9.12
N GLY OA 5 -8.57 -5.81 -9.66
CA GLY OA 5 -7.21 -6.03 -9.19
C GLY OA 5 -7.02 -5.66 -7.72
N THR OA 6 -7.72 -4.61 -7.27
CA THR OA 6 -7.53 -4.07 -5.92
C THR OA 6 -7.82 -5.18 -4.94
N LEU OA 7 -8.89 -5.93 -5.22
CA LEU OA 7 -9.35 -6.99 -4.35
C LEU OA 7 -8.25 -8.03 -4.26
N ILE OA 8 -7.73 -8.45 -5.41
CA ILE OA 8 -6.76 -9.55 -5.47
C ILE OA 8 -5.55 -9.18 -4.65
N ILE OA 9 -4.96 -8.01 -4.85
CA ILE OA 9 -3.72 -7.77 -4.13
C ILE OA 9 -3.99 -7.62 -2.62
N PHE OA 10 -5.21 -7.18 -2.26
CA PHE OA 10 -5.58 -7.05 -0.86
C PHE OA 10 -5.39 -8.40 -0.19
N ILE OA 11 -5.85 -9.47 -0.85
CA ILE OA 11 -5.73 -10.82 -0.32
C ILE OA 11 -4.28 -11.12 0.02
N ALA OA 12 -3.37 -10.74 -0.87
CA ALA OA 12 -1.98 -11.04 -0.64
C ALA OA 12 -1.49 -10.31 0.61
N MET OA 13 -1.85 -9.04 0.77
CA MET OA 13 -1.39 -8.24 1.90
C MET OA 13 -1.70 -8.99 3.20
N VAL OA 14 -2.92 -9.56 3.27
CA VAL OA 14 -3.45 -10.21 4.45
C VAL OA 14 -2.56 -11.40 4.77
N LEU OA 15 -2.36 -12.24 3.76
CA LEU OA 15 -1.65 -13.49 3.95
C LEU OA 15 -0.21 -13.19 4.38
N VAL OA 16 0.43 -12.17 3.79
CA VAL OA 16 1.82 -11.89 4.08
C VAL OA 16 1.97 -11.41 5.52
N ALA OA 17 1.04 -10.57 5.99
CA ALA OA 17 1.05 -10.12 7.38
C ALA OA 17 0.85 -11.30 8.31
N ALA OA 18 -0.02 -12.23 7.91
CA ALA OA 18 -0.33 -13.40 8.70
C ALA OA 18 0.93 -14.23 8.89
N VAL OA 19 1.64 -14.49 7.78
CA VAL OA 19 2.85 -15.30 7.79
C VAL OA 19 3.88 -14.66 8.71
N ALA OA 20 4.01 -13.34 8.67
CA ALA OA 20 4.99 -12.67 9.50
C ALA OA 20 4.60 -12.78 10.98
N ALA OA 21 3.31 -12.68 11.24
CA ALA OA 21 2.85 -12.75 12.62
C ALA OA 21 3.21 -14.12 13.19
N ALA OA 22 3.00 -15.16 12.38
CA ALA OA 22 3.26 -16.53 12.78
C ALA OA 22 4.68 -16.64 13.32
N VAL OA 23 5.65 -16.03 12.63
CA VAL OA 23 7.05 -16.09 13.04
C VAL OA 23 7.16 -15.55 14.47
N LEU OA 24 6.55 -14.39 14.70
CA LEU OA 24 6.77 -13.69 15.94
C LEU OA 24 6.16 -14.50 17.08
N ILE OA 25 4.94 -15.02 16.87
CA ILE OA 25 4.18 -15.76 17.86
C ILE OA 25 4.97 -17.02 18.22
N ASN OA 26 5.32 -17.80 17.19
CA ASN OA 26 6.04 -19.06 17.33
C ASN OA 26 7.33 -18.85 18.11
N THR OA 27 8.12 -17.88 17.66
CA THR OA 27 9.44 -17.61 18.20
C THR OA 27 9.29 -17.31 19.69
N SER OA 28 8.25 -16.56 20.06
CA SER OA 28 8.04 -16.17 21.44
C SER OA 28 7.83 -17.43 22.26
N GLY OA 29 7.03 -18.35 21.70
CA GLY OA 29 6.80 -19.66 22.26
C GLY OA 29 8.11 -20.42 22.50
N PHE OA 30 8.96 -20.48 21.46
CA PHE OA 30 10.21 -21.22 21.53
C PHE OA 30 11.10 -20.69 22.65
N LEU OA 31 11.06 -19.39 22.87
CA LEU OA 31 11.92 -18.77 23.86
C LEU OA 31 11.34 -18.96 25.24
N GLN OA 32 10.01 -19.04 25.36
CA GLN OA 32 9.38 -19.05 26.66
C GLN OA 32 9.95 -20.20 27.49
N GLN OA 33 10.07 -21.37 26.84
CA GLN OA 33 10.57 -22.60 27.44
C GLN OA 33 11.92 -22.34 28.09
N LYS OA 34 12.91 -21.93 27.27
CA LYS OA 34 14.30 -21.85 27.67
C LYS OA 34 14.46 -20.76 28.72
N ALA OA 35 13.68 -19.69 28.59
CA ALA OA 35 13.80 -18.58 29.51
C ALA OA 35 13.54 -19.11 30.91
N MET OA 36 12.40 -19.80 31.08
CA MET OA 36 12.04 -20.28 32.41
C MET OA 36 13.10 -21.25 32.91
N ALA OA 37 13.43 -22.23 32.07
CA ALA OA 37 14.33 -23.32 32.41
C ALA OA 37 15.61 -22.77 33.02
N THR OA 38 16.16 -21.72 32.39
CA THR OA 38 17.46 -21.19 32.75
C THR OA 38 17.39 -20.66 34.17
N GLY OA 39 16.31 -19.96 34.49
CA GLY OA 39 16.18 -19.31 35.77
C GLY OA 39 16.08 -20.33 36.90
N LYS OA 40 15.23 -21.34 36.70
CA LYS OA 40 15.00 -22.35 37.72
C LYS OA 40 16.30 -23.07 37.99
N GLU OA 41 16.95 -23.57 36.93
CA GLU OA 41 18.19 -24.30 37.03
C GLU OA 41 19.24 -23.49 37.77
N SER OA 42 19.37 -22.22 37.44
CA SER OA 42 20.44 -21.41 37.98
C SER OA 42 20.22 -21.20 39.48
N THR OA 43 18.97 -21.10 39.89
CA THR OA 43 18.66 -20.84 41.29
C THR OA 43 19.00 -22.08 42.08
N GLU OA 44 18.57 -23.25 41.60
CA GLU OA 44 18.80 -24.50 42.31
C GLU OA 44 20.30 -24.73 42.52
N GLN OA 45 21.11 -24.30 41.55
CA GLN OA 45 22.56 -24.41 41.61
C GLN OA 45 23.11 -23.56 42.74
N VAL OA 46 22.69 -22.31 42.84
CA VAL OA 46 23.35 -21.42 43.78
C VAL OA 46 22.92 -21.74 45.21
N ALA OA 47 21.72 -22.30 45.38
CA ALA OA 47 21.10 -22.48 46.67
C ALA OA 47 21.53 -23.78 47.35
N SER OA 48 21.81 -24.80 46.54
CA SER OA 48 22.02 -26.14 47.07
C SER OA 48 23.49 -26.44 47.36
N GLY OA 49 23.73 -27.42 48.23
CA GLY OA 49 25.08 -27.75 48.67
C GLY OA 49 25.09 -28.73 49.85
N LEU OA 50 26.27 -29.18 50.26
CA LEU OA 50 26.44 -30.04 51.42
C LEU OA 50 27.58 -29.48 52.26
N LEU OA 51 27.61 -29.86 53.54
CA LEU OA 51 28.52 -29.28 54.50
C LEU OA 51 29.05 -30.35 55.43
N CYS OA 52 30.38 -30.35 55.61
CA CYS OA 52 31.12 -31.34 56.38
C CYS OA 52 31.02 -31.00 57.86
N SER OA 53 30.81 -32.02 58.65
CA SER OA 53 30.40 -31.78 60.03
C SER OA 53 31.51 -32.26 60.93
N GLY OA 54 32.24 -33.29 60.47
CA GLY OA 54 33.24 -33.94 61.29
C GLY OA 54 33.88 -35.07 60.50
N VAL OA 55 35.12 -35.44 60.87
CA VAL OA 55 35.71 -36.65 60.36
C VAL OA 55 36.33 -37.41 61.51
N THR OA 56 36.21 -38.75 61.51
CA THR OA 56 36.87 -39.57 62.51
C THR OA 56 37.47 -40.84 61.93
N GLY OA 57 38.43 -41.48 62.64
CA GLY OA 57 39.23 -42.50 61.98
C GLY OA 57 39.83 -43.55 62.92
N HIS OA 58 40.22 -44.74 62.40
CA HIS OA 58 40.61 -45.87 63.23
C HIS OA 58 42.06 -46.24 62.99
N TYR OA 59 42.86 -46.36 64.06
CA TYR OA 59 44.29 -46.57 63.94
C TYR OA 59 44.62 -48.01 64.28
N VAL OA 60 45.28 -48.73 63.38
CA VAL OA 60 45.77 -50.08 63.67
C VAL OA 60 47.22 -49.97 64.13
N LYS OA 61 47.58 -50.65 65.21
CA LYS OA 61 48.86 -50.43 65.87
C LYS OA 61 50.00 -50.71 64.89
N ASN OA 62 50.99 -49.82 64.91
CA ASN OA 62 52.20 -49.96 64.15
C ASN OA 62 51.93 -49.90 62.65
N LYS OA 63 50.70 -49.49 62.24
CA LYS OA 63 50.37 -49.44 60.82
C LYS OA 63 49.94 -48.04 60.37
N GLY OA 64 48.95 -47.43 61.04
CA GLY OA 64 48.41 -46.15 60.59
C GLY OA 64 46.89 -46.16 60.47
N ILE OA 65 46.31 -45.10 59.89
CA ILE OA 65 44.87 -44.98 59.87
C ILE OA 65 44.33 -45.86 58.76
N ASP OA 66 43.38 -46.71 59.10
CA ASP OA 66 42.96 -47.79 58.23
C ASP OA 66 41.69 -47.42 57.50
N ARG OA 67 40.76 -46.75 58.21
CA ARG OA 67 39.43 -46.37 57.73
C ARG OA 67 39.03 -45.00 58.29
N ILE OA 68 38.11 -44.28 57.62
CA ILE OA 68 37.63 -42.97 58.02
C ILE OA 68 36.13 -42.83 57.81
N VAL OA 69 35.43 -42.06 58.68
CA VAL OA 69 33.99 -41.81 58.56
C VAL OA 69 33.72 -40.31 58.55
N ILE OA 70 33.05 -39.83 57.50
CA ILE OA 70 32.90 -38.42 57.22
C ILE OA 70 31.45 -38.09 57.42
N TYR OA 71 31.13 -37.11 58.25
CA TYR OA 71 29.73 -36.82 58.56
C TYR OA 71 29.31 -35.64 57.70
N ILE OA 72 28.14 -35.76 57.06
CA ILE OA 72 27.73 -34.79 56.05
C ILE OA 72 26.28 -34.41 56.24
N THR OA 73 25.94 -33.16 55.91
CA THR OA 73 24.64 -32.55 56.20
C THR OA 73 24.35 -31.51 55.13
N PRO OA 74 23.09 -31.16 54.81
CA PRO OA 74 22.82 -30.21 53.75
C PRO OA 74 22.82 -28.80 54.26
N ASN OA 75 23.08 -27.80 53.41
CA ASN OA 75 23.12 -26.41 53.86
C ASN OA 75 21.71 -25.88 54.01
N ALA OA 76 21.53 -24.83 54.82
CA ALA OA 76 20.19 -24.25 54.98
C ALA OA 76 19.58 -23.95 53.61
N GLY OA 77 18.35 -24.38 53.39
CA GLY OA 77 17.60 -23.96 52.23
C GLY OA 77 17.91 -24.76 50.97
N SER OA 78 18.87 -25.67 51.05
CA SER OA 78 19.26 -26.47 49.89
C SER OA 78 18.14 -27.41 49.44
N ALA OA 79 18.06 -27.63 48.15
CA ALA OA 79 17.04 -28.50 47.61
C ALA OA 79 17.60 -29.89 47.83
N PRO OA 80 16.81 -30.98 47.74
CA PRO OA 80 17.28 -32.29 48.14
C PRO OA 80 18.39 -32.83 47.23
N ILE OA 81 19.40 -33.50 47.81
CA ILE OA 81 20.56 -33.95 47.08
C ILE OA 81 20.56 -35.48 46.97
N ASP OA 82 20.75 -35.94 45.74
CA ASP OA 82 20.57 -37.32 45.33
C ASP OA 82 21.88 -38.01 45.55
N LEU OA 83 22.04 -38.54 46.75
CA LEU OA 83 23.38 -38.84 47.23
C LEU OA 83 24.04 -39.85 46.31
N LYS OA 84 23.25 -40.66 45.59
CA LYS OA 84 23.80 -41.85 44.94
C LYS OA 84 24.44 -41.46 43.64
N GLN OA 85 24.34 -40.20 43.26
CA GLN OA 85 25.03 -39.75 42.07
C GLN OA 85 26.27 -38.92 42.45
N CYS OA 86 26.55 -38.67 43.72
CA CYS OA 86 27.63 -37.76 44.09
C CYS OA 86 28.95 -38.51 44.09
N LYS OA 87 30.07 -37.85 43.73
CA LYS OA 87 31.37 -38.51 43.68
C LYS OA 87 32.32 -37.83 44.66
N LEU OA 88 33.22 -38.58 45.31
CA LEU OA 88 34.09 -38.06 46.34
C LEU OA 88 35.52 -38.16 45.87
N PHE OA 89 36.20 -37.02 45.78
CA PHE OA 89 37.57 -36.94 45.30
C PHE OA 89 38.48 -36.69 46.48
N LEU OA 90 39.56 -37.47 46.59
CA LEU OA 90 40.47 -37.33 47.70
C LEU OA 90 41.90 -37.35 47.14
N MET OA 91 42.76 -36.51 47.71
CA MET OA 91 44.17 -36.38 47.35
C MET OA 91 45.02 -36.66 48.59
N TYR OA 92 46.18 -37.28 48.36
CA TYR OA 92 47.13 -37.62 49.41
C TYR OA 92 48.52 -37.71 48.76
N ASP OA 93 49.43 -38.47 49.32
CA ASP OA 93 50.84 -38.23 49.03
C ASP OA 93 51.21 -38.68 47.63
N GLY OA 94 50.37 -39.44 46.98
CA GLY OA 94 50.80 -39.85 45.66
C GLY OA 94 49.67 -40.29 44.73
N LYS OA 95 48.42 -40.07 45.13
CA LYS OA 95 47.30 -40.65 44.50
C LYS OA 95 46.17 -39.63 44.59
N ALA OA 96 45.31 -39.61 43.56
CA ALA OA 96 44.12 -38.79 43.57
C ALA OA 96 42.99 -39.67 43.04
N VAL OA 97 42.06 -40.03 43.93
CA VAL OA 97 41.17 -41.13 43.74
C VAL OA 97 39.76 -40.61 43.71
N SER OA 98 38.90 -41.15 42.84
CA SER OA 98 37.49 -40.84 42.87
C SER OA 98 36.74 -42.09 43.35
N LEU OA 99 35.79 -41.96 44.27
CA LEU OA 99 34.98 -43.07 44.76
C LEU OA 99 33.48 -42.90 44.45
N ASN OA 100 32.73 -43.97 44.08
CA ASN OA 100 31.31 -43.87 43.72
C ASN OA 100 30.43 -44.60 44.69
N PHE OA 101 29.18 -44.15 44.92
CA PHE OA 101 28.24 -44.78 45.86
C PHE OA 101 28.05 -46.23 45.57
N SER OA 102 27.79 -47.02 46.61
CA SER OA 102 27.54 -48.44 46.44
C SER OA 102 26.56 -48.85 47.52
N LYS OA 103 25.72 -49.84 47.24
CA LYS OA 103 24.69 -50.19 48.19
C LYS OA 103 25.31 -50.89 49.40
N TYR OA 104 24.78 -50.57 50.59
CA TYR OA 104 24.99 -51.27 51.85
C TYR OA 104 24.44 -52.69 51.63
N ASP OA 105 24.57 -53.61 52.59
CA ASP OA 105 24.05 -54.94 52.33
C ASP OA 105 22.54 -54.93 52.09
N THR OA 106 22.12 -55.34 50.87
CA THR OA 106 20.75 -55.68 50.48
C THR OA 106 19.81 -54.47 50.46
N ASN OA 107 20.26 -53.33 50.96
CA ASN OA 107 19.40 -52.18 51.18
C ASN OA 107 20.19 -50.90 50.81
N THR OA 108 19.48 -49.80 50.50
CA THR OA 108 20.20 -48.72 49.84
C THR OA 108 21.16 -48.02 50.78
N VAL OA 109 20.82 -47.94 52.07
CA VAL OA 109 21.55 -47.14 53.04
C VAL OA 109 21.39 -47.88 54.37
N GLY OA 110 22.47 -48.03 55.13
CA GLY OA 110 22.40 -48.82 56.36
C GLY OA 110 21.56 -48.12 57.44
N ASP OA 111 20.46 -48.73 57.87
CA ASP OA 111 19.52 -48.05 58.77
C ASP OA 111 19.93 -48.15 60.23
N PHE OA 112 20.63 -47.13 60.70
CA PHE OA 112 20.97 -47.03 62.10
C PHE OA 112 20.37 -45.76 62.65
N THR OA 113 19.12 -45.49 62.30
CA THR OA 113 18.40 -44.36 62.83
C THR OA 113 18.25 -44.48 64.34
N ASN OA 114 18.35 -45.70 64.89
CA ASN OA 114 18.20 -45.92 66.33
C ASN OA 114 19.50 -46.36 67.01
N GLY OA 115 20.66 -45.94 66.52
CA GLY OA 115 21.88 -45.98 67.34
C GLY OA 115 22.81 -47.14 67.00
N ILE OA 116 24.12 -46.98 67.29
CA ILE OA 116 25.14 -47.95 66.96
C ILE OA 116 26.02 -48.13 68.17
N LYS OA 117 26.34 -49.37 68.51
CA LYS OA 117 27.18 -49.68 69.66
C LYS OA 117 28.58 -49.14 69.43
N ASP OA 118 29.11 -49.33 68.21
CA ASP OA 118 30.42 -48.83 67.81
C ASP OA 118 30.51 -48.77 66.29
N ILE OA 119 30.78 -47.58 65.72
CA ILE OA 119 30.67 -47.35 64.29
C ILE OA 119 31.75 -48.13 63.57
N PHE OA 120 32.77 -48.62 64.30
CA PHE OA 120 33.86 -49.30 63.63
C PHE OA 120 33.87 -50.80 63.88
N ASN OA 121 32.99 -51.33 64.72
CA ASN OA 121 32.98 -52.78 64.96
C ASN OA 121 32.41 -53.46 63.73
N THR OA 122 33.17 -54.42 63.19
CA THR OA 122 32.94 -55.00 61.87
C THR OA 122 31.60 -55.73 61.80
N THR OA 123 31.28 -56.53 62.83
CA THR OA 123 30.12 -57.39 62.77
C THR OA 123 28.82 -56.62 62.86
N VAL OA 124 28.83 -55.50 63.59
CA VAL OA 124 27.66 -54.66 63.73
C VAL OA 124 27.45 -53.91 62.43
N VAL OA 125 28.52 -53.35 61.84
CA VAL OA 125 28.36 -52.25 60.90
C VAL OA 125 28.38 -52.69 59.44
N LYS OA 126 29.06 -53.79 59.11
CA LYS OA 126 29.10 -54.21 57.72
C LYS OA 126 29.89 -53.24 56.82
N TRP OA 127 31.21 -53.20 57.02
CA TRP OA 127 32.15 -52.41 56.23
C TRP OA 127 32.44 -53.05 54.89
N ASN OA 128 32.01 -54.30 54.64
CA ASN OA 128 32.61 -55.13 53.59
C ASN OA 128 32.51 -54.58 52.19
N ASN OA 129 31.47 -53.79 51.85
CA ASN OA 129 31.30 -53.26 50.50
C ASN OA 129 32.14 -52.01 50.28
N ALA OA 130 32.98 -51.60 51.23
CA ALA OA 130 33.84 -50.45 50.98
C ALA OA 130 35.08 -50.91 50.22
N ASP OA 131 34.94 -51.08 48.90
CA ASP OA 131 35.97 -51.56 48.00
C ASP OA 131 36.94 -50.42 47.73
N ALA OA 132 37.95 -50.64 46.90
CA ALA OA 132 38.99 -49.63 46.78
C ALA OA 132 38.47 -48.49 45.93
N THR OA 133 37.29 -48.68 45.33
CA THR OA 133 36.73 -47.66 44.45
C THR OA 133 35.33 -47.20 44.82
N SER OA 134 34.80 -47.51 46.03
CA SER OA 134 33.48 -47.00 46.41
C SER OA 134 33.33 -46.64 47.88
N PHE OA 135 32.25 -45.89 48.19
CA PHE OA 135 31.84 -45.67 49.57
C PHE OA 135 30.45 -46.21 49.86
N VAL OA 136 30.10 -46.28 51.17
CA VAL OA 136 28.75 -46.64 51.57
C VAL OA 136 28.26 -45.62 52.59
N VAL OA 137 26.95 -45.50 52.78
CA VAL OA 137 26.32 -44.45 53.55
C VAL OA 137 25.52 -45.10 54.67
N VAL OA 138 25.62 -44.54 55.89
CA VAL OA 138 24.95 -45.03 57.07
C VAL OA 138 24.09 -43.88 57.54
N ALA OA 139 22.80 -44.12 57.77
CA ALA OA 139 21.84 -43.05 58.03
C ALA OA 139 21.69 -42.88 59.53
N LEU OA 140 22.01 -41.66 60.01
CA LEU OA 140 22.07 -41.42 61.43
C LEU OA 140 20.87 -40.63 61.92
N GLN OA 141 20.35 -39.66 61.15
CA GLN OA 141 19.08 -39.02 61.53
C GLN OA 141 18.30 -38.64 60.28
N ASP OA 142 17.02 -39.05 60.22
CA ASP OA 142 16.16 -38.84 59.06
C ASP OA 142 14.72 -39.14 59.45
N ASP OA 143 13.93 -38.08 59.64
CA ASP OA 143 12.55 -38.16 60.11
C ASP OA 143 11.66 -38.73 59.02
N ASP OA 144 11.82 -38.18 57.82
CA ASP OA 144 10.92 -38.37 56.70
C ASP OA 144 11.24 -39.62 55.88
N LYS OA 145 12.18 -40.45 56.32
CA LYS OA 145 12.58 -41.65 55.61
C LYS OA 145 13.16 -41.41 54.20
N SER OA 146 13.73 -40.23 53.92
CA SER OA 146 14.28 -40.01 52.60
C SER OA 146 15.60 -40.72 52.37
N LEU OA 147 16.46 -40.73 53.39
CA LEU OA 147 17.72 -41.42 53.21
C LEU OA 147 17.38 -42.90 52.98
N LEU OA 148 16.41 -43.42 53.74
CA LEU OA 148 16.22 -44.85 53.88
C LEU OA 148 15.64 -45.45 52.60
N THR OA 149 15.28 -44.59 51.66
CA THR OA 149 14.48 -45.01 50.54
C THR OA 149 14.92 -44.19 49.32
N ASN OA 150 15.82 -44.74 48.51
CA ASN OA 150 16.31 -44.03 47.33
C ASN OA 150 17.30 -42.90 47.66
N ALA OA 151 17.79 -42.82 48.90
CA ALA OA 151 19.04 -42.16 49.25
C ALA OA 151 19.05 -40.66 48.96
N VAL OA 152 17.98 -39.94 49.36
CA VAL OA 152 17.98 -38.52 49.13
C VAL OA 152 18.11 -37.76 50.46
N ILE OA 153 19.14 -36.90 50.57
CA ILE OA 153 19.31 -36.06 51.73
C ILE OA 153 18.37 -34.88 51.58
N ASN OA 154 17.60 -34.55 52.65
CA ASN OA 154 16.85 -33.31 52.74
C ASN OA 154 17.02 -32.66 54.09
N LYS OA 155 16.27 -31.58 54.36
CA LYS OA 155 16.60 -30.68 55.47
C LYS OA 155 16.64 -31.42 56.80
N GLY OA 156 17.71 -31.27 57.55
CA GLY OA 156 17.72 -31.83 58.90
C GLY OA 156 18.29 -33.24 58.96
N ASP OA 157 18.57 -33.85 57.80
CA ASP OA 157 19.16 -35.18 57.82
C ASP OA 157 20.65 -35.09 58.19
N LEU OA 158 21.22 -36.16 58.78
CA LEU OA 158 22.68 -36.28 59.01
C LEU OA 158 23.08 -37.69 58.67
N ALA OA 159 24.17 -37.86 57.89
CA ALA OA 159 24.50 -39.15 57.35
C ALA OA 159 25.99 -39.30 57.30
N GLY OA 160 26.44 -40.54 57.28
CA GLY OA 160 27.87 -40.71 57.48
C GLY OA 160 28.41 -41.56 56.34
N VAL OA 161 29.50 -41.10 55.74
CA VAL OA 161 30.06 -41.77 54.59
C VAL OA 161 31.23 -42.58 55.08
N LEU OA 162 31.29 -43.87 54.76
CA LEU OA 162 32.40 -44.70 55.19
C LEU OA 162 33.41 -44.88 54.06
N VAL OA 163 34.73 -44.61 54.28
CA VAL OA 163 35.76 -44.89 53.27
C VAL OA 163 36.92 -45.71 53.77
N ASN OA 164 37.30 -46.81 53.07
CA ASN OA 164 38.33 -47.77 53.46
C ASN OA 164 39.63 -47.25 52.91
N VAL OA 165 40.18 -46.27 53.65
CA VAL OA 165 41.21 -45.44 53.07
C VAL OA 165 42.39 -46.30 52.71
N SER OA 166 42.67 -47.30 53.52
CA SER OA 166 43.92 -48.02 53.34
C SER OA 166 43.87 -48.81 52.04
N ALA OA 167 42.65 -49.09 51.60
CA ALA OA 167 42.44 -49.82 50.35
C ALA OA 167 42.38 -48.85 49.19
N ALA OA 168 41.83 -47.66 49.44
CA ALA OA 168 41.68 -46.65 48.41
C ALA OA 168 43.04 -46.08 47.99
N PHE OA 169 43.86 -45.69 48.95
CA PHE OA 169 45.15 -45.12 48.63
C PHE OA 169 46.19 -46.22 48.56
N GLY OA 170 45.82 -47.44 48.92
CA GLY OA 170 46.77 -48.54 48.80
C GLY OA 170 47.77 -48.63 49.96
N LYS OA 171 47.79 -47.64 50.86
CA LYS OA 171 48.55 -47.77 52.11
C LYS OA 171 47.87 -47.02 53.26
N HIS OA 172 48.26 -47.33 54.51
CA HIS OA 172 47.72 -46.62 55.64
C HIS OA 172 48.27 -45.20 55.72
N VAL OA 173 47.46 -44.17 56.06
CA VAL OA 173 48.03 -42.83 56.11
C VAL OA 173 48.76 -42.65 57.42
N GLY OA 174 49.96 -42.06 57.34
CA GLY OA 174 50.87 -41.98 58.48
C GLY OA 174 50.63 -40.70 59.29
N THR OA 175 51.56 -40.41 60.19
CA THR OA 175 51.45 -39.22 61.00
C THR OA 175 51.97 -38.04 60.21
N ARG OA 176 51.53 -36.82 60.56
CA ARG OA 176 52.01 -35.58 59.97
C ARG OA 176 51.74 -35.51 58.47
N GLU OA 177 50.67 -36.16 57.97
CA GLU OA 177 50.36 -36.13 56.56
C GLU OA 177 49.02 -35.43 56.31
N ARG OA 178 48.88 -34.67 55.21
CA ARG OA 178 47.56 -34.11 54.92
C ARG OA 178 46.78 -34.88 53.88
N VAL OA 179 45.44 -34.78 53.99
CA VAL OA 179 44.53 -35.32 53.02
C VAL OA 179 43.44 -34.32 52.73
N SER OA 180 43.14 -34.09 51.44
CA SER OA 180 42.15 -33.09 51.16
C SER OA 180 41.32 -33.53 49.98
N GLY OA 181 40.06 -33.05 49.95
CA GLY OA 181 39.18 -33.43 48.88
C GLY OA 181 37.88 -32.65 48.89
N TYR OA 182 36.94 -33.16 48.12
CA TYR OA 182 35.63 -32.59 48.00
C TYR OA 182 34.63 -33.71 47.70
N LEU OA 183 33.42 -33.61 48.26
CA LEU OA 183 32.32 -34.47 47.86
C LEU OA 183 31.45 -33.62 46.99
N GLN OA 184 31.34 -33.97 45.70
CA GLN OA 184 30.81 -33.05 44.71
C GLN OA 184 29.46 -33.58 44.31
N PRO OA 185 28.35 -32.90 44.61
CA PRO OA 185 27.05 -33.37 44.15
C PRO OA 185 26.81 -33.03 42.70
N GLU OA 186 25.74 -33.60 42.17
CA GLU OA 186 25.33 -33.50 40.79
C GLU OA 186 25.04 -32.06 40.44
N PHE OA 187 24.41 -31.34 41.37
CA PHE OA 187 24.32 -29.90 41.26
C PHE OA 187 24.51 -29.27 42.64
N GLY OA 188 25.13 -28.10 42.68
CA GLY OA 188 25.29 -27.41 43.95
C GLY OA 188 26.73 -27.50 44.48
N ALA OA 189 26.96 -26.87 45.62
CA ALA OA 189 28.30 -26.58 46.07
C ALA OA 189 28.89 -27.81 46.74
N PRO OA 190 30.20 -28.07 46.62
CA PRO OA 190 30.77 -29.28 47.17
C PRO OA 190 31.19 -29.13 48.61
N ALA OA 191 31.16 -30.23 49.35
CA ALA OA 191 31.59 -30.20 50.72
C ALA OA 191 33.10 -30.38 50.74
N VAL OA 192 33.86 -29.41 51.27
CA VAL OA 192 35.32 -29.49 51.36
C VAL OA 192 35.71 -30.39 52.50
N ILE OA 193 36.73 -31.23 52.30
CA ILE OA 193 37.33 -32.02 53.36
C ILE OA 193 38.82 -31.67 53.41
N GLU OA 194 39.37 -31.50 54.61
CA GLU OA 194 40.76 -31.11 54.74
C GLU OA 194 41.17 -31.43 56.17
N PHE OA 195 42.20 -32.28 56.33
CA PHE OA 195 42.81 -32.43 57.62
C PHE OA 195 44.22 -32.98 57.54
N THR OA 196 44.99 -32.66 58.59
CA THR OA 196 46.34 -33.15 58.73
C THR OA 196 46.35 -34.12 59.90
N THR OA 197 46.86 -35.34 59.69
CA THR OA 197 46.81 -36.36 60.72
C THR OA 197 47.75 -35.86 61.77
N PRO OA 198 47.49 -36.07 63.08
CA PRO OA 198 48.33 -35.54 64.13
C PRO OA 198 49.71 -36.17 64.14
N ALA OA 199 50.56 -35.61 65.01
CA ALA OA 199 51.94 -36.00 65.14
C ALA OA 199 52.10 -37.34 65.85
N ALA OA 200 51.16 -37.69 66.71
CA ALA OA 200 51.35 -38.85 67.55
C ALA OA 200 50.03 -39.61 67.67
N PHE OA 201 49.96 -40.75 67.02
CA PHE OA 201 48.79 -41.55 67.19
C PHE OA 201 48.94 -42.16 68.59
N THR OA 202 47.86 -42.09 69.42
CA THR OA 202 47.96 -42.62 70.77
C THR OA 202 46.67 -43.27 71.33
N SER OA 203 45.63 -43.40 70.50
CA SER OA 203 44.37 -44.03 70.88
C SER OA 203 43.73 -44.59 69.62
N ASP OA 204 42.76 -45.48 69.75
CA ASP OA 204 42.30 -46.19 68.57
C ASP OA 204 41.43 -45.28 67.70
N VAL OA 205 40.54 -44.47 68.29
CA VAL OA 205 39.67 -43.67 67.45
C VAL OA 205 39.99 -42.19 67.60
N ILE OA 206 40.37 -41.49 66.50
CA ILE OA 206 40.96 -40.16 66.53
C ILE OA 206 40.11 -39.13 65.84
N GLU OA 207 40.07 -37.93 66.41
CA GLU OA 207 39.06 -36.96 66.04
C GLU OA 207 39.64 -35.97 65.06
N LEU OA 208 39.77 -36.40 63.81
CA LEU OA 208 40.49 -35.64 62.80
C LEU OA 208 39.83 -34.28 62.55
N GLN OA 209 38.50 -34.22 62.59
CA GLN OA 209 37.67 -33.02 62.62
C GLN OA 209 38.12 -31.94 61.62
N ALA PA 1 -5.02 -2.30 0.03
CA ALA PA 1 -4.68 -1.09 0.86
C ALA PA 1 -3.73 -1.44 2.01
N ILE PA 2 -2.77 -0.56 2.29
CA ILE PA 2 -1.67 -0.83 3.20
C ILE PA 2 -2.17 -0.96 4.65
N GLY PA 3 -3.28 -0.28 4.95
CA GLY PA 3 -3.76 -0.16 6.32
C GLY PA 3 -4.04 -1.55 6.93
N ILE PA 4 -4.56 -2.43 6.06
CA ILE PA 4 -5.06 -3.72 6.49
C ILE PA 4 -3.94 -4.48 7.22
N GLY PA 5 -2.77 -4.56 6.61
CA GLY PA 5 -1.68 -5.29 7.22
C GLY PA 5 -1.18 -4.63 8.51
N THR PA 6 -1.19 -3.30 8.54
CA THR PA 6 -0.63 -2.54 9.66
C THR PA 6 -1.40 -2.91 10.91
N LEU PA 7 -2.72 -3.04 10.77
CA LEU PA 7 -3.60 -3.44 11.85
C LEU PA 7 -3.20 -4.83 12.33
N ILE PA 8 -3.17 -5.80 11.41
CA ILE PA 8 -2.96 -7.21 11.72
C ILE PA 8 -1.62 -7.40 12.42
N ILE PA 9 -0.56 -6.75 11.96
CA ILE PA 9 0.73 -6.97 12.58
C ILE PA 9 0.79 -6.35 13.98
N PHE PA 10 0.01 -5.29 14.22
CA PHE PA 10 -0.07 -4.67 15.55
C PHE PA 10 -0.59 -5.68 16.55
N ILE PA 11 -1.63 -6.43 16.15
CA ILE PA 11 -2.25 -7.44 16.98
C ILE PA 11 -1.18 -8.42 17.43
N ALA PA 12 -0.34 -8.85 16.51
CA ALA PA 12 0.73 -9.78 16.83
C ALA PA 12 1.70 -9.15 17.81
N MET PA 13 2.10 -7.90 17.54
CA MET PA 13 3.17 -7.26 18.27
C MET PA 13 2.79 -7.18 19.76
N VAL PA 14 1.53 -6.81 20.02
CA VAL PA 14 0.97 -6.69 21.35
C VAL PA 14 1.11 -8.04 22.05
N LEU PA 15 0.63 -9.09 21.37
CA LEU PA 15 0.55 -10.41 21.94
C LEU PA 15 1.94 -10.88 22.33
N VAL PA 16 2.94 -10.64 21.47
CA VAL PA 16 4.29 -11.11 21.75
C VAL PA 16 4.81 -10.40 22.98
N ALA PA 17 4.59 -9.09 23.05
CA ALA PA 17 5.10 -8.30 24.17
C ALA PA 17 4.44 -8.77 25.47
N ALA PA 18 3.21 -9.28 25.38
CA ALA PA 18 2.52 -9.78 26.55
C ALA PA 18 3.24 -11.02 27.04
N VAL PA 19 3.50 -11.96 26.13
CA VAL PA 19 4.15 -13.23 26.47
C VAL PA 19 5.50 -12.96 27.11
N ALA PA 20 6.24 -12.02 26.55
CA ALA PA 20 7.55 -11.68 27.05
C ALA PA 20 7.46 -11.14 28.48
N ALA PA 21 6.47 -10.28 28.74
CA ALA PA 21 6.27 -9.73 30.07
C ALA PA 21 5.96 -10.86 31.03
N ALA PA 22 5.11 -11.79 30.60
CA ALA PA 22 4.61 -12.83 31.47
C ALA PA 22 5.75 -13.55 32.15
N VAL PA 23 6.76 -14.01 31.38
CA VAL PA 23 7.85 -14.82 31.89
C VAL PA 23 8.58 -14.14 33.03
N LEU PA 24 8.63 -12.80 33.02
CA LEU PA 24 9.35 -12.08 34.05
C LEU PA 24 8.50 -12.07 35.32
N ILE PA 25 7.18 -11.89 35.16
CA ILE PA 25 6.25 -11.86 36.29
C ILE PA 25 6.29 -13.22 36.98
N ASN PA 26 6.11 -14.29 36.19
CA ASN PA 26 6.19 -15.67 36.65
C ASN PA 26 7.51 -15.93 37.40
N THR PA 27 8.64 -15.58 36.77
CA THR PA 27 9.94 -15.91 37.32
C THR PA 27 10.14 -15.15 38.63
N SER PA 28 9.58 -13.97 38.72
CA SER PA 28 9.77 -13.16 39.92
C SER PA 28 9.05 -13.85 41.07
N GLY PA 29 7.88 -14.43 40.78
CA GLY PA 29 7.13 -15.27 41.72
C GLY PA 29 7.96 -16.43 42.25
N PHE PA 30 8.53 -17.22 41.34
CA PHE PA 30 9.35 -18.37 41.69
C PHE PA 30 10.49 -17.96 42.61
N LEU PA 31 11.17 -16.89 42.24
CA LEU PA 31 12.32 -16.46 43.01
C LEU PA 31 11.89 -15.94 44.37
N GLN PA 32 10.67 -15.39 44.49
CA GLN PA 32 10.29 -14.72 45.71
C GLN PA 32 10.38 -15.72 46.86
N GLN PA 33 9.68 -16.84 46.69
CA GLN PA 33 9.58 -17.84 47.73
C GLN PA 33 10.97 -18.34 48.10
N LYS PA 34 11.75 -18.69 47.07
CA LYS PA 34 13.04 -19.34 47.25
C LYS PA 34 13.97 -18.44 48.07
N ALA PA 35 13.89 -17.13 47.80
CA ALA PA 35 14.74 -16.16 48.45
C ALA PA 35 14.32 -16.06 49.91
N MET PA 36 13.02 -15.86 50.14
CA MET PA 36 12.51 -15.56 51.48
C MET PA 36 12.88 -16.70 52.43
N ALA PA 37 12.62 -17.94 51.98
CA ALA PA 37 12.89 -19.13 52.75
C ALA PA 37 14.37 -19.22 53.09
N THR PA 38 15.25 -18.89 52.13
CA THR PA 38 16.67 -19.09 52.29
C THR PA 38 17.18 -18.20 53.41
N GLY PA 39 16.63 -16.99 53.48
CA GLY PA 39 17.00 -16.03 54.51
C GLY PA 39 16.55 -16.47 55.89
N LYS PA 40 15.28 -16.85 56.01
CA LYS PA 40 14.70 -17.26 57.26
C LYS PA 40 15.53 -18.40 57.84
N GLU PA 41 15.69 -19.45 57.03
CA GLU PA 41 16.31 -20.69 57.45
C GLU PA 41 17.71 -20.40 57.94
N SER PA 42 18.46 -19.64 57.16
CA SER PA 42 19.84 -19.37 57.47
C SER PA 42 19.94 -18.65 58.81
N THR PA 43 18.92 -17.84 59.13
CA THR PA 43 18.96 -17.00 60.31
C THR PA 43 18.80 -17.89 61.54
N GLU PA 44 17.82 -18.78 61.48
CA GLU PA 44 17.50 -19.67 62.57
C GLU PA 44 18.71 -20.53 62.92
N GLN PA 45 19.44 -20.98 61.89
CA GLN PA 45 20.63 -21.83 62.02
C GLN PA 45 21.64 -21.12 62.90
N VAL PA 46 21.98 -19.87 62.61
CA VAL PA 46 23.06 -19.21 63.31
C VAL PA 46 22.63 -18.94 64.74
N ALA PA 47 21.34 -18.61 64.92
CA ALA PA 47 20.82 -18.05 66.15
C ALA PA 47 20.68 -19.09 67.26
N SER PA 48 20.73 -20.38 66.93
CA SER PA 48 20.27 -21.41 67.85
C SER PA 48 21.36 -22.40 68.24
N GLY PA 49 21.22 -22.97 69.44
CA GLY PA 49 22.18 -23.99 69.88
C GLY PA 49 21.93 -24.43 71.32
N LEU PA 50 22.75 -25.37 71.80
CA LEU PA 50 22.65 -25.90 73.14
C LEU PA 50 24.00 -25.72 73.85
N GLN PA 51 23.96 -25.72 75.19
CA GLN PA 51 25.14 -25.50 76.01
C GLN PA 51 25.13 -26.52 77.13
N VAL PA 52 26.27 -27.19 77.38
CA VAL PA 52 26.36 -28.18 78.45
C VAL PA 52 26.67 -27.47 79.73
N ILE PA 53 25.77 -27.57 80.71
CA ILE PA 53 25.91 -26.84 81.95
C ILE PA 53 26.92 -27.61 82.79
N ARG PA 54 26.63 -28.87 83.13
CA ARG PA 54 27.49 -29.69 83.97
C ARG PA 54 27.36 -31.16 83.58
N VAL PA 55 28.35 -32.00 83.88
CA VAL PA 55 28.19 -33.43 83.71
C VAL PA 55 28.49 -34.12 85.03
N LEU PA 56 27.62 -35.05 85.45
CA LEU PA 56 27.74 -35.76 86.72
C LEU PA 56 27.77 -37.26 86.49
N GLY PA 57 28.32 -38.05 87.44
CA GLY PA 57 28.62 -39.45 87.13
C GLY PA 57 28.73 -40.39 88.33
N ASN PA 58 27.71 -41.24 88.49
CA ASN PA 58 27.69 -42.27 89.52
C ASN PA 58 28.85 -43.23 89.34
N HIS PA 59 29.41 -43.84 90.42
CA HIS PA 59 30.54 -44.80 90.34
C HIS PA 59 30.40 -46.01 91.23
N SER PA 60 30.73 -47.21 90.71
CA SER PA 60 30.75 -48.47 91.47
C SER PA 60 31.83 -49.34 90.90
N GLY PA 61 32.48 -50.13 91.74
CA GLY PA 61 33.45 -51.04 91.15
C GLY PA 61 34.65 -50.24 90.69
N GLY PA 62 35.00 -50.34 89.42
CA GLY PA 62 36.21 -49.65 89.02
C GLY PA 62 35.96 -48.59 87.95
N LYS PA 63 34.70 -48.17 87.83
CA LYS PA 63 34.30 -47.50 86.62
C LYS PA 63 33.28 -46.44 86.97
N ILE PA 64 33.03 -45.54 86.01
CA ILE PA 64 31.85 -44.73 86.10
C ILE PA 64 30.82 -45.43 85.20
N ASN PA 65 29.62 -45.70 85.71
CA ASN PA 65 28.69 -46.51 85.00
C ASN PA 65 27.53 -45.72 84.38
N TRP PA 66 27.06 -44.65 85.01
CA TRP PA 66 26.02 -43.83 84.42
C TRP PA 66 26.54 -42.39 84.29
N LEU PA 67 26.14 -41.65 83.25
CA LEU PA 67 26.43 -40.24 83.17
C LEU PA 67 25.14 -39.45 83.01
N ALA PA 68 25.10 -38.24 83.57
CA ALA PA 68 23.94 -37.40 83.43
C ALA PA 68 24.45 -36.07 82.95
N VAL PA 69 24.11 -35.73 81.71
CA VAL PA 69 24.63 -34.56 81.03
C VAL PA 69 23.54 -33.51 81.05
N LEU PA 70 23.74 -32.42 81.80
CA LEU PA 70 22.72 -31.40 81.94
C LEU PA 70 22.96 -30.37 80.83
N ILE PA 71 21.86 -29.97 80.15
CA ILE PA 71 21.99 -29.17 78.94
C ILE PA 71 20.90 -28.15 78.87
N SER PA 72 21.15 -26.99 78.24
CA SER PA 72 20.15 -25.92 78.19
C SER PA 72 20.34 -25.11 76.92
N PRO PA 73 19.37 -24.32 76.48
CA PRO PA 73 19.51 -23.55 75.24
C PRO PA 73 20.49 -22.40 75.36
N ASN PA 74 21.06 -21.98 74.22
CA ASN PA 74 21.91 -20.80 74.16
C ASN PA 74 20.99 -19.60 74.18
N ALA PA 75 21.48 -18.45 74.60
CA ALA PA 75 20.62 -17.28 74.70
C ALA PA 75 20.08 -16.92 73.32
N GLY PA 76 18.77 -16.67 73.23
CA GLY PA 76 18.17 -16.14 72.02
C GLY PA 76 17.94 -17.22 70.96
N SER PA 77 17.89 -18.47 71.39
CA SER PA 77 17.70 -19.60 70.50
C SER PA 77 16.23 -19.91 70.27
N ALA PA 78 15.94 -20.50 69.12
CA ALA PA 78 14.57 -20.88 68.81
C ALA PA 78 14.40 -22.23 69.48
N PRO PA 79 13.20 -22.76 69.69
CA PRO PA 79 13.03 -23.97 70.47
C PRO PA 79 13.66 -25.20 69.84
N ILE PA 80 14.38 -26.02 70.62
CA ILE PA 80 15.07 -27.20 70.12
C ILE PA 80 14.30 -28.48 70.48
N ASP PA 81 13.98 -29.35 69.50
CA ASP PA 81 13.16 -30.54 69.70
C ASP PA 81 14.08 -31.71 69.90
N LEU PA 82 14.21 -32.13 71.16
CA LEU PA 82 15.29 -33.05 71.48
C LEU PA 82 14.97 -34.41 70.92
N SER PA 83 13.72 -34.63 70.47
CA SER PA 83 13.41 -35.98 70.04
C SER PA 83 14.13 -36.27 68.75
N GLN PA 84 14.63 -35.25 68.09
CA GLN PA 84 15.39 -35.44 66.88
C GLN PA 84 16.88 -35.12 67.09
N ALA PA 85 17.38 -35.08 68.31
CA ALA PA 85 18.81 -34.79 68.53
C ALA PA 85 19.60 -36.07 68.33
N THR PA 86 20.95 -36.02 68.32
CA THR PA 86 21.78 -37.22 68.35
C THR PA 86 23.01 -37.00 69.24
N VAL PA 87 23.41 -37.99 70.07
CA VAL PA 87 24.58 -37.78 70.90
C VAL PA 87 25.68 -38.73 70.50
N MET PA 88 26.94 -38.28 70.53
CA MET PA 88 28.05 -39.10 70.07
C MET PA 88 29.10 -38.97 71.14
N ILE PA 89 29.63 -40.09 71.61
CA ILE PA 89 30.58 -40.10 72.69
C ILE PA 89 31.69 -41.09 72.33
N THR PA 90 32.96 -40.76 72.67
CA THR PA 90 34.01 -41.75 72.52
C THR PA 90 35.01 -41.73 73.66
N ASP PA 91 35.56 -42.93 73.95
CA ASP PA 91 36.52 -43.12 75.02
C ASP PA 91 37.86 -43.41 74.43
N GLY PA 92 37.97 -43.31 73.10
CA GLY PA 92 39.26 -43.54 72.45
C GLY PA 92 39.49 -45.01 72.08
N THR PA 93 38.64 -45.90 72.60
CA THR PA 93 38.63 -47.28 72.16
C THR PA 93 37.32 -47.64 71.45
N HIS PA 94 36.18 -47.01 71.75
CA HIS PA 94 34.95 -47.21 70.98
C HIS PA 94 34.19 -45.90 70.72
N LYS PA 95 33.23 -45.85 69.78
CA LYS PA 95 32.52 -44.60 69.51
C LYS PA 95 31.03 -44.86 69.36
N VAL PA 96 30.26 -44.69 70.46
CA VAL PA 96 28.85 -45.04 70.47
C VAL PA 96 28.13 -43.83 69.96
N ILE PA 97 26.99 -44.04 69.30
CA ILE PA 97 26.05 -42.99 68.97
C ILE PA 97 24.68 -43.41 69.45
N ALA PA 98 23.90 -42.50 70.07
CA ALA PA 98 22.69 -42.91 70.75
C ALA PA 98 21.55 -41.95 70.48
N LYS PA 99 20.30 -42.42 70.54
CA LYS PA 99 19.14 -41.64 70.12
C LYS PA 99 17.97 -41.84 71.10
N TYR PA 100 16.98 -40.96 71.12
CA TYR PA 100 16.01 -40.90 72.21
C TYR PA 100 15.04 -42.04 72.12
N ASN PA 101 14.80 -42.70 73.25
CA ASN PA 101 13.73 -43.69 73.33
C ASN PA 101 12.69 -43.14 74.29
N SER PA 102 11.48 -42.89 73.78
CA SER PA 102 10.44 -42.14 74.47
C SER PA 102 10.02 -42.83 75.75
N THR PA 103 10.32 -44.11 75.89
CA THR PA 103 9.92 -44.89 77.04
C THR PA 103 10.47 -44.26 78.32
N PHE PA 104 11.64 -43.64 78.25
CA PHE PA 104 12.40 -43.27 79.44
C PHE PA 104 12.31 -41.77 79.72
N PHE PA 105 11.11 -41.29 80.04
CA PHE PA 105 10.91 -39.87 80.36
C PHE PA 105 10.47 -39.77 81.80
N ASN PA 106 10.98 -38.79 82.55
CA ASN PA 106 10.38 -38.49 83.85
C ASN PA 106 10.18 -36.99 83.95
N GLY PA 107 8.91 -36.56 83.95
CA GLY PA 107 8.66 -35.13 83.98
C GLY PA 107 8.60 -34.58 85.39
N THR PA 108 8.27 -35.45 86.34
CA THR PA 108 7.84 -34.98 87.63
C THR PA 108 8.95 -34.21 88.30
N LEU PA 109 10.19 -34.50 87.92
CA LEU PA 109 11.35 -34.00 88.66
C LEU PA 109 11.49 -32.51 88.42
N LYS PA 110 10.62 -31.91 87.61
CA LYS PA 110 10.63 -30.46 87.47
C LYS PA 110 10.33 -29.82 88.81
N ASN PA 111 9.73 -30.59 89.71
CA ASN PA 111 9.31 -30.14 91.02
C ASN PA 111 10.24 -30.70 92.08
N GLY PA 112 11.45 -31.11 91.71
CA GLY PA 112 12.43 -31.47 92.74
C GLY PA 112 12.43 -32.95 93.03
N GLY PA 113 13.57 -33.48 93.47
CA GLY PA 113 13.75 -34.90 93.79
C GLY PA 113 15.20 -35.32 93.56
N SER PA 114 15.47 -36.63 93.51
CA SER PA 114 16.82 -37.15 93.32
C SER PA 114 17.02 -37.65 91.89
N ILE PA 115 18.05 -37.15 91.21
CA ILE PA 115 18.47 -37.70 89.92
C ILE PA 115 19.11 -39.02 90.29
N PHE PA 116 19.48 -39.85 89.32
CA PHE PA 116 20.21 -41.07 89.63
C PHE PA 116 19.41 -42.02 90.51
N GLU PA 117 18.18 -41.66 90.88
CA GLU PA 117 17.23 -42.61 91.43
C GLU PA 117 15.83 -42.38 90.85
N ALA PA 118 15.76 -41.78 89.65
CA ALA PA 118 14.48 -41.53 89.02
C ALA PA 118 13.91 -42.84 88.50
N LYS PA 119 12.61 -43.02 88.60
CA LYS PA 119 11.91 -44.14 87.99
C LYS PA 119 11.38 -43.76 86.61
N TYR PA 120 10.88 -44.76 85.85
CA TYR PA 120 10.11 -44.56 84.62
C TYR PA 120 8.94 -45.53 84.58
N ASN PA 121 8.01 -45.40 83.61
CA ASN PA 121 6.72 -46.09 83.65
C ASN PA 121 6.52 -46.92 82.40
N ASN PA 122 6.91 -48.22 82.43
CA ASN PA 122 6.39 -49.21 81.50
C ASN PA 122 4.96 -49.44 81.91
N THR PA 123 4.03 -49.63 80.96
CA THR PA 123 2.63 -49.61 81.34
C THR PA 123 2.38 -50.63 82.45
N THR PA 124 1.66 -50.22 83.52
CA THR PA 124 1.29 -51.05 84.66
C THR PA 124 2.35 -51.09 85.77
N ALA PA 125 3.54 -50.50 85.57
CA ALA PA 125 4.55 -50.57 86.62
C ALA PA 125 5.45 -49.34 86.69
N LEU PA 126 6.24 -49.21 87.78
CA LEU PA 126 7.32 -48.24 87.87
C LEU PA 126 8.64 -48.96 88.14
N LYS PA 127 9.70 -48.59 87.41
CA LYS PA 127 10.96 -49.31 87.45
C LYS PA 127 12.10 -48.30 87.37
N PRO PA 128 13.34 -48.60 87.85
CA PRO PA 128 14.43 -47.61 87.83
C PRO PA 128 14.91 -47.28 86.43
N LEU PA 129 15.16 -46.00 86.14
CA LEU PA 129 15.45 -45.49 84.80
C LEU PA 129 16.81 -45.99 84.34
N PHE PA 130 17.86 -45.60 85.06
CA PHE PA 130 19.20 -45.73 84.52
C PHE PA 130 19.58 -47.18 84.23
N ASP PA 131 19.16 -48.10 85.11
CA ASP PA 131 19.49 -49.49 85.01
C ASP PA 131 18.83 -50.13 83.79
N ASP PA 132 17.67 -49.61 83.35
CA ASP PA 132 16.91 -50.25 82.30
C ASP PA 132 17.22 -49.72 80.91
N LEU PA 133 17.82 -48.53 80.83
CA LEU PA 133 18.02 -47.81 79.57
C LEU PA 133 18.94 -48.59 78.65
N PRO PA 134 18.53 -48.95 77.41
CA PRO PA 134 19.33 -49.74 76.47
C PRO PA 134 20.63 -49.12 75.97
N ALA PA 135 21.48 -49.97 75.40
CA ALA PA 135 22.83 -49.55 75.16
C ALA PA 135 22.92 -48.49 74.06
N THR PA 136 21.93 -48.38 73.21
CA THR PA 136 21.99 -47.45 72.11
C THR PA 136 21.04 -46.26 72.28
N ALA PA 137 20.56 -45.98 73.50
CA ALA PA 137 19.50 -44.98 73.64
C ALA PA 137 19.80 -44.04 74.78
N PHE PA 138 19.24 -42.83 74.71
CA PHE PA 138 19.31 -41.93 75.84
C PHE PA 138 17.94 -41.53 76.31
N GLY PA 139 17.84 -41.26 77.62
CA GLY PA 139 16.56 -40.91 78.23
C GLY PA 139 16.66 -39.47 78.67
N ILE PA 140 15.55 -38.84 79.10
CA ILE PA 140 15.53 -37.44 79.40
C ILE PA 140 14.73 -37.16 80.66
N VAL PA 141 15.23 -36.28 81.54
CA VAL PA 141 14.60 -35.96 82.81
C VAL PA 141 14.55 -34.45 83.00
N VAL PA 142 13.34 -33.89 83.14
CA VAL PA 142 13.11 -32.47 83.09
C VAL PA 142 13.42 -31.94 84.46
N LEU PA 143 14.37 -31.00 84.53
CA LEU PA 143 14.77 -30.48 85.81
C LEU PA 143 14.21 -29.08 86.01
N GLN PA 144 14.05 -28.27 84.96
CA GLN PA 144 13.40 -26.97 85.10
C GLN PA 144 12.64 -26.62 83.83
N ASP PA 145 11.33 -26.33 83.94
CA ASP PA 145 10.48 -26.01 82.80
C ASP PA 145 9.23 -25.28 83.28
N ALA PA 146 9.16 -23.99 82.95
CA ALA PA 146 8.14 -23.13 83.51
C ALA PA 146 6.80 -23.35 82.82
N ASP PA 147 6.83 -23.70 81.53
CA ASP PA 147 5.67 -23.60 80.67
C ASP PA 147 5.25 -24.93 80.08
N THR PA 148 5.62 -26.02 80.76
CA THR PA 148 5.22 -27.38 80.43
C THR PA 148 5.52 -27.74 78.99
N SER PA 149 6.57 -27.13 78.45
CA SER PA 149 6.94 -27.32 77.06
C SER PA 149 7.45 -28.71 76.76
N CYS PA 150 8.09 -29.37 77.72
CA CYS PA 150 8.48 -30.77 77.55
C CYS PA 150 7.30 -31.72 77.82
N SER PA 151 6.95 -32.52 76.79
CA SER PA 151 6.02 -33.64 76.92
C SER PA 151 6.69 -34.91 76.40
N LYS PA 152 6.31 -36.06 76.96
CA LYS PA 152 7.01 -37.32 76.72
C LYS PA 152 7.15 -37.62 75.23
N ASP PA 153 6.12 -37.33 74.44
CA ASP PA 153 6.19 -37.60 73.01
C ASP PA 153 6.87 -36.48 72.21
N THR PA 154 7.08 -35.28 72.78
CA THR PA 154 7.71 -34.14 72.10
C THR PA 154 8.51 -33.23 73.05
N PRO PA 155 9.75 -33.56 73.40
CA PRO PA 155 10.51 -32.77 74.35
C PRO PA 155 11.12 -31.55 73.68
N VAL PA 156 10.35 -30.46 73.63
CA VAL PA 156 10.87 -29.23 73.05
C VAL PA 156 11.30 -28.29 74.16
N ILE PA 157 12.60 -27.90 74.21
CA ILE PA 157 13.09 -27.02 75.25
C ILE PA 157 13.16 -25.59 74.78
N ASN PA 158 12.67 -24.63 75.61
CA ASN PA 158 12.65 -23.20 75.26
C ASN PA 158 13.34 -22.42 76.33
N LYS PA 159 13.47 -21.10 76.14
CA LYS PA 159 14.38 -20.29 76.95
C LYS PA 159 14.07 -20.46 78.42
N GLY PA 160 15.08 -20.85 79.19
CA GLY PA 160 14.94 -20.99 80.64
C GLY PA 160 15.00 -22.45 81.10
N ASP PA 161 14.79 -23.39 80.18
CA ASP PA 161 14.62 -24.77 80.59
C ASP PA 161 15.98 -25.41 80.90
N ILE PA 162 16.03 -26.42 81.78
CA ILE PA 162 17.21 -27.26 81.97
C ILE PA 162 16.74 -28.71 82.01
N VAL PA 163 17.51 -29.62 81.40
CA VAL PA 163 17.08 -30.99 81.23
C VAL PA 163 18.29 -31.90 81.16
N ALA PA 164 18.14 -33.14 81.62
CA ALA PA 164 19.32 -33.98 81.81
C ALA PA 164 19.20 -35.16 80.86
N ILE PA 165 20.23 -35.33 80.06
CA ILE PA 165 20.28 -36.43 79.11
C ILE PA 165 20.97 -37.52 79.89
N CYS PA 166 20.31 -38.66 80.00
CA CYS PA 166 20.78 -39.75 80.83
C CYS PA 166 21.28 -40.87 79.93
N LEU PA 167 22.55 -41.32 80.13
CA LEU PA 167 23.20 -42.35 79.33
C LEU PA 167 23.80 -43.40 80.24
N ASN PA 168 23.64 -44.69 79.89
CA ASN PA 168 24.17 -45.76 80.71
C ASN PA 168 25.27 -46.34 79.90
N VAL PA 169 26.51 -46.27 80.42
CA VAL PA 169 27.70 -46.51 79.62
C VAL PA 169 28.47 -47.71 80.13
N SER PA 170 27.87 -48.50 80.99
CA SER PA 170 28.56 -49.46 81.82
C SER PA 170 29.32 -50.47 81.00
N ASN PA 171 28.72 -50.91 79.90
CA ASN PA 171 29.36 -51.91 79.06
C ASN PA 171 29.90 -51.35 77.73
N THR PA 172 29.42 -50.17 77.33
CA THR PA 172 29.68 -49.60 76.04
C THR PA 172 31.01 -48.86 76.03
N LEU PA 173 31.30 -48.02 77.04
CA LEU PA 173 32.58 -47.32 77.13
C LEU PA 173 33.25 -47.62 78.47
N ASN PA 174 34.58 -47.76 78.49
CA ASN PA 174 35.25 -48.36 79.65
C ASN PA 174 35.90 -47.28 80.51
N LEU PA 175 35.10 -46.50 81.25
CA LEU PA 175 35.56 -45.28 81.89
C LEU PA 175 36.25 -45.56 83.20
N LYS PA 176 37.47 -46.09 83.11
CA LYS PA 176 38.35 -46.19 84.27
C LYS PA 176 39.04 -44.86 84.50
N PRO PA 177 39.87 -44.69 85.54
CA PRO PA 177 40.48 -43.40 85.84
C PRO PA 177 41.36 -42.88 84.72
N ARG PA 178 41.64 -41.58 84.75
CA ARG PA 178 42.61 -41.00 83.83
C ARG PA 178 42.20 -41.19 82.37
N THR PA 179 40.91 -41.28 82.05
CA THR PA 179 40.44 -41.57 80.71
C THR PA 179 39.75 -40.36 80.07
N LYS PA 180 40.10 -40.02 78.82
CA LYS PA 180 39.54 -38.86 78.14
C LYS PA 180 38.24 -39.25 77.45
N VAL PA 181 37.21 -38.38 77.54
CA VAL PA 181 35.94 -38.63 76.92
C VAL PA 181 35.58 -37.40 76.12
N THR PA 182 35.10 -37.60 74.88
CA THR PA 182 34.91 -36.50 73.95
C THR PA 182 33.57 -36.72 73.28
N GLY PA 183 32.88 -35.66 72.89
CA GLY PA 183 31.61 -35.90 72.20
C GLY PA 183 30.78 -34.65 71.96
N ALA PA 184 29.53 -34.84 71.54
CA ALA PA 184 28.67 -33.73 71.21
C ALA PA 184 27.23 -34.17 71.22
N VAL PA 185 26.33 -33.27 71.64
CA VAL PA 185 24.92 -33.44 71.39
C VAL PA 185 24.58 -32.53 70.22
N ILE PA 186 24.07 -33.13 69.13
CA ILE PA 186 23.91 -32.45 67.87
C ILE PA 186 22.42 -32.27 67.63
N PRO PA 187 21.89 -31.04 67.61
CA PRO PA 187 20.50 -30.81 67.29
C PRO PA 187 20.21 -30.78 65.81
N GLU PA 188 18.93 -30.70 65.48
CA GLU PA 188 18.41 -30.79 64.14
C GLU PA 188 18.89 -29.58 63.37
N PHE PA 189 18.91 -28.44 64.05
CA PHE PA 189 19.58 -27.25 63.54
C PHE PA 189 20.24 -26.51 64.69
N GLY PA 190 21.27 -25.74 64.38
CA GLY PA 190 21.95 -25.00 65.42
C GLY PA 190 23.20 -25.72 65.92
N ALA PA 191 23.95 -25.04 66.80
CA ALA PA 191 25.32 -25.41 67.06
C ALA PA 191 25.36 -26.51 68.11
N PRO PA 192 26.26 -27.51 67.99
CA PRO PA 192 26.33 -28.59 68.95
C PRO PA 192 26.91 -28.20 70.29
N ALA PA 193 26.52 -28.92 71.32
CA ALA PA 193 27.14 -28.78 72.63
C ALA PA 193 28.33 -29.72 72.68
N VAL PA 194 29.46 -29.30 73.26
CA VAL PA 194 30.68 -30.09 73.24
C VAL PA 194 30.97 -30.66 74.62
N ILE PA 195 31.03 -31.99 74.72
CA ILE PA 195 31.31 -32.72 75.94
C ILE PA 195 32.80 -32.99 75.92
N SER PA 196 33.52 -32.69 77.00
CA SER PA 196 34.95 -32.90 76.98
C SER PA 196 35.49 -32.94 78.40
N PHE PA 197 35.91 -34.11 78.86
CA PHE PA 197 36.37 -34.24 80.23
C PHE PA 197 37.34 -35.38 80.37
N THR PA 198 38.17 -35.31 81.40
CA THR PA 198 39.04 -36.42 81.69
C THR PA 198 38.73 -36.90 83.09
N THR PA 199 38.50 -38.20 83.27
CA THR PA 199 38.01 -38.68 84.53
C THR PA 199 39.11 -38.46 85.54
N PRO PA 200 38.81 -38.25 86.84
CA PRO PA 200 39.81 -38.03 87.87
C PRO PA 200 40.90 -39.09 87.99
N ALA PA 201 41.94 -38.71 88.71
CA ALA PA 201 43.06 -39.62 88.93
C ALA PA 201 42.70 -40.71 89.92
N THR PA 202 41.76 -40.42 90.83
CA THR PA 202 41.45 -41.36 91.91
C THR PA 202 39.96 -41.30 92.22
N TYR PA 203 39.33 -42.46 92.35
CA TYR PA 203 37.95 -42.50 92.73
C TYR PA 203 37.93 -42.96 94.19
N LEU PA 204 37.16 -42.30 95.06
CA LEU PA 204 37.09 -42.66 96.47
C LEU PA 204 35.73 -43.24 96.85
N ASP PA 205 35.70 -44.28 97.69
CA ASP PA 205 34.48 -45.00 98.04
C ASP PA 205 33.51 -44.16 98.86
N THR PA 206 34.00 -43.04 99.41
CA THR PA 206 33.17 -42.17 100.21
C THR PA 206 32.40 -41.17 99.33
N GLN PA 207 32.69 -41.14 98.03
CA GLN PA 207 32.16 -40.12 97.16
C GLN PA 207 31.70 -40.73 95.83
N HIS PA 208 30.58 -41.44 95.84
CA HIS PA 208 30.19 -42.18 94.66
C HIS PA 208 29.65 -41.30 93.54
N ILE PA 209 29.24 -40.05 93.81
CA ILE PA 209 28.84 -39.18 92.72
C ILE PA 209 29.90 -38.11 92.47
N ILE PA 210 30.37 -37.99 91.22
CA ILE PA 210 31.53 -37.21 90.84
C ILE PA 210 31.11 -36.14 89.85
N GLU PA 211 31.72 -34.95 89.96
CA GLU PA 211 31.41 -33.86 89.07
C GLU PA 211 32.51 -33.84 88.02
N LEU PA 212 32.15 -34.02 86.74
CA LEU PA 212 33.14 -34.31 85.73
C LEU PA 212 33.47 -33.09 84.89
N GLN PA 213 32.49 -32.24 84.63
CA GLN PA 213 32.66 -31.02 83.85
C GLN PA 213 31.74 -29.94 84.45
N ALA QA 1 3.82 1.18 15.19
CA ALA QA 1 3.72 -0.26 15.58
C ALA QA 1 4.66 -0.55 16.76
N ILE QA 2 5.92 -0.11 16.63
CA ILE QA 2 6.99 -0.41 17.58
C ILE QA 2 6.66 0.22 18.94
N GLY QA 3 6.14 1.45 18.90
CA GLY QA 3 5.89 2.23 20.10
C GLY QA 3 5.08 1.45 21.13
N ILE QA 4 4.00 0.82 20.66
CA ILE QA 4 3.02 0.13 21.47
C ILE QA 4 3.71 -0.86 22.39
N GLY QA 5 4.53 -1.72 21.82
CA GLY QA 5 5.16 -2.76 22.61
C GLY QA 5 6.08 -2.19 23.69
N THR QA 6 6.77 -1.08 23.39
CA THR QA 6 7.78 -0.52 24.29
C THR QA 6 7.10 -0.23 25.62
N LEU QA 7 5.89 0.34 25.53
CA LEU QA 7 5.14 0.75 26.69
C LEU QA 7 4.85 -0.49 27.53
N ILE QA 8 4.34 -1.54 26.88
CA ILE QA 8 3.90 -2.74 27.59
C ILE QA 8 5.07 -3.32 28.35
N ILE QA 9 6.21 -3.54 27.73
CA ILE QA 9 7.25 -4.23 28.47
C ILE QA 9 7.79 -3.33 29.58
N PHE QA 10 7.70 -2.00 29.41
CA PHE QA 10 8.14 -1.08 30.45
C PHE QA 10 7.38 -1.39 31.73
N ILE QA 11 6.06 -1.61 31.61
CA ILE QA 11 5.22 -1.92 32.77
C ILE QA 11 5.79 -3.12 33.51
N ALA QA 12 6.21 -4.14 32.77
CA ALA QA 12 6.70 -5.33 33.42
C ALA QA 12 7.97 -5.01 34.19
N MET QA 13 8.89 -4.22 33.61
CA MET QA 13 10.15 -3.90 34.25
C MET QA 13 9.88 -3.34 35.64
N VAL QA 14 8.87 -2.45 35.73
CA VAL QA 14 8.52 -1.72 36.94
C VAL QA 14 8.11 -2.74 37.99
N LEU QA 15 7.16 -3.59 37.62
CA LEU QA 15 6.57 -4.51 38.56
C LEU QA 15 7.63 -5.47 39.08
N VAL QA 16 8.54 -5.93 38.20
CA VAL QA 16 9.53 -6.92 38.60
C VAL QA 16 10.51 -6.30 39.59
N ALA QA 17 10.92 -5.04 39.37
CA ALA QA 17 11.79 -4.34 40.30
C ALA QA 17 11.08 -4.16 41.64
N ALA QA 18 9.77 -3.88 41.58
CA ALA QA 18 8.97 -3.66 42.77
C ALA QA 18 8.98 -4.92 43.61
N VAL QA 19 8.71 -6.06 42.97
CA VAL QA 19 8.63 -7.35 43.64
C VAL QA 19 9.97 -7.65 44.31
N ALA QA 20 11.07 -7.36 43.64
CA ALA QA 20 12.38 -7.65 44.21
C ALA QA 20 12.64 -6.74 45.41
N ALA QA 21 12.20 -5.50 45.31
CA ALA QA 21 12.43 -4.56 46.39
C ALA QA 21 11.71 -5.09 47.65
N ALA QA 22 10.49 -5.57 47.45
CA ALA QA 22 9.66 -6.06 48.53
C ALA QA 22 10.44 -7.10 49.33
N VAL QA 23 11.13 -8.01 48.66
CA VAL QA 23 11.90 -9.05 49.32
C VAL QA 23 12.91 -8.40 50.26
N LEU QA 24 13.63 -7.40 49.75
CA LEU QA 24 14.75 -6.86 50.48
C LEU QA 24 14.24 -6.14 51.71
N ILE QA 25 13.15 -5.35 51.53
CA ILE QA 25 12.56 -4.54 52.59
C ILE QA 25 12.07 -5.46 53.69
N ASN QA 26 11.23 -6.43 53.29
CA ASN QA 26 10.62 -7.40 54.19
C ASN QA 26 11.69 -8.12 55.01
N THR QA 27 12.68 -8.66 54.31
CA THR QA 27 13.72 -9.48 54.91
C THR QA 27 14.43 -8.66 55.97
N SER QA 28 14.67 -7.38 55.67
CA SER QA 28 15.38 -6.51 56.59
C SER QA 28 14.57 -6.40 57.87
N GLY QA 29 13.25 -6.25 57.69
CA GLY QA 29 12.29 -6.25 58.80
C GLY QA 29 12.41 -7.51 59.64
N PHE QA 30 12.38 -8.68 58.99
CA PHE QA 30 12.41 -9.97 59.66
C PHE QA 30 13.67 -10.10 60.53
N LEU QA 31 14.77 -9.55 60.05
CA LEU QA 31 16.03 -9.68 60.74
C LEU QA 31 16.11 -8.69 61.88
N GLN QA 32 15.46 -7.53 61.74
CA GLN QA 32 15.61 -6.47 62.71
C GLN QA 32 15.27 -6.99 64.10
N GLN QA 33 14.15 -7.74 64.16
CA GLN QA 33 13.62 -8.31 65.38
C GLN QA 33 14.70 -9.12 66.10
N LYS QA 34 15.20 -10.16 65.41
CA LYS QA 34 16.08 -11.16 66.00
C LYS QA 34 17.40 -10.53 66.36
N ALA QA 35 17.84 -9.57 65.55
CA ALA QA 35 19.13 -8.94 65.79
C ALA QA 35 19.08 -8.31 67.18
N MET QA 36 18.05 -7.49 67.43
CA MET QA 36 17.98 -6.80 68.69
C MET QA 36 17.89 -7.81 69.83
N ALA QA 37 16.95 -8.75 69.68
CA ALA QA 37 16.62 -9.73 70.71
C ALA QA 37 17.90 -10.40 71.21
N THR QA 38 18.77 -10.79 70.27
CA THR QA 38 19.93 -11.58 70.58
C THR QA 38 20.85 -10.79 71.49
N GLY QA 39 21.01 -9.49 71.18
CA GLY QA 39 21.95 -8.65 71.90
C GLY QA 39 21.49 -8.45 73.34
N LYS QA 40 20.21 -8.12 73.50
CA LYS QA 40 19.66 -7.82 74.81
C LYS QA 40 19.80 -9.06 75.68
N GLU QA 41 19.31 -10.20 75.18
CA GLU QA 41 19.35 -11.46 75.90
C GLU QA 41 20.76 -11.80 76.33
N SER QA 42 21.72 -11.63 75.42
CA SER QA 42 23.07 -12.08 75.70
C SER QA 42 23.70 -11.22 76.80
N THR QA 43 23.33 -9.94 76.84
CA THR QA 43 23.91 -9.03 77.80
C THR QA 43 23.37 -9.41 79.17
N GLU QA 44 22.05 -9.60 79.27
CA GLU QA 44 21.42 -9.89 80.55
C GLU QA 44 22.02 -11.16 81.14
N GLN QA 45 22.39 -12.12 80.29
CA GLN QA 45 23.00 -13.37 80.70
C GLN QA 45 24.36 -13.12 81.33
N VAL QA 46 25.21 -12.32 80.69
CA VAL QA 46 26.56 -12.22 81.17
C VAL QA 46 26.64 -11.39 82.43
N ALA QA 47 25.69 -10.47 82.60
CA ALA QA 47 25.74 -9.46 83.65
C ALA QA 47 25.14 -9.97 84.97
N SER QA 48 24.16 -10.86 84.87
CA SER QA 48 23.39 -11.24 86.04
C SER QA 48 23.94 -12.49 86.73
N GLY QA 49 23.60 -12.64 88.01
CA GLY QA 49 24.13 -13.74 88.82
C GLY QA 49 23.78 -13.57 90.30
N LEU QA 50 24.13 -14.57 91.13
CA LEU QA 50 23.94 -14.51 92.56
C LEU QA 50 25.24 -14.97 93.23
N LEU QA 51 25.42 -14.59 94.50
CA LEU QA 51 26.67 -14.80 95.20
C LEU QA 51 26.40 -15.22 96.63
N CYS QA 52 27.10 -16.28 97.06
CA CYS QA 52 26.93 -16.91 98.38
C CYS QA 52 27.69 -16.12 99.41
N SER QA 53 27.07 -15.93 100.55
CA SER QA 53 27.57 -14.95 101.49
C SER QA 53 28.04 -15.69 102.72
N GLY QA 54 27.40 -16.82 103.01
CA GLY QA 54 27.66 -17.55 104.23
C GLY QA 54 26.76 -18.77 104.28
N VAL QA 55 27.18 -19.81 105.03
CA VAL QA 55 26.29 -20.91 105.34
C VAL QA 55 26.40 -21.20 106.82
N THR QA 56 25.27 -21.52 107.49
CA THR QA 56 25.28 -21.93 108.88
C THR QA 56 24.34 -23.11 109.14
N GLY QA 57 24.53 -23.83 110.27
CA GLY QA 57 23.85 -25.11 110.40
C GLY QA 57 23.64 -25.59 111.84
N HIS QA 58 22.68 -26.50 112.10
CA HIS QA 58 22.25 -26.85 113.44
C HIS QA 58 22.55 -28.31 113.74
N TYR QA 59 23.24 -28.59 114.86
CA TYR QA 59 23.69 -29.94 115.17
C TYR QA 59 22.82 -30.54 116.25
N VAL QA 60 22.22 -31.70 116.00
CA VAL QA 60 21.48 -32.43 117.03
C VAL QA 60 22.42 -33.46 117.65
N LYS QA 61 22.44 -33.53 118.99
CA LYS QA 61 23.46 -34.31 119.69
C LYS QA 61 23.42 -35.76 119.24
N ASN QA 62 24.60 -36.31 119.02
CA ASN QA 62 24.77 -37.71 118.70
C ASN QA 62 24.14 -38.06 117.35
N LYS QA 63 23.74 -37.06 116.56
CA LYS QA 63 23.11 -37.33 115.27
C LYS QA 63 23.85 -36.71 114.09
N GLY QA 64 24.13 -35.39 114.13
CA GLY QA 64 24.74 -34.70 113.01
C GLY QA 64 23.96 -33.45 112.59
N ILE QA 65 24.33 -32.86 111.45
CA ILE QA 65 23.74 -31.59 111.08
C ILE QA 65 22.38 -31.85 110.48
N ASP QA 66 21.37 -31.17 110.98
CA ASP QA 66 19.99 -31.51 110.72
C ASP QA 66 19.42 -30.59 109.66
N ARG QA 67 19.78 -29.30 109.72
CA ARG QA 67 19.28 -28.24 108.86
C ARG QA 67 20.40 -27.23 108.55
N ILE QA 68 20.29 -26.50 107.42
CA ILE QA 68 21.27 -25.50 107.00
C ILE QA 68 20.59 -24.25 106.44
N VAL QA 69 21.20 -23.05 106.62
CA VAL QA 69 20.69 -21.79 106.09
C VAL QA 69 21.76 -21.09 105.28
N ILE QA 70 21.44 -20.80 104.00
CA ILE QA 70 22.39 -20.33 103.03
C ILE QA 70 22.04 -18.90 102.73
N TYR QA 71 22.99 -17.98 102.86
CA TYR QA 71 22.68 -16.57 102.66
C TYR QA 71 23.11 -16.19 101.26
N ILE QA 72 22.23 -15.48 100.54
CA ILE QA 72 22.44 -15.25 99.12
C ILE QA 72 22.14 -13.80 98.78
N THR QA 73 22.87 -13.24 97.80
CA THR QA 73 22.84 -11.81 97.45
C THR QA 73 23.14 -11.68 95.97
N PRO QA 74 22.71 -10.62 95.27
CA PRO QA 74 22.95 -10.53 93.84
C PRO QA 74 24.28 -9.85 93.56
N ASN QA 75 24.88 -10.11 92.39
CA ASN QA 75 26.19 -9.52 92.08
C ASN QA 75 26.01 -8.08 91.64
N ALA QA 76 27.05 -7.26 91.75
CA ALA QA 76 26.96 -5.86 91.32
C ALA QA 76 26.41 -5.81 89.90
N GLY QA 77 25.38 -4.98 89.68
CA GLY QA 77 24.94 -4.66 88.32
C GLY QA 77 23.99 -5.69 87.74
N SER QA 78 23.75 -6.78 88.47
CA SER QA 78 22.85 -7.83 87.98
C SER QA 78 21.41 -7.37 87.86
N ALA QA 79 20.73 -7.88 86.86
CA ALA QA 79 19.35 -7.51 86.65
C ALA QA 79 18.57 -8.34 87.65
N PRO QA 80 17.30 -8.05 87.95
CA PRO QA 80 16.61 -8.71 89.05
C PRO QA 80 16.37 -10.19 88.80
N ILE QA 81 16.52 -11.02 89.83
CA ILE QA 81 16.44 -12.47 89.70
C ILE QA 81 15.18 -12.99 90.38
N ASP QA 82 14.44 -13.81 89.62
CA ASP QA 82 13.10 -14.25 89.94
C ASP QA 82 13.25 -15.50 90.75
N LEU QA 83 13.34 -15.33 92.07
CA LEU QA 83 13.91 -16.38 92.88
C LEU QA 83 13.08 -17.63 92.77
N LYS QA 84 11.79 -17.51 92.41
CA LYS QA 84 10.85 -18.62 92.58
C LYS QA 84 10.98 -19.57 91.42
N GLN QA 85 11.82 -19.23 90.46
CA GLN QA 85 12.06 -20.17 89.38
C GLN QA 85 13.43 -20.82 89.52
N CYS QA 86 14.24 -20.46 90.52
CA CYS QA 86 15.62 -20.96 90.58
C CYS QA 86 15.65 -22.32 91.24
N LYS QA 87 16.56 -23.22 90.85
CA LYS QA 87 16.63 -24.55 91.41
C LYS QA 87 17.98 -24.76 92.08
N LEU QA 88 18.04 -25.50 93.20
CA LEU QA 88 19.26 -25.66 93.98
C LEU QA 88 19.66 -27.11 93.93
N PHE QA 89 20.87 -27.37 93.43
CA PHE QA 89 21.39 -28.72 93.28
C PHE QA 89 22.46 -28.93 94.34
N LEU QA 90 22.38 -30.06 95.04
CA LEU QA 90 23.33 -30.35 96.10
C LEU QA 90 23.78 -31.80 95.94
N MET QA 91 25.08 -32.05 96.17
CA MET QA 91 25.71 -33.35 96.10
C MET QA 91 26.34 -33.66 97.45
N TYR QA 92 26.31 -34.95 97.82
CA TYR QA 92 26.86 -35.46 99.07
C TYR QA 92 27.22 -36.93 98.86
N ASP QA 93 27.24 -37.73 99.91
CA ASP QA 93 27.98 -38.98 99.83
C ASP QA 93 27.29 -39.99 98.96
N GLY QA 94 26.03 -39.78 98.64
CA GLY QA 94 25.42 -40.81 97.82
C GLY QA 94 24.17 -40.37 97.08
N LYS QA 95 23.92 -39.06 97.04
CA LYS QA 95 22.69 -38.54 96.55
C LYS QA 95 23.02 -37.22 95.86
N ALA QA 96 22.26 -36.89 94.81
CA ALA QA 96 22.36 -35.61 94.16
C ALA QA 96 20.93 -35.14 93.92
N VAL QA 97 20.53 -34.09 94.64
CA VAL QA 97 19.15 -33.76 94.85
C VAL QA 97 18.90 -32.39 94.26
N SER QA 98 17.74 -32.18 93.63
CA SER QA 98 17.34 -30.86 93.20
C SER QA 98 16.16 -30.42 94.07
N LEU QA 99 16.16 -29.18 94.58
CA LEU QA 99 15.07 -28.64 95.39
C LEU QA 99 14.38 -27.43 94.72
N ASN QA 100 13.03 -27.28 94.82
CA ASN QA 100 12.33 -26.18 94.15
C ASN QA 100 11.67 -25.25 95.16
N PHE QA 101 11.53 -23.95 94.86
CA PHE QA 101 10.93 -22.96 95.77
C PHE QA 101 9.55 -23.37 96.23
N SER QA 102 9.19 -22.98 97.44
CA SER QA 102 7.87 -23.29 97.96
C SER QA 102 7.48 -22.13 98.87
N LYS QA 103 6.19 -21.85 98.97
CA LYS QA 103 5.77 -20.69 99.72
C LYS QA 103 5.93 -20.95 101.21
N TYR QA 104 6.37 -19.91 101.93
CA TYR QA 104 6.38 -19.79 103.39
C TYR QA 104 4.91 -19.86 103.81
N ASP QA 105 4.59 -19.87 105.10
CA ASP QA 105 3.18 -19.95 105.46
C ASP QA 105 2.39 -18.73 104.94
N THR QA 106 1.41 -19.00 104.04
CA THR QA 106 0.35 -18.09 103.61
C THR QA 106 0.87 -16.92 102.78
N ASN QA 107 2.19 -16.74 102.71
CA ASN QA 107 2.79 -15.55 102.12
C ASN QA 107 4.04 -15.97 101.32
N THR QA 108 4.48 -15.15 100.35
CA THR QA 108 5.43 -15.70 99.41
C THR QA 108 6.80 -15.93 100.05
N VAL QA 109 7.18 -15.09 101.01
CA VAL QA 109 8.52 -15.06 101.57
C VAL QA 109 8.34 -14.62 103.02
N GLY QA 110 9.01 -15.29 103.96
CA GLY QA 110 8.80 -14.98 105.37
C GLY QA 110 9.36 -13.60 105.74
N ASP QA 111 8.51 -12.67 106.19
CA ASP QA 111 8.95 -11.29 106.40
C ASP QA 111 9.61 -11.08 107.76
N PHE QA 112 10.93 -11.17 107.77
CA PHE QA 112 11.68 -10.86 108.96
C PHE QA 112 12.62 -9.71 108.66
N THR QA 113 12.11 -8.70 107.97
CA THR QA 113 12.88 -7.50 107.69
C THR QA 113 13.27 -6.80 108.98
N ASN QA 114 12.53 -7.06 110.08
CA ASN QA 114 12.81 -6.41 111.35
C ASN QA 114 13.32 -7.38 112.42
N GLY QA 115 14.04 -8.44 112.04
CA GLY QA 115 14.88 -9.17 113.00
C GLY QA 115 14.26 -10.48 113.50
N ILE QA 116 15.12 -11.42 113.94
CA ILE QA 116 14.69 -12.74 114.36
C ILE QA 116 15.39 -13.05 115.66
N LYS QA 117 14.67 -13.58 116.64
CA LYS QA 117 15.21 -13.94 117.93
C LYS QA 117 16.23 -15.06 117.77
N ASP QA 118 15.88 -16.07 116.95
CA ASP QA 118 16.77 -17.18 116.64
C ASP QA 118 16.30 -17.86 115.35
N ILE QA 119 17.18 -17.96 114.34
CA ILE QA 119 16.80 -18.37 113.01
C ILE QA 119 16.41 -19.84 113.02
N PHE QA 120 16.75 -20.56 114.09
CA PHE QA 120 16.47 -21.99 114.11
C PHE QA 120 15.36 -22.37 115.08
N ASN QA 121 14.83 -21.44 115.87
CA ASN QA 121 13.75 -21.78 116.80
C ASN QA 121 12.48 -22.01 115.99
N THR QA 122 11.88 -23.19 116.19
CA THR QA 122 10.82 -23.70 115.34
C THR QA 122 9.58 -22.82 115.36
N THR QA 123 9.16 -22.38 116.56
CA THR QA 123 7.89 -21.67 116.70
C THR QA 123 7.94 -20.28 116.10
N VAL QA 124 9.12 -19.65 116.15
CA VAL QA 124 9.30 -18.32 115.59
C VAL QA 124 9.32 -18.44 114.07
N VAL QA 125 10.05 -19.42 113.53
CA VAL QA 125 10.52 -19.33 112.15
C VAL QA 125 9.64 -20.08 111.16
N LYS QA 126 8.96 -21.13 111.59
CA LYS QA 126 8.13 -21.88 110.64
C LYS QA 126 8.94 -22.61 109.57
N TRP QA 127 9.68 -23.65 110.00
CA TRP QA 127 10.47 -24.51 109.13
C TRP QA 127 9.60 -25.52 108.39
N ASN QA 128 8.31 -25.66 108.74
CA ASN QA 128 7.56 -26.86 108.40
C ASN QA 128 7.43 -27.16 106.91
N ASN QA 129 7.43 -26.15 106.03
CA ASN QA 129 7.28 -26.39 104.59
C ASN QA 129 8.59 -26.79 103.95
N ALA QA 130 9.67 -26.98 104.70
CA ALA QA 130 10.91 -27.46 104.09
C ALA QA 130 10.85 -28.99 103.94
N ASP QA 131 10.15 -29.45 102.91
CA ASP QA 131 9.92 -30.86 102.62
C ASP QA 131 11.20 -31.42 102.01
N ALA QA 132 11.19 -32.70 101.64
CA ALA QA 132 12.45 -33.33 101.25
C ALA QA 132 12.79 -32.88 99.84
N THR QA 133 11.86 -32.16 99.19
CA THR QA 133 12.08 -31.73 97.82
C THR QA 133 11.93 -30.22 97.61
N SER QA 134 11.88 -29.37 98.66
CA SER QA 134 11.81 -27.94 98.44
C SER QA 134 12.57 -27.10 99.45
N PHE QA 135 12.77 -25.81 99.12
CA PHE QA 135 13.27 -24.83 100.07
C PHE QA 135 12.29 -23.68 100.29
N VAL QA 136 12.55 -22.88 101.35
CA VAL QA 136 11.78 -21.67 101.59
C VAL QA 136 12.73 -20.52 101.82
N VAL QA 137 12.28 -19.28 101.64
CA VAL QA 137 13.12 -18.11 101.63
C VAL QA 137 12.63 -17.15 102.72
N VAL QA 138 13.57 -16.58 103.48
CA VAL QA 138 13.30 -15.68 104.58
C VAL QA 138 14.00 -14.38 104.20
N ALA QA 139 13.27 -13.25 104.25
CA ALA QA 139 13.78 -11.99 103.72
C ALA QA 139 14.40 -11.20 104.86
N LEU QA 140 15.70 -10.91 104.71
CA LEU QA 140 16.45 -10.30 105.79
C LEU QA 140 16.70 -8.82 105.55
N GLN QA 141 16.94 -8.37 104.30
CA GLN QA 141 17.01 -6.93 104.03
C GLN QA 141 16.49 -6.65 102.63
N ASP QA 142 15.53 -5.70 102.52
CA ASP QA 142 14.86 -5.37 101.26
C ASP QA 142 14.09 -4.08 101.45
N ASP QA 143 14.64 -2.98 100.90
CA ASP QA 143 14.10 -1.63 101.04
C ASP QA 143 12.82 -1.49 100.24
N ASP QA 144 12.89 -1.94 98.99
CA ASP QA 144 11.90 -1.69 97.95
C ASP QA 144 10.75 -2.70 97.98
N LYS QA 145 10.69 -3.58 98.96
CA LYS QA 145 9.66 -4.60 99.06
C LYS QA 145 9.61 -5.60 97.89
N SER QA 146 10.71 -5.81 97.17
CA SER QA 146 10.67 -6.76 96.06
C SER QA 146 10.63 -8.20 96.52
N LEU QA 147 11.40 -8.54 97.54
CA LEU QA 147 11.38 -9.91 98.02
C LEU QA 147 9.95 -10.16 98.50
N LEU QA 148 9.36 -9.19 99.19
CA LEU QA 148 8.16 -9.43 99.99
C LEU QA 148 6.94 -9.64 99.10
N THR QA 149 7.11 -9.45 97.80
CA THR QA 149 5.98 -9.34 96.91
C THR QA 149 6.41 -9.96 95.58
N ASN QA 150 6.09 -11.24 95.37
CA ASN QA 150 6.45 -11.91 94.13
C ASN QA 150 7.95 -12.27 94.03
N ALA QA 151 8.70 -12.17 95.13
CA ALA QA 151 9.94 -12.88 95.35
C ALA QA 151 11.05 -12.53 94.35
N VAL QA 152 11.27 -11.23 94.11
CA VAL QA 152 12.32 -10.86 93.19
C VAL QA 152 13.49 -10.19 93.94
N ILE QA 153 14.69 -10.76 93.80
CA ILE QA 153 15.88 -10.17 94.39
C ILE QA 153 16.32 -9.05 93.47
N ASN QA 154 16.63 -7.85 94.04
CA ASN QA 154 17.30 -6.78 93.32
C ASN QA 154 18.39 -6.17 94.16
N LYS QA 155 19.01 -5.09 93.69
CA LYS QA 155 20.29 -4.61 94.22
C LYS QA 155 20.20 -4.34 95.72
N GLY QA 156 21.11 -4.92 96.50
CA GLY QA 156 21.17 -4.56 97.90
C GLY QA 156 20.32 -5.47 98.79
N ASP QA 157 19.53 -6.37 98.19
CA ASP QA 157 18.75 -7.29 99.00
C ASP QA 157 19.67 -8.38 99.58
N LEU QA 158 19.30 -8.98 100.73
CA LEU QA 158 19.96 -10.17 101.29
C LEU QA 158 18.90 -11.10 101.79
N ALA QA 159 18.99 -12.41 101.45
CA ALA QA 159 17.90 -13.32 101.72
C ALA QA 159 18.47 -14.66 102.07
N GLY QA 160 17.68 -15.44 102.78
CA GLY QA 160 18.28 -16.64 103.34
C GLY QA 160 17.43 -17.83 102.94
N VAL QA 161 18.09 -18.88 102.43
CA VAL QA 161 17.40 -20.03 101.93
C VAL QA 161 17.49 -21.09 103.00
N LEU QA 162 16.36 -21.69 103.39
CA LEU QA 162 16.38 -22.71 104.41
C LEU QA 162 16.30 -24.11 103.75
N VAL QA 163 17.21 -25.06 104.09
CA VAL QA 163 17.10 -26.43 103.60
C VAL QA 163 17.17 -27.49 104.67
N ASN QA 164 16.21 -28.44 104.72
CA ASN QA 164 16.07 -29.46 105.75
C ASN QA 164 16.91 -30.64 105.30
N VAL QA 165 18.21 -30.51 105.55
CA VAL QA 165 19.15 -31.36 104.85
C VAL QA 165 18.89 -32.78 105.23
N SER QA 166 18.52 -33.01 106.48
CA SER QA 166 18.47 -34.40 106.95
C SER QA 166 17.33 -35.12 106.25
N ALA QA 167 16.36 -34.34 105.77
CA ALA QA 167 15.23 -34.90 105.06
C ALA QA 167 15.55 -35.01 103.58
N ALA QA 168 16.33 -34.06 103.07
CA ALA QA 168 16.70 -34.03 101.66
C ALA QA 168 17.63 -35.19 101.31
N PHE QA 169 18.69 -35.38 102.09
CA PHE QA 169 19.64 -36.44 101.80
C PHE QA 169 19.21 -37.71 102.51
N GLY QA 170 18.19 -37.64 103.35
CA GLY QA 170 17.72 -38.84 104.01
C GLY QA 170 18.54 -39.26 105.23
N LYS QA 171 19.68 -38.60 105.49
CA LYS QA 171 20.39 -38.78 106.75
C LYS QA 171 21.08 -37.49 107.20
N HIS QA 172 21.48 -37.43 108.48
CA HIS QA 172 22.22 -36.27 108.96
C HIS QA 172 23.65 -36.26 108.42
N VAL QA 173 24.21 -35.11 108.01
CA VAL QA 173 25.58 -35.15 107.50
C VAL QA 173 26.54 -35.19 108.66
N GLY QA 174 27.56 -36.05 108.55
CA GLY QA 174 28.47 -36.35 109.65
C GLY QA 174 29.67 -35.41 109.62
N THR QA 175 30.67 -35.74 110.43
CA THR QA 175 31.87 -34.94 110.49
C THR QA 175 32.78 -35.32 109.33
N ARG QA 176 33.69 -34.42 108.93
CA ARG QA 176 34.68 -34.68 107.90
C ARG QA 176 34.06 -35.03 106.54
N GLU QA 177 32.86 -34.53 106.23
CA GLU QA 177 32.21 -34.84 104.97
C GLU QA 177 32.05 -33.57 104.13
N ARG QA 178 32.19 -33.65 102.79
CA ARG QA 178 31.93 -32.46 101.99
C ARG QA 178 30.55 -32.45 101.34
N VAL QA 179 30.05 -31.24 101.09
CA VAL QA 179 28.82 -31.03 100.36
C VAL QA 179 29.01 -29.90 99.39
N SER QA 180 28.58 -30.09 98.14
CA SER QA 180 28.79 -29.04 97.18
C SER QA 180 27.62 -28.93 96.25
N GLY QA 181 27.41 -27.72 95.71
CA GLY QA 181 26.28 -27.52 94.83
C GLY QA 181 26.30 -26.16 94.17
N TYR QA 182 25.16 -25.83 93.59
CA TYR QA 182 24.96 -24.58 92.91
C TYR QA 182 23.50 -24.20 93.02
N LEU QA 183 23.22 -22.90 93.18
CA LEU QA 183 21.86 -22.39 93.06
C LEU QA 183 21.81 -21.73 91.71
N GLN QA 184 21.00 -22.28 90.79
CA GLN QA 184 21.13 -21.93 89.39
C GLN QA 184 19.93 -21.11 89.05
N PRO QA 185 20.05 -19.81 88.71
CA PRO QA 185 18.90 -19.04 88.31
C PRO QA 185 18.51 -19.32 86.87
N GLU QA 186 17.36 -18.79 86.49
CA GLU QA 186 16.74 -18.96 85.19
C GLU QA 186 17.63 -18.40 84.12
N PHE QA 187 18.25 -17.26 84.40
CA PHE QA 187 19.33 -16.77 83.55
C PHE QA 187 20.42 -16.17 84.43
N GLY QA 188 21.67 -16.32 84.00
CA GLY QA 188 22.77 -15.72 84.75
C GLY QA 188 23.56 -16.77 85.54
N ALA QA 189 24.60 -16.29 86.21
CA ALA QA 189 25.63 -17.18 86.72
C ALA QA 189 25.17 -17.79 88.04
N PRO QA 190 25.53 -19.05 88.34
CA PRO QA 190 25.03 -19.70 89.53
C PRO QA 190 25.88 -19.43 90.76
N ALA QA 191 25.25 -19.44 91.92
CA ALA QA 191 25.99 -19.25 93.15
C ALA QA 191 26.56 -20.59 93.55
N VAL QA 192 27.89 -20.72 93.67
CA VAL QA 192 28.55 -21.95 94.10
C VAL QA 192 28.43 -22.12 95.60
N ILE QA 193 28.16 -23.34 96.07
CA ILE QA 193 28.21 -23.68 97.48
C ILE QA 193 29.20 -24.82 97.65
N GLU QA 194 30.04 -24.75 98.68
CA GLU QA 194 31.04 -25.76 98.89
C GLU QA 194 31.52 -25.64 100.32
N PHE QA 195 31.38 -26.71 101.10
CA PHE QA 195 32.03 -26.77 102.39
C PHE QA 195 32.22 -28.19 102.90
N THR QA 196 33.21 -28.31 103.78
CA THR QA 196 33.50 -29.57 104.43
C THR QA 196 33.16 -29.41 105.91
N THR QA 197 32.34 -30.32 106.45
CA THR QA 197 31.88 -30.17 107.82
C THR QA 197 33.11 -30.39 108.65
N PRO QA 198 33.29 -29.69 109.78
CA PRO QA 198 34.51 -29.82 110.58
C PRO QA 198 34.65 -31.20 111.19
N ALA QA 199 35.82 -31.39 111.82
CA ALA QA 199 36.21 -32.64 112.41
C ALA QA 199 35.47 -32.92 113.72
N ALA QA 200 35.07 -31.86 114.42
CA ALA QA 200 34.53 -32.06 115.75
C ALA QA 200 33.35 -31.11 115.95
N PHE QA 201 32.16 -31.69 115.95
CA PHE QA 201 31.03 -30.87 116.29
C PHE QA 201 31.12 -30.64 117.79
N THR QA 202 30.96 -29.39 118.25
CA THR QA 202 31.07 -29.10 119.67
C THR QA 202 30.15 -27.98 120.19
N SER QA 203 29.25 -27.45 119.35
CA SER QA 203 28.31 -26.41 119.72
C SER QA 203 27.11 -26.54 118.80
N ASP QA 204 25.97 -25.92 119.16
CA ASP QA 204 24.75 -26.22 118.43
C ASP QA 204 24.75 -25.55 117.07
N VAL QA 205 25.21 -24.28 116.96
CA VAL QA 205 25.13 -23.64 115.66
C VAL QA 205 26.53 -23.38 115.12
N ILE QA 206 26.85 -23.93 113.91
CA ILE QA 206 28.20 -24.01 113.39
C ILE QA 206 28.38 -23.24 112.11
N GLU QA 207 29.55 -22.60 111.97
CA GLU QA 207 29.73 -21.58 110.97
C GLU QA 207 30.43 -22.17 109.75
N LEU QA 208 29.67 -22.90 108.95
CA LEU QA 208 30.26 -23.69 107.88
C LEU QA 208 30.93 -22.80 106.84
N GLN QA 209 30.36 -21.62 106.57
CA GLN QA 209 30.96 -20.50 105.82
C GLN QA 209 31.66 -20.96 104.52
N ALA RA 1 12.59 0.30 28.92
CA ALA RA 1 14.03 0.72 29.08
C ALA RA 1 14.60 0.23 30.42
N ILE RA 2 15.87 -0.21 30.40
CA ILE RA 2 16.50 -0.86 31.54
C ILE RA 2 16.70 0.12 32.70
N GLY RA 3 16.83 1.41 32.37
CA GLY RA 3 17.20 2.40 33.37
C GLY RA 3 16.18 2.46 34.51
N ILE RA 4 14.91 2.27 34.12
CA ILE RA 4 13.80 2.46 35.03
C ILE RA 4 13.97 1.57 36.26
N GLY RA 5 14.24 0.29 36.04
CA GLY RA 5 14.39 -0.62 37.15
C GLY RA 5 15.62 -0.32 38.00
N THR RA 6 16.71 0.13 37.34
CA THR RA 6 17.99 0.33 38.01
C THR RA 6 17.79 1.39 39.09
N LEU RA 7 17.01 2.42 38.76
CA LEU RA 7 16.67 3.49 39.67
C LEU RA 7 15.92 2.90 40.87
N ILE RA 8 14.82 2.19 40.59
CA ILE RA 8 13.91 1.70 41.61
C ILE RA 8 14.64 0.78 42.58
N ILE RA 9 15.48 -0.12 42.08
CA ILE RA 9 16.14 -1.04 42.99
C ILE RA 9 17.19 -0.33 43.85
N PHE RA 10 17.75 0.78 43.36
CA PHE RA 10 18.71 1.58 44.13
C PHE RA 10 18.01 2.12 45.38
N ILE RA 11 16.78 2.60 45.20
CA ILE RA 11 15.97 3.16 46.28
C ILE RA 11 15.86 2.12 47.38
N ALA RA 12 15.57 0.87 47.00
CA ALA RA 12 15.44 -0.21 47.95
C ALA RA 12 16.76 -0.43 48.66
N MET RA 13 17.86 -0.48 47.89
CA MET RA 13 19.15 -0.90 48.41
C MET RA 13 19.58 0.05 49.53
N VAL RA 14 19.38 1.36 49.30
CA VAL RA 14 19.69 2.42 50.24
C VAL RA 14 18.93 2.15 51.52
N LEU RA 15 17.61 1.94 51.38
CA LEU RA 15 16.72 1.83 52.52
C LEU RA 15 17.14 0.64 53.38
N VAL RA 16 17.49 -0.48 52.75
CA VAL RA 16 17.85 -1.67 53.50
C VAL RA 16 19.12 -1.40 54.28
N ALA RA 17 20.09 -0.77 53.63
CA ALA RA 17 21.36 -0.49 54.28
C ALA RA 17 21.17 0.46 55.47
N ALA RA 18 20.13 1.31 55.38
CA ALA RA 18 19.83 2.22 56.47
C ALA RA 18 19.36 1.41 57.66
N VAL RA 19 18.40 0.51 57.43
CA VAL RA 19 17.81 -0.31 58.49
C VAL RA 19 18.90 -1.12 59.17
N ALA RA 20 19.80 -1.68 58.38
CA ALA RA 20 20.87 -2.50 58.91
C ALA RA 20 21.77 -1.66 59.81
N ALA RA 21 22.09 -0.43 59.39
CA ALA RA 21 22.93 0.45 60.18
C ALA RA 21 22.22 0.76 61.50
N ALA RA 22 20.92 1.01 61.42
CA ALA RA 22 20.16 1.47 62.56
C ALA RA 22 20.37 0.54 63.75
N VAL RA 23 20.20 -0.78 63.54
CA VAL RA 23 20.25 -1.76 64.62
C VAL RA 23 21.56 -1.70 65.39
N LEU RA 24 22.64 -1.33 64.70
CA LEU RA 24 23.95 -1.28 65.35
C LEU RA 24 24.02 -0.03 66.23
N ILE RA 25 23.47 1.08 65.73
CA ILE RA 25 23.48 2.35 66.45
C ILE RA 25 22.65 2.17 67.72
N ASN RA 26 21.41 1.65 67.56
CA ASN RA 26 20.52 1.34 68.67
C ASN RA 26 21.19 0.45 69.71
N THR RA 27 21.79 -0.66 69.26
CA THR RA 27 22.34 -1.65 70.16
C THR RA 27 23.52 -1.05 70.91
N SER RA 28 24.24 -0.15 70.27
CA SER RA 28 25.41 0.43 70.90
C SER RA 28 24.94 1.31 72.06
N GLY RA 29 23.81 2.00 71.85
CA GLY RA 29 23.13 2.77 72.90
C GLY RA 29 22.78 1.91 74.12
N PHE RA 30 22.08 0.79 73.87
CA PHE RA 30 21.68 -0.13 74.92
C PHE RA 30 22.88 -0.59 75.73
N LEU RA 31 23.93 -0.99 75.03
CA LEU RA 31 25.10 -1.52 75.69
C LEU RA 31 25.82 -0.42 76.48
N GLN RA 32 25.72 0.83 76.04
CA GLN RA 32 26.52 1.89 76.64
C GLN RA 32 26.18 1.96 78.13
N GLN RA 33 24.88 2.13 78.40
CA GLN RA 33 24.42 2.32 79.76
C GLN RA 33 24.81 1.13 80.61
N LYS RA 34 24.53 -0.07 80.09
CA LYS RA 34 24.70 -1.31 80.85
C LYS RA 34 26.15 -1.48 81.27
N ALA RA 35 27.05 -1.11 80.36
CA ALA RA 35 28.47 -1.25 80.59
C ALA RA 35 28.89 -0.27 81.68
N MET RA 36 28.52 1.01 81.49
CA MET RA 36 29.01 2.07 82.35
C MET RA 36 28.62 1.79 83.81
N ALA RA 37 27.35 1.44 84.01
CA ALA RA 37 26.79 1.12 85.32
C ALA RA 37 27.55 -0.03 85.95
N THR RA 38 27.88 -1.05 85.17
CA THR RA 38 28.45 -2.28 85.70
C THR RA 38 29.81 -1.98 86.30
N GLY RA 39 30.56 -1.09 85.63
CA GLY RA 39 31.88 -0.69 86.07
C GLY RA 39 31.81 0.12 87.36
N LYS RA 40 30.95 1.14 87.38
CA LYS RA 40 30.81 2.02 88.53
C LYS RA 40 30.49 1.17 89.75
N GLU RA 41 29.44 0.37 89.63
CA GLU RA 41 28.89 -0.37 90.74
C GLU RA 41 29.97 -1.29 91.30
N SER RA 42 30.64 -2.02 90.42
CA SER RA 42 31.63 -2.98 90.84
C SER RA 42 32.73 -2.29 91.60
N THR RA 43 33.02 -1.03 91.25
CA THR RA 43 34.15 -0.31 91.83
C THR RA 43 33.82 0.03 93.27
N GLU RA 44 32.61 0.56 93.47
CA GLU RA 44 32.15 0.99 94.77
C GLU RA 44 32.16 -0.18 95.74
N GLN RA 45 31.76 -1.36 95.27
CA GLN RA 45 31.70 -2.59 96.04
C GLN RA 45 33.06 -2.90 96.64
N VAL RA 46 34.11 -2.90 95.83
CA VAL RA 46 35.42 -3.32 96.30
C VAL RA 46 35.96 -2.29 97.28
N ALA RA 47 35.68 -1.01 97.00
CA ALA RA 47 36.33 0.12 97.63
C ALA RA 47 35.84 0.34 99.07
N SER RA 48 34.71 -0.25 99.45
CA SER RA 48 34.00 0.20 100.64
C SER RA 48 33.87 -0.89 101.70
N GLY RA 49 33.78 -0.47 102.97
CA GLY RA 49 33.57 -1.43 104.04
C GLY RA 49 33.63 -0.77 105.43
N LEU RA 50 33.44 -1.58 106.47
CA LEU RA 50 33.46 -1.12 107.85
C LEU RA 50 34.49 -1.93 108.63
N GLN RA 51 34.98 -1.36 109.74
CA GLN RA 51 36.01 -1.96 110.56
C GLN RA 51 35.60 -1.82 112.02
N VAL RA 52 35.68 -2.91 112.82
CA VAL RA 52 35.32 -2.85 114.22
C VAL RA 52 36.52 -2.38 115.00
N ILE RA 53 36.38 -1.23 115.68
CA ILE RA 53 37.47 -0.62 116.39
C ILE RA 53 37.65 -1.39 117.68
N ARG RA 54 36.63 -1.40 118.54
CA ARG RA 54 36.70 -2.06 119.85
C ARG RA 54 35.31 -2.56 120.24
N VAL RA 55 35.22 -3.55 121.14
CA VAL RA 55 33.92 -3.92 121.69
C VAL RA 55 33.99 -3.86 123.19
N LEU RA 56 32.99 -3.22 123.83
CA LEU RA 56 32.92 -3.04 125.28
C LEU RA 56 31.65 -3.64 125.85
N GLY RA 57 31.62 -3.98 127.16
CA GLY RA 57 30.53 -4.80 127.68
C GLY RA 57 30.25 -4.71 129.18
N ASN RA 58 29.17 -4.03 129.52
CA ASN RA 58 28.71 -3.91 130.91
C ASN RA 58 28.40 -5.28 131.49
N HIS RA 59 28.58 -5.51 132.81
CA HIS RA 59 28.31 -6.82 133.46
C HIS RA 59 27.61 -6.72 134.80
N SER RA 60 26.60 -7.58 135.05
CA SER RA 60 25.88 -7.68 136.32
C SER RA 60 25.47 -9.12 136.52
N GLY RA 61 25.46 -9.58 137.76
CA GLY RA 61 24.97 -10.93 137.95
C GLY RA 61 26.00 -11.91 137.41
N GLY RA 62 25.59 -12.76 136.47
CA GLY RA 62 26.55 -13.74 136.04
C GLY RA 62 26.91 -13.63 134.56
N LYS RA 63 26.62 -12.47 133.98
CA LYS RA 63 26.54 -12.41 132.54
C LYS RA 63 27.04 -11.05 132.08
N ILE RA 64 27.30 -10.95 130.77
CA ILE RA 64 27.42 -9.63 130.18
C ILE RA 64 26.05 -9.35 129.57
N ASN RA 65 25.46 -8.20 129.88
CA ASN RA 65 24.10 -7.96 129.49
C ASN RA 65 23.98 -6.97 128.32
N TRP RA 66 24.84 -5.97 128.19
CA TRP RA 66 24.80 -5.06 127.07
C TRP RA 66 26.15 -5.10 126.35
N LEU RA 67 26.18 -4.94 125.02
CA LEU RA 67 27.42 -4.78 124.30
C LEU RA 67 27.39 -3.48 123.49
N ALA RA 68 28.55 -2.84 123.34
CA ALA RA 68 28.62 -1.64 122.56
C ALA RA 68 29.76 -1.87 121.59
N VAL RA 69 29.42 -1.96 120.30
CA VAL RA 69 30.35 -2.32 119.26
C VAL RA 69 30.69 -1.05 118.51
N LEU RA 70 31.93 -0.58 118.62
CA LEU RA 70 32.32 0.67 118.01
C LEU RA 70 32.85 0.35 116.61
N ILE RA 71 32.41 1.13 115.61
CA ILE RA 71 32.66 0.77 114.22
C ILE RA 71 32.95 2.02 113.42
N SER RA 72 33.75 1.90 112.34
CA SER RA 72 34.12 3.08 111.55
C SER RA 72 34.40 2.64 110.12
N PRO RA 73 34.41 3.54 109.14
CA PRO RA 73 34.63 3.17 107.76
C PRO RA 73 36.07 2.74 107.47
N ASN RA 74 36.26 1.93 106.42
CA ASN RA 74 37.58 1.54 105.95
C ASN RA 74 38.12 2.72 105.19
N ALA RA 75 39.44 2.83 105.05
CA ALA RA 75 40.00 3.97 104.36
C ALA RA 75 39.53 3.98 102.90
N GLY RA 76 39.09 5.16 102.43
CA GLY RA 76 38.78 5.36 101.03
C GLY RA 76 37.42 4.79 100.62
N SER RA 77 36.55 4.60 101.62
CA SER RA 77 35.22 4.04 101.41
C SER RA 77 34.21 5.11 101.06
N ALA RA 78 33.16 4.71 100.34
CA ALA RA 78 32.11 5.64 99.98
C ALA RA 78 31.18 5.63 101.19
N PRO RA 79 30.27 6.58 101.37
CA PRO RA 79 29.51 6.65 102.61
C PRO RA 79 28.58 5.46 102.83
N ILE RA 80 28.55 4.90 104.05
CA ILE RA 80 27.74 3.73 104.37
C ILE RA 80 26.49 4.13 105.16
N ASP RA 81 25.29 3.73 104.70
CA ASP RA 81 24.02 4.14 105.31
C ASP RA 81 23.58 3.06 106.27
N LEU RA 82 23.76 3.33 107.56
CA LEU RA 82 23.67 2.25 108.51
C LEU RA 82 22.21 1.86 108.66
N SER RA 83 21.28 2.68 108.15
CA SER RA 83 19.89 2.36 108.39
C SER RA 83 19.52 1.11 107.62
N GLN RA 84 20.34 0.73 106.66
CA GLN RA 84 20.09 -0.47 105.91
C GLN RA 84 21.12 -1.56 106.22
N ALA RA 85 21.84 -1.48 107.35
CA ALA RA 85 22.82 -2.52 107.68
C ALA RA 85 22.10 -3.70 108.33
N THR RA 86 22.78 -4.82 108.57
CA THR RA 86 22.21 -5.90 109.39
C THR RA 86 23.28 -6.52 110.27
N VAL RA 87 22.99 -6.85 111.56
CA VAL RA 87 24.01 -7.46 112.40
C VAL RA 87 23.62 -8.85 112.77
N MET RA 88 24.58 -9.78 112.82
CA MET RA 88 24.28 -11.17 113.08
C MET RA 88 25.27 -11.60 114.13
N ILE RA 89 24.79 -12.22 115.21
CA ILE RA 89 25.63 -12.59 116.32
C ILE RA 89 25.24 -14.00 116.76
N THR RA 90 26.21 -14.84 117.16
CA THR RA 90 25.86 -16.12 117.75
C THR RA 90 26.76 -16.49 118.90
N ASP RA 91 26.16 -17.22 119.88
CA ASP RA 91 26.86 -17.66 121.07
C ASP RA 91 27.04 -19.16 121.01
N GLY RA 92 26.68 -19.75 119.88
CA GLY RA 92 26.86 -21.20 119.73
C GLY RA 92 25.66 -22.00 120.22
N THR RA 93 24.73 -21.34 120.92
CA THR RA 93 23.46 -21.95 121.24
C THR RA 93 22.29 -21.23 120.57
N HIS RA 94 22.37 -19.94 120.25
CA HIS RA 94 21.36 -19.26 119.45
C HIS RA 94 21.96 -18.31 118.41
N LYS RA 95 21.20 -17.86 117.39
CA LYS RA 95 21.76 -16.97 116.37
C LYS RA 95 20.80 -15.84 116.06
N VAL RA 96 20.97 -14.68 116.72
CA VAL RA 96 20.04 -13.58 116.60
C VAL RA 96 20.48 -12.79 115.41
N ILE RA 97 19.52 -12.14 114.72
CA ILE RA 97 19.82 -11.14 113.73
C ILE RA 97 19.00 -9.91 114.04
N ALA RA 98 19.60 -8.70 113.94
CA ALA RA 98 18.95 -7.51 114.47
C ALA RA 98 19.10 -6.34 113.51
N LYS RA 99 18.15 -5.39 113.55
CA LYS RA 99 18.08 -4.32 112.54
C LYS RA 99 17.73 -2.99 113.23
N TYR RA 100 17.98 -1.85 112.58
CA TYR RA 100 17.98 -0.56 113.25
C TYR RA 100 16.57 -0.11 113.55
N ASN RA 101 16.34 0.34 114.78
CA ASN RA 101 15.07 0.98 115.13
C ASN RA 101 15.38 2.44 115.42
N SER RA 102 14.82 3.35 114.62
CA SER RA 102 15.19 4.74 114.59
C SER RA 102 14.89 5.42 115.92
N THR RA 103 14.07 4.80 116.75
CA THR RA 103 13.69 5.38 118.02
C THR RA 103 14.91 5.62 118.90
N PHE RA 104 15.94 4.79 118.77
CA PHE RA 104 17.03 4.74 119.73
C PHE RA 104 18.29 5.41 119.19
N PHE RA 105 18.22 6.73 118.95
CA PHE RA 105 19.38 7.48 118.46
C PHE RA 105 19.78 8.48 119.53
N ASN RA 106 21.09 8.65 119.76
CA ASN RA 106 21.54 9.78 120.56
C ASN RA 106 22.67 10.48 119.86
N GLY RA 107 22.42 11.69 119.36
CA GLY RA 107 23.45 12.39 118.61
C GLY RA 107 24.39 13.18 119.50
N THR RA 108 23.88 13.58 120.65
CA THR RA 108 24.52 14.62 121.40
C THR RA 108 25.91 14.19 121.81
N LEU RA 109 26.13 12.88 121.90
CA LEU RA 109 27.34 12.36 122.51
C LEU RA 109 28.53 12.60 121.59
N LYS RA 110 28.29 13.20 120.43
CA LYS RA 110 29.40 13.61 119.57
C LYS RA 110 30.26 14.61 120.30
N ASN RA 111 29.70 15.25 121.32
CA ASN RA 111 30.35 16.28 122.10
C ASN RA 111 30.73 15.75 123.48
N GLY RA 112 30.85 14.43 123.62
CA GLY RA 112 31.40 13.89 124.86
C GLY RA 112 30.31 13.54 125.86
N GLY RA 113 30.58 12.56 126.73
CA GLY RA 113 29.65 12.09 127.74
C GLY RA 113 29.92 10.61 128.07
N SER RA 114 28.98 9.96 128.75
CA SER RA 114 29.12 8.56 129.15
C SER RA 114 28.29 7.64 128.24
N ILE RA 115 28.92 6.62 127.65
CA ILE RA 115 28.21 5.57 126.94
C ILE RA 115 27.58 4.75 128.06
N PHE RA 116 26.73 3.79 127.75
CA PHE RA 116 26.21 2.92 128.78
C PHE RA 116 25.38 3.66 129.81
N GLU RA 117 25.23 4.98 129.66
CA GLU RA 117 24.23 5.72 130.41
C GLU RA 117 23.54 6.77 129.51
N ALA RA 118 23.55 6.53 128.20
CA ALA RA 118 22.91 7.44 127.28
C ALA RA 118 21.40 7.30 127.39
N LYS RA 119 20.69 8.41 127.30
CA LYS RA 119 19.23 8.39 127.21
C LYS RA 119 18.78 8.40 125.76
N TYR RA 120 17.46 8.21 125.53
CA TYR RA 120 16.80 8.43 124.24
C TYR RA 120 15.46 9.10 124.44
N ASN RA 121 14.77 9.55 123.38
CA ASN RA 121 13.63 10.44 123.48
C ASN RA 121 12.40 9.84 122.82
N ASN RA 122 11.56 9.12 123.58
CA ASN RA 122 10.18 8.85 123.19
C ASN RA 122 9.46 10.19 123.35
N THR RA 123 8.54 10.53 122.46
CA THR RA 123 8.01 11.89 122.47
C THR RA 123 7.49 12.23 123.86
N THR RA 124 7.87 13.40 124.40
CA THR RA 124 7.46 13.93 125.70
C THR RA 124 8.32 13.45 126.88
N ALA RA 125 9.29 12.55 126.65
CA ALA RA 125 10.09 12.08 127.79
C ALA RA 125 11.53 11.73 127.40
N LEU RA 126 12.41 11.55 128.41
CA LEU RA 126 13.73 10.97 128.22
C LEU RA 126 13.86 9.72 129.10
N LYS RA 127 14.40 8.63 128.53
CA LYS RA 127 14.44 7.34 129.19
C LYS RA 127 15.76 6.65 128.85
N PRO RA 128 16.29 5.70 129.66
CA PRO RA 128 17.58 5.08 129.38
C PRO RA 128 17.55 4.19 128.13
N LEU RA 129 18.59 4.26 127.29
CA LEU RA 129 18.64 3.63 125.99
C LEU RA 129 18.70 2.12 126.14
N PHE RA 130 19.78 1.64 126.77
CA PHE RA 130 20.12 0.22 126.67
C PHE RA 130 19.02 -0.68 127.25
N ASP RA 131 18.41 -0.25 128.35
CA ASP RA 131 17.40 -1.02 129.05
C ASP RA 131 16.13 -1.14 128.21
N ASP RA 132 15.85 -0.18 127.33
CA ASP RA 132 14.58 -0.15 126.61
C ASP RA 132 14.66 -0.82 125.25
N LEU RA 133 15.86 -0.98 124.69
CA LEU RA 133 16.07 -1.44 123.33
C LEU RA 133 15.53 -2.86 123.15
N PRO RA 134 14.61 -3.12 122.21
CA PRO RA 134 14.01 -4.44 121.99
C PRO RA 134 14.93 -5.56 121.53
N ALA RA 135 14.43 -6.79 121.66
CA ALA RA 135 15.31 -7.93 121.53
C ALA RA 135 15.79 -8.11 120.10
N THR RA 136 15.10 -7.56 119.11
CA THR RA 136 15.48 -7.77 117.74
C THR RA 136 16.06 -6.52 117.09
N ALA RA 137 16.49 -5.52 117.86
CA ALA RA 137 16.85 -4.24 117.26
C ALA RA 137 18.17 -3.75 117.79
N PHE RA 138 18.85 -2.91 117.00
CA PHE RA 138 20.03 -2.22 117.51
C PHE RA 138 19.88 -0.73 117.41
N GLY RA 139 20.52 -0.02 118.35
CA GLY RA 139 20.42 1.43 118.40
C GLY RA 139 21.79 1.99 118.07
N ILE RA 140 21.92 3.31 117.88
CA ILE RA 140 23.17 3.89 117.40
C ILE RA 140 23.47 5.18 118.14
N VAL RA 141 24.73 5.39 118.54
CA VAL RA 141 25.16 6.55 119.30
C VAL RA 141 26.42 7.15 118.70
N VAL RA 142 26.35 8.42 118.27
CA VAL RA 142 27.36 9.04 117.45
C VAL RA 142 28.44 9.51 118.41
N LEU RA 143 29.66 9.01 118.18
CA LEU RA 143 30.74 9.36 119.09
C LEU RA 143 31.67 10.36 118.42
N GLN RA 144 31.88 10.32 117.10
CA GLN RA 144 32.66 11.35 116.43
C GLN RA 144 32.13 11.59 115.03
N ASP RA 145 31.79 12.85 114.70
CA ASP RA 145 31.22 13.21 113.39
C ASP RA 145 31.40 14.71 113.16
N ALA RA 146 32.28 15.04 112.21
CA ALA RA 146 32.69 16.42 112.04
C ALA RA 146 31.62 17.21 111.28
N ASP RA 147 30.89 16.54 110.38
CA ASP RA 147 30.10 17.23 109.37
C ASP RA 147 28.61 16.93 109.47
N THR RA 148 28.16 16.54 110.67
CA THR RA 148 26.77 16.32 111.00
C THR RA 148 26.09 15.35 110.05
N SER RA 149 26.87 14.42 109.51
CA SER RA 149 26.39 13.49 108.52
C SER RA 149 25.40 12.49 109.07
N CYS RA 150 25.53 12.13 110.35
CA CYS RA 150 24.53 11.29 110.99
C CYS RA 150 23.30 12.09 111.45
N SER RA 151 22.12 11.73 110.93
CA SER RA 151 20.83 12.22 111.40
C SER RA 151 19.93 11.03 111.75
N LYS RA 152 19.02 11.22 112.72
CA LYS RA 152 18.26 10.13 113.31
C LYS RA 152 17.55 9.30 112.25
N ASP RA 153 17.00 9.96 111.23
CA ASP RA 153 16.29 9.23 110.17
C ASP RA 153 17.22 8.67 109.08
N THR RA 154 18.49 9.11 109.00
CA THR RA 154 19.44 8.66 107.98
C THR RA 154 20.90 8.65 108.50
N PRO RA 155 21.35 7.61 109.22
CA PRO RA 155 22.69 7.61 109.76
C PRO RA 155 23.71 7.19 108.72
N VAL RA 156 24.20 8.18 107.95
CA VAL RA 156 25.22 7.89 106.97
C VAL RA 156 26.59 8.26 107.51
N ILE RA 157 27.52 7.29 107.62
CA ILE RA 157 28.85 7.57 108.15
C ILE RA 157 29.86 7.78 107.06
N ASN RA 158 30.70 8.84 107.15
CA ASN RA 158 31.71 9.16 106.13
C ASN RA 158 33.07 9.25 106.78
N LYS RA 159 34.11 9.49 105.98
CA LYS RA 159 35.48 9.29 106.44
C LYS RA 159 35.74 10.10 107.69
N GLY RA 160 36.19 9.42 108.75
CA GLY RA 160 36.53 10.10 109.98
C GLY RA 160 35.57 9.78 111.12
N ASP RA 161 34.37 9.28 110.78
CA ASP RA 161 33.35 9.15 111.79
C ASP RA 161 33.59 7.92 112.67
N ILE RA 162 33.12 7.92 113.92
CA ILE RA 162 33.06 6.71 114.76
C ILE RA 162 31.70 6.68 115.43
N VAL RA 163 31.10 5.48 115.54
CA VAL RA 163 29.74 5.35 116.00
C VAL RA 163 29.55 4.00 116.66
N ALA RA 164 28.65 3.92 117.64
CA ALA RA 164 28.59 2.73 118.48
C ALA RA 164 27.26 2.07 118.26
N ILE RA 165 27.30 0.80 117.89
CA ILE RA 165 26.10 0.03 117.66
C ILE RA 165 25.84 -0.59 119.01
N CYS RA 166 24.65 -0.35 119.55
CA CYS RA 166 24.29 -0.75 120.88
C CYS RA 166 23.31 -1.91 120.79
N LEU RA 167 23.62 -3.05 121.47
CA LEU RA 167 22.81 -4.26 121.46
C LEU RA 167 22.58 -4.72 122.89
N ASN RA 168 21.35 -5.12 123.22
CA ASN RA 168 21.02 -5.58 124.57
C ASN RA 168 20.78 -7.05 124.41
N VAL RA 169 21.62 -7.87 125.07
CA VAL RA 169 21.69 -9.28 124.77
C VAL RA 169 21.26 -10.13 125.96
N SER RA 170 20.67 -9.50 126.96
CA SER RA 170 20.53 -10.06 128.28
C SER RA 170 19.76 -11.38 128.26
N ASN RA 171 18.72 -11.44 127.43
CA ASN RA 171 17.92 -12.65 127.37
C ASN RA 171 18.12 -13.47 126.09
N THR RA 172 18.72 -12.86 125.07
CA THR RA 172 18.82 -13.43 123.75
C THR RA 172 20.03 -14.34 123.64
N LEU RA 173 21.20 -13.90 124.13
CA LEU RA 173 22.41 -14.74 124.11
C LEU RA 173 22.97 -14.87 125.53
N ASN RA 174 23.49 -16.04 125.91
CA ASN RA 174 23.75 -16.33 127.32
C ASN RA 174 25.24 -16.20 127.62
N LEU RA 175 25.75 -14.95 127.70
CA LEU RA 175 27.18 -14.70 127.70
C LEU RA 175 27.76 -14.85 129.10
N LYS RA 176 27.87 -16.10 129.55
CA LYS RA 176 28.61 -16.42 130.76
C LYS RA 176 30.10 -16.50 130.42
N PRO RA 177 31.00 -16.73 131.39
CA PRO RA 177 32.44 -16.73 131.10
C PRO RA 177 32.85 -17.78 130.08
N ARG RA 178 34.04 -17.59 129.51
CA ARG RA 178 34.63 -18.60 128.66
C ARG RA 178 33.75 -18.93 127.45
N THR RA 179 32.96 -17.95 126.95
CA THR RA 179 32.01 -18.20 125.87
C THR RA 179 32.43 -17.49 124.58
N LYS RA 180 32.41 -18.20 123.45
CA LYS RA 180 32.83 -17.62 122.18
C LYS RA 180 31.66 -16.93 121.51
N VAL RA 181 31.91 -15.73 120.92
CA VAL RA 181 30.87 -14.98 120.25
C VAL RA 181 31.41 -14.63 118.88
N THR RA 182 30.57 -14.78 117.86
CA THR RA 182 31.02 -14.65 116.48
C THR RA 182 29.96 -13.84 115.75
N GLY RA 183 30.35 -13.06 114.74
CA GLY RA 183 29.31 -12.34 114.01
C GLY RA 183 29.84 -11.33 113.02
N ALA RA 184 28.94 -10.49 112.49
CA ALA RA 184 29.31 -9.54 111.46
C ALA RA 184 28.28 -8.43 111.40
N VAL RA 185 28.74 -7.21 111.10
CA VAL RA 185 27.84 -6.16 110.67
C VAL RA 185 27.97 -6.07 109.17
N ILE RA 186 26.86 -6.26 108.46
CA ILE RA 186 26.87 -6.42 107.02
C ILE RA 186 26.21 -5.18 106.41
N PRO RA 187 26.95 -4.35 105.66
CA PRO RA 187 26.36 -3.22 105.00
C PRO RA 187 25.71 -3.56 103.68
N GLU RA 188 25.04 -2.57 103.09
CA GLU RA 188 24.25 -2.69 101.90
C GLU RA 188 25.16 -3.05 100.75
N PHE RA 189 26.34 -2.43 100.74
CA PHE RA 189 27.41 -2.83 99.86
C PHE RA 189 28.74 -2.69 100.58
N GLY RA 190 29.73 -3.46 100.14
CA GLY RA 190 31.03 -3.38 100.78
C GLY RA 190 31.23 -4.48 101.83
N ALA RA 191 32.44 -4.54 102.38
CA ALA RA 191 32.90 -5.72 103.09
C ALA RA 191 32.41 -5.69 104.53
N PRO RA 192 31.99 -6.82 105.11
CA PRO RA 192 31.50 -6.83 106.48
C PRO RA 192 32.59 -6.66 107.52
N ALA RA 193 32.19 -6.13 108.68
CA ALA RA 193 33.08 -6.09 109.82
C ALA RA 193 32.90 -7.38 110.60
N VAL RA 194 33.98 -7.98 111.11
CA VAL RA 194 33.91 -9.28 111.75
C VAL RA 194 34.10 -9.14 113.25
N ILE RA 195 33.10 -9.57 114.02
CA ILE RA 195 33.08 -9.55 115.47
C ILE RA 195 33.56 -10.92 115.91
N SER RA 196 34.54 -10.99 116.82
CA SER RA 196 35.04 -12.30 117.21
C SER RA 196 35.78 -12.19 118.53
N PHE RA 197 35.20 -12.73 119.59
CA PHE RA 197 35.82 -12.62 120.90
C PHE RA 197 35.41 -13.75 121.80
N THR RA 198 36.24 -14.00 122.81
CA THR RA 198 35.85 -14.98 123.81
C THR RA 198 35.83 -14.28 125.15
N THR RA 199 34.74 -14.42 125.90
CA THR RA 199 34.57 -13.64 127.11
C THR RA 199 35.64 -14.10 128.07
N PRO RA 200 36.15 -13.26 128.98
CA PRO RA 200 37.15 -13.63 129.96
C PRO RA 200 36.87 -14.85 130.81
N ALA RA 201 37.93 -15.33 131.46
CA ALA RA 201 37.82 -16.49 132.33
C ALA RA 201 37.13 -16.13 133.64
N THR RA 202 37.24 -14.87 134.06
CA THR RA 202 36.74 -14.44 135.36
C THR RA 202 36.21 -13.02 135.27
N TYR RA 203 35.04 -12.79 135.83
CA TYR RA 203 34.50 -11.47 135.89
C TYR RA 203 34.66 -10.99 137.33
N LEU RA 204 35.14 -9.76 137.56
CA LEU RA 204 35.33 -9.25 138.91
C LEU RA 204 34.36 -8.10 139.22
N ASP RA 205 33.84 -8.06 140.45
CA ASP RA 205 32.81 -7.09 140.85
C ASP RA 205 33.34 -5.66 140.91
N THR RA 206 34.66 -5.51 140.89
CA THR RA 206 35.28 -4.19 140.94
C THR RA 206 35.39 -3.58 139.54
N GLN RA 207 35.07 -4.36 138.50
CA GLN RA 207 35.32 -3.95 137.13
C GLN RA 207 34.13 -4.28 136.24
N HIS RA 208 33.03 -3.52 136.38
CA HIS RA 208 31.82 -3.91 135.68
C HIS RA 208 31.86 -3.64 134.18
N ILE RA 209 32.76 -2.78 133.68
CA ILE RA 209 32.89 -2.62 132.25
C ILE RA 209 34.14 -3.29 131.73
N ILE RA 210 34.01 -4.17 130.73
CA ILE RA 210 35.04 -5.07 130.26
C ILE RA 210 35.36 -4.77 128.81
N GLU RA 211 36.64 -4.88 128.43
CA GLU RA 211 37.03 -4.65 127.06
C GLU RA 211 37.19 -6.01 126.41
N LEU RA 212 36.40 -6.27 125.36
CA LEU RA 212 36.27 -7.63 124.88
C LEU RA 212 37.09 -7.87 123.62
N GLN RA 213 37.22 -6.86 122.76
CA GLN RA 213 38.00 -6.95 121.53
C GLN RA 213 38.65 -5.58 121.29
N ALA SA 1 25.08 -0.09 41.71
CA ALA SA 1 24.03 -0.32 42.76
C ALA SA 1 24.69 -0.74 44.08
N ILE SA 2 25.59 -1.72 44.01
CA ILE SA 2 26.23 -2.33 45.17
C ILE SA 2 27.07 -1.29 45.91
N GLY SA 3 27.78 -0.45 45.16
CA GLY SA 3 28.72 0.51 45.70
C GLY SA 3 28.09 1.37 46.80
N ILE SA 4 26.90 1.89 46.49
CA ILE SA 4 26.17 2.83 47.31
C ILE SA 4 26.06 2.29 48.74
N GLY SA 5 25.56 1.08 48.86
CA GLY SA 5 25.33 0.53 50.18
C GLY SA 5 26.61 0.37 51.00
N THR SA 6 27.72 0.04 50.32
CA THR SA 6 28.98 -0.27 51.00
C THR SA 6 29.37 0.94 51.81
N LEU SA 7 29.20 2.12 51.20
CA LEU SA 7 29.60 3.37 51.81
C LEU SA 7 28.78 3.57 53.07
N ILE SA 8 27.46 3.38 52.96
CA ILE SA 8 26.55 3.65 54.06
C ILE SA 8 26.93 2.78 55.24
N ILE SA 9 27.07 1.48 55.07
CA ILE SA 9 27.30 0.68 56.26
C ILE SA 9 28.69 0.97 56.85
N PHE SA 10 29.63 1.41 56.02
CA PHE SA 10 30.96 1.77 56.50
C PHE SA 10 30.81 2.84 57.57
N ILE SA 11 29.96 3.84 57.31
CA ILE SA 11 29.72 4.94 58.26
C ILE SA 11 29.31 4.36 59.60
N ALA SA 12 28.43 3.37 59.59
CA ALA SA 12 27.95 2.82 60.83
C ALA SA 12 29.10 2.16 61.59
N MET SA 13 29.96 1.41 60.90
CA MET SA 13 31.06 0.70 61.55
C MET SA 13 31.89 1.69 62.36
N VAL SA 14 32.13 2.88 61.76
CA VAL SA 14 32.98 3.90 62.33
C VAL SA 14 32.37 4.37 63.64
N LEU SA 15 31.09 4.73 63.57
CA LEU SA 15 30.41 5.33 64.69
C LEU SA 15 30.34 4.32 65.83
N VAL SA 16 30.10 3.04 65.53
CA VAL SA 16 29.93 2.05 66.57
C VAL SA 16 31.25 1.82 67.29
N ALA SA 17 32.37 1.79 66.55
CA ALA SA 17 33.69 1.67 67.16
C ALA SA 17 33.99 2.87 68.04
N ALA SA 18 33.55 4.06 67.57
CA ALA SA 18 33.77 5.30 68.29
C ALA SA 18 33.06 5.23 69.63
N VAL SA 19 31.79 4.82 69.61
CA VAL SA 19 30.98 4.75 70.81
C VAL SA 19 31.62 3.79 71.81
N ALA SA 20 32.14 2.68 71.34
CA ALA SA 20 32.75 1.70 72.23
C ALA SA 20 34.03 2.27 72.83
N ALA SA 21 34.79 3.01 72.02
CA ALA SA 21 36.02 3.57 72.51
C ALA SA 21 35.72 4.51 73.66
N ALA SA 22 34.67 5.33 73.48
CA ALA SA 22 34.28 6.32 74.47
C ALA SA 22 34.12 5.65 75.83
N VAL SA 23 33.47 4.48 75.86
CA VAL SA 23 33.26 3.75 77.11
C VAL SA 23 34.61 3.50 77.77
N LEU SA 24 35.55 3.00 77.00
CA LEU SA 24 36.79 2.51 77.56
C LEU SA 24 37.57 3.70 78.12
N ILE SA 25 37.62 4.80 77.35
CA ILE SA 25 38.36 6.01 77.70
C ILE SA 25 37.78 6.58 78.99
N ASN SA 26 36.46 6.82 78.97
CA ASN SA 26 35.72 7.39 80.08
C ASN SA 26 35.96 6.57 81.36
N THR SA 27 35.74 5.26 81.25
CA THR SA 27 35.80 4.37 82.38
C THR SA 27 37.19 4.46 83.00
N SER SA 28 38.22 4.55 82.17
CA SER SA 28 39.59 4.60 82.64
C SER SA 28 39.74 5.86 83.49
N GLY SA 29 39.18 6.96 82.99
CA GLY SA 29 39.11 8.22 83.70
C GLY SA 29 38.46 8.06 85.08
N PHE SA 30 37.28 7.44 85.11
CA PHE SA 30 36.51 7.26 86.34
C PHE SA 30 37.31 6.51 87.38
N LEU SA 31 38.11 5.55 86.94
CA LEU SA 31 38.86 4.71 87.86
C LEU SA 31 40.10 5.44 88.33
N GLN SA 32 40.67 6.31 87.49
CA GLN SA 32 41.94 6.93 87.80
C GLN SA 32 41.85 7.61 89.15
N GLN SA 33 40.75 8.34 89.35
CA GLN SA 33 40.47 9.11 90.55
C GLN SA 33 40.61 8.22 91.78
N LYS SA 34 39.76 7.17 91.82
CA LYS SA 34 39.59 6.34 93.01
C LYS SA 34 40.86 5.56 93.27
N ALA SA 35 41.56 5.17 92.20
CA ALA SA 35 42.76 4.38 92.35
C ALA SA 35 43.74 5.19 93.19
N MET SA 36 43.99 6.43 92.77
CA MET SA 36 44.98 7.23 93.47
C MET SA 36 44.52 7.43 94.92
N ALA SA 37 43.28 7.87 95.08
CA ALA SA 37 42.72 8.25 96.36
C ALA SA 37 42.97 7.15 97.38
N THR SA 38 42.73 5.90 96.97
CA THR SA 38 42.76 4.77 97.86
C THR SA 38 44.16 4.60 98.42
N GLY SA 39 45.16 4.77 97.54
CA GLY SA 39 46.54 4.54 97.92
C GLY SA 39 47.01 5.57 98.93
N LYS SA 40 46.73 6.85 98.64
CA LYS SA 40 47.17 7.94 99.48
C LYS SA 40 46.57 7.76 100.86
N GLU SA 41 45.24 7.61 100.90
CA GLU SA 41 44.50 7.46 102.14
C GLU SA 41 45.06 6.32 102.97
N SER SA 42 45.32 5.18 102.33
CA SER SA 42 45.70 4.00 103.07
C SER SA 42 47.08 4.18 103.69
N THR SA 43 47.95 4.91 103.00
CA THR SA 43 49.31 5.10 103.48
C THR SA 43 49.24 6.00 104.70
N GLU SA 44 48.51 7.11 104.61
CA GLU SA 44 48.43 8.07 105.69
C GLU SA 44 47.92 7.40 106.96
N GLN SA 45 47.01 6.42 106.80
CA GLN SA 45 46.44 5.67 107.90
C GLN SA 45 47.52 4.83 108.58
N VAL SA 46 48.32 4.11 107.81
CA VAL SA 46 49.21 3.16 108.46
C VAL SA 46 50.38 3.88 109.12
N ALA SA 47 50.74 5.05 108.59
CA ALA SA 47 51.95 5.75 108.98
C ALA SA 47 51.74 6.63 110.22
N SER SA 48 50.53 7.15 110.38
CA SER SA 48 50.29 8.16 111.39
C SER SA 48 49.81 7.58 112.71
N GLY SA 49 49.98 8.34 113.80
CA GLY SA 49 49.64 7.88 115.13
C GLY SA 49 50.17 8.84 116.21
N LEU SA 50 49.83 8.55 117.48
CA LEU SA 50 50.32 9.30 118.62
C LEU SA 50 50.82 8.30 119.66
N LEU SA 51 51.67 8.79 120.57
CA LEU SA 51 52.34 7.92 121.53
C LEU SA 51 52.40 8.61 122.88
N CYS SA 52 52.00 7.86 123.92
CA CYS SA 52 51.89 8.33 125.30
C CYS SA 52 53.26 8.31 125.94
N SER SA 53 53.55 9.37 126.68
CA SER SA 53 54.92 9.61 127.08
C SER SA 53 55.00 9.46 128.58
N GLY SA 54 53.90 9.79 129.26
CA GLY SA 54 53.89 9.84 130.71
C GLY SA 54 52.51 10.26 131.19
N VAL SA 55 52.17 9.90 132.43
CA VAL SA 55 51.00 10.45 133.07
C VAL SA 55 51.36 10.87 134.47
N THR SA 56 50.81 12.01 134.94
CA THR SA 56 51.00 12.43 136.32
C THR SA 56 49.71 12.98 136.93
N GLY SA 57 49.63 13.04 138.29
CA GLY SA 57 48.33 13.29 138.89
C GLY SA 57 48.39 13.91 140.29
N HIS SA 58 47.28 14.57 140.76
CA HIS SA 58 47.30 15.38 141.97
C HIS SA 58 46.37 14.78 143.02
N TYR SA 59 46.88 14.57 144.24
CA TYR SA 59 46.14 13.88 145.28
C TYR SA 59 45.65 14.88 146.30
N VAL SA 60 44.33 14.93 146.56
CA VAL SA 60 43.79 15.75 147.62
C VAL SA 60 43.64 14.89 148.87
N LYS SA 61 44.09 15.40 150.03
CA LYS SA 61 44.20 14.57 151.22
C LYS SA 61 42.85 13.97 151.58
N ASN SA 62 42.87 12.69 151.93
CA ASN SA 62 41.72 11.97 152.42
C ASN SA 62 40.65 11.85 151.34
N LYS SA 63 40.98 12.18 150.07
CA LYS SA 63 39.99 12.11 149.01
C LYS SA 63 40.40 11.18 147.87
N GLY SA 64 41.59 11.37 147.29
CA GLY SA 64 42.03 10.59 146.13
C GLY SA 64 42.51 11.48 144.98
N ILE SA 65 42.73 10.88 143.81
CA ILE SA 65 43.34 11.64 142.72
C ILE SA 65 42.25 12.48 142.07
N ASP SA 66 42.52 13.77 141.93
CA ASP SA 66 41.50 14.73 141.59
C ASP SA 66 41.57 15.07 140.12
N ARG SA 67 42.79 15.19 139.59
CA ARG SA 67 43.12 15.60 138.22
C ARG SA 67 44.33 14.82 137.70
N ILE SA 68 44.46 14.69 136.36
CA ILE SA 68 45.56 13.99 135.71
C ILE SA 68 46.03 14.73 134.46
N VAL SA 69 47.36 14.66 134.14
CA VAL SA 69 47.93 15.28 132.94
C VAL SA 69 48.69 14.25 132.14
N ILE SA 70 48.30 14.09 130.86
CA ILE SA 70 48.77 13.02 130.01
C ILE SA 70 49.64 13.65 128.96
N TYR SA 71 50.88 13.18 128.81
CA TYR SA 71 51.80 13.81 127.87
C TYR SA 71 51.77 12.99 126.59
N ILE SA 72 51.68 13.67 125.44
CA ILE SA 72 51.46 13.00 124.17
C ILE SA 72 52.34 13.58 123.10
N THR SA 73 52.78 12.74 122.14
CA THR SA 73 53.77 13.07 121.12
C THR SA 73 53.47 12.26 119.87
N PRO SA 74 53.85 12.69 118.66
CA PRO SA 74 53.53 11.93 117.48
C PRO SA 74 54.59 10.88 117.17
N ASN SA 75 54.23 9.81 116.45
CA ASN SA 75 55.20 8.76 116.17
C ASN SA 75 56.11 9.19 115.03
N ALA SA 76 57.30 8.59 114.93
CA ALA SA 76 58.21 8.94 113.85
C ALA SA 76 57.48 8.85 112.51
N GLY SA 77 57.60 9.90 111.69
CA GLY SA 77 57.15 9.83 110.31
C GLY SA 77 55.66 10.09 110.14
N SER SA 78 54.93 10.25 111.25
CA SER SA 78 53.49 10.48 111.19
C SER SA 78 53.15 11.82 110.54
N ALA SA 79 52.04 11.83 109.82
CA ALA SA 79 51.62 13.05 109.16
C ALA SA 79 50.96 13.86 110.25
N PRO SA 80 50.70 15.17 110.08
CA PRO SA 80 50.26 15.99 111.20
C PRO SA 80 48.86 15.63 111.68
N ILE SA 81 48.65 15.66 113.01
CA ILE SA 81 47.41 15.21 113.63
C ILE SA 81 46.64 16.41 114.19
N ASP SA 82 45.36 16.48 113.81
CA ASP SA 82 44.49 17.62 114.02
C ASP SA 82 43.86 17.42 115.38
N LEU SA 83 44.53 17.94 116.40
CA LEU SA 83 44.26 17.45 117.73
C LEU SA 83 42.81 17.72 118.10
N LYS SA 84 42.17 18.72 117.47
CA LYS SA 84 40.90 19.24 117.97
C LYS SA 84 39.77 18.35 117.52
N GLN SA 85 40.08 17.35 116.72
CA GLN SA 85 39.05 16.40 116.34
C GLN SA 85 39.23 15.07 117.08
N CYS SA 86 40.27 14.90 117.90
CA CYS SA 86 40.55 13.60 118.50
C CYS SA 86 39.70 13.42 119.75
N LYS SA 87 39.27 12.19 120.07
CA LYS SA 87 38.45 11.93 121.23
C LYS SA 87 39.17 10.98 122.18
N LEU SA 88 38.99 11.16 123.50
CA LEU SA 88 39.73 10.38 124.50
C LEU SA 88 38.74 9.55 125.27
N PHE SA 89 38.91 8.22 125.24
CA PHE SA 89 38.02 7.29 125.90
C PHE SA 89 38.74 6.73 127.12
N LEU SA 90 38.05 6.73 128.26
CA LEU SA 90 38.63 6.24 129.49
C LEU SA 90 37.63 5.33 130.19
N MET SA 91 38.13 4.24 130.76
CA MET SA 91 37.35 3.27 131.51
C MET SA 91 37.90 3.18 132.93
N TYR SA 92 36.99 2.94 133.88
CA TYR SA 92 37.30 2.82 135.30
C TYR SA 92 36.21 1.97 135.95
N ASP SA 93 35.96 2.13 137.24
CA ASP SA 93 35.29 1.07 137.97
C ASP SA 93 33.82 0.98 137.61
N GLY SA 94 33.30 1.99 136.97
CA GLY SA 94 31.88 1.87 136.67
C GLY SA 94 31.38 2.80 135.58
N LYS SA 95 32.30 3.41 134.84
CA LYS SA 95 31.97 4.44 133.89
C LYS SA 95 32.91 4.28 132.71
N ALA SA 96 32.41 4.60 131.51
CA ALA SA 96 33.24 4.64 130.33
C ALA SA 96 32.87 5.92 129.59
N VAL SA 97 33.79 6.87 129.56
CA VAL SA 97 33.49 8.26 129.27
C VAL SA 97 34.25 8.64 128.04
N SER SA 98 33.64 9.45 127.17
CA SER SA 98 34.36 10.06 126.05
C SER SA 98 34.48 11.56 126.32
N LEU SA 99 35.66 12.16 126.12
CA LEU SA 99 35.87 13.59 126.29
C LEU SA 99 36.27 14.28 124.97
N ASN SA 100 35.79 15.53 124.69
CA ASN SA 100 36.09 16.21 123.43
C ASN SA 100 36.90 17.47 123.66
N PHE SA 101 37.76 17.88 122.73
CA PHE SA 101 38.62 19.07 122.85
C PHE SA 101 37.80 20.31 123.15
N SER SA 102 38.39 21.24 123.90
CA SER SA 102 37.71 22.49 124.22
C SER SA 102 38.80 23.56 124.30
N LYS SA 103 38.44 24.79 123.96
CA LYS SA 103 39.45 25.83 123.90
C LYS SA 103 39.88 26.22 125.32
N TYR SA 104 41.19 26.45 125.48
CA TYR SA 104 41.82 27.09 126.62
C TYR SA 104 41.24 28.50 126.70
N ASP SA 105 41.54 29.30 127.73
CA ASP SA 105 40.96 30.64 127.76
C ASP SA 105 41.38 31.47 126.55
N THR SA 106 40.38 31.86 125.73
CA THR SA 106 40.46 32.88 124.68
C THR SA 106 41.33 32.46 123.49
N ASN SA 107 42.06 31.35 123.63
CA ASN SA 107 43.07 30.95 122.66
C ASN SA 107 43.02 29.43 122.47
N THR SA 108 43.54 28.92 121.35
CA THR SA 108 43.21 27.54 121.03
C THR SA 108 43.90 26.57 121.98
N VAL SA 109 45.11 26.91 122.44
CA VAL SA 109 45.97 26.00 123.18
C VAL SA 109 46.77 26.87 124.13
N GLY SA 110 46.89 26.47 125.40
CA GLY SA 110 47.56 27.33 126.38
C GLY SA 110 49.06 27.42 126.12
N ASP SA 111 49.58 28.63 125.84
CA ASP SA 111 50.97 28.77 125.41
C ASP SA 111 51.95 28.83 126.58
N PHE SA 112 52.50 27.67 126.92
CA PHE SA 112 53.53 27.60 127.91
C PHE SA 112 54.79 27.03 127.28
N THR SA 113 55.11 27.50 126.07
CA THR SA 113 56.32 27.11 125.39
C THR SA 113 57.55 27.53 126.20
N ASN SA 114 57.40 28.51 127.09
CA ASN SA 114 58.50 29.01 127.89
C ASN SA 114 58.37 28.70 129.39
N GLY SA 115 57.71 27.59 129.75
CA GLY SA 115 57.89 27.04 131.10
C GLY SA 115 56.73 27.36 132.05
N ILE SA 116 56.53 26.50 133.09
CA ILE SA 116 55.42 26.63 134.01
C ILE SA 116 55.97 26.47 135.41
N LYS SA 117 55.56 27.34 136.32
CA LYS SA 117 55.99 27.31 137.70
C LYS SA 117 55.50 26.03 138.36
N ASP SA 118 54.25 25.65 138.11
CA ASP SA 118 53.66 24.40 138.59
C ASP SA 118 52.43 24.06 137.75
N ILE SA 119 52.40 22.87 137.13
CA ILE SA 119 51.38 22.52 136.14
C ILE SA 119 50.03 22.40 136.83
N PHE SA 120 50.00 22.31 138.15
CA PHE SA 120 48.74 22.11 138.83
C PHE SA 120 48.27 23.34 139.60
N ASN SA 121 49.06 24.40 139.68
CA ASN SA 121 48.62 25.59 140.40
C ASN SA 121 47.54 26.27 139.58
N THR SA 122 46.39 26.51 140.22
CA THR SA 122 45.16 26.91 139.54
C THR SA 122 45.28 28.26 138.86
N THR SA 123 45.89 29.25 139.54
CA THR SA 123 45.91 30.61 139.03
C THR SA 123 46.83 30.77 137.84
N VAL SA 124 47.91 29.98 137.81
CA VAL SA 124 48.84 30.02 136.71
C VAL SA 124 48.20 29.35 135.50
N VAL SA 125 47.57 28.18 135.69
CA VAL SA 125 47.35 27.25 134.60
C VAL SA 125 45.97 27.36 133.98
N LYS SA 126 44.96 27.80 134.72
CA LYS SA 126 43.62 27.89 134.14
C LYS SA 126 43.01 26.53 133.79
N TRP SA 127 42.69 25.74 134.85
CA TRP SA 127 42.05 24.44 134.72
C TRP SA 127 40.56 24.55 134.44
N ASN SA 128 39.98 25.75 134.52
CA ASN SA 128 38.53 25.87 134.69
C ASN SA 128 37.68 25.28 133.55
N ASN SA 129 38.18 25.25 132.32
CA ASN SA 129 37.41 24.72 131.20
C ASN SA 129 37.47 23.20 131.12
N ALA SA 130 38.10 22.52 132.08
CA ALA SA 130 38.07 21.06 132.08
C ALA SA 130 36.76 20.58 132.72
N ASP SA 131 35.67 20.61 131.94
CA ASP SA 131 34.34 20.24 132.37
C ASP SA 131 34.25 18.73 132.42
N ALA SA 132 33.08 18.18 132.76
CA ALA SA 132 33.02 16.75 133.02
C ALA SA 132 33.04 16.02 131.68
N THR SA 133 32.94 16.77 130.58
CA THR SA 133 32.88 16.16 129.26
C THR SA 133 33.94 16.67 128.28
N SER SA 134 34.97 17.41 128.72
CA SER SA 134 36.02 17.85 127.79
C SER SA 134 37.43 17.86 128.37
N PHE SA 135 38.44 17.97 127.48
CA PHE SA 135 39.80 18.24 127.89
C PHE SA 135 40.33 19.54 127.29
N VAL SA 136 41.49 19.99 127.81
CA VAL SA 136 42.18 21.14 127.24
C VAL SA 136 43.64 20.76 127.05
N VAL SA 137 44.35 21.49 126.17
CA VAL SA 137 45.69 21.13 125.75
C VAL SA 137 46.63 22.28 126.09
N VAL SA 138 47.81 21.96 126.63
CA VAL SA 138 48.82 22.92 127.02
C VAL SA 138 50.04 22.58 126.20
N ALA SA 139 50.62 23.56 125.52
CA ALA SA 139 51.69 23.32 124.55
C ALA SA 139 53.03 23.50 125.25
N LEU SA 140 53.83 22.42 125.24
CA LEU SA 140 55.05 22.40 126.00
C LEU SA 140 56.28 22.56 125.10
N GLN SA 141 56.29 21.98 123.89
CA GLN SA 141 57.37 22.28 122.94
C GLN SA 141 56.83 22.25 121.51
N ASP SA 142 57.10 23.32 120.75
CA ASP SA 142 56.59 23.50 119.38
C ASP SA 142 57.34 24.66 118.72
N ASP SA 143 58.27 24.31 117.83
CA ASP SA 143 59.16 25.25 117.17
C ASP SA 143 58.38 26.07 116.15
N ASP SA 144 57.60 25.35 115.35
CA ASP SA 144 56.96 25.86 114.14
C ASP SA 144 55.62 26.55 114.42
N LYS SA 145 55.24 26.72 115.69
CA LYS SA 145 53.97 27.32 116.05
C LYS SA 145 52.73 26.58 115.56
N SER SA 146 52.80 25.26 115.30
CA SER SA 146 51.62 24.55 114.84
C SER SA 146 50.60 24.32 115.93
N LEU SA 147 51.07 23.97 117.13
CA LEU SA 147 50.13 23.76 118.22
C LEU SA 147 49.42 25.08 118.44
N LEU SA 148 50.17 26.18 118.40
CA LEU SA 148 49.73 27.46 118.94
C LEU SA 148 48.66 28.07 118.04
N THR SA 149 48.42 27.46 116.90
CA THR SA 149 47.65 28.09 115.85
C THR SA 149 46.86 26.99 115.14
N ASN SA 150 45.61 26.79 115.54
CA ASN SA 150 44.78 25.75 114.93
C ASN SA 150 45.16 24.32 115.35
N ALA SA 151 46.00 24.16 116.36
CA ALA SA 151 46.09 22.95 117.17
C ALA SA 151 46.53 21.72 116.41
N VAL SA 152 47.58 21.83 115.58
CA VAL SA 152 48.05 20.67 114.85
C VAL SA 152 49.39 20.19 115.38
N ILE SA 153 49.45 18.93 115.81
CA ILE SA 153 50.71 18.33 116.26
C ILE SA 153 51.48 17.93 115.01
N ASN SA 154 52.78 18.28 114.94
CA ASN SA 154 53.70 17.75 113.94
C ASN SA 154 55.02 17.35 114.57
N LYS SA 155 56.01 16.97 113.75
CA LYS SA 155 57.18 16.25 114.23
C LYS SA 155 57.90 17.01 115.34
N GLY SA 156 58.15 16.35 116.47
CA GLY SA 156 58.98 16.98 117.48
C GLY SA 156 58.17 17.78 118.50
N ASP SA 157 56.86 17.93 118.29
CA ASP SA 157 56.05 18.63 119.27
C ASP SA 157 55.79 17.75 120.50
N LEU SA 158 55.57 18.34 121.68
CA LEU SA 158 55.15 17.61 122.89
C LEU SA 158 54.08 18.43 123.57
N ALA SA 159 52.96 17.81 123.97
CA ALA SA 159 51.81 18.56 124.41
C ALA SA 159 51.13 17.78 125.50
N GLY SA 160 50.40 18.51 126.33
CA GLY SA 160 49.92 17.84 127.53
C GLY SA 160 48.42 18.02 127.62
N VAL SA 161 47.71 16.93 127.86
CA VAL SA 161 46.27 16.95 127.87
C VAL SA 161 45.85 16.98 129.32
N LEU SA 162 44.98 17.92 129.71
CA LEU SA 162 44.55 17.99 131.10
C LEU SA 162 43.15 17.37 131.23
N VAL SA 163 42.94 16.42 132.19
CA VAL SA 163 41.60 15.88 132.45
C VAL SA 163 41.19 15.94 133.91
N ASN SA 164 39.99 16.48 134.22
CA ASN SA 164 39.48 16.69 135.56
C ASN SA 164 38.76 15.42 135.96
N VAL SA 165 39.57 14.44 136.38
CA VAL SA 165 39.08 13.09 136.43
C VAL SA 165 37.95 13.02 137.42
N SER SA 166 38.04 13.77 138.50
CA SER SA 166 37.09 13.58 139.57
C SER SA 166 35.71 14.04 139.13
N ALA SA 167 35.71 14.91 138.12
CA ALA SA 167 34.46 15.41 137.56
C ALA SA 167 33.97 14.50 136.45
N ALA SA 168 34.92 13.92 135.71
CA ALA SA 168 34.61 13.04 134.61
C ALA SA 168 33.99 11.73 135.11
N PHE SA 169 34.61 11.08 136.08
CA PHE SA 169 34.11 9.83 136.57
C PHE SA 169 33.16 10.08 137.73
N GLY SA 170 33.05 11.32 138.17
CA GLY SA 170 32.09 11.63 139.22
C GLY SA 170 32.59 11.30 140.63
N LYS SA 171 33.75 10.64 140.76
CA LYS SA 171 34.40 10.49 142.06
C LYS SA 171 35.92 10.48 141.92
N HIS SA 172 36.63 10.67 143.03
CA HIS SA 172 38.09 10.61 143.01
C HIS SA 172 38.57 9.15 142.86
N VAL SA 173 39.61 8.88 142.04
CA VAL SA 173 40.02 7.48 141.92
C VAL SA 173 40.88 7.12 143.12
N GLY SA 174 40.62 5.93 143.68
CA GLY SA 174 41.22 5.51 144.94
C GLY SA 174 42.53 4.76 144.70
N THR SA 175 43.02 4.12 145.75
CA THR SA 175 44.26 3.37 145.64
C THR SA 175 43.94 2.00 145.07
N ARG SA 176 44.94 1.35 144.46
CA ARG SA 176 44.82 -0.01 143.94
C ARG SA 176 43.76 -0.14 142.86
N GLU SA 177 43.47 0.92 142.10
CA GLU SA 177 42.46 0.86 141.06
C GLU SA 177 43.09 1.06 139.69
N ARG SA 178 42.60 0.37 138.63
CA ARG SA 178 43.13 0.63 137.30
C ARG SA 178 42.26 1.53 136.46
N VAL SA 179 42.91 2.25 135.53
CA VAL SA 179 42.22 3.06 134.55
C VAL SA 179 42.88 2.85 133.20
N SER SA 180 42.05 2.64 132.16
CA SER SA 180 42.65 2.39 130.87
C SER SA 180 41.83 3.06 129.79
N GLY SA 181 42.51 3.40 128.68
CA GLY SA 181 41.81 4.07 127.60
C GLY SA 181 42.68 4.22 126.37
N TYR SA 182 42.21 5.08 125.49
CA TYR SA 182 42.88 5.37 124.26
C TYR SA 182 42.54 6.81 123.86
N LEU SA 183 43.51 7.53 123.28
CA LEU SA 183 43.24 8.79 122.62
C LEU SA 183 43.25 8.49 121.15
N GLN SA 184 42.10 8.63 120.49
CA GLN SA 184 41.92 8.08 119.16
C GLN SA 184 41.89 9.24 118.20
N PRO SA 185 42.86 9.40 117.30
CA PRO SA 185 42.79 10.46 116.32
C PRO SA 185 41.85 10.13 115.18
N GLU SA 186 41.60 11.14 114.36
CA GLU SA 186 40.68 11.10 113.23
C GLU SA 186 41.14 10.06 112.24
N PHE SA 187 42.46 10.01 112.01
CA PHE SA 187 43.04 8.90 111.29
C PHE SA 187 44.36 8.50 111.94
N GLY SA 188 44.67 7.20 111.91
CA GLY SA 188 45.92 6.73 112.46
C GLY SA 188 45.76 6.05 113.82
N ALA SA 189 46.88 5.58 114.37
CA ALA SA 189 46.85 4.64 115.45
C ALA SA 189 46.62 5.36 116.76
N PRO SA 190 45.89 4.77 117.73
CA PRO SA 190 45.58 5.48 118.95
C PRO SA 190 46.64 5.33 120.02
N ALA SA 191 46.77 6.34 120.86
CA ALA SA 191 47.73 6.26 121.94
C ALA SA 191 47.06 5.51 123.09
N VAL SA 192 47.62 4.37 123.52
CA VAL SA 192 47.07 3.58 124.63
C VAL SA 192 47.44 4.21 125.95
N ILE SA 193 46.50 4.26 126.91
CA ILE SA 193 46.78 4.68 128.26
C ILE SA 193 46.39 3.55 129.21
N GLU SA 194 47.23 3.28 130.21
CA GLU SA 194 46.95 2.19 131.12
C GLU SA 194 47.81 2.41 132.35
N PHE SA 195 47.16 2.52 133.52
CA PHE SA 195 47.90 2.48 134.76
C PHE SA 195 47.04 2.08 135.95
N THR SA 196 47.73 1.56 136.96
CA THR SA 196 47.09 1.19 138.21
C THR SA 196 47.60 2.14 139.29
N THR SA 197 46.69 2.78 140.02
CA THR SA 197 47.09 3.78 140.99
C THR SA 197 47.80 3.00 142.06
N PRO SA 198 48.87 3.52 142.69
CA PRO SA 198 49.62 2.76 143.67
C PRO SA 198 48.82 2.46 144.92
N ALA SA 199 49.45 1.65 145.78
CA ALA SA 199 48.83 1.16 147.00
C ALA SA 199 48.75 2.24 148.08
N ALA SA 200 49.66 3.20 148.05
CA ALA SA 200 49.75 4.17 149.12
C ALA SA 200 50.02 5.55 148.52
N PHE SA 201 49.02 6.39 148.58
CA PHE SA 201 49.26 7.76 148.21
C PHE SA 201 50.07 8.35 149.35
N THR SA 202 51.17 9.06 149.03
CA THR SA 202 52.00 9.63 150.09
C THR SA 202 52.66 10.99 149.76
N SER SA 203 52.32 11.59 148.61
CA SER SA 203 52.85 12.89 148.20
C SER SA 203 51.82 13.53 147.28
N ASP SA 204 51.91 14.84 147.04
CA ASP SA 204 50.83 15.50 146.34
C ASP SA 204 50.85 15.17 144.85
N VAL SA 205 52.02 15.12 144.21
CA VAL SA 205 52.04 14.83 142.79
C VAL SA 205 52.69 13.47 142.53
N ILE SA 206 51.98 12.54 141.89
CA ILE SA 206 52.37 11.14 141.77
C ILE SA 206 52.59 10.71 140.35
N GLU SA 207 53.61 9.85 140.16
CA GLU SA 207 54.14 9.61 138.84
C GLU SA 207 53.55 8.33 138.27
N LEU SA 208 52.31 8.41 137.81
CA LEU SA 208 51.56 7.23 137.44
C LEU SA 208 52.21 6.51 136.27
N GLN SA 209 52.80 7.25 135.33
CA GLN SA 209 53.70 6.78 134.26
C GLN SA 209 53.18 5.50 133.55
CA CA TA . -76.25 31.37 -86.04
C1 UNL UA . -93.99 16.84 -82.69
O5 UNL UA . -94.57 16.71 -81.43
C5 UNL UA . -96.01 16.68 -81.47
C6 UNL UA . -96.40 15.27 -81.83
O6 UNL UA . -95.57 14.38 -81.05
C4 UNL UA . -96.67 17.81 -82.24
O4 UNL UA . -97.60 17.53 -83.29
C3 UNL UA . -95.66 18.76 -82.85
O3 UNL UA . -96.44 19.43 -83.82
C2 UNL UA . -94.44 18.07 -83.46
N2 UNL UA . -93.39 19.06 -83.54
C7 UNL UA . -92.81 19.06 -84.73
C8 UNL UA . -91.73 20.07 -84.96
O7 UNL UA . -93.15 18.24 -85.57
C1 UNL VA . -95.79 20.51 -84.45
O5 UNL VA . -95.55 21.56 -83.51
C5 UNL VA . -96.17 22.80 -83.85
C6 UNL VA . -96.12 23.59 -82.55
O6 UNL VA . -95.46 23.21 -81.61
C4 UNL VA . -97.60 22.48 -84.33
O4 UNL VA . -98.29 21.64 -83.39
C3 UNL VA . -97.52 21.85 -85.71
O3 UNL VA . -98.68 21.09 -86.04
C2 UNL VA . -96.32 20.98 -85.82
O2 UNL VA . -95.29 21.66 -86.54
N1 UNL VA . -96.87 24.88 -82.41
C1 UNL WA . -99.75 21.77 -83.60
O5 UNL WA . -100.40 20.91 -82.71
C5 UNL WA . -100.65 21.57 -81.44
C6 UNL WA . -101.17 20.34 -80.79
O6 UNL WA . -102.54 19.99 -81.06
C4 UNL WA . -101.56 22.86 -81.45
O4 UNL WA . -101.77 23.70 -80.26
C3 UNL WA . -100.99 23.91 -82.38
O3 UNL WA . -101.85 25.14 -82.46
C2 UNL WA . -100.60 23.07 -83.64
O2 UNL WA . -101.74 22.38 -84.19
C1 UNL XA . -101.10 26.36 -82.58
O5 UNL XA . -101.21 27.03 -83.84
C5 UNL XA . -102.48 27.68 -84.12
C6 UNL XA . -102.28 28.21 -85.54
O6 UNL XA . -100.97 28.74 -85.85
C4 UNL XA . -102.83 28.72 -83.03
O4 UNL XA . -104.15 29.21 -83.20
C3 UNL XA . -102.72 28.08 -81.66
O3 UNL XA . -102.93 29.12 -80.70
C2 UNL XA . -101.40 27.34 -81.45
O2 UNL XA . -101.52 26.58 -80.26
C7 UNL XA . -103.39 29.13 -86.05
O7 UNL XA . -103.17 29.39 -87.43
C9 UNL XA . -103.93 28.86 -79.72
C10 UNL XA . -100.56 29.95 -85.19
C1 UNL YA . -89.71 13.99 -66.69
O5 UNL YA . -90.46 12.80 -66.50
C5 UNL YA . -91.88 12.95 -66.21
C6 UNL YA . -92.56 13.79 -67.28
O6 UNL YA . -92.33 13.34 -68.62
C4 UNL YA . -92.01 13.54 -64.82
O4 UNL YA . -93.15 14.40 -64.68
C3 UNL YA . -90.75 14.31 -64.48
O3 UNL YA . -90.96 15.07 -63.27
C2 UNL YA . -90.18 15.03 -65.69
N2 UNL YA . -88.97 15.73 -65.32
C7 UNL YA . -88.85 17.05 -65.51
C8 UNL YA . -88.19 17.83 -64.40
O7 UNL YA . -89.26 17.59 -66.54
C1 UNL ZA . -91.03 16.52 -63.27
O5 UNL ZA . -90.71 17.08 -62.00
C5 UNL ZA . -91.74 16.97 -61.00
C6 UNL ZA . -91.40 15.82 -60.05
O6 UNL ZA . -91.31 14.66 -60.41
C4 UNL ZA . -93.15 16.89 -61.60
O4 UNL ZA . -93.50 15.54 -61.90
C3 UNL ZA . -93.20 17.74 -62.86
O3 UNL ZA . -94.51 17.79 -63.40
C2 UNL ZA . -92.29 17.14 -63.89
O2 UNL ZA . -91.94 18.12 -64.85
N1 UNL ZA . -91.19 16.12 -58.62
C1 UNL AB . -94.91 15.25 -61.70
O5 UNL AB . -95.19 13.87 -61.97
C5 UNL AB . -94.46 12.98 -61.11
C6 UNL AB . -94.71 11.56 -61.55
O6 UNL AB . -96.09 11.24 -61.28
C4 UNL AB . -94.83 13.24 -59.66
O4 UNL AB . -94.04 12.41 -58.82
C3 UNL AB . -94.60 14.71 -59.31
O3 UNL AB . -95.01 14.99 -57.98
C2 UNL AB . -95.35 15.60 -60.28
O2 UNL AB . -96.75 15.39 -60.15
C1 UNL BB . -94.49 16.28 -57.62
O5 UNL BB . -95.49 17.30 -57.71
C5 UNL BB . -96.61 17.07 -56.84
C6 UNL BB . -97.61 18.16 -57.20
O6 UNL BB . -97.19 19.48 -56.81
C4 UNL BB . -96.10 17.06 -55.38
O4 UNL BB . -97.18 16.73 -54.50
C3 UNL BB . -94.94 16.09 -55.18
O3 UNL BB . -94.36 16.38 -53.91
C2 UNL BB . -93.86 16.27 -56.25
O2 UNL BB . -92.91 15.22 -56.15
C7 UNL BB . -99.05 17.82 -56.82
O7 UNL BB . -99.97 18.64 -57.53
C9 UNL BB . -94.64 15.43 -52.88
C10 UNL BB . -97.64 19.94 -55.53
C1 UNL CB . -82.91 26.92 -58.14
O5 UNL CB . -83.88 27.94 -58.26
C5 UNL CB . -83.75 28.95 -57.24
C6 UNL CB . -82.51 29.73 -57.57
O6 UNL CB . -82.73 30.54 -58.71
C4 UNL CB . -83.71 28.30 -55.85
O4 UNL CB . -82.46 28.49 -55.19
C3 UNL CB . -83.99 26.80 -55.97
O3 UNL CB . -83.97 26.17 -54.70
C2 UNL CB . -82.97 26.12 -56.85
N2 UNL CB . -83.32 24.74 -57.11
C7 UNL CB . -82.57 23.72 -56.69
C8 UNL CB . -83.02 22.36 -57.14
O7 UNL CB . -81.58 23.88 -55.99
C1 UNL DB . -85.31 25.77 -54.32
O5 UNL DB . -86.22 26.86 -54.27
C5 UNL DB . -86.71 27.24 -52.99
C6 UNL DB . -87.34 28.63 -53.10
O6 UNL DB . -87.24 29.33 -54.09
C4 UNL DB . -85.56 27.20 -51.96
O4 UNL DB . -84.51 28.05 -52.41
C3 UNL DB . -85.09 25.77 -51.77
O3 UNL DB . -83.74 25.72 -51.30
C2 UNL DB . -85.22 24.94 -53.04
O2 UNL DB . -86.33 24.04 -52.95
N1 UNL DB . -88.14 29.15 -51.98
C1 UNL EB . -83.97 29.08 -51.53
O5 UNL EB . -83.96 30.43 -52.04
C5 UNL EB . -85.10 31.24 -51.78
C6 UNL EB . -84.84 32.62 -52.35
O6 UNL EB . -83.79 33.25 -51.61
C4 UNL EB . -85.43 31.29 -50.28
O4 UNL EB . -86.65 31.99 -50.11
C3 UNL EB . -85.57 29.88 -49.72
O3 UNL EB . -85.86 29.81 -48.32
C2 UNL EB . -84.33 29.03 -50.03
O2 UNL EB . -83.22 29.54 -49.31
C1 UNL FB . -86.95 28.87 -48.17
O5 UNL FB . -86.59 27.61 -47.55
C5 UNL FB . -86.35 27.66 -46.12
C6 UNL FB . -86.01 26.24 -45.70
O6 UNL FB . -87.20 25.50 -45.35
C4 UNL FB . -87.55 28.29 -45.39
O4 UNL FB . -87.25 28.46 -44.02
C3 UNL FB . -87.94 29.62 -46.01
O3 UNL FB . -89.16 30.04 -45.39
C2 UNL FB . -88.17 29.50 -47.51
O2 UNL FB . -88.43 30.79 -48.07
C7 UNL FB . -85.03 26.19 -44.52
O7 UNL FB . -83.83 26.89 -44.82
C9 UNL FB . -89.10 31.32 -44.75
C10 UNL FB . -87.09 24.08 -45.40
CA CA GB . -51.82 40.47 -79.35
C1 UNL HB . -60.37 37.91 -51.36
O5 UNL HB . -61.56 38.46 -51.89
C5 UNL HB . -62.71 37.81 -51.36
C6 UNL HB . -63.86 38.77 -51.49
O6 UNL HB . -65.02 38.24 -50.83
C4 UNL HB . -62.37 37.43 -49.92
O4 UNL HB . -63.59 37.00 -49.30
C3 UNL HB . -61.41 38.43 -49.22
O3 UNL HB . -62.01 39.53 -48.47
C2 UNL HB . -60.25 38.79 -50.15
N2 UNL HB . -59.00 38.49 -49.49
C7 UNL HB . -57.99 39.24 -49.02
C8 UNL HB . -57.48 40.37 -49.87
O7 UNL HB . -57.54 39.02 -47.90
C1 UNL IB . -62.20 39.38 -47.00
O5 UNL IB . -63.53 39.46 -46.45
C5 UNL IB . -64.14 40.74 -46.57
C6 UNL IB . -64.58 40.82 -48.00
O6 UNL IB . -65.36 40.02 -48.42
C4 UNL IB . -63.25 41.85 -45.97
O4 UNL IB . -63.74 43.16 -46.24
C3 UNL IB . -61.79 41.72 -46.41
O3 UNL IB . -61.60 42.17 -47.76
C2 UNL IB . -61.29 40.31 -46.23
O2 UNL IB . -61.27 39.98 -44.84
N1 UNL IB . -64.17 41.89 -48.92
C1 UNL JB . -63.33 43.97 -45.10
O5 UNL JB . -61.93 44.30 -45.06
C5 UNL JB . -61.51 44.68 -43.75
C6 UNL JB . -61.61 43.44 -42.86
O6 UNL JB . -60.71 42.46 -43.38
C4 UNL JB . -62.32 45.94 -43.35
O4 UNL JB . -61.85 47.03 -44.17
C3 UNL JB . -63.84 45.83 -43.53
O3 UNL JB . -64.30 44.92 -42.52
C2 UNL JB . -64.19 45.22 -44.90
O2 UNL JB . -65.58 44.87 -44.98
C1 UNL KB . -65.06 45.53 -41.43
O5 UNL KB . -66.43 45.74 -41.79
C5 UNL KB . -67.25 44.55 -41.78
C6 UNL KB . -68.56 44.86 -42.50
O6 UNL KB . -68.27 45.40 -43.81
C4 UNL KB . -67.41 44.02 -40.34
O4 UNL KB . -67.37 42.60 -40.37
C3 UNL KB . -66.30 44.56 -39.42
O3 UNL KB . -66.72 45.83 -38.91
C2 UNL KB . -64.95 44.72 -40.12
O2 UNL KB . -64.38 43.43 -40.35
C7 UNL KB . -69.43 45.83 -41.73
O7 UNL KB . -68.82 47.11 -41.62
C9 UNL KB . -67.80 45.78 -37.98
C10 UNL KB . -69.37 45.38 -44.72
C1 UNL LB . -73.67 43.54 -67.78
O5 UNL LB . -73.81 44.83 -68.39
C5 UNL LB . -73.72 44.77 -69.84
C6 UNL LB . -73.84 46.19 -70.39
O6 UNL LB . -73.60 46.22 -71.81
C4 UNL LB . -74.72 43.73 -70.32
O4 UNL LB . -75.36 44.12 -71.54
C3 UNL LB . -75.71 43.44 -69.19
O3 UNL LB . -76.30 44.63 -68.69
C2 UNL LB . -75.00 42.83 -68.00
N2 UNL LB . -74.83 41.40 -68.23
C7 UNL LB . -75.69 40.39 -68.03
C8 UNL LB . -76.76 40.59 -66.99
O7 UNL LB . -75.62 39.35 -68.69
C1 UNL MB . -77.69 44.67 -69.11
O5 UNL MB . -77.86 45.43 -70.30
C5 UNL MB . -79.22 45.56 -70.74
C6 UNL MB . -79.11 46.24 -72.10
O6 UNL MB . -78.06 46.57 -72.61
C4 UNL MB . -80.01 46.38 -69.70
O4 UNL MB . -80.36 47.68 -70.18
C3 UNL MB . -79.21 46.51 -68.40
O3 UNL MB . -78.16 47.47 -68.53
C2 UNL MB . -78.59 45.18 -68.00
O2 UNL MB . -79.57 44.20 -67.68
N1 UNL MB . -80.36 46.52 -72.87
C1 UNL NB . -81.18 48.33 -69.18
O5 UNL NB . -82.50 47.78 -69.16
C5 UNL NB . -83.48 48.67 -68.62
C6 UNL NB . -84.77 47.89 -68.40
O6 UNL NB . -84.65 47.16 -67.17
C4 UNL NB . -83.70 49.85 -69.57
O4 UNL NB . -84.20 50.97 -68.86
C3 UNL NB . -82.38 50.25 -70.25
O3 UNL NB . -82.24 49.58 -71.51
C2 UNL NB . -81.22 49.85 -69.34
O2 UNL NB . -79.99 50.35 -69.87
C1 UNL OB . -82.96 50.32 -72.50
O5 UNL OB . -84.20 49.69 -72.83
C5 UNL OB . -85.03 50.50 -73.67
C6 UNL OB . -86.37 49.78 -73.73
O6 UNL OB . -87.32 50.48 -74.56
C4 UNL OB . -84.33 50.70 -75.02
O4 UNL OB . -85.10 51.59 -75.82
C3 UNL OB . -82.92 51.27 -74.82
O3 UNL OB . -82.23 51.17 -76.06
C2 UNL OB . -82.12 50.53 -73.75
O2 UNL OB . -80.97 51.30 -73.41
C7 UNL OB . -86.97 49.61 -72.35
O7 UNL OB . -86.51 48.40 -71.76
C9 UNL OB . -81.82 52.40 -76.62
C10 UNL OB . -88.30 49.65 -75.17
C1 UNL PB . -57.87 48.62 -63.95
O5 UNL PB . -57.61 48.46 -62.57
C5 UNL PB . -56.21 48.21 -62.51
C6 UNL PB . -55.81 47.69 -61.12
O6 UNL PB . -55.68 48.65 -60.04
C4 UNL PB . -55.67 49.57 -62.96
O4 UNL PB . -55.05 50.07 -61.78
C3 UNL PB . -56.64 50.59 -63.61
O3 UNL PB . -57.04 51.63 -62.73
C2 UNL PB . -57.81 50.04 -64.39
N2 UNL PB . -57.72 50.23 -65.82
C7 UNL PB . -58.58 50.93 -66.58
C8 UNL PB . -58.79 52.39 -66.26
O7 UNL PB . -59.18 50.38 -67.49
C1 UNL QB . -55.69 52.16 -63.01
O5 UNL QB . -55.96 53.23 -63.91
C5 UNL QB . -56.25 54.47 -63.28
C6 UNL QB . -56.53 55.26 -64.50
O6 UNL QB . -55.95 55.06 -65.56
C4 UNL QB . -54.99 54.95 -62.55
O4 UNL QB . -54.58 56.27 -62.99
C3 UNL QB . -53.86 53.94 -62.76
O3 UNL QB . -53.41 53.84 -64.13
C2 UNL QB . -54.31 52.56 -62.26
O2 UNL QB . -54.22 52.47 -60.82
N1 UNL QB . -57.56 56.30 -64.43
C1 UNL RB . -53.98 57.11 -61.93
O5 UNL RB . -53.47 56.37 -60.78
C5 UNL RB . -53.34 57.11 -59.58
C6 UNL RB . -54.80 57.27 -59.07
O6 UNL RB . -55.45 55.98 -59.18
C4 UNL RB . -52.47 58.37 -59.91
O4 UNL RB . -51.10 57.94 -59.85
C3 UNL RB . -52.64 59.08 -61.30
O3 UNL RB . -53.70 60.06 -61.36
C2 UNL RB . -52.90 58.10 -62.45
O2 UNL RB . -53.36 58.78 -63.63
C1 UNL SB . -53.22 61.43 -61.27
O5 UNL SB . -53.29 62.12 -62.54
C5 UNL SB . -54.60 62.66 -62.84
C6 UNL SB . -54.62 63.01 -64.32
O6 UNL SB . -54.48 61.84 -65.15
C4 UNL SB . -54.93 63.81 -61.89
O4 UNL SB . -56.34 63.85 -61.66
C3 UNL SB . -54.18 63.69 -60.56
O3 UNL SB . -52.93 64.38 -60.68
C2 UNL SB . -53.92 62.24 -60.14
O2 UNL SB . -55.16 61.64 -59.74
C7 UNL SB . -53.54 64.01 -64.72
O7 UNL SB . -52.24 63.41 -64.71
C9 UNL SB . -53.03 65.79 -60.80
C10 UNL SB . -55.60 60.97 -65.17
C1 UNL TB . -65.10 55.69 -68.54
O5 UNL TB . -66.22 55.90 -69.37
C5 UNL TB . -65.92 56.78 -70.47
C6 UNL TB . -64.88 56.07 -71.29
O6 UNL TB . -65.53 55.93 -72.46
C4 UNL TB . -65.50 58.19 -70.05
O4 UNL TB . -65.00 58.95 -71.15
C3 UNL TB . -64.55 58.18 -68.86
O3 UNL TB . -63.62 59.28 -68.99
C2 UNL TB . -64.02 56.76 -68.65
N2 UNL TB . -63.26 56.68 -67.44
C7 UNL TB . -62.03 57.05 -67.74
C8 UNL TB . -61.13 57.42 -66.61
O7 UNL TB . -61.76 57.32 -68.91
C1 UNL UB . -63.61 60.21 -67.85
O5 UNL UB . -64.80 60.91 -67.54
C5 UNL UB . -64.72 61.34 -66.17
C6 UNL UB . -66.11 61.77 -65.72
O6 UNL UB . -66.42 61.79 -64.54
C4 UNL UB . -63.66 62.43 -66.02
O4 UNL UB . -64.18 63.70 -66.48
C3 UNL UB . -62.32 61.99 -66.62
O3 UNL UB . -61.42 63.08 -66.78
C2 UNL UB . -62.47 61.21 -67.93
O2 UNL UB . -61.25 60.56 -68.29
N1 UNL UB . -67.12 62.18 -66.72
C1 UNL VB . -64.15 64.17 -67.85
O5 UNL VB . -65.29 63.83 -68.65
C5 UNL VB . -65.07 64.03 -70.05
C6 UNL VB . -64.56 62.74 -70.70
O6 UNL VB . -65.56 61.74 -70.53
C4 UNL VB . -64.10 65.18 -70.29
O4 UNL VB . -64.35 65.75 -71.57
C3 UNL VB . -64.27 66.26 -69.21
O3 UNL VB . -63.47 67.42 -69.47
C2 UNL VB . -63.92 65.67 -67.83
O2 UNL VB . -62.55 65.92 -67.48
C1 UNL WB . -64.34 68.60 -69.58
O5 UNL WB . -64.79 69.13 -68.31
C5 UNL WB . -63.73 69.69 -67.49
C6 UNL WB . -64.39 70.16 -66.21
O6 UNL WB . -64.71 71.56 -66.27
C4 UNL WB . -62.95 70.77 -68.26
O4 UNL WB . -61.58 70.40 -68.32
C3 UNL WB . -63.50 71.00 -69.68
O3 UNL WB . -64.73 71.73 -69.59
C2 UNL WB . -63.74 69.70 -70.47
O2 UNL WB . -62.51 69.29 -71.05
C7 UNL WB . -63.53 69.89 -64.98
O7 UNL WB . -62.49 70.86 -64.84
C9 UNL WB . -64.59 73.14 -69.76
C10 UNL WB . -66.08 71.86 -65.98
C1 UNL XB . -71.70 53.99 -61.75
O5 UNL XB . -71.95 53.79 -60.38
C5 UNL XB . -71.43 54.91 -59.63
C6 UNL XB . -71.90 54.75 -58.21
O6 UNL XB . -73.07 53.92 -58.11
C4 UNL XB . -71.91 56.18 -60.33
O4 UNL XB . -72.23 57.19 -59.37
C3 UNL XB . -73.13 55.93 -61.20
O3 UNL XB . -74.21 55.37 -60.48
C2 UNL XB . -72.87 54.84 -62.21
N2 UNL XB . -72.75 55.42 -63.53
C7 UNL XB . -73.39 54.83 -64.54
C8 UNL XB . -73.51 55.62 -65.81
O7 UNL XB . -73.86 53.70 -64.43
C1 UNL YB . -75.26 56.36 -60.30
O5 UNL YB . -75.20 56.98 -59.01
C5 UNL YB . -76.02 58.14 -58.92
C6 UNL YB . -75.75 58.76 -57.56
O6 UNL YB . -75.87 58.12 -56.53
C4 UNL YB . -77.50 57.77 -59.15
O4 UNL YB . -78.27 58.09 -57.99
C3 UNL YB . -77.64 56.29 -59.46
O3 UNL YB . -77.43 55.50 -58.28
C2 UNL YB . -76.66 55.86 -60.57
O2 UNL YB . -77.10 56.33 -61.84
N1 UNL YB . -75.33 60.18 -57.48
C1 UNL ZB . -79.21 59.12 -58.31
O5 UNL ZB . -78.65 60.44 -58.13
C5 UNL ZB . -79.52 61.50 -58.55
C6 UNL ZB . -78.83 62.82 -58.25
O6 UNL ZB . -77.60 62.90 -58.99
C4 UNL ZB . -80.91 61.42 -57.88
O4 UNL ZB . -81.84 62.29 -58.56
C3 UNL ZB . -81.46 59.98 -57.92
O3 UNL ZB . -82.65 59.88 -57.15
C2 UNL ZB . -80.45 58.94 -57.46
O2 UNL ZB . -80.15 59.07 -56.07
C1 UNL AC . -83.62 59.28 -58.01
O5 UNL AC . -84.14 60.25 -58.94
C5 UNL AC . -85.00 59.68 -59.93
C6 UNL AC . -85.31 60.78 -60.93
O6 UNL AC . -84.12 61.31 -61.52
C4 UNL AC . -86.22 59.03 -59.25
O4 UNL AC . -87.03 58.39 -60.23
C3 UNL AC . -85.76 58.02 -58.19
O3 UNL AC . -86.90 57.61 -57.45
C2 UNL AC . -84.72 58.59 -57.23
O2 UNL AC . -84.15 57.52 -56.47
C7 UNL AC . -86.07 61.95 -60.32
O7 UNL AC . -85.26 62.67 -59.39
C9 UNL AC . -87.22 56.23 -57.50
C10 UNL AC . -83.39 60.39 -62.34
C1 UNL BC . -69.16 38.95 -56.36
O5 UNL BC . -70.44 39.30 -56.84
C5 UNL BC . -71.21 38.11 -57.05
C6 UNL BC . -72.58 38.48 -57.59
O6 UNL BC . -73.29 37.35 -58.10
C4 UNL BC . -71.19 37.37 -55.73
O4 UNL BC . -72.47 36.79 -55.55
C3 UNL BC . -70.73 38.30 -54.60
O3 UNL BC . -71.45 39.49 -54.61
C2 UNL BC . -69.33 38.76 -54.85
N2 UNL BC . -68.41 37.78 -54.33
C7 UNL BC . -67.98 37.82 -53.07
C8 UNL BC . -67.89 39.16 -52.41
O7 UNL BC . -67.68 36.79 -52.47
C1 UNL CC . -72.54 39.36 -53.72
O5 UNL CC . -73.69 39.23 -54.54
C5 UNL CC . -74.86 38.85 -53.82
C6 UNL CC . -76.00 39.31 -54.69
O6 UNL CC . -75.84 39.99 -55.71
C4 UNL CC . -74.81 39.55 -52.47
O4 UNL CC . -76.14 39.69 -51.95
C3 UNL CC . -74.09 40.89 -52.61
O3 UNL CC . -74.63 41.71 -53.66
C2 UNL CC . -72.64 40.63 -52.92
O2 UNL CC . -71.82 40.57 -51.75
N1 UNL CC . -77.36 38.82 -54.32
C1 UNL DC . -76.29 39.13 -50.65
O5 UNL DC . -75.23 39.41 -49.74
C5 UNL DC . -75.08 40.77 -49.34
C6 UNL DC . -73.98 40.70 -48.28
O6 UNL DC . -72.77 40.22 -48.89
C4 UNL DC . -76.36 41.47 -48.85
O4 UNL DC . -76.19 42.89 -48.85
C3 UNL DC . -77.57 41.14 -49.71
O3 UNL DC . -78.72 41.62 -48.98
C2 UNL DC . -77.62 39.64 -50.06
O2 UNL DC . -77.93 38.82 -48.91
C1 UNL EC . -80.00 41.38 -49.59
O5 UNL EC . -80.31 42.27 -50.66
C5 UNL EC . -81.57 41.98 -51.32
C6 UNL EC . -81.67 42.92 -52.51
O6 UNL EC . -82.13 44.23 -52.10
C4 UNL EC . -82.72 42.07 -50.31
O4 UNL EC . -83.96 41.73 -50.92
C3 UNL EC . -82.44 41.15 -49.11
O3 UNL EC . -83.46 41.38 -48.14
C2 UNL EC . -81.07 41.42 -48.51
O2 UNL EC . -80.81 40.42 -47.53
C7 UNL EC . -82.57 42.40 -53.62
O7 UNL EC . -82.39 41.01 -53.86
C9 UNL EC . -84.22 40.23 -47.76
C10 UNL EC . -81.83 45.30 -53.00
CA CA FC . -25.53 36.91 -75.11
C1 UNL GC . -44.32 48.91 -68.66
O5 UNL GC . -44.20 49.88 -67.65
C5 UNL GC . -44.93 51.08 -67.92
C6 UNL GC . -46.36 50.83 -67.53
O6 UNL GC . -46.34 50.12 -66.28
C4 UNL GC . -44.66 51.69 -69.30
O4 UNL GC . -45.76 51.98 -70.18
C3 UNL GC . -43.69 50.89 -70.12
O3 UNL GC . -43.92 51.39 -71.42
C2 UNL GC . -43.88 49.39 -70.02
N2 UNL GC . -42.65 48.77 -70.44
C7 UNL GC . -42.84 47.80 -71.31
C8 UNL GC . -41.61 47.10 -71.83
O7 UNL GC . -43.98 47.49 -71.62
C1 UNL HC . -43.01 50.93 -72.39
O5 UNL HC . -41.71 51.44 -72.14
C5 UNL HC . -41.17 52.23 -73.18
C6 UNL HC . -40.00 52.95 -72.53
O6 UNL HC . -39.62 52.63 -71.42
C4 UNL HC . -42.28 53.17 -73.68
O4 UNL HC . -42.90 53.86 -72.57
C3 UNL HC . -43.29 52.36 -74.47
O3 UNL HC . -44.58 52.97 -74.55
C2 UNL HC . -43.45 50.99 -73.87
O2 UNL HC . -42.72 50.04 -74.64
N1 UNL HC . -39.30 54.07 -73.22
C1 UNL IC . -43.58 55.08 -73.08
O5 UNL IC . -44.20 55.72 -72.03
C5 UNL IC . -43.30 56.65 -71.37
C6 UNL IC . -44.26 56.98 -70.28
O6 UNL IC . -45.28 57.94 -70.58
C4 UNL IC . -42.72 57.84 -72.23
O4 UNL IC . -41.67 58.75 -71.74
C3 UNL IC . -41.99 57.31 -73.46
O3 UNL IC . -41.45 58.39 -74.33
C2 UNL IC . -42.97 56.22 -73.97
O2 UNL IC . -44.27 56.76 -74.27
C1 UNL JC . -40.17 58.05 -74.92
O5 UNL JC . -40.18 57.85 -76.33
C5 UNL JC . -40.34 59.02 -77.16
C6 UNL JC . -40.37 58.45 -78.57
O6 UNL JC . -39.49 57.34 -78.84
C4 UNL JC . -39.24 60.07 -76.87
O4 UNL JC . -39.52 61.30 -77.54
C3 UNL JC . -39.16 60.34 -75.37
O3 UNL JC . -38.04 61.21 -75.17
C2 UNL JC . -39.07 59.05 -74.55
O2 UNL JC . -39.26 59.40 -73.19
C7 UNL JC . -40.35 59.47 -79.70
O7 UNL JC . -40.58 58.81 -80.94
C9 UNL JC . -38.33 62.38 -74.42
C10 UNL JC . -38.07 57.61 -78.85
C1 UNL KC . -38.77 50.84 -52.93
O5 UNL KC . -40.02 51.19 -52.35
C5 UNL KC . -40.47 52.55 -52.50
C6 UNL KC . -40.49 52.96 -53.96
O6 UNL KC . -41.21 52.06 -54.81
C4 UNL KC . -39.55 53.45 -51.67
O4 UNL KC . -39.35 54.75 -52.25
C3 UNL KC . -38.22 52.76 -51.49
O3 UNL KC . -37.28 53.67 -50.91
C2 UNL KC . -37.80 51.98 -52.73
N2 UNL KC . -36.53 51.33 -52.50
C7 UNL KC . -35.48 51.57 -53.30
C8 UNL KC . -34.14 51.71 -52.63
O7 UNL KC . -35.60 51.65 -54.52
C1 UNL LC . -36.13 54.19 -51.65
O5 UNL LC . -35.08 54.62 -50.81
C5 UNL LC . -35.29 55.87 -50.15
C6 UNL LC . -35.72 55.63 -48.70
O6 UNL LC . -36.74 55.04 -48.39
C4 UNL LC . -36.24 56.81 -50.93
O4 UNL LC . -37.61 56.55 -50.57
C3 UNL LC . -36.03 56.58 -52.41
O3 UNL LC . -36.80 57.51 -53.19
C2 UNL LC . -36.46 55.20 -52.76
O2 UNL LC . -35.84 54.81 -53.99
N1 UNL LC . -34.86 56.15 -47.61
C1 UNL MC . -38.42 57.75 -50.57
O5 UNL MC . -39.76 57.45 -50.17
C5 UNL MC . -39.82 56.91 -48.84
C6 UNL MC . -41.26 56.51 -48.54
O6 UNL MC . -42.06 57.70 -48.47
C4 UNL MC . -39.27 57.92 -47.84
O4 UNL MC . -39.26 57.33 -46.54
C3 UNL MC . -37.85 58.32 -48.24
O3 UNL MC . -37.34 59.32 -47.37
C2 UNL MC . -37.83 58.83 -49.67
O2 UNL MC . -38.60 60.02 -49.77
C1 UNL NC . -35.92 59.42 -47.60
O5 UNL NC . -35.60 60.56 -48.40
C5 UNL NC . -36.01 61.80 -47.81
C6 UNL NC . -35.73 62.84 -48.88
O6 UNL NC . -34.33 63.07 -49.12
C4 UNL NC . -35.26 61.98 -46.48
O4 UNL NC . -35.72 63.17 -45.82
C3 UNL NC . -35.42 60.77 -45.56
O3 UNL NC . -34.46 60.89 -44.51
C2 UNL NC . -35.14 59.46 -46.30
O2 UNL NC . -35.51 58.36 -45.49
C7 UNL NC . -36.54 64.13 -48.73
O7 UNL NC . -36.57 64.88 -49.94
C9 UNL NC . -34.98 61.26 -43.24
C10 UNL NC . -33.71 64.14 -48.40
C1 UNL OC . -22.00 52.52 -50.98
O5 UNL OC . -21.67 53.61 -51.80
C5 UNL OC . -20.42 54.23 -51.43
C6 UNL OC . -19.34 53.27 -51.83
O6 UNL OC . -19.20 53.24 -53.25
C4 UNL OC . -20.43 54.58 -49.95
O4 UNL OC . -19.46 53.84 -49.22
C3 UNL OC . -21.80 54.31 -49.35
O3 UNL OC . -21.84 54.62 -47.97
C2 UNL OC . -22.20 52.85 -49.51
N2 UNL OC . -23.56 52.62 -49.11
C7 UNL OC . -23.89 51.84 -48.08
C8 UNL OC . -25.35 51.61 -47.86
O7 UNL OC . -23.04 51.34 -47.34
C1 UNL PC . -22.66 55.80 -47.75
O5 UNL PC . -22.19 56.94 -48.48
C5 UNL PC . -21.64 58.02 -47.70
C6 UNL PC . -20.87 58.93 -48.64
O6 UNL PC . -20.61 58.65 -49.79
C4 UNL PC . -20.76 57.45 -46.57
O4 UNL PC . -19.75 56.62 -47.15
C3 UNL PC . -21.62 56.67 -45.58
O3 UNL PC . -20.86 55.71 -44.86
C2 UNL PC . -22.82 56.01 -46.24
O2 UNL PC . -24.02 56.72 -45.96
N1 UNL PC . -20.42 60.24 -48.14
C1 UNL QC . -18.34 56.85 -46.81
O5 UNL QC . -17.44 57.05 -47.92
C5 UNL QC . -17.23 58.39 -48.35
C6 UNL QC . -16.22 58.35 -49.48
O6 UNL QC . -14.94 57.96 -48.96
C4 UNL QC . -16.80 59.30 -47.20
O4 UNL QC . -16.74 60.63 -47.68
C3 UNL QC . -17.80 59.21 -46.06
O3 UNL QC . -17.48 60.02 -44.92
C2 UNL QC . -18.01 57.76 -45.61
O2 UNL QC . -16.82 57.26 -45.01
C1 UNL RC . -18.70 60.72 -44.56
O5 UNL RC . -19.32 60.28 -43.33
C5 UNL RC . -18.65 60.67 -42.10
C6 UNL RC . -19.48 60.11 -40.96
O6 UNL RC . -20.50 61.05 -40.57
C4 UNL RC . -18.44 62.19 -42.08
O4 UNL RC . -17.66 62.55 -40.94
C3 UNL RC . -17.76 62.70 -43.34
O3 UNL RC . -17.76 64.12 -43.30
C2 UNL RC . -18.51 62.24 -44.59
O2 UNL RC . -17.79 62.63 -45.76
C7 UNL RC . -18.65 59.74 -39.74
O7 UNL RC . -17.62 58.80 -40.07
C9 UNL RC . -16.46 64.72 -43.38
C10 UNL RC . -21.62 60.50 -39.86
CA CA SC . -4.30 21.56 -69.01
C1 UNL TC . -0.10 39.49 -46.09
O5 UNL TC . -0.40 40.47 -47.06
C5 UNL TC . -1.27 41.48 -46.52
C6 UNL TC . -1.09 42.71 -47.35
O6 UNL TC . -1.80 43.81 -46.79
C4 UNL TC . -0.88 41.65 -45.05
O4 UNL TC . -1.58 42.81 -44.58
C3 UNL TC . 0.63 41.42 -44.77
O3 UNL TC . 1.50 42.58 -44.83
C2 UNL TC . 1.12 40.15 -45.49
N2 UNL TC . 1.69 39.25 -44.53
C7 UNL TC . 2.95 38.82 -44.32
C8 UNL TC . 3.79 38.41 -45.49
O7 UNL TC . 3.42 38.83 -43.18
C1 UNL UC . 1.83 43.29 -43.55
O5 UNL UC . 1.48 44.69 -43.43
C5 UNL UC . 2.18 45.56 -44.30
C6 UNL UC . 1.52 45.39 -45.64
O6 UNL UC . 0.36 45.63 -45.73
C4 UNL UC . 3.71 45.38 -44.16
O4 UNL UC . 4.44 46.10 -45.16
C3 UNL UC . 4.13 43.91 -44.16
O3 UNL UC . 4.08 43.34 -45.47
C2 UNL UC . 3.29 43.11 -43.20
O2 UNL UC . 3.55 43.56 -41.86
N1 UNL UC . 2.23 44.99 -46.85
C1 UNL VC . 5.70 46.47 -44.53
O5 UNL VC . 6.63 45.39 -44.36
C5 UNL VC . 7.62 45.67 -43.38
C6 UNL VC . 6.91 45.74 -42.02
O6 UNL VC . 6.35 44.45 -41.77
C4 UNL VC . 8.41 46.92 -43.86
O4 UNL VC . 9.20 46.52 -44.98
C3 UNL VC . 7.53 48.12 -44.27
O3 UNL VC . 6.97 48.65 -43.06
C2 UNL VC . 6.38 47.67 -45.18
O2 UNL VC . 5.43 48.72 -45.37
C1 UNL WC . 7.49 49.93 -42.62
O5 UNL WC . 6.91 51.03 -43.33
C5 UNL WC . 5.57 51.37 -42.90
C6 UNL WC . 4.96 52.29 -43.94
O6 UNL WC . 5.03 51.68 -45.24
C4 UNL WC . 5.60 51.92 -41.46
O4 UNL WC . 4.47 51.44 -40.76
C3 UNL WC . 6.89 51.52 -40.72
O3 UNL WC . 7.90 52.49 -41.03
C2 UNL WC . 7.39 50.12 -41.09
O2 UNL WC . 6.53 49.14 -40.52
C7 UNL WC . 5.61 53.66 -43.97
O7 UNL WC . 6.97 53.57 -44.40
C9 UNL WC . 7.71 53.77 -40.46
C10 UNL WC . 4.18 52.25 -46.23
C1 UNL XC . -7.78 45.98 -65.32
O5 UNL XC . -7.06 46.26 -66.53
C5 UNL XC . -7.64 45.57 -67.66
C6 UNL XC . -6.81 45.88 -68.91
O6 UNL XC . -7.23 45.10 -70.03
C4 UNL XC . -9.13 45.91 -67.72
O4 UNL XC . -9.60 46.06 -69.05
C3 UNL XC . -9.37 47.13 -66.83
O3 UNL XC . -8.52 48.21 -67.17
C2 UNL XC . -9.04 46.82 -65.38
N2 UNL XC . -10.18 46.16 -64.77
C7 UNL XC . -11.31 46.68 -64.24
C8 UNL XC . -11.24 48.08 -63.72
O7 UNL XC . -12.35 46.03 -64.22
C1 UNL YC . -9.31 49.24 -67.82
O5 UNL YC . -9.27 49.12 -69.25
C5 UNL YC . -9.96 50.14 -69.95
C6 UNL YC . -9.93 49.69 -71.41
O6 UNL YC . -9.36 48.67 -71.79
C4 UNL YC . -9.29 51.50 -69.71
O4 UNL YC . -8.62 52.01 -70.88
C3 UNL YC . -8.30 51.40 -68.54
O3 UNL YC . -7.09 50.74 -68.95
C2 UNL YC . -8.90 50.63 -67.38
O2 UNL YC . -10.01 51.30 -66.80
N1 UNL YC . -10.60 50.52 -72.45
C1 UNL ZC . -8.11 53.32 -70.56
O5 UNL ZC . -9.15 54.29 -70.54
C5 UNL ZC . -8.71 55.62 -70.78
C6 UNL ZC . -9.85 56.57 -70.46
O6 UNL ZC . -9.89 56.76 -69.03
C4 UNL ZC . -8.25 55.76 -72.24
O4 UNL ZC . -7.32 56.84 -72.34
C3 UNL ZC . -7.58 54.48 -72.73
O3 UNL ZC . -8.53 53.64 -73.37
C2 UNL ZC . -6.99 53.75 -71.53
O2 UNL ZC . -6.21 52.63 -71.97
C1 UNL AD . -8.67 54.06 -74.73
O5 UNL AD . -9.87 54.81 -74.94
C5 UNL AD . -9.93 55.43 -76.22
C6 UNL AD . -11.14 56.35 -76.18
O6 UNL AD . -11.32 57.05 -77.42
C4 UNL AD . -9.95 54.35 -77.30
O4 UNL AD . -9.90 54.97 -78.59
C3 UNL AD . -8.76 53.39 -77.13
O3 UNL AD . -9.01 52.27 -77.98
C2 UNL AD . -8.59 52.90 -75.70
O2 UNL AD . -7.32 52.28 -75.57
C7 UNL AD . -11.03 57.37 -75.06
O7 UNL AD . -11.56 56.85 -73.85
C9 UNL AD . -8.03 52.06 -79.00
C10 UNL AD . -12.67 57.39 -77.71
C1 UNL BD . 5.09 35.61 -61.51
O5 UNL BD . 5.59 35.98 -60.24
C5 UNL BD . 6.09 34.75 -59.71
C6 UNL BD . 6.37 34.88 -58.21
O6 UNL BD . 7.57 35.56 -57.79
C4 UNL BD . 7.27 34.48 -60.65
O4 UNL BD . 8.40 34.67 -59.80
C3 UNL BD . 7.39 35.31 -61.96
O3 UNL BD . 8.33 36.38 -61.89
C2 UNL BD . 6.10 35.80 -62.61
N2 UNL BD . 5.77 35.14 -63.84
C7 UNL BD . 5.65 35.71 -65.05
C8 UNL BD . 6.82 36.45 -65.61
O7 UNL BD . 4.58 35.65 -65.65
C1 UNL CD . 9.30 35.25 -62.05
O5 UNL CD . 9.71 35.39 -63.41
C5 UNL CD . 10.79 36.30 -63.62
C6 UNL CD . 10.84 36.20 -65.10
O6 UNL CD . 10.58 35.17 -65.71
C4 UNL CD . 12.04 35.72 -62.95
O4 UNL CD . 13.13 35.57 -63.89
C3 UNL CD . 11.71 34.38 -62.30
O3 UNL CD . 11.35 33.34 -63.24
C2 UNL CD . 10.56 34.57 -61.29
O2 UNL CD . 11.05 35.13 -60.06
N1 UNL CD . 11.20 37.41 -65.86
C1 UNL DD . 14.47 35.82 -63.31
O5 UNL DD . 14.54 35.70 -61.87
C5 UNL DD . 15.63 36.36 -61.24
C6 UNL DD . 15.22 37.84 -61.26
O6 UNL DD . 13.85 37.98 -60.88
C4 UNL DD . 16.94 35.87 -61.95
O4 UNL DD . 17.27 34.61 -61.32
C3 UNL DD . 16.91 35.60 -63.48
O3 UNL DD . 17.17 36.75 -64.31
C2 UNL DD . 15.60 34.99 -63.98
O2 UNL DD . 15.49 35.05 -65.41
C1 UNL ED . 18.52 36.83 -64.83
O5 UNL ED . 18.57 36.53 -66.23
C5 UNL ED . 18.26 37.65 -67.09
C6 UNL ED . 17.99 37.11 -68.49
O6 UNL ED . 16.83 36.26 -68.53
C4 UNL ED . 19.36 38.72 -67.00
O4 UNL ED . 18.78 40.01 -67.18
C3 UNL ED . 20.11 38.65 -65.66
O3 UNL ED . 21.21 37.76 -65.81
C2 UNL ED . 19.23 38.16 -64.50
O2 UNL ED . 18.29 39.20 -64.17
C7 UNL ED . 19.17 36.33 -69.07
O7 UNL ED . 19.33 35.07 -68.43
C9 UNL ED . 22.24 38.23 -66.67
C10 UNL ED . 15.58 36.92 -68.36
C1 UNL FD . 5.61 42.16 -70.52
O5 UNL FD . 4.96 42.84 -71.58
C5 UNL FD . 5.42 42.41 -72.87
C6 UNL FD . 5.05 40.96 -72.98
O6 UNL FD . 4.20 40.99 -74.03
C4 UNL FD . 6.89 42.70 -73.13
O4 UNL FD . 7.34 42.06 -74.33
C3 UNL FD . 7.77 42.36 -71.92
O3 UNL FD . 9.04 41.88 -72.38
C2 UNL FD . 6.96 41.55 -70.92
N2 UNL FD . 7.68 41.38 -69.70
C7 UNL FD . 8.45 40.31 -69.88
C8 UNL FD . 9.58 40.13 -68.92
O7 UNL FD . 8.38 39.68 -70.93
C1 UNL GD . 10.20 42.63 -71.90
O5 UNL GD . 10.31 44.00 -72.24
C5 UNL GD . 11.18 44.63 -71.30
C6 UNL GD . 11.03 46.14 -71.43
O6 UNL GD . 11.33 46.89 -70.53
C4 UNL GD . 12.62 44.14 -71.49
O4 UNL GD . 13.23 44.80 -72.62
C3 UNL GD . 12.68 42.60 -71.47
O3 UNL GD . 13.93 42.12 -71.96
C2 UNL GD . 11.52 41.94 -72.22
O2 UNL GD . 11.45 40.54 -71.93
N1 UNL GD . 10.52 46.71 -72.70
C1 UNL HD . 13.13 44.35 -74.00
O5 UNL HD . 12.03 44.90 -74.74
C5 UNL HD . 11.78 44.19 -75.97
C6 UNL HD . 10.76 43.08 -75.75
O6 UNL HD . 9.53 43.67 -75.33
C4 UNL HD . 13.09 43.63 -76.54
O4 UNL HD . 12.97 43.49 -77.95
C3 UNL HD . 14.26 44.57 -76.21
O3 UNL HD . 15.48 44.16 -76.85
C2 UNL HD . 14.45 44.64 -74.69
O2 UNL HD . 15.42 43.71 -74.22
C1 UNL ID . 15.98 45.22 -77.71
O5 UNL ID . 16.65 46.29 -77.02
C5 UNL ID . 17.90 45.90 -76.38
C6 UNL ID . 18.42 47.15 -75.69
O6 UNL ID . 19.37 47.85 -76.50
C4 UNL ID . 18.85 45.27 -77.40
O4 UNL ID . 19.19 43.96 -76.96
C3 UNL ID . 18.27 45.23 -78.82
O3 UNL ID . 18.32 46.54 -79.38
C2 UNL ID . 16.83 44.69 -78.88
O2 UNL ID . 16.87 43.27 -78.89
C7 UNL ID . 19.05 46.84 -74.33
O7 UNL ID . 20.36 46.32 -74.48
C9 UNL ID . 19.45 46.81 -80.19
C10 UNL ID . 19.07 49.22 -76.71
C1 UNL JD . 3.63 50.08 -65.31
O5 UNL JD . 3.91 50.77 -64.12
C5 UNL JD . 5.33 50.96 -64.02
C6 UNL JD . 5.57 51.89 -62.84
O6 UNL JD . 4.42 52.68 -62.54
C4 UNL JD . 5.84 51.49 -65.37
O4 UNL JD . 6.86 52.46 -65.17
C3 UNL JD . 4.71 52.13 -66.17
O3 UNL JD . 4.05 53.18 -65.47
C2 UNL JD . 3.56 51.17 -66.37
N2 UNL JD . 3.53 50.71 -67.74
C7 UNL JD . 2.36 50.68 -68.37
C8 UNL JD . 2.42 50.50 -69.86
O7 UNL JD . 1.30 50.79 -67.76
C1 UNL KD . 4.42 54.46 -66.06
O5 UNL KD . 5.44 55.11 -65.32
C5 UNL KD . 6.01 56.21 -66.02
C6 UNL KD . 7.18 56.72 -65.19
O6 UNL KD . 7.04 57.04 -64.02
C4 UNL KD . 4.94 57.28 -66.29
O4 UNL KD . 5.30 58.51 -65.65
C3 UNL KD . 3.58 56.82 -65.77
O3 UNL KD . 3.54 56.88 -64.34
C2 UNL KD . 3.25 55.41 -66.27
O2 UNL KD . 2.90 55.43 -67.66
N1 UNL KD . 8.53 56.81 -65.80
C1 UNL LD . 5.55 59.51 -66.65
O5 UNL LD . 6.91 59.51 -67.08
C5 UNL LD . 7.17 60.42 -68.17
C6 UNL LD . 8.65 60.36 -68.50
O6 UNL LD . 8.99 59.03 -68.92
C4 UNL LD . 6.71 61.86 -67.86
O4 UNL LD . 6.69 62.65 -69.05
C3 UNL LD . 5.31 61.86 -67.24
O3 UNL LD . 4.96 63.17 -66.77
C2 UNL LD . 5.13 60.86 -66.10
O2 UNL LD . 5.93 61.22 -64.96
C1 UNL MD . 3.69 63.46 -67.38
O5 UNL MD . 3.84 63.83 -68.75
C5 UNL MD . 2.60 63.99 -69.44
C6 UNL MD . 2.94 64.20 -70.92
O6 UNL MD . 3.69 63.08 -71.44
C4 UNL MD . 1.78 65.11 -68.78
O4 UNL MD . 0.51 65.20 -69.43
C3 UNL MD . 1.60 64.83 -67.29
O3 UNL MD . 1.04 66.00 -66.70
C2 UNL MD . 2.93 64.51 -66.59
O2 UNL MD . 2.65 64.00 -65.29
C7 UNL MD . 3.74 65.46 -71.18
O7 UNL MD . 5.05 65.37 -70.63
C9 UNL MD . -0.23 65.80 -66.06
C10 UNL MD . 3.00 61.84 -71.49
C1 UNL ND . -5.20 45.34 -52.64
O5 UNL ND . -5.71 46.37 -53.49
C5 UNL ND . -7.10 46.57 -53.22
C6 UNL ND . -7.63 47.65 -54.14
O6 UNL ND . -9.07 47.70 -54.15
C4 UNL ND . -7.19 46.85 -51.73
O4 UNL ND . -8.18 47.85 -51.57
C3 UNL ND . -5.81 47.20 -51.16
O3 UNL ND . -5.20 48.19 -51.93
C2 UNL ND . -4.88 46.04 -51.32
N2 UNL ND . -5.05 45.16 -50.20
C7 UNL ND . -4.36 45.31 -49.06
C8 UNL ND . -2.99 45.92 -49.17
O7 UNL ND . -4.82 44.97 -47.98
C1 UNL OD . -5.48 49.45 -51.34
O5 UNL OD . -6.42 50.06 -52.21
C5 UNL OD . -7.00 51.24 -51.66
C6 UNL OD . -7.48 52.01 -52.86
O6 UNL OD . -7.24 51.68 -54.03
C4 UNL OD . -5.91 51.97 -50.87
O4 UNL OD . -6.22 53.36 -50.80
C3 UNL OD . -4.54 51.71 -51.52
O3 UNL OD . -4.53 51.99 -52.93
C2 UNL OD . -4.19 50.24 -51.35
O2 UNL OD . -3.44 49.99 -50.17
N1 UNL OD . -8.36 53.18 -52.59
C1 UNL PD . -6.25 53.85 -49.46
O5 UNL PD . -5.20 53.39 -48.62
C5 UNL PD . -3.88 53.84 -48.95
C6 UNL PD . -3.04 53.32 -47.80
O6 UNL PD . -3.08 51.88 -47.81
C4 UNL PD . -3.75 55.37 -49.14
O4 UNL PD . -2.53 55.67 -49.84
C3 UNL PD . -4.90 55.96 -49.95
O3 UNL PD . -4.77 57.38 -49.81
C2 UNL PD . -6.25 55.39 -49.49
O2 UNL PD . -6.62 55.84 -48.18
C1 UNL QD . -5.80 58.18 -50.43
O5 UNL QD . -5.65 58.33 -51.84
C5 UNL QD . -6.71 59.08 -52.48
C6 UNL QD . -6.48 59.00 -53.98
O6 UNL QD . -5.48 59.97 -54.39
C4 UNL QD . -6.78 60.50 -51.87
O4 UNL QD . -7.87 61.23 -52.44
C3 UNL QD . -6.92 60.42 -50.36
O3 UNL QD . -6.83 61.75 -49.85
C2 UNL QD . -5.83 59.54 -49.74
O2 UNL QD . -6.13 59.37 -48.35
C7 UNL QD . -7.74 59.21 -54.79
O7 UNL QD . -8.85 58.51 -54.25
C9 UNL QD . -7.96 62.18 -49.07
C10 UNL QD . -4.84 59.71 -55.64
CA CA RD . 6.80 -0.35 -58.10
C1 UNL SD . 9.93 22.22 -62.69
O5 UNL SD . 11.15 22.82 -62.34
C5 UNL SD . 11.67 23.70 -63.35
C6 UNL SD . 10.95 25.02 -63.18
O6 UNL SD . 10.88 25.30 -61.77
C4 UNL SD . 11.75 23.11 -64.75
O4 UNL SD . 11.13 23.78 -65.86
C3 UNL SD . 11.24 21.70 -64.81
O3 UNL SD . 11.02 21.51 -66.20
C2 UNL SD . 9.99 21.44 -63.99
N2 UNL SD . 9.91 20.02 -63.75
C7 UNL SD . 8.71 19.53 -64.02
C8 UNL SD . 8.53 18.06 -63.82
O7 UNL SD . 7.81 20.29 -64.35
C1 UNL TD . 10.73 20.20 -66.57
O5 UNL TD . 11.83 19.33 -66.35
C5 UNL TD . 12.33 18.69 -67.51
C6 UNL TD . 13.70 18.18 -67.09
O6 UNL TD . 14.04 18.21 -65.93
C4 UNL TD . 12.37 19.72 -68.63
O4 UNL TD . 13.05 20.92 -68.22
C3 UNL TD . 10.94 20.01 -69.09
O3 UNL TD . 10.81 21.27 -69.76
C2 UNL TD . 10.00 19.98 -67.91
O2 UNL TD . 9.30 18.74 -67.90
N1 UNL TD . 14.65 17.63 -68.09
C1 UNL UD . 13.50 21.66 -69.42
O5 UNL UD . 14.12 22.85 -69.01
C5 UNL UD . 15.53 22.63 -68.74
C6 UNL UD . 15.74 24.00 -68.22
O6 UNL UD . 15.92 25.05 -69.19
C4 UNL UD . 16.44 22.14 -69.94
O4 UNL UD . 17.84 21.74 -69.77
C3 UNL UD . 15.90 20.84 -70.52
O3 UNL UD . 16.70 20.33 -71.67
C2 UNL UD . 14.37 21.13 -70.60
O2 UNL UD . 14.08 22.27 -71.41
C1 UNL VD . 16.81 18.88 -71.67
O5 UNL VD . 16.11 18.21 -72.72
C5 UNL VD . 16.66 18.35 -74.06
C6 UNL VD . 15.65 17.58 -74.92
O6 UNL VD . 15.11 16.37 -74.35
C4 UNL VD . 18.13 17.87 -74.12
O4 UNL VD . 18.72 18.18 -75.38
C3 UNL VD . 18.93 18.53 -73.02
O3 UNL VD . 20.23 17.93 -73.05
C2 UNL VD . 18.27 18.41 -71.65
O2 UNL VD . 18.96 19.27 -70.76
C7 UNL VD . 16.06 17.38 -76.38
O7 UNL VD . 14.96 16.84 -77.10
C9 UNL VD . 21.32 18.86 -73.13
C10 UNL VD . 15.99 15.26 -74.17
C1 UNL WD . 19.98 24.42 -49.49
O5 UNL WD . 19.86 25.83 -49.43
C5 UNL WD . 20.70 26.60 -50.33
C6 UNL WD . 20.49 26.15 -51.77
O6 UNL WD . 19.13 26.13 -52.19
C4 UNL WD . 22.13 26.47 -49.87
O4 UNL WD . 23.08 26.51 -50.95
C3 UNL WD . 22.28 25.17 -49.09
O3 UNL WD . 23.68 24.93 -48.85
C2 UNL WD . 21.44 24.05 -49.67
N2 UNL WD . 21.61 22.86 -48.89
C7 UNL WD . 22.03 21.72 -49.46
C8 UNL WD . 23.02 20.91 -48.67
O7 UNL WD . 21.62 21.35 -50.55
C1 UNL XD . 24.40 23.83 -49.49
O5 UNL XD . 25.55 23.43 -48.76
C5 UNL XD . 26.67 24.30 -48.86
C6 UNL XD . 26.77 25.17 -47.61
O6 UNL XD . 25.91 25.96 -47.29
C4 UNL XD . 26.70 25.10 -50.19
O4 UNL XD . 25.95 26.31 -50.05
C3 UNL XD . 26.11 24.24 -51.28
O3 UNL XD . 26.20 24.88 -52.56
C2 UNL XD . 24.67 23.98 -51.00
O2 UNL XD . 24.23 22.83 -51.71
N1 UNL XD . 27.98 25.06 -46.76
C1 UNL YD . 26.52 27.41 -50.82
O5 UNL YD . 25.77 28.60 -50.62
C5 UNL YD . 25.76 29.03 -49.24
C6 UNL YD . 24.85 30.23 -49.10
O6 UNL YD . 25.45 31.34 -49.81
C4 UNL YD . 27.19 29.31 -48.78
O4 UNL YD . 27.17 29.63 -47.39
C3 UNL YD . 28.06 28.07 -49.01
O3 UNL YD . 29.41 28.33 -48.66
C2 UNL YD . 27.99 27.64 -50.46
O2 UNL YD . 28.53 28.65 -51.30
C1 UNL ZD . 30.10 27.06 -48.60
O5 UNL ZD . 30.89 26.84 -49.78
C5 UNL ZD . 31.90 27.85 -49.97
C6 UNL ZD . 32.49 27.51 -51.34
O6 UNL ZD . 33.26 26.29 -51.34
C4 UNL ZD . 32.87 27.81 -48.78
O4 UNL ZD . 33.83 28.86 -48.91
C3 UNL ZD . 32.14 27.92 -47.44
O3 UNL ZD . 33.06 27.57 -46.42
C2 UNL ZD . 30.96 26.95 -47.37
O2 UNL ZD . 30.19 27.23 -46.20
C7 UNL ZD . 33.19 28.69 -52.02
O7 UNL ZD . 33.35 28.45 -53.41
C9 UNL ZD . 33.55 28.68 -45.64
C10 UNL ZD . 34.67 26.42 -51.13
C1 UNL AE . 29.88 11.43 -45.09
O5 UNL AE . 30.62 11.20 -46.28
C5 UNL AE . 31.84 10.48 -46.03
C6 UNL AE . 31.45 9.06 -45.70
O6 UNL AE . 30.97 8.40 -46.87
C4 UNL AE . 32.65 11.17 -44.94
O4 UNL AE . 32.79 10.36 -43.78
C3 UNL AE . 32.00 12.50 -44.56
O3 UNL AE . 32.74 13.15 -43.54
C2 UNL AE . 30.59 12.28 -44.06
N2 UNL AE . 29.90 13.54 -43.85
C7 UNL AE . 29.50 13.94 -42.64
C8 UNL AE . 28.68 15.20 -42.62
O7 UNL AE . 29.76 13.32 -41.62
C1 UNL BE . 33.38 14.34 -44.09
O5 UNL BE . 34.25 14.03 -45.17
C5 UNL BE . 35.66 14.22 -44.93
C6 UNL BE . 36.43 13.50 -46.04
O6 UNL BE . 35.91 12.74 -46.83
C4 UNL BE . 36.03 13.70 -43.53
O4 UNL BE . 35.62 12.33 -43.43
C3 UNL BE . 35.35 14.56 -42.47
O3 UNL BE . 35.19 13.86 -41.23
C2 UNL BE . 34.01 15.12 -42.94
O2 UNL BE . 34.11 16.50 -43.27
N1 UNL BE . 37.87 13.73 -46.18
C1 UNL CE . 36.59 11.33 -42.98
O5 UNL CE . 36.78 10.20 -43.85
C5 UNL CE . 37.81 10.30 -44.84
C6 UNL CE . 37.85 8.97 -45.59
O6 UNL CE . 38.32 7.94 -44.71
C4 UNL CE . 39.16 10.66 -44.23
O4 UNL CE . 40.08 10.88 -45.28
C3 UNL CE . 39.02 11.95 -43.41
O3 UNL CE . 40.24 12.37 -42.77
C2 UNL CE . 37.92 11.81 -42.36
O2 UNL CE . 38.30 10.84 -41.37
C1 UNL DE . 40.36 13.80 -43.04
O5 UNL DE . 40.15 14.66 -41.91
C5 UNL DE . 41.23 14.69 -40.93
C6 UNL DE . 40.79 15.66 -39.84
O6 UNL DE . 41.20 17.00 -40.16
C4 UNL DE . 42.56 15.03 -41.62
O4 UNL DE . 43.63 14.92 -40.68
C3 UNL DE . 42.82 14.12 -42.82
O3 UNL DE . 43.98 14.61 -43.48
C2 UNL DE . 41.64 14.13 -43.79
O2 UNL DE . 41.87 13.20 -44.84
C7 UNL DE . 41.33 15.28 -38.47
O7 UNL DE . 40.94 13.97 -38.09
C9 UNL DE . 45.05 13.67 -43.61
C10 UNL DE . 40.48 18.06 -39.50
CA CA EE . 6.72 -20.89 -40.72
C1 UNL FE . 31.51 -9.51 -29.80
O5 UNL FE . 31.83 -9.33 -31.16
C5 UNL FE . 32.40 -8.03 -31.40
C6 UNL FE . 33.19 -8.13 -32.68
O6 UNL FE . 33.92 -6.92 -32.90
C4 UNL FE . 33.24 -7.70 -30.17
O4 UNL FE . 34.00 -6.53 -30.49
C3 UNL FE . 33.88 -8.94 -29.49
O3 UNL FE . 35.21 -9.31 -29.93
C2 UNL FE . 32.86 -10.07 -29.36
N2 UNL FE . 32.75 -10.46 -27.98
C7 UNL FE . 33.08 -11.58 -27.31
C8 UNL FE . 32.73 -12.91 -27.91
O7 UNL FE . 33.70 -11.49 -26.25
C1 UNL GE . 36.39 -8.83 -29.14
O5 UNL GE . 37.39 -8.02 -29.79
C5 UNL GE . 38.12 -8.68 -30.82
C6 UNL GE . 37.19 -8.72 -31.99
O6 UNL GE . 36.80 -7.70 -32.45
C4 UNL GE . 38.77 -9.99 -30.29
O4 UNL GE . 39.35 -10.78 -31.32
C3 UNL GE . 37.79 -10.82 -29.46
O3 UNL GE . 36.84 -11.51 -30.29
C2 UNL GE . 37.08 -9.98 -28.43
O2 UNL GE . 38.04 -9.50 -27.48
N1 UNL GE . 36.79 -9.96 -32.67
C1 UNL HE . 40.47 -11.48 -30.71
O5 UNL HE . 40.10 -12.55 -29.82
C5 UNL HE . 41.16 -12.88 -28.92
C6 UNL HE . 41.36 -11.68 -27.98
O6 UNL HE . 40.13 -11.53 -27.25
C4 UNL HE . 42.35 -13.35 -29.78
O4 UNL HE . 42.01 -14.62 -30.36
C3 UNL HE . 42.75 -12.41 -30.92
O3 UNL HE . 43.35 -11.25 -30.31
C2 UNL HE . 41.52 -11.94 -31.71
O2 UNL HE . 41.84 -10.86 -32.60
C1 UNL IE . 44.78 -11.11 -30.48
O5 UNL IE . 45.13 -10.55 -31.76
C5 UNL IE . 44.92 -9.12 -31.84
C6 UNL IE . 44.99 -8.74 -33.32
O6 UNL IE . 44.07 -9.54 -34.08
C4 UNL IE . 45.90 -8.37 -30.93
O4 UNL IE . 45.23 -7.27 -30.35
C3 UNL IE . 46.46 -9.29 -29.83
O3 UNL IE . 47.60 -9.98 -30.35
C2 UNL IE . 45.44 -10.32 -29.32
O2 UNL IE . 44.46 -9.66 -28.52
C7 UNL IE . 46.40 -8.88 -33.90
O7 UNL IE . 46.81 -10.24 -33.92
C9 UNL IE . 48.75 -9.17 -30.57
C10 UNL IE . 43.75 -9.04 -35.38
C1 UNL JE . 26.13 -8.67 -50.76
O5 UNL JE . 26.27 -9.70 -51.75
C5 UNL JE . 25.03 -9.93 -52.47
C6 UNL JE . 25.23 -11.06 -53.48
O6 UNL JE . 24.01 -11.45 -54.09
C4 UNL JE . 24.54 -8.59 -53.01
O4 UNL JE . 23.95 -8.72 -54.30
C3 UNL JE . 25.71 -7.60 -52.97
O3 UNL JE . 26.85 -8.11 -53.61
C2 UNL JE . 26.15 -7.35 -51.54
N2 UNL JE . 25.28 -6.35 -50.94
C7 UNL JE . 25.31 -5.01 -51.01
C8 UNL JE . 26.64 -4.37 -51.29
O7 UNL JE . 24.29 -4.35 -50.89
C1 UNL KE . 27.04 -7.39 -54.86
O5 UNL KE . 26.45 -8.07 -55.97
C5 UNL KE . 26.66 -7.44 -57.23
C6 UNL KE . 25.78 -8.24 -58.20
O6 UNL KE . 25.12 -9.21 -57.88
C4 UNL KE . 28.16 -7.48 -57.58
O4 UNL KE . 28.46 -8.37 -58.66
C3 UNL KE . 28.99 -7.85 -56.35
O3 UNL KE . 28.90 -9.25 -56.08
C2 UNL KE . 28.51 -7.10 -55.12
O2 UNL KE . 28.72 -5.69 -55.23
N1 UNL KE . 25.74 -7.84 -59.64
C1 UNL LE . 29.87 -8.25 -58.97
O5 UNL LE . 30.13 -7.04 -59.68
C5 UNL LE . 31.32 -7.10 -60.46
C6 UNL LE . 31.65 -5.68 -60.92
O6 UNL LE . 32.30 -4.98 -59.85
C4 UNL LE . 31.14 -8.04 -61.64
O4 UNL LE . 32.40 -8.53 -62.09
C3 UNL LE . 30.26 -9.23 -61.25
O3 UNL LE . 28.89 -8.97 -61.56
C2 UNL LE . 30.39 -9.47 -59.74
O2 UNL LE . 29.72 -10.67 -59.37
C1 UNL ME . 28.66 -9.29 -62.93
O5 UNL ME . 28.59 -8.12 -63.74
C5 UNL ME . 28.60 -8.42 -65.15
C6 UNL ME . 28.74 -7.07 -65.84
O6 UNL ME . 28.76 -7.21 -67.28
C4 UNL ME . 27.34 -9.21 -65.49
O4 UNL ME . 27.39 -9.59 -66.86
C3 UNL ME . 27.22 -10.45 -64.60
O3 UNL ME . 25.90 -10.97 -64.78
C2 UNL ME . 27.43 -10.15 -63.12
O2 UNL ME . 27.60 -11.38 -62.43
C7 UNL ME . 30.02 -6.36 -65.42
O7 UNL ME . 29.78 -5.57 -64.25
C9 UNL ME . 25.84 -12.30 -65.31
C10 UNL ME . 28.27 -6.07 -67.99
C1 UNL NE . 25.24 -21.39 -39.55
O5 UNL NE . 26.25 -21.19 -38.60
C5 UNL NE . 25.71 -21.79 -37.42
C6 UNL NE . 26.54 -21.38 -36.19
O6 UNL NE . 27.82 -22.05 -35.95
C4 UNL NE . 25.71 -23.27 -37.82
O4 UNL NE . 26.71 -23.84 -36.98
C3 UNL NE . 25.91 -23.64 -39.32
O3 UNL NE . 27.22 -24.10 -39.62
C2 UNL NE . 25.43 -22.65 -40.36
N2 UNL NE . 24.27 -23.07 -41.10
C7 UNL NE . 24.20 -23.27 -42.42
C8 UNL NE . 25.14 -24.25 -43.06
O7 UNL NE . 23.39 -22.64 -43.08
C1 UNL OE . 26.74 -25.34 -38.98
O5 UNL OE . 26.51 -26.19 -40.10
C5 UNL OE . 27.65 -26.93 -40.53
C6 UNL OE . 27.01 -27.59 -41.69
O6 UNL OE . 25.83 -27.93 -41.71
C4 UNL OE . 28.03 -27.93 -39.43
O4 UNL OE . 28.05 -29.29 -39.91
C3 UNL OE . 27.06 -27.79 -38.25
O3 UNL OE . 25.70 -28.18 -38.57
C2 UNL OE . 27.07 -26.33 -37.74
O2 UNL OE . 28.22 -26.09 -36.91
N1 UNL OE . 27.86 -27.84 -42.89
C1 UNL PE . 29.08 -30.14 -39.30
O5 UNL PE . 29.59 -29.66 -38.02
C5 UNL PE . 30.85 -30.14 -37.61
C6 UNL PE . 31.84 -29.34 -38.47
O6 UNL PE . 31.47 -27.96 -38.52
C4 UNL PE . 30.79 -31.70 -37.67
O4 UNL PE . 30.17 -32.13 -36.44
C3 UNL PE . 29.98 -32.38 -38.83
O3 UNL PE . 30.71 -32.57 -40.06
C2 UNL PE . 28.70 -31.63 -39.21
O2 UNL PE . 28.16 -32.09 -40.45
C1 UNL QE . 31.20 -33.92 -40.25
O5 UNL QE . 30.45 -34.63 -41.25
C5 UNL QE . 30.90 -34.36 -42.61
C6 UNL QE . 29.81 -34.86 -43.56
O6 UNL QE . 28.58 -34.14 -43.40
C4 UNL QE . 32.29 -34.95 -42.84
O4 UNL QE . 33.01 -34.14 -43.76
C3 UNL QE . 33.08 -35.08 -41.53
O3 UNL QE . 32.82 -36.37 -40.97
C2 UNL QE . 32.72 -34.00 -40.50
O2 UNL QE . 33.26 -32.74 -40.94
C7 UNL QE . 29.50 -36.35 -43.40
O7 UNL QE . 28.81 -36.61 -42.20
C9 UNL QE . 33.34 -37.47 -41.71
C10 UNL QE . 28.60 -32.78 -43.85
C1 UNL RE . 27.33 -23.48 -50.28
O5 UNL RE . 27.22 -23.11 -51.64
C5 UNL RE . 26.64 -24.14 -52.44
C6 UNL RE . 25.24 -24.33 -51.93
O6 UNL RE . 24.52 -24.01 -53.02
C4 UNL RE . 27.45 -25.43 -52.50
O4 UNL RE . 26.73 -26.50 -53.13
C3 UNL RE . 27.99 -25.83 -51.12
O3 UNL RE . 28.04 -27.26 -51.02
C2 UNL RE . 27.30 -24.99 -50.05
N2 UNL RE . 27.90 -25.21 -48.76
C7 UNL RE . 27.32 -26.29 -48.26
C8 UNL RE . 28.03 -26.94 -47.12
O7 UNL RE . 26.43 -26.82 -48.88
C1 UNL SE . 29.35 -27.82 -50.71
O5 UNL SE . 30.40 -27.62 -51.64
C5 UNL SE . 31.65 -27.79 -50.95
C6 UNL SE . 32.77 -27.23 -51.82
O6 UNL SE . 33.83 -26.90 -51.34
C4 UNL SE . 31.84 -29.27 -50.59
O4 UNL SE . 32.27 -30.02 -51.73
C3 UNL SE . 30.62 -29.81 -49.82
O3 UNL SE . 30.63 -31.23 -49.74
C2 UNL SE . 29.28 -29.31 -50.38
O2 UNL SE . 28.21 -29.59 -49.50
N1 UNL SE . 32.57 -27.11 -53.28
C1 UNL TE . 31.39 -30.62 -52.71
O5 UNL TE . 31.07 -29.79 -53.84
C5 UNL TE . 29.95 -30.29 -54.60
C6 UNL TE . 28.65 -29.67 -54.10
O6 UNL TE . 28.72 -28.26 -54.27
C4 UNL TE . 29.91 -31.81 -54.55
O4 UNL TE . 29.24 -32.31 -55.71
C3 UNL TE . 31.32 -32.40 -54.47
O3 UNL TE . 31.32 -33.82 -54.55
C2 UNL TE . 32.00 -31.94 -53.17
O2 UNL TE . 31.84 -32.89 -52.12
C1 UNL UE . 32.12 -34.26 -55.69
O5 UNL UE . 33.54 -34.24 -55.47
C5 UNL UE . 34.01 -35.17 -54.48
C6 UNL UE . 35.52 -34.97 -54.38
O6 UNL UE . 36.24 -35.89 -55.21
C4 UNL UE . 33.58 -36.61 -54.84
O4 UNL UE . 32.81 -37.14 -53.76
C3 UNL UE . 32.78 -36.68 -56.15
O3 UNL UE . 33.68 -36.53 -57.24
C2 UNL UE . 31.66 -35.63 -56.24
O2 UNL UE . 30.52 -36.12 -55.57
C7 UNL UE . 36.02 -35.07 -52.95
O7 UNL UE . 36.15 -36.44 -52.53
C9 UNL UE . 34.13 -37.75 -57.83
C10 UNL UE . 37.15 -35.28 -56.12
C1 UNL VE . 34.71 -17.14 -50.42
O5 UNL VE . 35.83 -16.65 -49.72
C5 UNL VE . 36.70 -17.76 -49.42
C6 UNL VE . 37.98 -17.16 -48.87
O6 UNL VE . 38.17 -15.81 -49.27
C4 UNL VE . 36.88 -18.59 -50.69
O4 UNL VE . 38.22 -19.07 -50.80
C3 UNL VE . 36.55 -17.77 -51.94
O3 UNL VE . 37.33 -16.59 -52.04
C2 UNL VE . 35.15 -17.18 -51.87
N2 UNL VE . 34.28 -17.89 -52.78
C7 UNL VE . 33.47 -17.17 -53.56
C8 UNL VE . 32.81 -17.92 -54.68
O7 UNL VE . 33.27 -15.99 -53.34
C1 UNL WE . 38.32 -16.74 -53.10
O5 UNL WE . 39.60 -17.10 -52.59
C5 UNL WE . 40.50 -17.53 -53.61
C6 UNL WE . 41.76 -18.00 -52.91
O6 UNL WE . 42.38 -17.30 -52.12
C4 UNL WE . 40.74 -16.39 -54.61
O4 UNL WE . 42.13 -16.04 -54.63
C3 UNL WE . 39.92 -15.17 -54.26
O3 UNL WE . 40.46 -14.51 -53.10
C2 UNL WE . 38.44 -15.54 -54.03
O2 UNL WE . 37.79 -15.82 -55.27
N1 UNL WE . 42.26 -19.38 -53.16
C1 UNL XE . 42.69 -16.35 -55.91
O5 UNL XE . 43.18 -17.69 -55.97
C5 UNL XE . 43.64 -18.08 -57.27
C6 UNL XE . 44.19 -19.51 -57.19
O6 UNL XE . 43.13 -20.39 -56.78
C4 UNL XE . 44.70 -17.11 -57.84
O4 UNL XE . 44.90 -17.34 -59.24
C3 UNL XE . 44.27 -15.65 -57.64
O3 UNL XE . 45.31 -14.76 -57.99
C2 UNL XE . 43.78 -15.36 -56.22
O2 UNL XE . 44.85 -15.43 -55.27
C1 UNL YE . 44.73 -13.84 -58.92
O5 UNL YE . 44.60 -14.42 -60.22
C5 UNL YE . 43.89 -13.60 -61.16
C6 UNL YE . 43.68 -14.44 -62.41
O6 UNL YE . 42.96 -15.64 -62.11
C4 UNL YE . 44.64 -12.27 -61.34
O4 UNL YE . 43.89 -11.43 -62.20
C3 UNL YE . 44.88 -11.59 -60.00
O3 UNL YE . 45.77 -10.49 -60.21
C2 UNL YE . 45.50 -12.52 -58.96
O2 UNL YE . 45.43 -11.90 -57.68
C7 UNL YE . 44.99 -14.83 -63.09
O7 UNL YE . 45.72 -15.75 -62.30
C9 UNL YE . 45.25 -9.21 -59.86
C10 UNL YE . 41.61 -15.45 -61.68
C1 UNL ZE . 31.42 -6.01 -39.33
O5 UNL ZE . 31.69 -5.58 -40.67
C5 UNL ZE . 31.26 -4.22 -40.82
C6 UNL ZE . 31.54 -3.78 -42.26
O6 UNL ZE . 30.87 -2.55 -42.59
C4 UNL ZE . 31.97 -3.45 -39.74
O4 UNL ZE . 32.33 -2.19 -40.30
C3 UNL ZE . 33.12 -4.25 -39.15
O3 UNL ZE . 33.94 -4.75 -40.15
C2 UNL ZE . 32.60 -5.50 -38.50
N2 UNL ZE . 32.21 -5.19 -37.16
C7 UNL ZE . 33.05 -5.25 -36.13
C8 UNL ZE . 34.18 -6.23 -36.23
O7 UNL ZE . 32.92 -4.52 -35.16
C1 UNL AF . 35.01 -3.85 -40.35
O5 UNL AF . 34.74 -3.17 -41.58
C5 UNL AF . 35.59 -2.07 -41.79
C6 UNL AF . 35.54 -1.85 -43.29
O6 UNL AF . 34.96 -2.63 -44.07
C4 UNL AF . 36.98 -2.44 -41.29
O4 UNL AF . 37.97 -1.67 -41.98
C3 UNL AF . 37.19 -3.94 -41.46
O3 UNL AF . 36.92 -4.41 -42.78
C2 UNL AF . 36.27 -4.68 -40.51
O2 UNL AF . 36.86 -4.94 -39.24
N1 UNL AF . 36.15 -0.60 -43.82
C1 UNL BF . 38.84 -0.96 -41.11
O5 UNL BF . 39.29 -1.69 -39.97
C5 UNL BF . 40.15 -2.79 -40.21
C6 UNL BF . 40.56 -3.23 -38.81
O6 UNL BF . 39.39 -3.68 -38.11
C4 UNL BF . 41.35 -2.51 -41.13
O4 UNL BF . 41.90 -3.73 -41.63
C3 UNL BF . 40.98 -1.64 -42.34
O3 UNL BF . 42.22 -1.23 -42.94
C2 UNL BF . 40.07 -0.48 -41.92
O2 UNL BF . 40.75 0.51 -41.13
C1 UNL CF . 42.12 -0.36 -44.08
O5 UNL CF . 41.76 -1.04 -45.29
C5 UNL CF . 41.60 -0.16 -46.42
C6 UNL CF . 41.10 -1.03 -47.58
O6 UNL CF . 42.17 -1.73 -48.21
C4 UNL CF . 42.93 0.58 -46.69
O4 UNL CF . 42.76 1.50 -47.77
C3 UNL CF . 43.36 1.32 -45.43
O3 UNL CF . 44.65 1.88 -45.69
C2 UNL CF . 43.43 0.39 -44.23
O2 UNL CF . 43.69 1.15 -43.06
C7 UNL CF . 40.33 -0.23 -48.64
O7 UNL CF . 39.45 0.73 -48.06
C9 UNL CF . 44.75 3.30 -45.52
C10 UNL CF . 41.81 -2.89 -48.97
CA CA DF . -1.61 -32.91 -18.19
C1 UNL EF . 16.19 -30.35 -32.81
O5 UNL EF . 17.39 -31.07 -32.54
C5 UNL EF . 17.98 -31.63 -33.71
C6 UNL EF . 18.77 -30.55 -34.38
O6 UNL EF . 19.45 -29.81 -33.35
C4 UNL EF . 17.05 -32.48 -34.57
O4 UNL EF . 16.90 -32.20 -35.96
C3 UNL EF . 15.63 -32.53 -34.02
O3 UNL EF . 14.91 -32.97 -35.15
C2 UNL EF . 15.14 -31.19 -33.49
N2 UNL EF . 14.04 -31.48 -32.60
C7 UNL EF . 12.99 -30.73 -32.83
C8 UNL EF . 11.78 -30.97 -31.98
O7 UNL EF . 13.05 -29.85 -33.69
C1 UNL FF . 13.56 -33.28 -34.87
O5 UNL FF . 13.47 -34.42 -34.02
C5 UNL FF . 12.77 -35.52 -34.56
C6 UNL FF . 13.15 -36.68 -33.67
O6 UNL FF . 13.75 -36.49 -32.63
C4 UNL FF . 13.22 -35.68 -36.01
O4 UNL FF . 14.66 -35.71 -36.11
C3 UNL FF . 12.62 -34.56 -36.85
O3 UNL FF . 13.35 -34.31 -38.06
C2 UNL FF . 12.58 -33.29 -36.05
O2 UNL FF . 11.24 -33.08 -35.59
N1 UNL FF . 12.80 -38.09 -34.03
C1 UNL GF . 15.04 -36.35 -37.39
O5 UNL GF . 16.44 -36.35 -37.48
C5 UNL GF . 17.01 -37.53 -36.86
C6 UNL GF . 18.41 -37.06 -37.05
O6 UNL GF . 19.00 -37.28 -38.35
C4 UNL GF . 16.61 -38.95 -37.42
O4 UNL GF . 17.00 -40.21 -36.78
C3 UNL GF . 15.11 -39.13 -37.38
O3 UNL GF . 14.63 -40.43 -37.91
C2 UNL GF . 14.60 -37.75 -37.93
O2 UNL GF . 15.09 -37.49 -39.24
C1 UNL HF . 13.51 -40.97 -37.12
O5 UNL HF . 12.23 -40.98 -37.74
C5 UNL HF . 12.05 -41.92 -38.83
C6 UNL HF . 10.64 -41.62 -39.33
O6 UNL HF . 9.67 -41.31 -38.32
C4 UNL HF . 12.33 -43.37 -38.36
O4 UNL HF . 12.37 -44.27 -39.47
C3 UNL HF . 13.67 -43.45 -37.64
O3 UNL HF . 13.79 -44.76 -37.11
C2 UNL HF . 13.83 -42.36 -36.56
O2 UNL HF . 15.18 -42.36 -36.16
C7 UNL HF . 10.10 -42.60 -40.36
O7 UNL HF . 8.87 -42.09 -40.88
C9 UNL HF . 14.99 -45.45 -37.46
C10 UNL HF . 9.26 -42.36 -37.43
C1 UNL IF . 27.63 -32.65 -20.64
O5 UNL IF . 28.74 -32.08 -21.33
C5 UNL IF . 29.41 -32.93 -22.29
C6 UNL IF . 28.41 -33.44 -23.32
O6 UNL IF . 27.62 -32.44 -23.94
C4 UNL IF . 30.11 -34.05 -21.55
O4 UNL IF . 30.15 -35.28 -22.28
C3 UNL IF . 29.43 -34.28 -20.21
O3 UNL IF . 29.93 -35.47 -19.61
C2 UNL IF . 27.92 -34.09 -20.30
N2 UNL IF . 27.32 -34.30 -19.01
C7 UNL IF . 26.37 -35.23 -18.82
C8 UNL IF . 26.45 -36.02 -17.56
O7 UNL IF . 25.47 -35.40 -19.64
C1 UNL JF . 29.12 -36.66 -19.44
O5 UNL JF . 29.58 -37.51 -18.40
C5 UNL JF . 30.76 -38.28 -18.70
C6 UNL JF . 31.98 -37.61 -18.07
O6 UNL JF . 32.37 -36.50 -18.36
C4 UNL JF . 30.91 -38.56 -20.21
O4 UNL JF . 31.61 -37.50 -20.86
C3 UNL JF . 29.53 -38.74 -20.82
O3 UNL JF . 29.61 -39.12 -22.19
C2 UNL JF . 28.80 -37.44 -20.74
O2 UNL JF . 27.40 -37.67 -20.83
N1 UNL JF . 32.75 -38.37 -17.06
C1 UNL KF . 32.46 -37.96 -21.94
O5 UNL KF . 33.18 -36.88 -22.52
C5 UNL KF . 34.03 -36.21 -21.58
C6 UNL KF . 34.67 -35.00 -22.26
O6 UNL KF . 35.55 -35.46 -23.28
C4 UNL KF . 35.07 -37.19 -21.04
O4 UNL KF . 35.85 -36.55 -20.05
C3 UNL KF . 34.39 -38.41 -20.44
O3 UNL KF . 35.32 -39.37 -20.01
C2 UNL KF . 33.45 -39.04 -21.47
O2 UNL KF . 34.20 -39.53 -22.56
C1 UNL LF . 34.63 -40.33 -19.19
O5 UNL LF . 34.36 -41.54 -19.90
C5 UNL LF . 35.54 -42.19 -20.37
C6 UNL LF . 35.04 -43.34 -21.24
O6 UNL LF . 34.40 -44.39 -20.47
C4 UNL LF . 36.41 -42.59 -19.16
O4 UNL LF . 37.64 -43.16 -19.60
C3 UNL LF . 36.67 -41.40 -18.24
O3 UNL LF . 37.19 -41.92 -17.01
C2 UNL LF . 35.39 -40.64 -17.91
O2 UNL LF . 35.71 -39.42 -17.24
C7 UNL LF . 36.05 -43.85 -22.25
O7 UNL LF . 35.41 -44.60 -23.28
C9 UNL LF . 38.59 -41.71 -16.80
C10 UNL LF . 35.21 -45.49 -20.08
C1 UNL MF . 23.43 -43.66 -8.43
O5 UNL MF . 23.16 -44.84 -9.13
C5 UNL MF . 23.24 -46.01 -8.30
C6 UNL MF . 22.05 -45.99 -7.39
O6 UNL MF . 20.86 -46.27 -8.13
C4 UNL MF . 24.58 -46.05 -7.57
O4 UNL MF . 24.43 -45.94 -6.16
C3 UNL MF . 25.48 -44.92 -8.06
O3 UNL MF . 26.73 -44.92 -7.39
C2 UNL MF . 24.82 -43.57 -7.84
N2 UNL MF . 25.58 -42.51 -8.46
C7 UNL MF . 26.16 -41.53 -7.75
C8 UNL MF . 26.78 -40.42 -8.55
O7 UNL MF . 26.16 -41.52 -6.52
C1 UNL NF . 27.78 -45.31 -8.32
O5 UNL NF . 27.55 -46.61 -8.87
C5 UNL NF . 28.46 -47.65 -8.47
C6 UNL NF . 27.83 -48.99 -8.86
O6 UNL NF . 26.68 -49.12 -9.25
C4 UNL NF . 28.73 -47.55 -6.96
O4 UNL NF . 27.48 -47.59 -6.26
C3 UNL NF . 29.49 -46.27 -6.67
O3 UNL NF . 29.31 -45.84 -5.31
C2 UNL NF . 29.13 -45.13 -7.62
O2 UNL NF . 30.16 -44.92 -8.58
N1 UNL NF . 28.65 -50.20 -8.80
C1 UNL OF . 27.30 -48.56 -5.18
O5 UNL OF . 26.16 -49.43 -5.29
C5 UNL OF . 26.35 -50.69 -5.95
C6 UNL OF . 25.04 -51.45 -5.87
O6 UNL OF . 24.77 -51.81 -4.52
C4 UNL OF . 27.52 -51.47 -5.33
O4 UNL OF . 27.73 -52.62 -6.12
C3 UNL OF . 28.78 -50.62 -5.32
O3 UNL OF . 29.93 -51.25 -4.75
C2 UNL OF . 28.54 -49.29 -4.62
O2 UNL OF . 28.31 -49.51 -3.23
C1 UNL PF . 31.02 -51.03 -5.68
O5 UNL PF . 32.03 -50.11 -5.21
C5 UNL PF . 32.93 -50.62 -4.18
C6 UNL PF . 33.90 -49.49 -3.87
O6 UNL PF . 35.05 -49.56 -4.72
C4 UNL PF . 33.58 -51.94 -4.65
O4 UNL PF . 34.34 -52.50 -3.58
C3 UNL PF . 32.53 -52.94 -5.13
O3 UNL PF . 33.23 -54.05 -5.69
C2 UNL PF . 31.63 -52.33 -6.19
O2 UNL PF . 30.60 -53.25 -6.55
C7 UNL PF . 34.36 -49.51 -2.41
O7 UNL PF . 33.27 -49.43 -1.51
C9 UNL PF . 32.93 -55.31 -5.08
C10 UNL PF . 35.80 -48.34 -4.86
CA CA QF . -11.76 -32.27 6.73
C1 UNL RF . 12.99 -45.49 15.33
O5 UNL RF . 12.77 -46.27 14.17
C5 UNL RF . 13.99 -46.46 13.44
C6 UNL RF . 13.81 -47.69 12.59
O6 UNL RF . 15.03 -48.03 11.95
C4 UNL RF . 15.11 -46.57 14.47
O4 UNL RF . 16.27 -47.00 13.77
C3 UNL RF . 14.66 -47.23 15.80
O3 UNL RF . 14.81 -48.66 15.92
C2 UNL RF . 13.32 -46.63 16.28
N2 UNL RF . 13.48 -46.09 17.59
C7 UNL RF . 13.00 -46.44 18.80
C8 UNL RF . 11.54 -46.79 18.91
O7 UNL RF . 13.75 -46.49 19.76
C1 UNL SF . 16.03 -49.21 16.59
O5 UNL SF . 16.91 -50.08 15.84
C5 UNL SF . 16.34 -51.33 15.49
C6 UNL SF . 15.44 -51.03 14.33
O6 UNL SF . 15.90 -50.56 13.34
C4 UNL SF . 15.79 -52.07 16.73
O4 UNL SF . 15.03 -53.25 16.40
C3 UNL SF . 14.96 -51.15 17.64
O3 UNL SF . 13.66 -50.89 17.10
C2 UNL SF . 15.70 -49.87 17.90
O2 UNL SF . 16.88 -50.14 18.66
N1 UNL SF . 14.00 -51.34 14.32
C1 UNL TF . 15.24 -54.16 17.50
O5 UNL TF . 14.53 -53.82 18.71
C5 UNL TF . 15.10 -54.46 19.85
C6 UNL TF . 16.50 -53.87 20.08
O6 UNL TF . 16.32 -52.48 20.34
C4 UNL TF . 14.96 -56.00 19.63
O4 UNL TF . 13.58 -56.33 19.74
C3 UNL TF . 15.50 -56.50 18.29
O3 UNL TF . 16.93 -56.39 18.33
C2 UNL TF . 14.99 -55.63 17.14
O2 UNL TF . 15.67 -55.92 15.90
C1 UNL UF . 17.66 -57.64 18.42
O5 UNL UF . 17.80 -58.29 17.15
C5 UNL UF . 18.81 -57.69 16.29
C6 UNL UF . 18.60 -58.23 14.88
O6 UNL UF . 17.23 -58.01 14.46
C4 UNL UF . 20.21 -57.91 16.89
O4 UNL UF . 20.99 -56.75 16.66
C3 UNL UF . 20.15 -58.22 18.38
O3 UNL UF . 19.95 -59.63 18.55
C2 UNL UF . 19.03 -57.48 19.13
O2 UNL UF . 19.38 -56.09 19.23
C7 UNL UF . 18.95 -59.71 14.77
O7 UNL UF . 18.05 -60.50 15.54
C9 UNL UF . 21.06 -60.45 18.20
C10 UNL UF . 17.01 -58.12 13.06
C1 UNL VF . 3.37 -49.04 -3.85
O5 UNL VF . 2.26 -49.90 -4.10
C5 UNL VF . 1.21 -49.24 -4.85
C6 UNL VF . 0.05 -50.22 -5.05
O6 UNL VF . -1.09 -49.58 -5.62
C4 UNL VF . 1.83 -48.63 -6.10
O4 UNL VF . 0.96 -48.72 -7.22
C3 UNL VF . 3.20 -49.27 -6.31
O3 UNL VF . 3.13 -50.67 -6.34
C2 UNL VF . 4.14 -48.96 -5.16
N2 UNL VF . 4.72 -47.63 -5.38
C7 UNL VF . 5.76 -47.25 -6.14
C8 UNL VF . 6.82 -48.28 -6.39
O7 UNL VF . 5.83 -46.12 -6.59
C1 UNL WF . 3.33 -51.14 -7.70
O5 UNL WF . 2.10 -51.33 -8.40
C5 UNL WF . 2.25 -51.84 -9.72
C6 UNL WF . 0.83 -51.78 -10.31
O6 UNL WF . -0.14 -51.39 -9.68
C4 UNL WF . 2.82 -53.26 -9.67
O4 UNL WF . 1.88 -54.27 -10.03
C3 UNL WF . 3.38 -53.57 -8.27
O3 UNL WF . 2.33 -53.84 -7.34
C2 UNL WF . 4.19 -52.38 -7.75
O2 UNL WF . 5.37 -52.15 -8.51
N1 UNL WF . 0.61 -52.22 -11.71
C1 UNL XF . 2.54 -55.55 -10.05
O5 UNL XF . 3.38 -55.68 -11.20
C5 UNL XF . 3.64 -57.04 -11.56
C6 UNL XF . 4.75 -57.06 -12.59
O6 UNL XF . 6.00 -56.93 -11.92
C4 UNL XF . 2.36 -57.69 -12.09
O4 UNL XF . 2.43 -59.10 -11.93
C3 UNL XF . 1.14 -57.17 -11.35
O3 UNL XF . 0.56 -56.05 -12.04
C2 UNL XF . 1.55 -56.72 -9.94
O2 UNL XF . 0.41 -56.38 -9.17
C1 UNL YF . -0.30 -56.55 -13.06
O5 UNL YF . 0.31 -56.44 -14.35
C5 UNL YF . -0.44 -57.10 -15.39
C6 UNL YF . 0.46 -57.08 -16.61
O6 UNL YF . -0.17 -57.70 -17.75
C4 UNL YF . -1.80 -56.40 -15.54
O4 UNL YF . -2.58 -57.11 -16.48
C3 UNL YF . -2.53 -56.34 -14.19
O3 UNL YF . -3.62 -55.45 -14.34
C2 UNL YF . -1.64 -55.84 -13.05
O2 UNL YF . -2.30 -56.10 -11.81
C7 UNL YF . 1.78 -57.77 -16.35
O7 UNL YF . 2.73 -56.84 -15.83
C9 UNL YF . -4.91 -56.02 -14.14
C10 UNL YF . 0.25 -57.19 -19.01
C1 UNL ZF . -2.98 -47.82 11.80
O5 UNL ZF . -2.03 -48.16 12.77
C5 UNL ZF . -2.40 -47.36 13.90
C6 UNL ZF . -1.29 -47.36 14.95
O6 UNL ZF . -1.15 -48.52 15.80
C4 UNL ZF . -3.74 -48.00 14.28
O4 UNL ZF . -3.46 -48.63 15.52
C3 UNL ZF . -4.42 -48.96 13.27
O3 UNL ZF . -4.28 -50.35 13.59
C2 UNL ZF . -4.17 -48.73 11.79
N2 UNL ZF . -5.33 -48.24 11.07
C7 UNL ZF . -5.94 -48.83 10.04
C8 UNL ZF . -6.52 -50.20 10.25
O7 UNL ZF . -6.00 -48.29 8.95
C1 UNL AG . -5.32 -50.03 14.60
O5 UNL AG . -6.49 -50.61 14.02
C5 UNL AG . -6.68 -51.98 14.32
C6 UNL AG . -7.91 -52.18 13.51
O6 UNL AG . -8.75 -51.31 13.36
C4 UNL AG . -6.95 -52.13 15.82
O4 UNL AG . -8.20 -52.79 16.10
C3 UNL AG . -6.92 -50.74 16.48
O3 UNL AG . -7.98 -49.87 16.06
C2 UNL AG . -5.56 -50.07 16.20
O2 UNL AG . -4.54 -50.58 17.08
N1 UNL AG . -8.08 -53.50 12.86
C1 UNL BG . -8.18 -53.65 17.29
O5 UNL BG . -7.13 -53.34 18.24
C5 UNL BG . -6.78 -54.39 19.14
C6 UNL BG . -5.93 -55.35 18.28
O6 UNL BG . -5.02 -54.61 17.48
C4 UNL BG . -8.09 -54.86 19.84
O4 UNL BG . -8.34 -53.95 20.92
C3 UNL BG . -9.43 -54.91 19.00
O3 UNL BG . -9.63 -56.13 18.25
C2 UNL BG . -9.56 -53.77 18.01
O2 UNL BG . -10.60 -54.01 17.05
C1 UNL CG . -10.55 -57.06 18.88
O5 UNL CG . -11.82 -57.10 18.19
C5 UNL CG . -11.84 -57.98 17.04
C6 UNL CG . -13.08 -57.64 16.23
O6 UNL CG . -13.03 -56.29 15.71
C4 UNL CG . -11.71 -59.44 17.48
O4 UNL CG . -11.01 -60.17 16.47
C3 UNL CG . -11.00 -59.57 18.83
O3 UNL CG . -11.98 -59.53 19.86
C2 UNL CG . -9.95 -58.47 19.07
O2 UNL CG . -8.83 -58.71 18.22
C7 UNL CG . -14.38 -57.80 17.02
O7 UNL CG . -14.52 -56.77 17.98
C9 UNL CG . -12.86 -60.64 19.90
C10 UNL CG . -12.09 -56.08 14.67
C1 UNL DG . -7.75 -54.57 4.34
O5 UNL DG . -8.00 -54.90 2.99
C5 UNL DG . -9.42 -55.06 2.73
C6 UNL DG . -10.05 -53.72 3.00
O6 UNL DG . -10.54 -53.42 1.79
C4 UNL DG . -10.07 -56.20 3.52
O4 UNL DG . -11.50 -56.18 3.41
C3 UNL DG . -9.60 -56.25 4.98
O3 UNL DG . -10.68 -56.71 5.82
C2 UNL DG . -8.87 -54.95 5.31
N2 UNL DG . -8.26 -55.02 6.60
C7 UNL DG . -9.19 -54.68 7.47
C8 UNL DG . -8.95 -55.04 8.89
O7 UNL DG . -10.30 -54.33 7.06
C1 UNL EG . -10.37 -57.89 6.60
O5 UNL EG . -10.06 -59.10 5.92
C5 UNL EG . -9.34 -59.94 6.83
C6 UNL EG . -8.68 -61.07 6.04
O6 UNL EG . -7.73 -61.67 6.46
C4 UNL EG . -10.28 -60.45 7.93
O4 UNL EG . -11.09 -61.53 7.45
C3 UNL EG . -11.00 -59.28 8.61
O3 UNL EG . -12.10 -59.72 9.42
C2 UNL EG . -11.46 -58.20 7.63
O2 UNL EG . -11.86 -57.01 8.31
N1 UNL EG . -9.22 -61.44 4.71
C1 UNL FG . -12.36 -61.36 6.76
O5 UNL FG . -12.28 -61.26 5.33
C5 UNL FG . -13.51 -60.78 4.73
C6 UNL FG . -13.46 -59.27 4.59
O6 UNL FG . -12.37 -58.92 3.73
C4 UNL FG . -14.72 -61.22 5.55
O4 UNL FG . -15.86 -61.28 4.70
C3 UNL FG . -14.47 -62.59 6.20
O3 UNL FG . -15.63 -63.10 6.86
C2 UNL FG . -13.29 -62.50 7.18
O2 UNL FG . -13.72 -62.25 8.52
C1 UNL GG . -16.01 -64.38 6.29
O5 UNL GG . -15.22 -65.49 6.73
C5 UNL GG . -15.37 -65.82 8.14
C6 UNL GG . -14.44 -67.00 8.40
O6 UNL GG . -15.14 -68.24 8.32
C4 UNL GG . -16.85 -66.06 8.49
O4 UNL GG . -17.24 -65.15 9.51
C3 UNL GG . -17.78 -65.93 7.27
O3 UNL GG . -17.64 -67.09 6.45
C2 UNL GG . -17.52 -64.67 6.43
O2 UNL GG . -18.21 -63.58 7.03
C7 UNL GG . -13.74 -66.88 9.75
O7 UNL GG . -14.60 -67.28 10.82
C9 UNL GG . -18.59 -68.12 6.67
C10 UNL GG . -14.56 -69.19 7.43
C1 UNL HG . 0.76 -59.05 2.65
O5 UNL HG . 1.97 -59.55 3.19
C5 UNL HG . 1.66 -60.52 4.21
C6 UNL HG . 2.96 -61.18 4.60
O6 UNL HG . 3.95 -61.07 3.57
C4 UNL HG . 0.60 -61.48 3.63
O4 UNL HG . 0.84 -62.81 4.08
C3 UNL HG . 0.59 -61.45 2.11
O3 UNL HG . 1.85 -61.77 1.55
C2 UNL HG . 0.38 -60.05 1.58
N2 UNL HG . -0.95 -59.93 1.04
C7 UNL HG . -1.09 -59.33 -0.14
C8 UNL HG . -2.41 -59.50 -0.83
O7 UNL HG . -0.18 -58.68 -0.64
C1 UNL IG . 1.81 -63.11 0.96
O5 UNL IG . 2.37 -64.09 1.82
C5 UNL IG . 2.08 -65.42 1.40
C6 UNL IG . 2.61 -66.34 2.48
O6 UNL IG . 3.77 -66.30 2.86
C4 UNL IG . 2.72 -65.68 0.02
O4 UNL IG . 3.67 -66.73 0.09
C3 UNL IG . 3.39 -64.41 -0.52
O3 UNL IG . 4.61 -64.17 0.19
C2 UNL IG . 2.45 -63.20 -0.41
O2 UNL IG . 1.42 -63.26 -1.40
N1 UNL IG . 1.70 -67.33 3.09
C1 UNL JG . 3.21 -67.85 -0.68
O5 UNL JG . 2.38 -68.73 0.08
C5 UNL JG . 1.81 -69.80 -0.70
C6 UNL JG . 1.01 -70.69 0.23
O6 UNL JG . -0.04 -69.93 0.84
C4 UNL JG . 2.88 -70.61 -1.47
O4 UNL JG . 2.27 -71.44 -2.47
C3 UNL JG . 3.89 -69.68 -2.15
O3 UNL JG . 4.98 -70.43 -2.68
C2 UNL JG . 4.42 -68.58 -1.24
O2 UNL JG . 5.24 -69.11 -0.19
C1 UNL KG . 5.09 -70.01 -4.07
O5 UNL KG . 4.08 -70.65 -4.86
C5 UNL KG . 4.04 -70.18 -6.21
C6 UNL KG . 2.80 -70.80 -6.86
O6 UNL KG . 1.60 -70.45 -6.14
C4 UNL KG . 5.38 -70.46 -6.90
O4 UNL KG . 5.36 -69.91 -8.21
C3 UNL KG . 6.53 -69.87 -6.08
O3 UNL KG . 7.76 -70.36 -6.64
C2 UNL KG . 6.48 -70.26 -4.61
O2 UNL KG . 7.42 -69.47 -3.89
C7 UNL KG . 2.87 -72.31 -6.94
O7 UNL KG . 2.80 -72.91 -5.64
C9 UNL KG . 8.64 -69.36 -7.14
C10 UNL KG . 1.26 -69.07 -6.16
C1 UNL LG . 12.40 -47.99 5.51
O5 UNL LG . 12.38 -48.59 4.23
C5 UNL LG . 13.26 -47.89 3.34
C6 UNL LG . 13.23 -48.55 1.98
O6 UNL LG . 13.85 -47.72 0.96
C4 UNL LG . 14.60 -47.86 4.04
O4 UNL LG . 15.60 -48.04 3.04
C3 UNL LG . 14.64 -48.88 5.18
O3 UNL LG . 14.23 -50.14 4.72
C2 UNL LG . 13.63 -48.54 6.21
N2 UNL LG . 14.20 -47.60 7.13
C7 UNL LG . 14.89 -47.98 8.21
C8 UNL LG . 14.51 -49.30 8.83
O7 UNL LG . 15.79 -47.29 8.67
C1 UNL MG . 15.36 -50.88 4.35
O5 UNL MG . 15.35 -50.92 2.94
C5 UNL MG . 16.55 -51.43 2.37
C6 UNL MG . 16.14 -51.91 1.00
O6 UNL MG . 14.95 -51.95 0.62
C4 UNL MG . 17.05 -52.54 3.28
O4 UNL MG . 17.86 -53.44 2.52
C3 UNL MG . 15.86 -53.24 3.94
O3 UNL MG . 14.86 -53.67 2.99
C2 UNL MG . 15.20 -52.28 4.90
O2 UNL MG . 15.71 -52.38 6.22
N1 UNL MG . 17.23 -52.27 0.07
C1 UNL NG . 19.16 -53.63 3.09
O5 UNL NG . 19.19 -53.78 4.51
C5 UNL NG . 18.60 -54.96 5.03
C6 UNL NG . 18.93 -54.89 6.51
O6 UNL NG . 18.29 -53.74 7.08
C4 UNL NG . 19.07 -56.27 4.37
O4 UNL NG . 18.16 -57.33 4.67
C3 UNL NG . 19.16 -56.16 2.86
O3 UNL NG . 19.86 -57.35 2.41
C2 UNL NG . 19.82 -54.85 2.43
O2 UNL NG . 21.23 -54.81 2.75
C1 UNL OG . 20.11 -57.44 1.00
O5 UNL OG . 18.96 -57.84 0.24
C5 UNL OG . 19.19 -57.90 -1.19
C6 UNL OG . 17.84 -58.20 -1.84
O6 UNL OG . 17.55 -59.61 -1.79
C4 UNL OG . 20.32 -58.89 -1.50
O4 UNL OG . 20.60 -58.91 -2.91
C3 UNL OG . 21.58 -58.53 -0.71
O3 UNL OG . 22.53 -59.56 -0.94
C2 UNL OG . 21.27 -58.40 0.78
O2 UNL OG . 22.43 -57.90 1.43
C7 UNL OG . 17.74 -57.72 -3.28
O7 UNL OG . 18.32 -56.44 -3.46
C9 UNL OG . 23.79 -59.13 -1.47
C10 UNL OG . 16.18 -59.97 -1.93
CA CA PG . -17.07 -19.75 29.89
C1 UNL QG . -11.97 -40.17 20.13
O5 UNL QG . -11.88 -41.29 20.98
C5 UNL QG . -12.49 -42.46 20.43
C6 UNL QG . -11.49 -43.07 19.49
O6 UNL QG . -10.20 -43.01 20.11
C4 UNL QG . -13.92 -42.28 19.94
O4 UNL QG . -14.28 -42.66 18.60
C3 UNL QG . -14.43 -40.87 20.11
O3 UNL QG . -15.54 -40.85 19.23
C2 UNL QG . -13.40 -39.81 19.76
N2 UNL QG . -13.82 -38.59 20.40
C7 UNL QG . -13.79 -37.55 19.59
C8 UNL QG . -14.23 -36.24 20.15
O7 UNL QG . -13.38 -37.69 18.43
C1 UNL RG . -16.32 -39.69 19.33
O5 UNL RG . -16.95 -39.60 20.60
C5 UNL RG . -18.38 -39.57 20.55
C6 UNL RG . -18.79 -39.88 21.97
O6 UNL RG . -17.98 -39.89 22.88
C4 UNL RG . -18.82 -40.62 19.53
O4 UNL RG . -18.21 -41.89 19.79
C3 UNL RG . -18.52 -40.11 18.12
O3 UNL RG . -18.42 -41.16 17.16
C2 UNL RG . -17.22 -39.34 18.13
O2 UNL RG . -17.51 -37.94 18.12
N1 UNL RG . -20.22 -40.16 22.31
C1 UNL SG . -19.00 -42.96 19.14
O5 UNL SG . -18.38 -44.18 19.37
C5 UNL SG . -18.82 -44.77 20.63
C6 UNL SG . -17.85 -45.90 20.55
O6 UNL SG . -18.22 -47.02 19.71
C4 UNL SG . -20.35 -45.11 20.78
O4 UNL SG . -20.94 -45.57 22.05
C3 UNL SG . -21.20 -43.86 20.57
O3 UNL SG . -22.66 -44.11 20.67
C2 UNL SG . -20.53 -43.24 19.30
O2 UNL SG . -20.56 -44.13 18.18
C1 UNL TG . -23.36 -43.01 21.32
O5 UNL TG . -24.23 -42.24 20.48
C5 UNL TG . -25.45 -42.89 20.04
C6 UNL TG . -26.08 -41.84 19.12
O6 UNL TG . -25.95 -40.47 19.54
C4 UNL TG . -26.30 -43.35 21.25
O4 UNL TG . -27.40 -44.16 20.81
C3 UNL TG . -25.45 -44.18 22.20
O3 UNL TG . -26.26 -44.46 23.34
C2 UNL TG . -24.13 -43.47 22.56
O2 UNL TG . -23.31 -44.41 23.24
C7 UNL TG . -27.48 -42.16 18.64
O7 UNL TG . -27.86 -41.21 17.66
C9 UNL TG . -26.33 -45.83 23.71
C10 UNL TG . -26.67 -40.05 20.72
C1 UNL UG . -4.04 -45.79 33.86
O5 UNL UG . -3.35 -46.84 33.20
C5 UNL UG . -4.09 -48.07 32.96
C6 UNL UG . -5.36 -47.78 32.19
O6 UNL UG . -5.18 -47.02 31.00
C4 UNL UG . -4.35 -48.73 34.30
O4 UNL UG . -5.59 -49.45 34.34
C3 UNL UG . -4.31 -47.69 35.40
O3 UNL UG . -4.78 -48.26 36.62
C2 UNL UG . -4.91 -46.36 34.95
N2 UNL UG . -4.84 -45.39 36.01
C7 UNL UG . -5.94 -44.79 36.48
C8 UNL UG . -6.03 -44.62 37.96
O7 UNL UG . -6.83 -44.39 35.72
C1 UNL VG . -6.05 -47.87 37.23
O5 UNL VG . -6.08 -48.12 38.63
C5 UNL VG . -6.26 -49.50 39.00
C6 UNL VG . -4.91 -50.09 39.41
O6 UNL VG . -3.97 -50.19 38.65
C4 UNL VG . -7.01 -50.31 37.94
O4 UNL VG . -6.10 -50.85 36.97
C3 UNL VG . -8.03 -49.41 37.26
O3 UNL VG . -8.84 -50.15 36.34
C2 UNL VG . -7.31 -48.34 36.51
O2 UNL VG . -8.20 -47.25 36.29
N1 UNL VG . -4.75 -50.60 40.80
C1 UNL WG . -6.50 -52.16 36.48
O5 UNL WG . -5.53 -52.66 35.56
C5 UNL WG . -4.24 -52.82 36.15
C6 UNL WG . -3.25 -53.25 35.08
O6 UNL WG . -3.60 -54.56 34.64
C4 UNL WG . -4.31 -53.81 37.31
O4 UNL WG . -3.04 -53.89 37.94
C3 UNL WG . -5.36 -53.35 38.32
O3 UNL WG . -5.51 -54.30 39.37
C2 UNL WG . -6.70 -53.14 37.62
O2 UNL WG . -7.18 -54.38 37.12
C1 UNL XG . -6.27 -53.66 40.42
O5 UNL XG . -7.64 -54.09 40.41
C5 UNL XG . -7.79 -55.50 40.59
C6 UNL XG . -9.28 -55.76 40.38
O6 UNL XG . -10.10 -55.23 41.44
C4 UNL XG . -7.23 -55.90 41.97
O4 UNL XG . -7.28 -57.31 42.14
C3 UNL XG . -5.80 -55.39 42.16
O3 UNL XG . -5.48 -55.52 43.55
C2 UNL XG . -5.66 -53.92 41.78
O2 UNL XG . -4.28 -53.55 41.76
C7 UNL XG . -9.61 -57.20 40.00
O7 UNL XG . -10.91 -57.27 39.43
C9 UNL XG . -4.58 -56.57 43.88
C10 UNL XG . -10.44 -56.11 42.50
C1 UNL YG . -10.30 -40.62 48.77
O5 UNL YG . -11.63 -41.07 48.70
C5 UNL YG . -12.25 -41.18 49.99
C6 UNL YG . -12.49 -39.79 50.49
O6 UNL YG . -13.53 -39.16 49.75
C4 UNL YG . -11.38 -42.03 50.92
O4 UNL YG . -10.87 -41.28 52.01
C3 UNL YG . -10.21 -42.62 50.14
O3 UNL YG . -9.38 -43.41 50.97
C2 UNL YG . -9.36 -41.54 49.52
N2 UNL YG . -8.36 -42.08 48.64
C7 UNL YG . -7.05 -41.97 48.87
C8 UNL YG . -6.14 -42.49 47.80
O7 UNL YG . -6.61 -41.46 49.91
C1 UNL ZG . -9.52 -44.82 50.62
O5 UNL ZG . -10.88 -45.27 50.74
C5 UNL ZG . -11.14 -46.22 51.79
C6 UNL ZG . -12.66 -46.27 51.99
O6 UNL ZG . -13.44 -45.50 51.48
C4 UNL ZG . -10.40 -45.80 53.07
O4 UNL ZG . -10.78 -44.46 53.41
C3 UNL ZG . -8.89 -45.91 52.85
O3 UNL ZG . -8.16 -45.06 53.73
C2 UNL ZG . -8.49 -45.62 51.41
O2 UNL ZG . -8.17 -46.83 50.72
N1 UNL ZG . -13.22 -47.34 52.83
C1 UNL AH . -11.26 -44.18 54.76
O5 UNL AH . -12.55 -43.53 54.86
C5 UNL AH . -13.70 -44.38 54.97
C6 UNL AH . -14.91 -43.47 55.12
O6 UNL AH . -14.85 -42.81 56.39
C4 UNL AH . -13.55 -45.37 56.13
O4 UNL AH . -14.66 -46.25 56.07
C3 UNL AH . -12.26 -46.17 55.97
O3 UNL AH . -12.03 -47.12 57.03
C2 UNL AH . -11.06 -45.24 55.86
O2 UNL AH . -10.85 -44.55 57.09
C1 UNL BH . -11.65 -48.36 56.37
O5 UNL BH . -10.27 -48.73 56.53
C5 UNL BH . -9.89 -49.24 57.84
C6 UNL BH . -8.40 -49.57 57.76
O6 UNL BH . -8.22 -50.93 57.31
C4 UNL BH . -10.81 -50.41 58.25
O4 UNL BH . -10.53 -50.79 59.58
C3 UNL BH . -12.29 -50.03 58.11
O3 UNL BH . -13.05 -51.21 58.34
C2 UNL BH . -12.60 -49.51 56.72
O2 UNL BH . -13.95 -49.08 56.65
C7 UNL BH . -7.68 -49.37 59.09
O7 UNL BH . -7.83 -48.03 59.57
C9 UNL BH . -13.99 -51.12 59.41
C10 UNL BH . -6.93 -51.23 56.76
CA CA CH . -12.22 -0.67 48.24
C1 UNL DH . -7.94 -22.65 67.35
O5 UNL DH . -9.09 -23.16 66.71
C5 UNL DH . -8.96 -24.56 66.45
C6 UNL DH . -10.35 -25.11 66.31
O6 UNL DH . -10.32 -26.53 66.20
C4 UNL DH . -8.17 -25.15 67.61
O4 UNL DH . -8.24 -26.57 67.48
C3 UNL DH . -8.41 -24.43 68.96
O3 UNL DH . -9.47 -24.95 69.81
C2 UNL DH . -8.37 -22.91 68.79
N2 UNL DH . -7.37 -22.35 69.65
C7 UNL DH . -7.44 -21.55 70.74
C8 UNL DH . -8.36 -20.37 70.70
O7 UNL DH . -6.81 -21.84 71.75
C1 UNL EH . -9.11 -25.91 70.90
O5 UNL EH . -9.70 -27.22 70.90
C5 UNL EH . -11.11 -27.25 71.10
C6 UNL EH . -11.70 -26.83 69.78
O6 UNL EH . -11.47 -27.49 68.82
C4 UNL EH . -11.50 -26.50 72.40
O4 UNL EH . -12.92 -26.33 72.54
C3 UNL EH . -10.80 -25.14 72.53
O3 UNL EH . -11.37 -24.16 71.66
C2 UNL EH . -9.31 -25.29 72.27
O2 UNL EH . -8.73 -26.09 73.29
N1 UNL EH . -12.60 -25.69 69.62
C1 UNL FH . -13.17 -26.34 73.97
O5 UNL FH . -12.77 -25.14 74.66
C5 UNL FH . -12.62 -25.35 76.07
C6 UNL FH . -11.42 -26.28 76.26
O6 UNL FH . -10.26 -25.61 75.75
C4 UNL FH . -13.99 -25.80 76.62
O4 UNL FH . -14.87 -24.66 76.57
C3 UNL FH . -14.66 -26.96 75.85
O3 UNL FH . -13.89 -28.14 76.14
C2 UNL FH . -14.60 -26.73 74.33
O2 UNL FH . -14.97 -27.90 73.60
C1 UNL GH . -14.53 -29.12 77.00
O5 UNL GH . -15.45 -29.96 76.29
C5 UNL GH . -14.81 -30.98 75.49
C6 UNL GH . -15.86 -31.55 74.54
O6 UNL GH . -16.46 -30.48 73.78
C4 UNL GH . -14.13 -32.01 76.41
O4 UNL GH . -12.92 -32.42 75.80
C3 UNL GH . -13.87 -31.45 77.82
O3 UNL GH . -15.04 -31.65 78.60
C2 UNL GH . -13.51 -29.95 77.80
O2 UNL GH . -12.18 -29.79 77.28
C7 UNL GH . -16.94 -32.34 75.25
O7 UNL GH . -17.72 -31.51 76.11
C9 UNL GH . -15.32 -33.01 78.96
C10 UNL GH . -17.17 -30.89 72.62
C1 UNL HH . -22.48 -23.23 50.99
O5 UNL HH . -23.78 -22.67 50.99
C5 UNL HH . -24.03 -21.87 49.81
C6 UNL HH . -25.44 -21.28 49.91
O6 UNL HH . -25.70 -20.35 48.86
C4 UNL HH . -23.72 -22.72 48.59
O4 UNL HH . -24.63 -22.49 47.52
C3 UNL HH . -23.65 -24.19 49.03
O3 UNL HH . -24.81 -24.58 49.72
C2 UNL HH . -22.51 -24.40 50.01
N2 UNL HH . -21.27 -24.57 49.27
C7 UNL HH . -20.76 -25.65 48.68
C8 UNL HH . -21.16 -26.99 49.21
O7 UNL HH . -19.99 -25.55 47.72
C1 UNL IH . -25.58 -25.47 48.88
O5 UNL IH . -26.60 -24.77 48.15
C5 UNL IH . -27.43 -25.61 47.35
C6 UNL IH . -28.27 -24.64 46.52
O6 UNL IH . -28.20 -23.43 46.63
C4 UNL IH . -28.26 -26.54 48.26
O4 UNL IH . -29.64 -26.20 48.27
C3 UNL IH . -27.71 -26.52 49.68
O3 UNL IH . -28.08 -25.32 50.36
C2 UNL IH . -26.19 -26.62 49.68
O2 UNL IH . -25.72 -27.87 49.17
N1 UNL IH . -29.25 -25.18 45.55
C1 UNL JH . -30.35 -27.19 49.07
O5 UNL JH . -30.48 -28.42 48.36
C5 UNL JH . -31.57 -29.22 48.81
C6 UNL JH . -31.44 -30.61 48.20
O6 UNL JH . -30.48 -31.34 48.96
C4 UNL JH . -32.89 -28.56 48.43
O4 UNL JH . -33.94 -29.00 49.29
C3 UNL JH . -32.80 -27.04 48.53
O3 UNL JH . -32.43 -26.49 47.25
C2 UNL JH . -31.72 -26.67 49.54
O2 UNL JH . -31.70 -25.27 49.76
C1 UNL KH . -33.63 -26.33 46.46
O5 UNL KH . -33.70 -27.35 45.47
C5 UNL KH . -34.92 -27.33 44.72
C6 UNL KH . -34.91 -28.59 43.88
O6 UNL KH . -36.09 -28.71 43.06
C4 UNL KH . -35.02 -26.01 43.95
O4 UNL KH . -36.29 -25.96 43.30
C3 UNL KH . -34.86 -24.82 44.89
O3 UNL KH . -34.67 -23.66 44.08
C2 UNL KH . -33.65 -24.96 45.83
O2 UNL KH . -33.76 -23.97 46.85
C7 UNL KH . -34.79 -29.85 44.73
O7 UNL KH . -33.41 -30.15 44.97
C9 UNL KH . -35.67 -22.66 44.22
C10 UNL KH . -35.90 -29.44 41.84
C1 UNL LH . -18.67 -10.98 62.21
O5 UNL LH . -18.11 -11.50 63.39
C5 UNL LH . -17.26 -10.44 63.84
C6 UNL LH . -16.32 -10.96 64.94
O6 UNL LH . -16.84 -11.11 66.28
C4 UNL LH . -18.29 -9.37 64.21
O4 UNL LH . -18.19 -9.31 65.63
C3 UNL LH . -19.75 -9.54 63.73
O3 UNL LH . -20.64 -10.01 64.74
C2 UNL LH . -19.98 -10.29 62.44
N2 UNL LH . -20.43 -9.45 61.34
C7 UNL LH . -21.59 -9.57 60.67
C8 UNL LH . -22.87 -9.47 61.45
O7 UNL LH . -21.58 -9.78 59.47
C1 UNL MH . -20.55 -8.61 65.21
O5 UNL MH . -21.80 -8.06 64.80
C5 UNL MH . -22.87 -8.25 65.72
C6 UNL MH . -23.94 -7.62 64.90
O6 UNL MH . -23.74 -6.68 64.15
C4 UNL MH . -22.55 -7.42 66.98
O4 UNL MH . -23.60 -6.48 67.30
C3 UNL MH . -21.21 -6.71 66.82
O3 UNL MH . -21.21 -5.69 65.78
C2 UNL MH . -20.12 -7.74 66.51
O2 UNL MH . -19.67 -8.41 67.71
N1 UNL MH . -25.29 -8.17 65.01
C1 UNL NH . -23.83 -6.26 68.73
O5 UNL NH . -22.71 -6.64 69.58
C5 UNL NH . -23.04 -6.92 70.94
C6 UNL NH . -23.71 -8.30 70.90
O6 UNL NH . -22.92 -9.17 70.06
C4 UNL NH . -23.80 -5.66 71.49
O4 UNL NH . -22.78 -4.71 71.85
C3 UNL NH . -24.78 -4.89 70.54
O3 UNL NH . -26.13 -5.43 70.49
C2 UNL NH . -24.30 -4.84 69.08
O2 UNL NH . -25.35 -4.41 68.20
C1 UNL OH . -27.08 -4.68 71.30
O5 UNL OH . -27.96 -3.89 70.49
C5 UNL OH . -29.10 -4.63 69.97
C6 UNL OH . -29.73 -3.80 68.86
O6 UNL OH . -28.84 -3.62 67.74
C4 UNL OH . -30.05 -5.03 71.12
O4 UNL OH . -30.67 -6.27 70.80
C3 UNL OH . -29.31 -5.12 72.45
O3 UNL OH . -29.36 -3.83 73.08
C2 UNL OH . -27.84 -5.56 72.32
O2 UNL OH . -27.80 -6.94 71.96
C7 UNL OH . -30.19 -2.42 69.32
O7 UNL OH . -29.08 -1.56 69.57
C9 UNL OH . -30.65 -3.42 73.51
C10 UNL OH . -28.59 -4.79 66.97
C1 UNL PH . -29.11 -12.24 58.46
O5 UNL PH . -29.99 -12.69 57.46
C5 UNL PH . -30.89 -11.66 57.01
C6 UNL PH . -30.02 -10.60 56.39
O6 UNL PH . -30.46 -10.61 55.12
C4 UNL PH . -31.81 -11.11 58.10
O4 UNL PH . -32.52 -9.95 57.67
C3 UNL PH . -31.10 -10.90 59.43
O3 UNL PH . -31.66 -9.77 60.11
C2 UNL PH . -29.57 -10.99 59.20
N2 UNL PH . -28.87 -10.97 60.44
C7 UNL PH . -28.72 -9.69 60.76
C8 UNL PH . -28.36 -9.40 62.19
O7 UNL PH . -29.12 -8.82 60.00
C1 UNL QH . -32.17 -10.05 61.45
O5 UNL QH . -33.23 -10.98 61.58
C5 UNL QH . -33.23 -11.47 62.93
C6 UNL QH . -34.12 -12.71 63.00
O6 UNL QH . -33.99 -13.52 63.89
C4 UNL QH . -33.68 -10.35 63.89
O4 UNL QH . -35.10 -10.18 63.85
C3 UNL QH . -32.84 -9.08 63.68
O3 UNL QH . -33.40 -7.94 64.32
C2 UNL QH . -32.55 -8.78 62.20
O2 UNL QH . -31.54 -7.79 62.05
N1 UNL QH . -35.16 -12.93 61.98
C1 UNL RH . -35.82 -9.35 62.92
O5 UNL RH . -36.24 -10.00 61.70
C5 UNL RH . -36.65 -9.07 60.69
C6 UNL RH . -35.47 -8.71 59.79
O6 UNL RH . -35.00 -9.90 59.15
C4 UNL RH . -37.27 -7.83 61.30
O4 UNL RH . -38.17 -7.23 60.38
C3 UNL RH . -38.01 -8.18 62.60
O3 UNL RH . -38.72 -7.06 63.15
C2 UNL RH . -37.02 -8.73 63.64
O2 UNL RH . -36.53 -7.72 64.52
C1 UNL SH . -40.14 -7.37 63.25
O5 UNL SH . -40.49 -8.20 64.37
C5 UNL SH . -40.31 -7.57 65.66
C6 UNL SH . -40.71 -8.61 66.71
O6 UNL SH . -42.07 -8.43 67.12
C4 UNL SH . -41.07 -6.24 65.74
O4 UNL SH . -40.15 -5.19 66.03
C3 UNL SH . -41.85 -5.93 64.46
O3 UNL SH . -43.02 -6.76 64.42
C2 UNL SH . -41.04 -6.12 63.18
O2 UNL SH . -40.26 -4.95 62.96
C7 UNL SH . -39.79 -8.59 67.92
O7 UNL SH . -40.12 -7.53 68.80
C9 UNL SH . -44.21 -6.15 64.90
C10 UNL SH . -42.88 -9.61 67.01
C1 UNL TH . -29.23 -21.61 61.05
O5 UNL TH . -28.88 -22.56 62.02
C5 UNL TH . -29.45 -22.17 63.28
C6 UNL TH . -29.22 -23.32 64.24
O6 UNL TH . -29.03 -24.57 63.56
C4 UNL TH . -30.92 -21.81 63.04
O4 UNL TH . -31.72 -22.24 64.14
C3 UNL TH . -31.44 -22.44 61.76
O3 UNL TH . -31.31 -23.85 61.74
C2 UNL TH . -30.60 -22.05 60.56
N2 UNL TH . -31.31 -21.12 59.74
C7 UNL TH . -31.31 -21.31 58.42
C8 UNL TH . -32.31 -20.51 57.63
O7 UNL TH . -30.54 -22.09 57.89
C1 UNL UH . -32.61 -24.47 61.90
O5 UNL UH . -32.84 -24.88 63.25
C5 UNL UH . -34.21 -25.22 63.49
C6 UNL UH . -34.32 -25.51 64.98
O6 UNL UH . -33.61 -26.31 65.55
C4 UNL UH . -34.62 -26.42 62.61
O4 UNL UH . -35.00 -27.52 63.43
C3 UNL UH . -33.47 -26.84 61.70
O3 UNL UH . -32.45 -27.51 62.45
C2 UNL UH . -32.88 -25.63 60.95
O2 UNL UH . -33.76 -25.19 59.92
N1 UNL UH . -35.32 -24.76 65.78
C1 UNL VH . -36.40 -27.79 63.23
O5 UNL VH . -37.22 -27.03 64.12
C5 UNL VH . -38.64 -27.19 63.88
C6 UNL VH . -39.39 -26.37 64.91
O6 UNL VH . -39.04 -24.98 64.78
C4 UNL VH . -39.07 -28.66 63.89
O4 UNL VH . -40.40 -28.80 63.33
C3 UNL VH . -38.11 -29.53 63.07
O3 UNL VH . -38.40 -30.91 63.25
C2 UNL VH . -36.63 -29.28 63.41
O2 UNL VH . -36.32 -29.71 64.74
C1 UNL WH . -38.53 -31.45 61.92
O5 UNL WH . -39.80 -31.11 61.36
C5 UNL WH . -39.93 -31.49 59.98
C6 UNL WH . -41.24 -30.89 59.48
O6 UNL WH . -41.25 -29.46 59.62
C4 UNL WH . -39.80 -33.01 59.85
O4 UNL WH . -39.84 -33.37 58.47
C3 UNL WH . -38.49 -33.50 60.49
O3 UNL WH . -38.53 -34.92 60.55
C2 UNL WH . -38.29 -32.94 61.90
O2 UNL WH . -36.94 -33.21 62.31
C7 UNL WH . -42.46 -31.44 60.19
O7 UNL WH . -42.50 -31.02 61.56
C9 UNL WH . -37.49 -35.58 59.83
C10 UNL WH . -40.30 -28.75 58.83
C1 UNL XH . -14.00 -26.81 60.30
O5 UNL XH . -14.99 -27.51 59.56
C5 UNL XH . -14.36 -28.39 58.62
C6 UNL XH . -15.43 -29.13 57.82
O6 UNL XH . -14.88 -29.78 56.66
C4 UNL XH . -13.43 -29.25 59.44
O4 UNL XH . -13.48 -30.56 58.88
C3 UNL XH . -13.77 -29.18 60.92
O3 UNL XH . -15.13 -29.40 61.13
C2 UNL XH . -13.59 -27.77 61.41
N2 UNL XH . -12.21 -27.59 61.79
C7 UNL XH . -11.77 -27.86 63.03
C8 UNL XH . -12.76 -27.72 64.15
O7 UNL XH . -10.62 -28.22 63.21
C1 UNL YH . -15.32 -30.77 61.42
O5 UNL YH . -15.90 -31.33 60.25
C5 UNL YH . -15.94 -32.75 60.29
C6 UNL YH . -17.04 -33.12 59.31
O6 UNL YH . -17.77 -32.27 58.78
C4 UNL YH . -16.24 -33.18 61.72
O4 UNL YH . -16.86 -34.46 61.71
C3 UNL YH . -17.12 -32.11 62.39
O3 UNL YH . -18.28 -31.78 61.64
C2 UNL YH . -16.29 -30.85 62.56
O2 UNL YH . -15.62 -30.79 63.83
N1 UNL YH . -17.15 -34.54 58.93
C1 UNL ZH . -16.17 -35.41 62.54
O5 UNL ZH . -15.75 -34.92 63.81
C5 UNL ZH . -16.78 -34.58 64.74
C6 UNL ZH . -16.01 -34.24 66.01
O6 UNL ZH . -15.18 -33.10 65.76
C4 UNL ZH . -17.85 -35.65 64.94
O4 UNL ZH . -19.02 -35.08 65.56
C3 UNL ZH . -18.30 -36.31 63.64
O3 UNL ZH . -19.07 -37.46 64.01
C2 UNL ZH . -17.09 -36.64 62.75
O2 UNL ZH . -16.27 -37.70 63.28
C1 UNL AI . -19.56 -38.27 62.93
O5 UNL AI . -20.70 -37.73 62.26
C5 UNL AI . -21.14 -38.50 61.12
C6 UNL AI . -22.25 -37.71 60.45
O6 UNL AI . -23.51 -37.91 61.12
C4 UNL AI . -21.53 -39.93 61.58
O4 UNL AI . -21.90 -40.74 60.46
C3 UNL AI . -20.36 -40.57 62.33
O3 UNL AI . -20.81 -41.81 62.85
C2 UNL AI . -19.86 -39.67 63.46
O2 UNL AI . -18.68 -40.24 64.02
C7 UNL AI . -22.43 -38.06 58.96
O7 UNL AI . -21.17 -38.20 58.30
C9 UNL AI . -20.05 -42.95 62.44
C10 UNL AI . -24.50 -36.91 60.89
CA CA BI . 3.81 17.27 60.15
C1 UNL CI . -13.74 2.61 63.28
O5 UNL CI . -14.29 2.52 64.57
C5 UNL CI . -15.72 2.46 64.58
C6 UNL CI . -16.10 1.04 64.28
O6 UNL CI . -15.23 0.19 65.05
C4 UNL CI . -16.42 3.56 63.77
O4 UNL CI . -17.38 3.22 62.75
C3 UNL CI . -15.45 4.50 63.11
O3 UNL CI . -16.25 5.13 62.13
C2 UNL CI . -14.23 3.81 62.50
N2 UNL CI . -13.21 4.82 62.36
C7 UNL CI . -12.65 4.79 61.16
C8 UNL CI . -11.59 5.82 60.87
O7 UNL CI . -12.99 3.93 60.35
C1 UNL DI . -15.64 6.20 61.47
O5 UNL DI . -15.40 7.28 62.36
C5 UNL DI . -16.06 8.50 62.01
C6 UNL DI . -15.99 9.33 63.26
O6 UNL DI . -15.30 8.99 64.20
C4 UNL DI . -17.48 8.14 61.57
O4 UNL DI . -18.14 7.32 62.54
C3 UNL DI . -17.43 7.47 60.19
O3 UNL DI . -18.58 6.67 59.91
C2 UNL DI . -16.21 6.61 60.09
O2 UNL DI . -15.21 7.28 59.33
N1 UNL DI . -16.76 10.61 63.39
C1 UNL EI . -19.60 7.41 62.36
O5 UNL EI . -20.22 6.59 63.29
C5 UNL EI . -20.45 7.30 64.54
C6 UNL EI . -20.94 6.09 65.25
O6 UNL EI . -22.31 5.70 65.03
C4 UNL EI . -21.39 8.57 64.50
O4 UNL EI . -21.59 9.45 65.67
C3 UNL EI . -20.85 9.60 63.52
O3 UNL EI . -21.73 10.80 63.41
C2 UNL EI . -20.48 8.70 62.30
O2 UNL EI . -21.63 7.97 61.79
C1 UNL FI . -21.01 12.03 63.23
O5 UNL FI . -21.14 12.64 61.94
C5 UNL FI . -22.43 13.26 61.65
C6 UNL FI . -22.25 13.74 60.22
O6 UNL FI . -20.95 14.28 59.87
C4 UNL FI . -22.78 14.34 62.70
O4 UNL FI . -24.12 14.80 62.54
C3 UNL FI . -22.66 13.76 64.11
O3 UNL FI . -22.87 14.83 65.02
C2 UNL FI . -21.31 13.05 64.33
O2 UNL FI . -21.40 12.34 65.55
C7 UNL FI . -23.37 14.62 59.68
O7 UNL FI . -23.17 14.84 58.28
C9 UNL FI . -23.85 14.58 66.02
C10 UNL FI . -20.56 15.53 60.47
C1 UNL GI . -9.33 -0.50 79.38
O5 UNL GI . -10.08 -1.69 79.58
C5 UNL GI . -11.49 -1.56 79.81
C6 UNL GI . -12.15 -0.75 78.68
O6 UNL GI . -11.86 -1.23 77.37
C4 UNL GI . -11.70 -0.91 81.17
O4 UNL GI . -12.85 -0.06 81.23
C3 UNL GI . -10.46 -0.13 81.54
O3 UNL GI . -10.73 0.66 82.71
C2 UNL GI . -9.83 0.56 80.33
N2 UNL GI . -8.66 1.29 80.72
C7 UNL GI . -8.54 2.60 80.50
C8 UNL GI . -7.93 3.41 81.61
O7 UNL GI . -8.90 3.10 79.44
C1 UNL HI . -10.80 2.11 82.67
O5 UNL HI . -10.54 2.72 83.93
C5 UNL HI . -11.60 2.63 84.89
C6 UNL HI . -11.29 1.51 85.88
O6 UNL HI . -11.19 0.34 85.58
C4 UNL HI . -12.99 2.51 84.23
O4 UNL HI . -13.32 1.15 83.96
C3 UNL HI . -13.00 3.32 82.95
O3 UNL HI . -14.29 3.35 82.36
C2 UNL HI . -12.05 2.70 81.98
O2 UNL HI . -11.66 3.66 81.00
N1 UNL HI . -11.15 1.86 87.31
C1 UNL II . -14.73 0.86 84.12
O5 UNL II . -14.99 -0.53 83.88
C5 UNL II . -14.28 -1.39 84.80
C6 UNL II . -14.53 -2.83 84.39
O6 UNL II . -15.91 -3.14 84.61
C4 UNL II . -14.72 -1.09 86.22
O4 UNL II . -13.95 -1.88 87.12
C3 UNL II . -14.52 0.39 86.54
O3 UNL II . -14.98 0.72 87.84
C2 UNL II . -15.23 1.25 85.51
O2 UNL II . -16.63 1.04 85.59
C1 UNL JI . -14.48 2.02 88.16
O5 UNL JI . -15.48 3.03 88.02
C5 UNL JI . -16.64 2.80 88.85
C6 UNL JI . -17.64 3.88 88.41
O6 UNL JI . -17.24 5.21 88.78
C4 UNL JI . -16.21 2.85 90.33
O4 UNL JI . -17.31 2.54 91.17
C3 UNL JI . -15.04 1.90 90.60
O3 UNL JI . -14.50 2.23 91.89
C2 UNL JI . -13.91 2.06 89.58
O2 UNL JI . -12.96 1.02 89.74
C7 UNL JI . -19.09 3.55 88.74
O7 UNL JI . -19.98 4.34 87.96
C9 UNL JI . -14.82 1.31 92.94
C10 UNL JI . -17.76 5.72 90.02
C1 UNL KI . -2.73 12.70 87.85
O5 UNL KI . -3.75 13.68 87.67
C5 UNL KI . -3.69 14.71 88.68
C6 UNL KI . -2.47 15.54 88.37
O6 UNL KI . -2.68 16.32 87.18
C4 UNL KI . -3.66 14.09 90.08
O4 UNL KI . -2.43 14.35 90.76
C3 UNL KI . -3.88 12.58 89.99
O3 UNL KI . -3.87 11.99 91.27
C2 UNL KI . -2.81 11.94 89.14
N2 UNL KI . -3.10 10.54 88.91
C7 UNL KI . -2.33 9.54 89.37
C8 UNL KI . -2.72 8.17 88.94
O7 UNL KI . -1.37 9.76 90.10
C1 UNL LI . -5.20 11.54 91.62
O5 UNL LI . -6.16 12.61 91.62
C5 UNL LI . -6.68 12.99 92.90
C6 UNL LI . -7.36 14.34 92.74
O6 UNL LI . -7.26 15.04 91.75
C4 UNL LI . -5.56 13.02 93.95
O4 UNL LI . -4.53 13.89 93.50
C3 UNL LI . -5.05 11.59 94.17
O3 UNL LI . -3.71 11.59 94.67
C2 UNL LI . -5.12 10.74 92.92
O2 UNL LI . -6.21 9.81 92.99
N1 UNL LI . -8.20 14.87 93.83
C1 UNL MI . -4.04 14.95 94.38
O5 UNL MI . -4.07 16.28 93.84
C5 UNL MI . -5.25 17.06 94.07
C6 UNL MI . -5.02 18.44 93.48
O6 UNL MI . -4.00 19.12 94.23
C4 UNL MI . -5.60 17.12 95.57
O4 UNL MI . -6.85 17.77 95.69
C3 UNL MI . -5.72 15.71 96.14
O3 UNL MI . -6.02 15.65 97.54
C2 UNL MI . -4.44 14.91 95.86
O2 UNL MI . -3.36 15.45 96.62
C1 UNL NI . -7.09 14.67 97.68
O5 UNL NI . -6.71 13.43 98.31
C5 UNL NI . -6.49 13.49 99.74
C6 UNL NI . -6.11 12.08 100.17
O6 UNL NI . -7.29 11.32 100.51
C4 UNL NI . -7.73 14.09 100.44
O4 UNL NI . -7.45 14.28 101.83
C3 UNL NI . -8.15 15.42 99.81
O3 UNL NI . -9.38 15.81 100.41
C2 UNL NI . -8.34 15.27 98.31
O2 UNL NI . -8.63 16.55 97.73
C7 UNL NI . -5.16 12.07 101.36
O7 UNL NI . -3.96 12.81 101.08
C9 UNL NI . -9.36 17.08 101.06
C10 UNL NI . -7.14 9.90 100.48
CA CA OI . 28.15 26.64 66.92
C1 UNL PI . 19.52 23.71 94.88
O5 UNL PI . 18.33 24.25 94.33
C5 UNL PI . 17.17 23.61 94.86
C6 UNL PI . 16.03 24.57 94.69
O6 UNL PI . 14.87 24.06 95.34
C4 UNL PI . 17.49 23.27 96.32
O4 UNL PI . 16.26 22.87 96.92
C3 UNL PI . 18.45 24.29 97.00
O3 UNL PI . 17.84 25.41 97.70
C2 UNL PI . 19.63 24.62 96.08
N2 UNL PI . 20.86 24.33 96.75
C7 UNL PI . 21.87 25.09 97.22
C8 UNL PI . 22.37 26.21 96.36
O7 UNL PI . 22.30 24.90 98.35
C1 UNL QI . 17.63 25.31 99.17
O5 UNL QI . 16.30 25.42 99.70
C5 UNL QI . 15.69 26.69 99.53
C6 UNL QI . 15.27 26.73 98.09
O6 UNL QI . 14.49 25.92 97.69
C4 UNL QI . 16.58 27.81 100.11
O4 UNL QI . 16.10 29.12 99.80
C3 UNL QI . 18.05 27.67 99.70
O3 UNL QI . 18.26 28.07 98.34
C2 UNL QI . 18.54 26.26 99.93
O2 UNL QI . 18.53 25.97 101.33
N1 UNL QI . 15.71 27.77 97.15
C1 UNL RI . 16.49 29.96 100.92
O5 UNL RI . 17.89 30.29 100.97
C5 UNL RI . 18.30 30.70 102.27
C6 UNL RI . 18.18 29.49 103.20
O6 UNL RI . 19.08 28.50 102.72
C4 UNL RI . 17.49 31.98 102.62
O4 UNL RI . 17.97 33.05 101.78
C3 UNL RI . 15.96 31.86 102.42
O3 UNL RI . 15.48 30.99 103.45
C2 UNL RI . 15.63 31.22 101.07
O2 UNL RI . 14.25 30.87 100.97
C1 UNL SI . 14.70 31.61 104.51
O5 UNL SI . 13.34 31.83 104.12
C5 UNL SI . 12.52 30.63 104.15
C6 UNL SI . 11.23 30.94 103.39
O6 UNL SI . 11.54 31.43 102.08
C4 UNL SI . 12.34 30.14 105.59
O4 UNL SI . 12.38 28.72 105.60
C3 UNL SI . 13.43 30.70 106.53
O3 UNL SI . 13.00 31.98 107.00
C2 UNL SI . 14.79 30.84 105.84
O2 UNL SI . 15.36 29.53 105.66
C7 UNL SI . 10.33 31.92 104.13
O7 UNL SI . 10.96 33.20 104.21
C9 UNL SI . 11.90 31.95 107.91
C10 UNL SI . 10.46 31.40 101.15
C1 UNL TI . 6.20 29.50 78.24
O5 UNL TI . 6.07 30.79 77.67
C5 UNL TI . 6.17 30.77 76.23
C6 UNL TI . 6.04 32.20 75.70
O6 UNL TI . 6.29 32.28 74.29
C4 UNL TI . 5.18 29.73 75.70
O4 UNL TI . 4.56 30.16 74.47
C3 UNL TI . 4.18 29.41 76.80
O3 UNL TI . 3.58 30.59 77.32
C2 UNL TI . 4.88 28.78 78.00
N2 UNL TI . 5.05 27.35 77.73
C7 UNL TI . 4.20 26.34 77.89
C8 UNL TI . 3.11 26.50 78.91
O7 UNL TI . 4.28 25.32 77.20
C1 UNL UI . 2.19 30.63 76.89
O5 UNL UI . 2.03 31.41 75.70
C5 UNL UI . 0.68 31.53 75.25
C6 UNL UI . 0.78 32.22 73.90
O6 UNL UI . 1.83 32.56 73.40
C4 UNL UI . -0.14 32.33 76.30
O4 UNL UI . -0.51 33.63 75.83
C3 UNL UI . 0.65 32.46 77.61
O3 UNL UI . 1.70 33.43 77.49
C2 UNL UI . 1.27 31.12 77.99
O2 UNL UI . 0.29 30.13 78.30
N1 UNL UI . -0.46 32.49 73.13
C1 UNL VI . -1.33 34.26 76.83
O5 UNL VI . -2.65 33.70 76.84
C5 UNL VI . -3.63 34.57 77.38
C6 UNL VI . -4.91 33.79 77.60
O6 UNL VI . -4.79 33.05 78.83
C4 UNL VI . -3.86 35.76 76.44
O4 UNL VI . -4.38 36.87 77.16
C3 UNL VI . -2.56 36.18 75.76
O3 UNL VI . -2.41 35.51 74.50
C2 UNL VI . -1.38 35.79 76.66
O2 UNL VI . -0.16 36.29 76.14
C1 UNL WI . -3.14 36.25 73.51
O5 UNL WI . -4.37 35.62 73.18
C5 UNL WI . -5.21 36.44 72.36
C6 UNL WI . -6.54 35.71 72.30
O6 UNL WI . -7.51 36.42 71.49
C4 UNL WI . -4.51 36.66 71.01
O4 UNL WI . -5.30 37.55 70.23
C3 UNL WI . -3.11 37.23 71.22
O3 UNL WI . -2.44 37.15 69.97
C2 UNL WI . -2.30 36.47 72.27
O2 UNL WI . -1.15 37.25 72.61
C7 UNL WI . -7.14 35.52 73.69
O7 UNL WI . -6.67 34.30 74.25
C9 UNL WI . -2.02 38.40 69.41
C10 UNL WI . -8.48 35.59 70.87
C1 UNL XI . 21.99 34.80 82.26
O5 UNL XI . 22.36 34.66 83.60
C5 UNL XI . 23.77 34.48 83.56
C6 UNL XI . 24.29 33.96 84.91
O6 UNL XI . 24.45 34.91 85.98
C4 UNL XI . 24.23 35.85 83.07
O4 UNL XI . 24.90 36.38 84.20
C3 UNL XI . 23.18 36.83 82.49
O3 UNL XI . 22.79 37.86 83.40
C2 UNL XI . 21.96 36.24 81.80
N2 UNL XI . 21.94 36.43 80.37
C7 UNL XI . 21.01 37.09 79.68
C8 UNL XI . 20.79 38.55 79.98
O7 UNL XI . 20.34 36.51 78.82
C1 UNL YI . 24.11 38.43 83.02
O5 UNL YI . 23.75 39.49 82.15
C5 UNL YI . 23.45 40.73 82.80
C6 UNL YI . 23.07 41.50 81.59
O6 UNL YI . 23.59 41.32 80.50
C4 UNL YI . 24.74 41.25 83.44
O4 UNL YI . 25.07 42.58 82.99
C3 UNL YI . 25.89 40.28 83.17
O3 UNL YI . 26.26 40.20 81.77
C2 UNL YI . 25.51 38.88 83.69
O2 UNL YI . 25.70 38.80 85.11
N1 UNL YI . 22.01 42.51 81.73
C1 UNL ZI . 25.69 43.44 84.02
O5 UNL ZI . 26.29 42.72 85.12
C5 UNL ZI . 26.46 43.47 86.33
C6 UNL ZI . 25.03 43.56 86.91
O6 UNL ZI . 24.41 42.26 86.84
C4 UNL ZI . 27.27 44.76 85.96
O4 UNL ZI . 28.65 44.38 85.94
C3 UNL ZI . 26.99 45.46 84.58
O3 UNL ZI . 25.89 46.40 84.58
C2 UNL ZI . 26.70 44.48 83.45
O2 UNL ZI . 26.15 45.14 82.29
C1 UNL AJ . 26.32 47.79 84.66
O5 UNL AJ . 26.17 48.48 83.41
C5 UNL AJ . 24.83 48.98 83.17
C6 UNL AJ . 24.73 49.33 81.68
O6 UNL AJ . 24.87 48.17 80.84
C4 UNL AJ . 24.50 50.12 84.14
O4 UNL AJ . 23.11 50.10 84.44
C3 UNL AJ . 25.33 50.01 85.43
O3 UNL AJ . 26.54 50.74 85.26
C2 UNL AJ . 25.65 48.57 85.83
O2 UNL AJ . 24.46 47.93 86.28
C7 UNL AJ . 25.76 50.37 81.24
O7 UNL AJ . 27.07 49.82 81.19
C9 UNL AJ . 26.40 52.14 85.14
C10 UNL AJ . 23.78 47.26 80.87
C1 UNL BJ . 14.63 41.71 77.67
O5 UNL BJ . 13.46 41.89 76.91
C5 UNL BJ . 13.66 42.78 75.80
C6 UNL BJ . 14.67 42.12 74.91
O6 UNL BJ . 13.95 41.96 73.78
C4 UNL BJ . 14.04 44.21 76.21
O4 UNL BJ . 14.44 44.99 75.08
C3 UNL BJ . 15.07 44.23 77.33
O3 UNL BJ . 15.95 45.36 77.16
C2 UNL BJ . 15.67 42.83 77.51
N2 UNL BJ . 16.51 42.76 78.66
C7 UNL BJ . 17.69 43.18 78.29
C8 UNL BJ . 18.65 43.58 79.35
O7 UNL BJ . 17.88 43.46 77.11
C1 UNL CJ . 15.99 46.28 78.30
O5 UNL CJ . 14.80 46.94 78.68
C5 UNL CJ . 14.94 47.36 80.05
C6 UNL CJ . 13.56 47.75 80.58
O6 UNL CJ . 13.32 47.77 81.76
C4 UNL CJ . 15.97 48.50 80.13
O4 UNL CJ . 15.38 49.75 79.72
C3 UNL CJ . 17.29 48.10 79.47
O3 UNL CJ . 18.15 49.21 79.26
C2 UNL CJ . 17.11 47.32 78.16
O2 UNL CJ . 18.31 46.72 77.72
N1 UNL CJ . 12.49 48.13 79.63
C1 UNL DJ . 15.33 50.22 78.34
O5 UNL DJ . 14.15 49.85 77.62
C5 UNL DJ . 14.29 50.06 76.20
C6 UNL DJ . 14.80 48.79 75.52
O6 UNL DJ . 13.86 47.75 75.74
C4 UNL DJ . 15.21 51.24 75.91
O4 UNL DJ . 14.88 51.80 74.64
C3 UNL DJ . 15.07 52.32 77.00
O3 UNL DJ . 15.81 53.50 76.71
C2 UNL DJ . 15.51 51.74 78.36
O2 UNL DJ . 16.88 52.01 78.63
C1 UNL EJ . 14.92 54.65 76.64
O5 UNL EJ . 14.54 55.17 77.93
C5 UNL EJ . 15.60 55.76 78.69
C6 UNL EJ . 15.00 56.22 80.00
O6 UNL EJ . 14.64 57.61 79.97
C4 UNL EJ . 16.33 56.86 77.88
O4 UNL EJ . 17.70 56.52 77.76
C3 UNL EJ . 15.70 57.07 76.50
O3 UNL EJ . 14.47 57.78 76.65
C2 UNL EJ . 15.46 55.77 75.73
O2 UNL EJ . 16.66 55.38 75.08
C7 UNL EJ . 15.92 55.96 81.19
O7 UNL EJ . 16.94 56.96 81.29
C9 UNL EJ . 14.55 59.19 76.48
C10 UNL EJ . 13.30 57.88 80.32
C1 UNL FJ . 8.04 39.90 84.54
O5 UNL FJ . 7.76 39.71 85.91
C5 UNL FJ . 8.26 40.86 86.64
C6 UNL FJ . 7.76 40.71 88.05
O6 UNL FJ . 6.60 39.89 88.14
C4 UNL FJ . 7.80 42.12 85.91
O4 UNL FJ . 7.45 43.14 86.84
C3 UNL FJ . 6.59 41.84 85.02
O3 UNL FJ . 5.50 41.28 85.72
C2 UNL FJ . 6.88 40.73 84.02
N2 UNL FJ . 7.03 41.28 82.69
C7 UNL FJ . 6.42 40.67 81.69
C8 UNL FJ . 6.33 41.43 80.40
O7 UNL FJ . 5.95 39.55 81.81
C1 UNL GJ . 4.44 42.28 85.86
O5 UNL GJ . 4.48 42.91 87.13
C5 UNL GJ . 3.64 44.08 87.18
C6 UNL GJ . 3.88 44.72 88.54
O6 UNL GJ . 3.74 44.11 89.58
C4 UNL GJ . 2.17 43.68 86.94
O4 UNL GJ . 1.37 44.02 88.07
C3 UNL GJ . 2.04 42.19 86.64
O3 UNL GJ . 2.24 41.44 87.85
C2 UNL GJ . 3.04 41.75 85.57
O2 UNL GJ . 2.63 42.19 84.27
N1 UNL GJ . 4.29 46.14 88.59
C1 UNL HJ . 0.43 45.04 87.72
O5 UNL HJ . 0.98 46.35 87.89
C5 UNL HJ . 0.10 47.41 87.45
C6 UNL HJ . 0.77 48.74 87.73
O6 UNL HJ . 2.00 48.82 87.01
C4 UNL HJ . -1.30 47.32 88.11
O4 UNL HJ . -2.24 48.17 87.42
C3 UNL HJ . -1.84 45.88 88.09
O3 UNL HJ . -3.02 45.78 88.86
C2 UNL HJ . -0.82 44.85 88.56
O2 UNL HJ . -0.53 45.00 89.97
C1 UNL IJ . -3.99 45.16 88.00
O5 UNL IJ . -4.52 46.10 87.07
C5 UNL IJ . -5.37 45.52 86.08
C6 UNL IJ . -5.70 46.62 85.07
O6 UNL IJ . -4.50 47.14 84.47
C4 UNL IJ . -6.58 44.87 86.78
O4 UNL IJ . -7.39 44.21 85.80
C3 UNL IJ . -6.12 43.87 87.84
O3 UNL IJ . -7.27 43.47 88.59
C2 UNL IJ . -5.08 44.46 88.79
O2 UNL IJ . -4.51 43.41 89.56
C7 UNL IJ . -6.46 47.78 85.68
O7 UNL IJ . -5.66 48.51 86.60
C9 UNL IJ . -7.56 42.08 88.55
C10 UNL IJ . -3.77 46.23 83.66
C1 UNL JJ . 10.75 24.78 89.77
O5 UNL JJ . 9.46 25.08 89.27
C5 UNL JJ . 8.73 23.87 89.04
C6 UNL JJ . 7.34 24.21 88.52
O6 UNL JJ . 6.67 23.06 87.98
C4 UNL JJ . 8.77 23.12 90.36
O4 UNL JJ . 7.50 22.51 90.53
C3 UNL JJ . 9.20 24.04 91.51
O3 UNL JJ . 8.43 25.21 91.51
C2 UNL JJ . 10.58 24.54 91.26
N2 UNL JJ . 11.52 23.59 91.77
C7 UNL JJ . 11.95 23.61 93.03
C8 UNL JJ . 12.01 24.94 93.72
O7 UNL JJ . 12.28 22.57 93.61
C1 UNL KJ . 7.34 25.03 92.39
O5 UNL KJ . 6.20 24.88 91.57
C5 UNL KJ . 5.05 24.46 92.29
C6 UNL KJ . 3.90 24.88 91.41
O6 UNL KJ . 4.03 25.56 90.39
C4 UNL KJ . 5.07 25.17 93.64
O4 UNL KJ . 3.74 25.28 94.14
C3 UNL KJ . 5.75 26.54 93.49
O3 UNL KJ . 5.20 27.33 92.44
C2 UNL KJ . 7.22 26.32 93.19
O2 UNL KJ . 8.03 26.27 94.36
N1 UNL KJ . 2.55 24.36 91.78
C1 UNL LJ . 3.58 24.74 95.47
O5 UNL LJ . 4.64 25.05 96.37
C5 UNL LJ . 4.77 26.42 96.76
C6 UNL LJ . 5.84 26.39 97.82
O6 UNL LJ . 7.07 25.94 97.22
C4 UNL LJ . 3.47 27.11 97.21
O4 UNL LJ . 3.62 28.54 97.19
C3 UNL LJ . 2.27 26.75 96.34
O3 UNL LJ . 1.11 27.24 97.05
C2 UNL LJ . 2.24 25.25 96.03
O2 UNL LJ . 1.93 24.46 97.20
C1 UNL MJ . -0.16 26.97 96.42
O5 UNL MJ . -0.46 27.85 95.33
C5 UNL MJ . -1.72 27.58 94.68
C6 UNL MJ . -1.80 28.53 93.48
O6 UNL MJ . -2.26 29.83 93.89
C4 UNL MJ . -2.88 27.69 95.69
O4 UNL MJ . -4.11 27.35 95.07
C3 UNL MJ . -2.61 26.77 96.88
O3 UNL MJ . -3.64 27.01 97.84
C2 UNL MJ . -1.24 27.03 97.50
O2 UNL MJ . -0.99 26.05 98.49
C7 UNL MJ . -2.71 28.01 92.36
O7 UNL MJ . -2.54 26.62 92.13
C9 UNL MJ . -4.40 25.87 98.21
C10 UNL MJ . -1.94 30.90 93.00
CA CA NJ . 54.45 23.41 71.21
C1 UNL OJ . 35.53 35.14 77.63
O5 UNL OJ . 35.65 36.11 78.64
C5 UNL OJ . 34.92 37.32 78.38
C6 UNL OJ . 33.49 37.06 78.77
O6 UNL OJ . 33.50 36.33 80.02
C4 UNL OJ . 35.17 37.95 77.00
O4 UNL OJ . 34.08 38.23 76.13
C3 UNL OJ . 36.15 37.15 76.18
O3 UNL OJ . 35.91 37.65 74.88
C2 UNL OJ . 35.96 35.65 76.26
N2 UNL OJ . 37.21 35.05 75.85
C7 UNL OJ . 37.02 34.08 74.97
C8 UNL OJ . 38.26 33.39 74.44
O7 UNL OJ . 35.89 33.75 74.65
C1 UNL PJ . 36.83 37.22 73.92
O5 UNL PJ . 38.13 37.73 74.16
C5 UNL PJ . 38.67 38.55 73.13
C6 UNL PJ . 39.81 39.28 73.78
O6 UNL PJ . 40.21 38.95 74.89
C4 UNL PJ . 37.54 39.47 72.65
O4 UNL PJ . 36.91 40.15 73.74
C3 UNL PJ . 36.54 38.65 71.84
O3 UNL PJ . 35.24 39.25 71.76
C2 UNL PJ . 36.39 37.28 72.43
O2 UNL PJ . 37.14 36.34 71.66
N1 UNL PJ . 40.52 40.40 73.10
C1 UNL QJ . 36.22 41.35 73.24
O5 UNL QJ . 35.60 41.99 74.31
C5 UNL QJ . 36.50 42.93 74.96
C6 UNL QJ . 35.54 43.24 76.05
O6 UNL QJ . 34.51 44.19 75.77
C4 UNL QJ . 37.06 44.14 74.10
O4 UNL QJ . 38.10 45.04 74.60
C3 UNL QJ . 37.79 43.61 72.88
O3 UNL QJ . 38.33 44.69 72.00
C2 UNL QJ . 36.81 42.51 72.36
O2 UNL QJ . 35.52 43.05 72.06
C1 UNL RJ . 39.62 44.36 71.41
O5 UNL RJ . 39.62 44.14 70.01
C5 UNL RJ . 39.43 45.32 69.16
C6 UNL RJ . 39.41 44.72 67.76
O6 UNL RJ . 40.31 43.63 67.50
C4 UNL RJ . 40.52 46.37 69.45
O4 UNL RJ . 40.23 47.60 68.78
C3 UNL RJ . 40.59 46.66 70.95
O3 UNL RJ . 41.70 47.54 71.15
C2 UNL RJ . 40.69 45.38 71.78
O2 UNL RJ . 40.49 45.73 73.13
C7 UNL RJ . 39.42 45.75 66.62
O7 UNL RJ . 39.20 45.08 65.39
C9 UNL RJ . 41.40 48.72 71.89
C10 UNL RJ . 41.72 43.91 67.49
C1 UNL SJ . 41.03 37.02 93.47
O5 UNL SJ . 39.79 37.35 94.07
C5 UNL SJ . 39.34 38.70 93.92
C6 UNL SJ . 39.28 39.09 92.44
O6 UNL SJ . 38.55 38.19 91.62
C4 UNL SJ . 40.24 39.62 94.72
O4 UNL SJ . 40.42 40.92 94.14
C3 UNL SJ . 41.59 38.94 94.90
O3 UNL SJ . 42.52 39.88 95.46
C2 UNL SJ . 42.01 38.16 93.66
N2 UNL SJ . 43.28 37.53 93.88
C7 UNL SJ . 44.32 37.78 93.07
C8 UNL SJ . 45.65 37.94 93.74
O7 UNL SJ . 44.19 37.85 91.86
C1 UNL TJ . 43.65 40.40 94.71
O5 UNL TJ . 44.71 40.85 95.54
C5 UNL TJ . 44.48 42.11 96.20
C6 UNL TJ . 44.07 41.87 97.65
O6 UNL TJ . 43.06 41.27 97.98
C4 UNL TJ . 43.51 43.03 95.42
O4 UNL TJ . 42.16 42.76 95.78
C3 UNL TJ . 43.71 42.80 93.93
O3 UNL TJ . 42.93 43.70 93.16
C2 UNL TJ . 43.31 41.40 93.59
O2 UNL TJ . 43.92 41.01 92.36
N1 UNL TJ . 44.93 42.41 98.73
C1 UNL UJ . 41.32 43.94 95.78
O5 UNL UJ . 39.99 43.62 96.20
C5 UNL UJ . 39.95 43.09 97.54
C6 UNL UJ . 38.52 42.69 97.85
O6 UNL UJ . 37.71 43.86 97.91
C4 UNL UJ . 40.50 44.12 98.52
O4 UNL UJ . 40.52 43.54 99.83
C3 UNL UJ . 41.90 44.54 98.11
O3 UNL UJ . 42.41 45.55 98.97
C2 UNL UJ . 41.90 45.04 96.68
O2 UNL UJ . 41.11 46.21 96.57
C1 UNL VJ . 43.82 45.66 98.71
O5 UNL VJ . 44.13 46.80 97.91
C5 UNL VJ . 43.71 48.04 98.50
C6 UNL VJ . 43.96 49.08 97.40
O6 UNL VJ . 45.35 49.33 97.16
C4 UNL VJ . 44.46 48.24 99.82
O4 UNL VJ . 44.00 49.43 100.47
C3 UNL VJ . 44.33 47.04 100.74
O3 UNL VJ . 45.29 47.18 101.78
C2 UNL VJ . 44.62 45.73 100.01
O2 UNL VJ . 44.27 44.63 100.84
C7 UNL VJ . 43.13 50.36 97.56
O7 UNL VJ . 43.09 51.10 96.34
C9 UNL VJ . 44.77 47.55 103.06
C10 UNL VJ . 45.96 50.40 97.87
C1 UNL WJ . 57.86 38.86 95.35
O5 UNL WJ . 58.11 39.98 94.53
C5 UNL WJ . 59.33 40.66 94.87
C6 UNL WJ . 60.45 39.75 94.44
O6 UNL WJ . 60.56 39.73 93.01
C4 UNL WJ . 59.35 40.98 96.37
O4 UNL WJ . 60.38 40.27 97.06
C3 UNL WJ . 58.00 40.66 97.00
O3 UNL WJ . 58.00 40.95 98.38
C2 UNL WJ . 57.67 39.19 96.83
N2 UNL WJ . 56.33 38.90 97.26
C7 UNL WJ . 56.06 38.10 98.30
C8 UNL WJ . 54.62 37.80 98.54
O7 UNL WJ . 56.95 37.62 99.00
C1 UNL XJ . 57.14 42.09 98.64
O5 UNL XJ . 57.57 43.26 97.92
C5 UNL XJ . 58.08 44.33 98.70
C6 UNL XJ . 58.81 45.29 97.76
O6 UNL XJ . 59.05 45.04 96.60
C4 UNL XJ . 59.01 43.79 99.80
O4 UNL XJ . 60.04 43.00 99.19
C3 UNL XJ . 58.19 42.97 100.80
O3 UNL XJ . 59.00 42.02 101.49
C2 UNL XJ . 57.01 42.28 100.15
O2 UNL XJ . 55.78 42.94 100.46
N1 UNL XJ . 59.23 46.61 98.26
C1 UNL YJ . 61.43 43.27 99.51
O5 UNL YJ . 62.31 43.52 98.38
C5 UNL YJ . 62.47 44.88 97.96
C6 UNL YJ . 63.47 44.88 96.82
O6 UNL YJ . 64.76 44.53 97.31
C4 UNL YJ . 62.90 45.77 99.11
O4 UNL YJ . 62.89 47.11 98.65
C3 UNL YJ . 61.91 45.65 100.28
O3 UNL YJ . 62.24 46.44 101.43
C2 UNL YJ . 61.76 44.19 100.70
O2 UNL YJ . 62.98 43.72 101.28
C1 UNL ZJ . 61.00 47.10 101.82
O5 UNL ZJ . 60.42 46.63 103.05
C5 UNL ZJ . 61.10 47.02 104.26
C6 UNL ZJ . 60.31 46.42 105.42
O6 UNL ZJ . 59.27 47.31 105.85
C4 UNL ZJ . 61.26 48.55 104.32
O4 UNL ZJ . 62.05 48.91 105.44
C3 UNL ZJ . 61.91 49.08 103.04
O3 UNL ZJ . 61.86 50.51 103.10
C2 UNL ZJ . 61.14 48.62 101.81
O2 UNL ZJ . 61.82 49.05 100.62
C7 UNL ZJ . 61.19 46.04 106.61
O7 UNL ZJ . 62.22 45.15 106.24
C9 UNL ZJ . 63.13 51.16 103.01
C10 UNL ZJ . 58.19 46.72 106.57
CA CA AK . 75.94 8.28 77.26
C1 UNL BK . 79.99 26.20 100.14
O5 UNL BK . 79.70 27.19 99.16
C5 UNL BK . 78.80 28.18 99.69
C6 UNL BK . 78.98 29.42 98.86
O6 UNL BK . 78.26 30.51 99.42
C4 UNL BK . 79.17 28.35 101.17
O4 UNL BK . 78.46 29.51 101.63
C3 UNL BK . 80.68 28.14 101.47
O3 UNL BK . 81.53 29.31 101.43
C2 UNL BK . 81.19 26.88 100.76
N2 UNL BK . 81.75 25.99 101.74
C7 UNL BK . 83.01 25.57 101.97
C8 UNL BK . 83.87 25.15 100.81
O7 UNL BK . 83.45 25.57 103.12
C1 UNL CK . 81.84 30.02 102.71
O5 UNL CK . 81.48 31.41 102.84
C5 UNL CK . 82.19 32.29 101.97
C6 UNL CK . 81.55 32.11 100.62
O6 UNL CK . 80.38 32.35 100.50
C4 UNL CK . 83.72 32.13 102.12
O4 UNL CK . 84.45 32.85 101.13
C3 UNL CK . 84.15 30.66 102.13
O3 UNL CK . 84.12 30.09 100.83
C2 UNL CK . 83.30 29.86 103.09
O2 UNL CK . 83.53 30.31 104.43
N1 UNL CK . 82.28 31.72 99.42
C1 UNL DK . 85.71 33.24 101.78
O5 UNL DK . 86.65 32.16 101.97
C5 UNL DK . 87.61 32.46 102.97
C6 UNL DK . 86.87 32.52 104.32
O6 UNL DK . 86.33 31.22 104.55
C4 UNL DK . 88.38 33.72 102.51
O4 UNL DK . 89.21 33.33 101.39
C3 UNL DK . 87.51 34.91 102.07
O3 UNL DK . 86.91 35.43 103.28
C2 UNL DK . 86.39 34.45 101.15
O2 UNL DK . 85.41 35.48 100.94
C1 UNL EK . 87.42 36.71 103.72
O5 UNL EK . 86.82 37.82 103.01
C5 UNL EK . 85.47 38.12 103.43
C6 UNL EK . 84.85 39.04 102.36
O6 UNL EK . 84.97 38.44 101.06
C4 UNL EK . 85.46 38.68 104.86
O4 UNL EK . 84.33 38.18 105.54
C3 UNL EK . 86.75 38.30 105.62
O3 UNL EK . 87.75 39.27 105.34
C2 UNL EK . 87.27 36.90 105.26
O2 UNL EK . 86.41 35.91 105.82
C7 UNL EK . 85.49 40.42 102.35
O7 UNL EK . 86.86 40.36 101.95
C9 UNL EK . 87.52 40.56 105.89
C10 UNL EK . 84.12 38.99 100.06
C1 UNL FK . 72.05 32.57 80.71
O5 UNL FK . 72.81 32.88 79.55
C5 UNL FK . 72.33 32.21 78.37
C6 UNL FK . 73.22 32.57 77.19
O6 UNL FK . 72.90 31.82 76.01
C4 UNL FK . 70.84 32.50 78.23
O4 UNL FK . 70.44 32.66 76.87
C3 UNL FK . 70.49 33.68 79.12
O3 UNL FK . 71.32 34.80 78.85
C2 UNL FK . 70.73 33.36 80.58
N2 UNL FK . 69.59 32.63 81.10
C7 UNL FK . 68.41 33.09 81.56
C8 UNL FK . 68.39 34.48 82.13
O7 UNL FK . 67.39 32.40 81.50
C1 UNL GK . 70.55 35.82 78.19
O5 UNL GK . 70.68 35.74 76.77
C5 UNL GK . 69.99 36.77 76.04
C6 UNL GK . 70.10 36.35 74.58
O6 UNL GK . 70.72 35.36 74.20
C4 UNL GK . 70.63 38.13 76.37
O4 UNL GK . 71.33 38.68 75.25
C3 UNL GK . 71.56 38.02 77.58
O3 UNL GK . 72.79 37.40 77.22
C2 UNL GK . 70.91 37.21 78.68
O2 UNL GK . 69.76 37.85 79.23
N1 UNL GK . 69.46 37.19 73.54
C1 UNL HK . 71.81 40.00 75.61
O5 UNL HK . 70.75 40.95 75.62
C5 UNL HK . 71.18 42.29 75.43
C6 UNL HK . 70.02 43.22 75.74
O6 UNL HK . 69.90 43.37 77.15
C4 UNL HK . 71.69 42.49 74.00
O4 UNL HK . 72.60 43.58 73.96
C3 UNL HK . 72.41 41.23 73.51
O3 UNL HK . 71.50 40.38 72.80
C2 UNL HK . 72.96 40.47 74.71
O2 UNL HK . 73.77 39.38 74.27
C1 UNL IK . 71.40 40.84 71.44
O5 UNL IK . 70.19 41.55 71.23
C5 UNL IK . 70.13 42.18 69.93
C6 UNL IK . 68.89 43.05 69.97
O6 UNL IK . 68.69 43.74 68.72
C4 UNL IK . 70.15 41.09 68.85
O4 UNL IK . 70.20 41.70 67.57
C3 UNL IK . 71.36 40.17 69.04
O3 UNL IK . 71.17 39.04 68.20
C2 UNL IK . 71.53 39.68 70.48
O2 UNL IK . 72.82 39.10 70.61
C7 UNL IK . 68.95 44.08 71.08
O7 UNL IK . 68.42 43.53 72.28
C9 UNL IK . 72.15 38.85 67.18
C10 UNL IK . 67.34 44.05 68.42
C1 UNL JK . 85.17 22.44 84.75
O5 UNL JK . 85.70 22.63 86.03
C5 UNL JK . 86.15 21.34 86.41
C6 UNL JK . 86.46 21.29 87.91
O6 UNL JK . 87.69 21.85 88.38
C4 UNL JK . 87.31 21.13 85.43
O4 UNL JK . 88.45 21.16 86.28
C3 UNL JK . 87.45 22.09 84.21
O3 UNL JK . 88.44 23.10 84.37
C2 UNL JK . 86.18 22.70 83.65
N2 UNL JK . 85.80 22.19 82.35
C7 UNL JK . 85.67 22.90 81.23
C8 UNL JK . 86.88 23.63 80.71
O7 UNL JK . 84.59 22.97 80.65
C1 UNL KK . 89.36 21.97 84.08
O5 UNL KK . 89.75 22.23 82.74
C5 UNL KK . 90.86 23.12 82.61
C6 UNL KK . 90.89 23.17 81.12
O6 UNL KK . 90.59 22.22 80.41
C4 UNL KK . 92.11 22.42 83.18
O4 UNL KK . 93.18 22.33 82.23
C3 UNL KK . 91.72 21.03 83.70
O3 UNL KK . 91.32 20.12 82.66
C2 UNL KK . 90.60 21.16 84.74
O2 UNL KK . 91.13 21.56 86.02
N1 UNL KK . 91.29 24.44 80.50
C1 UNL LK . 94.52 22.48 82.81
O5 UNL LK . 94.61 22.21 84.23
C5 UNL LK . 95.72 22.79 84.90
C6 UNL LK . 95.35 24.28 85.02
O6 UNL LK . 93.99 24.40 85.45
C4 UNL LK . 97.02 22.33 84.14
O4 UNL LK . 97.33 21.02 84.63
C3 UNL LK . 96.96 22.21 82.57
O3 UNL LK . 97.21 23.45 81.85
C2 UNL LK . 95.63 21.69 82.04
O2 UNL LK . 95.51 21.88 80.63
C1 UNL MK . 98.57 23.55 81.32
O5 UNL MK . 98.60 23.37 79.90
C5 UNL MK . 98.30 24.57 79.15
C6 UNL MK . 98.00 24.16 77.70
O6 UNL MK . 96.84 23.33 77.62
C4 UNL MK . 99.41 25.63 79.33
O4 UNL MK . 98.84 26.93 79.28
C3 UNL MK . 100.17 25.41 80.65
O3 UNL MK . 101.26 24.54 80.41
C2 UNL MK . 99.29 24.84 81.77
O2 UNL MK . 98.37 25.85 82.21
C7 UNL MK . 99.17 23.43 77.05
O7 UNL MK . 99.32 22.12 77.58
C9 UNL MK . 102.29 25.06 79.58
C10 UNL MK . 95.60 23.99 77.85
C1 UNL NK . 85.56 28.90 75.79
O5 UNL NK . 84.88 29.65 74.79
C5 UNL NK . 85.33 29.30 73.47
C6 UNL NK . 84.95 27.86 73.27
O6 UNL NK . 84.10 27.96 72.24
C4 UNL NK . 86.81 29.58 73.21
O4 UNL NK . 87.25 29.01 71.96
C3 UNL NK . 87.69 29.17 74.38
O3 UNL NK . 88.96 28.71 73.89
C2 UNL NK . 86.88 28.30 75.34
N2 UNL NK . 87.62 28.04 76.55
C7 UNL NK . 88.38 26.99 76.28
C8 UNL NK . 89.52 26.75 77.22
O7 UNL NK . 88.30 26.44 75.20
C1 UNL OK . 90.13 29.43 74.41
O5 UNL OK . 90.24 30.81 74.14
C5 UNL OK . 91.12 31.39 75.12
C6 UNL OK . 90.99 32.90 75.06
O6 UNL OK . 91.29 33.60 76.00
C4 UNL OK . 92.56 30.90 74.87
O4 UNL OK . 93.16 31.62 73.79
C3 UNL OK . 92.62 29.37 74.81
O3 UNL OK . 93.85 28.90 74.28
C2 UNL OK . 91.45 28.74 74.04
O2 UNL OK . 91.36 27.34 74.24
N1 UNL OK . 90.47 33.55 73.84
C1 UNL PK . 93.05 31.25 72.38
O5 UNL PK . 91.95 31.84 71.68
C5 UNL PK . 91.69 31.21 70.41
C6 UNL PK . 90.66 30.09 70.58
O6 UNL PK . 89.44 30.67 71.05
C4 UNL PK . 92.99 30.67 69.81
O4 UNL PK . 92.85 30.60 68.39
C3 UNL PK . 94.17 31.58 70.17
O3 UNL PK . 95.38 31.19 69.51
C2 UNL PK . 94.37 31.57 71.69
O2 UNL PK . 95.33 30.60 72.11
C1 UNL QK . 95.88 32.29 68.70
O5 UNL QK . 96.57 33.32 69.44
C5 UNL QK . 97.81 32.90 70.04
C6 UNL QK . 98.36 34.10 70.79
O6 UNL QK . 99.30 34.84 70.00
C4 UNL QK . 98.75 32.30 68.99
O4 UNL QK . 99.09 30.97 69.36
C3 UNL QK . 98.17 32.33 67.57
O3 UNL QK . 98.22 33.67 67.08
C2 UNL QK . 96.72 31.82 67.50
O2 UNL QK . 96.75 30.39 67.42
C7 UNL QK . 98.99 33.72 72.13
O7 UNL QK . 100.30 33.20 71.95
C9 UNL QK . 99.35 33.97 66.26
C10 UNL QK . 99.01 36.22 69.86
C1 UNL RK . 83.58 36.80 81.05
O5 UNL RK . 83.83 37.50 82.25
C5 UNL RK . 85.24 37.72 82.38
C6 UNL RK . 85.42 38.65 83.57
O6 UNL RK . 84.24 39.42 83.84
C4 UNL RK . 85.77 38.27 81.06
O4 UNL RK . 86.77 39.25 81.27
C3 UNL RK . 84.65 38.88 80.22
O3 UNL RK . 83.95 39.90 80.89
C2 UNL RK . 83.53 37.88 79.98
N2 UNL RK . 83.55 37.43 78.62
C7 UNL RK . 82.40 37.38 77.95
C8 UNL RK . 82.50 37.22 76.46
O7 UNL RK . 81.32 37.46 78.53
C1 UNL SK . 84.31 41.19 80.32
O5 UNL SK . 85.31 41.86 81.09
C5 UNL SK . 85.86 42.99 80.40
C6 UNL SK . 86.99 43.51 81.26
O6 UNL SK . 86.83 43.82 82.42
C4 UNL SK . 84.77 44.04 80.11
O4 UNL SK . 85.09 45.27 80.76
C3 UNL SK . 83.41 43.54 80.60
O3 UNL SK . 83.35 43.59 82.03
C2 UNL SK . 83.12 42.12 80.08
O2 UNL SK . 82.80 42.14 78.69
N1 UNL SK . 88.35 43.64 80.68
C1 UNL TK . 85.34 46.27 79.77
O5 UNL TK . 86.71 46.29 79.36
C5 UNL TK . 86.96 47.21 78.27
C6 UNL TK . 88.46 47.19 77.97
O6 UNL TK . 88.82 45.86 77.56
C4 UNL TK . 86.47 48.64 78.58
O4 UNL TK . 86.44 49.44 77.38
C3 UNL TK . 85.06 48.62 79.17
O3 UNL TK . 84.68 49.92 79.62
C2 UNL TK . 84.88 47.62 80.30
O2 UNL TK . 85.65 47.99 81.46
C1 UNL UK . 83.41 50.18 79.01
O5 UNL UK . 83.57 50.56 77.64
C5 UNL UK . 82.34 50.69 76.92
C6 UNL UK . 82.70 50.90 75.46
O6 UNL UK . 83.47 49.81 74.94
C4 UNL UK . 81.49 51.79 77.57
O4 UNL UK . 80.23 51.86 76.92
C3 UNL UK . 81.30 51.51 79.07
O3 UNL UK . 80.70 52.68 79.65
C2 UNL UK . 82.61 51.22 79.78
O2 UNL UK . 82.32 50.70 81.09
C7 UNL UK . 83.47 52.19 75.21
O7 UNL UK . 84.79 52.11 75.77
C9 UNL UK . 79.43 52.45 80.27
C10 UNL UK . 82.80 48.55 74.88
C1 UNL VK . 74.70 31.96 93.60
O5 UNL VK . 74.16 32.97 92.78
C5 UNL VK . 72.76 33.14 93.07
C6 UNL VK . 72.18 34.22 92.18
O6 UNL VK . 70.74 34.22 92.20
C4 UNL VK . 72.69 33.40 94.57
O4 UNL VK . 71.68 34.37 94.77
C3 UNL VK . 74.06 33.78 95.12
O3 UNL VK . 74.64 34.80 94.36
C2 UNL VK . 75.02 32.64 94.93
N2 UNL VK . 74.90 31.74 96.05
C7 UNL VK . 75.61 31.90 97.16
C8 UNL VK . 76.96 32.56 97.03
O7 UNL VK . 75.18 31.53 98.25
C1 UNL WK . 74.34 36.04 94.96
O5 UNL WK . 73.36 36.64 94.13
C5 UNL WK . 72.77 37.79 94.71
C6 UNL WK . 72.23 38.57 93.52
O6 UNL WK . 72.46 38.25 92.35
C4 UNL WK . 73.85 38.54 95.48
O4 UNL WK . 73.51 39.92 95.56
C3 UNL WK . 75.21 38.32 94.79
O3 UNL WK . 75.18 38.62 93.39
C2 UNL WK . 75.60 36.87 94.94
O2 UNL WK . 76.39 36.62 96.10
N1 UNL WK . 71.33 39.71 93.82
C1 UNL XK . 73.50 40.41 96.91
O5 UNL XK . 74.57 39.97 97.72
C5 UNL XK . 75.88 40.45 97.37
C6 UNL XK . 76.77 39.93 98.50
O6 UNL XK . 76.75 38.49 98.47
C4 UNL XK . 75.98 41.96 97.17
O4 UNL XK . 77.18 42.29 96.45
C3 UNL XK . 74.81 42.54 96.39
O3 UNL XK . 74.90 43.97 96.52
C2 UNL XK . 73.48 41.95 96.88
O2 UNL XK . 73.12 42.41 98.20
C1 UNL YK . 73.85 44.73 95.90
O5 UNL YK . 73.99 44.86 94.48
C5 UNL YK . 72.92 45.57 93.83
C6 UNL YK . 73.17 45.48 92.33
O6 UNL YK . 74.13 46.47 91.91
C4 UNL YK . 72.83 46.99 94.41
O4 UNL YK . 71.72 47.70 93.83
C3 UNL YK . 72.68 46.94 95.92
O3 UNL YK . 72.75 48.28 96.42
C2 UNL YK . 73.78 46.10 96.56
O2 UNL YK . 73.50 45.95 97.95
C7 UNL YK . 71.90 45.65 91.49
O7 UNL YK . 70.80 44.93 92.05
C9 UNL YK . 71.60 48.70 97.17
C10 UNL YK . 74.79 46.20 90.66
CA CA ZK . 87.33 -13.50 88.01
C1 UNL AL . 90.14 9.04 83.52
O5 UNL AL . 91.36 9.62 83.92
C5 UNL AL . 91.90 10.54 82.96
C6 UNL AL . 91.18 11.85 83.14
O6 UNL AL . 91.06 12.09 84.55
C4 UNL AL . 92.01 9.99 81.53
O4 UNL AL . 91.41 10.68 80.43
C3 UNL AL . 91.51 8.57 81.42
O3 UNL AL . 91.32 8.44 80.02
C2 UNL AL . 90.24 8.29 82.21
N2 UNL AL . 90.17 6.86 82.41
C7 UNL AL . 88.98 6.38 82.10
C8 UNL AL . 88.79 4.90 82.24
O7 UNL AL . 88.07 7.13 81.78
C1 UNL BL . 91.04 7.12 79.61
O5 UNL BL . 92.14 6.25 79.83
C5 UNL BL . 92.67 5.65 78.65
C6 UNL BL . 94.03 5.15 79.07
O6 UNL BL . 94.36 5.14 80.24
C4 UNL BL . 92.71 6.73 77.56
O4 UNL BL . 93.37 7.91 78.02
C3 UNL BL . 91.29 7.02 77.09
O3 UNL BL . 91.15 8.30 76.46
C2 UNL BL . 90.33 6.94 78.25
O2 UNL BL . 89.64 5.70 78.20
N1 UNL BL . 95.00 4.63 78.07
C1 UNL CL . 93.84 8.70 76.86
O5 UNL CL . 94.45 9.87 77.32
C5 UNL CL . 95.85 9.65 77.60
C6 UNL CL . 96.04 11.02 78.17
O6 UNL CL . 96.22 12.10 77.24
C4 UNL CL . 96.79 9.22 76.39
O4 UNL CL . 98.19 8.83 76.58
C3 UNL CL . 96.27 7.94 75.76
O3 UNL CL . 97.08 7.48 74.61
C2 UNL CL . 94.73 8.21 75.67
O2 UNL CL . 94.45 9.38 74.90
C1 UNL DL . 97.21 6.02 74.56
O5 UNL DL . 96.52 5.37 73.49
C5 UNL DL . 97.07 5.56 72.15
C6 UNL DL . 96.09 4.81 71.27
O6 UNL DL . 95.55 3.57 71.81
C4 UNL DL . 98.55 5.10 72.09
O4 UNL DL . 99.15 5.47 70.85
C3 UNL DL . 99.35 5.74 73.21
O3 UNL DL . 100.65 5.16 73.18
C2 UNL DL . 98.67 5.58 74.58
O2 UNL DL . 99.35 6.42 75.50
C7 UNL DL . 96.49 4.66 69.81
O7 UNL DL . 95.41 4.12 69.08
C9 UNL DL . 101.73 6.11 73.14
C10 UNL DL . 96.45 2.46 71.95
C1 UNL EL . 100.08 11.33 96.82
O5 UNL EL . 99.96 12.75 96.85
C5 UNL EL . 100.81 13.49 95.94
C6 UNL EL . 100.61 13.02 94.51
O6 UNL EL . 99.25 12.99 94.08
C4 UNL EL . 102.24 13.37 96.41
O4 UNL EL . 103.19 13.37 95.33
C3 UNL EL . 102.39 12.09 97.22
O3 UNL EL . 103.77 11.85 97.47
C2 UNL EL . 101.54 10.96 96.67
N2 UNL EL . 101.70 9.78 97.48
C7 UNL EL . 102.12 8.63 96.95
C8 UNL EL . 103.10 7.84 97.76
O7 UNL EL . 101.72 8.23 95.86
C1 UNL FL . 104.48 10.73 96.87
O5 UNL FL . 105.63 10.34 97.62
C5 UNL FL . 106.78 11.21 97.50
C6 UNL FL . 106.85 12.11 98.73
O6 UNL FL . 106.00 12.91 99.04
C4 UNL FL . 106.80 11.97 96.17
O4 UNL FL . 106.06 13.19 96.26
C3 UNL FL . 106.22 11.09 95.08
O3 UNL FL . 106.33 11.70 93.79
C2 UNL FL . 104.78 10.85 95.37
O2 UNL FL . 104.34 9.67 94.69
N1 UNL FL . 108.06 12.02 99.59
C1 UNL GL . 106.64 14.27 95.47
O5 UNL GL . 105.88 15.47 95.64
C5 UNL GL . 105.86 15.93 97.00
C6 UNL GL . 104.96 17.14 97.11
O6 UNL GL . 105.55 18.22 96.39
C4 UNL GL . 107.29 16.21 97.48
O4 UNL GL . 107.26 16.57 98.86
C3 UNL GL . 108.16 14.98 97.28
O3 UNL GL . 109.51 15.24 97.63
C2 UNL GL . 108.10 14.51 95.83
O2 UNL GL . 108.64 15.51 94.99
C1 UNL HL . 110.19 13.97 97.72
O5 UNL HL . 111.00 13.72 96.57
C5 UNL HL . 112.00 14.72 96.35
C6 UNL HL . 112.61 14.36 95.00
O6 UNL HL . 113.39 13.14 95.03
C4 UNL HL . 112.97 14.72 97.56
O4 UNL HL . 113.93 15.77 97.41
C3 UNL HL . 112.23 14.85 98.88
O3 UNL HL . 113.14 14.54 99.93
C2 UNL HL . 111.04 13.88 98.97
O2 UNL HL . 110.26 14.19 100.12
C7 UNL HL . 113.31 15.53 94.31
O7 UNL HL . 113.48 15.26 92.92
C9 UNL HL . 113.62 15.65 100.69
C10 UNL HL . 114.79 13.28 95.25
C1 UNL IL . 110.17 -1.75 101.18
O5 UNL IL . 110.91 -1.91 99.98
C5 UNL IL . 112.16 -2.59 100.20
C6 UNL IL . 111.83 -4.03 100.50
O6 UNL IL . 111.37 -4.69 99.32
C4 UNL IL . 112.95 -1.90 101.31
O4 UNL IL . 113.13 -2.73 102.45
C3 UNL IL . 112.26 -0.60 101.72
O3 UNL IL . 112.97 0.06 102.75
C2 UNL IL . 110.86 -0.90 102.23
N2 UNL IL . 110.13 0.33 102.47
C7 UNL IL . 109.71 0.70 103.68
C8 UNL IL . 108.87 1.94 103.73
O7 UNL IL . 110.01 0.07 104.69
C1 UNL JL . 113.56 1.27 102.22
O5 UNL JL . 114.45 1.02 101.12
C5 UNL JL . 115.85 1.26 101.37
C6 UNL JL . 116.63 0.59 100.24
O6 UNL JL . 116.15 -0.18 99.44
C4 UNL JL . 116.23 0.73 102.75
O4 UNL JL . 115.89 -0.65 102.84
C3 UNL JL . 115.54 1.55 103.83
O3 UNL JL . 115.40 0.82 105.05
C2 UNL JL . 114.17 2.07 103.38
O2 UNL JL . 114.22 3.45 103.06
N1 UNL JL . 118.07 0.88 100.11
C1 UNL KL . 116.89 -1.62 103.27
O5 UNL KL . 117.12 -2.73 102.37
C5 UNL KL . 118.14 -2.58 101.37
C6 UNL KL . 118.23 -3.90 100.61
O6 UNL KL . 118.74 -4.92 101.47
C4 UNL KL . 119.48 -2.17 102.00
O4 UNL KL . 120.38 -1.91 100.94
C3 UNL KL . 119.30 -0.91 102.83
O3 UNL KL . 120.49 -0.46 103.48
C2 UNL KL . 118.21 -1.11 103.89
O2 UNL KL . 118.62 -2.07 104.85
C1 UNL LL . 120.57 0.98 103.24
O5 UNL LL . 120.34 1.81 104.40
C5 UNL LL . 121.42 1.85 105.36
C6 UNL LL . 120.95 2.79 106.47
O6 UNL LL . 121.32 4.15 106.18
C4 UNL LL . 122.73 2.25 104.68
O4 UNL LL . 123.81 2.15 105.61
C3 UNL LL . 123.03 1.38 103.46
O3 UNL LL . 124.16 1.91 102.80
C2 UNL LL . 121.85 1.37 102.49
O2 UNL LL . 122.10 0.46 101.42
C7 UNL LL . 121.50 2.40 107.84
O7 UNL LL . 121.16 1.07 108.19
C9 UNL LL . 125.26 1.02 102.66
C10 UNL LL . 120.57 5.16 106.86
CA CA ML . -30.93 25.94 -117.63
C1 UNL NL . -26.71 43.99 -94.95
O5 UNL NL . -27.02 44.98 -95.91
C5 UNL NL . -27.89 45.97 -95.36
C6 UNL NL . -27.71 47.21 -96.19
O6 UNL NL . -28.44 48.30 -95.61
C4 UNL NL . -27.51 46.13 -93.90
O4 UNL NL . -28.21 47.28 -93.42
C3 UNL NL . -25.99 45.91 -93.62
O3 UNL NL . -25.13 47.08 -93.68
C2 UNL NL . -25.49 44.65 -94.35
N2 UNL NL . -24.91 43.75 -93.40
C7 UNL NL . -23.65 43.33 -93.18
C8 UNL NL . -22.82 42.93 -94.38
O7 UNL NL . -23.18 43.34 -92.05
C1 UNL OL . -24.80 47.78 -92.39
O5 UNL OL . -25.17 49.17 -92.25
C5 UNL OL . -24.47 50.05 -93.12
C6 UNL OL . -25.13 49.89 -94.45
O6 UNL OL . -26.29 50.13 -94.55
C4 UNL OL . -22.94 49.88 -92.98
O4 UNL OL . -22.21 50.63 -93.97
C3 UNL OL . -22.51 48.42 -92.99
O3 UNL OL . -22.56 47.86 -94.31
C2 UNL OL . -23.34 47.61 -92.03
O2 UNL OL . -23.10 48.05 -90.69
N1 UNL OL . -24.41 49.51 -95.67
C1 UNL PL . -20.96 51.00 -93.33
O5 UNL PL . -20.02 49.91 -93.17
C5 UNL PL . -19.04 50.20 -92.18
C6 UNL PL . -19.76 50.25 -90.82
O6 UNL PL . -20.30 48.95 -90.59
C4 UNL PL . -18.25 51.44 -92.65
O4 UNL PL . -17.46 51.06 -93.78
C3 UNL PL . -19.13 52.64 -93.07
O3 UNL PL . -19.70 53.17 -91.86
C2 UNL PL . -20.27 52.20 -93.98
O2 UNL PL . -21.23 53.25 -94.15
C1 UNL QL . -19.16 54.44 -91.41
O5 UNL QL . -19.75 55.55 -92.12
C5 UNL QL . -21.10 55.89 -91.68
C6 UNL QL . -21.71 56.80 -92.72
O6 UNL QL . -21.63 56.21 -94.03
C4 UNL QL . -21.07 56.44 -90.25
O4 UNL QL . -22.20 55.95 -89.55
C3 UNL QL . -19.78 56.03 -89.50
O3 UNL QL . -18.77 56.99 -89.80
C2 UNL QL . -19.29 54.63 -89.87
O2 UNL QL . -20.14 53.64 -89.30
C7 UNL QL . -21.05 58.19 -92.75
O7 UNL QL . -19.69 58.09 -93.17
C9 UNL QL . -18.96 58.28 -89.23
C10 UNL QL . -22.48 56.77 -95.02
C1 UNL RL . -34.41 50.46 -114.26
O5 UNL RL . -33.69 50.74 -115.46
C5 UNL RL . -34.24 50.05 -116.60
C6 UNL RL . -33.39 50.37 -117.83
O6 UNL RL . -33.78 49.59 -118.97
C4 UNL RL . -35.72 50.37 -116.67
O4 UNL RL . -36.18 50.52 -118.02
C3 UNL RL . -36.00 51.58 -115.79
O3 UNL RL . -35.16 52.67 -116.12
C2 UNL RL . -35.69 51.28 -114.34
N2 UNL RL . -36.83 50.59 -113.74
C7 UNL RL . -37.97 51.08 -113.23
C8 UNL RL . -37.93 52.48 -112.70
O7 UNL RL . -38.99 50.42 -113.22
C1 UNL SL . -35.94 53.70 -116.78
O5 UNL SL . -35.88 53.58 -118.20
C5 UNL SL . -36.57 54.61 -118.91
C6 UNL SL . -36.52 54.17 -120.37
O6 UNL SL . -35.96 53.15 -120.75
C4 UNL SL . -35.88 55.97 -118.65
O4 UNL SL . -35.19 56.46 -119.81
C3 UNL SL . -34.90 55.86 -117.48
O3 UNL SL . -33.70 55.19 -117.87
C2 UNL SL . -35.52 55.08 -116.33
O2 UNL SL . -36.63 55.77 -115.75
N1 UNL SL . -37.17 55.01 -121.41
C1 UNL TL . -34.67 57.78 -119.49
O5 UNL TL . -35.71 58.75 -119.48
C5 UNL TL . -35.25 60.08 -119.71
C6 UNL TL . -36.38 61.05 -119.39
O6 UNL TL . -36.44 61.23 -117.97
C4 UNL TL . -34.79 60.24 -121.15
O4 UNL TL . -33.84 61.30 -121.25
C3 UNL TL . -34.11 58.95 -121.65
O3 UNL TL . -35.08 58.11 -122.30
C2 UNL TL . -33.54 58.19 -120.44
O2 UNL TL . -32.77 57.08 -120.87
C1 UNL UL . -35.19 58.54 -123.66
O5 UNL UL . -36.39 59.28 -123.88
C5 UNL UL . -36.43 59.92 -125.16
C6 UNL UL . -37.63 60.84 -125.13
O6 UNL UL . -37.81 61.54 -126.38
C4 UNL UL . -36.45 58.83 -126.24
O4 UNL UL . -36.39 59.44 -127.53
C3 UNL UL . -35.27 57.86 -126.06
O3 UNL UL . -35.53 56.74 -126.91
C2 UNL UL . -35.11 57.37 -124.62
O2 UNL UL . -33.84 56.74 -124.50
C7 UNL UL . -37.52 61.87 -124.01
O7 UNL UL . -38.06 61.35 -122.81
C9 UNL UL . -34.55 56.51 -127.92
C10 UNL UL . -39.15 61.90 -126.67
C1 UNL VL . -21.52 40.03 -110.35
O5 UNL VL . -21.05 40.48 -109.10
C5 UNL VL . -20.53 39.30 -108.51
C6 UNL VL . -20.26 39.51 -107.01
O6 UNL VL . -19.08 40.24 -106.62
C4 UNL VL . -19.33 39.02 -109.41
O4 UNL VL . -18.22 39.26 -108.56
C3 UNL VL . -19.21 39.77 -110.77
O3 UNL VL . -18.28 40.85 -110.74
C2 UNL VL . -20.50 40.19 -111.45
N2 UNL VL . -20.79 39.46 -112.65
C7 UNL VL . -20.93 39.98 -113.88
C8 UNL VL . -19.76 40.70 -114.48
O7 UNL VL . -21.99 39.89 -114.50
C1 UNL WL . -17.29 39.74 -110.83
O5 UNL WL . -16.87 39.82 -112.19
C5 UNL WL . -15.80 40.74 -112.44
C6 UNL WL . -15.74 40.55 -113.91
O6 UNL WL . -15.96 39.48 -114.46
C4 UNL WL . -14.54 40.23 -111.74
O4 UNL WL . -13.45 40.06 -112.64
C3 UNL WL . -14.87 38.91 -111.01
O3 UNL WL . -15.20 37.81 -111.89
C2 UNL WL . -16.02 39.14 -110.02
O2 UNL WL . -15.56 39.77 -108.81
N1 UNL WL . -15.40 41.75 -114.72
C1 UNL XL . -12.12 40.34 -112.08
O5 UNL XL . -12.07 40.31 -110.62
C5 UNL XL . -11.00 41.02 -110.02
C6 UNL XL . -11.41 42.49 -110.15
O6 UNL XL . -12.81 42.63 -109.77
C4 UNL XL . -9.67 40.49 -110.67
O4 UNL XL . -9.34 39.28 -109.97
C3 UNL XL . -9.67 40.12 -112.20
O3 UNL XL . -9.42 41.23 -113.09
C2 UNL XL . -10.97 39.48 -112.68
O2 UNL XL . -11.06 39.45 -114.10
C1 UNL YL . -8.04 41.26 -113.59
O5 UNL YL . -7.97 40.87 -114.97
C5 UNL YL . -8.26 41.93 -115.91
C6 UNL YL . -8.51 41.31 -117.28
O6 UNL YL . -9.67 40.46 -117.27
C4 UNL YL . -7.16 43.02 -115.86
O4 UNL YL . -7.73 44.29 -116.13
C3 UNL YL . -6.44 43.02 -114.52
O3 UNL YL . -5.33 42.12 -114.59
C2 UNL YL . -7.34 42.62 -113.34
O2 UNL YL . -8.27 43.66 -113.08
C7 UNL YL . -7.34 40.49 -117.79
O7 UNL YL . -7.19 39.28 -117.07
C9 UNL YL . -4.29 42.52 -115.47
C10 UNL YL . -10.93 41.14 -117.16
C1 UNL ZL . -20.99 46.51 -119.32
O5 UNL ZL . -21.63 47.19 -120.36
C5 UNL ZL . -21.18 46.75 -121.66
C6 UNL ZL . -21.55 45.29 -121.77
O6 UNL ZL . -22.40 45.32 -122.82
C4 UNL ZL . -19.69 47.01 -121.92
O4 UNL ZL . -19.24 46.36 -123.12
C3 UNL ZL . -18.82 46.67 -120.71
O3 UNL ZL . -17.55 46.18 -121.16
C2 UNL ZL . -19.64 45.87 -119.71
N2 UNL ZL . -18.92 45.70 -118.48
C7 UNL ZL . -18.16 44.63 -118.66
C8 UNL ZL . -17.03 44.44 -117.69
O7 UNL ZL . -18.23 44.00 -119.71
C1 UNL AM . -16.39 46.93 -120.67
O5 UNL AM . -16.27 48.29 -121.01
C5 UNL AM . -15.40 48.93 -120.07
C6 UNL AM . -15.53 50.43 -120.21
O6 UNL AM . -15.24 51.18 -119.31
C4 UNL AM . -13.96 48.43 -120.27
O4 UNL AM . -13.35 49.08 -121.39
C3 UNL AM . -13.90 46.90 -120.24
O3 UNL AM . -12.66 46.40 -120.73
C2 UNL AM . -15.07 46.23 -120.99
O2 UNL AM . -15.15 44.83 -120.71
N1 UNL AM . -16.04 51.02 -121.48
C1 UNL BM . -13.45 48.63 -122.77
O5 UNL BM . -14.54 49.18 -123.52
C5 UNL BM . -14.78 48.47 -124.75
C6 UNL BM . -15.81 47.37 -124.53
O6 UNL BM . -17.03 47.97 -124.11
C4 UNL BM . -13.48 47.91 -125.31
O4 UNL BM . -13.60 47.76 -126.73
C3 UNL BM . -12.30 48.83 -124.98
O3 UNL BM . -11.09 48.42 -125.61
C2 UNL BM . -12.12 48.91 -123.46
O2 UNL BM . -11.15 47.98 -122.98
C1 UNL CM . -10.58 49.48 -126.47
O5 UNL CM . -9.90 50.55 -125.77
C5 UNL CM . -8.67 50.16 -125.14
C6 UNL CM . -8.13 51.40 -124.45
O6 UNL CM . -7.18 52.10 -125.27
C4 UNL CM . -7.71 49.52 -126.15
O4 UNL CM . -7.37 48.21 -125.71
C3 UNL CM . -8.29 49.48 -127.57
O3 UNL CM . -8.23 50.79 -128.14
C2 UNL CM . -9.73 48.96 -127.63
O2 UNL CM . -9.69 47.53 -127.64
C7 UNL CM . -7.51 51.09 -123.09
O7 UNL CM . -6.20 50.58 -123.23
C9 UNL CM . -7.10 51.06 -128.95
C10 UNL CM . -7.47 53.48 -125.47
C1 UNL DM . -22.89 54.52 -114.08
O5 UNL DM . -22.61 55.22 -112.90
C5 UNL DM . -21.20 55.41 -112.79
C6 UNL DM . -20.97 56.35 -111.62
O6 UNL DM . -22.13 57.14 -111.32
C4 UNL DM . -20.68 55.93 -114.13
O4 UNL DM . -19.66 56.90 -113.94
C3 UNL DM . -21.81 56.56 -114.96
O3 UNL DM . -22.46 57.61 -114.27
C2 UNL DM . -22.95 55.59 -115.15
N2 UNL DM . -22.96 55.12 -116.52
C7 UNL DM . -24.13 55.10 -117.16
C8 UNL DM . -24.07 54.88 -118.65
O7 UNL DM . -25.20 55.20 -116.56
C1 UNL EM . -22.10 58.89 -114.87
O5 UNL EM . -21.06 59.54 -114.12
C5 UNL EM . -20.49 60.64 -114.84
C6 UNL EM . -19.33 61.15 -114.00
O6 UNL EM . -19.47 61.47 -112.84
C4 UNL EM . -21.57 61.71 -115.12
O4 UNL EM . -21.20 62.95 -114.49
C3 UNL EM . -22.93 61.26 -114.61
O3 UNL EM . -22.97 61.32 -113.17
C2 UNL EM . -23.26 59.84 -115.10
O2 UNL EM . -23.61 59.84 -116.47
N1 UNL EM . -17.99 61.24 -114.60
C1 UNL FM . -20.96 63.93 -115.50
O5 UNL FM . -19.59 63.92 -115.93
C5 UNL FM . -19.33 64.81 -117.03
C6 UNL FM . -17.84 64.74 -117.36
O6 UNL FM . -17.51 63.40 -117.77
C4 UNL FM . -19.78 66.26 -116.74
O4 UNL FM . -19.80 67.04 -117.95
C3 UNL FM . -21.19 66.27 -116.12
O3 UNL FM . -21.53 67.59 -115.69
C2 UNL FM . -21.36 65.29 -114.97
O2 UNL FM . -20.58 65.66 -113.84
C1 UNL GM . -22.81 67.87 -116.30
O5 UNL GM . -22.65 68.21 -117.67
C5 UNL GM . -23.89 68.36 -118.37
C6 UNL GM . -23.55 68.53 -119.85
O6 UNL GM . -22.80 67.41 -120.35
C4 UNL GM . -24.71 69.48 -117.73
O4 UNL GM . -25.99 69.55 -118.38
C3 UNL GM . -24.89 69.23 -116.24
O3 UNL GM . -25.46 70.41 -115.65
C2 UNL GM . -23.57 68.93 -115.53
O2 UNL GM . -23.85 68.45 -114.21
C7 UNL GM . -22.76 69.80 -120.13
O7 UNL GM . -21.44 69.71 -119.58
C9 UNL GM . -26.72 70.23 -115.02
C10 UNL GM . -23.50 66.17 -120.37
C1 UNL HM . -31.87 49.84 -101.44
O5 UNL HM . -32.36 50.86 -102.28
C5 UNL HM . -33.76 51.07 -102.02
C6 UNL HM . -34.28 52.16 -102.95
O6 UNL HM . -35.72 52.22 -102.96
C4 UNL HM . -33.84 51.36 -100.54
O4 UNL HM . -34.83 52.37 -100.37
C3 UNL HM . -32.48 51.70 -99.96
O3 UNL HM . -31.84 52.69 -100.72
C2 UNL HM . -31.55 50.53 -100.11
N2 UNL HM . -31.72 49.66 -98.98
C7 UNL HM . -31.02 49.81 -97.86
C8 UNL HM . -29.65 50.42 -97.97
O7 UNL HM . -31.47 49.48 -96.78
C1 UNL IM . -32.12 53.94 -100.14
O5 UNL IM . -33.06 54.57 -101.01
C5 UNL IM . -33.63 55.75 -100.47
C6 UNL IM . -34.09 56.52 -101.68
O6 UNL IM . -33.84 56.18 -102.85
C4 UNL IM . -32.54 56.46 -99.68
O4 UNL IM . -32.85 57.87 -99.62
C3 UNL IM . -31.18 56.20 -100.31
O3 UNL IM . -31.14 56.48 -101.73
C2 UNL IM . -30.84 54.73 -100.14
O2 UNL IM . -30.09 54.48 -98.95
N1 UNL IM . -34.97 57.70 -101.43
C1 UNL JM . -32.89 58.36 -98.26
O5 UNL JM . -31.86 57.88 -97.41
C5 UNL JM . -30.53 58.33 -97.73
C6 UNL JM . -29.70 57.80 -96.57
O6 UNL JM . -29.76 56.35 -96.58
C4 UNL JM . -30.39 59.85 -97.92
O4 UNL JM . -29.16 60.14 -98.62
C3 UNL JM . -31.52 60.44 -98.75
O3 UNL JM . -31.39 61.88 -98.61
C2 UNL JM . -32.88 59.89 -98.30
O2 UNL JM . -33.26 60.35 -96.99
C1 UNL KM . -32.40 62.67 -99.24
O5 UNL KM . -32.24 62.80 -100.66
C5 UNL KM . -33.30 63.54 -101.31
C6 UNL KM . -33.04 63.46 -102.81
O6 UNL KM . -32.05 64.43 -103.22
C4 UNL KM . -33.38 64.97 -100.73
O4 UNL KM . -34.46 65.69 -101.30
C3 UNL KM . -33.54 64.90 -99.22
O3 UNL KM . -33.46 66.24 -98.71
C2 UNL KM . -32.45 64.04 -98.57
O2 UNL KM . -32.76 63.88 -97.19
C7 UNL KM . -34.30 63.64 -103.65
O7 UNL KM . -35.42 62.94 -103.11
C9 UNL KM . -34.59 66.67 -97.96
C10 UNL KM . -31.39 64.17 -104.46
CA CA LM . -20.13 4.02 -106.87
C1 UNL MM . -16.76 26.52 -111.45
O5 UNL MM . -15.54 27.12 -111.09
C5 UNL MM . -15.01 27.98 -112.09
C6 UNL MM . -15.70 29.30 -111.93
O6 UNL MM . -15.80 29.60 -110.52
C4 UNL MM . -14.92 27.39 -113.49
O4 UNL MM . -15.52 28.05 -114.61
C3 UNL MM . -15.44 25.97 -113.56
O3 UNL MM . -15.64 25.79 -114.94
C2 UNL MM . -16.70 25.73 -112.74
N2 UNL MM . -16.79 24.32 -112.49
C7 UNL MM . -17.98 23.83 -112.76
C8 UNL MM . -18.18 22.36 -112.56
O7 UNL MM . -18.88 24.60 -113.11
C1 UNL NM . -15.95 24.46 -115.31
O5 UNL NM . -14.84 23.61 -115.07
C5 UNL NM . -14.35 22.95 -116.23
C6 UNL NM . -12.97 22.46 -115.79
O6 UNL NM . -12.62 22.50 -114.63
C4 UNL NM . -14.30 23.98 -117.36
O4 UNL NM . -13.63 25.17 -116.95
C3 UNL NM . -15.73 24.26 -117.82
O3 UNL NM . -15.87 25.51 -118.49
C2 UNL NM . -16.66 24.24 -116.65
O2 UNL NM . -17.38 23.00 -116.63
N1 UNL NM . -12.01 21.89 -116.79
C1 UNL OM . -13.17 25.90 -118.16
O5 UNL OM . -12.54 27.09 -117.76
C5 UNL OM . -11.14 26.87 -117.50
C6 UNL OM . -10.93 28.25 -116.99
O6 UNL OM . -10.75 29.30 -117.98
C4 UNL OM . -10.23 26.39 -118.70
O4 UNL OM . -8.82 25.99 -118.53
C3 UNL OM . -10.77 25.07 -119.26
O3 UNL OM . -9.97 24.56 -120.41
C2 UNL OM . -12.30 25.35 -119.34
O2 UNL OM . -12.59 26.50 -120.16
C1 UNL PM . -9.86 23.10 -120.41
O5 UNL PM . -10.56 22.43 -121.46
C5 UNL PM . -10.02 22.56 -122.79
C6 UNL PM . -11.03 21.79 -123.65
O6 UNL PM . -11.56 20.58 -123.07
C4 UNL PM . -8.54 22.08 -122.86
O4 UNL PM . -7.96 22.40 -124.13
C3 UNL PM . -7.74 22.76 -121.76
O3 UNL PM . -6.43 22.17 -121.79
C2 UNL PM . -8.40 22.65 -120.39
O2 UNL PM . -7.70 23.52 -119.51
C7 UNL PM . -10.63 21.59 -125.10
O7 UNL PM . -11.72 21.03 -125.82
C9 UNL PM . -5.35 23.10 -121.88
C10 UNL PM . -10.67 19.47 -122.90
C1 UNL QM . -6.73 28.72 -98.19
O5 UNL QM . -6.81 30.14 -98.12
C5 UNL QM . -5.96 30.89 -99.01
C6 UNL QM . -6.20 30.46 -100.46
O6 UNL QM . -7.56 30.46 -100.88
C4 UNL QM . -4.52 30.71 -98.58
O4 UNL QM . -3.59 30.71 -99.68
C3 UNL QM . -4.39 29.41 -97.81
O3 UNL QM . -3.01 29.14 -97.59
C2 UNL QM . -5.28 28.31 -98.38
N2 UNL QM . -5.13 27.11 -97.60
C7 UNL QM . -4.74 25.97 -98.16
C8 UNL QM . -3.77 25.13 -97.38
O7 UNL QM . -5.18 25.60 -99.26
C1 UNL RM . -2.33 28.01 -98.22
O5 UNL RM . -1.18 27.58 -97.50
C5 UNL RM . -0.02 28.42 -97.62
C6 UNL RM . 0.10 29.29 -96.37
O6 UNL RM . -0.74 30.11 -96.03
C4 UNL RM . 0.00 29.21 -98.94
O4 UNL RM . -0.71 30.45 -98.81
C3 UNL RM . -0.62 28.37 -100.04
O3 UNL RM . -0.51 29.01 -101.31
C2 UNL RM . -2.06 28.15 -99.73
O2 UNL RM . -2.54 27.01 -100.44
N1 UNL RM . 1.31 29.15 -95.53
C1 UNL SM . -0.12 31.53 -99.58
O5 UNL SM . -0.84 32.75 -99.38
C5 UNL SM . -0.83 33.16 -98.00
C6 UNL SM . -1.71 34.39 -97.85
O6 UNL SM . -1.10 35.48 -98.55
C4 UNL SM . 0.62 33.41 -97.55
O4 UNL SM . 0.62 33.74 -96.16
C3 UNL SM . 1.45 32.16 -97.79
O3 UNL SM . 2.81 32.38 -97.45
C2 UNL SM . 1.36 31.72 -99.24
O2 UNL SM . 1.91 32.72 -100.07
C1 UNL TM . 3.47 31.09 -97.39
O5 UNL TM . 4.24 30.85 -98.57
C5 UNL TM . 5.27 31.83 -98.78
C6 UNL TM . 5.85 31.49 -100.15
O6 UNL TM . 6.60 30.26 -100.17
C4 UNL TM . 6.25 31.79 -97.59
O4 UNL TM . 7.23 32.81 -97.73
C3 UNL TM . 5.53 31.91 -96.25
O3 UNL TM . 6.47 31.54 -95.23
C2 UNL TM . 4.34 30.97 -96.17
O2 UNL TM . 3.58 31.26 -95.00
C7 UNL TM . 6.56 32.66 -100.83
O7 UNL TM . 6.71 32.42 -102.22
C9 UNL TM . 6.98 32.63 -94.46
C10 UNL TM . 8.01 30.36 -99.96
C1 UNL UM . 3.09 15.82 -93.84
O5 UNL UM . 3.83 15.57 -95.01
C5 UNL UM . 5.03 14.82 -94.75
C6 UNL UM . 4.61 13.42 -94.40
O6 UNL UM . 4.13 12.74 -95.55
C4 UNL UM . 5.85 15.51 -93.66
O4 UNL UM . 5.97 14.72 -92.48
C3 UNL UM . 5.22 16.86 -93.30
O3 UNL UM . 5.96 17.52 -92.30
C2 UNL UM . 3.81 16.67 -92.81
N2 UNL UM . 3.14 17.93 -92.62
C7 UNL UM . 2.73 18.37 -91.42
C8 UNL UM . 1.94 19.64 -91.42
O7 UNL UM . 2.99 17.75 -90.39
C1 UNL VM . 6.62 18.68 -92.85
O5 UNL VM . 7.50 18.34 -93.94
C5 UNL VM . 8.90 18.52 -93.69
C6 UNL VM . 9.66 17.77 -94.79
O6 UNL VM . 9.14 17.01 -95.57
C4 UNL VM . 9.26 18.02 -92.29
O4 UNL VM . 8.84 16.66 -92.15
C3 UNL VM . 8.60 18.91 -91.24
O3 UNL VM . 8.41 18.23 -89.99
C2 UNL VM . 7.26 19.48 -91.72
O2 UNL VM . 7.39 20.86 -92.07
N1 UNL VM . 11.11 17.98 -94.93
C1 UNL WM . 9.79 15.65 -91.69
O5 UNL WM . 9.96 14.49 -92.55
C5 UNL WM . 10.99 14.57 -93.54
C6 UNL WM . 11.01 13.22 -94.27
O6 UNL WM . 11.47 12.21 -93.36
C4 UNL WM . 12.34 14.92 -92.93
O4 UNL WM . 13.27 15.10 -93.98
C3 UNL WM . 12.23 16.22 -92.12
O3 UNL WM . 13.44 16.63 -91.49
C2 UNL WM . 11.13 16.11 -91.08
O2 UNL WM . 11.48 15.16 -90.08
C1 UNL XM . 13.59 18.05 -91.78
O5 UNL XM . 13.39 18.93 -90.66
C5 UNL XM . 14.48 18.95 -89.68
C6 UNL XM . 14.06 19.95 -88.61
O6 UNL XM . 14.49 21.28 -88.95
C4 UNL XM . 15.82 19.26 -90.38
O4 UNL XM . 16.88 19.15 -89.44
C3 UNL XM . 16.06 18.34 -91.56
O3 UNL XM . 17.23 18.79 -92.24
C2 UNL XM . 14.89 18.35 -92.53
O2 UNL XM . 15.10 17.40 -93.57
C7 UNL XM . 14.59 19.59 -87.23
O7 UNL XM . 14.19 18.29 -86.83
C9 UNL XM . 18.28 17.84 -92.35
C10 UNL XM . 13.79 22.35 -88.31
CA CA YM . -20.12 -16.51 -89.25
C1 UNL ZM . 4.69 -5.15 -78.55
O5 UNL ZM . 5.02 -4.97 -79.91
C5 UNL ZM . 5.57 -3.67 -80.14
C6 UNL ZM . 6.39 -3.76 -81.40
O6 UNL ZM . 7.10 -2.55 -81.63
C4 UNL ZM . 6.39 -3.33 -78.90
O4 UNL ZM . 7.15 -2.14 -79.23
C3 UNL ZM . 7.04 -4.55 -78.21
O3 UNL ZM . 8.39 -4.91 -78.63
C2 UNL ZM . 6.03 -5.69 -78.09
N2 UNL ZM . 5.90 -6.07 -76.71
C7 UNL ZM . 6.24 -7.19 -76.02
C8 UNL ZM . 5.92 -8.53 -76.64
O7 UNL ZM . 6.85 -7.09 -74.96
C1 UNL AN . 9.54 -4.41 -77.83
O5 UNL AN . 10.54 -3.58 -78.47
C5 UNL AN . 11.29 -4.25 -79.48
C6 UNL AN . 10.40 -4.31 -80.66
O6 UNL AN . 9.98 -3.30 -81.14
C4 UNL AN . 11.96 -5.53 -78.93
O4 UNL AN . 12.56 -6.34 -79.95
C3 UNL AN . 10.98 -6.38 -78.11
O3 UNL AN . 10.05 -7.09 -78.95
C2 UNL AN . 10.25 -5.54 -77.10
O2 UNL AN . 11.17 -5.04 -76.14
N1 UNL AN . 10.01 -5.56 -81.33
C1 UNL BN . 13.69 -7.01 -79.31
O5 UNL BN . 13.31 -8.08 -78.40
C5 UNL BN . 14.36 -8.38 -77.50
C6 UNL BN . 14.55 -7.16 -76.57
O6 UNL BN . 13.31 -7.03 -75.85
C4 UNL BN . 15.57 -8.86 -78.34
O4 UNL BN . 15.25 -10.14 -78.88
C3 UNL BN . 15.97 -7.93 -79.50
O3 UNL BN . 16.55 -6.75 -78.89
C2 UNL BN . 14.74 -7.49 -80.30
O2 UNL BN . 15.05 -6.42 -81.21
C1 UNL CN . 17.98 -6.62 -79.07
O5 UNL CN . 18.35 -6.09 -80.35
C5 UNL CN . 18.13 -4.66 -80.47
C6 UNL CN . 18.20 -4.31 -81.96
O6 UNL CN . 17.29 -5.13 -82.70
C4 UNL CN . 19.10 -3.89 -79.56
O4 UNL CN . 18.42 -2.77 -79.01
C3 UNL CN . 19.65 -4.78 -78.45
O3 UNL CN . 20.80 -5.47 -78.94
C2 UNL CN . 18.63 -5.80 -77.91
O2 UNL CN . 17.64 -5.12 -77.14
C7 UNL CN . 19.61 -4.45 -82.52
O7 UNL CN . 20.03 -5.80 -82.50
C9 UNL CN . 21.94 -4.66 -79.17
C10 UNL CN . 16.98 -4.66 -84.01
C1 UNL DN . -0.73 -4.31 -99.48
O5 UNL DN . -0.57 -5.34 -100.47
C5 UNL DN . -1.80 -5.60 -101.18
C6 UNL DN . -1.57 -6.73 -102.18
O6 UNL DN . -2.78 -7.14 -102.81
C4 UNL DN . -2.32 -4.26 -101.73
O4 UNL DN . -2.91 -4.41 -103.02
C3 UNL DN . -1.17 -3.26 -101.69
O3 UNL DN . -0.02 -3.74 -102.33
C2 UNL DN . -0.73 -3.00 -100.26
N2 UNL DN . -1.63 -2.01 -99.65
C7 UNL DN . -1.63 -0.68 -99.75
C8 UNL DN . -0.32 -0.01 -100.01
O7 UNL DN . -2.66 -0.03 -99.61
C1 UNL EN . 0.16 -3.03 -103.59
O5 UNL EN . -0.42 -3.72 -104.70
C5 UNL EN . -0.20 -3.10 -105.96
C6 UNL EN . -1.07 -3.90 -106.93
O6 UNL EN . -1.74 -4.87 -106.60
C4 UNL EN . 1.31 -3.14 -106.30
O4 UNL EN . 1.61 -4.05 -107.36
C3 UNL EN . 2.12 -3.51 -105.05
O3 UNL EN . 2.03 -4.90 -104.77
C2 UNL EN . 1.63 -2.75 -103.84
O2 UNL EN . 1.86 -1.34 -103.96
N1 UNL EN . -1.09 -3.52 -108.37
C1 UNL FN . 3.02 -3.93 -107.67
O5 UNL FN . 3.29 -2.73 -108.39
C5 UNL FN . 4.50 -2.79 -109.16
C6 UNL FN . 4.82 -1.39 -109.64
O6 UNL FN . 5.47 -0.68 -108.57
C4 UNL FN . 4.31 -3.75 -110.33
O4 UNL FN . 5.57 -4.25 -110.77
C3 UNL FN . 3.43 -4.94 -109.93
O3 UNL FN . 2.05 -4.67 -110.26
C2 UNL FN . 3.55 -5.16 -108.43
O2 UNL FN . 2.87 -6.36 -108.05
C1 UNL GN . 1.84 -5.01 -111.63
O5 UNL GN . 1.78 -3.84 -112.46
C5 UNL GN . 1.81 -4.16 -113.85
C6 UNL GN . 1.97 -2.82 -114.57
O6 UNL GN . 2.00 -2.97 -116.00
C4 UNL GN . 0.54 -4.95 -114.20
O4 UNL GN . 0.60 -5.34 -115.57
C3 UNL GN . 0.41 -6.18 -113.29
O3 UNL GN . -0.92 -6.68 -113.48
C2 UNL GN . 0.60 -5.86 -111.81
O2 UNL GN . 0.75 -7.08 -111.11
C7 UNL GN . 3.25 -2.11 -114.13
O7 UNL GN . 2.99 -1.30 -112.99
C9 UNL GN . -0.99 -8.01 -114.00
C10 UNL GN . 1.53 -1.84 -116.72
C1 UNL HN . -1.67 -17.06 -88.24
O5 UNL HN . -0.62 -16.84 -87.33
C5 UNL HN . -1.12 -17.41 -86.13
C6 UNL HN . -0.26 -16.98 -84.92
O6 UNL HN . 1.02 -17.63 -84.72
C4 UNL HN . -1.13 -18.90 -86.50
O4 UNL HN . -0.10 -19.44 -85.67
C3 UNL HN . -0.99 -19.30 -87.99
O3 UNL HN . 0.33 -19.76 -88.32
C2 UNL HN . -1.49 -18.34 -89.03
N2 UNL HN . -2.66 -18.78 -89.74
C7 UNL HN . -2.76 -18.99 -91.06
C8 UNL HN . -1.85 -20.01 -91.69
O7 UNL HN . -3.56 -18.36 -91.73
C1 UNL IN . -0.13 -21.00 -87.64
O5 UNL IN . -0.39 -21.88 -88.73
C5 UNL IN . 0.73 -22.61 -89.18
C6 UNL IN . 0.05 -23.31 -90.30
O6 UNL IN . -1.13 -23.65 -90.27
C4 UNL IN . 1.16 -23.59 -88.07
O4 UNL IN . 1.17 -24.95 -88.52
C3 UNL IN . 0.22 -23.42 -86.86
O3 UNL IN . -1.14 -23.81 -87.11
C2 UNL IN . 0.25 -21.96 -86.39
O2 UNL IN . 1.42 -21.68 -85.60
N1 UNL IN . 0.87 -23.58 -91.52
C1 UNL JN . 2.23 -25.79 -87.92
O5 UNL JN . 2.76 -25.28 -86.67
C5 UNL JN . 4.04 -25.75 -86.29
C6 UNL JN . 5.00 -24.97 -87.21
O6 UNL JN . 4.62 -23.58 -87.28
C4 UNL JN . 3.98 -27.31 -86.32
O4 UNL JN . 3.40 -27.70 -85.06
C3 UNL JN . 3.13 -28.02 -87.42
O3 UNL JN . 3.82 -28.24 -88.67
C2 UNL JN . 1.84 -27.28 -87.78
O2 UNL JN . 1.26 -27.78 -88.99
C1 UNL KN . 4.30 -29.61 -88.83
O5 UNL KN . 3.51 -30.34 -89.80
C5 UNL KN . 3.91 -30.11 -91.17
C6 UNL KN . 2.79 -30.63 -92.07
O6 UNL KN . 1.57 -29.89 -91.89
C4 UNL KN . 5.30 -30.71 -91.44
O4 UNL KN . 5.98 -29.92 -92.41
C3 UNL KN . 6.13 -30.81 -90.14
O3 UNL KN . 5.88 -32.09 -89.55
C2 UNL KN . 5.82 -29.71 -89.14
O2 UNL KN . 6.32 -28.46 -89.63
C7 UNL KN . 2.49 -32.11 -91.86
O7 UNL KN . 1.82 -32.34 -90.62
C9 UNL KN . 6.37 -33.20 -90.27
C10 UNL KN . 1.58 -28.56 -92.38
C1 UNL LN . 0.37 -19.20 -98.89
O5 UNL LN . 0.24 -18.85 -100.25
C5 UNL LN . -0.37 -19.90 -101.02
C6 UNL LN . -1.75 -20.10 -100.46
O6 UNL LN . -2.51 -19.79 -101.54
C4 UNL LN . 0.46 -21.19 -101.07
O4 UNL LN . -0.28 -22.27 -101.66
C3 UNL LN . 1.04 -21.55 -99.71
O3 UNL LN . 1.09 -22.99 -99.57
C2 UNL LN . 0.36 -20.71 -98.62
N2 UNL LN . 1.00 -20.89 -97.36
C7 UNL LN . 0.45 -21.97 -96.82
C8 UNL LN . 1.19 -22.60 -95.68
O7 UNL LN . -0.46 -22.53 -97.40
C1 UNL MN . 2.42 -23.54 -99.30
O5 UNL MN . 3.44 -23.34 -100.25
C5 UNL MN . 4.71 -23.49 -99.59
C6 UNL MN . 5.80 -22.95 -100.50
O6 UNL MN . 6.87 -22.59 -100.05
C4 UNL MN . 4.92 -24.97 -99.21
O4 UNL MN . 5.33 -25.73 -100.36
C3 UNL MN . 3.73 -25.50 -98.42
O3 UNL MN . 3.75 -26.92 -98.31
C2 UNL MN . 2.37 -25.03 -98.95
O2 UNL MN . 1.32 -25.28 -98.02
N1 UNL MN . 5.56 -22.83 -101.96
C1 UNL NN . 4.43 -26.35 -101.31
O5 UNL NN . 4.07 -25.54 -102.44
C5 UNL NN . 2.95 -26.05 -103.17
C6 UNL NN . 1.64 -25.44 -102.65
O6 UNL NN . 1.70 -24.03 -102.84
C4 UNL NN . 2.91 -27.58 -103.10
O4 UNL NN . 2.22 -28.09 -104.24
C3 UNL NN . 4.33 -28.15 -103.04
O3 UNL NN . 4.34 -29.59 -103.10
C2 UNL NN . 5.03 -27.67 -101.76
O2 UNL NN . 4.90 -28.61 -100.69
C1 UNL ON . 5.11 -30.02 -104.25
O5 UNL ON . 6.54 -29.99 -104.06
C5 UNL ON . 7.04 -30.91 -103.07
C6 UNL ON . 8.55 -30.69 -103.01
O6 UNL ON . 9.26 -31.62 -103.85
C4 UNL ON . 6.61 -32.35 -103.41
O4 UNL ON . 5.87 -32.87 -102.31
C3 UNL ON . 5.79 -32.44 -104.70
O3 UNL ON . 6.67 -32.29 -105.82
C2 UNL ON . 4.67 -31.40 -104.79
O2 UNL ON . 3.53 -31.89 -104.07
C7 UNL ON . 9.09 -30.77 -101.59
O7 UNL ON . 9.24 -32.13 -101.17
C9 UNL ON . 7.12 -33.51 -106.40
C10 UNL ON . 10.15 -31.01 -104.77
C1 UNL PN . 7.90 -12.87 -99.04
O5 UNL PN . 9.02 -12.38 -98.36
C5 UNL PN . 9.90 -13.47 -98.05
C6 UNL PN . 11.18 -12.88 -97.51
O6 UNL PN . 11.36 -11.52 -97.93
C4 UNL PN . 10.07 -14.31 -99.31
O4 UNL PN . 11.40 -14.81 -99.43
C3 UNL PN . 9.74 -13.51 -100.57
O3 UNL PN . 10.51 -12.33 -100.68
C2 UNL PN . 8.34 -12.93 -100.50
N2 UNL PN . 7.46 -13.64 -101.40
C7 UNL PN . 6.65 -12.93 -102.18
C8 UNL PN . 5.97 -13.69 -103.28
O7 UNL PN . 6.44 -11.74 -101.97
C1 UNL QN . 11.49 -12.50 -101.74
O5 UNL QN . 12.78 -12.85 -101.24
C5 UNL QN . 13.68 -13.29 -102.26
C6 UNL QN . 14.94 -13.76 -101.56
O6 UNL QN . 15.55 -13.05 -100.80
C4 UNL QN . 13.91 -12.15 -103.27
O4 UNL QN . 15.30 -11.80 -103.31
C3 UNL QN . 13.08 -10.92 -102.93
O3 UNL QN . 13.63 -10.26 -101.77
C2 UNL QN . 11.62 -11.30 -102.69
O2 UNL QN . 10.95 -11.59 -103.91
N1 UNL QN . 15.43 -15.13 -101.81
C1 UNL RN . 15.84 -12.13 -104.59
O5 UNL RN . 16.33 -13.48 -104.63
C5 UNL RN . 16.78 -13.87 -105.95
C6 UNL RN . 17.32 -15.29 -105.85
O6 UNL RN . 16.26 -16.18 -105.43
C4 UNL RN . 17.82 -12.91 -106.54
O4 UNL RN . 18.01 -13.15 -107.95
C3 UNL RN . 17.40 -11.45 -106.34
O3 UNL RN . 18.45 -10.56 -106.72
C2 UNL RN . 16.94 -11.13 -104.92
O2 UNL RN . 18.01 -11.20 -103.99
C1 UNL SN . 17.85 -9.63 -107.64
O5 UNL SN . 17.71 -10.24 -108.94
C5 UNL SN . 16.99 -9.42 -109.86
C6 UNL SN . 16.75 -10.27 -111.11
O6 UNL SN . 16.03 -11.47 -110.80
C4 UNL SN . 17.74 -8.10 -110.08
O4 UNL SN . 16.97 -7.26 -110.93
C3 UNL SN . 18.00 -7.40 -108.74
O3 UNL SN . 18.87 -6.31 -108.98
C2 UNL SN . 18.62 -8.33 -107.71
O2 UNL SN . 18.57 -7.70 -106.43
C7 UNL SN . 18.05 -10.67 -111.81
O7 UNL SN . 18.80 -11.59 -111.02
C9 UNL SN . 18.36 -5.02 -108.64
C10 UNL SN . 14.69 -11.28 -110.34
C1 UNL TN . 4.61 -1.60 -88.02
O5 UNL TN . 4.88 -1.20 -89.36
C5 UNL TN . 4.45 0.16 -89.54
C6 UNL TN . 4.72 0.59 -90.97
O6 UNL TN . 4.07 1.81 -91.31
C4 UNL TN . 5.15 0.95 -88.46
O4 UNL TN . 5.52 2.20 -89.03
C3 UNL TN . 6.31 0.16 -87.85
O3 UNL TN . 7.13 -0.35 -88.86
C2 UNL TN . 5.78 -1.08 -87.20
N2 UNL TN . 5.39 -0.77 -85.86
C7 UNL TN . 6.25 -0.83 -84.83
C8 UNL TN . 7.37 -1.82 -84.94
O7 UNL TN . 6.13 -0.11 -83.85
C1 UNL UN . 8.20 0.54 -89.05
O5 UNL UN . 7.92 1.20 -90.29
C5 UNL UN . 8.79 2.30 -90.53
C6 UNL UN . 8.74 2.48 -92.03
O6 UNL UN . 8.17 1.68 -92.80
C4 UNL UN . 10.17 1.94 -90.02
O4 UNL UN . 11.16 2.68 -90.72
C3 UNL UN . 10.38 0.42 -90.15
O3 UNL UN . 10.11 -0.07 -91.47
C2 UNL UN . 9.46 -0.28 -89.19
O2 UNL UN . 10.04 -0.53 -87.92
N1 UNL UN . 9.34 3.72 -92.58
C1 UNL VN . 12.03 3.42 -89.86
O5 UNL VN . 12.47 2.72 -88.70
C5 UNL VN . 13.34 1.60 -88.92
C6 UNL VN . 13.74 1.19 -87.52
O6 UNL VN . 12.56 0.76 -86.81
C4 UNL VN . 14.54 1.86 -89.84
O4 UNL VN . 15.09 0.63 -90.32
C3 UNL VN . 14.17 2.69 -91.07
O3 UNL VN . 15.41 3.09 -91.67
C2 UNL VN . 13.26 3.88 -90.68
O2 UNL VN . 13.95 4.87 -89.91
C1 UNL WN . 15.31 3.94 -92.83
O5 UNL WN . 14.95 3.26 -94.03
C5 UNL WN . 14.79 4.11 -95.17
C6 UNL WN . 14.26 3.24 -96.31
O6 UNL WN . 15.34 2.54 -96.96
C4 UNL WN . 16.10 4.87 -95.46
O4 UNL WN . 15.93 5.78 -96.55
C3 UNL WN . 16.55 5.61 -94.22
O3 UNL WN . 17.84 6.17 -94.49
C2 UNL WN . 16.63 4.69 -93.01
O2 UNL WN . 16.90 5.48 -91.84
C7 UNL WN . 13.50 4.03 -97.37
O7 UNL WN . 12.62 5.00 -96.79
C9 UNL WN . 17.94 7.58 -94.32
C10 UNL WN . 14.96 1.37 -97.70
CA CA XN . -28.68 -28.31 -66.88
C1 UNL YN . -10.75 -25.98 -81.38
O5 UNL YN . -9.58 -26.70 -81.08
C5 UNL YN . -8.98 -27.31 -82.22
C6 UNL YN . -8.15 -26.25 -82.89
O6 UNL YN . -7.46 -25.51 -81.86
C4 UNL YN . -9.92 -28.14 -83.09
O4 UNL YN . -10.02 -27.87 -84.50
C3 UNL YN . -11.34 -28.14 -82.58
O3 UNL YN . -12.06 -28.58 -83.72
C2 UNL YN . -11.82 -26.80 -82.08
N2 UNL YN . -12.93 -27.03 -81.21
C7 UNL YN . -13.96 -26.25 -81.48
C8 UNL YN . -15.20 -26.46 -80.64
O7 UNL YN . -13.86 -25.40 -82.35
C1 UNL ZN . -13.41 -28.86 -83.46
O5 UNL ZN . -13.55 -29.98 -82.59
C5 UNL ZN . -14.28 -31.07 -83.14
C6 UNL ZN . -13.92 -32.23 -82.22
O6 UNL ZN . -13.33 -32.04 -81.18
C4 UNL ZN . -13.80 -31.26 -84.58
O4 UNL ZN . -12.37 -31.32 -84.65
C3 UNL ZN . -14.36 -30.13 -85.44
O3 UNL ZN . -13.61 -29.91 -86.64
C2 UNL ZN . -14.38 -28.85 -84.66
O2 UNL ZN . -15.72 -28.59 -84.21
N1 UNL ZN . -14.30 -33.63 -82.57
C1 UNL AO . -11.98 -32.00 -85.93
O5 UNL AO . -10.59 -32.04 -86.01
C5 UNL AO . -10.05 -33.22 -85.36
C6 UNL AO . -8.64 -32.80 -85.55
O6 UNL AO . -8.05 -33.04 -86.84
C4 UNL AO . -10.49 -34.63 -85.93
O4 UNL AO . -10.13 -35.90 -85.27
C3 UNL AO . -12.00 -34.77 -85.89
O3 UNL AO . -12.51 -36.07 -86.40
C2 UNL AO . -12.46 -33.38 -86.46
O2 UNL AO . -11.95 -33.15 -87.77
C1 UNL BO . -13.65 -36.55 -85.60
O5 UNL BO . -14.94 -36.53 -86.22
C5 UNL BO . -15.13 -37.47 -87.30
C6 UNL BO . -16.54 -37.14 -87.80
O6 UNL BO . -17.51 -36.79 -86.79
C4 UNL BO . -14.91 -38.93 -86.82
O4 UNL BO . -14.90 -39.84 -87.92
C3 UNL BO . -13.57 -39.04 -86.10
O3 UNL BO . -13.49 -40.36 -85.56
C2 UNL BO . -13.39 -37.95 -85.03
O2 UNL BO . -12.03 -37.98 -84.63
C7 UNL BO . -17.12 -38.11 -88.83
O7 UNL BO . -18.33 -37.57 -89.35
C9 UNL BO . -12.30 -41.08 -85.90
C10 UNL BO . -17.94 -37.82 -85.89
C1 UNL CO . 0.66 -28.27 -69.23
O5 UNL CO . 1.80 -27.72 -69.89
C5 UNL CO . 2.49 -28.55 -70.85
C6 UNL CO . 1.50 -29.02 -71.91
O6 UNL CO . 0.72 -28.01 -72.53
C4 UNL CO . 3.15 -29.71 -70.12
O4 UNL CO . 3.17 -30.93 -70.88
C3 UNL CO . 2.43 -29.93 -68.80
O3 UNL CO . 2.92 -31.14 -68.21
C2 UNL CO . 0.93 -29.73 -68.92
N2 UNL CO . 0.31 -29.93 -67.63
C7 UNL CO . -0.65 -30.85 -67.46
C8 UNL CO . -0.60 -31.66 -66.21
O7 UNL CO . -1.54 -31.01 -68.29
C1 UNL DO . 2.08 -32.32 -68.06
O5 UNL DO . 2.53 -33.19 -67.03
C5 UNL DO . 3.69 -33.97 -67.32
C6 UNL DO . 4.91 -33.33 -66.66
O6 UNL DO . 5.32 -32.22 -66.94
C4 UNL DO . 3.86 -34.24 -68.82
O4 UNL DO . 4.59 -33.19 -69.45
C3 UNL DO . 2.49 -34.39 -69.45
O3 UNL DO . 2.58 -34.77 -70.82
C2 UNL DO . 1.76 -33.08 -69.37
O2 UNL DO . 0.36 -33.29 -69.49
N1 UNL DO . 5.66 -34.11 -65.64
C1 UNL EO . 5.44 -33.65 -70.53
O5 UNL EO . 6.18 -32.57 -71.10
C5 UNL EO . 7.03 -31.92 -70.13
C6 UNL EO . 7.68 -30.72 -70.79
O6 UNL EO . 8.58 -31.18 -71.80
C4 UNL EO . 8.05 -32.93 -69.58
O4 UNL EO . 8.83 -32.30 -68.58
C3 UNL EO . 7.33 -34.14 -69.01
O3 UNL EO . 8.26 -35.12 -68.57
C2 UNL EO . 6.40 -34.74 -70.05
O2 UNL EO . 7.16 -35.23 -71.14
C1 UNL FO . 7.53 -36.08 -67.77
O5 UNL FO . 7.26 -37.28 -68.49
C5 UNL FO . 8.44 -37.94 -68.95
C6 UNL FO . 7.93 -39.07 -69.84
O6 UNL FO . 7.26 -40.11 -69.09
C4 UNL FO . 9.29 -38.35 -67.74
O4 UNL FO . 10.51 -38.93 -68.17
C3 UNL FO . 9.55 -37.17 -66.80
O3 UNL FO . 10.06 -37.71 -65.57
C2 UNL FO . 8.28 -36.41 -66.48
O2 UNL FO . 8.60 -35.20 -65.79
C7 UNL FO . 8.94 -39.59 -70.85
O7 UNL FO . 8.31 -40.33 -71.89
C9 UNL FO . 11.46 -37.52 -65.35
C10 UNL FO . 8.06 -41.23 -68.70
C1 UNL GO . -3.56 -39.18 -57.02
O5 UNL GO . -3.85 -40.37 -57.71
C5 UNL GO . -3.77 -41.53 -56.86
C6 UNL GO . -4.96 -41.49 -55.94
O6 UNL GO . -6.16 -41.77 -56.67
C4 UNL GO . -2.43 -41.57 -56.14
O4 UNL GO . -2.58 -41.44 -54.73
C3 UNL GO . -1.53 -40.44 -56.63
O3 UNL GO . -0.27 -40.45 -55.98
C2 UNL GO . -2.18 -39.10 -56.44
N2 UNL GO . -1.40 -38.04 -57.06
C7 UNL GO . -0.83 -37.07 -56.37
C8 UNL GO . -0.19 -35.97 -57.18
O7 UNL GO . -0.81 -37.05 -55.14
C1 UNL HO . 0.77 -40.87 -56.91
O5 UNL HO . 0.52 -42.16 -57.45
C5 UNL HO . 1.42 -43.21 -57.05
C6 UNL HO . 0.78 -44.54 -57.44
O6 UNL HO . -0.37 -44.66 -57.82
C4 UNL HO . 1.70 -43.10 -55.54
O4 UNL HO . 0.45 -43.13 -54.84
C3 UNL HO . 2.48 -41.82 -55.26
O3 UNL HO . 2.30 -41.39 -53.91
C2 UNL HO . 2.12 -40.69 -56.22
O2 UNL HO . 3.15 -40.50 -57.18
N1 UNL HO . 1.58 -45.77 -57.36
C1 UNL IO . 0.27 -44.09 -53.75
O5 UNL IO . -0.88 -44.95 -53.85
C5 UNL IO . -0.70 -46.21 -54.50
C6 UNL IO . -2.03 -46.96 -54.43
O6 UNL IO . -2.30 -47.31 -53.06
C4 UNL IO . 0.45 -47.01 -53.88
O4 UNL IO . 0.65 -48.16 -54.67
C3 UNL IO . 1.73 -46.16 -53.89
O3 UNL IO . 2.87 -46.81 -53.32
C2 UNL IO . 1.50 -44.83 -53.19
O2 UNL IO . 1.27 -45.04 -51.79
C1 UNL JO . 3.97 -46.60 -54.25
O5 UNL JO . 4.99 -45.70 -53.79
C5 UNL JO . 5.87 -46.22 -52.76
C6 UNL JO . 6.87 -45.11 -52.45
O6 UNL JO . 8.02 -45.19 -53.32
C4 UNL JO . 6.50 -47.55 -53.22
O4 UNL JO . 7.27 -48.12 -52.16
C3 UNL JO . 5.44 -48.53 -53.70
O3 UNL JO . 6.13 -49.66 -54.27
C2 UNL JO . 4.55 -47.92 -54.77
O2 UNL JO . 3.51 -48.82 -55.12
C7 UNL JO . 7.34 -45.13 -50.99
O7 UNL JO . 6.25 -45.04 -50.09
C9 UNL JO . 5.82 -50.91 -53.66
C10 UNL JO . 8.78 -43.99 -53.46
CA CA KO . -38.66 -27.68 -41.74
C1 UNL LO . -14.02 -40.93 -33.28
O5 UNL LO . -14.22 -41.69 -34.46
C5 UNL LO . -12.98 -41.86 -35.17
C6 UNL LO . -13.14 -43.08 -36.04
O6 UNL LO . -11.90 -43.40 -36.67
C4 UNL LO . -11.89 -41.98 -34.11
O4 UNL LO . -10.70 -42.39 -34.80
C3 UNL LO . -12.37 -42.67 -32.80
O3 UNL LO . -12.21 -44.11 -32.72
C2 UNL LO . -13.72 -42.09 -32.35
N2 UNL LO . -13.59 -41.57 -31.02
C7 UNL LO . -14.09 -41.95 -29.83
C8 UNL LO . -15.55 -42.32 -29.76
O7 UNL LO . -13.36 -42.03 -28.85
C1 UNL MO . -10.99 -44.66 -32.04
O5 UNL MO . -10.09 -45.50 -32.78
C5 UNL MO . -10.64 -46.75 -33.17
C6 UNL MO . -11.51 -46.44 -34.34
O6 UNL MO . -11.04 -45.95 -35.31
C4 UNL MO . -11.20 -47.52 -31.95
O4 UNL MO . -11.93 -48.70 -32.32
C3 UNL MO . -12.06 -46.63 -31.05
O3 UNL MO . -13.35 -46.38 -31.62
C2 UNL MO . -11.36 -45.34 -30.74
O2 UNL MO . -10.18 -45.62 -29.96
N1 UNL MO . -12.94 -46.77 -34.40
C1 UNL NO . -11.74 -49.64 -31.23
O5 UNL NO . -12.48 -49.32 -30.03
C5 UNL NO . -11.94 -49.98 -28.89
C6 UNL NO . -10.56 -49.37 -28.62
O6 UNL NO . -10.76 -47.98 -28.32
C4 UNL NO . -12.05 -51.50 -29.13
O4 UNL NO . -13.45 -51.85 -29.07
C3 UNL NO . -11.48 -51.98 -30.48
O3 UNL NO . -10.05 -51.85 -30.39
C2 UNL NO . -11.96 -51.09 -31.63
O2 UNL NO . -11.24 -51.36 -32.84
C1 UNL OO . -9.32 -53.11 -30.29
O5 UNL OO . -9.13 -53.74 -31.57
C5 UNL OO . -8.10 -53.12 -32.39
C6 UNL OO . -8.27 -53.65 -33.81
O6 UNL OO . -9.62 -53.43 -34.26
C4 UNL OO . -6.72 -53.34 -31.76
O4 UNL OO . -5.94 -52.16 -31.95
C3 UNL OO . -6.83 -53.67 -30.27
O3 UNL OO . -7.01 -55.08 -30.13
C2 UNL OO . -7.97 -52.94 -29.55
O2 UNL OO . -7.62 -51.55 -29.41
C7 UNL OO . -7.92 -55.12 -33.93
O7 UNL OO . -8.82 -55.93 -33.19
C9 UNL OO . -5.88 -55.88 -30.46
C10 UNL OO . -9.81 -53.53 -35.66
C1 UNL PO . -23.61 -44.48 -52.41
O5 UNL PO . -24.74 -45.30 -52.68
C5 UNL PO . -25.76 -44.61 -53.43
C6 UNL PO . -26.94 -45.56 -53.65
O6 UNL PO . -28.06 -44.88 -54.24
C4 UNL PO . -25.11 -44.01 -54.67
O4 UNL PO . -25.96 -44.08 -55.82
C3 UNL PO . -23.75 -44.68 -54.88
O3 UNL PO . -23.86 -46.09 -54.90
C2 UNL PO . -22.82 -44.39 -53.71
N2 UNL PO . -22.21 -43.08 -53.91
C7 UNL PO . -21.15 -42.73 -54.65
C8 UNL PO . -20.11 -43.78 -54.91
O7 UNL PO . -21.04 -41.59 -55.11
C1 UNL QO . -23.65 -46.55 -56.27
O5 UNL QO . -24.88 -46.73 -56.97
C5 UNL QO . -24.74 -47.25 -58.28
C6 UNL QO . -26.15 -47.15 -58.89
O6 UNL QO . -27.12 -46.74 -58.26
C4 UNL QO . -24.19 -48.68 -58.22
O4 UNL QO . -25.16 -49.66 -58.59
C3 UNL QO . -23.66 -48.98 -56.82
O3 UNL QO . -24.72 -49.22 -55.90
C2 UNL QO . -22.82 -47.83 -56.29
O2 UNL QO . -21.63 -47.62 -57.05
N1 UNL QO . -26.38 -47.60 -60.28
C1 UNL RO . -24.52 -50.96 -58.58
O5 UNL RO . -23.69 -51.12 -59.73
C5 UNL RO . -23.46 -52.49 -60.08
C6 UNL RO . -22.34 -52.53 -61.11
O6 UNL RO . -21.09 -52.42 -60.44
C4 UNL RO . -24.74 -53.12 -60.62
O4 UNL RO . -24.71 -54.53 -60.45
C3 UNL RO . -25.96 -52.56 -59.87
O3 UNL RO . -26.51 -51.43 -60.58
C2 UNL RO . -25.54 -52.11 -58.49
O2 UNL RO . -26.68 -51.74 -57.71
C1 UNL SO . -27.38 -51.93 -61.61
O5 UNL SO . -26.76 -51.84 -62.89
C5 UNL SO . -27.52 -52.53 -63.91
C6 UNL SO . -26.63 -52.55 -65.14
O6 UNL SO . -27.25 -53.21 -66.26
C4 UNL SO . -28.87 -51.83 -64.08
O4 UNL SO . -29.66 -52.56 -65.01
C3 UNL SO . -29.59 -51.73 -62.74
O3 UNL SO . -30.69 -50.83 -62.92
C2 UNL SO . -28.71 -51.20 -61.61
O2 UNL SO . -29.37 -51.42 -60.37
C7 UNL SO . -25.30 -53.25 -64.86
O7 UNL SO . -24.35 -52.32 -64.36
C9 UNL SO . -31.98 -51.39 -62.71
C10 UNL SO . -26.83 -52.74 -67.53
C1 UNL TO . -29.99 -43.26 -36.77
O5 UNL TO . -28.98 -43.71 -35.89
C5 UNL TO . -29.23 -42.97 -34.70
C6 UNL TO . -28.04 -43.09 -33.74
O6 UNL TO . -27.89 -44.29 -32.98
C4 UNL TO . -30.57 -43.56 -34.26
O4 UNL TO . -30.22 -44.28 -33.08
C3 UNL TO . -31.38 -44.43 -35.27
O3 UNL TO . -31.27 -45.83 -35.04
C2 UNL TO . -31.22 -44.13 -36.74
N2 UNL TO . -32.39 -43.54 -37.36
C7 UNL TO . -33.10 -44.06 -38.37
C8 UNL TO . -33.73 -45.40 -38.18
O7 UNL TO . -33.20 -43.45 -39.43
C1 UNL UO . -32.21 -45.54 -33.94
O5 UNL UO . -33.45 -46.02 -34.45
C5 UNL UO . -33.70 -47.40 -34.22
C6 UNL UO . -35.00 -47.48 -34.94
O6 UNL UO . -35.81 -46.55 -34.98
C4 UNL UO . -33.87 -47.61 -32.71
O4 UNL UO . -35.13 -48.22 -32.37
C3 UNL UO . -33.72 -46.26 -31.97
O3 UNL UO . -34.75 -45.31 -32.27
C2 UNL UO . -32.34 -45.65 -32.33
O2 UNL UO . -31.29 -46.27 -31.56
N1 UNL UO . -35.28 -48.77 -35.64
C1 UNL VO . -35.09 -49.15 -31.23
O5 UNL VO . -33.96 -48.94 -30.34
C5 UNL VO . -33.61 -50.04 -29.51
C6 UNL VO . -32.89 -51.00 -30.48
O6 UNL VO . -31.97 -50.28 -31.32
C4 UNL VO . -34.90 -50.47 -28.75
O4 UNL VO . -35.01 -49.59 -27.62
C3 UNL VO . -36.28 -50.41 -29.48
O3 UNL VO . -36.61 -51.57 -30.27
C2 UNL VO . -36.42 -49.21 -30.43
O2 UNL VO . -37.53 -49.35 -31.32
C1 UNL WO . -37.54 -52.47 -29.61
O5 UNL WO . -38.85 -52.41 -30.22
C5 UNL WO . -39.00 -53.24 -31.39
C6 UNL WO . -40.27 -52.80 -32.12
O6 UNL WO . -40.17 -51.45 -32.59
C4 UNL WO . -38.93 -54.73 -31.02
O4 UNL WO . -38.34 -55.46 -32.08
C3 UNL WO . -38.15 -54.96 -29.72
O3 UNL WO . -39.06 -54.89 -28.62
C2 UNL WO . -37.03 -53.93 -29.49
O2 UNL WO . -35.98 -54.19 -30.43
C7 UNL WO . -41.52 -52.91 -31.26
O7 UNL WO . -41.54 -51.91 -30.24
C9 UNL WO . -40.01 -55.95 -28.56
C10 UNL WO . -39.27 -51.24 -33.68
C1 UNL XO . -34.77 -49.99 -44.14
O5 UNL XO . -35.09 -50.27 -45.48
C5 UNL XO . -36.51 -50.38 -45.67
C6 UNL XO . -37.10 -49.05 -45.35
O6 UNL XO . -37.64 -48.71 -46.53
C4 UNL XO . -37.15 -51.54 -44.89
O4 UNL XO . -38.58 -51.49 -44.95
C3 UNL XO . -36.62 -51.64 -43.47
O3 UNL XO . -37.68 -52.11 -42.59
C2 UNL XO . -35.85 -50.36 -43.13
N2 UNL XO . -35.19 -50.49 -41.87
C7 UNL XO . -36.08 -50.16 -40.94
C8 UNL XO . -35.78 -50.56 -39.54
O7 UNL XO . -37.18 -49.77 -41.30
C1 UNL YO . -37.37 -53.31 -41.85
O5 UNL YO . -37.10 -54.50 -42.57
C5 UNL YO . -36.37 -55.39 -41.71
C6 UNL YO . -35.76 -56.50 -42.55
O6 UNL YO . -34.80 -57.14 -42.18
C4 UNL YO . -37.28 -55.90 -40.58
O4 UNL YO . -38.14 -56.96 -41.07
C3 UNL YO . -37.95 -54.74 -39.85
O3 UNL YO . -39.03 -55.18 -39.03
C2 UNL YO . -38.43 -53.62 -40.79
O2 UNL YO . -38.77 -52.44 -40.06
N1 UNL YO . -36.36 -56.83 -43.87
C1 UNL ZO . -39.42 -56.75 -41.71
O5 UNL ZO . -39.39 -56.61 -43.13
C5 UNL ZO . -40.62 -56.10 -43.67
C6 UNL ZO . -40.55 -54.57 -43.77
O6 UNL ZO . -39.49 -54.24 -44.67
C4 UNL ZO . -41.81 -56.53 -42.82
O4 UNL ZO . -42.99 -56.56 -43.64
C3 UNL ZO . -41.56 -57.92 -42.23
O3 UNL ZO . -42.71 -58.43 -41.53
C2 UNL ZO . -40.36 -57.87 -41.28
O2 UNL ZO . -40.74 -57.65 -39.92
C1 UNL AP . -43.13 -59.69 -42.12
O5 UNL AP . -42.34 -60.83 -41.74
C5 UNL AP . -42.46 -61.18 -40.33
C6 UNL AP . -41.53 -62.38 -40.12
O6 UNL AP . -42.25 -63.62 -40.21
C4 UNL AP . -43.93 -61.41 -39.95
O4 UNL AP . -44.28 -60.53 -38.89
C3 UNL AP . -44.89 -61.24 -41.13
O3 UNL AP . -44.78 -62.39 -41.99
C2 UNL AP . -44.64 -59.97 -41.94
O2 UNL AP . -45.29 -58.88 -41.30
C7 UNL AP . -40.80 -62.31 -38.79
O7 UNL AP . -41.64 -62.72 -37.71
C9 UNL AP . -45.75 -63.40 -41.76
C10 UNL AP . -41.71 -64.55 -41.14
C1 UNL BP . -26.23 -54.57 -45.84
O5 UNL BP . -25.03 -55.07 -45.31
C5 UNL BP . -25.33 -56.02 -44.29
C6 UNL BP . -24.03 -56.68 -43.89
O6 UNL BP . -23.04 -56.58 -44.93
C4 UNL BP . -26.39 -56.98 -44.84
O4 UNL BP . -26.16 -58.32 -44.39
C3 UNL BP . -26.41 -56.98 -46.37
O3 UNL BP . -25.16 -57.29 -46.94
C2 UNL BP . -26.62 -55.59 -46.91
N2 UNL BP . -27.96 -55.46 -47.45
C7 UNL BP . -28.10 -54.87 -48.63
C8 UNL BP . -29.43 -55.03 -49.30
O7 UNL BP . -27.19 -54.22 -49.14
C1 UNL CP . -25.20 -58.63 -47.51
O5 UNL CP . -24.64 -59.61 -46.64
C5 UNL CP . -24.93 -60.95 -47.05
C6 UNL CP . -24.40 -61.87 -45.97
O6 UNL CP . -23.23 -61.82 -45.59
C4 UNL CP . -24.31 -61.22 -48.44
O4 UNL CP . -23.36 -62.28 -48.36
C3 UNL CP . -23.64 -59.96 -48.99
O3 UNL CP . -22.41 -59.71 -48.29
C2 UNL CP . -24.58 -58.76 -48.90
O2 UNL CP . -25.60 -58.82 -49.87
N1 UNL CP . -25.31 -62.85 -45.34
C1 UNL DP . -23.83 -63.39 -49.12
O5 UNL DP . -24.66 -64.26 -48.35
C5 UNL DP . -25.24 -65.33 -49.12
C6 UNL DP . -26.06 -66.21 -48.18
O6 UNL DP . -27.09 -65.44 -47.57
C4 UNL DP . -24.20 -66.15 -49.91
O4 UNL DP . -24.85 -66.96 -50.91
C3 UNL DP . -23.20 -65.22 -50.62
O3 UNL DP . -22.13 -65.97 -51.18
C2 UNL DP . -22.64 -64.13 -49.71
O2 UNL DP . -21.81 -64.66 -48.68
C1 UNL EP . -22.06 -65.56 -52.56
O5 UNL EP . -23.09 -66.17 -53.33
C5 UNL EP . -23.16 -65.67 -54.68
C6 UNL EP . -24.41 -66.27 -55.30
O6 UNL EP . -25.59 -65.91 -54.57
C4 UNL EP . -21.83 -65.97 -55.40
O4 UNL EP . -21.88 -65.40 -56.71
C3 UNL EP . -20.66 -65.41 -54.61
O3 UNL EP . -19.45 -65.90 -55.21
C2 UNL EP . -20.68 -65.81 -53.13
O2 UNL EP . -19.71 -65.03 -52.44
C7 UNL EP . -24.36 -67.79 -55.40
O7 UNL EP . -24.41 -68.39 -54.12
C9 UNL EP . -18.56 -64.90 -55.70
C10 UNL EP . -25.92 -64.53 -54.55
C1 UNL FP . -14.52 -43.46 -43.06
O5 UNL FP . -14.56 -44.10 -44.32
C5 UNL FP . -13.70 -43.41 -45.24
C6 UNL FP . -13.77 -44.10 -46.59
O6 UNL FP . -13.19 -43.30 -47.63
C4 UNL FP . -12.36 -43.36 -44.58
O4 UNL FP . -11.38 -43.55 -45.60
C3 UNL FP . -12.27 -44.36 -43.42
O3 UNL FP . -12.69 -45.63 -43.83
C2 UNL FP . -13.27 -44.00 -42.36
N2 UNL FP . -12.68 -43.04 -41.47
C7 UNL FP . -11.98 -43.42 -40.40
C8 UNL FP . -12.34 -44.73 -39.76
O7 UNL FP . -11.07 -42.73 -39.95
C1 UNL GP . -11.56 -46.37 -44.21
O5 UNL GP . -11.63 -46.45 -45.64
C5 UNL GP . -10.45 -46.96 -46.23
C6 UNL GP . -10.92 -47.49 -47.57
O6 UNL GP . -12.10 -47.54 -47.89
C4 UNL GP . -9.90 -48.04 -45.32
O4 UNL GP . -9.12 -48.96 -46.08
C3 UNL GP . -11.06 -48.73 -44.58
O3 UNL GP . -12.09 -49.19 -45.48
C2 UNL GP . -11.69 -47.75 -43.63
O2 UNL GP . -11.13 -47.81 -42.33
N1 UNL GP . -9.85 -47.86 -48.54
C1 UNL HP . -7.79 -49.13 -45.56
O5 UNL HP . -7.70 -49.24 -44.14
C5 UNL HP . -8.28 -50.40 -43.56
C6 UNL HP . -7.87 -50.29 -42.09
O6 UNL HP . -8.50 -49.11 -41.54
C4 UNL HP . -7.84 -51.74 -44.19
O4 UNL HP . -8.74 -52.79 -43.81
C3 UNL HP . -7.82 -51.68 -45.72
O3 UNL HP . -7.13 -52.87 -46.15
C2 UNL HP . -7.16 -50.38 -46.21
O2 UNL HP . -5.74 -50.33 -45.94
C1 UNL IP . -6.94 -53.02 -47.56
O5 UNL IP . -8.11 -53.42 -48.28
C5 UNL IP . -7.93 -53.49 -49.72
C6 UNL IP . -9.30 -53.79 -50.32
O6 UNL IP . -9.59 -55.20 -50.25
C4 UNL IP . -6.82 -54.49 -50.06
O4 UNL IP . -6.58 -54.52 -51.47
C3 UNL IP . -5.53 -54.12 -49.31
O3 UNL IP . -4.59 -55.16 -49.55
C2 UNL IP . -5.78 -53.97 -47.81
O2 UNL IP . -4.60 -53.47 -47.20
C7 UNL IP . -9.43 -53.32 -51.76
O7 UNL IP . -8.87 -52.03 -51.97
C9 UNL IP . -3.36 -54.74 -50.13
C10 UNL IP . -10.98 -55.55 -50.34
CA CA JP . -43.98 -14.93 -18.86
C1 UNL KP . -38.93 -35.43 -28.38
O5 UNL KP . -38.87 -36.54 -27.52
C5 UNL KP . -39.50 -37.71 -28.03
C6 UNL KP . -38.50 -38.37 -28.93
O6 UNL KP . -37.21 -38.31 -28.30
C4 UNL KP . -40.92 -37.52 -28.55
O4 UNL KP . -41.26 -37.92 -29.89
C3 UNL KP . -41.39 -36.09 -28.44
O3 UNL KP . -42.49 -36.06 -29.34
C2 UNL KP . -40.33 -35.06 -28.80
N2 UNL KP . -40.73 -33.81 -28.20
C7 UNL KP . -40.68 -32.80 -29.04
C8 UNL KP . -41.10 -31.45 -28.52
O7 UNL KP . -40.25 -32.98 -30.18
C1 UNL LP . -43.25 -34.89 -29.29
O5 UNL LP . -43.90 -34.75 -28.02
C5 UNL LP . -45.32 -34.69 -28.10
C6 UNL LP . -45.75 -34.96 -26.67
O6 UNL LP . -44.95 -34.99 -25.76
C4 UNL LP . -45.77 -35.76 -29.10
O4 UNL LP . -45.19 -37.03 -28.81
C3 UNL LP . -45.43 -35.28 -30.51
O3 UNL LP . -45.35 -36.34 -31.46
C2 UNL LP . -44.12 -34.54 -30.50
O2 UNL LP . -44.37 -33.14 -30.55
N1 UNL LP . -47.20 -35.22 -26.34
C1 UNL MP . -46.01 -38.09 -29.45
O5 UNL MP . -45.42 -39.33 -29.21
C5 UNL MP . -45.87 -39.89 -27.96
C6 UNL MP . -44.94 -41.05 -28.02
O6 UNL MP . -45.33 -42.16 -28.85
C4 UNL MP . -47.42 -40.20 -27.80
O4 UNL MP . -48.04 -40.62 -26.54
C3 UNL MP . -48.24 -38.93 -28.03
O3 UNL MP . -49.70 -39.14 -27.92
C2 UNL MP . -47.55 -38.33 -29.31
O2 UNL MP . -47.59 -39.23 -30.41
C1 UNL NP . -50.38 -38.02 -27.29
O5 UNL NP . -51.22 -37.23 -28.14
C5 UNL NP . -52.46 -37.85 -28.57
C6 UNL NP . -53.07 -36.81 -29.50
O6 UNL NP . -52.91 -35.43 -29.10
C4 UNL NP . -53.32 -38.29 -27.36
O4 UNL NP . -54.44 -39.08 -27.78
C3 UNL NP . -52.49 -39.11 -26.40
O3 UNL NP . -53.31 -39.36 -25.25
C2 UNL NP . -51.16 -38.44 -26.05
O2 UNL NP . -50.37 -39.38 -25.36
C7 UNL NP . -54.49 -37.09 -29.97
O7 UNL NP . -54.85 -36.15 -30.97
C9 UNL NP . -53.40 -40.73 -24.86
C10 UNL NP . -53.61 -34.98 -27.93
C1 UNL OP . -31.06 -41.04 -14.66
O5 UNL OP . -30.35 -42.09 -15.30
C5 UNL OP . -31.06 -43.33 -15.55
C6 UNL OP . -32.33 -43.04 -16.35
O6 UNL OP . -32.14 -42.28 -17.54
C4 UNL OP . -31.36 -44.00 -14.23
O4 UNL OP . -32.61 -44.72 -14.20
C3 UNL OP . -31.35 -42.95 -13.12
O3 UNL OP . -31.84 -43.54 -11.91
C2 UNL OP . -31.96 -41.63 -13.59
N2 UNL OP . -31.91 -40.67 -12.52
C7 UNL OP . -33.03 -40.08 -12.07
C8 UNL OP . -33.14 -39.92 -10.59
O7 UNL OP . -33.90 -39.68 -12.84
C1 UNL PP . -33.11 -43.16 -11.33
O5 UNL PP . -33.18 -43.42 -9.93
C5 UNL PP . -33.35 -44.80 -9.56
C6 UNL PP . -32.01 -45.39 -9.13
O6 UNL PP . -31.04 -45.48 -9.88
C4 UNL PP . -34.08 -45.61 -10.65
O4 UNL PP . -33.15 -46.14 -11.60
C3 UNL PP . -35.09 -44.72 -11.34
O3 UNL PP . -35.88 -45.45 -12.27
C2 UNL PP . -34.37 -43.63 -12.06
O2 UNL PP . -35.26 -42.54 -12.30
N1 UNL PP . -31.86 -45.89 -7.75
C1 UNL QP . -33.53 -47.44 -12.11
O5 UNL QP . -32.54 -47.94 -13.02
C5 UNL QP . -31.26 -48.09 -12.40
C6 UNL QP . -30.24 -48.51 -13.46
O6 UNL QP . -30.57 -49.82 -13.91
C4 UNL QP . -31.34 -49.09 -11.24
O4 UNL QP . -30.08 -49.17 -10.59
C3 UNL QP . -32.42 -48.64 -10.25
O3 UNL QP . -32.58 -49.59 -9.21
C2 UNL QP . -33.74 -48.44 -10.98
O2 UNL QP . -34.20 -49.68 -11.50
C1 UNL RP . -33.36 -48.97 -8.17
O5 UNL RP . -34.72 -49.41 -8.20
C5 UNL RP . -34.87 -50.83 -8.04
C6 UNL RP . -36.35 -51.08 -8.28
O6 UNL RP . -37.19 -50.57 -7.22
C4 UNL RP . -34.32 -51.22 -6.65
O4 UNL RP . -34.37 -52.63 -6.49
C3 UNL RP . -32.90 -50.70 -6.43
O3 UNL RP . -32.60 -50.83 -5.04
C2 UNL RP . -32.77 -49.23 -6.80
O2 UNL RP . -31.40 -48.85 -6.79
C7 UNL RP . -36.67 -52.52 -8.67
O7 UNL RP . -37.96 -52.62 -9.26
C9 UNL RP . -31.71 -51.90 -4.70
C10 UNL RP . -37.55 -51.46 -6.17
C1 UNL SP . -37.21 -35.88 0.19
O5 UNL SP . -38.55 -36.29 0.16
C5 UNL SP . -39.13 -36.37 1.48
C6 UNL SP . -39.31 -34.96 1.97
O6 UNL SP . -40.37 -34.32 1.26
C4 UNL SP . -38.27 -37.24 2.37
O4 UNL SP . -37.71 -36.51 3.47
C3 UNL SP . -37.13 -37.87 1.57
O3 UNL SP . -36.32 -38.69 2.39
C2 UNL SP . -36.27 -36.81 0.93
N2 UNL SP . -35.31 -37.39 0.03
C7 UNL SP . -33.99 -37.30 0.24
C8 UNL SP . -33.11 -37.85 -0.84
O7 UNL SP . -33.52 -36.81 1.27
C1 UNL TP . -36.50 -40.09 2.04
O5 UNL TP . -37.86 -40.50 2.18
C5 UNL TP . -38.13 -41.43 3.23
C6 UNL TP . -39.65 -41.46 3.46
O6 UNL TP . -40.42 -40.66 2.96
C4 UNL TP . -37.36 -41.04 4.49
O4 UNL TP . -37.70 -39.70 4.85
C3 UNL TP . -35.86 -41.19 4.25
O3 UNL TP . -35.09 -40.37 5.12
C2 UNL TP . -35.48 -40.92 2.80
O2 UNL TP . -35.20 -42.13 2.10
N1 UNL TP . -40.23 -42.51 4.31
C1 UNL UP . -38.14 -39.40 6.21
O5 UNL UP . -39.41 -38.72 6.32
C5 UNL UP . -40.58 -39.53 6.46
C6 UNL UP . -41.77 -38.60 6.62
O6 UNL UP . -41.67 -37.93 7.89
C4 UNL UP . -40.45 -40.53 7.61
O4 UNL UP . -41.59 -41.38 7.58
C3 UNL UP . -39.18 -41.37 7.44
O3 UNL UP . -38.96 -42.33 8.47
C2 UNL UP . -37.96 -40.47 7.31
O2 UNL UP . -37.71 -39.79 8.53
C1 UNL VP . -38.62 -43.57 7.82
O5 UNL VP . -37.25 -43.98 7.96
C5 UNL VP . -36.88 -44.51 9.26
C6 UNL VP . -35.41 -44.88 9.16
O6 UNL VP . -35.26 -46.24 8.71
C4 UNL VP . -37.82 -45.65 9.68
O4 UNL VP . -37.53 -46.06 11.01
C3 UNL VP . -39.28 -45.24 9.56
O3 UNL VP . -40.08 -46.40 9.80
C2 UNL VP . -39.60 -44.69 8.17
O2 UNL VP . -40.94 -44.23 8.13
C7 UNL VP . -34.66 -44.70 10.49
O7 UNL VP . -34.77 -43.37 10.98
C9 UNL VP . -41.01 -46.29 10.88
C10 UNL VP . -33.99 -46.57 8.14
CA CA WP . -38.95 4.09 -0.27
C1 UNL XP . -34.84 -17.83 18.72
O5 UNL XP . -35.96 -18.37 18.06
C5 UNL XP . -35.78 -19.77 17.81
C6 UNL XP . -37.15 -20.36 17.64
O6 UNL XP . -37.07 -21.79 17.54
C4 UNL XP . -35.00 -20.33 18.99
O4 UNL XP . -35.04 -21.76 18.86
C3 UNL XP . -35.30 -19.61 20.33
O3 UNL XP . -36.37 -20.16 21.15
C2 UNL XP . -35.29 -18.09 20.14
N2 UNL XP . -34.35 -17.50 21.04
C7 UNL XP . -34.48 -16.70 22.11
C8 UNL XP . -35.44 -15.54 22.04
O7 UNL XP . -33.88 -16.95 23.16
C1 UNL YP . -36.01 -21.10 22.26
O5 UNL YP . -36.55 -22.44 22.25
C5 UNL YP . -37.96 -22.51 22.43
C6 UNL YP . -38.53 -22.12 21.08
O6 UNL YP . -38.26 -22.77 20.13
C4 UNL YP . -38.40 -21.77 23.70
O4 UNL YP . -39.82 -21.65 23.81
C3 UNL YP . -37.74 -20.39 23.84
O3 UNL YP . -38.33 -19.43 22.96
C2 UNL YP . -36.26 -20.48 23.62
O2 UNL YP . -35.67 -21.28 24.65
N1 UNL YP . -39.47 -21.01 20.90
C1 UNL ZP . -40.12 -21.66 25.24
O5 UNL ZP . -39.77 -20.44 25.93
C5 UNL ZP . -39.64 -20.63 27.33
C6 UNL ZP . -38.41 -21.53 27.57
O6 UNL ZP . -37.27 -20.83 27.07
C4 UNL ZP . -41.01 -21.11 27.86
O4 UNL ZP . -41.92 -20.00 27.78
C3 UNL ZP . -41.63 -22.30 27.09
O3 UNL ZP . -40.83 -23.45 27.42
C2 UNL ZP . -41.53 -22.08 25.58
O2 UNL ZP . -41.85 -23.27 24.85
C1 UNL AQ . -41.46 -24.43 28.29
O5 UNL AQ . -42.36 -25.30 27.56
C5 UNL AQ . -41.67 -26.33 26.79
C6 UNL AQ . -42.69 -26.92 25.83
O6 UNL AQ . -43.31 -25.88 25.04
C4 UNL AQ . -40.99 -27.33 27.73
O4 UNL AQ . -39.74 -27.71 27.16
C3 UNL AQ . -40.76 -26.74 29.13
O3 UNL AQ . -41.94 -26.95 29.91
C2 UNL AQ . -40.44 -25.23 29.11
O2 UNL AQ . -39.11 -25.05 28.62
C7 UNL AQ . -43.77 -27.74 26.53
O7 UNL AQ . -44.58 -26.91 27.36
C9 UNL AQ . -42.20 -28.31 30.27
C10 UNL AQ . -43.98 -26.32 23.87
C1 UNL BQ . -49.31 -18.48 2.40
O5 UNL BQ . -50.61 -17.90 2.37
C5 UNL BQ . -50.85 -17.14 1.18
C6 UNL BQ . -52.25 -16.53 1.24
O6 UNL BQ . -52.48 -15.61 0.17
C4 UNL BQ . -50.53 -18.01 -0.03
O4 UNL BQ . -51.43 -17.80 -1.12
C3 UNL BQ . -50.47 -19.47 0.44
O3 UNL BQ . -51.64 -19.84 1.13
C2 UNL BQ . -49.35 -19.67 1.44
N2 UNL BQ . -48.10 -19.86 0.71
C7 UNL BQ . -47.58 -20.95 0.15
C8 UNL BQ . -47.99 -22.27 0.70
O7 UNL BQ . -46.80 -20.87 -0.81
C1 UNL CQ . -52.41 -20.75 0.30
O5 UNL CQ . -53.42 -20.06 -0.45
C5 UNL CQ . -54.26 -20.90 -1.24
C6 UNL CQ . -55.09 -19.93 -2.08
O6 UNL CQ . -55.01 -18.71 -1.98
C4 UNL CQ . -55.09 -21.79 -0.30
O4 UNL CQ . -56.49 -21.44 -0.30
C3 UNL CQ . -54.55 -21.76 1.12
O3 UNL CQ . -54.91 -20.54 1.78
C2 UNL CQ . -53.03 -21.87 1.12
O2 UNL CQ . -52.58 -23.13 0.64
N1 UNL CQ . -56.08 -20.48 -3.04
C1 UNL DQ . -57.20 -22.41 0.51
O5 UNL DQ . -57.34 -23.65 -0.18
C5 UNL DQ . -58.44 -24.43 0.28
C6 UNL DQ . -58.32 -25.82 -0.32
O6 UNL DQ . -57.37 -26.57 0.45
C4 UNL DQ . -59.76 -23.77 -0.11
O4 UNL DQ . -60.80 -24.19 0.77
C3 UNL DQ . -59.64 -22.24 -0.03
O3 UNL DQ . -59.28 -21.71 -1.31
C2 UNL DQ . -58.56 -21.88 0.98
O2 UNL DQ . -58.53 -20.46 1.19
C1 UNL EQ . -60.48 -21.55 -2.09
O5 UNL EQ . -60.57 -22.57 -3.08
C5 UNL EQ . -61.81 -22.56 -3.79
C6 UNL EQ . -61.83 -23.83 -4.62
O6 UNL EQ . -63.03 -23.96 -5.40
C4 UNL EQ . -61.92 -21.25 -4.57
O4 UNL EQ . -63.20 -21.19 -5.20
C3 UNL EQ . -61.72 -20.05 -3.65
O3 UNL EQ . -61.55 -18.90 -4.49
C2 UNL EQ . -60.50 -20.17 -2.74
O2 UNL EQ . -60.57 -19.19 -1.73
C7 UNL EQ . -61.69 -25.07 -3.75
O7 UNL EQ . -60.32 -25.39 -3.55
C9 UNL EQ . -62.53 -17.88 -4.33
C10 UNL EQ . -62.87 -24.69 -6.61
C1 UNL FQ . -45.51 -6.20 13.59
O5 UNL FQ . -45.04 -6.84 14.75
C5 UNL FQ . -44.15 -5.89 15.32
C6 UNL FQ . -43.29 -6.55 16.42
O6 UNL FQ . -43.89 -6.78 17.71
C4 UNL FQ . -45.13 -4.80 15.73
O4 UNL FQ . -45.08 -4.84 17.15
C3 UNL FQ . -46.57 -4.83 15.16
O3 UNL FQ . -47.53 -5.31 16.11
C2 UNL FQ . -46.79 -5.46 13.81
N2 UNL FQ . -47.15 -4.53 12.77
C7 UNL FQ . -48.27 -4.53 12.05
C8 UNL FQ . -49.59 -4.41 12.77
O7 UNL FQ . -48.23 -4.64 10.84
C1 UNL GQ . -47.38 -3.96 16.69
O5 UNL GQ . -48.58 -3.32 16.26
C5 UNL GQ . -49.68 -3.48 17.13
C6 UNL GQ . -50.67 -2.73 16.31
O6 UNL GQ . -50.39 -1.76 15.63
C4 UNL GQ . -49.39 -2.78 18.46
O4 UNL GQ . -50.37 -1.79 18.79
C3 UNL GQ . -47.99 -2.13 18.38
O3 UNL GQ . -47.88 -1.05 17.42
C2 UNL GQ . -46.94 -3.22 18.06
O2 UNL GQ . -46.60 -3.99 19.22
N1 UNL GQ . -52.08 -3.19 16.31
C1 UNL HQ . -50.65 -1.64 20.23
O5 UNL HQ . -49.59 -2.14 21.10
C5 UNL HQ . -49.97 -2.45 22.42
C6 UNL HQ . -50.72 -3.78 22.29
O6 UNL HQ . -49.99 -4.67 21.41
C4 UNL HQ . -50.67 -1.17 23.01
O4 UNL HQ . -49.60 -0.31 23.45
C3 UNL HQ . -51.56 -0.29 22.08
O3 UNL HQ . -52.94 -0.73 21.98
C2 UNL HQ . -51.04 -0.20 20.64
O2 UNL HQ . -52.04 0.33 19.75
C1 UNL IQ . -53.86 0.06 22.79
O5 UNL IQ . -54.67 0.93 21.99
C5 UNL IQ . -55.84 0.29 21.43
C6 UNL IQ . -56.39 1.20 20.33
O6 UNL IQ . -55.46 1.36 19.25
C4 UNL IQ . -56.84 -0.09 22.53
O4 UNL IQ . -57.53 -1.27 22.16
C3 UNL IQ . -56.14 -0.28 23.88
O3 UNL IQ . -56.12 0.98 24.56
C2 UNL IQ . -54.71 -0.81 23.76
O2 UNL IQ . -54.76 -2.17 23.35
C7 UNL IQ . -56.76 2.59 20.84
O7 UNL IQ . -55.60 3.36 21.14
C9 UNL IQ . -57.40 1.47 24.97
C10 UNL IQ . -55.27 0.20 18.43
C1 UNL JQ . -55.88 -7.34 9.88
O5 UNL JQ . -56.76 -7.70 8.83
C5 UNL JQ . -57.59 -6.60 8.42
C6 UNL JQ . -56.67 -5.55 7.88
O6 UNL JQ . -57.09 -5.47 6.60
C4 UNL JQ . -58.54 -6.09 9.51
O4 UNL JQ . -59.19 -4.87 9.13
C3 UNL JQ . -57.84 -5.98 10.87
O3 UNL JQ . -58.39 -4.87 11.60
C2 UNL JQ . -56.33 -6.11 10.67
N2 UNL JQ . -55.65 -6.19 11.94
C7 UNL JQ . -55.47 -4.94 12.33
C8 UNL JQ . -55.14 -4.73 13.77
O7 UNL JQ . -55.81 -4.01 11.60
C1 UNL KQ . -58.94 -5.18 12.90
O5 UNL KQ . -60.03 -6.10 12.97
C5 UNL KQ . -60.08 -6.63 14.30
C6 UNL KQ . -61.01 -7.85 14.29
O6 UNL KQ . -60.92 -8.71 15.14
C4 UNL KQ . -60.51 -5.55 15.29
O4 UNL KQ . -61.94 -5.34 15.24
C3 UNL KQ . -59.63 -4.30 15.16
O3 UNL KQ . -60.19 -3.18 15.84
C2 UNL KQ . -59.30 -3.95 13.71
O2 UNL KQ . -58.24 -2.98 13.64
N1 UNL KQ . -62.03 -8.00 13.23
C1 UNL LQ . -62.61 -4.45 14.32
O5 UNL LQ . -63.02 -5.02 13.07
C5 UNL LQ . -63.37 -4.04 12.08
C6 UNL LQ . -62.16 -3.66 11.24
O6 UNL LQ . -61.71 -4.84 10.56
C4 UNL LQ . -63.97 -2.81 12.76
O4 UNL LQ . -64.85 -2.15 11.84
C3 UNL LQ . -64.76 -3.20 14.01
O3 UNL LQ . -65.45 -2.10 14.60
C2 UNL LQ . -63.80 -3.84 15.04
O2 UNL LQ . -63.31 -2.87 15.97
C1 UNL MQ . -66.88 -2.38 14.65
O5 UNL MQ . -67.28 -3.25 15.73
C5 UNL MQ . -67.11 -2.68 17.05
C6 UNL MQ . -67.54 -3.76 18.04
O6 UNL MQ . -68.92 -3.57 18.43
C4 UNL MQ . -67.84 -1.34 17.17
O4 UNL MQ . -66.91 -0.32 17.52
C3 UNL MQ . -68.59 -0.96 15.89
O3 UNL MQ . -69.76 -1.75 15.78
C2 UNL MQ . -67.75 -1.11 14.61
O2 UNL MQ . -66.95 0.07 14.46
C7 UNL MQ . -66.66 -3.81 19.27
O7 UNL MQ . -66.99 -2.77 20.20
C9 UNL MQ . -70.97 -1.16 16.27
C10 UNL MQ . -69.74 -4.72 18.25
C1 UNL NQ . -56.06 -16.87 12.49
O5 UNL NQ . -55.73 -17.83 13.45
C5 UNL NQ . -56.28 -17.44 14.71
C6 UNL NQ . -56.08 -18.60 15.66
O6 UNL NQ . -55.91 -19.85 14.97
C4 UNL NQ . -57.74 -17.05 14.47
O4 UNL NQ . -58.57 -17.47 15.56
C3 UNL NQ . -58.29 -17.66 13.18
O3 UNL NQ . -58.17 -19.07 13.16
C2 UNL NQ . -57.43 -17.29 11.99
N2 UNL NQ . -58.13 -16.32 11.17
C7 UNL NQ . -58.13 -16.50 9.86
C8 UNL NQ . -59.11 -15.66 9.08
O7 UNL NQ . -57.37 -17.30 9.32
C1 UNL OQ . -59.49 -19.67 13.31
O5 UNL OQ . -59.72 -20.10 14.65
C5 UNL OQ . -61.10 -20.42 14.89
C6 UNL OQ . -61.21 -20.72 16.38
O6 UNL OQ . -60.51 -21.55 16.93
C4 UNL OQ . -61.53 -21.59 13.99
O4 UNL OQ . -61.94 -22.70 14.80
C3 UNL OQ . -60.40 -22.01 13.07
O3 UNL OQ . -59.39 -22.72 13.81
C2 UNL OQ . -59.80 -20.81 12.34
O2 UNL OQ . -60.66 -20.33 11.32
N1 UNL OQ . -62.19 -19.96 17.19
C1 UNL PQ . -63.34 -22.95 14.62
O5 UNL PQ . -64.14 -22.17 15.51
C5 UNL PQ . -65.56 -22.31 15.28
C6 UNL PQ . -66.30 -21.48 16.33
O6 UNL PQ . -65.91 -20.11 16.21
C4 UNL PQ . -66.02 -23.78 15.28
O4 UNL PQ . -67.35 -23.89 14.74
C3 UNL PQ . -65.07 -24.66 14.46
O3 UNL PQ . -65.39 -26.03 14.62
C2 UNL PQ . -63.60 -24.43 14.77
O2 UNL PQ . -63.27 -24.87 16.11
C1 UNL QQ . -65.53 -26.56 13.30
O5 UNL QQ . -66.80 -26.19 12.74
C5 UNL QQ . -66.94 -26.56 11.36
C6 UNL QQ . -68.25 -25.94 10.87
O6 UNL QQ . -68.23 -24.50 11.03
C4 UNL QQ . -66.83 -28.09 11.22
O4 UNL QQ . -66.89 -28.44 9.85
C3 UNL QQ . -65.53 -28.59 11.85
O3 UNL QQ . -65.60 -30.02 11.90
C2 UNL QQ . -65.32 -28.06 13.27
O2 UNL QQ . -63.98 -28.35 13.66
C7 UNL QQ . -69.47 -26.48 11.59
O7 UNL QQ . -69.50 -26.06 12.95
C9 UNL QQ . -64.57 -30.69 11.16
C10 UNL QQ . -67.28 -23.81 10.23
C1 UNL RQ . -40.79 -22.12 11.71
O5 UNL RQ . -41.80 -22.80 10.99
C5 UNL RQ . -41.20 -23.68 10.03
C6 UNL RQ . -42.29 -24.40 9.25
O6 UNL RQ . -41.77 -25.06 8.09
C4 UNL RQ . -40.27 -24.56 10.84
O4 UNL RQ . -40.35 -25.88 10.28
C3 UNL RQ . -40.59 -24.48 12.33
O3 UNL RQ . -41.95 -24.69 12.56
C2 UNL RQ . -40.36 -23.08 12.82
N2 UNL RQ . -38.99 -22.93 13.18
C7 UNL RQ . -38.55 -23.22 14.42
C8 UNL RQ . -39.53 -23.06 15.55
O7 UNL RQ . -37.41 -23.59 14.61
C1 UNL SQ . -42.15 -26.05 12.85
O5 UNL SQ . -42.77 -26.59 11.70
C5 UNL SQ . -42.85 -28.02 11.71
C6 UNL SQ . -43.98 -28.34 10.77
O6 UNL SQ . -44.72 -27.47 10.27
C4 UNL SQ . -43.12 -28.44 13.15
O4 UNL SQ . -43.76 -29.72 13.15
C3 UNL SQ . -43.95 -27.37 13.86
O3 UNL SQ . -45.13 -27.01 13.14
C2 UNL SQ . -43.10 -26.13 14.01
O2 UNL SQ . -42.39 -26.09 15.25
N1 UNL SQ . -44.14 -29.77 10.37
C1 UNL TQ . -43.07 -30.69 13.95
O5 UNL TQ . -42.60 -30.22 15.20
C5 UNL TQ . -43.60 -29.86 16.16
C6 UNL TQ . -42.79 -29.56 17.41
O6 UNL TQ . -41.93 -28.43 17.15
C4 UNL TQ . -44.70 -30.90 16.39
O4 UNL TQ . -45.83 -30.30 17.04
C3 UNL TQ . -45.20 -31.53 15.10
O3 UNL TQ . -46.01 -32.66 15.47
C2 UNL TQ . -44.02 -31.89 14.17
O2 UNL TQ . -43.23 -32.98 14.68
C1 UNL UQ . -46.54 -33.45 14.40
O5 UNL UQ . -47.66 -32.87 13.74
C5 UNL UQ . -48.10 -33.62 12.57
C6 UNL UQ . -49.21 -32.79 11.91
O6 UNL UQ . -50.47 -32.99 12.57
C4 UNL UQ . -48.50 -35.04 12.99
O4 UNL UQ . -48.87 -35.81 11.84
C3 UNL UQ . -47.35 -35.72 13.74
O3 UNL UQ . -47.82 -36.97 14.21
C2 UNL UQ . -46.87 -34.86 14.90
O2 UNL UQ . -45.70 -35.46 15.44
C7 UNL UQ . -49.36 -33.09 10.42
O7 UNL UQ . -48.11 -33.21 9.76
C9 UNL UQ . -47.07 -38.11 13.77
C10 UNL UQ . -51.45 -31.97 12.36
CA CA VQ . -22.84 21.97 11.27
C1 UNL WQ . -40.42 7.28 14.71
O5 UNL WQ . -40.94 7.24 16.02
C5 UNL WQ . -42.38 7.21 16.05
C6 UNL WQ . -42.78 5.78 15.84
O6 UNL WQ . -41.89 4.94 16.62
C4 UNL WQ . -43.07 8.27 15.21
O4 UNL WQ . -44.06 7.90 14.23
C3 UNL WQ . -42.11 9.16 14.48
O3 UNL WQ . -42.93 9.76 13.49
C2 UNL WQ . -40.92 8.43 13.87
N2 UNL WQ . -39.88 9.40 13.65
C7 UNL WQ . -39.35 9.32 12.46
C8 UNL WQ . -38.27 10.33 12.12
O7 UNL WQ . -39.72 8.44 11.69
C1 UNL XQ . -42.31 10.80 12.78
O5 UNL XQ . -42.03 11.91 13.63
C5 UNL XQ . -42.66 13.12 13.24
C6 UNL XQ . -42.56 13.98 14.49
O6 UNL XQ . -41.86 13.64 15.44
C4 UNL XQ . -44.10 12.78 12.84
O4 UNL XQ . -44.76 12.00 13.86
C3 UNL XQ . -44.08 12.07 11.50
O3 UNL XQ . -45.26 11.29 11.26
C2 UNL XQ . -42.89 11.17 11.40
O2 UNL XQ . -41.89 11.80 10.60
N1 UNL XQ . -43.30 15.28 14.60
C1 UNL YQ . -46.23 12.13 13.68
O5 UNL YQ . -46.86 11.33 14.64
C5 UNL YQ . -47.06 12.05 15.87
C6 UNL YQ . -47.58 10.86 16.60
O6 UNL YQ . -48.97 10.52 16.38
C4 UNL YQ . -47.97 13.35 15.83
O4 UNL YQ . -48.13 14.25 16.98
C3 UNL YQ . -47.40 14.35 14.82
O3 UNL YQ . -48.25 15.58 14.72
C2 UNL YQ . -47.07 13.44 13.60
O2 UNL YQ . -48.23 12.74 13.13
C1 UNL ZQ . -47.47 16.79 14.53
O5 UNL ZQ . -47.60 17.40 13.24
C5 UNL ZQ . -48.86 18.07 12.96
C6 UNL ZQ . -48.68 18.55 11.52
O6 UNL ZQ . -47.37 19.03 11.16
C4 UNL ZQ . -49.16 19.16 14.02
O4 UNL ZQ . -50.49 19.68 13.86
C3 UNL ZQ . -49.03 18.57 15.42
O3 UNL ZQ . -49.19 19.66 16.34
C2 UNL ZQ . -47.71 17.82 15.61
O2 UNL ZQ . -47.81 17.12 16.84
C7 UNL ZQ . -49.78 19.46 11.00
O7 UNL ZQ . -49.59 19.67 9.60
C9 UNL ZQ . -50.17 19.46 17.35
C10 UNL ZQ . -46.92 20.26 11.76
C1 UNL AR . -36.13 4.38 30.73
O5 UNL AR . -36.89 3.19 30.91
C5 UNL AR . -38.31 3.34 31.18
C6 UNL AR . -38.97 4.17 30.09
O6 UNL AR . -38.72 3.73 28.77
C4 UNL AR . -38.46 3.96 32.57
O4 UNL AR . -39.61 4.82 32.68
C3 UNL AR . -37.20 4.72 32.92
O3 UNL AR . -37.43 5.48 34.11
C2 UNL AR . -36.61 5.43 31.71
N2 UNL AR . -35.40 6.12 32.09
C7 UNL AR . -35.28 7.44 31.91
C8 UNL AR . -34.63 8.22 33.01
O7 UNL AR . -35.66 7.99 30.87
C1 UNL BR . -37.49 6.93 34.11
O5 UNL BR . -37.19 7.50 35.38
C5 UNL BR . -38.23 7.40 36.37
C6 UNL BR . -37.90 6.25 37.33
O6 UNL BR . -37.82 5.09 36.98
C4 UNL BR . -39.63 7.31 35.75
O4 UNL BR . -39.98 5.96 35.45
C3 UNL BR . -39.65 8.16 34.49
O3 UNL BR . -40.96 8.22 33.93
C2 UNL BR . -38.74 7.55 33.47
O2 UNL BR . -38.37 8.54 32.51
N1 UNL BR . -37.71 6.56 38.76
C1 UNL CR . -41.39 5.69 35.63
O5 UNL CR . -41.67 4.31 35.36
C5 UNL CR . -40.96 3.42 36.24
C6 UNL CR . -41.22 1.99 35.81
O6 UNL CR . -42.60 1.69 36.05
C4 UNL CR . -41.36 3.69 37.68
O4 UNL CR . -40.58 2.86 38.54
C3 UNL CR . -41.12 5.16 38.03
O3 UNL CR . -41.55 5.45 39.35
C2 UNL CR . -41.85 6.05 37.04
O2 UNL CR . -43.25 5.85 37.15
C1 UNL DR . -41.02 6.74 39.71
O5 UNL DR . -42.02 7.76 39.61
C5 UNL DR . -43.15 7.53 40.46
C6 UNL DR . -44.15 8.62 40.08
O6 UNL DR . -43.72 9.94 40.49
C4 UNL DR . -42.67 7.52 41.93
O4 UNL DR . -43.76 7.20 42.80
C3 UNL DR . -41.52 6.55 42.15
O3 UNL DR . -40.95 6.85 43.43
C2 UNL DR . -40.42 6.73 41.10
O2 UNL DR . -39.47 5.67 41.21
C7 UNL DR . -45.59 8.30 40.45
O7 UNL DR . -46.49 9.12 39.71
C9 UNL DR . -41.25 5.90 44.46
C10 UNL DR . -44.20 10.41 41.75
C1 UNL ER . -29.53 17.29 39.25
O5 UNL ER . -30.50 18.30 39.15
C5 UNL ER . -30.35 19.31 40.17
C6 UNL ER . -29.11 20.10 39.84
O6 UNL ER . -29.34 20.92 38.69
C4 UNL ER . -30.32 18.65 41.54
O4 UNL ER . -29.07 18.85 42.21
C3 UNL ER . -30.59 17.15 41.43
O3 UNL ER . -30.57 16.53 42.70
C2 UNL ER . -29.57 16.49 40.54
N2 UNL ER . -29.92 15.11 40.28
C7 UNL ER . -29.16 14.09 40.70
C8 UNL ER . -29.59 12.73 40.26
O7 UNL ER . -28.17 14.26 41.41
C1 UNL FR . -31.91 16.11 43.07
O5 UNL FR . -32.82 17.21 43.11
C5 UNL FR . -33.32 17.59 44.41
C6 UNL FR . -33.96 18.96 44.28
O6 UNL FR . -33.86 19.68 43.30
C4 UNL FR . -32.19 17.55 45.43
O4 UNL FR . -31.12 18.41 44.98
C3 UNL FR . -31.70 16.12 45.62
O3 UNL FR . -30.35 16.07 46.10
C2 UNL FR . -31.83 15.29 44.34
O2 UNL FR . -32.93 14.39 44.43
N1 UNL FR . -34.77 19.49 45.39
C1 UNL GR . -30.60 19.43 45.87
O5 UNL GR . -30.59 20.78 45.35
C5 UNL GR . -31.74 21.59 45.63
C6 UNL GR . -31.48 22.97 45.04
O6 UNL GR . -30.43 23.60 45.78
C4 UNL GR . -32.06 21.63 47.13
O4 UNL GR . -33.29 22.33 47.28
C3 UNL GR . -32.21 20.22 47.67
O3 UNL GR . -32.50 20.14 49.07
C2 UNL GR . -30.96 19.39 47.36
O2 UNL GR . -29.85 19.88 48.11
C1 UNL HR . -33.59 19.20 49.22
O5 UNL HR . -33.24 17.95 49.83
C5 UNL HR . -33.01 17.99 51.26
C6 UNL HR . -32.67 16.56 51.68
O6 UNL HR . -33.87 15.83 52.01
C4 UNL HR . -34.21 18.61 51.98
O4 UNL HR . -33.93 18.77 53.37
C3 UNL HR . -34.60 19.95 51.37
O3 UNL HR . -35.82 20.37 51.98
C2 UNL HR . -34.83 19.82 49.87
O2 UNL HR . -35.09 21.11 49.30
C7 UNL HR . -31.70 16.50 52.86
O7 UNL HR . -30.49 17.20 52.58
C9 UNL HR . -35.77 21.64 52.64
C10 UNL HR . -33.76 14.40 51.96
CA CA IR . 1.58 31.27 18.28
C1 UNL JR . -7.06 28.47 46.13
O5 UNL JR . -8.28 29.00 45.61
C5 UNL JR . -9.41 28.31 46.15
C6 UNL JR . -10.58 29.25 46.02
O6 UNL JR . -11.73 28.69 46.67
C4 UNL JR . -9.05 27.96 47.59
O4 UNL JR . -10.27 27.50 48.21
C3 UNL JR . -8.11 29.00 48.27
O3 UNL JR . -8.75 30.08 49.01
C2 UNL JR . -6.96 29.37 47.33
N2 UNL JR . -5.72 29.13 47.98
C7 UNL JR . -4.72 29.93 48.43
C8 UNL JR . -4.28 31.08 47.58
O7 UNL JR . -4.26 29.76 49.56
C1 UNL KR . -8.92 29.92 50.49
O5 UNL KR . -10.25 29.98 51.05
C5 UNL KR . -10.90 31.23 50.92
C6 UNL KR . -11.34 31.31 49.49
O6 UNL KR . -12.10 30.48 49.09
C4 UNL KR . -10.03 32.37 51.52
O4 UNL KR . -10.57 33.67 51.25
C3 UNL KR . -8.57 32.29 51.07
O3 UNL KR . -8.41 32.73 49.72
C2 UNL KR . -8.04 30.89 51.25
O2 UNL KR . -8.01 30.57 52.64
N1 UNL KR . -10.97 32.37 48.57
C1 UNL LR . -10.18 34.49 52.39
O5 UNL LR . -8.78 34.86 52.42
C5 UNL LR . -8.37 35.26 53.72
C6 UNL LR . -8.43 34.02 54.62
O6 UNL LR . -7.50 33.06 54.09
C4 UNL LR . -9.21 36.49 54.12
O4 UNL LR . -8.78 37.60 53.30
C3 UNL LR . -10.72 36.33 53.95
O3 UNL LR . -11.16 35.41 54.98
C2 UNL LR . -11.07 35.72 52.60
O2 UNL LR . -12.44 35.31 52.51
C1 UNL MR . -11.93 35.99 56.06
O5 UNL MR . -13.30 36.18 55.71
C5 UNL MR . -14.08 34.96 55.73
C6 UNL MR . -15.40 35.23 55.01
O6 UNL MR . -15.15 35.77 53.70
C4 UNL MR . -14.22 34.42 57.16
O4 UNL MR . -14.15 33.01 57.14
C3 UNL MR . -13.12 35.00 58.08
O3 UNL MR . -13.58 36.24 58.60
C2 UNL MR . -11.78 35.19 57.38
O2 UNL MR . -11.17 33.91 57.15
C7 UNL MR . -16.30 36.18 55.80
O7 UNL MR . -15.73 37.48 55.90
C9 UNL MR . -14.65 36.18 59.54
C10 UNL MR . -16.25 35.73 52.80
C1 UNL NR . -20.39 34.06 29.76
O5 UNL NR . -20.55 35.32 29.15
C5 UNL NR . -20.46 35.24 27.70
C6 UNL NR . -20.60 36.65 27.12
O6 UNL NR . -20.35 36.66 25.71
C4 UNL NR . -21.45 34.19 27.23
O4 UNL NR . -22.08 34.55 26.00
C3 UNL NR . -22.43 33.90 28.35
O3 UNL NR . -23.04 35.08 28.84
C2 UNL NR . -21.72 33.31 29.56
N2 UNL NR . -21.53 31.89 29.36
C7 UNL NR . -22.38 30.86 29.56
C8 UNL NR . -23.45 31.06 30.59
O7 UNL NR . -22.29 29.82 28.92
C1 UNL OR . -24.43 35.11 28.42
O5 UNL OR . -24.60 35.86 27.21
C5 UNL OR . -25.96 35.98 26.78
C6 UNL OR . -25.85 36.62 25.39
O6 UNL OR . -24.79 36.97 24.89
C4 UNL OR . -26.75 36.80 27.81
O4 UNL OR . -27.12 38.10 27.30
C3 UNL OR . -25.96 36.95 29.10
O3 UNL OR . -24.91 37.91 28.96
C2 UNL OR . -25.34 35.63 29.51
O2 UNL OR . -26.31 34.65 29.85
N1 UNL OR . -27.09 36.90 24.62
C1 UNL PR . -27.94 38.75 28.29
O5 UNL PR . -29.25 38.19 28.31
C5 UNL PR . -30.25 39.08 28.83
C6 UNL PR . -31.52 38.30 29.06
O6 UNL PR . -31.41 37.58 30.29
C4 UNL PR . -30.46 40.25 27.87
O4 UNL PR . -30.97 41.37 28.58
C3 UNL PR . -29.15 40.65 27.20
O3 UNL PR . -29.01 39.96 25.94
C2 UNL PR . -27.99 40.27 28.10
O2 UNL PR . -26.76 40.77 27.58
C1 UNL QR . -29.72 40.70 24.94
O5 UNL QR . -30.96 40.06 24.61
C5 UNL QR . -31.79 40.87 23.77
C6 UNL QR . -33.14 40.16 23.72
O6 UNL QR . -34.08 40.86 22.90
C4 UNL QR . -31.09 41.08 22.43
O4 UNL QR . -31.87 41.96 21.63
C3 UNL QR . -29.68 41.65 22.64
O3 UNL QR . -29.00 41.54 21.38
C2 UNL QR . -28.88 40.90 23.69
O2 UNL QR . -27.73 41.67 24.03
C7 UNL QR . -33.73 39.98 25.11
O7 UNL QR . -33.27 38.77 25.70
C9 UNL QR . -28.59 42.78 20.81
C10 UNL QR . -35.07 40.03 22.29
C1 UNL RR . -4.62 39.34 33.59
O5 UNL RR . -4.43 39.17 34.98
C5 UNL RR . -3.03 38.94 35.09
C6 UNL RR . -2.69 38.41 36.50
O6 UNL RR . -2.62 39.36 37.59
C4 UNL RR . -2.49 40.30 34.68
O4 UNL RR . -1.91 40.80 35.88
C3 UNL RR . -3.43 41.33 34.00
O3 UNL RR . -3.89 42.35 34.87
C2 UNL RR . -4.58 40.78 33.17
N2 UNL RR . -4.45 40.99 31.75
C7 UNL RR . -5.29 41.69 30.98
C8 UNL RR . -5.52 43.14 31.30
O7 UNL RR . -5.86 41.14 30.04
C1 UNL SR . -2.52 42.89 34.65
O5 UNL SR . -2.77 43.97 33.75
C5 UNL SR . -3.08 45.21 34.39
C6 UNL SR . -3.31 46.01 33.15
O6 UNL SR . -2.70 45.82 32.11
C4 UNL SR . -1.85 45.69 35.16
O4 UNL SR . -1.43 47.01 34.75
C3 UNL SR . -0.71 44.68 34.98
O3 UNL SR . -0.21 44.59 33.62
C2 UNL SR . -1.17 43.29 35.46
O2 UNL SR . -1.13 43.20 36.89
N1 UNL SR . -4.36 47.05 33.20
C1 UNL TR . -0.86 47.84 35.82
O5 UNL TR . -0.39 47.09 36.98
C5 UNL TR . -0.32 47.84 38.20
C6 UNL TR . -1.78 47.99 38.65
O6 UNL TR . -2.43 46.70 38.52
C4 UNL TR . 0.58 49.10 37.90
O4 UNL TR . 1.94 48.65 38.00
C3 UNL TR . 0.47 49.80 36.51
O3 UNL TR . -0.59 50.79 36.40
C2 UNL TR . 0.24 48.83 35.34
O2 UNL TR . -0.16 49.50 34.14
C1 UNL UR . -0.11 52.15 36.51
O5 UNL UR . -0.12 52.84 35.24
C5 UNL UR . -1.41 53.39 34.89
C6 UNL UR . -1.37 53.74 33.40
O6 UNL UR . -1.21 52.57 32.58
C4 UNL UR . -1.78 54.55 35.83
O4 UNL UR . -3.18 54.60 36.00
C3 UNL UR . -1.08 54.42 37.18
O3 UNL UR . 0.18 55.10 37.10
C2 UNL UR . -0.83 52.97 37.61
O2 UNL UR . -2.09 52.38 37.96
C7 UNL UR . -0.28 54.73 33.04
O7 UNL UR . 1.01 54.12 33.11
C9 UNL UR . 0.10 56.52 36.97
C10 UNL UR . -2.34 51.70 32.52
C1 UNL VR . -11.86 46.30 29.00
O5 UNL VR . -12.91 46.50 28.09
C5 UNL VR . -12.53 47.39 27.01
C6 UNL VR . -11.44 46.68 26.27
O6 UNL VR . -11.99 46.54 25.05
C4 UNL VR . -12.15 48.80 27.46
O4 UNL VR . -11.59 49.56 26.39
C3 UNL VR . -11.28 48.79 28.72
O3 UNL VR . -10.36 49.90 28.66
C2 UNL VR . -10.77 47.37 28.97
N2 UNL VR . -10.10 47.29 30.23
C7 UNL VR . -8.85 47.67 30.00
C8 UNL VR . -8.03 48.04 31.20
O7 UNL VR . -8.50 47.94 28.87
C1 UNL WR . -10.43 50.82 29.79
O5 UNL WR . -11.63 51.51 30.03
C5 UNL WR . -11.66 51.94 31.40
C6 UNL WR . -13.07 52.36 31.76
O6 UNL WR . -13.44 52.38 32.92
C4 UNL WR . -10.61 53.05 31.61
O4 UNL WR . -11.11 54.31 31.13
C3 UNL WR . -9.23 52.61 31.11
O3 UNL WR . -8.33 53.70 30.99
C2 UNL WR . -9.29 51.83 29.79
O2 UNL WR . -8.04 51.18 29.51
N1 UNL WR . -14.02 52.76 30.69
C1 UNL XR . -11.00 54.78 29.77
O5 UNL XR . -12.09 54.44 28.89
C5 UNL XR . -11.77 54.64 27.50
C6 UNL XR . -11.21 53.35 26.90
O6 UNL XR . -12.20 52.33 26.98
C4 UNL XR . -10.81 55.80 27.33
O4 UNL XR . -10.98 56.37 26.03
C3 UNL XR . -11.05 56.87 28.40
O3 UNL XR . -10.26 58.04 28.19
C2 UNL XR . -10.79 56.28 29.79
O2 UNL XR . -9.44 56.54 30.23
C1 UNL YR . -11.13 59.21 28.04
O5 UNL YR . -11.65 59.73 29.29
C5 UNL YR . -10.66 60.30 30.17
C6 UNL YR . -11.40 60.76 31.41
O6 UNL YR . -11.74 62.15 31.34
C4 UNL YR . -9.85 61.40 29.43
O4 UNL YR . -8.47 61.04 29.46
C3 UNL YR . -10.33 61.62 27.99
O3 UNL YR . -11.56 62.35 28.03
C2 UNL YR . -10.50 60.32 27.19
O2 UNL YR . -9.23 59.93 26.68
C7 UNL YR . -10.60 60.48 32.68
O7 UNL YR . -9.58 61.47 32.88
C9 UNL YR . -11.45 63.75 27.87
C10 UNL YR . -13.11 62.44 31.55
C1 UNL ZR . -18.56 44.54 35.89
O5 UNL ZR . -18.84 44.31 37.26
C5 UNL ZR . -18.34 45.42 38.01
C6 UNL ZR . -18.84 45.25 39.43
O6 UNL ZR . -20.01 44.41 39.49
C4 UNL ZR . -18.80 46.71 37.34
O4 UNL ZR . -19.15 47.70 38.30
C3 UNL ZR . -20.01 46.46 36.43
O3 UNL ZR . -21.10 45.89 37.11
C2 UNL ZR . -19.72 45.38 35.41
N2 UNL ZR . -19.57 45.97 34.09
C7 UNL ZR . -20.19 45.39 33.07
C8 UNL ZR . -20.26 46.18 31.80
O7 UNL ZR . -20.66 44.26 33.16
C1 UNL AS . -22.14 46.89 37.28
O5 UNL AS . -22.13 47.49 38.58
C5 UNL AS . -22.94 48.65 38.67
C6 UNL AS . -22.71 49.25 40.05
O6 UNL AS . -22.85 48.59 41.06
C4 UNL AS . -24.42 48.28 38.40
O4 UNL AS . -25.21 48.58 39.55
C3 UNL AS . -24.55 46.80 38.06
O3 UNL AS . -24.37 46.00 39.24
C2 UNL AS . -23.55 46.39 36.97
O2 UNL AS . -23.96 46.88 35.69
N1 UNL AS . -22.28 50.67 40.15
C1 UNL BS . -26.14 49.62 39.23
O5 UNL BS . -25.59 50.92 39.44
C5 UNL BS . -26.47 51.99 39.03
C6 UNL BS . -25.79 53.31 39.35
O6 UNL BS . -24.54 53.41 38.65
C4 UNL BS . -27.87 51.90 39.68
O4 UNL BS . -28.80 52.76 39.01
C3 UNL BS . -28.40 50.46 39.62
O3 UNL BS . -29.60 50.34 40.38
C2 UNL BS . -27.39 49.41 40.08
O2 UNL BS . -27.11 49.52 41.48
C1 UNL CS . -30.56 49.74 39.49
O5 UNL CS . -31.08 50.72 38.57
C5 UNL CS . -31.92 50.16 37.56
C6 UNL CS . -32.22 51.27 36.57
O6 UNL CS . -31.02 51.81 36.00
C4 UNL CS . -33.14 49.49 38.22
O4 UNL CS . -33.93 48.86 37.22
C3 UNL CS . -32.69 48.47 39.27
O3 UNL CS . -33.85 48.05 39.99
C2 UNL CS . -31.66 49.04 40.25
O2 UNL CS . -31.10 47.96 41.00
C7 UNL CS . -33.00 52.43 37.19
O7 UNL CS . -32.20 53.13 38.13
C9 UNL CS . -34.14 46.66 39.92
C10 UNL CS . -30.28 50.91 35.18
C1 UNL DS . -15.90 29.40 41.20
O5 UNL DS . -17.18 29.74 40.72
C5 UNL DS . -17.95 28.55 40.50
C6 UNL DS . -19.33 28.92 39.98
O6 UNL DS . -20.04 27.79 39.46
C4 UNL DS . -17.91 27.80 41.82
O4 UNL DS . -19.20 27.22 42.00
C3 UNL DS . -17.46 28.71 42.95
O3 UNL DS . -18.19 29.90 42.96
C2 UNL DS . -16.06 29.17 42.70
N2 UNL DS . -15.14 28.20 43.21
C7 UNL DS . -14.70 28.24 44.47
C8 UNL DS . -14.64 29.58 45.14
O7 UNL DS . -14.39 27.21 45.07
C1 UNL ES . -19.27 29.76 43.86
O5 UNL ES . -20.42 29.63 43.04
C5 UNL ES . -21.59 29.24 43.76
C6 UNL ES . -22.73 29.71 42.90
O6 UNL ES . -22.58 30.39 41.88
C4 UNL ES . -21.53 29.93 45.12
O4 UNL ES . -22.85 30.06 45.63
C3 UNL ES . -20.82 31.29 44.98
O3 UNL ES . -21.36 32.10 43.95
C2 UNL ES . -19.36 31.03 44.66
O2 UNL ES . -18.54 30.95 45.83
N1 UNL ES . -24.08 29.21 43.27
C1 UNL FS . -23.02 29.53 46.94
O5 UNL FS . -21.96 29.80 47.84
C5 UNL FS . -21.79 31.16 48.24
C6 UNL FS . -20.71 31.11 49.30
O6 UNL FS . -19.49 30.61 48.69
C4 UNL FS . -23.06 31.88 48.71
O4 UNL FS . -22.88 33.30 48.69
C3 UNL FS . -24.28 31.56 47.85
O3 UNL FS . -25.42 32.05 48.56
C2 UNL FS . -24.34 30.05 47.54
O2 UNL FS . -24.66 29.26 48.69
C1 UNL GS . -26.70 31.81 47.95
O5 UNL GS . -27.01 32.69 46.86
C5 UNL GS . -28.26 32.36 46.19
C6 UNL GS . -28.35 33.28 44.97
O6 UNL GS . -28.83 34.59 45.35
C4 UNL GS . -29.42 32.47 47.19
O4 UNL GS . -30.65 32.10 46.58
C3 UNL GS . -29.15 31.58 48.40
O3 UNL GS . -30.18 31.82 49.35
C2 UNL GS . -27.78 31.87 49.02
O2 UNL GS . -27.53 30.91 50.04
C7 UNL GS . -29.24 32.72 43.87
O7 UNL GS . -29.03 31.33 43.67
C9 UNL GS . -30.93 30.68 49.76
C10 UNL GS . -28.54 35.65 44.43
CA CA HS . 27.76 27.83 22.29
C1 UNL IS . 8.93 39.70 28.96
O5 UNL IS . 9.12 40.67 29.96
C5 UNL IS . 8.41 41.89 29.72
C6 UNL IS . 7.00 41.67 30.20
O6 UNL IS . 7.05 40.95 31.44
C4 UNL IS . 8.61 42.50 28.34
O4 UNL IS . 7.48 42.81 27.51
C3 UNL IS . 9.52 41.68 27.46
O3 UNL IS . 9.22 42.17 26.17
C2 UNL IS . 9.30 40.17 27.57
N2 UNL IS . 10.48 39.52 27.09
C7 UNL IS . 10.24 38.57 26.23
C8 UNL IS . 11.44 37.85 25.67
O7 UNL IS . 9.08 38.28 25.97
C1 UNL JS . 10.08 41.70 25.16
O5 UNL JS . 11.41 42.19 25.36
C5 UNL JS . 11.92 42.97 24.29
C6 UNL JS . 13.11 43.68 24.90
O6 UNL JS . 13.54 43.36 26.00
C4 UNL JS . 10.80 43.93 23.85
O4 UNL JS . 10.24 44.64 24.96
C3 UNL JS . 9.74 43.12 23.09
O3 UNL JS . 8.46 43.76 23.06
C2 UNL JS . 9.58 41.77 23.70
O2 UNL JS . 10.27 40.80 22.91
N1 UNL JS . 13.81 44.79 24.18
C1 UNL KS . 9.56 45.85 24.46
O5 UNL KS . 8.98 46.51 25.54
C5 UNL KS . 9.90 47.43 26.15
C6 UNL KS . 8.98 47.78 27.26
O6 UNL KS . 7.96 48.75 26.99
C4 UNL KS . 10.47 48.62 25.28
O4 UNL KS . 11.54 49.51 25.73
C3 UNL KS . 11.15 48.06 24.01
O3 UNL KS . 11.69 49.15 23.14
C2 UNL KS . 10.15 46.97 23.55
O2 UNL KS . 8.86 47.53 23.28
C1 UNL LS . 12.94 48.79 22.50
O5 UNL LS . 12.84 48.63 21.08
C5 UNL LS . 12.70 49.82 20.28
C6 UNL LS . 12.61 49.27 18.87
O6 UNL LS . 13.45 48.15 18.55
C4 UNL LS . 13.85 50.82 20.55
O4 UNL LS . 13.60 52.08 19.93
C3 UNL LS . 13.99 51.06 22.06
O3 UNL LS . 15.14 51.88 22.24
C2 UNL LS . 14.07 49.75 22.85
O2 UNL LS . 13.94 50.08 24.22
C7 UNL LS . 12.63 50.33 17.75
O7 UNL LS . 12.35 49.70 16.51
C9 UNL LS . 14.93 53.05 23.02
C10 UNL LS . 14.87 48.37 18.50
C1 UNL MS . 14.47 41.55 44.67
O5 UNL MS . 13.23 41.90 45.26
C5 UNL MS . 12.78 43.27 45.11
C6 UNL MS . 12.73 43.64 43.64
O6 UNL MS . 12.01 42.74 42.82
C4 UNL MS . 13.70 44.17 45.92
O4 UNL MS . 13.90 45.47 45.32
C3 UNL MS . 15.05 43.48 46.09
O3 UNL MS . 15.99 44.40 46.65
C2 UNL MS . 15.45 42.69 44.86
N2 UNL MS . 16.72 42.04 45.08
C7 UNL MS . 17.76 42.27 44.27
C8 UNL MS . 19.10 42.42 44.93
O7 UNL MS . 17.63 42.33 43.05
C1 UNL NS . 17.12 44.91 45.88
O5 UNL NS . 18.19 45.36 46.71
C5 UNL NS . 17.98 46.62 47.35
C6 UNL NS . 17.58 46.40 48.81
O6 UNL NS . 16.55 45.82 49.14
C4 UNL NS . 17.03 47.54 46.58
O4 UNL NS . 15.67 47.29 46.95
C3 UNL NS . 17.22 47.31 45.09
O3 UNL NS . 16.43 48.21 44.31
C2 UNL NS . 16.79 45.91 44.76
O2 UNL NS . 17.39 45.49 43.53
N1 UNL NS . 18.46 46.93 49.88
C1 UNL OS . 14.85 48.49 46.94
O5 UNL OS . 13.52 48.20 47.36
C5 UNL OS . 13.47 47.67 48.70
C6 UNL OS . 12.03 47.28 49.02
O6 UNL OS . 11.24 48.46 49.07
C4 UNL OS . 14.03 48.70 49.68
O4 UNL OS . 14.06 48.13 50.98
C3 UNL OS . 15.44 49.10 49.26
O3 UNL OS . 15.96 50.10 50.11
C2 UNL OS . 15.45 49.59 47.82
O2 UNL OS . 14.67 50.77 47.72
C1 UNL PS . 17.39 50.20 49.86
O5 UNL PS . 17.70 51.33 49.04
C5 UNL PS . 17.28 52.59 49.63
C6 UNL PS . 17.54 53.61 48.53
O6 UNL PS . 18.94 53.84 48.28
C4 UNL PS . 18.04 52.78 50.94
O4 UNL PS . 17.59 53.97 51.59
C3 UNL PS . 17.90 51.58 51.88
O3 UNL PS . 18.88 51.72 52.92
C2 UNL PS . 18.18 50.26 51.15
O2 UNL PS . 17.83 49.17 51.98
C7 UNL PS . 16.73 54.90 48.68
O7 UNL PS . 16.70 55.63 47.46
C9 UNL PS . 18.36 52.10 54.19
C10 UNL PS . 19.56 54.92 48.99
C1 UNL QS . 31.10 43.44 46.58
O5 UNL QS . 31.43 44.53 45.77
C5 UNL QS . 32.69 45.13 46.14
C6 UNL QS . 33.77 44.16 45.73
O6 UNL QS . 33.90 44.15 44.30
C4 UNL QS . 32.69 45.46 47.63
O4 UNL QS . 33.66 44.72 48.35
C3 UNL QS . 31.31 45.19 48.23
O3 UNL QS . 31.28 45.50 49.61
C2 UNL QS . 30.92 43.75 48.05
N2 UNL QS . 29.55 43.51 48.46
C7 UNL QS . 29.23 42.72 49.49
C8 UNL QS . 27.77 42.49 49.72
O7 UNL QS . 30.09 42.21 50.20
C1 UNL RS . 30.46 46.67 49.83
O5 UNL RS . 30.94 47.82 49.12
C5 UNL RS . 31.48 48.88 49.90
C6 UNL RS . 32.25 49.80 48.97
O6 UNL RS . 32.51 49.53 47.82
C4 UNL RS . 32.37 48.31 51.02
O4 UNL RS . 33.38 47.48 50.45
C3 UNL RS . 31.50 47.53 52.01
O3 UNL RS . 32.27 46.56 52.72
C2 UNL RS . 30.30 46.88 51.35
O2 UNL RS . 29.10 47.58 51.63
N1 UNL RS . 32.72 51.12 49.47
C1 UNL SS . 34.78 47.70 50.79
O5 UNL SS . 35.67 47.91 49.67
C5 UNL SS . 35.89 49.26 49.24
C6 UNL SS . 36.91 49.22 48.12
O6 UNL SS . 38.18 48.81 48.64
C4 UNL SS . 36.33 50.15 50.40
O4 UNL SS . 36.38 51.49 49.93
C3 UNL SS . 35.32 50.07 51.54
O3 UNL SS . 35.65 50.86 52.70
C2 UNL SS . 35.12 48.62 51.98
O2 UNL SS . 36.31 48.11 52.58
C1 UNL TS . 34.43 51.57 53.06
O5 UNL TS . 33.81 51.12 54.28
C5 UNL TS . 34.49 51.51 55.51
C6 UNL TS . 33.64 50.94 56.65
O6 UNL TS . 32.62 51.89 57.05
C4 UNL TS . 34.70 53.04 55.55
O4 UNL TS . 35.47 53.38 56.69
C3 UNL TS . 35.37 53.53 54.27
O3 UNL TS . 35.38 54.96 54.32
C2 UNL TS . 34.62 53.08 53.03
O2 UNL TS . 35.33 53.48 51.86
C7 UNL TS . 34.47 50.56 57.87
O7 UNL TS . 35.50 49.63 57.53
C9 UNL TS . 36.66 55.56 54.24
C10 UNL TS . 31.50 51.33 57.75
CA CA US . 49.25 12.70 28.57
C1 UNL VS . 53.21 30.58 51.46
O5 UNL VS . 52.89 31.58 50.50
C5 UNL VS . 52.00 32.55 51.06
C6 UNL VS . 52.16 33.80 50.23
O6 UNL VS . 51.42 34.87 50.82
C4 UNL VS . 52.39 32.72 52.52
O4 UNL VS . 51.69 33.86 53.02
C3 UNL VS . 53.92 32.51 52.79
O3 UNL VS . 54.76 33.69 52.74
C2 UNL VS . 54.42 31.27 52.06
N2 UNL VS . 55.02 30.36 53.01
C7 UNL VS . 56.29 29.95 53.21
C8 UNL VS . 57.12 29.58 52.01
O7 UNL VS . 56.77 29.97 54.33
C1 UNL WS . 55.09 34.39 54.01
O5 UNL WS . 54.71 35.78 54.17
C5 UNL WS . 55.39 36.68 53.30
C6 UNL WS . 54.72 36.51 51.96
O6 UNL WS . 53.55 36.72 51.87
C4 UNL WS . 56.92 36.52 53.42
O4 UNL WS . 57.64 37.27 52.43
C3 UNL WS . 57.37 35.07 53.40
O3 UNL WS . 57.32 34.51 52.08
C2 UNL WS . 56.56 34.24 54.37
O2 UNL WS . 56.80 34.68 55.71
N1 UNL WS . 55.44 36.13 50.74
C1 UNL XS . 58.89 37.65 53.06
O5 UNL XS . 59.84 36.58 53.22
C5 UNL XS . 60.83 36.88 54.20
C6 UNL XS . 60.12 36.93 55.56
O6 UNL XS . 59.59 35.62 55.80
C4 UNL XS . 61.59 38.15 53.73
O4 UNL XS . 62.39 37.78 52.59
C3 UNL XS . 60.69 39.33 53.33
O3 UNL XS . 60.12 39.84 54.54
C2 UNL XS . 59.54 38.87 52.42
O2 UNL XS . 58.57 39.91 52.25
C1 UNL YS . 60.62 41.13 54.99
O5 UNL YS . 60.01 42.23 54.29
C5 UNL YS . 58.67 42.53 54.74
C6 UNL YS . 58.04 43.46 53.70
O6 UNL YS . 58.12 42.86 52.39
C4 UNL YS . 58.69 43.08 56.18
O4 UNL YS . 57.57 42.57 56.87
C3 UNL YS . 59.99 42.69 56.90
O3 UNL YS . 60.99 43.67 56.62
C2 UNL YS . 60.51 41.30 56.53
O2 UNL YS . 59.67 40.30 57.10
C7 UNL YS . 58.67 44.83 53.68
O7 UNL YS . 60.03 44.77 53.25
C9 UNL YS . 60.77 44.95 57.19
C10 UNL YS . 57.26 43.42 51.41
C1 UNL ZS . 45.43 37.10 32.19
O5 UNL ZS . 46.13 37.37 30.99
C5 UNL ZS . 45.57 36.69 29.85
C6 UNL ZS . 46.40 37.00 28.61
O6 UNL ZS . 46.00 36.21 27.47
C4 UNL ZS . 44.07 37.01 29.80
O4 UNL ZS . 43.61 37.16 28.45
C3 UNL ZS . 43.82 38.22 30.67
O3 UNL ZS . 44.66 39.31 30.33
C2 UNL ZS . 44.14 37.93 32.12
N2 UNL ZS . 43.01 37.24 32.73
C7 UNL ZS . 41.88 37.74 33.25
C8 UNL ZS . 41.92 39.15 33.78
O7 UNL ZS . 40.84 37.08 33.28
C1 UNL AT . 43.86 40.33 29.69
O5 UNL AT . 43.92 40.21 28.26
C5 UNL AT . 43.21 41.23 27.55
C6 UNL AT . 43.27 40.79 26.10
O6 UNL AT . 43.84 39.78 25.72
C4 UNL AT . 43.89 42.59 27.81
O4 UNL AT . 44.56 43.11 26.65
C3 UNL AT . 44.87 42.51 28.98
O3 UNL AT . 46.08 41.85 28.59
C2 UNL AT . 44.26 41.72 30.14
O2 UNL AT . 43.15 42.39 30.72
N1 UNL AT . 42.60 41.63 25.05
C1 UNL BT . 45.06 44.43 26.97
O5 UNL BT . 44.00 45.39 26.99
C5 UNL BT . 44.44 46.73 26.76
C6 UNL BT . 43.30 47.67 27.09
O6 UNL BT . 43.25 47.85 28.51
C4 UNL BT . 44.91 46.89 25.32
O4 UNL BT . 45.83 47.97 25.21
C3 UNL BT . 45.59 45.61 24.82
O3 UNL BT . 44.64 44.76 24.17
C2 UNL BT . 46.18 44.87 26.02
O2 UNL BT . 46.97 43.75 25.57
C1 UNL CT . 44.52 45.19 22.81
O5 UNL CT . 43.30 45.92 22.59
C5 UNL CT . 43.27 46.57 21.31
C6 UNL CT . 42.05 47.48 21.35
O6 UNL CT . 41.87 48.20 20.11
C4 UNL CT . 43.25 45.49 20.22
O4 UNL CT . 43.32 46.13 18.95
C3 UNL CT . 44.45 44.54 20.40
O3 UNL CT . 44.21 43.42 19.55
C2 UNL CT . 44.61 44.04 21.83
O2 UNL CT . 45.88 43.41 21.96
C7 UNL CT . 42.14 48.49 22.48
O7 UNL CT . 41.60 47.95 23.67
C9 UNL CT . 45.20 43.23 18.53
C10 UNL CT . 40.53 48.53 19.81
C1 UNL DT . 58.45 26.93 35.97
O5 UNL DT . 58.92 27.39 37.21
C5 UNL DT . 59.44 26.21 37.82
C6 UNL DT . 59.70 26.44 39.31
O6 UNL DT . 60.88 27.15 39.71
C4 UNL DT . 60.63 25.92 36.92
O4 UNL DT . 61.74 26.16 37.77
C3 UNL DT . 60.75 26.66 35.55
O3 UNL DT . 61.68 27.74 35.58
C2 UNL DT . 59.47 27.08 34.87
N2 UNL DT . 59.17 26.37 33.66
C7 UNL DT . 59.04 26.89 32.44
C8 UNL DT . 60.22 27.61 31.85
O7 UNL DT . 57.98 26.80 31.82
C1 UNL ET . 62.68 26.63 35.49
O5 UNL ET . 63.09 26.70 34.13
C5 UNL ET . 64.16 27.61 33.89
C6 UNL ET . 64.23 27.42 32.42
O6 UNL ET . 64.01 26.35 31.87
C4 UNL ET . 65.42 27.09 34.59
O4 UNL ET . 66.53 26.91 33.69
C3 UNL ET . 65.10 25.77 35.32
O3 UNL ET . 64.77 24.68 34.43
C2 UNL ET . 63.93 26.01 36.31
O2 UNL ET . 64.40 26.64 37.52
N1 UNL ET . 64.59 28.60 31.60
C1 UNL FT . 67.85 27.20 34.26
O5 UNL FT . 67.90 27.15 35.71
C5 UNL FT . 68.97 27.85 36.33
C6 UNL FT . 68.55 29.33 36.22
O6 UNL FT . 67.17 29.48 36.57
C4 UNL FT . 70.30 27.34 35.67
O4 UNL FT . 70.64 26.12 36.35
C3 UNL FT . 70.30 27.00 34.13
O3 UNL FT . 70.55 28.12 33.25
C2 UNL FT . 69.00 26.36 33.64
O2 UNL FT . 68.91 26.35 32.22
C1 UNL GT . 71.91 28.18 32.75
O5 UNL GT . 71.98 27.82 31.36
C5 UNL GT . 71.68 28.89 30.45
C6 UNL GT . 71.42 28.29 29.07
O6 UNL GT . 70.28 27.43 29.07
C4 UNL GT . 72.76 29.98 30.51
O4 UNL GT . 72.17 31.26 30.27
C3 UNL GT . 73.49 29.97 31.85
O3 UNL GT . 74.61 29.09 31.76
C2 UNL GT . 72.60 29.53 33.03
O2 UNL GT . 71.66 30.57 33.30
C7 UNL GT . 72.61 27.50 28.54
O7 UNL GT . 72.78 26.27 29.24
C9 UNL GT . 75.64 29.52 30.89
C10 UNL GT . 69.02 28.09 29.19
C1 UNL HT . 58.91 33.34 27.06
O5 UNL HT . 58.25 34.01 26.00
C5 UNL HT . 58.72 33.57 24.71
C6 UNL HT . 58.37 32.11 24.61
O6 UNL HT . 57.54 32.12 23.56
C4 UNL HT . 60.20 33.86 24.45
O4 UNL HT . 60.66 33.22 23.25
C3 UNL HT . 61.07 33.55 25.66
O3 UNL HT . 62.37 33.08 25.21
C2 UNL HT . 60.27 32.74 26.67
N2 UNL HT . 60.99 32.58 27.89
C7 UNL HT . 61.77 31.53 27.72
C8 UNL HT . 62.90 31.36 28.69
O7 UNL HT . 61.72 30.90 26.67
C1 UNL IT . 63.51 33.85 25.70
O5 UNL IT . 63.60 35.22 25.35
C5 UNL IT . 64.45 35.87 26.30
C6 UNL IT . 64.28 37.38 26.15
O6 UNL IT . 64.57 38.13 27.06
C4 UNL IT . 65.91 35.40 26.10
O4 UNL IT . 66.50 36.06 24.98
C3 UNL IT . 65.99 33.86 26.13
O3 UNL IT . 67.25 33.39 25.65
C2 UNL IT . 64.84 33.18 25.38
O2 UNL IT . 64.78 31.79 25.68
N1 UNL IT . 63.77 37.94 24.89
C1 UNL JT . 66.42 35.61 23.61
O5 UNL JT . 65.31 36.13 22.85
C5 UNL JT . 65.09 35.42 21.62
C6 UNL JT . 64.08 34.29 21.84
O6 UNL JT . 62.84 34.87 22.27
C4 UNL JT . 66.40 34.87 21.06
O4 UNL JT . 66.28 34.73 19.65
C3 UNL JT . 67.55 35.83 21.39
O3 UNL JT . 68.78 35.44 20.77
C2 UNL JT . 67.74 35.92 22.91
O2 UNL JT . 68.72 35.00 23.38
C1 UNL KT . 69.26 36.51 19.91
O5 UNL KT . 69.92 37.59 20.60
C5 UNL KT . 71.16 37.23 21.24
C6 UNL KT . 71.67 38.49 21.93
O6 UNL KT . 72.60 39.20 21.11
C4 UNL KT . 72.14 36.61 20.22
O4 UNL KT . 72.49 35.30 20.66
C3 UNL KT . 71.56 36.56 18.80
O3 UNL KT . 71.58 37.87 18.24
C2 UNL KT . 70.13 36.00 18.74
O2 UNL KT . 70.19 34.58 18.73
C7 UNL KT . 72.30 38.18 23.28
O7 UNL KT . 73.62 37.69 23.15
C9 UNL KT . 72.71 38.16 17.43
C10 UNL KT . 72.29 40.57 20.90
C1 UNL LT . 56.89 41.32 32.34
O5 UNL LT . 57.09 42.04 33.54
C5 UNL LT . 58.51 42.26 33.70
C6 UNL LT . 58.66 43.21 34.87
O6 UNL LT . 57.47 43.98 35.10
C4 UNL LT . 59.06 42.78 32.38
O4 UNL LT . 60.05 43.78 32.60
C3 UNL LT . 57.96 43.37 31.50
O3 UNL LT . 57.25 44.41 32.14
C2 UNL LT . 56.85 42.38 31.25
N2 UNL LT . 56.90 41.90 29.90
C7 UNL LT . 55.77 41.84 29.21
C8 UNL LT . 55.89 41.64 27.72
O7 UNL LT . 54.68 41.92 29.76
C1 UNL MT . 57.62 45.70 31.55
O5 UNL MT . 58.59 46.38 32.33
C5 UNL MT . 59.16 47.49 31.63
C6 UNL MT . 60.28 48.03 32.52
O6 UNL MT . 60.08 48.37 33.68
C4 UNL MT . 58.08 48.54 31.30
O4 UNL MT . 58.38 49.77 31.94
C3 UNL MT . 56.70 48.04 31.76
O3 UNL MT . 56.60 48.11 33.19
C2 UNL MT . 56.43 46.62 31.26
O2 UNL MT . 56.15 46.60 29.87
N1 UNL MT . 61.64 48.15 31.96
C1 UNL NT . 58.65 50.77 30.95
O5 UNL NT . 60.03 50.79 30.57
C5 UNL NT . 60.31 51.71 29.50
C6 UNL NT . 61.81 51.67 29.22
O6 UNL NT . 62.20 50.35 28.84
C4 UNL NT . 59.83 53.14 29.79
O4 UNL NT . 59.84 53.94 28.60
C3 UNL NT . 58.40 53.13 30.37
O3 UNL NT . 58.02 54.43 30.81
C2 UNL NT . 58.21 52.12 31.49
O2 UNL NT . 58.95 52.49 32.66
C1 UNL OT . 56.77 54.70 30.17
O5 UNL OT . 56.96 55.08 28.81
C5 UNL OT . 55.73 55.22 28.08
C6 UNL OT . 56.12 55.43 26.61
O6 UNL OT . 56.89 54.32 26.12
C4 UNL OT . 54.88 56.32 28.71
O4 UNL OT . 53.63 56.40 28.04
C3 UNL OT . 54.66 56.04 30.20
O3 UNL OT . 54.07 57.20 30.78
C2 UNL OT . 55.97 55.73 30.94
O2 UNL OT . 55.65 55.22 32.24
C7 UNL OT . 56.91 56.70 26.38
O7 UNL OT . 58.20 56.62 26.97
C9 UNL OT . 52.78 56.99 31.38
C10 UNL OT . 56.21 53.07 26.04
C1 UNL PT . 48.01 36.41 45.01
O5 UNL PT . 47.50 37.43 44.16
C5 UNL PT . 46.09 37.62 44.41
C6 UNL PT . 45.56 38.70 43.49
O6 UNL PT . 44.12 38.74 43.47
C4 UNL PT . 46.00 37.89 45.90
O4 UNL PT . 44.99 38.88 46.07
C3 UNL PT . 47.35 38.26 46.49
O3 UNL PT . 47.96 39.26 45.74
C2 UNL PT . 48.29 37.10 46.34
N2 UNL PT . 48.13 36.22 47.45
C7 UNL PT . 48.83 36.38 48.58
C8 UNL PT . 50.19 37.01 48.48
O7 UNL PT . 48.38 36.03 49.67
C1 UNL QT . 47.65 40.51 46.33
O5 UNL QT . 46.72 41.12 45.46
C5 UNL QT . 46.12 42.29 46.00
C6 UNL QT . 45.65 43.06 44.79
O6 UNL QT . 45.92 42.72 43.62
C4 UNL QT . 47.19 43.02 46.80
O4 UNL QT . 46.87 44.41 46.87
C3 UNL QT . 48.57 42.77 46.17
O3 UNL QT . 48.60 43.07 44.77
C2 UNL QT . 48.93 41.32 46.35
O2 UNL QT . 49.67 41.07 47.54
N1 UNL QT . 44.75 44.22 45.04
C1 UNL RT . 46.82 44.92 48.19
O5 UNL RT . 47.86 44.47 49.05
C5 UNL RT . 49.18 44.92 48.75
C6 UNL RT . 50.01 44.41 49.91
O6 UNL RT . 49.97 42.96 49.90
C4 UNL RT . 49.32 46.43 48.52
O4 UNL RT . 50.54 46.73 47.83
C3 UNL RT . 48.17 47.02 47.69
O3 UNL RT . 48.29 48.45 47.82
C2 UNL RT . 46.82 46.46 48.15
O2 UNL RT . 46.43 46.94 49.45
C1 UNL ST . 47.29 49.23 47.17
O5 UNL ST . 47.45 49.35 45.75
C5 UNL ST . 46.37 50.06 45.09
C6 UNL ST . 46.63 49.95 43.59
O6 UNL ST . 47.59 50.94 43.16
C4 UNL ST . 46.27 51.49 45.65
O4 UNL ST . 45.18 52.18 45.07
C3 UNL ST . 46.12 51.44 47.17
O3 UNL ST . 46.17 52.78 47.65
C2 UNL ST . 47.22 50.60 47.82
O2 UNL ST . 46.92 50.46 49.21
C7 UNL ST . 45.37 50.11 42.75
O7 UNL ST . 44.26 49.40 43.31
C9 UNL ST . 45.04 53.20 48.40
C10 UNL ST . 48.26 50.67 41.93
CA CA TT . 60.36 -9.18 39.21
C1 UNL UT . 63.43 13.39 34.81
O5 UNL UT . 64.64 13.99 35.14
C5 UNL UT . 65.15 14.86 34.12
C6 UNL UT . 64.45 16.18 34.30
O6 UNL UT . 64.38 16.47 35.71
C4 UNL UT . 65.21 14.27 32.73
O4 UNL UT . 64.57 14.93 31.62
C3 UNL UT . 64.70 12.85 32.67
O3 UNL UT . 64.46 12.66 31.29
C2 UNL UT . 63.46 12.60 33.51
N2 UNL UT . 63.39 11.18 33.77
C7 UNL UT . 62.19 10.68 33.52
C8 UNL UT . 62.02 9.21 33.73
O7 UNL UT . 61.28 11.43 33.19
C1 UNL VT . 64.17 11.33 30.94
O5 UNL VT . 65.28 10.48 31.15
C5 UNL VT . 65.77 9.83 29.99
C6 UNL VT . 67.16 9.35 30.40
O6 UNL VT . 67.53 9.41 31.57
C4 UNL VT . 65.78 10.86 28.86
O4 UNL VT . 66.45 12.07 29.24
C3 UNL VT . 64.34 11.11 28.42
O3 UNL VT . 64.18 12.37 27.75
C2 UNL VT . 63.43 11.09 29.61
O2 UNL VT . 62.73 9.85 29.64
N1 UNL VT . 68.10 8.80 29.38
C1 UNL WT . 66.87 12.79 28.02
O5 UNL WT . 67.49 13.99 28.40
C5 UNL WT . 68.90 13.79 28.63
C6 UNL WT . 69.10 15.18 29.12
O6 UNL WT . 69.24 16.22 28.13
C4 UNL WT . 69.79 13.31 27.42
O4 UNL WT . 71.21 12.93 27.57
C3 UNL WT . 69.26 11.98 26.88
O3 UNL WT . 70.05 11.47 25.72
C2 UNL WT . 67.73 12.25 26.82
O2 UNL WT . 67.41 13.37 25.99
C1 UNL XT . 70.18 10.02 25.73
O5 UNL XT . 69.48 9.32 24.70
C5 UNL XT . 70.01 9.45 23.36
C6 UNL XT . 69.00 8.65 22.53
O6 UNL XT . 68.48 7.44 23.13
C4 UNL XT . 71.47 8.99 23.29
O4 UNL XT . 72.05 9.30 22.01
C3 UNL XT . 72.29 9.68 24.36
O3 UNL XT . 73.60 9.11 24.32
C2 UNL XT . 71.64 9.58 25.74
O2 UNL XT . 72.35 10.46 26.61
C7 UNL XT . 69.39 8.44 21.07
O7 UNL XT . 68.28 7.86 20.38
C9 UNL XT . 74.67 10.05 24.22
C10 UNL XT . 69.39 6.35 23.31
C1 UNL YT . 73.41 15.64 48.05
O5 UNL YT . 73.28 17.05 48.12
C5 UNL YT . 74.11 17.82 47.22
C6 UNL YT . 73.88 17.39 45.78
O6 UNL YT . 72.51 17.36 45.38
C4 UNL YT . 75.55 17.68 47.65
O4 UNL YT . 76.47 17.72 46.55
C3 UNL YT . 75.72 16.39 48.42
O3 UNL YT . 77.12 16.15 48.64
C2 UNL YT . 74.87 15.27 47.85
N2 UNL YT . 75.06 14.07 48.63
C7 UNL YT . 75.47 12.93 48.05
C8 UNL YT . 76.47 12.13 48.83
O7 UNL YT . 75.05 12.56 46.97
C1 UNL ZT . 77.82 15.05 47.99
O5 UNL ZT . 78.99 14.66 48.71
C5 UNL ZT . 80.11 15.53 48.58
C6 UNL ZT . 80.22 16.40 49.84
O6 UNL ZT . 79.37 17.19 50.18
C4 UNL ZT . 80.12 16.33 47.27
O4 UNL ZT . 79.37 17.55 47.40
C3 UNL ZT . 79.52 15.47 46.17
O3 UNL ZT . 79.60 16.12 44.90
C2 UNL ZT . 78.08 15.21 46.48
O2 UNL ZT . 77.64 14.05 45.77
N1 UNL ZT . 81.45 16.29 50.67
C1 UNL AU . 79.92 18.64 46.63
O5 UNL AU . 79.16 19.84 46.85
C5 UNL AU . 79.18 20.25 48.22
C6 UNL AU . 78.26 21.46 48.38
O6 UNL AU . 78.83 22.56 47.68
C4 UNL AU . 80.61 20.54 48.67
O4 UNL AU . 80.61 20.86 50.06
C3 UNL AU . 81.48 19.32 48.42
O3 UNL AU . 82.83 19.57 48.76
C2 UNL AU . 81.39 18.89 46.97
O2 UNL AU . 81.91 19.90 46.13
C1 UNL BU . 83.53 18.31 48.81
O5 UNL BU . 84.30 18.09 47.62
C5 UNL BU . 85.30 19.10 47.41
C6 UNL BU . 85.88 18.78 46.03
O6 UNL BU . 86.66 17.57 46.01
C4 UNL BU . 86.30 19.08 48.59
O4 UNL BU . 87.24 20.13 48.45
C3 UNL BU . 85.58 19.17 49.93
O3 UNL BU . 86.53 18.83 50.95
C2 UNL BU . 84.41 18.20 50.03
O2 UNL BU . 83.65 18.47 51.19
C7 UNL BU . 86.56 19.96 45.36
O7 UNL BU . 86.71 19.73 43.96
C9 UNL BU . 87.01 19.93 51.72
C10 UNL BU . 88.07 17.70 46.21
C1 UNL CU . 83.41 2.79 52.32
O5 UNL CU . 84.15 2.58 51.13
C5 UNL CU . 85.37 1.86 51.38
C6 UNL CU . 84.98 0.44 51.69
O6 UNL CU . 84.51 -0.22 50.52
C4 UNL CU . 86.18 2.54 52.47
O4 UNL CU . 86.31 1.72 53.63
C3 UNL CU . 85.53 3.86 52.87
O3 UNL CU . 86.26 4.51 53.90
C2 UNL CU . 84.11 3.63 53.36
N2 UNL CU . 83.41 4.87 53.58
C7 UNL CU . 83.01 5.27 54.79
C8 UNL CU . 82.20 6.53 54.84
O7 UNL CU . 83.27 4.64 55.82
C1 UNL DU . 86.88 5.70 53.36
O5 UNL DU . 87.78 5.40 52.28
C5 UNL DU . 89.18 5.60 52.52
C6 UNL DU . 89.94 4.89 51.41
O6 UNL DU . 89.44 4.13 50.61
C4 UNL DU . 89.53 5.08 53.91
O4 UNL DU . 89.14 3.70 54.02
C3 UNL DU . 88.86 5.92 54.98
O3 UNL DU . 88.69 5.21 56.21
C2 UNL DU . 87.52 6.48 54.51
O2 UNL DU . 87.61 7.87 54.19
N1 UNL DU . 91.39 5.13 51.27
C1 UNL EU . 90.12 2.71 54.46
O5 UNL EU . 90.31 1.58 53.58
C5 UNL EU . 91.33 1.68 52.59
C6 UNL EU . 91.38 0.35 51.84
O6 UNL EU . 91.87 -0.67 52.72
C4 UNL EU . 92.68 2.05 53.21
O4 UNL EU . 93.60 2.27 52.16
C3 UNL EU . 92.54 3.32 54.04
O3 UNL EU . 93.75 3.76 54.69
C2 UNL EU . 91.43 3.18 55.08
O2 UNL EU . 91.81 2.22 56.07
C1 UNL FU . 93.87 5.18 54.41
O5 UNL FU . 93.66 6.04 55.56
C5 UNL FU . 94.72 6.07 56.53
C6 UNL FU . 94.28 7.04 57.62
O6 UNL FU . 94.70 8.38 57.30
C4 UNL FU . 96.06 6.41 55.85
O4 UNL FU . 97.13 6.31 56.79
C3 UNL FU . 96.33 5.51 54.64
O3 UNL FU . 97.49 6.02 53.98
C2 UNL FU . 95.16 5.53 53.68
O2 UNL FU . 95.40 4.60 52.62
C7 UNL FU . 94.82 6.67 59.00
O7 UNL FU . 94.44 5.34 59.37
C9 UNL FU . 98.56 5.08 53.86
C10 UNL FU . 93.96 9.43 57.96
C1 UNL GU . 95.75 -8.88 53.21
O5 UNL GU . 95.39 -9.57 52.01
C5 UNL GU . 95.20 -8.69 50.86
C6 UNL GU . 94.69 -9.57 49.72
O6 UNL GU . 95.78 -10.26 49.08
C4 UNL GU . 96.52 -7.93 50.58
O4 UNL GU . 96.33 -7.02 49.49
C3 UNL GU . 96.97 -7.19 51.83
O3 UNL GU . 98.24 -6.62 51.55
C2 UNL GU . 97.06 -8.12 53.03
O2 UNL GU . 97.33 -7.34 54.19
C7 UNL GU . 93.91 -8.79 48.68
O7 UNL GU . 93.02 -7.84 49.27
C9 UNL GU . 98.33 -5.20 51.71
C10 UNL GU . 95.41 -11.43 48.33
CA CA HU . 60.63 -29.84 56.66
C1 UNL IU . 85.27 -18.19 67.53
O5 UNL IU . 85.57 -18.00 66.17
C5 UNL IU . 86.15 -16.70 65.95
C6 UNL IU . 86.93 -16.78 64.67
O6 UNL IU . 87.66 -15.58 64.46
C4 UNL IU . 86.99 -16.38 67.18
O4 UNL IU . 87.75 -15.22 66.86
C3 UNL IU . 87.63 -17.64 67.84
O3 UNL IU . 88.96 -18.01 67.39
C2 UNL IU . 86.61 -18.77 67.97
N2 UNL IU . 86.49 -19.16 69.35
C7 UNL IU . 86.84 -20.28 70.01
C8 UNL IU . 86.49 -21.60 69.39
O7 UNL IU . 87.46 -20.21 71.06
C1 UNL JU . 90.14 -17.54 68.18
O5 UNL JU . 91.14 -16.73 67.53
C5 UNL JU . 91.86 -17.38 66.50
C6 UNL JU . 90.93 -17.43 65.32
O6 UNL JU . 90.53 -16.38 64.87
C4 UNL JU . 92.50 -18.70 67.02
O4 UNL JU . 93.08 -19.49 65.96
C3 UNL JU . 91.53 -19.54 67.83
O3 UNL JU . 90.58 -20.21 67.01
C2 UNL JU . 90.83 -18.70 68.88
O2 UNL JU . 91.79 -18.23 69.83
N1 UNL JU . 90.52 -18.65 64.65
C1 UNL KU . 94.20 -20.18 66.57
O5 UNL KU . 93.84 -21.27 67.45
C5 UNL KU . 94.90 -21.61 68.35
C6 UNL KU . 95.10 -20.42 69.30
O6 UNL KU . 93.88 -20.28 70.04
C4 UNL KU . 96.11 -22.07 67.48
O4 UNL KU . 95.77 -23.33 66.90
C3 UNL KU . 96.50 -21.09 66.35
O3 UNL KU . 97.08 -19.94 66.97
C2 UNL KU . 95.26 -20.63 65.56
O2 UNL KU . 95.57 -19.55 64.68
C1 UNL LU . 98.52 -19.79 66.81
O5 UNL LU . 98.86 -19.21 65.54
C5 UNL LU . 98.63 -17.78 65.46
C6 UNL LU . 98.71 -17.39 63.99
O6 UNL LU . 97.79 -18.19 63.22
C4 UNL LU . 99.61 -17.04 66.39
O4 UNL LU . 98.93 -15.95 66.98
C3 UNL LU . 100.17 -17.97 67.48
O3 UNL LU . 101.32 -18.64 66.96
C2 UNL LU . 99.16 -19.01 67.98
O2 UNL LU . 98.18 -18.36 68.77
C7 UNL LU . 100.11 -17.51 63.41
O7 UNL LU . 100.54 -18.86 63.38
C9 UNL LU . 102.47 -17.81 66.74
C10 UNL LU . 97.48 -17.68 61.93
C1 UNL MU . 79.80 -17.32 46.48
O5 UNL MU . 79.95 -18.34 45.50
C5 UNL MU . 78.73 -18.59 44.78
C6 UNL MU . 78.95 -19.71 43.77
O6 UNL MU . 77.73 -20.12 43.14
C4 UNL MU . 78.22 -17.25 44.23
O4 UNL MU . 77.63 -17.39 42.94
C3 UNL MU . 79.37 -16.25 44.29
O3 UNL MU . 80.52 -16.74 43.64
C2 UNL MU . 79.80 -16.00 45.72
N2 UNL MU . 78.91 -15.01 46.32
C7 UNL MU . 78.93 -13.67 46.24
C8 UNL MU . 80.25 -13.01 45.97
O7 UNL MU . 77.90 -13.02 46.38
C1 UNL NU . 80.71 -16.01 42.40
O5 UNL NU . 80.14 -16.71 41.28
C5 UNL NU . 80.36 -16.09 40.01
C6 UNL NU . 79.50 -16.89 39.05
O6 UNL NU . 78.83 -17.86 39.37
C4 UNL NU . 81.86 -16.11 39.69
O4 UNL NU . 82.18 -17.00 38.62
C3 UNL NU . 82.68 -16.47 40.93
O3 UNL NU . 82.60 -17.87 41.20
C2 UNL NU . 82.19 -15.72 42.15
O2 UNL NU . 82.39 -14.31 42.04
N1 UNL NU . 79.47 -16.50 37.61
C1 UNL OU . 83.59 -16.87 38.31
O5 UNL OU . 83.86 -15.66 37.61
C5 UNL OU . 85.05 -15.71 36.84
C6 UNL OU . 85.38 -14.29 36.38
O6 UNL OU . 86.01 -13.58 37.45
C4 UNL OU . 84.88 -16.65 35.66
O4 UNL OU . 86.15 -17.14 35.23
C3 UNL OU . 84.01 -17.86 36.05
O3 UNL OU . 82.63 -17.60 35.73
C2 UNL OU . 84.13 -18.08 37.55
O2 UNL OU . 83.46 -19.29 37.93
C1 UNL PU . 82.43 -17.93 34.35
O5 UNL PU . 82.35 -16.76 33.54
C5 UNL PU . 82.37 -17.05 32.14
C6 UNL PU . 82.52 -15.70 31.44
O6 UNL PU . 82.54 -15.84 30.00
C4 UNL PU . 81.11 -17.84 31.78
O4 UNL PU . 81.16 -18.23 30.41
C3 UNL PU . 80.99 -19.08 32.67
O3 UNL PU . 79.68 -19.61 32.49
C2 UNL PU . 81.20 -18.79 34.16
O2 UNL PU . 81.37 -20.01 34.85
C7 UNL PU . 83.79 -14.99 31.87
O7 UNL PU . 83.54 -14.20 33.02
C9 UNL PU . 79.61 -20.93 31.96
C10 UNL PU . 82.05 -14.71 29.29
C1 UNL QU . 79.13 -30.16 57.60
O5 UNL QU . 80.16 -29.94 58.54
C5 UNL QU . 79.64 -30.53 59.72
C6 UNL QU . 80.48 -30.10 60.94
O6 UNL QU . 81.75 -30.74 61.17
C4 UNL QU . 79.64 -32.01 59.34
O4 UNL QU . 80.65 -32.56 60.18
C3 UNL QU . 79.83 -32.40 57.85
O3 UNL QU . 81.13 -32.85 57.54
C2 UNL QU . 79.33 -31.42 56.81
N2 UNL QU . 78.17 -31.87 56.08
C7 UNL QU . 78.10 -32.07 54.76
C8 UNL QU . 79.02 -33.09 54.13
O7 UNL QU . 77.30 -31.44 54.08
C1 UNL RU . 80.67 -34.10 58.21
O5 UNL RU . 80.44 -34.96 57.11
C5 UNL RU . 81.58 -35.70 56.67
C6 UNL RU . 80.93 -36.39 55.52
O6 UNL RU . 79.76 -36.74 55.53
C4 UNL RU . 81.97 -36.68 57.78
O4 UNL RU . 82.01 -38.04 57.33
C3 UNL RU . 81.02 -36.53 58.97
O3 UNL RU . 79.66 -36.93 58.67
C2 UNL RU . 81.02 -35.06 59.46
O2 UNL RU . 82.18 -34.80 60.28
N1 UNL RU . 81.77 -36.64 54.32
C1 UNL SU . 83.06 -38.88 57.94
O5 UNL SU . 83.56 -38.37 59.20
C5 UNL SU . 84.83 -38.84 59.62
C6 UNL SU . 85.80 -38.04 58.73
O6 UNL SU . 85.43 -36.67 58.67
C4 UNL SU . 84.78 -40.40 59.57
O4 UNL SU . 84.17 -40.82 60.81
C3 UNL SU . 83.97 -41.11 58.43
O3 UNL SU . 84.69 -41.31 57.19
C2 UNL SU . 82.68 -40.38 58.06
O2 UNL SU . 82.14 -40.85 56.81
C1 UNL TU . 85.20 -42.65 57.02
O5 UNL TU . 84.44 -43.38 56.03
C5 UNL TU . 84.87 -43.11 54.66
C6 UNL TU . 83.79 -43.62 53.72
O6 UNL TU . 82.55 -42.91 53.89
C4 UNL TU . 86.28 -43.69 54.42
O4 UNL TU . 86.97 -42.87 53.49
C3 UNL TU . 87.07 -43.80 55.73
O3 UNL TU . 86.83 -45.09 56.29
C2 UNL TU . 86.72 -42.71 56.75
O2 UNL TU . 87.22 -41.46 56.30
C7 UNL TU . 83.50 -45.11 53.90
O7 UNL TU . 82.81 -45.38 55.11
C9 UNL TU . 87.35 -46.19 55.56
C10 UNL TU . 82.55 -41.56 53.42
C1 UNL UU . 81.24 -32.16 46.99
O5 UNL UU . 81.15 -31.77 45.63
C5 UNL UU . 80.57 -32.81 44.81
C6 UNL UU . 79.17 -32.99 45.31
O6 UNL UU . 78.46 -32.66 44.22
C4 UNL UU . 81.39 -34.10 44.76
O4 UNL UU . 80.67 -35.15 44.12
C3 UNL UU . 81.92 -34.49 46.14
O3 UNL UU . 81.95 -35.94 46.24
C2 UNL UU . 81.22 -33.67 47.21
N2 UNL UU . 81.79 -33.90 48.50
C7 UNL UU . 81.22 -34.97 48.99
C8 UNL UU . 81.90 -35.63 50.13
O7 UNL UU . 80.32 -35.51 48.36
C1 UNL VU . 83.26 -36.50 46.54
O5 UNL VU . 84.32 -36.28 45.64
C5 UNL VU . 85.56 -36.47 46.33
C6 UNL VU . 86.69 -35.91 45.48
O6 UNL VU . 87.74 -35.58 45.97
C4 UNL VU . 85.75 -37.95 46.69
O4 UNL VU . 86.19 -38.70 45.54
C3 UNL VU . 84.52 -38.49 47.44
O3 UNL VU . 84.53 -39.92 47.51
C2 UNL VU . 83.19 -37.99 46.87
O2 UNL VU . 82.10 -38.27 47.74
N1 UNL VU . 86.51 -35.77 44.01
C1 UNL WU . 85.32 -39.28 44.54
O5 UNL WU . 85.00 -38.44 43.42
C5 UNL WU . 83.90 -38.94 42.65
C6 UNL WU . 82.59 -38.32 43.14
O6 UNL WU . 82.66 -36.91 42.98
C4 UNL WU . 83.85 -40.46 42.69
O4 UNL WU . 83.19 -40.95 41.51
C3 UNL WU . 85.27 -41.05 42.78
O3 UNL WU . 85.27 -42.48 42.69
C2 UNL WU . 85.93 -40.60 44.09
O2 UNL WU . 85.75 -41.56 45.13
C1 UNL XU . 86.08 -42.91 41.55
O5 UNL XU . 87.50 -42.88 41.78
C5 UNL XU . 87.96 -43.83 42.78
C6 UNL XU . 89.46 -43.62 42.88
O6 UNL XU . 90.20 -44.53 42.05
C4 UNL XU . 87.53 -45.26 42.40
O4 UNL XU . 86.76 -45.79 43.46
C3 UNL XU . 86.75 -45.31 41.08
O3 UNL XU . 87.67 -45.16 40.00
C2 UNL XU . 85.64 -44.26 40.98
O2 UNL XU . 84.48 -44.77 41.65
C7 UNL XU . 89.95 -43.73 44.32
O7 UNL XU . 90.09 -45.09 44.73
C9 UNL XU . 88.12 -46.36 39.40
C10 UNL XU . 91.11 -43.92 41.16
C1 UNL YU . 88.58 -25.74 46.91
O5 UNL YU . 89.69 -25.18 47.57
C5 UNL YU . 90.60 -26.23 47.91
C6 UNL YU . 91.86 -25.57 48.43
O6 UNL YU . 91.99 -24.22 47.97
C4 UNL YU . 90.80 -27.10 46.67
O4 UNL YU . 92.16 -27.54 46.57
C3 UNL YU . 90.44 -26.36 45.40
O3 UNL YU . 91.16 -25.15 45.24
C2 UNL YU . 89.01 -25.83 45.45
N2 UNL YU . 88.18 -26.60 44.58
C7 UNL YU . 87.33 -25.95 43.78
C8 UNL YU . 86.70 -26.75 42.68
O7 UNL YU . 87.07 -24.76 43.96
C1 UNL ZU . 92.15 -25.31 44.18
O5 UNL ZU . 93.45 -25.59 44.70
C5 UNL ZU . 94.36 -26.02 43.68
C6 UNL ZU . 95.64 -26.43 44.40
O6 UNL ZU . 96.23 -25.66 45.14
C4 UNL ZU . 94.55 -24.90 42.64
O4 UNL ZU . 95.93 -24.50 42.60
C3 UNL ZU . 93.68 -23.70 42.96
O3 UNL ZU . 94.20 -22.99 44.09
C2 UNL ZU . 92.23 -24.13 43.22
O2 UNL ZU . 91.57 -24.48 42.00
N1 UNL ZU . 96.18 -27.79 44.17
C1 UNL AV . 96.49 -24.83 41.33
O5 UNL AV . 97.01 -26.17 41.31
C5 UNL AV . 97.50 -26.56 40.00
C6 UNL AV . 98.08 -27.97 40.13
O6 UNL AV . 97.07 -28.88 40.56
C4 UNL AV . 98.53 -25.59 39.43
O4 UNL AV . 98.75 -25.82 38.03
C3 UNL AV . 98.07 -24.12 39.60
O3 UNL AV . 99.10 -23.21 39.24
C2 UNL AV . 97.57 -23.81 41.01
O2 UNL AV . 98.64 -23.86 41.97
C1 UNL BV . 98.51 -22.31 38.30
O5 UNL BV . 98.41 -22.92 37.01
C5 UNL BV . 97.68 -22.12 36.06
C6 UNL BV . 97.49 -22.98 34.82
O6 UNL BV . 96.79 -24.19 35.12
C4 UNL BV . 98.41 -20.78 35.85
O4 UNL BV . 97.64 -19.96 34.98
C3 UNL BV . 98.62 -20.08 37.20
O3 UNL BV . 99.49 -18.97 36.98
C2 UNL BV . 99.24 -20.98 38.25
O2 UNL BV . 99.16 -20.35 39.52
C7 UNL BV . 98.81 -23.36 34.14
O7 UNL BV . 99.56 -24.26 34.96
C9 UNL BV . 98.94 -17.69 37.30
C10 UNL BV . 95.43 -24.02 35.55
C1 UNL CV . 85.15 -14.58 58.08
O5 UNL CV . 85.41 -14.16 56.75
C5 UNL CV . 84.96 -12.81 56.58
C6 UNL CV . 85.22 -12.37 55.15
O6 UNL CV . 84.54 -11.16 54.83
C4 UNL CV . 85.66 -12.03 57.67
O4 UNL CV . 86.02 -10.77 57.10
C3 UNL CV . 86.82 -12.80 58.26
O3 UNL CV . 87.65 -13.29 57.25
C2 UNL CV . 86.32 -14.06 58.90
N2 UNL CV . 85.94 -13.75 60.26
C7 UNL CV . 86.80 -13.82 61.27
C8 UNL CV . 87.93 -14.81 61.15
O7 UNL CV . 86.68 -13.11 62.25
C1 UNL DV . 88.71 -12.38 57.05
O5 UNL DV . 88.42 -11.73 55.81
C5 UNL DV . 89.26 -10.61 55.57
C6 UNL DV . 89.19 -10.43 54.06
O6 UNL DV . 88.63 -11.23 53.31
C4 UNL DV . 90.66 -10.96 56.07
O4 UNL DV . 91.62 -10.19 55.36
C3 UNL DV . 90.88 -12.47 55.93
O3 UNL DV . 90.61 -12.96 54.61
C2 UNL DV . 89.97 -13.20 56.89
O2 UNL DV . 90.57 -13.43 58.17
N1 UNL DV . 89.78 -9.18 53.51
C1 UNL EV . 92.50 -9.46 56.21
O5 UNL EV . 92.96 -10.16 57.35
C5 UNL EV . 93.83 -11.26 57.12
C6 UNL EV . 94.26 -11.68 58.52
O6 UNL EV . 93.10 -12.13 59.24
C4 UNL EV . 95.03 -10.98 56.18
O4 UNL EV . 95.58 -12.22 55.70
C3 UNL EV . 94.63 -10.15 54.97
O3 UNL EV . 95.86 -9.74 54.35
C2 UNL EV . 93.71 -8.98 55.38
O2 UNL EV . 94.40 -7.97 56.15
CA CA FV . 52.23 -41.97 78.98
C1 UNL GV . 70.07 -39.23 64.47
O5 UNL GV . 71.25 -39.93 64.76
C5 UNL GV . 71.86 -40.51 63.59
C6 UNL GV . 72.65 -39.41 62.93
O6 UNL GV . 73.33 -38.67 63.95
C4 UNL GV . 70.93 -41.35 62.73
O4 UNL GV . 70.80 -41.07 61.32
C3 UNL GV . 69.51 -41.39 63.26
O3 UNL GV . 68.78 -41.84 62.13
C2 UNL GV . 69.01 -40.06 63.78
N2 UNL GV . 67.90 -40.35 64.67
C7 UNL GV . 66.85 -39.60 64.42
C8 UNL GV . 65.64 -39.83 65.27
O7 UNL GV . 66.92 -38.72 63.56
C1 UNL HV . 67.45 -42.15 62.40
O5 UNL HV . 67.35 -43.28 63.24
C5 UNL HV . 66.65 -44.39 62.70
C6 UNL HV . 67.03 -45.55 63.60
O6 UNL HV . 67.62 -45.36 64.64
C4 UNL HV . 67.11 -44.55 61.24
O4 UNL HV . 68.54 -44.58 61.16
C3 UNL HV . 66.50 -43.42 60.41
O3 UNL HV . 67.23 -43.16 59.21
C2 UNL HV . 66.46 -42.15 61.21
O2 UNL HV . 65.13 -41.94 61.67
N1 UNL HV . 66.67 -46.96 63.24
C1 UNL IV . 68.93 -45.21 59.88
O5 UNL IV . 70.32 -45.22 59.78
C5 UNL IV . 70.89 -46.39 60.41
C6 UNL IV . 72.29 -45.93 60.22
O6 UNL IV . 72.88 -46.13 58.91
C4 UNL IV . 70.49 -47.81 59.82
O4 UNL IV . 70.90 -49.08 60.44
C3 UNL IV . 68.99 -47.99 59.86
O3 UNL IV . 68.53 -49.29 59.31
C2 UNL IV . 68.48 -46.61 59.32
O2 UNL IV . 68.98 -46.33 58.01
C1 UNL JV . 67.41 -49.84 60.08
O5 UNL JV . 66.13 -49.86 59.44
C5 UNL JV . 65.97 -50.79 58.34
C6 UNL JV . 64.56 -50.49 57.84
O6 UNL JV . 63.57 -50.19 58.85
C4 UNL JV . 66.25 -52.24 58.78
O4 UNL JV . 66.29 -53.12 57.67
C3 UNL JV . 67.58 -52.31 59.51
O3 UNL JV . 67.71 -53.64 60.01
C2 UNL JV . 67.72 -51.24 60.61
O2 UNL JV . 69.07 -51.24 61.03
C7 UNL JV . 64.02 -51.45 56.78
O7 UNL JV . 62.79 -50.94 56.27
C9 UNL JV . 68.92 -54.31 59.66
C10 UNL JV . 63.16 -51.26 59.72
C1 UNL KV . 81.49 -41.57 76.56
O5 UNL KV . 82.60 -41.01 75.86
C5 UNL KV . 83.27 -41.84 74.89
C6 UNL KV . 82.28 -42.36 73.86
O6 UNL KV . 81.47 -41.35 73.26
C4 UNL KV . 83.98 -42.97 75.63
O4 UNL KV . 84.02 -44.20 74.88
C3 UNL KV . 83.30 -43.20 76.96
O3 UNL KV . 83.83 -44.38 77.56
C2 UNL KV . 81.79 -43.02 76.87
N2 UNL KV . 81.20 -43.23 78.18
C7 UNL KV . 80.26 -44.16 78.37
C8 UNL KV . 80.36 -44.96 79.63
O7 UNL KV . 79.36 -44.34 77.56
C1 UNL LV . 83.01 -45.58 77.74
O5 UNL LV . 83.50 -46.43 78.78
C5 UNL LV . 84.67 -47.19 78.47
C6 UNL LV . 85.89 -46.51 79.09
O6 UNL LV . 86.27 -45.40 78.79
C4 UNL LV . 84.81 -47.47 76.97
O4 UNL LV . 85.51 -46.41 76.30
C3 UNL LV . 83.43 -47.66 76.36
O3 UNL LV . 83.51 -48.04 74.99
C2 UNL LV . 82.69 -46.36 76.44
O2 UNL LV . 81.29 -46.60 76.35
N1 UNL LV . 86.67 -47.27 80.10
C1 UNL MV . 86.35 -46.87 75.22
O5 UNL MV . 87.06 -45.77 74.63
C5 UNL MV . 87.91 -45.09 75.57
C6 UNL MV . 88.53 -43.88 74.89
O6 UNL MV . 89.41 -44.34 73.86
C4 UNL MV . 88.96 -46.07 76.10
O4 UNL MV . 89.75 -45.42 77.09
C3 UNL MV . 88.29 -47.29 76.70
O3 UNL MV . 89.24 -48.25 77.14
C2 UNL MV . 87.34 -47.93 75.68
O2 UNL MV . 88.09 -48.42 74.59
C1 UNL NV . 88.55 -49.21 77.97
O5 UNL NV . 88.28 -50.42 77.26
C5 UNL NV . 89.47 -51.07 76.77
C6 UNL NV . 88.96 -52.22 75.91
O6 UNL NV . 88.33 -53.27 76.67
C4 UNL NV . 90.35 -51.46 77.98
O4 UNL NV . 91.58 -52.02 77.54
C3 UNL NV . 90.60 -50.27 78.90
O3 UNL NV . 91.14 -50.78 80.13
C2 UNL NV . 89.32 -49.52 79.23
O2 UNL NV . 89.63 -48.31 79.91
C7 UNL NV . 89.97 -52.73 74.89
O7 UNL NV . 89.33 -53.49 73.87
C9 UNL NV . 92.54 -50.56 80.32
C10 UNL NV . 89.16 -54.37 77.07
C1 UNL OV . 77.37 -52.57 88.80
O5 UNL OV . 77.12 -53.75 88.07
C5 UNL OV . 77.22 -54.94 88.88
C6 UNL OV . 76.01 -54.93 89.79
O6 UNL OV . 74.82 -55.21 89.06
C4 UNL OV . 78.55 -54.96 89.61
O4 UNL OV . 78.40 -54.87 91.03
C3 UNL OV . 79.43 -53.81 89.14
O3 UNL OV . 80.68 -53.81 89.80
C2 UNL OV . 78.76 -52.48 89.39
N2 UNL OV . 79.51 -51.39 88.78
C7 UNL OV . 80.08 -50.43 89.51
C8 UNL OV . 80.70 -49.31 88.74
O7 UNL OV . 80.09 -50.44 90.75
C1 UNL PV . 81.73 -54.19 88.87
O5 UNL PV . 81.51 -55.47 88.30
C5 UNL PV . 82.43 -56.51 88.68
C6 UNL PV . 81.82 -57.85 88.26
O6 UNL PV . 80.67 -57.98 87.88
C4 UNL PV . 82.71 -56.44 90.18
O4 UNL PV . 81.47 -56.50 90.89
C3 UNL PV . 83.46 -55.15 90.50
O3 UNL PV . 83.27 -54.74 91.86
C2 UNL PV . 83.08 -54.00 89.57
O2 UNL PV . 84.11 -53.77 88.61
N1 UNL PV . 82.65 -59.06 88.31
C1 UNL QV . 81.30 -57.48 91.96
O5 UNL QV . 80.17 -58.37 91.84
C5 UNL QV . 80.37 -59.61 91.16
C6 UNL QV . 79.06 -60.38 91.22
O6 UNL QV . 78.79 -60.77 92.57
C4 UNL QV . 81.54 -60.39 91.76
O4 UNL QV . 81.77 -61.53 90.96
C3 UNL QV . 82.79 -59.53 91.78
O3 UNL QV . 83.95 -60.16 92.33
C2 UNL QV . 82.54 -58.21 92.50
O2 UNL QV . 82.32 -58.45 93.89
C1 UNL RV . 85.04 -59.91 91.41
O5 UNL RV . 86.05 -58.99 91.88
C5 UNL RV . 86.95 -59.51 92.91
C6 UNL RV . 87.92 -58.37 93.24
O6 UNL RV . 89.06 -58.42 92.37
C4 UNL RV . 87.61 -60.82 92.42
O4 UNL RV . 88.37 -61.38 93.47
C3 UNL RV . 86.56 -61.81 91.93
O3 UNL RV . 87.27 -62.91 91.35
C2 UNL RV . 85.66 -61.20 90.87
O2 UNL RV . 84.64 -62.12 90.51
C7 UNL RV . 88.38 -58.40 94.69
O7 UNL RV . 87.28 -58.36 95.60
C9 UNL RV . 86.99 -64.18 91.93
C10 UNL RV . 89.79 -57.20 92.25
CA CA SV . 42.20 -41.63 104.08
C1 UNL TV . 66.90 -54.79 112.45
O5 UNL TV . 66.71 -55.54 111.28
C5 UNL TV . 67.94 -55.70 110.56
C6 UNL TV . 67.78 -56.91 109.69
O6 UNL TV . 69.02 -57.24 109.06
C4 UNL TV . 69.04 -55.81 111.61
O4 UNL TV . 70.23 -56.22 110.92
C3 UNL TV . 68.59 -56.49 112.93
O3 UNL TV . 68.76 -57.93 113.02
C2 UNL TV . 67.23 -55.94 113.39
N2 UNL TV . 67.37 -55.42 114.72
C7 UNL TV . 66.87 -55.79 115.91
C8 UNL TV . 65.41 -56.16 115.99
O7 UNL TV . 67.60 -55.87 116.89
C1 UNL UV . 69.98 -58.47 113.70
O5 UNL UV . 70.87 -59.32 112.95
C5 UNL UV . 70.32 -60.58 112.58
C6 UNL UV . 69.42 -60.28 111.41
O6 UNL UV . 69.90 -59.79 110.43
C4 UNL UV . 69.76 -61.33 113.80
O4 UNL UV . 69.03 -62.51 113.44
C3 UNL UV . 68.92 -60.44 114.70
O3 UNL UV . 67.62 -60.18 114.16
C2 UNL UV . 69.64 -59.15 115.01
O2 UNL UV . 70.82 -59.43 115.77
N1 UNL UV . 67.99 -60.59 111.38
C1 UNL VV . 69.22 -63.45 114.54
O5 UNL VV . 68.50 -63.14 115.75
C5 UNL VV . 69.06 -63.78 116.88
C6 UNL VV . 70.45 -63.17 117.13
O6 UNL VV . 70.25 -61.79 117.42
C4 UNL VV . 68.96 -65.31 116.64
O4 UNL VV . 67.57 -65.68 116.72
C3 UNL VV . 69.52 -65.79 115.29
O3 UNL VV . 70.94 -65.65 115.36
C2 UNL VV . 69.01 -64.91 114.14
O2 UNL VV . 69.71 -65.18 112.92
C1 UNL WV . 71.71 -66.89 115.44
O5 UNL WV . 71.87 -67.51 114.15
C5 UNL WV . 72.88 -66.88 113.33
C6 UNL WV . 72.70 -67.41 111.90
O6 UNL WV . 71.34 -67.21 111.47
C4 UNL WV . 74.28 -67.08 113.93
O4 UNL WV . 75.04 -65.89 113.73
C3 UNL WV . 74.20 -67.42 115.43
O3 UNL WV . 74.04 -68.83 115.56
C2 UNL WV . 73.05 -66.70 116.16
O2 UNL WV . 73.39 -65.32 116.29
C7 UNL WV . 73.08 -68.88 111.77
O7 UNL WV . 72.19 -69.70 112.52
C9 UNL WV . 75.16 -69.62 115.21
C10 UNL WV . 71.14 -67.31 110.07
C1 UNL XV . 57.36 -58.12 93.15
O5 UNL XV . 56.26 -59.00 92.90
C5 UNL XV . 55.20 -58.35 92.15
C6 UNL XV . 54.06 -59.33 91.95
O6 UNL XV . 52.92 -58.71 91.36
C4 UNL XV . 55.83 -57.73 90.90
O4 UNL XV . 54.97 -57.84 89.76
C3 UNL XV . 57.20 -58.35 90.70
O3 UNL XV . 57.14 -59.76 90.68
C2 UNL XV . 58.13 -58.02 91.84
N2 UNL XV . 58.70 -56.69 91.63
C7 UNL XV . 59.74 -56.31 90.88
C8 UNL XV . 60.81 -57.32 90.63
O7 UNL XV . 59.80 -55.18 90.41
C1 UNL YV . 57.37 -60.23 89.32
O5 UNL YV . 56.14 -60.45 88.62
C5 UNL YV . 56.29 -60.98 87.30
C6 UNL YV . 54.87 -60.93 86.71
O6 UNL YV . 53.90 -60.54 87.33
C4 UNL YV . 56.89 -62.39 87.38
O4 UNL YV . 55.95 -63.41 87.02
C3 UNL YV . 57.44 -62.67 88.78
O3 UNL YV . 56.39 -62.93 89.70
C2 UNL YV . 58.23 -61.48 89.29
O2 UNL YV . 59.41 -61.24 88.53
N1 UNL YV . 54.67 -61.39 85.31
C1 UNL ZV . 56.62 -64.68 87.02
O5 UNL ZV . 57.47 -64.82 85.88
C5 UNL ZV . 57.74 -66.18 85.53
C6 UNL ZV . 58.86 -66.20 84.49
O6 UNL ZV . 60.11 -66.05 85.17
C4 UNL ZV . 56.47 -66.84 85.00
O4 UNL ZV . 56.55 -68.25 85.17
C3 UNL ZV . 55.24 -66.33 85.74
O3 UNL ZV . 54.66 -65.22 85.03
C2 UNL ZV . 55.65 -65.86 87.12
O2 UNL ZV . 54.50 -65.52 87.90
C1 UNL AW . 53.80 -65.74 84.00
O5 UNL AW . 54.41 -65.63 82.72
C5 UNL AW . 53.67 -66.30 81.69
C6 UNL AW . 54.58 -66.28 80.46
O6 UNL AW . 53.95 -66.92 79.33
C4 UNL AW . 52.31 -65.61 81.53
O4 UNL AW . 51.54 -66.33 80.58
C3 UNL AW . 51.58 -65.54 82.87
O3 UNL AW . 50.48 -64.65 82.71
C2 UNL AW . 52.45 -65.03 84.02
O2 UNL AW . 51.80 -65.30 85.26
C7 UNL AW . 55.90 -66.97 80.73
O7 UNL AW . 56.84 -66.04 81.26
C9 UNL AW . 49.19 -65.23 82.91
C10 UNL AW . 54.38 -66.42 78.06
C1 UNL BW . 51.00 -57.18 108.86
O5 UNL BW . 51.94 -57.53 109.83
C5 UNL BW . 51.57 -56.75 110.96
C6 UNL BW . 52.71 -56.75 112.00
O6 UNL BW . 52.85 -57.90 112.86
C4 UNL BW . 50.24 -57.37 111.34
O4 UNL BW . 50.52 -58.00 112.58
C3 UNL BW . 49.54 -58.33 110.33
O3 UNL BW . 49.69 -59.71 110.65
C2 UNL BW . 49.79 -58.10 108.85
N2 UNL BW . 48.65 -57.60 108.13
C7 UNL BW . 48.03 -58.20 107.11
C8 UNL BW . 47.43 -59.55 107.33
O7 UNL BW . 47.99 -57.65 106.01
C1 UNL CW . 48.65 -59.39 111.67
O5 UNL CW . 47.48 -59.96 111.10
C5 UNL CW . 47.30 -61.35 111.39
C6 UNL CW . 46.06 -61.55 110.58
O6 UNL CW . 45.22 -60.67 110.43
C4 UNL CW . 47.02 -61.49 112.89
O4 UNL CW . 45.79 -62.16 113.16
C3 UNL CW . 47.07 -60.10 113.56
O3 UNL CW . 45.98 -59.23 113.14
C2 UNL CW . 48.42 -59.43 113.27
O2 UNL CW . 49.44 -59.95 114.14
N1 UNL CW . 45.89 -62.87 109.93
C1 UNL DW . 45.80 -63.02 114.37
O5 UNL DW . 46.85 -62.71 115.32
C5 UNL DW . 47.21 -63.75 116.22
C6 UNL DW . 48.06 -64.69 115.35
O6 UNL DW . 48.97 -63.97 114.54
C4 UNL DW . 45.89 -64.22 116.92
O4 UNL DW . 45.65 -63.30 117.99
C3 UNL DW . 44.56 -64.29 116.08
O3 UNL DW . 44.37 -65.50 115.32
C2 UNL DW . 44.43 -63.14 115.08
O2 UNL DW . 43.39 -63.39 114.12
C1 UNL EW . 43.46 -66.44 115.95
O5 UNL EW . 42.20 -66.50 115.27
C5 UNL EW . 42.18 -67.37 114.11
C6 UNL EW . 40.94 -67.04 113.29
O6 UNL EW . 40.98 -65.71 112.76
C4 UNL EW . 42.33 -68.84 114.54
O4 UNL EW . 43.04 -69.56 113.55
C3 UNL EW . 43.03 -68.97 115.89
O3 UNL EW . 42.05 -68.93 116.93
C2 UNL EW . 44.08 -67.85 116.15
O2 UNL EW . 45.20 -68.07 115.29
C7 UNL EW . 39.65 -67.22 114.08
O7 UNL EW . 39.49 -66.19 115.04
C9 UNL EW . 41.18 -70.05 116.97
C10 UNL EW . 41.92 -65.48 111.74
C1 UNL FW . 46.41 -63.91 101.43
O5 UNL FW . 46.18 -64.26 100.09
C5 UNL FW . 44.78 -64.44 99.80
C6 UNL FW . 44.14 -63.10 100.02
O6 UNL FW . 43.67 -62.83 98.79
C4 UNL FW . 44.12 -65.58 100.59
O4 UNL FW . 42.70 -65.57 100.43
C3 UNL FW . 44.55 -65.59 102.06
O3 UNL FW . 43.45 -66.05 102.87
C2 UNL FW . 45.27 -64.29 102.38
N2 UNL FW . 45.84 -64.32 103.69
C7 UNL FW . 44.88 -63.98 104.53
C8 UNL FW . 45.09 -64.32 105.97
O7 UNL FW . 43.79 -63.65 104.09
C1 UNL GW . 43.74 -67.22 103.69
O5 UNL GW . 44.09 -68.43 103.04
C5 UNL GW . 44.79 -69.26 103.97
C6 UNL GW . 45.48 -70.39 103.22
O6 UNL GW . 46.42 -70.98 103.68
C4 UNL GW . 43.83 -69.75 105.06
O4 UNL GW . 43.03 -70.84 104.58
C3 UNL GW . 43.08 -68.58 105.71
O3 UNL GW . 41.97 -69.01 106.49
C2 UNL GW . 42.63 -67.51 104.70
O2 UNL GW . 42.21 -66.32 105.34
N1 UNL GW . 44.96 -70.79 101.88
C1 UNL HW . 41.78 -70.69 103.86
O5 UNL HW . 41.89 -70.62 102.43
C5 UNL HW . 40.68 -70.16 101.80
C6 UNL HW . 40.72 -68.64 101.62
O6 UNL HW . 41.82 -68.30 100.78
C4 UNL HW . 39.45 -70.59 102.60
O4 UNL HW . 38.33 -70.67 101.72
C3 UNL HW . 39.69 -71.94 103.26
O3 UNL HW . 38.52 -72.46 103.91
C2 UNL HW . 40.85 -71.83 104.26
O2 UNL HW . 40.38 -71.56 105.59
C1 UNL IW . 38.16 -73.74 103.34
O5 UNL IW . 38.94 -74.85 103.82
C5 UNL IW . 38.77 -75.16 105.22
C6 UNL IW . 39.70 -76.32 105.53
O6 UNL IW . 39.02 -77.58 105.44
C4 UNL IW . 37.28 -75.40 105.54
O4 UNL IW . 36.86 -74.49 106.54
C3 UNL IW . 36.38 -75.30 104.30
O3 UNL IW . 36.56 -76.47 103.50
C2 UNL IW . 36.65 -74.04 103.46
O2 UNL IW . 35.94 -72.95 104.02
C7 UNL IW . 40.37 -76.18 106.89
O7 UNL IW . 39.48 -76.58 107.94
C9 UNL IW . 35.60 -77.50 103.71
C10 UNL IW . 39.63 -78.53 104.58
C1 UNL JW . 54.91 -68.24 99.75
O5 UNL JW . 56.12 -68.73 100.26
C5 UNL JW . 55.84 -69.70 101.27
C6 UNL JW . 57.16 -70.34 101.65
O6 UNL JW . 58.14 -70.22 100.60
C4 UNL JW . 54.79 -70.67 100.72
O4 UNL JW . 55.05 -72.01 101.14
C3 UNL JW . 54.76 -70.64 99.18
O3 UNL JW . 56.02 -70.93 98.60
C2 UNL JW . 54.52 -69.23 98.66
N2 UNL JW . 53.18 -69.12 98.14
C7 UNL JW . 53.02 -68.52 96.97
C8 UNL JW . 51.70 -68.71 96.30
O7 UNL JW . 53.91 -67.84 96.46
C1 UNL KW . 55.99 -72.25 98.01
O5 UNL KW . 56.57 -73.24 98.86
C5 UNL KW . 56.29 -74.57 98.42
C6 UNL KW . 56.84 -75.51 99.49
O6 UNL KW . 57.99 -75.46 99.86
C4 UNL KW . 56.91 -74.81 97.02
O4 UNL KW . 57.87 -75.87 97.08
C3 UNL KW . 57.57 -73.54 96.50
O3 UNL KW . 58.79 -73.29 97.21
C2 UNL KW . 56.62 -72.34 96.62
O2 UNL KW . 55.59 -72.40 95.64
N1 UNL KW . 55.92 -76.51 100.10
C1 UNL LW . 57.41 -76.97 96.30
O5 UNL LW . 56.59 -77.86 97.06
C5 UNL LW . 56.03 -78.93 96.28
C6 UNL LW . 55.22 -79.84 97.22
O6 UNL LW . 54.17 -79.08 97.82
C4 UNL LW . 57.09 -79.73 95.51
O4 UNL LW . 56.49 -80.56 94.50
C3 UNL LW . 58.10 -78.80 94.83
O3 UNL LW . 59.19 -79.53 94.28
C2 UNL LW . 58.62 -77.69 95.74
O2 UNL LW . 59.45 -78.23 96.79
C1 UNL MW . 59.29 -79.12 92.90
O5 UNL MW . 58.28 -79.75 92.11
C5 UNL MW . 58.23 -79.27 90.76
C6 UNL MW . 56.99 -79.89 90.12
O6 UNL MW . 55.80 -79.56 90.83
C4 UNL MW . 59.56 -79.55 90.07
O4 UNL MW . 59.54 -78.98 88.76
C3 UNL MW . 60.73 -78.95 90.88
O3 UNL MW . 61.95 -79.43 90.31
C2 UNL MW . 60.68 -79.35 92.35
O2 UNL MW . 61.62 -78.55 93.07
C7 UNL MW . 57.07 -81.41 90.03
O7 UNL MW . 57.01 -82.01 91.32
C9 UNL MW . 62.82 -78.41 89.82
C10 UNL MW . 55.45 -78.18 90.82
C1 UNL NW . 66.46 -57.11 102.61
O5 UNL NW . 66.46 -57.70 101.33
C5 UNL NW . 67.33 -56.96 100.45
C6 UNL NW . 67.31 -57.61 99.07
O6 UNL NW . 67.90 -56.76 98.08
C4 UNL NW . 68.67 -56.92 101.15
O4 UNL NW . 69.66 -57.06 100.14
C3 UNL NW . 68.74 -57.94 102.27
O3 UNL NW . 68.35 -59.21 101.80
C2 UNL NW . 67.70 -57.64 103.31
N2 UNL NW . 68.26 -56.70 104.25
C7 UNL NW . 68.94 -57.10 105.32
C8 UNL NW . 68.60 -58.44 105.92
O7 UNL NW . 69.82 -56.40 105.81
C1 UNL OW . 69.50 -59.92 101.42
O5 UNL OW . 69.47 -59.95 100.00
C5 UNL OW . 70.68 -60.43 99.43
C6 UNL OW . 70.26 -60.91 98.05
O6 UNL OW . 69.09 -60.96 97.68
C4 UNL OW . 71.20 -61.56 100.32
O4 UNL OW . 72.02 -62.43 99.55
C3 UNL OW . 70.03 -62.27 100.98
O3 UNL OW . 69.03 -62.70 100.04
C2 UNL OW . 69.35 -61.33 101.95
O2 UNL OW . 69.88 -61.43 103.28
N1 UNL OW . 71.36 -61.25 97.10
C1 UNL PW . 73.33 -62.61 100.09
O5 UNL PW . 73.37 -62.78 101.51
C5 UNL PW . 72.79 -63.98 102.04
C6 UNL PW . 73.13 -63.92 103.51
O6 UNL PW . 72.48 -62.77 104.09
C4 UNL PW . 73.25 -65.28 101.36
O4 UNL PW . 72.34 -66.35 101.66
C3 UNL PW . 73.33 -65.16 99.84
O3 UNL PW . 74.03 -66.33 99.38
C2 UNL PW . 73.98 -63.84 99.42
O2 UNL PW . 75.39 -63.79 99.73
C1 UNL QW . 74.28 -66.41 97.96
O5 UNL QW . 73.12 -66.82 97.21
C5 UNL QW . 73.34 -66.86 95.78
C6 UNL QW . 71.99 -67.17 95.14
O6 UNL QW . 71.70 -68.59 95.19
C4 UNL QW . 74.47 -67.86 95.46
O4 UNL QW . 74.75 -67.87 94.06
C3 UNL QW . 75.72 -67.50 96.24
O3 UNL QW . 76.69 -68.53 96.01
C2 UNL QW . 75.44 -67.37 97.74
O2 UNL QW . 76.60 -66.87 98.38
C7 UNL QW . 71.88 -66.70 93.70
O7 UNL QW . 72.45 -65.41 93.52
C9 UNL QW . 77.94 -68.09 95.47
C10 UNL QW . 70.33 -68.95 95.05
CA CA RW . -65.76 -22.84 -90.61
C1 UNL SW . -51.14 -34.33 -104.56
O5 UNL SW . -50.49 -35.45 -104.00
C5 UNL SW . -50.45 -36.58 -104.89
C6 UNL SW . -49.28 -36.36 -105.80
O6 UNL SW . -48.17 -35.83 -105.02
C4 UNL SW . -51.77 -36.97 -105.52
O4 UNL SW . -51.91 -37.09 -106.94
C3 UNL SW . -52.91 -36.09 -105.07
O3 UNL SW . -53.90 -36.37 -106.05
C2 UNL SW . -52.56 -34.61 -105.01
N2 UNL SW . -53.52 -33.98 -104.14
C7 UNL SW . -54.03 -32.89 -104.66
C8 UNL SW . -55.07 -32.16 -103.86
O7 UNL SW . -53.62 -32.48 -105.75
C1 UNL TW . -55.15 -35.81 -105.77
O5 UNL TW . -55.72 -36.40 -104.60
C5 UNL TW . -56.97 -37.04 -104.81
C6 UNL TW . -57.14 -37.91 -103.58
O6 UNL TW . -56.38 -37.80 -102.62
C4 UNL TW . -56.85 -37.84 -106.12
O4 UNL TW . -55.69 -38.67 -106.13
C3 UNL TW . -56.87 -36.87 -107.29
O3 UNL TW . -56.29 -37.42 -108.49
C2 UNL TW . -56.14 -35.61 -106.94
O2 UNL TW . -57.08 -34.58 -106.63
N1 UNL TW . -58.23 -38.93 -103.51
C1 UNL UW . -55.87 -39.75 -107.11
O5 UNL UW . -54.72 -40.55 -107.12
C5 UNL UW . -54.79 -41.59 -106.13
C6 UNL UW . -53.40 -42.06 -106.38
O6 UNL UW . -53.18 -42.92 -107.52
C4 UNL UW . -55.96 -42.66 -106.26
O4 UNL UW . -56.23 -43.69 -105.25
C3 UNL UW . -57.31 -41.96 -106.26
O3 UNL UW . -58.46 -42.90 -106.41
C2 UNL UW . -57.07 -40.76 -107.23
O2 UNL UW . -56.66 -41.20 -108.52
C1 UNL VW . -59.60 -42.53 -105.61
O5 UNL VW . -60.75 -42.08 -106.33
C5 UNL VW . -61.49 -43.08 -107.07
C6 UNL VW . -62.58 -42.27 -107.77
O6 UNL VW . -63.16 -41.18 -107.01
C4 UNL VW . -61.97 -44.23 -106.15
O4 UNL VW . -62.52 -45.31 -106.90
C3 UNL VW . -60.80 -44.75 -105.33
O3 UNL VW . -61.34 -45.70 -104.40
C2 UNL VW . -60.02 -43.62 -104.63
O2 UNL VW . -58.83 -44.20 -104.12
C7 UNL VW . -63.64 -43.08 -108.49
O7 UNL VW . -64.47 -42.20 -109.24
C9 UNL VW . -60.70 -46.97 -104.40
C10 UNL VW . -63.96 -41.53 -105.86
C1 UNL WW . -41.28 -38.91 -91.98
O5 UNL WW . -40.14 -39.25 -92.78
C5 UNL WW . -40.13 -40.55 -93.40
C6 UNL WW . -41.38 -40.74 -94.25
O6 UNL WW . -41.64 -39.69 -95.17
C4 UNL WW . -40.01 -41.61 -92.32
O4 UNL WW . -40.70 -42.83 -92.62
C3 UNL WW . -40.51 -41.05 -91.01
O3 UNL WW . -40.57 -42.09 -90.04
C2 UNL WW . -41.72 -40.13 -91.20
N2 UNL WW . -42.13 -39.61 -89.93
C7 UNL WW . -43.37 -39.80 -89.46
C8 UNL WW . -43.49 -40.12 -88.00
O7 UNL WW . -44.35 -39.71 -90.19
C1 UNL XW . -41.82 -42.58 -89.50
O5 UNL XW . -41.69 -43.18 -88.23
C5 UNL XW . -41.12 -44.51 -88.23
C6 UNL XW . -39.65 -44.42 -87.83
O6 UNL XW . -38.80 -43.81 -88.46
C4 UNL XW . -41.36 -45.26 -89.55
O4 UNL XW . -40.33 -44.96 -90.50
C3 UNL XW . -42.72 -44.86 -90.10
O3 UNL XW . -43.06 -45.61 -91.26
C2 UNL XW . -42.69 -43.40 -90.47
O2 UNL XW . -44.02 -42.89 -90.51
N1 UNL XW . -39.21 -45.14 -86.60
C1 UNL YW . -40.01 -46.09 -91.35
O5 UNL YW . -38.94 -45.75 -92.26
C5 UNL YW . -37.75 -45.38 -91.56
C6 UNL YW . -36.71 -44.94 -92.59
O6 UNL YW . -36.33 -46.07 -93.38
C4 UNL YW . -37.26 -46.56 -90.71
O4 UNL YW . -36.11 -46.16 -89.96
C3 UNL YW . -38.36 -47.00 -89.75
O3 UNL YW . -37.96 -48.14 -89.00
C2 UNL YW . -39.63 -47.32 -90.53
O2 UNL YW . -39.41 -48.42 -91.39
C1 UNL ZW . -38.91 -48.30 -87.92
O5 UNL ZW . -39.84 -49.35 -88.21
C5 UNL ZW . -39.23 -50.63 -88.41
C6 UNL ZW . -40.37 -51.53 -88.86
O6 UNL ZW . -41.32 -51.82 -87.81
C4 UNL ZW . -38.50 -51.04 -87.12
O4 UNL ZW . -37.79 -52.26 -87.33
C3 UNL ZW . -37.54 -49.95 -86.63
O3 UNL ZW . -37.15 -50.27 -85.31
C2 UNL ZW . -38.20 -48.58 -86.61
O2 UNL ZW . -37.24 -47.57 -86.37
C7 UNL ZW . -39.91 -52.77 -89.63
O7 UNL ZW . -40.99 -53.34 -90.37
C9 UNL ZW . -35.82 -50.77 -85.16
C10 UNL ZW . -41.10 -53.01 -87.06
C1 UNL AX . -48.59 -42.21 -77.20
O5 UNL AX . -49.52 -43.21 -77.53
C5 UNL AX . -49.96 -43.94 -76.37
C6 UNL AX . -50.85 -43.01 -75.58
O6 UNL AX . -52.10 -42.81 -76.26
C4 UNL AX . -48.76 -44.46 -75.59
O4 UNL AX . -48.68 -43.87 -74.28
C3 UNL AX . -47.47 -44.16 -76.34
O3 UNL AX . -46.34 -44.64 -75.62
C2 UNL AX . -47.30 -42.68 -76.58
N2 UNL AX . -46.18 -42.42 -77.45
C7 UNL AX . -45.10 -41.74 -77.04
C8 UNL AX . -44.07 -41.44 -78.09
O7 UNL AX . -44.95 -41.38 -75.87
C1 UNL BX . -45.77 -45.78 -76.32
O5 UNL BX . -46.70 -46.85 -76.48
C5 UNL BX . -46.44 -48.04 -75.74
C6 UNL BX . -47.71 -48.89 -75.75
O6 UNL BX . -48.78 -48.49 -76.15
C4 UNL BX . -45.99 -47.68 -74.31
O4 UNL BX . -46.99 -46.86 -73.71
C3 UNL BX . -44.64 -46.97 -74.36
O3 UNL BX . -44.43 -46.15 -73.21
C2 UNL BX . -44.46 -46.15 -75.63
O2 UNL BX . -43.57 -46.81 -76.55
N1 UNL BX . -47.65 -50.28 -75.27
C1 UNL CX . -47.52 -47.22 -72.40
O5 UNL CX . -48.96 -47.34 -72.31
C5 UNL CX . -49.53 -48.63 -72.56
C6 UNL CX . -51.03 -48.51 -72.34
O6 UNL CX . -51.30 -48.28 -70.95
C4 UNL CX . -48.89 -49.70 -71.66
O4 UNL CX . -49.40 -50.96 -72.06
C3 UNL CX . -47.38 -49.69 -71.84
O3 UNL CX . -46.67 -50.65 -71.03
C2 UNL CX . -46.80 -48.31 -71.57
O2 UNL CX . -46.96 -47.96 -70.20
C1 UNL DX . -45.74 -51.32 -71.92
O5 UNL DX . -44.35 -51.00 -71.69
C5 UNL DX . -43.75 -51.59 -70.51
C6 UNL DX . -42.30 -51.12 -70.48
O6 UNL DX . -41.46 -52.03 -71.22
C4 UNL DX . -43.95 -53.11 -70.52
O4 UNL DX . -43.47 -53.67 -69.30
C3 UNL DX . -45.41 -53.49 -70.74
O3 UNL DX . -45.47 -54.91 -70.90
C2 UNL DX . -45.97 -52.82 -71.99
O2 UNL DX . -47.36 -53.11 -72.11
C7 UNL DX . -41.74 -50.97 -69.07
O7 UNL DX . -42.53 -50.07 -68.30
C9 UNL DX . -46.30 -55.58 -69.97
C10 UNL DX . -40.21 -51.50 -71.68
CA CA EX . -70.73 -10.40 -67.20
C1 UNL FX . -55.30 -31.60 -54.32
O5 UNL FX . -55.99 -32.42 -55.24
C5 UNL FX . -55.12 -33.39 -55.81
C6 UNL FX . -56.00 -34.51 -56.30
O6 UNL FX . -55.20 -35.61 -56.75
C4 UNL FX . -54.13 -33.80 -54.72
O4 UNL FX . -53.43 -34.94 -55.22
C3 UNL FX . -54.73 -33.73 -53.29
O3 UNL FX . -55.33 -34.94 -52.78
C2 UNL FX . -55.51 -32.44 -53.09
N2 UNL FX . -54.98 -31.73 -51.97
C7 UNL FX . -55.45 -31.43 -50.74
C8 UNL FX . -56.86 -30.92 -50.63
O7 UNL FX . -54.74 -31.62 -49.75
C1 UNL GX . -54.51 -35.85 -51.92
O5 UNL GX . -54.29 -37.21 -52.34
C5 UNL GX . -55.46 -38.02 -52.35
C6 UNL GX . -56.19 -37.61 -53.61
O6 UNL GX . -55.65 -37.74 -54.66
C4 UNL GX . -56.20 -38.00 -50.99
O4 UNL GX . -57.47 -38.63 -51.03
C3 UNL GX . -56.33 -36.58 -50.43
O3 UNL GX . -57.35 -35.83 -51.10
C2 UNL GX . -55.01 -35.85 -50.48
O2 UNL GX . -54.07 -36.50 -49.62
N1 UNL GX . -57.56 -37.11 -53.62
C1 UNL HX . -57.68 -39.19 -49.71
O5 UNL HX . -57.98 -38.20 -48.68
C5 UNL HX . -57.73 -38.71 -47.38
C6 UNL HX . -56.21 -38.91 -47.24
O6 UNL HX . -55.60 -37.62 -47.38
C4 UNL HX . -58.67 -39.92 -47.16
O4 UNL HX . -60.01 -39.44 -47.06
C3 UNL HX . -58.61 -40.98 -48.27
O3 UNL HX . -57.33 -41.64 -48.17
C2 UNL HX . -58.69 -40.33 -49.66
O2 UNL HX . -58.37 -41.26 -50.71
C1 UNL IX . -57.37 -43.00 -47.67
O5 UNL IX . -57.71 -43.94 -48.69
C5 UNL IX . -56.63 -44.23 -49.61
C6 UNL IX . -57.22 -44.95 -50.82
O6 UNL IX . -58.29 -44.17 -51.38
C4 UNL IX . -55.50 -44.99 -48.88
O4 UNL IX . -54.25 -44.53 -49.38
C3 UNL IX . -55.58 -44.80 -47.37
O3 UNL IX . -56.46 -45.78 -46.82
C2 UNL IX . -56.05 -43.40 -46.95
O2 UNL IX . -55.02 -42.45 -47.21
C7 UNL IX . -57.71 -46.35 -50.48
O7 UNL IX . -58.82 -46.30 -49.59
C9 UNL IX . -55.99 -47.12 -46.85
C10 UNL IX . -58.68 -44.53 -52.70
C1 UNL JX . -67.94 -34.68 -71.86
O5 UNL JX . -69.35 -34.80 -71.91
C5 UNL JX . -69.94 -33.93 -72.91
C6 UNL JX . -71.46 -34.08 -72.89
O6 UNL JX . -72.09 -33.11 -73.72
C4 UNL JX . -69.22 -34.17 -74.23
O4 UNL JX . -70.11 -34.10 -75.35
C3 UNL JX . -68.46 -35.49 -74.13
O3 UNL JX . -69.32 -36.55 -73.72
C2 UNL JX . -67.39 -35.43 -73.06
N2 UNL JX . -66.20 -34.80 -73.64
C7 UNL JX . -65.22 -35.32 -74.38
C8 UNL JX . -64.94 -36.79 -74.22
O7 UNL JX . -64.58 -34.63 -75.16
C1 UNL KX . -69.55 -37.44 -74.85
O5 UNL KX . -70.77 -37.11 -75.53
C5 UNL KX . -71.08 -37.98 -76.62
C6 UNL KX . -72.29 -37.33 -77.29
O6 UNL KX . -72.81 -36.29 -76.89
C4 UNL KX . -71.36 -39.40 -76.07
O4 UNL KX . -72.75 -39.76 -76.18
C3 UNL KX . -70.90 -39.52 -74.62
O3 UNL KX . -71.81 -38.87 -73.74
C2 UNL KX . -69.54 -38.90 -74.44
O2 UNL KX . -68.51 -39.59 -75.15
N1 UNL KX . -72.89 -37.96 -78.49
C1 UNL LX . -72.88 -41.13 -75.74
O5 UNL LX . -72.41 -42.04 -76.73
C5 UNL LX . -72.97 -43.34 -76.64
C6 UNL LX . -72.18 -44.27 -77.55
O6 UNL LX . -70.98 -44.66 -76.86
C4 UNL LX . -74.44 -43.30 -77.02
O4 UNL LX . -75.14 -44.40 -76.44
C3 UNL LX . -75.10 -42.01 -76.55
O3 UNL LX . -75.04 -41.02 -77.60
C2 UNL LX . -74.33 -41.47 -75.34
O2 UNL LX . -75.01 -40.34 -74.78
C1 UNL MX . -76.17 -41.23 -78.47
O5 UNL MX . -75.76 -41.86 -79.69
C5 UNL MX . -76.86 -42.27 -80.51
C6 UNL MX . -76.25 -43.11 -81.62
O6 UNL MX . -77.26 -43.60 -82.53
C4 UNL MX . -77.63 -41.03 -80.95
O4 UNL MX . -78.79 -41.43 -81.68
C3 UNL MX . -78.04 -40.18 -79.74
O3 UNL MX . -78.49 -38.92 -80.25
C2 UNL MX . -76.89 -39.94 -78.76
O2 UNL MX . -77.42 -39.41 -77.55
C7 UNL MX . -75.49 -44.31 -81.08
O7 UNL MX . -74.14 -43.94 -80.80
C9 UNL MX . -79.85 -38.61 -79.95
C10 UNL MX . -76.79 -43.81 -83.86
C1 UNL NX . -70.59 -26.12 -57.53
O5 UNL NX . -69.88 -26.83 -56.53
C5 UNL NX . -69.53 -25.82 -55.60
C6 UNL NX . -68.47 -26.36 -54.62
O6 UNL NX . -68.91 -27.22 -53.53
C4 UNL NX . -70.89 -25.45 -55.06
O4 UNL NX . -70.84 -25.91 -53.71
C3 UNL NX . -72.17 -25.91 -55.81
O3 UNL NX . -72.81 -27.02 -55.18
C2 UNL NX . -72.07 -26.11 -57.30
N2 UNL NX . -72.80 -25.16 -58.08
C7 UNL NX . -73.81 -25.44 -58.94
C8 UNL NX . -75.04 -26.10 -58.39
O7 UNL NX . -73.71 -25.17 -60.12
C1 UNL OX . -73.29 -25.98 -54.23
O5 UNL OX . -74.64 -25.80 -54.63
C5 UNL OX . -75.56 -26.69 -54.02
C6 UNL OX . -76.77 -26.22 -54.73
O6 UNL OX . -76.95 -25.04 -55.07
C4 UNL OX . -75.61 -26.37 -52.52
O4 UNL OX . -76.96 -26.07 -52.08
C3 UNL OX . -74.66 -25.22 -52.21
O3 UNL OX . -75.05 -23.96 -52.80
C2 UNL OX . -73.24 -25.59 -52.67
O2 UNL OX . -72.60 -26.47 -51.72
N1 UNL OX . -77.82 -27.23 -55.06
C1 UNL PX . -77.27 -26.52 -50.71
O5 UNL PX . -76.10 -26.77 -49.88
C5 UNL PX . -76.29 -27.60 -48.75
C6 UNL PX . -76.35 -29.01 -49.36
O6 UNL PX . -75.32 -29.18 -50.35
C4 UNL PX . -77.48 -27.01 -47.94
O4 UNL PX . -76.94 -25.95 -47.13
C3 UNL PX . -78.70 -26.38 -48.71
O3 UNL PX . -79.72 -27.33 -49.12
C2 UNL PX . -78.29 -25.62 -49.97
O2 UNL PX . -79.42 -25.36 -50.81
C1 UNL QX . -80.88 -27.33 -48.25
O5 UNL QX . -82.02 -26.71 -48.88
C5 UNL QX . -82.76 -27.59 -49.75
C6 UNL QX . -83.67 -26.73 -50.62
O6 UNL QX . -82.93 -25.86 -51.49
C4 UNL QX . -83.46 -28.69 -48.94
O4 UNL QX . -83.52 -29.89 -49.70
C3 UNL QX . -82.75 -28.95 -47.60
O3 UNL QX . -83.31 -28.08 -46.62
C2 UNL QX . -81.23 -28.72 -47.67
O2 UNL QX . -80.63 -29.77 -48.44
C7 UNL QX . -84.64 -25.88 -49.81
O7 UNL QX . -83.98 -24.81 -49.16
C9 UNL QX . -84.66 -28.37 -46.27
C10 UNL QX . -82.23 -26.49 -52.55
C1 UNL RX . -79.02 -31.24 -62.61
O5 UNL RX . -79.63 -31.65 -63.83
C5 UNL RX . -80.90 -30.99 -64.03
C6 UNL RX . -80.60 -29.53 -64.15
O6 UNL RX . -81.01 -29.28 -65.41
C4 UNL RX . -81.95 -31.32 -62.98
O4 UNL RX . -83.11 -30.49 -63.12
C3 UNL RX . -81.38 -31.31 -61.57
O3 UNL RX . -82.39 -30.84 -60.65
C2 UNL RX . -80.00 -30.66 -61.59
N2 UNL RX . -79.36 -30.80 -60.31
C7 UNL RX . -79.78 -29.79 -59.57
C8 UNL RX . -79.59 -29.89 -58.10
O7 UNL RX . -80.53 -28.95 -60.08
C1 UNL SX . -82.71 -31.76 -59.57
O5 UNL SX . -83.24 -33.03 -59.89
C5 UNL SX . -83.01 -33.91 -58.77
C6 UNL SX . -83.24 -35.34 -59.22
O6 UNL SX . -82.75 -36.28 -58.63
C4 UNL SX . -83.90 -33.49 -57.59
O4 UNL SX . -85.25 -33.95 -57.78
C3 UNL SX . -83.71 -32.00 -57.26
O3 UNL SX . -84.74 -31.52 -56.39
C2 UNL SX . -83.61 -31.11 -58.51
O2 UNL SX . -83.15 -29.80 -58.18
N1 UNL SX . -84.09 -35.61 -60.41
C1 UNL TX . -86.27 -33.23 -58.50
O5 UNL TX . -86.37 -33.53 -59.91
C5 UNL TX . -87.16 -32.57 -60.63
C6 UNL TX . -86.28 -31.45 -61.17
O6 UNL TX . -85.33 -32.03 -62.08
C4 UNL TX . -88.28 -32.02 -59.74
O4 UNL TX . -89.36 -31.59 -60.57
C3 UNL TX . -88.75 -33.08 -58.75
O3 UNL TX . -89.89 -32.65 -57.99
C2 UNL TX . -87.60 -33.48 -57.81
O2 UNL TX . -87.62 -32.72 -56.60
C1 UNL UX . -91.01 -33.57 -58.20
O5 UNL UX . -90.93 -34.80 -57.46
C5 UNL UX . -91.03 -34.63 -56.03
C6 UNL UX . -90.89 -36.03 -55.43
O6 UNL UX . -92.18 -36.62 -55.18
C4 UNL UX . -92.33 -33.88 -55.66
O4 UNL UX . -91.99 -32.71 -54.93
C3 UNL UX . -93.18 -33.53 -56.88
O3 UNL UX . -93.82 -34.72 -57.35
C2 UNL UX . -92.38 -32.89 -58.03
O2 UNL UX . -92.24 -31.49 -57.76
C7 UNL UX . -90.08 -36.02 -54.15
O7 UNL UX . -90.85 -35.59 -53.03
C9 UNL UX . -95.16 -34.90 -56.88
C10 UNL UX . -92.35 -37.90 -55.77
C1 UNL VX . -74.27 -39.67 -62.71
O5 UNL VX . -73.44 -40.57 -62.00
C5 UNL VX . -74.07 -40.90 -60.76
C6 UNL VX . -73.26 -42.02 -60.15
O6 UNL VX . -72.49 -42.73 -61.12
C4 UNL VX . -75.53 -41.27 -61.05
O4 UNL VX . -75.96 -42.35 -60.22
C3 UNL VX . -75.72 -41.66 -62.52
O3 UNL VX . -74.89 -42.74 -62.91
C2 UNL VX . -75.25 -40.57 -63.45
N2 UNL VX . -76.38 -39.90 -64.06
C7 UNL VX . -76.34 -39.67 -65.36
C8 UNL VX . -77.64 -39.29 -66.01
O7 UNL VX . -75.30 -39.76 -66.00
C1 UNL WX . -75.69 -43.94 -63.07
O5 UNL WX . -75.62 -44.79 -61.93
C5 UNL WX . -76.60 -45.82 -61.96
C6 UNL WX . -76.49 -46.56 -60.62
O6 UNL WX . -75.44 -47.04 -60.24
C4 UNL WX . -76.40 -46.74 -63.18
O4 UNL WX . -76.13 -48.07 -62.75
C3 UNL WX . -75.24 -46.23 -64.04
O3 UNL WX . -73.99 -46.50 -63.40
C2 UNL WX . -75.40 -44.74 -64.34
O2 UNL WX . -76.41 -44.51 -65.31
N1 UNL WX . -77.69 -46.69 -59.77
C1 UNL XX . -77.20 -48.92 -63.18
O5 UNL XX . -78.26 -48.97 -62.21
C5 UNL XX . -79.41 -49.72 -62.66
C6 UNL XX . -80.44 -49.74 -61.53
O6 UNL XX . -80.83 -48.39 -61.21
C4 UNL XX . -79.05 -51.14 -63.13
O4 UNL XX . -80.15 -51.73 -63.86
C3 UNL XX . -77.82 -51.12 -64.03
O3 UNL XX . -77.38 -52.45 -64.32
C2 UNL XX . -76.66 -50.31 -63.47
O2 UNL XX . -76.11 -50.90 -62.30
C1 UNL YX . -77.28 -52.53 -65.74
O5 UNL YX . -78.57 -52.67 -66.34
C5 UNL YX . -78.55 -52.60 -67.78
C6 UNL YX . -80.00 -52.59 -68.24
O6 UNL YX . -80.72 -51.47 -67.67
C4 UNL YX . -77.67 -53.73 -68.33
O4 UNL YX . -77.59 -53.60 -69.75
C3 UNL YX . -76.28 -53.70 -67.71
O3 UNL YX . -75.59 -54.89 -68.09
C2 UNL YX . -76.32 -53.61 -66.18
O2 UNL YX . -75.01 -53.31 -65.71
C7 UNL YX . -80.76 -53.86 -67.88
O7 UNL YX . -80.94 -53.96 -66.47
C9 UNL YX . -74.40 -54.69 -68.84
C10 UNL YX . -80.28 -50.19 -68.09
C1 UNL ZX . -58.42 -36.06 -62.85
O5 UNL ZX . -58.96 -36.90 -63.86
C5 UNL ZX . -58.03 -37.04 -64.92
C6 UNL ZX . -58.62 -37.94 -66.00
O6 UNL ZX . -57.88 -37.88 -67.22
C4 UNL ZX . -56.75 -37.53 -64.29
O4 UNL ZX . -56.16 -38.47 -65.18
C3 UNL ZX . -56.99 -38.06 -62.88
O3 UNL ZX . -58.05 -38.98 -62.88
C2 UNL ZX . -57.52 -36.95 -62.01
N2 UNL ZX . -56.40 -36.25 -61.45
C7 UNL ZX . -55.85 -36.61 -60.30
C8 UNL ZX . -56.70 -37.31 -59.29
O7 UNL ZX . -54.66 -36.40 -60.06
C1 UNL AY . -57.52 -40.27 -62.99
O5 UNL AY . -57.81 -40.69 -64.32
C5 UNL AY . -57.13 -41.90 -64.69
C6 UNL AY . -57.97 -42.44 -65.82
O6 UNL AY . -59.06 -41.96 -66.16
C4 UNL AY . -57.09 -42.80 -63.47
O4 UNL AY . -56.98 -44.15 -63.89
C3 UNL AY . -58.34 -42.54 -62.60
O3 UNL AY . -59.55 -42.63 -63.34
C2 UNL AY . -58.25 -41.15 -62.02
O2 UNL AY . -57.62 -41.13 -60.73
N1 UNL AY . -57.37 -43.56 -66.60
C1 UNL BY . -55.90 -44.86 -63.29
O5 UNL BY . -55.69 -44.60 -61.91
C5 UNL BY . -56.69 -45.07 -61.02
C6 UNL BY . -56.10 -44.78 -59.64
O6 UNL BY . -55.95 -43.35 -59.50
C4 UNL BY . -57.14 -46.52 -61.20
O4 UNL BY . -58.40 -46.74 -60.56
C3 UNL BY . -57.29 -46.90 -62.67
O3 UNL BY . -57.44 -48.32 -62.71
C2 UNL BY . -56.11 -46.37 -63.51
O2 UNL BY . -54.88 -47.05 -63.22
C1 UNL CY . -57.55 -48.92 -64.01
O5 UNL CY . -58.84 -48.78 -64.62
C5 UNL CY . -58.92 -49.31 -65.96
C6 UNL CY . -60.28 -48.94 -66.50
O6 UNL CY . -61.29 -49.87 -66.04
C4 UNL CY . -58.58 -50.81 -65.96
O4 UNL CY . -58.57 -51.33 -67.28
C3 UNL CY . -57.21 -51.04 -65.30
O3 UNL CY . -57.02 -52.45 -65.19
C2 UNL CY . -57.14 -50.39 -63.93
O2 UNL CY . -55.81 -50.50 -63.45
C7 UNL CY . -60.34 -48.87 -68.03
O7 UNL CY . -59.19 -48.22 -68.57
C9 UNL CY . -55.85 -52.96 -65.83
C10 UNL CY . -62.64 -49.40 -66.09
CA CA DY . -65.76 8.91 -49.34
C1 UNL EY . -73.20 -12.83 -52.15
O5 UNL EY . -73.57 -13.54 -51.00
C5 UNL EY . -74.76 -14.32 -51.18
C6 UNL EY . -74.35 -15.59 -51.84
O6 UNL EY . -73.12 -16.05 -51.22
C4 UNL EY . -75.96 -13.56 -51.74
O4 UNL EY . -76.64 -14.04 -52.90
C3 UNL EY . -75.63 -12.11 -52.03
O3 UNL EY . -76.70 -11.75 -52.90
C2 UNL EY . -74.28 -11.89 -52.67
N2 UNL EY . -73.91 -10.53 -52.46
C7 UNL EY . -73.49 -9.93 -53.56
C8 UNL EY . -73.12 -8.48 -53.44
O7 UNL EY . -73.37 -10.59 -54.59
C1 UNL FY . -76.75 -10.38 -53.20
O5 UNL FY . -77.07 -9.62 -52.04
C5 UNL FY . -78.25 -8.86 -52.13
C6 UNL FY . -78.56 -8.49 -50.69
O6 UNL FY . -77.75 -8.70 -49.80
C4 UNL FY . -79.32 -9.74 -52.78
O4 UNL FY . -79.42 -11.02 -52.13
C3 UNL FY . -79.00 -9.89 -54.27
O3 UNL FY . -79.59 -11.04 -54.86
C2 UNL FY . -77.51 -9.95 -54.47
O2 UNL FY . -77.04 -8.69 -54.92
N1 UNL FY . -79.88 -7.88 -50.31
C1 UNL GY . -80.73 -11.63 -52.43
O5 UNL GY . -80.79 -12.88 -51.83
C5 UNL GY . -81.28 -12.79 -50.49
C6 UNL GY . -81.06 -14.23 -50.20
O6 UNL GY . -82.05 -15.18 -50.68
C4 UNL GY . -82.75 -12.23 -50.27
O4 UNL GY . -83.33 -11.96 -48.95
C3 UNL GY . -82.86 -10.82 -50.87
O3 UNL GY . -84.24 -10.26 -50.73
C2 UNL GY . -82.14 -10.99 -52.24
O2 UNL GY . -82.77 -12.02 -53.04
C1 UNL HY . -84.25 -8.84 -50.48
O5 UNL HY . -84.75 -8.02 -51.53
C5 UNL HY . -86.18 -8.06 -51.78
C6 UNL HY . -86.35 -7.12 -52.96
O6 UNL HY . -85.53 -5.94 -52.97
C4 UNL HY . -86.99 -7.70 -50.50
O4 UNL HY . -88.37 -7.95 -50.69
C3 UNL HY . -86.50 -8.52 -49.32
O3 UNL HY . -87.17 -8.03 -48.16
C2 UNL HY . -84.96 -8.49 -49.17
O2 UNL HY . -84.61 -9.47 -48.22
C7 UNL HY . -87.79 -6.81 -53.35
O7 UNL HY . -87.80 -6.09 -54.58
C9 UNL HY . -87.84 -9.03 -47.39
C10 UNL HY . -85.79 -4.92 -51.99
C1 UNL IY . -67.79 -17.79 -37.12
O5 UNL IY . -67.91 -19.19 -37.41
C5 UNL IY . -69.22 -19.77 -37.27
C6 UNL IY . -70.25 -19.00 -38.10
O6 UNL IY . -69.88 -18.82 -39.46
C4 UNL IY . -69.58 -19.79 -35.79
O4 UNL IY . -70.99 -19.61 -35.53
C3 UNL IY . -68.78 -18.73 -35.07
O3 UNL IY . -69.26 -18.62 -33.73
C2 UNL IY . -68.63 -17.46 -35.90
N2 UNL IY . -67.85 -16.50 -35.17
C7 UNL IY . -68.33 -15.29 -34.90
C8 UNL IY . -68.03 -14.74 -33.54
O7 UNL IY . -68.96 -14.64 -35.73
C1 UNL JY . -69.95 -17.44 -33.25
O5 UNL JY . -69.87 -17.29 -31.83
C5 UNL JY . -70.71 -18.15 -31.06
C6 UNL JY . -69.86 -19.31 -30.51
O6 UNL JY . -69.29 -20.12 -31.22
C4 UNL JY . -71.96 -18.61 -31.82
O4 UNL JY . -71.69 -19.79 -32.60
C3 UNL JY . -72.42 -17.48 -32.73
O3 UNL JY . -73.65 -17.80 -33.37
C2 UNL JY . -71.39 -17.24 -33.78
O2 UNL JY . -71.55 -15.92 -34.31
N1 UNL JY . -69.75 -19.47 -29.04
C1 UNL KY . -72.83 -20.69 -32.68
O5 UNL KY . -72.50 -21.86 -33.42
C5 UNL KY . -71.42 -22.60 -32.82
C6 UNL KY . -71.07 -23.76 -33.74
O6 UNL KY . -72.17 -24.69 -33.75
C4 UNL KY . -71.82 -23.05 -31.42
O4 UNL KY . -70.70 -23.71 -30.81
C3 UNL KY . -72.23 -21.85 -30.59
O3 UNL KY . -72.67 -22.26 -29.29
C2 UNL KY . -73.33 -21.07 -31.28
O2 UNL KY . -74.49 -21.88 -31.39
C1 UNL LY . -72.74 -21.08 -28.47
O5 UNL LY . -74.10 -20.63 -28.32
C5 UNL LY . -74.96 -21.61 -27.72
C6 UNL LY . -76.35 -21.01 -27.82
O6 UNL LY . -76.54 -19.87 -26.94
C4 UNL LY . -74.45 -21.94 -26.30
O4 UNL LY . -75.22 -22.98 -25.72
C3 UNL LY . -72.97 -22.31 -26.30
O3 UNL LY . -72.52 -22.28 -24.95
C2 UNL LY . -72.12 -21.32 -27.10
O2 UNL LY . -70.80 -21.82 -27.26
C7 UNL LY . -77.48 -22.03 -27.75
O7 UNL LY . -78.70 -21.47 -28.24
C9 UNL LY . -72.30 -23.56 -24.34
C10 UNL LY . -77.10 -20.13 -25.66
C1 UNL MY . -68.57 -6.31 -24.70
O5 UNL MY . -69.99 -6.16 -24.70
C5 UNL MY . -70.49 -5.58 -23.47
C6 UNL MY . -70.07 -4.13 -23.49
O6 UNL MY . -70.81 -3.39 -24.47
C4 UNL MY . -69.94 -6.34 -22.27
O4 UNL MY . -69.07 -5.56 -21.46
C3 UNL MY . -69.23 -7.61 -22.73
O3 UNL MY . -68.73 -8.35 -21.63
C2 UNL MY . -68.06 -7.25 -23.63
N2 UNL MY . -67.47 -8.44 -24.21
C7 UNL MY . -66.23 -8.84 -23.96
C8 UNL MY . -65.75 -10.02 -24.75
O7 UNL MY . -65.52 -8.27 -23.13
C1 UNL NY . -69.50 -9.58 -21.50
O5 UNL NY . -70.89 -9.33 -21.28
C5 UNL NY . -71.41 -9.66 -19.98
C6 UNL NY . -72.77 -8.98 -19.85
O6 UNL NY . -73.21 -8.16 -20.62
C4 UNL NY . -70.42 -9.22 -18.91
O4 UNL NY . -70.16 -7.82 -19.06
C3 UNL NY . -69.13 -10.04 -19.01
O3 UNL NY . -68.02 -9.34 -18.44
C2 UNL NY . -68.83 -10.45 -20.43
O2 UNL NY . -69.12 -11.82 -20.66
N1 UNL NY . -73.64 -9.34 -18.72
C1 UNL OY . -70.31 -6.93 -17.89
O5 UNL OY . -71.19 -5.79 -18.08
C5 UNL OY . -72.57 -5.96 -17.74
C6 UNL OY . -73.25 -4.62 -17.95
O6 UNL OY . -72.77 -3.68 -16.99
C4 UNL OY . -72.73 -6.48 -16.30
O4 UNL OY . -74.10 -6.75 -16.10
C3 UNL OY . -71.92 -7.77 -16.12
O3 UNL OY . -71.99 -8.34 -14.81
C2 UNL OY . -70.46 -7.55 -16.49
O2 UNL OY . -69.85 -6.67 -15.57
C1 UNL PY . -72.26 -9.75 -14.99
O5 UNL PY . -71.17 -10.63 -14.66
C5 UNL PY . -70.89 -10.81 -13.25
C6 UNL PY . -69.74 -11.80 -13.17
O6 UNL PY . -70.23 -13.16 -13.13
C4 UNL PY . -72.17 -11.25 -12.51
O4 UNL PY . -71.94 -11.29 -11.11
C3 UNL PY . -73.35 -10.32 -12.81
O3 UNL PY . -74.52 -10.91 -12.24
C2 UNL PY . -73.56 -10.19 -14.32
O2 UNL PY . -74.61 -9.25 -14.58
C7 UNL PY . -68.85 -11.56 -11.95
O7 UNL PY . -68.33 -10.22 -11.94
C9 UNL PY . -75.19 -10.07 -11.30
C10 UNL PY . -69.28 -14.16 -13.51
CA CA QY . -49.56 26.61 -37.08
C1 UNL RY . -54.52 11.93 -12.35
O5 UNL RY . -55.85 11.91 -12.85
C5 UNL RY . -56.44 10.62 -12.64
C6 UNL RY . -57.93 10.83 -12.67
O6 UNL RY . -58.60 9.62 -12.30
C4 UNL RY . -55.90 10.09 -11.32
O4 UNL RY . -56.68 8.93 -10.99
C3 UNL RY . -55.59 11.20 -10.28
O3 UNL RY . -56.65 11.55 -9.36
C2 UNL RY . -54.84 12.37 -10.93
N2 UNL RY . -53.61 12.59 -10.25
C7 UNL RY . -53.16 13.60 -9.48
C8 UNL RY . -53.36 15.01 -9.94
O7 UNL RY . -52.62 13.35 -8.40
C1 UNL SY . -56.69 10.91 -8.00
O5 UNL SY . -57.83 10.14 -7.62
C5 UNL SY . -59.03 10.89 -7.47
C6 UNL SY . -59.50 11.12 -8.88
O6 UNL SY . -59.75 10.19 -9.58
C4 UNL SY . -58.85 12.07 -6.51
O4 UNL SY . -59.97 12.96 -6.48
C3 UNL SY . -57.56 12.86 -6.78
O3 UNL SY . -57.68 13.69 -7.94
C2 UNL SY . -56.38 11.92 -6.92
O2 UNL SY . -56.15 11.27 -5.67
N1 UNL SY . -59.74 12.46 -9.44
C1 UNL TY . -60.02 13.50 -5.14
O5 UNL TY . -58.99 14.48 -4.85
C5 UNL TY . -58.80 14.65 -3.45
C6 UNL TY . -58.21 13.32 -2.91
O6 UNL TY . -56.94 13.15 -3.55
C4 UNL TY . -60.12 15.16 -2.85
O4 UNL TY . -60.31 16.51 -3.30
C3 UNL TY . -61.36 14.34 -3.24
O3 UNL TY . -61.27 13.08 -2.54
C2 UNL TY . -61.39 14.05 -4.74
O2 UNL TY . -62.39 13.07 -5.08
C1 UNL UY . -62.19 12.90 -1.44
O5 UNL UY . -63.50 12.49 -1.90
C5 UNL UY . -63.58 11.09 -2.28
C6 UNL UY . -64.89 10.91 -3.06
O6 UNL UY . -64.95 11.85 -4.15
C4 UNL UY . -63.41 10.18 -1.05
O4 UNL UY . -62.65 9.05 -1.44
C3 UNL UY . -62.71 10.92 0.10
O3 UNL UY . -63.71 11.61 0.86
C2 UNL UY . -61.64 11.93 -0.37
O2 UNL UY . -60.50 11.21 -0.85
C7 UNL UY . -66.11 11.05 -2.17
O7 UNL UY . -66.24 12.37 -1.67
C9 UNL UY . -64.59 10.78 1.61
C10 UNL UY . -65.91 11.55 -5.16
C1 UNL VY . -69.35 14.55 -28.05
O5 UNL VY . -70.15 15.70 -28.32
C5 UNL VY . -70.10 16.11 -29.69
C6 UNL VY . -70.95 17.37 -29.89
O6 UNL VY . -70.80 17.91 -31.20
C4 UNL VY . -70.43 14.89 -30.56
O4 UNL VY . -71.22 15.24 -31.70
C3 UNL VY . -71.09 13.84 -29.67
O3 UNL VY . -72.19 14.36 -28.96
C2 UNL VY . -70.13 13.35 -28.61
N2 UNL VY . -69.26 12.34 -29.17
C7 UNL VY . -69.47 11.02 -29.35
C8 UNL VY . -70.44 10.35 -28.44
O7 UNL VY . -68.89 10.41 -30.24
C1 UNL WY . -73.42 13.82 -29.51
O5 UNL WY . -73.99 14.71 -30.48
C5 UNL WY . -75.24 14.27 -31.02
C6 UNL WY . -75.54 15.26 -32.14
O6 UNL WY . -74.83 16.22 -32.41
C4 UNL WY . -76.30 14.24 -29.91
O4 UNL WY . -77.29 15.26 -30.06
C3 UNL WY . -75.64 14.35 -28.53
O3 UNL WY . -75.24 15.70 -28.26
C2 UNL WY . -74.42 13.47 -28.43
O2 UNL WY . -74.74 12.08 -28.50
N1 UNL WY . -76.78 15.08 -32.94
C1 UNL XY . -78.30 15.08 -29.04
O5 UNL XY . -79.14 13.96 -29.35
C5 UNL XY . -80.43 14.04 -28.72
C6 UNL XY . -81.12 12.69 -28.88
O6 UNL XY . -80.59 11.79 -27.88
C4 UNL XY . -81.24 15.17 -29.34
O4 UNL XY . -82.23 15.61 -28.42
C3 UNL XY . -80.35 16.35 -29.70
O3 UNL XY . -79.92 16.26 -31.07
C2 UNL XY . -79.12 16.34 -28.79
O2 UNL XY . -78.35 17.53 -29.01
C1 UNL YY . -80.94 16.79 -31.91
O5 UNL YY . -81.67 15.76 -32.56
C5 UNL YY . -82.81 16.22 -33.29
C6 UNL YY . -83.56 14.97 -33.73
O6 UNL YY . -84.73 15.28 -34.50
C4 UNL YY . -82.32 17.13 -34.43
O4 UNL YY . -83.46 17.69 -35.09
C3 UNL YY . -81.44 18.26 -33.88
O3 UNL YY . -80.80 18.88 -35.00
C2 UNL YY . -80.35 17.75 -32.92
O2 UNL YY . -79.78 18.87 -32.25
C7 UNL YY . -83.97 14.13 -32.53
O7 UNL YY . -82.94 13.22 -32.19
C9 UNL YY . -81.11 20.27 -35.16
C10 UNL YY . -85.10 14.29 -35.44
C1 UNL ZY . -58.48 25.58 -21.06
O5 UNL ZY . -58.38 25.13 -19.72
C5 UNL ZY . -57.08 25.55 -19.33
C6 UNL ZY . -56.66 24.87 -18.02
O6 UNL ZY . -57.21 25.36 -16.77
C4 UNL ZY . -57.26 27.06 -19.32
O4 UNL ZY . -57.15 27.39 -17.94
C3 UNL ZY . -58.51 27.68 -19.99
O3 UNL ZY . -59.51 28.09 -19.06
C2 UNL ZY . -59.13 26.93 -21.15
N2 UNL ZY . -59.00 27.57 -22.43
C7 UNL ZY . -60.00 27.99 -23.22
C8 UNL ZY . -60.95 29.02 -22.68
O7 UNL ZY . -60.15 27.52 -24.35
C1 UNL AZ . -58.58 29.23 -18.86
O5 UNL AZ . -59.23 30.29 -19.56
C5 UNL AZ . -60.19 31.00 -18.79
C6 UNL AZ . -60.64 31.92 -19.87
O6 UNL AZ . -59.89 32.33 -20.76
C4 UNL AZ . -59.46 31.76 -17.68
O4 UNL AZ . -59.70 33.18 -17.71
C3 UNL AZ . -57.95 31.48 -17.77
O3 UNL AZ . -57.32 31.99 -18.96
C2 UNL AZ . -57.71 29.95 -17.69
O2 UNL AZ . -57.79 29.48 -16.34
N1 UNL AZ . -62.05 32.35 -19.88
C1 UNL BZ . -59.75 33.84 -16.39
O5 UNL BZ . -59.10 33.08 -15.32
C5 UNL BZ . -59.49 33.40 -14.00
C6 UNL BZ . -60.87 32.74 -13.86
O6 UNL BZ . -60.83 31.39 -14.41
C4 UNL BZ . -59.31 34.94 -13.84
O4 UNL BZ . -57.91 35.16 -13.54
C3 UNL BZ . -59.63 35.89 -15.05
O3 UNL BZ . -61.02 36.28 -15.16
C2 UNL BZ . -59.25 35.30 -16.41
O2 UNL BZ . -59.86 36.02 -17.50
C1 UNL CZ . -61.26 37.64 -14.65
O5 UNL CZ . -61.52 38.58 -15.72
C5 UNL CZ . -62.88 38.57 -16.20
C6 UNL CZ . -62.91 39.29 -17.53
O6 UNL CZ . -62.15 38.60 -18.54
C4 UNL CZ . -63.82 39.13 -15.12
O4 UNL CZ . -65.09 38.49 -15.22
C3 UNL CZ . -63.24 38.95 -13.71
O3 UNL CZ . -62.46 40.11 -13.40
C2 UNL CZ . -62.37 37.71 -13.56
O2 UNL CZ . -63.21 36.55 -13.60
C7 UNL CZ . -62.40 40.73 -17.45
O7 UNL CZ . -60.99 40.76 -17.28
C9 UNL CZ . -63.21 41.31 -13.24
C10 UNL CZ . -62.71 37.37 -19.00
C1 UNL DZ . -68.44 29.01 -24.54
O5 UNL DZ . -69.50 28.89 -25.47
C5 UNL DZ . -69.67 30.11 -26.23
C6 UNL DZ . -68.41 30.30 -27.01
O6 UNL DZ . -68.87 30.22 -28.28
C4 UNL DZ . -70.05 31.33 -25.38
O4 UNL DZ . -70.00 32.53 -26.16
C3 UNL DZ . -69.24 31.42 -24.10
O3 UNL DZ . -69.02 32.80 -23.76
C2 UNL DZ . -68.06 30.44 -24.17
N2 UNL DZ . -67.39 30.36 -22.91
C7 UNL DZ . -66.52 31.36 -22.90
C8 UNL DZ . -65.96 31.75 -21.57
O7 UNL DZ . -66.41 32.07 -23.89
C1 UNL EZ . -69.50 33.21 -22.44
O5 UNL EZ . -70.88 33.09 -22.16
C5 UNL EZ . -71.05 33.06 -20.74
C6 UNL EZ . -72.47 32.59 -20.43
O6 UNL EZ . -72.75 32.09 -19.36
C4 UNL EZ . -70.72 34.42 -20.13
O4 UNL EZ . -71.80 35.34 -20.32
C3 UNL EZ . -69.33 34.90 -20.59
O3 UNL EZ . -69.12 36.28 -20.31
C2 UNL EZ . -69.04 34.61 -22.07
O2 UNL EZ . -67.65 34.78 -22.37
N1 UNL EZ . -73.53 32.73 -21.45
C1 UNL FZ . -72.00 36.17 -21.49
O5 UNL FZ . -72.81 35.58 -22.54
C5 UNL FZ . -72.71 36.29 -23.79
C6 UNL FZ . -71.60 35.69 -24.64
O6 UNL FZ . -71.93 34.33 -24.93
C4 UNL FZ . -72.48 37.78 -23.54
O4 UNL FZ . -72.97 38.52 -24.66
C3 UNL FZ . -73.18 38.23 -22.27
O3 UNL FZ . -73.11 39.65 -22.07
C2 UNL FZ . -72.59 37.50 -21.04
O2 UNL FZ . -71.55 38.25 -20.42
C1 UNL GZ . -74.46 40.21 -22.00
O5 UNL GZ . -75.12 40.04 -20.73
C5 UNL GZ . -74.51 40.76 -19.64
C6 UNL GZ . -75.32 40.42 -18.40
O6 UNL GZ . -76.32 41.41 -18.13
C4 UNL GZ . -74.40 42.26 -19.96
O4 UNL GZ . -73.03 42.65 -19.88
C3 UNL GZ . -74.99 42.61 -21.33
O3 UNL GZ . -76.42 42.58 -21.24
C2 UNL GZ . -74.51 41.68 -22.46
O2 UNL GZ . -73.25 42.13 -22.92
C7 UNL GZ . -74.46 40.24 -17.16
O7 UNL GZ . -74.07 41.48 -16.61
C9 UNL GZ . -77.03 43.84 -21.02
C10 UNL GZ . -77.65 40.90 -18.01
C1 UNL HZ . -73.09 22.06 -19.33
O5 UNL HZ . -73.16 21.41 -18.09
C5 UNL HZ . -73.25 22.39 -17.05
C6 UNL HZ . -73.53 21.65 -15.77
O6 UNL HZ . -74.12 20.37 -16.01
C4 UNL HZ . -74.32 23.40 -17.45
O4 UNL HZ . -75.08 23.82 -16.32
C3 UNL HZ . -75.28 22.83 -18.49
O3 UNL HZ . -75.91 21.63 -18.05
C2 UNL HZ . -74.54 22.32 -19.72
N2 UNL HZ . -74.75 23.21 -20.82
C7 UNL HZ . -75.06 22.68 -22.01
C8 UNL HZ . -75.57 23.63 -23.05
O7 UNL HZ . -74.88 21.48 -22.23
C1 UNL IZ . -77.30 21.90 -17.75
O5 UNL IZ . -77.53 22.08 -16.36
C5 UNL IZ . -78.82 22.62 -16.07
C6 UNL IZ . -78.86 22.89 -14.57
O6 UNL IZ . -78.61 22.02 -13.76
C4 UNL IZ . -79.91 21.65 -16.55
O4 UNL IZ . -80.71 21.21 -15.44
C3 UNL IZ . -79.30 20.44 -17.25
O3 UNL IZ . -78.70 19.56 -16.28
C2 UNL IZ . -78.28 20.87 -18.31
O2 UNL IZ . -78.93 21.40 -19.46
N1 UNL IZ . -79.20 24.24 -14.08
C1 UNL JZ . -82.04 21.70 -15.60
O5 UNL JZ . -82.22 23.00 -15.02
C5 UNL JZ . -83.52 23.56 -15.26
C6 UNL JZ . -83.59 24.91 -14.56
O6 UNL JZ . -82.59 25.78 -15.09
C4 UNL JZ . -84.66 22.63 -14.81
O4 UNL JZ . -85.92 23.07 -15.36
C3 UNL JZ . -84.41 21.19 -15.27
O3 UNL JZ . -85.36 20.30 -14.70
C2 UNL JZ . -83.00 20.69 -14.98
O2 UNL JZ . -82.77 20.56 -13.57
C1 UNL KZ . -85.92 19.57 -15.80
O5 UNL KZ . -86.88 20.36 -16.51
C5 UNL KZ . -87.36 19.74 -17.71
C6 UNL KZ . -88.20 20.78 -18.44
O6 UNL KZ . -87.44 21.97 -18.74
C4 UNL KZ . -88.07 18.43 -17.36
O4 UNL KZ . -88.46 17.77 -18.56
C3 UNL KZ . -87.13 17.52 -16.54
O3 UNL KZ . -87.90 16.42 -16.06
C2 UNL KZ . -86.50 18.25 -15.36
O2 UNL KZ . -85.46 17.43 -14.82
C7 UNL KZ . -89.44 21.21 -17.65
O7 UNL KZ . -89.08 21.94 -16.49
C9 UNL KZ . -87.47 15.14 -16.49
C10 UNL KZ . -86.37 21.79 -19.65
C1 UNL LZ . -62.72 9.74 -17.87
O5 UNL LZ . -64.01 9.53 -18.40
C5 UNL LZ . -64.08 8.25 -19.03
C6 UNL LZ . -65.48 8.04 -19.60
O6 UNL LZ . -65.53 6.92 -20.49
C4 UNL LZ . -63.63 7.26 -17.97
O4 UNL LZ . -64.45 6.10 -18.12
C3 UNL LZ . -63.66 7.88 -16.59
O3 UNL LZ . -64.90 8.51 -16.34
C2 UNL LZ . -62.69 9.04 -16.52
N2 UNL LZ . -61.40 8.53 -16.18
C7 UNL LZ . -61.01 8.41 -14.91
C8 UNL LZ . -61.60 9.34 -13.90
O7 UNL LZ . -60.21 7.56 -14.57
C1 UNL MZ . -65.72 7.60 -15.66
O5 UNL MZ . -66.69 7.18 -16.63
C5 UNL MZ . -67.48 6.07 -16.19
C6 UNL MZ . -68.73 6.16 -17.03
O6 UNL MZ . -68.98 7.12 -17.78
C4 UNL MZ . -67.72 6.23 -14.71
O4 UNL MZ . -68.90 5.53 -14.35
C3 UNL MZ . -67.78 7.73 -14.36
O3 UNL MZ . -68.71 8.46 -15.18
C2 UNL MZ . -66.41 8.33 -14.55
O2 UNL MZ . -65.62 8.31 -13.36
N1 UNL MZ . -69.62 4.98 -16.99
C1 UNL NZ . -68.72 4.60 -13.28
O5 UNL NZ . -67.91 5.07 -12.21
C5 UNL NZ . -68.43 6.12 -11.41
C6 UNL NZ . -67.42 6.27 -10.30
O6 UNL NZ . -66.15 6.66 -10.87
C4 UNL NZ . -69.87 5.95 -10.92
O4 UNL NZ . -70.42 7.21 -10.51
C3 UNL NZ . -70.80 5.37 -11.99
O3 UNL NZ . -72.01 5.00 -11.32
C2 UNL NZ . -70.10 4.20 -12.74
O2 UNL NZ . -69.94 3.04 -11.90
C1 UNL OZ . -73.01 4.37 -12.13
O5 UNL OZ . -73.75 5.27 -12.96
C5 UNL OZ . -74.70 4.61 -13.85
C6 UNL OZ . -75.28 5.69 -14.75
O6 UNL OZ . -76.34 6.39 -14.09
C4 UNL OZ . -75.73 3.81 -13.01
O4 UNL OZ . -76.62 3.10 -13.87
C3 UNL OZ . -75.00 2.85 -12.08
O3 UNL OZ . -75.99 2.25 -11.24
C2 UNL OZ . -73.95 3.57 -11.23
O2 UNL OZ . -73.21 2.59 -10.52
C7 UNL OZ . -75.80 5.13 -16.08
O7 UNL OZ . -74.92 4.16 -16.64
C9 UNL OZ . -76.04 0.82 -11.29
C10 UNL OZ . -76.64 7.69 -14.63
CA CA PZ . -25.16 35.77 -30.85
C1 UNL QZ . -47.08 34.03 -23.75
O5 UNL QZ . -47.39 34.63 -22.52
C5 UNL QZ . -48.64 35.32 -22.52
C6 UNL QZ . -49.70 34.30 -22.30
O6 UNL QZ . -49.25 33.38 -21.28
C4 UNL QZ . -48.82 36.32 -23.65
O4 UNL QZ . -49.96 36.26 -24.50
C3 UNL QZ . -47.63 36.37 -24.58
O3 UNL QZ . -48.18 37.00 -25.72
C2 UNL QZ . -47.05 35.01 -24.91
N2 UNL QZ . -45.70 35.21 -25.37
C7 UNL QZ . -45.44 34.56 -26.48
C8 UNL QZ . -44.06 34.74 -27.07
O7 UNL QZ . -46.30 33.81 -26.97
C1 UNL RZ . -47.22 37.35 -26.70
O5 UNL RZ . -46.33 38.34 -26.21
C5 UNL RZ . -46.32 39.54 -26.96
C6 UNL RZ . -45.63 40.53 -26.02
O6 UNL RZ . -45.08 40.16 -25.00
C4 UNL RZ . -47.78 39.89 -27.26
O4 UNL RZ . -48.59 39.87 -26.09
C3 UNL RZ . -48.29 38.95 -28.34
O3 UNL RZ . -49.72 38.85 -28.36
C2 UNL RZ . -47.73 37.57 -28.14
O2 UNL RZ . -46.66 37.36 -29.07
N1 UNL RZ . -45.62 42.00 -26.33
C1 UNL SZ . -49.81 40.68 -26.32
O5 UNL SZ . -50.61 40.62 -25.19
C5 UNL SZ . -50.26 41.64 -24.23
C6 UNL SZ . -51.20 41.15 -23.20
O6 UNL SZ . -52.59 41.52 -23.33
C4 UNL SZ . -50.38 43.16 -24.69
O4 UNL SZ . -49.92 44.29 -23.86
C3 UNL SZ . -49.54 43.42 -25.93
O3 UNL SZ . -49.64 44.81 -26.43
C2 UNL SZ . -49.88 42.17 -26.81
O2 UNL SZ . -51.29 42.08 -27.08
C1 UNL TZ . -48.39 45.32 -26.93
O5 UNL TZ . -48.34 45.54 -28.35
C5 UNL TZ . -49.11 46.67 -28.86
C6 UNL TZ . -48.90 46.56 -30.37
O6 UNL TZ . -47.58 46.16 -30.82
C4 UNL TZ . -48.67 47.98 -28.19
O4 UNL TZ . -49.55 49.05 -28.54
C3 UNL TZ . -48.68 47.83 -26.69
O3 UNL TZ . -48.14 49.04 -26.14
C2 UNL TZ . -47.92 46.58 -26.21
O2 UNL TZ . -48.21 46.40 -24.83
C7 UNL TZ . -49.42 47.73 -31.19
O7 UNL TZ . -49.34 47.42 -32.57
C9 UNL TZ . -48.94 49.66 -25.15
C10 UNL TZ . -46.49 47.07 -30.60
C1 UNL UZ . -43.00 33.95 -7.57
O5 UNL UZ . -44.22 33.40 -7.09
C5 UNL UZ . -45.32 34.33 -6.89
C6 UNL UZ . -45.60 35.09 -8.18
O6 UNL UZ . -45.79 34.28 -9.34
C4 UNL UZ . -44.98 35.26 -5.74
O4 UNL UZ . -45.50 36.59 -5.89
C3 UNL UZ . -43.47 35.31 -5.58
O3 UNL UZ . -43.12 36.33 -4.63
C2 UNL UZ . -42.74 35.29 -6.92
N2 UNL UZ . -41.32 35.32 -6.70
C7 UNL UZ . -40.57 36.28 -7.23
C8 UNL UZ . -39.48 36.83 -6.36
O7 UNL UZ . -40.74 36.68 -8.39
C1 UNL VZ . -42.44 37.54 -5.02
O5 UNL VZ . -41.73 38.15 -3.94
C5 UNL VZ . -42.55 38.85 -2.99
C6 UNL VZ . -42.75 37.98 -1.75
O6 UNL VZ . -43.32 36.89 -1.78
C4 UNL VZ . -43.85 39.38 -3.60
O4 UNL VZ . -44.89 38.38 -3.53
C3 UNL VZ . -43.61 39.78 -5.04
O3 UNL VZ . -44.75 40.39 -5.62
C2 UNL VZ . -43.26 38.56 -5.84
O2 UNL VZ . -42.55 38.94 -7.01
N1 UNL VZ . -42.26 38.47 -0.44
C1 UNL WZ . -46.21 38.94 -3.32
O5 UNL WZ . -47.19 37.91 -3.22
C5 UNL WZ . -46.93 37.02 -2.13
C6 UNL WZ . -47.96 35.90 -2.16
O6 UNL WZ . -49.25 36.44 -1.87
C4 UNL WZ . -46.95 37.79 -0.81
O4 UNL WZ . -46.61 36.91 0.26
C3 UNL WZ . -45.96 38.94 -0.85
O3 UNL WZ . -46.01 39.73 0.33
C2 UNL WZ . -46.24 39.83 -2.07
O2 UNL WZ . -47.52 40.43 -1.93
C1 UNL XZ . -44.86 40.58 0.34
O5 UNL XZ . -45.19 41.92 -0.05
C5 UNL XZ . -46.17 42.53 0.81
C6 UNL XZ . -46.50 43.85 0.12
O6 UNL XZ . -45.42 44.81 0.17
C4 UNL XZ . -45.60 42.62 2.24
O4 UNL XZ . -46.58 43.14 3.12
C3 UNL XZ . -45.09 41.28 2.73
O3 UNL XZ . -44.30 41.52 3.90
C2 UNL XZ . -44.19 40.59 1.70
O2 UNL XZ . -43.91 39.26 2.10
C7 UNL XZ . -47.85 44.44 0.52
O7 UNL XZ . -48.28 45.42 -0.42
C9 UNL XZ . -44.92 41.14 5.13
C10 UNL XZ . -45.43 45.75 1.26
C1 UNL YZ . -29.64 43.10 -2.98
O5 UNL YZ . -29.97 44.40 -3.42
C5 UNL YZ . -29.20 45.42 -2.76
C6 UNL YZ . -27.79 45.32 -3.30
O6 UNL YZ . -27.74 45.77 -4.65
C4 UNL YZ . -29.30 45.25 -1.25
O4 UNL YZ . -28.04 44.93 -0.66
C3 UNL YZ . -30.30 44.16 -0.90
O3 UNL YZ . -30.41 43.99 0.51
C2 UNL YZ . -29.90 42.84 -1.51
N2 UNL YZ . -30.93 41.84 -1.33
C7 UNL YZ . -30.74 40.74 -0.61
C8 UNL YZ . -31.87 39.74 -0.63
O7 UNL YZ . -29.72 40.54 0.03
C1 UNL ZZ . -31.70 44.46 0.96
O5 UNL ZZ . -31.92 45.83 0.65
C5 UNL ZZ . -31.96 46.74 1.76
C6 UNL ZZ . -31.82 48.16 1.20
O6 UNL ZZ . -31.53 48.41 0.04
C4 UNL ZZ . -30.85 46.41 2.75
O4 UNL ZZ . -29.59 46.42 2.07
C3 UNL ZZ . -31.12 45.04 3.39
O3 UNL ZZ . -29.92 44.43 3.88
C2 UNL ZZ . -31.85 44.10 2.45
O2 UNL ZZ . -33.23 43.97 2.79
N1 UNL ZZ . -32.09 49.30 2.09
C1 UNL AAA . -28.48 47.21 2.62
O5 UNL AAA . -27.89 48.16 1.70
C5 UNL AAA . -28.43 49.49 1.69
C6 UNL AAA . -27.60 50.30 0.71
O6 UNL AAA . -26.27 50.48 1.24
C4 UNL AAA . -28.45 50.10 3.10
O4 UNL AAA . -29.12 51.34 3.01
C3 UNL AAA . -29.20 49.18 4.05
O3 UNL AAA . -29.27 49.66 5.41
C2 UNL AAA . -28.60 47.78 4.04
O2 UNL AAA . -27.29 47.80 4.60
C1 UNL BAA . -30.65 49.50 5.82
O5 UNL BAA . -30.88 48.47 6.80
C5 UNL BAA . -30.44 48.77 8.16
C6 UNL BAA . -30.80 47.55 9.00
O6 UNL BAA . -32.14 47.69 9.53
C4 UNL BAA . -31.04 50.10 8.63
O4 UNL BAA . -30.50 50.45 9.90
C3 UNL BAA . -30.80 51.22 7.62
O3 UNL BAA . -31.53 52.36 8.06
C2 UNL BAA . -31.28 50.83 6.24
O2 UNL BAA . -30.95 51.85 5.30
C7 UNL BAA . -29.83 47.31 10.14
O7 UNL BAA . -28.49 47.17 9.67
C9 UNL BAA . -30.75 53.53 8.29
C10 UNL BAA . -32.77 46.46 9.93
CA CA CAA . 1.18 32.47 -26.15
C1 UNL DAA . -3.78 42.18 0.96
O5 UNL DAA . -4.63 43.09 0.29
C5 UNL DAA . -5.87 43.23 0.99
C6 UNL DAA . -6.45 44.55 0.57
O6 UNL DAA . -7.62 44.85 1.34
C4 UNL DAA . -5.54 43.13 2.48
O4 UNL DAA . -6.73 43.54 3.18
C3 UNL DAA . -4.14 43.69 2.85
O3 UNL DAA . -4.07 45.10 3.22
C2 UNL DAA . -3.09 43.18 1.87
N2 UNL DAA . -2.04 42.51 2.58
C7 UNL DAA . -0.75 42.79 2.81
C8 UNL DAA . 0.09 43.26 1.65
O7 UNL DAA . -0.29 42.70 3.94
C1 UNL EAA . -4.10 45.45 4.67
O5 UNL EAA . -5.14 46.32 5.16
C5 UNL EAA . -5.10 47.65 4.65
C6 UNL EAA . -5.65 47.55 3.26
O6 UNL EAA . -6.76 47.14 3.10
C4 UNL EAA . -3.72 48.30 4.91
O4 UNL EAA . -3.57 49.57 4.24
C3 UNL EAA . -2.57 47.37 4.54
O3 UNL EAA . -2.38 47.29 3.12
C2 UNL EAA . -2.76 46.00 5.13
O2 UNL EAA . -2.71 46.09 6.56
N1 UNL EAA . -4.91 47.99 2.07
C1 UNL FAA . -2.69 50.34 5.09
O5 UNL FAA . -1.30 49.93 5.04
C5 UNL FAA . -0.56 50.41 6.17
C6 UNL FAA . -1.13 49.68 7.41
O6 UNL FAA . -0.86 48.28 7.22
C4 UNL FAA . -0.61 51.95 6.14
O4 UNL FAA . 0.19 52.40 5.04
C3 UNL FAA . -2.02 52.55 5.98
O3 UNL FAA . -2.72 52.33 7.23
C2 UNL FAA . -2.81 51.85 4.87
O2 UNL FAA . -4.19 52.21 4.89
C1 UNL GAA . -2.92 53.49 8.06
O5 UNL GAA . -4.06 54.26 7.62
C5 UNL GAA . -5.34 53.70 8.00
C6 UNL GAA . -6.42 54.40 7.18
O6 UNL GAA . -6.10 54.34 5.77
C4 UNL GAA . -5.52 53.74 9.52
O4 UNL GAA . -6.17 52.55 9.94
C3 UNL GAA . -4.17 53.89 10.25
O3 UNL GAA . -3.85 55.28 10.33
C2 UNL GAA . -3.02 53.14 9.56
O2 UNL GAA . -3.18 51.74 9.75
C7 UNL GAA . -6.61 55.85 7.60
O7 UNL GAA . -5.44 56.63 7.32
C9 UNL GAA . -4.68 56.04 11.21
C10 UNL GAA . -7.18 54.63 4.90
C1 UNL HAA . -14.47 49.27 -16.64
O5 UNL HAA . -14.06 50.15 -17.67
C5 UNL HAA . -14.32 49.62 -18.99
C6 UNL HAA . -13.80 50.60 -20.04
O6 UNL HAA . -13.86 50.03 -21.35
C4 UNL HAA . -15.79 49.22 -19.06
O4 UNL HAA . -16.36 49.50 -20.34
C3 UNL HAA . -16.52 49.88 -17.90
O3 UNL HAA . -16.30 51.28 -17.87
C2 UNL HAA . -15.99 49.38 -16.57
N2 UNL HAA . -16.64 48.12 -16.24
C7 UNL HAA . -17.84 47.88 -15.69
C8 UNL HAA . -18.41 48.95 -14.80
O7 UNL HAA . -18.44 46.83 -15.92
C1 UNL IAA . -17.53 51.95 -18.26
O5 UNL IAA . -17.49 52.29 -19.66
C5 UNL IAA . -18.64 53.01 -20.12
C6 UNL IAA . -18.43 53.07 -21.64
O6 UNL IAA . -17.45 52.62 -22.22
C4 UNL IAA . -18.70 54.38 -19.44
O4 UNL IAA . -18.42 55.46 -20.34
C3 UNL IAA . -17.75 54.43 -18.25
O3 UNL IAA . -16.39 54.58 -18.67
C2 UNL IAA . -17.84 53.17 -17.42
O2 UNL IAA . -19.10 53.01 -16.79
N1 UNL IAA . -19.48 53.74 -22.47
C1 UNL JAA . -18.61 56.71 -19.63
O5 UNL JAA . -20.00 56.98 -19.48
C5 UNL JAA . -20.31 58.36 -19.30
C6 UNL JAA . -21.76 58.48 -18.87
O6 UNL JAA . -21.85 58.20 -17.47
C4 UNL JAA . -20.03 59.13 -20.60
O4 UNL JAA . -19.77 60.50 -20.30
C3 UNL JAA . -18.82 58.56 -21.32
O3 UNL JAA . -19.24 57.57 -22.28
C2 UNL JAA . -17.90 57.88 -20.31
O2 UNL JAA . -16.68 57.46 -20.92
C1 UNL KAA . -19.61 58.26 -23.49
O5 UNL KAA . -21.02 58.32 -23.63
C5 UNL KAA . -21.44 59.16 -24.72
C6 UNL KAA . -22.95 59.28 -24.59
O6 UNL KAA . -23.51 60.10 -25.62
C4 UNL KAA . -20.94 58.55 -26.04
O4 UNL KAA . -21.26 59.44 -27.11
C3 UNL KAA . -19.42 58.32 -25.98
O3 UNL KAA . -19.09 57.51 -27.10
C2 UNL KAA . -18.97 57.61 -24.70
O2 UNL KAA . -17.56 57.71 -24.61
C7 UNL KAA . -23.34 59.88 -23.24
O7 UNL KAA . -23.48 58.85 -22.26
C9 UNL KAA . -18.18 58.10 -28.03
C10 UNL KAA . -24.86 59.77 -25.97
C1 UNL LAA . 2.01 46.31 -14.04
O5 UNL LAA . 2.20 46.62 -12.67
C5 UNL LAA . 3.28 45.79 -12.30
C6 UNL LAA . 3.42 45.75 -10.76
O6 UNL LAA . 4.05 46.89 -10.09
C4 UNL LAA . 4.41 46.42 -13.10
O4 UNL LAA . 5.25 46.97 -12.09
C3 UNL LAA . 4.07 47.42 -14.23
O3 UNL LAA . 4.29 48.78 -13.86
C2 UNL LAA . 2.75 47.25 -14.94
N2 UNL LAA . 2.83 46.83 -16.31
C7 UNL LAA . 2.40 47.53 -17.38
C8 UNL LAA . 2.96 48.89 -17.64
O7 UNL LAA . 1.53 47.06 -18.11
C1 UNL MAA . 5.71 48.43 -14.09
O5 UNL MAA . 5.98 49.05 -15.33
C5 UNL MAA . 6.40 50.40 -15.26
C6 UNL MAA . 6.51 50.66 -16.71
O6 UNL MAA . 6.84 49.80 -17.53
C4 UNL MAA . 7.77 50.43 -14.57
O4 UNL MAA . 8.78 51.08 -15.38
C3 UNL MAA . 8.21 49.00 -14.22
O3 UNL MAA . 8.45 48.16 -15.36
C2 UNL MAA . 7.13 48.35 -13.32
O2 UNL MAA . 7.25 48.81 -11.96
N1 UNL MAA . 6.17 52.01 -17.20
C1 UNL NAA . 9.79 51.85 -14.64
O5 UNL NAA . 9.92 51.46 -13.23
C5 UNL NAA . 10.52 52.40 -12.36
C6 UNL NAA . 9.39 53.43 -12.14
O6 UNL NAA . 8.13 52.78 -11.92
C4 UNL NAA . 11.88 52.78 -13.00
O4 UNL NAA . 12.82 51.76 -12.61
C3 UNL NAA . 12.01 52.92 -14.56
O3 UNL NAA . 11.61 54.22 -15.09
C2 UNL NAA . 11.17 51.88 -15.32
O2 UNL NAA . 11.03 52.24 -16.71
C1 UNL OAA . 12.77 55.06 -15.41
O5 UNL OAA . 12.97 55.17 -16.83
C5 UNL OAA . 12.14 56.17 -17.46
C6 UNL OAA . 12.16 55.93 -18.96
O6 UNL OAA . 11.58 54.67 -19.31
C4 UNL OAA . 12.56 57.58 -17.01
O4 UNL OAA . 11.42 58.44 -16.97
C3 UNL OAA . 13.26 57.55 -15.64
O3 UNL OAA . 14.66 57.37 -15.85
C2 UNL OAA . 12.74 56.44 -14.72
O2 UNL OAA . 11.41 56.78 -14.29
C7 UNL OAA . 13.57 55.99 -19.56
O7 UNL OAA . 14.33 54.84 -19.18
C9 UNL OAA . 15.32 58.47 -16.47
C10 UNL OAA . 10.16 54.57 -19.15
C1 UNL PAA . -1.16 54.58 -20.83
O5 UNL PAA . -2.02 55.00 -21.86
C5 UNL PAA . -1.34 55.16 -23.11
C6 UNL PAA . -0.84 53.80 -23.49
O6 UNL PAA . -1.51 53.60 -24.64
C4 UNL PAA . -0.25 56.23 -23.11
O4 UNL PAA . 0.52 56.21 -24.30
C3 UNL PAA . 0.60 56.18 -21.84
O3 UNL PAA . 1.95 56.56 -22.17
C2 UNL PAA . 0.32 54.88 -21.10
N2 UNL PAA . 0.96 54.88 -19.81
C7 UNL PAA . 2.21 54.45 -20.03
C8 UNL PAA . 3.20 54.70 -18.96
O7 UNL PAA . 2.54 54.11 -21.17
C1 UNL QAA . 2.48 57.69 -21.40
O5 UNL QAA . 1.82 58.93 -21.50
C5 UNL QAA . 2.17 59.71 -20.34
C6 UNL QAA . 1.22 60.90 -20.25
O6 UNL QAA . 1.02 61.47 -19.20
C4 UNL QAA . 3.65 60.13 -20.40
O4 UNL QAA . 3.83 61.23 -21.30
C3 UNL QAA . 4.55 58.90 -20.62
O3 UNL QAA . 5.87 59.27 -20.99
C2 UNL QAA . 3.97 57.89 -21.63
O2 UNL QAA . 4.67 56.65 -21.56
N1 UNL QAA . 0.51 61.38 -21.46
C1 UNL RAA . 4.04 61.12 -22.73
O5 UNL RAA . 2.84 61.14 -23.54
C5 UNL RAA . 3.07 60.71 -24.88
C6 UNL RAA . 2.84 59.20 -25.01
O6 UNL RAA . 1.47 58.93 -24.67
C4 UNL RAA . 4.47 61.09 -25.34
O4 UNL RAA . 4.49 61.22 -26.76
C3 UNL RAA . 4.93 62.40 -24.69
O3 UNL RAA . 6.18 62.85 -25.19
C2 UNL RAA . 4.99 62.21 -23.16
O2 UNL RAA . 6.31 61.86 -22.72
C1 UNL SAA . 6.03 64.19 -25.77
O5 UNL SAA . 6.00 65.26 -24.81
C5 UNL SAA . 7.23 65.45 -24.07
C6 UNL SAA . 6.98 66.59 -23.09
O6 UNL SAA . 7.40 67.85 -23.63
C4 UNL SAA . 8.40 65.67 -25.04
O4 UNL SAA . 9.39 64.68 -24.81
C3 UNL SAA . 7.97 65.67 -26.52
O3 UNL SAA . 7.30 66.89 -26.80
C2 UNL SAA . 7.06 64.48 -26.88
O2 UNL SAA . 7.88 63.34 -27.14
C7 UNL SAA . 7.63 66.35 -21.75
O7 UNL SAA . 9.03 66.66 -21.78
C9 UNL SAA . 8.11 67.91 -27.39
C10 UNL SAA . 6.41 68.86 -23.62
C1 UNL TAA . -6.91 58.46 -14.00
O5 UNL TAA . -7.07 58.81 -12.64
C5 UNL TAA . -5.96 59.63 -12.24
C6 UNL TAA . -6.27 60.15 -10.86
O6 UNL TAA . -7.68 60.14 -10.58
C4 UNL TAA . -5.77 60.71 -13.30
O4 UNL TAA . -5.40 61.95 -12.71
C3 UNL TAA . -7.04 60.92 -14.13
O3 UNL TAA . -8.17 61.25 -13.32
C2 UNL TAA . -7.52 59.63 -14.75
N2 UNL TAA . -7.27 59.66 -16.17
C7 UNL TAA . -8.25 59.24 -16.99
C8 UNL TAA . -8.08 59.56 -18.44
O7 UNL TAA . -9.22 58.62 -16.56
C1 UNL UAA . -8.50 62.66 -13.50
O5 UNL UAA . -7.97 63.47 -12.45
C5 UNL UAA . -8.05 64.87 -12.75
C6 UNL UAA . -7.33 65.58 -11.61
O6 UNL UAA . -7.65 65.42 -10.44
C4 UNL UAA . -9.51 65.30 -12.92
O4 UNL UAA . -9.86 66.28 -11.94
C3 UNL UAA . -10.45 64.10 -12.80
O3 UNL UAA . -10.55 63.68 -11.42
C2 UNL UAA . -9.98 62.94 -13.70
O2 UNL UAA . -10.24 63.20 -15.06
N1 UNL UAA . -6.23 66.52 -11.92
C1 UNL VAA . -10.14 67.53 -12.59
O5 UNL VAA . -8.96 68.32 -12.78
C5 UNL VAA . -9.20 69.53 -13.52
C6 UNL VAA . -7.90 70.31 -13.60
O6 UNL VAA . -6.89 69.51 -14.25
C4 UNL VAA . -10.34 70.39 -12.93
O4 UNL VAA . -10.76 71.39 -13.86
C3 UNL VAA . -11.54 69.52 -12.55
O3 UNL VAA . -12.50 70.29 -11.83
C2 UNL VAA . -11.18 68.26 -11.77
O2 UNL VAA . -10.69 68.58 -10.45
C1 UNL WAA . -13.75 70.09 -12.51
O5 UNL WAA . -13.81 70.89 -13.70
C5 UNL WAA . -14.97 70.62 -14.50
C6 UNL WAA . -14.78 71.39 -15.81
O6 UNL WAA . -13.57 71.00 -16.49
C4 UNL WAA . -16.23 70.94 -13.71
O4 UNL WAA . -17.38 70.59 -14.49
C3 UNL WAA . -16.24 70.18 -12.38
O3 UNL WAA . -17.32 70.68 -11.59
C2 UNL WAA . -14.94 70.34 -11.60
O2 UNL WAA . -14.92 69.40 -10.53
C7 UNL WAA . -14.73 72.90 -15.61
O7 UNL WAA . -13.55 73.30 -14.91
C9 UNL WAA . -18.30 69.72 -11.23
C10 UNL WAA . -13.54 69.66 -16.96
C1 UNL XAA . -11.46 46.23 -4.24
O5 UNL XAA . -12.40 47.08 -4.84
C5 UNL XAA . -13.71 46.48 -4.75
C6 UNL XAA . -14.73 47.40 -5.42
O6 UNL XAA . -15.98 46.76 -5.64
C4 UNL XAA . -13.92 46.21 -3.29
O4 UNL XAA . -15.29 46.51 -3.01
C3 UNL XAA . -12.92 46.98 -2.42
O3 UNL XAA . -12.90 48.33 -2.79
C2 UNL XAA . -11.53 46.53 -2.74
N2 UNL XAA . -11.22 45.39 -1.93
C7 UNL XAA . -10.68 45.52 -0.71
C8 UNL XAA . -9.83 46.72 -0.45
O7 UNL XAA . -10.86 44.70 0.16
C1 UNL YAA . -13.78 49.03 -1.93
O5 UNL YAA . -14.89 49.36 -2.74
C5 UNL YAA . -16.01 49.87 -2.00
C6 UNL YAA . -16.80 50.64 -3.01
O6 UNL YAA . -16.39 50.87 -4.17
C4 UNL YAA . -15.46 50.71 -0.86
O4 UNL YAA . -16.44 51.65 -0.47
C3 UNL YAA . -14.14 51.37 -1.32
O3 UNL YAA . -14.26 52.07 -2.55
C2 UNL YAA . -13.09 50.29 -1.48
O2 UNL YAA . -12.34 50.07 -0.29
N1 UNL YAA . -18.17 51.06 -2.60
C1 UNL ZAA . -16.73 51.66 0.92
O5 UNL ZAA . -15.61 51.53 1.76
C5 UNL ZAA . -14.69 52.62 1.80
C6 UNL ZAA . -13.71 52.24 2.90
O6 UNL ZAA . -13.03 51.03 2.51
C4 UNL ZAA . -15.31 54.01 1.98
O4 UNL ZAA . -14.39 55.04 1.57
C3 UNL ZAA . -16.58 54.20 1.15
O3 UNL ZAA . -17.20 55.41 1.63
C2 UNL ZAA . -17.49 52.96 1.26
O2 UNL ZAA . -18.07 52.81 2.57
C1 UNL ABA . -18.45 55.77 1.03
O5 UNL ABA . -18.36 56.33 -0.28
C5 UNL ABA . -19.64 56.56 -0.91
C6 UNL ABA . -19.35 57.02 -2.34
O6 UNL ABA . -19.03 58.42 -2.38
C4 UNL ABA . -20.47 57.53 -0.06
O4 UNL ABA . -21.77 57.72 -0.62
C3 UNL ABA . -20.59 57.01 1.37
O3 UNL ABA . -21.24 58.02 2.14
C2 UNL ABA . -19.22 56.69 1.97
O2 UNL ABA . -19.42 56.05 3.22
C7 UNL ABA . -20.51 56.74 -3.30
O7 UNL ABA . -21.08 55.45 -3.09
C9 UNL ABA . -22.45 57.59 2.80
C10 UNL ABA . -18.32 58.86 -3.54
CA CA BBA . 22.29 17.00 -20.40
C1 UNL CBA . 13.14 38.13 -18.23
O5 UNL CBA . 13.94 39.09 -17.58
C5 UNL CBA . 13.92 40.36 -18.23
C6 UNL CBA . 12.69 41.07 -17.75
O6 UNL CBA . 12.55 40.83 -16.32
C4 UNL CBA . 14.20 40.34 -19.71
O4 UNL CBA . 13.29 40.96 -20.65
C3 UNL CBA . 14.42 38.95 -20.24
O3 UNL CBA . 14.25 39.13 -21.64
C2 UNL CBA . 13.48 37.90 -19.68
N2 UNL CBA . 14.10 36.61 -19.87
C7 UNL CBA . 13.28 35.73 -20.40
C8 UNL CBA . 13.84 34.37 -20.66
O7 UNL CBA . 12.11 36.04 -20.59
C1 UNL DBA . 14.61 38.00 -22.42
O5 UNL DBA . 16.00 37.74 -22.33
C5 UNL DBA . 16.69 37.78 -23.56
C6 UNL DBA . 18.15 37.88 -23.15
O6 UNL DBA . 18.49 37.71 -21.99
C4 UNL DBA . 16.19 39.01 -24.32
O4 UNL DBA . 16.22 40.18 -23.51
C3 UNL DBA . 14.78 38.72 -24.84
O3 UNL DBA . 14.03 39.90 -25.13
C2 UNL DBA . 14.02 37.89 -23.83
O2 UNL DBA . 14.00 36.53 -24.26
N1 UNL DBA . 19.23 38.18 -24.16
C1 UNL EBA . 16.22 41.38 -24.39
O5 UNL EBA . 16.19 42.53 -23.57
C5 UNL EBA . 17.53 42.94 -23.23
C6 UNL EBA . 17.06 44.00 -22.31
O6 UNL EBA . 16.65 45.26 -22.92
C4 UNL EBA . 18.52 43.35 -24.39
O4 UNL EBA . 19.94 43.63 -24.17
C3 UNL EBA . 18.66 42.19 -25.38
O3 UNL EBA . 19.57 42.54 -26.53
C2 UNL EBA . 17.20 41.71 -25.55
O2 UNL EBA . 16.35 42.77 -26.04
C1 UNL FBA . 20.37 41.44 -26.97
O5 UNL FBA . 20.05 40.95 -28.28
C5 UNL FBA . 20.43 41.78 -29.41
C6 UNL FBA . 19.89 41.00 -30.60
O6 UNL FBA . 20.01 39.56 -30.53
C4 UNL FBA . 21.95 42.07 -29.39
O4 UNL FBA . 22.29 43.04 -30.39
C3 UNL FBA . 22.36 42.60 -28.04
O3 UNL FBA . 23.79 42.72 -28.06
C2 UNL FBA . 21.87 41.72 -26.89
O2 UNL FBA . 22.09 42.43 -25.68
C7 UNL FBA . 20.31 41.52 -31.97
O7 UNL FBA . 19.59 40.83 -32.98
C9 UNL FBA . 24.30 44.00 -27.67
C10 UNL FBA . 21.32 38.98 -30.59
C1 UNL GBA . 20.97 41.22 -3.79
O5 UNL GBA . 20.14 42.30 -3.38
C5 UNL GBA . 20.46 43.61 -3.91
C6 UNL GBA . 20.47 43.56 -5.43
O6 UNL GBA . 19.30 43.00 -6.03
C4 UNL GBA . 21.79 44.06 -3.34
O4 UNL GBA . 22.57 44.86 -4.25
C3 UNL GBA . 22.59 42.85 -2.91
O3 UNL GBA . 23.91 43.26 -2.57
C2 UNL GBA . 22.41 41.68 -3.87
N2 UNL GBA . 23.17 40.55 -3.40
C7 UNL GBA . 24.10 39.97 -4.17
C8 UNL GBA . 25.37 39.57 -3.49
O7 UNL GBA . 23.91 39.78 -5.37
C1 UNL HBA . 25.08 42.87 -3.36
O5 UNL HBA . 26.28 42.90 -2.61
C5 UNL HBA . 26.82 44.20 -2.34
C6 UNL HBA . 26.49 44.61 -0.91
O6 UNL HBA . 25.34 44.76 -0.51
C4 UNL HBA . 26.42 45.24 -3.41
O4 UNL HBA . 25.17 45.84 -3.07
C3 UNL HBA . 26.33 44.55 -4.76
O3 UNL HBA . 26.07 45.49 -5.80
C2 UNL HBA . 25.21 43.57 -4.73
O2 UNL HBA . 25.41 42.60 -5.75
N1 UNL HBA . 27.60 44.87 0.03
C1 UNL IBA . 25.10 47.25 -3.45
O5 UNL IBA . 23.84 47.81 -3.05
C5 UNL IBA . 23.65 47.76 -1.64
C6 UNL IBA . 22.26 48.28 -1.31
O6 UNL IBA . 22.21 49.68 -1.62
C4 UNL IBA . 24.76 48.56 -0.93
O4 UNL IBA . 24.59 48.42 0.49
C3 UNL IBA . 26.12 48.03 -1.34
O3 UNL IBA . 27.16 48.79 -0.77
C2 UNL IBA . 26.26 48.05 -2.86
O2 UNL IBA . 26.20 49.38 -3.33
C1 UNL JBA . 28.40 48.06 -0.94
O5 UNL JBA . 29.17 48.61 -2.02
C5 UNL JBA . 29.53 49.99 -1.82
C6 UNL JBA . 30.19 50.40 -3.13
O6 UNL JBA . 31.48 49.77 -3.35
C4 UNL JBA . 30.41 50.09 -0.55
O4 UNL JBA . 30.70 51.46 -0.29
C3 UNL JBA . 29.74 49.44 0.66
O3 UNL JBA . 30.72 49.31 1.67
C2 UNL JBA . 29.22 48.05 0.33
O2 UNL JBA . 28.42 47.56 1.40
C7 UNL JBA . 30.18 51.90 -3.39
O7 UNL JBA . 30.43 52.18 -4.77
C9 UNL JBA . 30.61 50.23 2.76
C10 UNL JBA . 32.63 50.50 -2.92
C1 UNL KBA . 36.29 34.55 -1.72
O5 UNL KBA . 37.00 35.08 -2.82
C5 UNL KBA . 38.43 35.01 -2.63
C6 UNL KBA . 38.81 33.56 -2.72
O6 UNL KBA . 38.71 33.12 -4.08
C4 UNL KBA . 38.79 35.65 -1.29
O4 UNL KBA . 39.36 34.72 -0.37
C3 UNL KBA . 37.58 36.31 -0.65
O3 UNL KBA . 37.90 36.92 0.59
C2 UNL KBA . 36.49 35.28 -0.41
N2 UNL KBA . 35.27 35.92 0.02
C7 UNL KBA . 34.72 35.70 1.23
C8 UNL KBA . 33.40 36.33 1.48
O7 UNL KBA . 35.29 35.02 2.08
C1 UNL LBA . 37.83 38.36 0.46
O5 UNL LBA . 38.71 38.86 -0.56
C5 UNL LBA . 39.83 39.64 -0.10
C6 UNL LBA . 40.83 39.75 -1.25
O6 UNL LBA . 40.74 39.10 -2.28
C4 UNL LBA . 40.44 38.99 1.15
O4 UNL LBA . 40.80 37.63 0.85
C3 UNL LBA . 39.45 39.05 2.31
O3 UNL LBA . 39.70 38.04 3.28
C2 UNL LBA . 38.01 38.98 1.84
O2 UNL LBA . 37.37 40.25 1.90
N1 UNL LBA . 41.94 40.70 -1.14
C1 UNL MBA . 42.16 37.17 1.12
O5 UNL MBA . 42.88 36.59 0.01
C5 UNL MBA . 43.68 37.47 -0.79
C6 UNL MBA . 44.37 36.62 -1.83
O6 UNL MBA . 45.32 35.76 -1.20
C4 UNL MBA . 44.67 38.26 0.08
O4 UNL MBA . 45.32 39.19 -0.76
C3 UNL MBA . 43.92 39.00 1.18
O3 UNL MBA . 44.76 39.77 2.07
C2 UNL MBA . 43.07 38.04 2.02
O2 UNL MBA . 43.91 37.16 2.75
C1 UNL NBA . 44.13 41.07 2.19
O5 UNL NBA . 43.55 41.34 3.48
C5 UNL NBA . 44.48 41.61 4.55
C6 UNL NBA . 43.64 41.88 5.80
O6 UNL NBA . 43.30 43.27 5.90
C4 UNL NBA . 45.44 42.75 4.16
O4 UNL NBA . 46.44 42.91 5.16
C3 UNL NBA . 46.09 42.49 2.81
O3 UNL NBA . 46.83 43.65 2.44
C2 UNL NBA . 45.05 42.20 1.73
O2 UNL NBA . 45.69 41.86 0.51
C7 UNL NBA . 44.33 41.43 7.09
O7 UNL NBA . 44.68 40.05 7.05
C9 UNL NBA . 48.21 43.45 2.22
C10 UNL NBA . 42.17 43.58 6.72
CA CA OBA . 33.77 -4.69 -9.28
C1 UNL PBA . 49.10 13.71 7.43
O5 UNL PBA . 49.20 14.45 6.23
C5 UNL PBA . 49.01 15.85 6.47
C6 UNL PBA . 49.66 16.57 5.34
O6 UNL PBA . 49.65 17.99 5.57
C4 UNL PBA . 49.62 16.14 7.85
O4 UNL PBA . 49.65 17.57 7.97
C3 UNL PBA . 50.84 15.26 8.19
O3 UNL PBA . 52.15 15.76 7.83
C2 UNL PBA . 50.56 13.79 7.85
N2 UNL PBA . 50.75 12.98 9.01
C7 UNL PBA . 51.64 12.03 9.36
C8 UNL PBA . 52.00 10.98 8.34
O7 UNL PBA . 52.20 12.08 10.46
C1 UNL QBA . 52.96 16.49 8.85
O5 UNL QBA . 53.35 17.85 8.60
C5 UNL QBA . 54.27 18.02 7.53
C6 UNL QBA . 53.44 17.88 6.29
O6 UNL QBA . 52.54 18.65 6.11
C4 UNL QBA . 55.52 17.13 7.72
O4 UNL QBA . 56.37 17.11 6.57
C3 UNL QBA . 55.15 15.70 8.14
O3 UNL QBA . 54.66 14.93 7.03
C2 UNL QBA . 54.18 15.69 9.27
O2 UNL QBA . 54.78 16.27 10.43
N1 UNL QBA . 53.69 16.90 5.23
C1 UNL RBA . 57.72 16.92 7.09
O5 UNL RBA . 58.01 15.59 7.57
C5 UNL RBA . 59.13 15.57 8.44
C6 UNL RBA . 58.72 16.35 9.71
O6 UNL RBA . 57.65 15.62 10.31
C4 UNL RBA . 60.35 16.07 7.63
O4 UNL RBA . 60.69 15.04 6.68
C3 UNL RBA . 60.15 17.39 6.89
O3 UNL RBA . 60.09 18.42 7.88
C2 UNL RBA . 58.81 17.39 6.12
O2 UNL RBA . 58.48 18.69 5.64
C1 UNL SBA . 61.24 19.30 7.93
O5 UNL SBA . 61.19 20.33 6.93
C5 UNL SBA . 60.27 21.41 7.23
C6 UNL SBA . 60.06 22.21 5.95
O6 UNL SBA . 59.65 21.34 4.89
C4 UNL SBA . 60.78 22.22 8.45
O4 UNL SBA . 59.66 22.59 9.24
C3 UNL SBA . 61.77 21.41 9.29
O3 UNL SBA . 63.09 21.59 8.73
C2 UNL SBA . 61.46 19.91 9.35
O2 UNL SBA . 60.30 19.70 10.17
C7 UNL SBA . 61.31 22.98 5.54
O7 UNL SBA . 62.37 22.10 5.18
C9 UNL SBA . 63.63 22.89 8.90
C10 UNL SBA . 59.06 21.99 3.76
C1 UNL TBA . 43.46 17.96 -13.07
O5 UNL TBA . 43.96 17.47 -14.29
C5 UNL TBA . 42.90 16.97 -15.16
C6 UNL TBA . 43.52 16.41 -16.43
O6 UNL TBA . 42.54 15.74 -17.24
C4 UNL TBA . 41.85 18.07 -15.30
O4 UNL TBA . 41.30 18.11 -16.62
C3 UNL TBA . 42.47 19.38 -14.84
O3 UNL TBA . 43.68 19.65 -15.51
C2 UNL TBA . 42.85 19.33 -13.37
N2 UNL TBA . 41.66 19.61 -12.56
C7 UNL TBA . 41.11 20.78 -12.22
C8 UNL TBA . 42.01 21.98 -12.17
O7 UNL TBA . 39.90 20.86 -11.98
C1 UNL UBA . 43.47 20.75 -16.44
O5 UNL UBA . 43.21 20.25 -17.77
C5 UNL UBA . 43.04 21.27 -18.76
C6 UNL UBA . 42.60 20.49 -20.00
O6 UNL UBA . 42.49 19.27 -20.04
C4 UNL UBA . 44.37 22.03 -18.93
O4 UNL UBA . 45.01 21.74 -20.18
C3 UNL UBA . 45.33 21.72 -17.79
O3 UNL UBA . 45.93 20.43 -17.94
C2 UNL UBA . 44.61 21.74 -16.45
O2 UNL UBA . 44.12 23.04 -16.10
N1 UNL UBA . 42.32 21.24 -21.26
C1 UNL VBA . 46.17 22.60 -20.30
O5 UNL VBA . 45.79 23.94 -20.59
C5 UNL VBA . 46.81 24.70 -21.23
C6 UNL VBA . 46.40 26.15 -21.25
O6 UNL VBA . 46.67 26.72 -19.96
C4 UNL VBA . 47.06 24.18 -22.65
O4 UNL VBA . 48.38 24.50 -23.08
C3 UNL VBA . 46.88 22.65 -22.70
O3 UNL VBA . 45.54 22.31 -23.07
C2 UNL VBA . 47.19 22.08 -21.32
O2 UNL VBA . 47.19 20.64 -21.38
C1 UNL WBA . 45.44 22.35 -24.50
O5 UNL WBA . 44.77 23.52 -24.94
C5 UNL WBA . 44.82 23.70 -26.36
C6 UNL WBA . 44.26 25.09 -26.63
O6 UNL WBA . 44.24 25.41 -28.02
C4 UNL WBA . 44.07 22.54 -27.03
O4 UNL WBA . 44.20 22.66 -28.44
C3 UNL WBA . 44.61 21.20 -26.55
O3 UNL WBA . 43.69 20.19 -26.98
C2 UNL WBA . 44.75 21.11 -25.03
O2 UNL WBA . 45.54 19.96 -24.71
C7 UNL WBA . 45.07 26.16 -25.90
O7 UNL WBA . 44.56 26.35 -24.59
C9 UNL WBA . 44.23 19.22 -27.87
C10 UNL WBA . 43.22 26.33 -28.42
C1 UNL XBA . 49.66 3.95 -6.05
O5 UNL XBA . 50.50 4.50 -5.05
C5 UNL XBA . 50.52 3.49 -4.06
C6 UNL XBA . 51.12 4.04 -2.76
O6 UNL XBA . 52.57 4.16 -2.66
C4 UNL XBA . 51.26 2.38 -4.78
O4 UNL XBA . 52.49 2.29 -4.07
C3 UNL XBA . 51.47 2.47 -6.32
O3 UNL XBA . 52.79 2.89 -6.69
C2 UNL XBA . 50.43 3.23 -7.12
N2 UNL XBA . 49.63 2.42 -7.99
C7 UNL XBA . 49.56 2.54 -9.33
C8 UNL XBA . 50.80 2.35 -10.14
O7 UNL XBA . 48.48 2.79 -9.88
C1 UNL YBA . 53.11 1.48 -6.35
O5 UNL YBA . 53.26 0.88 -7.64
C5 UNL YBA . 54.56 0.99 -8.19
C6 UNL YBA . 54.26 0.32 -9.49
O6 UNL YBA . 53.45 -0.59 -9.61
C4 UNL YBA . 55.52 0.16 -7.34
O4 UNL YBA . 56.22 -0.85 -8.10
C3 UNL YBA . 54.74 -0.50 -6.18
O3 UNL YBA . 53.77 -1.49 -6.60
C2 UNL YBA . 54.04 0.60 -5.36
O2 UNL YBA . 54.96 1.25 -4.46
N1 UNL YBA . 54.98 0.80 -10.69
C1 UNL ZBA . 57.60 -1.13 -7.67
O5 UNL ZBA . 57.88 -0.72 -6.29
C5 UNL ZBA . 59.23 -0.56 -5.94
C6 UNL ZBA . 59.58 0.80 -6.58
O6 UNL ZBA . 58.54 1.77 -6.35
C4 UNL ZBA . 59.98 -1.85 -6.35
O4 UNL ZBA . 59.77 -2.79 -5.25
C3 UNL ZBA . 59.55 -2.63 -7.64
O3 UNL ZBA . 60.19 -2.14 -8.86
C2 UNL ZBA . 58.05 -2.59 -7.91
O2 UNL ZBA . 57.73 -2.98 -9.26
C1 UNL ACA . 61.29 -3.00 -9.30
O5 UNL ACA . 60.94 -3.77 -10.46
C5 UNL ACA . 61.09 -3.06 -11.71
C6 UNL ACA . 60.34 -3.81 -12.79
O6 UNL ACA . 58.92 -3.87 -12.54
C4 UNL ACA . 62.58 -2.78 -11.99
O4 UNL ACA . 62.72 -1.55 -12.68
C3 UNL ACA . 63.40 -2.77 -10.70
O3 UNL ACA . 63.86 -4.09 -10.44
C2 UNL ACA . 62.62 -2.25 -9.48
O2 UNL ACA . 62.42 -0.85 -9.62
C7 UNL ACA . 60.83 -5.25 -12.97
O7 UNL ACA . 60.44 -6.08 -11.87
C9 UNL ACA . 64.82 -4.60 -11.37
C10 UNL ACA . 58.23 -2.63 -12.70
C1 UNL BCA . 52.30 6.52 -16.50
O5 UNL BCA . 51.91 7.05 -17.75
C5 UNL BCA . 51.91 6.05 -18.78
C6 UNL BCA . 50.87 5.03 -18.39
O6 UNL BCA . 50.01 5.14 -19.41
C4 UNL BCA . 53.28 5.44 -19.07
O4 UNL BCA . 53.19 4.32 -19.95
C3 UNL BCA . 54.05 5.13 -17.79
O3 UNL BCA . 54.86 3.95 -17.99
C2 UNL BCA . 53.10 5.22 -16.59
N2 UNL BCA . 53.84 5.11 -15.36
C7 UNL BCA . 53.96 3.82 -15.12
C8 UNL BCA . 54.98 3.41 -14.12
O7 UNL BCA . 53.44 3.01 -15.89
C1 UNL CCA . 56.29 4.13 -17.75
O5 UNL CCA . 56.99 5.06 -18.54
C5 UNL CCA . 58.19 5.44 -17.85
C6 UNL CCA . 58.78 6.68 -18.51
O6 UNL CCA . 59.53 7.42 -17.91
C4 UNL CCA . 59.17 4.25 -17.82
O4 UNL CCA . 59.85 4.12 -19.07
C3 UNL CCA . 58.49 3.00 -17.26
O3 UNL CCA . 59.25 1.82 -17.50
C2 UNL CCA . 57.05 2.81 -17.77
O2 UNL CCA . 56.35 1.82 -17.01
N1 UNL CCA . 58.43 7.00 -19.91
C1 UNL DCA . 59.35 3.38 -20.21
O5 UNL DCA . 58.56 4.13 -21.14
C5 UNL DCA . 57.83 3.30 -22.06
C6 UNL DCA . 56.44 2.98 -21.50
O6 UNL DCA . 55.73 4.21 -21.35
C4 UNL DCA . 58.61 2.02 -22.37
O4 UNL DCA . 58.23 1.52 -23.64
C3 UNL DCA . 60.11 2.28 -22.32
O3 UNL DCA . 60.87 1.14 -22.73
C2 UNL DCA . 60.54 2.72 -20.92
O2 UNL DCA . 60.98 1.63 -20.11
C1 UNL ECA . 61.70 1.48 -23.89
O5 UNL ECA . 62.91 2.22 -23.57
C5 UNL ECA . 63.87 1.47 -22.79
C6 UNL ECA . 65.03 2.42 -22.54
O6 UNL ECA . 66.08 2.25 -23.51
C4 UNL ECA . 64.25 0.15 -23.50
O4 UNL ECA . 63.95 -0.93 -22.64
C3 UNL ECA . 63.53 -0.02 -24.85
O3 UNL ECA . 64.13 0.84 -25.81
C2 UNL ECA . 62.02 0.27 -24.78
O2 UNL ECA . 61.36 -0.91 -24.31
C7 UNL ECA . 65.62 2.26 -21.14
O7 UNL ECA . 66.48 1.14 -21.05
C9 UNL ECA . 65.12 0.23 -26.63
C10 UNL ECA . 66.46 3.44 -24.18
C1 UNL FCA . 55.31 15.50 -13.98
O5 UNL FCA . 56.04 16.30 -13.08
C5 UNL FCA . 57.35 15.76 -12.93
C6 UNL FCA . 58.15 16.75 -12.11
O6 UNL FCA . 57.59 18.07 -12.17
C4 UNL FCA . 57.92 15.50 -14.33
O4 UNL FCA . 59.31 15.81 -14.39
C3 UNL FCA . 57.18 16.32 -15.39
O3 UNL FCA . 57.23 17.70 -15.13
C2 UNL FCA . 55.68 16.08 -15.35
N2 UNL FCA . 55.29 15.28 -16.50
C7 UNL FCA . 54.21 15.66 -17.16
C8 UNL FCA . 53.99 15.01 -18.50
O7 UNL FCA . 53.42 16.47 -16.71
C1 UNL GCA . 58.13 18.36 -16.07
O5 UNL GCA . 59.42 18.58 -15.49
C5 UNL GCA . 60.39 18.97 -16.46
C6 UNL GCA . 61.72 19.05 -15.72
O6 UNL GCA . 61.87 19.74 -14.73
C4 UNL GCA . 59.99 20.29 -17.14
O4 UNL GCA . 60.98 21.30 -16.89
C3 UNL GCA . 58.63 20.78 -16.62
O3 UNL GCA . 58.76 21.28 -15.29
C2 UNL GCA . 57.59 19.64 -16.68
O2 UNL GCA . 57.17 19.39 -18.02
N1 UNL GCA . 62.87 18.26 -16.23
C1 UNL HCA . 61.59 21.67 -18.12
O5 UNL HCA . 62.71 20.84 -18.42
C5 UNL HCA . 63.30 21.12 -19.72
C6 UNL HCA . 64.51 20.21 -19.91
O6 UNL HCA . 64.11 18.85 -19.84
C4 UNL HCA . 63.68 22.61 -19.89
O4 UNL HCA . 63.94 22.92 -21.26
C3 UNL HCA . 62.57 23.53 -19.39
O3 UNL HCA . 62.99 24.88 -19.36
C2 UNL HCA . 62.00 23.13 -18.01
O2 UNL HCA . 62.98 23.33 -16.98
C1 UNL ICA . 61.98 25.61 -20.09
O5 UNL ICA . 62.14 25.43 -21.51
C5 UNL ICA . 61.09 26.01 -22.28
C6 UNL ICA . 61.31 25.56 -23.72
O6 UNL ICA . 61.32 24.13 -23.83
C4 UNL ICA . 61.04 27.52 -22.04
O4 UNL ICA . 59.92 28.07 -22.74
C3 UNL ICA . 60.92 27.82 -20.54
O3 UNL ICA . 61.10 29.23 -20.36
C2 UNL ICA . 61.96 27.07 -19.70
O2 UNL ICA . 61.61 27.20 -18.33
C7 UNL ICA . 62.60 26.08 -24.32
O7 UNL ICA . 63.74 25.48 -23.69
C9 UNL ICA . 60.00 29.91 -19.77
C10 UNL ICA . 60.08 23.48 -23.53
C1 UNL JCA . 46.87 19.42 -0.61
O5 UNL JCA . 46.86 20.27 -1.74
C5 UNL JCA . 45.79 21.21 -1.62
C6 UNL JCA . 45.78 22.11 -2.83
O6 UNL JCA . 44.57 22.87 -2.93
C4 UNL JCA . 46.00 21.90 -0.27
O4 UNL JCA . 45.67 23.27 -0.47
C3 UNL JCA . 47.40 21.65 0.25
O3 UNL JCA . 48.36 21.94 -0.73
C2 UNL JCA . 47.61 20.18 0.49
N2 UNL JCA . 47.15 19.86 1.80
C7 UNL JCA . 47.95 19.93 2.87
C8 UNL JCA . 49.42 19.73 2.66
O7 UNL JCA . 47.51 20.17 3.98
C1 UNL KCA . 48.80 23.27 -0.55
O5 UNL KCA . 48.22 24.01 -1.62
C5 UNL KCA . 48.38 25.41 -1.48
C6 UNL KCA . 48.23 25.93 -2.89
O6 UNL KCA . 48.17 25.19 -3.88
C4 UNL KCA . 49.74 25.67 -0.87
O4 UNL KCA . 50.17 26.98 -1.23
C3 UNL KCA . 50.72 24.57 -1.33
O3 UNL KCA . 50.76 24.40 -2.75
C2 UNL KCA . 50.31 23.26 -0.70
O2 UNL KCA . 50.94 23.02 0.55
N1 UNL KCA . 48.08 27.41 -3.04
C1 UNL LCA . 50.57 27.79 -0.14
O5 UNL LCA . 51.32 27.12 0.86
C5 UNL LCA . 52.63 26.70 0.51
C6 UNL LCA . 53.22 26.19 1.82
O6 UNL LCA . 52.44 25.05 2.25
C4 UNL LCA . 53.51 27.76 -0.18
O4 UNL LCA . 54.62 27.14 -0.85
C3 UNL LCA . 52.75 28.58 -1.22
O3 UNL LCA . 53.60 29.69 -1.55
C2 UNL LCA . 51.37 29.00 -0.67
O2 UNL LCA . 51.46 29.96 0.40
C1 UNL MCA . 53.06 30.65 -2.47
O5 UNL MCA . 53.08 30.23 -3.83
C5 UNL MCA . 52.46 31.16 -4.74
C6 UNL MCA . 52.43 30.49 -6.12
O6 UNL MCA . 53.70 30.63 -6.79
C4 UNL MCA . 53.20 32.52 -4.68
O4 UNL MCA . 52.55 33.48 -5.52
C3 UNL MCA . 53.23 33.02 -3.24
O3 UNL MCA . 54.04 34.20 -3.22
C2 UNL MCA . 53.80 31.97 -2.29
O2 UNL MCA . 53.66 32.44 -0.96
C7 UNL MCA . 51.34 31.04 -7.03
O7 UNL MCA . 50.11 31.23 -6.33
C9 UNL MCA . 53.40 35.36 -2.70
C10 UNL MCA . 53.96 29.69 -7.83
CA CA NCA . 33.42 -25.31 7.81
C1 UNL OCA . 46.87 -9.92 -2.99
O5 UNL OCA . 48.24 -9.99 -2.75
C5 UNL OCA . 49.04 -9.80 -3.92
C6 UNL OCA . 49.16 -8.32 -4.13
O6 UNL OCA . 49.38 -7.71 -2.84
C4 UNL OCA . 48.65 -10.66 -5.11
O4 UNL OCA . 48.39 -10.06 -6.39
C3 UNL OCA . 47.46 -11.54 -4.83
O3 UNL OCA . 47.05 -11.90 -6.14
C2 UNL OCA . 46.35 -10.87 -4.05
N2 UNL OCA . 45.55 -11.89 -3.46
C7 UNL OCA . 44.26 -11.70 -3.65
C8 UNL OCA . 43.32 -12.74 -3.10
O7 UNL OCA . 43.88 -10.68 -4.21
C1 UNL PCA . 46.05 -12.89 -6.18
O5 UNL PCA . 46.53 -14.13 -5.68
C5 UNL PCA . 46.47 -15.21 -6.61
C6 UNL PCA . 47.38 -16.25 -5.99
O6 UNL PCA . 47.82 -16.13 -4.86
C4 UNL PCA . 46.95 -14.67 -7.95
O4 UNL PCA . 48.21 -13.98 -7.82
C3 UNL PCA . 45.88 -13.78 -8.55
O3 UNL PCA . 46.38 -12.86 -9.52
C2 UNL PCA . 45.20 -12.99 -7.46
O2 UNL PCA . 43.93 -13.61 -7.16
N1 UNL PCA . 47.80 -17.47 -6.77
C1 UNL QCA . 48.88 -13.94 -9.15
O5 UNL QCA . 50.08 -13.23 -9.02
C5 UNL QCA . 51.15 -14.12 -8.63
C6 UNL QCA . 52.13 -12.99 -8.47
O6 UNL QCA . 52.75 -12.49 -9.68
C4 UNL QCA . 51.54 -15.29 -9.61
O4 UNL QCA . 52.52 -16.34 -9.27
C3 UNL QCA . 50.32 -16.18 -9.86
O3 UNL QCA . 50.61 -17.30 -10.81
C2 UNL QCA . 49.19 -15.13 -10.10
O2 UNL QCA . 49.50 -14.27 -11.20
C1 UNL RCA . 49.93 -18.53 -10.46
O5 UNL RCA . 48.90 -18.94 -11.36
C5 UNL RCA . 49.31 -19.44 -12.66
C6 UNL RCA . 47.99 -19.72 -13.35
O6 UNL RCA . 46.94 -20.26 -12.53
C4 UNL RCA . 50.28 -20.64 -12.50
O4 UNL RCA . 50.85 -21.00 -13.76
C3 UNL RCA . 51.41 -20.29 -11.55
O3 UNL RCA . 52.18 -21.48 -11.36
C2 UNL RCA . 50.90 -19.68 -10.23
O2 UNL RCA . 52.02 -19.17 -9.54
C7 UNL RCA . 48.09 -20.44 -14.69
O7 UNL RCA . 46.82 -20.47 -15.32
C9 UNL RCA . 53.58 -21.34 -11.59
C10 UNL RCA . 47.09 -21.59 -12.03
C1 UNL SCA . 58.35 -9.77 9.15
O5 UNL SCA . 59.00 -8.56 8.76
C5 UNL SCA . 59.99 -8.65 7.73
C6 UNL SCA . 59.40 -9.30 6.49
O6 UNL SCA . 58.19 -8.72 6.01
C4 UNL SCA . 61.19 -9.42 8.26
O4 UNL SCA . 61.86 -10.23 7.28
C3 UNL SCA . 60.74 -10.29 9.41
O3 UNL SCA . 61.82 -11.15 9.80
C2 UNL SCA . 59.37 -10.90 9.17
N2 UNL SCA . 58.98 -11.69 10.32
C7 UNL SCA . 58.67 -12.98 10.19
C8 UNL SCA . 59.19 -13.90 11.25
O7 UNL SCA . 57.99 -13.39 9.25
C1 UNL TCA . 61.77 -12.59 9.61
O5 UNL TCA . 62.62 -13.29 10.49
C5 UNL TCA . 64.02 -13.25 10.17
C6 UNL TCA . 64.71 -12.23 11.08
O6 UNL TCA . 64.45 -11.04 11.07
C4 UNL TCA . 64.28 -13.03 8.66
O4 UNL TCA . 64.30 -11.64 8.35
C3 UNL TCA . 63.19 -13.74 7.88
O3 UNL TCA . 63.45 -13.67 6.47
C2 UNL TCA . 61.88 -13.08 8.14
O2 UNL TCA . 60.82 -13.97 7.83
N1 UNL TCA . 65.79 -12.70 11.98
C1 UNL UCA . 65.25 -11.31 7.30
O5 UNL UCA . 65.26 -9.90 7.05
C5 UNL UCA . 65.65 -9.15 8.21
C6 UNL UCA . 65.55 -7.67 7.90
O6 UNL UCA . 66.52 -7.33 6.91
C4 UNL UCA . 67.07 -9.55 8.64
O4 UNL UCA . 67.40 -8.86 9.84
C3 UNL UCA . 67.14 -11.06 8.88
O3 UNL UCA . 68.45 -11.46 9.20
C2 UNL UCA . 66.66 -11.80 7.64
O2 UNL UCA . 67.54 -11.55 6.55
C1 UNL VCA . 68.38 -12.82 9.71
O5 UNL VCA . 68.78 -13.77 8.73
C5 UNL VCA . 70.13 -13.57 8.27
C6 UNL VCA . 70.29 -14.56 7.11
O6 UNL VCA . 70.31 -15.94 7.55
C4 UNL VCA . 71.10 -13.75 9.46
O4 UNL VCA . 72.42 -13.46 9.05
C3 UNL VCA . 70.70 -12.86 10.64
O3 UNL VCA . 71.44 -13.31 11.77
C2 UNL VCA . 69.21 -12.98 10.97
O2 UNL VCA . 68.84 -12.00 11.92
C7 UNL VCA . 71.41 -14.21 6.14
O7 UNL VCA . 71.25 -14.90 4.90
C9 UNL VCA . 72.51 -12.47 12.18
C10 UNL VCA . 71.60 -16.52 7.79
C1 UNL WCA . 60.95 -24.17 17.49
O5 UNL WCA . 61.31 -25.05 16.44
C5 UNL WCA . 62.01 -26.21 16.91
C6 UNL WCA . 61.00 -27.07 17.62
O6 UNL WCA . 60.11 -27.66 16.69
C4 UNL WCA . 63.20 -25.80 17.78
O4 UNL WCA . 63.04 -26.22 19.13
C3 UNL WCA . 63.37 -24.28 17.76
O3 UNL WCA . 64.46 -23.87 18.57
C2 UNL WCA . 62.11 -23.59 18.25
N2 UNL WCA . 62.20 -22.16 18.07
C7 UNL WCA . 62.21 -21.30 19.09
C8 UNL WCA . 62.17 -19.84 18.71
O7 UNL WCA . 62.26 -21.66 20.26
C1 UNL XCA . 65.53 -23.38 17.71
O5 UNL XCA . 65.99 -24.38 16.79
C5 UNL XCA . 67.30 -24.89 17.01
C6 UNL XCA . 67.45 -26.17 16.18
O6 UNL XCA . 66.52 -26.73 15.62
C4 UNL XCA . 67.54 -25.14 18.50
O4 UNL XCA . 66.51 -26.02 19.00
C3 UNL XCA . 67.53 -23.81 19.25
O3 UNL XCA . 67.19 -23.97 20.62
C2 UNL XCA . 66.62 -22.78 18.60
O2 UNL XCA . 67.36 -21.80 17.88
N1 UNL XCA . 68.79 -26.77 16.03
C1 UNL YCA . 66.88 -27.22 19.73
O5 UNL YCA . 66.36 -28.46 19.23
C5 UNL YCA . 67.16 -29.18 18.28
C6 UNL YCA . 66.42 -30.47 17.95
O6 UNL YCA . 66.41 -31.32 19.10
C4 UNL YCA . 68.57 -29.43 18.82
O4 UNL YCA . 69.33 -30.00 17.77
C3 UNL YCA . 69.21 -28.10 19.22
O3 UNL YCA . 70.54 -28.23 19.76
C2 UNL YCA . 68.33 -27.37 20.23
O2 UNL YCA . 68.29 -28.08 21.47
C1 UNL ZCA . 71.33 -27.20 19.08
O5 UNL ZCA . 71.74 -26.09 19.92
C5 UNL ZCA . 72.79 -26.39 20.88
C6 UNL ZCA . 73.05 -25.08 21.63
O6 UNL ZCA . 74.04 -24.29 20.94
C4 UNL ZCA . 74.01 -26.99 20.17
O4 UNL ZCA . 74.98 -27.39 21.14
C3 UNL ZCA . 73.62 -28.18 19.29
O3 UNL ZCA . 74.78 -28.56 18.55
C2 UNL ZCA . 72.51 -27.80 18.32
O2 UNL ZCA . 72.10 -28.96 17.59
C7 UNL ZCA . 73.48 -25.30 23.07
O7 UNL ZCA . 72.51 -26.07 23.80
C9 UNL ZCA . 75.20 -29.91 18.74
C10 UNL ZCA . 74.05 -22.89 21.26
CA CA ADA . 25.49 -37.51 30.52
C1 UNL BDA . 53.66 -38.03 38.40
O5 UNL BDA . 53.85 -38.38 37.05
C5 UNL BDA . 54.98 -37.69 36.49
C6 UNL BDA . 55.43 -38.49 35.30
O6 UNL BDA . 56.65 -37.96 34.78
C4 UNL BDA . 56.01 -37.58 37.61
O4 UNL BDA . 57.23 -37.13 36.99
C3 UNL BDA . 55.99 -38.77 38.61
O3 UNL BDA . 56.86 -39.89 38.31
C2 UNL BDA . 54.55 -39.10 39.02
N2 UNL BDA . 54.43 -39.04 40.44
C7 UNL BDA . 54.20 -39.96 41.39
C8 UNL BDA . 53.14 -41.00 41.16
O7 UNL BDA . 54.90 -39.98 42.40
C1 UNL CDA . 58.20 -39.96 38.96
O5 UNL CDA . 59.37 -40.00 38.14
C5 UNL CDA . 59.52 -41.18 37.36
C6 UNL CDA . 58.56 -40.99 36.21
O6 UNL CDA . 58.71 -40.05 35.49
C4 UNL CDA . 59.44 -42.44 38.23
O4 UNL CDA . 59.39 -43.64 37.46
C3 UNL CDA . 58.29 -42.40 39.22
O3 UNL CDA . 57.02 -42.64 38.59
C2 UNL CDA . 58.26 -41.10 39.96
O2 UNL CDA . 59.45 -40.99 40.78
N1 UNL CDA . 57.49 -41.92 35.88
C1 UNL DDA . 60.05 -44.66 38.26
O5 UNL DDA . 59.28 -45.13 39.39
C5 UNL DDA . 60.10 -45.76 40.37
C6 UNL DDA . 61.01 -44.67 40.97
O6 UNL DDA . 60.16 -43.71 41.61
C4 UNL DDA . 60.76 -46.98 39.70
O4 UNL DDA . 59.74 -47.97 39.48
C3 UNL DDA . 61.46 -46.70 38.36
O3 UNL DDA . 62.64 -45.93 38.66
C2 UNL DDA . 60.57 -45.85 37.45
O2 UNL DDA . 61.29 -45.36 36.31
C1 UNL EDA . 63.90 -46.63 38.51
O5 UNL EDA . 64.33 -46.68 37.14
C5 UNL EDA . 64.90 -45.43 36.66
C6 UNL EDA . 64.97 -45.52 35.14
O6 UNL EDA . 63.69 -45.85 34.60
C4 UNL EDA . 66.23 -45.12 37.37
O4 UNL EDA . 66.31 -43.73 37.61
C3 UNL EDA . 66.34 -45.90 38.70
O3 UNL EDA . 66.89 -47.19 38.41
C2 UNL EDA . 65.01 -46.06 39.43
O2 UNL EDA . 64.62 -44.80 39.98
C7 UNL EDA . 66.02 -46.52 34.66
O7 UNL EDA . 65.66 -47.85 35.03
C9 UNL EDA . 68.25 -47.21 38.02
C10 UNL EDA . 63.53 -45.61 33.20
C1 UNL FDA . 46.72 -40.13 17.79
O5 UNL FDA . 46.17 -41.28 17.16
C5 UNL FDA . 44.94 -41.01 16.47
C6 UNL FDA . 44.40 -42.29 15.85
O6 UNL FDA . 43.09 -42.12 15.30
C4 UNL FDA . 45.18 -39.82 15.53
O4 UNL FDA . 44.48 -39.97 14.28
C3 UNL FDA . 46.68 -39.64 15.36
O3 UNL FDA . 47.32 -40.85 14.96
C2 UNL FDA . 47.34 -39.29 16.68
N2 UNL FDA . 47.20 -37.85 16.91
C7 UNL FDA . 47.93 -36.83 16.45
C8 UNL FDA . 49.36 -37.11 16.08
O7 UNL FDA . 47.44 -35.71 16.32
C1 UNL GDA . 47.73 -40.73 13.58
O5 UNL GDA . 46.76 -41.27 12.67
C5 UNL GDA . 47.14 -41.26 11.30
C6 UNL GDA . 45.89 -41.69 10.55
O6 UNL GDA . 44.84 -42.01 11.11
C4 UNL GDA . 48.35 -42.18 11.10
O4 UNL GDA . 48.02 -43.37 10.35
C3 UNL GDA . 48.97 -42.58 12.44
O3 UNL GDA . 48.18 -43.56 13.10
C2 UNL GDA . 49.09 -41.36 13.35
O2 UNL GDA . 50.01 -40.40 12.85
N1 UNL GDA . 45.93 -41.76 9.07
C1 UNL HDA . 49.23 -44.12 10.12
O5 UNL HDA . 50.02 -43.50 9.11
C5 UNL HDA . 50.92 -44.40 8.46
C6 UNL HDA . 51.89 -43.59 7.62
O6 UNL HDA . 52.92 -43.09 8.47
C4 UNL HDA . 50.12 -45.39 7.60
O4 UNL HDA . 50.88 -46.58 7.40
C3 UNL HDA . 48.81 -45.76 8.28
O3 UNL HDA . 47.76 -44.90 7.80
C2 UNL HDA . 48.95 -45.58 9.78
O2 UNL HDA . 47.79 -46.07 10.46
C1 UNL IDA . 47.25 -45.43 6.58
O5 UNL IDA . 47.71 -44.66 5.48
C5 UNL IDA . 47.36 -45.22 4.20
C6 UNL IDA . 48.12 -44.40 3.17
O6 UNL IDA . 47.86 -44.86 1.83
C4 UNL IDA . 45.83 -45.22 4.07
O4 UNL IDA . 45.48 -45.87 2.85
C3 UNL IDA . 45.18 -45.92 5.25
O3 UNL IDA . 43.79 -45.63 5.21
C2 UNL IDA . 45.73 -45.46 6.61
O2 UNL IDA . 45.29 -46.37 7.61
C7 UNL IDA . 49.62 -44.45 3.40
O7 UNL IDA . 50.02 -43.42 4.30
C9 UNL IDA . 42.94 -46.76 5.06
C10 UNL IDA . 47.96 -43.84 0.82
C1 UNL JDA . 41.20 -47.08 32.14
O5 UNL JDA . 42.39 -47.24 32.88
C5 UNL JDA . 41.95 -47.15 34.23
C6 UNL JDA . 43.16 -46.97 35.18
O6 UNL JDA . 43.95 -48.14 35.50
C4 UNL JDA . 41.11 -48.42 34.35
O4 UNL JDA . 41.88 -49.21 35.26
C3 UNL JDA . 40.70 -49.18 33.08
O3 UNL JDA . 41.50 -50.35 32.84
C2 UNL JDA . 40.53 -48.39 31.80
N2 UNL JDA . 39.18 -48.29 31.35
C7 UNL JDA . 38.71 -48.73 30.16
C8 UNL JDA . 38.83 -50.19 29.85
O7 UNL JDA . 38.21 -47.94 29.36
C1 UNL KDA . 40.64 -50.92 33.91
O5 UNL KDA . 39.74 -51.75 33.18
C5 UNL KDA . 40.22 -53.06 32.93
C6 UNL KDA . 39.06 -53.53 32.13
O6 UNL KDA . 37.91 -53.16 32.33
C4 UNL KDA . 40.33 -53.80 34.27
O4 UNL KDA . 39.57 -55.02 34.29
C3 UNL KDA . 39.90 -52.87 35.41
O3 UNL KDA . 38.49 -52.51 35.37
C2 UNL KDA . 40.75 -51.59 35.38
O2 UNL KDA . 42.04 -51.82 35.98
N1 UNL KDA . 39.32 -54.49 31.03
C1 UNL LDA . 40.16 -56.13 35.07
O5 UNL LDA . 41.14 -55.69 36.06
C5 UNL LDA . 42.04 -56.64 36.54
C6 UNL LDA . 43.05 -56.76 35.39
O6 UNL LDA . 43.41 -55.50 34.85
C4 UNL LDA . 41.20 -57.86 37.03
O4 UNL LDA . 40.76 -57.55 38.37
C3 UNL LDA . 39.90 -58.27 36.24
O3 UNL LDA . 40.14 -59.15 35.11
C2 UNL LDA . 39.12 -57.08 35.70
O2 UNL LDA . 38.16 -57.48 34.71
C1 UNL MDA . 39.81 -60.54 35.41
O5 UNL MDA . 38.61 -60.97 34.75
C5 UNL MDA . 38.79 -61.37 33.37
C6 UNL MDA . 37.42 -61.41 32.70
O6 UNL MDA . 36.81 -60.11 32.65
C4 UNL MDA . 39.61 -62.67 33.30
O4 UNL MDA . 40.41 -62.66 32.12
C3 UNL MDA . 40.49 -62.84 34.55
O3 UNL MDA . 39.75 -63.57 35.53
C2 UNL MDA . 40.98 -61.52 35.14
O2 UNL MDA . 41.96 -60.95 34.26
C7 UNL MDA . 36.46 -62.36 33.39
O7 UNL MDA . 36.01 -61.86 34.64
C9 UNL MDA . 39.45 -64.91 35.20
C10 UNL MDA . 37.41 -59.18 31.75
C1 UNL NDA . 40.62 -52.78 22.73
O5 UNL NDA . 40.41 -52.78 21.33
C5 UNL NDA . 39.22 -53.51 20.97
C6 UNL NDA . 38.07 -52.79 21.59
O6 UNL NDA . 37.37 -52.43 20.51
C4 UNL NDA . 39.27 -55.01 21.34
O4 UNL NDA . 38.00 -55.64 21.15
C3 UNL NDA . 39.86 -55.25 22.72
O3 UNL NDA . 39.21 -56.39 23.32
C2 UNL NDA . 39.92 -53.92 23.48
N2 UNL NDA . 40.62 -54.07 24.71
C7 UNL NDA . 39.72 -54.49 25.59
C8 UNL NDA . 40.25 -55.09 26.87
O7 UNL NDA . 38.55 -54.60 25.25
C1 UNL ODA . 40.10 -57.47 23.73
O5 UNL ODA . 40.90 -58.10 22.74
C5 UNL ODA . 42.01 -58.72 23.39
C6 UNL ODA . 43.04 -59.11 22.34
O6 UNL ODA . 44.20 -59.28 22.62
C4 UNL ODA . 41.53 -59.92 24.23
O4 UNL ODA . 41.28 -61.05 23.39
C3 UNL ODA . 40.41 -59.50 25.18
O3 UNL ODA . 39.73 -60.62 25.74
C2 UNL ODA . 39.39 -58.54 24.55
O2 UNL ODA . 38.56 -57.94 25.54
N1 UNL ODA . 42.62 -59.28 20.93
C1 UNL PDA . 40.03 -61.32 22.71
O5 UNL PDA . 39.91 -60.78 21.38
C5 UNL PDA . 38.57 -60.79 20.88
C6 UNL PDA . 37.86 -59.47 21.21
O6 UNL PDA . 38.58 -58.42 20.57
C4 UNL PDA . 37.80 -61.98 21.45
O4 UNL PDA . 36.74 -62.33 20.54
C3 UNL PDA . 38.72 -63.18 21.66
O3 UNL PDA . 38.01 -64.36 22.06
C2 UNL PDA . 39.80 -62.83 22.70
O2 UNL PDA . 39.43 -63.23 24.02
C1 UNL QDA . 38.25 -65.43 21.10
O5 UNL QDA . 39.52 -66.11 21.24
C5 UNL QDA . 39.66 -66.85 22.46
C6 UNL QDA . 41.06 -67.45 22.44
O6 UNL QDA . 41.05 -68.80 21.93
C4 UNL QDA . 38.52 -67.87 22.62
O4 UNL QDA . 37.83 -67.62 23.84
C3 UNL QDA . 37.54 -67.85 21.43
O3 UNL QDA . 38.16 -68.50 20.32
C2 UNL QDA . 37.09 -66.45 21.03
O2 UNL QDA . 36.02 -66.05 21.89
C7 UNL QDA . 41.72 -67.42 23.81
O7 UNL QDA . 41.26 -68.48 24.64
C9 UNL QDA . 37.83 -69.87 20.15
C10 UNL QDA . 41.94 -69.02 20.85
C1 UNL RDA . 50.12 -51.40 20.95
O5 UNL RDA . 51.42 -51.39 21.47
C5 UNL RDA . 51.66 -52.63 22.14
C6 UNL RDA . 53.12 -52.67 22.50
O6 UNL RDA . 53.90 -51.79 21.68
C4 UNL RDA . 51.21 -53.76 21.21
O4 UNL RDA . 52.09 -54.88 21.29
C3 UNL RDA . 51.16 -53.29 19.76
O3 UNL RDA . 52.38 -52.78 19.29
C2 UNL RDA . 50.26 -52.08 19.60
N2 UNL RDA . 49.03 -52.46 18.94
C7 UNL RDA . 48.59 -51.68 17.97
C8 UNL RDA . 47.47 -52.25 17.13
O7 UNL RDA . 49.03 -50.55 17.78
C1 UNL SDA . 53.00 -53.72 18.37
O5 UNL SDA . 53.99 -54.52 19.00
C5 UNL SDA . 54.41 -55.63 18.18
C6 UNL SDA . 55.35 -56.46 19.05
O6 UNL SDA . 56.34 -55.98 19.57
C4 UNL SDA . 55.04 -55.12 16.88
O4 UNL SDA . 56.40 -55.56 16.80
C3 UNL SDA . 54.99 -53.60 16.81
O3 UNL SDA . 55.94 -53.02 17.71
C2 UNL SDA . 53.57 -53.08 17.11
O2 UNL SDA . 52.69 -53.32 16.01
N1 UNL SDA . 55.06 -57.90 19.25
C1 UNL TDA . 56.54 -56.47 15.69
O5 UNL TDA . 56.28 -57.81 16.08
C5 UNL TDA . 56.30 -58.74 14.97
C6 UNL TDA . 56.06 -60.15 15.52
O6 UNL TDA . 54.78 -60.21 16.16
C4 UNL TDA . 57.61 -58.67 14.17
O4 UNL TDA . 57.47 -59.35 12.91
C3 UNL TDA . 58.01 -57.22 13.90
O3 UNL TDA . 59.30 -57.13 13.31
C2 UNL TDA . 57.94 -56.31 15.13
O2 UNL TDA . 58.94 -56.67 16.09
C1 UNL UDA . 59.13 -56.33 12.13
O5 UNL UDA . 58.55 -57.10 11.07
C5 UNL UDA . 58.22 -56.31 9.92
C6 UNL UDA . 57.44 -57.23 8.98
O6 UNL UDA . 56.25 -57.75 9.61
C4 UNL UDA . 59.49 -55.69 9.33
O4 UNL UDA . 59.14 -54.85 8.24
C3 UNL UDA . 60.23 -54.88 10.41
O3 UNL UDA . 61.50 -54.51 9.89
C2 UNL UDA . 60.44 -55.67 11.70
O2 UNL UDA . 60.87 -54.78 12.72
C7 UNL UDA . 58.26 -58.42 8.47
O7 UNL UDA . 58.54 -59.33 9.54
C9 UNL UDA . 61.73 -53.11 9.81
C10 UNL UDA . 55.26 -56.78 9.94
C1 UNL VDA . 54.24 -37.53 28.30
O5 UNL VDA . 54.51 -37.70 26.92
C5 UNL VDA . 54.82 -36.43 26.33
C6 UNL VDA . 55.10 -36.63 24.85
O6 UNL VDA . 55.14 -35.38 24.14
C4 UNL VDA . 55.97 -35.88 27.16
O4 UNL VDA . 56.86 -35.23 26.25
C3 UNL VDA . 56.61 -36.96 28.01
O3 UNL VDA . 56.92 -38.08 27.23
C2 UNL VDA . 55.60 -37.50 28.99
N2 UNL VDA . 55.62 -36.68 30.17
C7 UNL VDA . 56.43 -36.94 31.19
C8 UNL VDA . 56.85 -38.37 31.41
O7 UNL VDA . 56.84 -36.05 31.91
C1 UNL WDA . 58.26 -37.98 26.82
O5 UNL WDA . 58.21 -37.67 25.44
C5 UNL WDA . 59.47 -37.29 24.88
C6 UNL WDA . 59.31 -37.56 23.41
O6 UNL WDA . 58.32 -38.12 22.92
C4 UNL WDA . 60.52 -38.16 25.55
O4 UNL WDA . 61.65 -38.26 24.69
C3 UNL WDA . 59.93 -39.52 25.91
O3 UNL WDA . 59.29 -40.17 24.81
C2 UNL WDA . 58.90 -39.33 27.00
O2 UNL WDA . 59.45 -39.47 28.31
N1 UNL WDA . 60.39 -37.03 22.53
C1 UNL XDA . 62.89 -37.89 25.31
O5 UNL XDA . 63.05 -38.36 26.64
C5 UNL XDA . 63.21 -39.77 26.81
C6 UNL XDA . 63.53 -39.92 28.29
O6 UNL XDA . 62.39 -39.45 29.05
C4 UNL XDA . 64.25 -40.43 25.90
O4 UNL XDA . 64.04 -41.85 25.85
C3 UNL XDA . 64.19 -39.91 24.46
O3 UNL XDA . 65.37 -40.40 23.80
C2 UNL XDA . 64.05 -38.38 24.43
O2 UNL XDA . 65.25 -37.71 24.88
C1 UNL YDA . 65.56 -39.99 22.44
O5 UNL YDA . 64.73 -40.69 21.50
C5 UNL YDA . 64.85 -40.22 20.13
C6 UNL YDA . 63.81 -40.97 19.31
O6 UNL YDA . 64.30 -42.27 18.94
C4 UNL YDA . 66.31 -40.36 19.66
O4 UNL YDA . 66.47 -39.83 18.34
C3 UNL YDA . 67.25 -39.64 20.63
O3 UNL YDA . 68.59 -39.92 20.22
C2 UNL YDA . 67.03 -40.11 22.08
O2 UNL YDA . 67.81 -39.29 22.94
C7 UNL YDA . 63.40 -40.22 18.05
O7 UNL YDA . 63.20 -38.83 18.29
C9 UNL YDA . 69.39 -38.78 19.95
C10 UNL YDA . 63.30 -43.24 18.58
CA CA ZDA . 15.06 -36.80 55.20
C1 UNL AEA . 29.92 -47.95 41.18
O5 UNL AEA . 30.54 -49.10 41.72
C5 UNL AEA . 30.59 -50.21 40.81
C6 UNL AEA . 31.78 -49.97 39.91
O6 UNL AEA . 32.87 -49.47 40.71
C4 UNL AEA . 29.28 -50.58 40.17
O4 UNL AEA . 29.15 -50.67 38.75
C3 UNL AEA . 28.15 -49.69 40.62
O3 UNL AEA . 27.16 -49.95 39.63
C2 UNL AEA . 28.50 -48.22 40.70
N2 UNL AEA . 27.54 -47.59 41.58
C7 UNL AEA . 27.04 -46.48 41.06
C8 UNL AEA . 26.00 -45.77 41.88
O7 UNL AEA . 27.46 -46.07 39.98
C1 UNL BEA . 25.91 -49.38 39.91
O5 UNL BEA . 25.32 -49.98 41.06
C5 UNL BEA . 24.07 -50.63 40.84
C6 UNL BEA . 23.88 -51.50 42.06
O6 UNL BEA . 24.63 -51.40 43.02
C4 UNL BEA . 24.19 -51.40 39.52
O4 UNL BEA . 25.35 -52.24 39.51
C3 UNL BEA . 24.18 -50.42 38.37
O3 UNL BEA . 24.77 -50.95 37.17
C2 UNL BEA . 24.93 -49.17 38.74
O2 UNL BEA . 24.00 -48.14 39.05
N1 UNL BEA . 22.79 -52.52 42.11
C1 UNL CEA . 25.17 -53.32 38.50
O5 UNL CEA . 26.32 -54.10 38.48
C5 UNL CEA . 26.25 -55.15 39.46
C6 UNL CEA . 27.66 -55.60 39.20
O6 UNL CEA . 27.87 -56.45 38.04
C4 UNL CEA . 25.11 -56.23 39.32
O4 UNL CEA . 24.85 -57.27 40.32
C3 UNL CEA . 23.74 -55.53 39.36
O3 UNL CEA . 22.61 -56.49 39.20
C2 UNL CEA . 23.98 -54.32 38.40
O2 UNL CEA . 24.37 -54.74 37.09
C1 UNL DEA . 21.46 -56.13 40.02
O5 UNL DEA . 20.31 -55.68 39.30
C5 UNL DEA . 19.57 -56.69 38.55
C6 UNL DEA . 18.47 -55.88 37.89
O6 UNL DEA . 17.89 -54.81 38.66
C4 UNL DEA . 19.11 -57.85 39.48
O4 UNL DEA . 18.56 -58.93 38.73
C3 UNL DEA . 20.29 -58.36 40.29
O3 UNL DEA . 19.77 -59.32 41.21
C2 UNL DEA . 21.06 -57.24 40.98
O2 UNL DEA . 22.26 -57.79 41.49
C7 UNL DEA . 17.39 -56.70 37.18
O7 UNL DEA . 16.55 -55.82 36.44
C9 UNL DEA . 20.42 -60.59 41.20
C10 UNL DEA . 17.10 -55.16 39.82
C1 UNL EEA . 39.79 -52.52 53.69
O5 UNL EEA . 40.92 -52.83 52.89
C5 UNL EEA . 40.95 -54.13 52.28
C6 UNL EEA . 39.71 -54.34 51.42
O6 UNL EEA . 39.42 -53.31 50.49
C4 UNL EEA . 41.10 -55.19 53.35
O4 UNL EEA . 40.41 -56.43 53.06
C3 UNL EEA . 40.59 -54.63 54.66
O3 UNL EEA . 40.53 -55.68 55.64
C2 UNL EEA . 39.36 -53.74 54.47
N2 UNL EEA . 38.94 -53.21 55.75
C7 UNL EEA . 37.71 -53.43 56.21
C8 UNL EEA . 37.59 -53.74 57.67
O7 UNL EEA . 36.73 -53.35 55.48
C1 UNL FEA . 39.28 -56.18 56.17
O5 UNL FEA . 39.42 -56.79 57.44
C5 UNL FEA . 40.00 -58.10 57.45
C6 UNL FEA . 41.47 -58.01 57.85
O6 UNL FEA . 42.30 -57.39 57.21
C4 UNL FEA . 39.76 -58.85 56.12
O4 UNL FEA . 40.80 -58.55 55.17
C3 UNL FEA . 38.41 -58.47 55.56
O3 UNL FEA . 38.09 -59.23 54.41
C2 UNL FEA . 38.42 -57.02 55.20
O2 UNL FEA . 37.09 -56.53 55.15
N1 UNL FEA . 41.92 -58.71 59.07
C1 UNL GEA . 41.14 -59.68 54.32
O5 UNL GEA . 42.20 -59.33 53.43
C5 UNL GEA . 43.40 -58.95 54.12
C6 UNL GEA . 44.43 -58.49 53.09
O6 UNL GEA . 44.82 -59.62 52.31
C4 UNL GEA . 43.90 -60.12 54.97
O4 UNL GEA . 45.03 -59.70 55.72
C3 UNL GEA . 42.79 -60.57 55.92
O3 UNL GEA . 43.20 -61.70 56.68
C2 UNL GEA . 41.53 -60.90 55.14
O2 UNL GEA . 41.76 -62.00 54.29
C1 UNL HEA . 42.26 -61.88 57.75
O5 UNL HEA . 41.32 -62.93 57.47
C5 UNL HEA . 41.95 -64.20 57.27
C6 UNL HEA . 40.82 -65.12 56.82
O6 UNL HEA . 39.87 -65.42 57.86
C4 UNL HEA . 42.69 -64.61 58.56
O4 UNL HEA . 43.40 -65.82 58.35
C3 UNL HEA . 43.63 -63.50 59.04
O3 UNL HEA . 44.01 -63.83 60.38
C2 UNL HEA . 42.95 -62.15 59.07
O2 UNL HEA . 43.91 -61.13 59.32
C7 UNL HEA . 41.29 -66.35 56.04
O7 UNL HEA . 40.21 -66.93 55.31
C9 UNL HEA . 45.35 -64.32 60.54
C10 UNL HEA . 40.10 -66.61 58.62
C1 UNL IEA . 32.47 -55.98 68.55
O5 UNL IEA . 31.59 -57.02 68.16
C5 UNL IEA . 31.15 -57.80 69.28
C6 UNL IEA . 30.19 -56.93 70.07
O6 UNL IEA . 28.97 -56.76 69.35
C4 UNL IEA . 32.35 -58.29 70.08
O4 UNL IEA . 32.37 -57.75 71.41
C3 UNL IEA . 33.64 -57.93 69.38
O3 UNL IEA . 34.77 -58.39 70.10
C2 UNL IEA . 33.76 -56.44 69.18
N2 UNL IEA . 34.90 -56.11 68.37
C7 UNL IEA . 35.94 -55.40 68.82
C8 UNL IEA . 36.99 -55.05 67.82
O7 UNL IEA . 36.03 -55.08 70.01
C1 UNL JEA . 35.40 -59.48 69.39
O5 UNL JEA . 34.51 -60.59 69.18
C5 UNL JEA . 34.80 -61.79 69.90
C6 UNL JEA . 33.57 -62.68 69.84
O6 UNL JEA . 32.49 -62.32 69.42
C4 UNL JEA . 35.20 -61.45 71.34
O4 UNL JEA . 34.17 -60.68 71.95
C3 UNL JEA . 36.53 -60.70 71.34
O3 UNL JEA . 36.69 -59.90 72.52
C2 UNL JEA . 36.71 -59.83 70.10
O2 UNL JEA . 37.63 -60.43 69.18
N1 UNL JEA . 33.66 -64.08 70.28
C1 UNL KEA . 33.61 -61.10 73.24
O5 UNL KEA . 32.18 -61.27 73.29
C5 UNL KEA . 31.66 -62.57 73.00
C6 UNL KEA . 30.16 -62.52 73.18
O6 UNL KEA . 29.85 -62.33 74.56
C4 UNL KEA . 32.33 -63.64 73.87
O4 UNL KEA . 31.87 -64.91 73.43
C3 UNL KEA . 33.85 -63.58 73.73
O3 UNL KEA . 34.56 -64.53 74.53
C2 UNL KEA . 34.36 -62.17 74.05
O2 UNL KEA . 34.16 -61.88 75.42
C1 UNL LEA . 35.54 -65.13 73.65
O5 UNL LEA . 36.91 -64.76 73.91
C5 UNL LEA . 37.51 -65.36 75.10
C6 UNL LEA . 38.95 -64.84 75.16
O6 UNL LEA . 39.83 -65.70 74.42
C4 UNL LEA . 37.37 -66.90 75.04
O4 UNL LEA . 37.84 -67.46 76.27
C3 UNL LEA . 35.93 -67.32 74.79
O3 UNL LEA . 35.92 -68.73 74.59
C2 UNL LEA . 35.37 -66.65 73.54
O2 UNL LEA . 34.00 -66.99 73.39
C7 UNL LEA . 39.45 -64.70 76.59
O7 UNL LEA . 38.62 -63.85 77.37
C9 UNL LEA . 35.09 -69.46 75.49
C10 UNL LEA . 41.07 -65.11 74.00
CA CA MEA . 9.86 -24.58 78.69
C1 UNL NEA . 25.55 -45.71 91.44
O5 UNL NEA . 24.84 -46.53 90.54
C5 UNL NEA . 25.71 -47.50 89.94
C6 UNL NEA . 24.83 -48.64 89.46
O6 UNL NEA . 25.63 -49.72 88.99
C4 UNL NEA . 26.72 -47.90 91.00
O4 UNL NEA . 27.42 -49.05 90.50
C3 UNL NEA . 26.15 -47.85 92.45
O3 UNL NEA . 25.57 -49.08 92.97
C2 UNL NEA . 25.37 -46.56 92.67
N2 UNL NEA . 25.92 -45.86 93.80
C7 UNL NEA . 25.46 -45.58 95.03
C8 UNL NEA . 24.04 -45.10 95.17
O7 UNL NEA . 26.17 -45.77 96.01
C1 UNL OEA . 26.41 -49.98 93.81
O5 UNL OEA . 26.63 -51.34 93.38
C5 UNL OEA . 25.46 -52.15 93.37
C6 UNL OEA . 24.70 -51.74 92.14
O6 UNL OEA . 25.24 -51.86 91.08
C4 UNL OEA . 24.76 -52.13 94.76
O4 UNL OEA . 23.48 -52.78 94.74
C3 UNL OEA . 24.63 -50.72 95.33
O3 UNL OEA . 23.58 -49.98 94.68
C2 UNL OEA . 25.94 -49.98 95.26
O2 UNL OEA . 26.90 -50.63 96.10
N1 UNL OEA . 23.32 -51.25 92.16
C1 UNL PEA . 23.31 -53.34 96.07
O5 UNL PEA . 23.02 -52.37 97.10
C5 UNL PEA . 23.29 -52.88 98.40
C6 UNL PEA . 24.82 -53.07 98.51
O6 UNL PEA . 25.41 -51.78 98.36
C4 UNL PEA . 22.38 -54.12 98.62
O4 UNL PEA . 21.03 -53.65 98.75
C3 UNL PEA . 22.42 -55.17 97.50
O3 UNL PEA . 23.72 -55.81 97.57
C2 UNL PEA . 22.31 -54.50 96.12
O2 UNL PEA . 22.60 -55.42 95.06
C1 UNL QEA . 23.71 -57.17 98.07
O5 UNL QEA . 23.36 -58.11 97.04
C5 UNL QEA . 24.43 -58.38 96.09
C6 UNL QEA . 23.82 -59.09 94.89
O6 UNL QEA . 22.72 -58.32 94.37
C4 UNL QEA . 25.58 -59.13 96.79
O4 UNL QEA . 26.81 -58.65 96.28
C3 UNL QEA . 25.54 -58.94 98.32
O3 UNL QEA . 24.67 -59.94 98.87
C2 UNL QEA . 25.04 -57.55 98.75
O2 UNL QEA . 26.06 -56.59 98.48
C7 UNL QEA . 23.35 -60.51 95.23
O7 UNL QEA . 22.27 -60.48 96.16
C9 UNL QEA . 25.16 -61.27 98.82
C10 UNL QEA . 22.32 -58.67 93.04
C1 UNL REA . 13.02 -48.76 73.78
O5 UNL REA . 11.61 -48.92 73.74
C5 UNL REA . 10.98 -48.05 72.77
C6 UNL REA . 9.47 -48.26 72.83
O6 UNL REA . 8.77 -47.32 72.01
C4 UNL REA . 11.68 -48.25 71.43
O4 UNL REA . 10.75 -48.20 70.34
C3 UNL REA . 12.47 -49.55 71.50
O3 UNL REA . 11.67 -50.64 71.91
C2 UNL REA . 13.57 -49.46 72.54
N2 UNL REA . 14.72 -48.79 71.96
C7 UNL REA . 15.71 -49.27 71.20
C8 UNL REA . 16.03 -50.72 71.32
O7 UNL REA . 16.31 -48.54 70.41
C1 UNL SEA . 11.44 -51.52 70.77
O5 UNL SEA . 10.20 -51.22 70.12
C5 UNL SEA . 9.88 -52.10 69.03
C6 UNL SEA . 8.65 -51.47 68.38
O6 UNL SEA . 8.11 -50.47 68.81
C4 UNL SEA . 9.65 -53.53 69.58
O4 UNL SEA . 8.28 -53.93 69.49
C3 UNL SEA . 10.14 -53.64 71.01
O3 UNL SEA . 9.23 -53.02 71.93
C2 UNL SEA . 11.51 -52.98 71.18
O2 UNL SEA . 12.53 -53.65 70.44
N1 UNL SEA . 8.06 -52.12 67.19
C1 UNL TEA . 8.19 -55.31 69.93
O5 UNL TEA . 8.68 -56.19 68.92
C5 UNL TEA . 8.15 -57.51 69.01
C6 UNL TEA . 8.95 -58.42 68.09
O6 UNL TEA . 10.17 -58.78 68.75
C4 UNL TEA . 6.66 -57.51 68.65
O4 UNL TEA . 6.01 -58.63 69.24
C3 UNL TEA . 5.99 -56.23 69.14
O3 UNL TEA . 5.99 -55.24 68.10
C2 UNL TEA . 6.76 -55.69 70.34
O2 UNL TEA . 6.06 -54.58 70.92
C1 UNL UEA . 4.87 -55.48 67.24
O5 UNL UEA . 5.28 -56.08 66.01
C5 UNL UEA . 4.19 -56.50 65.19
C6 UNL UEA . 4.81 -57.30 64.06
O6 UNL UEA . 3.82 -57.79 63.15
C4 UNL UEA . 3.39 -55.27 64.77
O4 UNL UEA . 2.24 -55.68 64.04
C3 UNL UEA . 2.96 -54.45 65.99
O3 UNL UEA . 2.49 -53.19 65.52
C2 UNL UEA . 4.11 -54.19 66.98
O2 UNL UEA . 3.57 -53.70 68.20
C7 UNL UEA . 5.60 -58.49 64.60
O7 UNL UEA . 6.94 -58.11 64.87
C9 UNL UEA . 1.12 -52.90 65.82
C10 UNL UEA . 4.28 -57.97 61.81
C1 UNL VEA . 10.15 -40.32 88.23
O5 UNL VEA . 10.87 -41.02 89.23
C5 UNL VEA . 11.20 -40.00 90.15
C6 UNL VEA . 12.25 -40.50 91.15
O6 UNL VEA . 11.84 -41.35 92.24
C4 UNL VEA . 9.81 -39.65 90.70
O4 UNL VEA . 9.87 -40.10 92.05
C3 UNL VEA . 8.55 -40.17 89.94
O3 UNL VEA . 7.95 -41.29 90.57
C2 UNL VEA . 8.66 -40.37 88.46
N2 UNL VEA . 7.91 -39.43 87.67
C7 UNL VEA . 6.91 -39.74 86.81
C8 UNL VEA . 5.71 -40.45 87.35
O7 UNL VEA . 7.00 -39.48 85.62
C1 UNL WEA . 7.43 -40.26 91.50
O5 UNL WEA . 6.07 -40.14 91.11
C5 UNL WEA . 5.18 -41.07 91.72
C6 UNL WEA . 3.95 -40.65 91.00
O6 UNL WEA . 3.73 -39.49 90.67
C4 UNL WEA . 5.10 -40.75 93.22
O4 UNL WEA . 3.77 -40.50 93.67
C3 UNL WEA . 6.02 -39.55 93.54
O3 UNL WEA . 5.58 -38.31 92.95
C2 UNL WEA . 7.46 -39.88 93.08
O2 UNL WEA . 8.13 -40.72 94.03
N1 UNL WEA . 2.95 -41.70 90.69
C1 UNL XEA . 3.46 -40.97 95.03
O5 UNL XEA . 4.64 -41.16 95.86
C5 UNL XEA . 4.49 -41.99 96.99
C6 UNL XEA . 4.50 -43.40 96.38
O6 UNL XEA . 5.52 -43.54 95.39
C4 UNL XEA . 3.27 -41.46 97.79
O4 UNL XEA . 3.75 -40.38 98.62
C3 UNL XEA . 2.02 -40.90 97.02
O3 UNL XEA . 1.05 -41.89 96.62
C2 UNL XEA . 2.40 -40.12 95.77
O2 UNL XEA . 1.26 -39.90 94.91
C1 UNL YEA . -0.12 -41.95 97.48
O5 UNL YEA . -1.28 -41.39 96.83
C5 UNL YEA . -1.97 -42.31 95.96
C6 UNL YEA . -2.93 -41.49 95.09
O6 UNL YEA . -2.22 -40.59 94.23
C4 UNL YEA . -2.61 -43.44 96.77
O4 UNL YEA . -2.61 -44.63 95.99
C3 UNL YEA . -1.89 -43.67 98.10
O3 UNL YEA . -2.51 -42.84 99.09
C2 UNL YEA . -0.40 -43.36 98.04
O2 UNL YEA . 0.25 -44.38 97.27
C7 UNL YEA . -3.94 -40.70 95.89
O7 UNL YEA . -3.33 -39.60 96.55
C9 UNL YEA . -3.84 -43.19 99.44
C10 UNL YEA . -1.48 -41.18 93.16
C1 UNL ZEA . 1.88 -45.52 83.07
O5 UNL ZEA . 1.30 -46.01 81.88
C5 UNL ZEA . 0.01 -45.43 81.62
C6 UNL ZEA . 0.22 -43.96 81.45
O6 UNL ZEA . -0.20 -43.80 80.18
C4 UNL ZEA . -1.04 -45.78 82.69
O4 UNL ZEA . -2.25 -45.02 82.51
C3 UNL ZEA . -0.48 -45.68 84.11
O3 UNL ZEA . -1.52 -45.23 85.01
C2 UNL ZEA . 0.87 -44.95 84.07
N2 UNL ZEA . 1.50 -44.98 85.35
C7 UNL ZEA . 1.01 -43.96 86.03
C8 UNL ZEA . 1.21 -43.99 87.51
O7 UNL ZEA . 0.22 -43.20 85.50
C1 UNL AFA . -1.80 -46.11 86.13
O5 UNL AFA . -2.24 -47.43 85.85
C5 UNL AFA . -1.97 -48.25 87.00
C6 UNL AFA . -2.12 -49.71 86.61
O6 UNL AFA . -1.59 -50.59 87.24
C4 UNL AFA . -2.88 -47.83 88.17
O4 UNL AFA . -4.21 -48.37 87.99
C3 UNL AFA . -2.79 -46.32 88.43
O3 UNL AFA . -3.84 -45.86 89.28
C2 UNL AFA . -2.73 -45.48 87.15
O2 UNL AFA . -2.35 -44.13 87.42
N1 UNL AFA . -2.95 -50.07 85.43
C1 UNL BFA . -5.27 -47.75 87.23
O5 UNL BFA . -5.34 -48.10 85.84
C5 UNL BFA . -6.18 -47.22 85.08
C6 UNL BFA . -5.36 -46.08 84.48
O6 UNL BFA . -4.38 -46.64 83.61
C4 UNL BFA . -7.33 -46.70 85.94
O4 UNL BFA . -8.44 -46.35 85.11
C3 UNL BFA . -7.75 -47.74 86.97
O3 UNL BFA . -8.92 -47.34 87.71
C2 UNL BFA . -6.59 -48.04 87.93
O2 UNL BFA . -6.65 -47.24 89.12
C1 UNL CFA . -9.99 -48.31 87.52
O5 UNL CFA . -9.84 -49.52 88.31
C5 UNL CFA . -9.96 -49.31 89.74
C6 UNL CFA . -9.76 -50.67 90.38
O6 UNL CFA . -11.01 -51.33 90.65
C4 UNL CFA . -11.29 -48.61 90.09
O4 UNL CFA . -11.02 -47.40 90.77
C3 UNL CFA . -12.16 -48.34 88.85
O3 UNL CFA . -12.74 -49.58 88.41
C2 UNL CFA . -11.39 -47.70 87.69
O2 UNL CFA . -11.32 -46.29 87.90
C7 UNL CFA . -8.95 -50.59 91.67
O7 UNL CFA . -9.75 -50.16 92.77
C9 UNL CFA . -14.06 -49.81 88.89
C10 UNL CFA . -11.12 -52.63 90.10
C1 UNL DFA . 6.76 -53.92 82.91
O5 UNL DFA . 7.59 -54.81 83.61
C5 UNL DFA . 6.96 -55.16 84.85
C6 UNL DFA . 7.79 -56.25 85.48
O6 UNL DFA . 8.57 -56.96 84.51
C4 UNL DFA . 5.51 -55.54 84.56
O4 UNL DFA . 5.08 -56.62 85.39
C3 UNL DFA . 5.32 -55.94 83.10
O3 UNL DFA . 6.17 -56.99 82.70
C2 UNL DFA . 5.79 -54.83 82.16
N2 UNL DFA . 4.66 -54.19 81.55
C7 UNL DFA . 4.70 -53.95 80.25
C8 UNL DFA . 3.40 -53.56 79.60
O7 UNL DFA . 5.74 -54.03 79.61
C1 UNL EFA . 5.38 -58.21 82.54
O5 UNL EFA . 5.47 -59.06 83.67
C5 UNL EFA . 4.49 -60.10 83.66
C6 UNL EFA . 4.60 -60.83 84.99
O6 UNL EFA . 5.65 -61.29 85.39
C4 UNL EFA . 4.73 -61.01 82.44
O4 UNL EFA . 5.01 -62.35 82.87
C3 UNL EFA . 5.89 -60.50 81.59
O3 UNL EFA . 7.13 -60.74 82.24
C2 UNL EFA . 5.71 -59.01 81.27
O2 UNL EFA . 4.70 -58.79 80.31
N1 UNL EFA . 3.38 -60.98 85.83
C1 UNL FFA . 3.96 -63.21 82.44
O5 UNL FFA . 2.89 -63.28 83.39
C5 UNL FFA . 1.76 -64.05 82.93
C6 UNL FFA . 0.72 -64.09 84.05
O6 UNL FFA . 0.29 -62.76 84.35
C4 UNL FFA . 2.15 -65.47 82.47
O4 UNL FFA . 1.08 -66.08 81.73
C3 UNL FFA . 3.40 -65.44 81.59
O3 UNL FFA . 3.87 -66.75 81.31
C2 UNL FFA . 4.53 -64.60 82.16
O2 UNL FFA . 5.09 -65.17 83.34
C1 UNL GFA . 3.99 -66.83 79.88
O5 UNL GFA . 2.71 -67.00 79.27
C5 UNL GFA . 2.75 -66.93 77.83
C6 UNL GFA . 1.30 -66.94 77.36
O6 UNL GFA . 0.55 -65.84 77.91
C4 UNL GFA . 3.65 -68.05 77.29
O4 UNL GFA . 3.76 -67.92 75.88
C3 UNL GFA . 5.03 -67.98 77.93
O3 UNL GFA . 5.75 -69.16 77.56
C2 UNL GFA . 4.97 -67.90 79.46
O2 UNL GFA . 6.27 -67.56 79.95
C7 UNL GFA . 0.56 -68.23 77.70
O7 UNL GFA . 0.37 -68.35 79.10
C9 UNL GFA . 6.95 -68.93 76.83
C10 UNL GFA . 0.97 -64.55 77.50
C1 UNL HFA . 22.54 -50.12 82.79
O5 UNL HFA . 22.04 -50.97 81.77
C5 UNL HFA . 23.00 -51.09 80.72
C6 UNL HFA . 22.44 -51.99 79.63
O6 UNL HFA . 23.22 -51.92 78.42
C4 UNL HFA . 24.28 -51.57 81.40
O4 UNL HFA . 24.88 -52.50 80.51
C3 UNL HFA . 23.99 -52.09 82.79
O3 UNL HFA . 22.94 -53.03 82.76
C2 UNL HFA . 23.43 -51.00 83.66
N2 UNL HFA . 24.52 -50.28 84.25
C7 UNL HFA . 25.06 -50.65 85.41
C8 UNL HFA . 24.17 -51.35 86.39
O7 UNL HFA . 26.23 -50.42 85.67
C1 UNL IFA . 23.49 -54.32 82.66
O5 UNL IFA . 23.22 -54.73 81.33
C5 UNL IFA . 23.91 -55.93 80.96
C6 UNL IFA . 23.11 -56.49 79.82
O6 UNL IFA . 22.02 -56.01 79.46
C4 UNL IFA . 23.94 -56.84 82.19
O4 UNL IFA . 24.08 -58.19 81.76
C3 UNL IFA . 22.68 -56.60 83.03
O3 UNL IFA . 21.48 -56.70 82.26
C2 UNL IFA . 22.76 -55.21 83.62
O2 UNL IFA . 23.37 -55.19 84.90
N1 UNL IFA . 23.72 -57.59 79.04
C1 UNL JFA . 25.17 -58.88 82.36
O5 UNL JFA . 25.35 -58.63 83.75
C5 UNL JFA . 24.33 -59.12 84.62
C6 UNL JFA . 24.88 -58.84 86.02
O6 UNL JFA . 25.01 -57.41 86.17
C4 UNL JFA . 23.94 -60.59 84.42
O4 UNL JFA . 22.67 -60.86 85.03
C3 UNL JFA . 23.82 -60.96 82.95
O3 UNL JFA . 23.71 -62.40 82.90
C2 UNL JFA . 24.99 -60.40 82.14
O2 UNL JFA . 26.24 -61.04 82.44
C1 UNL KFA . 23.65 -62.99 81.59
O5 UNL KFA . 22.37 -62.89 80.96
C5 UNL KFA . 22.33 -63.41 79.62
C6 UNL KFA . 20.95 -63.08 79.06
O6 UNL KFA . 19.97 -64.05 79.50
C4 UNL KFA . 22.71 -64.90 79.62
O4 UNL KFA . 22.75 -65.42 78.29
C3 UNL KFA . 24.06 -65.08 80.29
O3 UNL KFA . 24.30 -66.49 80.41
C2 UNL KFA . 24.09 -64.45 81.69
O2 UNL KFA . 25.43 -64.51 82.19
C7 UNL KFA . 20.92 -63.01 77.54
O7 UNL KFA . 22.04 -62.33 77.00
C9 UNL KFA . 25.50 -66.95 79.79
C10 UNL KFA . 18.60 -63.63 79.44
CA CA LFA . 14.58 -5.34 96.77
C1 UNL MFA . 7.40 -27.10 93.67
O5 UNL MFA . 7.02 -27.88 94.78
C5 UNL MFA . 5.83 -28.65 94.54
C6 UNL MFA . 6.26 -29.90 93.82
O6 UNL MFA . 7.47 -30.37 94.44
C4 UNL MFA . 4.65 -27.87 93.99
O4 UNL MFA . 4.00 -28.30 92.79
C3 UNL MFA . 4.97 -26.41 93.77
O3 UNL MFA . 3.92 -26.01 92.90
C2 UNL MFA . 6.34 -26.15 93.18
N2 UNL MFA . 6.69 -24.79 93.47
C7 UNL MFA . 7.13 -24.15 92.40
C8 UNL MFA . 7.49 -22.70 92.58
O7 UNL MFA . 7.27 -24.75 91.34
C1 UNL NFA . 3.86 -24.62 92.67
O5 UNL NFA . 3.51 -23.93 93.85
C5 UNL NFA . 2.32 -23.17 93.78
C6 UNL NFA . 1.97 -22.87 95.22
O6 UNL NFA . 2.77 -23.11 96.12
C4 UNL NFA . 1.28 -24.03 93.06
O4 UNL NFA . 1.18 -25.33 93.64
C3 UNL NFA . 1.64 -24.10 91.57
O3 UNL NFA . 1.06 -25.22 90.90
C2 UNL NFA . 3.13 -24.14 91.40
O2 UNL NFA . 3.60 -22.86 91.02
N1 UNL NFA . 0.65 -22.28 95.60
C1 UNL OFA . -0.13 -25.94 93.27
O5 UNL OFA . -0.17 -27.22 93.82
C5 UNL OFA . -0.70 -27.21 95.16
C6 UNL OFA . -0.45 -28.66 95.36
O6 UNL OFA . -1.43 -29.59 94.82
C4 UNL OFA . -2.17 -26.68 95.38
O4 UNL OFA . -2.77 -26.48 96.70
C3 UNL OFA . -2.28 -25.24 94.86
O3 UNL OFA . -3.67 -24.69 95.01
C2 UNL OFA . -1.53 -25.33 93.49
O2 UNL OFA . -2.15 -26.31 92.62
C1 UNL PFA . -3.68 -23.29 95.34
O5 UNL PFA . -4.19 -22.42 94.32
C5 UNL PFA . -5.61 -22.45 94.07
C6 UNL PFA . -5.77 -21.46 92.92
O6 UNL PFA . -4.95 -20.28 92.97
C4 UNL PFA . -6.42 -22.16 95.35
O4 UNL PFA . -7.81 -22.39 95.15
C3 UNL PFA . -5.94 -23.04 96.48
O3 UNL PFA . -6.64 -22.61 97.66
C2 UNL PFA . -4.42 -23.00 96.66
O2 UNL PFA . -4.07 -24.04 97.56
C7 UNL PFA . -7.22 -21.13 92.54
O7 UNL PFA . -7.22 -20.36 91.34
C9 UNL PFA . -7.30 -23.65 98.39
C10 UNL PFA . -5.22 -19.31 94.00
C1 UNL QFA . 12.94 -32.12 108.70
O5 UNL QFA . 12.89 -33.51 108.41
C5 UNL QFA . 11.61 -34.16 108.55
C6 UNL QFA . 10.56 -33.45 107.70
O6 UNL QFA . 10.93 -33.27 106.34
C4 UNL QFA . 11.24 -34.21 110.02
O4 UNL QFA . 9.83 -34.10 110.26
C3 UNL QFA . 11.97 -33.09 110.74
O3 UNL QFA . 11.46 -32.98 112.07
C2 UNL QFA . 12.07 -31.83 109.90
N2 UNL QFA . 12.78 -30.81 110.62
C7 UNL QFA . 12.23 -29.61 110.88
C8 UNL QFA . 12.48 -29.04 112.24
O7 UNL QFA . 11.57 -29.02 110.02
C1 UNL RFA . 10.69 -31.84 112.52
O5 UNL RFA . 10.75 -31.66 113.94
C5 UNL RFA . 9.95 -32.57 114.71
C6 UNL RFA . 10.85 -33.66 115.29
O6 UNL RFA . 11.48 -34.44 114.61
C4 UNL RFA . 8.73 -33.09 113.93
O4 UNL RFA . 9.09 -34.27 113.18
C3 UNL RFA . 8.23 -32.01 113.01
O3 UNL RFA . 7.03 -32.41 112.35
C2 UNL RFA . 9.26 -31.73 111.97
O2 UNL RFA . 9.04 -30.43 111.42
N1 UNL RFA . 10.93 -33.79 116.77
C1 UNL SFA . 8.00 -35.24 113.10
O5 UNL SFA . 8.43 -36.40 112.38
C5 UNL SFA . 9.54 -37.06 113.00
C6 UNL SFA . 9.97 -38.21 112.11
O6 UNL SFA . 8.94 -39.20 112.10
C4 UNL SFA . 9.14 -37.52 114.41
O4 UNL SFA . 10.27 -38.09 115.04
C3 UNL SFA . 8.64 -36.34 115.23
O3 UNL SFA . 8.20 -36.74 116.51
C2 UNL SFA . 7.51 -35.63 114.48
O2 UNL SFA . 6.40 -36.51 114.37
C1 UNL TFA . 8.04 -35.56 117.31
O5 UNL TFA . 6.66 -35.19 117.43
C5 UNL TFA . 5.85 -36.20 118.02
C6 UNL TFA . 4.41 -35.67 117.89
O6 UNL TFA . 4.15 -34.53 118.73
C4 UNL TFA . 6.34 -36.47 119.46
O4 UNL TFA . 5.60 -37.54 120.04
C3 UNL TFA . 7.84 -36.76 119.50
O3 UNL TFA . 8.26 -36.69 120.85
C2 UNL TFA . 8.64 -35.74 118.69
O2 UNL TFA . 9.99 -36.17 118.57
C7 UNL TFA . 3.35 -36.75 117.95
O7 UNL TFA . 2.11 -36.27 117.43
C9 UNL TFA . 8.53 -37.93 121.49
C10 UNL TFA . 3.58 -34.80 120.02
C1 UNL UFA . 12.09 -20.75 121.27
O5 UNL UFA . 10.68 -20.57 121.28
C5 UNL UFA . 10.18 -20.03 122.51
C6 UNL UFA . 10.64 -18.59 122.55
O6 UNL UFA . 9.92 -17.79 121.61
C4 UNL UFA . 10.71 -20.84 123.70
O4 UNL UFA . 11.60 -20.11 124.53
C3 UNL UFA . 11.39 -22.11 123.19
O3 UNL UFA . 11.87 -22.89 124.26
C2 UNL UFA . 12.58 -21.74 122.31
N2 UNL UFA . 13.14 -22.92 121.69
C7 UNL UFA . 14.39 -23.35 121.94
C8 UNL UFA . 14.86 -24.52 121.12
O7 UNL UFA . 15.09 -22.83 122.79
C1 UNL VFA . 11.08 -24.11 124.35
O5 UNL VFA . 9.69 -23.84 124.56
C5 UNL VFA . 9.15 -24.21 125.84
C6 UNL VFA . 7.81 -23.51 125.99
O6 UNL VFA . 7.39 -22.66 125.24
C4 UNL VFA . 10.13 -23.82 126.95
O4 UNL VFA . 10.43 -22.42 126.85
C3 UNL VFA . 11.40 -24.67 126.83
O3 UNL VFA . 12.53 -24.03 127.43
C2 UNL VFA . 11.73 -25.04 125.39
O2 UNL VFA . 11.41 -26.40 125.12
N1 UNL VFA . 6.92 -23.90 127.10
C1 UNL WFA . 10.29 -21.58 128.03
O5 UNL WFA . 9.43 -20.42 127.88
C5 UNL WFA . 8.05 -20.57 128.20
C6 UNL WFA . 7.40 -19.21 128.03
O6 UNL WFA . 7.89 -18.30 129.03
C4 UNL WFA . 7.87 -21.13 129.61
O4 UNL WFA . 6.48 -21.38 129.80
C3 UNL WFA . 8.63 -22.44 129.76
O3 UNL WFA . 8.54 -23.05 131.06
C2 UNL WFA . 10.11 -22.24 129.41
O2 UNL WFA . 10.73 -21.40 130.38
C1 UNL XFA . 8.25 -24.44 130.83
O5 UNL XFA . 9.32 -25.36 131.15
C5 UNL XFA . 9.58 -25.57 132.55
C6 UNL XFA . 10.74 -26.57 132.63
O6 UNL XFA . 10.24 -27.93 132.63
C4 UNL XFA . 8.29 -26.02 133.27
O4 UNL XFA . 8.52 -26.09 134.67
C3 UNL XFA . 7.13 -25.07 132.98
O3 UNL XFA . 5.95 -25.64 133.54
C2 UNL XFA . 6.93 -24.88 131.48
O2 UNL XFA . 5.92 -23.91 131.24
C7 UNL XFA . 11.62 -26.36 133.86
O7 UNL XFA . 12.14 -25.03 133.90
C9 UNL XFA . 5.29 -24.81 134.49
C10 UNL XFA . 11.18 -28.93 132.23
CA CA YFA . 30.55 12.52 109.10
C1 UNL ZFA . 25.57 -2.28 133.80
O5 UNL ZFA . 24.24 -2.30 133.32
C5 UNL ZFA . 23.64 -3.58 133.49
C6 UNL ZFA . 22.15 -3.38 133.49
O6 UNL ZFA . 21.48 -4.60 133.82
C4 UNL ZFA . 24.21 -4.16 134.79
O4 UNL ZFA . 23.42 -5.32 135.10
C3 UNL ZFA . 24.52 -3.08 135.87
O3 UNL ZFA . 23.47 -2.75 136.80
C2 UNL ZFA . 25.26 -1.89 135.23
N2 UNL ZFA . 26.51 -1.70 135.92
C7 UNL ZFA . 26.99 -0.71 136.70
C8 UNL ZFA . 26.77 0.71 136.29
O7 UNL ZFA . 27.53 -1.00 137.77
C1 UNL AGA . 23.46 -3.42 138.14
O5 UNL AGA . 22.31 -4.20 138.52
C5 UNL AGA . 21.11 -3.45 138.70
C6 UNL AGA . 20.62 -3.17 137.30
O6 UNL AGA . 20.37 -4.09 136.58
C4 UNL AGA . 21.31 -2.29 139.69
O4 UNL AGA . 20.19 -1.40 139.74
C3 UNL AGA . 22.59 -1.50 139.42
O3 UNL AGA . 22.46 -0.64 138.29
C2 UNL AGA . 23.77 -2.44 139.25
O2 UNL AGA . 24.02 -3.12 140.48
N1 UNL AGA . 20.38 -1.82 136.78
C1 UNL BGA . 20.16 -0.90 141.11
O5 UNL BGA . 21.18 0.07 141.42
C5 UNL BGA . 21.39 0.19 142.82
C6 UNL BGA . 22.00 -1.14 143.32
O6 UNL BGA . 23.25 -1.29 142.64
C4 UNL BGA . 20.06 0.67 143.46
O4 UNL BGA . 19.85 2.03 143.06
C3 UNL BGA . 18.81 -0.16 143.06
O3 UNL BGA . 18.94 -1.44 143.70
C2 UNL BGA . 18.78 -0.40 141.54
O2 UNL BGA . 17.79 -1.36 141.18
C1 UNL CGA . 18.03 -1.68 144.79
O5 UNL CGA . 16.73 -2.10 144.34
C5 UNL CGA . 16.67 -3.48 143.90
C6 UNL CGA . 15.36 -3.66 143.14
O6 UNL CGA . 15.27 -2.68 142.09
C4 UNL CGA . 16.87 -4.43 145.08
O4 UNL CGA . 17.65 -5.53 144.65
C3 UNL CGA . 17.56 -3.73 146.27
O3 UNL CGA . 16.56 -3.09 147.06
C2 UNL CGA . 18.60 -2.69 145.83
O2 UNL CGA . 19.75 -3.36 145.32
C7 UNL CGA . 14.14 -3.59 144.03
O7 UNL CGA . 13.99 -2.28 144.59
C9 UNL CGA . 15.71 -3.97 147.79
C10 UNL CGA . 14.30 -2.96 141.07
C1 UNL DGA . 10.82 0.17 117.88
O5 UNL DGA . 9.99 1.32 117.66
C5 UNL DGA . 10.02 1.78 116.29
C6 UNL DGA . 9.13 3.01 116.16
O6 UNL DGA . 9.25 3.62 114.87
C4 UNL DGA . 9.72 0.59 115.38
O4 UNL DGA . 8.91 0.97 114.26
C3 UNL DGA . 9.09 -0.51 116.23
O3 UNL DGA . 7.99 -0.05 116.99
C2 UNL DGA . 10.08 -1.01 117.28
N2 UNL DGA . 10.97 -1.99 116.66
C7 UNL DGA . 10.79 -3.29 116.42
C8 UNL DGA . 9.84 -4.03 117.31
O7 UNL DGA . 11.38 -3.86 115.50
C1 UNL EGA . 6.77 -0.60 116.43
O5 UNL EGA . 6.16 0.31 115.48
C5 UNL EGA . 4.92 -0.16 114.94
C6 UNL EGA . 4.58 0.86 113.85
O6 UNL EGA . 5.28 1.83 113.60
C4 UNL EGA . 3.87 -0.23 116.07
O4 UNL EGA . 2.85 0.77 115.95
C3 UNL EGA . 4.54 -0.12 117.45
O3 UNL EGA . 4.92 1.22 117.73
C2 UNL EGA . 5.78 -0.99 117.50
O2 UNL EGA . 5.48 -2.38 117.41
N1 UNL EGA . 3.35 0.67 113.06
C1 UNL FGA . 1.87 0.56 116.98
O5 UNL FGA . 1.03 -0.56 116.67
C5 UNL FGA . -0.23 -0.53 117.31
C6 UNL FGA . -0.90 -1.88 117.14
O6 UNL FGA . -0.36 -2.78 118.11
C4 UNL FGA . -1.09 0.60 116.72
O4 UNL FGA . -2.08 1.00 117.65
C3 UNL FGA . -0.22 1.81 116.36
O3 UNL FGA . 0.20 1.73 114.99
C2 UNL FGA . 1.03 1.80 117.25
O2 UNL FGA . 1.77 3.00 117.05
C1 UNL GGA . -0.85 2.27 114.17
O5 UNL GGA . -1.55 1.22 113.51
C5 UNL GGA . -2.70 1.68 112.78
C6 UNL GGA . -3.43 0.43 112.33
O6 UNL GGA . -4.61 0.72 111.58
C4 UNL GGA . -2.23 2.60 111.66
O4 UNL GGA . -3.37 3.14 111.00
C3 UNL GGA . -1.36 3.74 112.20
O3 UNL GGA . -0.74 4.37 111.10
C2 UNL GGA . -0.27 3.25 113.16
O2 UNL GGA . 0.27 4.36 113.85
C7 UNL GGA . -3.83 -0.44 113.53
O7 UNL GGA . -2.78 -1.34 113.86
C9 UNL GGA . -1.07 5.75 110.93
C10 UNL GGA . -4.98 -0.27 110.62
C1 UNL HGA . 21.51 11.28 125.12
O5 UNL HGA . 21.84 10.90 126.44
C5 UNL HGA . 23.16 11.38 126.60
C6 UNL HGA . 23.81 10.77 127.86
O6 UNL HGA . 23.45 11.30 129.14
C4 UNL HGA . 22.94 12.89 126.58
O4 UNL HGA . 23.22 13.28 127.91
C3 UNL HGA . 21.56 13.44 126.08
O3 UNL HGA . 20.68 13.83 127.13
C2 UNL HGA . 20.81 12.61 125.06
N2 UNL HGA . 20.76 13.22 123.74
C7 UNL HGA . 19.65 13.56 123.08
C8 UNL HGA . 18.75 14.59 123.70
O7 UNL HGA . 19.39 13.05 122.00
C1 UNL IGA . 21.59 15.03 127.17
O5 UNL IGA . 20.79 16.02 126.55
C5 UNL IGA . 19.90 16.71 127.42
C6 UNL IGA . 19.25 17.57 126.41
O6 UNL IGA . 19.84 18.00 125.42
C4 UNL IGA . 20.74 17.54 128.41
O4 UNL IGA . 20.40 18.93 128.39
C3 UNL IGA . 22.23 17.33 128.12
O3 UNL IGA . 22.65 17.86 126.84
C2 UNL IGA . 22.56 15.82 128.19
O2 UNL IGA . 22.71 15.38 129.55
N1 UNL IGA . 17.83 17.90 126.59
C1 UNL JGA . 20.49 19.60 129.70
O5 UNL JGA . 21.32 18.92 130.68
C5 UNL JGA . 21.07 19.24 132.04
C6 UNL JGA . 19.79 18.47 132.36
O6 UNL JGA . 19.83 17.15 131.84
C4 UNL JGA . 21.15 20.81 132.17
O4 UNL JGA . 22.55 21.12 132.29
C3 UNL JGA . 20.59 21.69 131.01
O3 UNL JGA . 19.17 21.96 131.06
C2 UNL JGA . 20.85 21.11 129.62
O2 UNL JGA . 20.06 21.77 128.61
C1 UNL KGA . 18.84 23.27 131.58
O5 UNL KGA . 18.38 24.16 130.55
C5 UNL KGA . 16.97 24.01 130.23
C6 UNL KGA . 16.73 24.73 128.90
O6 UNL KGA . 17.45 24.10 127.81
C4 UNL KGA . 16.10 24.48 131.41
O4 UNL KGA . 14.91 23.72 131.44
C3 UNL KGA . 16.85 24.38 132.74
O3 UNL KGA . 17.53 25.61 132.97
C2 UNL KGA . 17.86 23.22 132.78
O2 UNL KGA . 17.15 21.99 132.84
C7 UNL KGA . 17.10 26.20 128.94
O7 UNL KGA . 18.51 26.38 128.96
C9 UNL KGA . 16.70 26.74 133.21
C10 UNL KGA . 16.97 22.83 127.42
C1 UNL LGA . 11.59 14.53 121.65
O5 UNL LGA . 10.47 14.34 120.82
C5 UNL LGA . 10.16 15.52 120.05
C6 UNL LGA . 11.33 15.75 119.15
O6 UNL LGA . 10.76 15.62 117.94
C4 UNL LGA . 9.79 16.74 120.89
O4 UNL LGA . 9.71 17.93 120.10
C3 UNL LGA . 10.70 16.91 122.10
O3 UNL LGA . 10.88 18.30 122.38
C2 UNL LGA . 11.92 16.00 121.94
N2 UNL LGA . 12.71 15.99 123.13
C7 UNL LGA . 13.52 17.03 123.05
C8 UNL LGA . 14.17 17.48 124.31
O7 UNL LGA . 13.50 17.72 122.03
C1 UNL MGA . 10.50 18.72 123.73
O5 UNL MGA . 9.15 18.55 124.13
C5 UNL MGA . 9.10 18.54 125.56
C6 UNL MGA . 7.73 18.02 125.99
O6 UNL MGA . 7.56 17.54 127.09
C4 UNL MGA . 9.41 19.94 126.11
O4 UNL MGA . 8.27 20.80 125.99
C3 UNL MGA . 10.73 20.47 125.53
O3 UNL MGA . 10.90 21.86 125.77
C2 UNL MGA . 10.92 20.15 124.04
O2 UNL MGA . 12.26 20.40 123.61
N1 UNL MGA . 6.59 18.09 125.06
C1 UNL NGA . 7.93 21.59 124.82
O5 UNL NGA . 7.08 20.93 123.86
C5 UNL NGA . 7.05 21.62 122.60
C6 UNL NGA . 8.10 21.04 121.66
O6 UNL NGA . 7.82 19.67 121.44
C4 UNL NGA . 7.24 23.12 122.79
O4 UNL NGA . 6.62 23.81 121.70
C3 UNL NGA . 6.60 23.58 124.11
O3 UNL NGA . 6.62 25.00 124.27
C2 UNL NGA . 7.32 22.90 125.29
O2 UNL NGA . 8.37 23.72 125.82
C1 UNL OGA . 5.27 25.51 124.43
O5 UNL OGA . 4.72 25.34 125.74
C5 UNL OGA . 5.37 26.10 126.78
C6 UNL OGA . 4.66 25.75 128.08
O6 UNL OGA . 3.63 26.72 128.40
C4 UNL OGA . 5.39 27.60 126.43
O4 UNL OGA . 6.74 28.05 126.40
C3 UNL OGA . 4.69 27.90 125.09
O3 UNL OGA . 3.28 27.82 125.28
C2 UNL OGA . 5.12 26.97 123.95
O2 UNL OGA . 6.34 27.46 123.40
C7 UNL OGA . 5.62 25.63 129.26
O7 UNL OGA . 5.99 26.91 129.76
C9 UNL OGA . 2.63 29.06 125.53
C10 UNL OGA . 2.35 26.16 128.62
C1 UNL PGA . 7.14 7.66 126.82
O5 UNL PGA . 7.07 6.97 128.05
C5 UNL PGA . 6.95 7.91 129.11
C6 UNL PGA . 6.67 7.13 130.37
O6 UNL PGA . 6.13 5.83 130.09
C4 UNL PGA . 5.84 8.90 128.72
O4 UNL PGA . 5.07 9.27 129.87
C3 UNL PGA . 4.92 8.33 127.66
O3 UNL PGA . 4.32 7.11 128.06
C2 UNL PGA . 5.68 7.88 126.43
N2 UNL PGA . 5.44 8.80 125.35
C7 UNL PGA . 5.17 8.28 124.15
C8 UNL PGA . 4.62 9.24 123.12
O7 UNL PGA . 5.38 7.10 123.89
C1 UNL QGA . 2.91 7.33 128.35
O5 UNL QGA . 2.68 7.47 129.76
C5 UNL QGA . 1.36 7.96 130.04
C6 UNL QGA . 1.30 8.20 131.54
O6 UNL QGA . 1.57 7.32 132.34
C4 UNL QGA . 0.30 6.96 129.54
O4 UNL QGA . -0.49 6.48 130.63
C3 UNL QGA . 0.96 5.79 128.82
O3 UNL QGA . 1.58 4.91 129.77
C2 UNL QGA . 1.97 6.27 127.79
O2 UNL QGA . 1.32 6.79 126.63
N1 UNL QGA . 0.91 9.53 132.04
C1 UNL RGA . -1.84 6.93 130.47
O5 UNL RGA . -2.05 8.22 131.06
C5 UNL RGA . -3.37 8.74 130.83
C6 UNL RGA . -3.48 10.08 131.55
O6 UNL RGA . -2.50 10.99 131.03
C4 UNL RGA . -4.49 7.77 131.28
O4 UNL RGA . -5.76 8.18 130.74
C3 UNL RGA . -4.19 6.34 130.79
O3 UNL RGA . -5.10 5.42 131.36
C2 UNL RGA . -2.76 5.89 131.08
O2 UNL RGA . -2.53 5.74 132.49
C1 UNL SGA . -5.65 4.69 130.25
O5 UNL SGA . -6.63 5.46 129.56
C5 UNL SGA . -7.11 4.83 128.35
C6 UNL SGA . -7.98 5.86 127.64
O6 UNL SGA . -7.27 7.07 127.36
C4 UNL SGA . -7.77 3.50 128.68
O4 UNL SGA . -8.14 2.85 127.48
C3 UNL SGA . -6.80 2.61 129.48
O3 UNL SGA . -7.54 1.48 129.96
C2 UNL SGA . -6.19 3.33 130.68
O2 UNL SGA . -5.12 2.55 131.19
C7 UNL SGA . -9.23 6.24 128.45
O7 UNL SGA . -8.89 6.97 129.62
C9 UNL SGA . -7.06 0.21 129.50
C10 UNL SGA . -6.20 6.94 126.44
C1 UNL TGA . 17.46 -4.70 128.15
O5 UNL TGA . 16.18 -4.96 127.62
C5 UNL TGA . 16.16 -6.27 127.02
C6 UNL TGA . 14.78 -6.55 126.45
O6 UNL TGA . 14.78 -7.69 125.58
C4 UNL TGA . 16.64 -7.21 128.10
O4 UNL TGA . 15.87 -8.40 127.98
C3 UNL TGA . 16.58 -6.56 129.47
O3 UNL TGA . 15.32 -5.97 129.69
C2 UNL TGA . 17.50 -5.36 129.51
N2 UNL TGA . 18.81 -5.81 129.88
C7 UNL TGA . 19.19 -5.89 131.15
C8 UNL TGA . 18.55 -4.95 132.14
O7 UNL TGA . 20.03 -6.71 131.52
C1 UNL UGA . 14.52 -6.90 130.39
O5 UNL UGA . 13.58 -7.38 129.43
C5 UNL UGA . 12.83 -8.50 129.87
C6 UNL UGA . 11.58 -8.47 129.03
O6 UNL UGA . 11.31 -7.55 128.26
C4 UNL UGA . 12.56 -8.31 131.36
O4 UNL UGA . 11.39 -9.04 131.73
C3 UNL UGA . 12.44 -6.81 131.67
O3 UNL UGA . 11.50 -6.14 130.83
C2 UNL UGA . 13.79 -6.16 131.47
O2 UNL UGA . 14.56 -6.14 132.67
N1 UNL UGA . 10.70 -9.68 129.09
C1 UNL VGA . 11.60 -9.94 132.82
O5 UNL VGA . 12.39 -9.43 133.88
C5 UNL VGA . 11.81 -8.37 134.64
C6 UNL VGA . 12.81 -8.16 135.78
O6 UNL VGA . 14.06 -7.72 135.21
C4 UNL VGA . 10.38 -8.63 135.15
O4 UNL VGA . 9.76 -7.40 135.54
C3 UNL VGA . 9.50 -9.27 134.09
O3 UNL VGA . 8.30 -9.70 134.75
C2 UNL VGA . 10.24 -10.41 133.35
O2 UNL VGA . 10.47 -11.55 134.20
C1 UNL WGA . 7.33 -10.39 133.93
O5 UNL WGA . 6.55 -9.52 133.11
C5 UNL WGA . 5.65 -10.22 132.22
C6 UNL WGA . 5.02 -9.17 131.30
O6 UNL WGA . 3.92 -8.51 131.97
C4 UNL WGA . 4.66 -11.08 133.04
O4 UNL WGA . 3.81 -11.83 132.17
C3 UNL WGA . 5.43 -12.00 133.97
O3 UNL WGA . 4.47 -12.66 134.80
C2 UNL WGA . 6.44 -11.24 134.83
O2 UNL WGA . 7.21 -12.18 135.55
C7 UNL WGA . 4.53 -9.74 129.97
O7 UNL WGA . 5.45 -10.66 129.41
C9 UNL WGA . 4.50 -14.09 134.75
C10 UNL WGA . 3.56 -7.24 131.44
CA CA XGA . 54.83 21.97 115.58
C1 UNL YGA . 32.89 19.95 122.43
O5 UNL YGA . 32.48 20.49 123.67
C5 UNL YGA . 31.21 21.17 123.59
C6 UNL YGA . 30.15 20.10 123.69
O6 UNL YGA . 30.55 19.16 124.71
C4 UNL YGA . 31.08 22.20 122.48
O4 UNL YGA . 30.00 22.12 121.54
C3 UNL YGA . 32.33 22.30 121.64
O3 UNL YGA . 31.85 22.96 120.48
C2 UNL YGA . 32.98 20.97 121.31
N2 UNL YGA . 34.35 21.23 120.96
C7 UNL YGA . 34.70 20.62 119.84
C8 UNL YGA . 36.09 20.83 119.34
O7 UNL YGA . 33.90 19.87 119.29
C1 UNL ZGA . 32.86 23.36 119.58
O5 UNL ZGA . 33.68 24.37 120.16
C5 UNL ZGA . 33.70 25.60 119.45
C6 UNL ZGA . 34.29 26.58 120.44
O6 UNL ZGA . 34.78 26.20 121.48
C4 UNL ZGA . 32.25 25.91 119.04
O4 UNL ZGA . 31.36 25.83 120.17
C3 UNL ZGA . 31.84 24.97 117.91
O3 UNL ZGA . 30.42 24.82 117.80
C2 UNL ZGA . 32.45 23.62 118.13
O2 UNL ZGA . 33.58 23.47 117.26
N1 UNL ZGA . 34.27 28.05 120.18
C1 UNL AHA . 30.13 26.60 119.88
O5 UNL AHA . 29.26 26.46 120.97
C5 UNL AHA . 29.53 27.48 121.96
C6 UNL AHA . 28.54 26.91 122.93
O6 UNL AHA . 27.16 27.23 122.73
C4 UNL AHA . 29.35 29.00 121.55
O4 UNL AHA . 29.73 30.10 122.43
C3 UNL AHA . 30.25 29.32 120.36
O3 UNL AHA . 30.11 30.73 119.89
C2 UNL AHA . 30.02 28.08 119.43
O2 UNL AHA . 28.64 27.95 119.07
C1 UNL BHA . 31.38 31.30 119.47
O5 UNL BHA . 31.49 31.55 118.06
C5 UNL BHA . 30.70 32.67 117.54
C6 UNL BHA . 31.00 32.61 116.04
O6 UNL BHA . 32.34 32.27 115.66
C4 UNL BHA . 31.05 33.98 118.26
O4 UNL BHA . 30.15 35.03 117.90
C3 UNL BHA . 30.96 33.78 119.77
O3 UNL BHA . 31.43 35.00 120.38
C2 UNL BHA . 31.75 32.55 120.24
O2 UNL BHA . 31.39 32.32 121.60
C7 UNL BHA . 30.45 33.78 115.23
O7 UNL BHA . 30.63 33.51 113.85
C9 UNL BHA . 30.55 35.57 121.34
C10 UNL BHA . 33.38 33.22 115.95
C1 UNL CHA . 37.03 19.65 138.70
O5 UNL CHA . 35.79 19.12 139.16
C5 UNL CHA . 34.70 20.06 139.32
C6 UNL CHA . 34.45 20.83 138.04
O6 UNL CHA . 34.28 20.01 136.89
C4 UNL CHA . 35.02 20.98 140.50
O4 UNL CHA . 34.51 22.31 140.35
C3 UNL CHA . 36.53 21.02 140.69
O3 UNL CHA . 36.85 22.05 141.64
C2 UNL CHA . 37.27 21.00 139.37
N2 UNL CHA . 38.70 21.03 139.59
C7 UNL CHA . 39.46 21.99 139.07
C8 UNL CHA . 40.53 22.55 139.96
O7 UNL CHA . 39.30 22.38 137.92
C1 UNL DHA . 37.55 23.27 141.26
O5 UNL DHA . 38.23 23.87 142.35
C5 UNL DHA . 37.40 24.57 143.29
C6 UNL DHA . 37.19 23.70 144.52
O6 UNL DHA . 36.63 22.63 144.49
C4 UNL DHA . 36.11 25.09 142.65
O4 UNL DHA . 35.07 24.11 142.70
C3 UNL DHA . 36.38 25.50 141.21
O3 UNL DHA . 35.24 26.10 140.61
C2 UNL DHA . 36.74 24.27 140.43
O2 UNL DHA . 37.45 24.66 139.26
N1 UNL DHA . 37.67 24.21 145.83
C1 UNL EHA . 33.75 24.66 142.90
O5 UNL EHA . 32.77 23.62 142.99
C5 UNL EHA . 33.02 22.73 144.10
C6 UNL EHA . 32.00 21.61 144.05
O6 UNL EHA . 30.70 22.14 144.31
C4 UNL EHA . 32.97 23.50 145.40
O4 UNL EHA . 33.30 22.64 146.47
C3 UNL EHA . 33.96 24.67 145.36
O3 UNL EHA . 33.89 25.45 146.54
C2 UNL EHA . 33.69 25.54 144.15
O2 UNL EHA . 32.41 26.14 144.27
C1 UNL FHA . 35.04 26.32 146.57
O5 UNL FHA . 34.71 27.64 146.18
C5 UNL FHA . 33.72 28.26 147.02
C6 UNL FHA . 33.39 29.58 146.33
O6 UNL FHA . 34.47 30.53 146.39
C4 UNL FHA . 34.28 28.35 148.45
O4 UNL FHA . 33.27 28.87 149.33
C3 UNL FHA . 34.79 27.01 148.96
O3 UNL FHA . 35.55 27.25 150.14
C2 UNL FHA . 35.69 26.32 147.94
O2 UNL FHA . 35.97 25.00 148.35
C7 UNL FHA . 32.03 30.15 146.71
O7 UNL FHA . 31.60 31.13 145.75
C9 UNL FHA . 34.92 26.88 151.36
C10 UNL FHA . 34.44 31.47 147.46
C1 UNL GHA . 50.48 29.02 143.33
O5 UNL GHA . 50.07 30.30 142.90
C5 UNL GHA . 50.78 31.36 143.57
C6 UNL GHA . 52.19 31.35 143.06
O6 UNL GHA . 52.22 31.82 141.71
C4 UNL GHA . 50.68 31.18 145.09
O4 UNL GHA . 51.95 30.92 145.69
C3 UNL GHA . 49.73 30.03 145.42
O3 UNL GHA . 49.62 29.84 146.82
C2 UNL GHA . 50.22 28.73 144.80
N2 UNL GHA . 49.24 27.68 144.96
C7 UNL GHA . 49.48 26.58 145.68
C8 UNL GHA . 48.40 25.53 145.65
O7 UNL GHA . 50.51 26.44 146.34
C1 UNL HHA . 48.30 30.24 147.27
O5 UNL HHA . 48.02 31.61 146.97
C5 UNL HHA . 47.92 32.51 148.08
C6 UNL HHA . 47.99 33.93 147.54
O6 UNL HHA . 48.28 34.21 146.40
C4 UNL HHA . 49.03 32.20 149.09
O4 UNL HHA . 50.30 32.28 148.43
C3 UNL HHA . 48.82 30.82 149.71
O3 UNL HHA . 50.03 30.26 150.20
C2 UNL HHA . 48.15 29.85 148.74
O2 UNL HHA . 46.77 29.66 149.06
N1 UNL HHA . 47.67 35.05 148.44
C1 UNL IHA . 51.35 33.12 148.98
O5 UNL IHA . 51.92 34.11 148.10
C5 UNL IHA . 51.32 35.40 148.09
C6 UNL IHA . 52.12 36.27 147.14
O6 UNL IHA . 53.44 36.50 147.67
C4 UNL IHA . 51.25 36.00 149.50
O4 UNL IHA . 50.52 37.21 149.44
C3 UNL IHA . 50.53 35.03 150.44
O3 UNL IHA . 50.43 35.49 151.80
C2 UNL IHA . 51.20 33.66 150.43
O2 UNL IHA . 52.50 33.74 151.00
C1 UNL JHA . 49.05 35.26 152.20
O5 UNL JHA . 48.86 34.22 153.16
C5 UNL JHA . 49.28 34.51 154.52
C6 UNL JHA . 48.97 33.27 155.34
O6 UNL JHA . 47.62 33.32 155.87
C4 UNL JHA . 48.60 35.80 155.01
O4 UNL JHA . 49.13 36.16 156.29
C3 UNL JHA . 48.81 36.95 154.02
O3 UNL JHA . 48.02 38.05 154.46
C2 UNL JHA . 48.36 36.56 152.63
O2 UNL JHA . 48.65 37.62 151.71
C7 UNL JHA . 49.94 33.06 156.49
O7 UNL JHA . 51.29 32.99 156.03
C9 UNL JHA . 48.76 39.26 154.72
C10 UNL JHA . 47.05 32.07 156.25
#